data_9UBX
#
_entry.id   9UBX
#
loop_
_entity.id
_entity.type
_entity.pdbx_description
1 polymer 'Cation channel sperm-associated protein 1'
2 polymer 'Cation channel sperm-associated protein 2'
3 polymer 'Cation channel sperm-associated protein 3'
4 polymer 'Cation channel sperm-associated protein 4'
5 polymer 'Cation channel sperm-associated auxiliary subunit beta'
6 polymer 'Cation channel sperm-associated auxiliary subunit gamma 2'
7 polymer 'Cation channel sperm-associated auxiliary subunit delta'
8 polymer 'Cation channel sperm-associated auxiliary subunit epsilon'
9 polymer 'EF-hand calcium-binding domain-containing protein 9'
10 polymer 'Cation channel sperm-associated auxiliary subunit TMEM249'
11 polymer 'Cation channel sperm-associated auxiliary subunit zeta'
12 polymer 'Solute carrier organic anion transporter family member 6C1'
13 polymer 'Cation channel sperm-associated auxiliary subunit TMEM262'
14 polymer 'Unknown protein'
15 branched beta-D-mannopyranose-(1-2)-beta-D-mannopyranose-(1-3)-[beta-D-mannopyranose-(1-3)-beta-D-mannopyranose-(1-6)]beta-D-mannopyranose-(1-4)-2-acetamido-2-deoxy-beta-D-glucopyranose-(1-4)-2-acetamido-2-deoxy-beta-D-glucopyranose
16 branched beta-D-mannopyranose-(1-4)-2-acetamido-2-deoxy-beta-D-glucopyranose-(1-4)-2-acetamido-2-deoxy-beta-D-glucopyranose
17 branched 2-acetamido-2-deoxy-beta-D-glucopyranose-(1-4)-2-acetamido-2-deoxy-beta-D-glucopyranose
18 branched beta-D-mannopyranose-(1-3)-[beta-D-mannopyranose-(1-6)]beta-D-mannopyranose-(1-6)-[beta-D-mannopyranose-(1-3)]beta-D-mannopyranose-(1-4)-2-acetamido-2-deoxy-beta-D-glucopyranose-(1-4)-2-acetamido-2-deoxy-beta-D-glucopyranose
19 branched beta-D-mannopyranose-(1-3)-[beta-D-mannopyranose-(1-6)]beta-D-mannopyranose-(1-4)-2-acetamido-2-deoxy-beta-D-glucopyranose-(1-4)-2-acetamido-2-deoxy-beta-D-glucopyranose
20 non-polymer 2-acetamido-2-deoxy-beta-D-glucopyranose
21 non-polymer CHOLESTEROL
#
loop_
_entity_poly.entity_id
_entity_poly.type
_entity_poly.pdbx_seq_one_letter_code
_entity_poly.pdbx_strand_id
1 'polypeptide(L)'
;LLGLQQMILSLTQSLGFETFIFIVVCLNTVILVAQTFTELEIRGEWYFMVLDSIFLSIYVLEAVLKLIALGLEYFYDPWN
NLDFFIMVMAVLDFVLLQINSLSYSFYNHSLFRILKVFKSMRALRAIRVLRRLSILTSLHEVAGTLSGSLPSITAILTLM
FTCLFLFSVVLRALFQDSDPKRFQNIFTTLFTLFTMLTLDDWSLIYIDNRAQGAWYIIPILMIYIVIQYFIFLNLVIAVL
VDNFQMALLKG
;
A,n,a
2 'polypeptide(L)'
;PLSLWAGWVLDSSVFSKFIISLIFLNTFVLMVEIELMESTNTALWPVKLALEVADWFILLSFIVEILLMWLASFSLFWKD
AWNVFDFFVTLLSLLPELVVLLGVPAHSVWLQLLRVCRVLRSLKLFARFRQIKVILLALVRALKSMTFLLMLLLIFFYIF
AVTGVYFFREYSRSTIEGLEYNMFFSDLLNSLVTVFILFTLDHWYAVLQDIWKVPESSRVFSSIYVILWLLLGSIIFRNI
IVAMMVTNFQNIRSELSEEMSHLEVQYKADMFKQQIIQRRQ
;
B,o,b
3 'polypeptide(L)'
;ECQAYFRKVIKSTFFQIVMITTVTTNSFLLVLGTNYDIQFEFFRTFEVSELFFVSVYVCEFLMKVYVDPITYWKDGYNIL
DVIILIILTIPYLLRKIKGNHSAYLHFADGIQSLRILKLISYSRGIRTLIIAVGETVYTVASVLTLLFLLMFVFAILGFC
LFGVTDRGDLENWGNLASAFFTLFSLATVDGWTDLQEELDKRKFTVSRAFTILFILLASFIFLNMFVGVMIMHTEDSMKK
FERDLTLERNLAIMEEKQIILKRQQEEVNRLMNTQKSG
;
C,p,c
4 'polypeptide(L)'
;DVMEKKDAWDVQEFITQMYIKQLLRHPAFQLLLAFLLLSNAITIALRTNSYLGQKHYELFSTIDDIVLTILICEVLLGWL
NGFWIFWKDGWNILNFAIVFILFMGFFIKQLDMVAITYPLRVLRLVHVCMAVEPLARIIKVILQSMPDLANVMALILFFM
LVFSVFGVTLFGAFVPKHFQNMGVALYTLFICITQDGWLDIYTDFQMDEREYAMEVGGAIYFAVFITLGAFIGLNLFVVV
VTTNLEQMMK
;
D,q,d
5 'polypeptide(L)'
;VIHNKGKERTYFSCSGEGILTGLHTIKLFLTMDNLKVRCFFRNENQSPSKEILGLFTSGGLAPNMIITNSTFYGGYYFKL
TPFSNRLEWLIDIPRQNITVNTDIAAVEQWMIKITMHEGLNIYDTEGTLLDLVREPILQWNLGRVLTEMEVRDLYPEVND
IKVTKSPCANDVALIGFMMKPSSNGVFIGKTISGFWTYKECIWHDLTEIIYAELKDEHQGLTVIDLVLTNHFLVILTSLG
LYVSSDLRYPTTSQIKLSRAEFCGFERVDYIRGNLWYNEKCFANRESFEVDYVTITFNRNRTLSESSSCFFSKEPFLHWL
PCVFSTIKNEKSIPRVITFLIDQETDSGIYLFNVQDTKETYVTVAMLKDGKPSPRPKFPSFHFPSTFTLPLGMIFHPRSH
FLYVYGSQIWVSMDGGNTFEMLCNLFSHHVTKTSNSFYTSDIVFIVEDGRILTTKAGLTTYSELGILKDAIFTLYYDQLG
YIHKLTPENFDAGSKLLGHGNSGSIFGKRPDLGFEAILVPQYISTNEMYFFAHVPLTMPTNIQWKKRFKTIHLGKTIEFS
KTGLANIKNVYMHKTEPVGFQTSIHTEIIVPFGIENSKDSPCLLSDLEITYSGKLYYTIKLLSKNPLHELKSTDVEKSVL
IPGYSSFLIMNITDKWTASALATMPQAIKSNLKFLTGSWFLYNFGTAGGRKWSISTRQCNYWIQQDSLDFMSLNLVKYID
VGNTIDFQFKIIPKAMSTFPIPPVSMVVGNPGLVEVKTQGVFDLNENYYLDIHVSGRFFQKGSTSIALVLWEGSSKCYAI
TLLPTIKSSCSYLRTMHHTPGRHIPPEDWISGVHKDSQGFNMIKTLPINYRPPSHMGISIPLTDNFYHADPSKPIPRNQF
HKSKETGKYKQCANVTSRAMCNCSEHQKFSHAVAFSDCKEKVHRFKFPVTQYPVVLEIFNERDKISAEPPYLVTMTEVNM
RKNWQLKHNEPENVKKMKHYLEPLLKTPVYNPLGLNLTIQGSELFHFKVSVVPGVSFCELSEEFQIYVDEVPLPFPGHAL
IAVATSVVLGVLIFIAFVFQLRNIH
;
E,r,e
6 'polypeptide(L)'
;HCTWLLVLNKFEKVGLHLSKDRFQDHEPIDTVAKVFQKLTDSPIDPSENYLSFPYYLQINFSCPGQNIEELARKGHLMGM
KPMVQINYMYSVNFYRWEMENVQILMEAAPMRSTGYCPAEAMCVLNWYTPMPFKNGSVVSSVDIYTNGIGPFVSKKRFYV
NMNGFLKRDASGKSLFAIGYESLVLKSSHFRLSKSRPLWYTVNHAPVFILGGFYDEKSILFSDSNFQDYVLLELSIDSCW
VGSFYCPILGFSATIHDAIATESTLFIRQNQLVYYFTGTYITLFDKSHGSSRWVRVLPSECIKRLCPVYASGNGSEYVLA
LTTGKNEGYIHIGTITDGLVSFEMVPDGWSVCEKLPGKNCSIDWATYIADERNLLLLVKIDSGQFYLVNFNTEFKTLNIL
YKIPEFIPEAKELDFLVLLDTVTYTNTPMTPKGLFFNTLNNMLYIWGNFILQSYNREEFIFLADFPKESTIKYMVNSFKG
QMAVVTENEEIWYFLEGGYDVYQVVPSQGWETYHNLQKMQKSSFHSEDESLVSLFFEDGKLFQLVYLFDVGKERLVKRLL
PVGTLMEYNLPKPFTVVNQGNYQAISFTHTCPFKEIHLIDVPKKHHASRTESYVALPPLVSESLGFHNNNTLAVYQGLVY
YLLWLHSKYDKPYADPVHDPTWRWWQHKTKDKDYFFYLFSNRLAAEGIYINMNAYQKLYNMSGDYGIPDLFFLDKGNWFT
ITVVLLSHQDTFTSSDSQGPTINVDKKLAIAVTIADPECLSVTVTQDVLLNRNAVINKIKVIDKKRCSEQGMIGRNIKKT
SMMLKVLGAPGNCIQRTYLGGIIQGFKVVPIFIGCPPGKRLAFDVSYTIMHSEEINKHYFDCVIKDAEMPCFLFRDLFQP
FFLVQDLVTGDSGSFLGSYVLKVVGGGRTLNTIRDYTEEEIFRYNSPLDTTNSLIWKTKVERTTEDKKFYIMSHESPGVE
WLCLENSPCYDIIPQSIYPPEFFFKLLVSNRGVDNSTYCDYKLTFIVHIHGLPLSSKRTSFIVMVSTSFFIALVVFYILF
CL
;
F,f,s
7 'polypeptide(L)'
;HTLCRVHTVRTGKVFKSNIQLQGDPLFYAFPNTFVLKNVCKADISVYLGQKVFLTIDNFESSLLPLTVPKSLAVGVPSIT
SAHFVSGSLVLFVISGKGYSYDYYENTWRKLEGISEPVSHISGDVCCFKGSFCLELSNNLFAYLRGGQIPGTNIYFSDNG
GFSFQLMNTDKLSHLTGTLGGIFHLHSMSQVGVLMVENNLGTFHYMEYPLNHSMGIAFSYKNLLEVIMKPYQRGFMVLWN
QKSILVSSNSGQIVEHVRLIDQKIFTDLDVEHANINIYSVASNAYELAFLVAEDHLYYGSQSYMGTYVIKLPHQPLWSTH
TSIYFEDIGILQVLTPVADPHFAAYDFDKCTVNVQSSLMDEKLALQPCNVELLESTMINTMFTIDMNSKLKLSALMIPRK
GENPTPLVMVSNPHALGFKANLNEFGNTFDGNSKYKLDIELKQQHHWGNSDFNFTASIKRHAISSVTVDIADKTLSCVDL
KPLSTLISVGCDMTKKIVVQNKISACTMGILNPVQLQKNYTYTIEKEAYDPINHNGEAQDDLIVFYEYKDLGCPRLVYYD
KPWKPVVELWKNGIVEEIMNAEYVISEINGLVTYSYSLTAATANCRSQPQNWSTFESDIENEEPFLWNRENYVSCHEDNK
DNPLLWPNVEYQVLGGQTNNKIIFGQRNGIYTFHLSVVDPYYSYCNLNTIFSVYVHGALPVTKFQPLLTILLMVTTTLLT
AWLAYAIPKQLRS
;
G,t,g
8 'polypeptide(L)'
;LWRYYINSQDYSIFSTRSSIKLEYEGNSFVSWKIPESCKVENTTSPKTTLHCKRAGIHTIKPIAGNQEVERHLTVDNSYI
CYLWYFTVVDVYYNLSQIVTIWVYDPESASTEELIWTAKKPSLSSRVLTKQMNTLGQRPFIFTVEKRLTYHPGPLTSEGT
WVIHLPMSSDDIAKVIRGNKVAFQDCFIANLYFMLTYPMTIISEPPGYEPLTVPPGSPLMLSWDTCISTFALLATDQETF
QTNDSFQTWTRVRAPPGILSDAQRHSLRDVIIFDQGTLFLVDGTVYLRTEDEFTKLDESRGISETGILGFSKRRWCQIRY
LYKLASKKSILIAWSKTTVYAGYATFRFVTLTDTAKLKDFLKLPQTDTLEVMSVEYLWHPLEAAVLLSHCSVCTTNTRNI
RIVIYSAIFQTWTLQDFELQLPKEAILEFRFLYSAMPDIIMWDQHHVYYSYKNFTVVGTISTPSGETNLSSLSQGSKIHQ
VLTDRIGNVVVKMENNVMFYIKADITEAVILHTWVNTTAKTVVLFDKSFEVCILYYNENLDEKYQLQTQPYPLILELQSI
NKDLGDWCPYLAFQHNIHSQFYHMDKGESLTIWSQIVYPENRGLYIVVEHYGSSVMTWTQNLEYEIASGFCTKTMITRFF
QTTNYELVDNYYQLQKENTGLMLLQFRPSEFSRTCLTAKPVFEIDVGCDSSKYIMVRGFNKSRCQRRDFSYVIDKELLRE
SLSDNLKVRYDVAKYGCPLTLELGQMFQPIVELYDENGFIKIVDANFILWEIHGRNDYTFNSTMEQNGCINEAQTWDSMI
EENPDIPLDDVWGPQNYRPCFSYAIGKPGDLGQPYEILNYSNKNHIKWPMTYAGMYVYRLKILDPNYSFCNLTTIFAIES
LGMIPRSSVYLVAALIFVLMLTFISILVLSYFWYLKIYRQF
;
H,u,h
9 'polypeptide(L)'
;MKLTPGCFLWYLYMDKIYCLLSLRNVKALMVYFHLLDVHHRNTLNDVLFFHFLQHVTNLNKSQIGMIFDLLDWTAVGEIG
FDQFYVLICILLAHQDHLEDHFMYRHSRPVFELLDLDGEMNIGAANFQNYRFLFNIKKQELRDLFHDFDITGDRLLNYKE
FKLYTIFCTDKSID
;
I,i,Q
10 'polypeptide(L)'
;MCWVMPPSVFVLEYYLDTLWKGTMLFIICLVFISCNVLREVKYQETWCFPAYGMVIGLWLMLSSIPQRRLVLNHTRGMYH
FSIQGRTVCQGPMHLVYVRLALSSDAYGGRFFQLVLCGHKLEPLVLVQLSERYEQMEFLGRHLARKLNINYFDYLASSYR
HVVRHWPL
;
J,w,j
11 'polypeptide(L)'
;TANVSVSDVCEDFDEEGKSVRNRIRKYSQTISIRDSLNLEPEEIQQQARRELELCHGRSLEHGEDHEESETSLASSTSES
LIFSLWKPHRTYWTEQQNRLPLPLMELMETEVLDILKKALITYRSTIGRNHFMTKELQGYIEGIRKRRN
;
K,x,k
12 'polypeptide(L)'
;PIVLPFVQRFNNIDGFMTLYVAAVLIHGALFAVVDMTLNIYQVQFSLTRTEWYLMDFSDYIASFVVAIIIAHFGSKGNRT
RWIAASCILMGLESMLFAFPFFTYEIIIPGRQSIELCMEENEKRNIICGNSVPNRSKCIYFHIGGQCIHGIAGMPIYILG
ITFIFDHIPTSSCGFYLAIGHSAYLIGYLLGMVGGLQNFQPPPKEKTVEIEPAKVYQLLQSGWWKTFLIIAAISFCVSFM
MVCFPTSLPGAHKLRLAKRKEPPTIDRRLKDMKIQPHLKGFLHNIWHILKNPLMLTQAICKVSEYLTFNTSLYFLPHHLQ
TQFLITPGIASLLTGAFVLPGGIIGHFLGGLIVDRLEMTNKNKLKFTLVTTVVSVGLFLLIFFVECQTTTFAGINEDYDG
YGQLGNLTADCNEYCDCTTSLYTSICGRDEKEYFSPCFAGCKATKVSQTEKTYYNCSCIKEGLAASDDEGQFIDAIAGTC
DSDCLKLPLFFAFYFSATVFSNMCSIPVISIILQSVPANFTSLSLGVTYAIVKFVASVPAPLLFRLSSAIACIYWDNNRC
GGKERCWIYNKNILVYEFMGIWMSSQLIIVLLNIYAIQIHDVVVHGEITE
;
L,y,l
13 'polypeptide(L)'
;MRWRDRIAVLCFPPGLMLTVAALILFFIHMGVFASDVHNFCVIHNYDHMSFRYTVVLIFSQVISIGWAAMGSLYAEMTGD
KFLRCFALTILILNGAMFFNRLCLEFLAINYREER
;
M,z,m
14 'polypeptide(L)'
;(UNK)(UNK)(UNK)(UNK)(UNK)(UNK)(UNK)(UNK)(UNK)(UNK)(UNK)(UNK)(UNK)(UNK)(UNK)(UNK)
(UNK)(UNK)(UNK)(UNK)(UNK)(UNK)(UNK)(UNK)(UNK)(UNK)(UNK)(UNK)
;
N,P,O
#
loop_
_chem_comp.id
_chem_comp.type
_chem_comp.name
_chem_comp.formula
BMA D-saccharide, beta linking beta-D-mannopyranose 'C6 H12 O6'
CLR non-polymer CHOLESTEROL 'C27 H46 O'
NAG D-saccharide, beta linking 2-acetamido-2-deoxy-beta-D-glucopyranose 'C8 H15 N O6'
#
# COMPACT_ATOMS: atom_id res chain seq x y z
N LEU A 1 -122.91 8.66 -101.99
CA LEU A 1 -123.49 8.87 -103.31
C LEU A 1 -123.60 7.57 -104.07
N LEU A 2 -122.48 7.07 -104.56
CA LEU A 2 -122.48 5.84 -105.34
C LEU A 2 -121.07 5.31 -105.49
N GLY A 3 -120.85 4.47 -106.51
CA GLY A 3 -119.50 4.01 -106.76
C GLY A 3 -118.44 5.10 -106.75
N LEU A 4 -118.78 6.29 -107.26
CA LEU A 4 -117.84 7.40 -107.22
C LEU A 4 -117.56 7.82 -105.78
N GLN A 5 -118.60 7.82 -104.94
CA GLN A 5 -118.39 8.10 -103.52
C GLN A 5 -117.56 7.01 -102.87
N GLN A 6 -117.75 5.75 -103.27
CA GLN A 6 -116.94 4.66 -102.73
C GLN A 6 -115.47 4.81 -103.12
N MET A 7 -115.19 5.23 -104.36
CA MET A 7 -113.81 5.39 -104.79
C MET A 7 -113.14 6.57 -104.08
N ILE A 8 -113.86 7.71 -103.98
CA ILE A 8 -113.35 8.85 -103.24
C ILE A 8 -113.13 8.48 -101.78
N LEU A 9 -114.05 7.69 -101.21
CA LEU A 9 -113.92 7.23 -99.84
C LEU A 9 -112.72 6.31 -99.68
N SER A 10 -112.42 5.49 -100.69
CA SER A 10 -111.25 4.63 -100.62
C SER A 10 -109.96 5.43 -100.62
N LEU A 11 -109.83 6.38 -101.55
CA LEU A 11 -108.60 7.18 -101.63
C LEU A 11 -108.42 8.04 -100.39
N THR A 12 -109.44 8.82 -100.03
CA THR A 12 -109.37 9.64 -98.84
C THR A 12 -109.35 8.82 -97.57
N GLN A 13 -109.83 7.58 -97.61
CA GLN A 13 -109.71 6.67 -96.47
C GLN A 13 -108.27 6.27 -96.27
N SER A 14 -107.58 5.91 -97.36
CA SER A 14 -106.15 5.63 -97.28
C SER A 14 -105.41 6.82 -96.67
N LEU A 15 -105.64 8.02 -97.22
CA LEU A 15 -104.90 9.20 -96.76
C LEU A 15 -105.22 9.55 -95.31
N GLY A 16 -106.51 9.77 -95.00
CA GLY A 16 -106.88 10.21 -93.68
C GLY A 16 -106.79 9.12 -92.63
N PHE A 17 -106.77 7.86 -93.05
CA PHE A 17 -106.61 6.75 -92.12
C PHE A 17 -105.14 6.58 -91.77
N GLU A 18 -104.25 6.87 -92.72
CA GLU A 18 -102.83 6.89 -92.42
C GLU A 18 -102.49 8.07 -91.51
N THR A 19 -103.09 9.24 -91.78
CA THR A 19 -102.71 10.44 -91.04
C THR A 19 -103.45 10.54 -89.71
N PHE A 20 -104.78 10.67 -89.76
CA PHE A 20 -105.55 11.05 -88.57
C PHE A 20 -105.64 9.90 -87.56
N ILE A 21 -105.89 8.68 -88.05
CA ILE A 21 -106.19 7.57 -87.15
C ILE A 21 -104.96 7.22 -86.29
N PHE A 22 -103.77 7.27 -86.90
CA PHE A 22 -102.56 6.87 -86.19
C PHE A 22 -102.28 7.78 -84.99
N ILE A 23 -102.36 9.10 -85.20
CA ILE A 23 -102.02 10.03 -84.13
C ILE A 23 -103.08 10.01 -83.03
N VAL A 24 -104.37 9.95 -83.40
CA VAL A 24 -105.40 9.94 -82.38
C VAL A 24 -105.41 8.62 -81.60
N VAL A 25 -105.08 7.51 -82.27
CA VAL A 25 -104.99 6.25 -81.54
C VAL A 25 -103.75 6.20 -80.66
N CYS A 26 -102.64 6.83 -81.09
CA CYS A 26 -101.47 6.94 -80.24
C CYS A 26 -101.78 7.76 -78.98
N LEU A 27 -102.49 8.87 -79.15
CA LEU A 27 -102.89 9.67 -77.99
C LEU A 27 -103.88 8.92 -77.11
N ASN A 28 -104.79 8.14 -77.72
CA ASN A 28 -105.73 7.32 -76.97
C ASN A 28 -104.98 6.27 -76.13
N THR A 29 -103.97 5.65 -76.71
CA THR A 29 -103.19 4.66 -75.97
C THR A 29 -102.36 5.30 -74.88
N VAL A 30 -101.85 6.51 -75.12
CA VAL A 30 -101.11 7.23 -74.08
C VAL A 30 -102.02 7.56 -72.90
N ILE A 31 -103.20 8.12 -73.19
CA ILE A 31 -104.11 8.47 -72.11
C ILE A 31 -104.70 7.22 -71.48
N LEU A 32 -104.69 6.09 -72.17
CA LEU A 32 -105.24 4.85 -71.59
C LEU A 32 -104.22 4.14 -70.71
N VAL A 33 -102.94 4.17 -71.08
CA VAL A 33 -101.92 3.65 -70.16
C VAL A 33 -101.71 4.59 -68.99
N ALA A 34 -102.06 5.88 -69.14
CA ALA A 34 -102.16 6.73 -67.96
C ALA A 34 -103.47 6.48 -67.19
N GLN A 35 -104.51 6.03 -67.89
CA GLN A 35 -105.79 5.75 -67.27
C GLN A 35 -105.71 4.56 -66.31
N THR A 36 -105.15 3.45 -66.78
CA THR A 36 -105.19 2.21 -65.99
C THR A 36 -104.44 2.40 -64.68
N PHE A 37 -103.10 2.48 -64.75
CA PHE A 37 -102.19 3.20 -63.87
C PHE A 37 -102.68 3.40 -62.44
N THR A 38 -102.93 2.32 -61.69
CA THR A 38 -103.63 2.48 -60.42
C THR A 38 -102.74 3.05 -59.32
N GLU A 39 -102.03 4.13 -59.64
CA GLU A 39 -101.44 5.12 -58.75
C GLU A 39 -101.78 6.54 -59.17
N LEU A 40 -101.81 6.80 -60.49
CA LEU A 40 -102.02 8.15 -61.02
C LEU A 40 -103.49 8.48 -61.24
N GLU A 41 -104.41 7.53 -61.06
CA GLU A 41 -105.82 7.84 -61.21
C GLU A 41 -106.33 8.76 -60.11
N ILE A 42 -105.69 8.71 -58.93
CA ILE A 42 -106.02 9.66 -57.87
C ILE A 42 -105.33 11.00 -58.12
N ARG A 43 -104.24 11.01 -58.89
CA ARG A 43 -103.67 12.24 -59.43
C ARG A 43 -104.37 12.55 -60.75
N GLY A 44 -105.66 12.82 -60.63
CA GLY A 44 -106.56 12.81 -61.76
C GLY A 44 -108.00 12.60 -61.33
N GLU A 45 -108.65 11.57 -61.88
CA GLU A 45 -110.07 11.26 -61.72
C GLU A 45 -110.98 12.37 -62.26
N TRP A 46 -110.41 13.42 -62.86
CA TRP A 46 -111.19 14.50 -63.46
C TRP A 46 -110.70 14.92 -64.83
N TYR A 47 -109.45 14.65 -65.20
CA TYR A 47 -108.95 14.88 -66.55
C TYR A 47 -108.76 13.58 -67.32
N PHE A 48 -109.22 12.46 -66.76
CA PHE A 48 -109.00 11.14 -67.32
C PHE A 48 -110.25 10.62 -68.04
N MET A 49 -111.38 10.54 -67.33
CA MET A 49 -112.64 10.16 -67.96
C MET A 49 -113.08 11.15 -69.06
N VAL A 50 -112.72 12.43 -68.94
CA VAL A 50 -113.03 13.40 -69.99
C VAL A 50 -112.34 13.01 -71.30
N LEU A 51 -111.04 12.75 -71.24
CA LEU A 51 -110.30 12.34 -72.42
C LEU A 51 -110.73 10.96 -72.91
N ASP A 52 -111.12 10.09 -71.97
CA ASP A 52 -111.66 8.78 -72.34
C ASP A 52 -112.91 8.92 -73.18
N SER A 53 -113.84 9.79 -72.77
CA SER A 53 -115.07 10.00 -73.52
C SER A 53 -114.80 10.71 -74.85
N ILE A 54 -113.83 11.65 -74.85
CA ILE A 54 -113.49 12.36 -76.09
C ILE A 54 -112.94 11.38 -77.13
N PHE A 55 -112.04 10.49 -76.72
CA PHE A 55 -111.51 9.53 -77.67
C PHE A 55 -112.48 8.41 -77.99
N LEU A 56 -113.45 8.12 -77.10
CA LEU A 56 -114.55 7.26 -77.49
C LEU A 56 -115.41 7.91 -78.57
N SER A 57 -115.58 9.22 -78.50
CA SER A 57 -116.24 9.94 -79.58
C SER A 57 -115.43 9.87 -80.88
N ILE A 58 -114.11 9.97 -80.77
CA ILE A 58 -113.26 9.77 -81.95
C ILE A 58 -113.47 8.38 -82.53
N TYR A 59 -113.59 7.38 -81.65
CA TYR A 59 -113.81 6.00 -82.11
C TYR A 59 -115.17 5.83 -82.76
N VAL A 60 -116.21 6.51 -82.25
CA VAL A 60 -117.51 6.39 -82.91
C VAL A 60 -117.49 7.13 -84.24
N LEU A 61 -116.64 8.15 -84.39
CA LEU A 61 -116.44 8.72 -85.73
C LEU A 61 -115.75 7.73 -86.66
N GLU A 62 -114.77 6.98 -86.14
CA GLU A 62 -114.16 5.91 -86.93
C GLU A 62 -115.21 4.87 -87.36
N ALA A 63 -116.10 4.52 -86.45
CA ALA A 63 -117.16 3.57 -86.76
C ALA A 63 -118.12 4.12 -87.80
N VAL A 64 -118.46 5.40 -87.71
CA VAL A 64 -119.35 6.03 -88.69
C VAL A 64 -118.69 6.05 -90.07
N LEU A 65 -117.39 6.38 -90.12
CA LEU A 65 -116.67 6.35 -91.39
C LEU A 65 -116.60 4.94 -91.97
N LYS A 66 -116.35 3.94 -91.13
CA LYS A 66 -116.32 2.56 -91.63
C LYS A 66 -117.71 2.08 -92.06
N LEU A 67 -118.77 2.58 -91.43
CA LEU A 67 -120.12 2.23 -91.85
C LEU A 67 -120.47 2.86 -93.19
N ILE A 68 -120.09 4.12 -93.39
CA ILE A 68 -120.30 4.77 -94.68
C ILE A 68 -119.32 4.26 -95.74
N ALA A 69 -118.30 3.52 -95.33
CA ALA A 69 -117.32 2.95 -96.25
C ALA A 69 -117.87 1.70 -96.95
N LEU A 70 -116.96 0.93 -97.55
CA LEU A 70 -117.33 -0.13 -98.51
C LEU A 70 -118.23 -1.21 -97.91
N GLY A 71 -118.25 -1.38 -96.59
CA GLY A 71 -119.31 -2.19 -95.99
C GLY A 71 -119.03 -3.67 -95.82
N LEU A 72 -119.49 -4.48 -96.78
CA LEU A 72 -119.42 -5.94 -96.64
C LEU A 72 -117.97 -6.43 -96.59
N GLU A 73 -117.09 -5.84 -97.41
CA GLU A 73 -115.69 -6.21 -97.34
C GLU A 73 -115.06 -5.78 -96.01
N TYR A 74 -115.53 -4.67 -95.45
CA TYR A 74 -115.12 -4.30 -94.09
C TYR A 74 -115.57 -5.34 -93.08
N PHE A 75 -116.80 -5.83 -93.20
CA PHE A 75 -117.29 -6.91 -92.34
C PHE A 75 -116.55 -8.22 -92.56
N TYR A 76 -115.95 -8.42 -93.73
CA TYR A 76 -115.23 -9.64 -94.03
C TYR A 76 -113.91 -9.77 -93.27
N ASP A 77 -113.45 -8.71 -92.60
CA ASP A 77 -112.23 -8.77 -91.82
C ASP A 77 -112.55 -9.08 -90.36
N PRO A 78 -112.05 -10.18 -89.80
CA PRO A 78 -112.37 -10.51 -88.39
C PRO A 78 -111.93 -9.46 -87.39
N TRP A 79 -110.79 -8.80 -87.61
CA TRP A 79 -110.39 -7.71 -86.75
C TRP A 79 -111.38 -6.56 -86.81
N ASN A 80 -111.87 -6.25 -88.00
CA ASN A 80 -112.89 -5.22 -88.14
C ASN A 80 -114.21 -5.63 -87.51
N ASN A 81 -114.54 -6.94 -87.53
CA ASN A 81 -115.72 -7.40 -86.80
C ASN A 81 -115.55 -7.21 -85.29
N LEU A 82 -114.35 -7.47 -84.78
CA LEU A 82 -114.06 -7.22 -83.38
C LEU A 82 -114.21 -5.74 -83.04
N ASP A 83 -113.72 -4.87 -83.93
CA ASP A 83 -113.87 -3.43 -83.72
C ASP A 83 -115.34 -3.02 -83.76
N PHE A 84 -116.12 -3.62 -84.65
CA PHE A 84 -117.55 -3.32 -84.73
C PHE A 84 -118.29 -3.71 -83.46
N PHE A 85 -118.01 -4.91 -82.93
CA PHE A 85 -118.61 -5.34 -81.68
C PHE A 85 -118.17 -4.43 -80.52
N ILE A 86 -116.89 -4.05 -80.52
CA ILE A 86 -116.33 -3.16 -79.52
C ILE A 86 -117.01 -1.80 -79.58
N MET A 87 -117.40 -1.36 -80.77
CA MET A 87 -117.98 -0.04 -80.78
C MET A 87 -119.49 -0.08 -80.50
N VAL A 88 -120.16 -1.18 -80.84
CA VAL A 88 -121.58 -1.32 -80.48
C VAL A 88 -121.74 -1.34 -78.97
N MET A 89 -120.96 -2.19 -78.33
CA MET A 89 -120.81 -2.24 -76.89
C MET A 89 -120.36 -0.89 -76.28
N ALA A 90 -119.51 -0.14 -76.99
CA ALA A 90 -119.04 1.13 -76.46
C ALA A 90 -120.12 2.19 -76.47
N VAL A 91 -120.85 2.30 -77.58
CA VAL A 91 -121.95 3.25 -77.61
C VAL A 91 -123.06 2.81 -76.68
N LEU A 92 -123.21 1.50 -76.45
CA LEU A 92 -124.17 1.04 -75.45
C LEU A 92 -123.82 1.54 -74.06
N ASP A 93 -122.55 1.38 -73.65
CA ASP A 93 -122.18 1.86 -72.33
C ASP A 93 -122.20 3.38 -72.25
N PHE A 94 -121.88 4.06 -73.36
CA PHE A 94 -121.92 5.52 -73.38
C PHE A 94 -123.34 6.04 -73.20
N VAL A 95 -124.31 5.46 -73.91
CA VAL A 95 -125.68 5.93 -73.73
C VAL A 95 -126.23 5.49 -72.37
N LEU A 96 -125.75 4.36 -71.83
CA LEU A 96 -126.16 3.96 -70.49
C LEU A 96 -125.69 4.97 -69.45
N LEU A 97 -124.46 5.47 -69.60
CA LEU A 97 -123.99 6.54 -68.72
C LEU A 97 -124.71 7.86 -68.99
N GLN A 98 -125.10 8.10 -70.25
CA GLN A 98 -125.69 9.39 -70.61
C GLN A 98 -127.11 9.54 -70.11
N ILE A 99 -127.90 8.47 -70.16
CA ILE A 99 -129.32 8.59 -69.83
C ILE A 99 -129.53 8.90 -68.34
N ASN A 100 -128.67 8.38 -67.48
CA ASN A 100 -128.71 8.55 -66.01
C ASN A 100 -130.06 8.01 -65.52
N SER A 101 -130.63 8.59 -64.46
CA SER A 101 -131.87 8.14 -63.83
C SER A 101 -131.78 6.66 -63.42
N LEU A 102 -132.35 5.79 -64.25
CA LEU A 102 -132.28 4.33 -64.09
C LEU A 102 -132.88 3.82 -62.79
N SER A 103 -132.84 2.51 -62.58
CA SER A 103 -133.39 1.92 -61.37
C SER A 103 -132.54 0.79 -60.80
N TYR A 104 -131.36 0.52 -61.35
CA TYR A 104 -130.51 -0.55 -60.87
C TYR A 104 -129.34 0.02 -60.06
N SER A 105 -128.59 -0.88 -59.45
CA SER A 105 -127.45 -0.49 -58.62
C SER A 105 -126.32 0.07 -59.48
N PHE A 106 -125.56 0.97 -58.87
CA PHE A 106 -124.47 1.68 -59.54
C PHE A 106 -123.41 2.00 -58.50
N TYR A 107 -122.56 3.00 -58.78
CA TYR A 107 -121.45 3.40 -57.93
C TYR A 107 -120.45 2.26 -57.76
N ASN A 108 -119.76 1.97 -58.88
CA ASN A 108 -118.77 0.90 -59.01
C ASN A 108 -119.43 -0.48 -58.82
N HIS A 109 -120.36 -0.78 -59.72
CA HIS A 109 -121.10 -2.04 -59.70
C HIS A 109 -120.44 -3.06 -60.63
N SER A 110 -121.08 -4.24 -60.70
CA SER A 110 -120.62 -5.28 -61.63
C SER A 110 -120.71 -4.80 -63.07
N LEU A 111 -121.76 -4.05 -63.41
CA LEU A 111 -121.84 -3.45 -64.74
C LEU A 111 -120.69 -2.47 -64.97
N PHE A 112 -120.28 -1.73 -63.93
CA PHE A 112 -119.15 -0.82 -64.07
C PHE A 112 -117.86 -1.59 -64.35
N ARG A 113 -117.65 -2.70 -63.65
CA ARG A 113 -116.48 -3.55 -63.95
C ARG A 113 -116.55 -4.10 -65.36
N ILE A 114 -117.75 -4.44 -65.82
CA ILE A 114 -117.93 -4.86 -67.20
C ILE A 114 -117.52 -3.74 -68.16
N LEU A 115 -117.93 -2.51 -67.89
CA LEU A 115 -117.50 -1.39 -68.75
C LEU A 115 -116.00 -1.13 -68.65
N LYS A 116 -115.38 -1.48 -67.52
CA LYS A 116 -113.94 -1.31 -67.40
C LYS A 116 -113.18 -2.31 -68.27
N VAL A 117 -113.57 -3.58 -68.21
CA VAL A 117 -112.96 -4.54 -69.13
C VAL A 117 -113.36 -4.24 -70.56
N PHE A 118 -114.48 -3.54 -70.74
CA PHE A 118 -114.85 -3.07 -72.07
C PHE A 118 -113.83 -2.05 -72.59
N LYS A 119 -113.46 -1.09 -71.73
CA LYS A 119 -112.38 -0.17 -72.05
C LYS A 119 -111.07 -0.93 -72.25
N SER A 120 -110.93 -2.08 -71.57
CA SER A 120 -109.71 -2.88 -71.73
C SER A 120 -109.58 -3.45 -73.13
N MET A 121 -110.64 -4.05 -73.69
CA MET A 121 -110.43 -4.56 -75.05
C MET A 121 -110.41 -3.40 -76.04
N ARG A 122 -110.98 -2.24 -75.67
CA ARG A 122 -110.79 -1.06 -76.51
C ARG A 122 -109.32 -0.66 -76.57
N ALA A 123 -108.62 -0.70 -75.43
CA ALA A 123 -107.18 -0.44 -75.41
C ALA A 123 -106.41 -1.49 -76.20
N LEU A 124 -106.84 -2.75 -76.12
CA LEU A 124 -106.19 -3.80 -76.90
C LEU A 124 -106.35 -3.57 -78.39
N ARG A 125 -107.53 -3.14 -78.83
CA ARG A 125 -107.72 -2.82 -80.24
C ARG A 125 -106.92 -1.59 -80.64
N ALA A 126 -106.73 -0.64 -79.72
CA ALA A 126 -105.86 0.50 -79.99
C ALA A 126 -104.42 0.04 -80.23
N ILE A 127 -103.93 -0.90 -79.41
CA ILE A 127 -102.61 -1.46 -79.61
C ILE A 127 -102.52 -2.19 -80.95
N ARG A 128 -103.54 -2.99 -81.27
CA ARG A 128 -103.52 -3.79 -82.49
C ARG A 128 -103.59 -2.93 -83.75
N VAL A 129 -104.17 -1.72 -83.66
CA VAL A 129 -104.13 -0.82 -84.81
C VAL A 129 -102.93 0.12 -84.77
N LEU A 130 -102.25 0.24 -83.63
CA LEU A 130 -100.94 0.91 -83.61
C LEU A 130 -99.83 0.05 -84.17
N ARG A 131 -99.94 -1.28 -84.12
CA ARG A 131 -98.81 -2.11 -84.54
C ARG A 131 -98.82 -2.40 -86.03
N ARG A 132 -99.37 -1.49 -86.84
CA ARG A 132 -99.33 -1.66 -88.30
C ARG A 132 -97.91 -1.61 -88.86
N LEU A 133 -96.98 -0.97 -88.18
CA LEU A 133 -95.63 -0.77 -88.69
C LEU A 133 -94.61 -1.43 -87.78
N SER A 134 -93.66 -2.14 -88.40
CA SER A 134 -92.43 -2.63 -87.76
C SER A 134 -92.75 -3.56 -86.58
N ILE A 135 -93.39 -4.68 -86.90
CA ILE A 135 -93.59 -5.74 -85.91
C ILE A 135 -92.34 -6.60 -85.76
N LEU A 136 -91.41 -6.51 -86.72
CA LEU A 136 -90.13 -7.22 -86.83
C LEU A 136 -90.28 -8.64 -87.36
N THR A 137 -89.54 -8.94 -88.43
CA THR A 137 -89.75 -10.13 -89.23
C THR A 137 -89.34 -11.41 -88.51
N SER A 138 -88.39 -11.32 -87.57
CA SER A 138 -88.01 -12.51 -86.81
C SER A 138 -89.20 -13.06 -86.02
N LEU A 139 -89.90 -12.19 -85.29
CA LEU A 139 -91.07 -12.66 -84.57
C LEU A 139 -92.29 -12.81 -85.49
N HIS A 140 -92.30 -12.15 -86.67
CA HIS A 140 -93.26 -12.56 -87.70
C HIS A 140 -93.13 -14.05 -88.02
N GLU A 141 -91.90 -14.48 -88.32
CA GLU A 141 -91.67 -15.87 -88.69
C GLU A 141 -91.92 -16.80 -87.50
N VAL A 142 -91.55 -16.37 -86.29
CA VAL A 142 -91.78 -17.18 -85.10
C VAL A 142 -93.27 -17.38 -84.87
N ALA A 143 -94.06 -16.31 -84.97
CA ALA A 143 -95.50 -16.41 -84.81
C ALA A 143 -96.15 -17.25 -85.91
N GLY A 144 -95.69 -17.11 -87.15
CA GLY A 144 -96.23 -17.92 -88.22
C GLY A 144 -95.95 -19.41 -88.05
N THR A 145 -94.71 -19.75 -87.69
CA THR A 145 -94.37 -21.14 -87.46
C THR A 145 -95.04 -21.69 -86.20
N LEU A 146 -95.39 -20.81 -85.25
CA LEU A 146 -96.15 -21.25 -84.09
C LEU A 146 -97.61 -21.53 -84.45
N SER A 147 -98.20 -20.66 -85.27
CA SER A 147 -99.61 -20.80 -85.65
C SER A 147 -99.83 -21.77 -86.80
N GLY A 148 -98.76 -22.31 -87.39
CA GLY A 148 -98.93 -23.26 -88.48
C GLY A 148 -99.68 -24.52 -88.09
N SER A 149 -99.38 -25.08 -86.91
CA SER A 149 -100.00 -26.34 -86.48
C SER A 149 -101.15 -26.05 -85.52
N LEU A 150 -102.24 -25.51 -86.09
CA LEU A 150 -103.48 -25.31 -85.34
C LEU A 150 -104.36 -26.56 -85.20
N PRO A 151 -104.53 -27.43 -86.21
CA PRO A 151 -105.49 -28.54 -86.02
C PRO A 151 -105.07 -29.51 -84.92
N SER A 152 -103.77 -29.79 -84.79
CA SER A 152 -103.30 -30.73 -83.78
C SER A 152 -103.54 -30.18 -82.37
N ILE A 153 -103.20 -28.92 -82.14
CA ILE A 153 -103.37 -28.36 -80.80
C ILE A 153 -104.85 -28.19 -80.48
N THR A 154 -105.68 -27.85 -81.46
CA THR A 154 -107.12 -27.78 -81.20
C THR A 154 -107.69 -29.14 -80.86
N ALA A 155 -107.26 -30.20 -81.57
CA ALA A 155 -107.71 -31.55 -81.25
C ALA A 155 -107.28 -31.97 -79.86
N ILE A 156 -106.03 -31.65 -79.48
CA ILE A 156 -105.53 -32.04 -78.17
C ILE A 156 -106.27 -31.30 -77.06
N LEU A 157 -106.52 -30.00 -77.24
CA LEU A 157 -107.25 -29.26 -76.21
C LEU A 157 -108.71 -29.72 -76.13
N THR A 158 -109.31 -30.11 -77.26
CA THR A 158 -110.66 -30.68 -77.22
C THR A 158 -110.68 -32.00 -76.46
N LEU A 159 -109.68 -32.86 -76.71
CA LEU A 159 -109.64 -34.16 -76.04
C LEU A 159 -109.44 -33.98 -74.53
N MET A 160 -108.59 -33.03 -74.13
CA MET A 160 -108.43 -32.79 -72.70
C MET A 160 -109.63 -32.07 -72.10
N PHE A 161 -110.36 -31.28 -72.89
CA PHE A 161 -111.62 -30.74 -72.40
C PHE A 161 -112.60 -31.84 -72.08
N THR A 162 -112.70 -32.83 -72.98
CA THR A 162 -113.56 -33.99 -72.72
C THR A 162 -113.08 -34.76 -71.49
N CYS A 163 -111.76 -34.99 -71.39
CA CYS A 163 -111.23 -35.75 -70.27
C CYS A 163 -111.42 -35.03 -68.94
N LEU A 164 -111.20 -33.71 -68.92
CA LEU A 164 -111.40 -32.92 -67.71
C LEU A 164 -112.87 -32.90 -67.30
N PHE A 165 -113.78 -32.79 -68.28
CA PHE A 165 -115.21 -32.84 -67.96
C PHE A 165 -115.61 -34.21 -67.39
N LEU A 166 -115.08 -35.28 -67.98
CA LEU A 166 -115.41 -36.62 -67.49
C LEU A 166 -114.86 -36.85 -66.09
N PHE A 167 -113.63 -36.41 -65.83
CA PHE A 167 -113.04 -36.55 -64.51
C PHE A 167 -113.78 -35.69 -63.48
N SER A 168 -114.21 -34.49 -63.87
CA SER A 168 -115.01 -33.67 -62.98
C SER A 168 -116.34 -34.33 -62.65
N VAL A 169 -116.96 -34.95 -63.66
CA VAL A 169 -118.25 -35.62 -63.44
C VAL A 169 -118.07 -36.80 -62.47
N VAL A 170 -117.04 -37.62 -62.69
CA VAL A 170 -116.85 -38.78 -61.81
C VAL A 170 -116.43 -38.34 -60.41
N LEU A 171 -115.65 -37.25 -60.30
CA LEU A 171 -115.23 -36.78 -58.98
C LEU A 171 -116.39 -36.19 -58.20
N ARG A 172 -117.24 -35.40 -58.88
CA ARG A 172 -118.43 -34.88 -58.21
C ARG A 172 -119.40 -36.00 -57.85
N ALA A 173 -119.48 -37.04 -58.67
CA ALA A 173 -120.33 -38.18 -58.36
C ALA A 173 -119.83 -38.95 -57.14
N LEU A 174 -118.51 -39.15 -57.05
CA LEU A 174 -117.92 -39.87 -55.93
C LEU A 174 -117.75 -39.01 -54.68
N PHE A 175 -117.88 -37.69 -54.80
CA PHE A 175 -117.71 -36.81 -53.65
C PHE A 175 -119.04 -36.47 -52.99
N GLN A 176 -120.13 -37.14 -53.35
CA GLN A 176 -121.44 -36.81 -52.78
C GLN A 176 -121.45 -37.12 -51.28
N ASP A 177 -121.87 -36.13 -50.49
CA ASP A 177 -121.86 -36.20 -49.02
C ASP A 177 -120.47 -36.54 -48.48
N SER A 178 -119.47 -35.92 -49.09
CA SER A 178 -118.10 -36.12 -48.66
C SER A 178 -117.46 -34.75 -48.72
N ASP A 179 -117.83 -33.87 -47.80
CA ASP A 179 -117.32 -32.49 -47.77
C ASP A 179 -117.08 -31.86 -49.14
N PRO A 180 -118.17 -31.47 -49.82
CA PRO A 180 -118.02 -30.79 -51.11
C PRO A 180 -118.02 -29.27 -50.97
N LYS A 181 -117.93 -28.76 -49.74
CA LYS A 181 -117.86 -27.31 -49.54
C LYS A 181 -116.78 -26.65 -50.40
N ARG A 182 -115.84 -27.43 -50.95
CA ARG A 182 -114.87 -26.88 -51.90
C ARG A 182 -115.35 -26.99 -53.35
N PHE A 183 -116.23 -27.94 -53.66
CA PHE A 183 -116.73 -28.15 -55.02
C PHE A 183 -118.24 -28.37 -55.01
N GLN A 184 -118.96 -27.46 -54.35
CA GLN A 184 -120.41 -27.63 -54.19
C GLN A 184 -121.19 -27.44 -55.47
N ASN A 185 -120.59 -26.82 -56.50
CA ASN A 185 -121.28 -26.61 -57.76
C ASN A 185 -120.34 -26.99 -58.90
N ILE A 186 -120.85 -26.86 -60.12
CA ILE A 186 -120.10 -27.29 -61.29
C ILE A 186 -118.86 -26.42 -61.50
N PHE A 187 -118.99 -25.11 -61.25
CA PHE A 187 -117.85 -24.21 -61.41
C PHE A 187 -116.72 -24.56 -60.45
N THR A 188 -117.07 -24.75 -59.17
CA THR A 188 -116.04 -25.08 -58.19
C THR A 188 -115.46 -26.48 -58.42
N THR A 189 -116.28 -27.41 -58.91
CA THR A 189 -115.77 -28.73 -59.26
C THR A 189 -114.76 -28.65 -60.39
N LEU A 190 -115.09 -27.91 -61.47
CA LEU A 190 -114.15 -27.78 -62.56
C LEU A 190 -112.93 -26.95 -62.17
N PHE A 191 -113.07 -26.05 -61.19
CA PHE A 191 -111.90 -25.30 -60.75
C PHE A 191 -110.97 -26.16 -59.89
N THR A 192 -111.54 -27.04 -59.05
CA THR A 192 -110.71 -28.01 -58.34
C THR A 192 -110.03 -28.97 -59.32
N LEU A 193 -110.73 -29.31 -60.40
CA LEU A 193 -110.10 -30.08 -61.47
C LEU A 193 -108.97 -29.28 -62.13
N PHE A 194 -109.15 -27.97 -62.27
CA PHE A 194 -108.07 -27.14 -62.78
C PHE A 194 -106.87 -27.15 -61.83
N THR A 195 -107.13 -27.13 -60.52
CA THR A 195 -106.05 -27.18 -59.55
C THR A 195 -105.28 -28.50 -59.64
N MET A 196 -106.00 -29.62 -59.74
CA MET A 196 -105.31 -30.91 -59.84
C MET A 196 -104.57 -31.03 -61.16
N LEU A 197 -105.10 -30.41 -62.22
CA LEU A 197 -104.41 -30.41 -63.50
C LEU A 197 -103.21 -29.46 -63.51
N THR A 198 -103.16 -28.50 -62.59
CA THR A 198 -102.06 -27.54 -62.54
C THR A 198 -101.17 -27.73 -61.31
N LEU A 199 -101.29 -28.88 -60.62
CA LEU A 199 -100.36 -29.29 -59.56
C LEU A 199 -100.39 -28.32 -58.38
N ASP A 200 -101.59 -28.03 -57.88
CA ASP A 200 -101.77 -27.04 -56.84
C ASP A 200 -102.43 -27.71 -55.63
N ASP A 201 -101.59 -28.11 -54.67
CA ASP A 201 -102.03 -28.64 -53.37
C ASP A 201 -102.90 -29.89 -53.52
N TRP A 202 -102.58 -30.73 -54.49
CA TRP A 202 -103.22 -32.05 -54.54
C TRP A 202 -102.64 -32.99 -53.48
N SER A 203 -101.41 -32.76 -53.03
CA SER A 203 -100.95 -33.40 -51.80
C SER A 203 -101.77 -32.94 -50.61
N LEU A 204 -102.16 -31.67 -50.59
CA LEU A 204 -103.07 -31.18 -49.55
C LEU A 204 -104.44 -31.83 -49.69
N ILE A 205 -104.87 -32.08 -50.93
CA ILE A 205 -106.11 -32.83 -51.15
C ILE A 205 -105.99 -34.23 -50.55
N TYR A 206 -104.85 -34.87 -50.75
CA TYR A 206 -104.63 -36.20 -50.18
C TYR A 206 -104.65 -36.17 -48.65
N ILE A 207 -103.98 -35.20 -48.04
CA ILE A 207 -103.92 -35.16 -46.58
C ILE A 207 -105.29 -34.86 -45.98
N ASP A 208 -106.05 -33.91 -46.55
CA ASP A 208 -107.34 -33.61 -45.96
C ASP A 208 -108.46 -34.53 -46.44
N ASN A 209 -108.17 -35.43 -47.39
CA ASN A 209 -109.11 -36.49 -47.73
C ASN A 209 -108.90 -37.75 -46.90
N ARG A 210 -107.65 -38.07 -46.54
CA ARG A 210 -107.46 -39.16 -45.59
C ARG A 210 -107.69 -38.67 -44.17
N ALA A 211 -107.73 -37.34 -43.97
CA ALA A 211 -108.33 -36.81 -42.75
C ALA A 211 -109.82 -37.12 -42.69
N GLN A 212 -110.47 -37.35 -43.83
CA GLN A 212 -111.84 -37.81 -43.87
C GLN A 212 -111.87 -39.34 -43.75
N GLY A 213 -113.04 -39.93 -44.00
CA GLY A 213 -113.20 -41.37 -43.85
C GLY A 213 -113.06 -42.16 -45.14
N ALA A 214 -112.87 -41.47 -46.26
CA ALA A 214 -112.74 -42.10 -47.55
C ALA A 214 -111.27 -42.17 -47.96
N TRP A 215 -110.82 -43.37 -48.31
CA TRP A 215 -109.42 -43.58 -48.68
C TRP A 215 -109.24 -44.06 -50.12
N TYR A 216 -110.22 -44.76 -50.70
CA TYR A 216 -110.06 -45.26 -52.06
C TYR A 216 -110.23 -44.15 -53.11
N ILE A 217 -110.67 -42.97 -52.70
CA ILE A 217 -110.78 -41.85 -53.64
C ILE A 217 -109.39 -41.30 -53.98
N ILE A 218 -108.39 -41.62 -53.18
CA ILE A 218 -107.03 -41.12 -53.38
C ILE A 218 -106.32 -41.87 -54.50
N PRO A 219 -106.32 -43.22 -54.56
CA PRO A 219 -105.67 -43.87 -55.73
C PRO A 219 -106.33 -43.54 -57.06
N ILE A 220 -107.66 -43.38 -57.08
CA ILE A 220 -108.36 -43.02 -58.31
C ILE A 220 -107.93 -41.63 -58.76
N LEU A 221 -107.88 -40.69 -57.82
CA LEU A 221 -107.42 -39.34 -58.13
C LEU A 221 -105.99 -39.35 -58.63
N MET A 222 -105.12 -40.14 -57.99
CA MET A 222 -103.72 -40.23 -58.40
C MET A 222 -103.58 -40.79 -59.81
N ILE A 223 -104.27 -41.89 -60.12
CA ILE A 223 -104.09 -42.51 -61.42
C ILE A 223 -104.64 -41.59 -62.51
N TYR A 224 -105.75 -40.89 -62.23
CA TYR A 224 -106.24 -39.90 -63.19
C TYR A 224 -105.24 -38.76 -63.38
N ILE A 225 -104.65 -38.28 -62.27
CA ILE A 225 -103.68 -37.20 -62.33
C ILE A 225 -102.52 -37.59 -63.23
N VAL A 226 -101.95 -38.77 -63.00
CA VAL A 226 -100.72 -39.13 -63.71
C VAL A 226 -101.02 -39.40 -65.18
N ILE A 227 -102.14 -40.08 -65.50
CA ILE A 227 -102.40 -40.40 -66.89
C ILE A 227 -102.68 -39.14 -67.70
N GLN A 228 -103.54 -38.24 -67.19
CA GLN A 228 -103.86 -37.06 -67.98
C GLN A 228 -102.67 -36.10 -68.04
N TYR A 229 -101.90 -36.01 -66.94
CA TYR A 229 -100.70 -35.17 -66.93
C TYR A 229 -99.71 -35.61 -67.98
N PHE A 230 -99.27 -36.87 -67.92
CA PHE A 230 -98.26 -37.35 -68.85
C PHE A 230 -98.77 -37.28 -70.28
N ILE A 231 -100.00 -37.72 -70.52
CA ILE A 231 -100.52 -37.77 -71.89
C ILE A 231 -100.61 -36.37 -72.49
N PHE A 232 -101.24 -35.42 -71.78
CA PHE A 232 -101.43 -34.10 -72.34
C PHE A 232 -100.11 -33.34 -72.49
N LEU A 233 -99.30 -33.30 -71.42
CA LEU A 233 -98.06 -32.54 -71.50
C LEU A 233 -97.14 -33.09 -72.57
N ASN A 234 -97.01 -34.43 -72.64
CA ASN A 234 -96.15 -35.04 -73.63
C ASN A 234 -96.66 -34.81 -75.04
N LEU A 235 -97.98 -34.93 -75.25
CA LEU A 235 -98.54 -34.75 -76.58
C LEU A 235 -98.31 -33.33 -77.08
N VAL A 236 -98.58 -32.32 -76.23
CA VAL A 236 -98.41 -30.93 -76.67
C VAL A 236 -96.94 -30.62 -76.90
N ILE A 237 -96.07 -31.09 -76.01
CA ILE A 237 -94.64 -30.81 -76.16
C ILE A 237 -94.10 -31.42 -77.45
N ALA A 238 -94.45 -32.69 -77.71
CA ALA A 238 -93.98 -33.34 -78.93
C ALA A 238 -94.57 -32.69 -80.19
N VAL A 239 -95.85 -32.30 -80.12
CA VAL A 239 -96.51 -31.70 -81.28
C VAL A 239 -95.83 -30.39 -81.65
N LEU A 240 -95.54 -29.53 -80.66
CA LEU A 240 -94.89 -28.27 -81.00
C LEU A 240 -93.42 -28.47 -81.34
N VAL A 241 -92.75 -29.45 -80.73
CA VAL A 241 -91.38 -29.80 -81.11
C VAL A 241 -91.31 -30.12 -82.59
N ASP A 242 -92.20 -30.98 -83.07
CA ASP A 242 -92.17 -31.31 -84.48
C ASP A 242 -92.65 -30.13 -85.33
N ASN A 243 -93.61 -29.35 -84.83
CA ASN A 243 -94.15 -28.21 -85.57
C ASN A 243 -93.04 -27.23 -85.95
N PHE A 244 -92.16 -26.93 -85.01
CA PHE A 244 -91.00 -26.11 -85.39
C PHE A 244 -89.87 -26.93 -85.99
N GLN A 245 -89.88 -28.26 -85.84
CA GLN A 245 -88.79 -29.07 -86.38
C GLN A 245 -88.87 -29.22 -87.91
N MET A 246 -90.08 -29.30 -88.50
CA MET A 246 -90.15 -29.13 -89.97
C MET A 246 -89.63 -27.78 -90.44
N ALA A 247 -89.95 -26.68 -89.75
CA ALA A 247 -89.38 -25.39 -90.16
C ALA A 247 -87.87 -25.37 -89.98
N LEU A 248 -87.36 -26.11 -88.98
CA LEU A 248 -85.92 -26.29 -88.83
C LEU A 248 -85.33 -27.00 -90.03
N LEU A 249 -85.95 -28.10 -90.46
CA LEU A 249 -85.46 -28.86 -91.59
C LEU A 249 -85.55 -28.08 -92.89
N LYS A 250 -86.51 -27.17 -93.01
CA LYS A 250 -86.56 -26.25 -94.14
C LYS A 250 -85.54 -25.13 -93.95
N GLY A 251 -85.56 -24.14 -94.85
CA GLY A 251 -84.65 -23.02 -94.76
C GLY A 251 -85.09 -21.96 -93.77
N PRO B 1 -135.89 -57.71 -93.84
CA PRO B 1 -135.73 -57.05 -92.54
C PRO B 1 -134.46 -57.48 -91.82
N LEU B 2 -134.47 -57.40 -90.49
CA LEU B 2 -133.37 -57.82 -89.62
C LEU B 2 -132.10 -57.06 -89.93
N SER B 3 -131.11 -57.75 -90.52
CA SER B 3 -129.86 -57.10 -90.89
C SER B 3 -130.06 -56.04 -91.96
N LEU B 4 -131.00 -56.28 -92.89
CA LEU B 4 -131.34 -55.25 -93.88
C LEU B 4 -131.91 -54.01 -93.21
N TRP B 5 -132.76 -54.20 -92.20
CA TRP B 5 -133.30 -53.06 -91.47
C TRP B 5 -132.23 -52.32 -90.69
N ALA B 6 -131.29 -53.06 -90.09
CA ALA B 6 -130.18 -52.41 -89.39
C ALA B 6 -129.32 -51.60 -90.35
N GLY B 7 -129.04 -52.16 -91.54
CA GLY B 7 -128.31 -51.41 -92.54
C GLY B 7 -129.06 -50.17 -93.02
N TRP B 8 -130.38 -50.28 -93.17
CA TRP B 8 -131.16 -49.14 -93.63
C TRP B 8 -131.21 -48.03 -92.58
N VAL B 9 -131.37 -48.40 -91.29
CA VAL B 9 -131.41 -47.37 -90.26
C VAL B 9 -130.04 -46.80 -89.98
N LEU B 10 -128.96 -47.54 -90.30
CA LEU B 10 -127.63 -46.94 -90.23
C LEU B 10 -127.36 -46.04 -91.42
N ASP B 11 -127.93 -46.36 -92.59
CA ASP B 11 -127.72 -45.55 -93.78
C ASP B 11 -128.53 -44.25 -93.74
N SER B 12 -129.74 -44.30 -93.19
CA SER B 12 -130.60 -43.12 -93.17
C SER B 12 -130.02 -42.07 -92.24
N SER B 13 -129.90 -40.83 -92.75
CA SER B 13 -129.30 -39.76 -91.97
C SER B 13 -130.23 -39.22 -90.89
N VAL B 14 -131.55 -39.42 -91.03
CA VAL B 14 -132.49 -38.94 -90.03
C VAL B 14 -132.31 -39.71 -88.72
N PHE B 15 -132.12 -41.04 -88.81
CA PHE B 15 -131.90 -41.84 -87.61
C PHE B 15 -130.60 -41.48 -86.92
N SER B 16 -129.52 -41.27 -87.68
CA SER B 16 -128.25 -40.89 -87.10
C SER B 16 -128.33 -39.53 -86.42
N LYS B 17 -128.99 -38.57 -87.08
CA LYS B 17 -129.18 -37.25 -86.48
C LYS B 17 -130.01 -37.35 -85.21
N PHE B 18 -131.06 -38.18 -85.21
CA PHE B 18 -131.90 -38.32 -84.03
C PHE B 18 -131.12 -38.94 -82.87
N ILE B 19 -130.32 -39.99 -83.14
CA ILE B 19 -129.61 -40.64 -82.05
C ILE B 19 -128.49 -39.75 -81.50
N ILE B 20 -127.79 -39.01 -82.36
CA ILE B 20 -126.77 -38.11 -81.82
C ILE B 20 -127.41 -36.94 -81.08
N SER B 21 -128.58 -36.47 -81.53
CA SER B 21 -129.29 -35.42 -80.80
C SER B 21 -129.72 -35.91 -79.43
N LEU B 22 -130.23 -37.14 -79.34
CA LEU B 22 -130.59 -37.72 -78.05
C LEU B 22 -129.36 -37.88 -77.17
N ILE B 23 -128.22 -38.25 -77.77
CA ILE B 23 -126.99 -38.45 -76.99
C ILE B 23 -126.54 -37.14 -76.37
N PHE B 24 -126.43 -36.08 -77.17
CA PHE B 24 -125.94 -34.85 -76.55
C PHE B 24 -126.99 -34.19 -75.67
N LEU B 25 -128.28 -34.42 -75.94
CA LEU B 25 -129.32 -33.95 -75.02
C LEU B 25 -129.20 -34.63 -73.66
N ASN B 26 -128.96 -35.95 -73.66
CA ASN B 26 -128.78 -36.67 -72.40
C ASN B 26 -127.53 -36.20 -71.67
N THR B 27 -126.42 -36.00 -72.39
CA THR B 27 -125.20 -35.53 -71.74
C THR B 27 -125.38 -34.11 -71.22
N PHE B 28 -126.25 -33.31 -71.83
CA PHE B 28 -126.51 -31.98 -71.31
C PHE B 28 -127.39 -32.03 -70.06
N VAL B 29 -128.40 -32.92 -70.04
CA VAL B 29 -129.34 -32.89 -68.92
C VAL B 29 -128.85 -33.75 -67.77
N LEU B 30 -127.73 -34.45 -67.93
CA LEU B 30 -127.29 -35.40 -66.92
C LEU B 30 -126.90 -34.71 -65.60
N MET B 31 -126.06 -33.68 -65.66
CA MET B 31 -125.64 -33.04 -64.42
C MET B 31 -126.62 -31.98 -63.93
N VAL B 32 -127.67 -31.69 -64.71
CA VAL B 32 -128.67 -30.73 -64.26
C VAL B 32 -129.48 -31.29 -63.09
N GLU B 33 -129.81 -32.59 -63.15
CA GLU B 33 -130.67 -33.19 -62.14
C GLU B 33 -129.97 -33.29 -60.78
N ILE B 34 -128.65 -33.47 -60.78
CA ILE B 34 -127.91 -33.59 -59.52
C ILE B 34 -127.74 -32.26 -58.81
N GLU B 35 -128.05 -31.14 -59.48
CA GLU B 35 -127.85 -29.83 -58.85
C GLU B 35 -128.85 -29.58 -57.73
N LEU B 36 -130.10 -29.98 -57.90
CA LEU B 36 -131.12 -29.68 -56.91
C LEU B 36 -132.15 -30.80 -56.86
N MET B 37 -132.42 -31.29 -55.65
CA MET B 37 -133.47 -32.27 -55.38
C MET B 37 -134.25 -31.81 -54.13
N GLU B 38 -134.65 -30.53 -54.16
CA GLU B 38 -135.34 -29.94 -53.03
C GLU B 38 -136.60 -29.19 -53.48
N SER B 39 -137.24 -28.50 -52.55
CA SER B 39 -138.46 -27.74 -52.83
C SER B 39 -138.17 -26.26 -53.10
N THR B 40 -137.00 -25.95 -53.66
CA THR B 40 -136.67 -24.57 -53.99
C THR B 40 -137.59 -24.02 -55.07
N ASN B 41 -137.92 -24.84 -56.07
CA ASN B 41 -138.84 -24.46 -57.14
C ASN B 41 -139.88 -25.56 -57.26
N THR B 42 -141.08 -25.32 -56.70
CA THR B 42 -142.13 -26.32 -56.73
C THR B 42 -142.68 -26.53 -58.15
N ALA B 43 -142.75 -25.46 -58.95
CA ALA B 43 -143.24 -25.59 -60.31
C ALA B 43 -142.28 -26.36 -61.21
N LEU B 44 -140.98 -26.33 -60.92
CA LEU B 44 -139.99 -27.03 -61.72
C LEU B 44 -139.73 -28.46 -61.23
N TRP B 45 -140.30 -28.85 -60.10
CA TRP B 45 -140.12 -30.23 -59.62
C TRP B 45 -140.75 -31.27 -60.54
N PRO B 46 -142.02 -31.16 -60.98
CA PRO B 46 -142.53 -32.17 -61.92
C PRO B 46 -141.83 -32.17 -63.26
N VAL B 47 -141.39 -31.01 -63.76
CA VAL B 47 -140.69 -31.02 -65.03
C VAL B 47 -139.27 -31.57 -64.88
N LYS B 48 -138.66 -31.45 -63.69
CA LYS B 48 -137.38 -32.10 -63.46
C LYS B 48 -137.55 -33.62 -63.37
N LEU B 49 -138.65 -34.07 -62.76
CA LEU B 49 -138.98 -35.49 -62.84
C LEU B 49 -139.24 -35.92 -64.28
N ALA B 50 -139.76 -35.00 -65.11
CA ALA B 50 -139.94 -35.29 -66.53
C ALA B 50 -138.60 -35.45 -67.24
N LEU B 51 -137.61 -34.63 -66.89
CA LEU B 51 -136.27 -34.83 -67.49
C LEU B 51 -135.64 -36.14 -67.00
N GLU B 52 -135.85 -36.50 -65.74
CA GLU B 52 -135.34 -37.77 -65.25
C GLU B 52 -136.00 -38.95 -65.96
N VAL B 53 -137.31 -38.85 -66.22
CA VAL B 53 -137.96 -39.94 -66.93
C VAL B 53 -137.65 -39.87 -68.42
N ALA B 54 -137.20 -38.72 -68.94
CA ALA B 54 -136.62 -38.70 -70.28
C ALA B 54 -135.29 -39.42 -70.32
N ASP B 55 -134.52 -39.36 -69.24
CA ASP B 55 -133.32 -40.20 -69.13
C ASP B 55 -133.69 -41.68 -69.10
N TRP B 56 -134.76 -42.03 -68.39
CA TRP B 56 -135.27 -43.40 -68.44
C TRP B 56 -135.73 -43.75 -69.86
N PHE B 57 -136.30 -42.78 -70.57
CA PHE B 57 -136.72 -42.99 -71.95
C PHE B 57 -135.55 -43.24 -72.88
N ILE B 58 -134.42 -42.54 -72.67
CA ILE B 58 -133.27 -42.81 -73.53
C ILE B 58 -132.61 -44.13 -73.13
N LEU B 59 -132.81 -44.58 -71.88
CA LEU B 59 -132.44 -45.95 -71.54
C LEU B 59 -133.30 -46.96 -72.31
N LEU B 60 -134.60 -46.67 -72.46
CA LEU B 60 -135.44 -47.52 -73.30
C LEU B 60 -135.02 -47.42 -74.76
N SER B 61 -134.51 -46.27 -75.18
CA SER B 61 -133.94 -46.13 -76.51
C SER B 61 -132.70 -47.00 -76.66
N PHE B 62 -131.93 -47.15 -75.58
CA PHE B 62 -130.81 -48.09 -75.60
C PHE B 62 -131.29 -49.54 -75.66
N ILE B 63 -132.43 -49.84 -75.01
CA ILE B 63 -133.09 -51.14 -75.18
C ILE B 63 -133.40 -51.41 -76.65
N VAL B 64 -134.03 -50.45 -77.32
CA VAL B 64 -134.36 -50.71 -78.72
C VAL B 64 -133.12 -50.66 -79.61
N GLU B 65 -132.06 -49.96 -79.16
CA GLU B 65 -130.80 -49.99 -79.90
C GLU B 65 -130.14 -51.35 -79.82
N ILE B 66 -130.14 -51.98 -78.64
CA ILE B 66 -129.60 -53.34 -78.57
C ILE B 66 -130.54 -54.34 -79.24
N LEU B 67 -131.83 -54.02 -79.38
CA LEU B 67 -132.69 -54.84 -80.24
C LEU B 67 -132.24 -54.75 -81.71
N LEU B 68 -131.96 -53.53 -82.17
CA LEU B 68 -131.41 -53.37 -83.52
C LEU B 68 -130.05 -54.05 -83.65
N MET B 69 -129.30 -54.13 -82.55
CA MET B 69 -128.03 -54.87 -82.57
C MET B 69 -128.26 -56.38 -82.61
N TRP B 70 -129.34 -56.87 -81.99
CA TRP B 70 -129.70 -58.27 -82.14
C TRP B 70 -130.12 -58.57 -83.58
N LEU B 71 -130.68 -57.58 -84.28
CA LEU B 71 -130.97 -57.73 -85.70
C LEU B 71 -129.70 -57.94 -86.53
N ALA B 72 -128.53 -57.59 -86.00
CA ALA B 72 -127.25 -57.86 -86.64
C ALA B 72 -126.83 -59.30 -86.40
N SER B 73 -125.54 -59.60 -86.60
CA SER B 73 -125.00 -60.96 -86.60
C SER B 73 -125.17 -61.73 -85.29
N PHE B 74 -125.73 -61.08 -84.26
CA PHE B 74 -126.20 -61.73 -83.04
C PHE B 74 -125.09 -62.38 -82.25
N SER B 75 -124.92 -63.70 -82.40
CA SER B 75 -123.96 -64.43 -81.58
C SER B 75 -122.51 -64.11 -81.96
N LEU B 76 -122.28 -63.74 -83.22
CA LEU B 76 -120.94 -63.35 -83.64
C LEU B 76 -120.52 -62.02 -83.01
N PHE B 77 -121.49 -61.16 -82.69
CA PHE B 77 -121.20 -59.86 -82.11
C PHE B 77 -120.91 -59.92 -80.61
N TRP B 78 -120.87 -61.12 -80.02
CA TRP B 78 -120.52 -61.22 -78.60
C TRP B 78 -119.02 -61.05 -78.36
N LYS B 79 -118.19 -61.26 -79.38
CA LYS B 79 -116.74 -61.12 -79.27
C LYS B 79 -116.26 -60.33 -80.48
N ASP B 80 -115.99 -59.04 -80.29
CA ASP B 80 -115.67 -58.16 -81.41
C ASP B 80 -114.76 -57.04 -80.88
N ALA B 81 -114.63 -55.97 -81.68
CA ALA B 81 -113.86 -54.80 -81.31
C ALA B 81 -114.65 -53.92 -80.35
N TRP B 82 -114.23 -52.65 -80.16
CA TRP B 82 -114.77 -51.77 -79.12
C TRP B 82 -116.30 -51.65 -79.11
N ASN B 83 -116.97 -52.13 -80.15
CA ASN B 83 -118.43 -52.22 -80.12
C ASN B 83 -118.93 -53.16 -79.01
N VAL B 84 -118.17 -54.20 -78.66
CA VAL B 84 -118.58 -55.03 -77.54
C VAL B 84 -118.41 -54.27 -76.23
N PHE B 85 -117.40 -53.40 -76.15
CA PHE B 85 -117.26 -52.55 -74.97
C PHE B 85 -118.42 -51.57 -74.87
N ASP B 86 -118.86 -51.04 -76.01
CA ASP B 86 -120.06 -50.19 -76.02
C ASP B 86 -121.29 -50.97 -75.58
N PHE B 87 -121.42 -52.22 -76.05
CA PHE B 87 -122.55 -53.06 -75.64
C PHE B 87 -122.52 -53.33 -74.13
N PHE B 88 -121.33 -53.63 -73.59
CA PHE B 88 -121.21 -53.87 -72.16
C PHE B 88 -121.52 -52.62 -71.35
N VAL B 89 -121.10 -51.45 -71.83
CA VAL B 89 -121.40 -50.20 -71.14
C VAL B 89 -122.91 -49.92 -71.20
N THR B 90 -123.55 -50.20 -72.33
CA THR B 90 -125.00 -50.05 -72.39
C THR B 90 -125.69 -51.00 -71.41
N LEU B 91 -125.21 -52.24 -71.31
CA LEU B 91 -125.79 -53.18 -70.34
C LEU B 91 -125.61 -52.67 -68.91
N LEU B 92 -124.44 -52.14 -68.59
CA LEU B 92 -124.21 -51.56 -67.28
C LEU B 92 -125.02 -50.27 -67.07
N SER B 93 -125.47 -49.63 -68.14
CA SER B 93 -126.33 -48.44 -68.05
C SER B 93 -127.81 -48.77 -67.89
N LEU B 94 -128.23 -49.93 -68.38
CA LEU B 94 -129.57 -50.45 -68.11
C LEU B 94 -129.65 -51.20 -66.79
N LEU B 95 -128.51 -51.60 -66.22
CA LEU B 95 -128.50 -52.21 -64.89
C LEU B 95 -129.11 -51.34 -63.77
N PRO B 96 -128.87 -50.02 -63.70
CA PRO B 96 -129.47 -49.25 -62.58
C PRO B 96 -130.99 -49.29 -62.54
N GLU B 97 -131.67 -49.43 -63.68
CA GLU B 97 -133.13 -49.59 -63.65
C GLU B 97 -133.51 -50.85 -62.88
N LEU B 98 -132.81 -51.96 -63.11
CA LEU B 98 -133.07 -53.17 -62.37
C LEU B 98 -132.70 -53.01 -60.90
N VAL B 99 -131.58 -52.35 -60.60
CA VAL B 99 -131.13 -52.26 -59.21
C VAL B 99 -131.95 -51.26 -58.41
N VAL B 100 -132.72 -50.39 -59.06
CA VAL B 100 -133.70 -49.57 -58.34
C VAL B 100 -135.09 -50.18 -58.37
N LEU B 101 -135.38 -51.09 -59.31
CA LEU B 101 -136.66 -51.78 -59.29
C LEU B 101 -136.70 -52.89 -58.24
N LEU B 102 -135.58 -53.57 -58.01
CA LEU B 102 -135.55 -54.69 -57.08
C LEU B 102 -134.45 -54.64 -56.04
N GLY B 103 -133.50 -53.71 -56.13
CA GLY B 103 -132.38 -53.71 -55.21
C GLY B 103 -132.51 -52.83 -54.00
N VAL B 104 -133.49 -51.92 -53.98
CA VAL B 104 -133.71 -50.95 -52.90
C VAL B 104 -132.41 -50.18 -52.64
N PRO B 105 -132.04 -49.24 -53.52
CA PRO B 105 -130.69 -48.66 -53.46
C PRO B 105 -130.43 -47.74 -52.28
N ALA B 106 -130.68 -48.22 -51.06
CA ALA B 106 -130.22 -47.56 -49.84
C ALA B 106 -128.96 -48.24 -49.33
N HIS B 107 -127.94 -48.29 -50.20
CA HIS B 107 -126.73 -49.06 -49.92
C HIS B 107 -125.61 -48.48 -50.78
N SER B 108 -124.53 -49.25 -50.94
CA SER B 108 -123.50 -48.89 -51.90
C SER B 108 -124.02 -49.14 -53.31
N VAL B 109 -124.73 -48.14 -53.85
CA VAL B 109 -125.46 -48.33 -55.10
C VAL B 109 -124.49 -48.52 -56.27
N TRP B 110 -123.43 -47.71 -56.31
CA TRP B 110 -122.49 -47.62 -57.43
C TRP B 110 -123.19 -47.28 -58.74
N LEU B 111 -124.31 -46.56 -58.66
CA LEU B 111 -124.96 -46.05 -59.87
C LEU B 111 -124.12 -44.98 -60.54
N GLN B 112 -123.30 -44.28 -59.76
CA GLN B 112 -122.49 -43.19 -60.29
C GLN B 112 -121.43 -43.71 -61.25
N LEU B 113 -120.84 -44.87 -60.95
CA LEU B 113 -119.84 -45.46 -61.84
C LEU B 113 -120.46 -45.84 -63.18
N LEU B 114 -121.64 -46.47 -63.15
CA LEU B 114 -122.31 -46.82 -64.39
C LEU B 114 -122.76 -45.58 -65.16
N ARG B 115 -123.17 -44.53 -64.44
CA ARG B 115 -123.55 -43.27 -65.09
C ARG B 115 -122.35 -42.65 -65.79
N VAL B 116 -121.19 -42.63 -65.14
CA VAL B 116 -120.02 -42.04 -65.78
C VAL B 116 -119.50 -42.96 -66.89
N CYS B 117 -119.77 -44.26 -66.81
CA CYS B 117 -119.40 -45.16 -67.90
C CYS B 117 -120.26 -44.90 -69.14
N ARG B 118 -121.57 -44.71 -68.94
CA ARG B 118 -122.41 -44.40 -70.09
C ARG B 118 -122.14 -42.99 -70.63
N VAL B 119 -121.69 -42.07 -69.76
CA VAL B 119 -121.26 -40.76 -70.25
C VAL B 119 -119.96 -40.88 -71.03
N LEU B 120 -119.04 -41.75 -70.59
CA LEU B 120 -117.87 -42.10 -71.37
C LEU B 120 -118.27 -42.59 -72.75
N ARG B 121 -119.22 -43.53 -72.81
CA ARG B 121 -119.62 -44.11 -74.09
C ARG B 121 -120.31 -43.08 -74.98
N SER B 122 -121.10 -42.19 -74.39
CA SER B 122 -121.75 -41.14 -75.17
C SER B 122 -120.74 -40.15 -75.72
N LEU B 123 -119.72 -39.80 -74.92
CA LEU B 123 -118.71 -38.87 -75.37
C LEU B 123 -117.69 -39.49 -76.31
N LYS B 124 -117.62 -40.82 -76.41
CA LYS B 124 -116.79 -41.44 -77.45
C LYS B 124 -117.56 -41.83 -78.71
N LEU B 125 -118.86 -42.08 -78.60
CA LEU B 125 -119.70 -42.31 -79.78
C LEU B 125 -120.40 -41.03 -80.22
N PHE B 126 -119.59 -40.01 -80.52
CA PHE B 126 -120.10 -38.71 -80.92
C PHE B 126 -119.76 -38.36 -82.36
N ALA B 127 -119.52 -39.38 -83.20
CA ALA B 127 -119.07 -39.23 -84.58
C ALA B 127 -117.77 -38.42 -84.63
N ARG B 128 -116.72 -39.05 -84.07
CA ARG B 128 -115.44 -38.38 -83.87
C ARG B 128 -114.84 -37.92 -85.18
N PHE B 129 -114.13 -36.80 -85.13
CA PHE B 129 -113.53 -36.20 -86.31
C PHE B 129 -112.26 -36.94 -86.70
N ARG B 130 -111.84 -36.72 -87.94
CA ARG B 130 -110.61 -37.34 -88.43
C ARG B 130 -109.38 -36.79 -87.73
N GLN B 131 -109.41 -35.51 -87.34
CA GLN B 131 -108.29 -34.93 -86.60
C GLN B 131 -108.15 -35.56 -85.22
N ILE B 132 -109.28 -35.88 -84.58
CA ILE B 132 -109.23 -36.63 -83.32
C ILE B 132 -108.77 -38.06 -83.59
N LYS B 133 -109.24 -38.65 -84.69
CA LYS B 133 -108.95 -40.05 -84.97
C LYS B 133 -107.47 -40.29 -85.26
N VAL B 134 -106.82 -39.37 -85.97
CA VAL B 134 -105.41 -39.58 -86.30
C VAL B 134 -104.54 -39.47 -85.05
N ILE B 135 -104.87 -38.53 -84.14
CA ILE B 135 -104.10 -38.42 -82.92
C ILE B 135 -104.43 -39.58 -81.98
N LEU B 136 -105.64 -40.14 -82.07
CA LEU B 136 -105.95 -41.34 -81.30
C LEU B 136 -105.17 -42.54 -81.79
N LEU B 137 -105.03 -42.69 -83.12
CA LEU B 137 -104.22 -43.76 -83.67
C LEU B 137 -102.75 -43.59 -83.31
N ALA B 138 -102.25 -42.35 -83.35
CA ALA B 138 -100.89 -42.09 -82.92
C ALA B 138 -100.70 -42.42 -81.44
N LEU B 139 -101.69 -42.08 -80.60
CA LEU B 139 -101.59 -42.39 -79.18
C LEU B 139 -101.63 -43.89 -78.91
N VAL B 140 -102.47 -44.64 -79.63
CA VAL B 140 -102.55 -46.07 -79.36
C VAL B 140 -101.32 -46.80 -79.88
N ARG B 141 -100.77 -46.38 -81.03
CA ARG B 141 -99.50 -46.97 -81.46
C ARG B 141 -98.37 -46.55 -80.55
N ALA B 142 -98.45 -45.36 -79.95
CA ALA B 142 -97.47 -44.95 -78.96
C ALA B 142 -97.53 -45.84 -77.72
N LEU B 143 -98.72 -46.05 -77.17
CA LEU B 143 -98.81 -46.92 -75.99
C LEU B 143 -98.51 -48.38 -76.33
N LYS B 144 -98.66 -48.78 -77.59
CA LYS B 144 -98.15 -50.07 -78.02
C LYS B 144 -96.62 -50.10 -77.96
N SER B 145 -95.96 -49.03 -78.43
CA SER B 145 -94.51 -48.95 -78.35
C SER B 145 -94.02 -48.73 -76.92
N MET B 146 -94.91 -48.36 -76.00
CA MET B 146 -94.63 -48.35 -74.56
C MET B 146 -94.51 -49.79 -74.06
N THR B 147 -93.34 -50.36 -74.29
CA THR B 147 -93.09 -51.76 -73.96
C THR B 147 -92.16 -51.93 -72.75
N PHE B 148 -91.07 -51.17 -72.67
CA PHE B 148 -90.11 -51.31 -71.59
C PHE B 148 -89.93 -50.06 -70.74
N LEU B 149 -90.27 -48.88 -71.26
CA LEU B 149 -90.14 -47.66 -70.47
C LEU B 149 -91.07 -47.67 -69.27
N LEU B 150 -92.31 -48.13 -69.46
CA LEU B 150 -93.25 -48.21 -68.34
C LEU B 150 -92.83 -49.24 -67.31
N MET B 151 -92.29 -50.38 -67.75
CA MET B 151 -91.84 -51.38 -66.80
C MET B 151 -90.62 -50.90 -66.02
N LEU B 152 -89.74 -50.14 -66.68
CA LEU B 152 -88.61 -49.54 -65.98
C LEU B 152 -89.08 -48.49 -64.98
N LEU B 153 -90.07 -47.69 -65.36
CA LEU B 153 -90.61 -46.68 -64.46
C LEU B 153 -91.24 -47.32 -63.23
N LEU B 154 -92.05 -48.36 -63.43
CA LEU B 154 -92.70 -49.00 -62.28
C LEU B 154 -91.70 -49.75 -61.42
N ILE B 155 -90.69 -50.38 -62.02
CA ILE B 155 -89.71 -51.06 -61.17
C ILE B 155 -88.84 -50.06 -60.44
N PHE B 156 -88.62 -48.87 -61.02
CA PHE B 156 -87.77 -47.91 -60.33
C PHE B 156 -88.56 -47.32 -59.16
N PHE B 157 -89.85 -47.07 -59.40
CA PHE B 157 -90.79 -46.65 -58.36
C PHE B 157 -90.84 -47.67 -57.23
N TYR B 158 -90.96 -48.95 -57.58
CA TYR B 158 -91.02 -50.01 -56.58
C TYR B 158 -89.75 -50.03 -55.72
N ILE B 159 -88.57 -50.04 -56.36
CA ILE B 159 -87.34 -50.18 -55.59
C ILE B 159 -87.08 -48.95 -54.72
N PHE B 160 -87.30 -47.73 -55.26
CA PHE B 160 -87.10 -46.54 -54.42
C PHE B 160 -88.13 -46.40 -53.31
N ALA B 161 -89.39 -46.73 -53.57
CA ALA B 161 -90.39 -46.63 -52.51
C ALA B 161 -90.09 -47.62 -51.40
N VAL B 162 -89.78 -48.87 -51.77
CA VAL B 162 -89.51 -49.87 -50.75
C VAL B 162 -88.15 -49.64 -50.09
N THR B 163 -87.26 -48.89 -50.74
CA THR B 163 -86.03 -48.47 -50.08
C THR B 163 -86.31 -47.38 -49.06
N GLY B 164 -87.11 -46.39 -49.43
CA GLY B 164 -87.42 -45.27 -48.58
C GLY B 164 -88.50 -45.49 -47.55
N VAL B 165 -89.10 -46.68 -47.51
CA VAL B 165 -90.03 -47.01 -46.42
C VAL B 165 -89.32 -46.86 -45.07
N TYR B 166 -88.29 -47.66 -44.84
CA TYR B 166 -87.55 -47.62 -43.58
C TYR B 166 -86.30 -46.75 -43.66
N PHE B 167 -86.42 -45.53 -44.19
CA PHE B 167 -85.35 -44.54 -44.13
C PHE B 167 -85.73 -43.34 -43.27
N PHE B 168 -86.86 -42.71 -43.55
CA PHE B 168 -87.43 -41.72 -42.64
C PHE B 168 -88.39 -42.40 -41.66
N ARG B 169 -87.89 -43.46 -41.02
CA ARG B 169 -88.64 -44.23 -40.05
C ARG B 169 -88.80 -43.48 -38.73
N GLU B 170 -88.01 -42.44 -38.50
CA GLU B 170 -88.12 -41.62 -37.30
C GLU B 170 -89.07 -40.44 -37.48
N TYR B 171 -89.75 -40.36 -38.63
CA TYR B 171 -90.72 -39.30 -38.87
C TYR B 171 -92.12 -39.70 -38.43
N SER B 172 -92.65 -40.76 -39.02
CA SER B 172 -93.98 -41.23 -38.63
C SER B 172 -93.97 -41.86 -37.25
N ARG B 173 -92.92 -42.61 -36.93
CA ARG B 173 -92.79 -43.26 -35.62
C ARG B 173 -92.04 -42.36 -34.65
N SER B 174 -92.61 -41.17 -34.45
CA SER B 174 -92.08 -40.18 -33.52
C SER B 174 -93.20 -39.68 -32.63
N THR B 175 -92.87 -39.33 -31.38
CA THR B 175 -93.85 -38.89 -30.41
C THR B 175 -93.98 -37.37 -30.34
N ILE B 176 -93.61 -36.67 -31.41
CA ILE B 176 -93.76 -35.21 -31.47
C ILE B 176 -95.24 -34.91 -31.66
N GLU B 177 -95.81 -34.12 -30.75
CA GLU B 177 -97.24 -33.86 -30.78
C GLU B 177 -97.63 -32.99 -31.98
N GLY B 178 -96.82 -31.99 -32.29
CA GLY B 178 -97.15 -31.09 -33.40
C GLY B 178 -96.52 -31.49 -34.71
N LEU B 179 -97.29 -32.21 -35.53
CA LEU B 179 -96.85 -32.63 -36.86
C LEU B 179 -98.09 -32.91 -37.70
N GLU B 180 -97.95 -32.81 -39.02
CA GLU B 180 -99.08 -32.95 -39.92
C GLU B 180 -98.82 -33.84 -41.13
N TYR B 181 -97.57 -34.22 -41.41
CA TYR B 181 -97.24 -35.10 -42.53
C TYR B 181 -96.69 -36.44 -42.04
N ASN B 182 -97.05 -36.85 -40.81
CA ASN B 182 -96.54 -38.10 -40.26
C ASN B 182 -97.03 -39.31 -41.03
N MET B 183 -98.31 -39.33 -41.39
CA MET B 183 -98.91 -40.43 -42.11
C MET B 183 -98.36 -40.63 -43.52
N PHE B 184 -97.63 -39.65 -44.05
CA PHE B 184 -97.08 -39.77 -45.40
C PHE B 184 -96.13 -40.97 -45.50
N PHE B 185 -95.30 -41.17 -44.47
CA PHE B 185 -94.31 -42.23 -44.47
C PHE B 185 -94.69 -43.38 -43.53
N SER B 186 -95.98 -43.46 -43.16
CA SER B 186 -96.39 -44.43 -42.15
C SER B 186 -96.49 -45.84 -42.74
N ASP B 187 -97.37 -46.03 -43.71
CA ASP B 187 -97.63 -47.35 -44.29
C ASP B 187 -96.92 -47.51 -45.61
N LEU B 188 -96.86 -48.77 -46.08
CA LEU B 188 -96.24 -49.06 -47.37
C LEU B 188 -97.02 -48.44 -48.52
N LEU B 189 -98.35 -48.56 -48.49
CA LEU B 189 -99.17 -47.87 -49.49
C LEU B 189 -99.06 -46.36 -49.31
N ASN B 190 -98.97 -45.88 -48.06
CA ASN B 190 -98.72 -44.46 -47.82
C ASN B 190 -97.35 -44.05 -48.34
N SER B 191 -96.37 -44.95 -48.25
CA SER B 191 -95.06 -44.67 -48.83
C SER B 191 -95.14 -44.57 -50.35
N LEU B 192 -95.91 -45.44 -50.99
CA LEU B 192 -96.15 -45.34 -52.43
C LEU B 192 -96.81 -44.01 -52.76
N VAL B 193 -97.77 -43.59 -51.94
CA VAL B 193 -98.44 -42.31 -52.11
C VAL B 193 -97.45 -41.14 -52.05
N THR B 194 -96.60 -41.13 -51.01
CA THR B 194 -95.72 -39.98 -50.84
C THR B 194 -94.59 -39.97 -51.87
N VAL B 195 -94.15 -41.13 -52.36
CA VAL B 195 -93.14 -41.10 -53.40
C VAL B 195 -93.77 -40.77 -54.75
N PHE B 196 -95.05 -41.08 -54.96
CA PHE B 196 -95.75 -40.58 -56.15
C PHE B 196 -95.90 -39.06 -56.08
N ILE B 197 -96.14 -38.53 -54.87
CA ILE B 197 -96.19 -37.08 -54.69
C ILE B 197 -94.83 -36.47 -55.01
N LEU B 198 -93.75 -37.08 -54.54
CA LEU B 198 -92.41 -36.59 -54.86
C LEU B 198 -92.12 -36.69 -56.35
N PHE B 199 -92.60 -37.75 -57.00
CA PHE B 199 -92.43 -37.89 -58.45
C PHE B 199 -93.15 -36.78 -59.20
N THR B 200 -94.38 -36.45 -58.78
CA THR B 200 -95.10 -35.33 -59.36
C THR B 200 -94.46 -33.99 -59.02
N LEU B 201 -93.67 -33.94 -57.94
CA LEU B 201 -92.93 -32.75 -57.52
C LEU B 201 -93.85 -31.58 -57.22
N ASP B 202 -94.73 -31.78 -56.24
CA ASP B 202 -95.59 -30.73 -55.72
C ASP B 202 -95.28 -30.54 -54.25
N HIS B 203 -94.92 -29.31 -53.88
CA HIS B 203 -94.58 -28.92 -52.50
C HIS B 203 -93.50 -29.82 -51.91
N TRP B 204 -92.48 -30.11 -52.72
CA TRP B 204 -91.32 -30.85 -52.19
C TRP B 204 -90.59 -30.03 -51.14
N TYR B 205 -90.56 -28.71 -51.29
CA TYR B 205 -89.97 -27.84 -50.28
C TYR B 205 -90.73 -27.95 -48.96
N ALA B 206 -92.05 -27.86 -49.00
CA ALA B 206 -92.85 -27.97 -47.79
C ALA B 206 -92.73 -29.35 -47.17
N VAL B 207 -92.67 -30.40 -48.00
CA VAL B 207 -92.49 -31.75 -47.49
C VAL B 207 -91.15 -31.88 -46.78
N LEU B 208 -90.08 -31.33 -47.38
CA LEU B 208 -88.77 -31.41 -46.74
C LEU B 208 -88.73 -30.61 -45.44
N GLN B 209 -89.34 -29.43 -45.41
CA GLN B 209 -89.38 -28.67 -44.16
C GLN B 209 -90.23 -29.36 -43.10
N ASP B 210 -91.23 -30.15 -43.50
CA ASP B 210 -92.01 -30.90 -42.53
C ASP B 210 -91.26 -32.11 -42.01
N ILE B 211 -90.44 -32.75 -42.85
CA ILE B 211 -89.55 -33.81 -42.36
C ILE B 211 -88.38 -33.25 -41.56
N TRP B 212 -88.07 -31.96 -41.72
CA TRP B 212 -87.03 -31.32 -40.93
C TRP B 212 -87.32 -31.30 -39.43
N LYS B 213 -88.58 -31.52 -39.02
CA LYS B 213 -88.89 -31.61 -37.60
C LYS B 213 -88.30 -32.86 -36.95
N VAL B 214 -87.88 -33.84 -37.76
CA VAL B 214 -87.09 -34.96 -37.23
C VAL B 214 -85.78 -34.41 -36.70
N PRO B 215 -85.24 -34.92 -35.57
CA PRO B 215 -83.90 -34.52 -35.12
C PRO B 215 -82.84 -34.64 -36.22
N GLU B 216 -82.22 -33.53 -36.56
CA GLU B 216 -81.30 -33.46 -37.69
C GLU B 216 -80.04 -34.26 -37.40
N SER B 217 -79.91 -35.42 -38.03
CA SER B 217 -78.73 -36.26 -37.90
C SER B 217 -77.69 -35.93 -38.96
N SER B 218 -77.36 -34.64 -39.06
CA SER B 218 -76.34 -34.10 -39.98
C SER B 218 -76.67 -34.35 -41.45
N ARG B 219 -77.93 -34.68 -41.76
CA ARG B 219 -78.51 -34.84 -43.10
C ARG B 219 -77.63 -35.63 -44.07
N VAL B 220 -76.81 -36.54 -43.53
CA VAL B 220 -75.72 -37.11 -44.33
C VAL B 220 -76.23 -38.22 -45.26
N PHE B 221 -77.35 -38.85 -44.95
CA PHE B 221 -77.76 -39.96 -45.81
C PHE B 221 -79.20 -39.87 -46.28
N SER B 222 -80.12 -39.38 -45.44
CA SER B 222 -81.54 -39.47 -45.76
C SER B 222 -82.00 -38.34 -46.68
N SER B 223 -81.67 -37.10 -46.34
CA SER B 223 -82.11 -35.97 -47.13
C SER B 223 -81.51 -36.01 -48.53
N ILE B 224 -80.22 -36.35 -48.63
CA ILE B 224 -79.61 -36.47 -49.95
C ILE B 224 -80.23 -37.63 -50.73
N TYR B 225 -80.64 -38.69 -50.04
CA TYR B 225 -81.28 -39.82 -50.72
C TYR B 225 -82.61 -39.42 -51.33
N VAL B 226 -83.47 -38.77 -50.53
CA VAL B 226 -84.79 -38.41 -51.05
C VAL B 226 -84.66 -37.34 -52.13
N ILE B 227 -83.70 -36.42 -51.97
CA ILE B 227 -83.50 -35.38 -52.98
C ILE B 227 -83.01 -35.99 -54.30
N LEU B 228 -82.03 -36.89 -54.23
CA LEU B 228 -81.53 -37.53 -55.44
C LEU B 228 -82.61 -38.39 -56.08
N TRP B 229 -83.42 -39.07 -55.28
CA TRP B 229 -84.50 -39.88 -55.81
C TRP B 229 -85.50 -39.02 -56.58
N LEU B 230 -86.00 -37.95 -55.95
CA LEU B 230 -87.01 -37.13 -56.60
C LEU B 230 -86.46 -36.48 -57.86
N LEU B 231 -85.25 -35.90 -57.78
CA LEU B 231 -84.72 -35.20 -58.94
C LEU B 231 -84.40 -36.16 -60.08
N LEU B 232 -83.70 -37.26 -59.77
CA LEU B 232 -83.29 -38.20 -60.81
C LEU B 232 -84.50 -38.87 -61.45
N GLY B 233 -85.44 -39.37 -60.63
CA GLY B 233 -86.61 -40.00 -61.19
C GLY B 233 -87.43 -39.05 -62.05
N SER B 234 -87.71 -37.85 -61.53
CA SER B 234 -88.52 -36.91 -62.28
C SER B 234 -87.89 -36.53 -63.60
N ILE B 235 -86.62 -36.07 -63.57
CA ILE B 235 -86.02 -35.59 -64.80
C ILE B 235 -85.77 -36.73 -65.78
N ILE B 236 -85.29 -37.89 -65.30
CA ILE B 236 -84.95 -38.98 -66.20
C ILE B 236 -86.21 -39.54 -66.87
N PHE B 237 -87.27 -39.76 -66.09
CA PHE B 237 -88.45 -40.36 -66.67
C PHE B 237 -89.22 -39.38 -67.55
N ARG B 238 -89.35 -38.12 -67.11
CA ARG B 238 -90.00 -37.12 -67.96
C ARG B 238 -89.25 -36.96 -69.28
N ASN B 239 -87.92 -36.87 -69.22
CA ASN B 239 -87.13 -36.71 -70.42
C ASN B 239 -87.22 -37.94 -71.32
N ILE B 240 -87.22 -39.15 -70.74
CA ILE B 240 -87.25 -40.35 -71.57
C ILE B 240 -88.61 -40.50 -72.25
N ILE B 241 -89.70 -40.12 -71.57
CA ILE B 241 -91.01 -40.27 -72.20
C ILE B 241 -91.22 -39.20 -73.27
N VAL B 242 -90.78 -37.96 -73.02
CA VAL B 242 -90.90 -36.96 -74.08
C VAL B 242 -89.98 -37.30 -75.25
N ALA B 243 -88.82 -37.89 -74.97
CA ALA B 243 -87.91 -38.33 -76.03
C ALA B 243 -88.55 -39.42 -76.89
N MET B 244 -89.17 -40.41 -76.26
CA MET B 244 -89.71 -41.52 -77.03
C MET B 244 -90.97 -41.08 -77.78
N MET B 245 -91.75 -40.15 -77.21
CA MET B 245 -92.88 -39.59 -77.96
C MET B 245 -92.41 -38.79 -79.16
N VAL B 246 -91.34 -38.00 -79.01
CA VAL B 246 -90.78 -37.28 -80.15
C VAL B 246 -90.31 -38.27 -81.21
N THR B 247 -89.68 -39.37 -80.80
CA THR B 247 -89.28 -40.40 -81.74
C THR B 247 -90.47 -41.07 -82.41
N ASN B 248 -91.59 -41.21 -81.69
CA ASN B 248 -92.81 -41.75 -82.28
C ASN B 248 -93.32 -40.85 -83.40
N PHE B 249 -93.36 -39.54 -83.14
CA PHE B 249 -93.73 -38.60 -84.19
C PHE B 249 -92.73 -38.63 -85.35
N GLN B 250 -91.45 -38.78 -85.03
CA GLN B 250 -90.40 -38.83 -86.05
C GLN B 250 -90.60 -40.01 -86.98
N ASN B 251 -90.86 -41.20 -86.41
CA ASN B 251 -91.00 -42.37 -87.27
C ASN B 251 -92.35 -42.40 -88.00
N ILE B 252 -93.40 -41.81 -87.41
CA ILE B 252 -94.66 -41.65 -88.14
C ILE B 252 -94.44 -40.78 -89.38
N ARG B 253 -93.76 -39.65 -89.20
CA ARG B 253 -93.49 -38.77 -90.33
C ARG B 253 -92.53 -39.41 -91.32
N SER B 254 -91.56 -40.19 -90.85
CA SER B 254 -90.64 -40.88 -91.77
C SER B 254 -91.38 -41.92 -92.60
N GLU B 255 -92.33 -42.64 -92.00
CA GLU B 255 -93.16 -43.57 -92.75
C GLU B 255 -94.00 -42.84 -93.80
N LEU B 256 -94.56 -41.68 -93.42
CA LEU B 256 -95.30 -40.87 -94.40
C LEU B 256 -94.38 -40.39 -95.52
N SER B 257 -93.15 -40.03 -95.17
CA SER B 257 -92.19 -39.55 -96.16
C SER B 257 -91.86 -40.63 -97.18
N GLU B 258 -91.52 -41.82 -96.70
CA GLU B 258 -91.25 -42.94 -97.60
C GLU B 258 -92.48 -43.29 -98.43
N GLU B 259 -93.69 -43.21 -97.85
CA GLU B 259 -94.86 -43.62 -98.60
C GLU B 259 -95.19 -42.64 -99.72
N MET B 260 -95.10 -41.31 -99.51
CA MET B 260 -95.47 -40.51 -100.68
C MET B 260 -94.28 -40.32 -101.62
N SER B 261 -93.05 -40.57 -101.16
CA SER B 261 -91.94 -40.68 -102.10
C SER B 261 -92.13 -41.87 -103.02
N HIS B 262 -92.60 -43.00 -102.46
CA HIS B 262 -92.95 -44.15 -103.28
C HIS B 262 -94.10 -43.83 -104.23
N LEU B 263 -95.09 -43.08 -103.74
CA LEU B 263 -96.21 -42.68 -104.60
C LEU B 263 -95.72 -41.83 -105.77
N GLU B 264 -94.82 -40.87 -105.50
CA GLU B 264 -94.32 -40.00 -106.55
C GLU B 264 -93.48 -40.76 -107.57
N VAL B 265 -92.60 -41.67 -107.11
CA VAL B 265 -91.80 -42.40 -108.07
C VAL B 265 -92.66 -43.38 -108.87
N GLN B 266 -93.70 -43.94 -108.26
CA GLN B 266 -94.64 -44.79 -108.99
C GLN B 266 -95.40 -43.98 -110.04
N TYR B 267 -95.79 -42.74 -109.69
CA TYR B 267 -96.47 -41.88 -110.67
C TYR B 267 -95.54 -41.53 -111.82
N LYS B 268 -94.27 -41.25 -111.54
CA LYS B 268 -93.31 -40.95 -112.59
C LYS B 268 -93.10 -42.16 -113.50
N ALA B 269 -93.00 -43.36 -112.92
CA ALA B 269 -92.85 -44.56 -113.73
C ALA B 269 -94.10 -44.83 -114.56
N ASP B 270 -95.28 -44.57 -114.00
CA ASP B 270 -96.53 -44.71 -114.74
C ASP B 270 -96.59 -43.74 -115.92
N MET B 271 -96.14 -42.49 -115.71
CA MET B 271 -96.07 -41.53 -116.80
C MET B 271 -95.07 -41.95 -117.87
N PHE B 272 -93.91 -42.47 -117.46
CA PHE B 272 -92.95 -42.96 -118.45
C PHE B 272 -93.52 -44.13 -119.25
N LYS B 273 -94.24 -45.03 -118.58
CA LYS B 273 -94.84 -46.17 -119.30
C LYS B 273 -96.00 -45.72 -120.18
N GLN B 274 -96.70 -44.66 -119.81
CA GLN B 274 -97.72 -44.10 -120.70
C GLN B 274 -97.09 -43.50 -121.95
N GLN B 275 -95.96 -42.82 -121.79
CA GLN B 275 -95.23 -42.32 -122.97
C GLN B 275 -94.73 -43.48 -123.83
N ILE B 276 -94.27 -44.56 -123.19
CA ILE B 276 -93.82 -45.73 -123.93
C ILE B 276 -94.96 -46.36 -124.73
N ILE B 277 -96.15 -46.46 -124.10
CA ILE B 277 -97.32 -47.01 -124.79
C ILE B 277 -97.72 -46.11 -125.95
N GLN B 278 -97.70 -44.79 -125.75
CA GLN B 278 -98.06 -43.87 -126.81
C GLN B 278 -97.09 -43.96 -127.99
N ARG B 279 -95.80 -44.11 -127.70
CA ARG B 279 -94.82 -44.31 -128.77
C ARG B 279 -95.03 -45.64 -129.47
N ARG B 280 -95.34 -46.69 -128.72
CA ARG B 280 -95.55 -48.02 -129.28
C ARG B 280 -96.80 -48.09 -130.16
N GLN B 281 -97.82 -47.29 -129.87
CA GLN B 281 -99.04 -47.28 -130.66
C GLN B 281 -98.81 -46.63 -132.02
N GLU C 1 -59.72 -77.09 -68.74
CA GLU C 1 -60.19 -78.48 -68.68
C GLU C 1 -61.70 -78.55 -68.70
N CYS C 2 -62.33 -78.37 -67.53
CA CYS C 2 -63.76 -78.46 -67.40
C CYS C 2 -64.44 -77.08 -67.46
N GLN C 3 -63.68 -76.05 -67.83
CA GLN C 3 -64.24 -74.72 -67.97
C GLN C 3 -65.29 -74.65 -69.06
N ALA C 4 -65.13 -75.44 -70.12
CA ALA C 4 -66.14 -75.48 -71.18
C ALA C 4 -67.47 -76.04 -70.66
N TYR C 5 -67.40 -77.12 -69.86
CA TYR C 5 -68.62 -77.67 -69.28
C TYR C 5 -69.23 -76.72 -68.26
N PHE C 6 -68.39 -76.02 -67.49
CA PHE C 6 -68.91 -75.03 -66.55
C PHE C 6 -69.62 -73.89 -67.26
N ARG C 7 -69.06 -73.42 -68.38
CA ARG C 7 -69.70 -72.38 -69.16
C ARG C 7 -70.99 -72.88 -69.83
N LYS C 8 -71.01 -74.14 -70.25
CA LYS C 8 -72.25 -74.71 -70.78
C LYS C 8 -73.33 -74.78 -69.71
N VAL C 9 -72.94 -75.16 -68.49
CA VAL C 9 -73.89 -75.18 -67.37
C VAL C 9 -74.41 -73.79 -67.07
N ILE C 10 -73.53 -72.78 -67.07
CA ILE C 10 -73.96 -71.42 -66.78
C ILE C 10 -74.75 -70.82 -67.94
N LYS C 11 -74.59 -71.34 -69.16
CA LYS C 11 -75.42 -70.93 -70.28
C LYS C 11 -76.77 -71.65 -70.31
N SER C 12 -76.88 -72.80 -69.62
CA SER C 12 -78.15 -73.47 -69.49
C SER C 12 -79.18 -72.58 -68.79
N THR C 13 -80.42 -72.65 -69.26
CA THR C 13 -81.46 -71.75 -68.78
C THR C 13 -82.04 -72.18 -67.44
N PHE C 14 -81.77 -73.41 -66.99
CA PHE C 14 -82.36 -73.88 -65.73
C PHE C 14 -81.75 -73.16 -64.54
N PHE C 15 -80.44 -72.90 -64.56
CA PHE C 15 -79.80 -72.17 -63.47
C PHE C 15 -80.32 -70.74 -63.38
N GLN C 16 -80.51 -70.10 -64.54
CA GLN C 16 -81.09 -68.76 -64.56
C GLN C 16 -82.51 -68.75 -64.01
N ILE C 17 -83.30 -69.77 -64.37
CA ILE C 17 -84.67 -69.88 -63.86
C ILE C 17 -84.66 -70.05 -62.34
N VAL C 18 -83.76 -70.90 -61.83
CA VAL C 18 -83.66 -71.13 -60.39
C VAL C 18 -83.27 -69.85 -59.66
N MET C 19 -82.29 -69.12 -60.18
CA MET C 19 -81.82 -67.93 -59.47
C MET C 19 -82.86 -66.82 -59.55
N ILE C 20 -83.56 -66.71 -60.69
CA ILE C 20 -84.66 -65.77 -60.81
C ILE C 20 -85.76 -66.10 -59.81
N THR C 21 -86.06 -67.39 -59.63
CA THR C 21 -87.06 -67.81 -58.66
C THR C 21 -86.63 -67.43 -57.24
N THR C 22 -85.34 -67.63 -56.91
CA THR C 22 -84.86 -67.29 -55.57
C THR C 22 -84.96 -65.81 -55.30
N VAL C 23 -84.57 -64.97 -56.27
CA VAL C 23 -84.64 -63.53 -56.01
C VAL C 23 -86.08 -63.01 -56.08
N THR C 24 -86.99 -63.67 -56.80
CA THR C 24 -88.39 -63.26 -56.73
C THR C 24 -88.99 -63.62 -55.39
N THR C 25 -88.61 -64.78 -54.82
CA THR C 25 -89.01 -65.07 -53.46
C THR C 25 -88.39 -64.09 -52.47
N ASN C 26 -87.20 -63.58 -52.76
CA ASN C 26 -86.61 -62.51 -51.95
C ASN C 26 -87.44 -61.23 -52.05
N SER C 27 -87.93 -60.92 -53.25
CA SER C 27 -88.81 -59.76 -53.43
C SER C 27 -90.09 -59.92 -52.62
N PHE C 28 -90.68 -61.12 -52.64
CA PHE C 28 -91.85 -61.38 -51.80
C PHE C 28 -91.51 -61.32 -50.32
N LEU C 29 -90.30 -61.73 -49.95
CA LEU C 29 -89.84 -61.60 -48.57
C LEU C 29 -89.78 -60.13 -48.15
N LEU C 30 -89.27 -59.26 -49.03
CA LEU C 30 -89.26 -57.83 -48.73
C LEU C 30 -90.68 -57.28 -48.65
N VAL C 31 -91.58 -57.76 -49.52
CA VAL C 31 -92.97 -57.32 -49.49
C VAL C 31 -93.62 -57.67 -48.16
N LEU C 32 -93.37 -58.89 -47.67
CA LEU C 32 -93.90 -59.29 -46.38
C LEU C 32 -93.15 -58.70 -45.19
N GLY C 33 -91.91 -58.27 -45.39
CA GLY C 33 -91.11 -57.73 -44.31
C GLY C 33 -91.26 -56.24 -44.12
N THR C 34 -91.82 -55.55 -45.13
CA THR C 34 -92.18 -54.15 -44.93
C THR C 34 -93.35 -54.01 -43.96
N ASN C 35 -94.06 -55.09 -43.68
CA ASN C 35 -95.05 -55.15 -42.61
C ASN C 35 -94.35 -55.28 -41.26
N TYR C 36 -95.15 -55.25 -40.19
CA TYR C 36 -94.60 -55.33 -38.84
C TYR C 36 -94.77 -56.69 -38.20
N ASP C 37 -95.84 -57.43 -38.52
CA ASP C 37 -96.05 -58.73 -37.91
C ASP C 37 -95.02 -59.75 -38.41
N ILE C 38 -94.86 -59.83 -39.73
CA ILE C 38 -93.91 -60.79 -40.32
C ILE C 38 -92.47 -60.33 -40.19
N GLN C 39 -92.25 -59.09 -39.75
CA GLN C 39 -90.90 -58.57 -39.59
C GLN C 39 -90.13 -59.33 -38.53
N PHE C 40 -90.77 -59.62 -37.39
CA PHE C 40 -90.11 -60.31 -36.29
C PHE C 40 -90.86 -61.51 -35.74
N GLU C 41 -92.11 -61.73 -36.14
CA GLU C 41 -92.88 -62.90 -35.71
C GLU C 41 -93.32 -63.68 -36.94
N PHE C 42 -93.52 -64.99 -36.76
CA PHE C 42 -93.78 -65.92 -37.87
C PHE C 42 -92.66 -65.80 -38.91
N PHE C 43 -91.42 -65.71 -38.42
CA PHE C 43 -90.27 -65.34 -39.23
C PHE C 43 -89.25 -66.46 -39.39
N ARG C 44 -89.58 -67.70 -38.98
CA ARG C 44 -88.69 -68.81 -39.25
C ARG C 44 -88.58 -69.07 -40.75
N THR C 45 -89.70 -68.92 -41.47
CA THR C 45 -89.67 -68.98 -42.93
C THR C 45 -88.79 -67.87 -43.50
N PHE C 46 -88.88 -66.66 -42.91
CA PHE C 46 -88.02 -65.56 -43.31
C PHE C 46 -86.55 -65.92 -43.12
N GLU C 47 -86.21 -66.53 -41.99
CA GLU C 47 -84.83 -66.88 -41.69
C GLU C 47 -84.29 -67.91 -42.67
N VAL C 48 -85.05 -68.99 -42.89
CA VAL C 48 -84.56 -70.06 -43.77
C VAL C 48 -84.49 -69.57 -45.22
N SER C 49 -85.46 -68.76 -45.65
CA SER C 49 -85.42 -68.22 -47.01
C SER C 49 -84.25 -67.27 -47.18
N GLU C 50 -83.97 -66.42 -46.18
CA GLU C 50 -82.84 -65.51 -46.27
C GLU C 50 -81.51 -66.27 -46.31
N LEU C 51 -81.41 -67.37 -45.56
CA LEU C 51 -80.22 -68.21 -45.62
C LEU C 51 -80.07 -68.81 -47.02
N PHE C 52 -81.18 -69.27 -47.62
CA PHE C 52 -81.14 -69.78 -48.98
C PHE C 52 -80.70 -68.69 -49.96
N PHE C 53 -81.21 -67.47 -49.79
CA PHE C 53 -80.88 -66.38 -50.71
C PHE C 53 -79.40 -66.00 -50.61
N VAL C 54 -78.86 -65.90 -49.38
CA VAL C 54 -77.46 -65.54 -49.25
C VAL C 54 -76.57 -66.68 -49.74
N SER C 55 -77.02 -67.93 -49.60
CA SER C 55 -76.28 -69.05 -50.20
C SER C 55 -76.25 -68.94 -51.72
N VAL C 56 -77.38 -68.60 -52.33
CA VAL C 56 -77.45 -68.45 -53.78
C VAL C 56 -76.56 -67.31 -54.25
N TYR C 57 -76.57 -66.19 -53.52
CA TYR C 57 -75.74 -65.05 -53.91
C TYR C 57 -74.26 -65.35 -53.73
N VAL C 58 -73.91 -66.12 -52.70
CA VAL C 58 -72.52 -66.57 -52.52
C VAL C 58 -72.11 -67.46 -53.69
N CYS C 59 -73.01 -68.34 -54.14
CA CYS C 59 -72.73 -69.18 -55.29
C CYS C 59 -72.53 -68.35 -56.56
N GLU C 60 -73.35 -67.31 -56.74
CA GLU C 60 -73.19 -66.43 -57.90
C GLU C 60 -71.85 -65.70 -57.86
N PHE C 61 -71.45 -65.22 -56.68
CA PHE C 61 -70.14 -64.57 -56.56
C PHE C 61 -69.01 -65.57 -56.77
N LEU C 62 -69.21 -66.83 -56.37
CA LEU C 62 -68.21 -67.85 -56.65
C LEU C 62 -68.12 -68.14 -58.15
N MET C 63 -69.22 -67.97 -58.87
CA MET C 63 -69.15 -68.16 -60.32
C MET C 63 -68.47 -66.95 -60.97
N LYS C 64 -68.67 -65.75 -60.42
CA LYS C 64 -68.05 -64.54 -60.94
C LYS C 64 -66.64 -64.28 -60.39
N VAL C 65 -66.12 -65.15 -59.52
CA VAL C 65 -64.78 -64.97 -58.98
C VAL C 65 -63.77 -65.71 -59.86
N TYR C 66 -64.20 -66.07 -61.07
CA TYR C 66 -63.38 -66.80 -62.03
C TYR C 66 -62.36 -65.88 -62.69
N VAL C 67 -61.79 -66.30 -63.82
CA VAL C 67 -60.95 -65.40 -64.63
C VAL C 67 -61.77 -64.40 -65.42
N ASP C 68 -63.10 -64.53 -65.41
CA ASP C 68 -63.96 -63.58 -66.11
C ASP C 68 -63.87 -62.13 -65.62
N PRO C 69 -63.44 -61.82 -64.36
CA PRO C 69 -63.09 -60.43 -64.04
C PRO C 69 -62.21 -59.68 -65.03
N ILE C 70 -61.44 -60.36 -65.88
CA ILE C 70 -60.72 -59.68 -66.94
C ILE C 70 -61.67 -59.01 -67.93
N THR C 71 -62.93 -59.44 -68.00
CA THR C 71 -63.96 -58.73 -68.73
C THR C 71 -64.94 -58.00 -67.82
N TYR C 72 -65.09 -58.48 -66.58
CA TYR C 72 -65.91 -57.84 -65.55
C TYR C 72 -65.19 -56.66 -64.90
N TRP C 73 -64.06 -56.23 -65.44
CA TRP C 73 -63.39 -55.02 -64.98
C TRP C 73 -63.46 -53.87 -65.98
N LYS C 74 -64.03 -54.07 -67.16
CA LYS C 74 -64.11 -53.03 -68.19
C LYS C 74 -65.48 -52.89 -68.82
N ASP C 75 -66.40 -53.81 -68.60
CA ASP C 75 -67.69 -53.82 -69.29
C ASP C 75 -68.71 -52.92 -68.60
N GLY C 76 -69.97 -53.11 -68.95
CA GLY C 76 -71.10 -52.28 -68.54
C GLY C 76 -71.83 -52.91 -67.38
N TYR C 77 -72.87 -53.69 -67.67
CA TYR C 77 -73.66 -54.35 -66.63
C TYR C 77 -72.83 -55.26 -65.73
N ASN C 78 -71.69 -55.75 -66.23
CA ASN C 78 -70.90 -56.71 -65.46
C ASN C 78 -70.26 -56.07 -64.23
N ILE C 79 -69.62 -54.90 -64.40
CA ILE C 79 -69.02 -54.22 -63.25
C ILE C 79 -70.11 -53.81 -62.26
N LEU C 80 -71.28 -53.43 -62.79
CA LEU C 80 -72.40 -53.05 -61.94
C LEU C 80 -72.85 -54.21 -61.07
N ASP C 81 -72.97 -55.40 -61.66
CA ASP C 81 -73.48 -56.52 -60.87
C ASP C 81 -72.45 -57.03 -59.87
N VAL C 82 -71.15 -57.01 -60.22
CA VAL C 82 -70.16 -57.46 -59.23
C VAL C 82 -70.04 -56.45 -58.09
N ILE C 83 -70.14 -55.15 -58.40
CA ILE C 83 -70.12 -54.14 -57.34
C ILE C 83 -71.37 -54.27 -56.48
N ILE C 84 -72.51 -54.58 -57.09
CA ILE C 84 -73.74 -54.83 -56.34
C ILE C 84 -73.56 -56.03 -55.42
N LEU C 85 -72.90 -57.07 -55.89
CA LEU C 85 -72.62 -58.24 -55.05
C LEU C 85 -71.73 -57.88 -53.87
N ILE C 86 -70.71 -57.04 -54.09
CA ILE C 86 -69.81 -56.67 -53.01
C ILE C 86 -70.53 -55.84 -51.94
N ILE C 87 -71.25 -54.80 -52.39
CA ILE C 87 -71.99 -53.93 -51.46
C ILE C 87 -73.29 -54.57 -51.00
N LEU C 88 -73.58 -55.79 -51.44
CA LEU C 88 -74.57 -56.62 -50.78
C LEU C 88 -73.93 -57.48 -49.70
N THR C 89 -72.85 -58.18 -50.04
CA THR C 89 -72.25 -59.15 -49.13
C THR C 89 -71.67 -58.49 -47.89
N ILE C 90 -70.94 -57.38 -48.06
CA ILE C 90 -70.28 -56.75 -46.90
C ILE C 90 -71.27 -56.22 -45.86
N PRO C 91 -72.31 -55.41 -46.22
CA PRO C 91 -73.17 -54.84 -45.17
C PRO C 91 -73.98 -55.85 -44.37
N TYR C 92 -74.56 -56.88 -44.98
CA TYR C 92 -75.25 -57.84 -44.12
C TYR C 92 -74.28 -58.75 -43.38
N LEU C 93 -73.03 -58.87 -43.86
CA LEU C 93 -72.01 -59.56 -43.08
C LEU C 93 -71.70 -58.80 -41.80
N LEU C 94 -71.67 -57.47 -41.87
CA LEU C 94 -71.44 -56.66 -40.67
C LEU C 94 -72.72 -56.25 -39.97
N ARG C 95 -73.89 -56.67 -40.47
CA ARG C 95 -75.17 -56.30 -39.88
C ARG C 95 -75.90 -57.47 -39.25
N LYS C 96 -76.10 -58.57 -39.97
CA LYS C 96 -76.85 -59.71 -39.43
C LYS C 96 -76.14 -60.30 -38.22
N ILE C 97 -74.83 -60.50 -38.33
CA ILE C 97 -73.99 -60.80 -37.18
C ILE C 97 -73.03 -59.65 -37.02
N LYS C 98 -73.40 -58.66 -36.21
CA LYS C 98 -72.63 -57.42 -36.16
C LYS C 98 -71.55 -57.44 -35.07
N GLY C 99 -71.97 -57.52 -33.81
CA GLY C 99 -71.05 -57.53 -32.69
C GLY C 99 -70.11 -56.34 -32.63
N ASN C 100 -70.50 -55.24 -33.25
CA ASN C 100 -69.64 -54.08 -33.45
C ASN C 100 -70.35 -52.82 -32.98
N HIS C 101 -69.72 -51.68 -33.25
CA HIS C 101 -70.30 -50.38 -32.93
C HIS C 101 -70.94 -49.79 -34.18
N SER C 102 -72.18 -49.32 -34.04
CA SER C 102 -72.93 -48.76 -35.15
C SER C 102 -74.02 -47.87 -34.59
N ALA C 103 -74.58 -47.02 -35.46
CA ALA C 103 -75.57 -46.06 -35.01
C ALA C 103 -76.96 -46.68 -34.88
N TYR C 104 -77.52 -47.13 -36.00
CA TYR C 104 -78.88 -47.68 -36.04
C TYR C 104 -79.03 -48.49 -37.33
N LEU C 105 -80.27 -48.89 -37.62
CA LEU C 105 -80.58 -49.67 -38.81
C LEU C 105 -81.13 -48.73 -39.88
N HIS C 106 -80.44 -48.66 -41.02
CA HIS C 106 -80.97 -47.92 -42.16
C HIS C 106 -80.63 -48.59 -43.49
N PHE C 107 -80.20 -49.84 -43.50
CA PHE C 107 -79.83 -50.52 -44.75
C PHE C 107 -80.31 -51.96 -44.76
N ALA C 108 -81.55 -52.20 -44.34
CA ALA C 108 -82.16 -53.53 -44.50
C ALA C 108 -83.01 -53.58 -45.76
N ASP C 109 -84.01 -52.69 -45.85
CA ASP C 109 -84.79 -52.56 -47.07
C ASP C 109 -83.93 -52.09 -48.23
N GLY C 110 -82.87 -51.32 -47.96
CA GLY C 110 -81.94 -50.94 -49.01
C GLY C 110 -81.18 -52.13 -49.57
N ILE C 111 -80.72 -53.02 -48.69
CA ILE C 111 -80.04 -54.24 -49.14
C ILE C 111 -81.01 -55.11 -49.95
N GLN C 112 -82.23 -55.27 -49.47
CA GLN C 112 -83.22 -56.04 -50.22
C GLN C 112 -83.55 -55.40 -51.56
N SER C 113 -83.54 -54.06 -51.63
CA SER C 113 -83.77 -53.38 -52.91
C SER C 113 -82.59 -53.55 -53.85
N LEU C 114 -81.37 -53.61 -53.33
CA LEU C 114 -80.22 -53.96 -54.17
C LEU C 114 -80.36 -55.38 -54.71
N ARG C 115 -80.91 -56.29 -53.89
CA ARG C 115 -81.21 -57.64 -54.39
C ARG C 115 -82.27 -57.60 -55.49
N ILE C 116 -83.27 -56.74 -55.35
CA ILE C 116 -84.28 -56.58 -56.40
C ILE C 116 -83.64 -56.01 -57.67
N LEU C 117 -82.67 -55.11 -57.50
CA LEU C 117 -81.93 -54.61 -58.65
C LEU C 117 -81.16 -55.73 -59.35
N LYS C 118 -80.57 -56.64 -58.55
CA LYS C 118 -79.95 -57.83 -59.13
C LYS C 118 -80.96 -58.70 -59.85
N LEU C 119 -82.20 -58.74 -59.37
CA LEU C 119 -83.27 -59.44 -60.10
C LEU C 119 -83.51 -58.79 -61.46
N ILE C 120 -83.67 -57.46 -61.48
CA ILE C 120 -83.98 -56.74 -62.72
C ILE C 120 -82.75 -56.61 -63.62
N SER C 121 -81.58 -57.06 -63.15
CA SER C 121 -80.39 -57.12 -64.00
C SER C 121 -80.58 -58.02 -65.22
N TYR C 122 -81.59 -58.89 -65.22
CA TYR C 122 -81.99 -59.67 -66.39
C TYR C 122 -82.79 -58.82 -67.37
N SER C 123 -83.56 -59.48 -68.24
CA SER C 123 -84.40 -58.84 -69.25
C SER C 123 -83.54 -58.08 -70.27
N ARG C 124 -82.88 -58.88 -71.12
CA ARG C 124 -82.08 -58.42 -72.24
C ARG C 124 -82.71 -57.29 -73.06
N GLY C 125 -84.04 -57.21 -73.11
CA GLY C 125 -84.68 -56.05 -73.69
C GLY C 125 -84.38 -54.77 -72.91
N ILE C 126 -84.48 -54.84 -71.58
CA ILE C 126 -84.08 -53.71 -70.74
C ILE C 126 -82.58 -53.46 -70.86
N ARG C 127 -81.80 -54.53 -71.05
CA ARG C 127 -80.37 -54.36 -71.27
C ARG C 127 -80.09 -53.58 -72.56
N THR C 128 -80.82 -53.90 -73.63
CA THR C 128 -80.67 -53.16 -74.88
C THR C 128 -81.12 -51.72 -74.74
N LEU C 129 -82.19 -51.48 -73.96
CA LEU C 129 -82.59 -50.11 -73.67
C LEU C 129 -81.51 -49.36 -72.90
N ILE C 130 -80.88 -50.03 -71.93
CA ILE C 130 -79.79 -49.43 -71.16
C ILE C 130 -78.61 -49.11 -72.07
N ILE C 131 -78.31 -50.00 -73.01
CA ILE C 131 -77.24 -49.73 -73.98
C ILE C 131 -77.59 -48.54 -74.86
N ALA C 132 -78.86 -48.45 -75.30
CA ALA C 132 -79.28 -47.37 -76.17
C ALA C 132 -79.29 -46.02 -75.45
N VAL C 133 -79.50 -46.01 -74.13
CA VAL C 133 -79.50 -44.76 -73.37
C VAL C 133 -78.21 -44.55 -72.60
N GLY C 134 -77.21 -45.42 -72.76
CA GLY C 134 -76.01 -45.35 -71.95
C GLY C 134 -74.94 -44.40 -72.44
N GLU C 135 -75.07 -43.87 -73.66
CA GLU C 135 -74.06 -42.96 -74.18
C GLU C 135 -74.27 -41.52 -73.71
N THR C 136 -75.33 -41.26 -72.98
CA THR C 136 -75.64 -39.91 -72.50
C THR C 136 -75.26 -39.70 -71.04
N VAL C 137 -74.50 -40.63 -70.46
CA VAL C 137 -74.02 -40.46 -69.08
C VAL C 137 -73.11 -39.24 -68.98
N TYR C 138 -72.21 -39.08 -69.96
CA TYR C 138 -71.35 -37.91 -69.98
C TYR C 138 -72.14 -36.61 -70.12
N THR C 139 -73.17 -36.62 -70.97
CA THR C 139 -73.99 -35.43 -71.16
C THR C 139 -74.74 -35.05 -69.89
N VAL C 140 -75.38 -36.03 -69.24
CA VAL C 140 -76.11 -35.72 -68.02
C VAL C 140 -75.15 -35.34 -66.89
N ALA C 141 -73.95 -35.90 -66.88
CA ALA C 141 -72.94 -35.50 -65.89
C ALA C 141 -72.50 -34.06 -66.12
N SER C 142 -72.32 -33.66 -67.37
CA SER C 142 -71.92 -32.28 -67.67
C SER C 142 -73.03 -31.30 -67.30
N VAL C 143 -74.28 -31.66 -67.60
CA VAL C 143 -75.40 -30.80 -67.19
C VAL C 143 -75.50 -30.73 -65.67
N LEU C 144 -75.23 -31.84 -64.97
CA LEU C 144 -75.23 -31.83 -63.51
C LEU C 144 -74.12 -30.94 -62.96
N THR C 145 -72.94 -30.96 -63.60
CA THR C 145 -71.85 -30.10 -63.15
C THR C 145 -72.17 -28.63 -63.39
N LEU C 146 -72.82 -28.31 -64.51
CA LEU C 146 -73.26 -26.93 -64.73
C LEU C 146 -74.30 -26.52 -63.69
N LEU C 147 -75.20 -27.43 -63.34
CA LEU C 147 -76.19 -27.12 -62.30
C LEU C 147 -75.48 -26.87 -60.98
N PHE C 148 -74.46 -27.67 -60.66
CA PHE C 148 -73.72 -27.49 -59.41
C PHE C 148 -72.94 -26.18 -59.42
N LEU C 149 -72.42 -25.77 -60.58
CA LEU C 149 -71.70 -24.50 -60.65
C LEU C 149 -72.64 -23.32 -60.43
N LEU C 150 -73.78 -23.30 -61.13
CA LEU C 150 -74.77 -22.24 -60.89
C LEU C 150 -75.31 -22.32 -59.47
N MET C 151 -75.39 -23.54 -58.93
CA MET C 151 -75.81 -23.76 -57.55
C MET C 151 -74.87 -23.07 -56.58
N PHE C 152 -73.56 -23.24 -56.78
CA PHE C 152 -72.57 -22.59 -55.93
C PHE C 152 -72.58 -21.07 -56.10
N VAL C 153 -72.76 -20.60 -57.35
CA VAL C 153 -72.78 -19.17 -57.61
C VAL C 153 -73.91 -18.51 -56.85
N PHE C 154 -75.14 -19.01 -57.03
CA PHE C 154 -76.24 -18.40 -56.32
C PHE C 154 -76.29 -18.79 -54.85
N ALA C 155 -75.57 -19.84 -54.44
CA ALA C 155 -75.44 -20.12 -53.02
C ALA C 155 -74.65 -19.04 -52.31
N ILE C 156 -73.48 -18.70 -52.86
CA ILE C 156 -72.70 -17.63 -52.24
C ILE C 156 -73.42 -16.29 -52.41
N LEU C 157 -74.16 -16.10 -53.52
CA LEU C 157 -74.91 -14.86 -53.68
C LEU C 157 -76.02 -14.73 -52.64
N GLY C 158 -76.80 -15.78 -52.43
CA GLY C 158 -77.87 -15.74 -51.45
C GLY C 158 -77.34 -15.61 -50.03
N PHE C 159 -76.25 -16.30 -49.72
CA PHE C 159 -75.63 -16.13 -48.41
C PHE C 159 -75.21 -14.69 -48.18
N CYS C 160 -74.41 -14.13 -49.09
CA CYS C 160 -73.89 -12.78 -48.90
C CYS C 160 -74.96 -11.72 -49.10
N LEU C 161 -76.15 -12.09 -49.57
CA LEU C 161 -77.24 -11.12 -49.67
C LEU C 161 -78.18 -11.16 -48.47
N PHE C 162 -78.43 -12.32 -47.87
CA PHE C 162 -79.45 -12.42 -46.83
C PHE C 162 -78.98 -13.01 -45.50
N GLY C 163 -77.93 -13.83 -45.46
CA GLY C 163 -77.53 -14.42 -44.20
C GLY C 163 -76.36 -13.71 -43.54
N VAL C 164 -75.62 -12.92 -44.31
CA VAL C 164 -74.46 -12.23 -43.74
C VAL C 164 -74.91 -10.97 -43.00
N THR C 165 -76.11 -10.46 -43.30
CA THR C 165 -76.62 -9.31 -42.58
C THR C 165 -77.12 -9.70 -41.18
N ASP C 166 -77.54 -10.95 -41.02
CA ASP C 166 -77.93 -11.52 -39.71
C ASP C 166 -79.04 -10.72 -39.04
N ARG C 167 -79.99 -10.23 -39.84
CA ARG C 167 -81.17 -9.56 -39.33
C ARG C 167 -82.43 -10.39 -39.54
N GLY C 168 -82.27 -11.69 -39.77
CA GLY C 168 -83.35 -12.60 -40.05
C GLY C 168 -82.97 -13.51 -41.20
N ASP C 169 -84.00 -14.15 -41.78
CA ASP C 169 -83.85 -15.05 -42.93
C ASP C 169 -82.88 -16.21 -42.63
N LEU C 170 -82.85 -16.64 -41.37
CA LEU C 170 -81.98 -17.74 -40.97
C LEU C 170 -82.53 -19.07 -41.45
N GLU C 171 -81.62 -20.00 -41.74
CA GLU C 171 -81.89 -21.35 -42.23
C GLU C 171 -82.65 -21.37 -43.56
N ASN C 172 -82.66 -20.24 -44.27
CA ASN C 172 -83.14 -20.17 -45.65
C ASN C 172 -82.07 -19.68 -46.59
N TRP C 173 -81.35 -18.62 -46.22
CA TRP C 173 -80.13 -18.20 -46.89
C TRP C 173 -79.01 -18.05 -45.86
N GLY C 174 -79.09 -18.79 -44.76
CA GLY C 174 -78.15 -18.70 -43.66
C GLY C 174 -77.13 -19.82 -43.68
N ASN C 175 -77.39 -20.88 -42.90
CA ASN C 175 -76.54 -22.06 -42.90
C ASN C 175 -76.46 -22.65 -44.30
N LEU C 176 -75.31 -23.25 -44.63
CA LEU C 176 -75.01 -23.61 -46.01
C LEU C 176 -75.94 -24.71 -46.52
N ALA C 177 -76.18 -25.74 -45.72
CA ALA C 177 -77.00 -26.86 -46.18
C ALA C 177 -78.45 -26.45 -46.37
N SER C 178 -79.01 -25.72 -45.40
CA SER C 178 -80.39 -25.24 -45.54
C SER C 178 -80.51 -24.24 -46.69
N ALA C 179 -79.48 -23.41 -46.88
CA ALA C 179 -79.47 -22.49 -48.00
C ALA C 179 -79.49 -23.24 -49.33
N PHE C 180 -78.67 -24.30 -49.43
CA PHE C 180 -78.66 -25.11 -50.64
C PHE C 180 -80.01 -25.77 -50.89
N PHE C 181 -80.64 -26.28 -49.84
CA PHE C 181 -81.95 -26.92 -50.02
C PHE C 181 -83.00 -25.91 -50.46
N THR C 182 -82.98 -24.70 -49.90
CA THR C 182 -83.89 -23.66 -50.33
C THR C 182 -83.60 -23.23 -51.78
N LEU C 183 -82.33 -23.19 -52.17
CA LEU C 183 -82.00 -22.85 -53.56
C LEU C 183 -82.46 -23.92 -54.53
N PHE C 184 -82.35 -25.19 -54.14
CA PHE C 184 -82.87 -26.26 -54.99
C PHE C 184 -84.38 -26.17 -55.10
N SER C 185 -85.06 -25.83 -54.00
CA SER C 185 -86.50 -25.62 -54.05
C SER C 185 -86.87 -24.45 -54.95
N LEU C 186 -86.08 -23.38 -54.91
CA LEU C 186 -86.35 -22.20 -55.74
C LEU C 186 -86.03 -22.46 -57.21
N ALA C 187 -85.03 -23.30 -57.49
CA ALA C 187 -84.74 -23.73 -58.85
C ALA C 187 -85.82 -24.66 -59.38
N THR C 188 -86.47 -25.42 -58.49
CA THR C 188 -87.71 -26.08 -58.86
C THR C 188 -88.86 -25.08 -58.68
N VAL C 189 -90.10 -25.53 -58.87
CA VAL C 189 -91.24 -24.63 -58.72
C VAL C 189 -91.81 -24.65 -57.30
N ASP C 190 -91.49 -25.65 -56.50
CA ASP C 190 -92.14 -25.82 -55.21
C ASP C 190 -91.59 -24.85 -54.18
N GLY C 191 -92.48 -24.33 -53.33
CA GLY C 191 -92.07 -23.53 -52.18
C GLY C 191 -91.68 -22.11 -52.48
N TRP C 192 -91.74 -21.69 -53.75
CA TRP C 192 -91.32 -20.34 -54.11
C TRP C 192 -92.25 -19.29 -53.53
N THR C 193 -93.55 -19.55 -53.47
CA THR C 193 -94.48 -18.57 -52.93
C THR C 193 -94.21 -18.30 -51.46
N ASP C 194 -94.10 -19.35 -50.65
CA ASP C 194 -93.85 -19.17 -49.22
C ASP C 194 -92.44 -18.63 -48.97
N LEU C 195 -91.48 -19.02 -49.80
CA LEU C 195 -90.13 -18.45 -49.67
C LEU C 195 -90.13 -16.96 -49.98
N GLN C 196 -90.89 -16.54 -50.99
CA GLN C 196 -91.00 -15.13 -51.31
C GLN C 196 -91.68 -14.35 -50.18
N GLU C 197 -92.75 -14.91 -49.61
CA GLU C 197 -93.39 -14.27 -48.47
C GLU C 197 -92.47 -14.22 -47.26
N GLU C 198 -91.55 -15.17 -47.15
CA GLU C 198 -90.58 -15.12 -46.07
C GLU C 198 -89.52 -14.05 -46.30
N LEU C 199 -89.08 -13.89 -47.56
CA LEU C 199 -87.95 -13.00 -47.81
C LEU C 199 -88.37 -11.54 -47.97
N ASP C 200 -89.62 -11.27 -48.37
CA ASP C 200 -89.98 -9.87 -48.61
C ASP C 200 -90.11 -9.05 -47.35
N LYS C 201 -90.14 -9.66 -46.18
CA LYS C 201 -90.32 -8.96 -44.91
C LYS C 201 -89.01 -8.62 -44.22
N ARG C 202 -87.87 -8.89 -44.86
CA ARG C 202 -86.56 -8.71 -44.24
C ARG C 202 -85.85 -7.44 -44.69
N LYS C 203 -86.61 -6.44 -45.14
CA LYS C 203 -86.06 -5.18 -45.67
C LYS C 203 -85.10 -5.47 -46.82
N PHE C 204 -85.65 -5.99 -47.91
CA PHE C 204 -84.91 -6.20 -49.15
C PHE C 204 -85.93 -6.15 -50.28
N THR C 205 -86.11 -4.97 -50.90
CA THR C 205 -87.16 -4.82 -51.91
C THR C 205 -86.78 -5.51 -53.21
N VAL C 206 -85.51 -5.44 -53.61
CA VAL C 206 -85.06 -6.07 -54.85
C VAL C 206 -84.74 -7.54 -54.67
N SER C 207 -84.96 -8.10 -53.48
CA SER C 207 -84.84 -9.54 -53.29
C SER C 207 -85.84 -10.30 -54.14
N ARG C 208 -87.06 -9.75 -54.28
CA ARG C 208 -88.05 -10.35 -55.15
C ARG C 208 -87.58 -10.37 -56.59
N ALA C 209 -86.97 -9.26 -57.05
CA ALA C 209 -86.44 -9.20 -58.41
C ALA C 209 -85.31 -10.21 -58.60
N PHE C 210 -84.41 -10.32 -57.62
CA PHE C 210 -83.32 -11.29 -57.71
C PHE C 210 -83.85 -12.71 -57.76
N THR C 211 -84.88 -13.01 -56.94
CA THR C 211 -85.40 -14.38 -56.91
C THR C 211 -86.14 -14.73 -58.19
N ILE C 212 -86.90 -13.78 -58.76
CA ILE C 212 -87.59 -14.09 -60.01
C ILE C 212 -86.59 -14.20 -61.16
N LEU C 213 -85.51 -13.40 -61.14
CA LEU C 213 -84.45 -13.57 -62.13
C LEU C 213 -83.78 -14.94 -61.99
N PHE C 214 -83.52 -15.36 -60.75
CA PHE C 214 -82.93 -16.67 -60.51
C PHE C 214 -83.83 -17.79 -61.00
N ILE C 215 -85.14 -17.66 -60.78
CA ILE C 215 -86.08 -18.68 -61.24
C ILE C 215 -86.09 -18.72 -62.76
N LEU C 216 -86.27 -17.57 -63.42
CA LEU C 216 -86.39 -17.53 -64.87
C LEU C 216 -85.09 -17.92 -65.57
N LEU C 217 -83.95 -17.83 -64.88
CA LEU C 217 -82.75 -18.41 -65.44
C LEU C 217 -82.68 -19.91 -65.16
N ALA C 218 -82.58 -20.29 -63.89
CA ALA C 218 -82.22 -21.66 -63.52
C ALA C 218 -83.29 -22.66 -63.91
N SER C 219 -84.55 -22.41 -63.52
CA SER C 219 -85.60 -23.39 -63.74
C SER C 219 -85.82 -23.63 -65.23
N PHE C 220 -85.98 -22.55 -65.98
CA PHE C 220 -86.23 -22.66 -67.42
C PHE C 220 -85.06 -23.31 -68.13
N ILE C 221 -83.83 -22.82 -67.88
CA ILE C 221 -82.67 -23.34 -68.59
C ILE C 221 -82.46 -24.82 -68.29
N PHE C 222 -82.49 -25.18 -67.01
CA PHE C 222 -82.28 -26.57 -66.62
C PHE C 222 -83.33 -27.49 -67.23
N LEU C 223 -84.61 -27.15 -67.05
CA LEU C 223 -85.67 -28.04 -67.53
C LEU C 223 -85.66 -28.17 -69.05
N ASN C 224 -85.67 -27.04 -69.77
CA ASN C 224 -85.82 -27.12 -71.22
C ASN C 224 -84.56 -27.66 -71.89
N MET C 225 -83.37 -27.31 -71.39
CA MET C 225 -82.16 -27.84 -72.00
C MET C 225 -82.03 -29.33 -71.73
N PHE C 226 -82.37 -29.78 -70.51
CA PHE C 226 -82.31 -31.19 -70.21
C PHE C 226 -83.27 -31.98 -71.09
N VAL C 227 -84.51 -31.48 -71.26
CA VAL C 227 -85.47 -32.25 -72.06
C VAL C 227 -85.06 -32.27 -73.53
N GLY C 228 -84.54 -31.16 -74.07
CA GLY C 228 -84.11 -31.17 -75.46
C GLY C 228 -82.90 -32.06 -75.70
N VAL C 229 -81.90 -31.98 -74.81
CA VAL C 229 -80.71 -32.80 -74.91
C VAL C 229 -81.08 -34.28 -74.88
N MET C 230 -81.92 -34.67 -73.93
CA MET C 230 -82.35 -36.07 -73.86
C MET C 230 -83.18 -36.46 -75.08
N ILE C 231 -84.09 -35.58 -75.53
CA ILE C 231 -85.01 -35.93 -76.61
C ILE C 231 -84.24 -36.32 -77.85
N MET C 232 -83.31 -35.46 -78.29
CA MET C 232 -82.69 -35.85 -79.54
C MET C 232 -81.35 -36.55 -79.35
N HIS C 233 -80.87 -36.72 -78.12
CA HIS C 233 -79.86 -37.73 -77.88
C HIS C 233 -80.43 -39.13 -78.10
N THR C 234 -81.62 -39.39 -77.55
CA THR C 234 -82.25 -40.68 -77.84
C THR C 234 -82.71 -40.78 -79.29
N GLU C 235 -83.13 -39.66 -79.89
CA GLU C 235 -83.50 -39.69 -81.30
C GLU C 235 -82.33 -40.10 -82.18
N ASP C 236 -81.16 -39.47 -81.98
CA ASP C 236 -79.98 -39.85 -82.75
C ASP C 236 -79.46 -41.23 -82.37
N SER C 237 -79.75 -41.69 -81.14
CA SER C 237 -79.35 -43.04 -80.76
C SER C 237 -80.17 -44.09 -81.49
N MET C 238 -81.50 -43.96 -81.51
CA MET C 238 -82.31 -44.97 -82.18
C MET C 238 -82.33 -44.81 -83.69
N LYS C 239 -81.99 -43.63 -84.23
CA LYS C 239 -81.97 -43.47 -85.68
C LYS C 239 -80.92 -44.38 -86.32
N LYS C 240 -79.71 -44.39 -85.76
CA LYS C 240 -78.64 -45.24 -86.29
C LYS C 240 -78.95 -46.71 -86.06
N PHE C 241 -79.58 -47.04 -84.93
CA PHE C 241 -79.95 -48.43 -84.66
C PHE C 241 -80.98 -48.94 -85.67
N GLU C 242 -82.00 -48.14 -85.95
CA GLU C 242 -83.01 -48.53 -86.94
C GLU C 242 -82.41 -48.59 -88.34
N ARG C 243 -81.49 -47.67 -88.66
CA ARG C 243 -80.84 -47.73 -89.95
C ARG C 243 -79.99 -48.99 -90.09
N ASP C 244 -79.29 -49.39 -89.03
CA ASP C 244 -78.50 -50.62 -89.08
C ASP C 244 -79.38 -51.85 -89.19
N LEU C 245 -80.52 -51.86 -88.49
CA LEU C 245 -81.44 -52.99 -88.59
C LEU C 245 -82.04 -53.11 -89.99
N THR C 246 -82.42 -51.97 -90.59
CA THR C 246 -82.93 -52.00 -91.96
C THR C 246 -81.84 -52.39 -92.96
N LEU C 247 -80.59 -51.98 -92.71
CA LEU C 247 -79.49 -52.41 -93.57
C LEU C 247 -79.26 -53.90 -93.47
N GLU C 248 -79.37 -54.47 -92.26
CA GLU C 248 -79.23 -55.92 -92.10
C GLU C 248 -80.36 -56.65 -92.82
N ARG C 249 -81.60 -56.14 -92.71
CA ARG C 249 -82.71 -56.75 -93.42
C ARG C 249 -82.53 -56.67 -94.94
N ASN C 250 -82.03 -55.53 -95.43
CA ASN C 250 -81.78 -55.39 -96.86
C ASN C 250 -80.67 -56.31 -97.33
N LEU C 251 -79.63 -56.49 -96.50
CA LEU C 251 -78.57 -57.45 -96.82
C LEU C 251 -79.11 -58.87 -96.88
N ALA C 252 -79.99 -59.23 -95.95
CA ALA C 252 -80.60 -60.56 -95.98
C ALA C 252 -81.47 -60.74 -97.21
N ILE C 253 -82.21 -59.69 -97.60
CA ILE C 253 -83.05 -59.77 -98.79
C ILE C 253 -82.20 -59.93 -100.05
N MET C 254 -81.12 -59.16 -100.14
CA MET C 254 -80.21 -59.27 -101.29
C MET C 254 -79.56 -60.64 -101.34
N GLU C 255 -79.18 -61.20 -100.19
CA GLU C 255 -78.58 -62.53 -100.17
C GLU C 255 -79.59 -63.61 -100.57
N GLU C 256 -80.84 -63.48 -100.12
CA GLU C 256 -81.85 -64.47 -100.51
C GLU C 256 -82.16 -64.37 -102.00
N LYS C 257 -82.13 -63.15 -102.56
CA LYS C 257 -82.32 -62.99 -103.99
C LYS C 257 -81.14 -63.59 -104.76
N GLN C 258 -79.92 -63.43 -104.25
CA GLN C 258 -78.75 -64.02 -104.89
C GLN C 258 -78.80 -65.54 -104.85
N ILE C 259 -79.23 -66.12 -103.73
CA ILE C 259 -79.37 -67.57 -103.63
C ILE C 259 -80.43 -68.08 -104.60
N ILE C 260 -81.56 -67.35 -104.71
CA ILE C 260 -82.61 -67.72 -105.65
C ILE C 260 -82.08 -67.67 -107.08
N LEU C 261 -81.33 -66.62 -107.42
CA LEU C 261 -80.79 -66.49 -108.77
C LEU C 261 -79.78 -67.60 -109.08
N LYS C 262 -78.92 -67.95 -108.12
CA LYS C 262 -77.96 -69.02 -108.35
C LYS C 262 -78.67 -70.37 -108.49
N ARG C 263 -79.72 -70.60 -107.69
CA ARG C 263 -80.49 -71.83 -107.83
C ARG C 263 -81.17 -71.92 -109.19
N GLN C 264 -81.73 -70.80 -109.67
CA GLN C 264 -82.36 -70.78 -110.99
C GLN C 264 -81.34 -71.03 -112.09
N GLN C 265 -80.16 -70.41 -111.99
CA GLN C 265 -79.12 -70.62 -112.99
C GLN C 265 -78.62 -72.07 -112.98
N GLU C 266 -78.48 -72.66 -111.80
CA GLU C 266 -78.08 -74.07 -111.70
C GLU C 266 -79.14 -74.97 -112.31
N GLU C 267 -80.42 -74.69 -112.06
CA GLU C 267 -81.50 -75.47 -112.66
C GLU C 267 -81.50 -75.36 -114.18
N VAL C 268 -81.29 -74.15 -114.70
CA VAL C 268 -81.25 -73.95 -116.15
C VAL C 268 -80.08 -74.70 -116.76
N ASN C 269 -78.90 -74.64 -116.12
CA ASN C 269 -77.73 -75.34 -116.63
C ASN C 269 -77.92 -76.85 -116.59
N ARG C 270 -78.54 -77.37 -115.51
CA ARG C 270 -78.80 -78.80 -115.42
C ARG C 270 -79.79 -79.25 -116.50
N LEU C 271 -80.83 -78.45 -116.73
CA LEU C 271 -81.79 -78.77 -117.79
C LEU C 271 -81.12 -78.78 -119.15
N MET C 272 -80.25 -77.80 -119.41
CA MET C 272 -79.56 -77.74 -120.69
C MET C 272 -78.61 -78.92 -120.85
N ASN C 273 -77.91 -79.31 -119.78
CA ASN C 273 -77.01 -80.45 -119.84
C ASN C 273 -77.78 -81.75 -120.10
N THR C 274 -78.93 -81.92 -119.44
CA THR C 274 -79.74 -83.11 -119.67
C THR C 274 -80.29 -83.14 -121.10
N GLN C 275 -80.71 -81.99 -121.62
CA GLN C 275 -81.20 -81.94 -123.00
C GLN C 275 -80.09 -82.22 -124.00
N LYS C 276 -78.87 -81.74 -123.72
CA LYS C 276 -77.74 -82.04 -124.59
C LYS C 276 -77.38 -83.52 -124.56
N SER C 277 -77.37 -84.12 -123.37
CA SER C 277 -76.99 -85.53 -123.24
C SER C 277 -78.10 -86.48 -123.64
N GLY C 278 -79.35 -86.02 -123.75
CA GLY C 278 -80.45 -86.87 -124.14
C GLY C 278 -80.74 -86.84 -125.63
N ASP D 1 -39.06 -22.78 -97.02
CA ASP D 1 -38.56 -23.80 -97.92
C ASP D 1 -37.22 -24.36 -97.43
N VAL D 2 -36.16 -24.07 -98.16
CA VAL D 2 -34.81 -24.48 -97.75
C VAL D 2 -34.44 -23.79 -96.44
N MET D 3 -34.75 -22.48 -96.34
CA MET D 3 -34.73 -21.73 -95.09
C MET D 3 -33.32 -21.73 -94.48
N GLU D 4 -32.42 -21.06 -95.20
CA GLU D 4 -31.01 -21.10 -94.84
C GLU D 4 -30.71 -20.34 -93.55
N LYS D 5 -31.20 -19.10 -93.45
CA LYS D 5 -30.90 -18.25 -92.30
C LYS D 5 -32.16 -17.52 -91.85
N LYS D 6 -32.30 -17.34 -90.55
CA LYS D 6 -33.50 -16.75 -90.00
C LYS D 6 -33.36 -15.23 -89.86
N ASP D 7 -34.51 -14.56 -89.90
CA ASP D 7 -34.59 -13.12 -89.75
C ASP D 7 -35.36 -12.77 -88.48
N ALA D 8 -35.51 -11.46 -88.25
CA ALA D 8 -36.10 -10.97 -87.00
C ALA D 8 -37.56 -11.40 -86.86
N TRP D 9 -38.33 -11.34 -87.95
CA TRP D 9 -39.74 -11.68 -87.85
C TRP D 9 -39.96 -13.18 -87.70
N ASP D 10 -39.14 -14.01 -88.34
CA ASP D 10 -39.23 -15.45 -88.09
C ASP D 10 -38.82 -15.78 -86.66
N VAL D 11 -37.80 -15.09 -86.13
CA VAL D 11 -37.41 -15.29 -84.74
C VAL D 11 -38.56 -14.91 -83.80
N GLN D 12 -39.23 -13.79 -84.08
CA GLN D 12 -40.36 -13.36 -83.28
C GLN D 12 -41.52 -14.36 -83.38
N GLU D 13 -41.79 -14.88 -84.58
CA GLU D 13 -42.85 -15.86 -84.74
C GLU D 13 -42.55 -17.15 -84.01
N PHE D 14 -41.28 -17.59 -84.04
CA PHE D 14 -40.89 -18.78 -83.30
C PHE D 14 -40.99 -18.57 -81.78
N ILE D 15 -40.62 -17.37 -81.32
CA ILE D 15 -40.74 -17.05 -79.90
C ILE D 15 -42.20 -17.06 -79.46
N THR D 16 -43.08 -16.45 -80.27
CA THR D 16 -44.51 -16.48 -79.96
C THR D 16 -45.07 -17.89 -80.07
N GLN D 17 -44.55 -18.70 -80.98
CA GLN D 17 -44.97 -20.09 -81.07
C GLN D 17 -44.63 -20.85 -79.79
N MET D 18 -43.44 -20.61 -79.23
CA MET D 18 -43.06 -21.32 -78.01
C MET D 18 -43.90 -20.77 -76.84
N TYR D 19 -44.16 -19.45 -76.85
CA TYR D 19 -44.97 -18.83 -75.81
C TYR D 19 -46.40 -19.37 -75.81
N ILE D 20 -46.99 -19.58 -76.98
CA ILE D 20 -48.33 -20.18 -77.02
C ILE D 20 -48.28 -21.70 -76.86
N LYS D 21 -47.12 -22.33 -77.11
CA LYS D 21 -46.97 -23.75 -76.80
C LYS D 21 -47.04 -24.00 -75.30
N GLN D 22 -46.40 -23.13 -74.52
CA GLN D 22 -46.48 -23.21 -73.07
C GLN D 22 -47.72 -22.49 -72.56
N LEU D 23 -48.31 -23.03 -71.49
CA LEU D 23 -49.41 -22.44 -70.73
C LEU D 23 -50.73 -22.41 -71.51
N LEU D 24 -50.71 -22.81 -72.78
CA LEU D 24 -51.91 -22.85 -73.60
C LEU D 24 -52.15 -24.19 -74.27
N ARG D 25 -51.11 -24.98 -74.52
CA ARG D 25 -51.28 -26.34 -75.03
C ARG D 25 -50.85 -27.40 -74.03
N HIS D 26 -49.94 -27.09 -73.12
CA HIS D 26 -49.47 -28.06 -72.13
C HIS D 26 -50.57 -28.29 -71.10
N PRO D 27 -51.02 -29.53 -70.90
CA PRO D 27 -52.07 -29.78 -69.89
C PRO D 27 -51.61 -29.58 -68.47
N ALA D 28 -50.29 -29.60 -68.20
CA ALA D 28 -49.81 -29.57 -66.83
C ALA D 28 -50.07 -28.23 -66.16
N PHE D 29 -49.82 -27.12 -66.86
CA PHE D 29 -50.04 -25.80 -66.28
C PHE D 29 -51.52 -25.54 -66.04
N GLN D 30 -52.38 -25.95 -66.98
CA GLN D 30 -53.81 -25.81 -66.79
C GLN D 30 -54.31 -26.68 -65.66
N LEU D 31 -53.75 -27.88 -65.50
CA LEU D 31 -54.12 -28.75 -64.39
C LEU D 31 -53.71 -28.14 -63.06
N LEU D 32 -52.52 -27.54 -63.00
CA LEU D 32 -52.08 -26.87 -61.78
C LEU D 32 -52.97 -25.68 -61.43
N LEU D 33 -53.32 -24.88 -62.44
CA LEU D 33 -54.22 -23.74 -62.20
C LEU D 33 -55.59 -24.21 -61.74
N ALA D 34 -56.11 -25.29 -62.34
CA ALA D 34 -57.40 -25.84 -61.93
C ALA D 34 -57.32 -26.40 -60.50
N PHE D 35 -56.20 -27.02 -60.15
CA PHE D 35 -56.02 -27.52 -58.79
C PHE D 35 -56.01 -26.39 -57.77
N LEU D 36 -55.31 -25.30 -58.08
CA LEU D 36 -55.29 -24.15 -57.18
C LEU D 36 -56.67 -23.53 -57.05
N LEU D 37 -57.39 -23.40 -58.16
CA LEU D 37 -58.73 -22.83 -58.12
C LEU D 37 -59.70 -23.74 -57.37
N LEU D 38 -59.54 -25.06 -57.50
CA LEU D 38 -60.38 -25.98 -56.75
C LEU D 38 -60.07 -25.95 -55.25
N SER D 39 -58.79 -25.78 -54.88
CA SER D 39 -58.45 -25.60 -53.47
C SER D 39 -59.06 -24.32 -52.92
N ASN D 40 -59.02 -23.24 -53.71
CA ASN D 40 -59.67 -22.00 -53.29
C ASN D 40 -61.18 -22.15 -53.18
N ALA D 41 -61.81 -22.93 -54.07
CA ALA D 41 -63.22 -23.23 -53.96
C ALA D 41 -63.52 -24.05 -52.72
N ILE D 42 -62.60 -24.95 -52.35
CA ILE D 42 -62.74 -25.71 -51.11
C ILE D 42 -62.72 -24.77 -49.91
N THR D 43 -61.83 -23.78 -49.93
CA THR D 43 -61.82 -22.77 -48.86
C THR D 43 -63.10 -21.93 -48.87
N ILE D 44 -63.63 -21.61 -50.06
CA ILE D 44 -64.90 -20.88 -50.14
C ILE D 44 -66.03 -21.68 -49.52
N ALA D 45 -66.06 -22.99 -49.80
CA ALA D 45 -67.04 -23.87 -49.15
C ALA D 45 -66.81 -23.98 -47.65
N LEU D 46 -65.55 -24.01 -47.21
CA LEU D 46 -65.19 -24.01 -45.79
C LEU D 46 -65.55 -22.71 -45.10
N ARG D 47 -65.82 -21.65 -45.85
CA ARG D 47 -66.31 -20.39 -45.30
C ARG D 47 -67.77 -20.55 -44.88
N THR D 48 -68.44 -19.44 -44.56
CA THR D 48 -69.70 -19.40 -43.82
C THR D 48 -69.57 -20.13 -42.49
N ASN D 49 -68.39 -20.01 -41.86
CA ASN D 49 -68.09 -20.73 -40.63
C ASN D 49 -67.00 -19.94 -39.92
N SER D 50 -67.37 -19.19 -38.88
CA SER D 50 -66.38 -18.43 -38.12
C SER D 50 -65.50 -19.35 -37.26
N TYR D 51 -66.05 -20.48 -36.80
CA TYR D 51 -65.27 -21.44 -36.03
C TYR D 51 -64.10 -21.99 -36.84
N LEU D 52 -64.28 -22.14 -38.15
CA LEU D 52 -63.18 -22.51 -39.03
C LEU D 52 -62.37 -21.31 -39.51
N GLY D 53 -63.01 -20.14 -39.62
CA GLY D 53 -62.32 -18.96 -40.11
C GLY D 53 -61.40 -18.28 -39.13
N GLN D 54 -61.56 -18.55 -37.83
CA GLN D 54 -60.69 -17.91 -36.84
C GLN D 54 -59.26 -18.40 -36.95
N LYS D 55 -59.06 -19.62 -37.45
CA LYS D 55 -57.73 -20.15 -37.71
C LYS D 55 -57.39 -20.16 -39.20
N HIS D 56 -58.18 -19.46 -40.02
CA HIS D 56 -58.03 -19.52 -41.46
C HIS D 56 -58.04 -18.15 -42.14
N TYR D 57 -58.37 -17.07 -41.42
CA TYR D 57 -58.57 -15.77 -42.06
C TYR D 57 -57.28 -15.21 -42.64
N GLU D 58 -56.13 -15.44 -41.97
CA GLU D 58 -54.88 -14.97 -42.53
C GLU D 58 -54.44 -15.83 -43.71
N LEU D 59 -54.68 -17.14 -43.63
CA LEU D 59 -54.40 -18.02 -44.76
C LEU D 59 -55.34 -17.72 -45.92
N PHE D 60 -56.58 -17.35 -45.61
CA PHE D 60 -57.52 -16.92 -46.64
C PHE D 60 -57.03 -15.67 -47.36
N SER D 61 -56.50 -14.70 -46.60
CA SER D 61 -55.96 -13.50 -47.22
C SER D 61 -54.75 -13.83 -48.10
N THR D 62 -53.87 -14.71 -47.61
CA THR D 62 -52.70 -15.07 -48.41
C THR D 62 -53.08 -15.77 -49.70
N ILE D 63 -54.04 -16.72 -49.64
CA ILE D 63 -54.43 -17.41 -50.86
C ILE D 63 -55.23 -16.49 -51.78
N ASP D 64 -55.92 -15.50 -51.23
CA ASP D 64 -56.54 -14.48 -52.06
C ASP D 64 -55.48 -13.71 -52.85
N ASP D 65 -54.40 -13.33 -52.16
CA ASP D 65 -53.30 -12.64 -52.85
C ASP D 65 -52.66 -13.55 -53.91
N ILE D 66 -52.53 -14.85 -53.60
CA ILE D 66 -51.91 -15.78 -54.52
C ILE D 66 -52.76 -15.92 -55.79
N VAL D 67 -54.07 -16.12 -55.62
CA VAL D 67 -54.93 -16.29 -56.79
C VAL D 67 -55.03 -14.98 -57.58
N LEU D 68 -55.03 -13.84 -56.90
CA LEU D 68 -55.09 -12.57 -57.61
C LEU D 68 -53.82 -12.32 -58.41
N THR D 69 -52.65 -12.64 -57.84
CA THR D 69 -51.41 -12.39 -58.56
C THR D 69 -51.22 -13.39 -59.71
N ILE D 70 -51.66 -14.64 -59.57
CA ILE D 70 -51.55 -15.54 -60.71
C ILE D 70 -52.56 -15.15 -61.79
N LEU D 71 -53.72 -14.62 -61.40
CA LEU D 71 -54.69 -14.14 -62.40
C LEU D 71 -54.13 -12.95 -63.17
N ILE D 72 -53.51 -11.99 -62.48
CA ILE D 72 -52.98 -10.83 -63.19
C ILE D 72 -51.75 -11.21 -64.03
N CYS D 73 -50.96 -12.20 -63.59
CA CYS D 73 -49.88 -12.68 -64.44
C CYS D 73 -50.41 -13.37 -65.70
N GLU D 74 -51.49 -14.15 -65.56
CA GLU D 74 -52.11 -14.76 -66.73
C GLU D 74 -52.65 -13.71 -67.70
N VAL D 75 -53.27 -12.66 -67.16
CA VAL D 75 -53.81 -11.59 -68.00
C VAL D 75 -52.68 -10.82 -68.68
N LEU D 76 -51.57 -10.58 -67.97
CA LEU D 76 -50.43 -9.92 -68.59
C LEU D 76 -49.81 -10.76 -69.69
N LEU D 77 -49.73 -12.08 -69.47
CA LEU D 77 -49.23 -12.97 -70.52
C LEU D 77 -50.15 -12.97 -71.73
N GLY D 78 -51.47 -12.95 -71.51
CA GLY D 78 -52.40 -12.84 -72.62
C GLY D 78 -52.27 -11.51 -73.35
N TRP D 79 -51.99 -10.44 -72.62
CA TRP D 79 -51.71 -9.13 -73.21
C TRP D 79 -50.46 -9.16 -74.08
N LEU D 80 -49.42 -9.90 -73.63
CA LEU D 80 -48.13 -9.87 -74.30
C LEU D 80 -48.23 -10.24 -75.78
N ASN D 81 -49.15 -11.14 -76.13
CA ASN D 81 -49.37 -11.46 -77.54
C ASN D 81 -50.00 -10.31 -78.31
N GLY D 82 -50.65 -9.38 -77.62
CA GLY D 82 -51.26 -8.22 -78.27
C GLY D 82 -52.50 -7.73 -77.56
N PHE D 83 -52.60 -6.40 -77.40
CA PHE D 83 -53.80 -5.83 -76.77
C PHE D 83 -55.00 -5.90 -77.69
N TRP D 84 -54.78 -5.77 -79.00
CA TRP D 84 -55.89 -5.75 -79.94
C TRP D 84 -56.61 -7.09 -79.99
N ILE D 85 -55.86 -8.20 -80.04
CA ILE D 85 -56.48 -9.52 -80.12
C ILE D 85 -57.19 -9.86 -78.81
N PHE D 86 -56.62 -9.46 -77.66
CA PHE D 86 -57.26 -9.72 -76.39
C PHE D 86 -58.51 -8.86 -76.22
N TRP D 87 -58.49 -7.63 -76.72
CA TRP D 87 -59.66 -6.76 -76.64
C TRP D 87 -60.77 -7.23 -77.57
N LYS D 88 -60.41 -7.73 -78.75
CA LYS D 88 -61.39 -8.23 -79.71
C LYS D 88 -61.49 -9.74 -79.55
N ASP D 89 -62.04 -10.16 -78.41
CA ASP D 89 -62.26 -11.57 -78.14
C ASP D 89 -63.64 -11.74 -77.53
N GLY D 90 -64.26 -12.90 -77.79
CA GLY D 90 -65.60 -13.14 -77.29
C GLY D 90 -65.67 -13.51 -75.83
N TRP D 91 -64.57 -14.01 -75.26
CA TRP D 91 -64.57 -14.47 -73.89
C TRP D 91 -63.49 -13.84 -73.01
N ASN D 92 -62.35 -13.43 -73.58
CA ASN D 92 -61.28 -12.83 -72.80
C ASN D 92 -61.70 -11.50 -72.17
N ILE D 93 -62.69 -10.82 -72.75
CA ILE D 93 -63.22 -9.60 -72.15
C ILE D 93 -63.80 -9.89 -70.77
N LEU D 94 -64.47 -11.03 -70.63
CA LEU D 94 -65.06 -11.39 -69.34
C LEU D 94 -63.98 -11.61 -68.28
N ASN D 95 -62.92 -12.33 -68.61
CA ASN D 95 -61.83 -12.54 -67.65
C ASN D 95 -61.11 -11.24 -67.32
N PHE D 96 -60.92 -10.38 -68.34
CA PHE D 96 -60.29 -9.09 -68.09
C PHE D 96 -61.14 -8.23 -67.15
N ALA D 97 -62.46 -8.22 -67.36
CA ALA D 97 -63.34 -7.47 -66.46
C ALA D 97 -63.33 -8.06 -65.06
N ILE D 98 -63.28 -9.40 -64.96
CA ILE D 98 -63.26 -10.05 -63.65
C ILE D 98 -62.01 -9.64 -62.86
N VAL D 99 -60.84 -9.75 -63.50
CA VAL D 99 -59.61 -9.43 -62.80
C VAL D 99 -59.52 -7.92 -62.54
N PHE D 100 -60.07 -7.10 -63.44
CA PHE D 100 -60.06 -5.65 -63.23
C PHE D 100 -60.89 -5.27 -62.02
N ILE D 101 -62.11 -5.80 -61.91
CA ILE D 101 -62.96 -5.51 -60.77
C ILE D 101 -62.32 -6.02 -59.47
N LEU D 102 -61.77 -7.24 -59.51
CA LEU D 102 -61.17 -7.81 -58.31
C LEU D 102 -59.96 -7.01 -57.84
N PHE D 103 -59.08 -6.62 -58.76
CA PHE D 103 -57.90 -5.85 -58.38
C PHE D 103 -58.29 -4.44 -57.94
N MET D 104 -59.28 -3.84 -58.61
CA MET D 104 -59.82 -2.55 -58.21
C MET D 104 -60.29 -2.56 -56.76
N GLY D 105 -61.19 -3.49 -56.43
CA GLY D 105 -61.72 -3.57 -55.09
C GLY D 105 -60.72 -4.06 -54.06
N PHE D 106 -59.69 -4.78 -54.49
CA PHE D 106 -58.66 -5.24 -53.55
C PHE D 106 -57.70 -4.11 -53.19
N PHE D 107 -57.05 -3.52 -54.20
CA PHE D 107 -56.04 -2.52 -53.93
C PHE D 107 -56.63 -1.23 -53.38
N ILE D 108 -57.72 -0.74 -54.00
CA ILE D 108 -58.30 0.50 -53.51
C ILE D 108 -59.55 0.17 -52.71
N LYS D 109 -59.84 0.99 -51.70
CA LYS D 109 -60.96 0.74 -50.80
C LYS D 109 -62.27 0.75 -51.57
N GLN D 110 -63.10 -0.26 -51.30
CA GLN D 110 -64.35 -0.45 -52.02
C GLN D 110 -65.38 -1.05 -51.08
N LEU D 111 -66.65 -0.80 -51.39
CA LEU D 111 -67.77 -1.43 -50.70
C LEU D 111 -68.14 -2.78 -51.31
N ASP D 112 -67.25 -3.33 -52.15
CA ASP D 112 -67.57 -4.51 -52.96
C ASP D 112 -67.82 -5.76 -52.12
N MET D 113 -66.96 -6.05 -51.13
CA MET D 113 -67.15 -7.04 -50.08
C MET D 113 -67.42 -8.45 -50.61
N VAL D 114 -67.75 -9.42 -49.74
CA VAL D 114 -67.63 -10.82 -50.15
C VAL D 114 -68.63 -11.20 -51.24
N ALA D 115 -69.75 -10.49 -51.35
CA ALA D 115 -70.69 -10.71 -52.45
C ALA D 115 -70.13 -10.28 -53.81
N ILE D 116 -68.99 -9.60 -53.85
CA ILE D 116 -68.26 -9.39 -55.08
C ILE D 116 -67.02 -10.28 -55.15
N THR D 117 -66.32 -10.46 -54.02
CA THR D 117 -65.08 -11.23 -54.06
C THR D 117 -65.34 -12.70 -54.41
N TYR D 118 -66.33 -13.33 -53.78
CA TYR D 118 -66.54 -14.77 -53.98
C TYR D 118 -67.27 -15.10 -55.29
N PRO D 119 -68.36 -14.41 -55.68
CA PRO D 119 -68.95 -14.70 -57.00
C PRO D 119 -68.01 -14.45 -58.17
N LEU D 120 -67.12 -13.46 -58.08
CA LEU D 120 -66.13 -13.26 -59.14
C LEU D 120 -65.15 -14.44 -59.19
N ARG D 121 -64.78 -14.96 -58.02
CA ARG D 121 -63.90 -16.13 -57.98
C ARG D 121 -64.56 -17.36 -58.61
N VAL D 122 -65.84 -17.59 -58.30
CA VAL D 122 -66.49 -18.76 -58.91
C VAL D 122 -66.83 -18.51 -60.37
N LEU D 123 -66.97 -17.26 -60.80
CA LEU D 123 -67.05 -16.97 -62.23
C LEU D 123 -65.75 -17.32 -62.95
N ARG D 124 -64.62 -16.99 -62.33
CA ARG D 124 -63.33 -17.41 -62.88
C ARG D 124 -63.21 -18.94 -62.87
N LEU D 125 -63.76 -19.58 -61.84
CA LEU D 125 -63.80 -21.04 -61.79
C LEU D 125 -64.56 -21.62 -62.96
N VAL D 126 -65.73 -21.04 -63.27
CA VAL D 126 -66.53 -21.49 -64.40
C VAL D 126 -65.79 -21.27 -65.71
N HIS D 127 -65.13 -20.10 -65.85
CA HIS D 127 -64.39 -19.80 -67.07
C HIS D 127 -63.22 -20.75 -67.29
N VAL D 128 -62.52 -21.12 -66.21
CA VAL D 128 -61.43 -22.08 -66.34
C VAL D 128 -61.95 -23.48 -66.63
N CYS D 129 -63.01 -23.89 -65.94
CA CYS D 129 -63.55 -25.24 -66.12
C CYS D 129 -64.18 -25.41 -67.51
N MET D 130 -64.61 -24.31 -68.13
CA MET D 130 -65.09 -24.36 -69.51
C MET D 130 -64.00 -24.81 -70.49
N ALA D 131 -62.74 -24.44 -70.24
CA ALA D 131 -61.66 -24.79 -71.16
C ALA D 131 -61.45 -26.30 -71.24
N VAL D 132 -61.70 -27.01 -70.15
CA VAL D 132 -61.67 -28.47 -70.18
C VAL D 132 -62.84 -28.96 -71.02
N GLU D 133 -62.56 -29.92 -71.91
CA GLU D 133 -63.45 -30.16 -73.05
C GLU D 133 -64.87 -30.63 -72.71
N PRO D 134 -65.12 -31.63 -71.82
CA PRO D 134 -66.45 -32.25 -71.85
C PRO D 134 -67.53 -31.45 -71.10
N LEU D 135 -67.48 -30.13 -71.22
CA LEU D 135 -68.66 -29.30 -70.99
C LEU D 135 -68.70 -28.10 -71.91
N ALA D 136 -67.74 -27.92 -72.82
CA ALA D 136 -67.68 -26.72 -73.63
C ALA D 136 -68.73 -26.73 -74.73
N ARG D 137 -69.02 -27.92 -75.29
CA ARG D 137 -70.07 -28.02 -76.29
C ARG D 137 -71.45 -27.77 -75.67
N ILE D 138 -71.55 -27.92 -74.35
CA ILE D 138 -72.82 -27.73 -73.67
C ILE D 138 -73.05 -26.27 -73.33
N ILE D 139 -71.97 -25.53 -73.00
CA ILE D 139 -72.12 -24.10 -72.73
C ILE D 139 -72.14 -23.31 -74.02
N LYS D 140 -71.57 -23.86 -75.10
CA LYS D 140 -71.58 -23.16 -76.38
C LYS D 140 -73.00 -23.08 -76.95
N VAL D 141 -73.74 -24.17 -76.87
CA VAL D 141 -75.12 -24.16 -77.35
C VAL D 141 -76.05 -23.39 -76.43
N ILE D 142 -75.65 -23.15 -75.18
CA ILE D 142 -76.44 -22.30 -74.30
C ILE D 142 -76.43 -20.86 -74.80
N LEU D 143 -75.23 -20.35 -75.13
CA LEU D 143 -75.12 -19.01 -75.68
C LEU D 143 -75.56 -18.95 -77.14
N GLN D 144 -75.57 -20.08 -77.84
CA GLN D 144 -76.15 -20.10 -79.18
C GLN D 144 -77.66 -20.12 -79.14
N SER D 145 -78.24 -20.52 -78.00
CA SER D 145 -79.70 -20.58 -77.88
C SER D 145 -80.30 -19.27 -77.40
N MET D 146 -79.50 -18.39 -76.82
CA MET D 146 -80.06 -17.15 -76.28
C MET D 146 -80.53 -16.14 -77.33
N PRO D 147 -79.96 -16.04 -78.56
CA PRO D 147 -80.60 -15.12 -79.52
C PRO D 147 -82.00 -15.53 -79.90
N ASP D 148 -82.24 -16.84 -80.04
CA ASP D 148 -83.58 -17.35 -80.29
C ASP D 148 -84.45 -17.38 -79.04
N LEU D 149 -83.83 -17.39 -77.85
CA LEU D 149 -84.61 -17.34 -76.62
C LEU D 149 -85.10 -15.93 -76.31
N ALA D 150 -84.35 -14.92 -76.75
CA ALA D 150 -84.70 -13.53 -76.46
C ALA D 150 -86.01 -13.12 -77.12
N ASN D 151 -86.25 -13.58 -78.35
CA ASN D 151 -87.50 -13.22 -79.02
C ASN D 151 -88.70 -13.86 -78.34
N VAL D 152 -88.53 -15.08 -77.81
CA VAL D 152 -89.60 -15.72 -77.06
C VAL D 152 -89.86 -14.97 -75.75
N MET D 153 -88.79 -14.53 -75.08
CA MET D 153 -88.92 -13.63 -73.92
C MET D 153 -89.73 -12.39 -74.28
N ALA D 154 -89.39 -11.75 -75.41
CA ALA D 154 -90.07 -10.51 -75.80
C ALA D 154 -91.55 -10.75 -76.11
N LEU D 155 -91.85 -11.81 -76.87
CA LEU D 155 -93.24 -12.10 -77.20
C LEU D 155 -94.05 -12.47 -75.97
N ILE D 156 -93.47 -13.26 -75.06
CA ILE D 156 -94.15 -13.66 -73.83
C ILE D 156 -94.44 -12.44 -72.97
N LEU D 157 -93.46 -11.55 -72.82
CA LEU D 157 -93.67 -10.33 -72.03
C LEU D 157 -94.69 -9.40 -72.68
N PHE D 158 -94.70 -9.30 -74.01
CA PHE D 158 -95.67 -8.42 -74.65
C PHE D 158 -97.09 -8.95 -74.51
N PHE D 159 -97.28 -10.26 -74.71
CA PHE D 159 -98.59 -10.85 -74.48
C PHE D 159 -98.99 -10.74 -73.00
N MET D 160 -98.01 -10.87 -72.11
CA MET D 160 -98.23 -10.76 -70.68
C MET D 160 -98.73 -9.37 -70.31
N LEU D 161 -98.13 -8.33 -70.91
CA LEU D 161 -98.58 -6.96 -70.66
C LEU D 161 -99.98 -6.71 -71.25
N VAL D 162 -100.20 -7.11 -72.51
CA VAL D 162 -101.49 -6.82 -73.13
C VAL D 162 -102.62 -7.64 -72.53
N PHE D 163 -102.30 -8.73 -71.81
CA PHE D 163 -103.31 -9.40 -71.01
C PHE D 163 -103.36 -8.87 -69.58
N SER D 164 -102.33 -8.16 -69.14
CA SER D 164 -102.38 -7.48 -67.84
C SER D 164 -103.20 -6.21 -67.89
N VAL D 165 -103.37 -5.64 -69.08
CA VAL D 165 -104.34 -4.55 -69.22
C VAL D 165 -105.74 -5.05 -68.85
N PHE D 166 -106.03 -6.31 -69.20
CA PHE D 166 -107.25 -6.96 -68.74
C PHE D 166 -107.22 -7.15 -67.23
N GLY D 167 -106.08 -7.55 -66.69
CA GLY D 167 -105.95 -7.81 -65.26
C GLY D 167 -106.15 -6.59 -64.40
N VAL D 168 -105.46 -5.49 -64.72
CA VAL D 168 -105.50 -4.29 -63.89
C VAL D 168 -106.86 -3.62 -63.85
N THR D 169 -107.76 -3.98 -64.78
CA THR D 169 -109.14 -3.50 -64.68
C THR D 169 -109.89 -4.17 -63.53
N LEU D 170 -109.43 -5.34 -63.11
CA LEU D 170 -110.00 -6.06 -61.97
C LEU D 170 -109.23 -5.77 -60.69
N PHE D 171 -108.14 -5.03 -60.79
CA PHE D 171 -107.11 -4.98 -59.76
C PHE D 171 -107.07 -3.61 -59.11
N GLY D 172 -106.47 -3.56 -57.93
CA GLY D 172 -106.29 -2.30 -57.23
C GLY D 172 -107.44 -1.94 -56.31
N ALA D 173 -107.12 -1.68 -55.03
CA ALA D 173 -108.06 -1.27 -53.99
C ALA D 173 -109.15 -2.30 -53.70
N PHE D 174 -109.07 -3.46 -54.34
CA PHE D 174 -109.98 -4.57 -54.13
C PHE D 174 -109.20 -5.82 -54.51
N VAL D 175 -109.42 -6.90 -53.75
CA VAL D 175 -108.52 -8.06 -53.61
C VAL D 175 -107.07 -7.55 -53.68
N PRO D 176 -106.65 -6.75 -52.70
CA PRO D 176 -105.42 -5.95 -52.84
C PRO D 176 -104.16 -6.64 -52.35
N LYS D 177 -103.06 -5.85 -52.34
CA LYS D 177 -101.76 -6.14 -51.74
C LYS D 177 -100.95 -7.16 -52.51
N HIS D 178 -101.55 -7.75 -53.55
CA HIS D 178 -100.79 -8.51 -54.54
C HIS D 178 -101.20 -8.21 -55.97
N PHE D 179 -102.41 -7.70 -56.20
CA PHE D 179 -102.84 -7.22 -57.51
C PHE D 179 -102.66 -5.70 -57.65
N GLN D 180 -102.13 -5.03 -56.64
CA GLN D 180 -101.97 -3.59 -56.67
C GLN D 180 -100.52 -3.25 -57.05
N ASN D 181 -100.23 -1.94 -57.15
CA ASN D 181 -98.91 -1.32 -57.34
C ASN D 181 -98.35 -1.52 -58.74
N MET D 182 -98.99 -2.35 -59.57
CA MET D 182 -98.68 -2.58 -60.98
C MET D 182 -97.30 -3.14 -61.27
N GLY D 183 -96.49 -3.37 -60.24
CA GLY D 183 -95.31 -4.18 -60.41
C GLY D 183 -95.50 -5.45 -59.63
N VAL D 184 -96.14 -5.31 -58.47
CA VAL D 184 -96.53 -6.46 -57.67
C VAL D 184 -97.59 -7.27 -58.40
N ALA D 185 -98.52 -6.59 -59.08
CA ALA D 185 -99.53 -7.29 -59.87
C ALA D 185 -98.89 -8.07 -61.02
N LEU D 186 -97.97 -7.42 -61.74
CA LEU D 186 -97.31 -8.08 -62.86
C LEU D 186 -96.50 -9.27 -62.40
N TYR D 187 -95.77 -9.14 -61.29
CA TYR D 187 -94.94 -10.24 -60.82
C TYR D 187 -95.76 -11.33 -60.15
N THR D 188 -96.92 -11.00 -59.56
CA THR D 188 -97.80 -12.05 -59.04
C THR D 188 -98.44 -12.84 -60.16
N LEU D 189 -98.83 -12.16 -61.25
CA LEU D 189 -99.29 -12.88 -62.43
C LEU D 189 -98.17 -13.70 -63.05
N PHE D 190 -96.92 -13.23 -62.91
CA PHE D 190 -95.78 -14.02 -63.36
C PHE D 190 -95.58 -15.25 -62.47
N ILE D 191 -95.83 -15.12 -61.17
CA ILE D 191 -95.81 -16.27 -60.27
C ILE D 191 -96.86 -17.29 -60.70
N CYS D 192 -98.06 -16.82 -61.00
CA CYS D 192 -99.11 -17.72 -61.47
C CYS D 192 -98.79 -18.30 -62.84
N ILE D 193 -97.97 -17.59 -63.64
CA ILE D 193 -97.45 -18.17 -64.88
C ILE D 193 -96.50 -19.31 -64.57
N THR D 194 -95.60 -19.11 -63.59
CA THR D 194 -94.71 -20.17 -63.16
C THR D 194 -95.47 -21.34 -62.55
N GLN D 195 -96.73 -21.12 -62.15
CA GLN D 195 -97.73 -22.18 -61.97
C GLN D 195 -97.35 -23.15 -60.84
N ASP D 196 -97.25 -22.61 -59.63
CA ASP D 196 -97.06 -23.47 -58.46
C ASP D 196 -97.63 -22.76 -57.24
N GLY D 197 -98.57 -23.42 -56.57
CA GLY D 197 -99.07 -22.92 -55.29
C GLY D 197 -99.82 -21.61 -55.36
N TRP D 198 -100.75 -21.46 -56.31
CA TRP D 198 -101.57 -20.27 -56.39
C TRP D 198 -102.91 -20.40 -55.68
N LEU D 199 -103.12 -21.47 -54.92
CA LEU D 199 -104.37 -21.59 -54.16
C LEU D 199 -104.43 -20.62 -52.98
N ASP D 200 -103.30 -20.07 -52.53
CA ASP D 200 -103.37 -18.94 -51.63
C ASP D 200 -104.09 -17.78 -52.30
N ILE D 201 -103.76 -17.51 -53.56
CA ILE D 201 -104.47 -16.50 -54.34
C ILE D 201 -105.91 -16.91 -54.57
N TYR D 202 -106.15 -18.20 -54.82
CA TYR D 202 -107.51 -18.68 -55.08
C TYR D 202 -108.42 -18.45 -53.89
N THR D 203 -108.00 -18.89 -52.70
CA THR D 203 -108.73 -18.61 -51.47
C THR D 203 -108.73 -17.12 -51.13
N ASP D 204 -107.75 -16.36 -51.63
CA ASP D 204 -107.70 -14.93 -51.33
C ASP D 204 -108.75 -14.15 -52.11
N PHE D 205 -108.95 -14.46 -53.39
CA PHE D 205 -110.04 -13.85 -54.14
C PHE D 205 -111.32 -14.65 -54.07
N GLN D 206 -111.35 -15.72 -53.28
CA GLN D 206 -112.57 -16.47 -53.01
C GLN D 206 -113.57 -15.61 -52.21
N MET D 207 -114.76 -16.17 -51.99
CA MET D 207 -115.92 -15.53 -51.33
C MET D 207 -116.10 -14.07 -51.76
N ASP D 208 -116.41 -13.86 -53.04
CA ASP D 208 -116.84 -12.54 -53.48
C ASP D 208 -118.31 -12.31 -53.14
N GLU D 209 -119.21 -13.11 -53.73
CA GLU D 209 -120.60 -13.21 -53.30
C GLU D 209 -120.98 -14.69 -53.15
N ARG D 210 -119.98 -15.52 -52.86
CA ARG D 210 -120.06 -16.86 -52.28
C ARG D 210 -120.74 -17.91 -53.14
N GLU D 211 -121.34 -17.55 -54.27
CA GLU D 211 -121.74 -18.56 -55.25
C GLU D 211 -121.11 -18.35 -56.62
N TYR D 212 -121.42 -17.25 -57.31
CA TYR D 212 -120.85 -16.99 -58.63
C TYR D 212 -120.09 -15.68 -58.72
N ALA D 213 -120.78 -14.55 -58.50
CA ALA D 213 -120.25 -13.19 -58.54
C ALA D 213 -119.23 -12.92 -59.64
N MET D 214 -118.18 -12.16 -59.29
CA MET D 214 -116.96 -12.05 -60.07
C MET D 214 -116.09 -13.27 -59.91
N GLU D 215 -116.35 -14.06 -58.86
CA GLU D 215 -115.57 -15.24 -58.53
C GLU D 215 -115.60 -16.28 -59.64
N VAL D 216 -116.68 -16.37 -60.39
CA VAL D 216 -116.70 -17.28 -61.53
C VAL D 216 -115.93 -16.68 -62.70
N GLY D 217 -116.34 -15.49 -63.14
CA GLY D 217 -115.83 -14.90 -64.37
C GLY D 217 -114.36 -14.54 -64.34
N GLY D 218 -113.94 -13.74 -63.37
CA GLY D 218 -112.54 -13.33 -63.32
C GLY D 218 -111.61 -14.51 -63.10
N ALA D 219 -112.03 -15.46 -62.26
CA ALA D 219 -111.19 -16.61 -61.99
C ALA D 219 -111.05 -17.51 -63.22
N ILE D 220 -112.15 -17.73 -63.97
CA ILE D 220 -112.00 -18.59 -65.15
C ILE D 220 -111.20 -17.89 -66.24
N TYR D 221 -111.39 -16.57 -66.40
CA TYR D 221 -110.60 -15.83 -67.38
C TYR D 221 -109.11 -15.90 -67.05
N PHE D 222 -108.77 -15.59 -65.78
CA PHE D 222 -107.39 -15.62 -65.34
C PHE D 222 -106.81 -17.03 -65.40
N ALA D 223 -107.63 -18.04 -65.11
CA ALA D 223 -107.14 -19.42 -65.13
C ALA D 223 -106.85 -19.91 -66.54
N VAL D 224 -107.76 -19.65 -67.49
CA VAL D 224 -107.50 -20.08 -68.86
C VAL D 224 -106.35 -19.29 -69.47
N PHE D 225 -106.23 -18.01 -69.15
CA PHE D 225 -105.09 -17.23 -69.61
C PHE D 225 -103.79 -17.76 -69.03
N ILE D 226 -103.79 -18.10 -67.74
CA ILE D 226 -102.59 -18.60 -67.08
C ILE D 226 -102.17 -19.93 -67.68
N THR D 227 -103.13 -20.84 -67.88
CA THR D 227 -102.77 -22.16 -68.38
C THR D 227 -102.33 -22.11 -69.83
N LEU D 228 -102.96 -21.26 -70.66
CA LEU D 228 -102.55 -21.12 -72.05
C LEU D 228 -101.17 -20.49 -72.14
N GLY D 229 -100.92 -19.44 -71.36
CA GLY D 229 -99.61 -18.81 -71.37
C GLY D 229 -98.51 -19.71 -70.86
N ALA D 230 -98.80 -20.49 -69.81
CA ALA D 230 -97.81 -21.42 -69.28
C ALA D 230 -97.49 -22.53 -70.29
N PHE D 231 -98.51 -23.09 -70.93
CA PHE D 231 -98.27 -24.12 -71.93
C PHE D 231 -97.47 -23.56 -73.10
N ILE D 232 -97.87 -22.38 -73.61
CA ILE D 232 -97.17 -21.78 -74.74
C ILE D 232 -95.72 -21.45 -74.38
N GLY D 233 -95.50 -20.91 -73.18
CA GLY D 233 -94.15 -20.57 -72.77
C GLY D 233 -93.25 -21.78 -72.62
N LEU D 234 -93.74 -22.82 -71.92
CA LEU D 234 -92.93 -24.02 -71.74
C LEU D 234 -92.63 -24.70 -73.06
N ASN D 235 -93.64 -24.78 -73.95
CA ASN D 235 -93.44 -25.33 -75.28
C ASN D 235 -92.38 -24.54 -76.04
N LEU D 236 -92.49 -23.21 -76.02
CA LEU D 236 -91.54 -22.38 -76.76
C LEU D 236 -90.13 -22.53 -76.20
N PHE D 237 -90.00 -22.66 -74.88
CA PHE D 237 -88.68 -22.89 -74.28
C PHE D 237 -88.05 -24.18 -74.81
N VAL D 238 -88.78 -25.29 -74.70
CA VAL D 238 -88.19 -26.57 -75.08
C VAL D 238 -87.94 -26.65 -76.58
N VAL D 239 -88.79 -26.03 -77.40
CA VAL D 239 -88.61 -26.16 -78.83
C VAL D 239 -87.53 -25.19 -79.34
N VAL D 240 -87.38 -24.02 -78.71
CA VAL D 240 -86.24 -23.16 -79.04
C VAL D 240 -84.94 -23.85 -78.68
N VAL D 241 -84.92 -24.56 -77.56
CA VAL D 241 -83.71 -25.29 -77.15
C VAL D 241 -83.38 -26.39 -78.17
N THR D 242 -84.39 -27.18 -78.57
CA THR D 242 -84.09 -28.24 -79.54
C THR D 242 -83.75 -27.66 -80.91
N THR D 243 -84.32 -26.51 -81.27
CA THR D 243 -83.98 -25.86 -82.53
C THR D 243 -82.53 -25.42 -82.55
N ASN D 244 -82.06 -24.82 -81.44
CA ASN D 244 -80.70 -24.33 -81.40
C ASN D 244 -79.66 -25.45 -81.18
N LEU D 245 -80.07 -26.58 -80.61
CA LEU D 245 -79.10 -27.64 -80.35
C LEU D 245 -79.03 -28.65 -81.51
N GLU D 246 -80.08 -28.69 -82.35
CA GLU D 246 -79.96 -29.40 -83.62
C GLU D 246 -78.91 -28.73 -84.51
N GLN D 247 -78.65 -27.44 -84.31
CA GLN D 247 -77.56 -26.77 -85.01
C GLN D 247 -76.21 -27.39 -84.62
N MET D 248 -76.03 -27.70 -83.34
CA MET D 248 -74.79 -28.35 -82.91
C MET D 248 -74.67 -29.74 -83.49
N MET D 249 -75.77 -30.52 -83.47
CA MET D 249 -75.70 -31.80 -84.20
C MET D 249 -75.61 -31.67 -85.71
N LYS D 250 -75.83 -30.51 -86.29
CA LYS D 250 -75.51 -30.35 -87.70
C LYS D 250 -74.03 -29.99 -87.86
N VAL E 1 -92.24 4.59 13.99
CA VAL E 1 -91.26 5.40 14.72
C VAL E 1 -91.91 6.67 15.22
N ILE E 2 -92.08 6.76 16.53
CA ILE E 2 -92.66 7.95 17.17
C ILE E 2 -91.62 8.51 18.12
N HIS E 3 -91.29 9.80 17.95
CA HIS E 3 -90.17 10.38 18.67
C HIS E 3 -90.50 10.59 20.14
N ASN E 4 -91.70 11.10 20.44
CA ASN E 4 -92.10 11.41 21.81
C ASN E 4 -93.12 10.40 22.34
N LYS E 5 -93.01 9.13 21.95
CA LYS E 5 -93.94 8.12 22.44
C LYS E 5 -93.76 7.87 23.94
N GLY E 6 -92.54 8.03 24.45
CA GLY E 6 -92.30 7.88 25.87
C GLY E 6 -91.39 6.71 26.22
N LYS E 7 -90.13 7.01 26.51
CA LYS E 7 -89.17 6.04 27.03
C LYS E 7 -88.67 6.55 28.38
N GLU E 8 -88.64 5.67 29.37
CA GLU E 8 -88.21 6.06 30.70
C GLU E 8 -87.35 5.02 31.41
N ARG E 9 -87.00 3.92 30.76
CA ARG E 9 -86.17 2.90 31.37
C ARG E 9 -85.13 2.41 30.37
N THR E 10 -83.96 2.02 30.88
CA THR E 10 -82.91 1.41 30.07
C THR E 10 -82.91 -0.08 30.38
N TYR E 11 -83.39 -0.88 29.44
CA TYR E 11 -83.56 -2.30 29.67
C TYR E 11 -82.28 -3.10 29.45
N PHE E 12 -81.28 -2.54 28.78
CA PHE E 12 -80.04 -3.23 28.49
C PHE E 12 -78.89 -2.56 29.22
N SER E 13 -77.96 -3.38 29.72
CA SER E 13 -76.70 -2.88 30.27
C SER E 13 -75.58 -3.59 29.54
N CYS E 14 -74.79 -2.83 28.79
CA CYS E 14 -73.73 -3.38 27.97
C CYS E 14 -72.39 -2.81 28.40
N SER E 15 -71.32 -3.53 28.05
CA SER E 15 -69.97 -3.10 28.34
C SER E 15 -69.02 -3.81 27.37
N GLY E 16 -68.01 -3.08 26.91
CA GLY E 16 -66.96 -3.65 26.09
C GLY E 16 -65.72 -4.04 26.85
N GLU E 17 -65.66 -3.76 28.16
CA GLU E 17 -64.55 -4.03 29.05
C GLU E 17 -63.27 -3.28 28.67
N GLY E 18 -63.35 -2.34 27.73
CA GLY E 18 -62.19 -1.56 27.37
C GLY E 18 -61.98 -0.38 28.29
N ILE E 19 -62.97 0.53 28.34
CA ILE E 19 -62.95 1.68 29.23
C ILE E 19 -64.29 1.74 29.94
N LEU E 20 -64.25 1.71 31.28
CA LEU E 20 -65.46 1.70 32.08
C LEU E 20 -66.05 3.10 32.17
N THR E 21 -67.38 3.18 32.17
CA THR E 21 -68.09 4.43 32.32
C THR E 21 -69.25 4.27 33.30
N GLY E 22 -70.14 5.26 33.36
CA GLY E 22 -71.29 5.14 34.24
C GLY E 22 -72.23 4.05 33.77
N LEU E 23 -72.77 3.30 34.73
CA LEU E 23 -73.67 2.19 34.43
C LEU E 23 -75.04 2.67 33.97
N HIS E 24 -75.34 3.96 34.10
CA HIS E 24 -76.64 4.48 33.69
C HIS E 24 -76.78 4.57 32.18
N THR E 25 -75.68 4.52 31.44
CA THR E 25 -75.71 4.64 29.99
C THR E 25 -74.62 3.77 29.39
N ILE E 26 -74.60 3.72 28.06
CA ILE E 26 -73.66 2.89 27.30
C ILE E 26 -72.71 3.80 26.55
N LYS E 27 -71.42 3.66 26.81
CA LYS E 27 -70.38 4.36 26.07
C LYS E 27 -69.37 3.34 25.58
N LEU E 28 -69.11 3.33 24.28
CA LEU E 28 -68.19 2.38 23.68
C LEU E 28 -67.07 3.12 22.96
N PHE E 29 -65.90 2.50 22.92
CA PHE E 29 -64.72 3.09 22.31
C PHE E 29 -64.16 2.14 21.28
N LEU E 30 -64.00 2.63 20.06
CA LEU E 30 -63.53 1.83 18.94
C LEU E 30 -62.04 2.06 18.74
N THR E 31 -61.28 0.99 18.69
CA THR E 31 -59.84 1.04 18.47
C THR E 31 -59.48 0.14 17.29
N MET E 32 -58.17 -0.10 17.13
CA MET E 32 -57.66 -0.88 16.00
C MET E 32 -58.18 -2.32 16.00
N ASP E 33 -58.47 -2.88 17.16
CA ASP E 33 -58.92 -4.27 17.24
C ASP E 33 -60.42 -4.38 16.99
N ASN E 34 -60.90 -5.62 17.03
CA ASN E 34 -62.32 -5.88 16.85
C ASN E 34 -63.10 -5.45 18.10
N LEU E 35 -64.20 -4.74 17.88
CA LEU E 35 -65.07 -4.31 18.96
C LEU E 35 -65.74 -5.54 19.56
N LYS E 36 -65.32 -5.93 20.76
CA LYS E 36 -65.88 -7.07 21.46
C LYS E 36 -66.73 -6.55 22.61
N VAL E 37 -68.05 -6.74 22.51
CA VAL E 37 -68.94 -6.20 23.51
C VAL E 37 -69.82 -7.30 24.07
N ARG E 38 -70.10 -7.20 25.37
CA ARG E 38 -71.09 -8.03 26.05
C ARG E 38 -72.24 -7.13 26.45
N CYS E 39 -73.42 -7.71 26.60
CA CYS E 39 -74.58 -6.97 27.07
C CYS E 39 -75.56 -7.93 27.71
N PHE E 40 -76.29 -7.45 28.71
CA PHE E 40 -77.26 -8.30 29.37
C PHE E 40 -78.52 -7.51 29.69
N PHE E 41 -79.57 -8.25 29.99
CA PHE E 41 -80.91 -7.71 30.16
C PHE E 41 -81.11 -7.29 31.61
N ARG E 42 -80.97 -5.99 31.87
CA ARG E 42 -81.21 -5.48 33.21
C ARG E 42 -82.71 -5.52 33.50
N ASN E 43 -83.06 -5.97 34.70
CA ASN E 43 -84.44 -6.06 35.12
C ASN E 43 -84.49 -5.62 36.58
N GLU E 44 -85.56 -5.99 37.28
CA GLU E 44 -85.64 -5.71 38.71
C GLU E 44 -84.50 -6.37 39.49
N ASN E 45 -83.88 -7.41 38.94
CA ASN E 45 -82.62 -7.93 39.43
C ASN E 45 -81.51 -7.46 38.49
N GLN E 46 -80.45 -6.90 39.05
CA GLN E 46 -79.43 -6.21 38.25
C GLN E 46 -78.24 -7.10 37.88
N SER E 47 -78.07 -8.23 38.53
CA SER E 47 -76.98 -9.13 38.16
C SER E 47 -77.38 -9.93 36.91
N PRO E 48 -76.41 -10.40 36.12
CA PRO E 48 -76.74 -11.25 34.97
C PRO E 48 -77.44 -12.53 35.41
N SER E 49 -78.47 -12.90 34.66
CA SER E 49 -79.30 -14.05 34.99
C SER E 49 -79.34 -15.01 33.81
N LYS E 50 -79.14 -16.29 34.10
CA LYS E 50 -79.14 -17.32 33.07
C LYS E 50 -80.55 -17.77 32.71
N GLU E 51 -81.57 -17.28 33.40
CA GLU E 51 -82.95 -17.67 33.13
C GLU E 51 -83.58 -16.79 32.05
N ILE E 52 -83.39 -15.48 32.12
CA ILE E 52 -83.98 -14.59 31.12
C ILE E 52 -83.30 -14.77 29.77
N LEU E 53 -82.01 -15.07 29.76
CA LEU E 53 -81.30 -15.32 28.50
C LEU E 53 -81.86 -16.57 27.82
N GLY E 54 -82.07 -17.64 28.60
CA GLY E 54 -82.73 -18.82 28.07
C GLY E 54 -84.15 -18.57 27.64
N LEU E 55 -84.87 -17.72 28.36
CA LEU E 55 -86.23 -17.35 27.96
C LEU E 55 -86.25 -16.66 26.59
N PHE E 56 -85.30 -15.77 26.36
CA PHE E 56 -85.27 -15.06 25.08
C PHE E 56 -84.72 -15.93 23.95
N THR E 57 -83.77 -16.81 24.24
CA THR E 57 -83.21 -17.69 23.22
C THR E 57 -84.05 -18.94 23.02
N SER E 58 -85.11 -19.12 23.81
CA SER E 58 -86.09 -20.16 23.55
C SER E 58 -87.15 -19.72 22.56
N GLY E 59 -87.27 -18.42 22.28
CA GLY E 59 -88.19 -17.90 21.29
C GLY E 59 -87.55 -17.44 20.01
N GLY E 60 -86.27 -17.72 19.80
CA GLY E 60 -85.58 -17.28 18.60
C GLY E 60 -85.44 -15.77 18.48
N LEU E 61 -85.30 -15.08 19.60
CA LEU E 61 -85.11 -13.64 19.62
C LEU E 61 -83.67 -13.34 19.99
N ALA E 62 -82.99 -12.56 19.14
CA ALA E 62 -81.61 -12.17 19.35
C ALA E 62 -81.53 -10.66 19.37
N PRO E 63 -80.67 -10.08 20.20
CA PRO E 63 -80.54 -8.62 20.25
C PRO E 63 -79.98 -8.06 18.96
N ASN E 64 -80.35 -6.82 18.70
CA ASN E 64 -79.91 -6.10 17.52
C ASN E 64 -79.33 -4.77 17.95
N MET E 65 -78.24 -4.38 17.32
CA MET E 65 -77.48 -3.19 17.69
C MET E 65 -77.34 -2.31 16.47
N ILE E 66 -77.83 -1.08 16.56
CA ILE E 66 -77.97 -0.18 15.43
C ILE E 66 -76.99 0.97 15.61
N ILE E 67 -76.18 1.22 14.58
CA ILE E 67 -75.30 2.38 14.52
C ILE E 67 -75.97 3.43 13.64
N THR E 68 -76.01 4.67 14.13
CA THR E 68 -76.56 5.78 13.37
C THR E 68 -75.58 6.94 13.41
N ASN E 69 -75.29 7.47 12.22
CA ASN E 69 -74.52 8.69 12.04
C ASN E 69 -75.45 9.76 11.49
N SER E 70 -74.88 10.91 11.14
CA SER E 70 -75.64 11.93 10.44
C SER E 70 -76.04 11.49 9.05
N THR E 71 -75.29 10.56 8.43
CA THR E 71 -75.55 10.15 7.06
C THR E 71 -75.44 8.65 6.85
N PHE E 72 -75.60 7.83 7.89
CA PHE E 72 -75.34 6.41 7.75
C PHE E 72 -76.22 5.63 8.71
N TYR E 73 -76.66 4.46 8.27
CA TYR E 73 -77.43 3.53 9.09
C TYR E 73 -76.82 2.15 8.97
N GLY E 74 -76.64 1.48 10.10
CA GLY E 74 -76.10 0.14 10.08
C GLY E 74 -76.72 -0.72 11.16
N GLY E 75 -76.88 -1.99 10.86
CA GLY E 75 -77.45 -2.93 11.82
C GLY E 75 -76.56 -4.14 11.99
N TYR E 76 -76.45 -4.60 13.23
CA TYR E 76 -75.65 -5.78 13.54
C TYR E 76 -76.43 -6.67 14.49
N TYR E 77 -76.33 -7.98 14.28
CA TYR E 77 -77.16 -8.95 14.97
C TYR E 77 -76.31 -9.77 15.92
N PHE E 78 -76.75 -9.86 17.18
CA PHE E 78 -76.13 -10.81 18.09
C PHE E 78 -76.45 -12.22 17.63
N LYS E 79 -75.45 -13.10 17.65
CA LYS E 79 -75.68 -14.44 17.12
C LYS E 79 -76.43 -15.30 18.13
N LEU E 80 -77.36 -16.10 17.60
CA LEU E 80 -78.13 -17.04 18.41
C LEU E 80 -77.24 -18.22 18.78
N THR E 81 -77.04 -18.41 20.07
CA THR E 81 -76.16 -19.44 20.60
C THR E 81 -76.92 -20.19 21.69
N PRO E 82 -76.68 -21.49 21.85
CA PRO E 82 -77.29 -22.21 22.98
C PRO E 82 -76.89 -21.59 24.32
N PHE E 83 -77.87 -21.54 25.22
CA PHE E 83 -77.72 -20.85 26.49
C PHE E 83 -77.15 -21.74 27.60
N SER E 84 -76.63 -22.92 27.24
CA SER E 84 -76.21 -23.88 28.26
C SER E 84 -75.07 -23.36 29.12
N ASN E 85 -74.17 -22.59 28.53
CA ASN E 85 -73.01 -22.07 29.25
C ASN E 85 -72.94 -20.56 29.35
N ARG E 86 -73.65 -19.82 28.49
CA ARG E 86 -73.52 -18.38 28.47
C ARG E 86 -74.33 -17.73 29.59
N LEU E 87 -74.00 -16.47 29.87
CA LEU E 87 -74.73 -15.64 30.81
C LEU E 87 -75.19 -14.33 30.20
N GLU E 88 -74.41 -13.75 29.28
CA GLU E 88 -74.73 -12.49 28.62
C GLU E 88 -74.46 -12.63 27.14
N TRP E 89 -75.14 -11.81 26.34
CA TRP E 89 -74.94 -11.80 24.91
C TRP E 89 -73.59 -11.16 24.56
N LEU E 90 -72.96 -11.67 23.51
CA LEU E 90 -71.63 -11.22 23.12
C LEU E 90 -71.54 -11.12 21.60
N ILE E 91 -70.81 -10.10 21.13
CA ILE E 91 -70.58 -9.94 19.69
C ILE E 91 -69.24 -9.26 19.45
N ASP E 92 -68.52 -9.73 18.44
CA ASP E 92 -67.26 -9.15 18.00
C ASP E 92 -67.43 -8.64 16.58
N ILE E 93 -67.27 -7.33 16.40
CA ILE E 93 -67.46 -6.68 15.11
C ILE E 93 -66.09 -6.21 14.61
N PRO E 94 -65.70 -6.54 13.38
CA PRO E 94 -64.46 -5.98 12.84
C PRO E 94 -64.57 -4.48 12.62
N ARG E 95 -63.42 -3.80 12.70
CA ARG E 95 -63.40 -2.37 12.45
C ARG E 95 -63.83 -2.03 11.03
N GLN E 96 -63.40 -2.84 10.05
CA GLN E 96 -63.68 -2.58 8.65
C GLN E 96 -65.16 -2.62 8.32
N ASN E 97 -66.00 -3.21 9.16
CA ASN E 97 -67.44 -3.16 8.94
C ASN E 97 -68.02 -1.81 9.26
N ILE E 98 -67.41 -1.05 10.15
CA ILE E 98 -67.84 0.31 10.46
C ILE E 98 -67.09 1.34 9.62
N THR E 99 -65.76 1.37 9.74
CA THR E 99 -64.95 2.38 9.05
C THR E 99 -63.76 1.70 8.39
N VAL E 100 -63.42 2.18 7.20
CA VAL E 100 -62.35 1.56 6.42
C VAL E 100 -61.16 2.51 6.35
N ASN E 101 -61.37 3.79 6.62
CA ASN E 101 -60.30 4.78 6.58
C ASN E 101 -59.80 5.04 8.00
N THR E 102 -58.48 5.16 8.13
CA THR E 102 -57.83 5.25 9.43
C THR E 102 -56.82 6.38 9.46
N ASP E 103 -57.18 7.54 8.92
CA ASP E 103 -56.34 8.73 9.04
C ASP E 103 -56.82 9.55 10.25
N ILE E 104 -56.31 10.77 10.36
CA ILE E 104 -56.74 11.72 11.39
C ILE E 104 -57.57 12.80 10.71
N ALA E 105 -58.83 12.91 11.10
CA ALA E 105 -59.75 13.89 10.54
C ALA E 105 -60.89 14.08 11.51
N ALA E 106 -61.79 15.00 11.19
CA ALA E 106 -62.95 15.28 12.03
C ALA E 106 -64.06 14.29 11.67
N VAL E 107 -64.28 13.31 12.54
CA VAL E 107 -65.31 12.31 12.34
C VAL E 107 -66.31 12.41 13.48
N GLU E 108 -67.59 12.34 13.14
CA GLU E 108 -68.63 12.46 14.15
C GLU E 108 -68.65 11.23 15.04
N GLN E 109 -69.36 11.34 16.15
CA GLN E 109 -69.63 10.21 17.02
C GLN E 109 -70.67 9.31 16.37
N TRP E 110 -71.07 8.25 17.07
CA TRP E 110 -72.11 7.38 16.58
C TRP E 110 -73.13 7.16 17.69
N MET E 111 -74.40 7.04 17.30
CA MET E 111 -75.48 6.78 18.24
C MET E 111 -75.87 5.32 18.13
N ILE E 112 -75.87 4.62 19.26
CA ILE E 112 -76.04 3.18 19.32
C ILE E 112 -77.38 2.87 19.96
N LYS E 113 -78.18 2.04 19.30
CA LYS E 113 -79.48 1.64 19.81
C LYS E 113 -79.48 0.13 19.98
N ILE E 114 -79.66 -0.33 21.21
CA ILE E 114 -79.83 -1.74 21.53
C ILE E 114 -81.32 -2.04 21.56
N THR E 115 -81.73 -3.09 20.87
CA THR E 115 -83.13 -3.50 20.85
C THR E 115 -83.22 -5.01 20.90
N MET E 116 -84.36 -5.50 21.37
CA MET E 116 -84.61 -6.94 21.38
C MET E 116 -85.03 -7.46 20.01
N HIS E 117 -85.62 -6.62 19.18
CA HIS E 117 -85.90 -6.96 17.79
C HIS E 117 -85.91 -5.68 16.97
N GLU E 118 -85.65 -5.82 15.66
CA GLU E 118 -85.47 -4.65 14.83
C GLU E 118 -86.80 -4.07 14.37
N GLY E 119 -87.55 -4.84 13.58
CA GLY E 119 -88.80 -4.32 13.03
C GLY E 119 -89.84 -4.08 14.09
N LEU E 120 -89.98 -5.01 15.03
CA LEU E 120 -90.88 -4.85 16.17
C LEU E 120 -90.02 -4.38 17.34
N ASN E 121 -89.68 -3.10 17.31
CA ASN E 121 -88.79 -2.52 18.30
C ASN E 121 -89.52 -2.44 19.64
N ILE E 122 -88.98 -3.12 20.65
CA ILE E 122 -89.68 -3.32 21.91
C ILE E 122 -88.90 -2.77 23.09
N TYR E 123 -87.63 -3.15 23.24
CA TYR E 123 -86.84 -2.72 24.40
C TYR E 123 -85.66 -1.90 23.88
N ASP E 124 -85.89 -0.61 23.70
CA ASP E 124 -84.88 0.29 23.17
C ASP E 124 -83.99 0.80 24.30
N THR E 125 -82.69 0.89 24.03
CA THR E 125 -81.76 1.51 24.96
C THR E 125 -80.70 2.25 24.16
N GLU E 126 -80.40 3.49 24.53
CA GLU E 126 -79.54 4.35 23.74
C GLU E 126 -78.15 4.47 24.35
N GLY E 127 -77.21 4.83 23.50
CA GLY E 127 -75.84 5.02 23.94
C GLY E 127 -75.01 5.66 22.86
N THR E 128 -73.72 5.82 23.14
CA THR E 128 -72.80 6.49 22.22
C THR E 128 -71.58 5.62 21.97
N LEU E 129 -71.04 5.73 20.76
CA LEU E 129 -69.81 5.05 20.38
C LEU E 129 -68.86 6.07 19.77
N LEU E 130 -67.61 6.06 20.22
CA LEU E 130 -66.64 7.05 19.80
C LEU E 130 -65.41 6.37 19.23
N ASP E 131 -64.95 6.85 18.09
CA ASP E 131 -63.72 6.38 17.48
C ASP E 131 -62.52 6.98 18.21
N LEU E 132 -61.44 6.22 18.31
CA LEU E 132 -60.26 6.68 19.03
C LEU E 132 -59.09 6.99 18.11
N VAL E 133 -58.91 6.22 17.05
CA VAL E 133 -57.72 6.37 16.20
C VAL E 133 -57.82 7.50 15.20
N ARG E 134 -59.00 8.10 15.01
CA ARG E 134 -59.16 9.19 14.07
C ARG E 134 -59.41 10.54 14.74
N GLU E 135 -59.61 10.55 16.05
CA GLU E 135 -59.94 11.80 16.73
C GLU E 135 -58.72 12.71 16.75
N PRO E 136 -58.86 13.97 16.32
CA PRO E 136 -57.67 14.84 16.19
C PRO E 136 -56.99 15.16 17.50
N ILE E 137 -57.73 15.66 18.49
CA ILE E 137 -57.13 16.17 19.71
C ILE E 137 -56.47 15.08 20.55
N LEU E 138 -57.00 13.85 20.53
CA LEU E 138 -56.55 12.82 21.45
C LEU E 138 -55.13 12.33 21.16
N GLN E 139 -54.60 12.57 19.96
CA GLN E 139 -53.32 11.96 19.60
C GLN E 139 -52.12 12.73 20.17
N TRP E 140 -52.34 13.90 20.74
CA TRP E 140 -51.26 14.69 21.29
C TRP E 140 -51.21 14.57 22.80
N ASN E 141 -50.05 14.87 23.38
CA ASN E 141 -49.90 14.99 24.82
C ASN E 141 -50.02 16.47 25.18
N LEU E 142 -50.98 16.79 26.04
CA LEU E 142 -51.25 18.19 26.35
C LEU E 142 -50.14 18.81 27.20
N GLY E 143 -49.51 18.03 28.06
CA GLY E 143 -48.44 18.55 28.89
C GLY E 143 -48.14 17.64 30.05
N ARG E 144 -47.53 18.21 31.08
CA ARG E 144 -47.16 17.44 32.27
C ARG E 144 -48.41 17.03 33.04
N VAL E 145 -48.47 15.75 33.40
CA VAL E 145 -49.64 15.20 34.08
C VAL E 145 -49.55 15.48 35.57
N LEU E 146 -50.57 16.14 36.11
CA LEU E 146 -50.69 16.33 37.55
C LEU E 146 -51.27 15.07 38.16
N THR E 147 -50.72 14.68 39.30
CA THR E 147 -51.22 13.48 39.98
C THR E 147 -52.37 13.84 40.91
N GLU E 148 -52.95 12.82 41.54
CA GLU E 148 -53.84 13.07 42.66
C GLU E 148 -53.08 13.71 43.81
N MET E 149 -53.80 14.43 44.66
CA MET E 149 -53.34 15.28 45.76
C MET E 149 -52.42 16.42 45.30
N GLU E 150 -52.13 16.48 44.00
CA GLU E 150 -51.57 17.67 43.37
C GLU E 150 -52.64 18.61 42.87
N VAL E 151 -53.82 18.11 42.55
CA VAL E 151 -54.94 18.96 42.20
C VAL E 151 -55.77 19.36 43.40
N ARG E 152 -55.66 18.65 44.52
CA ARG E 152 -56.49 18.95 45.69
C ARG E 152 -56.08 20.25 46.35
N ASP E 153 -54.77 20.54 46.42
CA ASP E 153 -54.32 21.80 46.97
C ASP E 153 -54.66 22.99 46.07
N LEU E 154 -54.96 22.73 44.79
CA LEU E 154 -55.34 23.77 43.86
C LEU E 154 -56.77 24.25 44.07
N TYR E 155 -57.61 23.46 44.72
CA TYR E 155 -59.03 23.77 44.84
C TYR E 155 -59.35 25.11 45.50
N PRO E 156 -58.71 25.53 46.62
CA PRO E 156 -59.08 26.85 47.17
C PRO E 156 -58.50 28.02 46.41
N GLU E 157 -57.96 27.77 45.21
CA GLU E 157 -57.49 28.83 44.34
C GLU E 157 -58.32 28.98 43.07
N VAL E 158 -59.23 28.05 42.80
CA VAL E 158 -60.03 28.09 41.58
C VAL E 158 -60.99 29.27 41.64
N ASN E 159 -61.19 29.93 40.50
CA ASN E 159 -62.05 31.09 40.41
C ASN E 159 -63.18 30.96 39.41
N ASP E 160 -62.97 30.22 38.32
CA ASP E 160 -64.02 30.02 37.31
C ASP E 160 -63.66 28.82 36.45
N ILE E 161 -64.67 28.30 35.74
CA ILE E 161 -64.56 27.09 34.96
C ILE E 161 -64.99 27.38 33.53
N LYS E 162 -64.16 26.95 32.57
CA LYS E 162 -64.50 27.04 31.15
C LYS E 162 -64.46 25.65 30.54
N VAL E 163 -65.23 25.45 29.48
CA VAL E 163 -65.26 24.16 28.79
C VAL E 163 -65.22 24.38 27.29
N THR E 164 -64.83 23.34 26.57
CA THR E 164 -64.89 23.31 25.11
C THR E 164 -65.90 22.25 24.69
N LYS E 165 -66.07 22.08 23.37
CA LYS E 165 -67.07 21.13 22.90
C LYS E 165 -66.58 20.24 21.76
N SER E 166 -65.56 20.66 21.01
CA SER E 166 -65.05 19.97 19.83
C SER E 166 -66.18 19.69 18.85
N PRO E 167 -66.62 20.70 18.08
CA PRO E 167 -67.96 20.72 17.47
C PRO E 167 -68.48 19.45 16.83
N CYS E 168 -67.63 18.68 16.15
CA CYS E 168 -68.12 17.53 15.41
C CYS E 168 -68.49 16.37 16.33
N ALA E 169 -67.69 16.12 17.35
CA ALA E 169 -67.95 15.06 18.30
C ALA E 169 -67.78 15.60 19.72
N ASN E 170 -68.84 15.54 20.50
CA ASN E 170 -68.80 16.02 21.88
C ASN E 170 -68.18 14.95 22.77
N ASP E 171 -68.30 15.13 24.09
CA ASP E 171 -67.81 14.22 25.12
C ASP E 171 -66.29 14.06 25.12
N VAL E 172 -65.57 14.88 24.34
CA VAL E 172 -64.12 14.88 24.40
C VAL E 172 -63.67 16.28 24.77
N ALA E 173 -64.45 16.92 25.64
CA ALA E 173 -64.24 18.31 26.00
C ALA E 173 -62.96 18.51 26.81
N LEU E 174 -62.50 19.75 26.80
CA LEU E 174 -61.42 20.23 27.64
C LEU E 174 -62.00 21.20 28.65
N ILE E 175 -61.62 21.05 29.91
CA ILE E 175 -62.08 21.92 30.99
C ILE E 175 -60.89 22.74 31.47
N GLY E 176 -61.03 24.05 31.43
CA GLY E 176 -59.97 24.96 31.81
C GLY E 176 -60.30 25.71 33.09
N PHE E 177 -59.28 25.95 33.90
CA PHE E 177 -59.45 26.67 35.15
C PHE E 177 -59.00 28.12 34.98
N MET E 178 -59.83 29.06 35.40
CA MET E 178 -59.41 30.43 35.63
C MET E 178 -59.24 30.63 37.12
N MET E 179 -58.12 31.21 37.51
CA MET E 179 -57.70 31.20 38.91
C MET E 179 -57.35 32.60 39.39
N LYS E 180 -57.16 32.69 40.71
CA LYS E 180 -56.75 33.92 41.34
C LYS E 180 -55.34 34.31 40.88
N PRO E 181 -54.97 35.60 40.96
CA PRO E 181 -53.62 35.98 40.55
C PRO E 181 -52.57 35.66 41.60
N SER E 182 -53.01 35.09 42.73
CA SER E 182 -52.06 34.64 43.75
C SER E 182 -51.33 33.37 43.35
N SER E 183 -51.95 32.54 42.51
CA SER E 183 -51.35 31.28 42.09
C SER E 183 -50.93 31.37 40.62
N ASN E 184 -50.13 30.40 40.20
CA ASN E 184 -49.55 30.41 38.86
C ASN E 184 -49.77 29.07 38.19
N GLY E 185 -49.96 29.09 36.88
CA GLY E 185 -50.02 27.89 36.08
C GLY E 185 -51.26 27.85 35.20
N VAL E 186 -51.13 27.14 34.08
CA VAL E 186 -52.25 26.87 33.19
C VAL E 186 -52.76 25.48 33.49
N PHE E 187 -54.03 25.37 33.86
CA PHE E 187 -54.58 24.12 34.36
C PHE E 187 -55.76 23.69 33.50
N ILE E 188 -55.61 22.54 32.85
CA ILE E 188 -56.59 22.01 31.91
C ILE E 188 -56.77 20.52 32.22
N GLY E 189 -58.01 20.08 32.28
CA GLY E 189 -58.35 18.66 32.36
C GLY E 189 -59.01 18.24 31.05
N LYS E 190 -58.98 16.95 30.79
CA LYS E 190 -59.47 16.37 29.55
C LYS E 190 -60.49 15.28 29.86
N THR E 191 -61.58 15.24 29.11
CA THR E 191 -62.52 14.15 29.26
C THR E 191 -62.63 13.36 27.96
N ILE E 192 -63.05 12.12 28.09
CA ILE E 192 -63.25 11.25 26.92
C ILE E 192 -64.59 10.54 27.07
N SER E 193 -65.26 10.75 28.20
CA SER E 193 -66.51 10.07 28.49
C SER E 193 -67.59 11.06 28.92
N GLY E 194 -67.39 12.35 28.63
CA GLY E 194 -68.41 13.34 28.93
C GLY E 194 -68.67 13.58 30.39
N PHE E 195 -67.62 13.62 31.22
CA PHE E 195 -67.68 14.06 32.61
C PHE E 195 -68.61 13.18 33.45
N TRP E 196 -68.74 11.91 33.08
CA TRP E 196 -69.62 11.02 33.83
C TRP E 196 -69.02 10.58 35.16
N THR E 197 -67.69 10.47 35.25
CA THR E 197 -67.01 10.19 36.50
C THR E 197 -65.90 11.20 36.71
N TYR E 198 -65.63 11.56 37.96
CA TYR E 198 -64.54 12.49 38.24
C TYR E 198 -63.18 11.81 38.17
N LYS E 199 -63.14 10.48 38.26
CA LYS E 199 -61.86 9.77 38.26
C LYS E 199 -61.21 9.74 36.88
N GLU E 200 -61.95 10.05 35.82
CA GLU E 200 -61.42 9.94 34.46
C GLU E 200 -60.91 11.26 33.91
N CYS E 201 -61.30 12.40 34.49
CA CYS E 201 -60.85 13.70 34.01
C CYS E 201 -59.39 13.87 34.40
N ILE E 202 -58.49 13.52 33.48
CA ILE E 202 -57.06 13.56 33.72
C ILE E 202 -56.58 15.00 33.58
N TRP E 203 -55.84 15.47 34.58
CA TRP E 203 -55.45 16.87 34.66
C TRP E 203 -54.02 17.06 34.18
N HIS E 204 -53.81 18.04 33.31
CA HIS E 204 -52.49 18.38 32.82
C HIS E 204 -52.12 19.81 33.24
N ASP E 205 -50.89 20.19 32.93
CA ASP E 205 -50.40 21.54 33.12
C ASP E 205 -49.52 21.91 31.93
N LEU E 206 -49.66 23.14 31.44
CA LEU E 206 -49.01 23.56 30.21
C LEU E 206 -48.03 24.71 30.43
N THR E 207 -47.57 24.90 31.67
CA THR E 207 -46.76 26.08 32.00
C THR E 207 -45.44 26.12 31.24
N GLU E 208 -44.80 24.96 31.06
CA GLU E 208 -43.53 24.93 30.33
C GLU E 208 -43.72 25.32 28.87
N ILE E 209 -44.75 24.77 28.22
CA ILE E 209 -44.98 25.05 26.81
C ILE E 209 -45.36 26.51 26.62
N ILE E 210 -46.05 27.10 27.60
CA ILE E 210 -46.51 28.44 27.32
C ILE E 210 -45.43 29.45 27.75
N TYR E 211 -44.51 29.03 28.63
CA TYR E 211 -43.38 29.89 28.96
C TYR E 211 -42.25 29.76 27.94
N ALA E 212 -42.29 28.75 27.08
CA ALA E 212 -41.20 28.58 26.11
C ALA E 212 -41.06 29.80 25.19
N GLU E 213 -42.16 30.24 24.60
CA GLU E 213 -42.12 31.33 23.60
C GLU E 213 -42.41 32.69 24.26
N LEU E 214 -41.64 32.99 25.31
CA LEU E 214 -41.86 34.24 26.04
C LEU E 214 -40.60 35.02 26.37
N LYS E 215 -39.42 34.38 26.40
CA LYS E 215 -38.10 34.94 26.65
C LYS E 215 -37.90 35.35 28.11
N ASP E 216 -38.96 35.33 28.91
CA ASP E 216 -38.91 35.57 30.35
C ASP E 216 -40.25 35.30 31.01
N GLU E 217 -40.23 34.70 32.20
CA GLU E 217 -41.45 34.57 33.00
C GLU E 217 -41.82 35.94 33.55
N HIS E 218 -43.10 36.31 33.44
CA HIS E 218 -43.50 37.67 33.83
C HIS E 218 -44.01 37.75 35.26
N GLN E 219 -45.21 37.23 35.52
CA GLN E 219 -45.75 37.30 36.87
C GLN E 219 -46.53 36.08 37.33
N GLY E 220 -47.19 35.35 36.45
CA GLY E 220 -48.19 34.42 36.88
C GLY E 220 -49.44 34.53 36.04
N LEU E 221 -49.93 33.40 35.54
CA LEU E 221 -50.92 33.41 34.48
C LEU E 221 -51.99 32.35 34.69
N THR E 222 -53.20 32.67 34.25
CA THR E 222 -54.32 31.75 34.28
C THR E 222 -55.00 31.76 32.92
N VAL E 223 -55.72 30.68 32.62
CA VAL E 223 -56.46 30.61 31.36
C VAL E 223 -57.69 31.49 31.47
N ILE E 224 -57.86 32.40 30.52
CA ILE E 224 -59.01 33.28 30.47
C ILE E 224 -60.11 32.71 29.59
N ASP E 225 -59.77 32.19 28.42
CA ASP E 225 -60.75 31.53 27.57
C ASP E 225 -60.04 30.54 26.67
N LEU E 226 -60.79 29.58 26.14
CA LEU E 226 -60.22 28.64 25.21
C LEU E 226 -61.32 28.06 24.33
N VAL E 227 -60.98 27.84 23.06
CA VAL E 227 -61.89 27.22 22.10
C VAL E 227 -61.14 26.12 21.36
N LEU E 228 -61.92 25.20 20.80
CA LEU E 228 -61.40 24.04 20.08
C LEU E 228 -62.12 23.97 18.75
N THR E 229 -61.49 24.45 17.68
CA THR E 229 -62.06 24.38 16.35
C THR E 229 -61.82 22.95 15.84
N ASN E 230 -62.33 22.62 14.65
CA ASN E 230 -62.24 21.27 14.12
C ASN E 230 -60.80 20.79 13.93
N HIS E 231 -59.84 21.70 13.79
CA HIS E 231 -58.46 21.28 13.59
C HIS E 231 -57.46 22.11 14.37
N PHE E 232 -57.90 23.04 15.22
CA PHE E 232 -56.99 23.91 15.95
C PHE E 232 -57.48 24.10 17.37
N LEU E 233 -56.56 24.49 18.24
CA LEU E 233 -56.88 24.79 19.63
C LEU E 233 -56.36 26.19 19.93
N VAL E 234 -57.25 27.07 20.37
CA VAL E 234 -56.91 28.46 20.63
C VAL E 234 -57.11 28.73 22.10
N ILE E 235 -56.10 29.29 22.75
CA ILE E 235 -56.15 29.57 24.19
C ILE E 235 -55.75 31.02 24.41
N LEU E 236 -56.69 31.81 24.93
CA LEU E 236 -56.39 33.17 25.36
C LEU E 236 -56.11 33.11 26.85
N THR E 237 -54.83 33.18 27.21
CA THR E 237 -54.39 33.18 28.58
C THR E 237 -54.00 34.60 28.99
N SER E 238 -53.72 34.75 30.29
CA SER E 238 -53.43 36.06 30.86
C SER E 238 -52.23 36.73 30.21
N LEU E 239 -51.33 35.96 29.61
CA LEU E 239 -50.14 36.53 28.99
C LEU E 239 -50.23 36.56 27.47
N GLY E 240 -51.42 36.41 26.90
CA GLY E 240 -51.59 36.59 25.48
C GLY E 240 -52.38 35.46 24.87
N LEU E 241 -52.41 35.46 23.54
CA LEU E 241 -53.18 34.49 22.77
C LEU E 241 -52.24 33.48 22.14
N TYR E 242 -52.61 32.21 22.19
CA TYR E 242 -51.79 31.13 21.65
C TYR E 242 -52.63 30.23 20.75
N VAL E 243 -52.05 29.82 19.64
CA VAL E 243 -52.70 28.95 18.67
C VAL E 243 -51.85 27.70 18.52
N SER E 244 -52.47 26.53 18.63
CA SER E 244 -51.76 25.30 18.33
C SER E 244 -51.40 25.26 16.85
N SER E 245 -50.29 24.57 16.55
CA SER E 245 -49.84 24.50 15.16
C SER E 245 -50.88 23.85 14.27
N ASP E 246 -51.16 22.57 14.50
CA ASP E 246 -52.27 21.87 13.88
C ASP E 246 -52.44 20.55 14.62
N LEU E 247 -53.55 19.87 14.33
CA LEU E 247 -53.87 18.62 15.00
C LEU E 247 -53.83 17.42 14.08
N ARG E 248 -53.83 17.62 12.76
CA ARG E 248 -53.90 16.50 11.83
C ARG E 248 -52.54 15.93 11.47
N TYR E 249 -51.45 16.57 11.87
CA TYR E 249 -50.10 16.13 11.50
C TYR E 249 -49.28 15.92 12.77
N PRO E 250 -49.43 14.77 13.42
CA PRO E 250 -48.65 14.51 14.64
C PRO E 250 -47.19 14.25 14.31
N THR E 251 -46.31 15.04 14.90
CA THR E 251 -44.88 14.90 14.64
C THR E 251 -44.06 14.69 15.90
N THR E 252 -44.44 15.32 17.02
CA THR E 252 -43.61 15.31 18.21
C THR E 252 -44.32 14.76 19.44
N SER E 253 -45.61 14.40 19.33
CA SER E 253 -46.44 13.95 20.45
C SER E 253 -46.48 14.99 21.56
N GLN E 254 -46.40 16.26 21.18
CA GLN E 254 -46.48 17.37 22.12
C GLN E 254 -46.93 18.61 21.36
N ILE E 255 -47.97 19.29 21.85
CA ILE E 255 -48.56 20.40 21.12
C ILE E 255 -47.58 21.55 21.05
N LYS E 256 -47.40 22.09 19.85
CA LYS E 256 -46.51 23.23 19.64
C LYS E 256 -47.37 24.48 19.48
N LEU E 257 -47.27 25.40 20.44
CA LEU E 257 -48.06 26.61 20.45
C LEU E 257 -47.27 27.75 19.82
N SER E 258 -47.97 28.59 19.06
CA SER E 258 -47.41 29.81 18.52
C SER E 258 -48.14 30.98 19.16
N ARG E 259 -47.38 31.97 19.62
CA ARG E 259 -47.97 33.12 20.29
C ARG E 259 -48.37 34.16 19.27
N ALA E 260 -49.65 34.53 19.29
CA ALA E 260 -50.13 35.58 18.42
C ALA E 260 -49.60 36.92 18.88
N GLU E 261 -49.50 37.86 17.93
CA GLU E 261 -48.99 39.19 18.21
C GLU E 261 -50.15 40.16 18.35
N PHE E 262 -50.06 41.03 19.36
CA PHE E 262 -51.06 42.08 19.56
C PHE E 262 -50.33 43.28 20.14
N CYS E 263 -50.07 44.27 19.30
CA CYS E 263 -49.24 45.39 19.67
C CYS E 263 -49.95 46.29 20.67
N GLY E 264 -49.24 46.66 21.74
CA GLY E 264 -49.78 47.53 22.76
C GLY E 264 -50.59 46.84 23.83
N PHE E 265 -50.63 45.51 23.86
CA PHE E 265 -51.51 44.78 24.76
C PHE E 265 -50.69 44.23 25.92
N GLU E 266 -51.00 44.69 27.12
CA GLU E 266 -50.36 44.20 28.33
C GLU E 266 -51.32 43.24 29.05
N ARG E 267 -50.95 42.84 30.27
CA ARG E 267 -51.70 41.80 30.98
C ARG E 267 -53.11 42.26 31.35
N VAL E 268 -53.29 43.54 31.66
CA VAL E 268 -54.60 44.02 32.10
C VAL E 268 -55.61 44.11 30.96
N ASP E 269 -55.20 43.89 29.72
CA ASP E 269 -56.13 43.78 28.61
C ASP E 269 -56.55 42.35 28.32
N TYR E 270 -55.62 41.40 28.40
CA TYR E 270 -55.93 40.01 28.14
C TYR E 270 -56.87 39.39 29.17
N ILE E 271 -56.98 39.99 30.36
CA ILE E 271 -57.91 39.48 31.37
C ILE E 271 -59.34 39.92 31.07
N ARG E 272 -59.52 40.89 30.17
CA ARG E 272 -60.84 41.29 29.70
C ARG E 272 -60.84 41.12 28.18
N GLY E 273 -61.14 39.90 27.75
CA GLY E 273 -61.16 39.58 26.35
C GLY E 273 -61.82 38.24 26.11
N ASN E 274 -62.68 38.16 25.10
CA ASN E 274 -63.46 36.94 24.86
C ASN E 274 -63.17 36.42 23.46
N LEU E 275 -63.35 35.11 23.30
CA LEU E 275 -63.23 34.43 22.03
C LEU E 275 -64.61 33.98 21.59
N TRP E 276 -65.01 34.35 20.39
CA TRP E 276 -66.28 33.96 19.80
C TRP E 276 -66.03 33.04 18.61
N TYR E 277 -66.81 31.97 18.53
CA TYR E 277 -66.67 30.97 17.49
C TYR E 277 -68.03 30.36 17.22
N ASN E 278 -68.31 30.11 15.94
CA ASN E 278 -69.56 29.49 15.52
C ASN E 278 -69.40 27.98 15.55
N GLU E 279 -70.16 27.31 16.41
CA GLU E 279 -70.04 25.86 16.57
C GLU E 279 -70.72 25.20 15.38
N LYS E 280 -69.94 24.81 14.38
CA LYS E 280 -70.44 24.11 13.20
C LYS E 280 -69.50 22.96 12.89
N CYS E 281 -70.07 21.80 12.61
CA CYS E 281 -69.28 20.60 12.34
C CYS E 281 -68.98 20.50 10.85
N PHE E 282 -67.74 20.18 10.52
CA PHE E 282 -67.29 20.02 9.15
C PHE E 282 -66.72 18.61 9.04
N ALA E 283 -67.59 17.64 8.77
CA ALA E 283 -67.21 16.24 8.83
C ALA E 283 -66.44 15.82 7.57
N ASN E 284 -67.07 15.93 6.41
CA ASN E 284 -66.45 15.50 5.16
C ASN E 284 -65.67 16.61 4.47
N ARG E 285 -65.69 17.82 5.03
CA ARG E 285 -64.83 18.93 4.61
C ARG E 285 -65.05 19.29 3.14
N GLU E 286 -66.24 19.82 2.87
CA GLU E 286 -66.49 20.44 1.57
C GLU E 286 -65.57 21.64 1.38
N SER E 287 -65.34 21.98 0.11
CA SER E 287 -64.35 23.00 -0.21
C SER E 287 -64.75 24.40 0.23
N PHE E 288 -66.06 24.69 0.29
CA PHE E 288 -66.52 26.02 0.64
C PHE E 288 -66.52 26.28 2.13
N GLU E 289 -66.32 25.25 2.95
CA GLU E 289 -66.43 25.39 4.39
C GLU E 289 -65.13 25.94 4.97
N VAL E 290 -65.22 27.10 5.62
CA VAL E 290 -64.07 27.78 6.20
C VAL E 290 -64.46 28.28 7.59
N ASP E 291 -63.53 28.16 8.53
CA ASP E 291 -63.77 28.48 9.93
C ASP E 291 -63.16 29.82 10.27
N TYR E 292 -63.79 30.54 11.20
CA TYR E 292 -63.37 31.86 11.64
C TYR E 292 -63.30 31.89 13.15
N VAL E 293 -62.47 32.78 13.70
CA VAL E 293 -62.46 33.01 15.14
C VAL E 293 -62.36 34.51 15.39
N THR E 294 -63.17 35.02 16.31
CA THR E 294 -63.18 36.43 16.67
C THR E 294 -62.67 36.59 18.10
N ILE E 295 -61.90 37.64 18.34
CA ILE E 295 -61.45 38.00 19.68
C ILE E 295 -61.87 39.45 19.93
N THR E 296 -62.33 39.73 21.14
CA THR E 296 -62.84 41.05 21.49
C THR E 296 -62.25 41.50 22.82
N PHE E 297 -61.73 42.72 22.87
CA PHE E 297 -61.15 43.31 24.06
C PHE E 297 -61.95 44.52 24.50
N ASN E 298 -61.67 44.98 25.72
CA ASN E 298 -62.27 46.18 26.29
C ASN E 298 -61.15 47.18 26.55
N ARG E 299 -60.98 48.13 25.64
CA ARG E 299 -59.77 48.95 25.63
C ARG E 299 -60.15 50.42 25.59
N ASN E 300 -59.13 51.27 25.39
CA ASN E 300 -59.29 52.72 25.40
C ASN E 300 -59.00 53.36 24.03
N ARG E 301 -58.73 52.56 23.01
CA ARG E 301 -58.32 53.05 21.68
C ARG E 301 -57.07 53.92 21.79
N THR E 302 -55.98 53.27 22.17
CA THR E 302 -54.72 53.96 22.41
C THR E 302 -54.08 54.40 21.10
N LEU E 303 -52.89 55.00 21.23
CA LEU E 303 -52.13 55.44 20.06
C LEU E 303 -51.69 54.26 19.20
N SER E 304 -51.22 53.18 19.83
CA SER E 304 -50.68 52.05 19.09
C SER E 304 -51.73 51.34 18.25
N GLU E 305 -52.90 51.06 18.83
CA GLU E 305 -53.95 50.34 18.11
C GLU E 305 -55.27 51.04 18.36
N SER E 306 -56.02 51.28 17.28
CA SER E 306 -57.31 51.93 17.37
C SER E 306 -58.49 50.97 17.31
N SER E 307 -58.24 49.66 17.36
CA SER E 307 -59.29 48.67 17.30
C SER E 307 -59.39 47.93 18.63
N SER E 308 -60.50 47.22 18.81
CA SER E 308 -60.73 46.40 19.99
C SER E 308 -61.37 45.07 19.62
N CYS E 309 -61.30 44.72 18.34
CA CYS E 309 -62.05 43.57 17.81
C CYS E 309 -61.33 43.03 16.59
N PHE E 310 -60.89 41.78 16.64
CA PHE E 310 -60.14 41.19 15.55
C PHE E 310 -60.75 39.86 15.17
N PHE E 311 -60.50 39.42 13.95
CA PHE E 311 -60.93 38.10 13.52
C PHE E 311 -59.89 37.49 12.59
N SER E 312 -59.93 36.18 12.48
CA SER E 312 -58.94 35.46 11.69
C SER E 312 -59.54 34.21 11.06
N LYS E 313 -59.00 33.86 9.89
CA LYS E 313 -59.39 32.71 9.09
C LYS E 313 -58.68 31.47 9.60
N GLU E 314 -58.72 30.38 8.82
CA GLU E 314 -58.49 29.04 9.40
C GLU E 314 -57.11 28.83 10.01
N PRO E 315 -55.96 29.05 9.31
CA PRO E 315 -54.70 29.02 10.04
C PRO E 315 -54.48 30.36 10.73
N PHE E 316 -54.68 30.40 12.04
CA PHE E 316 -54.87 31.66 12.76
C PHE E 316 -53.52 32.40 12.87
N LEU E 317 -53.15 33.03 11.77
CA LEU E 317 -51.89 33.75 11.66
C LEU E 317 -52.05 35.23 11.37
N HIS E 318 -52.98 35.62 10.51
CA HIS E 318 -53.24 37.02 10.21
C HIS E 318 -54.54 37.41 10.91
N TRP E 319 -54.42 38.33 11.88
CA TRP E 319 -55.57 38.81 12.63
C TRP E 319 -55.93 40.20 12.14
N LEU E 320 -57.06 40.32 11.46
CA LEU E 320 -57.36 41.64 10.95
C LEU E 320 -58.53 42.26 11.71
N PRO E 321 -58.56 43.59 11.86
CA PRO E 321 -59.63 44.22 12.62
C PRO E 321 -60.98 44.05 11.96
N CYS E 322 -62.02 43.99 12.79
CA CYS E 322 -63.36 43.74 12.29
C CYS E 322 -64.07 45.00 11.84
N VAL E 323 -63.53 46.17 12.13
CA VAL E 323 -64.10 47.43 11.69
C VAL E 323 -63.02 48.20 10.91
N PHE E 324 -63.43 48.81 9.81
CA PHE E 324 -62.53 49.58 8.95
C PHE E 324 -63.01 51.02 8.90
N SER E 325 -62.40 51.81 8.02
CA SER E 325 -62.74 53.22 7.89
C SER E 325 -64.11 53.43 7.25
N SER E 332 -68.86 58.32 21.56
CA SER E 332 -69.22 58.67 20.19
C SER E 332 -69.14 57.46 19.28
N ILE E 333 -67.93 56.99 19.03
CA ILE E 333 -67.74 55.77 18.22
C ILE E 333 -68.23 54.57 19.02
N PRO E 334 -69.10 53.73 18.48
CA PRO E 334 -69.64 52.62 19.27
C PRO E 334 -68.58 51.56 19.52
N ARG E 335 -68.93 50.63 20.40
CA ARG E 335 -68.06 49.53 20.75
C ARG E 335 -68.68 48.23 20.25
N VAL E 336 -67.84 47.36 19.67
CA VAL E 336 -68.28 46.10 19.11
C VAL E 336 -68.28 45.06 20.23
N ILE E 337 -69.48 44.72 20.71
CA ILE E 337 -69.57 43.67 21.73
C ILE E 337 -69.20 42.33 21.13
N THR E 338 -69.74 42.03 19.96
CA THR E 338 -69.51 40.74 19.33
C THR E 338 -69.63 40.89 17.81
N PHE E 339 -68.64 40.36 17.11
CA PHE E 339 -68.66 40.25 15.65
C PHE E 339 -68.67 38.77 15.29
N LEU E 340 -69.75 38.32 14.66
CA LEU E 340 -69.91 36.91 14.32
C LEU E 340 -70.12 36.74 12.83
N ILE E 341 -69.35 35.84 12.22
CA ILE E 341 -69.47 35.54 10.81
C ILE E 341 -70.54 34.47 10.65
N ASP E 342 -71.46 34.68 9.72
CA ASP E 342 -72.41 33.65 9.32
C ASP E 342 -72.13 33.26 7.88
N GLN E 343 -72.16 31.96 7.62
CA GLN E 343 -71.83 31.42 6.30
C GLN E 343 -73.03 30.95 5.53
N GLU E 344 -74.20 30.85 6.15
CA GLU E 344 -75.42 30.55 5.41
C GLU E 344 -75.76 31.69 4.45
N THR E 345 -75.58 32.93 4.89
CA THR E 345 -75.80 34.09 4.06
C THR E 345 -74.52 34.82 3.69
N ASP E 346 -73.37 34.35 4.17
CA ASP E 346 -72.05 34.93 3.88
C ASP E 346 -72.00 36.42 4.26
N SER E 347 -72.11 36.64 5.57
CA SER E 347 -72.14 38.00 6.07
C SER E 347 -71.51 38.07 7.45
N GLY E 348 -71.29 39.29 7.93
CA GLY E 348 -70.84 39.51 9.28
C GLY E 348 -71.89 40.23 10.07
N ILE E 349 -72.01 39.94 11.36
CA ILE E 349 -73.02 40.53 12.22
C ILE E 349 -72.32 41.21 13.38
N TYR E 350 -72.56 42.51 13.52
CA TYR E 350 -71.98 43.34 14.57
C TYR E 350 -73.04 43.66 15.62
N LEU E 351 -72.63 43.64 16.88
CA LEU E 351 -73.42 44.25 17.95
C LEU E 351 -72.71 45.54 18.35
N PHE E 352 -73.36 46.66 18.12
CA PHE E 352 -72.82 47.94 18.53
C PHE E 352 -73.53 48.41 19.78
N ASN E 353 -72.74 48.82 20.77
CA ASN E 353 -73.30 49.47 21.95
C ASN E 353 -72.53 50.76 22.18
N VAL E 354 -73.14 51.88 21.80
CA VAL E 354 -72.50 53.18 22.02
C VAL E 354 -72.60 53.54 23.50
N GLN E 355 -71.46 53.89 24.08
CA GLN E 355 -71.43 54.25 25.49
C GLN E 355 -72.05 55.63 25.70
N ASP E 356 -72.25 55.97 26.98
CA ASP E 356 -72.86 57.22 27.44
C ASP E 356 -74.32 57.36 27.01
N THR E 357 -74.88 56.34 26.35
CA THR E 357 -76.27 56.33 25.94
C THR E 357 -76.76 54.89 25.99
N LYS E 358 -78.07 54.73 26.21
CA LYS E 358 -78.67 53.41 26.27
C LYS E 358 -78.87 52.77 24.89
N GLU E 359 -78.36 53.41 23.84
CA GLU E 359 -78.60 52.93 22.48
C GLU E 359 -77.77 51.67 22.20
N THR E 360 -78.44 50.63 21.74
CA THR E 360 -77.80 49.41 21.28
C THR E 360 -78.43 49.01 19.96
N TYR E 361 -77.61 48.46 19.06
CA TYR E 361 -78.17 48.06 17.78
C TYR E 361 -77.34 46.95 17.16
N VAL E 362 -77.95 46.30 16.17
CA VAL E 362 -77.35 45.17 15.46
C VAL E 362 -77.25 45.55 14.00
N THR E 363 -76.08 45.33 13.40
CA THR E 363 -75.82 45.69 12.02
C THR E 363 -75.31 44.48 11.26
N VAL E 364 -75.76 44.31 10.03
CA VAL E 364 -75.38 43.20 9.18
C VAL E 364 -74.61 43.75 7.99
N ALA E 365 -73.41 43.23 7.77
CA ALA E 365 -72.53 43.73 6.72
C ALA E 365 -72.21 42.61 5.73
N MET E 366 -72.28 42.95 4.45
CA MET E 366 -71.94 42.02 3.40
C MET E 366 -70.43 41.75 3.41
N LEU E 367 -70.04 40.56 2.98
CA LEU E 367 -68.64 40.16 2.96
C LEU E 367 -68.09 40.28 1.56
N LYS E 368 -67.07 41.12 1.40
CA LYS E 368 -66.35 41.27 0.13
C LYS E 368 -64.99 40.60 0.26
N ASP E 369 -64.77 39.57 -0.55
CA ASP E 369 -63.54 38.76 -0.60
C ASP E 369 -62.96 38.48 0.79
N GLY E 370 -63.84 37.99 1.67
CA GLY E 370 -63.42 37.71 3.03
C GLY E 370 -63.03 38.93 3.84
N LYS E 371 -63.71 40.05 3.63
CA LYS E 371 -63.44 41.27 4.36
C LYS E 371 -64.73 42.07 4.39
N PRO E 372 -65.23 42.41 5.58
CA PRO E 372 -66.51 43.14 5.66
C PRO E 372 -66.42 44.52 5.05
N SER E 373 -67.54 44.96 4.50
CA SER E 373 -67.62 46.22 3.76
C SER E 373 -68.57 47.17 4.48
N PRO E 374 -68.48 48.48 4.22
CA PRO E 374 -69.51 49.40 4.72
C PRO E 374 -70.82 49.25 3.96
N ARG E 375 -71.78 50.16 4.20
CA ARG E 375 -73.07 50.15 3.51
C ARG E 375 -73.81 48.85 3.78
N PRO E 376 -74.42 48.72 4.97
CA PRO E 376 -74.98 47.43 5.39
C PRO E 376 -76.00 46.85 4.42
N LYS E 377 -76.18 45.52 4.52
CA LYS E 377 -77.02 44.79 3.59
C LYS E 377 -78.47 45.26 3.65
N PHE E 378 -78.99 45.41 4.86
CA PHE E 378 -80.30 46.01 5.11
C PHE E 378 -80.18 46.87 6.35
N PRO E 379 -81.07 47.86 6.53
CA PRO E 379 -80.89 48.81 7.63
C PRO E 379 -80.85 48.14 9.00
N SER E 380 -80.07 48.74 9.90
CA SER E 380 -79.77 48.14 11.19
C SER E 380 -81.01 48.04 12.06
N PHE E 381 -80.89 47.29 13.15
CA PHE E 381 -82.00 47.11 14.07
C PHE E 381 -81.64 47.73 15.42
N HIS E 382 -82.38 48.77 15.80
CA HIS E 382 -82.17 49.47 17.05
C HIS E 382 -83.01 48.83 18.15
N PHE E 383 -82.37 48.37 19.21
CA PHE E 383 -83.11 47.88 20.35
C PHE E 383 -83.70 49.05 21.13
N PRO E 384 -84.80 48.81 21.86
CA PRO E 384 -85.37 49.88 22.68
C PRO E 384 -84.43 50.30 23.81
N SER E 385 -84.67 51.52 24.29
CA SER E 385 -83.80 52.14 25.29
C SER E 385 -83.80 51.42 26.64
N THR E 386 -84.80 50.58 26.90
CA THR E 386 -84.84 49.82 28.16
C THR E 386 -83.80 48.71 28.20
N PHE E 387 -83.13 48.42 27.08
CA PHE E 387 -82.02 47.48 27.06
C PHE E 387 -80.84 48.10 27.80
N THR E 388 -80.64 47.69 29.06
CA THR E 388 -79.67 48.36 29.91
C THR E 388 -78.25 48.02 29.49
N LEU E 389 -77.88 46.76 29.57
CA LEU E 389 -76.52 46.37 29.18
C LEU E 389 -76.54 45.08 28.37
N PRO E 390 -75.98 45.11 27.17
CA PRO E 390 -75.81 43.89 26.38
C PRO E 390 -74.46 43.25 26.65
N LEU E 391 -74.42 41.93 26.50
CA LEU E 391 -73.23 41.17 26.84
C LEU E 391 -72.73 40.25 25.75
N GLY E 392 -73.55 39.89 24.77
CA GLY E 392 -73.08 39.08 23.67
C GLY E 392 -74.24 38.43 22.93
N MET E 393 -73.87 37.71 21.86
CA MET E 393 -74.80 36.87 21.13
C MET E 393 -74.22 35.49 20.94
N ILE E 394 -75.11 34.56 20.60
CA ILE E 394 -74.74 33.21 20.22
C ILE E 394 -75.60 32.78 19.04
N PHE E 395 -74.96 32.15 18.07
CA PHE E 395 -75.67 31.37 17.07
C PHE E 395 -75.94 30.00 17.68
N HIS E 396 -77.16 29.52 17.56
CA HIS E 396 -77.42 28.14 17.95
C HIS E 396 -76.64 27.22 17.03
N PRO E 397 -75.97 26.20 17.56
CA PRO E 397 -75.06 25.38 16.74
C PRO E 397 -75.80 24.64 15.63
N ARG E 398 -75.16 24.60 14.46
CA ARG E 398 -75.69 23.92 13.27
C ARG E 398 -77.07 24.44 12.88
N SER E 399 -77.26 25.75 13.00
CA SER E 399 -78.55 26.35 12.69
C SER E 399 -78.34 27.82 12.34
N HIS E 400 -79.45 28.54 12.29
CA HIS E 400 -79.46 29.94 11.89
C HIS E 400 -80.29 30.78 12.86
N PHE E 401 -80.17 30.51 14.15
CA PHE E 401 -80.92 31.21 15.18
C PHE E 401 -79.98 32.06 16.02
N LEU E 402 -80.24 33.37 16.02
CA LEU E 402 -79.43 34.32 16.78
C LEU E 402 -80.07 34.57 18.14
N TYR E 403 -79.24 34.61 19.18
CA TYR E 403 -79.71 34.89 20.53
C TYR E 403 -78.84 36.01 21.08
N VAL E 404 -79.43 37.17 21.29
CA VAL E 404 -78.73 38.29 21.91
C VAL E 404 -79.10 38.33 23.38
N TYR E 405 -78.12 38.18 24.26
CA TYR E 405 -78.40 38.05 25.67
C TYR E 405 -77.60 39.07 26.44
N GLY E 406 -78.09 39.37 27.65
CA GLY E 406 -77.56 40.43 28.49
C GLY E 406 -78.53 40.71 29.61
N SER E 407 -78.89 41.97 29.80
CA SER E 407 -79.97 42.30 30.71
C SER E 407 -81.31 41.71 30.25
N GLN E 408 -81.49 41.55 28.95
CA GLN E 408 -82.69 40.95 28.37
C GLN E 408 -82.27 39.84 27.41
N ILE E 409 -83.25 39.18 26.79
CA ILE E 409 -82.99 38.08 25.85
C ILE E 409 -83.83 38.28 24.59
N TRP E 410 -83.16 38.45 23.46
CA TRP E 410 -83.81 38.57 22.17
C TRP E 410 -83.47 37.37 21.32
N VAL E 411 -84.46 36.88 20.58
CA VAL E 411 -84.26 35.79 19.64
C VAL E 411 -84.51 36.33 18.24
N SER E 412 -83.81 35.77 17.27
CA SER E 412 -84.02 36.12 15.87
C SER E 412 -83.89 34.88 15.00
N MET E 413 -84.90 34.65 14.17
CA MET E 413 -84.74 33.83 13.00
C MET E 413 -84.08 34.66 11.91
N ASP E 414 -84.09 34.13 10.68
CA ASP E 414 -83.53 34.74 9.46
C ASP E 414 -82.10 35.22 9.73
N GLY E 415 -81.66 36.27 9.02
CA GLY E 415 -80.28 36.68 9.11
C GLY E 415 -79.96 37.64 10.23
N GLY E 416 -80.99 38.24 10.84
CA GLY E 416 -80.74 39.24 11.86
C GLY E 416 -81.27 40.62 11.50
N ASN E 417 -82.40 40.66 10.79
CA ASN E 417 -83.01 41.94 10.47
C ASN E 417 -84.16 42.29 11.41
N THR E 418 -84.74 41.28 12.07
CA THR E 418 -85.85 41.51 12.99
C THR E 418 -85.74 40.57 14.18
N PHE E 419 -85.56 41.15 15.35
CA PHE E 419 -85.45 40.41 16.60
C PHE E 419 -86.78 40.50 17.35
N GLU E 420 -86.92 39.66 18.37
CA GLU E 420 -88.07 39.78 19.24
C GLU E 420 -87.70 39.41 20.66
N MET E 421 -88.41 40.04 21.58
CA MET E 421 -88.25 39.81 23.01
C MET E 421 -88.64 38.38 23.33
N LEU E 422 -87.96 37.75 24.30
CA LEU E 422 -88.56 36.59 24.94
C LEU E 422 -88.41 36.55 26.46
N CYS E 423 -87.53 37.36 27.06
CA CYS E 423 -87.46 37.44 28.52
C CYS E 423 -86.79 38.73 28.96
N ASN E 424 -87.34 39.32 30.01
CA ASN E 424 -86.81 40.55 30.59
C ASN E 424 -86.28 40.21 31.98
N LEU E 425 -85.08 40.69 32.29
CA LEU E 425 -84.46 40.51 33.59
C LEU E 425 -84.08 41.90 34.11
N PHE E 426 -84.86 42.42 35.05
CA PHE E 426 -84.61 43.74 35.59
C PHE E 426 -83.34 43.73 36.44
N SER E 427 -82.34 44.50 36.01
CA SER E 427 -81.09 44.71 36.75
C SER E 427 -80.36 43.40 37.02
N HIS E 428 -80.50 42.44 36.11
CA HIS E 428 -79.80 41.17 36.21
C HIS E 428 -79.42 40.74 34.81
N HIS E 429 -78.20 40.25 34.65
CA HIS E 429 -77.70 39.85 33.35
C HIS E 429 -77.25 38.39 33.38
N VAL E 430 -77.61 37.66 32.33
CA VAL E 430 -77.15 36.28 32.19
C VAL E 430 -75.64 36.27 31.99
N THR E 431 -74.97 35.29 32.57
CA THR E 431 -73.53 35.18 32.45
C THR E 431 -73.08 34.29 31.31
N LYS E 432 -73.62 33.07 31.22
CA LYS E 432 -73.15 32.11 30.25
C LYS E 432 -74.31 31.24 29.79
N THR E 433 -74.09 30.55 28.67
CA THR E 433 -75.13 29.78 28.03
C THR E 433 -74.55 28.43 27.62
N SER E 434 -75.38 27.39 27.65
CA SER E 434 -75.00 26.07 27.17
C SER E 434 -76.14 25.51 26.32
N ASN E 435 -75.78 24.96 25.17
CA ASN E 435 -76.79 24.48 24.23
C ASN E 435 -76.31 23.18 23.60
N SER E 436 -77.28 22.34 23.24
CA SER E 436 -76.99 21.05 22.63
C SER E 436 -77.68 20.95 21.29
N PHE E 437 -76.98 20.39 20.29
CA PHE E 437 -77.57 20.29 18.96
C PHE E 437 -78.58 19.16 18.90
N TYR E 438 -78.33 18.07 19.61
CA TYR E 438 -79.41 17.13 19.92
C TYR E 438 -80.38 17.78 20.89
N THR E 439 -81.68 17.53 20.67
CA THR E 439 -82.80 18.00 21.49
C THR E 439 -83.00 19.51 21.44
N SER E 440 -82.08 20.24 20.79
CA SER E 440 -82.19 21.68 20.55
C SER E 440 -82.45 22.46 21.83
N ASP E 441 -81.76 22.11 22.90
CA ASP E 441 -81.99 22.73 24.19
C ASP E 441 -80.95 23.82 24.46
N ILE E 442 -81.44 24.93 25.03
CA ILE E 442 -80.62 26.09 25.36
C ILE E 442 -80.89 26.47 26.81
N VAL E 443 -79.83 26.73 27.57
CA VAL E 443 -79.94 27.05 28.99
C VAL E 443 -79.03 28.24 29.31
N PHE E 444 -79.62 29.27 29.92
CA PHE E 444 -78.90 30.46 30.37
C PHE E 444 -78.75 30.42 31.89
N ILE E 445 -77.58 30.82 32.37
CA ILE E 445 -77.32 30.98 33.80
C ILE E 445 -77.32 32.47 34.09
N VAL E 446 -78.12 32.91 35.07
CA VAL E 446 -78.19 34.32 35.43
C VAL E 446 -77.85 34.47 36.91
N GLU E 447 -77.01 35.46 37.22
CA GLU E 447 -76.65 35.79 38.59
C GLU E 447 -77.88 36.02 39.43
N ASP E 448 -77.73 35.74 40.73
CA ASP E 448 -78.70 35.35 41.76
C ASP E 448 -78.99 33.87 41.63
N GLY E 449 -78.29 33.17 40.74
CA GLY E 449 -78.33 31.72 40.67
C GLY E 449 -79.46 31.12 39.87
N ARG E 450 -80.23 31.92 39.15
CA ARG E 450 -81.37 31.36 38.44
C ARG E 450 -80.93 30.74 37.12
N ILE E 451 -81.74 29.81 36.63
CA ILE E 451 -81.45 29.09 35.40
C ILE E 451 -82.69 29.14 34.52
N LEU E 452 -82.53 29.70 33.33
CA LEU E 452 -83.62 29.82 32.37
C LEU E 452 -83.38 28.86 31.22
N THR E 453 -84.46 28.32 30.67
CA THR E 453 -84.35 27.28 29.65
C THR E 453 -85.33 27.52 28.51
N THR E 454 -84.96 26.99 27.35
CA THR E 454 -85.84 27.03 26.18
C THR E 454 -85.36 26.01 25.17
N LYS E 455 -86.14 25.87 24.10
CA LYS E 455 -85.74 25.15 22.92
C LYS E 455 -85.44 26.14 21.81
N ALA E 456 -84.67 25.69 20.82
CA ALA E 456 -84.24 26.58 19.76
C ALA E 456 -85.37 26.81 18.76
N GLY E 457 -85.73 28.07 18.57
CA GLY E 457 -86.79 28.46 17.66
C GLY E 457 -88.12 28.74 18.33
N LEU E 458 -88.31 28.27 19.56
CA LEU E 458 -89.53 28.59 20.30
C LEU E 458 -89.47 30.04 20.76
N THR E 459 -90.65 30.62 20.98
CA THR E 459 -90.76 32.01 21.40
C THR E 459 -91.22 32.15 22.84
N THR E 460 -91.08 31.12 23.65
CA THR E 460 -91.38 31.13 25.08
C THR E 460 -90.29 30.36 25.83
N TYR E 461 -90.23 30.55 27.15
CA TYR E 461 -89.16 29.96 27.95
C TYR E 461 -89.71 29.54 29.29
N SER E 462 -88.83 28.97 30.11
CA SER E 462 -89.20 28.54 31.46
C SER E 462 -88.03 28.76 32.42
N GLU E 463 -88.31 28.57 33.70
CA GLU E 463 -87.31 28.69 34.77
C GLU E 463 -87.11 27.32 35.39
N LEU E 464 -85.94 26.72 35.14
CA LEU E 464 -85.70 25.34 35.55
C LEU E 464 -85.60 25.23 37.08
N GLY E 465 -85.17 26.29 37.74
CA GLY E 465 -84.97 26.24 39.18
C GLY E 465 -83.94 27.26 39.60
N ILE E 466 -83.28 26.97 40.70
CA ILE E 466 -82.23 27.84 41.19
C ILE E 466 -81.07 26.99 41.70
N LEU E 467 -79.88 27.57 41.71
CA LEU E 467 -78.67 26.89 42.15
C LEU E 467 -77.73 27.92 42.73
N LYS E 468 -77.28 27.71 43.96
CA LYS E 468 -76.55 28.74 44.70
C LYS E 468 -75.08 28.41 44.90
N ASP E 469 -74.52 27.53 44.08
CA ASP E 469 -73.11 27.18 44.24
C ASP E 469 -72.22 28.36 43.85
N ALA E 470 -71.03 28.40 44.45
CA ALA E 470 -70.13 29.53 44.25
C ALA E 470 -69.55 29.53 42.84
N ILE E 471 -68.82 28.47 42.48
CA ILE E 471 -68.28 28.32 41.14
C ILE E 471 -68.83 27.02 40.56
N PHE E 472 -69.43 27.11 39.37
CA PHE E 472 -70.01 25.95 38.72
C PHE E 472 -70.27 26.30 37.27
N THR E 473 -70.54 25.26 36.48
CA THR E 473 -70.92 25.43 35.09
C THR E 473 -71.77 24.26 34.66
N LEU E 474 -72.43 24.42 33.51
CA LEU E 474 -73.37 23.43 33.00
C LEU E 474 -72.87 22.91 31.66
N TYR E 475 -73.02 21.60 31.45
CA TYR E 475 -72.51 20.96 30.25
C TYR E 475 -73.60 20.07 29.66
N TYR E 476 -73.65 19.98 28.34
CA TYR E 476 -74.59 19.11 27.64
C TYR E 476 -73.80 18.11 26.82
N ASP E 477 -74.09 16.82 27.00
CA ASP E 477 -73.34 15.81 26.28
C ASP E 477 -74.03 15.51 24.94
N GLN E 478 -73.59 14.43 24.28
CA GLN E 478 -74.08 14.13 22.94
C GLN E 478 -75.54 13.71 22.96
N LEU E 479 -75.92 12.85 23.91
CA LEU E 479 -77.29 12.36 23.96
C LEU E 479 -78.26 13.39 24.51
N GLY E 480 -77.77 14.50 25.04
CA GLY E 480 -78.62 15.56 25.56
C GLY E 480 -78.65 15.68 27.07
N TYR E 481 -78.02 14.76 27.80
CA TYR E 481 -78.01 14.87 29.25
C TYR E 481 -77.20 16.08 29.70
N ILE E 482 -77.59 16.61 30.85
CA ILE E 482 -77.02 17.83 31.42
C ILE E 482 -76.22 17.45 32.66
N HIS E 483 -75.04 18.02 32.78
CA HIS E 483 -74.15 17.77 33.90
C HIS E 483 -73.79 19.09 34.58
N LYS E 484 -73.75 19.05 35.91
CA LYS E 484 -73.21 20.15 36.70
C LYS E 484 -71.74 19.86 36.97
N LEU E 485 -70.88 20.78 36.53
CA LEU E 485 -69.45 20.66 36.72
C LEU E 485 -68.98 21.68 37.73
N THR E 486 -68.24 21.19 38.72
CA THR E 486 -67.67 21.93 39.84
C THR E 486 -66.36 21.23 40.14
N PRO E 487 -65.38 21.94 40.71
CA PRO E 487 -64.21 21.24 41.25
C PRO E 487 -64.64 20.17 42.23
N GLU E 488 -64.02 18.98 42.09
CA GLU E 488 -64.39 17.71 42.71
C GLU E 488 -65.89 17.46 42.76
N ASN E 489 -66.63 17.81 41.70
CA ASN E 489 -68.04 17.45 41.63
C ASN E 489 -68.48 17.44 40.16
N PHE E 490 -68.64 16.25 39.59
CA PHE E 490 -69.19 16.08 38.25
C PHE E 490 -70.52 15.35 38.40
N ASP E 491 -71.59 16.10 38.64
CA ASP E 491 -72.90 15.52 38.91
C ASP E 491 -73.72 15.45 37.63
N ALA E 492 -74.59 14.45 37.55
CA ALA E 492 -75.41 14.24 36.35
C ALA E 492 -76.91 14.28 36.61
N GLY E 493 -77.34 14.06 37.85
CA GLY E 493 -78.74 14.11 38.19
C GLY E 493 -79.17 12.94 39.05
N SER E 494 -80.15 13.19 39.93
CA SER E 494 -80.65 12.13 40.81
C SER E 494 -81.49 11.12 40.03
N LYS E 495 -82.49 11.60 39.30
CA LYS E 495 -83.40 10.74 38.56
C LYS E 495 -83.05 10.80 37.08
N LEU E 496 -82.86 9.63 36.46
CA LEU E 496 -82.43 9.54 35.07
C LEU E 496 -83.48 8.79 34.27
N LEU E 497 -83.85 9.35 33.13
CA LEU E 497 -84.78 8.72 32.21
C LEU E 497 -84.03 8.17 31.01
N GLY E 498 -84.74 7.48 30.13
CA GLY E 498 -84.11 6.94 28.93
C GLY E 498 -83.66 8.02 27.97
N HIS E 499 -84.47 9.06 27.79
CA HIS E 499 -84.15 10.16 26.92
C HIS E 499 -83.33 11.22 27.67
N GLY E 500 -82.94 12.25 26.95
CA GLY E 500 -82.10 13.29 27.51
C GLY E 500 -82.86 14.38 28.25
N ASN E 501 -83.33 14.06 29.46
CA ASN E 501 -84.00 15.07 30.27
C ASN E 501 -83.03 16.13 30.74
N SER E 502 -83.48 17.38 30.72
CA SER E 502 -82.65 18.52 31.06
C SER E 502 -82.94 19.09 32.44
N GLY E 503 -83.76 18.41 33.24
CA GLY E 503 -84.08 18.91 34.56
C GLY E 503 -83.80 17.92 35.68
N SER E 504 -82.82 17.04 35.45
CA SER E 504 -82.54 15.99 36.42
C SER E 504 -81.82 16.53 37.65
N ILE E 505 -80.95 17.52 37.47
CA ILE E 505 -80.10 17.98 38.57
C ILE E 505 -80.93 18.68 39.63
N PHE E 506 -81.93 19.45 39.22
CA PHE E 506 -82.80 20.12 40.18
C PHE E 506 -83.81 19.16 40.76
N GLY E 507 -84.16 19.36 42.03
CA GLY E 507 -85.04 18.44 42.73
C GLY E 507 -86.48 18.44 42.23
N LYS E 508 -87.18 19.55 42.43
CA LYS E 508 -88.60 19.65 42.13
C LYS E 508 -88.82 20.82 41.17
N ARG E 509 -89.72 20.63 40.21
CA ARG E 509 -90.05 21.70 39.28
C ARG E 509 -90.70 22.85 40.05
N PRO E 510 -90.14 24.06 39.97
CA PRO E 510 -90.54 25.12 40.89
C PRO E 510 -91.90 25.70 40.53
N ASP E 511 -92.52 26.32 41.54
CA ASP E 511 -93.75 27.06 41.33
C ASP E 511 -93.44 28.42 40.75
N LEU E 512 -93.95 28.68 39.55
CA LEU E 512 -93.71 29.93 38.85
C LEU E 512 -94.64 31.04 39.29
N GLY E 513 -95.61 30.75 40.16
CA GLY E 513 -96.61 31.73 40.52
C GLY E 513 -96.12 32.73 41.56
N PHE E 514 -96.72 33.90 41.55
CA PHE E 514 -96.44 34.96 42.51
C PHE E 514 -97.54 34.99 43.56
N GLU E 515 -97.47 35.99 44.44
CA GLU E 515 -98.40 36.11 45.56
C GLU E 515 -99.32 37.29 45.31
N ALA E 516 -100.51 37.00 44.78
CA ALA E 516 -101.51 38.03 44.53
C ALA E 516 -102.88 37.39 44.64
N ILE E 517 -103.92 38.21 44.52
CA ILE E 517 -105.29 37.75 44.63
C ILE E 517 -105.82 37.54 43.21
N LEU E 518 -106.31 36.34 42.92
CA LEU E 518 -106.88 36.06 41.60
C LEU E 518 -108.39 36.06 41.71
N VAL E 519 -109.04 36.85 40.88
CA VAL E 519 -110.49 36.81 40.74
C VAL E 519 -110.81 36.09 39.44
N PRO E 520 -111.46 34.94 39.49
CA PRO E 520 -111.78 34.19 38.28
C PRO E 520 -113.11 34.67 37.71
N GLN E 521 -113.33 34.34 36.44
CA GLN E 521 -114.54 34.81 35.76
C GLN E 521 -114.82 33.96 34.53
N TYR E 522 -116.02 33.39 34.47
CA TYR E 522 -116.38 32.58 33.31
C TYR E 522 -116.68 33.45 32.11
N ILE E 523 -116.32 32.96 30.92
CA ILE E 523 -116.71 33.58 29.67
C ILE E 523 -117.37 32.61 28.71
N SER E 524 -117.14 31.31 28.85
CA SER E 524 -117.77 30.30 28.02
C SER E 524 -117.88 29.03 28.83
N THR E 525 -118.21 27.92 28.17
CA THR E 525 -118.28 26.65 28.86
C THR E 525 -116.90 26.13 29.22
N ASN E 526 -115.90 26.41 28.39
CA ASN E 526 -114.56 25.85 28.58
C ASN E 526 -113.46 26.91 28.69
N GLU E 527 -113.80 28.19 28.76
CA GLU E 527 -112.81 29.25 28.82
C GLU E 527 -113.03 30.08 30.08
N MET E 528 -111.95 30.58 30.64
CA MET E 528 -112.12 31.33 31.87
C MET E 528 -111.05 32.39 31.97
N TYR E 529 -111.43 33.56 32.47
CA TYR E 529 -110.50 34.65 32.75
C TYR E 529 -110.03 34.54 34.19
N PHE E 530 -108.79 34.97 34.45
CA PHE E 530 -108.30 35.22 35.79
C PHE E 530 -107.72 36.62 35.84
N PHE E 531 -108.14 37.42 36.81
CA PHE E 531 -107.58 38.73 37.03
C PHE E 531 -106.67 38.71 38.24
N ALA E 532 -105.46 39.24 38.07
CA ALA E 532 -104.54 39.47 39.18
C ALA E 532 -104.85 40.84 39.76
N HIS E 533 -105.05 40.88 41.07
CA HIS E 533 -105.49 42.10 41.76
C HIS E 533 -104.27 42.85 42.27
N VAL E 534 -103.96 43.98 41.63
CA VAL E 534 -103.00 44.93 42.17
C VAL E 534 -103.73 45.77 43.21
N PRO E 535 -103.29 45.75 44.47
CA PRO E 535 -103.98 46.57 45.49
C PRO E 535 -103.77 48.05 45.21
N LEU E 536 -104.78 48.82 45.57
CA LEU E 536 -104.66 50.26 45.51
C LEU E 536 -103.84 50.75 46.69
N THR E 537 -103.33 51.99 46.58
CA THR E 537 -102.54 52.64 47.62
C THR E 537 -101.30 51.82 47.99
N MET E 538 -100.41 51.68 47.02
CA MET E 538 -99.13 51.00 47.20
C MET E 538 -98.17 51.51 46.14
N PRO E 539 -96.86 51.54 46.45
CA PRO E 539 -95.91 52.24 45.57
C PRO E 539 -95.78 51.62 44.19
N THR E 540 -95.15 52.37 43.28
CA THR E 540 -95.14 51.99 41.87
C THR E 540 -93.91 51.15 41.52
N ASN E 541 -92.86 51.20 42.34
CA ASN E 541 -91.64 50.47 42.01
C ASN E 541 -91.82 48.96 42.15
N ILE E 542 -92.62 48.52 43.11
CA ILE E 542 -92.78 47.11 43.43
C ILE E 542 -93.95 46.50 42.63
N GLN E 543 -94.43 47.21 41.61
CA GLN E 543 -95.65 46.81 40.91
C GLN E 543 -95.49 45.48 40.18
N TRP E 544 -94.27 45.15 39.75
CA TRP E 544 -94.08 43.94 38.96
C TRP E 544 -94.28 42.67 39.77
N LYS E 545 -94.34 42.76 41.10
CA LYS E 545 -94.57 41.59 41.92
C LYS E 545 -96.02 41.09 41.85
N LYS E 546 -96.94 41.92 41.36
CA LYS E 546 -98.36 41.59 41.33
C LYS E 546 -98.88 41.63 39.91
N ARG E 547 -98.14 41.03 38.98
CA ARG E 547 -98.49 41.10 37.57
C ARG E 547 -98.13 39.80 36.88
N PHE E 548 -98.99 39.41 35.94
CA PHE E 548 -98.69 38.28 35.06
C PHE E 548 -97.63 38.72 34.06
N LYS E 549 -96.54 37.96 33.98
CA LYS E 549 -95.47 38.26 33.05
C LYS E 549 -95.62 37.40 31.81
N THR E 550 -94.80 37.68 30.80
CA THR E 550 -94.82 36.90 29.56
C THR E 550 -94.25 35.49 29.74
N ILE E 551 -93.62 35.22 30.88
CA ILE E 551 -93.15 33.88 31.18
C ILE E 551 -94.32 32.91 31.32
N HIS E 552 -95.48 33.39 31.77
CA HIS E 552 -96.61 32.52 32.07
C HIS E 552 -97.35 32.03 30.84
N LEU E 553 -96.96 32.47 29.64
CA LEU E 553 -97.60 31.99 28.43
C LEU E 553 -97.29 30.51 28.22
N GLY E 554 -98.32 29.71 27.99
CA GLY E 554 -98.17 28.30 27.74
C GLY E 554 -98.09 27.42 28.97
N LYS E 555 -97.97 28.00 30.15
CA LYS E 555 -97.92 27.25 31.39
C LYS E 555 -99.34 26.91 31.82
N THR E 556 -99.47 26.11 32.88
CA THR E 556 -100.76 25.68 33.37
C THR E 556 -100.88 26.01 34.84
N ILE E 557 -102.12 26.26 35.27
CA ILE E 557 -102.42 26.72 36.62
C ILE E 557 -103.24 25.64 37.32
N GLU E 558 -102.74 25.19 38.46
CA GLU E 558 -103.31 24.06 39.20
C GLU E 558 -103.80 24.54 40.55
N PHE E 559 -104.89 23.93 41.01
CA PHE E 559 -105.57 24.29 42.24
C PHE E 559 -105.40 23.16 43.25
N SER E 560 -105.15 23.53 44.50
CA SER E 560 -104.85 22.52 45.52
C SER E 560 -106.03 21.59 45.79
N LYS E 561 -107.27 22.18 45.88
CA LYS E 561 -108.45 21.36 46.08
C LYS E 561 -108.59 20.40 44.91
N THR E 562 -108.85 20.93 43.72
CA THR E 562 -108.89 20.16 42.48
C THR E 562 -108.96 21.14 41.32
N GLY E 563 -108.64 20.64 40.12
CA GLY E 563 -108.79 21.43 38.91
C GLY E 563 -107.49 21.76 38.19
N LEU E 564 -107.58 22.03 36.89
CA LEU E 564 -106.40 22.34 36.09
C LEU E 564 -106.83 23.05 34.81
N ALA E 565 -106.17 24.17 34.50
CA ALA E 565 -106.45 24.94 33.31
C ALA E 565 -105.14 25.35 32.65
N ASN E 566 -105.18 25.45 31.32
CA ASN E 566 -104.01 25.81 30.53
C ASN E 566 -104.10 27.26 30.10
N ILE E 567 -103.07 28.05 30.44
CA ILE E 567 -103.00 29.43 29.98
C ILE E 567 -102.71 29.43 28.49
N LYS E 568 -103.39 30.32 27.76
CA LYS E 568 -103.12 30.49 26.35
C LYS E 568 -103.01 31.94 25.91
N ASN E 569 -103.33 32.91 26.76
CA ASN E 569 -103.00 34.29 26.42
C ASN E 569 -102.82 35.12 27.69
N VAL E 570 -102.07 36.21 27.56
CA VAL E 570 -101.84 37.14 28.66
C VAL E 570 -102.13 38.54 28.15
N TYR E 571 -103.07 39.23 28.79
CA TYR E 571 -103.45 40.60 28.44
C TYR E 571 -103.04 41.55 29.56
N MET E 572 -102.71 42.79 29.18
CA MET E 572 -102.39 43.85 30.12
C MET E 572 -103.42 44.94 29.97
N HIS E 573 -103.88 45.49 31.11
CA HIS E 573 -104.84 46.59 31.11
C HIS E 573 -104.61 47.38 32.40
N LYS E 574 -103.82 48.44 32.31
CA LYS E 574 -103.51 49.25 33.48
C LYS E 574 -104.61 50.24 33.84
N THR E 575 -105.54 50.51 32.93
CA THR E 575 -106.44 51.66 33.07
C THR E 575 -107.89 51.28 33.29
N GLU E 576 -108.49 50.50 32.37
CA GLU E 576 -109.95 50.37 32.37
C GLU E 576 -110.49 49.63 33.58
N PRO E 577 -110.01 48.42 33.94
CA PRO E 577 -110.46 47.85 35.21
C PRO E 577 -109.57 48.30 36.37
N VAL E 578 -110.20 48.95 37.34
CA VAL E 578 -109.49 49.53 38.47
C VAL E 578 -109.13 48.41 39.44
N GLY E 579 -107.86 48.37 39.85
CA GLY E 579 -107.38 47.39 40.78
C GLY E 579 -106.94 46.09 40.15
N PHE E 580 -107.15 45.91 38.85
CA PHE E 580 -106.73 44.72 38.13
C PHE E 580 -105.92 45.16 36.92
N GLN E 581 -104.70 44.66 36.80
CA GLN E 581 -103.80 45.13 35.75
C GLN E 581 -103.38 44.07 34.76
N THR E 582 -103.40 42.79 35.13
CA THR E 582 -103.03 41.73 34.20
C THR E 582 -104.05 40.62 34.27
N SER E 583 -104.31 40.00 33.12
CA SER E 583 -105.28 38.93 33.05
C SER E 583 -104.76 37.83 32.14
N ILE E 584 -105.27 36.62 32.33
CA ILE E 584 -104.87 35.47 31.54
C ILE E 584 -106.11 34.82 30.96
N HIS E 585 -106.08 34.57 29.66
CA HIS E 585 -107.11 33.79 28.98
C HIS E 585 -106.67 32.34 29.03
N THR E 586 -107.49 31.51 29.67
CA THR E 586 -107.17 30.11 29.90
C THR E 586 -108.22 29.22 29.24
N GLU E 587 -107.96 27.92 29.28
CA GLU E 587 -108.88 26.90 28.79
C GLU E 587 -108.92 25.78 29.83
N ILE E 588 -110.13 25.31 30.15
CA ILE E 588 -110.34 24.48 31.32
C ILE E 588 -110.23 23.00 30.95
N ILE E 589 -109.44 22.27 31.72
CA ILE E 589 -109.38 20.81 31.64
C ILE E 589 -110.20 20.16 32.77
N VAL E 590 -109.87 20.47 34.02
CA VAL E 590 -110.57 19.96 35.19
C VAL E 590 -111.26 21.14 35.85
N PRO E 591 -112.56 21.06 36.15
CA PRO E 591 -113.36 22.28 36.37
C PRO E 591 -113.21 22.97 37.72
N PHE E 592 -112.13 22.70 38.45
CA PHE E 592 -111.78 23.40 39.70
C PHE E 592 -112.73 23.05 40.84
N GLY E 593 -112.35 23.43 42.06
CA GLY E 593 -113.16 23.17 43.24
C GLY E 593 -113.75 24.45 43.81
N ILE E 594 -114.99 24.37 44.25
CA ILE E 594 -115.68 25.51 44.83
C ILE E 594 -115.66 25.39 46.34
N GLU E 595 -115.99 26.49 47.02
CA GLU E 595 -115.97 26.50 48.47
C GLU E 595 -117.24 25.84 49.02
N ASN E 596 -117.08 25.13 50.14
CA ASN E 596 -118.17 24.40 50.75
C ASN E 596 -119.11 25.35 51.50
N SER E 597 -120.15 24.78 52.09
CA SER E 597 -121.05 25.53 52.96
C SER E 597 -120.64 25.47 54.42
N LYS E 598 -119.88 24.44 54.82
CA LYS E 598 -119.42 24.34 56.20
C LYS E 598 -118.43 25.45 56.53
N ASP E 599 -117.41 25.62 55.69
CA ASP E 599 -116.38 26.64 55.96
C ASP E 599 -116.91 28.04 55.75
N SER E 600 -117.95 28.22 54.96
CA SER E 600 -118.57 29.52 54.74
C SER E 600 -120.08 29.35 54.76
N PRO E 601 -120.76 29.80 55.82
CA PRO E 601 -122.21 29.58 55.93
C PRO E 601 -123.07 30.64 55.26
N CYS E 602 -122.48 31.73 54.76
CA CYS E 602 -123.24 32.76 54.05
C CYS E 602 -123.78 32.28 52.70
N LEU E 603 -123.35 31.11 52.24
CA LEU E 603 -123.89 30.54 51.01
C LEU E 603 -125.38 30.26 51.11
N LEU E 604 -125.86 29.92 52.31
CA LEU E 604 -127.27 29.57 52.50
C LEU E 604 -128.09 30.83 52.77
N SER E 605 -128.11 31.71 51.78
CA SER E 605 -128.88 32.94 51.87
C SER E 605 -129.05 33.52 50.47
N ASP E 606 -129.76 34.64 50.41
CA ASP E 606 -130.00 35.35 49.15
C ASP E 606 -129.03 36.52 49.06
N LEU E 607 -128.57 36.82 47.86
CA LEU E 607 -127.61 37.89 47.66
C LEU E 607 -128.21 39.05 46.88
N GLU E 608 -127.95 40.26 47.35
CA GLU E 608 -128.37 41.45 46.62
C GLU E 608 -127.17 42.38 46.49
N ILE E 609 -126.82 42.73 45.25
CA ILE E 609 -125.64 43.53 44.97
C ILE E 609 -126.12 44.86 44.38
N THR E 610 -125.78 45.94 45.07
CA THR E 610 -126.12 47.28 44.62
C THR E 610 -124.85 48.06 44.31
N TYR E 611 -124.98 49.03 43.42
CA TYR E 611 -123.86 49.93 43.18
C TYR E 611 -123.67 50.84 44.38
N SER E 612 -122.46 50.83 44.93
CA SER E 612 -122.14 51.65 46.08
C SER E 612 -121.86 53.08 45.61
N GLY E 613 -121.28 53.89 46.50
CA GLY E 613 -121.09 55.30 46.22
C GLY E 613 -120.15 55.64 45.09
N LYS E 614 -118.84 55.42 45.28
CA LYS E 614 -117.87 55.92 44.31
C LYS E 614 -117.53 54.88 43.24
N LEU E 615 -116.93 53.76 43.64
CA LEU E 615 -116.76 52.65 42.70
C LEU E 615 -116.89 51.28 43.32
N TYR E 616 -117.21 51.18 44.61
CA TYR E 616 -117.35 49.90 45.27
C TYR E 616 -118.71 49.29 44.93
N TYR E 617 -119.01 48.13 45.52
CA TYR E 617 -120.30 47.48 45.29
C TYR E 617 -120.76 46.87 46.60
N THR E 618 -121.96 47.22 47.03
CA THR E 618 -122.51 46.75 48.30
C THR E 618 -123.12 45.38 48.11
N ILE E 619 -122.66 44.40 48.89
CA ILE E 619 -123.20 43.05 48.88
C ILE E 619 -123.96 42.86 50.18
N LYS E 620 -125.26 42.61 50.08
CA LYS E 620 -126.12 42.41 51.23
C LYS E 620 -126.69 41.01 51.23
N LEU E 621 -126.65 40.38 52.40
CA LEU E 621 -127.25 39.06 52.61
C LEU E 621 -128.70 39.30 53.00
N LEU E 622 -129.63 38.91 52.12
CA LEU E 622 -131.05 39.17 52.37
C LEU E 622 -131.56 38.37 53.55
N SER E 623 -131.18 37.10 53.65
CA SER E 623 -131.56 36.28 54.80
C SER E 623 -130.76 36.72 56.01
N LYS E 624 -131.42 37.34 56.98
CA LYS E 624 -130.78 37.96 58.13
C LYS E 624 -130.59 37.00 59.30
N ASN E 625 -130.53 35.71 59.04
CA ASN E 625 -130.37 34.73 60.11
C ASN E 625 -128.99 34.85 60.73
N PRO E 626 -128.87 34.98 62.05
CA PRO E 626 -127.54 35.01 62.69
C PRO E 626 -126.83 33.66 62.70
N LEU E 627 -127.37 32.64 62.03
CA LEU E 627 -126.60 31.43 61.80
C LEU E 627 -125.71 31.55 60.57
N HIS E 628 -126.11 32.36 59.60
CA HIS E 628 -125.39 32.47 58.33
C HIS E 628 -124.27 33.50 58.41
N GLU E 629 -124.61 34.76 58.66
CA GLU E 629 -123.66 35.84 58.93
C GLU E 629 -122.58 36.01 57.87
N LEU E 630 -121.47 36.64 58.26
CA LEU E 630 -120.30 36.81 57.39
C LEU E 630 -119.06 36.73 58.29
N LYS E 631 -118.29 35.66 58.14
CA LYS E 631 -117.10 35.47 58.96
C LYS E 631 -116.02 36.48 58.57
N SER E 632 -115.16 36.80 59.54
CA SER E 632 -114.04 37.71 59.27
C SER E 632 -112.97 37.03 58.45
N THR E 633 -112.99 35.70 58.35
CA THR E 633 -112.08 34.97 57.49
C THR E 633 -112.57 34.92 56.05
N ASP E 634 -113.75 35.46 55.76
CA ASP E 634 -114.31 35.43 54.41
C ASP E 634 -113.96 36.68 53.62
N VAL E 635 -112.90 37.36 54.04
CA VAL E 635 -112.37 38.49 53.29
C VAL E 635 -111.41 37.93 52.26
N GLU E 636 -111.18 38.70 51.18
CA GLU E 636 -110.38 38.27 50.04
C GLU E 636 -110.88 36.96 49.46
N LYS E 637 -112.15 36.94 49.06
CA LYS E 637 -112.75 35.82 48.37
C LYS E 637 -113.53 36.34 47.18
N SER E 638 -113.58 35.53 46.13
CA SER E 638 -114.23 35.90 44.89
C SER E 638 -115.60 35.26 44.82
N VAL E 639 -116.64 36.09 44.85
CA VAL E 639 -118.01 35.62 44.64
C VAL E 639 -118.33 35.76 43.16
N LEU E 640 -118.83 34.70 42.55
CA LEU E 640 -119.10 34.72 41.12
C LEU E 640 -120.48 34.14 40.83
N ILE E 641 -121.08 34.65 39.76
CA ILE E 641 -122.31 34.10 39.20
C ILE E 641 -122.04 33.88 37.71
N PRO E 642 -122.16 32.66 37.19
CA PRO E 642 -121.82 32.43 35.78
C PRO E 642 -122.80 33.10 34.83
N GLY E 643 -122.29 34.16 34.13
CA GLY E 643 -123.10 34.93 33.21
C GLY E 643 -123.05 36.42 33.50
N TYR E 644 -122.47 36.78 34.63
CA TYR E 644 -122.40 38.16 35.08
C TYR E 644 -120.96 38.49 35.42
N SER E 645 -120.78 39.65 36.04
CA SER E 645 -119.47 40.01 36.58
C SER E 645 -119.16 39.16 37.81
N SER E 646 -117.90 39.18 38.20
CA SER E 646 -117.48 38.64 39.48
C SER E 646 -117.08 39.77 40.41
N PHE E 647 -117.02 39.46 41.70
CA PHE E 647 -116.67 40.46 42.70
C PHE E 647 -115.64 39.89 43.65
N LEU E 648 -114.83 40.78 44.22
CA LEU E 648 -113.82 40.43 45.22
C LEU E 648 -114.16 41.17 46.51
N ILE E 649 -114.57 40.44 47.54
CA ILE E 649 -114.95 41.03 48.80
C ILE E 649 -113.70 41.54 49.50
N MET E 650 -113.60 42.86 49.63
CA MET E 650 -112.42 43.51 50.20
C MET E 650 -112.61 43.95 51.64
N ASN E 651 -113.82 44.35 52.03
CA ASN E 651 -114.07 44.86 53.37
C ASN E 651 -115.35 44.27 53.93
N ILE E 652 -115.40 44.18 55.25
CA ILE E 652 -116.61 43.79 55.97
C ILE E 652 -117.07 45.02 56.75
N THR E 653 -118.15 45.65 56.29
CA THR E 653 -118.66 46.86 56.90
C THR E 653 -119.84 46.62 57.83
N ASP E 654 -120.25 45.37 58.03
CA ASP E 654 -121.42 45.05 58.83
C ASP E 654 -121.30 43.60 59.27
N LYS E 655 -122.42 43.04 59.72
CA LYS E 655 -122.50 41.61 59.91
C LYS E 655 -123.09 40.90 58.69
N TRP E 656 -124.04 41.52 58.00
CA TRP E 656 -124.66 40.93 56.83
C TRP E 656 -124.43 41.77 55.57
N THR E 657 -123.44 42.66 55.57
CA THR E 657 -123.23 43.57 54.45
C THR E 657 -121.75 43.85 54.31
N ALA E 658 -121.24 43.74 53.08
CA ALA E 658 -119.84 43.93 52.77
C ALA E 658 -119.68 44.84 51.55
N SER E 659 -118.44 45.29 51.35
CA SER E 659 -118.07 46.07 50.18
C SER E 659 -117.13 45.26 49.32
N ALA E 660 -117.33 45.29 48.01
CA ALA E 660 -116.52 44.50 47.09
C ALA E 660 -116.13 45.35 45.89
N LEU E 661 -115.15 44.85 45.14
CA LEU E 661 -114.74 45.45 43.88
C LEU E 661 -115.14 44.55 42.73
N ALA E 662 -115.58 45.16 41.64
CA ALA E 662 -116.21 44.45 40.54
C ALA E 662 -115.25 44.34 39.38
N THR E 663 -115.09 43.13 38.86
CA THR E 663 -114.38 42.92 37.61
C THR E 663 -115.33 43.08 36.44
N MET E 664 -114.94 43.90 35.47
CA MET E 664 -115.76 44.31 34.33
C MET E 664 -117.06 44.89 34.87
N PRO E 665 -117.02 46.14 35.36
CA PRO E 665 -118.23 46.76 35.90
C PRO E 665 -119.00 47.54 34.86
N GLN E 666 -118.50 47.54 33.62
CA GLN E 666 -119.13 48.27 32.53
C GLN E 666 -120.35 47.54 31.96
N ALA E 667 -120.82 46.48 32.61
CA ALA E 667 -121.97 45.71 32.15
C ALA E 667 -122.89 45.38 33.30
N ILE E 668 -123.22 46.37 34.12
CA ILE E 668 -124.17 46.14 35.21
C ILE E 668 -125.43 46.96 34.98
N LYS E 669 -125.30 48.28 35.07
CA LYS E 669 -126.38 49.26 34.82
C LYS E 669 -127.68 48.93 35.57
N SER E 670 -127.60 48.22 36.69
CA SER E 670 -128.80 47.76 37.39
C SER E 670 -128.44 47.37 38.81
N ASN E 671 -129.40 46.76 39.50
CA ASN E 671 -129.23 46.21 40.84
C ASN E 671 -129.53 44.72 40.80
N LEU E 672 -128.60 43.91 41.28
CA LEU E 672 -128.64 42.47 41.06
C LEU E 672 -129.23 41.75 42.27
N LYS E 673 -130.01 40.70 41.99
CA LYS E 673 -130.56 39.83 43.01
C LYS E 673 -130.30 38.40 42.58
N PHE E 674 -130.02 37.52 43.53
CA PHE E 674 -129.76 36.12 43.22
C PHE E 674 -130.41 35.22 44.25
N LEU E 675 -130.35 33.91 43.99
CA LEU E 675 -130.97 32.87 44.81
C LEU E 675 -129.89 32.27 45.72
N THR E 676 -130.27 31.24 46.49
CA THR E 676 -129.33 30.62 47.42
C THR E 676 -128.25 29.84 46.67
N GLY E 677 -128.65 29.04 45.68
CA GLY E 677 -127.73 28.16 44.97
C GLY E 677 -127.42 28.56 43.54
N SER E 678 -127.35 29.86 43.27
CA SER E 678 -126.98 30.34 41.95
C SER E 678 -125.68 31.13 41.93
N TRP E 679 -125.10 31.43 43.08
CA TRP E 679 -123.81 32.10 43.19
C TRP E 679 -122.86 31.23 43.99
N PHE E 680 -121.56 31.40 43.74
CA PHE E 680 -120.56 30.53 44.34
C PHE E 680 -119.37 31.33 44.84
N LEU E 681 -118.61 30.70 45.72
CA LEU E 681 -117.45 31.30 46.38
C LEU E 681 -116.18 30.62 45.93
N TYR E 682 -115.12 31.41 45.75
CA TYR E 682 -113.80 30.91 45.39
C TYR E 682 -112.75 31.54 46.29
N ASN E 683 -111.82 30.71 46.74
CA ASN E 683 -110.74 31.13 47.63
C ASN E 683 -109.43 31.06 46.84
N PHE E 684 -109.10 32.15 46.15
CA PHE E 684 -107.83 32.27 45.44
C PHE E 684 -106.91 33.29 46.08
N GLY E 685 -107.15 33.63 47.34
CA GLY E 685 -106.29 34.57 48.03
C GLY E 685 -105.06 33.91 48.63
N THR E 686 -104.14 34.76 49.07
CA THR E 686 -102.92 34.29 49.72
C THR E 686 -103.06 34.20 51.24
N ALA E 687 -104.15 34.70 51.81
CA ALA E 687 -104.37 34.58 53.24
C ALA E 687 -104.70 33.13 53.60
N GLY E 688 -104.12 32.66 54.69
CA GLY E 688 -104.27 31.27 55.05
C GLY E 688 -103.50 30.31 54.17
N GLY E 689 -102.51 30.79 53.43
CA GLY E 689 -101.74 29.95 52.54
C GLY E 689 -102.25 30.00 51.11
N ARG E 690 -101.40 30.43 50.19
CA ARG E 690 -101.76 30.43 48.77
C ARG E 690 -101.99 29.01 48.29
N LYS E 691 -103.04 28.80 47.51
CA LYS E 691 -103.48 27.46 47.15
C LYS E 691 -103.44 27.19 45.65
N TRP E 692 -102.87 28.08 44.86
CA TRP E 692 -102.78 27.88 43.43
C TRP E 692 -101.33 27.97 42.98
N SER E 693 -100.94 27.08 42.07
CA SER E 693 -99.57 27.01 41.61
C SER E 693 -99.56 26.99 40.08
N ILE E 694 -98.41 27.32 39.50
CA ILE E 694 -98.24 27.34 38.06
C ILE E 694 -97.04 26.47 37.71
N SER E 695 -97.21 25.59 36.72
CA SER E 695 -96.12 24.73 36.28
C SER E 695 -96.24 24.50 34.79
N THR E 696 -95.16 24.00 34.20
CA THR E 696 -95.18 23.69 32.78
C THR E 696 -96.05 22.47 32.51
N ARG E 697 -96.53 22.37 31.28
CA ARG E 697 -97.42 21.28 30.90
C ARG E 697 -96.64 20.13 30.27
N GLN E 698 -97.24 18.95 30.31
CA GLN E 698 -96.63 17.74 29.80
C GLN E 698 -96.60 17.76 28.27
N CYS E 699 -95.95 16.74 27.70
CA CYS E 699 -95.83 16.65 26.25
C CYS E 699 -97.20 16.50 25.60
N ASN E 700 -97.38 17.16 24.46
CA ASN E 700 -98.67 17.18 23.78
C ASN E 700 -98.56 16.84 22.30
N TYR E 701 -97.37 16.54 21.79
CA TYR E 701 -97.21 16.25 20.37
C TYR E 701 -96.39 14.98 20.19
N TRP E 702 -96.73 14.23 19.15
CA TRP E 702 -95.95 13.09 18.69
C TRP E 702 -95.57 13.31 17.25
N ILE E 703 -94.35 12.93 16.88
CA ILE E 703 -93.87 13.03 15.52
C ILE E 703 -93.64 11.62 15.00
N GLN E 704 -94.30 11.30 13.89
CA GLN E 704 -94.14 10.02 13.23
C GLN E 704 -93.38 10.22 11.93
N GLN E 705 -92.30 9.45 11.77
CA GLN E 705 -91.55 9.41 10.52
C GLN E 705 -91.41 7.92 10.18
N ASP E 706 -92.26 7.44 9.29
CA ASP E 706 -92.31 6.03 8.96
C ASP E 706 -91.16 5.58 8.07
N SER E 707 -90.48 6.50 7.41
CA SER E 707 -89.45 6.16 6.43
C SER E 707 -88.16 5.75 7.12
N LEU E 708 -87.33 5.01 6.39
CA LEU E 708 -85.99 4.69 6.84
C LEU E 708 -85.08 5.87 6.53
N ASP E 709 -83.83 5.81 7.01
CA ASP E 709 -82.76 6.82 6.79
C ASP E 709 -83.21 8.24 7.12
N PHE E 710 -84.18 8.39 8.02
CA PHE E 710 -84.67 9.69 8.42
C PHE E 710 -84.94 9.81 9.91
N MET E 711 -84.66 8.79 10.72
CA MET E 711 -85.15 8.80 12.10
C MET E 711 -84.26 9.60 13.04
N SER E 712 -82.99 9.78 12.71
CA SER E 712 -82.11 10.53 13.61
C SER E 712 -82.52 11.99 13.65
N LEU E 713 -82.37 12.60 14.83
CA LEU E 713 -82.74 14.00 15.00
C LEU E 713 -81.82 14.95 14.23
N ASN E 714 -80.66 14.47 13.80
CA ASN E 714 -79.73 15.24 12.98
C ASN E 714 -79.65 14.58 11.61
N LEU E 715 -79.64 15.39 10.56
CA LEU E 715 -79.59 14.86 9.20
C LEU E 715 -78.79 15.77 8.29
N VAL E 716 -78.05 15.15 7.38
CA VAL E 716 -77.38 15.84 6.28
C VAL E 716 -77.75 15.11 4.99
N LYS E 717 -78.26 15.86 4.02
CA LYS E 717 -78.55 15.33 2.69
C LYS E 717 -77.87 16.20 1.64
N TYR E 718 -77.38 15.56 0.59
CA TYR E 718 -76.72 16.26 -0.51
C TYR E 718 -77.63 16.25 -1.73
N ILE E 719 -77.65 17.38 -2.44
CA ILE E 719 -78.39 17.48 -3.69
C ILE E 719 -77.42 17.87 -4.80
N ASP E 720 -77.45 17.14 -5.90
CA ASP E 720 -76.75 17.54 -7.10
C ASP E 720 -77.65 18.47 -7.91
N VAL E 721 -77.27 18.76 -9.14
CA VAL E 721 -78.09 19.62 -9.99
C VAL E 721 -79.31 18.86 -10.48
N GLY E 722 -80.49 19.43 -10.28
CA GLY E 722 -81.72 18.85 -10.77
C GLY E 722 -82.35 17.83 -9.85
N ASN E 723 -81.53 17.04 -9.15
CA ASN E 723 -82.06 16.00 -8.28
C ASN E 723 -82.76 16.60 -7.08
N THR E 724 -83.91 16.04 -6.73
CA THR E 724 -84.73 16.53 -5.62
C THR E 724 -84.78 15.47 -4.53
N ILE E 725 -85.00 15.94 -3.30
CA ILE E 725 -85.17 15.07 -2.15
C ILE E 725 -86.47 15.44 -1.43
N ASP E 726 -87.24 14.43 -1.06
CA ASP E 726 -88.53 14.65 -0.41
C ASP E 726 -88.59 13.87 0.89
N PHE E 727 -89.36 14.39 1.83
CA PHE E 727 -89.63 13.66 3.06
C PHE E 727 -90.98 14.05 3.63
N GLN E 728 -91.58 13.11 4.35
CA GLN E 728 -92.92 13.25 4.87
C GLN E 728 -92.87 13.08 6.38
N PHE E 729 -93.63 13.91 7.09
CA PHE E 729 -93.78 13.80 8.53
C PHE E 729 -95.25 13.79 8.91
N LYS E 730 -95.53 13.18 10.06
CA LYS E 730 -96.87 13.13 10.62
C LYS E 730 -96.81 13.70 12.03
N ILE E 731 -97.79 14.53 12.36
CA ILE E 731 -97.89 15.16 13.67
C ILE E 731 -99.19 14.70 14.32
N ILE E 732 -99.09 14.17 15.52
CA ILE E 732 -100.22 13.58 16.24
C ILE E 732 -100.41 14.36 17.54
N PRO E 733 -101.48 15.12 17.69
CA PRO E 733 -101.67 15.89 18.93
C PRO E 733 -102.40 15.10 20.00
N LYS E 734 -101.84 15.08 21.21
CA LYS E 734 -102.43 14.34 22.32
C LYS E 734 -103.48 15.13 23.08
N ALA E 735 -103.74 16.37 22.68
CA ALA E 735 -104.67 17.25 23.40
C ALA E 735 -105.49 17.98 22.35
N MET E 736 -106.16 19.06 22.77
CA MET E 736 -106.87 19.89 21.82
C MET E 736 -105.90 20.47 20.81
N SER E 737 -106.28 20.44 19.54
CA SER E 737 -105.39 20.78 18.45
C SER E 737 -105.85 22.05 17.76
N THR E 738 -104.89 22.79 17.22
CA THR E 738 -105.17 23.96 16.40
C THR E 738 -105.66 23.50 15.04
N PHE E 739 -106.98 23.49 14.84
CA PHE E 739 -107.52 23.03 13.57
C PHE E 739 -107.20 23.97 12.41
N PRO E 740 -107.52 25.27 12.45
CA PRO E 740 -107.24 26.08 11.26
C PRO E 740 -105.78 26.40 11.09
N ILE E 741 -105.01 26.42 12.17
CA ILE E 741 -103.61 26.82 12.13
C ILE E 741 -102.71 25.58 12.05
N PRO E 742 -101.84 25.47 11.06
CA PRO E 742 -100.89 24.36 11.03
C PRO E 742 -99.86 24.50 12.13
N PRO E 743 -99.58 23.42 12.87
CA PRO E 743 -98.70 23.50 14.03
C PRO E 743 -97.21 23.51 13.70
N VAL E 744 -96.81 23.09 12.51
CA VAL E 744 -95.40 23.01 12.13
C VAL E 744 -95.06 24.28 11.36
N SER E 745 -94.23 25.13 11.95
CA SER E 745 -93.69 26.29 11.27
C SER E 745 -92.32 25.95 10.74
N MET E 746 -92.10 26.21 9.46
CA MET E 746 -90.89 25.82 8.76
C MET E 746 -90.14 27.05 8.30
N VAL E 747 -88.84 27.10 8.61
CA VAL E 747 -87.99 28.17 8.13
C VAL E 747 -86.82 27.58 7.37
N VAL E 748 -86.28 28.39 6.46
CA VAL E 748 -85.13 28.05 5.64
C VAL E 748 -84.05 29.07 5.93
N GLY E 749 -82.83 28.59 6.19
CA GLY E 749 -81.73 29.48 6.46
C GLY E 749 -81.34 30.32 5.25
N ASN E 750 -80.97 29.65 4.17
CA ASN E 750 -80.58 30.33 2.94
C ASN E 750 -81.58 29.99 1.84
N PRO E 751 -82.48 30.90 1.48
CA PRO E 751 -83.44 30.61 0.40
C PRO E 751 -82.87 30.80 -0.99
N GLY E 752 -81.78 31.53 -1.15
CA GLY E 752 -81.28 31.90 -2.45
C GLY E 752 -80.59 30.81 -3.23
N LEU E 753 -80.32 29.66 -2.61
CA LEU E 753 -79.69 28.55 -3.31
C LEU E 753 -80.55 27.30 -3.38
N VAL E 754 -81.71 27.30 -2.72
CA VAL E 754 -82.56 26.11 -2.67
C VAL E 754 -83.99 26.51 -3.03
N GLU E 755 -84.78 25.51 -3.44
CA GLU E 755 -86.17 25.70 -3.79
C GLU E 755 -87.01 24.71 -2.99
N VAL E 756 -87.96 25.23 -2.22
CA VAL E 756 -88.71 24.45 -1.26
C VAL E 756 -90.18 24.47 -1.65
N LYS E 757 -90.79 23.28 -1.73
CA LYS E 757 -92.23 23.15 -1.94
C LYS E 757 -92.80 22.29 -0.82
N THR E 758 -93.70 22.88 -0.03
CA THR E 758 -94.31 22.18 1.10
C THR E 758 -95.79 21.96 0.84
N GLN E 759 -96.30 20.82 1.29
CA GLN E 759 -97.72 20.52 1.22
C GLN E 759 -98.18 19.94 2.55
N GLY E 760 -99.28 20.48 3.07
CA GLY E 760 -99.76 20.04 4.37
C GLY E 760 -101.26 19.92 4.46
N VAL E 761 -101.74 18.79 4.97
CA VAL E 761 -103.16 18.52 5.06
C VAL E 761 -103.49 18.01 6.45
N PHE E 762 -104.75 18.20 6.84
CA PHE E 762 -105.24 17.72 8.13
C PHE E 762 -105.99 16.41 7.94
N ASP E 763 -106.36 15.78 9.05
CA ASP E 763 -107.10 14.53 9.03
C ASP E 763 -108.36 14.71 9.86
N LEU E 764 -109.23 13.72 9.84
CA LEU E 764 -110.46 13.72 10.63
C LEU E 764 -110.20 13.79 12.12
N ASN E 765 -109.24 13.02 12.62
CA ASN E 765 -108.85 13.07 14.01
C ASN E 765 -107.77 14.10 14.28
N GLU E 766 -107.68 15.13 13.42
CA GLU E 766 -106.81 16.29 13.59
C GLU E 766 -105.33 15.94 13.54
N ASN E 767 -104.99 14.80 12.95
CA ASN E 767 -103.60 14.53 12.62
C ASN E 767 -103.16 15.43 11.48
N TYR E 768 -101.86 15.70 11.41
CA TYR E 768 -101.32 16.57 10.38
C TYR E 768 -100.30 15.80 9.55
N TYR E 769 -100.48 15.80 8.23
CA TYR E 769 -99.54 15.16 7.32
C TYR E 769 -98.90 16.24 6.48
N LEU E 770 -97.57 16.31 6.47
CA LEU E 770 -96.90 17.25 5.60
C LEU E 770 -95.76 16.58 4.86
N ASP E 771 -95.50 17.09 3.66
CA ASP E 771 -94.46 16.58 2.79
C ASP E 771 -93.69 17.76 2.20
N ILE E 772 -92.38 17.57 2.09
CA ILE E 772 -91.47 18.62 1.62
C ILE E 772 -90.66 18.09 0.46
N HIS E 773 -90.65 18.83 -0.64
CA HIS E 773 -89.75 18.61 -1.76
C HIS E 773 -88.71 19.72 -1.79
N VAL E 774 -87.45 19.35 -1.95
CA VAL E 774 -86.34 20.28 -1.92
C VAL E 774 -85.48 20.01 -3.15
N SER E 775 -85.18 21.07 -3.91
CA SER E 775 -84.31 21.00 -5.06
C SER E 775 -83.52 22.29 -5.17
N GLY E 776 -82.35 22.21 -5.79
CA GLY E 776 -81.51 23.37 -5.94
C GLY E 776 -81.99 24.32 -7.02
N ARG E 777 -81.40 25.51 -7.04
CA ARG E 777 -81.75 26.53 -8.03
C ARG E 777 -80.85 26.47 -9.25
N PHE E 778 -79.55 26.62 -9.06
CA PHE E 778 -78.61 26.49 -10.18
C PHE E 778 -77.23 26.14 -9.62
N PHE E 779 -76.21 26.27 -10.47
CA PHE E 779 -74.89 25.68 -10.25
C PHE E 779 -74.12 26.46 -9.19
N GLN E 780 -74.17 25.98 -7.96
CA GLN E 780 -73.40 26.57 -6.86
C GLN E 780 -73.22 25.59 -5.72
N GLY E 782 -72.86 25.39 -1.85
CA GLY E 782 -73.15 25.91 -0.53
C GLY E 782 -73.93 24.94 0.32
N SER E 783 -74.62 25.47 1.34
CA SER E 783 -75.44 24.63 2.20
C SER E 783 -76.48 25.51 2.88
N THR E 784 -77.49 24.85 3.45
CA THR E 784 -78.54 25.56 4.17
C THR E 784 -79.16 24.60 5.17
N SER E 785 -79.96 25.16 6.07
CA SER E 785 -80.64 24.41 7.11
C SER E 785 -82.14 24.63 7.01
N ILE E 786 -82.90 23.55 7.21
CA ILE E 786 -84.34 23.61 7.23
C ILE E 786 -84.79 23.30 8.65
N ALA E 787 -85.57 24.19 9.25
CA ALA E 787 -85.97 24.04 10.64
C ALA E 787 -87.48 23.87 10.73
N LEU E 788 -87.90 22.78 11.37
CA LEU E 788 -89.29 22.51 11.67
C LEU E 788 -89.50 22.72 13.16
N VAL E 789 -90.41 23.63 13.51
CA VAL E 789 -90.65 24.01 14.89
C VAL E 789 -92.13 23.81 15.20
N LEU E 790 -92.42 23.16 16.32
CA LEU E 790 -93.78 23.06 16.84
C LEU E 790 -93.95 24.21 17.82
N TRP E 791 -94.44 25.34 17.32
CA TRP E 791 -94.52 26.55 18.13
C TRP E 791 -95.46 26.39 19.30
N GLU E 792 -96.52 25.59 19.14
CA GLU E 792 -97.49 25.37 20.19
C GLU E 792 -96.95 24.50 21.31
N GLY E 793 -95.96 23.65 21.03
CA GLY E 793 -95.61 22.60 21.96
C GLY E 793 -94.99 23.10 23.24
N SER E 794 -95.00 22.24 24.26
CA SER E 794 -94.43 22.56 25.55
C SER E 794 -92.91 22.38 25.53
N SER E 795 -92.25 22.98 26.51
CA SER E 795 -90.80 22.92 26.60
C SER E 795 -90.31 21.69 27.36
N LYS E 796 -91.21 20.82 27.79
CA LYS E 796 -90.85 19.57 28.44
C LYS E 796 -90.90 18.37 27.51
N CYS E 797 -91.22 18.58 26.24
CA CYS E 797 -91.18 17.49 25.27
C CYS E 797 -89.74 17.17 24.91
N TYR E 798 -89.51 15.93 24.48
CA TYR E 798 -88.15 15.50 24.16
C TYR E 798 -87.67 16.09 22.84
N ALA E 799 -88.51 16.08 21.81
CA ALA E 799 -88.16 16.57 20.48
C ALA E 799 -89.16 17.63 20.06
N ILE E 800 -88.68 18.82 19.75
CA ILE E 800 -89.52 19.93 19.35
C ILE E 800 -89.04 20.47 18.01
N THR E 801 -87.75 20.76 17.92
CA THR E 801 -87.14 21.34 16.73
C THR E 801 -86.43 20.23 15.94
N LEU E 802 -86.65 20.22 14.63
CA LEU E 802 -85.99 19.29 13.73
C LEU E 802 -85.19 20.07 12.70
N LEU E 803 -83.93 19.69 12.52
CA LEU E 803 -82.97 20.47 11.73
C LEU E 803 -82.24 19.62 10.70
N PRO E 804 -82.87 19.30 9.58
CA PRO E 804 -82.12 18.77 8.44
C PRO E 804 -81.22 19.83 7.82
N THR E 805 -80.12 19.35 7.25
CA THR E 805 -79.18 20.18 6.51
C THR E 805 -79.16 19.72 5.06
N ILE E 806 -79.16 20.66 4.13
CA ILE E 806 -79.12 20.37 2.70
C ILE E 806 -77.87 21.01 2.13
N LYS E 807 -77.03 20.19 1.50
CA LYS E 807 -75.74 20.62 0.97
C LYS E 807 -75.75 20.51 -0.54
N SER E 808 -75.38 21.60 -1.22
CA SER E 808 -75.31 21.63 -2.67
C SER E 808 -73.95 21.13 -3.16
N SER E 809 -73.68 19.86 -2.85
CA SER E 809 -72.47 19.19 -3.28
C SER E 809 -72.84 17.76 -3.63
N CYS E 810 -71.82 16.91 -3.79
CA CYS E 810 -72.03 15.50 -4.06
C CYS E 810 -71.46 14.67 -2.93
N SER E 811 -72.14 13.57 -2.63
CA SER E 811 -71.72 12.71 -1.53
C SER E 811 -70.45 11.94 -1.90
N TYR E 812 -69.84 11.35 -0.88
CA TYR E 812 -68.66 10.52 -1.06
C TYR E 812 -68.99 9.18 -1.72
N LEU E 813 -70.25 8.80 -1.78
CA LEU E 813 -70.67 7.57 -2.44
C LEU E 813 -71.09 7.78 -3.89
N ARG E 814 -71.09 9.01 -4.39
CA ARG E 814 -71.51 9.28 -5.76
C ARG E 814 -70.31 9.05 -6.67
N THR E 815 -70.23 7.86 -7.25
CA THR E 815 -69.17 7.48 -8.19
C THR E 815 -69.81 6.83 -9.41
N MET E 816 -69.04 6.64 -10.48
CA MET E 816 -69.57 5.90 -11.62
C MET E 816 -68.55 4.84 -11.97
N HIS E 817 -69.01 3.62 -12.15
CA HIS E 817 -68.21 2.44 -12.44
C HIS E 817 -68.45 1.98 -13.87
N HIS E 818 -67.53 1.13 -14.35
CA HIS E 818 -67.63 0.52 -15.67
C HIS E 818 -67.38 -0.97 -15.53
N THR E 819 -68.43 -1.77 -15.67
CA THR E 819 -68.25 -3.22 -15.67
C THR E 819 -67.61 -3.65 -16.98
N PRO E 820 -66.54 -4.44 -16.95
CA PRO E 820 -65.91 -4.89 -18.21
C PRO E 820 -66.67 -6.00 -18.90
N GLY E 821 -67.57 -6.69 -18.20
CA GLY E 821 -68.33 -7.77 -18.77
C GLY E 821 -67.61 -9.11 -18.83
N ARG E 822 -66.40 -9.20 -18.29
CA ARG E 822 -65.61 -10.43 -18.34
C ARG E 822 -65.72 -11.26 -17.07
N HIS E 823 -65.57 -10.63 -15.90
CA HIS E 823 -65.67 -11.30 -14.60
C HIS E 823 -64.65 -12.44 -14.49
N ILE E 824 -63.38 -12.06 -14.45
CA ILE E 824 -62.33 -13.04 -14.14
C ILE E 824 -62.23 -13.19 -12.63
N PRO E 825 -62.29 -14.41 -12.10
CA PRO E 825 -62.20 -14.59 -10.65
C PRO E 825 -60.84 -14.17 -10.12
N PRO E 826 -60.78 -13.67 -8.88
CA PRO E 826 -59.52 -13.07 -8.39
C PRO E 826 -58.39 -14.07 -8.24
N GLU E 827 -58.67 -15.33 -7.93
CA GLU E 827 -57.60 -16.32 -7.81
C GLU E 827 -56.91 -16.51 -9.16
N ASP E 828 -57.66 -16.49 -10.25
CA ASP E 828 -57.03 -16.63 -11.55
C ASP E 828 -56.58 -15.29 -12.12
N TRP E 829 -57.00 -14.17 -11.54
CA TRP E 829 -56.26 -12.93 -11.76
C TRP E 829 -54.86 -13.02 -11.17
N ILE E 830 -54.74 -13.59 -9.97
CA ILE E 830 -53.43 -13.81 -9.37
C ILE E 830 -52.62 -14.79 -10.21
N SER E 831 -53.25 -15.89 -10.65
CA SER E 831 -52.53 -16.91 -11.41
C SER E 831 -52.11 -16.39 -12.79
N GLY E 832 -53.05 -15.81 -13.53
CA GLY E 832 -52.74 -15.25 -14.84
C GLY E 832 -52.75 -16.22 -16.00
N VAL E 833 -53.47 -17.34 -15.87
CA VAL E 833 -53.44 -18.38 -16.90
C VAL E 833 -54.84 -18.84 -17.28
N HIS E 834 -55.86 -18.00 -17.08
CA HIS E 834 -57.22 -18.45 -17.28
C HIS E 834 -57.53 -18.59 -18.76
N LYS E 835 -58.35 -19.58 -19.09
CA LYS E 835 -58.69 -19.91 -20.47
C LYS E 835 -60.20 -19.97 -20.60
N ASP E 836 -60.71 -19.50 -21.73
CA ASP E 836 -62.16 -19.48 -21.97
C ASP E 836 -62.66 -20.75 -22.65
N SER E 837 -62.24 -21.90 -22.12
CA SER E 837 -62.57 -23.24 -22.63
C SER E 837 -62.30 -23.38 -24.13
N GLN E 838 -61.45 -22.54 -24.69
CA GLN E 838 -61.22 -22.52 -26.13
C GLN E 838 -59.76 -22.32 -26.52
N GLY E 839 -58.83 -22.32 -25.57
CA GLY E 839 -57.44 -22.13 -25.88
C GLY E 839 -56.96 -20.71 -25.98
N PHE E 840 -57.76 -19.73 -25.57
CA PHE E 840 -57.37 -18.33 -25.58
C PHE E 840 -57.16 -17.83 -24.16
N ASN E 841 -55.97 -17.31 -23.88
CA ASN E 841 -55.67 -16.76 -22.57
C ASN E 841 -56.40 -15.43 -22.43
N MET E 842 -57.06 -15.22 -21.29
CA MET E 842 -57.80 -13.98 -21.11
C MET E 842 -57.07 -12.97 -20.24
N ILE E 843 -55.90 -13.32 -19.70
CA ILE E 843 -55.15 -12.40 -18.85
C ILE E 843 -53.67 -12.54 -19.16
N LYS E 844 -53.01 -11.41 -19.38
CA LYS E 844 -51.60 -11.36 -19.75
C LYS E 844 -50.83 -10.55 -18.72
N THR E 845 -49.70 -11.09 -18.28
CA THR E 845 -48.73 -10.30 -17.54
C THR E 845 -47.97 -9.41 -18.53
N LEU E 846 -48.06 -8.10 -18.33
CA LEU E 846 -47.42 -7.16 -19.23
C LEU E 846 -45.90 -7.27 -19.14
N PRO E 847 -45.19 -6.99 -20.23
CA PRO E 847 -43.72 -7.03 -20.19
C PRO E 847 -43.16 -6.05 -19.18
N ILE E 848 -42.00 -6.42 -18.63
CA ILE E 848 -41.33 -5.56 -17.66
C ILE E 848 -40.81 -4.32 -18.36
N ASN E 849 -41.09 -3.15 -17.78
CA ASN E 849 -40.78 -1.83 -18.37
C ASN E 849 -41.44 -1.66 -19.74
N TYR E 850 -42.65 -2.19 -19.88
CA TYR E 850 -43.38 -2.03 -21.12
C TYR E 850 -43.87 -0.60 -21.26
N ARG E 851 -43.79 -0.08 -22.48
CA ARG E 851 -44.41 1.19 -22.84
C ARG E 851 -45.25 0.98 -24.09
N PRO E 852 -46.37 1.67 -24.20
CA PRO E 852 -47.22 1.51 -25.39
C PRO E 852 -46.54 2.06 -26.62
N PRO E 853 -46.89 1.56 -27.80
CA PRO E 853 -46.27 2.05 -29.04
C PRO E 853 -46.69 3.47 -29.36
N SER E 854 -46.22 3.95 -30.49
CA SER E 854 -46.55 5.28 -30.98
C SER E 854 -47.11 5.17 -32.40
N HIS E 855 -47.31 6.33 -33.03
CA HIS E 855 -47.94 6.39 -34.35
C HIS E 855 -47.05 5.79 -35.43
N MET E 856 -45.74 6.02 -35.34
CA MET E 856 -44.85 5.70 -36.46
C MET E 856 -44.28 4.30 -36.41
N GLY E 857 -44.52 3.54 -35.34
CA GLY E 857 -43.96 2.21 -35.24
C GLY E 857 -44.32 1.50 -33.94
N ILE E 858 -44.71 0.23 -34.05
CA ILE E 858 -45.17 -0.53 -32.89
C ILE E 858 -44.03 -1.14 -32.09
N SER E 859 -42.77 -0.86 -32.47
CA SER E 859 -41.62 -1.34 -31.71
C SER E 859 -40.87 -0.20 -31.02
N ILE E 860 -41.29 1.04 -31.24
CA ILE E 860 -40.62 2.21 -30.69
C ILE E 860 -41.64 3.03 -29.90
N PRO E 861 -41.54 3.07 -28.57
CA PRO E 861 -42.49 3.86 -27.79
C PRO E 861 -42.13 5.34 -27.73
N LEU E 862 -43.13 6.20 -27.76
CA LEU E 862 -42.97 7.64 -27.59
C LEU E 862 -44.07 8.19 -26.67
N THR E 863 -44.38 7.46 -25.60
CA THR E 863 -45.55 7.73 -24.80
C THR E 863 -45.24 8.27 -23.41
N ASP E 864 -44.00 8.15 -22.94
CA ASP E 864 -43.51 8.61 -21.62
C ASP E 864 -44.45 8.26 -20.46
N ASN E 865 -45.12 7.12 -20.55
CA ASN E 865 -45.86 6.53 -19.42
C ASN E 865 -45.39 5.09 -19.26
N PHE E 866 -45.05 4.72 -18.03
CA PHE E 866 -44.37 3.45 -17.78
C PHE E 866 -45.31 2.46 -17.10
N TYR E 867 -45.41 1.26 -17.67
CA TYR E 867 -46.20 0.18 -17.14
C TYR E 867 -45.28 -0.97 -16.74
N HIS E 868 -45.54 -1.53 -15.56
CA HIS E 868 -44.67 -2.55 -14.95
C HIS E 868 -43.22 -2.04 -14.84
N ALA E 869 -43.10 -0.77 -14.45
CA ALA E 869 -41.82 -0.08 -14.48
C ALA E 869 -40.87 -0.66 -13.43
N ASP E 870 -39.66 -0.97 -13.85
CA ASP E 870 -38.65 -1.57 -12.99
C ASP E 870 -37.27 -1.02 -13.35
N PRO E 871 -36.63 -0.26 -12.45
CA PRO E 871 -35.33 0.34 -12.79
C PRO E 871 -34.16 -0.63 -12.75
N SER E 872 -34.28 -1.76 -12.06
CA SER E 872 -33.17 -2.69 -11.95
C SER E 872 -32.83 -3.37 -13.27
N LYS E 873 -33.77 -3.45 -14.16
CA LYS E 873 -33.56 -4.16 -15.42
C LYS E 873 -33.32 -3.18 -16.56
N PRO E 874 -32.63 -3.59 -17.62
CA PRO E 874 -32.47 -2.72 -18.78
C PRO E 874 -33.80 -2.46 -19.48
N ILE E 875 -33.86 -1.34 -20.18
CA ILE E 875 -35.10 -0.87 -20.79
C ILE E 875 -35.31 -1.56 -22.14
N PRO E 876 -36.41 -2.31 -22.31
CA PRO E 876 -36.64 -3.00 -23.57
C PRO E 876 -37.21 -2.09 -24.65
N ARG E 877 -36.95 -2.49 -25.89
CA ARG E 877 -37.52 -1.84 -27.09
C ARG E 877 -37.21 -0.34 -27.14
N ASN E 878 -36.01 0.05 -26.71
CA ASN E 878 -35.75 1.47 -26.53
C ASN E 878 -34.51 1.96 -27.26
N GLN E 879 -34.40 1.64 -28.54
CA GLN E 879 -33.49 2.37 -29.41
C GLN E 879 -34.16 3.69 -29.80
N PHE E 880 -33.44 4.49 -30.62
CA PHE E 880 -33.87 5.79 -31.14
C PHE E 880 -33.89 6.86 -30.05
N HIS E 881 -33.46 8.06 -30.41
CA HIS E 881 -33.12 9.07 -29.41
C HIS E 881 -34.37 9.65 -28.74
N LYS E 882 -35.44 9.86 -29.51
CA LYS E 882 -36.69 10.33 -28.92
C LYS E 882 -37.24 9.33 -27.91
N SER E 883 -37.20 8.03 -28.23
CA SER E 883 -37.66 7.02 -27.30
C SER E 883 -36.77 6.98 -26.05
N LYS E 884 -35.46 7.09 -26.24
CA LYS E 884 -34.56 7.09 -25.08
C LYS E 884 -34.72 8.31 -24.19
N GLU E 885 -35.13 9.45 -24.75
CA GLU E 885 -35.30 10.67 -23.99
C GLU E 885 -36.69 10.79 -23.37
N THR E 886 -37.54 9.77 -23.53
CA THR E 886 -38.88 9.78 -22.98
C THR E 886 -39.05 8.59 -22.04
N GLY E 887 -40.03 8.70 -21.16
CA GLY E 887 -40.29 7.67 -20.17
C GLY E 887 -39.92 8.11 -18.77
N LYS E 888 -40.92 8.53 -18.00
CA LYS E 888 -40.72 9.07 -16.67
C LYS E 888 -41.17 8.04 -15.64
N TYR E 889 -40.30 7.76 -14.67
CA TYR E 889 -40.63 6.85 -13.58
C TYR E 889 -41.38 7.64 -12.51
N LYS E 890 -42.70 7.46 -12.43
CA LYS E 890 -43.54 8.29 -11.57
C LYS E 890 -43.62 7.74 -10.14
N GLN E 891 -44.17 6.54 -9.99
CA GLN E 891 -44.29 5.94 -8.67
C GLN E 891 -43.11 5.02 -8.37
N CYS E 892 -42.77 4.14 -9.30
CA CYS E 892 -41.56 3.32 -9.18
C CYS E 892 -40.36 4.21 -9.52
N ALA E 893 -40.00 5.04 -8.55
CA ALA E 893 -38.96 6.05 -8.71
C ALA E 893 -37.57 5.44 -8.60
N ASN E 894 -36.56 6.28 -8.38
CA ASN E 894 -35.18 5.87 -8.23
C ASN E 894 -34.94 4.90 -7.07
N VAL E 895 -35.97 4.64 -6.27
CA VAL E 895 -35.95 3.48 -5.38
C VAL E 895 -35.72 2.24 -6.22
N THR E 896 -34.98 1.26 -5.66
CA THR E 896 -34.10 0.39 -6.44
C THR E 896 -34.82 -0.37 -7.55
N SER E 897 -35.90 -1.06 -7.23
CA SER E 897 -36.55 -1.89 -8.23
C SER E 897 -38.04 -1.96 -7.98
N ARG E 898 -38.70 -2.94 -8.60
CA ARG E 898 -40.16 -3.08 -8.49
C ARG E 898 -40.58 -3.44 -7.07
N ALA E 899 -39.90 -4.39 -6.44
CA ALA E 899 -40.27 -4.75 -5.08
C ALA E 899 -39.88 -3.67 -4.08
N MET E 900 -38.81 -2.92 -4.36
CA MET E 900 -38.48 -1.78 -3.51
C MET E 900 -39.47 -0.63 -3.68
N CYS E 901 -40.06 -0.47 -4.86
CA CYS E 901 -41.07 0.58 -5.01
C CYS E 901 -42.40 0.01 -4.53
N ASN E 902 -42.91 0.63 -3.47
CA ASN E 902 -43.98 0.08 -2.68
C ASN E 902 -45.32 0.23 -3.39
N CYS E 903 -46.11 -0.85 -3.39
CA CYS E 903 -47.44 -0.87 -3.97
C CYS E 903 -48.37 -1.70 -3.09
N SER E 904 -49.66 -1.70 -3.44
CA SER E 904 -50.69 -2.40 -2.67
C SER E 904 -51.73 -2.94 -3.63
N GLU E 905 -52.76 -3.59 -3.08
CA GLU E 905 -53.80 -4.21 -3.90
C GLU E 905 -54.61 -3.16 -4.64
N HIS E 906 -54.85 -2.01 -4.00
CA HIS E 906 -55.56 -0.94 -4.69
C HIS E 906 -54.80 -0.42 -5.89
N GLN E 907 -53.47 -0.44 -5.85
CA GLN E 907 -52.65 -0.13 -7.00
C GLN E 907 -52.48 -1.30 -7.96
N LYS E 908 -52.74 -2.52 -7.49
CA LYS E 908 -52.77 -3.70 -8.35
C LYS E 908 -54.05 -3.79 -9.16
N PHE E 909 -55.12 -3.18 -8.68
CA PHE E 909 -56.39 -3.17 -9.42
C PHE E 909 -56.83 -1.79 -9.87
N SER E 910 -56.07 -0.73 -9.60
CA SER E 910 -56.41 0.60 -10.08
C SER E 910 -56.13 0.67 -11.57
N HIS E 911 -57.18 0.80 -12.38
CA HIS E 911 -57.05 0.89 -13.82
C HIS E 911 -56.63 2.28 -14.29
N ALA E 912 -56.19 3.15 -13.39
CA ALA E 912 -55.95 4.55 -13.72
C ALA E 912 -54.49 4.77 -14.15
N VAL E 913 -54.22 5.98 -14.62
CA VAL E 913 -52.87 6.43 -14.94
C VAL E 913 -52.28 6.96 -13.64
N ALA E 914 -50.94 7.07 -13.59
CA ALA E 914 -50.12 7.47 -12.45
C ALA E 914 -50.11 6.42 -11.34
N PHE E 915 -50.85 5.33 -11.49
CA PHE E 915 -50.73 4.14 -10.64
C PHE E 915 -50.31 2.93 -11.45
N SER E 916 -49.73 3.14 -12.64
CA SER E 916 -49.41 2.09 -13.59
C SER E 916 -48.00 1.54 -13.44
N ASP E 917 -47.21 2.06 -12.50
CA ASP E 917 -45.84 1.62 -12.36
C ASP E 917 -45.74 0.20 -11.81
N CYS E 918 -46.79 -0.27 -11.15
CA CYS E 918 -46.87 -1.66 -10.70
C CYS E 918 -48.09 -2.34 -11.31
N LYS E 919 -48.31 -2.13 -12.61
CA LYS E 919 -49.38 -2.78 -13.34
C LYS E 919 -48.79 -3.88 -14.22
N GLU E 920 -49.21 -5.12 -13.96
CA GLU E 920 -48.71 -6.28 -14.68
C GLU E 920 -49.81 -7.00 -15.44
N LYS E 921 -50.93 -7.29 -14.78
CA LYS E 921 -51.94 -8.20 -15.30
C LYS E 921 -53.05 -7.39 -15.98
N VAL E 922 -53.26 -7.66 -17.26
CA VAL E 922 -54.32 -7.01 -18.06
C VAL E 922 -55.15 -8.09 -18.72
N HIS E 923 -56.25 -7.70 -19.37
CA HIS E 923 -57.10 -8.64 -20.10
C HIS E 923 -56.41 -9.05 -21.39
N ARG E 924 -56.98 -10.03 -22.10
CA ARG E 924 -56.56 -10.33 -23.46
C ARG E 924 -57.77 -10.55 -24.33
N PHE E 925 -57.73 -9.96 -25.53
CA PHE E 925 -58.81 -10.06 -26.49
C PHE E 925 -58.25 -10.58 -27.81
N LYS E 926 -59.15 -10.83 -28.75
CA LYS E 926 -58.76 -11.16 -30.11
C LYS E 926 -58.32 -9.90 -30.85
N PHE E 927 -57.89 -10.07 -32.10
CA PHE E 927 -57.48 -8.91 -32.88
C PHE E 927 -58.71 -8.07 -33.28
N PRO E 928 -59.66 -8.59 -34.09
CA PRO E 928 -60.79 -7.70 -34.46
C PRO E 928 -61.83 -7.67 -33.36
N VAL E 929 -61.86 -6.58 -32.60
CA VAL E 929 -62.91 -6.42 -31.59
C VAL E 929 -64.05 -5.62 -32.21
N THR E 930 -65.27 -6.02 -31.88
CA THR E 930 -66.47 -5.41 -32.46
C THR E 930 -67.55 -5.37 -31.42
N GLN E 931 -68.18 -4.20 -31.29
CA GLN E 931 -69.29 -3.98 -30.35
C GLN E 931 -68.89 -4.31 -28.92
N TYR E 932 -67.79 -3.72 -28.48
CA TYR E 932 -67.41 -3.76 -27.07
C TYR E 932 -68.48 -3.00 -26.28
N PRO E 933 -69.14 -3.64 -25.32
CA PRO E 933 -70.13 -2.92 -24.51
C PRO E 933 -69.45 -2.00 -23.50
N VAL E 934 -69.47 -0.70 -23.79
CA VAL E 934 -68.92 0.30 -22.90
C VAL E 934 -70.09 0.83 -22.07
N VAL E 935 -70.36 0.16 -20.96
CA VAL E 935 -71.48 0.51 -20.09
C VAL E 935 -70.96 1.26 -18.88
N LEU E 936 -71.57 2.41 -18.60
CA LEU E 936 -71.23 3.20 -17.43
C LEU E 936 -72.43 3.28 -16.51
N GLU E 937 -72.21 2.96 -15.23
CA GLU E 937 -73.25 2.97 -14.23
C GLU E 937 -72.85 3.96 -13.14
N ILE E 938 -73.85 4.55 -12.49
CA ILE E 938 -73.62 5.58 -11.48
C ILE E 938 -74.34 5.15 -10.20
N PHE E 939 -73.62 5.20 -9.08
CA PHE E 939 -74.22 4.91 -7.78
C PHE E 939 -74.84 6.18 -7.20
N ASN E 940 -76.02 6.03 -6.63
CA ASN E 940 -76.77 7.18 -6.11
C ASN E 940 -77.15 6.97 -4.66
N GLU E 941 -76.25 6.35 -3.89
CA GLU E 941 -76.34 6.19 -2.44
C GLU E 941 -77.54 5.35 -1.99
N ARG E 942 -78.36 4.87 -2.93
CA ARG E 942 -79.48 4.02 -2.60
C ARG E 942 -79.56 2.85 -3.57
N ASP E 943 -78.97 3.02 -4.75
CA ASP E 943 -79.06 2.05 -5.83
C ASP E 943 -78.00 2.40 -6.86
N LYS E 944 -78.06 1.73 -8.00
CA LYS E 944 -77.13 1.94 -9.11
C LYS E 944 -77.91 2.03 -10.40
N ILE E 945 -77.78 3.16 -11.10
CA ILE E 945 -78.51 3.36 -12.34
C ILE E 945 -77.51 3.39 -13.50
N SER E 946 -78.00 3.48 -14.72
CA SER E 946 -77.15 3.58 -15.90
C SER E 946 -76.98 5.03 -16.30
N ALA E 947 -75.95 5.29 -17.10
CA ALA E 947 -75.68 6.66 -17.55
C ALA E 947 -76.78 7.15 -18.48
N GLU E 948 -77.02 8.45 -18.47
CA GLU E 948 -78.15 9.03 -19.17
C GLU E 948 -77.69 10.03 -20.22
N PRO E 949 -78.49 10.24 -21.25
CA PRO E 949 -78.19 11.27 -22.25
C PRO E 949 -78.06 12.68 -21.67
N PRO E 950 -78.74 13.05 -20.57
CA PRO E 950 -78.37 14.30 -19.90
C PRO E 950 -76.95 14.30 -19.37
N TYR E 951 -76.32 13.12 -19.19
CA TYR E 951 -74.91 13.03 -18.81
C TYR E 951 -74.12 12.65 -20.05
N LEU E 952 -73.77 13.65 -20.85
CA LEU E 952 -72.92 13.41 -21.99
C LEU E 952 -71.51 13.06 -21.53
N VAL E 953 -70.81 12.27 -22.35
CA VAL E 953 -69.52 11.71 -21.96
C VAL E 953 -68.52 11.93 -23.09
N THR E 954 -67.33 12.39 -22.73
CA THR E 954 -66.22 12.55 -23.67
C THR E 954 -65.23 11.41 -23.53
N MET E 955 -64.61 11.09 -24.65
CA MET E 955 -63.72 9.94 -24.80
C MET E 955 -62.29 10.43 -24.95
N THR E 956 -61.34 9.73 -24.33
CA THR E 956 -59.94 10.04 -24.58
C THR E 956 -59.07 8.82 -24.34
N GLU E 957 -57.87 8.86 -24.91
CA GLU E 957 -56.85 7.82 -24.74
C GLU E 957 -55.54 8.50 -24.39
N VAL E 958 -54.87 8.01 -23.35
CA VAL E 958 -53.73 8.72 -22.78
C VAL E 958 -52.43 8.26 -23.41
N ASN E 959 -52.51 7.54 -24.53
CA ASN E 959 -51.32 7.09 -25.23
C ASN E 959 -51.29 7.53 -26.69
N MET E 960 -52.19 8.42 -27.09
CA MET E 960 -52.18 9.08 -28.40
C MET E 960 -52.20 8.06 -29.55
N ARG E 961 -53.22 7.19 -29.49
CA ARG E 961 -53.41 6.18 -30.49
C ARG E 961 -54.66 6.49 -31.31
N LYS E 962 -54.56 6.28 -32.62
CA LYS E 962 -55.62 6.68 -33.54
C LYS E 962 -56.16 5.49 -34.32
N ASN E 963 -56.24 4.33 -33.67
CA ASN E 963 -56.74 3.13 -34.34
C ASN E 963 -57.92 2.56 -33.59
N TRP E 964 -58.82 3.44 -33.13
CA TRP E 964 -60.03 3.06 -32.43
C TRP E 964 -61.18 3.92 -32.94
N GLN E 965 -62.40 3.46 -32.69
CA GLN E 965 -63.56 4.22 -33.09
C GLN E 965 -64.75 3.84 -32.21
N LEU E 966 -65.72 4.74 -32.14
CA LEU E 966 -66.87 4.62 -31.26
C LEU E 966 -68.16 4.65 -32.07
N LYS E 967 -69.04 3.70 -31.82
CA LYS E 967 -70.35 3.66 -32.42
C LYS E 967 -71.39 4.08 -31.40
N HIS E 968 -72.24 5.02 -31.79
CA HIS E 968 -73.19 5.66 -30.89
C HIS E 968 -74.37 6.17 -31.68
N ASN E 969 -75.52 6.23 -31.02
CA ASN E 969 -76.76 6.70 -31.63
C ASN E 969 -77.20 7.98 -30.94
N GLU E 970 -77.51 9.00 -31.75
CA GLU E 970 -77.94 10.30 -31.23
C GLU E 970 -79.40 10.53 -31.57
N PRO E 971 -80.31 10.47 -30.60
CA PRO E 971 -81.72 10.75 -30.89
C PRO E 971 -81.96 12.23 -31.10
N GLU E 972 -83.23 12.58 -31.29
CA GLU E 972 -83.59 13.99 -31.43
C GLU E 972 -83.86 14.57 -30.05
N ASN E 973 -82.93 14.36 -29.13
CA ASN E 973 -82.93 14.84 -27.76
C ASN E 973 -81.63 15.56 -27.39
N VAL E 974 -80.51 15.14 -27.98
CA VAL E 974 -79.20 15.64 -27.60
C VAL E 974 -78.55 16.46 -28.71
N LYS E 975 -79.30 16.77 -29.77
CA LYS E 975 -78.71 17.40 -30.94
C LYS E 975 -78.17 18.79 -30.62
N LYS E 976 -78.99 19.62 -29.97
CA LYS E 976 -78.57 21.00 -29.71
C LYS E 976 -77.46 21.06 -28.66
N MET E 977 -77.52 20.22 -27.61
CA MET E 977 -76.36 20.06 -26.71
C MET E 977 -75.10 19.75 -27.46
N LYS E 978 -75.14 18.71 -28.28
CA LYS E 978 -73.91 18.25 -28.89
C LYS E 978 -73.36 19.31 -29.82
N HIS E 979 -74.24 19.93 -30.62
CA HIS E 979 -73.79 20.91 -31.59
C HIS E 979 -73.26 22.16 -30.91
N TYR E 980 -73.85 22.57 -29.78
CA TYR E 980 -73.31 23.71 -29.06
C TYR E 980 -72.02 23.37 -28.32
N LEU E 981 -71.96 22.22 -27.67
CA LEU E 981 -70.87 21.87 -26.78
C LEU E 981 -69.59 21.47 -27.51
N GLU E 982 -69.71 20.89 -28.70
CA GLU E 982 -68.51 20.40 -29.40
C GLU E 982 -67.46 21.46 -29.72
N PRO E 983 -67.79 22.68 -30.26
CA PRO E 983 -66.72 23.62 -30.61
C PRO E 983 -65.89 24.11 -29.43
N LEU E 984 -66.53 24.58 -28.36
CA LEU E 984 -65.76 25.15 -27.25
C LEU E 984 -65.12 24.09 -26.36
N LEU E 985 -65.36 22.80 -26.63
CA LEU E 985 -64.66 21.73 -25.96
C LEU E 985 -63.61 21.08 -26.83
N LYS E 986 -63.68 21.25 -28.16
CA LYS E 986 -62.68 20.77 -29.10
C LYS E 986 -62.50 19.25 -29.02
N THR E 987 -63.62 18.53 -28.96
CA THR E 987 -63.62 17.09 -28.81
C THR E 987 -65.01 16.57 -29.17
N PRO E 988 -65.12 15.50 -29.97
CA PRO E 988 -66.44 14.90 -30.22
C PRO E 988 -67.05 14.37 -28.92
N VAL E 989 -68.33 14.70 -28.72
CA VAL E 989 -69.03 14.41 -27.48
C VAL E 989 -70.10 13.36 -27.76
N TYR E 990 -70.12 12.31 -26.96
CA TYR E 990 -70.92 11.12 -27.24
C TYR E 990 -72.07 11.00 -26.26
N ASN E 991 -72.98 10.08 -26.59
CA ASN E 991 -74.15 9.77 -25.80
C ASN E 991 -73.97 8.37 -25.22
N PRO E 992 -74.13 8.19 -23.92
CA PRO E 992 -74.03 6.83 -23.34
C PRO E 992 -75.20 5.93 -23.68
N LEU E 993 -75.24 4.76 -23.03
CA LEU E 993 -76.22 3.67 -23.15
C LEU E 993 -76.30 3.10 -24.56
N GLY E 994 -75.43 3.53 -25.47
CA GLY E 994 -75.37 2.99 -26.80
C GLY E 994 -73.96 2.91 -27.32
N LEU E 995 -73.00 3.15 -26.43
CA LEU E 995 -71.61 3.21 -26.84
C LEU E 995 -71.07 1.81 -27.13
N ASN E 996 -70.41 1.66 -28.28
CA ASN E 996 -69.68 0.45 -28.60
C ASN E 996 -68.29 0.83 -29.12
N LEU E 997 -67.30 0.04 -28.72
CA LEU E 997 -65.91 0.32 -29.04
C LEU E 997 -65.42 -0.66 -30.10
N THR E 998 -64.70 -0.13 -31.09
CA THR E 998 -64.15 -0.95 -32.16
C THR E 998 -62.70 -0.54 -32.39
N ILE E 999 -61.77 -1.45 -32.09
CA ILE E 999 -60.35 -1.16 -32.05
C ILE E 999 -59.63 -2.07 -33.03
N GLN E 1000 -58.62 -1.54 -33.72
CA GLN E 1000 -57.78 -2.33 -34.62
C GLN E 1000 -56.31 -2.09 -34.24
N GLY E 1001 -55.73 -2.99 -33.45
CA GLY E 1001 -54.38 -2.79 -33.00
C GLY E 1001 -53.72 -4.07 -32.56
N SER E 1002 -52.48 -3.93 -32.07
CA SER E 1002 -51.68 -5.05 -31.58
C SER E 1002 -50.96 -4.67 -30.30
N GLU E 1003 -51.62 -3.91 -29.44
CA GLU E 1003 -50.90 -3.29 -28.34
C GLU E 1003 -51.85 -3.15 -27.15
N LEU E 1004 -51.43 -2.35 -26.17
CA LEU E 1004 -52.25 -2.05 -25.01
C LEU E 1004 -52.81 -0.64 -25.17
N PHE E 1005 -54.09 -0.49 -24.84
CA PHE E 1005 -54.81 0.76 -24.93
C PHE E 1005 -55.30 1.14 -23.54
N HIS E 1006 -55.16 2.42 -23.21
CA HIS E 1006 -55.54 2.96 -21.91
C HIS E 1006 -56.58 4.05 -22.15
N PHE E 1007 -57.86 3.71 -21.97
CA PHE E 1007 -58.95 4.60 -22.31
C PHE E 1007 -59.56 5.24 -21.07
N LYS E 1008 -60.12 6.44 -21.25
CA LYS E 1008 -60.70 7.24 -20.18
C LYS E 1008 -62.00 7.86 -20.66
N VAL E 1009 -63.07 7.65 -19.90
CA VAL E 1009 -64.36 8.31 -20.08
C VAL E 1009 -64.48 9.42 -19.05
N SER E 1010 -64.92 10.59 -19.48
CA SER E 1010 -65.18 11.70 -18.59
C SER E 1010 -66.58 12.25 -18.82
N VAL E 1011 -67.13 12.87 -17.79
CA VAL E 1011 -68.43 13.54 -17.89
C VAL E 1011 -68.19 14.99 -18.26
N VAL E 1012 -68.98 15.51 -19.19
CA VAL E 1012 -68.84 16.87 -19.69
C VAL E 1012 -69.05 17.85 -18.54
N PRO E 1013 -68.39 19.01 -18.55
CA PRO E 1013 -68.50 19.93 -17.40
C PRO E 1013 -69.86 20.58 -17.32
N GLY E 1014 -70.26 20.90 -16.09
CA GLY E 1014 -71.46 21.67 -15.84
C GLY E 1014 -72.71 20.88 -15.56
N VAL E 1015 -72.67 19.55 -15.64
CA VAL E 1015 -73.84 18.73 -15.39
C VAL E 1015 -73.70 17.90 -14.13
N SER E 1016 -72.58 18.02 -13.42
CA SER E 1016 -72.39 17.33 -12.16
C SER E 1016 -71.37 18.12 -11.35
N PHE E 1017 -71.55 18.09 -10.02
CA PHE E 1017 -70.70 18.91 -9.16
C PHE E 1017 -69.30 18.34 -9.05
N CYS E 1018 -69.17 17.03 -8.85
CA CYS E 1018 -67.87 16.38 -8.85
C CYS E 1018 -67.69 15.59 -10.13
N GLU E 1019 -66.43 15.48 -10.55
CA GLU E 1019 -66.10 14.86 -11.81
C GLU E 1019 -66.27 13.35 -11.66
N LEU E 1020 -67.08 12.77 -12.54
CA LEU E 1020 -67.19 11.33 -12.66
C LEU E 1020 -66.32 10.93 -13.85
N SER E 1021 -65.17 10.31 -13.58
CA SER E 1021 -64.27 9.86 -14.62
C SER E 1021 -63.85 8.43 -14.33
N GLU E 1022 -63.60 7.68 -15.40
CA GLU E 1022 -63.20 6.29 -15.27
C GLU E 1022 -62.17 5.95 -16.34
N GLU E 1023 -61.33 4.96 -16.02
CA GLU E 1023 -60.33 4.46 -16.94
C GLU E 1023 -60.41 2.95 -17.02
N PHE E 1024 -60.00 2.42 -18.17
CA PHE E 1024 -59.92 0.98 -18.35
C PHE E 1024 -58.82 0.67 -19.35
N GLN E 1025 -58.38 -0.59 -19.33
CA GLN E 1025 -57.23 -1.04 -20.10
C GLN E 1025 -57.62 -2.24 -20.95
N ILE E 1026 -57.16 -2.22 -22.20
CA ILE E 1026 -57.49 -3.22 -23.21
C ILE E 1026 -56.19 -3.73 -23.82
N TYR E 1027 -56.05 -5.06 -23.89
CA TYR E 1027 -54.93 -5.66 -24.60
C TYR E 1027 -55.45 -6.59 -25.69
N VAL E 1028 -55.10 -6.28 -26.93
CA VAL E 1028 -55.43 -7.10 -28.09
C VAL E 1028 -54.12 -7.60 -28.69
N ASP E 1029 -54.23 -8.69 -29.45
CA ASP E 1029 -53.05 -9.38 -29.96
C ASP E 1029 -53.38 -9.97 -31.32
N GLU E 1030 -52.47 -10.82 -31.81
CA GLU E 1030 -52.55 -11.59 -33.06
C GLU E 1030 -53.09 -10.78 -34.26
N VAL E 1031 -52.36 -9.71 -34.57
CA VAL E 1031 -52.53 -9.09 -35.89
C VAL E 1031 -52.05 -10.04 -36.96
N PRO E 1032 -52.81 -10.27 -38.04
CA PRO E 1032 -52.41 -11.27 -39.05
C PRO E 1032 -51.12 -10.89 -39.75
N LEU E 1033 -51.14 -9.74 -40.43
CA LEU E 1033 -50.06 -9.13 -41.19
C LEU E 1033 -50.51 -7.74 -41.65
N PRO E 1034 -49.62 -6.76 -41.68
CA PRO E 1034 -49.97 -5.49 -42.35
C PRO E 1034 -49.89 -5.61 -43.86
N PHE E 1035 -50.05 -4.50 -44.57
CA PHE E 1035 -49.98 -4.53 -46.03
C PHE E 1035 -48.66 -5.02 -46.64
N PRO E 1036 -47.46 -4.67 -46.13
CA PRO E 1036 -46.25 -5.10 -46.85
C PRO E 1036 -46.01 -6.60 -46.79
N GLY E 1037 -46.48 -7.28 -45.74
CA GLY E 1037 -46.34 -8.73 -45.71
C GLY E 1037 -47.15 -9.42 -46.79
N HIS E 1038 -48.41 -8.99 -46.96
CA HIS E 1038 -49.24 -9.50 -48.04
C HIS E 1038 -48.64 -9.19 -49.40
N ALA E 1039 -48.16 -7.96 -49.57
CA ALA E 1039 -47.55 -7.59 -50.85
C ALA E 1039 -46.31 -8.43 -51.14
N LEU E 1040 -45.47 -8.64 -50.12
CA LEU E 1040 -44.25 -9.41 -50.30
C LEU E 1040 -44.55 -10.87 -50.64
N ILE E 1041 -45.50 -11.49 -49.94
CA ILE E 1041 -45.78 -12.90 -50.23
C ILE E 1041 -46.41 -13.05 -51.61
N ALA E 1042 -47.27 -12.10 -52.00
CA ALA E 1042 -47.87 -12.16 -53.34
C ALA E 1042 -46.82 -12.02 -54.43
N VAL E 1043 -45.95 -11.01 -54.32
CA VAL E 1043 -44.95 -10.82 -55.36
C VAL E 1043 -43.91 -11.93 -55.32
N ALA E 1044 -43.63 -12.51 -54.15
CA ALA E 1044 -42.67 -13.59 -54.06
C ALA E 1044 -43.18 -14.84 -54.77
N THR E 1045 -44.44 -15.19 -54.54
CA THR E 1045 -45.02 -16.34 -55.25
C THR E 1045 -45.11 -16.07 -56.75
N SER E 1046 -45.47 -14.84 -57.13
CA SER E 1046 -45.56 -14.50 -58.55
C SER E 1046 -44.21 -14.63 -59.24
N VAL E 1047 -43.15 -14.11 -58.63
CA VAL E 1047 -41.84 -14.20 -59.27
C VAL E 1047 -41.27 -15.60 -59.17
N VAL E 1048 -41.67 -16.39 -58.17
CA VAL E 1048 -41.24 -17.79 -58.11
C VAL E 1048 -41.83 -18.57 -59.28
N LEU E 1049 -43.13 -18.39 -59.53
CA LEU E 1049 -43.75 -19.00 -60.70
C LEU E 1049 -43.11 -18.50 -61.99
N GLY E 1050 -42.81 -17.20 -62.05
CA GLY E 1050 -42.20 -16.64 -63.24
C GLY E 1050 -40.82 -17.21 -63.53
N VAL E 1051 -39.97 -17.29 -62.50
CA VAL E 1051 -38.63 -17.81 -62.72
C VAL E 1051 -38.66 -19.30 -62.98
N LEU E 1052 -39.65 -20.04 -62.44
CA LEU E 1052 -39.76 -21.46 -62.76
C LEU E 1052 -40.19 -21.67 -64.21
N ILE E 1053 -41.16 -20.89 -64.68
CA ILE E 1053 -41.58 -21.01 -66.07
C ILE E 1053 -40.45 -20.57 -66.99
N PHE E 1054 -39.69 -19.55 -66.58
CA PHE E 1054 -38.61 -19.06 -67.44
C PHE E 1054 -37.38 -19.98 -67.42
N ILE E 1055 -37.11 -20.69 -66.31
CA ILE E 1055 -36.02 -21.66 -66.33
C ILE E 1055 -36.42 -22.83 -67.24
N ALA E 1056 -37.71 -23.22 -67.23
CA ALA E 1056 -38.16 -24.22 -68.19
C ALA E 1056 -38.01 -23.71 -69.63
N PHE E 1057 -38.37 -22.43 -69.86
CA PHE E 1057 -38.21 -21.79 -71.16
C PHE E 1057 -36.76 -21.87 -71.66
N VAL E 1058 -35.82 -21.43 -70.81
CA VAL E 1058 -34.41 -21.37 -71.18
C VAL E 1058 -33.86 -22.78 -71.40
N PHE E 1059 -34.21 -23.72 -70.52
CA PHE E 1059 -33.72 -25.09 -70.66
C PHE E 1059 -34.18 -25.71 -71.97
N GLN E 1060 -35.48 -25.57 -72.28
CA GLN E 1060 -36.00 -26.15 -73.52
C GLN E 1060 -35.38 -25.50 -74.75
N LEU E 1061 -35.31 -24.16 -74.76
CA LEU E 1061 -34.82 -23.47 -75.95
C LEU E 1061 -33.33 -23.66 -76.16
N ARG E 1062 -32.56 -23.82 -75.07
CA ARG E 1062 -31.13 -24.09 -75.20
C ARG E 1062 -30.87 -25.54 -75.57
N ASN E 1063 -31.65 -26.49 -75.06
CA ASN E 1063 -31.48 -27.89 -75.42
C ASN E 1063 -31.95 -28.19 -76.83
N ILE E 1064 -32.86 -27.38 -77.38
CA ILE E 1064 -33.19 -27.50 -78.80
C ILE E 1064 -31.98 -27.15 -79.65
N HIS E 1065 -31.28 -26.07 -79.30
CA HIS E 1065 -30.08 -25.67 -80.01
C HIS E 1065 -28.93 -26.65 -79.75
N HIS F 1 -104.23 37.97 13.88
CA HIS F 1 -102.90 38.52 14.09
C HIS F 1 -102.45 39.35 12.90
N CYS F 2 -101.76 38.72 11.96
CA CYS F 2 -101.26 39.40 10.78
C CYS F 2 -102.23 39.25 9.62
N THR F 3 -102.35 40.29 8.81
CA THR F 3 -103.30 40.34 7.71
C THR F 3 -102.66 40.93 6.47
N TRP F 4 -103.21 40.55 5.32
CA TRP F 4 -102.67 40.95 4.03
C TRP F 4 -103.13 42.37 3.67
N LEU F 5 -102.49 42.92 2.65
CA LEU F 5 -102.92 44.17 2.02
C LEU F 5 -102.64 44.05 0.53
N LEU F 6 -103.70 44.14 -0.26
CA LEU F 6 -103.66 43.99 -1.71
C LEU F 6 -104.15 45.27 -2.36
N VAL F 7 -103.44 45.73 -3.38
CA VAL F 7 -103.79 46.95 -4.09
C VAL F 7 -103.46 46.76 -5.57
N LEU F 8 -103.96 47.68 -6.38
CA LEU F 8 -103.79 47.64 -7.83
C LEU F 8 -102.85 48.77 -8.26
N ASN F 9 -101.91 48.43 -9.15
CA ASN F 9 -100.97 49.40 -9.70
C ASN F 9 -101.08 49.40 -11.21
N LYS F 10 -100.72 50.52 -11.82
CA LYS F 10 -100.70 50.58 -13.28
C LYS F 10 -99.48 49.84 -13.81
N PHE F 11 -99.50 49.57 -15.12
CA PHE F 11 -98.44 48.77 -15.73
C PHE F 11 -97.14 49.55 -15.88
N GLU F 12 -97.22 50.87 -16.00
CA GLU F 12 -96.03 51.68 -16.22
C GLU F 12 -95.56 52.40 -14.96
N LYS F 13 -96.15 52.10 -13.81
CA LYS F 13 -95.79 52.73 -12.54
C LYS F 13 -95.64 51.65 -11.47
N VAL F 14 -94.88 50.60 -11.80
CA VAL F 14 -94.90 49.39 -10.98
C VAL F 14 -94.25 49.63 -9.62
N GLY F 15 -92.99 50.02 -9.61
CA GLY F 15 -92.29 50.18 -8.35
C GLY F 15 -92.24 51.61 -7.87
N LEU F 16 -92.79 52.53 -8.66
CA LEU F 16 -92.67 53.95 -8.34
C LEU F 16 -93.60 54.36 -7.20
N HIS F 17 -94.88 54.10 -7.33
CA HIS F 17 -95.87 54.53 -6.36
C HIS F 17 -96.44 53.33 -5.61
N LEU F 18 -96.89 53.57 -4.39
CA LEU F 18 -97.53 52.56 -3.56
C LEU F 18 -99.00 52.83 -3.36
N SER F 19 -99.59 53.72 -4.16
CA SER F 19 -100.98 54.13 -4.00
C SER F 19 -101.90 53.19 -4.78
N LYS F 20 -103.16 53.59 -4.92
CA LYS F 20 -104.19 52.76 -5.53
C LYS F 20 -104.54 53.28 -6.91
N ASP F 21 -104.51 52.40 -7.90
CA ASP F 21 -104.96 52.72 -9.25
C ASP F 21 -106.24 51.95 -9.54
N ARG F 22 -107.22 52.65 -10.09
CA ARG F 22 -108.55 52.09 -10.26
C ARG F 22 -108.63 51.28 -11.55
N PHE F 23 -109.42 50.20 -11.51
CA PHE F 23 -109.58 49.30 -12.64
C PHE F 23 -110.40 49.99 -13.72
N GLN F 24 -109.73 50.66 -14.66
CA GLN F 24 -110.40 51.44 -15.68
C GLN F 24 -110.30 50.89 -17.08
N ASP F 25 -109.13 50.40 -17.49
CA ASP F 25 -108.95 49.83 -18.83
C ASP F 25 -109.35 48.37 -18.77
N HIS F 26 -110.10 47.93 -19.79
CA HIS F 26 -110.58 46.55 -19.86
C HIS F 26 -110.09 45.85 -21.12
N GLU F 27 -109.06 46.39 -21.76
CA GLU F 27 -108.50 45.85 -22.98
C GLU F 27 -107.01 45.63 -22.83
N PRO F 28 -106.44 44.65 -23.51
CA PRO F 28 -105.01 44.38 -23.36
C PRO F 28 -104.17 45.21 -24.32
N ILE F 29 -102.96 45.52 -23.89
CA ILE F 29 -102.05 46.37 -24.65
C ILE F 29 -100.81 45.56 -25.04
N ASP F 30 -99.98 46.15 -25.89
CA ASP F 30 -98.95 45.39 -26.60
C ASP F 30 -97.55 45.98 -26.47
N THR F 31 -97.11 46.26 -25.25
CA THR F 31 -95.80 46.88 -25.01
C THR F 31 -94.77 45.89 -24.47
N VAL F 32 -94.83 44.61 -24.85
CA VAL F 32 -93.95 43.60 -24.27
C VAL F 32 -93.21 42.86 -25.39
N ALA F 33 -93.56 43.15 -26.64
CA ALA F 33 -92.91 42.48 -27.77
C ALA F 33 -91.42 42.81 -27.82
N LYS F 34 -91.05 44.05 -27.48
CA LYS F 34 -89.64 44.43 -27.45
C LYS F 34 -88.87 43.61 -26.42
N VAL F 35 -89.45 43.38 -25.25
CA VAL F 35 -88.79 42.58 -24.23
C VAL F 35 -88.71 41.12 -24.65
N PHE F 36 -89.80 40.59 -25.22
CA PHE F 36 -89.79 39.20 -25.66
C PHE F 36 -88.87 38.96 -26.86
N GLN F 37 -88.45 40.03 -27.55
CA GLN F 37 -87.53 39.85 -28.67
C GLN F 37 -86.13 39.47 -28.24
N LYS F 38 -85.75 39.70 -26.98
CA LYS F 38 -84.39 39.44 -26.52
C LYS F 38 -84.24 38.08 -25.84
N LEU F 39 -85.31 37.32 -25.68
CA LEU F 39 -85.22 35.97 -25.11
C LEU F 39 -84.87 34.98 -26.22
N THR F 40 -83.61 35.04 -26.65
CA THR F 40 -83.17 34.27 -27.82
C THR F 40 -82.85 32.83 -27.49
N ASP F 41 -82.68 32.47 -26.23
CA ASP F 41 -82.34 31.11 -25.85
C ASP F 41 -83.45 30.40 -25.09
N SER F 42 -84.46 31.09 -24.71
CA SER F 42 -85.62 30.47 -24.11
C SER F 42 -86.60 30.05 -25.20
N PRO F 43 -87.45 29.06 -24.95
CA PRO F 43 -88.39 28.60 -26.00
C PRO F 43 -89.46 29.63 -26.34
N ILE F 44 -89.05 30.65 -27.09
CA ILE F 44 -89.94 31.71 -27.57
C ILE F 44 -89.72 31.81 -29.07
N ASP F 45 -90.63 31.24 -29.83
CA ASP F 45 -90.72 31.36 -31.28
C ASP F 45 -91.26 32.75 -31.62
N PRO F 46 -90.70 33.45 -32.61
CA PRO F 46 -91.23 34.77 -32.95
C PRO F 46 -92.44 34.80 -33.90
N SER F 47 -93.07 33.67 -34.23
CA SER F 47 -94.32 33.69 -34.96
C SER F 47 -95.49 34.06 -34.05
N GLU F 48 -95.54 33.46 -32.86
CA GLU F 48 -96.61 33.73 -31.91
C GLU F 48 -96.47 35.13 -31.32
N ASN F 49 -97.60 35.77 -31.09
CA ASN F 49 -97.67 37.17 -30.68
C ASN F 49 -98.06 37.26 -29.22
N TYR F 50 -97.29 38.03 -28.46
CA TYR F 50 -97.54 38.26 -27.04
C TYR F 50 -97.89 39.72 -26.81
N LEU F 51 -98.74 39.97 -25.82
CA LEU F 51 -99.10 41.31 -25.39
C LEU F 51 -99.69 41.20 -24.00
N SER F 52 -99.55 42.24 -23.19
CA SER F 52 -99.85 42.08 -21.78
C SER F 52 -101.10 42.84 -21.34
N PHE F 53 -101.68 42.37 -20.26
CA PHE F 53 -102.75 43.09 -19.60
C PHE F 53 -102.20 44.36 -18.96
N PRO F 54 -103.04 45.37 -18.76
CA PRO F 54 -102.67 46.46 -17.86
C PRO F 54 -102.84 46.02 -16.41
N TYR F 55 -102.25 46.81 -15.52
CA TYR F 55 -102.35 46.69 -14.06
C TYR F 55 -101.62 45.47 -13.51
N TYR F 56 -100.99 45.65 -12.35
CA TYR F 56 -100.48 44.56 -11.52
C TYR F 56 -101.18 44.58 -10.17
N LEU F 57 -101.24 43.40 -9.56
CA LEU F 57 -101.63 43.25 -8.17
C LEU F 57 -100.37 43.35 -7.32
N GLN F 58 -100.39 44.22 -6.32
CA GLN F 58 -99.29 44.41 -5.39
C GLN F 58 -99.74 43.96 -4.01
N ILE F 59 -98.90 43.15 -3.37
CA ILE F 59 -99.21 42.49 -2.11
C ILE F 59 -98.13 42.85 -1.10
N ASN F 60 -98.55 43.22 0.11
CA ASN F 60 -97.68 43.12 1.26
C ASN F 60 -98.52 42.61 2.43
N PHE F 61 -97.92 42.49 3.60
CA PHE F 61 -98.66 42.01 4.76
C PHE F 61 -98.18 42.75 6.00
N SER F 62 -99.11 42.99 6.92
CA SER F 62 -98.84 43.76 8.11
C SER F 62 -99.35 43.02 9.33
N CYS F 63 -98.59 43.14 10.42
CA CYS F 63 -98.91 42.49 11.67
C CYS F 63 -98.63 43.56 12.73
N PRO F 64 -99.50 43.70 13.73
CA PRO F 64 -99.33 44.80 14.69
C PRO F 64 -98.06 44.64 15.51
N GLY F 65 -97.48 45.79 15.87
CA GLY F 65 -96.27 45.85 16.66
C GLY F 65 -95.01 46.03 15.86
N GLN F 66 -95.02 45.72 14.56
CA GLN F 66 -93.86 45.91 13.71
C GLN F 66 -94.27 46.68 12.46
N ASN F 67 -93.28 47.06 11.69
CA ASN F 67 -93.51 47.85 10.48
C ASN F 67 -93.48 46.97 9.23
N ILE F 68 -94.15 47.48 8.19
CA ILE F 68 -94.43 46.67 7.01
C ILE F 68 -93.15 46.30 6.27
N GLU F 69 -92.20 47.23 6.18
CA GLU F 69 -90.99 46.95 5.40
C GLU F 69 -90.13 45.90 6.09
N GLU F 70 -90.01 45.96 7.41
CA GLU F 70 -89.22 44.94 8.09
C GLU F 70 -89.95 43.60 8.10
N LEU F 71 -91.28 43.61 8.15
CA LEU F 71 -92.03 42.36 8.07
C LEU F 71 -91.86 41.70 6.72
N ALA F 72 -91.95 42.49 5.64
CA ALA F 72 -91.73 41.96 4.30
C ALA F 72 -90.30 41.48 4.13
N ARG F 73 -89.34 42.21 4.69
CA ARG F 73 -87.94 41.84 4.54
C ARG F 73 -87.66 40.52 5.25
N LYS F 74 -88.20 40.36 6.45
CA LYS F 74 -88.03 39.12 7.21
C LYS F 74 -88.74 37.96 6.52
N GLY F 75 -89.92 38.20 5.95
CA GLY F 75 -90.59 37.15 5.21
C GLY F 75 -89.80 36.71 3.99
N HIS F 76 -89.21 37.66 3.27
CA HIS F 76 -88.38 37.31 2.12
C HIS F 76 -87.15 36.53 2.56
N LEU F 77 -86.51 36.94 3.66
CA LEU F 77 -85.29 36.26 4.08
C LEU F 77 -85.55 34.89 4.67
N MET F 78 -86.74 34.64 5.21
CA MET F 78 -87.10 33.30 5.65
C MET F 78 -87.74 32.45 4.55
N GLY F 79 -88.14 33.06 3.45
CA GLY F 79 -88.58 32.32 2.28
C GLY F 79 -90.07 32.20 2.08
N MET F 80 -90.87 33.13 2.57
CA MET F 80 -92.30 33.05 2.39
C MET F 80 -92.70 33.63 1.03
N LYS F 81 -93.55 32.89 0.31
CA LYS F 81 -93.95 33.28 -1.02
C LYS F 81 -95.47 33.28 -1.10
N PRO F 82 -96.09 34.40 -1.43
CA PRO F 82 -97.56 34.44 -1.49
C PRO F 82 -98.10 33.56 -2.61
N MET F 83 -99.32 33.05 -2.41
CA MET F 83 -100.05 32.30 -3.41
C MET F 83 -101.37 32.99 -3.67
N VAL F 84 -101.67 33.20 -4.94
CA VAL F 84 -102.86 33.91 -5.42
C VAL F 84 -103.74 32.92 -6.17
N GLN F 85 -105.03 32.91 -5.85
CA GLN F 85 -105.99 32.09 -6.57
C GLN F 85 -107.12 33.00 -7.04
N ILE F 86 -107.36 33.04 -8.34
CA ILE F 86 -108.29 33.99 -8.93
C ILE F 86 -109.49 33.22 -9.48
N ASN F 87 -110.69 33.66 -9.12
CA ASN F 87 -111.94 33.04 -9.55
C ASN F 87 -112.82 34.06 -10.23
N TYR F 88 -113.24 33.77 -11.46
CA TYR F 88 -114.08 34.68 -12.24
C TYR F 88 -115.53 34.20 -12.18
N MET F 89 -116.46 35.15 -12.04
CA MET F 89 -117.87 34.80 -11.98
C MET F 89 -118.53 35.12 -13.33
N TYR F 90 -119.33 34.18 -13.81
CA TYR F 90 -119.91 34.27 -15.15
C TYR F 90 -120.90 35.44 -15.25
N SER F 91 -121.31 35.72 -16.48
CA SER F 91 -122.27 36.78 -16.74
C SER F 91 -123.69 36.22 -16.72
N VAL F 92 -124.65 37.13 -16.54
CA VAL F 92 -126.05 36.74 -16.53
C VAL F 92 -126.49 36.30 -17.92
N ASN F 93 -125.98 36.96 -18.96
CA ASN F 93 -126.39 36.67 -20.32
C ASN F 93 -125.76 35.37 -20.79
N PHE F 94 -126.42 34.25 -20.53
CA PHE F 94 -125.92 32.96 -21.01
C PHE F 94 -126.26 32.71 -22.46
N TYR F 95 -127.01 33.59 -23.10
CA TYR F 95 -127.28 33.50 -24.53
C TYR F 95 -126.14 34.07 -25.37
N ARG F 96 -125.22 34.82 -24.77
CA ARG F 96 -124.18 35.50 -25.52
C ARG F 96 -122.80 35.00 -25.10
N TRP F 97 -122.71 34.46 -23.89
CA TRP F 97 -121.51 33.83 -23.38
C TRP F 97 -121.88 32.56 -22.62
N GLU F 98 -120.91 31.69 -22.44
CA GLU F 98 -121.19 30.38 -21.86
C GLU F 98 -121.11 30.42 -20.33
N MET F 99 -121.49 29.29 -19.74
CA MET F 99 -121.58 29.16 -18.29
C MET F 99 -120.27 28.74 -17.63
N GLU F 100 -119.20 28.58 -18.42
CA GLU F 100 -117.97 28.01 -17.89
C GLU F 100 -117.32 28.97 -16.90
N ASN F 101 -116.71 28.40 -15.87
CA ASN F 101 -116.06 29.14 -14.80
C ASN F 101 -114.61 28.67 -14.68
N VAL F 102 -113.70 29.63 -14.52
CA VAL F 102 -112.27 29.37 -14.62
C VAL F 102 -111.60 29.72 -13.31
N GLN F 103 -110.64 28.89 -12.90
CA GLN F 103 -109.71 29.24 -11.84
C GLN F 103 -108.29 29.32 -12.40
N ILE F 104 -107.49 30.19 -11.81
CA ILE F 104 -106.08 30.31 -12.17
C ILE F 104 -105.27 30.52 -10.91
N LEU F 105 -104.26 29.68 -10.70
CA LEU F 105 -103.42 29.74 -9.52
C LEU F 105 -102.03 30.19 -9.94
N MET F 106 -101.55 31.26 -9.29
CA MET F 106 -100.27 31.86 -9.61
C MET F 106 -99.43 31.97 -8.35
N GLU F 107 -98.32 32.68 -8.47
CA GLU F 107 -97.38 32.86 -7.37
C GLU F 107 -96.68 34.19 -7.55
N ALA F 108 -96.58 34.97 -6.49
CA ALA F 108 -96.03 36.31 -6.56
C ALA F 108 -94.52 36.27 -6.79
N ALA F 109 -93.98 37.37 -7.27
CA ALA F 109 -92.54 37.50 -7.49
C ALA F 109 -92.04 38.77 -6.83
N PRO F 110 -90.99 38.69 -6.02
CA PRO F 110 -90.50 39.88 -5.31
C PRO F 110 -89.90 40.89 -6.26
N MET F 111 -89.93 42.15 -5.83
CA MET F 111 -89.44 43.26 -6.64
C MET F 111 -89.08 44.41 -5.73
N ARG F 112 -87.87 44.92 -5.88
CA ARG F 112 -87.42 46.06 -5.11
C ARG F 112 -88.13 47.31 -5.60
N SER F 113 -88.45 48.19 -4.67
CA SER F 113 -89.06 49.48 -5.00
C SER F 113 -87.95 50.45 -5.38
N THR F 114 -88.05 51.04 -6.57
CA THR F 114 -86.98 51.89 -7.08
C THR F 114 -86.99 53.23 -6.34
N GLY F 115 -85.88 53.53 -5.68
CA GLY F 115 -85.77 54.75 -4.89
C GLY F 115 -84.34 55.00 -4.47
N TYR F 116 -84.19 55.64 -3.32
CA TYR F 116 -82.85 55.92 -2.80
C TYR F 116 -82.14 54.63 -2.41
N CYS F 117 -82.80 53.78 -1.60
CA CYS F 117 -82.26 52.53 -1.07
C CYS F 117 -80.93 52.77 -0.37
N PRO F 118 -80.93 53.34 0.84
CA PRO F 118 -79.66 53.62 1.53
C PRO F 118 -78.84 52.38 1.82
N ALA F 119 -79.48 51.24 2.07
CA ALA F 119 -78.75 50.01 2.30
C ALA F 119 -78.16 49.48 0.99
N GLU F 120 -77.38 48.41 1.11
CA GLU F 120 -76.71 47.86 -0.06
C GLU F 120 -77.65 47.03 -0.92
N ALA F 121 -78.21 45.97 -0.34
CA ALA F 121 -78.95 44.97 -1.10
C ALA F 121 -80.46 45.17 -1.02
N MET F 122 -80.98 45.41 0.17
CA MET F 122 -82.41 45.28 0.41
C MET F 122 -82.97 46.52 1.10
N CYS F 123 -84.22 46.82 0.75
CA CYS F 123 -84.95 48.02 1.12
C CYS F 123 -86.43 47.67 1.17
N VAL F 124 -87.30 48.69 1.06
CA VAL F 124 -88.73 48.45 0.90
C VAL F 124 -88.97 47.48 -0.25
N LEU F 125 -89.79 46.46 0.01
CA LEU F 125 -89.97 45.35 -0.92
C LEU F 125 -91.43 44.93 -0.92
N ASN F 126 -91.96 44.64 -2.11
CA ASN F 126 -93.36 44.28 -2.28
C ASN F 126 -93.44 43.09 -3.22
N TRP F 127 -94.53 42.33 -3.12
CA TRP F 127 -94.76 41.20 -4.00
C TRP F 127 -95.66 41.64 -5.14
N TYR F 128 -95.40 41.13 -6.34
CA TYR F 128 -96.12 41.58 -7.53
C TYR F 128 -96.62 40.38 -8.31
N THR F 129 -97.72 40.59 -9.02
CA THR F 129 -98.29 39.58 -9.91
C THR F 129 -99.16 40.27 -10.93
N PRO F 130 -99.36 39.68 -12.10
CA PRO F 130 -100.32 40.27 -13.05
C PRO F 130 -101.75 40.01 -12.62
N MET F 131 -102.64 40.88 -13.11
CA MET F 131 -104.07 40.73 -12.86
C MET F 131 -104.76 40.43 -14.18
N PRO F 132 -105.01 39.16 -14.49
CA PRO F 132 -105.64 38.80 -15.76
C PRO F 132 -107.16 38.82 -15.67
N PHE F 133 -107.79 39.07 -16.81
CA PHE F 133 -109.23 39.03 -16.93
C PHE F 133 -109.62 38.52 -18.31
N LYS F 134 -110.63 37.67 -18.34
CA LYS F 134 -111.11 37.07 -19.57
C LYS F 134 -112.33 37.81 -20.08
N ASN F 135 -112.73 37.49 -21.31
CA ASN F 135 -113.89 38.11 -21.92
C ASN F 135 -115.14 37.33 -21.51
N GLY F 136 -116.06 38.00 -20.82
CA GLY F 136 -117.30 37.39 -20.37
C GLY F 136 -117.57 37.48 -18.88
N SER F 137 -116.93 38.39 -18.15
CA SER F 137 -117.10 38.49 -16.71
C SER F 137 -116.73 39.89 -16.24
N VAL F 138 -117.20 40.25 -15.06
CA VAL F 138 -116.87 41.52 -14.44
C VAL F 138 -116.45 41.39 -12.98
N VAL F 139 -116.68 40.25 -12.36
CA VAL F 139 -116.41 40.04 -10.94
C VAL F 139 -115.33 38.98 -10.81
N SER F 140 -114.25 39.32 -10.11
CA SER F 140 -113.14 38.42 -9.86
C SER F 140 -112.82 38.44 -8.37
N SER F 141 -112.63 37.24 -7.81
CA SER F 141 -112.31 37.06 -6.41
C SER F 141 -110.89 36.54 -6.29
N VAL F 142 -110.09 37.21 -5.47
CA VAL F 142 -108.68 36.90 -5.30
C VAL F 142 -108.50 36.36 -3.89
N ASP F 143 -108.02 35.13 -3.79
CA ASP F 143 -107.76 34.50 -2.50
C ASP F 143 -106.25 34.42 -2.33
N ILE F 144 -105.75 35.04 -1.28
CA ILE F 144 -104.32 35.07 -0.99
C ILE F 144 -104.06 34.21 0.23
N TYR F 145 -103.01 33.39 0.14
CA TYR F 145 -102.52 32.68 1.31
C TYR F 145 -101.01 32.55 1.21
N THR F 146 -100.41 31.95 2.22
CA THR F 146 -98.97 31.72 2.25
C THR F 146 -98.66 30.36 1.64
N ASN F 147 -97.38 30.15 1.34
CA ASN F 147 -96.94 28.88 0.77
C ASN F 147 -96.43 27.91 1.84
N GLY F 148 -96.73 28.18 3.11
CA GLY F 148 -96.41 27.27 4.19
C GLY F 148 -95.13 27.59 4.92
N ILE F 149 -94.25 28.37 4.32
CA ILE F 149 -92.96 28.72 4.92
C ILE F 149 -93.08 30.12 5.51
N GLY F 150 -92.46 30.35 6.66
CA GLY F 150 -92.41 31.66 7.25
C GLY F 150 -93.48 31.89 8.28
N PRO F 151 -93.75 33.14 8.60
CA PRO F 151 -94.80 33.45 9.57
C PRO F 151 -96.18 33.17 8.99
N PHE F 152 -97.11 32.88 9.88
CA PHE F 152 -98.44 32.44 9.47
C PHE F 152 -99.35 33.64 9.27
N VAL F 153 -99.76 33.87 8.02
CA VAL F 153 -100.76 34.87 7.67
C VAL F 153 -101.97 34.12 7.12
N SER F 154 -103.13 34.34 7.73
CA SER F 154 -104.31 33.54 7.41
C SER F 154 -104.80 33.82 6.00
N LYS F 155 -105.55 32.86 5.46
CA LYS F 155 -106.12 33.00 4.13
C LYS F 155 -107.12 34.15 4.09
N LYS F 156 -107.03 34.97 3.04
CA LYS F 156 -107.92 36.12 2.93
C LYS F 156 -108.51 36.17 1.52
N ARG F 157 -109.70 36.75 1.41
CA ARG F 157 -110.39 36.90 0.15
C ARG F 157 -110.66 38.37 -0.11
N PHE F 158 -110.40 38.81 -1.34
CA PHE F 158 -110.68 40.16 -1.79
C PHE F 158 -111.48 40.08 -3.08
N TYR F 159 -112.11 41.19 -3.44
CA TYR F 159 -112.84 41.29 -4.70
C TYR F 159 -112.20 42.40 -5.51
N VAL F 160 -111.79 42.10 -6.74
CA VAL F 160 -111.35 43.14 -7.64
C VAL F 160 -112.26 43.14 -8.85
N ASN F 161 -113.33 43.90 -8.78
CA ASN F 161 -114.35 43.94 -9.82
C ASN F 161 -114.05 45.07 -10.78
N MET F 162 -114.56 44.95 -12.00
CA MET F 162 -114.31 45.95 -13.03
C MET F 162 -115.20 47.16 -12.80
N ASN F 163 -114.59 48.34 -12.70
CA ASN F 163 -115.33 49.58 -12.63
C ASN F 163 -115.54 50.14 -14.03
N GLY F 164 -116.78 50.39 -14.39
CA GLY F 164 -117.10 50.88 -15.72
C GLY F 164 -117.73 52.25 -15.74
N PHE F 165 -117.72 52.92 -14.59
CA PHE F 165 -118.34 54.23 -14.44
C PHE F 165 -117.31 55.36 -14.44
N LEU F 166 -116.06 55.05 -14.74
CA LEU F 166 -114.98 56.04 -14.73
C LEU F 166 -114.84 56.66 -16.11
N LYS F 167 -114.30 57.88 -16.14
CA LYS F 167 -114.06 58.57 -17.40
C LYS F 167 -112.78 59.39 -17.26
N ARG F 168 -112.20 59.73 -18.41
CA ARG F 168 -110.94 60.45 -18.48
C ARG F 168 -111.17 61.82 -19.09
N ASP F 169 -110.56 62.83 -18.48
CA ASP F 169 -110.70 64.20 -18.95
C ASP F 169 -109.67 64.50 -20.04
N ALA F 170 -109.52 65.79 -20.36
CA ALA F 170 -108.56 66.19 -21.38
C ALA F 170 -107.12 65.98 -20.94
N SER F 171 -106.85 66.05 -19.64
CA SER F 171 -105.48 65.90 -19.15
C SER F 171 -105.10 64.44 -18.91
N GLY F 172 -106.03 63.51 -19.02
CA GLY F 172 -105.74 62.12 -18.79
C GLY F 172 -105.90 61.63 -17.36
N LYS F 173 -106.53 62.44 -16.50
CA LYS F 173 -106.77 62.04 -15.11
C LYS F 173 -108.14 61.38 -15.02
N SER F 174 -108.31 60.51 -14.03
CA SER F 174 -109.55 59.78 -13.87
C SER F 174 -110.60 60.64 -13.18
N LEU F 175 -111.83 60.56 -13.65
CA LEU F 175 -112.96 61.23 -13.03
C LEU F 175 -114.12 60.24 -12.89
N PHE F 176 -115.23 60.74 -12.38
CA PHE F 176 -116.44 59.95 -12.23
C PHE F 176 -117.57 60.55 -13.06
N ALA F 177 -118.17 59.72 -13.90
CA ALA F 177 -119.21 60.20 -14.80
C ALA F 177 -120.57 60.30 -14.11
N ILE F 178 -120.71 59.71 -12.92
CA ILE F 178 -121.99 59.74 -12.24
C ILE F 178 -122.14 60.92 -11.29
N GLY F 179 -121.04 61.60 -10.96
CA GLY F 179 -121.13 62.73 -10.04
C GLY F 179 -119.76 63.28 -9.75
N TYR F 180 -119.72 64.19 -8.79
CA TYR F 180 -118.48 64.85 -8.38
C TYR F 180 -118.02 64.33 -7.03
N GLU F 181 -116.72 64.05 -6.93
CA GLU F 181 -116.09 63.68 -5.66
C GLU F 181 -115.64 64.94 -4.93
N SER F 182 -116.63 65.74 -4.52
CA SER F 182 -116.39 67.05 -3.96
C SER F 182 -117.04 67.23 -2.58
N LEU F 183 -116.93 66.22 -1.73
CA LEU F 183 -117.34 66.36 -0.34
C LEU F 183 -116.49 65.44 0.53
N VAL F 184 -116.35 65.81 1.80
CA VAL F 184 -115.48 65.13 2.74
C VAL F 184 -116.32 64.62 3.89
N LEU F 185 -116.07 63.38 4.32
CA LEU F 185 -116.87 62.73 5.35
C LEU F 185 -116.82 63.48 6.67
N LYS F 186 -117.98 63.66 7.28
CA LYS F 186 -118.14 64.29 8.57
C LYS F 186 -118.82 63.33 9.53
N SER F 187 -118.80 63.68 10.81
CA SER F 187 -119.51 62.92 11.84
C SER F 187 -121.01 63.18 11.83
N SER F 188 -121.43 64.37 11.39
CA SER F 188 -122.85 64.74 11.37
C SER F 188 -123.66 63.92 10.38
N HIS F 189 -123.02 63.28 9.40
CA HIS F 189 -123.74 62.38 8.53
C HIS F 189 -124.28 61.18 9.31
N PHE F 190 -123.46 60.62 10.20
CA PHE F 190 -123.77 59.35 10.85
C PHE F 190 -124.22 59.50 12.29
N ARG F 191 -124.23 60.71 12.84
CA ARG F 191 -124.57 60.87 14.25
C ARG F 191 -126.01 60.43 14.54
N LEU F 192 -126.95 60.77 13.67
CA LEU F 192 -128.36 60.46 13.94
C LEU F 192 -129.00 59.55 12.91
N SER F 193 -128.37 59.33 11.75
CA SER F 193 -128.96 58.50 10.72
C SER F 193 -128.95 57.04 11.14
N LYS F 194 -129.86 56.26 10.54
CA LYS F 194 -130.06 54.88 10.90
C LYS F 194 -129.47 53.95 9.85
N SER F 195 -129.59 52.65 10.12
CA SER F 195 -129.10 51.64 9.20
C SER F 195 -130.10 51.44 8.05
N ARG F 196 -129.56 51.18 6.87
CA ARG F 196 -130.36 50.93 5.69
C ARG F 196 -129.85 49.67 5.01
N PRO F 197 -130.72 48.94 4.31
CA PRO F 197 -130.28 47.70 3.67
C PRO F 197 -129.42 47.97 2.45
N LEU F 198 -128.75 46.91 2.00
CA LEU F 198 -127.91 46.94 0.82
C LEU F 198 -128.49 45.98 -0.21
N TRP F 199 -129.09 46.52 -1.26
CA TRP F 199 -129.75 45.74 -2.30
C TRP F 199 -128.85 45.66 -3.52
N TYR F 200 -128.74 44.46 -4.08
CA TYR F 200 -127.93 44.22 -5.27
C TYR F 200 -128.25 42.84 -5.81
N THR F 201 -127.96 42.63 -7.09
CA THR F 201 -127.99 41.28 -7.63
C THR F 201 -126.87 40.46 -6.98
N VAL F 202 -127.20 39.22 -6.61
CA VAL F 202 -126.52 38.55 -5.50
C VAL F 202 -125.05 38.31 -5.81
N ASN F 203 -124.77 37.63 -6.92
CA ASN F 203 -123.41 37.19 -7.22
C ASN F 203 -122.87 37.75 -8.52
N HIS F 204 -123.31 38.94 -8.92
CA HIS F 204 -122.84 39.55 -10.14
C HIS F 204 -122.54 41.03 -10.04
N ALA F 205 -122.96 41.70 -8.98
CA ALA F 205 -122.85 43.15 -8.92
C ALA F 205 -121.40 43.57 -8.70
N PRO F 206 -120.79 44.32 -9.62
CA PRO F 206 -119.40 44.74 -9.41
C PRO F 206 -119.27 45.98 -8.55
N VAL F 207 -120.31 46.80 -8.46
CA VAL F 207 -120.26 48.04 -7.71
C VAL F 207 -121.41 48.06 -6.72
N PHE F 208 -121.16 48.60 -5.54
CA PHE F 208 -122.16 48.71 -4.49
C PHE F 208 -122.43 50.19 -4.23
N ILE F 209 -123.70 50.53 -4.00
CA ILE F 209 -124.09 51.89 -3.67
C ILE F 209 -124.97 51.85 -2.44
N LEU F 210 -124.74 52.77 -1.52
CA LEU F 210 -125.54 52.93 -0.32
C LEU F 210 -125.88 54.40 -0.15
N GLY F 211 -127.15 54.73 -0.32
CA GLY F 211 -127.56 56.12 -0.24
C GLY F 211 -128.20 56.47 1.09
N GLY F 212 -129.30 57.23 1.03
CA GLY F 212 -130.10 57.52 2.21
C GLY F 212 -129.42 58.35 3.27
N PHE F 213 -128.70 59.39 2.87
CA PHE F 213 -128.12 60.31 3.84
C PHE F 213 -129.18 61.34 4.24
N TYR F 214 -128.79 62.29 5.09
CA TYR F 214 -129.78 63.13 5.76
C TYR F 214 -130.44 64.11 4.79
N ASP F 215 -129.61 65.05 4.19
CA ASP F 215 -130.18 66.08 3.34
C ASP F 215 -129.30 66.42 2.15
N GLU F 216 -128.55 65.44 1.64
CA GLU F 216 -127.70 65.65 0.49
C GLU F 216 -127.95 64.55 -0.54
N LYS F 217 -127.67 64.86 -1.80
CA LYS F 217 -127.77 63.88 -2.87
C LYS F 217 -126.47 63.09 -3.00
N SER F 218 -126.03 62.51 -1.89
CA SER F 218 -124.75 61.81 -1.81
C SER F 218 -124.97 60.32 -1.61
N ILE F 219 -124.11 59.53 -2.25
CA ILE F 219 -124.12 58.08 -2.15
C ILE F 219 -122.72 57.62 -1.79
N LEU F 220 -122.65 56.39 -1.28
CA LEU F 220 -121.38 55.78 -0.88
C LEU F 220 -120.99 54.74 -1.92
N PHE F 221 -120.29 55.17 -2.96
CA PHE F 221 -119.90 54.31 -4.06
C PHE F 221 -118.64 53.54 -3.70
N SER F 222 -118.63 52.26 -4.01
CA SER F 222 -117.46 51.44 -3.69
C SER F 222 -117.37 50.28 -4.67
N ASP F 223 -116.25 50.21 -5.38
CA ASP F 223 -115.86 48.97 -6.03
C ASP F 223 -115.40 47.99 -4.96
N SER F 224 -114.93 46.82 -5.40
CA SER F 224 -114.51 45.73 -4.51
C SER F 224 -115.72 45.36 -3.65
N ASN F 225 -115.53 45.13 -2.35
CA ASN F 225 -116.61 44.80 -1.43
C ASN F 225 -116.49 45.64 -0.18
N PHE F 226 -116.36 46.95 -0.38
CA PHE F 226 -116.20 47.94 0.69
C PHE F 226 -114.92 47.72 1.50
N GLN F 227 -113.90 47.12 0.86
CA GLN F 227 -112.56 47.22 1.42
C GLN F 227 -112.04 48.63 1.31
N ASP F 228 -112.47 49.35 0.27
CA ASP F 228 -112.31 50.80 0.19
C ASP F 228 -113.65 51.37 -0.26
N TYR F 229 -113.75 52.69 -0.27
CA TYR F 229 -114.97 53.34 -0.69
C TYR F 229 -114.67 54.75 -1.13
N VAL F 230 -115.72 55.45 -1.54
CA VAL F 230 -115.66 56.87 -1.86
C VAL F 230 -117.08 57.38 -1.73
N LEU F 231 -117.22 58.66 -1.46
CA LEU F 231 -118.53 59.25 -1.20
C LEU F 231 -118.75 60.29 -2.27
N LEU F 232 -119.72 60.05 -3.13
CA LEU F 232 -119.95 60.85 -4.32
C LEU F 232 -121.21 61.68 -4.15
N GLU F 233 -121.11 62.97 -4.45
CA GLU F 233 -122.30 63.81 -4.57
C GLU F 233 -122.76 63.77 -6.03
N LEU F 234 -123.98 63.30 -6.25
CA LEU F 234 -124.42 62.94 -7.59
C LEU F 234 -124.73 64.18 -8.42
N SER F 235 -124.82 63.96 -9.73
CA SER F 235 -125.05 65.03 -10.71
C SER F 235 -126.50 65.08 -11.17
N ILE F 236 -127.44 64.72 -10.31
CA ILE F 236 -128.86 64.82 -10.64
C ILE F 236 -129.23 66.30 -10.76
N ASP F 237 -129.97 66.63 -11.82
CA ASP F 237 -130.38 68.01 -12.06
C ASP F 237 -131.27 68.56 -10.94
N SER F 238 -131.94 67.67 -10.19
CA SER F 238 -132.76 68.03 -9.03
C SER F 238 -133.89 69.00 -9.39
N CYS F 239 -134.38 68.92 -10.63
CA CYS F 239 -135.49 69.74 -11.05
C CYS F 239 -136.79 69.22 -10.43
N TRP F 240 -137.84 70.02 -10.55
CA TRP F 240 -139.15 69.64 -10.05
C TRP F 240 -140.16 69.67 -11.19
N VAL F 241 -140.99 68.63 -11.27
CA VAL F 241 -142.02 68.52 -12.30
C VAL F 241 -143.34 68.16 -11.63
N GLY F 242 -143.39 68.27 -10.31
CA GLY F 242 -144.56 67.81 -9.57
C GLY F 242 -145.73 68.77 -9.74
N SER F 243 -146.93 68.21 -9.70
CA SER F 243 -148.17 68.96 -9.77
C SER F 243 -149.27 68.11 -9.15
N PHE F 244 -150.53 68.49 -9.39
CA PHE F 244 -151.67 67.86 -8.73
C PHE F 244 -151.92 66.42 -9.18
N TYR F 245 -151.25 65.95 -10.23
CA TYR F 245 -151.54 64.62 -10.75
C TYR F 245 -151.12 63.51 -9.79
N CYS F 246 -150.20 63.79 -8.88
CA CYS F 246 -149.93 62.93 -7.74
C CYS F 246 -149.83 63.80 -6.51
N PRO F 247 -150.10 63.25 -5.31
CA PRO F 247 -150.05 64.07 -4.09
C PRO F 247 -148.66 64.66 -3.85
N ILE F 248 -148.65 65.90 -3.40
CA ILE F 248 -147.42 66.63 -3.19
C ILE F 248 -146.96 66.43 -1.74
N LEU F 249 -145.71 66.01 -1.58
CA LEU F 249 -145.13 65.72 -0.28
C LEU F 249 -143.87 66.55 -0.07
N GLY F 250 -143.41 66.58 1.18
CA GLY F 250 -142.26 67.37 1.57
C GLY F 250 -140.98 67.04 0.85
N PHE F 251 -140.26 68.07 0.41
CA PHE F 251 -139.04 67.86 -0.36
C PHE F 251 -137.92 67.35 0.53
N SER F 252 -136.99 66.62 -0.08
CA SER F 252 -135.82 66.09 0.61
C SER F 252 -134.79 65.72 -0.43
N ALA F 253 -133.58 66.22 -0.27
CA ALA F 253 -132.56 66.01 -1.31
C ALA F 253 -131.90 64.64 -1.26
N THR F 254 -132.41 63.65 -0.53
CA THR F 254 -131.70 62.40 -0.36
C THR F 254 -131.84 61.51 -1.58
N ILE F 255 -131.14 60.39 -1.55
CA ILE F 255 -131.25 59.34 -2.55
C ILE F 255 -131.72 58.08 -1.83
N HIS F 256 -132.81 57.49 -2.30
CA HIS F 256 -133.41 56.34 -1.65
C HIS F 256 -133.41 55.14 -2.58
N ASP F 257 -133.48 53.94 -1.98
CA ASP F 257 -133.68 52.69 -2.69
C ASP F 257 -132.63 52.48 -3.77
N ALA F 258 -131.38 52.77 -3.43
CA ALA F 258 -130.29 52.63 -4.37
C ALA F 258 -130.06 51.16 -4.67
N ILE F 259 -130.23 50.77 -5.94
CA ILE F 259 -130.08 49.39 -6.37
C ILE F 259 -128.98 49.35 -7.42
N ALA F 260 -128.07 48.37 -7.30
CA ALA F 260 -126.94 48.28 -8.21
C ALA F 260 -126.95 46.90 -8.87
N THR F 261 -127.69 46.77 -9.97
CA THR F 261 -127.66 45.53 -10.71
C THR F 261 -126.45 45.51 -11.64
N GLU F 262 -126.06 44.31 -12.06
CA GLU F 262 -124.90 44.16 -12.92
C GLU F 262 -125.10 44.95 -14.21
N SER F 263 -124.24 45.95 -14.40
CA SER F 263 -124.13 46.90 -15.51
C SER F 263 -125.11 48.07 -15.44
N THR F 264 -125.99 48.17 -14.45
CA THR F 264 -126.91 49.29 -14.41
C THR F 264 -127.34 49.54 -12.97
N LEU F 265 -127.32 50.80 -12.54
CA LEU F 265 -127.72 51.14 -11.19
C LEU F 265 -128.83 52.19 -11.21
N PHE F 266 -129.81 52.00 -10.33
CA PHE F 266 -131.03 52.78 -10.25
C PHE F 266 -131.08 53.55 -8.95
N ILE F 267 -131.52 54.80 -9.01
CA ILE F 267 -131.73 55.63 -7.83
C ILE F 267 -133.13 56.24 -7.91
N ARG F 268 -133.65 56.57 -6.74
CA ARG F 268 -134.95 57.22 -6.61
C ARG F 268 -134.79 58.47 -5.77
N GLN F 269 -135.43 59.55 -6.21
CA GLN F 269 -135.40 60.81 -5.48
C GLN F 269 -136.76 61.47 -5.63
N ASN F 270 -137.53 61.49 -4.54
CA ASN F 270 -138.80 62.22 -4.41
C ASN F 270 -139.77 61.85 -5.55
N GLN F 271 -140.08 60.56 -5.62
CA GLN F 271 -140.95 60.01 -6.66
C GLN F 271 -140.40 60.28 -8.06
N LEU F 272 -139.07 60.28 -8.18
CA LEU F 272 -138.40 60.29 -9.46
C LEU F 272 -137.48 59.08 -9.53
N VAL F 273 -137.42 58.46 -10.70
CA VAL F 273 -136.57 57.29 -10.92
C VAL F 273 -135.55 57.61 -12.00
N TYR F 274 -134.28 57.64 -11.62
CA TYR F 274 -133.18 57.80 -12.55
C TYR F 274 -132.38 56.51 -12.61
N TYR F 275 -131.71 56.29 -13.73
CA TYR F 275 -130.83 55.15 -13.87
C TYR F 275 -129.59 55.54 -14.64
N PHE F 276 -128.55 54.72 -14.50
CA PHE F 276 -127.31 54.87 -15.24
C PHE F 276 -126.81 53.50 -15.65
N THR F 277 -126.38 53.37 -16.90
CA THR F 277 -125.84 52.13 -17.44
C THR F 277 -124.32 52.27 -17.53
N GLY F 278 -123.61 51.39 -16.84
CA GLY F 278 -122.17 51.42 -16.90
C GLY F 278 -121.64 50.97 -18.24
N THR F 279 -120.44 51.46 -18.56
CA THR F 279 -119.77 51.13 -19.81
C THR F 279 -118.82 49.96 -19.57
N TYR F 280 -119.13 48.81 -20.17
CA TYR F 280 -118.28 47.63 -20.09
C TYR F 280 -117.99 47.14 -21.49
N ILE F 281 -116.80 46.61 -21.69
CA ILE F 281 -116.42 46.11 -23.02
C ILE F 281 -116.56 44.59 -23.11
N THR F 282 -116.15 43.87 -22.08
CA THR F 282 -116.18 42.41 -22.09
C THR F 282 -117.58 41.83 -21.89
N LEU F 283 -118.60 42.68 -21.69
CA LEU F 283 -119.96 42.20 -21.52
C LEU F 283 -120.83 42.48 -22.73
N PHE F 284 -120.88 43.72 -23.19
CA PHE F 284 -121.74 44.08 -24.31
C PHE F 284 -121.04 45.16 -25.12
N ASP F 285 -121.78 45.80 -26.02
CA ASP F 285 -121.20 46.78 -26.93
C ASP F 285 -120.87 48.08 -26.19
N LYS F 286 -119.93 48.83 -26.76
CA LYS F 286 -119.51 50.09 -26.14
C LYS F 286 -120.59 51.16 -26.26
N SER F 287 -121.38 51.13 -27.32
CA SER F 287 -122.36 52.20 -27.56
C SER F 287 -123.55 52.13 -26.61
N HIS F 288 -123.72 51.06 -25.85
CA HIS F 288 -124.83 50.96 -24.92
C HIS F 288 -124.63 51.81 -23.67
N GLY F 289 -123.40 52.26 -23.42
CA GLY F 289 -123.14 53.04 -22.22
C GLY F 289 -123.79 54.41 -22.27
N SER F 290 -124.29 54.85 -21.13
CA SER F 290 -124.96 56.12 -21.01
C SER F 290 -123.97 57.19 -20.54
N SER F 291 -124.29 58.44 -20.89
CA SER F 291 -123.40 59.56 -20.57
C SER F 291 -123.89 60.41 -19.39
N ARG F 292 -125.17 60.29 -19.04
CA ARG F 292 -125.69 60.98 -17.87
C ARG F 292 -126.83 60.15 -17.29
N TRP F 293 -127.41 60.63 -16.19
CA TRP F 293 -128.55 59.97 -15.59
C TRP F 293 -129.76 60.13 -16.50
N VAL F 294 -130.52 59.05 -16.67
CA VAL F 294 -131.72 59.09 -17.50
C VAL F 294 -132.92 58.83 -16.61
N ARG F 295 -133.93 59.69 -16.73
CA ARG F 295 -135.15 59.58 -15.95
C ARG F 295 -136.14 58.69 -16.70
N VAL F 296 -136.65 57.66 -16.03
CA VAL F 296 -137.61 56.76 -16.65
C VAL F 296 -138.95 56.96 -15.95
N LEU F 297 -140.04 56.64 -16.67
CA LEU F 297 -141.43 56.79 -16.25
C LEU F 297 -141.71 58.26 -15.94
N PRO F 298 -141.74 59.13 -16.95
CA PRO F 298 -141.96 60.55 -16.65
C PRO F 298 -143.40 60.86 -16.28
N SER F 299 -144.34 59.96 -16.55
CA SER F 299 -145.75 60.21 -16.34
C SER F 299 -146.27 59.63 -15.03
N GLU F 300 -145.42 59.00 -14.23
CA GLU F 300 -145.85 58.32 -13.02
C GLU F 300 -145.05 58.82 -11.82
N CYS F 301 -145.70 58.84 -10.66
CA CYS F 301 -145.05 59.21 -9.41
C CYS F 301 -144.84 57.94 -8.59
N ILE F 302 -143.60 57.47 -8.56
CA ILE F 302 -143.25 56.19 -7.95
C ILE F 302 -143.17 56.35 -6.45
N LYS F 303 -143.85 55.48 -5.71
CA LYS F 303 -143.74 55.52 -4.25
C LYS F 303 -142.65 54.62 -3.71
N ARG F 304 -142.31 53.53 -4.39
CA ARG F 304 -141.19 52.72 -3.92
C ARG F 304 -140.60 51.90 -5.04
N LEU F 305 -139.34 51.49 -4.84
CA LEU F 305 -138.60 50.65 -5.77
C LEU F 305 -138.32 49.33 -5.09
N CYS F 306 -138.54 48.22 -5.81
CA CYS F 306 -138.41 46.90 -5.23
C CYS F 306 -137.35 46.10 -5.96
N PRO F 307 -136.45 45.44 -5.25
CA PRO F 307 -135.37 44.68 -5.89
C PRO F 307 -135.73 43.22 -6.11
N VAL F 308 -135.11 42.65 -7.14
CA VAL F 308 -135.20 41.23 -7.43
C VAL F 308 -133.78 40.67 -7.30
N TYR F 309 -133.56 39.82 -6.29
CA TYR F 309 -132.21 39.35 -6.02
C TYR F 309 -131.73 38.36 -7.07
N ALA F 310 -132.61 37.46 -7.50
CA ALA F 310 -132.23 36.40 -8.42
C ALA F 310 -132.25 36.94 -9.86
N SER F 311 -132.11 36.04 -10.83
CA SER F 311 -132.07 36.41 -12.23
C SER F 311 -132.48 35.21 -13.06
N GLY F 312 -133.12 35.47 -14.18
CA GLY F 312 -133.57 34.41 -15.06
C GLY F 312 -133.66 34.88 -16.50
N ASN F 313 -133.58 33.91 -17.41
CA ASN F 313 -133.68 34.15 -18.86
C ASN F 313 -132.64 35.15 -19.35
N GLY F 314 -131.48 35.20 -18.69
CA GLY F 314 -130.41 36.07 -19.12
C GLY F 314 -130.74 37.54 -19.01
N SER F 315 -131.35 37.96 -17.91
CA SER F 315 -131.74 39.35 -17.73
C SER F 315 -131.83 39.65 -16.25
N GLU F 316 -131.93 40.94 -15.93
CA GLU F 316 -132.17 41.38 -14.57
C GLU F 316 -133.50 42.11 -14.51
N TYR F 317 -134.00 42.31 -13.29
CA TYR F 317 -135.31 42.93 -13.12
C TYR F 317 -135.30 43.89 -11.95
N VAL F 318 -136.25 44.82 -11.99
CA VAL F 318 -136.56 45.72 -10.88
C VAL F 318 -138.07 45.97 -10.92
N LEU F 319 -138.62 46.39 -9.80
CA LEU F 319 -140.04 46.69 -9.71
C LEU F 319 -140.24 48.11 -9.23
N ALA F 320 -141.37 48.71 -9.59
CA ALA F 320 -141.71 50.06 -9.16
C ALA F 320 -143.16 50.10 -8.74
N LEU F 321 -143.41 50.35 -7.47
CA LEU F 321 -144.76 50.53 -6.94
C LEU F 321 -145.08 52.01 -6.98
N THR F 322 -146.26 52.35 -7.50
CA THR F 322 -146.70 53.71 -7.71
C THR F 322 -147.67 54.15 -6.62
N THR F 323 -148.04 55.42 -6.68
CA THR F 323 -149.05 55.98 -5.79
C THR F 323 -149.73 57.15 -6.49
N GLY F 324 -150.90 57.51 -6.00
CA GLY F 324 -151.64 58.62 -6.57
C GLY F 324 -152.39 58.25 -7.83
N LYS F 325 -151.66 57.87 -8.87
CA LYS F 325 -152.25 57.38 -10.11
C LYS F 325 -151.96 55.89 -10.25
N ASN F 326 -152.92 55.18 -10.84
CA ASN F 326 -152.78 53.77 -11.20
C ASN F 326 -152.42 52.93 -9.98
N GLU F 327 -153.23 53.11 -8.92
CA GLU F 327 -152.92 52.52 -7.63
C GLU F 327 -152.91 51.00 -7.68
N GLY F 328 -153.81 50.40 -8.44
CA GLY F 328 -153.88 48.95 -8.51
C GLY F 328 -152.79 48.30 -9.33
N TYR F 329 -151.92 49.09 -9.95
CA TYR F 329 -150.91 48.58 -10.86
C TYR F 329 -149.52 48.76 -10.27
N ILE F 330 -148.57 47.98 -10.80
CA ILE F 330 -147.14 48.18 -10.56
C ILE F 330 -146.42 48.06 -11.89
N HIS F 331 -145.17 48.54 -11.92
CA HIS F 331 -144.36 48.52 -13.13
C HIS F 331 -143.21 47.54 -12.94
N ILE F 332 -142.88 46.81 -14.01
CA ILE F 332 -141.77 45.86 -14.00
C ILE F 332 -140.77 46.31 -15.04
N GLY F 333 -139.51 46.49 -14.63
CA GLY F 333 -138.44 46.90 -15.52
C GLY F 333 -137.49 45.75 -15.75
N THR F 334 -137.24 45.47 -17.03
CA THR F 334 -136.36 44.39 -17.45
C THR F 334 -135.09 44.98 -18.05
N ILE F 335 -133.94 44.49 -17.60
CA ILE F 335 -132.63 44.95 -18.03
C ILE F 335 -132.00 43.83 -18.83
N THR F 336 -131.76 44.08 -20.12
CA THR F 336 -131.09 43.13 -21.01
C THR F 336 -130.01 43.87 -21.78
N ASP F 337 -128.76 43.43 -21.60
CA ASP F 337 -127.62 43.89 -22.39
C ASP F 337 -127.47 45.41 -22.38
N GLY F 338 -127.62 46.00 -21.20
CA GLY F 338 -127.47 47.43 -21.06
C GLY F 338 -128.68 48.25 -21.46
N LEU F 339 -129.76 47.60 -21.87
CA LEU F 339 -130.98 48.28 -22.27
C LEU F 339 -132.08 47.97 -21.28
N VAL F 340 -132.70 49.01 -20.74
CA VAL F 340 -133.79 48.84 -19.78
C VAL F 340 -135.11 49.10 -20.49
N SER F 341 -136.15 48.40 -20.04
CA SER F 341 -137.47 48.56 -20.63
C SER F 341 -138.52 48.33 -19.55
N PHE F 342 -139.45 49.26 -19.41
CA PHE F 342 -140.45 49.18 -18.36
C PHE F 342 -141.82 48.84 -18.94
N GLU F 343 -142.52 47.93 -18.25
CA GLU F 343 -143.76 47.35 -18.73
C GLU F 343 -144.80 47.41 -17.62
N MET F 344 -146.06 47.51 -18.01
CA MET F 344 -147.17 47.81 -17.11
C MET F 344 -147.93 46.49 -16.93
N VAL F 345 -147.58 45.75 -15.88
CA VAL F 345 -147.90 44.32 -15.83
C VAL F 345 -149.40 43.99 -15.79
N PRO F 346 -150.25 44.65 -14.95
CA PRO F 346 -151.61 44.13 -14.81
C PRO F 346 -152.54 44.52 -15.96
N ASP F 347 -151.97 45.08 -17.04
CA ASP F 347 -152.68 45.38 -18.28
C ASP F 347 -153.84 46.35 -18.06
N GLY F 348 -154.95 46.10 -18.75
CA GLY F 348 -156.08 47.01 -18.68
C GLY F 348 -156.75 47.05 -17.32
N TRP F 349 -156.96 45.89 -16.71
CA TRP F 349 -157.72 45.81 -15.48
C TRP F 349 -156.80 45.86 -14.27
N SER F 350 -157.09 46.79 -13.36
CA SER F 350 -156.34 46.85 -12.11
C SER F 350 -156.73 45.68 -11.22
N VAL F 351 -155.86 45.38 -10.25
CA VAL F 351 -156.11 44.26 -9.36
C VAL F 351 -157.14 44.57 -8.29
N CYS F 352 -157.49 45.85 -8.11
CA CYS F 352 -158.45 46.21 -7.08
C CYS F 352 -159.87 45.78 -7.40
N GLU F 353 -160.14 45.37 -8.65
CA GLU F 353 -161.50 44.99 -9.00
C GLU F 353 -161.76 43.51 -8.72
N LYS F 354 -160.73 42.67 -8.73
CA LYS F 354 -160.88 41.24 -8.48
C LYS F 354 -160.74 40.91 -7.01
N LEU F 355 -160.92 41.90 -6.14
CA LEU F 355 -160.63 41.73 -4.72
C LEU F 355 -161.61 42.57 -3.94
N PRO F 356 -162.14 42.08 -2.82
CA PRO F 356 -163.21 42.79 -2.11
C PRO F 356 -162.76 44.15 -1.58
N GLY F 357 -163.67 45.10 -1.63
CA GLY F 357 -163.41 46.46 -1.21
C GLY F 357 -163.57 47.44 -2.36
N LYS F 358 -163.69 48.72 -2.00
CA LYS F 358 -163.86 49.77 -3.01
C LYS F 358 -162.59 49.95 -3.82
N ASN F 359 -161.45 50.11 -3.14
CA ASN F 359 -160.19 50.32 -3.84
C ASN F 359 -159.06 49.75 -2.99
N CYS F 360 -157.95 49.42 -3.65
CA CYS F 360 -156.88 48.67 -3.04
C CYS F 360 -155.55 49.40 -3.23
N SER F 361 -154.57 49.05 -2.40
CA SER F 361 -153.25 49.67 -2.45
C SER F 361 -152.18 48.60 -2.40
N ILE F 362 -151.22 48.68 -3.31
CA ILE F 362 -150.11 47.74 -3.35
C ILE F 362 -149.02 48.23 -2.41
N ASP F 363 -148.50 47.33 -1.57
CA ASP F 363 -147.55 47.72 -0.55
C ASP F 363 -146.16 47.17 -0.75
N TRP F 364 -146.02 45.92 -1.19
CA TRP F 364 -144.73 45.33 -1.47
C TRP F 364 -144.94 44.21 -2.47
N ALA F 365 -143.88 43.89 -3.23
CA ALA F 365 -144.00 42.86 -4.26
C ALA F 365 -142.64 42.23 -4.49
N THR F 366 -142.64 40.91 -4.69
CA THR F 366 -141.45 40.17 -5.07
C THR F 366 -141.76 39.38 -6.34
N TYR F 367 -140.81 39.37 -7.26
CA TYR F 367 -140.99 38.75 -8.57
C TYR F 367 -140.14 37.49 -8.65
N ILE F 368 -140.78 36.34 -8.65
CA ILE F 368 -140.11 35.07 -8.88
C ILE F 368 -139.90 34.96 -10.39
N ALA F 369 -138.64 35.08 -10.82
CA ALA F 369 -138.31 34.95 -12.24
C ALA F 369 -138.61 33.56 -12.75
N ASP F 370 -138.31 32.53 -11.96
CA ASP F 370 -138.83 31.21 -12.24
C ASP F 370 -140.34 31.23 -12.03
N GLU F 371 -141.06 30.52 -12.90
CA GLU F 371 -142.52 30.41 -12.96
C GLU F 371 -143.20 31.73 -13.32
N ARG F 372 -142.44 32.80 -13.56
CA ARG F 372 -142.97 34.13 -13.90
C ARG F 372 -144.03 34.60 -12.90
N ASN F 373 -143.77 34.40 -11.61
CA ASN F 373 -144.78 34.73 -10.61
C ASN F 373 -144.49 36.08 -9.99
N LEU F 374 -145.55 36.72 -9.49
CA LEU F 374 -145.44 38.04 -8.89
C LEU F 374 -146.30 38.05 -7.64
N LEU F 375 -145.67 37.95 -6.48
CA LEU F 375 -146.40 37.93 -5.22
C LEU F 375 -146.44 39.33 -4.65
N LEU F 376 -147.61 39.77 -4.19
CA LEU F 376 -147.76 41.16 -3.81
C LEU F 376 -148.74 41.31 -2.66
N LEU F 377 -148.41 42.22 -1.75
CA LEU F 377 -149.22 42.56 -0.60
C LEU F 377 -150.18 43.68 -0.97
N VAL F 378 -151.45 43.51 -0.62
CA VAL F 378 -152.49 44.47 -0.96
C VAL F 378 -153.22 44.84 0.33
N LYS F 379 -153.30 46.14 0.60
CA LYS F 379 -154.11 46.66 1.69
C LYS F 379 -155.44 47.14 1.14
N ILE F 380 -156.52 46.82 1.85
CA ILE F 380 -157.86 47.20 1.40
C ILE F 380 -158.36 48.36 2.23
N ASP F 381 -159.52 48.91 1.85
CA ASP F 381 -160.02 50.14 2.47
C ASP F 381 -160.24 49.97 3.97
N SER F 382 -160.82 48.84 4.37
CA SER F 382 -161.13 48.62 5.78
C SER F 382 -159.86 48.52 6.62
N GLY F 383 -158.84 47.86 6.09
CA GLY F 383 -157.59 47.72 6.84
C GLY F 383 -157.06 46.31 6.85
N GLN F 384 -157.61 45.43 6.02
CA GLN F 384 -157.11 44.07 5.95
C GLN F 384 -156.07 43.94 4.85
N PHE F 385 -155.14 43.01 5.06
CA PHE F 385 -154.07 42.72 4.13
C PHE F 385 -154.30 41.36 3.48
N TYR F 386 -154.21 41.33 2.16
CA TYR F 386 -154.26 40.10 1.40
C TYR F 386 -152.95 39.95 0.65
N LEU F 387 -152.34 38.78 0.79
CA LEU F 387 -151.22 38.42 -0.05
C LEU F 387 -151.82 37.74 -1.28
N VAL F 388 -151.59 38.31 -2.46
CA VAL F 388 -152.16 37.82 -3.70
C VAL F 388 -151.03 37.50 -4.66
N ASN F 389 -151.37 36.77 -5.71
CA ASN F 389 -150.39 36.30 -6.67
C ASN F 389 -150.89 36.56 -8.08
N PHE F 390 -149.99 37.04 -8.94
CA PHE F 390 -150.29 37.27 -10.34
C PHE F 390 -149.27 36.51 -11.18
N ASN F 391 -149.73 35.81 -12.21
CA ASN F 391 -148.82 35.10 -13.08
C ASN F 391 -148.61 35.90 -14.36
N THR F 392 -147.40 35.84 -14.90
CA THR F 392 -147.04 36.67 -16.05
C THR F 392 -147.23 35.97 -17.38
N GLU F 393 -146.92 34.67 -17.47
CA GLU F 393 -147.12 33.93 -18.72
C GLU F 393 -148.59 33.90 -19.11
N PHE F 394 -149.46 33.69 -18.13
CA PHE F 394 -150.88 33.92 -18.32
C PHE F 394 -151.23 35.31 -17.80
N LYS F 395 -152.52 35.61 -17.73
CA LYS F 395 -152.98 36.84 -17.11
C LYS F 395 -153.89 36.51 -15.94
N THR F 396 -153.54 35.46 -15.20
CA THR F 396 -154.35 35.01 -14.08
C THR F 396 -153.84 35.60 -12.77
N LEU F 397 -154.78 35.76 -11.84
CA LEU F 397 -154.52 36.38 -10.55
C LEU F 397 -155.39 35.69 -9.52
N ASN F 398 -154.81 35.38 -8.36
CA ASN F 398 -155.57 34.68 -7.32
C ASN F 398 -155.23 35.21 -5.95
N ILE F 399 -156.23 35.19 -5.06
CA ILE F 399 -156.00 35.47 -3.66
C ILE F 399 -155.26 34.29 -3.04
N LEU F 400 -154.12 34.58 -2.43
CA LEU F 400 -153.29 33.52 -1.86
C LEU F 400 -153.50 33.35 -0.36
N TYR F 401 -153.60 34.46 0.38
CA TYR F 401 -153.81 34.36 1.81
C TYR F 401 -154.39 35.68 2.32
N LYS F 402 -155.11 35.58 3.43
CA LYS F 402 -155.63 36.75 4.14
C LYS F 402 -154.90 36.83 5.47
N ILE F 403 -154.12 37.89 5.65
CA ILE F 403 -153.37 38.03 6.91
C ILE F 403 -154.37 38.35 8.03
N PRO F 404 -154.35 37.60 9.13
CA PRO F 404 -155.25 37.91 10.25
C PRO F 404 -155.00 39.30 10.79
N GLU F 405 -156.03 39.84 11.43
CA GLU F 405 -155.93 41.19 11.98
C GLU F 405 -155.14 41.20 13.30
N PHE F 406 -155.29 40.15 14.11
CA PHE F 406 -154.72 40.10 15.45
C PHE F 406 -153.84 38.88 15.60
N ILE F 407 -152.67 39.08 16.20
CA ILE F 407 -151.67 38.01 16.22
C ILE F 407 -152.13 36.89 17.16
N PRO F 408 -151.81 35.64 16.83
CA PRO F 408 -152.19 34.54 17.72
C PRO F 408 -151.40 34.58 19.01
N GLU F 409 -151.85 33.78 19.97
CA GLU F 409 -151.20 33.66 21.26
C GLU F 409 -150.68 32.25 21.45
N ALA F 410 -149.51 32.14 22.07
CA ALA F 410 -148.94 30.85 22.43
C ALA F 410 -148.05 31.07 23.64
N LYS F 411 -148.55 30.70 24.81
CA LYS F 411 -147.83 30.98 26.06
C LYS F 411 -146.56 30.15 26.16
N GLU F 412 -146.56 28.94 25.61
CA GLU F 412 -145.42 28.06 25.70
C GLU F 412 -145.01 27.42 24.38
N LEU F 413 -145.83 27.52 23.35
CA LEU F 413 -145.47 26.99 22.05
C LEU F 413 -144.52 27.93 21.33
N ASP F 414 -143.57 27.35 20.61
CA ASP F 414 -142.58 28.12 19.88
C ASP F 414 -143.00 28.40 18.44
N PHE F 415 -143.71 27.47 17.82
CA PHE F 415 -144.20 27.61 16.46
C PHE F 415 -145.66 27.19 16.44
N LEU F 416 -146.47 27.87 15.64
CA LEU F 416 -147.89 27.53 15.56
C LEU F 416 -148.35 27.55 14.11
N VAL F 417 -148.98 26.47 13.67
CA VAL F 417 -149.54 26.39 12.33
C VAL F 417 -150.85 27.17 12.32
N LEU F 418 -151.00 28.09 11.37
CA LEU F 418 -152.17 28.95 11.34
C LEU F 418 -153.37 28.24 10.73
N LEU F 419 -154.07 27.46 11.54
CA LEU F 419 -155.32 26.85 11.11
C LEU F 419 -156.46 27.85 11.33
N ASP F 420 -157.70 27.42 11.11
CA ASP F 420 -158.85 28.31 11.18
C ASP F 420 -159.29 28.62 12.61
N THR F 421 -158.91 27.80 13.59
CA THR F 421 -159.42 27.92 14.96
C THR F 421 -158.25 28.27 15.88
N VAL F 422 -157.96 29.55 16.01
CA VAL F 422 -156.87 30.03 16.86
C VAL F 422 -157.46 31.10 17.78
N THR F 423 -156.85 31.26 18.94
CA THR F 423 -157.16 32.34 19.87
C THR F 423 -156.26 33.53 19.57
N TYR F 424 -156.86 34.69 19.39
CA TYR F 424 -156.13 35.90 19.03
C TYR F 424 -155.94 36.81 20.23
N THR F 425 -154.84 37.55 20.20
CA THR F 425 -154.63 38.62 21.15
C THR F 425 -155.38 39.87 20.67
N ASN F 426 -155.18 41.00 21.35
CA ASN F 426 -155.85 42.23 20.95
C ASN F 426 -154.97 43.19 20.17
N THR F 427 -153.65 43.07 20.29
CA THR F 427 -152.74 43.98 19.63
C THR F 427 -152.74 43.74 18.11
N PRO F 428 -152.63 44.79 17.30
CA PRO F 428 -152.79 44.64 15.86
C PRO F 428 -151.57 44.01 15.18
N MET F 429 -151.80 43.55 13.95
CA MET F 429 -150.78 42.96 13.09
C MET F 429 -150.41 43.87 11.93
N THR F 430 -149.12 44.14 11.78
CA THR F 430 -148.65 44.97 10.68
C THR F 430 -147.69 44.20 9.79
N PRO F 431 -148.17 43.65 8.68
CA PRO F 431 -147.26 43.05 7.70
C PRO F 431 -146.52 44.14 6.92
N LYS F 432 -145.20 44.17 7.09
CA LYS F 432 -144.37 45.20 6.46
C LYS F 432 -143.78 44.75 5.13
N GLY F 433 -143.41 43.49 4.99
CA GLY F 433 -142.84 43.06 3.73
C GLY F 433 -142.80 41.56 3.66
N LEU F 434 -142.21 41.07 2.56
CA LEU F 434 -142.05 39.63 2.37
C LEU F 434 -140.69 39.37 1.74
N PHE F 435 -140.32 38.10 1.72
CA PHE F 435 -139.06 37.68 1.14
C PHE F 435 -139.22 36.26 0.59
N PHE F 436 -138.81 36.05 -0.64
CA PHE F 436 -138.88 34.74 -1.27
C PHE F 436 -137.48 34.21 -1.52
N ASN F 437 -137.24 32.99 -1.09
CA ASN F 437 -136.01 32.26 -1.38
C ASN F 437 -136.37 31.16 -2.37
N THR F 438 -135.83 31.25 -3.58
CA THR F 438 -136.15 30.31 -4.64
C THR F 438 -135.33 29.03 -4.58
N LEU F 439 -134.20 29.03 -3.87
CA LEU F 439 -133.46 27.79 -3.67
C LEU F 439 -134.23 26.83 -2.77
N ASN F 440 -134.86 27.37 -1.72
CA ASN F 440 -135.58 26.55 -0.75
C ASN F 440 -137.09 26.64 -0.92
N ASN F 441 -137.57 27.40 -1.90
CA ASN F 441 -139.00 27.61 -2.15
C ASN F 441 -139.72 28.10 -0.90
N MET F 442 -139.08 29.03 -0.18
CA MET F 442 -139.54 29.44 1.12
C MET F 442 -139.97 30.90 1.11
N LEU F 443 -141.10 31.19 1.77
CA LEU F 443 -141.66 32.53 1.81
C LEU F 443 -141.71 33.01 3.25
N TYR F 444 -141.22 34.22 3.50
CA TYR F 444 -141.27 34.86 4.79
C TYR F 444 -142.11 36.13 4.69
N ILE F 445 -142.92 36.38 5.71
CA ILE F 445 -143.69 37.61 5.83
C ILE F 445 -143.30 38.27 7.14
N TRP F 446 -142.81 39.51 7.06
CA TRP F 446 -142.22 40.17 8.21
C TRP F 446 -142.89 41.52 8.44
N GLY F 447 -142.63 42.05 9.63
CA GLY F 447 -143.34 43.19 10.18
C GLY F 447 -143.28 43.14 11.69
N ASN F 448 -144.44 43.12 12.34
CA ASN F 448 -144.50 42.92 13.77
C ASN F 448 -144.37 41.45 14.18
N PHE F 449 -143.91 40.58 13.29
CA PHE F 449 -144.04 39.13 13.47
C PHE F 449 -143.10 38.45 12.48
N ILE F 450 -143.10 37.12 12.48
CA ILE F 450 -142.47 36.33 11.44
C ILE F 450 -143.39 35.16 11.10
N LEU F 451 -143.79 35.08 9.84
CA LEU F 451 -144.58 33.98 9.29
C LEU F 451 -143.76 33.30 8.21
N GLN F 452 -143.80 31.97 8.17
CA GLN F 452 -143.01 31.20 7.22
C GLN F 452 -143.88 30.17 6.54
N SER F 453 -143.68 29.97 5.23
CA SER F 453 -144.47 29.02 4.47
C SER F 453 -143.59 28.20 3.54
N TYR F 454 -143.79 26.89 3.53
CA TYR F 454 -143.09 26.01 2.60
C TYR F 454 -143.82 25.97 1.26
N ASN F 455 -145.08 25.54 1.29
CA ASN F 455 -145.98 25.69 0.15
C ASN F 455 -146.61 27.08 0.23
N ARG F 456 -147.65 27.32 -0.55
CA ARG F 456 -148.33 28.61 -0.53
C ARG F 456 -149.77 28.49 -0.04
N GLU F 457 -150.02 27.61 0.91
CA GLU F 457 -151.34 27.50 1.52
C GLU F 457 -151.31 27.57 3.04
N GLU F 458 -150.32 26.97 3.68
CA GLU F 458 -150.26 26.91 5.14
C GLU F 458 -149.06 27.70 5.65
N PHE F 459 -149.24 28.36 6.79
CA PHE F 459 -148.25 29.27 7.34
C PHE F 459 -147.94 28.90 8.78
N ILE F 460 -146.72 29.21 9.20
CA ILE F 460 -146.23 28.89 10.53
C ILE F 460 -145.78 30.19 11.18
N PHE F 461 -146.39 30.51 12.32
CA PHE F 461 -146.03 31.69 13.10
C PHE F 461 -144.90 31.32 14.03
N LEU F 462 -143.79 32.07 13.97
CA LEU F 462 -142.64 31.82 14.81
C LEU F 462 -142.72 32.76 16.00
N ALA F 463 -143.13 32.23 17.16
CA ALA F 463 -143.53 33.08 18.28
C ALA F 463 -142.36 33.56 19.13
N ASP F 464 -141.13 33.17 18.83
CA ASP F 464 -140.00 33.66 19.60
C ASP F 464 -139.75 35.15 19.38
N PHE F 465 -139.99 35.65 18.18
CA PHE F 465 -139.81 37.08 17.92
C PHE F 465 -140.89 37.86 18.65
N PRO F 466 -140.53 38.86 19.44
CA PRO F 466 -141.54 39.53 20.28
C PRO F 466 -142.47 40.41 19.46
N LYS F 467 -143.63 40.68 20.04
CA LYS F 467 -144.69 41.41 19.36
C LYS F 467 -144.53 42.91 19.41
N GLU F 468 -143.56 43.43 20.14
CA GLU F 468 -143.40 44.87 20.29
C GLU F 468 -142.36 45.46 19.36
N SER F 469 -141.41 44.67 18.88
CA SER F 469 -140.36 45.13 17.99
C SER F 469 -140.75 44.85 16.55
N THR F 470 -140.58 45.84 15.69
CA THR F 470 -140.94 45.73 14.28
C THR F 470 -139.68 45.57 13.45
N ILE F 471 -139.70 44.61 12.53
CA ILE F 471 -138.55 44.34 11.68
C ILE F 471 -138.37 45.49 10.70
N LYS F 472 -137.25 46.19 10.79
CA LYS F 472 -136.97 47.23 9.81
C LYS F 472 -136.61 46.62 8.46
N TYR F 473 -135.74 45.60 8.47
CA TYR F 473 -135.39 44.90 7.24
C TYR F 473 -134.73 43.58 7.60
N MET F 474 -134.41 42.81 6.56
CA MET F 474 -133.72 41.54 6.73
C MET F 474 -132.83 41.26 5.54
N VAL F 475 -131.79 40.46 5.78
CA VAL F 475 -130.88 40.00 4.74
C VAL F 475 -130.76 38.49 4.86
N ASN F 476 -130.37 37.86 3.75
CA ASN F 476 -130.25 36.41 3.69
C ASN F 476 -128.94 36.02 3.02
N SER F 477 -128.41 34.86 3.39
CA SER F 477 -127.14 34.41 2.83
C SER F 477 -127.30 33.45 1.66
N PHE F 478 -128.52 33.00 1.39
CA PHE F 478 -128.81 31.96 0.38
C PHE F 478 -128.06 30.67 0.67
N LYS F 479 -127.69 30.46 1.94
CA LYS F 479 -127.07 29.21 2.36
C LYS F 479 -127.62 28.73 3.70
N GLY F 480 -128.82 29.17 4.08
CA GLY F 480 -129.47 28.69 5.29
C GLY F 480 -129.53 29.68 6.42
N GLN F 481 -128.86 30.82 6.33
CA GLN F 481 -128.78 31.78 7.43
C GLN F 481 -129.40 33.10 7.02
N MET F 482 -130.02 33.76 8.00
CA MET F 482 -130.81 34.96 7.73
C MET F 482 -130.73 35.87 8.93
N ALA F 483 -130.67 37.18 8.69
CA ALA F 483 -130.50 38.18 9.73
C ALA F 483 -131.61 39.21 9.65
N VAL F 484 -132.11 39.63 10.80
CA VAL F 484 -133.21 40.59 10.90
C VAL F 484 -132.73 41.78 11.71
N VAL F 485 -132.92 42.98 11.19
CA VAL F 485 -132.58 44.21 11.89
C VAL F 485 -133.88 44.96 12.15
N THR F 486 -134.14 45.27 13.43
CA THR F 486 -135.36 45.97 13.80
C THR F 486 -135.13 47.47 13.73
N GLU F 487 -136.08 48.25 14.22
CA GLU F 487 -135.96 49.71 14.23
C GLU F 487 -135.31 50.26 15.48
N ASN F 488 -135.05 49.43 16.49
CA ASN F 488 -134.23 49.81 17.63
C ASN F 488 -132.77 49.48 17.41
N GLU F 489 -132.41 49.11 16.18
CA GLU F 489 -131.07 48.65 15.81
C GLU F 489 -130.64 47.47 16.67
N GLU F 490 -131.53 46.49 16.83
CA GLU F 490 -131.17 45.19 17.36
C GLU F 490 -131.25 44.16 16.25
N ILE F 491 -130.37 43.18 16.32
CA ILE F 491 -130.16 42.21 15.25
C ILE F 491 -130.49 40.82 15.79
N TRP F 492 -131.19 40.04 14.97
CA TRP F 492 -131.57 38.68 15.30
C TRP F 492 -131.08 37.74 14.19
N TYR F 493 -130.84 36.49 14.58
CA TYR F 493 -130.28 35.49 13.69
C TYR F 493 -131.26 34.33 13.58
N PHE F 494 -131.38 33.76 12.38
CA PHE F 494 -132.28 32.64 12.14
C PHE F 494 -131.63 31.65 11.18
N LEU F 495 -131.68 30.38 11.56
CA LEU F 495 -131.25 29.28 10.70
C LEU F 495 -132.50 28.61 10.13
N GLU F 496 -132.43 28.21 8.87
CA GLU F 496 -133.57 27.57 8.24
C GLU F 496 -133.83 26.16 8.76
N GLY F 497 -132.91 25.59 9.53
CA GLY F 497 -133.05 24.26 10.05
C GLY F 497 -133.87 24.11 11.31
N GLY F 498 -134.29 25.21 11.92
CA GLY F 498 -135.07 25.12 13.15
C GLY F 498 -136.26 26.06 13.17
N TYR F 499 -136.80 26.29 14.36
CA TYR F 499 -137.90 27.23 14.51
C TYR F 499 -137.61 28.27 15.59
N ASP F 500 -136.34 28.59 15.82
CA ASP F 500 -135.95 29.53 16.85
C ASP F 500 -135.19 30.69 16.24
N VAL F 501 -135.42 31.88 16.81
CA VAL F 501 -134.73 33.10 16.39
C VAL F 501 -133.88 33.56 17.56
N TYR F 502 -132.58 33.71 17.32
CA TYR F 502 -131.62 34.03 18.36
C TYR F 502 -131.21 35.49 18.28
N GLN F 503 -131.25 36.19 19.41
CA GLN F 503 -130.76 37.56 19.46
C GLN F 503 -129.25 37.56 19.64
N VAL F 504 -128.57 38.49 18.96
CA VAL F 504 -127.12 38.49 18.92
C VAL F 504 -126.53 39.82 19.41
N VAL F 505 -127.02 40.95 18.92
CA VAL F 505 -126.27 42.19 19.11
C VAL F 505 -126.47 42.74 20.53
N PRO F 506 -127.69 42.98 21.05
CA PRO F 506 -127.77 43.24 22.49
C PRO F 506 -127.78 41.93 23.26
N SER F 507 -126.65 41.53 23.85
CA SER F 507 -126.56 40.22 24.45
C SER F 507 -125.31 40.14 25.32
N GLN F 508 -125.35 39.19 26.26
CA GLN F 508 -124.18 38.88 27.09
C GLN F 508 -123.01 38.38 26.25
N GLY F 509 -123.30 37.54 25.26
CA GLY F 509 -122.24 37.06 24.37
C GLY F 509 -121.59 38.20 23.61
N TRP F 510 -122.40 39.15 23.13
CA TRP F 510 -121.84 40.31 22.46
C TRP F 510 -121.03 41.16 23.42
N GLU F 511 -121.49 41.30 24.66
CA GLU F 511 -120.74 42.07 25.66
C GLU F 511 -119.37 41.44 25.90
N THR F 512 -119.34 40.11 26.05
CA THR F 512 -118.06 39.42 26.30
C THR F 512 -117.12 39.54 25.11
N TYR F 513 -117.62 39.26 23.90
CA TYR F 513 -116.78 39.35 22.71
C TYR F 513 -116.29 40.78 22.47
N HIS F 514 -117.18 41.76 22.67
CA HIS F 514 -116.80 43.14 22.49
C HIS F 514 -115.71 43.56 23.47
N ASN F 515 -115.90 43.22 24.75
CA ASN F 515 -114.91 43.57 25.76
C ASN F 515 -113.57 42.89 25.49
N LEU F 516 -113.60 41.65 24.99
CA LEU F 516 -112.37 40.98 24.61
C LEU F 516 -111.68 41.72 23.46
N GLN F 517 -112.45 42.20 22.49
CA GLN F 517 -111.86 42.95 21.39
C GLN F 517 -111.26 44.27 21.86
N LYS F 518 -111.92 44.96 22.80
CA LYS F 518 -111.32 46.15 23.38
C LYS F 518 -110.04 45.84 24.15
N MET F 519 -110.01 44.73 24.88
CA MET F 519 -108.84 44.39 25.69
C MET F 519 -107.70 43.82 24.86
N GLN F 520 -107.96 43.40 23.62
CA GLN F 520 -106.90 42.98 22.71
C GLN F 520 -106.39 44.12 21.83
N LYS F 521 -106.76 45.38 22.15
CA LYS F 521 -106.34 46.56 21.39
C LYS F 521 -106.70 46.47 19.92
N SER F 522 -107.95 46.08 19.65
CA SER F 522 -108.43 46.02 18.28
C SER F 522 -108.61 47.42 17.71
N SER F 523 -108.47 47.53 16.39
CA SER F 523 -108.62 48.79 15.69
C SER F 523 -109.98 48.94 15.03
N PHE F 524 -110.85 47.95 15.15
CA PHE F 524 -112.17 47.99 14.54
C PHE F 524 -113.28 48.29 15.54
N HIS F 525 -112.97 48.39 16.83
CA HIS F 525 -113.97 48.45 17.87
C HIS F 525 -113.72 49.67 18.75
N SER F 526 -114.78 50.35 19.17
CA SER F 526 -114.64 51.58 19.94
C SER F 526 -115.73 51.64 21.00
N GLU F 527 -115.76 52.77 21.72
CA GLU F 527 -116.82 53.00 22.70
C GLU F 527 -118.01 53.72 22.10
N ASP F 528 -117.88 54.20 20.86
CA ASP F 528 -118.95 54.89 20.17
C ASP F 528 -118.94 54.47 18.71
N GLU F 529 -119.97 53.74 18.30
CA GLU F 529 -120.06 53.26 16.93
C GLU F 529 -121.50 53.33 16.47
N SER F 530 -121.67 53.57 15.18
CA SER F 530 -122.99 53.68 14.56
C SER F 530 -123.04 52.75 13.37
N LEU F 531 -123.92 51.76 13.43
CA LEU F 531 -124.03 50.78 12.35
C LEU F 531 -124.65 51.43 11.13
N VAL F 532 -123.95 51.37 9.99
CA VAL F 532 -124.46 51.93 8.76
C VAL F 532 -125.20 50.89 7.95
N SER F 533 -124.62 49.71 7.78
CA SER F 533 -125.34 48.63 7.10
C SER F 533 -124.71 47.30 7.46
N LEU F 534 -125.39 46.22 7.06
CA LEU F 534 -124.83 44.89 7.21
C LEU F 534 -125.23 44.07 5.99
N PHE F 535 -124.41 43.08 5.66
CA PHE F 535 -124.63 42.26 4.49
C PHE F 535 -123.87 40.95 4.63
N PHE F 536 -123.97 40.12 3.61
CA PHE F 536 -123.40 38.79 3.61
C PHE F 536 -122.33 38.69 2.53
N GLU F 537 -121.33 37.85 2.79
CA GLU F 537 -120.26 37.63 1.82
C GLU F 537 -119.76 36.20 1.99
N ASP F 538 -120.13 35.34 1.05
CA ASP F 538 -119.66 33.95 0.99
C ASP F 538 -119.95 33.19 2.27
N GLY F 539 -121.11 33.46 2.88
CA GLY F 539 -121.49 32.81 4.11
C GLY F 539 -121.00 33.46 5.37
N LYS F 540 -120.37 34.63 5.29
CA LYS F 540 -119.92 35.36 6.48
C LYS F 540 -120.73 36.64 6.61
N LEU F 541 -121.05 37.01 7.86
CA LEU F 541 -121.83 38.19 8.14
C LEU F 541 -120.88 39.37 8.37
N PHE F 542 -120.98 40.39 7.54
CA PHE F 542 -120.21 41.61 7.69
C PHE F 542 -121.13 42.76 8.02
N GLN F 543 -120.60 43.74 8.73
CA GLN F 543 -121.33 44.99 8.94
C GLN F 543 -120.37 46.14 8.73
N LEU F 544 -120.82 47.14 7.96
CA LEU F 544 -120.09 48.39 7.87
C LEU F 544 -120.62 49.35 8.92
N VAL F 545 -119.70 49.85 9.75
CA VAL F 545 -119.97 50.66 10.91
C VAL F 545 -119.11 51.91 10.81
N TYR F 546 -119.50 52.92 11.57
CA TYR F 546 -118.72 54.15 11.69
C TYR F 546 -118.26 54.28 13.14
N LEU F 547 -116.95 54.36 13.33
CA LEU F 547 -116.35 54.53 14.63
C LEU F 547 -116.20 56.03 14.88
N PHE F 548 -116.90 56.52 15.92
CA PHE F 548 -116.93 57.93 16.27
C PHE F 548 -115.81 58.34 17.19
N ASP F 549 -114.96 57.40 17.60
CA ASP F 549 -113.94 57.66 18.60
C ASP F 549 -112.94 58.69 18.09
N VAL F 550 -112.51 59.57 18.99
CA VAL F 550 -111.67 60.71 18.62
C VAL F 550 -110.30 60.20 18.16
N GLY F 551 -109.88 60.65 16.99
CA GLY F 551 -108.65 60.21 16.38
C GLY F 551 -108.82 59.05 15.41
N LYS F 552 -109.93 58.33 15.51
CA LYS F 552 -110.23 57.24 14.58
C LYS F 552 -111.71 57.29 14.20
N GLU F 553 -112.20 58.48 13.85
CA GLU F 553 -113.53 58.63 13.29
C GLU F 553 -113.47 58.15 11.85
N ARG F 554 -113.94 56.93 11.60
CA ARG F 554 -113.77 56.36 10.26
C ARG F 554 -114.82 55.29 10.01
N LEU F 555 -115.02 55.00 8.73
CA LEU F 555 -115.98 53.97 8.30
C LEU F 555 -115.23 52.68 8.03
N VAL F 556 -115.50 51.66 8.84
CA VAL F 556 -114.80 50.38 8.73
C VAL F 556 -115.82 49.26 8.63
N LYS F 557 -115.49 48.26 7.82
CA LYS F 557 -116.28 47.05 7.72
C LYS F 557 -115.67 46.00 8.66
N ARG F 558 -116.52 45.12 9.17
CA ARG F 558 -116.12 44.28 10.28
C ARG F 558 -116.92 42.97 10.26
N LEU F 559 -116.22 41.87 10.50
CA LEU F 559 -116.87 40.57 10.66
C LEU F 559 -117.69 40.54 11.94
N LEU F 560 -118.79 39.78 11.92
CA LEU F 560 -119.63 39.57 13.10
C LEU F 560 -119.73 38.08 13.34
N PRO F 561 -118.87 37.50 14.19
CA PRO F 561 -118.84 36.05 14.34
C PRO F 561 -120.03 35.51 15.11
N VAL F 562 -121.00 34.95 14.36
CA VAL F 562 -122.23 34.50 14.99
C VAL F 562 -122.00 33.24 15.82
N GLY F 563 -121.18 32.31 15.35
CA GLY F 563 -120.87 31.14 16.14
C GLY F 563 -120.14 31.48 17.43
N THR F 564 -119.21 32.42 17.37
CA THR F 564 -118.51 32.86 18.57
C THR F 564 -119.45 33.53 19.55
N LEU F 565 -120.37 34.37 19.05
CA LEU F 565 -121.35 34.98 19.95
C LEU F 565 -122.26 33.93 20.58
N MET F 566 -122.69 32.95 19.80
CA MET F 566 -123.55 31.89 20.32
C MET F 566 -122.84 31.06 21.37
N GLU F 567 -121.54 30.82 21.18
CA GLU F 567 -120.77 30.10 22.19
C GLU F 567 -120.53 30.96 23.42
N TYR F 568 -120.38 32.27 23.26
CA TYR F 568 -120.13 33.17 24.38
C TYR F 568 -121.41 33.53 25.15
N ASN F 569 -122.58 33.14 24.65
CA ASN F 569 -123.80 33.29 25.43
C ASN F 569 -123.66 32.41 26.66
N LEU F 570 -123.41 33.04 27.82
CA LEU F 570 -122.96 32.32 29.01
C LEU F 570 -124.04 31.63 29.85
N PRO F 571 -125.19 32.28 30.22
CA PRO F 571 -126.08 31.63 31.20
C PRO F 571 -126.74 30.37 30.67
N LYS F 572 -126.28 29.22 31.17
CA LYS F 572 -126.67 27.92 30.68
C LYS F 572 -126.94 27.02 31.87
N PRO F 573 -127.77 25.98 31.71
CA PRO F 573 -128.01 25.05 32.81
C PRO F 573 -126.75 24.29 33.18
N PHE F 574 -126.53 24.15 34.49
CA PHE F 574 -125.33 23.50 35.00
C PHE F 574 -125.69 22.68 36.22
N THR F 575 -124.71 21.96 36.73
CA THR F 575 -124.87 21.14 37.92
C THR F 575 -123.65 21.31 38.81
N VAL F 576 -123.88 21.22 40.13
CA VAL F 576 -122.79 21.23 41.10
C VAL F 576 -122.40 19.76 41.31
N VAL F 577 -121.53 19.29 40.43
CA VAL F 577 -121.14 17.89 40.43
C VAL F 577 -120.06 17.65 41.50
N ASN F 578 -120.06 16.46 42.08
CA ASN F 578 -119.11 16.09 43.11
C ASN F 578 -118.01 15.26 42.46
N GLN F 579 -116.80 15.80 42.41
CA GLN F 579 -115.63 15.08 41.92
C GLN F 579 -114.46 15.30 42.86
N GLY F 580 -113.64 14.26 43.02
CA GLY F 580 -112.43 14.34 43.82
C GLY F 580 -112.66 14.78 45.25
N ASN F 581 -113.66 14.18 45.89
CA ASN F 581 -114.26 14.60 47.16
C ASN F 581 -114.34 16.12 47.30
N TYR F 582 -114.83 16.80 46.26
CA TYR F 582 -115.03 18.24 46.26
C TYR F 582 -116.22 18.54 45.36
N GLN F 583 -116.45 19.83 45.10
CA GLN F 583 -117.58 20.25 44.29
C GLN F 583 -117.10 21.15 43.16
N ALA F 584 -117.64 20.90 41.97
CA ALA F 584 -117.27 21.61 40.75
C ALA F 584 -118.55 21.99 40.01
N ILE F 585 -118.43 22.97 39.11
CA ILE F 585 -119.54 23.41 38.28
C ILE F 585 -119.36 22.78 36.91
N SER F 586 -120.20 21.80 36.58
CA SER F 586 -120.15 21.12 35.30
C SER F 586 -121.40 21.51 34.51
N PHE F 587 -121.18 22.08 33.33
CA PHE F 587 -122.29 22.53 32.49
C PHE F 587 -122.90 21.34 31.76
N THR F 588 -124.23 21.26 31.76
CA THR F 588 -124.91 20.15 31.12
C THR F 588 -124.74 20.23 29.61
N HIS F 589 -124.47 19.08 28.99
CA HIS F 589 -124.29 19.02 27.56
C HIS F 589 -125.63 19.19 26.85
N THR F 590 -125.71 20.16 25.95
CA THR F 590 -126.94 20.45 25.22
C THR F 590 -126.94 19.88 23.81
N CYS F 591 -125.79 19.90 23.13
CA CYS F 591 -125.71 19.28 21.83
C CYS F 591 -125.80 17.76 21.98
N PRO F 592 -126.72 17.10 21.28
CA PRO F 592 -126.90 15.65 21.45
C PRO F 592 -125.70 14.82 21.07
N PHE F 593 -124.88 15.27 20.13
CA PHE F 593 -123.72 14.50 19.69
C PHE F 593 -122.45 15.19 20.15
N LYS F 594 -121.35 14.42 20.13
CA LYS F 594 -120.06 14.96 20.52
C LYS F 594 -119.31 15.53 19.33
N GLU F 595 -119.33 14.83 18.20
CA GLU F 595 -118.58 15.28 17.04
C GLU F 595 -119.28 14.86 15.75
N ILE F 596 -118.95 15.57 14.66
CA ILE F 596 -119.50 15.31 13.35
C ILE F 596 -118.36 15.34 12.33
N HIS F 597 -118.40 14.42 11.37
CA HIS F 597 -117.40 14.34 10.31
C HIS F 597 -118.06 14.09 8.97
N LEU F 598 -117.42 14.58 7.92
CA LEU F 598 -117.92 14.47 6.55
C LEU F 598 -116.87 13.70 5.74
N ILE F 599 -117.25 12.52 5.25
CA ILE F 599 -116.35 11.66 4.50
C ILE F 599 -117.03 11.29 3.18
N ASP F 600 -116.27 10.62 2.31
CA ASP F 600 -116.75 10.08 1.02
C ASP F 600 -117.32 11.20 0.15
N VAL F 601 -116.68 12.36 0.23
CA VAL F 601 -117.12 13.56 -0.47
C VAL F 601 -116.45 13.60 -1.84
N PRO F 602 -117.16 14.01 -2.89
CA PRO F 602 -116.53 14.12 -4.21
C PRO F 602 -115.54 15.28 -4.23
N LYS F 603 -114.65 15.23 -5.23
CA LYS F 603 -113.69 16.32 -5.42
C LYS F 603 -114.42 17.61 -5.75
N LYS F 604 -113.93 18.71 -5.20
CA LYS F 604 -114.60 20.00 -5.37
C LYS F 604 -114.65 20.42 -6.83
N HIS F 605 -113.54 20.25 -7.55
CA HIS F 605 -113.48 20.71 -8.93
C HIS F 605 -114.37 19.89 -9.84
N HIS F 606 -114.40 18.56 -9.66
CA HIS F 606 -115.26 17.74 -10.49
C HIS F 606 -116.73 17.91 -10.10
N ALA F 607 -117.01 18.20 -8.83
CA ALA F 607 -118.39 18.40 -8.42
C ALA F 607 -118.94 19.72 -8.95
N SER F 608 -118.19 20.81 -8.82
CA SER F 608 -118.65 22.11 -9.26
C SER F 608 -118.35 22.40 -10.72
N ARG F 609 -117.62 21.51 -11.40
CA ARG F 609 -117.32 21.59 -12.83
C ARG F 609 -116.60 22.90 -13.17
N THR F 610 -115.43 23.08 -12.54
CA THR F 610 -114.56 24.22 -12.79
C THR F 610 -113.20 23.72 -13.23
N GLU F 611 -112.63 24.35 -14.26
CA GLU F 611 -111.30 24.00 -14.73
C GLU F 611 -110.30 25.02 -14.23
N SER F 612 -109.07 24.57 -14.00
CA SER F 612 -108.05 25.36 -13.34
C SER F 612 -106.78 25.39 -14.17
N TYR F 613 -106.11 26.54 -14.17
CA TYR F 613 -104.82 26.73 -14.81
C TYR F 613 -103.78 27.08 -13.77
N VAL F 614 -102.51 26.84 -14.12
CA VAL F 614 -101.39 27.07 -13.22
C VAL F 614 -100.37 27.94 -13.96
N ALA F 615 -99.95 29.03 -13.32
CA ALA F 615 -99.00 29.96 -13.94
C ALA F 615 -98.00 30.44 -12.89
N LEU F 616 -96.84 29.83 -12.86
CA LEU F 616 -95.75 30.18 -11.97
C LEU F 616 -94.88 31.26 -12.60
N PRO F 617 -94.15 32.05 -11.81
CA PRO F 617 -93.24 33.05 -12.37
C PRO F 617 -92.01 32.38 -12.95
N PRO F 618 -91.37 33.01 -13.93
CA PRO F 618 -90.12 32.45 -14.47
C PRO F 618 -88.99 32.59 -13.46
N LEU F 619 -88.05 31.65 -13.51
CA LEU F 619 -86.95 31.69 -12.55
C LEU F 619 -85.88 32.68 -12.99
N VAL F 620 -85.27 33.34 -12.02
CA VAL F 620 -84.24 34.32 -12.30
C VAL F 620 -82.94 33.89 -11.64
N SER F 621 -81.83 34.30 -12.26
CA SER F 621 -80.49 33.98 -11.80
C SER F 621 -79.86 35.10 -10.99
N GLU F 622 -80.67 36.01 -10.47
CA GLU F 622 -80.14 37.02 -9.56
C GLU F 622 -79.68 36.36 -8.27
N SER F 623 -78.53 36.81 -7.75
CA SER F 623 -77.95 36.18 -6.57
C SER F 623 -78.86 36.29 -5.37
N LEU F 624 -79.48 37.45 -5.16
CA LEU F 624 -80.43 37.61 -4.07
C LEU F 624 -81.75 36.91 -4.37
N GLY F 625 -82.25 37.06 -5.60
CA GLY F 625 -83.46 36.37 -6.02
C GLY F 625 -84.58 37.28 -6.49
N PHE F 626 -84.27 38.55 -6.72
CA PHE F 626 -85.28 39.53 -7.09
C PHE F 626 -85.55 39.52 -8.59
N HIS F 627 -86.69 40.09 -8.97
CA HIS F 627 -87.08 40.31 -10.34
C HIS F 627 -86.94 41.79 -10.66
N ASN F 628 -87.38 42.17 -11.87
CA ASN F 628 -87.38 43.57 -12.26
C ASN F 628 -88.39 43.76 -13.38
N ASN F 629 -88.30 44.92 -14.05
CA ASN F 629 -89.29 45.36 -15.03
C ASN F 629 -89.52 44.34 -16.12
N ASN F 630 -88.42 43.89 -16.75
CA ASN F 630 -88.52 43.02 -17.90
C ASN F 630 -89.04 41.64 -17.52
N THR F 631 -88.65 41.13 -16.35
CA THR F 631 -89.10 39.82 -15.93
C THR F 631 -90.59 39.82 -15.59
N LEU F 632 -91.07 40.88 -14.93
CA LEU F 632 -92.51 40.96 -14.68
C LEU F 632 -93.30 41.13 -15.97
N ALA F 633 -92.73 41.85 -16.95
CA ALA F 633 -93.38 41.95 -18.26
C ALA F 633 -93.47 40.58 -18.93
N VAL F 634 -92.41 39.78 -18.83
CA VAL F 634 -92.42 38.43 -19.39
C VAL F 634 -93.49 37.58 -18.72
N TYR F 635 -93.60 37.69 -17.39
CA TYR F 635 -94.64 36.98 -16.65
C TYR F 635 -96.03 37.33 -17.15
N GLN F 636 -96.30 38.63 -17.34
CA GLN F 636 -97.60 39.07 -17.84
C GLN F 636 -97.87 38.53 -19.23
N GLY F 637 -96.85 38.55 -20.10
CA GLY F 637 -97.02 38.03 -21.44
C GLY F 637 -97.37 36.56 -21.47
N LEU F 638 -96.69 35.77 -20.63
CA LEU F 638 -96.98 34.33 -20.58
C LEU F 638 -98.37 34.04 -20.06
N VAL F 639 -98.81 34.77 -19.03
CA VAL F 639 -100.17 34.56 -18.51
C VAL F 639 -101.21 34.92 -19.56
N TYR F 640 -100.99 36.03 -20.28
CA TYR F 640 -101.91 36.40 -21.35
C TYR F 640 -101.96 35.32 -22.43
N TYR F 641 -100.80 34.77 -22.79
CA TYR F 641 -100.80 33.73 -23.80
C TYR F 641 -101.57 32.50 -23.34
N LEU F 642 -101.48 32.16 -22.07
CA LEU F 642 -102.25 31.03 -21.56
C LEU F 642 -103.74 31.28 -21.69
N LEU F 643 -104.21 32.45 -21.26
CA LEU F 643 -105.65 32.73 -21.37
C LEU F 643 -106.09 32.84 -22.82
N TRP F 644 -105.21 33.33 -23.69
CA TRP F 644 -105.52 33.42 -25.12
C TRP F 644 -105.66 32.03 -25.73
N LEU F 645 -104.79 31.10 -25.35
CA LEU F 645 -104.94 29.72 -25.81
C LEU F 645 -106.23 29.11 -25.30
N HIS F 646 -106.61 29.40 -24.06
CA HIS F 646 -107.87 28.89 -23.52
C HIS F 646 -109.05 29.40 -24.35
N SER F 647 -109.08 30.70 -24.61
CA SER F 647 -110.18 31.27 -25.39
C SER F 647 -110.11 30.93 -26.87
N LYS F 648 -108.96 30.42 -27.34
CA LYS F 648 -108.83 29.96 -28.72
C LYS F 648 -109.17 28.48 -28.88
N TYR F 649 -109.21 27.72 -27.79
CA TYR F 649 -109.50 26.29 -27.87
C TYR F 649 -110.95 25.96 -28.26
N ASP F 650 -111.76 26.95 -28.65
CA ASP F 650 -113.13 26.68 -29.07
C ASP F 650 -113.25 26.12 -30.49
N LYS F 651 -112.14 25.66 -31.09
CA LYS F 651 -112.19 25.19 -32.46
C LYS F 651 -112.97 23.89 -32.57
N PRO F 652 -113.71 23.67 -33.67
CA PRO F 652 -114.49 22.44 -33.83
C PRO F 652 -113.74 21.26 -34.40
N TYR F 653 -112.41 21.30 -34.43
CA TYR F 653 -111.61 20.18 -34.92
C TYR F 653 -110.78 19.62 -33.78
N ALA F 654 -110.83 18.30 -33.61
CA ALA F 654 -110.24 17.66 -32.43
C ALA F 654 -108.73 17.56 -32.57
N ASP F 655 -108.03 18.18 -31.62
CA ASP F 655 -106.61 17.96 -31.49
C ASP F 655 -106.36 16.55 -30.96
N PRO F 656 -105.23 15.92 -31.34
CA PRO F 656 -104.97 14.55 -30.89
C PRO F 656 -104.87 14.42 -29.38
N VAL F 657 -104.45 15.49 -28.68
CA VAL F 657 -104.32 15.49 -27.25
C VAL F 657 -105.20 16.62 -26.70
N HIS F 658 -105.58 16.48 -25.43
CA HIS F 658 -106.24 17.56 -24.70
C HIS F 658 -105.17 18.59 -24.29
N ASP F 659 -105.53 19.50 -23.38
CA ASP F 659 -104.59 20.44 -22.78
C ASP F 659 -103.94 21.33 -23.84
N PRO F 660 -104.66 22.35 -24.36
CA PRO F 660 -104.21 23.09 -25.56
C PRO F 660 -102.79 23.62 -25.54
N THR F 661 -102.15 23.64 -24.37
CA THR F 661 -100.74 24.00 -24.30
C THR F 661 -99.83 22.95 -24.93
N TRP F 662 -100.37 21.79 -25.30
CA TRP F 662 -99.59 20.83 -26.06
C TRP F 662 -99.17 21.41 -27.41
N ARG F 663 -100.06 22.17 -28.06
CA ARG F 663 -99.70 22.82 -29.32
C ARG F 663 -98.61 23.86 -29.10
N TRP F 664 -98.60 24.49 -27.93
CA TRP F 664 -97.55 25.45 -27.60
C TRP F 664 -96.21 24.74 -27.40
N TRP F 665 -96.17 23.77 -26.50
CA TRP F 665 -94.93 23.07 -26.15
C TRP F 665 -94.79 21.75 -26.91
N GLN F 666 -94.75 21.77 -28.23
CA GLN F 666 -94.54 20.54 -28.98
C GLN F 666 -93.30 20.54 -29.86
N HIS F 667 -93.02 21.60 -30.59
CA HIS F 667 -91.85 21.64 -31.46
C HIS F 667 -90.61 22.14 -30.75
N LYS F 668 -90.75 22.62 -29.51
CA LYS F 668 -89.62 23.05 -28.70
C LYS F 668 -89.36 22.14 -27.51
N THR F 669 -90.32 21.30 -27.13
CA THR F 669 -90.21 20.47 -25.94
C THR F 669 -89.23 19.32 -26.09
N LYS F 670 -88.73 19.05 -27.29
CA LYS F 670 -87.74 18.00 -27.48
C LYS F 670 -86.40 18.34 -26.86
N ASP F 671 -86.17 19.60 -26.52
CA ASP F 671 -84.85 20.11 -26.17
C ASP F 671 -84.94 21.00 -24.92
N LYS F 672 -85.58 20.50 -23.87
CA LYS F 672 -85.63 21.24 -22.62
C LYS F 672 -84.28 21.24 -21.90
N ASP F 673 -83.49 20.20 -22.13
CA ASP F 673 -82.24 20.02 -21.39
C ASP F 673 -81.23 21.09 -21.75
N TYR F 674 -81.26 21.58 -23.00
CA TYR F 674 -80.29 22.59 -23.42
C TYR F 674 -80.63 23.94 -22.81
N PHE F 675 -81.92 24.21 -22.70
CA PHE F 675 -82.36 25.44 -22.03
C PHE F 675 -81.95 25.39 -20.57
N PHE F 676 -82.11 24.21 -19.96
CA PHE F 676 -81.72 24.05 -18.55
C PHE F 676 -80.20 24.21 -18.37
N TYR F 677 -79.41 23.62 -19.27
CA TYR F 677 -77.96 23.77 -19.18
C TYR F 677 -77.54 25.22 -19.37
N LEU F 678 -78.12 25.92 -20.32
CA LEU F 678 -77.80 27.33 -20.52
C LEU F 678 -78.18 28.18 -19.33
N PHE F 679 -79.30 27.89 -18.66
CA PHE F 679 -79.65 28.62 -17.45
C PHE F 679 -78.76 28.30 -16.27
N SER F 680 -78.40 27.03 -16.07
CA SER F 680 -77.70 26.62 -14.87
C SER F 680 -76.31 27.25 -14.79
N ASN F 681 -75.62 27.33 -15.92
CA ASN F 681 -74.30 27.94 -15.96
C ASN F 681 -74.34 29.42 -16.29
N ARG F 682 -75.52 30.04 -16.19
CA ARG F 682 -75.79 31.47 -16.43
C ARG F 682 -75.04 32.01 -17.66
N LEU F 683 -75.37 31.44 -18.81
CA LEU F 683 -74.81 31.88 -20.09
C LEU F 683 -75.88 32.37 -21.06
N ALA F 684 -77.12 32.55 -20.61
CA ALA F 684 -78.22 32.74 -21.53
C ALA F 684 -79.18 33.83 -21.07
N ALA F 685 -79.64 34.63 -22.02
CA ALA F 685 -80.80 35.54 -21.92
C ALA F 685 -80.57 36.51 -20.76
N GLU F 686 -81.61 36.86 -20.01
CA GLU F 686 -81.51 37.74 -18.86
C GLU F 686 -81.36 36.96 -17.57
N GLY F 687 -80.77 35.76 -17.64
CA GLY F 687 -80.83 34.85 -16.51
C GLY F 687 -82.23 34.40 -16.21
N ILE F 688 -83.05 34.23 -17.25
CA ILE F 688 -84.46 33.88 -17.10
C ILE F 688 -84.64 32.47 -17.60
N TYR F 689 -85.13 31.59 -16.73
CA TYR F 689 -85.49 30.23 -17.09
C TYR F 689 -87.00 30.18 -17.16
N ILE F 690 -87.52 30.04 -18.38
CA ILE F 690 -88.95 29.88 -18.62
C ILE F 690 -89.24 28.38 -18.58
N ASN F 691 -89.89 27.93 -17.52
CA ASN F 691 -90.12 26.51 -17.34
C ASN F 691 -91.18 26.02 -18.33
N MET F 692 -91.23 24.70 -18.49
CA MET F 692 -92.11 24.08 -19.46
C MET F 692 -93.37 23.49 -18.84
N ASN F 693 -93.33 23.12 -17.57
CA ASN F 693 -94.49 22.56 -16.89
C ASN F 693 -95.10 23.51 -15.88
N ALA F 694 -94.60 24.74 -15.80
CA ALA F 694 -95.21 25.74 -14.92
C ALA F 694 -96.43 26.41 -15.54
N TYR F 695 -96.70 26.14 -16.81
CA TYR F 695 -97.79 26.78 -17.55
C TYR F 695 -98.57 25.66 -18.23
N GLN F 696 -99.53 25.08 -17.52
CA GLN F 696 -100.35 24.03 -18.07
C GLN F 696 -101.71 24.05 -17.39
N LYS F 697 -102.59 23.13 -17.78
CA LYS F 697 -103.93 23.02 -17.26
C LYS F 697 -104.02 21.80 -16.38
N LEU F 698 -104.39 21.99 -15.12
CA LEU F 698 -104.50 20.90 -14.17
C LEU F 698 -105.78 20.11 -14.42
N TYR F 699 -105.69 18.79 -14.26
CA TYR F 699 -106.84 17.90 -14.36
C TYR F 699 -107.13 17.14 -13.08
N ASN F 700 -106.13 16.50 -12.49
CA ASN F 700 -106.27 15.82 -11.21
C ASN F 700 -105.36 16.50 -10.20
N MET F 701 -105.94 17.29 -9.31
CA MET F 701 -105.20 17.97 -8.26
C MET F 701 -105.61 17.43 -6.90
N SER F 702 -104.63 17.32 -6.01
CA SER F 702 -104.89 17.02 -4.59
C SER F 702 -105.02 18.31 -3.80
N GLY F 703 -105.87 19.21 -4.28
CA GLY F 703 -105.96 20.55 -3.73
C GLY F 703 -106.87 20.65 -2.53
N ASP F 704 -107.78 21.63 -2.56
CA ASP F 704 -108.69 21.83 -1.45
C ASP F 704 -109.67 20.67 -1.34
N TYR F 705 -110.06 20.36 -0.12
CA TYR F 705 -110.98 19.28 0.18
C TYR F 705 -112.15 19.82 1.00
N GLY F 706 -112.96 18.90 1.51
CA GLY F 706 -114.20 19.26 2.17
C GLY F 706 -115.38 19.16 1.23
N ILE F 707 -116.51 19.65 1.72
CA ILE F 707 -117.74 19.59 0.91
C ILE F 707 -117.65 20.61 -0.21
N PRO F 708 -118.03 20.25 -1.44
CA PRO F 708 -118.16 21.26 -2.49
C PRO F 708 -119.40 22.10 -2.29
N ASP F 709 -119.33 23.34 -2.78
CA ASP F 709 -120.42 24.27 -2.56
C ASP F 709 -121.59 24.01 -3.50
N LEU F 710 -121.32 23.67 -4.75
CA LEU F 710 -122.37 23.54 -5.76
C LEU F 710 -122.22 22.23 -6.51
N PHE F 711 -123.35 21.55 -6.75
CA PHE F 711 -123.34 20.30 -7.49
C PHE F 711 -123.99 20.47 -8.85
N PHE F 712 -123.58 19.63 -9.80
CA PHE F 712 -124.15 19.60 -11.14
C PHE F 712 -124.62 18.18 -11.43
N LEU F 713 -125.79 18.05 -12.04
CA LEU F 713 -126.35 16.74 -12.37
C LEU F 713 -126.85 16.70 -13.80
N ASP F 714 -126.68 15.54 -14.43
CA ASP F 714 -127.01 15.37 -15.85
C ASP F 714 -127.61 13.98 -16.05
N LYS F 715 -128.95 13.90 -15.97
CA LYS F 715 -129.74 12.76 -16.45
C LYS F 715 -129.35 11.46 -15.74
N GLY F 716 -129.63 11.43 -14.44
CA GLY F 716 -129.56 10.20 -13.67
C GLY F 716 -128.25 9.95 -12.97
N ASN F 717 -127.20 10.72 -13.25
CA ASN F 717 -125.99 10.59 -12.49
C ASN F 717 -126.22 11.08 -11.06
N TRP F 718 -125.55 10.42 -10.12
CA TRP F 718 -125.87 10.59 -8.71
C TRP F 718 -124.61 10.92 -7.93
N PHE F 719 -124.76 11.10 -6.63
CA PHE F 719 -123.61 11.26 -5.75
C PHE F 719 -123.98 10.80 -4.34
N THR F 720 -122.95 10.56 -3.54
CA THR F 720 -123.10 10.10 -2.17
C THR F 720 -122.24 10.94 -1.23
N ILE F 721 -122.72 11.10 0.00
CA ILE F 721 -121.96 11.70 1.09
C ILE F 721 -122.03 10.75 2.28
N THR F 722 -121.06 10.85 3.18
CA THR F 722 -121.05 10.07 4.39
C THR F 722 -120.92 11.01 5.58
N VAL F 723 -121.83 10.89 6.54
CA VAL F 723 -121.80 11.69 7.76
C VAL F 723 -121.55 10.73 8.91
N VAL F 724 -120.53 11.03 9.70
CA VAL F 724 -120.17 10.20 10.84
C VAL F 724 -120.43 11.00 12.11
N LEU F 725 -121.25 10.46 12.99
CA LEU F 725 -121.60 11.11 14.24
C LEU F 725 -120.96 10.37 15.39
N LEU F 726 -120.08 11.06 16.11
CA LEU F 726 -119.50 10.53 17.34
C LEU F 726 -120.37 10.99 18.49
N SER F 727 -121.01 10.02 19.16
CA SER F 727 -122.00 10.32 20.18
C SER F 727 -121.32 10.70 21.49
N HIS F 728 -122.13 10.96 22.51
CA HIS F 728 -121.63 11.26 23.83
C HIS F 728 -121.22 9.97 24.53
N GLN F 729 -120.89 10.07 25.82
CA GLN F 729 -120.47 8.89 26.57
C GLN F 729 -121.65 7.97 26.84
N ASP F 730 -122.80 8.53 27.19
CA ASP F 730 -123.95 7.76 27.68
C ASP F 730 -125.21 8.17 26.95
N THR F 731 -125.15 8.22 25.62
CA THR F 731 -126.32 8.60 24.84
C THR F 731 -127.30 7.44 24.69
N PHE F 732 -126.85 6.22 24.99
CA PHE F 732 -127.68 5.03 24.86
C PHE F 732 -127.79 4.32 26.21
N THR F 733 -129.00 3.91 26.55
CA THR F 733 -129.29 3.10 27.72
C THR F 733 -129.84 1.75 27.27
N SER F 734 -130.22 0.93 28.25
CA SER F 734 -130.71 -0.41 27.96
C SER F 734 -132.14 -0.45 27.45
N SER F 735 -132.84 0.68 27.44
CA SER F 735 -134.24 0.69 27.06
C SER F 735 -134.45 0.87 25.56
N ASP F 736 -133.39 0.91 24.76
CA ASP F 736 -133.53 1.06 23.32
C ASP F 736 -133.53 -0.26 22.56
N SER F 737 -132.88 -1.29 23.09
CA SER F 737 -132.78 -2.57 22.40
C SER F 737 -134.12 -3.29 22.50
N GLN F 738 -134.99 -3.01 21.53
CA GLN F 738 -136.33 -3.56 21.52
C GLN F 738 -136.54 -4.60 20.43
N GLY F 739 -135.82 -4.51 19.32
CA GLY F 739 -135.99 -5.43 18.23
C GLY F 739 -134.68 -5.98 17.73
N PRO F 740 -134.63 -6.34 16.44
CA PRO F 740 -133.37 -6.80 15.85
C PRO F 740 -132.26 -5.76 15.88
N THR F 741 -132.60 -4.48 15.74
CA THR F 741 -131.63 -3.40 15.77
C THR F 741 -132.16 -2.30 16.66
N ILE F 742 -131.25 -1.63 17.37
CA ILE F 742 -131.66 -0.54 18.25
C ILE F 742 -132.20 0.61 17.41
N ASN F 743 -133.24 1.26 17.90
CA ASN F 743 -133.73 2.48 17.28
C ASN F 743 -132.93 3.66 17.81
N VAL F 744 -132.24 4.35 16.91
CA VAL F 744 -131.41 5.49 17.26
C VAL F 744 -132.13 6.80 17.11
N ASP F 745 -133.35 6.79 16.54
CA ASP F 745 -134.09 8.01 16.29
C ASP F 745 -134.54 8.73 17.56
N LYS F 746 -134.66 8.01 18.68
CA LYS F 746 -135.02 8.65 19.93
C LYS F 746 -133.87 9.45 20.53
N LYS F 747 -132.63 9.19 20.12
CA LYS F 747 -131.47 9.82 20.74
C LYS F 747 -130.65 10.64 19.76
N LEU F 748 -130.36 10.10 18.57
CA LEU F 748 -129.51 10.78 17.58
C LEU F 748 -130.04 10.44 16.19
N ALA F 749 -130.60 11.44 15.51
CA ALA F 749 -131.25 11.22 14.22
C ALA F 749 -130.76 12.23 13.20
N ILE F 750 -130.61 11.78 11.96
CA ILE F 750 -130.32 12.64 10.81
C ILE F 750 -131.63 12.84 10.05
N ALA F 751 -131.68 13.88 9.24
CA ALA F 751 -132.88 14.17 8.46
C ALA F 751 -132.52 14.94 7.20
N VAL F 752 -133.20 14.59 6.12
CA VAL F 752 -133.01 15.23 4.84
C VAL F 752 -134.31 15.94 4.44
N THR F 753 -134.20 16.85 3.48
CA THR F 753 -135.34 17.62 3.01
C THR F 753 -135.04 18.09 1.59
N ILE F 754 -135.94 17.83 0.66
CA ILE F 754 -135.69 18.04 -0.76
C ILE F 754 -136.59 19.16 -1.25
N ALA F 755 -136.00 20.16 -1.91
CA ALA F 755 -136.81 21.08 -2.70
C ALA F 755 -137.18 20.38 -4.01
N ASP F 756 -138.47 20.47 -4.38
CA ASP F 756 -139.05 19.79 -5.53
C ASP F 756 -138.87 18.29 -5.41
N PRO F 757 -139.60 17.63 -4.51
CA PRO F 757 -139.37 16.20 -4.24
C PRO F 757 -139.65 15.28 -5.42
N GLU F 758 -140.44 15.71 -6.41
CA GLU F 758 -140.69 14.89 -7.58
C GLU F 758 -139.51 14.86 -8.54
N CYS F 759 -138.48 15.66 -8.29
CA CYS F 759 -137.35 15.78 -9.20
C CYS F 759 -136.07 15.14 -8.68
N LEU F 760 -135.98 14.85 -7.39
CA LEU F 760 -134.77 14.28 -6.82
C LEU F 760 -135.15 13.19 -5.81
N SER F 761 -134.40 12.10 -5.84
CA SER F 761 -134.59 10.99 -4.92
C SER F 761 -133.40 10.93 -3.98
N VAL F 762 -133.66 11.05 -2.68
CA VAL F 762 -132.63 11.03 -1.65
C VAL F 762 -132.92 9.87 -0.72
N THR F 763 -131.93 9.01 -0.51
CA THR F 763 -132.08 7.87 0.37
C THR F 763 -130.98 7.88 1.42
N VAL F 764 -131.31 7.32 2.58
CA VAL F 764 -130.43 7.33 3.75
C VAL F 764 -130.19 5.89 4.17
N THR F 765 -128.95 5.55 4.48
CA THR F 765 -128.60 4.23 5.00
C THR F 765 -127.85 4.38 6.31
N GLN F 766 -128.37 3.75 7.35
CA GLN F 766 -127.82 3.86 8.70
C GLN F 766 -126.94 2.67 9.03
N ASP F 767 -126.02 2.90 9.97
CA ASP F 767 -125.23 1.84 10.57
C ASP F 767 -124.77 2.34 11.94
N VAL F 768 -124.66 1.43 12.91
CA VAL F 768 -124.38 1.83 14.28
C VAL F 768 -123.23 0.98 14.83
N LEU F 769 -122.38 1.60 15.65
CA LEU F 769 -121.29 0.91 16.35
C LEU F 769 -121.30 1.42 17.78
N LEU F 770 -121.54 0.53 18.74
CA LEU F 770 -121.87 0.96 20.10
C LEU F 770 -120.62 1.30 20.90
N ASN F 771 -119.67 0.35 20.98
CA ASN F 771 -118.45 0.58 21.74
C ASN F 771 -117.63 1.72 21.13
N ARG F 772 -117.67 1.85 19.82
CA ARG F 772 -117.01 2.95 19.13
C ARG F 772 -117.82 4.25 19.19
N ASN F 773 -119.08 4.17 19.63
CA ASN F 773 -119.97 5.33 19.78
C ASN F 773 -120.12 6.09 18.46
N ALA F 774 -120.18 5.34 17.35
CA ALA F 774 -120.14 5.92 16.03
C ALA F 774 -121.39 5.55 15.25
N VAL F 775 -122.08 6.56 14.72
CA VAL F 775 -123.24 6.37 13.87
C VAL F 775 -122.83 6.77 12.46
N ILE F 776 -122.93 5.85 11.53
CA ILE F 776 -122.57 6.08 10.13
C ILE F 776 -123.84 6.29 9.35
N ASN F 777 -123.90 7.37 8.57
CA ASN F 777 -125.03 7.67 7.72
C ASN F 777 -124.50 7.86 6.30
N LYS F 778 -125.07 7.13 5.35
CA LYS F 778 -124.70 7.25 3.95
C LYS F 778 -125.90 7.84 3.21
N ILE F 779 -125.72 9.03 2.66
CA ILE F 779 -126.80 9.73 1.97
C ILE F 779 -126.51 9.67 0.47
N LYS F 780 -127.46 9.14 -0.28
CA LYS F 780 -127.34 9.05 -1.73
C LYS F 780 -128.39 9.94 -2.37
N VAL F 781 -127.94 10.83 -3.25
CA VAL F 781 -128.82 11.74 -3.97
C VAL F 781 -128.74 11.38 -5.46
N ILE F 782 -129.88 11.01 -6.03
CA ILE F 782 -129.98 10.51 -7.39
C ILE F 782 -131.01 11.35 -8.13
N ASP F 783 -130.73 11.64 -9.41
CA ASP F 783 -131.72 12.29 -10.26
C ASP F 783 -132.85 11.31 -10.59
N LYS F 784 -134.01 11.87 -10.91
CA LYS F 784 -135.19 11.07 -11.25
C LYS F 784 -135.60 11.26 -12.70
N LYS F 785 -134.66 11.68 -13.55
CA LYS F 785 -134.81 11.72 -15.01
C LYS F 785 -135.97 12.61 -15.46
N ARG F 786 -136.03 13.85 -14.98
CA ARG F 786 -137.12 14.76 -15.32
C ARG F 786 -136.63 16.21 -15.20
N CYS F 787 -137.57 17.16 -15.32
CA CYS F 787 -137.40 18.58 -15.04
C CYS F 787 -136.50 19.31 -16.01
N SER F 788 -136.20 18.75 -17.19
CA SER F 788 -135.34 19.47 -18.12
C SER F 788 -135.59 18.96 -19.53
N GLU F 789 -135.16 19.77 -20.50
CA GLU F 789 -135.23 19.44 -21.91
C GLU F 789 -133.86 19.66 -22.51
N GLN F 790 -133.65 19.12 -23.72
CA GLN F 790 -132.36 19.26 -24.38
C GLN F 790 -132.13 20.71 -24.79
N GLY F 791 -130.95 21.23 -24.45
CA GLY F 791 -130.66 22.62 -24.71
C GLY F 791 -129.21 22.91 -25.02
N MET F 792 -128.75 24.13 -24.71
CA MET F 792 -127.40 24.59 -25.03
C MET F 792 -126.72 25.05 -23.75
N ILE F 793 -126.08 24.11 -23.05
CA ILE F 793 -125.22 24.38 -21.89
C ILE F 793 -125.98 25.06 -20.76
N GLY F 794 -126.34 26.32 -20.95
CA GLY F 794 -126.94 27.11 -19.88
C GLY F 794 -128.39 27.52 -20.06
N ARG F 795 -129.09 26.99 -21.05
CA ARG F 795 -130.48 27.39 -21.26
C ARG F 795 -131.47 26.60 -20.41
N ASN F 796 -131.04 25.49 -19.80
CA ASN F 796 -131.98 24.61 -19.11
C ASN F 796 -131.45 24.19 -17.75
N ILE F 797 -130.88 25.12 -16.99
CA ILE F 797 -130.37 24.83 -15.65
C ILE F 797 -131.50 25.08 -14.67
N LYS F 798 -131.89 24.05 -13.92
CA LYS F 798 -132.91 24.17 -12.89
C LYS F 798 -132.23 24.06 -11.52
N LYS F 799 -132.49 25.03 -10.66
CA LYS F 799 -131.81 25.14 -9.37
C LYS F 799 -132.70 24.53 -8.29
N THR F 800 -132.18 23.53 -7.59
CA THR F 800 -132.87 22.91 -6.48
C THR F 800 -131.93 22.87 -5.28
N SER F 801 -132.45 22.48 -4.13
CA SER F 801 -131.63 22.45 -2.93
C SER F 801 -131.95 21.21 -2.10
N MET F 802 -130.94 20.76 -1.36
CA MET F 802 -131.04 19.62 -0.48
C MET F 802 -130.62 20.08 0.90
N MET F 803 -131.43 19.77 1.91
CA MET F 803 -131.25 20.21 3.27
C MET F 803 -130.93 19.00 4.13
N LEU F 804 -129.89 19.10 4.97
CA LEU F 804 -129.43 17.97 5.75
C LEU F 804 -129.12 18.45 7.17
N LYS F 805 -129.88 17.97 8.15
CA LYS F 805 -129.67 18.43 9.51
C LYS F 805 -129.74 17.28 10.50
N VAL F 806 -129.02 17.43 11.60
CA VAL F 806 -129.16 16.54 12.74
C VAL F 806 -130.30 17.09 13.60
N LEU F 807 -131.22 16.21 13.98
CA LEU F 807 -132.47 16.64 14.59
C LEU F 807 -132.21 17.22 15.98
N GLY F 808 -132.59 18.49 16.15
CA GLY F 808 -132.40 19.19 17.40
C GLY F 808 -131.03 19.80 17.60
N ALA F 809 -130.11 19.59 16.67
CA ALA F 809 -128.73 20.05 16.80
C ALA F 809 -128.51 21.56 16.59
N PRO F 810 -128.91 22.15 15.45
CA PRO F 810 -128.34 23.46 15.08
C PRO F 810 -128.73 24.56 16.06
N GLY F 811 -127.82 25.51 16.24
CA GLY F 811 -127.96 26.54 17.25
C GLY F 811 -127.34 26.18 18.58
N ASN F 812 -127.44 24.92 19.01
CA ASN F 812 -126.84 24.48 20.25
C ASN F 812 -125.48 23.84 20.08
N CYS F 813 -125.16 23.32 18.89
CA CYS F 813 -123.88 22.70 18.61
C CYS F 813 -122.97 23.72 17.95
N ILE F 814 -121.85 24.03 18.59
CA ILE F 814 -120.84 24.93 18.05
C ILE F 814 -119.50 24.24 18.15
N GLN F 815 -118.86 23.99 17.01
CA GLN F 815 -117.52 23.44 17.02
C GLN F 815 -116.53 24.58 17.23
N ARG F 816 -115.85 24.56 18.37
CA ARG F 816 -114.90 25.61 18.72
C ARG F 816 -113.53 25.25 18.19
N THR F 817 -112.94 26.14 17.41
CA THR F 817 -111.59 25.96 16.91
C THR F 817 -110.74 27.11 17.41
N TYR F 818 -109.51 27.18 16.92
CA TYR F 818 -108.80 28.45 17.00
C TYR F 818 -109.50 29.46 16.09
N LEU F 819 -109.36 30.74 16.45
CA LEU F 819 -109.90 31.88 15.70
C LEU F 819 -111.39 31.70 15.38
N GLY F 820 -112.15 31.17 16.34
CA GLY F 820 -113.59 31.25 16.25
C GLY F 820 -114.27 29.90 16.43
N GLY F 821 -115.51 29.84 15.95
CA GLY F 821 -116.31 28.65 16.06
C GLY F 821 -117.29 28.56 14.92
N ILE F 822 -117.71 27.34 14.60
CA ILE F 822 -118.55 27.07 13.45
C ILE F 822 -119.85 26.42 13.90
N ILE F 823 -120.97 26.92 13.37
CA ILE F 823 -122.26 26.27 13.60
C ILE F 823 -122.30 24.98 12.79
N GLN F 824 -122.77 23.90 13.42
CA GLN F 824 -122.73 22.57 12.84
C GLN F 824 -124.10 21.92 12.94
N GLY F 825 -124.19 20.70 12.42
CA GLY F 825 -125.43 19.96 12.45
C GLY F 825 -126.44 20.36 11.40
N PHE F 826 -126.04 21.15 10.41
CA PHE F 826 -126.98 21.73 9.46
C PHE F 826 -126.25 22.12 8.19
N LYS F 827 -126.77 21.72 7.04
CA LYS F 827 -126.09 21.97 5.78
C LYS F 827 -127.09 22.09 4.64
N VAL F 828 -126.85 23.05 3.75
CA VAL F 828 -127.64 23.24 2.54
C VAL F 828 -126.73 23.02 1.34
N VAL F 829 -127.17 22.18 0.41
CA VAL F 829 -126.41 21.82 -0.79
C VAL F 829 -127.22 22.28 -2.00
N PRO F 830 -126.75 23.28 -2.74
CA PRO F 830 -127.42 23.63 -4.00
C PRO F 830 -127.02 22.70 -5.14
N ILE F 831 -128.02 22.29 -5.91
CA ILE F 831 -127.88 21.33 -7.00
C ILE F 831 -128.42 21.98 -8.27
N PHE F 832 -127.67 21.88 -9.36
CA PHE F 832 -128.08 22.42 -10.64
C PHE F 832 -128.32 21.21 -11.54
N ILE F 833 -129.59 20.97 -11.86
CA ILE F 833 -129.97 19.86 -12.73
C ILE F 833 -130.06 20.40 -14.15
N GLY F 834 -129.40 19.73 -15.08
CA GLY F 834 -129.36 20.18 -16.46
C GLY F 834 -128.19 19.56 -17.19
N CYS F 835 -127.51 20.34 -18.05
CA CYS F 835 -126.30 19.77 -18.58
C CYS F 835 -125.11 20.63 -18.18
N PRO F 836 -124.03 20.02 -17.71
CA PRO F 836 -122.95 20.79 -17.11
C PRO F 836 -122.16 21.53 -18.18
N PRO F 837 -121.59 22.69 -17.85
CA PRO F 837 -120.65 23.33 -18.76
C PRO F 837 -119.36 22.53 -18.88
N GLY F 838 -118.79 22.54 -20.07
CA GLY F 838 -117.55 21.86 -20.32
C GLY F 838 -117.64 20.53 -21.02
N LYS F 839 -118.73 20.25 -21.73
CA LYS F 839 -118.85 19.04 -22.55
C LYS F 839 -118.95 19.46 -24.00
N ARG F 840 -118.09 18.90 -24.85
CA ARG F 840 -117.99 19.32 -26.23
C ARG F 840 -117.97 18.12 -27.16
N LEU F 841 -118.35 18.36 -28.40
CA LEU F 841 -118.39 17.34 -29.44
C LEU F 841 -117.36 17.69 -30.51
N ALA F 842 -116.70 16.66 -31.05
CA ALA F 842 -115.55 16.89 -31.91
C ALA F 842 -115.46 15.83 -33.00
N PHE F 843 -114.78 16.21 -34.08
CA PHE F 843 -114.55 15.35 -35.23
C PHE F 843 -113.33 14.46 -34.96
N ASP F 844 -113.55 13.15 -34.89
CA ASP F 844 -112.45 12.21 -34.68
C ASP F 844 -111.70 12.08 -36.00
N VAL F 845 -110.72 12.98 -36.19
CA VAL F 845 -110.00 13.06 -37.45
C VAL F 845 -109.19 11.81 -37.70
N SER F 846 -108.48 11.33 -36.68
CA SER F 846 -107.62 10.15 -36.84
C SER F 846 -108.44 8.91 -37.15
N TYR F 847 -109.56 8.72 -36.44
CA TYR F 847 -110.41 7.56 -36.68
C TYR F 847 -111.06 7.64 -38.06
N THR F 848 -111.46 8.85 -38.48
CA THR F 848 -112.03 9.02 -39.81
C THR F 848 -111.01 8.73 -40.89
N ILE F 849 -109.75 9.15 -40.68
CA ILE F 849 -108.70 8.89 -41.65
C ILE F 849 -108.39 7.40 -41.72
N MET F 850 -108.38 6.72 -40.58
CA MET F 850 -108.16 5.27 -40.58
C MET F 850 -109.32 4.55 -41.27
N HIS F 851 -110.55 5.04 -41.07
CA HIS F 851 -111.70 4.43 -41.75
C HIS F 851 -111.61 4.62 -43.26
N SER F 852 -111.18 5.80 -43.71
CA SER F 852 -111.00 6.00 -45.15
C SER F 852 -109.86 5.16 -45.70
N GLU F 853 -108.78 4.98 -44.93
CA GLU F 853 -107.67 4.13 -45.34
C GLU F 853 -107.98 2.65 -45.24
N GLU F 854 -109.07 2.28 -44.56
CA GLU F 854 -109.45 0.88 -44.44
C GLU F 854 -110.61 0.47 -45.33
N ILE F 855 -111.44 1.41 -45.77
CA ILE F 855 -112.60 1.06 -46.60
C ILE F 855 -112.23 1.05 -48.07
N ASN F 856 -111.77 2.17 -48.60
CA ASN F 856 -111.28 2.23 -49.98
C ASN F 856 -109.80 1.96 -50.10
N LYS F 857 -109.09 1.85 -48.97
CA LYS F 857 -107.69 1.47 -48.89
C LYS F 857 -106.77 2.45 -49.62
N HIS F 858 -107.20 3.69 -49.80
CA HIS F 858 -106.35 4.72 -50.37
C HIS F 858 -106.82 6.07 -49.87
N TYR F 859 -105.94 7.07 -49.98
CA TYR F 859 -106.26 8.42 -49.53
C TYR F 859 -105.37 9.41 -50.25
N PHE F 860 -105.94 10.57 -50.57
CA PHE F 860 -105.20 11.63 -51.23
C PHE F 860 -105.75 12.95 -50.73
N ASP F 861 -104.88 13.83 -50.24
CA ASP F 861 -105.26 15.15 -49.78
C ASP F 861 -105.43 16.09 -50.96
N CYS F 862 -105.73 17.35 -50.68
CA CYS F 862 -105.88 18.34 -51.75
C CYS F 862 -104.51 18.76 -52.27
N VAL F 863 -104.53 19.65 -53.27
CA VAL F 863 -103.28 20.21 -53.77
C VAL F 863 -102.67 21.16 -52.75
N ILE F 864 -103.50 22.02 -52.15
CA ILE F 864 -103.06 22.93 -51.10
C ILE F 864 -103.26 22.17 -49.79
N LYS F 865 -102.21 21.48 -49.36
CA LYS F 865 -102.29 20.63 -48.18
C LYS F 865 -102.32 21.47 -46.90
N ASP F 866 -103.26 21.14 -46.02
CA ASP F 866 -103.40 21.81 -44.73
C ASP F 866 -103.49 20.75 -43.64
N ALA F 867 -102.73 20.95 -42.56
CA ALA F 867 -102.71 19.97 -41.48
C ALA F 867 -104.01 19.95 -40.70
N GLU F 868 -104.54 21.13 -40.35
CA GLU F 868 -105.70 21.19 -39.46
C GLU F 868 -106.99 20.82 -40.17
N MET F 869 -106.99 20.91 -41.50
CA MET F 869 -108.16 20.62 -42.34
C MET F 869 -107.73 19.64 -43.43
N PRO F 870 -108.15 18.38 -43.30
CA PRO F 870 -107.90 17.38 -44.35
C PRO F 870 -108.98 17.42 -45.41
N CYS F 871 -108.66 16.83 -46.56
CA CYS F 871 -109.49 16.86 -47.75
C CYS F 871 -110.01 15.46 -48.02
N PHE F 872 -111.24 15.38 -48.49
CA PHE F 872 -111.93 14.11 -48.72
C PHE F 872 -112.30 13.97 -50.18
N LEU F 873 -112.13 12.76 -50.70
CA LEU F 873 -112.44 12.45 -52.10
C LEU F 873 -113.88 12.01 -52.26
N PHE F 874 -114.47 12.35 -53.41
CA PHE F 874 -115.84 11.92 -53.70
C PHE F 874 -115.93 10.40 -53.77
N ARG F 875 -115.00 9.75 -54.48
CA ARG F 875 -115.14 8.33 -54.76
C ARG F 875 -115.09 7.47 -53.51
N ASP F 876 -114.66 8.00 -52.38
CA ASP F 876 -114.59 7.28 -51.13
C ASP F 876 -115.89 7.45 -50.36
N LEU F 877 -116.39 6.36 -49.77
CA LEU F 877 -117.55 6.44 -48.90
C LEU F 877 -117.19 7.18 -47.62
N PHE F 878 -118.05 8.09 -47.20
CA PHE F 878 -117.78 8.98 -46.09
C PHE F 878 -118.45 8.41 -44.84
N GLN F 879 -117.66 8.19 -43.79
CA GLN F 879 -118.16 7.68 -42.51
C GLN F 879 -117.45 8.42 -41.39
N PRO F 880 -118.06 9.48 -40.87
CA PRO F 880 -117.42 10.22 -39.78
C PRO F 880 -117.53 9.46 -38.46
N PHE F 881 -116.66 9.81 -37.53
CA PHE F 881 -116.74 9.33 -36.16
C PHE F 881 -116.51 10.49 -35.22
N PHE F 882 -117.14 10.44 -34.06
CA PHE F 882 -117.29 11.63 -33.22
C PHE F 882 -116.87 11.35 -31.79
N LEU F 883 -116.23 12.34 -31.20
CA LEU F 883 -115.70 12.27 -29.85
C LEU F 883 -116.43 13.25 -28.94
N VAL F 884 -116.53 12.89 -27.67
CA VAL F 884 -117.06 13.75 -26.63
C VAL F 884 -115.92 14.05 -25.67
N GLN F 885 -115.57 15.32 -25.55
CA GLN F 885 -114.48 15.76 -24.70
C GLN F 885 -115.04 16.51 -23.51
N ASP F 886 -114.55 16.17 -22.32
CA ASP F 886 -114.93 16.86 -21.08
C ASP F 886 -113.77 17.74 -20.66
N LEU F 887 -113.91 19.04 -20.94
CA LEU F 887 -112.85 20.00 -20.68
C LEU F 887 -112.52 20.16 -19.21
N VAL F 888 -113.44 19.84 -18.31
CA VAL F 888 -113.18 19.98 -16.88
C VAL F 888 -112.30 18.86 -16.32
N THR F 889 -112.13 17.77 -17.06
CA THR F 889 -111.37 16.63 -16.58
C THR F 889 -110.58 16.06 -17.76
N GLY F 890 -110.07 14.85 -17.60
CA GLY F 890 -109.15 14.31 -18.58
C GLY F 890 -109.75 13.49 -19.71
N ASP F 891 -110.88 12.83 -19.46
CA ASP F 891 -111.33 11.74 -20.32
C ASP F 891 -111.75 12.25 -21.70
N SER F 892 -111.83 11.31 -22.65
CA SER F 892 -112.22 11.61 -24.02
C SER F 892 -112.96 10.40 -24.55
N GLY F 893 -114.29 10.44 -24.54
CA GLY F 893 -115.08 9.30 -24.97
C GLY F 893 -115.49 9.39 -26.42
N SER F 894 -116.12 8.33 -26.90
CA SER F 894 -116.68 8.29 -28.24
C SER F 894 -118.19 8.41 -28.15
N PHE F 895 -118.79 9.12 -29.11
CA PHE F 895 -120.22 9.36 -29.10
C PHE F 895 -120.95 8.07 -29.44
N LEU F 896 -121.53 7.43 -28.43
CA LEU F 896 -122.30 6.21 -28.61
C LEU F 896 -123.79 6.57 -28.59
N GLY F 897 -124.25 7.08 -29.73
CA GLY F 897 -125.66 7.45 -29.85
C GLY F 897 -125.99 7.91 -31.25
N SER F 898 -127.28 8.02 -31.51
CA SER F 898 -127.78 8.51 -32.77
C SER F 898 -127.58 10.01 -32.88
N TYR F 899 -127.57 10.50 -34.12
CA TYR F 899 -127.41 11.93 -34.36
C TYR F 899 -128.01 12.23 -35.72
N VAL F 900 -128.21 13.51 -36.01
CA VAL F 900 -128.76 13.97 -37.28
C VAL F 900 -127.70 14.78 -37.99
N LEU F 901 -127.41 14.41 -39.24
CA LEU F 901 -126.41 15.08 -40.06
C LEU F 901 -127.09 15.76 -41.24
N LYS F 902 -126.84 17.06 -41.39
CA LYS F 902 -127.36 17.78 -42.54
C LYS F 902 -126.43 18.93 -42.87
N VAL F 903 -126.34 19.23 -44.16
CA VAL F 903 -125.49 20.30 -44.69
C VAL F 903 -126.36 21.54 -44.86
N VAL F 904 -125.99 22.62 -44.18
CA VAL F 904 -126.74 23.87 -44.25
C VAL F 904 -126.04 24.92 -45.10
N GLY F 905 -124.83 24.65 -45.58
CA GLY F 905 -124.15 25.66 -46.36
C GLY F 905 -123.19 25.06 -47.35
N GLY F 906 -122.94 25.82 -48.40
CA GLY F 906 -121.94 25.44 -49.39
C GLY F 906 -121.09 26.63 -49.74
N GLY F 907 -119.92 26.35 -50.30
CA GLY F 907 -119.02 27.41 -50.68
C GLY F 907 -118.10 26.97 -51.80
N ARG F 908 -118.03 27.80 -52.83
CA ARG F 908 -117.06 27.61 -53.90
C ARG F 908 -115.63 27.76 -53.39
N THR F 909 -115.39 28.70 -52.49
CA THR F 909 -114.13 28.83 -51.77
C THR F 909 -114.47 29.14 -50.31
N LEU F 910 -113.45 29.35 -49.50
CA LEU F 910 -113.67 29.68 -48.09
C LEU F 910 -114.30 31.07 -47.95
N ASN F 911 -114.83 31.34 -46.75
CA ASN F 911 -115.57 32.54 -46.35
C ASN F 911 -116.57 32.99 -47.42
N THR F 912 -117.20 32.03 -48.09
CA THR F 912 -118.24 32.30 -49.07
C THR F 912 -119.45 31.40 -48.84
N ILE F 913 -119.62 30.90 -47.63
CA ILE F 913 -120.66 29.93 -47.32
C ILE F 913 -121.99 30.66 -47.16
N ARG F 914 -123.00 30.22 -47.91
CA ARG F 914 -124.34 30.77 -47.76
C ARG F 914 -125.23 29.77 -47.03
N ASP F 915 -125.97 30.28 -46.05
CA ASP F 915 -126.95 29.49 -45.33
C ASP F 915 -128.14 29.20 -46.24
N TYR F 916 -128.88 28.16 -45.89
CA TYR F 916 -130.05 27.75 -46.64
C TYR F 916 -131.30 27.89 -45.77
N THR F 917 -132.46 27.91 -46.43
CA THR F 917 -133.74 27.95 -45.75
C THR F 917 -134.12 26.54 -45.31
N GLU F 918 -135.22 26.44 -44.55
CA GLU F 918 -135.72 25.13 -44.15
C GLU F 918 -136.19 24.34 -45.37
N GLU F 919 -136.90 25.00 -46.30
CA GLU F 919 -137.29 24.35 -47.53
C GLU F 919 -136.08 23.97 -48.36
N GLU F 920 -135.04 24.80 -48.36
CA GLU F 920 -133.81 24.45 -49.08
C GLU F 920 -133.15 23.22 -48.45
N ILE F 921 -133.12 23.15 -47.12
CA ILE F 921 -132.56 21.97 -46.45
C ILE F 921 -133.36 20.72 -46.82
N PHE F 922 -134.69 20.84 -46.85
CA PHE F 922 -135.55 19.75 -47.28
C PHE F 922 -135.23 19.34 -48.71
N ARG F 923 -134.98 20.31 -49.59
CA ARG F 923 -134.69 19.98 -50.98
C ARG F 923 -133.30 19.36 -51.12
N TYR F 924 -132.38 19.69 -50.21
CA TYR F 924 -131.00 19.30 -50.41
C TYR F 924 -130.63 17.99 -49.73
N ASN F 925 -131.28 17.62 -48.62
CA ASN F 925 -130.76 16.52 -47.81
C ASN F 925 -131.86 15.56 -47.40
N SER F 926 -133.00 15.58 -48.07
CA SER F 926 -134.12 14.76 -47.62
C SER F 926 -134.63 13.84 -48.71
N PRO F 927 -134.93 12.58 -48.37
CA PRO F 927 -135.46 11.64 -49.36
C PRO F 927 -136.90 11.91 -49.80
N LEU F 928 -137.54 12.97 -49.31
CA LEU F 928 -138.88 13.31 -49.74
C LEU F 928 -138.92 14.47 -50.72
N ASP F 929 -137.77 14.98 -51.15
CA ASP F 929 -137.73 16.01 -52.19
C ASP F 929 -137.79 15.32 -53.56
N THR F 930 -138.83 15.64 -54.33
CA THR F 930 -138.98 15.02 -55.65
C THR F 930 -137.93 15.50 -56.64
N THR F 931 -137.49 16.75 -56.53
CA THR F 931 -136.56 17.31 -57.50
C THR F 931 -135.19 16.65 -57.40
N ASN F 932 -134.39 16.81 -58.46
CA ASN F 932 -133.05 16.24 -58.53
C ASN F 932 -132.09 17.16 -57.77
N SER F 933 -132.17 17.11 -56.44
CA SER F 933 -131.39 17.99 -55.58
C SER F 933 -130.82 17.28 -54.36
N LEU F 934 -130.85 15.94 -54.33
CA LEU F 934 -130.29 15.20 -53.21
C LEU F 934 -128.77 15.36 -53.20
N ILE F 935 -128.26 16.12 -52.23
CA ILE F 935 -126.83 16.38 -52.16
C ILE F 935 -126.06 15.10 -51.87
N TRP F 936 -126.54 14.30 -50.93
CA TRP F 936 -125.91 13.03 -50.60
C TRP F 936 -127.01 12.01 -50.33
N LYS F 937 -126.60 10.76 -50.19
CA LYS F 937 -127.59 9.71 -50.03
C LYS F 937 -126.96 8.51 -49.32
N THR F 938 -127.67 7.95 -48.36
CA THR F 938 -127.28 6.75 -47.64
C THR F 938 -128.44 5.77 -47.63
N LYS F 939 -128.16 4.54 -47.20
CA LYS F 939 -129.16 3.48 -47.14
C LYS F 939 -129.34 3.07 -45.68
N VAL F 940 -130.29 3.71 -45.00
CA VAL F 940 -130.54 3.47 -43.59
C VAL F 940 -132.04 3.41 -43.36
N GLU F 941 -132.47 2.43 -42.56
CA GLU F 941 -133.90 2.19 -42.34
C GLU F 941 -134.50 3.03 -41.23
N ARG F 942 -133.69 3.55 -40.31
CA ARG F 942 -134.22 4.38 -39.23
C ARG F 942 -134.15 5.84 -39.62
N THR F 943 -135.26 6.54 -39.41
CA THR F 943 -135.37 7.92 -39.85
C THR F 943 -136.19 8.69 -38.83
N THR F 944 -136.03 10.01 -38.84
CA THR F 944 -136.67 10.86 -37.85
C THR F 944 -138.17 10.92 -38.08
N GLU F 945 -138.86 11.65 -37.22
CA GLU F 945 -140.30 11.82 -37.37
C GLU F 945 -140.61 12.62 -38.63
N ASP F 946 -141.79 12.36 -39.19
CA ASP F 946 -142.24 12.77 -40.53
C ASP F 946 -141.34 12.24 -41.64
N LYS F 947 -140.42 11.33 -41.34
CA LYS F 947 -139.55 10.65 -42.30
C LYS F 947 -138.75 11.60 -43.17
N LYS F 948 -138.49 12.82 -42.69
CA LYS F 948 -137.80 13.80 -43.51
C LYS F 948 -136.29 13.55 -43.58
N PHE F 949 -135.69 13.11 -42.48
CA PHE F 949 -134.24 12.98 -42.42
C PHE F 949 -133.86 11.62 -41.84
N TYR F 950 -132.60 11.22 -42.07
CA TYR F 950 -132.10 9.93 -41.64
C TYR F 950 -131.53 10.02 -40.24
N ILE F 951 -131.59 8.91 -39.52
CA ILE F 951 -131.03 8.78 -38.18
C ILE F 951 -129.94 7.73 -38.23
N MET F 952 -128.71 8.15 -38.02
CA MET F 952 -127.56 7.28 -38.08
C MET F 952 -126.67 7.43 -36.84
N SER F 953 -125.80 6.44 -36.66
CA SER F 953 -124.94 6.37 -35.49
C SER F 953 -123.57 5.92 -35.95
N HIS F 954 -122.72 5.54 -34.99
CA HIS F 954 -121.37 5.09 -35.30
C HIS F 954 -121.35 3.75 -36.03
N GLU F 955 -122.47 3.05 -36.11
CA GLU F 955 -122.56 1.79 -36.85
C GLU F 955 -123.17 1.96 -38.23
N SER F 956 -123.32 3.21 -38.70
CA SER F 956 -123.94 3.46 -39.99
C SER F 956 -123.06 2.95 -41.13
N PRO F 957 -123.68 2.53 -42.25
CA PRO F 957 -122.86 2.14 -43.42
C PRO F 957 -122.00 3.26 -43.95
N GLY F 958 -122.47 4.50 -43.93
CA GLY F 958 -121.67 5.62 -44.36
C GLY F 958 -122.51 6.62 -45.14
N VAL F 959 -121.82 7.57 -45.76
CA VAL F 959 -122.44 8.64 -46.52
C VAL F 959 -121.89 8.61 -47.93
N GLU F 960 -122.78 8.57 -48.91
CA GLU F 960 -122.41 8.70 -50.32
C GLU F 960 -123.03 9.97 -50.88
N TRP F 961 -122.20 10.83 -51.47
CA TRP F 961 -122.66 12.10 -52.01
C TRP F 961 -123.31 11.85 -53.38
N LEU F 962 -124.35 12.61 -53.69
CA LEU F 962 -124.97 12.56 -55.02
C LEU F 962 -124.89 13.90 -55.74
N CYS F 963 -125.35 14.98 -55.08
CA CYS F 963 -125.36 16.35 -55.61
C CYS F 963 -125.91 16.41 -57.04
N LEU F 964 -127.22 16.16 -57.13
CA LEU F 964 -127.93 16.02 -58.39
C LEU F 964 -128.20 17.35 -59.09
N GLU F 965 -129.15 17.33 -60.04
CA GLU F 965 -129.29 18.39 -61.04
C GLU F 965 -129.56 19.77 -60.44
N ASN F 966 -130.17 19.82 -59.25
CA ASN F 966 -130.47 21.10 -58.62
C ASN F 966 -129.52 21.41 -57.46
N SER F 967 -128.25 21.10 -57.62
CA SER F 967 -127.25 21.24 -56.57
C SER F 967 -126.06 22.04 -57.09
N PRO F 968 -125.19 22.55 -56.20
CA PRO F 968 -123.98 23.23 -56.70
C PRO F 968 -123.03 22.34 -57.48
N CYS F 969 -123.15 21.01 -57.38
CA CYS F 969 -122.41 20.12 -58.26
C CYS F 969 -122.79 20.35 -59.72
N TYR F 970 -124.07 20.56 -59.98
CA TYR F 970 -124.53 20.78 -61.35
C TYR F 970 -124.05 22.14 -61.85
N ASP F 971 -123.54 22.14 -63.08
CA ASP F 971 -122.99 23.33 -63.74
C ASP F 971 -121.87 23.96 -62.92
N ILE F 972 -120.91 23.14 -62.51
CA ILE F 972 -119.66 23.63 -61.92
C ILE F 972 -118.58 23.57 -62.99
N ILE F 973 -117.74 24.59 -63.01
CA ILE F 973 -116.62 24.66 -63.96
C ILE F 973 -115.37 25.01 -63.18
N PRO F 974 -114.18 24.61 -63.63
CA PRO F 974 -112.96 25.04 -62.94
C PRO F 974 -112.63 26.49 -63.27
N GLN F 975 -111.98 27.14 -62.32
CA GLN F 975 -111.36 28.44 -62.57
C GLN F 975 -109.90 28.32 -62.95
N SER F 976 -109.30 27.15 -62.75
CA SER F 976 -107.87 26.94 -62.97
C SER F 976 -107.65 25.44 -63.21
N ILE F 977 -106.39 25.02 -63.13
CA ILE F 977 -106.03 23.62 -63.22
C ILE F 977 -106.39 22.94 -61.90
N TYR F 978 -106.36 21.59 -61.89
CA TYR F 978 -106.70 20.68 -60.78
C TYR F 978 -108.22 20.64 -60.61
N PRO F 979 -108.77 19.55 -60.07
CA PRO F 979 -110.23 19.43 -59.98
C PRO F 979 -110.82 20.49 -59.07
N PRO F 980 -112.06 20.92 -59.33
CA PRO F 980 -112.65 21.99 -58.52
C PRO F 980 -112.92 21.55 -57.09
N GLU F 981 -113.00 22.54 -56.21
CA GLU F 981 -113.15 22.31 -54.78
C GLU F 981 -114.45 22.91 -54.28
N PHE F 982 -115.03 22.27 -53.27
CA PHE F 982 -116.23 22.77 -52.63
C PHE F 982 -116.11 22.58 -51.12
N PHE F 983 -116.84 23.41 -50.38
CA PHE F 983 -116.80 23.41 -48.93
C PHE F 983 -118.21 23.28 -48.40
N PHE F 984 -118.47 22.23 -47.63
CA PHE F 984 -119.79 21.95 -47.08
C PHE F 984 -119.82 22.31 -45.60
N LYS F 985 -120.67 23.25 -45.23
CA LYS F 985 -120.94 23.58 -43.84
C LYS F 985 -122.11 22.72 -43.39
N LEU F 986 -121.81 21.72 -42.57
CA LEU F 986 -122.80 20.78 -42.08
C LEU F 986 -122.76 20.74 -40.57
N LEU F 987 -123.92 20.53 -39.96
CA LEU F 987 -123.99 20.40 -38.52
C LEU F 987 -124.50 19.01 -38.14
N VAL F 988 -123.92 18.49 -37.06
CA VAL F 988 -124.39 17.27 -36.42
C VAL F 988 -125.12 17.69 -35.15
N SER F 989 -126.38 17.26 -35.04
CA SER F 989 -127.20 17.61 -33.89
C SER F 989 -127.65 16.36 -33.17
N ASN F 990 -127.90 16.49 -31.88
CA ASN F 990 -128.36 15.38 -31.06
C ASN F 990 -129.66 15.72 -30.36
N ARG F 991 -130.56 16.43 -31.04
CA ARG F 991 -131.72 16.99 -30.34
C ARG F 991 -132.72 15.89 -29.99
N GLY F 992 -133.30 15.25 -30.98
CA GLY F 992 -134.51 14.51 -30.73
C GLY F 992 -134.36 13.00 -30.79
N VAL F 993 -133.12 12.55 -30.85
CA VAL F 993 -132.83 11.15 -31.15
C VAL F 993 -132.11 10.44 -30.02
N ASP F 994 -131.83 11.11 -28.92
CA ASP F 994 -131.07 10.50 -27.83
C ASP F 994 -131.76 10.74 -26.50
N ASN F 995 -131.61 9.77 -25.60
CA ASN F 995 -132.24 9.78 -24.28
C ASN F 995 -131.19 9.52 -23.20
N SER F 996 -130.06 10.21 -23.28
CA SER F 996 -128.96 9.98 -22.36
C SER F 996 -128.49 11.22 -21.62
N THR F 997 -128.51 12.39 -22.26
CA THR F 997 -128.04 13.63 -21.66
C THR F 997 -129.17 14.65 -21.64
N TYR F 998 -128.98 15.70 -20.84
CA TYR F 998 -130.00 16.72 -20.66
C TYR F 998 -129.85 17.90 -21.61
N CYS F 999 -128.81 17.92 -22.44
CA CYS F 999 -128.70 18.98 -23.44
C CYS F 999 -127.94 18.42 -24.64
N ASP F 1000 -128.35 18.85 -25.83
CA ASP F 1000 -127.90 18.25 -27.07
C ASP F 1000 -126.68 18.99 -27.62
N TYR F 1001 -125.84 18.23 -28.31
CA TYR F 1001 -124.69 18.79 -29.00
C TYR F 1001 -125.08 19.15 -30.43
N LYS F 1002 -124.64 20.34 -30.86
CA LYS F 1002 -124.80 20.81 -32.22
C LYS F 1002 -123.43 21.27 -32.70
N LEU F 1003 -122.66 20.35 -33.26
CA LEU F 1003 -121.34 20.69 -33.79
C LEU F 1003 -121.51 21.06 -35.25
N THR F 1004 -121.28 22.33 -35.57
CA THR F 1004 -121.39 22.85 -36.93
C THR F 1004 -119.99 23.01 -37.47
N PHE F 1005 -119.58 22.12 -38.37
CA PHE F 1005 -118.24 22.19 -38.93
C PHE F 1005 -118.31 22.23 -40.45
N ILE F 1006 -117.15 22.20 -41.08
CA ILE F 1006 -117.01 22.37 -42.52
C ILE F 1006 -116.08 21.28 -43.05
N VAL F 1007 -116.51 20.61 -44.12
CA VAL F 1007 -115.69 19.62 -44.80
C VAL F 1007 -115.32 20.13 -46.17
N HIS F 1008 -114.22 19.59 -46.71
CA HIS F 1008 -113.68 19.99 -47.99
C HIS F 1008 -113.75 18.83 -48.96
N ILE F 1009 -114.39 19.04 -50.10
CA ILE F 1009 -114.56 17.99 -51.09
C ILE F 1009 -113.89 18.43 -52.38
N HIS F 1010 -112.93 17.64 -52.83
CA HIS F 1010 -112.34 17.76 -54.15
C HIS F 1010 -112.77 16.56 -54.98
N GLY F 1011 -112.43 16.58 -56.27
CA GLY F 1011 -112.90 15.55 -57.17
C GLY F 1011 -114.40 15.59 -57.42
N LEU F 1012 -114.96 16.79 -57.56
CA LEU F 1012 -116.34 16.90 -57.98
C LEU F 1012 -116.45 16.51 -59.46
N PRO F 1013 -117.50 15.79 -59.84
CA PRO F 1013 -117.54 15.17 -61.17
C PRO F 1013 -117.95 16.18 -62.24
N LEU F 1014 -118.19 15.64 -63.43
CA LEU F 1014 -118.74 16.39 -64.56
C LEU F 1014 -120.14 15.86 -64.85
N SER F 1015 -121.06 16.77 -65.16
CA SER F 1015 -122.43 16.37 -65.45
C SER F 1015 -122.50 15.59 -66.76
N SER F 1016 -123.49 14.70 -66.85
CA SER F 1016 -123.75 13.99 -68.10
C SER F 1016 -124.07 14.95 -69.23
N LYS F 1017 -124.67 16.10 -68.93
CA LYS F 1017 -124.83 17.16 -69.93
C LYS F 1017 -123.48 17.64 -70.44
N ARG F 1018 -122.50 17.83 -69.53
CA ARG F 1018 -121.18 18.26 -69.95
C ARG F 1018 -120.49 17.19 -70.80
N THR F 1019 -120.61 15.92 -70.41
CA THR F 1019 -120.02 14.85 -71.20
C THR F 1019 -120.65 14.76 -72.58
N SER F 1020 -121.98 14.88 -72.66
CA SER F 1020 -122.66 14.87 -73.94
C SER F 1020 -122.24 16.06 -74.79
N PHE F 1021 -122.09 17.23 -74.17
CA PHE F 1021 -121.68 18.44 -74.91
C PHE F 1021 -120.29 18.28 -75.49
N ILE F 1022 -119.33 17.82 -74.68
CA ILE F 1022 -117.95 17.71 -75.17
C ILE F 1022 -117.85 16.61 -76.23
N VAL F 1023 -118.56 15.50 -76.04
CA VAL F 1023 -118.53 14.42 -77.02
C VAL F 1023 -119.14 14.87 -78.34
N MET F 1024 -120.29 15.56 -78.27
CA MET F 1024 -120.96 16.00 -79.48
C MET F 1024 -120.15 17.07 -80.22
N VAL F 1025 -119.56 18.02 -79.50
CA VAL F 1025 -118.77 19.04 -80.17
C VAL F 1025 -117.50 18.45 -80.76
N SER F 1026 -116.88 17.47 -80.08
CA SER F 1026 -115.71 16.81 -80.66
C SER F 1026 -116.08 16.05 -81.94
N THR F 1027 -117.21 15.32 -81.91
CA THR F 1027 -117.64 14.59 -83.09
C THR F 1027 -117.92 15.54 -84.26
N SER F 1028 -118.65 16.62 -83.99
CA SER F 1028 -119.02 17.56 -85.06
C SER F 1028 -117.78 18.23 -85.64
N PHE F 1029 -116.87 18.70 -84.78
CA PHE F 1029 -115.69 19.40 -85.27
C PHE F 1029 -114.76 18.46 -86.04
N PHE F 1030 -114.60 17.22 -85.56
CA PHE F 1030 -113.71 16.30 -86.26
C PHE F 1030 -114.31 15.82 -87.58
N ILE F 1031 -115.62 15.58 -87.64
CA ILE F 1031 -116.26 15.30 -88.92
C ILE F 1031 -116.10 16.47 -89.87
N ALA F 1032 -116.21 17.70 -89.36
CA ALA F 1032 -116.02 18.88 -90.19
C ALA F 1032 -114.62 18.93 -90.79
N LEU F 1033 -113.58 18.73 -89.97
CA LEU F 1033 -112.22 18.83 -90.50
C LEU F 1033 -111.90 17.65 -91.42
N VAL F 1034 -112.42 16.45 -91.13
CA VAL F 1034 -112.19 15.31 -92.00
C VAL F 1034 -112.87 15.51 -93.35
N VAL F 1035 -114.10 16.05 -93.35
CA VAL F 1035 -114.80 16.33 -94.60
C VAL F 1035 -114.07 17.41 -95.39
N PHE F 1036 -113.54 18.43 -94.70
CA PHE F 1036 -112.73 19.45 -95.38
C PHE F 1036 -111.49 18.84 -95.99
N TYR F 1037 -110.82 17.93 -95.27
CA TYR F 1037 -109.64 17.25 -95.80
C TYR F 1037 -109.99 16.43 -97.03
N ILE F 1038 -111.13 15.72 -96.99
CA ILE F 1038 -111.55 14.90 -98.12
C ILE F 1038 -111.82 15.77 -99.34
N LEU F 1039 -112.59 16.84 -99.16
CA LEU F 1039 -112.98 17.68 -100.28
C LEU F 1039 -111.78 18.42 -100.87
N PHE F 1040 -110.85 18.88 -100.04
CA PHE F 1040 -109.67 19.56 -100.54
C PHE F 1040 -108.61 18.59 -101.06
N CYS F 1041 -108.67 17.31 -100.69
CA CYS F 1041 -107.79 16.32 -101.29
C CYS F 1041 -108.31 15.88 -102.65
N LEU F 1042 -109.64 15.85 -102.83
CA LEU F 1042 -110.21 15.55 -104.14
C LEU F 1042 -109.94 16.69 -105.12
N HIS G 1 -123.78 -16.97 47.72
CA HIS G 1 -124.00 -15.58 47.34
C HIS G 1 -123.01 -15.16 46.26
N THR G 2 -121.74 -15.07 46.63
CA THR G 2 -120.69 -14.74 45.68
C THR G 2 -120.36 -15.98 44.84
N LEU G 3 -119.46 -15.79 43.87
CA LEU G 3 -118.86 -16.87 43.08
C LEU G 3 -119.91 -17.64 42.29
N CYS G 4 -120.37 -18.76 42.83
CA CYS G 4 -121.25 -19.68 42.11
C CYS G 4 -122.59 -19.80 42.82
N ARG G 5 -123.58 -20.31 42.08
CA ARG G 5 -124.84 -20.77 42.64
C ARG G 5 -125.02 -22.23 42.23
N VAL G 6 -125.40 -23.06 43.20
CA VAL G 6 -125.40 -24.51 42.98
C VAL G 6 -126.58 -24.89 42.09
N HIS G 7 -126.31 -25.69 41.07
CA HIS G 7 -127.37 -26.23 40.23
C HIS G 7 -127.19 -27.74 40.11
N THR G 8 -128.24 -28.49 40.42
CA THR G 8 -128.18 -29.95 40.41
C THR G 8 -128.83 -30.49 39.14
N VAL G 9 -128.21 -31.51 38.56
CA VAL G 9 -128.70 -32.15 37.36
C VAL G 9 -128.97 -33.62 37.65
N ARG G 10 -130.18 -34.06 37.31
CA ARG G 10 -130.63 -35.42 37.50
C ARG G 10 -131.74 -35.71 36.48
N THR G 11 -131.66 -36.88 35.85
CA THR G 11 -132.69 -37.33 34.92
C THR G 11 -132.95 -38.81 35.17
N GLY G 12 -133.81 -39.40 34.35
CA GLY G 12 -134.07 -40.82 34.36
C GLY G 12 -134.67 -41.36 35.65
N LYS G 13 -135.16 -40.49 36.52
CA LYS G 13 -135.73 -40.90 37.80
C LYS G 13 -137.19 -40.47 37.90
N VAL G 14 -137.89 -40.51 36.77
CA VAL G 14 -139.24 -39.97 36.71
C VAL G 14 -140.27 -41.04 37.00
N PHE G 15 -139.90 -42.30 36.84
CA PHE G 15 -140.80 -43.42 37.09
C PHE G 15 -140.03 -44.53 37.79
N LYS G 16 -140.77 -45.55 38.22
CA LYS G 16 -140.19 -46.65 38.99
C LYS G 16 -139.52 -47.62 38.01
N SER G 17 -138.41 -47.19 37.44
CA SER G 17 -137.63 -47.98 36.51
C SER G 17 -136.51 -48.68 37.26
N ASN G 18 -136.25 -49.92 36.89
CA ASN G 18 -135.30 -50.76 37.62
C ASN G 18 -134.01 -50.86 36.83
N ILE G 19 -132.99 -50.13 37.26
CA ILE G 19 -131.66 -50.18 36.68
C ILE G 19 -130.67 -50.47 37.80
N GLN G 20 -129.85 -51.50 37.61
CA GLN G 20 -128.83 -51.87 38.60
C GLN G 20 -127.51 -52.10 37.90
N LEU G 21 -126.44 -51.62 38.54
CA LEU G 21 -125.09 -51.75 38.02
C LEU G 21 -124.62 -53.20 38.16
N GLN G 22 -123.79 -53.62 37.21
CA GLN G 22 -123.24 -54.97 37.20
C GLN G 22 -121.72 -54.91 37.16
N GLY G 23 -121.09 -55.66 38.06
CA GLY G 23 -119.65 -55.79 38.07
C GLY G 23 -118.98 -54.91 39.11
N ASP G 24 -117.67 -55.06 39.20
CA ASP G 24 -116.88 -54.29 40.15
C ASP G 24 -116.81 -52.83 39.73
N PRO G 25 -116.71 -51.90 40.68
CA PRO G 25 -116.53 -50.50 40.34
C PRO G 25 -115.09 -50.20 39.98
N LEU G 26 -114.88 -49.01 39.43
CA LEU G 26 -113.57 -48.52 39.05
C LEU G 26 -113.23 -47.32 39.92
N PHE G 27 -112.04 -47.31 40.51
CA PHE G 27 -111.65 -46.24 41.42
C PHE G 27 -110.22 -45.80 41.15
N TYR G 28 -109.99 -44.50 41.35
CA TYR G 28 -108.69 -43.87 41.15
C TYR G 28 -107.68 -44.36 42.18
N ALA G 29 -106.40 -44.25 41.82
CA ALA G 29 -105.31 -44.72 42.67
C ALA G 29 -104.62 -43.58 43.42
N PHE G 30 -105.26 -42.44 43.55
CA PHE G 30 -104.69 -41.30 44.25
C PHE G 30 -105.76 -40.60 45.07
N PRO G 31 -105.38 -39.92 46.16
CA PRO G 31 -106.37 -39.17 46.95
C PRO G 31 -107.07 -38.06 46.19
N ASN G 32 -106.39 -37.38 45.28
CA ASN G 32 -106.96 -36.23 44.60
C ASN G 32 -107.90 -36.67 43.48
N THR G 33 -108.81 -35.78 43.12
CA THR G 33 -109.80 -36.02 42.07
C THR G 33 -109.45 -35.19 40.84
N PHE G 34 -109.74 -35.74 39.67
CA PHE G 34 -109.31 -35.15 38.42
C PHE G 34 -110.44 -35.24 37.41
N VAL G 35 -110.45 -34.30 36.46
CA VAL G 35 -111.37 -34.34 35.33
C VAL G 35 -110.51 -34.28 34.07
N LEU G 36 -110.40 -35.41 33.38
CA LEU G 36 -109.67 -35.45 32.13
C LEU G 36 -110.59 -35.07 30.99
N LYS G 37 -110.19 -34.07 30.22
CA LYS G 37 -110.99 -33.54 29.13
C LYS G 37 -110.34 -33.88 27.80
N ASN G 38 -111.10 -34.55 26.93
CA ASN G 38 -110.63 -34.79 25.57
C ASN G 38 -110.52 -33.47 24.82
N VAL G 39 -109.59 -33.42 23.87
CA VAL G 39 -109.21 -32.14 23.28
C VAL G 39 -110.25 -31.69 22.25
N CYS G 40 -110.55 -32.53 21.27
CA CYS G 40 -111.44 -32.14 20.18
C CYS G 40 -112.90 -32.41 20.50
N LYS G 41 -113.25 -33.66 20.79
CA LYS G 41 -114.61 -33.93 21.27
C LYS G 41 -114.68 -33.45 22.71
N ALA G 42 -114.85 -32.13 22.86
CA ALA G 42 -114.79 -31.50 24.17
C ALA G 42 -115.96 -31.88 25.05
N ASP G 43 -117.05 -32.37 24.47
CA ASP G 43 -118.17 -32.85 25.27
C ASP G 43 -117.77 -34.08 26.08
N ILE G 44 -116.95 -34.96 25.49
CA ILE G 44 -116.55 -36.18 26.16
C ILE G 44 -115.56 -35.86 27.26
N SER G 45 -115.78 -36.43 28.44
CA SER G 45 -114.88 -36.19 29.57
C SER G 45 -114.93 -37.36 30.53
N VAL G 46 -113.90 -37.46 31.36
CA VAL G 46 -113.79 -38.51 32.37
C VAL G 46 -113.62 -37.85 33.73
N TYR G 47 -114.39 -38.31 34.71
CA TYR G 47 -114.21 -37.93 36.10
C TYR G 47 -113.50 -39.08 36.81
N LEU G 48 -112.24 -38.85 37.18
CA LEU G 48 -111.44 -39.83 37.89
C LEU G 48 -111.38 -39.45 39.36
N GLY G 49 -112.09 -40.19 40.19
CA GLY G 49 -112.11 -39.97 41.62
C GLY G 49 -112.40 -41.28 42.34
N GLN G 50 -113.17 -41.23 43.42
CA GLN G 50 -113.53 -42.45 44.12
C GLN G 50 -114.34 -43.40 43.23
N LYS G 51 -115.05 -42.85 42.25
CA LYS G 51 -115.63 -43.63 41.17
C LYS G 51 -115.22 -42.98 39.85
N VAL G 52 -115.15 -43.78 38.79
CA VAL G 52 -114.77 -43.29 37.48
C VAL G 52 -116.01 -43.14 36.62
N PHE G 53 -116.27 -41.91 36.17
CA PHE G 53 -117.43 -41.61 35.34
C PHE G 53 -116.97 -41.22 33.95
N LEU G 54 -117.66 -41.72 32.93
CA LEU G 54 -117.39 -41.33 31.55
C LEU G 54 -118.64 -40.66 31.01
N THR G 55 -118.55 -39.36 30.75
CA THR G 55 -119.68 -38.60 30.22
C THR G 55 -119.46 -38.28 28.76
N ILE G 56 -120.40 -38.68 27.91
CA ILE G 56 -120.36 -38.33 26.50
C ILE G 56 -120.63 -36.85 26.32
N ASP G 57 -121.65 -36.34 27.02
CA ASP G 57 -121.96 -34.93 27.00
C ASP G 57 -121.22 -34.22 28.14
N ASN G 58 -121.47 -32.93 28.30
CA ASN G 58 -120.76 -32.13 29.29
C ASN G 58 -121.39 -32.28 30.68
N PHE G 59 -121.37 -33.52 31.18
CA PHE G 59 -121.79 -33.85 32.54
C PHE G 59 -123.22 -33.43 32.83
N GLU G 60 -124.13 -33.71 31.91
CA GLU G 60 -125.54 -33.63 32.23
C GLU G 60 -126.09 -35.03 32.50
N SER G 61 -127.40 -35.10 32.71
CA SER G 61 -128.14 -36.34 32.99
C SER G 61 -127.61 -37.05 34.23
N SER G 62 -128.07 -38.28 34.44
CA SER G 62 -127.56 -39.14 35.49
C SER G 62 -126.66 -40.20 34.87
N LEU G 63 -125.56 -40.50 35.55
CA LEU G 63 -124.54 -41.37 35.01
C LEU G 63 -124.34 -42.57 35.91
N LEU G 64 -124.16 -43.73 35.31
CA LEU G 64 -123.75 -44.89 36.07
C LEU G 64 -122.23 -45.02 36.03
N PRO G 65 -121.62 -45.53 37.10
CA PRO G 65 -120.16 -45.66 37.13
C PRO G 65 -119.65 -46.64 36.08
N LEU G 66 -118.42 -46.41 35.64
CA LEU G 66 -117.77 -47.30 34.69
C LEU G 66 -117.52 -48.66 35.33
N THR G 67 -117.64 -49.71 34.53
CA THR G 67 -117.62 -51.08 35.05
C THR G 67 -116.71 -51.97 34.23
N VAL G 68 -116.06 -52.89 34.92
CA VAL G 68 -115.29 -53.98 34.32
C VAL G 68 -116.18 -55.21 34.29
N PRO G 69 -116.38 -55.85 33.14
CA PRO G 69 -117.42 -56.88 33.02
C PRO G 69 -117.09 -58.22 33.65
N LYS G 70 -116.00 -58.31 34.42
CA LYS G 70 -115.62 -59.49 35.21
C LYS G 70 -115.24 -60.68 34.33
N SER G 71 -115.36 -60.53 33.01
CA SER G 71 -114.98 -61.58 32.09
C SER G 71 -113.47 -61.69 31.92
N LEU G 72 -112.74 -60.61 32.15
CA LEU G 72 -111.29 -60.61 32.06
C LEU G 72 -110.71 -60.30 33.43
N ALA G 73 -109.64 -61.01 33.79
CA ALA G 73 -109.05 -60.91 35.12
C ALA G 73 -108.29 -59.60 35.23
N VAL G 74 -108.86 -58.63 35.94
CA VAL G 74 -108.20 -57.36 36.19
C VAL G 74 -107.66 -57.25 37.61
N GLY G 75 -108.02 -58.18 38.49
CA GLY G 75 -107.55 -58.09 39.87
C GLY G 75 -108.17 -56.89 40.55
N VAL G 76 -107.34 -56.11 41.24
CA VAL G 76 -107.84 -54.89 41.86
C VAL G 76 -108.13 -53.85 40.78
N PRO G 77 -109.26 -53.16 40.83
CA PRO G 77 -109.62 -52.21 39.77
C PRO G 77 -109.16 -50.78 40.07
N SER G 78 -107.86 -50.60 40.20
CA SER G 78 -107.28 -49.29 40.49
C SER G 78 -106.69 -48.71 39.22
N ILE G 79 -107.15 -47.50 38.86
CA ILE G 79 -106.70 -46.82 37.65
C ILE G 79 -105.63 -45.80 38.03
N THR G 80 -104.52 -45.81 37.30
CA THR G 80 -103.43 -44.87 37.54
C THR G 80 -103.30 -43.82 36.45
N SER G 81 -103.44 -44.20 35.18
CA SER G 81 -103.27 -43.25 34.09
C SER G 81 -104.35 -43.49 33.04
N ALA G 82 -104.92 -42.40 32.54
CA ALA G 82 -105.97 -42.44 31.53
C ALA G 82 -105.60 -41.52 30.38
N HIS G 83 -105.70 -42.03 29.15
CA HIS G 83 -105.34 -41.27 27.96
C HIS G 83 -106.41 -41.41 26.90
N PHE G 84 -106.46 -40.43 26.01
CA PHE G 84 -107.42 -40.40 24.90
C PHE G 84 -106.63 -40.47 23.60
N VAL G 85 -107.05 -41.35 22.69
CA VAL G 85 -106.42 -41.46 21.38
C VAL G 85 -107.44 -41.07 20.32
N SER G 86 -106.99 -41.04 19.07
CA SER G 86 -107.86 -40.68 17.97
C SER G 86 -108.90 -41.78 17.73
N GLY G 87 -110.16 -41.37 17.60
CA GLY G 87 -111.23 -42.31 17.38
C GLY G 87 -112.28 -42.29 18.47
N SER G 88 -112.54 -43.43 19.09
CA SER G 88 -113.56 -43.56 20.11
C SER G 88 -113.05 -44.40 21.28
N LEU G 89 -111.78 -44.22 21.64
CA LEU G 89 -111.12 -45.07 22.61
C LEU G 89 -110.65 -44.27 23.81
N VAL G 90 -110.64 -44.92 24.97
CA VAL G 90 -109.97 -44.41 26.15
C VAL G 90 -109.09 -45.52 26.73
N LEU G 91 -107.85 -45.18 27.02
CA LEU G 91 -106.86 -46.17 27.47
C LEU G 91 -106.60 -45.98 28.95
N PHE G 92 -106.81 -47.04 29.71
CA PHE G 92 -106.59 -47.03 31.15
C PHE G 92 -105.42 -47.94 31.51
N VAL G 93 -104.74 -47.58 32.60
CA VAL G 93 -103.73 -48.43 33.20
C VAL G 93 -104.31 -48.92 34.52
N ILE G 94 -104.80 -50.15 34.53
CA ILE G 94 -105.43 -50.74 35.72
C ILE G 94 -104.49 -51.81 36.27
N SER G 95 -104.02 -51.59 37.51
CA SER G 95 -103.20 -52.55 38.26
C SER G 95 -101.95 -52.95 37.47
N GLY G 96 -101.35 -51.99 36.78
CA GLY G 96 -100.16 -52.26 36.00
C GLY G 96 -100.41 -52.84 34.63
N LYS G 97 -101.67 -52.98 34.21
CA LYS G 97 -102.00 -53.54 32.91
C LYS G 97 -102.77 -52.54 32.08
N GLY G 98 -102.59 -52.59 30.76
CA GLY G 98 -103.23 -51.64 29.88
C GLY G 98 -104.49 -52.18 29.24
N TYR G 99 -105.52 -51.34 29.21
CA TYR G 99 -106.79 -51.75 28.62
C TYR G 99 -107.35 -50.61 27.80
N SER G 100 -108.11 -50.97 26.77
CA SER G 100 -108.79 -50.03 25.90
C SER G 100 -110.28 -50.19 26.08
N TYR G 101 -110.98 -49.05 26.16
CA TYR G 101 -112.43 -49.06 26.31
C TYR G 101 -113.05 -48.21 25.23
N ASP G 102 -114.02 -48.77 24.52
CA ASP G 102 -114.81 -48.02 23.56
C ASP G 102 -116.02 -47.46 24.29
N TYR G 103 -116.27 -46.15 24.13
CA TYR G 103 -117.40 -45.55 24.80
C TYR G 103 -118.65 -45.44 23.93
N TYR G 104 -118.48 -45.30 22.62
CA TYR G 104 -119.65 -45.38 21.75
C TYR G 104 -120.20 -46.80 21.71
N GLU G 105 -119.33 -47.80 21.78
CA GLU G 105 -119.72 -49.16 22.05
C GLU G 105 -119.60 -49.38 23.57
N ASN G 106 -119.65 -50.63 24.02
CA ASN G 106 -119.35 -50.97 25.40
C ASN G 106 -118.31 -52.08 25.45
N THR G 107 -117.25 -51.90 24.66
CA THR G 107 -116.29 -52.96 24.40
C THR G 107 -114.99 -52.72 25.16
N TRP G 108 -114.50 -53.77 25.82
CA TRP G 108 -113.21 -53.76 26.47
C TRP G 108 -112.22 -54.60 25.68
N ARG G 109 -111.01 -54.09 25.52
CA ARG G 109 -109.93 -54.78 24.84
C ARG G 109 -108.72 -54.82 25.76
N LYS G 110 -108.02 -55.95 25.76
CA LYS G 110 -106.85 -56.15 26.61
C LYS G 110 -105.59 -55.85 25.81
N LEU G 111 -104.71 -54.99 26.33
CA LEU G 111 -103.47 -54.69 25.63
C LEU G 111 -102.53 -55.88 25.72
N GLU G 112 -101.83 -56.14 24.62
CA GLU G 112 -100.99 -57.34 24.52
C GLU G 112 -99.51 -57.03 24.31
N GLY G 113 -99.17 -55.82 23.87
CA GLY G 113 -97.78 -55.51 23.62
C GLY G 113 -96.93 -55.49 24.88
N ILE G 114 -97.46 -54.87 25.94
CA ILE G 114 -96.68 -54.66 27.16
C ILE G 114 -96.59 -55.96 27.95
N SER G 115 -95.43 -56.21 28.53
CA SER G 115 -95.18 -57.39 29.35
C SER G 115 -94.94 -57.06 30.81
N GLU G 116 -93.97 -56.21 31.11
CA GLU G 116 -93.70 -55.81 32.48
C GLU G 116 -94.76 -54.82 32.98
N PRO G 117 -94.96 -54.73 34.29
CA PRO G 117 -95.97 -53.79 34.81
C PRO G 117 -95.59 -52.34 34.55
N VAL G 118 -96.46 -51.63 33.85
CA VAL G 118 -96.27 -50.21 33.56
C VAL G 118 -97.18 -49.41 34.49
N SER G 119 -96.96 -48.09 34.52
CA SER G 119 -97.72 -47.24 35.42
C SER G 119 -98.31 -46.00 34.77
N HIS G 120 -97.97 -45.70 33.52
CA HIS G 120 -98.44 -44.47 32.89
C HIS G 120 -98.37 -44.61 31.39
N ILE G 121 -99.32 -43.99 30.70
CA ILE G 121 -99.29 -43.82 29.25
C ILE G 121 -99.36 -42.32 28.97
N SER G 122 -98.41 -41.84 28.18
CA SER G 122 -98.31 -40.42 27.86
C SER G 122 -98.22 -40.24 26.35
N GLY G 123 -98.63 -39.05 25.90
CA GLY G 123 -98.63 -38.72 24.48
C GLY G 123 -99.27 -37.38 24.22
N ASP G 124 -99.40 -37.02 22.95
CA ASP G 124 -100.02 -35.76 22.55
C ASP G 124 -101.03 -36.01 21.45
N VAL G 125 -102.12 -35.25 21.47
CA VAL G 125 -103.18 -35.32 20.49
C VAL G 125 -103.37 -33.95 19.86
N CYS G 126 -103.32 -33.87 18.54
CA CYS G 126 -103.65 -32.64 17.85
C CYS G 126 -105.15 -32.44 17.91
N CYS G 127 -105.60 -31.32 17.37
CA CYS G 127 -107.03 -31.05 17.27
C CYS G 127 -107.36 -30.46 15.91
N PHE G 128 -106.78 -31.05 14.87
CA PHE G 128 -106.97 -30.57 13.52
C PHE G 128 -107.55 -31.68 12.64
N LYS G 129 -108.50 -31.30 11.81
CA LYS G 129 -109.01 -32.21 10.79
C LYS G 129 -108.01 -32.29 9.63
N GLY G 130 -107.64 -33.50 9.28
CA GLY G 130 -106.72 -33.68 8.17
C GLY G 130 -106.05 -35.05 8.24
N SER G 131 -105.25 -35.33 7.22
CA SER G 131 -104.52 -36.58 7.13
C SER G 131 -103.10 -36.46 7.65
N PHE G 132 -102.68 -35.29 8.11
CA PHE G 132 -101.31 -35.13 8.59
C PHE G 132 -101.14 -35.66 10.00
N CYS G 133 -101.91 -35.16 10.96
CA CYS G 133 -101.48 -35.29 12.36
C CYS G 133 -102.14 -36.42 13.11
N LEU G 134 -103.06 -37.19 12.52
CA LEU G 134 -103.58 -38.33 13.26
C LEU G 134 -102.47 -39.36 13.47
N GLU G 135 -101.52 -39.41 12.53
CA GLU G 135 -100.31 -40.21 12.70
C GLU G 135 -99.42 -39.65 13.80
N LEU G 136 -99.35 -38.32 13.91
CA LEU G 136 -98.67 -37.70 15.05
C LEU G 136 -99.35 -38.07 16.37
N SER G 137 -100.66 -38.23 16.34
CA SER G 137 -101.44 -38.65 17.48
C SER G 137 -101.26 -40.13 17.80
N ASN G 138 -100.58 -40.88 16.95
CA ASN G 138 -100.45 -42.32 17.10
C ASN G 138 -99.18 -42.74 17.85
N ASN G 139 -98.40 -41.79 18.37
CA ASN G 139 -97.16 -42.11 19.08
C ASN G 139 -97.44 -42.06 20.57
N LEU G 140 -97.28 -43.20 21.25
CA LEU G 140 -97.62 -43.32 22.65
C LEU G 140 -96.46 -43.93 23.42
N PHE G 141 -96.25 -43.45 24.65
CA PHE G 141 -95.24 -43.98 25.54
C PHE G 141 -95.90 -44.64 26.74
N ALA G 142 -95.37 -45.78 27.15
CA ALA G 142 -95.87 -46.51 28.31
C ALA G 142 -94.68 -46.84 29.21
N TYR G 143 -94.83 -46.57 30.50
CA TYR G 143 -93.70 -46.72 31.41
C TYR G 143 -94.18 -46.88 32.83
N LEU G 144 -93.21 -47.04 33.74
CA LEU G 144 -93.47 -47.20 35.17
C LEU G 144 -92.79 -46.05 35.90
N ARG G 145 -93.60 -45.17 36.49
CA ARG G 145 -93.05 -44.07 37.27
C ARG G 145 -92.38 -44.59 38.53
N GLY G 146 -91.31 -43.92 38.95
CA GLY G 146 -90.57 -44.33 40.13
C GLY G 146 -89.61 -45.46 39.92
N GLY G 147 -89.44 -45.95 38.69
CA GLY G 147 -88.53 -47.05 38.44
C GLY G 147 -87.08 -46.62 38.47
N GLN G 148 -86.20 -47.58 38.18
CA GLN G 148 -84.77 -47.32 38.10
C GLN G 148 -84.31 -47.56 36.67
N ILE G 149 -83.68 -46.54 36.07
CA ILE G 149 -83.45 -46.55 34.63
C ILE G 149 -82.57 -47.71 34.17
N PRO G 150 -81.43 -48.03 34.84
CA PRO G 150 -80.79 -49.31 34.51
C PRO G 150 -81.57 -50.48 35.10
N GLY G 151 -82.30 -51.20 34.26
CA GLY G 151 -83.09 -52.31 34.72
C GLY G 151 -84.56 -52.28 34.35
N THR G 152 -85.15 -51.09 34.27
CA THR G 152 -86.55 -50.96 33.92
C THR G 152 -86.72 -50.76 32.41
N ASN G 153 -87.86 -51.19 31.91
CA ASN G 153 -88.16 -51.15 30.48
C ASN G 153 -89.17 -50.05 30.17
N ILE G 154 -89.03 -49.46 28.99
CA ILE G 154 -89.94 -48.45 28.48
C ILE G 154 -90.50 -48.94 27.16
N TYR G 155 -91.79 -48.74 26.95
CA TYR G 155 -92.47 -49.22 25.76
C TYR G 155 -92.99 -48.03 24.95
N PHE G 156 -92.99 -48.20 23.63
CA PHE G 156 -93.50 -47.17 22.75
C PHE G 156 -94.34 -47.83 21.66
N SER G 157 -95.26 -47.05 21.10
CA SER G 157 -96.17 -47.59 20.10
C SER G 157 -96.46 -46.53 19.05
N ASP G 158 -96.50 -46.97 17.80
CA ASP G 158 -96.87 -46.13 16.67
C ASP G 158 -98.23 -46.48 16.09
N ASN G 159 -98.79 -47.64 16.43
CA ASN G 159 -100.06 -48.10 15.87
C ASN G 159 -101.23 -47.65 16.72
N GLY G 160 -101.28 -46.37 17.05
CA GLY G 160 -102.26 -45.89 18.01
C GLY G 160 -102.09 -46.58 19.35
N GLY G 161 -103.02 -47.49 19.67
CA GLY G 161 -102.91 -48.28 20.87
C GLY G 161 -103.13 -49.76 20.60
N PHE G 162 -102.76 -50.22 19.41
CA PHE G 162 -102.97 -51.62 19.06
C PHE G 162 -101.96 -52.53 19.76
N SER G 163 -100.67 -52.29 19.51
CA SER G 163 -99.61 -53.07 20.14
C SER G 163 -98.48 -52.13 20.55
N PHE G 164 -97.72 -52.56 21.55
CA PHE G 164 -96.65 -51.75 22.12
C PHE G 164 -95.36 -52.54 22.06
N GLN G 165 -94.29 -51.93 21.58
CA GLN G 165 -93.01 -52.61 21.48
C GLN G 165 -92.01 -52.01 22.46
N LEU G 166 -91.14 -52.85 22.99
CA LEU G 166 -90.09 -52.39 23.88
C LEU G 166 -89.13 -51.47 23.13
N MET G 167 -88.48 -50.58 23.88
CA MET G 167 -87.51 -49.68 23.29
C MET G 167 -86.13 -49.99 23.85
N ASN G 168 -85.16 -50.16 22.94
CA ASN G 168 -83.81 -50.57 23.33
C ASN G 168 -83.14 -49.50 24.18
N THR G 169 -82.45 -49.94 25.23
CA THR G 169 -81.96 -49.07 26.27
C THR G 169 -80.57 -48.50 26.00
N ASP G 170 -80.10 -48.59 24.75
CA ASP G 170 -78.80 -48.01 24.42
C ASP G 170 -78.85 -46.48 24.43
N LYS G 171 -80.04 -45.90 24.22
CA LYS G 171 -80.17 -44.45 24.31
C LYS G 171 -80.07 -43.98 25.76
N LEU G 172 -80.60 -44.77 26.70
CA LEU G 172 -80.60 -44.44 28.12
C LEU G 172 -79.61 -45.29 28.91
N SER G 173 -78.58 -45.82 28.26
CA SER G 173 -77.62 -46.67 28.96
C SER G 173 -76.70 -45.86 29.87
N HIS G 174 -76.47 -44.59 29.56
CA HIS G 174 -75.65 -43.73 30.39
C HIS G 174 -76.48 -42.90 31.37
N LEU G 175 -77.73 -43.27 31.60
CA LEU G 175 -78.63 -42.50 32.45
C LEU G 175 -78.86 -43.25 33.75
N THR G 176 -78.71 -42.55 34.88
CA THR G 176 -78.82 -43.13 36.21
C THR G 176 -79.87 -42.39 37.03
N GLY G 177 -80.51 -43.11 37.93
CA GLY G 177 -81.45 -42.55 38.86
C GLY G 177 -82.87 -43.03 38.64
N THR G 178 -83.81 -42.29 39.22
CA THR G 178 -85.23 -42.60 39.15
C THR G 178 -85.87 -41.70 38.09
N LEU G 179 -86.52 -42.31 37.11
CA LEU G 179 -87.14 -41.52 36.05
C LEU G 179 -88.43 -40.88 36.55
N GLY G 180 -88.67 -39.66 36.08
CA GLY G 180 -89.88 -38.94 36.42
C GLY G 180 -90.81 -38.82 35.23
N GLY G 181 -90.54 -39.61 34.20
CA GLY G 181 -91.39 -39.63 33.03
C GLY G 181 -90.64 -39.46 31.73
N ILE G 182 -91.12 -40.13 30.69
CA ILE G 182 -90.65 -39.93 29.32
C ILE G 182 -91.79 -39.28 28.54
N PHE G 183 -91.46 -38.37 27.64
CA PHE G 183 -92.45 -37.56 26.94
C PHE G 183 -92.03 -37.34 25.50
N HIS G 184 -93.03 -37.40 24.61
CA HIS G 184 -92.86 -36.99 23.22
C HIS G 184 -93.14 -35.49 23.13
N LEU G 185 -92.09 -34.71 23.38
CA LEU G 185 -92.19 -33.26 23.28
C LEU G 185 -92.26 -32.91 21.80
N HIS G 186 -93.49 -32.76 21.28
CA HIS G 186 -93.66 -32.34 19.90
C HIS G 186 -93.48 -30.84 19.74
N SER G 187 -93.23 -30.11 20.83
CA SER G 187 -93.05 -28.67 20.75
C SER G 187 -91.78 -28.30 19.98
N MET G 188 -90.65 -28.96 20.27
CA MET G 188 -89.45 -28.79 19.45
C MET G 188 -89.16 -30.03 18.59
N SER G 189 -90.12 -30.95 18.48
CA SER G 189 -89.87 -32.26 17.85
C SER G 189 -88.72 -32.99 18.53
N GLN G 190 -88.89 -33.26 19.82
CA GLN G 190 -87.88 -33.93 20.63
C GLN G 190 -88.50 -34.99 21.51
N VAL G 191 -87.64 -35.79 22.14
CA VAL G 191 -88.04 -36.79 23.11
C VAL G 191 -87.29 -36.48 24.41
N GLY G 192 -88.03 -36.35 25.50
CA GLY G 192 -87.40 -35.95 26.74
C GLY G 192 -87.68 -36.86 27.91
N VAL G 193 -86.71 -36.99 28.81
CA VAL G 193 -86.89 -37.72 30.05
C VAL G 193 -86.71 -36.75 31.20
N LEU G 194 -87.36 -37.06 32.32
CA LEU G 194 -87.21 -36.29 33.55
C LEU G 194 -86.49 -37.20 34.54
N MET G 195 -85.21 -36.93 34.78
CA MET G 195 -84.41 -37.78 35.63
C MET G 195 -84.23 -37.15 37.00
N VAL G 196 -84.26 -38.00 38.02
CA VAL G 196 -84.18 -37.59 39.42
C VAL G 196 -82.99 -38.31 40.02
N GLU G 197 -81.89 -37.59 40.22
CA GLU G 197 -80.69 -38.17 40.80
C GLU G 197 -80.56 -37.87 42.29
N ASN G 198 -81.22 -36.83 42.77
CA ASN G 198 -81.20 -36.44 44.17
C ASN G 198 -82.54 -35.79 44.48
N ASN G 199 -82.59 -35.00 45.55
CA ASN G 199 -83.80 -34.25 45.87
C ASN G 199 -84.16 -33.24 44.79
N LEU G 200 -83.23 -32.93 43.89
CA LEU G 200 -83.50 -32.08 42.74
C LEU G 200 -83.25 -32.88 41.45
N GLY G 201 -84.08 -32.60 40.43
CA GLY G 201 -84.02 -33.33 39.19
C GLY G 201 -83.87 -32.41 37.98
N THR G 202 -83.83 -33.02 36.80
CA THR G 202 -83.58 -32.26 35.58
C THR G 202 -84.17 -32.97 34.38
N PHE G 203 -84.07 -32.32 33.22
CA PHE G 203 -84.59 -32.80 31.96
C PHE G 203 -83.45 -33.17 31.02
N HIS G 204 -83.60 -34.29 30.32
CA HIS G 204 -82.62 -34.72 29.33
C HIS G 204 -83.31 -34.94 28.00
N TYR G 205 -82.70 -34.48 26.92
CA TYR G 205 -83.26 -34.62 25.58
C TYR G 205 -82.49 -35.67 24.79
N MET G 206 -83.16 -36.24 23.79
CA MET G 206 -82.58 -37.36 23.06
C MET G 206 -82.26 -37.04 21.61
N GLU G 207 -83.09 -36.28 20.92
CA GLU G 207 -82.87 -36.05 19.49
C GLU G 207 -81.67 -35.12 19.28
N TYR G 208 -81.14 -35.15 18.06
CA TYR G 208 -79.86 -34.50 17.76
C TYR G 208 -79.84 -33.01 18.06
N PRO G 209 -80.89 -32.20 17.78
CA PRO G 209 -80.91 -30.84 18.35
C PRO G 209 -80.77 -30.89 19.86
N LEU G 210 -79.65 -30.37 20.37
CA LEU G 210 -79.36 -30.33 21.81
C LEU G 210 -79.32 -31.74 22.39
N ASN G 211 -78.77 -32.69 21.64
CA ASN G 211 -78.62 -34.05 22.15
C ASN G 211 -77.54 -34.12 23.21
N HIS G 212 -77.68 -35.09 24.11
CA HIS G 212 -76.78 -35.28 25.26
C HIS G 212 -76.63 -34.00 26.08
N SER G 213 -77.73 -33.31 26.31
CA SER G 213 -77.72 -32.04 27.03
C SER G 213 -78.71 -32.08 28.19
N MET G 214 -78.68 -31.03 29.01
CA MET G 214 -79.48 -30.97 30.22
C MET G 214 -80.23 -29.66 30.28
N GLY G 215 -81.00 -29.51 31.37
CA GLY G 215 -81.63 -28.25 31.70
C GLY G 215 -81.17 -27.75 33.06
N ILE G 216 -81.84 -26.70 33.54
CA ILE G 216 -81.52 -26.14 34.84
C ILE G 216 -82.24 -26.94 35.92
N ALA G 217 -81.53 -27.27 36.98
CA ALA G 217 -82.06 -28.15 38.01
C ALA G 217 -83.14 -27.46 38.83
N PHE G 218 -84.00 -28.27 39.44
CA PHE G 218 -85.11 -27.80 40.26
C PHE G 218 -85.52 -28.90 41.22
N SER G 219 -86.19 -28.52 42.31
CA SER G 219 -86.49 -29.44 43.39
C SER G 219 -87.51 -30.49 42.95
N TYR G 220 -87.31 -31.72 43.44
CA TYR G 220 -88.17 -32.86 43.12
C TYR G 220 -88.51 -33.64 44.38
N LYS G 221 -89.01 -32.94 45.40
CA LYS G 221 -89.55 -33.62 46.56
C LYS G 221 -90.72 -34.52 46.16
N ASN G 222 -90.67 -35.78 46.61
CA ASN G 222 -91.68 -36.79 46.31
C ASN G 222 -91.85 -37.00 44.81
N LEU G 223 -93.04 -37.43 44.39
CA LEU G 223 -93.37 -37.58 42.99
C LEU G 223 -94.06 -36.33 42.48
N LEU G 224 -94.13 -36.21 41.15
CA LEU G 224 -94.76 -35.07 40.50
C LEU G 224 -95.66 -35.55 39.36
N GLU G 225 -96.67 -34.74 39.05
CA GLU G 225 -97.60 -35.00 37.95
C GLU G 225 -97.43 -33.92 36.90
N VAL G 226 -97.38 -34.34 35.64
CA VAL G 226 -97.05 -33.46 34.51
C VAL G 226 -98.29 -33.29 33.65
N ILE G 227 -98.66 -32.04 33.41
CA ILE G 227 -99.78 -31.67 32.56
C ILE G 227 -99.24 -30.82 31.43
N MET G 228 -99.51 -31.24 30.20
CA MET G 228 -99.08 -30.53 28.99
C MET G 228 -100.23 -29.65 28.52
N LYS G 229 -99.94 -28.38 28.24
CA LYS G 229 -100.96 -27.55 27.62
C LYS G 229 -101.21 -28.04 26.20
N PRO G 230 -102.47 -28.05 25.76
CA PRO G 230 -102.86 -28.89 24.60
C PRO G 230 -102.67 -28.25 23.23
N TYR G 231 -101.94 -27.16 23.08
CA TYR G 231 -101.80 -26.53 21.78
C TYR G 231 -100.38 -26.63 21.21
N GLN G 232 -99.58 -27.56 21.72
CA GLN G 232 -98.21 -27.81 21.23
C GLN G 232 -97.34 -26.56 21.27
N ARG G 233 -97.53 -25.74 22.31
CA ARG G 233 -96.63 -24.64 22.59
C ARG G 233 -95.65 -24.97 23.70
N GLY G 234 -95.73 -26.19 24.25
CA GLY G 234 -94.76 -26.68 25.19
C GLY G 234 -94.94 -26.22 26.61
N PHE G 235 -95.96 -25.42 26.91
CA PHE G 235 -96.21 -25.00 28.28
C PHE G 235 -96.51 -26.22 29.14
N MET G 236 -95.85 -26.31 30.30
CA MET G 236 -95.99 -27.49 31.14
C MET G 236 -96.26 -27.08 32.59
N VAL G 237 -96.99 -27.94 33.30
CA VAL G 237 -97.31 -27.74 34.71
C VAL G 237 -96.95 -29.03 35.45
N LEU G 238 -96.25 -28.90 36.58
CA LEU G 238 -95.93 -30.05 37.43
C LEU G 238 -96.48 -29.78 38.81
N TRP G 239 -97.22 -30.73 39.36
CA TRP G 239 -97.86 -30.54 40.65
C TRP G 239 -97.99 -31.85 41.40
N ASN G 240 -98.06 -31.74 42.72
CA ASN G 240 -98.37 -32.83 43.63
C ASN G 240 -99.13 -32.21 44.80
N GLN G 241 -99.18 -32.91 45.93
CA GLN G 241 -99.94 -32.38 47.07
C GLN G 241 -99.31 -31.11 47.63
N LYS G 242 -97.99 -30.97 47.53
CA LYS G 242 -97.29 -29.92 48.25
C LYS G 242 -96.36 -29.08 47.38
N SER G 243 -96.49 -29.11 46.05
CA SER G 243 -95.60 -28.30 45.22
C SER G 243 -96.24 -28.04 43.87
N ILE G 244 -96.04 -26.82 43.37
CA ILE G 244 -96.48 -26.44 42.03
C ILE G 244 -95.32 -25.76 41.31
N LEU G 245 -95.04 -26.20 40.09
CA LEU G 245 -94.00 -25.62 39.26
C LEU G 245 -94.51 -25.51 37.84
N VAL G 246 -94.04 -24.48 37.12
CA VAL G 246 -94.50 -24.18 35.77
C VAL G 246 -93.29 -24.03 34.86
N SER G 247 -93.39 -24.59 33.66
CA SER G 247 -92.36 -24.48 32.64
C SER G 247 -92.95 -23.69 31.48
N SER G 248 -92.57 -22.41 31.37
CA SER G 248 -92.95 -21.58 30.24
C SER G 248 -92.15 -21.94 29.00
N ASN G 249 -90.90 -22.34 29.16
CA ASN G 249 -90.23 -23.06 28.09
C ASN G 249 -90.86 -24.45 28.04
N SER G 250 -90.48 -25.25 27.05
CA SER G 250 -91.08 -26.56 26.93
C SER G 250 -90.25 -27.64 27.62
N GLY G 251 -89.63 -27.31 28.75
CA GLY G 251 -88.95 -28.28 29.58
C GLY G 251 -87.53 -27.91 29.95
N GLN G 252 -87.01 -26.77 29.50
CA GLN G 252 -85.64 -26.41 29.84
C GLN G 252 -85.58 -25.67 31.17
N ILE G 253 -86.34 -24.59 31.30
CA ILE G 253 -86.31 -23.75 32.49
C ILE G 253 -87.61 -23.99 33.26
N VAL G 254 -87.48 -24.51 34.47
CA VAL G 254 -88.61 -24.77 35.34
C VAL G 254 -88.55 -23.76 36.48
N GLU G 255 -89.61 -22.98 36.64
CA GLU G 255 -89.62 -21.91 37.62
C GLU G 255 -90.78 -22.09 38.59
N HIS G 256 -90.99 -21.10 39.45
CA HIS G 256 -92.03 -21.14 40.46
C HIS G 256 -93.21 -20.27 40.01
N VAL G 257 -94.17 -20.07 40.92
CA VAL G 257 -95.40 -19.35 40.62
C VAL G 257 -95.45 -18.08 41.46
N ARG G 258 -95.61 -16.94 40.80
CA ARG G 258 -95.74 -15.69 41.53
C ARG G 258 -97.19 -15.52 41.99
N LEU G 259 -97.38 -14.71 43.03
CA LEU G 259 -98.67 -14.52 43.66
C LEU G 259 -98.85 -13.04 43.91
N ILE G 260 -100.03 -12.52 43.55
CA ILE G 260 -100.28 -11.08 43.55
C ILE G 260 -101.14 -10.72 44.76
N ASP G 261 -100.65 -9.79 45.58
CA ASP G 261 -101.41 -9.26 46.71
C ASP G 261 -101.10 -7.77 46.83
N GLN G 262 -102.13 -6.93 46.69
CA GLN G 262 -102.02 -5.47 46.81
C GLN G 262 -100.96 -4.92 45.85
N LYS G 263 -101.17 -5.20 44.56
CA LYS G 263 -100.31 -4.87 43.42
C LYS G 263 -98.84 -5.17 43.67
N ILE G 264 -98.56 -6.15 44.53
CA ILE G 264 -97.22 -6.58 44.89
C ILE G 264 -97.14 -8.10 44.74
N PHE G 265 -96.12 -8.56 44.02
CA PHE G 265 -95.95 -9.97 43.74
C PHE G 265 -94.94 -10.58 44.70
N THR G 266 -95.11 -11.88 44.95
CA THR G 266 -94.16 -12.65 45.75
C THR G 266 -94.23 -14.11 45.33
N ASP G 267 -93.10 -14.80 45.44
CA ASP G 267 -93.06 -16.21 45.07
C ASP G 267 -93.88 -17.04 46.05
N LEU G 268 -94.55 -18.06 45.53
CA LEU G 268 -95.41 -18.92 46.33
C LEU G 268 -94.77 -20.30 46.45
N ASP G 269 -94.55 -20.74 47.69
CA ASP G 269 -94.17 -22.12 47.98
C ASP G 269 -95.33 -22.75 48.74
N VAL G 270 -95.81 -23.90 48.24
CA VAL G 270 -97.00 -24.52 48.82
C VAL G 270 -96.72 -25.01 50.23
N GLU G 271 -95.59 -25.68 50.43
CA GLU G 271 -95.27 -26.22 51.74
C GLU G 271 -95.07 -25.12 52.77
N HIS G 272 -94.39 -24.03 52.38
CA HIS G 272 -94.22 -22.92 53.30
C HIS G 272 -95.53 -22.20 53.58
N ALA G 273 -96.40 -22.09 52.58
CA ALA G 273 -97.71 -21.50 52.77
C ALA G 273 -98.65 -22.40 53.57
N ASN G 274 -98.29 -23.67 53.75
CA ASN G 274 -99.01 -24.61 54.62
C ASN G 274 -100.43 -24.85 54.11
N ILE G 275 -100.54 -25.21 52.83
CA ILE G 275 -101.79 -25.59 52.20
C ILE G 275 -101.56 -26.86 51.41
N ASN G 276 -102.65 -27.55 51.07
CA ASN G 276 -102.58 -28.80 50.31
C ASN G 276 -103.52 -28.69 49.13
N ILE G 277 -102.95 -28.54 47.93
CA ILE G 277 -103.78 -28.38 46.74
C ILE G 277 -104.47 -29.69 46.40
N TYR G 278 -105.76 -29.62 46.10
CA TYR G 278 -106.60 -30.79 45.96
C TYR G 278 -106.94 -31.12 44.51
N SER G 279 -107.13 -30.11 43.66
CA SER G 279 -107.35 -30.38 42.24
C SER G 279 -106.77 -29.24 41.42
N VAL G 280 -106.42 -29.54 40.17
CA VAL G 280 -105.82 -28.56 39.27
C VAL G 280 -106.52 -28.65 37.92
N ALA G 281 -106.95 -27.50 37.39
CA ALA G 281 -107.51 -27.40 36.05
C ALA G 281 -106.63 -26.45 35.23
N SER G 282 -106.37 -26.83 33.99
CA SER G 282 -105.45 -26.08 33.14
C SER G 282 -106.01 -26.00 31.73
N ASN G 283 -106.44 -24.80 31.33
CA ASN G 283 -106.88 -24.55 29.98
C ASN G 283 -105.67 -24.28 29.09
N ALA G 284 -105.91 -23.80 27.88
CA ALA G 284 -104.81 -23.53 26.96
C ALA G 284 -103.94 -22.38 27.44
N TYR G 285 -104.55 -21.35 28.04
CA TYR G 285 -103.84 -20.14 28.39
C TYR G 285 -103.89 -19.77 29.86
N GLU G 286 -104.78 -20.37 30.64
CA GLU G 286 -104.95 -20.03 32.05
C GLU G 286 -104.60 -21.23 32.92
N LEU G 287 -104.72 -21.04 34.23
CA LEU G 287 -104.45 -22.10 35.18
C LEU G 287 -105.27 -21.81 36.44
N ALA G 288 -105.75 -22.86 37.08
CA ALA G 288 -106.50 -22.69 38.31
C ALA G 288 -106.35 -23.94 39.14
N PHE G 289 -106.41 -23.79 40.46
CA PHE G 289 -106.35 -24.95 41.33
C PHE G 289 -107.14 -24.72 42.60
N LEU G 290 -107.74 -25.81 43.09
CA LEU G 290 -108.58 -25.81 44.26
C LEU G 290 -107.84 -26.47 45.41
N VAL G 291 -107.75 -25.75 46.53
CA VAL G 291 -107.00 -26.13 47.72
C VAL G 291 -107.97 -26.46 48.82
N ALA G 292 -107.63 -27.49 49.60
CA ALA G 292 -108.57 -28.20 50.47
C ALA G 292 -109.18 -27.31 51.55
N GLU G 293 -108.57 -26.18 51.88
CA GLU G 293 -109.16 -25.27 52.86
C GLU G 293 -110.05 -24.25 52.13
N ASP G 294 -110.89 -24.81 51.25
CA ASP G 294 -111.88 -24.07 50.47
C ASP G 294 -111.30 -22.83 49.78
N HIS G 295 -110.15 -23.01 49.12
CA HIS G 295 -109.53 -21.90 48.41
C HIS G 295 -109.47 -22.19 46.93
N LEU G 296 -109.69 -21.17 46.12
CA LEU G 296 -109.60 -21.27 44.67
C LEU G 296 -108.59 -20.24 44.18
N TYR G 297 -107.58 -20.70 43.45
CA TYR G 297 -106.56 -19.81 42.91
C TYR G 297 -106.64 -19.84 41.39
N TYR G 298 -106.65 -18.67 40.78
CA TYR G 298 -106.73 -18.52 39.33
C TYR G 298 -105.61 -17.62 38.87
N GLY G 299 -104.94 -18.01 37.79
CA GLY G 299 -103.79 -17.26 37.31
C GLY G 299 -103.61 -17.41 35.82
N SER G 300 -102.85 -16.47 35.25
CA SER G 300 -102.56 -16.45 33.83
C SER G 300 -101.13 -16.96 33.60
N GLN G 301 -100.99 -17.94 32.72
CA GLN G 301 -99.70 -18.52 32.37
C GLN G 301 -99.31 -18.04 30.99
N SER G 302 -98.09 -17.51 30.88
CA SER G 302 -97.51 -17.09 29.61
C SER G 302 -96.00 -17.14 29.77
N TYR G 303 -95.28 -16.51 28.85
CA TYR G 303 -93.90 -16.22 29.13
C TYR G 303 -93.81 -15.12 30.19
N MET G 304 -92.58 -14.76 30.56
CA MET G 304 -92.31 -13.87 31.70
C MET G 304 -93.05 -14.32 32.96
N GLY G 305 -93.07 -15.62 33.21
CA GLY G 305 -93.59 -16.16 34.45
C GLY G 305 -95.10 -16.16 34.52
N THR G 306 -95.62 -16.87 35.51
CA THR G 306 -97.05 -16.99 35.74
C THR G 306 -97.43 -16.40 37.09
N TYR G 307 -98.37 -15.47 37.06
CA TYR G 307 -98.89 -14.80 38.25
C TYR G 307 -100.22 -15.43 38.62
N VAL G 308 -100.51 -15.49 39.92
CA VAL G 308 -101.71 -16.14 40.43
C VAL G 308 -102.35 -15.24 41.48
N ILE G 309 -103.67 -15.11 41.40
CA ILE G 309 -104.45 -14.37 42.38
C ILE G 309 -105.36 -15.34 43.11
N LYS G 310 -105.88 -14.90 44.25
CA LYS G 310 -106.73 -15.71 45.11
C LYS G 310 -108.18 -15.23 44.96
N LEU G 311 -109.08 -16.14 44.64
CA LEU G 311 -110.46 -15.80 44.40
C LEU G 311 -111.18 -15.50 45.71
N PRO G 312 -112.28 -14.74 45.66
CA PRO G 312 -113.05 -14.46 46.89
C PRO G 312 -113.64 -15.73 47.50
N HIS G 313 -113.99 -15.62 48.77
CA HIS G 313 -114.29 -16.80 49.57
C HIS G 313 -115.68 -17.35 49.29
N GLN G 314 -115.78 -18.68 49.33
CA GLN G 314 -117.02 -19.45 49.15
C GLN G 314 -116.76 -20.88 49.59
N PRO G 315 -117.67 -21.51 50.31
CA PRO G 315 -117.44 -22.90 50.73
C PRO G 315 -117.62 -23.89 49.59
N LEU G 316 -116.57 -24.09 48.80
CA LEU G 316 -116.64 -24.93 47.60
C LEU G 316 -116.21 -26.37 47.83
N TRP G 317 -115.20 -26.61 48.66
CA TRP G 317 -114.63 -27.94 48.80
C TRP G 317 -115.55 -28.84 49.61
N SER G 318 -115.83 -30.04 49.07
CA SER G 318 -116.77 -30.97 49.68
C SER G 318 -116.28 -32.41 49.57
N THR G 319 -114.96 -32.62 49.60
CA THR G 319 -114.30 -33.93 49.64
C THR G 319 -114.60 -34.82 48.43
N HIS G 320 -115.34 -34.31 47.44
CA HIS G 320 -115.61 -35.05 46.22
C HIS G 320 -115.46 -34.20 44.97
N THR G 321 -115.23 -32.90 45.11
CA THR G 321 -115.36 -31.97 44.00
C THR G 321 -114.17 -32.07 43.06
N SER G 322 -114.32 -31.44 41.90
CA SER G 322 -113.26 -31.32 40.92
C SER G 322 -113.53 -30.12 40.02
N ILE G 323 -112.54 -29.29 39.80
CA ILE G 323 -112.70 -28.12 38.94
C ILE G 323 -112.24 -28.47 37.54
N TYR G 324 -112.94 -27.92 36.55
CA TYR G 324 -112.48 -28.08 35.17
C TYR G 324 -112.94 -26.89 34.35
N PHE G 325 -112.21 -26.64 33.27
CA PHE G 325 -112.46 -25.50 32.39
C PHE G 325 -113.44 -25.94 31.31
N GLU G 326 -114.72 -25.63 31.52
CA GLU G 326 -115.72 -25.93 30.50
C GLU G 326 -115.45 -25.14 29.23
N ASP G 327 -115.10 -23.88 29.36
CA ASP G 327 -114.72 -23.03 28.23
C ASP G 327 -113.76 -21.97 28.75
N ILE G 328 -113.33 -21.09 27.85
CA ILE G 328 -112.38 -20.05 28.23
C ILE G 328 -113.10 -19.04 29.13
N GLY G 329 -112.49 -18.73 30.27
CA GLY G 329 -113.02 -17.76 31.18
C GLY G 329 -114.18 -18.23 32.04
N ILE G 330 -114.60 -19.48 31.91
CA ILE G 330 -115.73 -20.01 32.69
C ILE G 330 -115.26 -21.29 33.36
N LEU G 331 -115.23 -21.27 34.70
CA LEU G 331 -114.81 -22.43 35.46
C LEU G 331 -116.02 -23.23 35.89
N GLN G 332 -115.81 -24.51 36.17
CA GLN G 332 -116.94 -25.32 36.60
C GLN G 332 -116.50 -26.30 37.66
N VAL G 333 -117.11 -26.19 38.84
CA VAL G 333 -116.87 -27.09 39.95
C VAL G 333 -117.93 -28.18 39.89
N LEU G 334 -117.49 -29.44 39.82
CA LEU G 334 -118.39 -30.56 39.65
C LEU G 334 -118.28 -31.48 40.87
N THR G 335 -119.42 -31.96 41.35
CA THR G 335 -119.47 -32.83 42.53
C THR G 335 -120.49 -33.94 42.28
N PRO G 336 -120.08 -35.20 42.24
CA PRO G 336 -121.05 -36.29 42.08
C PRO G 336 -121.76 -36.58 43.40
N VAL G 337 -123.06 -36.82 43.33
CA VAL G 337 -123.88 -37.14 44.49
C VAL G 337 -124.61 -38.44 44.22
N ALA G 338 -124.56 -39.35 45.18
CA ALA G 338 -125.14 -40.68 45.04
C ALA G 338 -126.61 -40.68 45.44
N ASP G 339 -127.32 -41.71 44.97
CA ASP G 339 -128.67 -41.99 45.45
C ASP G 339 -128.92 -43.49 45.30
N PRO G 340 -129.09 -44.21 46.42
CA PRO G 340 -129.40 -45.64 46.35
C PRO G 340 -130.87 -45.92 46.13
N HIS G 341 -131.72 -44.89 46.14
CA HIS G 341 -133.12 -45.10 45.81
C HIS G 341 -133.29 -45.60 44.38
N PHE G 342 -132.53 -45.03 43.45
CA PHE G 342 -132.49 -45.50 42.07
C PHE G 342 -131.13 -46.07 41.69
N ALA G 343 -130.22 -46.20 42.67
CA ALA G 343 -128.89 -46.77 42.46
C ALA G 343 -128.11 -46.05 41.37
N ALA G 344 -128.07 -44.72 41.45
CA ALA G 344 -127.43 -43.93 40.41
C ALA G 344 -126.89 -42.63 40.98
N TYR G 345 -126.16 -41.91 40.14
CA TYR G 345 -125.47 -40.69 40.55
C TYR G 345 -126.00 -39.50 39.76
N ASP G 346 -126.35 -38.43 40.47
CA ASP G 346 -126.64 -37.15 39.86
C ASP G 346 -125.46 -36.22 40.13
N PHE G 347 -125.51 -35.02 39.56
CA PHE G 347 -124.35 -34.14 39.68
C PHE G 347 -124.75 -32.77 40.20
N ASP G 348 -123.82 -32.13 40.91
CA ASP G 348 -123.98 -30.75 41.36
C ASP G 348 -122.90 -29.91 40.70
N LYS G 349 -123.30 -28.81 40.09
CA LYS G 349 -122.38 -27.98 39.34
C LYS G 349 -122.44 -26.54 39.85
N CYS G 350 -121.27 -25.93 39.99
CA CYS G 350 -121.14 -24.49 40.20
C CYS G 350 -120.45 -23.90 38.98
N THR G 351 -121.07 -22.88 38.40
CA THR G 351 -120.55 -22.23 37.20
C THR G 351 -119.89 -20.92 37.63
N VAL G 352 -118.56 -20.91 37.69
CA VAL G 352 -117.82 -19.76 38.17
C VAL G 352 -117.53 -18.83 37.00
N ASN G 353 -117.95 -17.57 37.13
CA ASN G 353 -117.64 -16.53 36.15
C ASN G 353 -116.40 -15.80 36.64
N VAL G 354 -115.24 -16.19 36.11
CA VAL G 354 -113.98 -15.67 36.63
C VAL G 354 -113.81 -14.21 36.24
N GLN G 355 -114.38 -13.78 35.11
CA GLN G 355 -114.24 -12.39 34.69
C GLN G 355 -115.02 -11.46 35.61
N SER G 356 -116.23 -11.87 36.03
CA SER G 356 -116.98 -11.07 36.97
C SER G 356 -116.41 -11.18 38.38
N SER G 357 -115.82 -12.32 38.72
CA SER G 357 -115.17 -12.45 40.03
C SER G 357 -113.96 -11.52 40.13
N LEU G 358 -113.17 -11.41 39.06
CA LEU G 358 -111.99 -10.56 39.07
C LEU G 358 -112.34 -9.11 38.76
N MET G 359 -113.33 -8.56 39.48
CA MET G 359 -113.64 -7.15 39.37
C MET G 359 -113.90 -6.52 40.73
N ASP G 360 -113.83 -7.29 41.80
CA ASP G 360 -114.18 -6.79 43.13
C ASP G 360 -113.22 -5.72 43.59
N GLU G 361 -113.76 -4.68 44.22
CA GLU G 361 -112.95 -3.57 44.72
C GLU G 361 -111.98 -4.02 45.79
N LYS G 362 -112.25 -5.14 46.46
CA LYS G 362 -111.27 -5.72 47.38
C LYS G 362 -110.00 -6.11 46.65
N LEU G 363 -110.13 -6.75 45.49
CA LEU G 363 -108.98 -7.10 44.67
C LEU G 363 -108.41 -5.89 43.95
N ALA G 364 -109.28 -5.06 43.36
CA ALA G 364 -108.91 -3.79 42.71
C ALA G 364 -107.86 -4.00 41.62
N LEU G 365 -108.20 -4.81 40.64
CA LEU G 365 -107.26 -5.10 39.55
C LEU G 365 -107.40 -4.07 38.44
N GLN G 366 -106.26 -3.67 37.89
CA GLN G 366 -106.23 -2.67 36.84
C GLN G 366 -106.73 -3.26 35.51
N PRO G 367 -107.30 -2.43 34.63
CA PRO G 367 -107.90 -2.96 33.40
C PRO G 367 -106.86 -3.42 32.39
N CYS G 368 -107.36 -4.07 31.35
CA CYS G 368 -106.51 -4.60 30.29
C CYS G 368 -105.90 -3.46 29.48
N ASN G 369 -104.65 -3.64 29.06
CA ASN G 369 -103.90 -2.61 28.34
C ASN G 369 -103.93 -2.78 26.84
N VAL G 370 -104.61 -3.81 26.33
CA VAL G 370 -104.80 -4.00 24.90
C VAL G 370 -106.28 -4.10 24.62
N GLU G 371 -106.73 -3.50 23.51
CA GLU G 371 -108.14 -3.44 23.19
C GLU G 371 -108.55 -4.47 22.15
N LEU G 372 -107.69 -4.77 21.17
CA LEU G 372 -108.08 -5.70 20.12
C LEU G 372 -106.84 -6.41 19.61
N LEU G 373 -106.96 -7.73 19.39
CA LEU G 373 -105.88 -8.54 18.83
C LEU G 373 -106.53 -9.56 17.91
N GLU G 374 -106.60 -9.23 16.61
CA GLU G 374 -107.37 -9.97 15.64
C GLU G 374 -106.47 -10.55 14.56
N SER G 375 -106.73 -11.80 14.19
CA SER G 375 -105.94 -12.48 13.18
C SER G 375 -106.75 -13.64 12.62
N THR G 376 -106.22 -14.28 11.58
CA THR G 376 -106.96 -15.32 10.87
C THR G 376 -106.21 -16.64 10.72
N MET G 377 -105.04 -16.81 11.34
CA MET G 377 -104.35 -18.08 11.26
C MET G 377 -104.70 -19.03 12.39
N ILE G 378 -105.49 -18.58 13.37
CA ILE G 378 -105.97 -19.48 14.42
C ILE G 378 -106.95 -20.51 13.88
N ASN G 379 -107.46 -20.33 12.66
CA ASN G 379 -108.39 -21.29 12.09
C ASN G 379 -107.69 -22.56 11.62
N THR G 380 -106.48 -22.44 11.08
CA THR G 380 -105.85 -23.59 10.43
C THR G 380 -104.38 -23.77 10.79
N MET G 381 -103.73 -24.68 10.07
CA MET G 381 -102.33 -25.04 10.20
C MET G 381 -101.65 -24.76 8.87
N PHE G 382 -100.33 -24.59 8.90
CA PHE G 382 -99.59 -24.23 7.70
C PHE G 382 -98.41 -25.16 7.49
N THR G 383 -98.08 -25.38 6.21
CA THR G 383 -97.01 -26.28 5.82
C THR G 383 -95.98 -25.52 4.99
N ILE G 384 -94.70 -25.80 5.24
CA ILE G 384 -93.61 -25.14 4.57
C ILE G 384 -92.69 -26.20 3.96
N ASP G 385 -92.41 -26.07 2.67
CA ASP G 385 -91.50 -26.97 1.98
C ASP G 385 -90.15 -26.28 1.82
N MET G 386 -89.19 -26.97 1.20
CA MET G 386 -87.87 -26.42 1.00
C MET G 386 -87.89 -25.23 0.05
N ASN G 387 -87.04 -24.24 0.36
CA ASN G 387 -86.87 -23.03 -0.45
C ASN G 387 -88.18 -22.26 -0.59
N SER G 388 -89.05 -22.38 0.39
CA SER G 388 -90.34 -21.70 0.39
C SER G 388 -90.53 -20.97 1.71
N LYS G 389 -91.23 -19.86 1.64
CA LYS G 389 -91.45 -19.00 2.79
C LYS G 389 -92.94 -18.71 2.90
N LEU G 390 -93.37 -18.20 4.06
CA LEU G 390 -94.76 -17.84 4.20
C LEU G 390 -94.89 -16.62 5.11
N LYS G 391 -96.06 -15.99 5.04
CA LYS G 391 -96.33 -14.77 5.78
C LYS G 391 -97.64 -14.90 6.53
N LEU G 392 -97.72 -14.23 7.67
CA LEU G 392 -98.94 -14.10 8.45
C LEU G 392 -99.10 -12.64 8.87
N SER G 393 -100.34 -12.23 9.10
CA SER G 393 -100.61 -10.85 9.46
C SER G 393 -101.56 -10.80 10.65
N ALA G 394 -101.31 -9.86 11.56
CA ALA G 394 -102.15 -9.67 12.71
C ALA G 394 -102.40 -8.18 12.92
N LEU G 395 -103.51 -7.85 13.55
CA LEU G 395 -103.92 -6.47 13.79
C LEU G 395 -104.10 -6.29 15.29
N MET G 396 -103.64 -5.16 15.81
CA MET G 396 -103.65 -4.92 17.25
C MET G 396 -103.97 -3.46 17.52
N ILE G 397 -104.92 -3.24 18.42
CA ILE G 397 -105.30 -1.91 18.90
C ILE G 397 -105.03 -1.88 20.40
N PRO G 398 -104.20 -0.95 20.89
CA PRO G 398 -103.86 -0.93 22.31
C PRO G 398 -104.86 -0.11 23.11
N ARG G 399 -104.64 0.02 24.41
CA ARG G 399 -105.49 0.88 25.20
C ARG G 399 -105.18 2.35 24.91
N LYS G 400 -106.03 3.24 25.44
CA LYS G 400 -105.95 4.65 25.09
C LYS G 400 -104.65 5.29 25.56
N GLY G 401 -104.22 4.98 26.78
CA GLY G 401 -103.05 5.62 27.34
C GLY G 401 -101.88 4.70 27.56
N GLU G 402 -102.13 3.40 27.61
CA GLU G 402 -101.08 2.44 27.88
C GLU G 402 -100.15 2.30 26.67
N ASN G 403 -98.99 1.67 26.92
CA ASN G 403 -97.99 1.42 25.88
C ASN G 403 -97.55 -0.03 25.95
N PRO G 404 -98.35 -0.96 25.44
CA PRO G 404 -97.96 -2.36 25.45
C PRO G 404 -96.98 -2.67 24.32
N THR G 405 -96.07 -3.59 24.59
CA THR G 405 -95.09 -4.02 23.60
C THR G 405 -95.38 -5.45 23.18
N PRO G 406 -95.79 -5.70 21.94
CA PRO G 406 -96.09 -7.07 21.51
C PRO G 406 -94.81 -7.87 21.35
N LEU G 407 -94.98 -9.19 21.30
CA LEU G 407 -93.84 -10.06 21.08
C LEU G 407 -94.27 -11.33 20.35
N VAL G 408 -93.38 -11.81 19.49
CA VAL G 408 -93.61 -13.01 18.69
C VAL G 408 -92.56 -14.04 19.07
N MET G 409 -93.01 -15.26 19.36
CA MET G 409 -92.13 -16.32 19.82
C MET G 409 -92.41 -17.58 19.03
N VAL G 410 -91.41 -18.45 18.99
CA VAL G 410 -91.44 -19.68 18.21
C VAL G 410 -91.10 -20.83 19.15
N SER G 411 -91.92 -21.89 19.11
CA SER G 411 -91.70 -23.05 19.96
C SER G 411 -90.37 -23.74 19.68
N ASN G 412 -90.00 -23.87 18.40
CA ASN G 412 -88.79 -24.57 17.98
C ASN G 412 -87.93 -23.63 17.15
N PRO G 413 -87.11 -22.80 17.79
CA PRO G 413 -86.24 -21.89 17.04
C PRO G 413 -85.11 -22.58 16.31
N HIS G 414 -84.89 -23.88 16.55
CA HIS G 414 -83.81 -24.58 15.88
C HIS G 414 -84.15 -24.87 14.42
N ALA G 415 -85.44 -24.84 14.06
CA ALA G 415 -85.80 -25.21 12.70
C ALA G 415 -86.85 -24.27 12.11
N LEU G 416 -87.00 -23.07 12.66
CA LEU G 416 -87.99 -22.13 12.17
C LEU G 416 -87.58 -20.72 12.52
N GLY G 417 -87.14 -19.95 11.53
CA GLY G 417 -86.74 -18.58 11.74
C GLY G 417 -87.75 -17.60 11.20
N PHE G 418 -87.74 -16.38 11.72
CA PHE G 418 -88.75 -15.39 11.35
C PHE G 418 -88.16 -13.98 11.32
N LYS G 419 -88.98 -13.06 10.83
CA LYS G 419 -88.73 -11.64 10.94
C LYS G 419 -90.07 -10.92 10.96
N ALA G 420 -90.29 -10.09 11.97
CA ALA G 420 -91.58 -9.45 12.20
C ALA G 420 -91.45 -7.94 12.07
N ASN G 421 -92.38 -7.32 11.36
CA ASN G 421 -92.42 -5.89 11.17
C ASN G 421 -93.75 -5.35 11.66
N LEU G 422 -93.70 -4.39 12.59
CA LEU G 422 -94.89 -3.79 13.17
C LEU G 422 -94.97 -2.35 12.70
N ASN G 423 -95.99 -2.04 11.90
CA ASN G 423 -96.17 -0.70 11.37
C ASN G 423 -97.59 -0.23 11.64
N GLU G 424 -97.71 1.06 11.94
CA GLU G 424 -99.01 1.66 12.21
C GLU G 424 -99.67 2.07 10.90
N PHE G 425 -100.95 1.74 10.77
CA PHE G 425 -101.75 2.19 9.63
C PHE G 425 -103.14 2.56 10.13
N GLY G 426 -103.68 3.67 9.60
CA GLY G 426 -104.99 4.12 9.99
C GLY G 426 -105.04 4.66 11.41
N ASN G 427 -106.24 5.10 11.79
CA ASN G 427 -106.54 5.54 13.14
C ASN G 427 -108.05 5.47 13.31
N THR G 428 -108.50 4.94 14.44
CA THR G 428 -109.92 4.64 14.58
C THR G 428 -110.72 5.92 14.83
N PHE G 429 -112.04 5.76 14.87
CA PHE G 429 -112.95 6.90 15.05
C PHE G 429 -112.76 7.55 16.40
N ASP G 430 -112.53 6.74 17.45
CA ASP G 430 -112.36 7.29 18.79
C ASP G 430 -111.04 8.01 18.96
N GLY G 431 -109.99 7.58 18.27
CA GLY G 431 -108.69 8.19 18.35
C GLY G 431 -107.54 7.21 18.52
N ASN G 432 -107.83 5.95 18.85
CA ASN G 432 -106.78 4.95 18.95
C ASN G 432 -106.30 4.55 17.56
N SER G 433 -105.12 3.94 17.51
CA SER G 433 -104.45 3.66 16.25
C SER G 433 -104.32 2.16 16.04
N LYS G 434 -104.76 1.68 14.89
CA LYS G 434 -104.55 0.27 14.55
C LYS G 434 -103.11 0.03 14.15
N TYR G 435 -102.58 -1.12 14.57
CA TYR G 435 -101.22 -1.54 14.26
C TYR G 435 -101.29 -2.84 13.48
N LYS G 436 -100.60 -2.90 12.35
CA LYS G 436 -100.51 -4.13 11.58
C LYS G 436 -99.11 -4.69 11.76
N LEU G 437 -99.02 -5.93 12.25
CA LEU G 437 -97.74 -6.60 12.37
C LEU G 437 -97.73 -7.81 11.45
N ASP G 438 -96.73 -7.88 10.59
CA ASP G 438 -96.58 -8.95 9.62
C ASP G 438 -95.36 -9.79 9.99
N ILE G 439 -95.56 -11.09 10.03
CA ILE G 439 -94.50 -12.04 10.37
C ILE G 439 -94.16 -12.83 9.12
N GLU G 440 -92.88 -12.85 8.76
CA GLU G 440 -92.40 -13.67 7.66
C GLU G 440 -91.58 -14.81 8.24
N LEU G 441 -91.95 -16.04 7.89
CA LEU G 441 -91.32 -17.23 8.44
C LEU G 441 -90.70 -18.06 7.31
N LYS G 442 -89.46 -18.49 7.55
CA LYS G 442 -88.77 -19.42 6.67
C LYS G 442 -87.88 -20.30 7.53
N GLN G 443 -87.06 -21.12 6.89
CA GLN G 443 -86.21 -22.05 7.62
C GLN G 443 -85.14 -21.32 8.41
N GLN G 444 -84.66 -21.96 9.48
CA GLN G 444 -83.64 -21.36 10.32
C GLN G 444 -82.31 -21.24 9.58
N HIS G 445 -82.00 -22.23 8.73
CA HIS G 445 -80.72 -22.23 8.00
C HIS G 445 -80.60 -21.07 7.04
N HIS G 446 -81.66 -20.72 6.32
CA HIS G 446 -81.56 -19.69 5.29
C HIS G 446 -81.40 -18.28 5.85
N TRP G 447 -81.66 -18.06 7.14
CA TRP G 447 -81.37 -16.74 7.70
C TRP G 447 -79.88 -16.53 7.89
N GLY G 448 -79.15 -17.55 8.32
CA GLY G 448 -77.72 -17.44 8.48
C GLY G 448 -77.24 -16.74 9.74
N ASN G 449 -78.14 -16.47 10.69
CA ASN G 449 -77.78 -15.82 11.95
C ASN G 449 -77.65 -16.81 13.09
N SER G 450 -77.65 -18.11 12.80
CA SER G 450 -77.60 -19.14 13.82
C SER G 450 -76.33 -19.97 13.65
N ASP G 451 -75.77 -20.38 14.78
CA ASP G 451 -74.55 -21.17 14.77
C ASP G 451 -74.85 -22.61 14.33
N PHE G 452 -73.76 -23.36 14.08
CA PHE G 452 -73.90 -24.78 13.78
C PHE G 452 -74.32 -25.58 15.01
N ASN G 453 -74.02 -25.06 16.21
CA ASN G 453 -74.52 -25.64 17.44
C ASN G 453 -76.00 -25.37 17.67
N PHE G 454 -76.63 -24.56 16.82
CA PHE G 454 -78.01 -24.14 16.98
C PHE G 454 -78.92 -24.56 15.84
N THR G 455 -78.40 -24.65 14.62
CA THR G 455 -79.25 -24.93 13.47
C THR G 455 -79.78 -26.35 13.49
N ALA G 456 -78.90 -27.32 13.76
CA ALA G 456 -79.27 -28.74 13.97
C ALA G 456 -79.98 -29.32 12.74
N SER G 457 -79.22 -29.39 11.65
CA SER G 457 -79.57 -30.10 10.41
C SER G 457 -80.73 -29.48 9.65
N ILE G 458 -80.88 -29.86 8.39
CA ILE G 458 -81.92 -29.34 7.52
C ILE G 458 -82.62 -30.49 6.81
N LYS G 459 -82.05 -31.69 6.92
CA LYS G 459 -82.49 -32.82 6.12
C LYS G 459 -83.71 -33.54 6.70
N ARG G 460 -84.19 -33.13 7.87
CA ARG G 460 -85.30 -33.80 8.53
C ARG G 460 -86.48 -32.85 8.69
N HIS G 461 -87.69 -33.42 8.66
CA HIS G 461 -88.90 -32.64 8.87
C HIS G 461 -89.08 -32.35 10.35
N ALA G 462 -89.89 -31.34 10.64
CA ALA G 462 -90.12 -30.90 12.01
C ALA G 462 -91.42 -30.11 12.06
N ILE G 463 -91.79 -29.70 13.27
CA ILE G 463 -92.96 -28.88 13.51
C ILE G 463 -92.57 -27.74 14.43
N SER G 464 -93.44 -26.73 14.51
CA SER G 464 -93.24 -25.61 15.41
C SER G 464 -94.58 -24.92 15.63
N SER G 465 -94.60 -24.04 16.64
CA SER G 465 -95.81 -23.28 16.97
C SER G 465 -95.40 -21.81 17.10
N VAL G 466 -96.06 -20.95 16.35
CA VAL G 466 -95.80 -19.52 16.43
C VAL G 466 -96.86 -18.87 17.31
N THR G 467 -96.40 -18.04 18.24
CA THR G 467 -97.27 -17.44 19.26
C THR G 467 -97.04 -15.94 19.30
N VAL G 468 -98.11 -15.17 19.17
CA VAL G 468 -98.08 -13.72 19.26
C VAL G 468 -98.82 -13.31 20.53
N ASP G 469 -98.16 -12.50 21.36
CA ASP G 469 -98.70 -12.14 22.67
C ASP G 469 -98.31 -10.70 23.00
N ILE G 470 -98.84 -10.23 24.12
CA ILE G 470 -98.49 -8.92 24.68
C ILE G 470 -97.62 -9.17 25.90
N ALA G 471 -96.42 -8.58 25.91
CA ALA G 471 -95.44 -8.88 26.94
C ALA G 471 -95.87 -8.39 28.31
N ASP G 472 -96.44 -7.18 28.39
CA ASP G 472 -96.81 -6.65 29.69
C ASP G 472 -98.31 -6.75 29.92
N LYS G 473 -98.93 -7.82 29.43
CA LYS G 473 -100.37 -7.99 29.61
C LYS G 473 -100.66 -8.30 31.07
N THR G 474 -101.68 -7.64 31.60
CA THR G 474 -102.01 -7.75 33.02
C THR G 474 -102.94 -8.94 33.24
N LEU G 475 -103.33 -9.13 34.50
CA LEU G 475 -104.42 -10.03 34.79
C LEU G 475 -105.74 -9.39 34.37
N SER G 476 -106.83 -10.15 34.49
CA SER G 476 -108.16 -9.79 34.03
C SER G 476 -108.22 -9.53 32.52
N CYS G 477 -107.20 -9.96 31.78
CA CYS G 477 -107.25 -9.99 30.32
C CYS G 477 -107.65 -11.38 29.85
N VAL G 478 -108.81 -11.82 30.33
CA VAL G 478 -109.19 -13.22 30.18
C VAL G 478 -109.59 -13.54 28.75
N ASP G 479 -110.38 -12.67 28.11
CA ASP G 479 -110.92 -12.99 26.81
C ASP G 479 -109.96 -12.71 25.66
N LEU G 480 -109.06 -11.74 25.80
CA LEU G 480 -108.10 -11.42 24.74
C LEU G 480 -106.94 -12.39 24.82
N LYS G 481 -107.20 -13.63 24.39
CA LYS G 481 -106.18 -14.66 24.41
C LYS G 481 -105.12 -14.35 23.35
N PRO G 482 -103.88 -14.81 23.56
CA PRO G 482 -102.86 -14.66 22.52
C PRO G 482 -103.13 -15.57 21.34
N LEU G 483 -102.45 -15.28 20.24
CA LEU G 483 -102.65 -16.03 19.00
C LEU G 483 -101.59 -17.10 18.84
N SER G 484 -102.00 -18.27 18.36
CA SER G 484 -101.07 -19.37 18.20
C SER G 484 -101.44 -20.18 16.96
N THR G 485 -100.43 -20.65 16.25
CA THR G 485 -100.66 -21.46 15.05
C THR G 485 -99.55 -22.48 14.92
N LEU G 486 -99.84 -23.54 14.16
CA LEU G 486 -98.92 -24.64 13.97
C LEU G 486 -98.37 -24.63 12.56
N ILE G 487 -97.05 -24.79 12.45
CA ILE G 487 -96.33 -24.77 11.18
C ILE G 487 -95.49 -26.03 11.08
N SER G 488 -95.68 -26.79 10.01
CA SER G 488 -94.98 -28.04 9.78
C SER G 488 -94.00 -27.86 8.63
N VAL G 489 -92.71 -27.98 8.93
CA VAL G 489 -91.69 -27.98 7.88
C VAL G 489 -91.50 -29.45 7.54
N GLY G 490 -92.31 -29.92 6.61
CA GLY G 490 -92.33 -31.33 6.26
C GLY G 490 -92.80 -31.50 4.84
N CYS G 491 -93.37 -32.66 4.57
CA CYS G 491 -93.88 -32.93 3.23
C CYS G 491 -95.14 -32.12 2.96
N ASP G 492 -95.37 -31.84 1.69
CA ASP G 492 -96.60 -31.21 1.23
C ASP G 492 -97.42 -32.31 0.55
N MET G 493 -98.58 -32.60 1.13
CA MET G 493 -99.36 -33.77 0.71
C MET G 493 -100.09 -33.56 -0.62
N THR G 494 -100.20 -32.32 -1.10
CA THR G 494 -100.91 -32.08 -2.35
C THR G 494 -100.05 -32.36 -3.59
N LYS G 495 -98.76 -32.58 -3.43
CA LYS G 495 -97.88 -32.81 -4.57
C LYS G 495 -97.97 -34.26 -5.03
N LYS G 496 -97.73 -34.46 -6.33
CA LYS G 496 -97.65 -35.78 -6.92
C LYS G 496 -96.86 -35.68 -8.21
N ILE G 497 -96.42 -36.83 -8.72
CA ILE G 497 -95.63 -36.87 -9.94
C ILE G 497 -96.40 -37.66 -10.99
N VAL G 498 -96.37 -37.16 -12.23
CA VAL G 498 -97.07 -37.81 -13.34
C VAL G 498 -96.13 -37.94 -14.53
N VAL G 499 -96.22 -39.09 -15.21
CA VAL G 499 -95.45 -39.35 -16.41
C VAL G 499 -96.36 -39.16 -17.62
N GLN G 500 -95.90 -38.37 -18.59
CA GLN G 500 -96.72 -38.04 -19.75
C GLN G 500 -96.97 -39.26 -20.62
N ASN G 501 -98.14 -39.28 -21.26
CA ASN G 501 -98.56 -40.32 -22.18
C ASN G 501 -99.19 -39.71 -23.42
N LYS G 502 -98.46 -38.76 -24.03
CA LYS G 502 -99.03 -37.92 -25.09
C LYS G 502 -99.49 -38.74 -26.29
N ILE G 503 -98.80 -39.84 -26.58
CA ILE G 503 -99.29 -40.84 -27.52
C ILE G 503 -99.07 -42.21 -26.91
N SER G 504 -100.10 -43.05 -26.96
CA SER G 504 -100.09 -44.35 -26.32
C SER G 504 -100.01 -45.45 -27.37
N ALA G 505 -99.68 -46.66 -26.90
CA ALA G 505 -99.61 -47.82 -27.79
C ALA G 505 -100.97 -48.21 -28.35
N CYS G 506 -102.05 -47.85 -27.66
CA CYS G 506 -103.39 -48.19 -28.10
C CYS G 506 -103.81 -47.29 -29.27
N THR G 507 -105.08 -47.43 -29.67
CA THR G 507 -105.70 -46.65 -30.75
C THR G 507 -104.97 -46.82 -32.08
N MET G 508 -104.31 -47.95 -32.27
CA MET G 508 -103.75 -48.32 -33.57
C MET G 508 -103.75 -49.84 -33.67
N GLY G 509 -103.00 -50.37 -34.62
CA GLY G 509 -103.05 -51.79 -34.94
C GLY G 509 -102.13 -52.69 -34.14
N ILE G 510 -101.96 -52.40 -32.84
CA ILE G 510 -101.20 -53.28 -31.96
C ILE G 510 -102.12 -53.81 -30.87
N LEU G 511 -102.65 -52.91 -30.05
CA LEU G 511 -103.56 -53.26 -28.98
C LEU G 511 -104.68 -52.23 -28.90
N ASN G 512 -105.81 -52.65 -28.36
CA ASN G 512 -106.94 -51.75 -28.18
C ASN G 512 -107.20 -51.56 -26.69
N PRO G 513 -107.69 -50.37 -26.29
CA PRO G 513 -108.07 -50.19 -24.88
C PRO G 513 -109.27 -51.03 -24.46
N VAL G 514 -110.12 -51.43 -25.41
CA VAL G 514 -111.39 -52.09 -25.08
C VAL G 514 -111.24 -53.53 -24.63
N GLN G 515 -110.03 -54.06 -24.57
CA GLN G 515 -109.85 -55.49 -24.35
C GLN G 515 -108.96 -55.79 -23.16
N LEU G 516 -108.04 -54.87 -22.83
CA LEU G 516 -107.00 -55.16 -21.85
C LEU G 516 -107.53 -55.37 -20.44
N GLN G 517 -108.63 -54.72 -20.08
CA GLN G 517 -109.08 -54.74 -18.69
C GLN G 517 -109.56 -56.11 -18.22
N LYS G 518 -109.95 -56.99 -19.14
CA LYS G 518 -110.42 -58.32 -18.78
C LYS G 518 -109.29 -59.33 -18.94
N ASN G 519 -108.32 -59.21 -18.02
CA ASN G 519 -107.24 -60.19 -17.84
C ASN G 519 -106.44 -60.40 -19.13
N TYR G 520 -105.81 -59.33 -19.60
CA TYR G 520 -104.91 -59.42 -20.74
C TYR G 520 -103.51 -59.58 -20.19
N THR G 521 -103.10 -60.84 -20.06
CA THR G 521 -101.90 -61.23 -19.33
C THR G 521 -100.80 -61.57 -20.31
N TYR G 522 -99.60 -61.05 -20.06
CA TYR G 522 -98.49 -61.16 -20.99
C TYR G 522 -97.36 -61.98 -20.37
N THR G 523 -96.37 -62.28 -21.21
CA THR G 523 -95.39 -63.33 -20.94
C THR G 523 -94.01 -62.75 -20.68
N ILE G 524 -93.25 -63.46 -19.85
CA ILE G 524 -91.85 -63.16 -19.58
C ILE G 524 -91.02 -64.35 -20.01
N GLU G 525 -90.03 -64.11 -20.87
CA GLU G 525 -89.28 -65.20 -21.49
C GLU G 525 -88.05 -65.61 -20.68
N LYS G 526 -88.27 -65.87 -19.39
CA LYS G 526 -87.25 -66.35 -18.46
C LYS G 526 -86.00 -65.47 -18.48
N GLU G 527 -86.22 -64.18 -18.20
CA GLU G 527 -85.13 -63.21 -18.25
C GLU G 527 -85.10 -62.28 -17.04
N ALA G 528 -86.00 -62.45 -16.07
CA ALA G 528 -86.00 -61.56 -14.91
C ALA G 528 -84.97 -62.02 -13.89
N TYR G 529 -85.16 -63.20 -13.31
CA TYR G 529 -84.24 -63.75 -12.33
C TYR G 529 -83.56 -65.02 -12.83
N ASP G 530 -84.33 -66.04 -13.18
CA ASP G 530 -83.79 -67.30 -13.68
C ASP G 530 -84.86 -68.00 -14.48
N ASP G 540 -88.28 -68.50 -13.98
CA ASP G 540 -88.53 -69.57 -14.94
C ASP G 540 -89.70 -69.20 -15.83
N ASP G 541 -90.85 -69.83 -15.59
CA ASP G 541 -92.06 -69.53 -16.34
C ASP G 541 -92.80 -68.33 -15.75
N LEU G 542 -92.17 -67.17 -15.81
CA LEU G 542 -92.75 -65.97 -15.22
C LEU G 542 -93.83 -65.40 -16.13
N ILE G 543 -94.77 -64.69 -15.51
CA ILE G 543 -96.02 -64.29 -16.16
C ILE G 543 -96.52 -63.02 -15.47
N VAL G 544 -96.91 -62.03 -16.30
CA VAL G 544 -97.24 -60.70 -15.79
C VAL G 544 -98.68 -60.37 -16.17
N PHE G 545 -99.38 -59.67 -15.27
CA PHE G 545 -100.78 -59.29 -15.47
C PHE G 545 -100.87 -57.77 -15.53
N TYR G 546 -101.04 -57.24 -16.73
CA TYR G 546 -101.33 -55.82 -16.89
C TYR G 546 -102.76 -55.52 -16.46
N GLU G 547 -102.95 -54.38 -15.79
CA GLU G 547 -104.27 -53.89 -15.44
C GLU G 547 -104.48 -52.55 -16.14
N TYR G 548 -105.62 -52.43 -16.84
CA TYR G 548 -105.94 -51.15 -17.49
C TYR G 548 -106.41 -50.13 -16.47
N LYS G 549 -107.21 -50.54 -15.49
CA LYS G 549 -107.80 -49.59 -14.55
C LYS G 549 -106.72 -48.93 -13.70
N ASP G 550 -105.71 -49.69 -13.29
CA ASP G 550 -104.62 -49.12 -12.51
C ASP G 550 -103.74 -48.25 -13.38
N LEU G 551 -103.36 -48.75 -14.57
CA LEU G 551 -102.35 -48.09 -15.40
C LEU G 551 -102.96 -47.39 -16.62
N GLY G 552 -103.68 -48.13 -17.47
CA GLY G 552 -104.25 -47.55 -18.66
C GLY G 552 -103.56 -47.98 -19.94
N CYS G 553 -103.44 -47.07 -20.89
CA CYS G 553 -102.72 -47.42 -22.09
C CYS G 553 -101.25 -47.03 -21.95
N PRO G 554 -100.32 -47.99 -22.00
CA PRO G 554 -98.94 -47.69 -21.67
C PRO G 554 -98.26 -46.87 -22.76
N ARG G 555 -97.13 -46.27 -22.38
CA ARG G 555 -96.30 -45.56 -23.33
C ARG G 555 -95.72 -46.55 -24.34
N LEU G 556 -95.42 -46.05 -25.55
CA LEU G 556 -94.83 -46.87 -26.59
C LEU G 556 -93.42 -46.36 -26.88
N VAL G 557 -92.45 -47.27 -26.86
CA VAL G 557 -91.06 -46.95 -27.14
C VAL G 557 -90.51 -47.98 -28.13
N TYR G 558 -89.36 -47.65 -28.72
CA TYR G 558 -88.72 -48.52 -29.69
C TYR G 558 -87.35 -48.95 -29.19
N TYR G 559 -86.86 -50.06 -29.76
CA TYR G 559 -85.61 -50.66 -29.31
C TYR G 559 -84.42 -49.82 -29.73
N ASP G 560 -83.40 -49.80 -28.88
CA ASP G 560 -82.13 -49.09 -29.11
C ASP G 560 -82.36 -47.59 -29.31
N LYS G 561 -83.32 -47.03 -28.58
CA LYS G 561 -83.61 -45.60 -28.64
C LYS G 561 -83.28 -44.97 -27.30
N PRO G 562 -82.41 -43.95 -27.25
CA PRO G 562 -82.15 -43.27 -25.97
C PRO G 562 -83.36 -42.47 -25.51
N TRP G 563 -84.01 -42.96 -24.46
CA TRP G 563 -85.28 -42.40 -23.99
C TRP G 563 -85.20 -42.15 -22.50
N LYS G 564 -85.81 -41.05 -22.06
CA LYS G 564 -86.03 -40.78 -20.65
C LYS G 564 -87.50 -40.44 -20.47
N PRO G 565 -88.10 -40.79 -19.33
CA PRO G 565 -89.42 -40.26 -19.01
C PRO G 565 -89.30 -38.83 -18.51
N VAL G 566 -90.27 -38.00 -18.90
CA VAL G 566 -90.34 -36.61 -18.46
C VAL G 566 -91.50 -36.50 -17.49
N VAL G 567 -91.21 -36.09 -16.26
CA VAL G 567 -92.16 -36.16 -15.16
C VAL G 567 -92.58 -34.74 -14.78
N GLU G 568 -93.87 -34.59 -14.48
CA GLU G 568 -94.45 -33.31 -14.09
C GLU G 568 -94.90 -33.37 -12.63
N LEU G 569 -94.72 -32.25 -11.93
CA LEU G 569 -95.17 -32.09 -10.56
C LEU G 569 -96.54 -31.45 -10.54
N TRP G 570 -97.45 -32.06 -9.78
CA TRP G 570 -98.84 -31.64 -9.72
C TRP G 570 -99.20 -31.25 -8.30
N LYS G 571 -99.83 -30.10 -8.14
CA LYS G 571 -100.45 -29.71 -6.88
C LYS G 571 -101.95 -29.51 -7.13
N ASN G 572 -102.76 -30.16 -6.30
CA ASN G 572 -104.23 -30.10 -6.39
C ASN G 572 -104.74 -30.52 -7.78
N GLY G 573 -104.02 -31.45 -8.42
CA GLY G 573 -104.41 -31.91 -9.73
C GLY G 573 -104.13 -30.93 -10.85
N ILE G 574 -103.19 -30.01 -10.67
CA ILE G 574 -102.90 -28.97 -11.64
C ILE G 574 -101.44 -29.09 -12.07
N VAL G 575 -101.21 -29.06 -13.39
CA VAL G 575 -99.85 -29.05 -13.90
C VAL G 575 -99.21 -27.70 -13.56
N GLU G 576 -98.03 -27.75 -12.96
CA GLU G 576 -97.34 -26.51 -12.63
C GLU G 576 -95.90 -26.46 -13.11
N GLU G 577 -95.17 -27.57 -13.08
CA GLU G 577 -93.76 -27.56 -13.46
C GLU G 577 -93.29 -28.99 -13.71
N ILE G 578 -92.53 -29.17 -14.80
CA ILE G 578 -91.88 -30.46 -15.03
C ILE G 578 -90.77 -30.66 -13.99
N MET G 579 -90.55 -31.92 -13.64
CA MET G 579 -89.64 -32.27 -12.56
C MET G 579 -88.24 -32.35 -13.17
N ASN G 580 -87.24 -31.86 -12.43
CA ASN G 580 -85.89 -31.70 -12.95
C ASN G 580 -84.80 -32.40 -12.14
N ALA G 581 -85.09 -32.86 -10.92
CA ALA G 581 -84.05 -33.39 -10.05
C ALA G 581 -83.64 -34.81 -10.49
N GLU G 582 -82.71 -35.38 -9.74
CA GLU G 582 -82.24 -36.73 -10.01
C GLU G 582 -83.29 -37.74 -9.56
N TYR G 583 -83.52 -38.75 -10.40
CA TYR G 583 -84.50 -39.79 -10.10
C TYR G 583 -83.97 -41.12 -10.61
N VAL G 584 -84.49 -42.20 -10.03
CA VAL G 584 -84.10 -43.54 -10.45
C VAL G 584 -85.34 -44.35 -10.81
N ILE G 585 -85.12 -45.40 -11.59
CA ILE G 585 -86.17 -46.34 -11.98
C ILE G 585 -85.76 -47.74 -11.56
N SER G 586 -86.76 -48.59 -11.41
CA SER G 586 -86.56 -49.99 -11.02
C SER G 586 -87.67 -50.83 -11.61
N GLU G 587 -87.54 -52.14 -11.46
CA GLU G 587 -88.52 -53.10 -11.96
C GLU G 587 -89.09 -53.90 -10.81
N ILE G 588 -90.42 -53.89 -10.68
CA ILE G 588 -91.09 -54.67 -9.64
C ILE G 588 -90.99 -56.16 -9.95
N ASN G 589 -91.12 -56.53 -11.23
CA ASN G 589 -90.94 -57.93 -11.62
C ASN G 589 -89.50 -58.38 -11.40
N GLY G 590 -88.54 -57.51 -11.70
CA GLY G 590 -87.14 -57.80 -11.44
C GLY G 590 -86.36 -58.22 -12.67
N LEU G 591 -86.61 -57.56 -13.79
CA LEU G 591 -85.88 -57.86 -15.02
C LEU G 591 -84.68 -56.94 -15.18
N VAL G 592 -83.67 -57.45 -15.88
CA VAL G 592 -82.43 -56.73 -16.12
C VAL G 592 -82.20 -56.44 -17.60
N THR G 593 -83.19 -56.75 -18.45
CA THR G 593 -83.00 -56.69 -19.89
C THR G 593 -83.10 -55.27 -20.43
N TYR G 594 -82.28 -54.38 -19.89
CA TYR G 594 -82.17 -53.01 -20.35
C TYR G 594 -80.88 -52.42 -19.81
N SER G 595 -80.13 -51.73 -20.67
CA SER G 595 -78.85 -51.16 -20.29
C SER G 595 -78.97 -49.66 -20.13
N TYR G 596 -77.88 -49.05 -19.67
CA TYR G 596 -77.86 -47.61 -19.41
C TYR G 596 -76.91 -46.91 -20.37
N SER G 597 -76.92 -45.59 -20.31
CA SER G 597 -76.05 -44.73 -21.11
C SER G 597 -74.66 -44.65 -20.50
N LEU G 598 -73.91 -43.61 -20.89
CA LEU G 598 -72.55 -43.31 -20.42
C LEU G 598 -72.35 -43.64 -18.95
N THR G 599 -71.27 -44.38 -18.68
CA THR G 599 -71.10 -45.10 -17.41
C THR G 599 -70.28 -44.26 -16.43
N ALA G 600 -70.80 -43.05 -16.17
CA ALA G 600 -70.36 -42.16 -15.10
C ALA G 600 -68.95 -41.62 -15.28
N ALA G 601 -68.22 -42.10 -16.29
CA ALA G 601 -66.88 -41.60 -16.55
C ALA G 601 -66.91 -40.30 -17.33
N THR G 602 -67.61 -40.29 -18.46
CA THR G 602 -67.90 -39.05 -19.18
C THR G 602 -68.93 -38.18 -18.47
N ALA G 603 -69.63 -38.73 -17.47
CA ALA G 603 -70.52 -37.94 -16.63
C ALA G 603 -69.80 -37.25 -15.49
N ASN G 604 -68.46 -37.41 -15.41
CA ASN G 604 -67.60 -36.68 -14.48
C ASN G 604 -67.95 -36.98 -13.03
N CYS G 605 -68.43 -38.19 -12.77
CA CYS G 605 -68.59 -38.62 -11.38
C CYS G 605 -67.23 -38.84 -10.76
N ARG G 606 -67.13 -38.63 -9.44
CA ARG G 606 -65.83 -38.66 -8.80
C ARG G 606 -65.86 -39.34 -7.44
N SER G 607 -67.02 -39.78 -6.94
CA SER G 607 -67.09 -40.32 -5.60
C SER G 607 -67.71 -41.72 -5.55
N GLN G 608 -67.40 -42.57 -6.55
CA GLN G 608 -67.82 -43.97 -6.59
C GLN G 608 -69.33 -44.13 -6.44
N PRO G 609 -70.11 -43.85 -7.49
CA PRO G 609 -71.57 -43.81 -7.34
C PRO G 609 -72.14 -45.18 -7.03
N GLN G 610 -73.03 -45.21 -6.05
CA GLN G 610 -73.69 -46.44 -5.65
C GLN G 610 -74.77 -46.82 -6.65
N ASN G 611 -75.02 -48.11 -6.76
CA ASN G 611 -75.90 -48.68 -7.77
C ASN G 611 -77.01 -49.48 -7.10
N TRP G 612 -77.79 -50.20 -7.91
CA TRP G 612 -78.89 -51.01 -7.40
C TRP G 612 -78.38 -52.36 -6.89
N SER G 613 -77.38 -52.33 -6.02
CA SER G 613 -76.86 -53.55 -5.39
C SER G 613 -76.61 -53.38 -3.90
N THR G 614 -76.79 -52.18 -3.35
CA THR G 614 -76.49 -51.91 -1.95
C THR G 614 -77.43 -52.59 -0.98
N PHE G 615 -78.54 -53.13 -1.46
CA PHE G 615 -79.48 -53.90 -0.64
C PHE G 615 -80.17 -54.99 -1.44
N LEU G 626 -84.18 -49.96 -0.18
CA LEU G 626 -84.86 -49.27 -1.27
C LEU G 626 -84.38 -47.81 -1.31
N TRP G 627 -83.96 -47.36 -2.50
CA TRP G 627 -83.46 -46.00 -2.64
C TRP G 627 -84.56 -44.97 -2.40
N ASN G 628 -84.16 -43.85 -1.80
CA ASN G 628 -85.07 -42.75 -1.49
C ASN G 628 -84.21 -41.54 -1.10
N ARG G 629 -84.87 -40.49 -0.63
CA ARG G 629 -84.18 -39.26 -0.26
C ARG G 629 -83.33 -39.41 1.00
N GLU G 630 -83.53 -40.45 1.80
CA GLU G 630 -82.72 -40.63 3.01
C GLU G 630 -81.42 -41.38 2.72
N ASN G 631 -81.50 -42.55 2.09
CA ASN G 631 -80.31 -43.38 1.90
C ASN G 631 -79.31 -42.80 0.91
N TYR G 632 -79.72 -41.84 0.08
CA TYR G 632 -78.92 -41.43 -1.06
C TYR G 632 -77.96 -40.31 -0.68
N VAL G 633 -76.68 -40.52 -0.97
CA VAL G 633 -75.68 -39.46 -1.02
C VAL G 633 -75.07 -39.48 -2.41
N SER G 634 -75.04 -38.32 -3.06
CA SER G 634 -74.63 -38.24 -4.46
C SER G 634 -73.15 -38.57 -4.61
N CYS G 635 -72.71 -38.65 -5.86
CA CYS G 635 -71.30 -38.86 -6.18
C CYS G 635 -70.64 -37.64 -6.79
N HIS G 636 -71.35 -36.51 -6.86
CA HIS G 636 -70.79 -35.28 -7.41
C HIS G 636 -70.22 -34.36 -6.33
N GLU G 637 -70.24 -34.78 -5.06
CA GLU G 637 -69.56 -34.05 -3.99
C GLU G 637 -68.08 -34.40 -4.02
N ASP G 638 -67.35 -34.03 -2.97
CA ASP G 638 -65.92 -34.28 -2.87
C ASP G 638 -65.61 -35.14 -1.65
N ASN G 639 -66.37 -36.22 -1.48
CA ASN G 639 -66.09 -37.16 -0.40
C ASN G 639 -64.73 -37.79 -0.62
N LYS G 640 -63.98 -37.94 0.47
CA LYS G 640 -62.53 -38.06 0.40
C LYS G 640 -61.99 -39.49 0.50
N ASP G 641 -62.79 -40.45 0.96
CA ASP G 641 -62.21 -41.76 1.22
C ASP G 641 -62.83 -42.90 0.41
N ASN G 642 -63.32 -42.64 -0.81
CA ASN G 642 -63.70 -43.70 -1.75
C ASN G 642 -63.74 -43.12 -3.16
N PRO G 643 -62.58 -42.76 -3.72
CA PRO G 643 -62.58 -42.08 -5.02
C PRO G 643 -63.01 -42.97 -6.17
N LEU G 644 -62.35 -44.12 -6.36
CA LEU G 644 -62.69 -44.99 -7.48
C LEU G 644 -62.07 -46.37 -7.30
N LEU G 645 -62.91 -47.40 -7.49
CA LEU G 645 -62.49 -48.68 -8.04
C LEU G 645 -63.44 -48.83 -9.22
N TRP G 646 -63.16 -48.10 -10.29
CA TRP G 646 -64.21 -47.87 -11.27
C TRP G 646 -63.61 -47.37 -12.59
N PRO G 647 -63.32 -48.25 -13.54
CA PRO G 647 -63.10 -47.78 -14.91
C PRO G 647 -64.38 -47.34 -15.59
N ASN G 648 -65.38 -48.22 -15.62
CA ASN G 648 -66.59 -47.96 -16.42
C ASN G 648 -67.86 -48.50 -15.76
N VAL G 649 -67.94 -48.49 -14.42
CA VAL G 649 -69.19 -48.90 -13.76
C VAL G 649 -70.27 -47.88 -14.07
N GLU G 650 -71.47 -48.37 -14.40
CA GLU G 650 -72.53 -47.52 -14.92
C GLU G 650 -73.08 -46.61 -13.83
N TYR G 651 -73.98 -45.72 -14.24
CA TYR G 651 -74.50 -44.62 -13.42
C TYR G 651 -76.01 -44.80 -13.33
N GLN G 652 -76.47 -45.43 -12.24
CA GLN G 652 -77.88 -45.75 -12.10
C GLN G 652 -78.66 -44.58 -11.50
N VAL G 653 -78.47 -43.39 -12.06
CA VAL G 653 -79.16 -42.18 -11.64
C VAL G 653 -79.41 -41.33 -12.87
N LEU G 654 -80.67 -40.96 -13.09
CA LEU G 654 -81.06 -40.19 -14.26
C LEU G 654 -81.37 -38.75 -13.85
N GLY G 655 -81.71 -37.92 -14.85
CA GLY G 655 -82.08 -36.55 -14.57
C GLY G 655 -80.91 -35.74 -14.03
N GLY G 656 -81.25 -34.65 -13.34
CA GLY G 656 -80.22 -33.82 -12.76
C GLY G 656 -79.42 -33.08 -13.83
N GLN G 657 -78.12 -32.93 -13.55
CA GLN G 657 -77.24 -32.21 -14.46
C GLN G 657 -76.57 -33.18 -15.45
N THR G 658 -76.64 -34.48 -15.21
CA THR G 658 -76.13 -35.43 -16.18
C THR G 658 -77.18 -35.68 -17.27
N ASN G 659 -76.78 -36.44 -18.28
CA ASN G 659 -77.61 -36.67 -19.46
C ASN G 659 -77.59 -38.13 -19.88
N ASN G 660 -77.80 -39.03 -18.91
CA ASN G 660 -77.77 -40.47 -19.17
C ASN G 660 -79.18 -41.03 -19.23
N LYS G 661 -79.40 -42.00 -20.12
CA LYS G 661 -80.70 -42.55 -20.42
C LYS G 661 -80.64 -44.07 -20.31
N ILE G 662 -81.74 -44.72 -20.70
CA ILE G 662 -81.85 -46.17 -20.77
C ILE G 662 -81.86 -46.58 -22.24
N ILE G 663 -80.97 -47.50 -22.61
CA ILE G 663 -81.09 -48.22 -23.86
C ILE G 663 -81.91 -49.48 -23.59
N PHE G 664 -82.90 -49.73 -24.44
CA PHE G 664 -83.86 -50.79 -24.19
C PHE G 664 -83.40 -52.11 -24.82
N GLY G 665 -83.91 -53.21 -24.26
CA GLY G 665 -83.63 -54.53 -24.77
C GLY G 665 -84.59 -54.93 -25.87
N GLN G 666 -84.40 -56.15 -26.37
CA GLN G 666 -85.18 -56.70 -27.46
C GLN G 666 -86.22 -57.71 -26.98
N ARG G 667 -86.66 -57.57 -25.73
CA ARG G 667 -87.61 -58.52 -25.16
C ARG G 667 -88.99 -58.43 -25.81
N ASN G 668 -89.37 -57.26 -26.31
CA ASN G 668 -90.68 -57.00 -26.93
C ASN G 668 -91.82 -57.34 -25.96
N GLY G 669 -91.84 -56.61 -24.84
CA GLY G 669 -92.83 -56.82 -23.81
C GLY G 669 -93.12 -55.54 -23.04
N ILE G 670 -94.00 -55.67 -22.04
CA ILE G 670 -94.42 -54.54 -21.24
C ILE G 670 -93.55 -54.43 -20.00
N TYR G 671 -93.18 -53.21 -19.64
CA TYR G 671 -92.35 -52.92 -18.48
C TYR G 671 -93.11 -52.00 -17.52
N THR G 672 -93.01 -52.30 -16.23
CA THR G 672 -93.66 -51.51 -15.18
C THR G 672 -92.57 -50.79 -14.38
N PHE G 673 -92.20 -49.61 -14.84
CA PHE G 673 -91.13 -48.84 -14.21
C PHE G 673 -91.62 -48.25 -12.90
N HIS G 674 -90.95 -48.61 -11.81
CA HIS G 674 -91.15 -48.03 -10.49
C HIS G 674 -90.15 -46.90 -10.34
N LEU G 675 -90.62 -45.66 -10.41
CA LEU G 675 -89.78 -44.48 -10.42
C LEU G 675 -89.81 -43.83 -9.05
N SER G 676 -88.63 -43.43 -8.57
CA SER G 676 -88.51 -42.74 -7.30
C SER G 676 -87.68 -41.49 -7.49
N VAL G 677 -88.21 -40.35 -7.06
CA VAL G 677 -87.43 -39.11 -6.98
C VAL G 677 -86.46 -39.26 -5.82
N VAL G 678 -85.20 -38.89 -6.05
CA VAL G 678 -84.10 -39.32 -5.22
C VAL G 678 -83.40 -38.18 -4.51
N ASP G 679 -83.36 -36.98 -5.09
CA ASP G 679 -82.63 -35.87 -4.51
C ASP G 679 -83.21 -35.46 -3.15
N PRO G 680 -82.37 -35.25 -2.13
CA PRO G 680 -82.89 -34.94 -0.80
C PRO G 680 -83.08 -33.45 -0.56
N TYR G 681 -82.94 -32.64 -1.61
CA TYR G 681 -83.07 -31.19 -1.47
C TYR G 681 -84.23 -30.63 -2.27
N TYR G 682 -85.01 -31.47 -2.95
CA TYR G 682 -86.14 -30.98 -3.71
C TYR G 682 -87.36 -30.81 -2.82
N SER G 683 -87.59 -31.78 -1.93
CA SER G 683 -88.67 -31.70 -0.94
C SER G 683 -88.43 -32.74 0.13
N TYR G 684 -89.25 -32.67 1.18
CA TYR G 684 -89.30 -33.74 2.15
C TYR G 684 -90.22 -34.87 1.71
N CYS G 685 -90.91 -34.71 0.59
CA CYS G 685 -91.88 -35.69 0.15
C CYS G 685 -91.19 -36.81 -0.61
N ASN G 686 -91.44 -38.05 -0.19
CA ASN G 686 -90.93 -39.23 -0.90
C ASN G 686 -91.77 -39.42 -2.15
N LEU G 687 -91.40 -38.68 -3.20
CA LEU G 687 -92.14 -38.74 -4.44
C LEU G 687 -91.84 -40.06 -5.15
N ASN G 688 -92.88 -40.84 -5.37
CA ASN G 688 -92.73 -42.16 -5.99
C ASN G 688 -93.93 -42.38 -6.92
N THR G 689 -93.69 -43.09 -8.00
CA THR G 689 -94.74 -43.37 -8.96
C THR G 689 -94.45 -44.69 -9.66
N ILE G 690 -95.47 -45.23 -10.32
CA ILE G 690 -95.35 -46.46 -11.10
C ILE G 690 -96.01 -46.22 -12.45
N PHE G 691 -95.27 -46.44 -13.54
CA PHE G 691 -95.83 -46.22 -14.87
C PHE G 691 -95.44 -47.38 -15.78
N SER G 692 -96.05 -47.42 -16.96
CA SER G 692 -95.95 -48.57 -17.85
C SER G 692 -95.47 -48.14 -19.24
N VAL G 693 -94.46 -48.84 -19.74
CA VAL G 693 -93.96 -48.66 -21.10
C VAL G 693 -94.05 -49.99 -21.83
N TYR G 694 -93.94 -49.92 -23.15
CA TYR G 694 -93.97 -51.12 -23.99
C TYR G 694 -93.03 -50.90 -25.16
N VAL G 695 -92.08 -51.82 -25.34
CA VAL G 695 -91.08 -51.72 -26.38
C VAL G 695 -91.58 -52.41 -27.64
N HIS G 696 -91.15 -51.89 -28.79
CA HIS G 696 -91.46 -52.49 -30.10
C HIS G 696 -90.14 -52.58 -30.87
N GLY G 697 -89.56 -53.77 -30.89
CA GLY G 697 -88.25 -53.95 -31.48
C GLY G 697 -88.27 -54.22 -32.97
N ALA G 698 -87.16 -54.77 -33.49
CA ALA G 698 -87.02 -55.02 -34.91
C ALA G 698 -86.93 -56.51 -35.25
N LEU G 699 -86.00 -57.24 -34.66
CA LEU G 699 -85.79 -58.64 -35.01
C LEU G 699 -85.03 -59.39 -33.92
N PRO G 700 -85.58 -60.50 -33.42
CA PRO G 700 -84.79 -61.39 -32.57
C PRO G 700 -83.79 -62.19 -33.39
N VAL G 701 -82.75 -62.67 -32.72
CA VAL G 701 -81.66 -63.38 -33.36
C VAL G 701 -81.65 -64.82 -32.84
N THR G 702 -81.79 -65.77 -33.77
CA THR G 702 -81.70 -67.20 -33.46
C THR G 702 -80.61 -67.86 -34.30
N LYS G 703 -79.55 -67.11 -34.62
CA LYS G 703 -78.51 -67.63 -35.51
C LYS G 703 -77.62 -68.65 -34.83
N PHE G 704 -77.45 -68.54 -33.51
CA PHE G 704 -76.60 -69.42 -32.71
C PHE G 704 -75.17 -69.45 -33.20
N GLN G 705 -74.45 -70.55 -32.93
CA GLN G 705 -73.07 -70.69 -33.36
C GLN G 705 -72.83 -70.78 -34.88
N PRO G 706 -73.78 -71.21 -35.72
CA PRO G 706 -73.53 -71.06 -37.17
C PRO G 706 -73.53 -69.59 -37.58
N LEU G 707 -72.35 -69.09 -37.95
CA LEU G 707 -72.20 -67.72 -38.38
C LEU G 707 -72.53 -67.58 -39.87
N LEU G 708 -72.62 -66.34 -40.33
CA LEU G 708 -72.75 -66.08 -41.76
C LEU G 708 -71.53 -66.59 -42.52
N THR G 709 -70.34 -66.36 -41.97
CA THR G 709 -69.12 -66.89 -42.60
C THR G 709 -69.08 -68.40 -42.53
N ILE G 710 -69.63 -68.99 -41.47
CA ILE G 710 -69.66 -70.45 -41.34
C ILE G 710 -70.57 -71.05 -42.40
N LEU G 711 -71.77 -70.50 -42.57
CA LEU G 711 -72.65 -70.98 -43.63
C LEU G 711 -72.06 -70.69 -45.00
N LEU G 712 -71.32 -69.58 -45.14
CA LEU G 712 -70.63 -69.28 -46.39
C LEU G 712 -69.62 -70.36 -46.74
N MET G 713 -68.81 -70.77 -45.76
CA MET G 713 -67.78 -71.76 -46.05
C MET G 713 -68.40 -73.14 -46.26
N VAL G 714 -69.52 -73.41 -45.57
CA VAL G 714 -70.27 -74.64 -45.84
C VAL G 714 -70.75 -74.66 -47.29
N THR G 715 -71.29 -73.53 -47.76
CA THR G 715 -71.78 -73.47 -49.14
C THR G 715 -70.64 -73.56 -50.14
N THR G 716 -69.48 -72.96 -49.83
CA THR G 716 -68.34 -73.09 -50.73
C THR G 716 -67.85 -74.53 -50.83
N THR G 717 -67.79 -75.23 -49.68
CA THR G 717 -67.39 -76.63 -49.70
C THR G 717 -68.39 -77.49 -50.47
N LEU G 718 -69.68 -77.23 -50.29
CA LEU G 718 -70.70 -77.99 -51.03
C LEU G 718 -70.63 -77.69 -52.53
N LEU G 719 -70.38 -76.44 -52.90
CA LEU G 719 -70.28 -76.10 -54.31
C LEU G 719 -69.04 -76.71 -54.95
N THR G 720 -67.92 -76.74 -54.22
CA THR G 720 -66.73 -77.41 -54.74
C THR G 720 -66.94 -78.91 -54.86
N ALA G 721 -67.70 -79.49 -53.93
CA ALA G 721 -68.07 -80.90 -54.06
C ALA G 721 -68.94 -81.12 -55.29
N TRP G 722 -69.86 -80.20 -55.58
CA TRP G 722 -70.68 -80.31 -56.78
C TRP G 722 -69.84 -80.18 -58.04
N LEU G 723 -68.84 -79.29 -58.04
CA LEU G 723 -67.93 -79.17 -59.17
C LEU G 723 -67.12 -80.46 -59.37
N ALA G 724 -66.64 -81.04 -58.28
CA ALA G 724 -65.89 -82.29 -58.37
C ALA G 724 -66.78 -83.46 -58.78
N TYR G 725 -68.09 -83.37 -58.51
CA TYR G 725 -69.03 -84.37 -58.99
C TYR G 725 -69.37 -84.18 -60.46
N ALA G 726 -69.40 -82.92 -60.93
CA ALA G 726 -69.73 -82.63 -62.33
C ALA G 726 -68.55 -82.72 -63.26
N ILE G 727 -67.32 -82.78 -62.74
CA ILE G 727 -66.15 -83.04 -63.60
C ILE G 727 -66.24 -84.41 -64.28
N PRO G 728 -66.60 -85.51 -63.61
CA PRO G 728 -66.83 -86.77 -64.36
C PRO G 728 -67.97 -86.70 -65.35
N LYS G 729 -68.93 -85.78 -65.18
CA LYS G 729 -69.98 -85.62 -66.18
C LYS G 729 -69.40 -85.18 -67.53
N GLN G 730 -68.40 -84.29 -67.49
CA GLN G 730 -67.70 -83.94 -68.73
C GLN G 730 -66.72 -85.04 -69.13
N LEU G 731 -66.11 -85.71 -68.16
CA LEU G 731 -65.11 -86.73 -68.47
C LEU G 731 -65.71 -87.92 -69.21
N ARG G 732 -66.91 -88.35 -68.82
CA ARG G 732 -67.57 -89.48 -69.45
C ARG G 732 -68.14 -89.15 -70.82
N SER G 733 -68.28 -87.87 -71.15
CA SER G 733 -68.83 -87.47 -72.44
C SER G 733 -67.71 -87.20 -73.44
N LEU H 1 -157.28 3.92 45.08
CA LEU H 1 -157.37 3.42 43.71
C LEU H 1 -157.56 4.57 42.74
N TRP H 2 -156.52 4.84 41.95
CA TRP H 2 -156.54 5.90 40.95
C TRP H 2 -155.70 5.44 39.77
N ARG H 3 -155.94 6.05 38.60
CA ARG H 3 -155.24 5.63 37.40
C ARG H 3 -155.07 6.81 36.47
N TYR H 4 -154.46 6.56 35.32
CA TYR H 4 -154.19 7.58 34.32
C TYR H 4 -154.20 6.96 32.94
N TYR H 5 -154.42 7.79 31.93
CA TYR H 5 -154.43 7.36 30.54
C TYR H 5 -153.62 8.31 29.69
N ILE H 6 -153.09 7.79 28.59
CA ILE H 6 -152.40 8.59 27.58
C ILE H 6 -153.14 8.31 26.28
N ASN H 7 -153.05 9.26 25.35
CA ASN H 7 -153.87 9.35 24.16
C ASN H 7 -153.49 8.36 23.07
N SER H 8 -152.40 7.62 23.22
CA SER H 8 -151.98 6.65 22.21
C SER H 8 -151.72 5.30 22.86
N GLN H 9 -152.21 4.23 22.22
CA GLN H 9 -151.95 2.89 22.70
C GLN H 9 -150.49 2.48 22.48
N ASP H 10 -149.91 2.87 21.35
CA ASP H 10 -148.48 2.65 21.14
C ASP H 10 -147.69 3.53 22.09
N TYR H 11 -146.59 2.98 22.61
CA TYR H 11 -145.75 3.69 23.57
C TYR H 11 -144.40 4.08 22.98
N SER H 12 -144.23 3.93 21.67
CA SER H 12 -143.06 4.49 20.99
C SER H 12 -143.18 6.00 20.81
N ILE H 13 -144.36 6.57 21.04
CA ILE H 13 -144.57 8.00 20.92
C ILE H 13 -144.46 8.72 22.26
N PHE H 14 -144.76 8.04 23.37
CA PHE H 14 -144.82 8.64 24.69
C PHE H 14 -143.54 9.38 25.07
N SER H 15 -143.65 10.68 25.27
CA SER H 15 -142.51 11.55 25.49
C SER H 15 -142.99 12.78 26.24
N THR H 16 -142.16 13.82 26.26
CA THR H 16 -142.44 15.01 27.04
C THR H 16 -143.56 15.87 26.47
N ARG H 17 -143.95 15.67 25.20
CA ARG H 17 -145.00 16.48 24.61
C ARG H 17 -146.38 15.90 24.84
N SER H 18 -146.46 14.74 25.49
CA SER H 18 -147.74 14.07 25.72
C SER H 18 -148.51 14.73 26.86
N SER H 19 -149.79 14.42 26.93
CA SER H 19 -150.67 14.84 28.01
C SER H 19 -151.19 13.61 28.73
N ILE H 20 -151.25 13.67 30.06
CA ILE H 20 -151.67 12.51 30.85
C ILE H 20 -152.96 12.85 31.56
N LYS H 21 -154.01 12.06 31.32
CA LYS H 21 -155.28 12.26 31.98
C LYS H 21 -155.31 11.44 33.27
N LEU H 22 -155.32 12.13 34.40
CA LEU H 22 -155.35 11.48 35.71
C LEU H 22 -156.79 11.42 36.22
N GLU H 23 -157.20 10.26 36.69
CA GLU H 23 -158.56 10.02 37.17
C GLU H 23 -158.51 9.34 38.52
N TYR H 24 -159.20 9.92 39.50
CA TYR H 24 -159.27 9.38 40.85
C TYR H 24 -160.68 8.93 41.13
N GLU H 25 -160.83 7.75 41.72
CA GLU H 25 -162.10 7.25 42.20
C GLU H 25 -161.99 6.91 43.68
N GLY H 26 -163.02 7.26 44.43
CA GLY H 26 -163.00 7.08 45.87
C GLY H 26 -163.84 8.14 46.55
N ASN H 27 -164.33 7.79 47.74
CA ASN H 27 -165.20 8.70 48.49
C ASN H 27 -164.44 9.92 48.98
N SER H 28 -163.21 9.72 49.46
CA SER H 28 -162.41 10.80 50.03
C SER H 28 -161.38 11.27 49.02
N PHE H 29 -161.23 12.59 48.91
CA PHE H 29 -160.22 13.17 48.03
C PHE H 29 -159.92 14.60 48.49
N VAL H 30 -158.65 14.98 48.43
CA VAL H 30 -158.25 16.33 48.82
C VAL H 30 -157.65 17.06 47.62
N SER H 31 -156.53 16.55 47.10
CA SER H 31 -155.80 17.21 46.03
C SER H 31 -154.80 16.22 45.44
N TRP H 32 -153.97 16.71 44.51
CA TRP H 32 -152.89 15.95 43.90
C TRP H 32 -151.55 16.50 44.37
N LYS H 33 -150.60 15.59 44.59
CA LYS H 33 -149.24 15.96 44.94
C LYS H 33 -148.35 15.70 43.73
N ILE H 34 -147.77 16.76 43.18
CA ILE H 34 -146.94 16.66 41.98
C ILE H 34 -145.60 17.33 42.26
N PRO H 35 -144.53 16.93 41.56
CA PRO H 35 -143.26 17.66 41.70
C PRO H 35 -143.34 19.03 41.05
N GLU H 36 -142.29 19.81 41.25
CA GLU H 36 -142.21 21.15 40.67
C GLU H 36 -142.01 21.11 39.16
N SER H 37 -141.58 19.98 38.62
CA SER H 37 -141.36 19.89 37.17
C SER H 37 -142.67 19.87 36.40
N CYS H 38 -143.64 19.10 36.86
CA CYS H 38 -144.88 18.92 36.11
C CYS H 38 -145.96 19.87 36.61
N LYS H 39 -146.88 20.22 35.71
CA LYS H 39 -148.02 21.05 36.05
C LYS H 39 -149.30 20.26 35.84
N VAL H 40 -150.33 20.63 36.60
CA VAL H 40 -151.61 19.95 36.59
C VAL H 40 -152.71 21.01 36.48
N GLU H 41 -153.65 20.79 35.57
CA GLU H 41 -154.76 21.72 35.40
C GLU H 41 -155.77 21.51 36.52
N ASN H 42 -156.03 22.57 37.29
CA ASN H 42 -157.04 22.58 38.36
C ASN H 42 -156.77 21.45 39.36
N THR H 43 -155.67 21.62 40.11
CA THR H 43 -155.11 20.58 40.95
C THR H 43 -156.01 20.13 42.10
N THR H 44 -157.22 20.69 42.20
CA THR H 44 -158.23 20.19 43.12
C THR H 44 -159.19 19.20 42.48
N SER H 45 -159.07 18.95 41.18
CA SER H 45 -160.09 18.13 40.54
C SER H 45 -159.75 16.65 40.61
N PRO H 46 -160.77 15.79 40.70
CA PRO H 46 -160.50 14.35 40.65
C PRO H 46 -160.14 13.86 39.26
N LYS H 47 -160.51 14.61 38.21
CA LYS H 47 -160.16 14.30 36.83
C LYS H 47 -159.41 15.49 36.28
N THR H 48 -158.13 15.32 35.96
CA THR H 48 -157.30 16.44 35.56
C THR H 48 -156.33 16.03 34.47
N THR H 49 -155.62 17.03 33.95
CA THR H 49 -154.63 16.84 32.90
C THR H 49 -153.27 17.27 33.42
N LEU H 50 -152.27 16.41 33.22
CA LEU H 50 -150.91 16.64 33.65
C LEU H 50 -150.03 16.84 32.42
N HIS H 51 -149.15 17.84 32.50
CA HIS H 51 -148.23 18.18 31.42
C HIS H 51 -146.86 18.48 32.02
N CYS H 52 -145.81 17.92 31.42
CA CYS H 52 -144.47 18.37 31.74
C CYS H 52 -143.48 18.05 30.64
N LYS H 53 -142.43 18.87 30.59
CA LYS H 53 -141.42 18.83 29.55
C LYS H 53 -140.09 18.30 30.04
N ARG H 54 -139.79 18.43 31.33
CA ARG H 54 -138.52 17.92 31.86
C ARG H 54 -138.52 16.41 31.87
N ALA H 55 -137.41 15.83 31.45
CA ALA H 55 -137.29 14.38 31.36
C ALA H 55 -137.00 13.79 32.73
N GLY H 56 -136.86 12.48 32.80
CA GLY H 56 -136.56 11.81 34.05
C GLY H 56 -137.71 10.97 34.57
N ILE H 57 -137.86 10.95 35.88
CA ILE H 57 -138.96 10.26 36.56
C ILE H 57 -139.59 11.23 37.54
N HIS H 58 -140.91 11.16 37.68
CA HIS H 58 -141.66 12.08 38.51
C HIS H 58 -142.63 11.31 39.39
N THR H 59 -142.71 11.69 40.67
CA THR H 59 -143.51 10.98 41.65
C THR H 59 -144.82 11.72 41.86
N ILE H 60 -145.93 11.06 41.55
CA ILE H 60 -147.27 11.62 41.67
C ILE H 60 -148.06 10.79 42.66
N LYS H 61 -148.77 11.45 43.57
CA LYS H 61 -149.61 10.76 44.52
C LYS H 61 -150.81 11.62 44.87
N PRO H 62 -152.02 11.07 44.83
CA PRO H 62 -153.18 11.82 45.32
C PRO H 62 -153.23 11.76 46.84
N ILE H 63 -153.46 12.93 47.45
CA ILE H 63 -153.67 13.00 48.90
C ILE H 63 -155.17 12.98 49.16
N ALA H 64 -155.60 12.09 50.04
CA ALA H 64 -157.02 11.91 50.31
C ALA H 64 -157.21 11.48 51.75
N GLY H 65 -158.47 11.20 52.11
CA GLY H 65 -158.76 10.72 53.45
C GLY H 65 -158.14 9.36 53.71
N ASN H 66 -158.23 8.46 52.74
CA ASN H 66 -157.57 7.17 52.83
C ASN H 66 -156.12 7.30 52.37
N GLN H 67 -155.41 6.17 52.39
CA GLN H 67 -154.03 6.12 51.93
C GLN H 67 -154.03 5.69 50.46
N GLU H 68 -153.32 6.44 49.63
CA GLU H 68 -153.20 6.16 48.21
C GLU H 68 -151.74 6.01 47.84
N VAL H 69 -151.45 5.05 46.96
CA VAL H 69 -150.08 4.77 46.59
C VAL H 69 -149.58 5.81 45.59
N GLU H 70 -148.26 6.00 45.57
CA GLU H 70 -147.61 6.94 44.69
C GLU H 70 -147.01 6.19 43.50
N ARG H 71 -146.93 6.87 42.36
CA ARG H 71 -146.39 6.28 41.15
C ARG H 71 -145.30 7.18 40.58
N HIS H 72 -144.18 6.58 40.21
CA HIS H 72 -143.12 7.29 39.52
C HIS H 72 -143.26 7.03 38.02
N LEU H 73 -143.64 8.07 37.28
CA LEU H 73 -143.82 7.99 35.84
C LEU H 73 -142.50 8.38 35.18
N THR H 74 -142.09 7.60 34.18
CA THR H 74 -140.82 7.80 33.49
C THR H 74 -141.08 8.43 32.13
N VAL H 75 -140.55 9.64 31.92
CA VAL H 75 -140.74 10.38 30.68
C VAL H 75 -139.37 10.69 30.11
N ASP H 76 -139.23 10.58 28.78
CA ASP H 76 -137.97 10.84 28.11
C ASP H 76 -138.22 11.61 26.82
N ASN H 77 -137.25 12.45 26.46
CA ASN H 77 -137.34 13.17 25.19
C ASN H 77 -137.16 12.20 24.03
N SER H 78 -137.88 12.45 22.94
CA SER H 78 -137.78 11.62 21.76
C SER H 78 -138.11 12.44 20.53
N TYR H 79 -137.58 12.01 19.38
CA TYR H 79 -137.77 12.68 18.11
C TYR H 79 -138.75 11.96 17.21
N ILE H 80 -139.56 11.05 17.77
CA ILE H 80 -140.63 10.39 17.04
C ILE H 80 -141.94 10.83 17.68
N CYS H 81 -142.75 11.59 16.95
CA CYS H 81 -143.93 12.22 17.51
C CYS H 81 -145.22 11.81 16.81
N TYR H 82 -145.20 11.66 15.49
CA TYR H 82 -146.42 11.44 14.74
C TYR H 82 -146.64 9.95 14.49
N LEU H 83 -147.73 9.63 13.81
CA LEU H 83 -148.12 8.25 13.56
C LEU H 83 -148.87 8.15 12.25
N TRP H 84 -148.89 6.96 11.69
CA TRP H 84 -149.68 6.72 10.49
C TRP H 84 -151.11 6.33 10.88
N TYR H 85 -151.97 6.32 9.87
CA TYR H 85 -153.35 5.87 10.05
C TYR H 85 -153.81 5.35 8.70
N PHE H 86 -154.55 4.25 8.70
CA PHE H 86 -154.95 3.63 7.44
C PHE H 86 -156.37 3.11 7.54
N THR H 87 -156.98 2.92 6.38
CA THR H 87 -158.32 2.36 6.26
C THR H 87 -158.37 1.52 5.00
N VAL H 88 -158.64 0.23 5.16
CA VAL H 88 -158.64 -0.69 4.03
C VAL H 88 -160.07 -0.82 3.51
N VAL H 89 -160.17 -1.01 2.20
CA VAL H 89 -161.39 -1.47 1.56
C VAL H 89 -161.00 -2.68 0.72
N ASP H 90 -161.89 -3.66 0.62
CA ASP H 90 -161.56 -4.91 -0.04
C ASP H 90 -162.55 -5.16 -1.17
N VAL H 91 -162.02 -5.50 -2.34
CA VAL H 91 -162.82 -5.98 -3.46
C VAL H 91 -162.47 -7.44 -3.67
N TYR H 92 -163.50 -8.28 -3.80
CA TYR H 92 -163.27 -9.70 -4.01
C TYR H 92 -163.08 -10.03 -5.48
N TYR H 93 -163.77 -9.32 -6.37
CA TYR H 93 -163.78 -9.64 -7.80
C TYR H 93 -162.37 -9.59 -8.40
N ASN H 94 -161.52 -8.71 -7.88
CA ASN H 94 -160.14 -8.63 -8.34
C ASN H 94 -159.14 -9.21 -7.34
N LEU H 95 -159.60 -9.64 -6.17
CA LEU H 95 -158.75 -10.11 -5.08
C LEU H 95 -157.69 -9.06 -4.70
N SER H 96 -158.14 -7.81 -4.66
CA SER H 96 -157.25 -6.70 -4.33
C SER H 96 -157.81 -5.92 -3.15
N GLN H 97 -156.93 -5.16 -2.51
CA GLN H 97 -157.27 -4.29 -1.39
C GLN H 97 -156.70 -2.91 -1.68
N ILE H 98 -157.40 -1.88 -1.23
CA ILE H 98 -156.97 -0.50 -1.41
C ILE H 98 -156.89 0.14 -0.03
N VAL H 99 -155.73 0.70 0.30
CA VAL H 99 -155.51 1.34 1.58
C VAL H 99 -155.28 2.83 1.37
N THR H 100 -155.80 3.63 2.30
CA THR H 100 -155.67 5.08 2.28
C THR H 100 -154.95 5.51 3.54
N ILE H 101 -153.89 6.31 3.38
CA ILE H 101 -152.91 6.56 4.42
C ILE H 101 -152.81 8.06 4.65
N TRP H 102 -152.84 8.48 5.91
CA TRP H 102 -152.56 9.85 6.27
C TRP H 102 -152.01 9.91 7.69
N VAL H 103 -151.29 10.98 7.98
CA VAL H 103 -150.59 11.17 9.25
C VAL H 103 -151.49 11.94 10.20
N TYR H 104 -151.37 11.65 11.49
CA TYR H 104 -152.07 12.42 12.51
C TYR H 104 -151.21 12.53 13.75
N ASP H 105 -151.32 13.67 14.42
CA ASP H 105 -150.61 13.93 15.67
C ASP H 105 -151.53 13.62 16.83
N PRO H 106 -151.22 12.65 17.68
CA PRO H 106 -152.20 12.19 18.67
C PRO H 106 -152.54 13.22 19.74
N GLU H 107 -151.74 14.28 19.89
CA GLU H 107 -152.11 15.34 20.82
C GLU H 107 -153.19 16.23 20.23
N SER H 108 -153.24 16.34 18.91
CA SER H 108 -154.21 17.20 18.22
C SER H 108 -154.95 16.44 17.13
N ALA H 109 -155.43 15.25 17.45
CA ALA H 109 -156.24 14.46 16.53
C ALA H 109 -157.66 14.36 17.07
N SER H 110 -158.61 14.19 16.14
CA SER H 110 -160.00 14.09 16.50
C SER H 110 -160.27 12.80 17.29
N THR H 111 -161.38 12.80 18.02
CA THR H 111 -161.69 11.66 18.87
C THR H 111 -162.03 10.41 18.06
N GLU H 112 -162.53 10.58 16.83
CA GLU H 112 -162.76 9.41 15.99
C GLU H 112 -161.46 8.85 15.47
N GLU H 113 -160.44 9.69 15.31
CA GLU H 113 -159.14 9.24 14.84
C GLU H 113 -158.39 8.41 15.88
N LEU H 114 -158.75 8.55 17.16
CA LEU H 114 -158.06 7.82 18.22
C LEU H 114 -158.65 6.45 18.50
N ILE H 115 -159.93 6.23 18.20
CA ILE H 115 -160.57 4.95 18.44
C ILE H 115 -160.73 4.14 17.15
N TRP H 116 -160.09 4.58 16.06
CA TRP H 116 -160.05 3.88 14.78
C TRP H 116 -161.45 3.68 14.20
N THR H 117 -162.18 4.79 14.09
CA THR H 117 -163.50 4.79 13.47
C THR H 117 -163.65 5.85 12.40
N ALA H 118 -162.68 6.75 12.24
CA ALA H 118 -162.80 7.81 11.25
C ALA H 118 -162.61 7.26 9.85
N LYS H 119 -163.32 7.87 8.89
CA LYS H 119 -163.21 7.51 7.49
C LYS H 119 -162.63 8.61 6.63
N LYS H 120 -162.62 9.85 7.08
CA LYS H 120 -162.02 10.97 6.39
C LYS H 120 -161.10 11.71 7.35
N PRO H 121 -159.90 12.11 6.90
CA PRO H 121 -158.99 12.82 7.80
C PRO H 121 -159.56 14.18 8.20
N SER H 122 -159.22 14.59 9.42
CA SER H 122 -159.69 15.86 9.94
C SER H 122 -158.83 17.00 9.38
N LEU H 123 -159.12 18.22 9.82
CA LEU H 123 -158.44 19.40 9.29
C LEU H 123 -156.96 19.39 9.63
N SER H 124 -156.62 19.12 10.90
CA SER H 124 -155.24 19.10 11.33
C SER H 124 -154.46 18.00 10.62
N SER H 125 -155.06 16.81 10.51
CA SER H 125 -154.40 15.69 9.85
C SER H 125 -154.15 16.00 8.37
N ARG H 126 -155.14 16.61 7.70
CA ARG H 126 -154.99 16.92 6.28
C ARG H 126 -153.90 17.97 6.07
N VAL H 127 -153.89 19.02 6.89
CA VAL H 127 -152.87 20.07 6.75
C VAL H 127 -151.49 19.51 7.03
N LEU H 128 -151.36 18.70 8.08
CA LEU H 128 -150.08 18.09 8.41
C LEU H 128 -149.62 17.16 7.29
N THR H 129 -150.55 16.40 6.71
CA THR H 129 -150.21 15.48 5.64
C THR H 129 -149.69 16.21 4.42
N LYS H 130 -150.36 17.30 4.03
CA LYS H 130 -149.88 18.02 2.85
C LYS H 130 -148.58 18.76 3.13
N GLN H 131 -148.37 19.22 4.37
CA GLN H 131 -147.07 19.81 4.71
C GLN H 131 -145.94 18.79 4.61
N MET H 132 -146.17 17.59 5.12
CA MET H 132 -145.15 16.56 5.06
C MET H 132 -144.92 16.08 3.63
N ASN H 133 -145.96 16.04 2.81
CA ASN H 133 -145.80 15.71 1.40
C ASN H 133 -145.01 16.79 0.67
N THR H 134 -145.23 18.06 1.03
CA THR H 134 -144.42 19.14 0.46
C THR H 134 -142.95 18.97 0.84
N LEU H 135 -142.69 18.62 2.10
CA LEU H 135 -141.31 18.31 2.49
C LEU H 135 -140.78 17.04 1.86
N GLY H 136 -141.63 16.21 1.26
CA GLY H 136 -141.14 15.11 0.47
C GLY H 136 -141.13 13.75 1.15
N GLN H 137 -142.26 13.36 1.72
CA GLN H 137 -142.41 12.08 2.40
C GLN H 137 -143.40 11.22 1.64
N ARG H 138 -143.04 9.97 1.37
CA ARG H 138 -143.89 9.07 0.62
C ARG H 138 -143.87 7.70 1.28
N PRO H 139 -144.95 7.29 1.93
CA PRO H 139 -144.98 5.99 2.60
C PRO H 139 -145.09 4.84 1.61
N PHE H 140 -144.57 3.69 2.04
CA PHE H 140 -144.69 2.47 1.27
C PHE H 140 -144.96 1.30 2.19
N ILE H 141 -145.55 0.25 1.64
CA ILE H 141 -145.88 -0.95 2.39
C ILE H 141 -144.82 -2.00 2.11
N PHE H 142 -144.41 -2.72 3.15
CA PHE H 142 -143.33 -3.69 3.07
C PHE H 142 -143.82 -4.99 3.70
N THR H 143 -143.93 -6.04 2.88
CA THR H 143 -144.32 -7.34 3.41
C THR H 143 -143.15 -7.97 4.15
N VAL H 144 -143.44 -8.61 5.28
CA VAL H 144 -142.40 -9.10 6.17
C VAL H 144 -141.90 -10.49 5.78
N GLU H 145 -142.81 -11.43 5.55
CA GLU H 145 -142.42 -12.82 5.33
C GLU H 145 -141.72 -13.00 3.98
N LYS H 146 -142.22 -12.36 2.93
CA LYS H 146 -141.50 -12.26 1.66
C LYS H 146 -141.23 -10.79 1.39
N ARG H 147 -140.02 -10.51 0.89
CA ARG H 147 -139.54 -9.13 0.79
C ARG H 147 -140.07 -8.48 -0.50
N LEU H 148 -141.26 -7.91 -0.37
CA LEU H 148 -141.92 -7.23 -1.48
C LEU H 148 -142.41 -5.87 -0.99
N THR H 149 -142.20 -4.84 -1.81
CA THR H 149 -142.56 -3.48 -1.47
C THR H 149 -143.63 -2.97 -2.42
N TYR H 150 -144.46 -2.06 -1.92
CA TYR H 150 -145.53 -1.46 -2.70
C TYR H 150 -145.53 0.04 -2.47
N HIS H 151 -145.51 0.80 -3.57
CA HIS H 151 -145.34 2.24 -3.62
C HIS H 151 -146.68 2.93 -3.94
N PRO H 152 -146.89 4.16 -3.44
CA PRO H 152 -148.20 4.79 -3.58
C PRO H 152 -148.36 5.58 -4.86
N GLY H 153 -149.52 6.20 -5.03
CA GLY H 153 -149.72 7.21 -6.03
C GLY H 153 -149.51 8.58 -5.41
N PRO H 154 -149.64 9.64 -6.22
CA PRO H 154 -149.51 10.99 -5.68
C PRO H 154 -150.69 11.34 -4.78
N LEU H 155 -150.48 12.36 -3.94
CA LEU H 155 -151.48 12.79 -2.98
C LEU H 155 -152.74 13.26 -3.71
N THR H 156 -153.90 12.81 -3.24
CA THR H 156 -155.17 13.12 -3.88
C THR H 156 -155.63 14.52 -3.49
N SER H 157 -156.91 14.82 -3.78
CA SER H 157 -157.46 16.13 -3.48
C SER H 157 -157.40 16.45 -1.99
N GLU H 158 -157.90 15.54 -1.16
CA GLU H 158 -157.71 15.61 0.28
C GLU H 158 -156.44 14.84 0.62
N GLY H 159 -155.86 15.14 1.79
CA GLY H 159 -154.63 14.48 2.17
C GLY H 159 -154.84 13.01 2.41
N THR H 160 -154.39 12.19 1.45
CA THR H 160 -154.62 10.75 1.46
C THR H 160 -153.76 10.09 0.40
N TRP H 161 -152.98 9.09 0.79
CA TRP H 161 -152.20 8.29 -0.15
C TRP H 161 -152.93 6.98 -0.39
N VAL H 162 -153.07 6.60 -1.66
CA VAL H 162 -153.83 5.42 -2.04
C VAL H 162 -152.87 4.36 -2.56
N ILE H 163 -152.90 3.17 -1.96
CA ILE H 163 -152.01 2.08 -2.31
C ILE H 163 -152.84 0.84 -2.59
N HIS H 164 -152.53 0.15 -3.68
CA HIS H 164 -153.20 -1.09 -4.02
C HIS H 164 -152.36 -2.28 -3.60
N LEU H 165 -153.03 -3.41 -3.33
CA LEU H 165 -152.41 -4.58 -2.74
C LEU H 165 -153.18 -5.82 -3.18
N PRO H 166 -152.57 -6.99 -3.13
CA PRO H 166 -153.36 -8.22 -3.28
C PRO H 166 -153.77 -8.78 -1.94
N MET H 167 -154.90 -9.51 -1.93
CA MET H 167 -155.22 -10.36 -0.79
C MET H 167 -154.45 -11.66 -0.92
N SER H 168 -153.75 -12.04 0.13
CA SER H 168 -152.72 -13.07 0.05
C SER H 168 -153.00 -14.28 0.91
N SER H 169 -153.35 -14.07 2.19
CA SER H 169 -153.56 -15.11 3.20
C SER H 169 -152.29 -15.90 3.52
N ASP H 170 -151.15 -15.51 2.96
CA ASP H 170 -149.89 -16.16 3.28
C ASP H 170 -148.92 -15.22 3.97
N ASP H 171 -148.59 -14.09 3.35
CA ASP H 171 -147.74 -13.06 3.96
C ASP H 171 -148.65 -11.98 4.52
N ILE H 172 -149.43 -12.34 5.54
CA ILE H 172 -150.42 -11.42 6.12
C ILE H 172 -149.77 -10.28 6.89
N ALA H 173 -148.46 -10.34 7.15
CA ALA H 173 -147.81 -9.39 8.04
C ALA H 173 -147.08 -8.32 7.24
N LYS H 174 -147.41 -7.05 7.52
CA LYS H 174 -146.86 -5.95 6.78
C LYS H 174 -146.42 -4.86 7.76
N VAL H 175 -145.45 -4.06 7.31
CA VAL H 175 -145.17 -2.79 7.96
C VAL H 175 -145.43 -1.71 6.94
N ILE H 176 -145.73 -0.51 7.43
CA ILE H 176 -145.82 0.67 6.60
C ILE H 176 -144.77 1.66 7.10
N ARG H 177 -143.97 2.15 6.17
CA ARG H 177 -142.76 2.91 6.44
C ARG H 177 -142.75 4.16 5.59
N GLY H 178 -141.80 5.03 5.88
CA GLY H 178 -141.60 6.22 5.09
C GLY H 178 -140.13 6.56 4.92
N ASN H 179 -139.85 7.75 4.42
CA ASN H 179 -138.48 8.22 4.32
C ASN H 179 -138.10 8.99 5.57
N LYS H 180 -136.83 9.39 5.65
CA LYS H 180 -136.32 10.11 6.82
C LYS H 180 -136.39 11.61 6.56
N VAL H 181 -137.61 12.15 6.64
CA VAL H 181 -137.86 13.57 6.49
C VAL H 181 -138.71 14.03 7.66
N ALA H 182 -138.11 14.81 8.55
CA ALA H 182 -138.81 15.36 9.70
C ALA H 182 -139.58 16.62 9.29
N PHE H 183 -140.60 16.95 10.07
CA PHE H 183 -141.40 18.14 9.79
C PHE H 183 -140.85 19.36 10.53
N GLN H 184 -140.89 19.31 11.86
CA GLN H 184 -140.38 20.38 12.71
C GLN H 184 -139.60 19.75 13.87
N ASP H 185 -138.65 18.89 13.51
CA ASP H 185 -137.92 18.00 14.42
C ASP H 185 -138.91 17.02 15.05
N CYS H 186 -139.63 16.29 14.19
CA CYS H 186 -140.45 15.17 14.59
C CYS H 186 -140.54 14.20 13.42
N PHE H 187 -140.32 12.93 13.69
CA PHE H 187 -140.39 11.88 12.69
C PHE H 187 -141.79 11.27 12.66
N ILE H 188 -141.93 10.21 11.87
CA ILE H 188 -143.12 9.36 11.88
C ILE H 188 -142.66 7.94 12.15
N ALA H 189 -143.28 7.29 13.12
CA ALA H 189 -142.93 5.92 13.48
C ALA H 189 -143.37 4.95 12.40
N ASN H 190 -142.64 3.84 12.30
CA ASN H 190 -143.12 2.73 11.48
C ASN H 190 -144.38 2.15 12.11
N LEU H 191 -145.27 1.63 11.28
CA LEU H 191 -146.50 1.03 11.82
C LEU H 191 -146.63 -0.41 11.37
N TYR H 192 -146.86 -1.31 12.32
CA TYR H 192 -146.98 -2.74 12.06
C TYR H 192 -148.45 -3.12 12.02
N PHE H 193 -148.83 -3.90 11.01
CA PHE H 193 -150.21 -4.38 10.96
C PHE H 193 -150.26 -5.67 10.14
N MET H 194 -151.42 -6.33 10.20
CA MET H 194 -151.63 -7.59 9.51
C MET H 194 -153.02 -7.59 8.91
N LEU H 195 -153.12 -8.06 7.67
CA LEU H 195 -154.45 -8.18 7.07
C LEU H 195 -154.52 -9.43 6.21
N THR H 196 -155.74 -9.91 6.01
CA THR H 196 -156.03 -11.14 5.29
C THR H 196 -157.36 -10.88 4.58
N TYR H 197 -158.04 -11.93 4.12
CA TYR H 197 -159.44 -11.80 3.74
C TYR H 197 -160.24 -11.34 4.96
N PRO H 198 -161.24 -10.49 4.78
CA PRO H 198 -162.14 -10.20 5.90
C PRO H 198 -162.92 -11.44 6.27
N MET H 199 -163.23 -11.55 7.56
CA MET H 199 -164.04 -12.65 8.09
C MET H 199 -165.33 -12.07 8.62
N THR H 200 -166.39 -12.86 8.55
CA THR H 200 -167.73 -12.35 8.83
C THR H 200 -168.32 -13.06 10.04
N ILE H 201 -168.74 -12.28 11.00
CA ILE H 201 -169.37 -12.80 12.21
C ILE H 201 -170.76 -13.28 11.86
N ILE H 202 -171.30 -14.18 12.68
CA ILE H 202 -172.56 -14.83 12.37
C ILE H 202 -173.72 -13.89 12.66
N SER H 203 -174.75 -13.99 11.84
CA SER H 203 -175.96 -13.20 12.02
C SER H 203 -176.90 -13.88 13.02
N GLU H 204 -177.98 -13.18 13.35
CA GLU H 204 -178.92 -13.65 14.35
C GLU H 204 -180.33 -13.73 13.75
N PRO H 205 -181.01 -14.86 13.88
CA PRO H 205 -182.42 -14.91 13.54
C PRO H 205 -183.28 -14.60 14.76
N PRO H 206 -184.31 -13.77 14.60
CA PRO H 206 -185.15 -13.42 15.75
C PRO H 206 -185.90 -14.61 16.31
N GLY H 207 -186.23 -14.51 17.60
CA GLY H 207 -186.87 -15.60 18.30
C GLY H 207 -185.93 -16.66 18.82
N TYR H 208 -184.63 -16.45 18.72
CA TYR H 208 -183.65 -17.42 19.18
C TYR H 208 -183.44 -17.30 20.68
N GLU H 209 -182.74 -18.28 21.26
CA GLU H 209 -182.52 -18.35 22.69
C GLU H 209 -181.05 -18.23 23.02
N PRO H 210 -180.68 -17.39 23.98
CA PRO H 210 -179.28 -17.13 24.27
C PRO H 210 -178.60 -18.26 25.03
N LEU H 211 -177.27 -18.29 24.93
CA LEU H 211 -176.42 -19.23 25.65
C LEU H 211 -175.52 -18.44 26.58
N THR H 212 -175.45 -18.87 27.84
CA THR H 212 -174.65 -18.19 28.86
C THR H 212 -173.75 -19.19 29.55
N VAL H 213 -172.84 -18.66 30.38
CA VAL H 213 -172.06 -19.46 31.31
C VAL H 213 -172.94 -19.73 32.53
N PRO H 214 -172.61 -20.71 33.38
CA PRO H 214 -173.40 -20.90 34.59
C PRO H 214 -173.33 -19.68 35.48
N PRO H 215 -174.38 -19.39 36.25
CA PRO H 215 -174.40 -18.20 37.10
C PRO H 215 -173.34 -18.27 38.19
N GLY H 216 -172.82 -17.10 38.57
CA GLY H 216 -171.79 -16.99 39.56
C GLY H 216 -170.39 -17.27 39.06
N SER H 217 -170.22 -17.56 37.76
CA SER H 217 -168.94 -17.95 37.18
C SER H 217 -168.30 -16.77 36.45
N PRO H 218 -166.97 -16.73 36.41
CA PRO H 218 -166.30 -15.67 35.65
C PRO H 218 -166.50 -15.83 34.15
N LEU H 219 -166.44 -14.71 33.44
CA LEU H 219 -166.68 -14.71 32.01
C LEU H 219 -165.45 -15.21 31.25
N MET H 220 -165.70 -15.87 30.13
CA MET H 220 -164.64 -16.50 29.34
C MET H 220 -164.52 -15.85 27.98
N LEU H 221 -163.30 -15.89 27.43
CA LEU H 221 -162.99 -15.17 26.20
C LEU H 221 -162.03 -15.99 25.36
N SER H 222 -162.29 -16.07 24.05
CA SER H 222 -161.37 -16.73 23.15
C SER H 222 -161.32 -16.00 21.81
N TRP H 223 -160.10 -15.84 21.29
CA TRP H 223 -159.85 -15.09 20.07
C TRP H 223 -159.05 -15.95 19.10
N ASP H 224 -158.99 -15.48 17.85
CA ASP H 224 -158.25 -16.20 16.83
C ASP H 224 -156.75 -16.01 17.02
N THR H 225 -156.00 -17.07 16.71
CA THR H 225 -154.57 -17.09 17.02
C THR H 225 -153.76 -16.17 16.11
N CYS H 226 -154.02 -16.20 14.80
CA CYS H 226 -153.16 -15.52 13.85
C CYS H 226 -153.45 -14.03 13.79
N ILE H 227 -154.71 -13.66 13.62
CA ILE H 227 -155.13 -12.27 13.70
C ILE H 227 -156.03 -12.11 14.92
N SER H 228 -155.85 -11.02 15.65
CA SER H 228 -156.65 -10.76 16.82
C SER H 228 -157.85 -9.92 16.42
N THR H 229 -158.55 -9.37 17.42
CA THR H 229 -159.73 -8.52 17.22
C THR H 229 -160.82 -9.24 16.44
N PHE H 230 -160.85 -10.56 16.54
CA PHE H 230 -161.94 -11.38 16.01
C PHE H 230 -162.21 -12.39 17.12
N ALA H 231 -163.11 -12.04 18.03
CA ALA H 231 -163.13 -12.73 19.32
C ALA H 231 -164.55 -12.96 19.80
N LEU H 232 -164.69 -13.97 20.66
CA LEU H 232 -166.00 -14.34 21.20
C LEU H 232 -165.88 -14.48 22.72
N LEU H 233 -166.82 -13.86 23.42
CA LEU H 233 -166.84 -13.81 24.87
C LEU H 233 -168.18 -14.33 25.38
N ALA H 234 -168.13 -15.25 26.32
CA ALA H 234 -169.33 -15.81 26.94
C ALA H 234 -169.41 -15.34 28.38
N THR H 235 -170.51 -14.70 28.74
CA THR H 235 -170.74 -14.22 30.08
C THR H 235 -172.01 -14.84 30.66
N ASP H 236 -172.44 -14.34 31.82
CA ASP H 236 -173.60 -14.89 32.50
C ASP H 236 -174.93 -14.52 31.85
N GLN H 237 -174.93 -13.61 30.87
CA GLN H 237 -176.19 -13.15 30.32
C GLN H 237 -176.27 -13.34 28.81
N GLU H 238 -175.13 -13.52 28.16
CA GLU H 238 -175.10 -13.56 26.70
C GLU H 238 -173.78 -14.15 26.22
N THR H 239 -173.68 -14.31 24.91
CA THR H 239 -172.45 -14.60 24.21
C THR H 239 -172.30 -13.59 23.09
N PHE H 240 -171.17 -12.90 23.05
CA PHE H 240 -170.91 -11.87 22.06
C PHE H 240 -169.78 -12.29 21.15
N GLN H 241 -169.85 -11.86 19.89
CA GLN H 241 -168.79 -12.11 18.92
C GLN H 241 -168.52 -10.81 18.18
N THR H 242 -167.24 -10.51 17.98
CA THR H 242 -166.84 -9.24 17.41
C THR H 242 -165.84 -9.41 16.28
N ASN H 243 -166.14 -8.71 15.18
CA ASN H 243 -165.29 -8.53 14.01
C ASN H 243 -164.16 -7.54 14.27
N ASP H 244 -164.32 -6.67 15.27
CA ASP H 244 -163.31 -5.70 15.64
C ASP H 244 -162.96 -5.88 17.11
N SER H 245 -162.22 -4.94 17.70
CA SER H 245 -161.81 -5.06 19.09
C SER H 245 -162.95 -4.69 20.05
N PHE H 246 -164.05 -5.43 19.92
CA PHE H 246 -165.25 -5.28 20.74
C PHE H 246 -165.80 -3.85 20.72
N GLN H 247 -165.76 -3.21 19.56
CA GLN H 247 -166.48 -1.96 19.38
C GLN H 247 -167.91 -2.23 18.91
N THR H 248 -168.06 -3.02 17.86
CA THR H 248 -169.36 -3.42 17.33
C THR H 248 -169.48 -4.94 17.45
N TRP H 249 -170.50 -5.39 18.17
CA TRP H 249 -170.59 -6.79 18.54
C TRP H 249 -171.95 -7.36 18.16
N THR H 250 -171.99 -8.68 17.95
CA THR H 250 -173.20 -9.38 17.57
C THR H 250 -173.44 -10.50 18.56
N ARG H 251 -174.70 -10.66 18.98
CA ARG H 251 -175.03 -11.74 19.90
C ARG H 251 -175.07 -13.07 19.17
N VAL H 252 -174.64 -14.12 19.87
CA VAL H 252 -174.65 -15.49 19.35
C VAL H 252 -175.74 -16.25 20.10
N ARG H 253 -176.64 -16.88 19.36
CA ARG H 253 -177.80 -17.53 19.95
C ARG H 253 -177.99 -18.91 19.34
N ALA H 254 -179.01 -19.61 19.82
CA ALA H 254 -179.33 -20.96 19.40
C ALA H 254 -180.79 -21.05 19.01
N PRO H 255 -181.13 -21.92 18.04
CA PRO H 255 -182.52 -22.06 17.64
C PRO H 255 -183.34 -22.67 18.76
N PRO H 256 -184.63 -22.32 18.85
CA PRO H 256 -185.49 -22.92 19.88
C PRO H 256 -185.71 -24.40 19.63
N GLY H 257 -185.92 -25.14 20.72
CA GLY H 257 -186.16 -26.56 20.64
C GLY H 257 -184.93 -27.42 20.48
N ILE H 258 -183.73 -26.83 20.43
CA ILE H 258 -182.53 -27.63 20.28
C ILE H 258 -181.88 -27.92 21.62
N LEU H 259 -181.86 -26.93 22.51
CA LEU H 259 -181.25 -27.07 23.82
C LEU H 259 -182.26 -26.72 24.90
N SER H 260 -182.20 -27.45 26.00
CA SER H 260 -183.08 -27.18 27.13
C SER H 260 -182.68 -25.89 27.83
N ASP H 261 -183.62 -25.35 28.60
CA ASP H 261 -183.36 -24.12 29.35
C ASP H 261 -182.29 -24.36 30.42
N ALA H 262 -182.31 -25.54 31.04
CA ALA H 262 -181.25 -25.87 31.99
C ALA H 262 -179.90 -26.06 31.29
N GLN H 263 -179.92 -26.52 30.05
CA GLN H 263 -178.68 -26.69 29.32
C GLN H 263 -178.12 -25.36 28.80
N ARG H 264 -179.00 -24.38 28.59
CA ARG H 264 -178.54 -23.10 28.05
C ARG H 264 -177.72 -22.31 29.06
N HIS H 265 -177.71 -22.73 30.32
CA HIS H 265 -176.90 -22.11 31.35
C HIS H 265 -175.77 -23.04 31.82
N SER H 266 -175.32 -23.94 30.95
CA SER H 266 -174.25 -24.86 31.31
C SER H 266 -173.16 -24.88 30.24
N LEU H 267 -172.80 -23.73 29.69
CA LEU H 267 -171.74 -23.67 28.71
C LEU H 267 -170.40 -23.51 29.42
N ARG H 268 -169.53 -24.50 29.25
CA ARG H 268 -168.27 -24.57 29.98
C ARG H 268 -167.09 -23.97 29.23
N ASP H 269 -167.06 -24.09 27.91
CA ASP H 269 -165.92 -23.59 27.14
C ASP H 269 -166.36 -23.31 25.70
N VAL H 270 -165.59 -22.46 25.04
CA VAL H 270 -165.87 -22.03 23.68
C VAL H 270 -164.57 -22.05 22.89
N ILE H 271 -164.67 -22.33 21.59
CA ILE H 271 -163.54 -22.17 20.68
C ILE H 271 -164.04 -21.60 19.36
N ILE H 272 -163.15 -20.91 18.65
CA ILE H 272 -163.52 -20.05 17.54
C ILE H 272 -162.59 -20.33 16.37
N PHE H 273 -163.15 -20.50 15.18
CA PHE H 273 -162.40 -20.45 13.94
C PHE H 273 -163.13 -19.52 12.99
N ASP H 274 -162.53 -19.29 11.82
CA ASP H 274 -163.22 -18.52 10.79
C ASP H 274 -164.47 -19.26 10.30
N GLN H 275 -164.38 -20.58 10.20
CA GLN H 275 -165.49 -21.36 9.63
C GLN H 275 -166.64 -21.49 10.63
N GLY H 276 -166.35 -21.70 11.90
CA GLY H 276 -167.42 -21.89 12.84
C GLY H 276 -166.96 -21.82 14.28
N THR H 277 -167.93 -21.85 15.19
CA THR H 277 -167.67 -21.82 16.62
C THR H 277 -168.10 -23.13 17.25
N LEU H 278 -167.39 -23.54 18.29
CA LEU H 278 -167.66 -24.80 18.97
C LEU H 278 -167.94 -24.51 20.44
N PHE H 279 -169.07 -25.02 20.93
CA PHE H 279 -169.49 -24.85 22.32
C PHE H 279 -169.43 -26.18 23.05
N LEU H 280 -168.92 -26.15 24.27
CA LEU H 280 -168.84 -27.31 25.15
C LEU H 280 -169.93 -27.14 26.21
N VAL H 281 -171.11 -27.69 25.92
CA VAL H 281 -172.26 -27.58 26.82
C VAL H 281 -172.46 -28.93 27.48
N ASP H 282 -172.45 -28.93 28.81
CA ASP H 282 -172.65 -30.09 29.70
C ASP H 282 -171.91 -31.36 29.25
N GLY H 283 -170.73 -31.17 28.67
CA GLY H 283 -169.90 -32.30 28.29
C GLY H 283 -170.08 -32.79 26.87
N THR H 284 -170.84 -32.09 26.04
CA THR H 284 -171.01 -32.44 24.64
C THR H 284 -170.77 -31.21 23.78
N VAL H 285 -170.51 -31.44 22.49
CA VAL H 285 -169.99 -30.43 21.60
C VAL H 285 -171.02 -30.07 20.54
N TYR H 286 -171.29 -28.77 20.42
CA TYR H 286 -172.18 -28.23 19.41
C TYR H 286 -171.41 -27.30 18.48
N LEU H 287 -171.63 -27.47 17.17
CA LEU H 287 -171.02 -26.64 16.16
C LEU H 287 -172.05 -25.62 15.68
N ARG H 288 -171.70 -24.35 15.76
CA ARG H 288 -172.54 -23.27 15.25
C ARG H 288 -171.84 -22.63 14.07
N THR H 289 -172.53 -22.58 12.94
CA THR H 289 -172.05 -21.85 11.78
C THR H 289 -173.11 -20.83 11.39
N GLU H 290 -172.90 -20.17 10.25
CA GLU H 290 -173.90 -19.24 9.75
C GLU H 290 -175.19 -19.95 9.36
N ASP H 291 -175.12 -21.23 9.03
CA ASP H 291 -176.28 -22.00 8.60
C ASP H 291 -177.00 -22.68 9.76
N GLU H 292 -176.30 -23.57 10.48
CA GLU H 292 -176.98 -24.45 11.42
C GLU H 292 -176.20 -24.61 12.71
N PHE H 293 -176.85 -25.29 13.66
CA PHE H 293 -176.42 -25.48 15.03
C PHE H 293 -176.40 -26.96 15.37
N THR H 294 -175.75 -27.76 14.54
CA THR H 294 -175.71 -29.20 14.74
C THR H 294 -174.93 -29.58 15.98
N LYS H 295 -175.16 -30.80 16.46
CA LYS H 295 -174.45 -31.37 17.59
C LYS H 295 -173.62 -32.54 17.11
N LEU H 296 -172.34 -32.57 17.47
CA LEU H 296 -171.48 -33.63 16.97
C LEU H 296 -171.71 -34.92 17.75
N ASP H 297 -171.62 -36.05 17.05
CA ASP H 297 -172.03 -37.34 17.59
C ASP H 297 -171.04 -38.39 17.13
N GLU H 298 -171.41 -39.67 17.30
CA GLU H 298 -170.54 -40.77 16.90
C GLU H 298 -170.41 -40.88 15.38
N SER H 299 -171.31 -40.25 14.62
CA SER H 299 -171.16 -40.20 13.18
C SER H 299 -170.00 -39.31 12.75
N ARG H 300 -169.50 -38.45 13.64
CA ARG H 300 -168.36 -37.59 13.34
C ARG H 300 -167.16 -37.88 14.24
N GLY H 301 -167.11 -39.05 14.87
CA GLY H 301 -165.93 -39.45 15.61
C GLY H 301 -165.79 -38.88 17.00
N ILE H 302 -166.89 -38.55 17.68
CA ILE H 302 -166.84 -38.04 19.05
C ILE H 302 -167.80 -38.86 19.90
N SER H 303 -167.59 -38.79 21.21
CA SER H 303 -168.50 -39.38 22.17
C SER H 303 -169.26 -38.28 22.91
N GLU H 304 -170.43 -38.65 23.42
CA GLU H 304 -171.33 -37.71 24.07
C GLU H 304 -171.15 -37.76 25.59
N THR H 305 -171.35 -36.60 26.22
CA THR H 305 -171.33 -36.42 27.68
C THR H 305 -170.04 -36.92 28.31
N GLY H 306 -168.94 -36.90 27.56
CA GLY H 306 -167.67 -37.34 28.10
C GLY H 306 -166.56 -36.33 27.90
N ILE H 307 -166.78 -35.40 26.96
CA ILE H 307 -165.73 -34.46 26.56
C ILE H 307 -165.44 -33.51 27.70
N LEU H 308 -164.17 -33.40 28.08
CA LEU H 308 -163.76 -32.52 29.15
C LEU H 308 -163.15 -31.22 28.66
N GLY H 309 -162.52 -31.20 27.49
CA GLY H 309 -162.01 -29.93 27.01
C GLY H 309 -161.50 -30.02 25.59
N PHE H 310 -161.23 -28.84 25.02
CA PHE H 310 -160.57 -28.77 23.73
C PHE H 310 -159.62 -27.58 23.70
N SER H 311 -158.70 -27.62 22.76
CA SER H 311 -157.69 -26.58 22.60
C SER H 311 -157.27 -26.52 21.14
N LYS H 312 -156.62 -25.42 20.78
CA LYS H 312 -156.14 -25.17 19.43
C LYS H 312 -154.68 -24.72 19.48
N ARG H 313 -154.15 -24.37 18.32
CA ARG H 313 -152.85 -23.73 18.28
C ARG H 313 -152.95 -22.32 18.87
N ARG H 314 -151.82 -21.82 19.38
CA ARG H 314 -151.80 -20.51 19.99
C ARG H 314 -150.87 -19.51 19.31
N TRP H 315 -149.86 -19.97 18.58
CA TRP H 315 -148.95 -19.11 17.85
C TRP H 315 -149.18 -19.27 16.36
N CYS H 316 -148.90 -18.21 15.60
CA CYS H 316 -149.23 -18.15 14.18
C CYS H 316 -148.07 -18.67 13.35
N GLN H 317 -148.05 -19.97 13.10
CA GLN H 317 -147.09 -20.57 12.17
C GLN H 317 -147.73 -20.75 10.79
N ILE H 318 -148.26 -19.64 10.27
CA ILE H 318 -149.15 -19.72 9.13
C ILE H 318 -148.40 -20.07 7.83
N ARG H 319 -147.13 -19.65 7.70
CA ARG H 319 -146.38 -19.94 6.50
C ARG H 319 -146.15 -21.44 6.34
N TYR H 320 -145.64 -22.08 7.39
CA TYR H 320 -145.44 -23.53 7.35
C TYR H 320 -146.77 -24.26 7.25
N LEU H 321 -147.81 -23.78 7.95
CA LEU H 321 -149.10 -24.44 7.90
C LEU H 321 -149.68 -24.44 6.49
N TYR H 322 -149.54 -23.33 5.76
CA TYR H 322 -150.04 -23.29 4.40
C TYR H 322 -149.15 -24.07 3.44
N LYS H 323 -147.82 -23.97 3.60
CA LYS H 323 -146.92 -24.59 2.63
C LYS H 323 -146.73 -26.08 2.86
N LEU H 324 -147.26 -26.64 3.95
CA LEU H 324 -147.13 -28.09 4.16
C LEU H 324 -147.81 -28.90 3.06
N ALA H 325 -148.87 -28.34 2.45
CA ALA H 325 -149.61 -28.99 1.35
C ALA H 325 -150.14 -30.36 1.77
N SER H 326 -150.59 -30.45 3.02
CA SER H 326 -151.20 -31.66 3.56
C SER H 326 -152.08 -31.25 4.71
N LYS H 327 -153.36 -31.54 4.63
CA LYS H 327 -154.30 -31.06 5.65
C LYS H 327 -154.02 -31.75 6.97
N LYS H 328 -153.88 -30.95 8.02
CA LYS H 328 -153.53 -31.42 9.35
C LYS H 328 -154.65 -31.08 10.32
N SER H 329 -154.39 -31.33 11.60
CA SER H 329 -155.36 -31.04 12.63
C SER H 329 -155.32 -29.56 13.01
N ILE H 330 -156.48 -29.03 13.38
CA ILE H 330 -156.58 -27.67 13.90
C ILE H 330 -157.17 -27.63 15.29
N LEU H 331 -157.68 -28.75 15.80
CA LEU H 331 -158.24 -28.76 17.14
C LEU H 331 -157.81 -30.07 17.80
N ILE H 332 -157.73 -30.07 19.13
CA ILE H 332 -157.51 -31.30 19.88
C ILE H 332 -158.45 -31.30 21.07
N ALA H 333 -159.27 -32.34 21.19
CA ALA H 333 -160.21 -32.45 22.29
C ALA H 333 -159.91 -33.70 23.11
N TRP H 334 -160.13 -33.61 24.42
CA TRP H 334 -159.87 -34.75 25.28
C TRP H 334 -161.05 -34.96 26.21
N SER H 335 -161.29 -36.24 26.53
CA SER H 335 -162.46 -36.68 27.28
C SER H 335 -162.06 -37.59 28.44
N LYS H 336 -160.95 -37.25 29.12
CA LYS H 336 -160.50 -37.84 30.38
C LYS H 336 -159.96 -39.26 30.19
N THR H 337 -160.21 -39.86 29.04
CA THR H 337 -159.63 -41.16 28.72
C THR H 337 -159.20 -41.30 27.27
N THR H 338 -159.48 -40.31 26.42
CA THR H 338 -159.22 -40.43 25.00
C THR H 338 -159.07 -39.04 24.41
N VAL H 339 -158.11 -38.89 23.49
CA VAL H 339 -157.89 -37.64 22.76
C VAL H 339 -158.33 -37.83 21.31
N TYR H 340 -158.83 -36.75 20.73
CA TYR H 340 -159.30 -36.72 19.35
C TYR H 340 -158.68 -35.52 18.65
N ALA H 341 -158.25 -35.73 17.41
CA ALA H 341 -157.50 -34.73 16.64
C ALA H 341 -158.42 -34.17 15.56
N GLY H 342 -159.07 -33.05 15.87
CA GLY H 342 -160.00 -32.44 14.95
C GLY H 342 -159.30 -31.84 13.75
N TYR H 343 -159.50 -32.44 12.58
CA TYR H 343 -159.10 -31.87 11.30
C TYR H 343 -160.06 -30.75 10.91
N ALA H 344 -159.91 -30.24 9.70
CA ALA H 344 -160.88 -29.31 9.16
C ALA H 344 -162.18 -30.04 8.83
N THR H 345 -163.20 -29.27 8.44
CA THR H 345 -164.57 -29.70 8.17
C THR H 345 -165.26 -30.28 9.40
N PHE H 346 -164.59 -30.26 10.56
CA PHE H 346 -165.16 -30.66 11.84
C PHE H 346 -165.64 -32.12 11.83
N ARG H 347 -164.75 -33.00 11.39
CA ARG H 347 -164.90 -34.43 11.57
C ARG H 347 -163.52 -35.01 11.85
N PHE H 348 -163.43 -35.84 12.88
CA PHE H 348 -162.13 -36.24 13.37
C PHE H 348 -162.10 -37.73 13.67
N VAL H 349 -160.89 -38.28 13.64
CA VAL H 349 -160.64 -39.63 14.09
C VAL H 349 -160.11 -39.57 15.50
N THR H 350 -160.33 -40.64 16.25
CA THR H 350 -159.74 -40.75 17.58
C THR H 350 -158.23 -40.87 17.47
N LEU H 351 -157.52 -40.40 18.50
CA LEU H 351 -156.07 -40.42 18.48
C LEU H 351 -155.49 -41.51 19.37
N THR H 352 -155.83 -41.51 20.66
CA THR H 352 -155.22 -42.44 21.59
C THR H 352 -156.05 -42.50 22.86
N ASP H 353 -156.46 -43.71 23.25
CA ASP H 353 -157.05 -43.96 24.55
C ASP H 353 -155.97 -44.31 25.55
N THR H 354 -156.32 -44.24 26.83
CA THR H 354 -155.30 -44.34 27.89
C THR H 354 -154.65 -45.71 27.97
N ALA H 355 -155.26 -46.75 27.38
CA ALA H 355 -154.67 -48.09 27.45
C ALA H 355 -153.35 -48.16 26.69
N LYS H 356 -153.26 -47.51 25.53
CA LYS H 356 -152.02 -47.58 24.75
C LYS H 356 -150.90 -46.79 25.42
N LEU H 357 -151.23 -45.63 26.01
CA LEU H 357 -150.24 -44.91 26.79
C LEU H 357 -149.83 -45.70 28.03
N LYS H 358 -150.76 -46.45 28.61
CA LYS H 358 -150.44 -47.34 29.72
C LYS H 358 -149.45 -48.42 29.28
N ASP H 359 -149.63 -48.95 28.07
CA ASP H 359 -148.69 -49.93 27.53
C ASP H 359 -147.34 -49.29 27.22
N PHE H 360 -147.35 -48.04 26.75
CA PHE H 360 -146.10 -47.31 26.50
C PHE H 360 -145.31 -47.10 27.78
N LEU H 361 -145.96 -46.58 28.81
CA LEU H 361 -145.29 -46.20 30.06
C LEU H 361 -144.85 -47.39 30.89
N LYS H 362 -145.04 -48.62 30.40
CA LYS H 362 -144.70 -49.84 31.14
C LYS H 362 -145.43 -49.88 32.48
N LEU H 363 -146.64 -49.33 32.50
CA LEU H 363 -147.41 -49.27 33.72
C LEU H 363 -147.85 -50.67 34.14
N PRO H 364 -148.03 -50.91 35.45
CA PRO H 364 -148.39 -52.26 35.91
C PRO H 364 -149.86 -52.60 35.71
N GLN H 365 -150.57 -51.81 34.89
CA GLN H 365 -151.98 -52.00 34.53
C GLN H 365 -152.88 -51.75 35.74
N THR H 366 -154.17 -51.50 35.46
CA THR H 366 -155.18 -51.25 36.48
C THR H 366 -154.80 -50.08 37.40
N ASP H 367 -154.15 -49.08 36.82
CA ASP H 367 -153.79 -47.86 37.52
C ASP H 367 -154.63 -46.70 37.03
N THR H 368 -155.10 -45.88 37.97
CA THR H 368 -155.91 -44.71 37.63
C THR H 368 -154.97 -43.69 37.00
N LEU H 369 -155.02 -43.65 35.67
CA LEU H 369 -154.29 -42.72 34.83
C LEU H 369 -155.29 -42.01 33.92
N GLU H 370 -155.25 -40.68 33.92
CA GLU H 370 -156.19 -39.89 33.15
C GLU H 370 -155.47 -38.74 32.45
N VAL H 371 -156.03 -38.29 31.35
CA VAL H 371 -155.56 -37.08 30.69
C VAL H 371 -156.31 -35.91 31.30
N MET H 372 -155.66 -34.74 31.31
CA MET H 372 -156.31 -33.54 31.82
C MET H 372 -156.09 -32.29 30.97
N SER H 373 -155.04 -32.24 30.15
CA SER H 373 -154.81 -31.06 29.33
C SER H 373 -153.87 -31.42 28.19
N VAL H 374 -154.29 -31.10 26.96
CA VAL H 374 -153.49 -31.29 25.76
C VAL H 374 -153.29 -29.94 25.11
N GLU H 375 -152.04 -29.64 24.73
CA GLU H 375 -151.73 -28.35 24.13
C GLU H 375 -150.73 -28.52 22.99
N TYR H 376 -150.92 -27.71 21.96
CA TYR H 376 -150.00 -27.67 20.82
C TYR H 376 -148.76 -26.89 21.25
N LEU H 377 -147.58 -27.46 21.00
CA LEU H 377 -146.36 -26.76 21.32
C LEU H 377 -145.80 -26.09 20.07
N TRP H 378 -144.68 -25.39 20.21
CA TRP H 378 -144.23 -24.50 19.14
C TRP H 378 -143.75 -25.24 17.91
N HIS H 379 -143.28 -26.47 18.05
CA HIS H 379 -143.04 -27.30 16.88
C HIS H 379 -144.37 -27.51 16.16
N PRO H 380 -144.46 -27.19 14.87
CA PRO H 380 -145.77 -27.09 14.22
C PRO H 380 -146.52 -28.41 14.11
N LEU H 381 -145.86 -29.54 14.35
CA LEU H 381 -146.48 -30.85 14.21
C LEU H 381 -146.23 -31.69 15.45
N GLU H 382 -146.48 -31.11 16.62
CA GLU H 382 -146.27 -31.81 17.89
C GLU H 382 -147.33 -31.37 18.88
N ALA H 383 -147.59 -32.23 19.86
CA ALA H 383 -148.54 -31.94 20.93
C ALA H 383 -147.98 -32.45 22.25
N ALA H 384 -148.49 -31.90 23.34
CA ALA H 384 -148.07 -32.30 24.68
C ALA H 384 -149.30 -32.58 25.52
N VAL H 385 -149.34 -33.75 26.13
CA VAL H 385 -150.50 -34.22 26.87
C VAL H 385 -150.09 -34.50 28.31
N LEU H 386 -150.85 -33.95 29.26
CA LEU H 386 -150.62 -34.20 30.67
C LEU H 386 -151.22 -35.54 31.05
N LEU H 387 -150.75 -36.09 32.17
CA LEU H 387 -151.24 -37.38 32.66
C LEU H 387 -151.24 -37.37 34.18
N SER H 388 -152.35 -37.78 34.76
CA SER H 388 -152.53 -37.91 36.20
C SER H 388 -152.49 -39.39 36.56
N HIS H 389 -151.77 -39.72 37.62
CA HIS H 389 -151.36 -41.07 37.96
C HIS H 389 -151.47 -41.23 39.46
N CYS H 390 -152.32 -42.16 39.94
CA CYS H 390 -152.52 -42.15 41.38
C CYS H 390 -151.32 -42.74 42.11
N SER H 391 -150.65 -43.73 41.47
CA SER H 391 -149.57 -44.51 42.09
C SER H 391 -150.07 -45.25 43.33
N VAL H 392 -150.83 -46.33 43.03
CA VAL H 392 -151.44 -47.33 43.93
C VAL H 392 -152.56 -46.68 44.73
N CYS H 393 -153.00 -45.51 44.24
CA CYS H 393 -154.20 -44.80 44.69
C CYS H 393 -154.40 -44.77 46.20
N THR H 394 -155.65 -44.89 46.65
CA THR H 394 -156.03 -44.99 48.06
C THR H 394 -155.55 -43.79 48.87
N THR H 395 -155.38 -42.65 48.21
CA THR H 395 -154.96 -41.42 48.86
C THR H 395 -155.49 -40.25 48.04
N ASN H 396 -154.98 -39.05 48.29
CA ASN H 396 -155.35 -37.87 47.52
C ASN H 396 -154.16 -37.27 46.78
N THR H 397 -152.98 -37.86 46.89
CA THR H 397 -151.81 -37.41 46.15
C THR H 397 -151.83 -38.01 44.76
N ARG H 398 -151.71 -37.16 43.74
CA ARG H 398 -151.70 -37.61 42.35
C ARG H 398 -150.47 -37.06 41.65
N ASN H 399 -149.83 -37.89 40.83
CA ASN H 399 -148.63 -37.54 40.09
C ASN H 399 -148.98 -37.02 38.70
N ILE H 400 -148.19 -36.04 38.25
CA ILE H 400 -148.41 -35.35 36.99
C ILE H 400 -147.21 -35.59 36.10
N ARG H 401 -147.45 -36.10 34.89
CA ARG H 401 -146.39 -36.32 33.92
C ARG H 401 -146.78 -35.75 32.56
N ILE H 402 -145.76 -35.55 31.72
CA ILE H 402 -145.93 -34.98 30.38
C ILE H 402 -145.53 -36.04 29.37
N VAL H 403 -146.34 -36.20 28.32
CA VAL H 403 -145.95 -36.99 27.17
C VAL H 403 -146.00 -36.11 25.93
N ILE H 404 -144.94 -36.14 25.13
CA ILE H 404 -144.85 -35.36 23.91
C ILE H 404 -145.05 -36.28 22.71
N TYR H 405 -146.02 -35.95 21.87
CA TYR H 405 -146.36 -36.73 20.69
C TYR H 405 -145.94 -35.95 19.45
N SER H 406 -145.32 -36.64 18.49
CA SER H 406 -144.82 -36.03 17.27
C SER H 406 -145.57 -36.60 16.08
N ALA H 407 -146.25 -35.72 15.34
CA ALA H 407 -147.07 -36.16 14.22
C ALA H 407 -146.25 -36.67 13.04
N ILE H 408 -145.03 -36.14 12.83
CA ILE H 408 -144.22 -36.58 11.70
C ILE H 408 -143.79 -38.02 11.91
N PHE H 409 -143.37 -38.36 13.12
CA PHE H 409 -142.83 -39.67 13.43
C PHE H 409 -143.85 -40.62 14.03
N GLN H 410 -145.01 -40.09 14.45
CA GLN H 410 -146.08 -40.87 15.05
C GLN H 410 -145.59 -41.65 16.27
N THR H 411 -144.89 -40.95 17.16
CA THR H 411 -144.25 -41.55 18.32
C THR H 411 -144.51 -40.70 19.55
N TRP H 412 -144.41 -41.34 20.71
CA TRP H 412 -144.56 -40.70 22.01
C TRP H 412 -143.22 -40.65 22.72
N THR H 413 -143.12 -39.77 23.71
CA THR H 413 -141.90 -39.63 24.48
C THR H 413 -142.24 -39.12 25.88
N LEU H 414 -141.73 -39.81 26.90
CA LEU H 414 -141.94 -39.43 28.29
C LEU H 414 -140.90 -38.37 28.66
N GLN H 415 -141.34 -37.31 29.32
CA GLN H 415 -140.45 -36.26 29.77
C GLN H 415 -140.32 -36.28 31.29
N ASP H 416 -139.63 -35.30 31.85
CA ASP H 416 -139.20 -35.31 33.25
C ASP H 416 -139.98 -34.28 34.06
N PHE H 417 -141.05 -34.73 34.70
CA PHE H 417 -141.76 -33.97 35.72
C PHE H 417 -141.83 -34.78 37.01
N GLU H 418 -141.63 -34.09 38.12
CA GLU H 418 -141.69 -34.71 39.45
C GLU H 418 -142.62 -33.90 40.34
N LEU H 419 -143.78 -33.53 39.80
CA LEU H 419 -144.75 -32.71 40.51
C LEU H 419 -145.82 -33.60 41.13
N GLN H 420 -146.12 -33.37 42.41
CA GLN H 420 -147.15 -34.11 43.13
C GLN H 420 -148.19 -33.13 43.63
N LEU H 421 -149.46 -33.46 43.39
CA LEU H 421 -150.55 -32.52 43.62
C LEU H 421 -151.73 -33.22 44.25
N PRO H 422 -152.55 -32.50 45.01
CA PRO H 422 -153.76 -33.10 45.59
C PRO H 422 -154.81 -33.40 44.51
N LYS H 423 -155.73 -34.29 44.87
CA LYS H 423 -156.75 -34.75 43.94
C LYS H 423 -157.73 -33.64 43.55
N GLU H 424 -157.86 -32.61 44.39
CA GLU H 424 -158.87 -31.59 44.15
C GLU H 424 -158.48 -30.67 42.99
N ALA H 425 -157.19 -30.43 42.79
CA ALA H 425 -156.76 -29.38 41.87
C ALA H 425 -157.06 -29.73 40.42
N ILE H 426 -157.31 -28.70 39.62
CA ILE H 426 -157.44 -28.81 38.18
C ILE H 426 -156.28 -28.02 37.55
N LEU H 427 -155.71 -28.56 36.48
CA LEU H 427 -154.44 -28.07 35.96
C LEU H 427 -154.63 -27.50 34.55
N GLU H 428 -154.12 -26.29 34.33
CA GLU H 428 -154.10 -25.72 32.99
C GLU H 428 -152.70 -25.20 32.71
N PHE H 429 -152.16 -25.55 31.55
CA PHE H 429 -150.78 -25.24 31.22
C PHE H 429 -150.66 -24.68 29.82
N ARG H 430 -149.70 -23.78 29.66
CA ARG H 430 -149.40 -23.16 28.37
C ARG H 430 -147.90 -23.25 28.12
N PHE H 431 -147.53 -23.19 26.85
CA PHE H 431 -146.15 -23.20 26.41
C PHE H 431 -145.71 -21.76 26.17
N LEU H 432 -144.41 -21.51 26.29
CA LEU H 432 -143.90 -20.19 26.02
C LEU H 432 -143.36 -20.11 24.59
N TYR H 433 -143.00 -18.90 24.18
CA TYR H 433 -142.53 -18.64 22.82
C TYR H 433 -141.04 -18.96 22.75
N SER H 434 -140.74 -20.26 22.69
CA SER H 434 -139.36 -20.72 22.61
C SER H 434 -139.32 -22.00 21.80
N ALA H 435 -138.16 -22.25 21.19
CA ALA H 435 -137.98 -23.50 20.45
C ALA H 435 -138.06 -24.69 21.40
N MET H 436 -137.54 -24.52 22.55
CA MET H 436 -137.34 -25.60 23.46
C MET H 436 -138.55 -25.59 24.39
N PRO H 437 -139.06 -26.75 24.82
CA PRO H 437 -140.33 -26.75 25.57
C PRO H 437 -140.19 -26.12 26.95
N ASP H 438 -140.83 -24.96 27.16
CA ASP H 438 -140.79 -24.24 28.42
C ASP H 438 -142.22 -23.91 28.83
N ILE H 439 -142.71 -24.53 29.90
CA ILE H 439 -144.13 -24.50 30.19
C ILE H 439 -144.41 -23.77 31.49
N ILE H 440 -145.61 -23.18 31.55
CA ILE H 440 -146.12 -22.50 32.73
C ILE H 440 -147.52 -23.07 32.99
N MET H 441 -147.74 -23.61 34.19
CA MET H 441 -149.02 -24.21 34.52
C MET H 441 -149.56 -23.59 35.79
N TRP H 442 -150.86 -23.74 36.01
CA TRP H 442 -151.47 -23.23 37.23
C TRP H 442 -152.62 -24.15 37.65
N ASP H 443 -152.90 -24.13 38.95
CA ASP H 443 -153.91 -24.98 39.55
C ASP H 443 -154.84 -24.20 40.48
N GLN H 444 -155.24 -23.00 40.04
CA GLN H 444 -156.19 -22.10 40.66
C GLN H 444 -155.76 -21.58 42.03
N HIS H 445 -154.61 -22.01 42.54
CA HIS H 445 -154.06 -21.46 43.78
C HIS H 445 -152.58 -21.18 43.65
N HIS H 446 -151.92 -21.86 42.71
CA HIS H 446 -150.49 -21.73 42.51
C HIS H 446 -150.15 -21.81 41.03
N VAL H 447 -148.94 -21.35 40.70
CA VAL H 447 -148.40 -21.37 39.35
C VAL H 447 -147.04 -22.07 39.40
N TYR H 448 -146.93 -23.18 38.69
CA TYR H 448 -145.71 -23.96 38.58
C TYR H 448 -145.05 -23.69 37.24
N TYR H 449 -143.73 -23.85 37.21
CA TYR H 449 -142.96 -23.49 36.02
C TYR H 449 -141.93 -24.57 35.72
N SER H 450 -141.68 -24.76 34.42
CA SER H 450 -140.63 -25.65 33.95
C SER H 450 -139.89 -24.93 32.83
N TYR H 451 -138.67 -24.49 33.13
CA TYR H 451 -137.82 -23.74 32.21
C TYR H 451 -136.62 -24.59 31.80
N LYS H 452 -136.17 -24.37 30.57
CA LYS H 452 -134.91 -24.90 30.04
C LYS H 452 -134.90 -26.43 30.05
N ASN H 453 -135.87 -27.01 29.35
CA ASN H 453 -135.92 -28.43 28.97
C ASN H 453 -136.13 -29.30 30.21
N PHE H 454 -137.17 -28.94 30.97
CA PHE H 454 -137.60 -29.73 32.12
C PHE H 454 -136.49 -29.81 33.15
N THR H 455 -135.60 -28.81 33.17
CA THR H 455 -134.51 -28.78 34.13
C THR H 455 -134.82 -27.90 35.33
N VAL H 456 -135.19 -26.64 35.09
CA VAL H 456 -135.53 -25.72 36.17
C VAL H 456 -137.03 -25.87 36.39
N VAL H 457 -137.40 -26.79 37.29
CA VAL H 457 -138.79 -27.07 37.61
C VAL H 457 -139.06 -26.62 39.04
N GLY H 458 -140.19 -25.95 39.25
CA GLY H 458 -140.52 -25.50 40.59
C GLY H 458 -141.84 -24.75 40.62
N THR H 459 -142.03 -24.01 41.71
CA THR H 459 -143.22 -23.20 41.91
C THR H 459 -142.83 -21.73 41.95
N ILE H 460 -143.55 -20.91 41.18
CA ILE H 460 -143.27 -19.48 41.13
C ILE H 460 -143.58 -18.87 42.48
N SER H 461 -142.63 -18.13 43.03
CA SER H 461 -142.75 -17.58 44.37
C SER H 461 -142.62 -16.06 44.33
N THR H 462 -143.37 -15.40 45.21
CA THR H 462 -143.32 -13.97 45.38
C THR H 462 -141.98 -13.59 46.02
N PRO H 463 -141.62 -12.30 46.03
CA PRO H 463 -140.43 -11.88 46.77
C PRO H 463 -140.47 -12.26 48.24
N SER H 464 -141.65 -12.26 48.86
CA SER H 464 -141.77 -12.82 50.20
C SER H 464 -141.69 -14.35 50.18
N GLY H 465 -142.04 -14.96 49.05
CA GLY H 465 -142.05 -16.42 48.94
C GLY H 465 -143.28 -17.08 49.48
N GLU H 466 -144.41 -16.38 49.57
CA GLU H 466 -145.61 -16.95 50.18
C GLU H 466 -146.17 -18.10 49.35
N THR H 467 -146.01 -18.04 48.03
CA THR H 467 -146.23 -19.16 47.10
C THR H 467 -147.70 -19.59 47.04
N ASN H 468 -148.57 -18.91 47.78
CA ASN H 468 -150.01 -19.13 47.72
C ASN H 468 -150.64 -17.80 47.34
N LEU H 469 -150.88 -17.61 46.04
CA LEU H 469 -151.37 -16.34 45.52
C LEU H 469 -152.77 -15.99 46.01
N SER H 470 -153.54 -16.98 46.48
CA SER H 470 -154.82 -16.68 47.10
C SER H 470 -154.65 -15.90 48.39
N SER H 471 -153.58 -16.14 49.14
CA SER H 471 -153.35 -15.39 50.38
C SER H 471 -153.04 -13.94 50.12
N LEU H 472 -152.63 -13.58 48.91
CA LEU H 472 -152.38 -12.19 48.55
C LEU H 472 -153.55 -11.57 47.78
N SER H 473 -154.33 -12.37 47.06
CA SER H 473 -155.52 -11.88 46.39
C SER H 473 -156.76 -12.13 47.24
N GLN H 474 -156.55 -12.37 48.55
CA GLN H 474 -157.62 -12.56 49.53
C GLN H 474 -158.49 -13.76 49.18
N GLY H 475 -157.85 -14.92 49.00
CA GLY H 475 -158.56 -16.17 48.79
C GLY H 475 -159.37 -16.23 47.50
N SER H 476 -158.78 -15.79 46.40
CA SER H 476 -159.46 -15.75 45.11
C SER H 476 -158.73 -16.63 44.11
N LYS H 477 -159.52 -17.37 43.34
CA LYS H 477 -158.97 -18.33 42.38
C LYS H 477 -158.36 -17.63 41.18
N ILE H 478 -157.39 -18.29 40.56
CA ILE H 478 -156.75 -17.76 39.37
C ILE H 478 -157.72 -17.81 38.20
N HIS H 479 -157.91 -16.68 37.54
CA HIS H 479 -158.90 -16.55 36.48
C HIS H 479 -158.32 -16.62 35.08
N GLN H 480 -157.28 -15.84 34.79
CA GLN H 480 -156.74 -15.76 33.44
C GLN H 480 -155.23 -15.73 33.48
N VAL H 481 -154.61 -16.24 32.40
CA VAL H 481 -153.18 -16.17 32.18
C VAL H 481 -152.97 -15.78 30.72
N LEU H 482 -152.21 -14.71 30.49
CA LEU H 482 -151.97 -14.21 29.14
C LEU H 482 -150.49 -14.24 28.82
N THR H 483 -150.13 -14.95 27.77
CA THR H 483 -148.75 -15.00 27.28
C THR H 483 -148.66 -14.24 25.98
N ASP H 484 -147.43 -13.84 25.62
CA ASP H 484 -147.23 -13.05 24.42
C ASP H 484 -145.84 -13.32 23.86
N ARG H 485 -145.54 -12.66 22.74
CA ARG H 485 -144.35 -12.98 21.97
C ARG H 485 -143.07 -12.49 22.65
N ILE H 486 -143.16 -11.38 23.39
CA ILE H 486 -141.97 -10.85 24.05
C ILE H 486 -141.51 -11.74 25.19
N GLY H 487 -142.46 -12.29 25.95
CA GLY H 487 -142.11 -13.18 27.04
C GLY H 487 -142.50 -12.67 28.42
N ASN H 488 -143.61 -11.95 28.50
CA ASN H 488 -144.10 -11.44 29.77
C ASN H 488 -145.53 -11.89 30.03
N VAL H 489 -145.70 -12.74 31.03
CA VAL H 489 -146.98 -13.34 31.37
C VAL H 489 -147.65 -12.48 32.44
N VAL H 490 -148.95 -12.25 32.30
CA VAL H 490 -149.73 -11.49 33.27
C VAL H 490 -150.77 -12.43 33.87
N VAL H 491 -150.81 -12.51 35.20
CA VAL H 491 -151.78 -13.31 35.91
C VAL H 491 -152.81 -12.36 36.50
N LYS H 492 -154.08 -12.61 36.23
CA LYS H 492 -155.18 -11.80 36.75
C LYS H 492 -156.17 -12.72 37.45
N MET H 493 -156.47 -12.42 38.72
CA MET H 493 -157.39 -13.25 39.47
C MET H 493 -158.82 -12.74 39.29
N GLU H 494 -159.78 -13.52 39.79
CA GLU H 494 -161.17 -13.08 39.78
C GLU H 494 -161.43 -11.96 40.78
N ASN H 495 -160.53 -11.78 41.75
CA ASN H 495 -160.51 -10.57 42.57
C ASN H 495 -160.10 -9.35 41.76
N ASN H 496 -159.60 -9.57 40.53
CA ASN H 496 -159.14 -8.52 39.61
C ASN H 496 -157.93 -7.80 40.18
N VAL H 497 -156.96 -8.58 40.64
CA VAL H 497 -155.61 -8.10 40.94
C VAL H 497 -154.65 -8.90 40.08
N MET H 498 -153.49 -8.29 39.81
CA MET H 498 -152.58 -8.79 38.78
C MET H 498 -151.18 -9.02 39.35
N PHE H 499 -150.65 -10.19 39.07
CA PHE H 499 -149.23 -10.46 39.20
C PHE H 499 -148.59 -10.50 37.82
N TYR H 500 -147.27 -10.32 37.79
CA TYR H 500 -146.51 -10.26 36.57
C TYR H 500 -145.36 -11.25 36.67
N ILE H 501 -145.11 -11.96 35.58
CA ILE H 501 -144.05 -12.96 35.49
C ILE H 501 -143.26 -12.68 34.22
N LYS H 502 -141.95 -12.84 34.29
CA LYS H 502 -141.09 -12.83 33.11
C LYS H 502 -140.73 -14.26 32.78
N ALA H 503 -140.61 -14.56 31.48
CA ALA H 503 -140.17 -15.89 31.07
C ALA H 503 -138.74 -16.13 31.55
N ASP H 504 -138.49 -17.36 32.00
CA ASP H 504 -137.20 -17.80 32.52
C ASP H 504 -136.75 -17.02 33.75
N ILE H 505 -137.70 -16.43 34.48
CA ILE H 505 -137.43 -15.74 35.73
C ILE H 505 -138.45 -16.20 36.76
N THR H 506 -137.97 -16.61 37.94
CA THR H 506 -138.84 -17.26 38.91
C THR H 506 -139.70 -16.24 39.65
N GLU H 507 -139.09 -15.18 40.17
CA GLU H 507 -139.80 -14.30 41.10
C GLU H 507 -140.78 -13.39 40.37
N ALA H 508 -142.03 -13.45 40.80
CA ALA H 508 -143.10 -12.65 40.24
C ALA H 508 -143.16 -11.29 40.93
N VAL H 509 -144.03 -10.42 40.41
CA VAL H 509 -144.18 -9.06 40.93
C VAL H 509 -145.66 -8.76 41.07
N ILE H 510 -146.07 -8.28 42.24
CA ILE H 510 -147.46 -7.90 42.45
C ILE H 510 -147.67 -6.47 41.95
N LEU H 511 -148.51 -6.30 40.94
CA LEU H 511 -148.68 -4.98 40.34
C LEU H 511 -149.58 -4.11 41.22
N HIS H 512 -149.51 -2.80 40.98
CA HIS H 512 -150.37 -1.86 41.69
C HIS H 512 -151.82 -2.04 41.25
N THR H 513 -152.73 -1.71 42.15
CA THR H 513 -154.16 -1.87 41.88
C THR H 513 -154.60 -0.90 40.79
N TRP H 514 -155.44 -1.39 39.89
CA TRP H 514 -155.85 -0.59 38.75
C TRP H 514 -157.37 -0.66 38.54
N VAL H 515 -157.99 -1.73 39.02
CA VAL H 515 -159.40 -1.99 38.76
C VAL H 515 -160.05 -2.47 40.06
N ASN H 516 -161.36 -2.25 40.16
CA ASN H 516 -162.12 -2.51 41.37
C ASN H 516 -162.19 -3.99 41.72
N THR H 517 -162.80 -4.30 42.86
CA THR H 517 -163.02 -5.69 43.26
C THR H 517 -164.36 -6.22 42.77
N THR H 518 -165.33 -5.34 42.55
CA THR H 518 -166.66 -5.75 42.10
C THR H 518 -166.80 -5.79 40.59
N ALA H 519 -165.75 -5.48 39.85
CA ALA H 519 -165.85 -5.31 38.40
C ALA H 519 -165.78 -6.65 37.68
N LYS H 520 -166.69 -6.84 36.72
CA LYS H 520 -166.65 -7.98 35.81
C LYS H 520 -165.75 -7.62 34.65
N THR H 521 -164.53 -8.17 34.64
CA THR H 521 -163.50 -7.74 33.71
C THR H 521 -162.83 -8.93 33.05
N VAL H 522 -162.25 -8.66 31.89
CA VAL H 522 -161.39 -9.60 31.18
C VAL H 522 -160.22 -8.80 30.62
N VAL H 523 -159.14 -9.50 30.28
CA VAL H 523 -157.98 -8.87 29.66
C VAL H 523 -157.79 -9.46 28.27
N LEU H 524 -157.40 -8.63 27.32
CA LEU H 524 -157.23 -9.09 25.95
C LEU H 524 -156.20 -8.21 25.26
N PHE H 525 -155.89 -8.56 24.01
CA PHE H 525 -154.95 -7.81 23.19
C PHE H 525 -155.70 -6.84 22.28
N ASP H 526 -154.97 -5.82 21.84
CA ASP H 526 -155.46 -4.90 20.83
C ASP H 526 -155.09 -5.45 19.46
N LYS H 527 -155.14 -4.59 18.43
CA LYS H 527 -154.61 -4.98 17.12
C LYS H 527 -153.14 -5.36 17.21
N SER H 528 -152.35 -4.57 17.94
CA SER H 528 -150.99 -4.96 18.30
C SER H 528 -151.05 -5.85 19.54
N PHE H 529 -149.91 -6.07 20.19
CA PHE H 529 -149.86 -6.98 21.33
C PHE H 529 -149.76 -6.26 22.67
N GLU H 530 -150.48 -5.16 22.84
CA GLU H 530 -150.57 -4.49 24.13
C GLU H 530 -151.74 -5.06 24.93
N VAL H 531 -151.82 -4.66 26.19
CA VAL H 531 -152.84 -5.19 27.09
C VAL H 531 -153.99 -4.20 27.25
N CYS H 532 -155.21 -4.70 27.16
CA CYS H 532 -156.39 -3.88 27.31
C CYS H 532 -157.36 -4.60 28.22
N ILE H 533 -157.98 -3.87 29.12
CA ILE H 533 -159.01 -4.42 30.00
C ILE H 533 -160.36 -4.17 29.35
N LEU H 534 -161.29 -5.09 29.60
CA LEU H 534 -162.65 -5.01 29.07
C LEU H 534 -163.60 -5.22 30.24
N TYR H 535 -164.41 -4.20 30.52
CA TYR H 535 -165.44 -4.27 31.55
C TYR H 535 -166.76 -4.64 30.88
N TYR H 536 -167.44 -5.63 31.44
CA TYR H 536 -168.77 -6.02 30.98
C TYR H 536 -169.76 -5.72 32.08
N ASN H 537 -170.84 -5.03 31.73
CA ASN H 537 -171.87 -4.72 32.71
C ASN H 537 -173.20 -4.58 31.98
N GLU H 538 -174.20 -5.32 32.45
CA GLU H 538 -175.55 -5.22 31.91
C GLU H 538 -176.23 -4.00 32.52
N ASN H 539 -177.56 -3.94 32.38
CA ASN H 539 -178.41 -2.85 32.91
C ASN H 539 -177.91 -1.47 32.51
N LEU H 540 -177.28 -1.39 31.35
CA LEU H 540 -176.85 -0.11 30.78
C LEU H 540 -177.58 0.12 29.46
N ASP H 541 -177.19 1.17 28.73
CA ASP H 541 -177.95 1.63 27.58
C ASP H 541 -177.57 0.90 26.29
N GLU H 542 -177.03 -0.31 26.39
CA GLU H 542 -176.78 -1.24 25.27
C GLU H 542 -175.65 -0.73 24.38
N LYS H 543 -175.16 0.48 24.63
CA LYS H 543 -173.98 1.01 23.96
C LYS H 543 -172.73 0.82 24.81
N TYR H 544 -172.87 0.72 26.13
CA TYR H 544 -171.74 0.60 27.04
C TYR H 544 -171.75 -0.73 27.80
N GLN H 545 -172.32 -1.78 27.22
CA GLN H 545 -172.25 -3.09 27.85
C GLN H 545 -170.85 -3.69 27.82
N LEU H 546 -169.97 -3.20 26.96
CA LEU H 546 -168.60 -3.69 26.85
C LEU H 546 -167.71 -2.48 26.61
N GLN H 547 -166.91 -2.12 27.61
CA GLN H 547 -166.05 -0.94 27.51
C GLN H 547 -164.60 -1.36 27.68
N THR H 548 -163.73 -0.88 26.80
CA THR H 548 -162.33 -1.27 26.78
C THR H 548 -161.44 -0.09 27.16
N GLN H 549 -160.36 -0.38 27.90
CA GLN H 549 -159.44 0.64 28.37
C GLN H 549 -158.02 0.09 28.29
N PRO H 550 -157.06 0.82 27.73
CA PRO H 550 -155.69 0.31 27.64
C PRO H 550 -155.01 0.27 28.99
N TYR H 551 -153.93 -0.53 29.07
CA TYR H 551 -153.20 -0.73 30.31
C TYR H 551 -151.71 -0.47 30.06
N PRO H 552 -151.14 0.56 30.70
CA PRO H 552 -149.71 0.90 30.49
C PRO H 552 -148.78 -0.03 31.27
N LEU H 553 -148.59 -1.22 30.70
CA LEU H 553 -147.85 -2.28 31.39
C LEU H 553 -146.39 -1.91 31.62
N ILE H 554 -145.75 -1.31 30.62
CA ILE H 554 -144.34 -0.98 30.75
C ILE H 554 -144.14 0.12 31.79
N LEU H 555 -145.05 1.09 31.83
CA LEU H 555 -144.92 2.16 32.82
C LEU H 555 -145.15 1.64 34.24
N GLU H 556 -146.14 0.76 34.43
CA GLU H 556 -146.35 0.18 35.76
C GLU H 556 -145.15 -0.65 36.19
N LEU H 557 -144.61 -1.46 35.28
CA LEU H 557 -143.45 -2.27 35.59
C LEU H 557 -142.24 -1.40 35.91
N GLN H 558 -142.08 -0.29 35.18
CA GLN H 558 -140.96 0.60 35.44
C GLN H 558 -141.10 1.31 36.78
N SER H 559 -142.32 1.68 37.17
CA SER H 559 -142.51 2.27 38.50
C SER H 559 -142.15 1.29 39.60
N ILE H 560 -142.62 0.04 39.48
CA ILE H 560 -142.32 -0.95 40.51
C ILE H 560 -140.83 -1.28 40.53
N ASN H 561 -140.19 -1.32 39.35
CA ASN H 561 -138.76 -1.59 39.30
C ASN H 561 -137.96 -0.41 39.87
N LYS H 562 -138.45 0.81 39.69
CA LYS H 562 -137.82 1.95 40.33
C LYS H 562 -137.91 1.82 41.84
N ASP H 563 -139.03 1.30 42.34
CA ASP H 563 -139.13 0.99 43.77
C ASP H 563 -138.13 -0.09 44.18
N LEU H 564 -137.93 -1.10 43.34
CA LEU H 564 -137.18 -2.30 43.75
C LEU H 564 -135.67 -2.13 43.58
N GLY H 565 -135.20 -1.91 42.35
CA GLY H 565 -133.79 -1.67 42.14
C GLY H 565 -133.03 -2.66 41.28
N ASP H 566 -133.69 -3.25 40.29
CA ASP H 566 -133.02 -4.15 39.35
C ASP H 566 -132.51 -3.36 38.15
N TRP H 567 -131.67 -4.02 37.34
CA TRP H 567 -131.12 -3.41 36.14
C TRP H 567 -130.72 -4.50 35.16
N CYS H 568 -130.74 -4.15 33.88
CA CYS H 568 -130.39 -5.10 32.83
C CYS H 568 -128.88 -5.25 32.73
N PRO H 569 -128.35 -6.48 32.78
CA PRO H 569 -126.89 -6.67 32.78
C PRO H 569 -126.19 -6.15 31.53
N TYR H 570 -126.78 -6.27 30.36
CA TYR H 570 -126.14 -5.85 29.12
C TYR H 570 -126.69 -4.51 28.67
N LEU H 571 -125.94 -3.83 27.81
CA LEU H 571 -126.42 -2.58 27.25
C LEU H 571 -127.29 -2.84 26.03
N ALA H 572 -126.79 -3.64 25.08
CA ALA H 572 -127.56 -3.86 23.87
C ALA H 572 -127.23 -5.23 23.30
N PHE H 573 -128.15 -5.74 22.48
CA PHE H 573 -128.05 -7.07 21.90
C PHE H 573 -128.73 -7.04 20.54
N GLN H 574 -127.95 -7.16 19.47
CA GLN H 574 -128.49 -7.10 18.12
C GLN H 574 -128.26 -8.41 17.39
N HIS H 575 -129.10 -8.65 16.38
CA HIS H 575 -129.03 -9.82 15.55
C HIS H 575 -129.60 -9.47 14.19
N ASN H 576 -129.29 -10.27 13.18
CA ASN H 576 -129.80 -9.97 11.85
C ASN H 576 -130.92 -10.91 11.41
N ILE H 577 -131.59 -11.59 12.34
CA ILE H 577 -132.69 -12.47 11.99
C ILE H 577 -133.96 -11.67 11.83
N HIS H 578 -134.50 -11.61 10.62
CA HIS H 578 -135.70 -10.84 10.32
C HIS H 578 -136.91 -11.72 10.03
N SER H 579 -136.71 -13.04 9.92
CA SER H 579 -137.77 -13.93 9.49
C SER H 579 -137.96 -15.02 10.53
N GLN H 580 -138.91 -15.91 10.28
CA GLN H 580 -139.15 -17.08 11.12
C GLN H 580 -138.92 -18.38 10.39
N PHE H 581 -138.95 -18.40 9.05
CA PHE H 581 -139.02 -19.62 8.26
C PHE H 581 -137.98 -19.52 7.15
N TYR H 582 -136.87 -20.26 7.28
CA TYR H 582 -135.87 -20.32 6.22
C TYR H 582 -135.87 -21.70 5.60
N HIS H 583 -136.19 -21.76 4.32
CA HIS H 583 -136.22 -22.99 3.54
C HIS H 583 -135.14 -22.92 2.48
N MET H 584 -134.37 -23.99 2.35
CA MET H 584 -133.28 -23.99 1.38
C MET H 584 -133.03 -25.41 0.88
N ASP H 585 -132.43 -25.48 -0.30
CA ASP H 585 -132.24 -26.72 -1.04
C ASP H 585 -130.86 -27.30 -0.71
N LYS H 586 -130.37 -28.23 -1.54
CA LYS H 586 -129.12 -28.93 -1.27
C LYS H 586 -127.93 -28.00 -1.12
N GLY H 587 -127.72 -27.12 -2.10
CA GLY H 587 -126.43 -26.45 -2.22
C GLY H 587 -126.30 -25.09 -1.57
N GLU H 588 -127.17 -24.75 -0.63
CA GLU H 588 -127.11 -23.45 0.03
C GLU H 588 -126.50 -23.57 1.42
N SER H 589 -126.32 -22.41 2.04
CA SER H 589 -125.88 -22.28 3.41
C SER H 589 -126.50 -21.02 3.98
N LEU H 590 -126.52 -20.91 5.31
CA LEU H 590 -127.13 -19.78 5.97
C LEU H 590 -126.12 -19.11 6.89
N THR H 591 -126.16 -17.79 6.97
CA THR H 591 -125.24 -17.01 7.79
C THR H 591 -126.05 -16.13 8.73
N ILE H 592 -125.79 -16.25 10.03
CA ILE H 592 -126.48 -15.49 11.06
C ILE H 592 -125.46 -14.65 11.82
N TRP H 593 -125.82 -13.39 12.06
CA TRP H 593 -124.91 -12.43 12.68
C TRP H 593 -125.55 -11.91 13.96
N SER H 594 -124.80 -11.97 15.06
CA SER H 594 -125.30 -11.52 16.36
C SER H 594 -124.19 -10.81 17.10
N GLN H 595 -124.57 -9.96 18.06
CA GLN H 595 -123.58 -9.14 18.75
C GLN H 595 -124.15 -8.63 20.06
N ILE H 596 -123.36 -8.74 21.13
CA ILE H 596 -123.72 -8.23 22.44
C ILE H 596 -122.74 -7.12 22.81
N VAL H 597 -123.27 -6.05 23.39
CA VAL H 597 -122.46 -4.97 23.95
C VAL H 597 -122.88 -4.79 25.39
N TYR H 598 -121.89 -4.87 26.30
CA TYR H 598 -122.16 -4.95 27.73
C TYR H 598 -121.11 -4.19 28.53
N PRO H 599 -121.29 -4.00 29.86
CA PRO H 599 -120.26 -3.32 30.66
C PRO H 599 -118.92 -4.03 30.69
N GLU H 600 -117.97 -3.46 31.47
CA GLU H 600 -116.55 -3.64 31.20
C GLU H 600 -116.12 -5.10 31.20
N ASN H 601 -116.43 -5.84 32.28
CA ASN H 601 -115.97 -7.23 32.28
C ASN H 601 -116.98 -8.19 32.92
N ARG H 602 -118.27 -7.90 32.82
CA ARG H 602 -119.27 -8.90 33.19
C ARG H 602 -119.36 -9.94 32.09
N GLY H 603 -118.71 -11.09 32.29
CA GLY H 603 -118.56 -12.08 31.23
C GLY H 603 -119.86 -12.66 30.68
N LEU H 604 -120.19 -12.28 29.45
CA LEU H 604 -121.40 -12.73 28.77
C LEU H 604 -121.03 -13.41 27.45
N TYR H 605 -122.01 -14.09 26.88
CA TYR H 605 -121.87 -14.73 25.58
C TYR H 605 -123.27 -15.07 25.08
N ILE H 606 -123.38 -15.34 23.78
CA ILE H 606 -124.65 -15.62 23.13
C ILE H 606 -124.81 -17.13 23.05
N VAL H 607 -125.85 -17.65 23.69
CA VAL H 607 -126.14 -19.07 23.73
C VAL H 607 -127.07 -19.42 22.59
N VAL H 608 -126.72 -20.47 21.84
CA VAL H 608 -127.52 -21.00 20.75
C VAL H 608 -128.10 -22.31 21.24
N GLU H 609 -129.42 -22.47 21.13
CA GLU H 609 -130.09 -23.70 21.56
C GLU H 609 -130.93 -24.24 20.42
N HIS H 610 -130.76 -25.52 20.12
CA HIS H 610 -131.40 -26.14 18.97
C HIS H 610 -132.32 -27.27 19.42
N TYR H 611 -133.29 -27.58 18.57
CA TYR H 611 -134.27 -28.62 18.86
C TYR H 611 -134.75 -29.25 17.55
N GLY H 612 -135.19 -30.50 17.65
CA GLY H 612 -135.62 -31.23 16.47
C GLY H 612 -134.64 -32.31 16.09
N SER H 613 -134.49 -32.57 14.80
CA SER H 613 -133.55 -33.57 14.30
C SER H 613 -132.27 -32.86 13.90
N SER H 614 -131.15 -33.29 14.49
CA SER H 614 -129.86 -32.69 14.20
C SER H 614 -129.29 -33.30 12.93
N VAL H 615 -129.26 -32.51 11.86
CA VAL H 615 -128.78 -32.96 10.55
C VAL H 615 -127.79 -31.99 9.92
N MET H 616 -127.51 -30.86 10.57
CA MET H 616 -126.73 -29.77 10.01
C MET H 616 -125.41 -29.65 10.76
N THR H 617 -124.59 -28.68 10.35
CA THR H 617 -123.37 -28.37 11.08
C THR H 617 -123.23 -26.87 11.25
N TRP H 618 -122.62 -26.47 12.35
CA TRP H 618 -122.42 -25.06 12.66
C TRP H 618 -120.95 -24.70 12.52
N THR H 619 -120.70 -23.44 12.19
CA THR H 619 -119.35 -22.89 12.24
C THR H 619 -119.43 -21.48 12.81
N GLN H 620 -118.81 -21.26 13.96
CA GLN H 620 -118.91 -19.99 14.68
C GLN H 620 -117.57 -19.30 14.74
N ASN H 621 -117.56 -18.00 14.47
CA ASN H 621 -116.39 -17.16 14.66
C ASN H 621 -116.75 -16.00 15.56
N LEU H 622 -115.87 -15.70 16.52
CA LEU H 622 -116.10 -14.68 17.54
C LEU H 622 -115.05 -13.59 17.43
N GLU H 623 -115.46 -12.36 17.73
CA GLU H 623 -114.57 -11.21 17.77
C GLU H 623 -114.85 -10.42 19.03
N TYR H 624 -113.79 -9.99 19.70
CA TYR H 624 -113.88 -9.39 21.01
C TYR H 624 -113.20 -8.03 21.01
N GLU H 625 -113.93 -7.01 21.46
CA GLU H 625 -113.41 -5.64 21.47
C GLU H 625 -113.71 -4.98 22.80
N ILE H 626 -112.79 -4.15 23.27
CA ILE H 626 -112.96 -3.36 24.48
C ILE H 626 -112.78 -1.90 24.12
N ALA H 627 -113.75 -1.06 24.50
CA ALA H 627 -113.70 0.34 24.14
C ALA H 627 -114.57 1.16 25.08
N SER H 628 -113.98 2.21 25.67
CA SER H 628 -114.70 3.20 26.47
C SER H 628 -115.46 2.56 27.63
N GLY H 629 -114.86 1.53 28.23
CA GLY H 629 -115.48 0.85 29.34
C GLY H 629 -116.58 -0.12 28.95
N PHE H 630 -116.69 -0.47 27.67
CA PHE H 630 -117.73 -1.38 27.21
C PHE H 630 -117.11 -2.47 26.33
N CYS H 631 -117.59 -3.69 26.52
CA CYS H 631 -117.09 -4.83 25.75
C CYS H 631 -118.12 -5.22 24.69
N THR H 632 -117.59 -5.67 23.55
CA THR H 632 -118.41 -6.08 22.41
C THR H 632 -117.96 -7.45 21.95
N LYS H 633 -118.92 -8.37 21.88
CA LYS H 633 -118.68 -9.72 21.39
C LYS H 633 -119.56 -9.94 20.17
N THR H 634 -118.92 -10.18 19.03
CA THR H 634 -119.62 -10.34 17.76
C THR H 634 -119.42 -11.77 17.29
N MET H 635 -120.53 -12.47 17.01
CA MET H 635 -120.49 -13.85 16.57
C MET H 635 -121.13 -13.98 15.20
N ILE H 636 -120.39 -14.56 14.27
CA ILE H 636 -120.89 -14.89 12.94
C ILE H 636 -120.92 -16.40 12.81
N THR H 637 -122.10 -16.95 12.55
CA THR H 637 -122.25 -18.39 12.48
C THR H 637 -122.81 -18.79 11.12
N ARG H 638 -122.41 -19.97 10.65
CA ARG H 638 -122.79 -20.47 9.35
C ARG H 638 -123.30 -21.90 9.48
N PHE H 639 -124.46 -22.16 8.89
CA PHE H 639 -125.10 -23.46 8.89
C PHE H 639 -125.04 -24.04 7.48
N PHE H 640 -124.67 -25.32 7.39
CA PHE H 640 -124.57 -26.00 6.11
C PHE H 640 -124.66 -27.51 6.31
N GLN H 641 -124.74 -28.21 5.19
CA GLN H 641 -124.70 -29.67 5.13
C GLN H 641 -123.51 -30.08 4.28
N THR H 642 -122.93 -31.23 4.61
CA THR H 642 -121.67 -31.70 4.02
C THR H 642 -121.84 -33.09 3.44
N THR H 643 -122.88 -33.29 2.65
CA THR H 643 -123.16 -34.58 2.03
C THR H 643 -122.77 -34.57 0.56
N ASN H 644 -122.34 -35.73 0.05
CA ASN H 644 -122.03 -35.92 -1.35
C ASN H 644 -122.83 -37.09 -1.89
N TYR H 645 -123.59 -36.85 -2.95
CA TYR H 645 -124.57 -37.81 -3.43
C TYR H 645 -124.10 -38.58 -4.67
N GLU H 646 -122.81 -38.51 -5.00
CA GLU H 646 -122.27 -39.22 -6.15
C GLU H 646 -121.89 -40.65 -5.77
N LEU H 647 -122.23 -41.58 -6.67
CA LEU H 647 -121.81 -42.98 -6.60
C LEU H 647 -122.25 -43.66 -5.31
N VAL H 648 -123.39 -43.26 -4.76
CA VAL H 648 -123.88 -43.83 -3.52
C VAL H 648 -125.04 -44.76 -3.83
N ASP H 649 -125.20 -45.78 -3.00
CA ASP H 649 -126.37 -46.63 -3.06
C ASP H 649 -127.50 -46.02 -2.25
N ASN H 650 -128.72 -46.46 -2.55
CA ASN H 650 -129.92 -46.20 -1.75
C ASN H 650 -130.18 -44.69 -1.66
N TYR H 651 -130.18 -44.07 -2.85
CA TYR H 651 -130.05 -42.62 -2.97
C TYR H 651 -131.25 -41.87 -2.38
N TYR H 652 -132.46 -42.28 -2.76
CA TYR H 652 -133.66 -41.59 -2.26
C TYR H 652 -133.80 -41.75 -0.75
N GLN H 653 -133.42 -42.91 -0.23
CA GLN H 653 -133.52 -43.11 1.22
C GLN H 653 -132.51 -42.25 1.96
N LEU H 654 -131.29 -42.09 1.42
CA LEU H 654 -130.36 -41.15 2.02
C LEU H 654 -130.89 -39.72 1.94
N GLN H 655 -131.56 -39.40 0.84
CA GLN H 655 -132.18 -38.08 0.68
C GLN H 655 -133.21 -37.81 1.75
N LYS H 656 -134.06 -38.81 2.05
CA LYS H 656 -135.05 -38.61 3.11
C LYS H 656 -134.40 -38.68 4.48
N GLU H 657 -133.25 -39.37 4.59
CA GLU H 657 -132.55 -39.48 5.86
C GLU H 657 -131.85 -38.20 6.24
N ASN H 658 -131.52 -37.35 5.27
CA ASN H 658 -130.90 -36.06 5.56
C ASN H 658 -131.81 -34.91 5.18
N THR H 659 -133.09 -35.01 5.53
CA THR H 659 -134.05 -33.94 5.37
C THR H 659 -134.89 -33.82 6.63
N GLY H 660 -135.55 -32.68 6.78
CA GLY H 660 -136.41 -32.42 7.91
C GLY H 660 -136.33 -30.96 8.32
N LEU H 661 -136.99 -30.65 9.43
CA LEU H 661 -137.03 -29.30 9.97
C LEU H 661 -136.29 -29.26 11.30
N MET H 662 -135.78 -28.07 11.65
CA MET H 662 -135.10 -27.92 12.92
C MET H 662 -135.31 -26.49 13.41
N LEU H 663 -135.21 -26.34 14.73
CA LEU H 663 -135.56 -25.10 15.40
C LEU H 663 -134.35 -24.55 16.11
N LEU H 664 -134.04 -23.28 15.87
CA LEU H 664 -132.90 -22.62 16.47
C LEU H 664 -133.40 -21.44 17.30
N GLN H 665 -132.72 -21.18 18.41
CA GLN H 665 -133.02 -20.00 19.19
C GLN H 665 -131.71 -19.39 19.68
N PHE H 666 -131.69 -18.07 19.73
CA PHE H 666 -130.54 -17.30 20.18
C PHE H 666 -130.94 -16.55 21.44
N ARG H 667 -130.04 -16.48 22.42
CA ARG H 667 -130.38 -15.72 23.62
C ARG H 667 -129.08 -15.29 24.29
N PRO H 668 -129.13 -14.26 25.15
CA PRO H 668 -127.93 -13.89 25.91
C PRO H 668 -127.64 -14.86 27.04
N SER H 669 -126.47 -14.73 27.68
CA SER H 669 -126.07 -15.68 28.71
C SER H 669 -126.97 -15.57 29.94
N GLU H 670 -126.99 -14.41 30.58
CA GLU H 670 -127.81 -14.18 31.75
C GLU H 670 -128.66 -12.94 31.55
N PHE H 671 -129.95 -13.07 31.85
CA PHE H 671 -130.88 -11.95 31.71
C PHE H 671 -131.90 -12.01 32.83
N SER H 672 -132.47 -10.86 33.15
CA SER H 672 -133.39 -10.72 34.27
C SER H 672 -134.51 -9.77 33.83
N ARG H 673 -135.25 -9.26 34.81
CA ARG H 673 -136.26 -8.25 34.54
C ARG H 673 -135.58 -6.96 34.08
N THR H 674 -136.40 -6.04 33.55
CA THR H 674 -136.05 -4.76 32.95
C THR H 674 -135.33 -4.99 31.60
N CYS H 675 -135.08 -6.23 31.22
CA CYS H 675 -134.53 -6.56 29.93
C CYS H 675 -135.67 -6.85 28.96
N LEU H 676 -135.79 -6.04 27.91
CA LEU H 676 -136.95 -6.07 27.04
C LEU H 676 -136.63 -6.67 25.68
N THR H 677 -135.58 -7.48 25.60
CA THR H 677 -135.15 -8.04 24.32
C THR H 677 -136.07 -9.19 23.93
N ALA H 678 -136.52 -9.19 22.68
CA ALA H 678 -137.24 -10.33 22.15
C ALA H 678 -136.26 -11.43 21.80
N LYS H 679 -136.38 -12.57 22.46
CA LYS H 679 -135.48 -13.68 22.20
C LYS H 679 -135.83 -14.33 20.87
N PRO H 680 -134.92 -14.34 19.89
CA PRO H 680 -135.26 -14.82 18.55
C PRO H 680 -135.31 -16.34 18.49
N VAL H 681 -136.44 -16.86 18.04
CA VAL H 681 -136.64 -18.27 17.74
C VAL H 681 -137.06 -18.37 16.28
N PHE H 682 -136.33 -19.15 15.50
CA PHE H 682 -136.64 -19.33 14.08
C PHE H 682 -136.47 -20.80 13.72
N GLU H 683 -136.84 -21.14 12.50
CA GLU H 683 -136.89 -22.51 12.06
C GLU H 683 -136.34 -22.62 10.65
N ILE H 684 -135.54 -23.66 10.42
CA ILE H 684 -134.96 -23.94 9.11
C ILE H 684 -135.45 -25.31 8.66
N ASP H 685 -136.01 -25.37 7.45
CA ASP H 685 -136.46 -26.62 6.88
C ASP H 685 -135.64 -26.95 5.64
N VAL H 686 -135.24 -28.21 5.54
CA VAL H 686 -134.42 -28.70 4.45
C VAL H 686 -135.26 -29.63 3.59
N GLY H 687 -135.37 -29.32 2.31
CA GLY H 687 -136.19 -30.10 1.40
C GLY H 687 -136.64 -29.25 0.24
N CYS H 688 -137.56 -29.81 -0.53
CA CYS H 688 -138.16 -29.10 -1.66
C CYS H 688 -139.56 -28.65 -1.33
N ASP H 689 -139.92 -27.47 -1.82
CA ASP H 689 -141.21 -26.86 -1.56
C ASP H 689 -142.31 -27.37 -2.48
N SER H 690 -141.97 -28.20 -3.47
CA SER H 690 -142.91 -28.70 -4.49
C SER H 690 -143.56 -27.54 -5.23
N SER H 691 -142.83 -26.43 -5.39
CA SER H 691 -143.33 -25.27 -6.10
C SER H 691 -142.27 -24.66 -7.00
N LYS H 692 -141.21 -25.39 -7.33
CA LYS H 692 -140.14 -24.90 -8.18
C LYS H 692 -139.85 -25.96 -9.23
N TYR H 693 -139.87 -25.56 -10.50
CA TYR H 693 -139.70 -26.52 -11.58
C TYR H 693 -138.92 -25.87 -12.73
N ILE H 694 -138.78 -26.61 -13.82
CA ILE H 694 -138.05 -26.16 -15.01
C ILE H 694 -139.05 -26.04 -16.15
N MET H 695 -138.90 -25.01 -16.96
CA MET H 695 -139.77 -24.81 -18.11
C MET H 695 -138.93 -24.36 -19.31
N VAL H 696 -139.34 -24.83 -20.49
CA VAL H 696 -138.55 -24.64 -21.70
C VAL H 696 -138.93 -23.33 -22.37
N ARG H 697 -137.92 -22.52 -22.68
CA ARG H 697 -138.14 -21.15 -23.14
C ARG H 697 -139.00 -21.09 -24.40
N GLY H 698 -139.92 -20.13 -24.42
CA GLY H 698 -140.85 -19.97 -25.52
C GLY H 698 -142.08 -20.86 -25.46
N PHE H 699 -142.36 -21.49 -24.32
CA PHE H 699 -143.46 -22.41 -24.19
C PHE H 699 -144.38 -21.97 -23.05
N ASN H 700 -145.69 -22.06 -23.29
CA ASN H 700 -146.70 -21.74 -22.28
C ASN H 700 -147.77 -22.82 -22.28
N LYS H 701 -148.54 -22.85 -21.20
CA LYS H 701 -149.55 -23.90 -21.03
C LYS H 701 -150.78 -23.65 -21.90
N SER H 702 -151.47 -22.52 -21.66
CA SER H 702 -152.73 -22.25 -22.34
C SER H 702 -152.72 -20.93 -23.09
N ARG H 703 -151.54 -20.39 -23.41
CA ARG H 703 -151.47 -19.27 -24.34
C ARG H 703 -151.99 -19.67 -25.72
N CYS H 704 -151.61 -20.86 -26.18
CA CYS H 704 -151.98 -21.36 -27.50
C CYS H 704 -153.26 -22.17 -27.38
N GLN H 705 -154.31 -21.74 -28.07
CA GLN H 705 -155.59 -22.43 -28.04
C GLN H 705 -155.73 -23.34 -29.24
N ARG H 706 -156.20 -24.56 -28.99
CA ARG H 706 -156.30 -25.59 -30.01
C ARG H 706 -157.44 -26.53 -29.61
N ARG H 707 -157.49 -27.71 -30.25
CA ARG H 707 -158.56 -28.66 -29.99
C ARG H 707 -158.01 -30.06 -29.71
N ASP H 708 -158.90 -31.05 -29.71
CA ASP H 708 -158.52 -32.43 -29.41
C ASP H 708 -157.90 -33.11 -30.63
N PHE H 709 -156.82 -33.84 -30.39
CA PHE H 709 -156.02 -34.45 -31.43
C PHE H 709 -156.07 -35.98 -31.28
N SER H 710 -155.76 -36.67 -32.37
CA SER H 710 -155.65 -38.13 -32.37
C SER H 710 -154.75 -38.54 -33.52
N TYR H 711 -154.11 -39.70 -33.40
CA TYR H 711 -153.16 -40.12 -34.42
C TYR H 711 -152.83 -41.59 -34.24
N VAL H 712 -152.13 -42.13 -35.24
CA VAL H 712 -151.66 -43.51 -35.25
C VAL H 712 -150.17 -43.49 -35.57
N ILE H 713 -149.39 -44.27 -34.83
CA ILE H 713 -147.96 -44.43 -35.07
C ILE H 713 -147.63 -45.92 -35.02
N ASP H 714 -146.90 -46.40 -36.02
CA ASP H 714 -146.55 -47.80 -36.10
C ASP H 714 -145.20 -47.96 -36.79
N LYS H 715 -144.62 -49.15 -36.63
CA LYS H 715 -143.40 -49.63 -37.28
C LYS H 715 -142.15 -48.91 -36.84
N GLU H 716 -142.25 -47.91 -35.95
CA GLU H 716 -141.10 -47.15 -35.52
C GLU H 716 -140.86 -47.20 -34.02
N LEU H 717 -141.65 -47.97 -33.27
CA LEU H 717 -141.41 -48.15 -31.85
C LEU H 717 -140.49 -49.35 -31.61
N LEU H 718 -140.09 -49.52 -30.37
CA LEU H 718 -139.15 -50.58 -30.00
C LEU H 718 -139.84 -51.94 -30.00
N ASP H 724 -147.01 -52.42 -31.78
CA ASP H 724 -147.11 -52.69 -33.21
C ASP H 724 -147.97 -51.65 -33.91
N ASN H 725 -148.98 -51.15 -33.19
CA ASN H 725 -149.89 -50.13 -33.73
C ASN H 725 -150.46 -49.37 -32.55
N LEU H 726 -150.04 -48.12 -32.39
CA LEU H 726 -150.44 -47.30 -31.24
C LEU H 726 -151.40 -46.21 -31.68
N LYS H 727 -152.48 -46.04 -30.93
CA LYS H 727 -153.46 -44.97 -31.13
C LYS H 727 -153.56 -44.19 -29.83
N VAL H 728 -153.06 -42.95 -29.85
CA VAL H 728 -153.01 -42.10 -28.66
C VAL H 728 -153.62 -40.76 -29.03
N ARG H 729 -154.46 -40.22 -28.15
CA ARG H 729 -155.09 -38.92 -28.36
C ARG H 729 -154.20 -37.82 -27.80
N TYR H 730 -153.68 -36.97 -28.68
CA TYR H 730 -152.98 -35.78 -28.25
C TYR H 730 -153.98 -34.67 -27.94
N ASP H 731 -153.54 -33.70 -27.14
CA ASP H 731 -154.32 -32.50 -26.86
C ASP H 731 -153.37 -31.43 -26.33
N VAL H 732 -153.95 -30.34 -25.85
CA VAL H 732 -153.19 -29.25 -25.25
C VAL H 732 -153.34 -29.21 -23.73
N ALA H 733 -154.41 -29.78 -23.18
CA ALA H 733 -154.72 -29.67 -21.76
C ALA H 733 -153.65 -30.29 -20.87
N LYS H 734 -152.94 -31.31 -21.33
CA LYS H 734 -151.85 -31.88 -20.55
C LYS H 734 -150.59 -32.22 -21.36
N TYR H 735 -150.53 -31.85 -22.64
CA TYR H 735 -149.27 -31.85 -23.38
C TYR H 735 -148.92 -30.49 -23.97
N GLY H 736 -149.85 -29.54 -23.98
CA GLY H 736 -149.58 -28.21 -24.45
C GLY H 736 -149.78 -28.04 -25.93
N CYS H 737 -149.69 -26.78 -26.38
CA CYS H 737 -149.72 -26.48 -27.79
C CYS H 737 -148.47 -27.04 -28.45
N PRO H 738 -148.59 -27.75 -29.58
CA PRO H 738 -147.40 -28.32 -30.22
C PRO H 738 -146.53 -27.24 -30.83
N LEU H 739 -145.28 -27.61 -31.11
CA LEU H 739 -144.44 -26.75 -31.90
C LEU H 739 -144.81 -26.88 -33.37
N THR H 740 -144.47 -25.85 -34.15
CA THR H 740 -144.78 -25.84 -35.56
C THR H 740 -143.48 -25.80 -36.35
N LEU H 741 -142.54 -26.67 -35.96
CA LEU H 741 -141.20 -26.60 -36.48
C LEU H 741 -141.18 -26.89 -37.96
N GLU H 742 -140.51 -26.01 -38.70
CA GLU H 742 -140.39 -26.11 -40.13
C GLU H 742 -139.31 -27.14 -40.47
N LEU H 743 -138.76 -27.01 -41.67
CA LEU H 743 -137.81 -27.95 -42.22
C LEU H 743 -136.58 -28.05 -41.33
N GLY H 744 -135.75 -29.06 -41.60
CA GLY H 744 -134.69 -29.49 -40.71
C GLY H 744 -133.84 -28.40 -40.10
N GLN H 745 -134.00 -28.23 -38.79
CA GLN H 745 -133.41 -27.13 -38.04
C GLN H 745 -132.88 -27.67 -36.72
N MET H 746 -131.97 -26.91 -36.12
CA MET H 746 -131.28 -27.35 -34.91
C MET H 746 -131.84 -26.62 -33.70
N PHE H 747 -132.30 -27.38 -32.71
CA PHE H 747 -132.92 -26.83 -31.51
C PHE H 747 -132.19 -27.36 -30.29
N GLN H 748 -131.67 -26.45 -29.48
CA GLN H 748 -131.11 -26.77 -28.18
C GLN H 748 -132.16 -26.61 -27.10
N PRO H 749 -132.43 -27.63 -26.30
CA PRO H 749 -133.46 -27.48 -25.26
C PRO H 749 -132.97 -26.56 -24.14
N ILE H 750 -133.47 -25.34 -24.12
CA ILE H 750 -133.10 -24.34 -23.13
C ILE H 750 -134.22 -24.26 -22.10
N VAL H 751 -133.88 -24.59 -20.85
CA VAL H 751 -134.85 -24.65 -19.77
C VAL H 751 -134.38 -23.73 -18.65
N GLU H 752 -135.34 -23.26 -17.86
CA GLU H 752 -135.05 -22.29 -16.82
C GLU H 752 -135.99 -22.51 -15.64
N LEU H 753 -135.51 -22.15 -14.47
CA LEU H 753 -136.17 -22.45 -13.21
C LEU H 753 -137.23 -21.39 -12.91
N TYR H 754 -138.45 -21.83 -12.64
CA TYR H 754 -139.52 -20.97 -12.15
C TYR H 754 -139.99 -21.44 -10.79
N ASP H 755 -140.34 -20.48 -9.94
CA ASP H 755 -140.96 -20.78 -8.66
C ASP H 755 -141.81 -19.60 -8.22
N GLU H 756 -143.10 -19.86 -8.01
CA GLU H 756 -144.04 -18.91 -7.41
C GLU H 756 -144.05 -17.56 -8.10
N ASN H 757 -143.31 -16.61 -7.51
CA ASN H 757 -143.34 -15.22 -7.98
C ASN H 757 -142.64 -15.05 -9.32
N GLY H 758 -141.52 -15.73 -9.53
CA GLY H 758 -140.76 -15.49 -10.74
C GLY H 758 -139.65 -16.50 -10.91
N PHE H 759 -138.84 -16.27 -11.94
CA PHE H 759 -137.79 -17.20 -12.31
C PHE H 759 -136.56 -17.01 -11.42
N ILE H 760 -135.72 -18.05 -11.38
CA ILE H 760 -134.52 -18.03 -10.55
C ILE H 760 -133.28 -17.86 -11.41
N LYS H 761 -133.04 -18.80 -12.33
CA LYS H 761 -131.81 -18.79 -13.10
C LYS H 761 -132.01 -19.55 -14.41
N ILE H 762 -130.93 -19.65 -15.17
CA ILE H 762 -130.84 -20.54 -16.32
C ILE H 762 -130.13 -21.80 -15.81
N VAL H 763 -130.85 -22.92 -15.78
CA VAL H 763 -130.31 -24.11 -15.14
C VAL H 763 -129.27 -24.77 -16.04
N ASP H 764 -128.33 -25.48 -15.40
CA ASP H 764 -127.26 -26.14 -16.12
C ASP H 764 -126.81 -27.35 -15.30
N ALA H 765 -127.08 -28.55 -15.80
CA ALA H 765 -126.68 -29.78 -15.12
C ALA H 765 -126.46 -30.91 -16.10
N ASN H 766 -127.43 -31.81 -16.19
CA ASN H 766 -127.42 -32.91 -17.15
C ASN H 766 -128.87 -33.26 -17.48
N PHE H 767 -129.21 -33.17 -18.75
CA PHE H 767 -130.59 -33.28 -19.21
C PHE H 767 -130.79 -34.60 -19.96
N ILE H 768 -131.95 -35.22 -19.73
CA ILE H 768 -132.30 -36.46 -20.41
C ILE H 768 -133.70 -36.32 -21.00
N LEU H 769 -133.85 -36.79 -22.24
CA LEU H 769 -135.08 -36.67 -23.00
C LEU H 769 -135.63 -38.04 -23.33
N TRP H 770 -136.96 -38.16 -23.32
CA TRP H 770 -137.61 -39.41 -23.70
C TRP H 770 -138.96 -39.10 -24.31
N GLU H 771 -139.32 -39.89 -25.32
CA GLU H 771 -140.61 -39.71 -25.96
C GLU H 771 -141.70 -40.45 -25.19
N ILE H 772 -142.95 -40.05 -25.46
CA ILE H 772 -144.07 -40.56 -24.67
C ILE H 772 -144.27 -42.05 -24.90
N HIS H 773 -144.38 -42.47 -26.15
CA HIS H 773 -144.76 -43.85 -26.48
C HIS H 773 -143.57 -44.77 -26.69
N GLY H 774 -142.62 -44.37 -27.53
CA GLY H 774 -141.44 -45.18 -27.82
C GLY H 774 -141.04 -45.06 -29.27
N ARG H 775 -139.77 -44.71 -29.52
CA ARG H 775 -139.28 -44.50 -30.87
C ARG H 775 -137.83 -44.97 -30.93
N ASN H 776 -137.35 -45.15 -32.16
CA ASN H 776 -135.95 -45.50 -32.40
C ASN H 776 -135.26 -44.61 -33.42
N ASP H 777 -135.97 -43.66 -34.05
CA ASP H 777 -135.38 -42.82 -35.09
C ASP H 777 -135.16 -41.42 -34.54
N TYR H 778 -134.00 -41.23 -33.91
CA TYR H 778 -133.58 -39.94 -33.39
C TYR H 778 -132.09 -39.99 -33.08
N THR H 779 -131.41 -38.88 -33.31
CA THR H 779 -129.98 -38.78 -33.01
C THR H 779 -129.71 -37.39 -32.46
N PHE H 780 -128.43 -37.04 -32.31
CA PHE H 780 -128.07 -35.80 -31.63
C PHE H 780 -126.91 -35.13 -32.36
N ASN H 781 -126.35 -34.13 -31.70
CA ASN H 781 -125.28 -33.32 -32.24
C ASN H 781 -124.04 -34.14 -32.58
N SER H 782 -123.55 -34.90 -31.62
CA SER H 782 -122.19 -35.40 -31.65
C SER H 782 -122.20 -36.88 -31.29
N THR H 783 -121.01 -37.41 -31.04
CA THR H 783 -120.81 -38.81 -30.74
C THR H 783 -120.27 -38.94 -29.32
N MET H 784 -119.86 -40.16 -28.98
CA MET H 784 -119.23 -40.42 -27.69
C MET H 784 -117.94 -39.63 -27.53
N GLU H 785 -117.13 -39.58 -28.58
CA GLU H 785 -115.98 -38.69 -28.60
C GLU H 785 -116.42 -37.27 -28.94
N GLN H 786 -115.43 -36.39 -29.10
CA GLN H 786 -115.62 -34.96 -29.36
C GLN H 786 -116.41 -34.28 -28.25
N ASN H 787 -116.47 -34.93 -27.09
CA ASN H 787 -117.11 -34.38 -25.91
C ASN H 787 -116.29 -34.58 -24.65
N GLY H 788 -115.09 -35.16 -24.76
CA GLY H 788 -114.19 -35.30 -23.65
C GLY H 788 -114.39 -36.53 -22.78
N CYS H 789 -115.39 -37.34 -23.09
CA CYS H 789 -115.64 -38.55 -22.29
C CYS H 789 -114.54 -39.55 -22.56
N ILE H 790 -113.66 -39.75 -21.58
CA ILE H 790 -112.52 -40.65 -21.76
C ILE H 790 -112.97 -42.09 -21.87
N ASN H 791 -113.92 -42.50 -21.03
CA ASN H 791 -114.38 -43.87 -20.97
C ASN H 791 -115.81 -43.99 -21.49
N GLU H 792 -116.36 -45.20 -21.37
CA GLU H 792 -117.68 -45.49 -21.92
C GLU H 792 -118.77 -44.93 -21.02
N ALA H 793 -119.79 -44.33 -21.63
CA ALA H 793 -120.93 -43.83 -20.91
C ALA H 793 -122.12 -44.78 -21.06
N GLN H 794 -123.28 -44.34 -20.57
CA GLN H 794 -124.51 -45.11 -20.61
C GLN H 794 -125.53 -44.33 -21.43
N THR H 795 -126.09 -44.96 -22.45
CA THR H 795 -127.05 -44.31 -23.31
C THR H 795 -128.46 -44.84 -23.05
N TRP H 796 -129.43 -44.24 -23.75
CA TRP H 796 -130.82 -44.61 -23.54
C TRP H 796 -131.09 -46.06 -23.92
N ASP H 797 -130.56 -46.50 -25.06
CA ASP H 797 -130.75 -47.89 -25.47
C ASP H 797 -130.08 -48.84 -24.49
N SER H 798 -128.88 -48.50 -24.03
CA SER H 798 -128.16 -49.36 -23.09
C SER H 798 -128.93 -49.51 -21.78
N MET H 799 -129.48 -48.41 -21.27
CA MET H 799 -130.26 -48.50 -20.04
C MET H 799 -131.61 -49.18 -20.24
N ILE H 800 -132.19 -49.06 -21.43
CA ILE H 800 -133.44 -49.78 -21.72
C ILE H 800 -133.19 -51.29 -21.71
N GLU H 801 -132.09 -51.74 -22.33
CA GLU H 801 -131.76 -53.17 -22.23
C GLU H 801 -131.35 -53.54 -20.81
N GLU H 802 -130.79 -52.59 -20.05
CA GLU H 802 -130.45 -52.86 -18.65
C GLU H 802 -131.69 -53.14 -17.81
N ASN H 803 -132.77 -52.39 -18.05
CA ASN H 803 -133.99 -52.55 -17.28
C ASN H 803 -135.01 -53.32 -18.09
N PRO H 804 -135.27 -54.60 -17.76
CA PRO H 804 -136.06 -55.46 -18.65
C PRO H 804 -137.54 -55.12 -18.76
N ASP H 805 -138.24 -55.01 -17.63
CA ASP H 805 -139.69 -54.89 -17.64
C ASP H 805 -140.23 -53.63 -16.99
N ILE H 806 -139.43 -52.94 -16.18
CA ILE H 806 -139.92 -51.73 -15.52
C ILE H 806 -140.11 -50.63 -16.57
N PRO H 807 -141.15 -49.78 -16.45
CA PRO H 807 -141.36 -48.73 -17.45
C PRO H 807 -140.18 -47.78 -17.62
N LEU H 808 -140.25 -47.01 -18.68
CA LEU H 808 -139.15 -46.11 -19.05
C LEU H 808 -138.88 -45.03 -18.00
N ASP H 809 -139.86 -44.71 -17.15
CA ASP H 809 -139.64 -43.69 -16.13
C ASP H 809 -138.58 -44.07 -15.09
N ASP H 810 -138.56 -45.32 -14.62
CA ASP H 810 -137.62 -45.73 -13.59
C ASP H 810 -136.31 -46.27 -14.17
N VAL H 811 -136.15 -46.20 -15.49
CA VAL H 811 -134.98 -46.75 -16.16
C VAL H 811 -133.74 -45.94 -15.83
N TRP H 812 -133.83 -44.62 -15.95
CA TRP H 812 -132.70 -43.75 -15.69
C TRP H 812 -133.13 -42.55 -14.84
N GLY H 813 -132.16 -41.99 -14.13
CA GLY H 813 -132.39 -40.84 -13.28
C GLY H 813 -131.15 -40.52 -12.48
N PRO H 814 -131.24 -39.52 -11.60
CA PRO H 814 -130.09 -39.17 -10.76
C PRO H 814 -129.73 -40.26 -9.76
N GLN H 815 -130.64 -41.18 -9.46
CA GLN H 815 -130.34 -42.31 -8.59
C GLN H 815 -129.47 -43.36 -9.25
N ASN H 816 -129.26 -43.26 -10.57
CA ASN H 816 -128.46 -44.23 -11.30
C ASN H 816 -127.42 -43.57 -12.21
N TYR H 817 -127.04 -42.32 -11.94
CA TYR H 817 -126.11 -41.62 -12.81
C TYR H 817 -124.66 -41.95 -12.44
N ARG H 818 -123.86 -42.28 -13.46
CA ARG H 818 -122.42 -42.41 -13.32
C ARG H 818 -121.77 -41.67 -14.48
N PRO H 819 -120.80 -40.80 -14.22
CA PRO H 819 -120.23 -39.97 -15.30
C PRO H 819 -119.39 -40.79 -16.27
N CYS H 820 -119.29 -40.25 -17.49
CA CYS H 820 -118.39 -40.82 -18.50
C CYS H 820 -116.94 -40.47 -18.23
N PHE H 821 -116.68 -39.26 -17.72
CA PHE H 821 -115.32 -38.82 -17.43
C PHE H 821 -114.82 -39.47 -16.15
N SER H 822 -114.62 -40.78 -16.17
CA SER H 822 -114.38 -41.53 -14.94
C SER H 822 -112.97 -42.07 -14.82
N TYR H 823 -112.52 -42.89 -15.78
CA TYR H 823 -111.30 -43.68 -15.79
C TYR H 823 -111.33 -44.77 -14.71
N ALA H 824 -112.36 -44.84 -13.88
CA ALA H 824 -112.36 -45.82 -12.80
C ALA H 824 -113.67 -46.53 -12.58
N ILE H 825 -114.77 -46.14 -13.22
CA ILE H 825 -116.08 -46.63 -12.79
C ILE H 825 -116.61 -47.74 -13.68
N GLY H 826 -116.96 -47.41 -14.93
CA GLY H 826 -117.78 -48.34 -15.69
C GLY H 826 -117.14 -49.23 -16.74
N LYS H 827 -116.44 -48.66 -17.72
CA LYS H 827 -116.12 -49.41 -18.91
C LYS H 827 -115.16 -48.66 -19.84
N PRO H 828 -114.15 -49.35 -20.41
CA PRO H 828 -113.40 -48.80 -21.54
C PRO H 828 -113.97 -49.21 -22.89
N GLY H 829 -115.25 -48.90 -23.11
CA GLY H 829 -115.92 -49.37 -24.30
C GLY H 829 -115.48 -48.64 -25.56
N ASP H 830 -116.06 -49.05 -26.68
CA ASP H 830 -115.81 -48.38 -27.95
C ASP H 830 -116.43 -46.99 -27.93
N LEU H 831 -115.80 -46.06 -28.64
CA LEU H 831 -116.19 -44.67 -28.63
C LEU H 831 -116.66 -44.25 -30.02
N GLY H 832 -117.81 -43.56 -30.08
CA GLY H 832 -118.36 -43.09 -31.33
C GLY H 832 -119.86 -43.17 -31.42
N GLN H 833 -120.50 -43.74 -30.40
CA GLN H 833 -121.95 -43.84 -30.38
C GLN H 833 -122.58 -42.50 -30.03
N PRO H 834 -123.86 -42.29 -30.36
CA PRO H 834 -124.53 -41.04 -30.01
C PRO H 834 -124.54 -40.80 -28.50
N TYR H 835 -124.43 -39.53 -28.13
CA TYR H 835 -124.24 -39.10 -26.74
C TYR H 835 -125.43 -38.26 -26.32
N GLU H 836 -126.18 -38.73 -25.33
CA GLU H 836 -127.30 -37.97 -24.78
C GLU H 836 -127.17 -37.84 -23.27
N ILE H 837 -126.32 -36.91 -22.85
CA ILE H 837 -126.26 -36.38 -21.50
C ILE H 837 -126.25 -34.86 -21.66
N LEU H 838 -126.94 -34.40 -22.71
CA LEU H 838 -126.82 -33.01 -23.18
C LEU H 838 -127.16 -32.02 -22.09
N ASN H 839 -126.51 -30.86 -22.16
CA ASN H 839 -126.58 -29.86 -21.10
C ASN H 839 -126.09 -28.53 -21.66
N TYR H 840 -126.06 -27.52 -20.81
CA TYR H 840 -125.38 -26.29 -21.19
C TYR H 840 -123.87 -26.46 -20.99
N SER H 841 -123.11 -25.51 -21.57
CA SER H 841 -121.67 -25.57 -21.84
C SER H 841 -121.33 -26.63 -22.88
N ASN H 842 -122.32 -27.36 -23.39
CA ASN H 842 -122.20 -28.23 -24.54
C ASN H 842 -123.16 -27.71 -25.60
N LYS H 843 -122.83 -27.92 -26.87
CA LYS H 843 -123.67 -27.45 -27.96
C LYS H 843 -124.73 -28.46 -28.36
N ASN H 844 -124.86 -29.57 -27.63
CA ASN H 844 -125.58 -30.75 -28.09
C ASN H 844 -127.04 -30.49 -28.43
N HIS H 845 -127.36 -30.60 -29.73
CA HIS H 845 -128.69 -30.39 -30.26
C HIS H 845 -129.34 -31.73 -30.59
N ILE H 846 -130.65 -31.68 -30.85
CA ILE H 846 -131.43 -32.86 -31.20
C ILE H 846 -131.51 -32.96 -32.72
N LYS H 847 -131.78 -34.17 -33.21
CA LYS H 847 -131.81 -34.44 -34.64
C LYS H 847 -132.81 -35.54 -34.94
N TRP H 848 -133.53 -35.39 -36.03
CA TRP H 848 -134.50 -36.36 -36.52
C TRP H 848 -134.19 -36.72 -37.97
N PRO H 849 -134.66 -37.89 -38.43
CA PRO H 849 -134.48 -38.24 -39.84
C PRO H 849 -135.17 -37.26 -40.75
N MET H 850 -134.58 -37.08 -41.92
CA MET H 850 -134.89 -35.92 -42.73
C MET H 850 -136.18 -36.17 -43.51
N THR H 851 -136.42 -37.43 -43.88
CA THR H 851 -137.43 -37.81 -44.85
C THR H 851 -138.85 -37.65 -44.33
N TYR H 852 -139.23 -38.40 -43.31
CA TYR H 852 -140.63 -38.45 -42.91
C TYR H 852 -140.93 -37.39 -41.86
N ALA H 853 -142.17 -36.91 -41.88
CA ALA H 853 -142.66 -35.91 -40.94
C ALA H 853 -143.40 -36.60 -39.80
N GLY H 854 -143.06 -36.20 -38.58
CA GLY H 854 -143.68 -36.80 -37.42
C GLY H 854 -143.46 -35.96 -36.18
N MET H 855 -144.05 -36.42 -35.08
CA MET H 855 -143.96 -35.72 -33.81
C MET H 855 -143.47 -36.66 -32.73
N TYR H 856 -142.67 -36.10 -31.82
CA TYR H 856 -141.98 -36.87 -30.79
C TYR H 856 -142.12 -36.08 -29.48
N VAL H 857 -143.14 -36.40 -28.69
CA VAL H 857 -143.39 -35.67 -27.45
C VAL H 857 -142.38 -36.09 -26.40
N TYR H 858 -141.45 -35.18 -26.09
CA TYR H 858 -140.35 -35.48 -25.17
C TYR H 858 -140.57 -34.81 -23.82
N ARG H 859 -140.21 -35.52 -22.76
CA ARG H 859 -140.22 -34.95 -21.43
C ARG H 859 -138.78 -34.86 -20.94
N LEU H 860 -138.39 -33.68 -20.49
CA LEU H 860 -137.03 -33.39 -20.08
C LEU H 860 -136.89 -33.53 -18.57
N LYS H 861 -135.84 -34.23 -18.15
CA LYS H 861 -135.55 -34.51 -16.75
C LYS H 861 -134.10 -34.18 -16.44
N ILE H 862 -133.85 -33.60 -15.26
CA ILE H 862 -132.49 -33.25 -14.85
C ILE H 862 -131.85 -34.45 -14.15
N LEU H 863 -130.63 -34.79 -14.59
CA LEU H 863 -129.96 -36.02 -14.18
C LEU H 863 -128.98 -35.83 -13.03
N ASP H 864 -128.67 -34.60 -12.64
CA ASP H 864 -127.63 -34.33 -11.64
C ASP H 864 -128.00 -34.93 -10.29
N PRO H 865 -127.09 -35.66 -9.64
CA PRO H 865 -127.42 -36.27 -8.36
C PRO H 865 -127.45 -35.31 -7.18
N ASN H 866 -126.80 -34.15 -7.28
CA ASN H 866 -126.67 -33.25 -6.15
C ASN H 866 -126.97 -31.80 -6.57
N TYR H 867 -128.08 -31.60 -7.27
CA TYR H 867 -128.49 -30.24 -7.61
C TYR H 867 -129.63 -29.76 -6.72
N SER H 868 -130.73 -30.51 -6.69
CA SER H 868 -131.91 -30.13 -5.91
C SER H 868 -132.46 -31.37 -5.21
N PHE H 869 -133.37 -31.14 -4.27
CA PHE H 869 -133.90 -32.19 -3.43
C PHE H 869 -135.06 -32.96 -4.05
N CYS H 870 -135.63 -32.49 -5.15
CA CYS H 870 -136.90 -33.01 -5.63
C CYS H 870 -136.77 -33.46 -7.09
N ASN H 871 -137.92 -33.79 -7.67
CA ASN H 871 -138.02 -34.17 -9.07
C ASN H 871 -138.44 -32.95 -9.88
N LEU H 872 -137.79 -32.74 -11.02
CA LEU H 872 -138.08 -31.61 -11.89
C LEU H 872 -138.17 -32.12 -13.33
N THR H 873 -139.39 -32.13 -13.87
CA THR H 873 -139.64 -32.65 -15.21
C THR H 873 -140.50 -31.65 -15.98
N THR H 874 -140.29 -31.57 -17.28
CA THR H 874 -141.10 -30.73 -18.15
C THR H 874 -141.46 -31.50 -19.42
N ILE H 875 -142.49 -31.03 -20.13
CA ILE H 875 -143.01 -31.71 -21.31
C ILE H 875 -143.04 -30.73 -22.48
N PHE H 876 -142.66 -31.21 -23.66
CA PHE H 876 -142.77 -30.41 -24.87
C PHE H 876 -142.84 -31.32 -26.09
N ALA H 877 -143.59 -30.91 -27.10
CA ALA H 877 -143.80 -31.70 -28.30
C ALA H 877 -143.41 -30.90 -29.54
N ILE H 878 -142.60 -31.53 -30.39
CA ILE H 878 -142.08 -30.90 -31.60
C ILE H 878 -142.71 -31.59 -32.80
N GLU H 879 -143.31 -30.79 -33.69
CA GLU H 879 -143.86 -31.24 -34.96
C GLU H 879 -143.01 -30.62 -36.07
N SER H 880 -142.10 -31.41 -36.62
CA SER H 880 -141.19 -30.93 -37.65
C SER H 880 -141.68 -31.37 -39.02
N LEU H 881 -141.87 -30.41 -39.92
CA LEU H 881 -142.30 -30.74 -41.27
C LEU H 881 -141.15 -31.41 -42.03
N GLY H 882 -141.45 -32.53 -42.70
CA GLY H 882 -140.45 -33.33 -43.38
C GLY H 882 -140.27 -33.04 -44.86
N MET H 883 -139.68 -34.03 -45.55
CA MET H 883 -139.43 -34.12 -47.01
C MET H 883 -140.22 -35.06 -47.90
N ILE H 884 -140.85 -36.11 -47.40
CA ILE H 884 -141.27 -37.17 -48.31
C ILE H 884 -142.35 -36.66 -49.27
N PRO H 885 -142.05 -36.57 -50.57
CA PRO H 885 -143.06 -36.09 -51.52
C PRO H 885 -143.89 -37.23 -52.07
N ARG H 886 -144.79 -36.92 -53.00
CA ARG H 886 -145.49 -37.97 -53.73
C ARG H 886 -144.50 -38.73 -54.61
N SER H 887 -144.67 -40.05 -54.68
CA SER H 887 -143.74 -40.89 -55.45
C SER H 887 -143.79 -40.55 -56.93
N SER H 888 -145.01 -40.43 -57.48
CA SER H 888 -145.24 -40.05 -58.88
C SER H 888 -144.54 -40.99 -59.86
N VAL H 889 -144.44 -42.27 -59.50
CA VAL H 889 -143.78 -43.22 -60.38
C VAL H 889 -144.61 -43.50 -61.62
N TYR H 890 -145.91 -43.76 -61.44
CA TYR H 890 -146.76 -44.04 -62.60
C TYR H 890 -147.11 -42.76 -63.34
N LEU H 891 -147.04 -41.60 -62.67
CA LEU H 891 -147.25 -40.32 -63.34
C LEU H 891 -146.25 -40.11 -64.46
N VAL H 892 -145.03 -40.61 -64.32
CA VAL H 892 -144.04 -40.55 -65.38
C VAL H 892 -143.91 -41.87 -66.14
N ALA H 893 -144.40 -42.98 -65.59
CA ALA H 893 -144.52 -44.20 -66.38
C ALA H 893 -145.56 -44.04 -67.49
N ALA H 894 -146.55 -43.18 -67.28
CA ALA H 894 -147.46 -42.82 -68.36
C ALA H 894 -146.71 -42.11 -69.49
N LEU H 895 -145.77 -41.23 -69.13
CA LEU H 895 -144.92 -40.60 -70.14
C LEU H 895 -144.03 -41.62 -70.83
N ILE H 896 -143.54 -42.62 -70.08
CA ILE H 896 -142.79 -43.72 -70.67
C ILE H 896 -143.63 -44.42 -71.73
N PHE H 897 -144.86 -44.77 -71.38
CA PHE H 897 -145.74 -45.49 -72.31
C PHE H 897 -146.06 -44.64 -73.54
N VAL H 898 -146.31 -43.34 -73.33
CA VAL H 898 -146.62 -42.44 -74.44
C VAL H 898 -145.43 -42.34 -75.39
N LEU H 899 -144.22 -42.14 -74.84
CA LEU H 899 -143.03 -42.01 -75.67
C LEU H 899 -142.73 -43.30 -76.42
N MET H 900 -142.85 -44.45 -75.76
CA MET H 900 -142.52 -45.70 -76.43
C MET H 900 -143.59 -46.06 -77.46
N LEU H 901 -144.85 -45.69 -77.22
CA LEU H 901 -145.89 -45.93 -78.21
C LEU H 901 -145.72 -45.03 -79.42
N THR H 902 -145.32 -43.77 -79.22
CA THR H 902 -145.01 -42.90 -80.35
C THR H 902 -143.80 -43.43 -81.13
N PHE H 903 -142.80 -43.94 -80.42
CA PHE H 903 -141.64 -44.53 -81.09
C PHE H 903 -142.05 -45.76 -81.90
N ILE H 904 -142.93 -46.60 -81.36
CA ILE H 904 -143.41 -47.77 -82.08
C ILE H 904 -144.22 -47.35 -83.30
N SER H 905 -145.04 -46.31 -83.17
CA SER H 905 -145.80 -45.81 -84.31
C SER H 905 -144.88 -45.26 -85.40
N ILE H 906 -143.82 -44.55 -85.01
CA ILE H 906 -142.84 -44.05 -85.98
C ILE H 906 -142.13 -45.21 -86.65
N LEU H 907 -141.81 -46.26 -85.89
CA LEU H 907 -141.19 -47.45 -86.46
C LEU H 907 -142.13 -48.14 -87.44
N VAL H 908 -143.42 -48.17 -87.13
CA VAL H 908 -144.40 -48.76 -88.05
C VAL H 908 -144.52 -47.95 -89.33
N LEU H 909 -144.51 -46.61 -89.21
CA LEU H 909 -144.55 -45.75 -90.39
C LEU H 909 -143.31 -45.96 -91.26
N SER H 910 -142.13 -46.05 -90.64
CA SER H 910 -140.91 -46.33 -91.38
C SER H 910 -140.93 -47.72 -92.00
N TYR H 911 -141.55 -48.69 -91.30
CA TYR H 911 -141.71 -50.03 -91.84
C TYR H 911 -142.55 -49.99 -93.11
N PHE H 912 -143.66 -49.26 -93.08
CA PHE H 912 -144.51 -49.15 -94.27
C PHE H 912 -143.79 -48.42 -95.39
N TRP H 913 -143.04 -47.37 -95.07
CA TRP H 913 -142.29 -46.64 -96.09
C TRP H 913 -141.24 -47.53 -96.77
N TYR H 914 -140.50 -48.31 -95.97
CA TYR H 914 -139.48 -49.16 -96.56
C TYR H 914 -140.09 -50.39 -97.24
N LEU H 915 -141.27 -50.82 -96.83
CA LEU H 915 -141.97 -51.87 -97.58
C LEU H 915 -142.51 -51.33 -98.91
N LYS H 916 -142.78 -50.03 -98.97
CA LYS H 916 -143.15 -49.45 -100.26
C LYS H 916 -141.94 -49.25 -101.17
N ILE H 917 -140.80 -48.85 -100.61
CA ILE H 917 -139.65 -48.44 -101.42
C ILE H 917 -138.58 -49.54 -101.46
N TYR H 918 -138.86 -50.73 -100.95
CA TYR H 918 -137.88 -51.80 -100.98
C TYR H 918 -137.95 -52.65 -102.24
N ARG H 919 -139.03 -52.53 -103.02
CA ARG H 919 -139.13 -53.26 -104.28
C ARG H 919 -138.27 -52.64 -105.37
N GLN H 920 -137.81 -51.40 -105.18
CA GLN H 920 -136.93 -50.77 -106.15
C GLN H 920 -135.58 -51.48 -106.22
N PHE H 921 -135.06 -51.90 -105.08
CA PHE H 921 -133.79 -52.61 -105.02
C PHE H 921 -133.95 -54.05 -105.48
N MET I 1 -123.40 -68.82 -135.99
CA MET I 1 -122.12 -68.71 -135.32
C MET I 1 -121.94 -69.80 -134.27
N LYS I 2 -120.68 -70.09 -133.93
CA LYS I 2 -120.37 -71.11 -132.93
C LYS I 2 -120.39 -70.49 -131.53
N LEU I 3 -121.61 -70.12 -131.12
CA LEU I 3 -121.88 -69.49 -129.82
C LEU I 3 -121.06 -68.21 -129.66
N THR I 4 -121.32 -67.25 -130.56
CA THR I 4 -120.79 -65.89 -130.62
C THR I 4 -119.30 -65.85 -130.95
N PRO I 5 -118.86 -64.83 -131.72
CA PRO I 5 -117.45 -64.76 -132.10
C PRO I 5 -116.54 -64.38 -130.93
N GLY I 6 -117.06 -63.59 -129.99
CA GLY I 6 -116.29 -63.26 -128.81
C GLY I 6 -115.99 -64.48 -127.96
N CYS I 7 -117.00 -65.33 -127.72
CA CYS I 7 -116.76 -66.56 -126.99
C CYS I 7 -115.94 -67.55 -127.79
N PHE I 8 -116.05 -67.54 -129.12
CA PHE I 8 -115.17 -68.37 -129.95
C PHE I 8 -113.71 -67.95 -129.79
N LEU I 9 -113.45 -66.63 -129.80
CA LEU I 9 -112.09 -66.14 -129.60
C LEU I 9 -111.59 -66.43 -128.19
N TRP I 10 -112.49 -66.35 -127.20
CA TRP I 10 -112.12 -66.72 -125.83
C TRP I 10 -111.75 -68.19 -125.72
N TYR I 11 -112.51 -69.06 -126.40
CA TYR I 11 -112.18 -70.48 -126.42
C TYR I 11 -110.86 -70.73 -127.12
N LEU I 12 -110.59 -70.00 -128.21
CA LEU I 12 -109.30 -70.12 -128.89
C LEU I 12 -108.15 -69.68 -127.98
N TYR I 13 -108.34 -68.60 -127.23
CA TYR I 13 -107.32 -68.14 -126.30
C TYR I 13 -107.10 -69.15 -125.18
N MET I 14 -108.18 -69.75 -124.67
CA MET I 14 -108.05 -70.77 -123.64
C MET I 14 -107.32 -72.00 -124.17
N ASP I 15 -107.60 -72.39 -125.42
CA ASP I 15 -106.91 -73.52 -126.03
C ASP I 15 -105.42 -73.21 -126.24
N LYS I 16 -105.11 -71.97 -126.61
CA LYS I 16 -103.71 -71.58 -126.76
C LYS I 16 -102.98 -71.44 -125.44
N ILE I 17 -103.71 -71.18 -124.35
CA ILE I 17 -103.09 -71.00 -123.03
C ILE I 17 -103.09 -72.29 -122.20
N TYR I 18 -103.84 -73.30 -122.59
CA TYR I 18 -103.91 -74.55 -121.84
C TYR I 18 -103.47 -75.71 -122.71
N CYS I 19 -102.90 -76.74 -122.06
CA CYS I 19 -102.45 -77.92 -122.79
C CYS I 19 -103.62 -78.69 -123.39
N LEU I 20 -104.71 -78.83 -122.65
CA LEU I 20 -105.89 -79.55 -123.09
C LEU I 20 -107.06 -78.58 -123.22
N LEU I 21 -107.72 -78.59 -124.37
CA LEU I 21 -108.88 -77.74 -124.62
C LEU I 21 -110.20 -78.41 -124.29
N SER I 22 -110.16 -79.64 -123.77
CA SER I 22 -111.34 -80.42 -123.39
C SER I 22 -112.28 -80.64 -124.57
N LEU I 23 -113.53 -81.00 -124.27
CA LEU I 23 -114.53 -81.25 -125.31
C LEU I 23 -115.86 -80.66 -124.86
N ARG I 24 -116.28 -79.59 -125.52
CA ARG I 24 -117.56 -78.91 -125.24
C ARG I 24 -117.66 -78.46 -123.79
N ASN I 25 -116.53 -78.00 -123.23
CA ASN I 25 -116.55 -77.46 -121.88
C ASN I 25 -117.37 -76.17 -121.81
N VAL I 26 -117.20 -75.30 -122.81
CA VAL I 26 -117.97 -74.07 -122.86
C VAL I 26 -119.46 -74.37 -123.08
N LYS I 27 -119.75 -75.39 -123.90
CA LYS I 27 -121.14 -75.79 -124.11
C LYS I 27 -121.77 -76.34 -122.82
N ALA I 28 -121.01 -77.13 -122.06
CA ALA I 28 -121.52 -77.65 -120.79
C ALA I 28 -121.72 -76.52 -119.79
N LEU I 29 -120.80 -75.54 -119.76
CA LEU I 29 -120.96 -74.39 -118.88
C LEU I 29 -122.19 -73.57 -119.26
N MET I 30 -122.41 -73.39 -120.57
CA MET I 30 -123.60 -72.66 -121.03
C MET I 30 -124.89 -73.41 -120.68
N VAL I 31 -124.87 -74.74 -120.80
CA VAL I 31 -126.04 -75.54 -120.43
C VAL I 31 -126.32 -75.42 -118.94
N TYR I 32 -125.27 -75.49 -118.11
CA TYR I 32 -125.44 -75.33 -116.67
C TYR I 32 -125.95 -73.93 -116.32
N PHE I 33 -125.45 -72.90 -117.00
CA PHE I 33 -125.91 -71.54 -116.77
C PHE I 33 -127.37 -71.38 -117.18
N HIS I 34 -127.78 -72.00 -118.29
CA HIS I 34 -129.17 -71.95 -118.71
C HIS I 34 -130.07 -72.68 -117.73
N LEU I 35 -129.60 -73.80 -117.19
CA LEU I 35 -130.37 -74.52 -116.17
C LEU I 35 -130.49 -73.69 -114.89
N LEU I 36 -129.43 -73.00 -114.50
CA LEU I 36 -129.47 -72.19 -113.28
C LEU I 36 -130.36 -70.96 -113.46
N ASP I 37 -130.25 -70.28 -114.58
CA ASP I 37 -131.06 -69.10 -114.87
C ASP I 37 -132.46 -69.57 -115.27
N VAL I 38 -133.38 -69.53 -114.32
CA VAL I 38 -134.74 -70.01 -114.58
C VAL I 38 -135.46 -69.10 -115.56
N HIS I 39 -135.36 -67.79 -115.37
CA HIS I 39 -136.05 -66.83 -116.22
C HIS I 39 -135.39 -66.67 -117.60
N HIS I 40 -134.19 -67.21 -117.77
CA HIS I 40 -133.42 -67.09 -119.02
C HIS I 40 -133.22 -65.63 -119.43
N ARG I 41 -132.96 -64.77 -118.44
CA ARG I 41 -132.73 -63.36 -118.66
C ARG I 41 -131.24 -63.01 -118.66
N ASN I 42 -130.38 -63.98 -119.00
CA ASN I 42 -128.92 -63.83 -119.02
C ASN I 42 -128.37 -63.39 -117.66
N THR I 43 -129.01 -63.84 -116.58
CA THR I 43 -128.55 -63.50 -115.24
C THR I 43 -129.02 -64.60 -114.29
N LEU I 44 -128.31 -64.72 -113.16
CA LEU I 44 -128.63 -65.72 -112.15
C LEU I 44 -128.63 -65.05 -110.78
N ASN I 45 -129.51 -65.53 -109.91
CA ASN I 45 -129.62 -64.98 -108.57
C ASN I 45 -128.51 -65.52 -107.67
N ASP I 46 -128.31 -64.84 -106.54
CA ASP I 46 -127.31 -65.28 -105.57
C ASP I 46 -127.69 -66.62 -104.96
N VAL I 47 -128.98 -66.86 -104.71
CA VAL I 47 -129.43 -68.14 -104.18
C VAL I 47 -129.15 -69.26 -105.17
N LEU I 48 -129.43 -69.02 -106.45
CA LEU I 48 -129.17 -70.03 -107.48
C LEU I 48 -127.67 -70.29 -107.63
N PHE I 49 -126.86 -69.23 -107.55
CA PHE I 49 -125.42 -69.40 -107.64
C PHE I 49 -124.88 -70.19 -106.45
N PHE I 50 -125.38 -69.91 -105.26
CA PHE I 50 -124.97 -70.67 -104.07
C PHE I 50 -125.43 -72.12 -104.15
N HIS I 51 -126.63 -72.36 -104.69
CA HIS I 51 -127.11 -73.73 -104.87
C HIS I 51 -126.23 -74.50 -105.86
N PHE I 52 -125.86 -73.85 -106.97
CA PHE I 52 -124.98 -74.50 -107.94
C PHE I 52 -123.60 -74.77 -107.34
N LEU I 53 -123.08 -73.82 -106.56
CA LEU I 53 -121.78 -74.02 -105.91
C LEU I 53 -121.83 -75.17 -104.91
N GLN I 54 -122.90 -75.26 -104.12
CA GLN I 54 -123.04 -76.35 -103.17
C GLN I 54 -123.22 -77.69 -103.86
N HIS I 55 -123.91 -77.69 -105.01
CA HIS I 55 -124.11 -78.94 -105.74
C HIS I 55 -122.84 -79.42 -106.44
N VAL I 56 -122.02 -78.50 -106.94
CA VAL I 56 -120.86 -78.89 -107.73
C VAL I 56 -119.60 -78.93 -106.88
N THR I 57 -119.19 -77.79 -106.33
CA THR I 57 -117.94 -77.69 -105.58
C THR I 57 -118.11 -77.92 -104.09
N ASN I 58 -119.35 -77.91 -103.58
CA ASN I 58 -119.66 -78.10 -102.16
C ASN I 58 -118.91 -77.09 -101.29
N LEU I 59 -118.87 -75.84 -101.73
CA LEU I 59 -118.20 -74.79 -100.98
C LEU I 59 -119.10 -74.26 -99.87
N ASN I 60 -118.49 -73.53 -98.94
CA ASN I 60 -119.23 -72.94 -97.84
C ASN I 60 -120.10 -71.79 -98.33
N LYS I 61 -121.12 -71.46 -97.53
CA LYS I 61 -122.02 -70.36 -97.89
C LYS I 61 -121.29 -69.03 -97.90
N SER I 62 -120.44 -68.78 -96.90
CA SER I 62 -119.68 -67.54 -96.85
C SER I 62 -118.70 -67.44 -98.02
N GLN I 63 -118.04 -68.54 -98.36
CA GLN I 63 -117.12 -68.54 -99.50
C GLN I 63 -117.87 -68.31 -100.81
N ILE I 64 -119.04 -68.92 -100.95
CA ILE I 64 -119.85 -68.72 -102.16
C ILE I 64 -120.31 -67.27 -102.26
N GLY I 65 -120.73 -66.68 -101.15
CA GLY I 65 -121.13 -65.28 -101.16
C GLY I 65 -119.98 -64.34 -101.48
N MET I 66 -118.80 -64.62 -100.93
CA MET I 66 -117.63 -63.80 -101.23
C MET I 66 -117.23 -63.93 -102.70
N ILE I 67 -117.30 -65.14 -103.25
CA ILE I 67 -116.97 -65.34 -104.66
C ILE I 67 -117.98 -64.62 -105.55
N PHE I 68 -119.27 -64.68 -105.20
CA PHE I 68 -120.28 -63.98 -105.97
C PHE I 68 -120.10 -62.47 -105.91
N ASP I 69 -119.76 -61.94 -104.72
CA ASP I 69 -119.53 -60.52 -104.58
C ASP I 69 -118.30 -60.06 -105.37
N LEU I 70 -117.24 -60.88 -105.38
CA LEU I 70 -116.06 -60.54 -106.14
C LEU I 70 -116.33 -60.62 -107.65
N LEU I 71 -117.13 -61.59 -108.08
CA LEU I 71 -117.41 -61.75 -109.50
C LEU I 71 -118.33 -60.64 -110.02
N ASP I 72 -119.38 -60.31 -109.27
CA ASP I 72 -120.35 -59.31 -109.70
C ASP I 72 -119.81 -57.92 -109.37
N TRP I 73 -119.00 -57.40 -110.30
CA TRP I 73 -118.45 -56.06 -110.14
C TRP I 73 -119.51 -54.98 -110.37
N THR I 74 -120.60 -55.30 -111.06
CA THR I 74 -121.65 -54.32 -111.29
C THR I 74 -122.47 -54.05 -110.03
N ALA I 75 -122.44 -54.96 -109.05
CA ALA I 75 -123.16 -54.82 -107.79
C ALA I 75 -124.66 -54.62 -108.00
N VAL I 76 -125.23 -55.37 -108.95
CA VAL I 76 -126.65 -55.29 -109.25
C VAL I 76 -127.44 -56.41 -108.59
N GLY I 77 -126.79 -57.24 -107.77
CA GLY I 77 -127.48 -58.33 -107.11
C GLY I 77 -127.66 -59.58 -107.93
N GLU I 78 -127.05 -59.65 -109.11
CA GLU I 78 -127.18 -60.82 -109.98
C GLU I 78 -125.84 -61.10 -110.65
N ILE I 79 -125.67 -62.34 -111.09
CA ILE I 79 -124.47 -62.79 -111.77
C ILE I 79 -124.84 -63.17 -113.20
N GLY I 80 -124.12 -62.59 -114.16
CA GLY I 80 -124.42 -62.85 -115.55
C GLY I 80 -123.87 -64.16 -116.05
N PHE I 81 -124.27 -64.53 -117.27
CA PHE I 81 -123.78 -65.75 -117.89
C PHE I 81 -122.29 -65.68 -118.16
N ASP I 82 -121.80 -64.53 -118.62
CA ASP I 82 -120.37 -64.36 -118.84
C ASP I 82 -119.60 -64.44 -117.53
N GLN I 83 -120.16 -63.86 -116.46
CA GLN I 83 -119.52 -63.94 -115.15
C GLN I 83 -119.46 -65.38 -114.65
N PHE I 84 -120.54 -66.14 -114.85
CA PHE I 84 -120.55 -67.53 -114.45
C PHE I 84 -119.54 -68.35 -115.25
N TYR I 85 -119.45 -68.08 -116.56
CA TYR I 85 -118.46 -68.77 -117.39
C TYR I 85 -117.04 -68.44 -116.96
N VAL I 86 -116.78 -67.17 -116.62
CA VAL I 86 -115.45 -66.76 -116.17
C VAL I 86 -115.12 -67.43 -114.84
N LEU I 87 -116.10 -67.51 -113.93
CA LEU I 87 -115.87 -68.18 -112.65
C LEU I 87 -115.60 -69.67 -112.83
N ILE I 88 -116.35 -70.32 -113.74
CA ILE I 88 -116.15 -71.74 -114.00
C ILE I 88 -114.76 -71.98 -114.61
N CYS I 89 -114.34 -71.12 -115.53
CA CYS I 89 -113.02 -71.25 -116.12
C CYS I 89 -111.91 -70.97 -115.11
N ILE I 90 -112.16 -70.05 -114.18
CA ILE I 90 -111.18 -69.77 -113.12
C ILE I 90 -111.06 -70.96 -112.17
N LEU I 91 -112.18 -71.62 -111.88
CA LEU I 91 -112.14 -72.80 -111.02
C LEU I 91 -111.43 -73.95 -111.72
N LEU I 92 -112.03 -74.44 -112.81
CA LEU I 92 -111.42 -75.42 -113.72
C LEU I 92 -110.91 -76.67 -112.97
N ALA I 93 -111.77 -77.22 -112.11
CA ALA I 93 -111.46 -78.40 -111.30
C ALA I 93 -110.22 -78.17 -110.44
N HIS I 94 -110.38 -77.25 -109.48
CA HIS I 94 -109.27 -76.75 -108.67
C HIS I 94 -108.65 -77.82 -107.77
N GLN I 95 -109.31 -78.97 -107.59
CA GLN I 95 -108.73 -80.03 -106.77
C GLN I 95 -107.50 -80.67 -107.41
N ASP I 96 -107.33 -80.52 -108.72
CA ASP I 96 -106.19 -81.12 -109.41
C ASP I 96 -104.90 -80.37 -109.08
N HIS I 97 -103.78 -81.09 -109.18
CA HIS I 97 -102.48 -80.49 -108.91
C HIS I 97 -102.10 -79.47 -109.98
N LEU I 98 -102.40 -79.78 -111.24
CA LEU I 98 -102.09 -78.85 -112.34
C LEU I 98 -102.99 -77.61 -112.31
N GLU I 99 -104.10 -77.67 -111.57
CA GLU I 99 -104.96 -76.50 -111.45
C GLU I 99 -104.27 -75.37 -110.70
N ASP I 100 -103.35 -75.70 -109.79
CA ASP I 100 -102.57 -74.65 -109.12
C ASP I 100 -101.69 -73.90 -110.11
N HIS I 101 -101.03 -74.62 -111.01
CA HIS I 101 -100.24 -73.97 -112.05
C HIS I 101 -101.12 -73.21 -113.04
N PHE I 102 -102.31 -73.75 -113.34
CA PHE I 102 -103.24 -73.03 -114.21
C PHE I 102 -103.69 -71.71 -113.58
N MET I 103 -103.96 -71.72 -112.27
CA MET I 103 -104.33 -70.51 -111.57
C MET I 103 -103.17 -69.54 -111.45
N TYR I 104 -101.94 -70.06 -111.31
CA TYR I 104 -100.76 -69.20 -111.31
C TYR I 104 -100.59 -68.52 -112.66
N ARG I 105 -100.86 -69.24 -113.75
CA ARG I 105 -100.89 -68.62 -115.07
C ARG I 105 -102.01 -67.60 -115.17
N HIS I 106 -103.16 -67.89 -114.58
CA HIS I 106 -104.32 -66.99 -114.43
C HIS I 106 -104.83 -66.63 -115.82
N SER I 107 -104.98 -65.34 -116.16
CA SER I 107 -105.55 -64.89 -117.42
C SER I 107 -104.57 -63.95 -118.11
N ARG I 108 -105.05 -63.28 -119.16
CA ARG I 108 -104.20 -62.36 -119.91
C ARG I 108 -103.71 -61.19 -119.06
N PRO I 109 -104.55 -60.47 -118.32
CA PRO I 109 -104.03 -59.41 -117.45
C PRO I 109 -103.43 -59.97 -116.17
N VAL I 110 -104.09 -60.99 -115.61
CA VAL I 110 -103.67 -61.72 -114.43
C VAL I 110 -103.40 -60.81 -113.24
N PHE I 111 -104.08 -59.67 -113.19
CA PHE I 111 -103.96 -58.75 -112.07
C PHE I 111 -105.29 -58.33 -111.48
N GLU I 112 -106.30 -58.09 -112.33
CA GLU I 112 -107.59 -57.59 -111.87
C GLU I 112 -108.41 -58.62 -111.11
N LEU I 113 -108.14 -59.92 -111.30
CA LEU I 113 -108.81 -60.94 -110.51
C LEU I 113 -108.42 -60.84 -109.05
N LEU I 114 -107.13 -60.63 -108.78
CA LEU I 114 -106.67 -60.45 -107.40
C LEU I 114 -106.99 -59.05 -106.89
N ASP I 115 -106.87 -58.02 -107.75
CA ASP I 115 -107.10 -56.64 -107.34
C ASP I 115 -108.59 -56.35 -107.42
N LEU I 116 -109.29 -56.55 -106.30
CA LEU I 116 -110.71 -56.26 -106.24
C LEU I 116 -110.99 -54.77 -106.18
N ASP I 117 -110.08 -53.98 -105.60
CA ASP I 117 -110.27 -52.54 -105.50
C ASP I 117 -110.18 -51.88 -106.88
N GLY I 118 -109.31 -52.40 -107.75
CA GLY I 118 -109.15 -51.84 -109.07
C GLY I 118 -108.23 -50.65 -109.16
N GLU I 119 -107.58 -50.25 -108.07
CA GLU I 119 -106.65 -49.12 -108.07
C GLU I 119 -105.21 -49.56 -108.28
N MET I 120 -104.98 -50.66 -108.99
CA MET I 120 -103.66 -51.22 -109.24
C MET I 120 -102.92 -51.52 -107.93
N ASN I 121 -103.66 -52.01 -106.94
CA ASN I 121 -103.10 -52.34 -105.64
C ASN I 121 -103.93 -53.45 -105.00
N ILE I 122 -103.26 -54.48 -104.50
CA ILE I 122 -103.91 -55.61 -103.85
C ILE I 122 -103.63 -55.49 -102.35
N GLY I 123 -104.69 -55.47 -101.55
CA GLY I 123 -104.58 -55.29 -100.11
C GLY I 123 -104.63 -56.60 -99.35
N ALA I 124 -104.62 -56.47 -98.02
CA ALA I 124 -104.69 -57.64 -97.15
C ALA I 124 -106.02 -58.36 -97.28
N ALA I 125 -107.12 -57.61 -97.45
CA ALA I 125 -108.42 -58.24 -97.66
C ALA I 125 -108.44 -59.02 -98.97
N ASN I 126 -107.84 -58.45 -100.03
CA ASN I 126 -107.76 -59.17 -101.30
C ASN I 126 -106.91 -60.42 -101.19
N PHE I 127 -105.80 -60.33 -100.44
CA PHE I 127 -104.96 -61.51 -100.22
C PHE I 127 -105.71 -62.59 -99.44
N GLN I 128 -106.47 -62.19 -98.42
CA GLN I 128 -107.27 -63.14 -97.66
C GLN I 128 -108.36 -63.77 -98.53
N ASN I 129 -108.99 -62.98 -99.40
CA ASN I 129 -109.98 -63.52 -100.31
C ASN I 129 -109.37 -64.52 -101.29
N TYR I 130 -108.17 -64.21 -101.80
CA TYR I 130 -107.48 -65.15 -102.69
C TYR I 130 -107.10 -66.43 -101.96
N ARG I 131 -106.66 -66.31 -100.70
CA ARG I 131 -106.31 -67.49 -99.92
C ARG I 131 -107.55 -68.30 -99.55
N PHE I 132 -108.71 -67.66 -99.46
CA PHE I 132 -109.95 -68.40 -99.25
C PHE I 132 -110.40 -69.09 -100.54
N LEU I 133 -110.19 -68.44 -101.69
CA LEU I 133 -110.60 -69.03 -102.96
C LEU I 133 -109.71 -70.24 -103.32
N PHE I 134 -108.40 -70.07 -103.19
CA PHE I 134 -107.45 -71.15 -103.45
C PHE I 134 -106.71 -71.46 -102.17
N ASN I 135 -106.71 -72.74 -101.78
CA ASN I 135 -106.19 -73.15 -100.48
C ASN I 135 -104.68 -72.90 -100.40
N ILE I 136 -104.26 -72.21 -99.34
CA ILE I 136 -102.85 -71.89 -99.13
C ILE I 136 -102.65 -71.64 -97.64
N LYS I 137 -101.47 -71.96 -97.15
CA LYS I 137 -101.15 -71.74 -95.74
C LYS I 137 -101.03 -70.25 -95.44
N LYS I 138 -101.42 -69.87 -94.22
CA LYS I 138 -101.34 -68.48 -93.80
C LYS I 138 -99.89 -68.01 -93.72
N GLN I 139 -99.00 -68.86 -93.20
CA GLN I 139 -97.59 -68.50 -93.14
C GLN I 139 -97.00 -68.36 -94.53
N GLU I 140 -97.37 -69.23 -95.46
CA GLU I 140 -96.88 -69.12 -96.84
C GLU I 140 -97.40 -67.85 -97.50
N LEU I 141 -98.67 -67.50 -97.25
CA LEU I 141 -99.23 -66.26 -97.80
C LEU I 141 -98.53 -65.04 -97.22
N ARG I 142 -98.24 -65.05 -95.92
CA ARG I 142 -97.52 -63.94 -95.31
C ARG I 142 -96.10 -63.81 -95.87
N ASP I 143 -95.42 -64.94 -96.06
CA ASP I 143 -94.07 -64.91 -96.63
C ASP I 143 -94.10 -64.39 -98.06
N LEU I 144 -95.09 -64.82 -98.85
CA LEU I 144 -95.21 -64.33 -100.22
C LEU I 144 -95.51 -62.84 -100.26
N PHE I 145 -96.37 -62.36 -99.35
CA PHE I 145 -96.66 -60.93 -99.28
C PHE I 145 -95.43 -60.13 -98.88
N HIS I 146 -94.65 -60.65 -97.92
CA HIS I 146 -93.43 -59.96 -97.52
C HIS I 146 -92.41 -59.93 -98.65
N ASP I 147 -92.28 -61.03 -99.40
CA ASP I 147 -91.36 -61.05 -100.54
C ASP I 147 -91.81 -60.10 -101.63
N PHE I 148 -93.12 -60.02 -101.89
CA PHE I 148 -93.64 -59.12 -102.92
C PHE I 148 -93.53 -57.66 -102.52
N ASP I 149 -93.69 -57.33 -101.23
CA ASP I 149 -93.62 -55.95 -100.77
C ASP I 149 -92.15 -55.57 -100.59
N ILE I 150 -91.51 -55.22 -101.71
CA ILE I 150 -90.11 -54.80 -101.68
C ILE I 150 -89.98 -53.44 -101.01
N THR I 151 -90.90 -52.51 -101.31
CA THR I 151 -90.82 -51.18 -100.73
C THR I 151 -91.35 -51.14 -99.30
N GLY I 152 -92.00 -52.21 -98.84
CA GLY I 152 -92.52 -52.27 -97.51
C GLY I 152 -93.83 -51.55 -97.27
N ASP I 153 -94.49 -51.08 -98.33
CA ASP I 153 -95.74 -50.36 -98.22
C ASP I 153 -96.96 -51.28 -98.25
N ARG I 154 -96.75 -52.60 -98.31
CA ARG I 154 -97.81 -53.60 -98.37
C ARG I 154 -98.75 -53.36 -99.56
N LEU I 155 -98.16 -52.98 -100.69
CA LEU I 155 -98.91 -52.75 -101.92
C LEU I 155 -98.17 -53.41 -103.07
N LEU I 156 -98.92 -54.06 -103.96
CA LEU I 156 -98.36 -54.79 -105.08
C LEU I 156 -98.74 -54.10 -106.38
N ASN I 157 -97.74 -53.74 -107.18
CA ASN I 157 -97.98 -53.12 -108.48
C ASN I 157 -98.23 -54.20 -109.53
N TYR I 158 -98.70 -53.76 -110.71
CA TYR I 158 -98.96 -54.68 -111.79
C TYR I 158 -97.67 -55.33 -112.31
N LYS I 159 -96.61 -54.54 -112.46
CA LYS I 159 -95.33 -55.08 -112.91
C LYS I 159 -94.74 -56.04 -111.88
N GLU I 160 -94.84 -55.69 -110.60
CA GLU I 160 -94.35 -56.58 -109.55
C GLU I 160 -95.14 -57.88 -109.50
N PHE I 161 -96.46 -57.80 -109.67
CA PHE I 161 -97.28 -59.01 -109.69
C PHE I 161 -96.95 -59.88 -110.90
N LYS I 162 -96.71 -59.25 -112.07
CA LYS I 162 -96.32 -60.01 -113.25
C LYS I 162 -94.96 -60.68 -113.05
N LEU I 163 -94.01 -59.98 -112.44
CA LEU I 163 -92.70 -60.56 -112.18
C LEU I 163 -92.79 -61.72 -111.19
N TYR I 164 -93.61 -61.56 -110.14
CA TYR I 164 -93.79 -62.64 -109.18
C TYR I 164 -94.45 -63.86 -109.81
N THR I 165 -95.46 -63.63 -110.67
CA THR I 165 -96.11 -64.73 -111.37
C THR I 165 -95.15 -65.43 -112.31
N ILE I 166 -94.30 -64.67 -113.01
CA ILE I 166 -93.31 -65.26 -113.91
C ILE I 166 -92.30 -66.10 -113.13
N PHE I 167 -91.85 -65.58 -111.99
CA PHE I 167 -90.91 -66.33 -111.16
C PHE I 167 -91.54 -67.60 -110.62
N CYS I 168 -92.79 -67.52 -110.18
CA CYS I 168 -93.48 -68.71 -109.67
C CYS I 168 -93.68 -69.75 -110.78
N THR I 169 -94.04 -69.29 -111.98
CA THR I 169 -94.22 -70.21 -113.11
C THR I 169 -92.90 -70.86 -113.50
N ASP I 170 -91.80 -70.09 -113.49
CA ASP I 170 -90.49 -70.66 -113.80
C ASP I 170 -90.06 -71.67 -112.74
N LYS I 171 -90.33 -71.37 -111.47
CA LYS I 171 -89.98 -72.32 -110.40
C LYS I 171 -90.81 -73.59 -110.51
N SER I 172 -92.10 -73.46 -110.85
CA SER I 172 -92.95 -74.63 -111.00
C SER I 172 -92.55 -75.47 -112.21
N ILE I 173 -92.15 -74.82 -113.32
CA ILE I 173 -91.73 -75.56 -114.50
C ILE I 173 -90.39 -76.26 -114.25
N ASP I 174 -89.47 -75.58 -113.57
CA ASP I 174 -88.17 -76.15 -113.27
C ASP I 174 -88.26 -77.09 -112.07
N MET J 1 -58.14 2.29 -102.47
CA MET J 1 -56.81 1.91 -101.99
C MET J 1 -56.34 0.66 -102.70
N CYS J 2 -57.28 -0.10 -103.26
CA CYS J 2 -56.95 -1.37 -103.90
C CYS J 2 -56.17 -1.17 -105.19
N TRP J 3 -56.23 0.02 -105.78
CA TRP J 3 -55.47 0.32 -106.99
C TRP J 3 -54.46 1.45 -106.78
N VAL J 4 -54.09 1.75 -105.54
CA VAL J 4 -53.14 2.81 -105.25
C VAL J 4 -51.81 2.25 -104.75
N MET J 5 -51.86 1.49 -103.66
CA MET J 5 -50.67 0.91 -103.04
C MET J 5 -50.12 -0.33 -103.77
N PRO J 6 -50.94 -1.27 -104.25
CA PRO J 6 -50.37 -2.41 -105.02
C PRO J 6 -49.62 -1.98 -106.27
N PRO J 7 -49.97 -0.87 -106.96
CA PRO J 7 -49.05 -0.38 -108.00
C PRO J 7 -47.66 -0.03 -107.47
N SER J 8 -47.57 0.92 -106.54
CA SER J 8 -46.32 1.27 -105.84
C SER J 8 -45.20 1.59 -106.83
N VAL J 9 -45.38 2.71 -107.53
CA VAL J 9 -44.45 3.11 -108.58
C VAL J 9 -43.05 3.26 -108.00
N PHE J 10 -42.12 2.42 -108.49
CA PHE J 10 -40.71 2.42 -108.11
C PHE J 10 -40.59 2.11 -106.63
N VAL J 11 -39.99 2.97 -105.81
CA VAL J 11 -39.72 2.67 -104.40
C VAL J 11 -41.00 2.66 -103.59
N LEU J 12 -40.93 2.15 -102.36
CA LEU J 12 -42.10 1.90 -101.53
C LEU J 12 -42.21 2.80 -100.32
N GLU J 13 -41.12 2.95 -99.54
CA GLU J 13 -41.05 3.68 -98.27
C GLU J 13 -41.86 2.98 -97.17
N TYR J 14 -41.41 3.10 -95.92
CA TYR J 14 -42.12 2.48 -94.81
C TYR J 14 -41.72 3.19 -93.51
N TYR J 15 -42.49 2.94 -92.46
CA TYR J 15 -42.30 3.59 -91.17
C TYR J 15 -42.81 2.66 -90.07
N LEU J 16 -42.57 3.04 -88.82
CA LEU J 16 -43.09 2.34 -87.66
C LEU J 16 -44.14 3.20 -86.96
N ASP J 17 -44.94 2.55 -86.12
CA ASP J 17 -46.01 3.19 -85.39
C ASP J 17 -45.69 3.39 -83.90
N THR J 18 -44.41 3.30 -83.52
CA THR J 18 -44.03 3.51 -82.13
C THR J 18 -44.14 4.97 -81.71
N LEU J 19 -44.12 5.89 -82.69
CA LEU J 19 -44.35 7.29 -82.40
C LEU J 19 -45.73 7.50 -81.80
N TRP J 20 -46.72 6.74 -82.28
CA TRP J 20 -48.05 6.79 -81.69
C TRP J 20 -48.03 6.34 -80.23
N LYS J 21 -47.31 5.26 -79.92
CA LYS J 21 -47.27 4.79 -78.54
C LYS J 21 -46.61 5.82 -77.63
N GLY J 22 -45.54 6.45 -78.11
CA GLY J 22 -44.91 7.51 -77.34
C GLY J 22 -45.82 8.71 -77.10
N THR J 23 -46.57 9.12 -78.14
CA THR J 23 -47.45 10.28 -78.00
C THR J 23 -48.63 9.99 -77.06
N MET J 24 -49.21 8.79 -77.14
CA MET J 24 -50.19 8.37 -76.12
C MET J 24 -49.61 8.31 -74.71
N LEU J 25 -48.36 7.89 -74.55
CA LEU J 25 -47.75 7.92 -73.21
C LEU J 25 -47.63 9.35 -72.69
N PHE J 26 -47.23 10.28 -73.57
CA PHE J 26 -47.17 11.69 -73.16
C PHE J 26 -48.57 12.24 -72.84
N ILE J 27 -49.58 11.80 -73.59
CA ILE J 27 -50.94 12.25 -73.32
C ILE J 27 -51.42 11.76 -71.97
N ILE J 28 -51.18 10.49 -71.64
CA ILE J 28 -51.67 9.95 -70.37
C ILE J 28 -50.90 10.55 -69.20
N CYS J 29 -49.63 10.93 -69.41
CA CYS J 29 -48.96 11.59 -68.30
C CYS J 29 -49.43 13.02 -68.11
N LEU J 30 -49.73 13.72 -69.21
CA LEU J 30 -50.30 15.06 -69.06
C LEU J 30 -51.67 15.00 -68.42
N VAL J 31 -52.38 13.88 -68.59
CA VAL J 31 -53.61 13.64 -67.83
C VAL J 31 -53.29 13.41 -66.35
N PHE J 32 -52.29 12.57 -66.05
CA PHE J 32 -52.01 12.18 -64.67
C PHE J 32 -51.49 13.33 -63.82
N ILE J 33 -50.57 14.14 -64.35
CA ILE J 33 -49.72 15.00 -63.51
C ILE J 33 -50.56 16.01 -62.73
N SER J 34 -51.51 16.63 -63.40
CA SER J 34 -52.39 17.61 -62.76
C SER J 34 -53.57 16.89 -62.11
N CYS J 35 -53.66 16.99 -60.78
CA CYS J 35 -54.79 16.47 -60.00
C CYS J 35 -54.97 14.96 -60.18
N ASN J 36 -53.97 14.22 -59.73
CA ASN J 36 -54.06 12.77 -59.69
C ASN J 36 -54.83 12.35 -58.45
N VAL J 37 -54.85 11.04 -58.16
CA VAL J 37 -55.52 10.57 -56.95
C VAL J 37 -54.72 10.99 -55.73
N LEU J 38 -55.41 11.26 -54.63
CA LEU J 38 -54.79 11.69 -53.38
C LEU J 38 -54.87 10.52 -52.41
N ARG J 39 -53.83 9.68 -52.42
CA ARG J 39 -53.78 8.48 -51.60
C ARG J 39 -52.69 8.58 -50.52
N GLU J 40 -52.58 9.74 -49.89
CA GLU J 40 -51.73 9.87 -48.71
C GLU J 40 -52.26 9.07 -47.54
N VAL J 41 -53.57 8.80 -47.51
CA VAL J 41 -54.15 7.91 -46.51
C VAL J 41 -53.75 6.46 -46.76
N LYS J 42 -53.27 6.15 -47.95
CA LYS J 42 -52.72 4.83 -48.26
C LYS J 42 -51.25 4.71 -47.86
N TYR J 43 -50.69 5.76 -47.24
CA TYR J 43 -49.29 5.81 -46.83
C TYR J 43 -48.35 5.56 -48.01
N GLN J 44 -48.68 6.15 -49.15
CA GLN J 44 -47.95 5.89 -50.38
C GLN J 44 -48.07 7.10 -51.30
N GLU J 45 -47.05 7.28 -52.14
CA GLU J 45 -47.10 8.26 -53.22
C GLU J 45 -46.84 7.55 -54.53
N THR J 46 -47.70 7.81 -55.52
CA THR J 46 -47.70 7.05 -56.76
C THR J 46 -47.18 7.85 -57.96
N TRP J 47 -46.17 8.69 -57.73
CA TRP J 47 -45.62 9.51 -58.81
C TRP J 47 -44.53 8.82 -59.60
N CYS J 48 -44.00 7.69 -59.12
CA CYS J 48 -42.87 7.04 -59.78
C CYS J 48 -43.29 6.09 -60.89
N PHE J 49 -44.52 5.55 -60.83
CA PHE J 49 -45.08 4.81 -61.96
C PHE J 49 -45.12 5.62 -63.24
N PRO J 50 -45.61 6.87 -63.27
CA PRO J 50 -45.40 7.67 -64.49
C PRO J 50 -43.95 8.06 -64.72
N ALA J 51 -43.09 8.07 -63.70
CA ALA J 51 -41.68 8.27 -64.00
C ALA J 51 -41.13 7.12 -64.86
N TYR J 52 -41.52 5.89 -64.54
CA TYR J 52 -41.19 4.75 -65.39
C TYR J 52 -41.85 4.84 -66.75
N GLY J 53 -43.11 5.30 -66.78
CA GLY J 53 -43.79 5.52 -68.05
C GLY J 53 -43.07 6.49 -68.95
N MET J 54 -42.54 7.59 -68.38
CA MET J 54 -41.78 8.54 -69.18
C MET J 54 -40.38 8.04 -69.53
N VAL J 55 -39.79 7.16 -68.71
CA VAL J 55 -38.56 6.50 -69.13
C VAL J 55 -38.80 5.70 -70.40
N ILE J 56 -39.83 4.85 -70.37
CA ILE J 56 -40.11 3.99 -71.53
C ILE J 56 -40.66 4.82 -72.68
N GLY J 57 -41.37 5.90 -72.38
CA GLY J 57 -41.93 6.74 -73.44
C GLY J 57 -40.88 7.58 -74.15
N LEU J 58 -39.92 8.12 -73.40
CA LEU J 58 -38.81 8.83 -74.02
C LEU J 58 -37.96 7.87 -74.83
N TRP J 59 -37.74 6.65 -74.32
CA TRP J 59 -37.00 5.66 -75.10
C TRP J 59 -37.75 5.32 -76.40
N LEU J 60 -39.07 5.15 -76.33
CA LEU J 60 -39.86 4.84 -77.52
C LEU J 60 -39.88 6.02 -78.49
N MET J 61 -39.93 7.25 -77.98
CA MET J 61 -39.89 8.44 -78.82
C MET J 61 -38.54 8.59 -79.50
N LEU J 62 -37.47 8.13 -78.85
CA LEU J 62 -36.13 8.18 -79.44
C LEU J 62 -35.99 7.27 -80.65
N SER J 63 -36.93 6.36 -80.89
CA SER J 63 -36.87 5.45 -82.03
C SER J 63 -37.39 6.16 -83.28
N SER J 64 -36.60 7.11 -83.76
CA SER J 64 -36.94 7.83 -84.98
C SER J 64 -36.58 7.00 -86.20
N ILE J 65 -37.31 7.22 -87.29
CA ILE J 65 -37.18 6.39 -88.48
C ILE J 65 -37.50 7.18 -89.76
N PRO J 66 -36.49 7.62 -90.51
CA PRO J 66 -36.78 8.23 -91.81
C PRO J 66 -37.00 7.21 -92.91
N GLN J 67 -38.27 6.98 -93.27
CA GLN J 67 -38.70 6.37 -94.53
C GLN J 67 -37.92 5.13 -94.96
N ARG J 68 -38.07 4.02 -94.23
CA ARG J 68 -37.42 2.75 -94.59
C ARG J 68 -37.73 2.36 -96.03
N ARG J 69 -36.69 2.32 -96.85
CA ARG J 69 -36.85 2.12 -98.29
C ARG J 69 -35.88 1.05 -98.79
N LEU J 70 -36.14 0.60 -100.01
CA LEU J 70 -35.29 -0.37 -100.69
C LEU J 70 -35.06 0.06 -102.14
N VAL J 71 -34.56 -0.86 -102.96
CA VAL J 71 -34.24 -0.57 -104.35
C VAL J 71 -35.29 -1.33 -105.17
N LEU J 72 -36.52 -1.40 -104.63
CA LEU J 72 -37.70 -1.98 -105.28
C LEU J 72 -38.17 -1.18 -106.51
N ASN J 73 -37.40 -0.19 -106.95
CA ASN J 73 -37.60 0.45 -108.24
C ASN J 73 -37.74 -0.59 -109.34
N HIS J 74 -38.70 -0.37 -110.23
CA HIS J 74 -39.08 -1.38 -111.22
C HIS J 74 -38.02 -1.51 -112.30
N THR J 75 -36.85 -2.02 -111.90
CA THR J 75 -35.65 -2.13 -112.72
C THR J 75 -34.91 -3.39 -112.30
N ARG J 76 -33.63 -3.46 -112.62
CA ARG J 76 -32.78 -4.57 -112.19
C ARG J 76 -32.16 -4.25 -110.83
N GLY J 77 -32.87 -3.46 -110.02
CA GLY J 77 -32.43 -3.09 -108.69
C GLY J 77 -32.17 -4.27 -107.79
N MET J 78 -31.11 -4.19 -106.99
CA MET J 78 -30.64 -5.34 -106.24
C MET J 78 -31.14 -5.38 -104.80
N TYR J 79 -32.14 -4.54 -104.46
CA TYR J 79 -32.88 -4.61 -103.19
C TYR J 79 -31.98 -4.28 -102.00
N HIS J 80 -31.18 -3.23 -102.14
CA HIS J 80 -30.32 -2.78 -101.05
C HIS J 80 -31.16 -2.10 -99.98
N PHE J 81 -30.91 -2.45 -98.73
CA PHE J 81 -31.61 -1.82 -97.62
C PHE J 81 -31.16 -0.36 -97.50
N SER J 82 -32.07 0.55 -97.83
CA SER J 82 -31.74 1.97 -97.95
C SER J 82 -32.40 2.74 -96.81
N ILE J 83 -31.62 3.62 -96.18
CA ILE J 83 -32.08 4.52 -95.12
C ILE J 83 -31.43 5.88 -95.35
N GLN J 84 -32.21 6.94 -95.15
CA GLN J 84 -31.67 8.30 -95.23
C GLN J 84 -30.54 8.47 -94.23
N GLY J 85 -29.32 8.62 -94.74
CA GLY J 85 -28.14 8.62 -93.89
C GLY J 85 -27.34 7.34 -94.04
N ARG J 86 -27.44 6.45 -93.05
CA ARG J 86 -26.68 5.21 -93.02
C ARG J 86 -27.36 4.13 -93.87
N THR J 87 -26.57 3.14 -94.26
CA THR J 87 -27.04 1.99 -95.01
C THR J 87 -26.44 0.73 -94.40
N VAL J 88 -27.24 -0.33 -94.29
CA VAL J 88 -26.81 -1.49 -93.52
C VAL J 88 -26.69 -2.74 -94.39
N CYS J 89 -27.80 -3.20 -94.95
CA CYS J 89 -27.88 -4.52 -95.56
C CYS J 89 -27.83 -4.43 -97.09
N GLN J 90 -26.88 -5.15 -97.69
CA GLN J 90 -26.77 -5.26 -99.14
C GLN J 90 -26.70 -6.73 -99.49
N GLY J 91 -27.52 -7.16 -100.44
CA GLY J 91 -27.57 -8.55 -100.80
C GLY J 91 -28.07 -8.81 -102.21
N PRO J 92 -27.30 -9.60 -102.97
CA PRO J 92 -27.73 -9.97 -104.33
C PRO J 92 -28.82 -11.05 -104.32
N MET J 93 -30.08 -10.62 -104.25
CA MET J 93 -31.31 -11.44 -104.30
C MET J 93 -31.31 -12.59 -103.29
N HIS J 94 -32.23 -13.52 -103.46
CA HIS J 94 -32.41 -14.74 -102.66
C HIS J 94 -32.67 -14.47 -101.17
N LEU J 95 -32.96 -13.24 -100.78
CA LEU J 95 -33.17 -12.95 -99.36
C LEU J 95 -34.46 -12.18 -99.13
N VAL J 96 -34.91 -11.41 -100.13
CA VAL J 96 -36.15 -10.67 -100.00
C VAL J 96 -37.26 -11.62 -100.41
N TYR J 97 -38.13 -11.95 -99.45
CA TYR J 97 -39.32 -12.78 -99.66
C TYR J 97 -40.55 -12.04 -99.15
N VAL J 98 -41.72 -12.58 -99.50
CA VAL J 98 -43.00 -12.11 -98.95
C VAL J 98 -43.74 -13.35 -98.47
N ARG J 99 -43.83 -13.54 -97.16
CA ARG J 99 -44.26 -14.79 -96.56
C ARG J 99 -45.52 -14.58 -95.73
N LEU J 100 -46.44 -15.55 -95.83
CA LEU J 100 -47.60 -15.61 -94.95
C LEU J 100 -47.19 -16.14 -93.58
N ALA J 101 -47.72 -15.54 -92.52
CA ALA J 101 -47.47 -15.97 -91.15
C ALA J 101 -48.79 -16.18 -90.43
N LEU J 102 -48.82 -17.16 -89.53
CA LEU J 102 -50.03 -17.59 -88.86
C LEU J 102 -49.84 -17.50 -87.35
N SER J 103 -50.93 -17.14 -86.65
CA SER J 103 -50.96 -17.13 -85.20
C SER J 103 -52.23 -17.82 -84.72
N SER J 104 -52.14 -18.49 -83.58
CA SER J 104 -53.28 -19.21 -83.02
C SER J 104 -53.36 -18.96 -81.51
N ASP J 105 -54.59 -18.95 -81.01
CA ASP J 105 -54.87 -18.77 -79.60
C ASP J 105 -55.22 -20.12 -78.97
N ALA J 106 -55.65 -20.08 -77.71
CA ALA J 106 -56.04 -21.31 -77.01
C ALA J 106 -57.26 -21.97 -77.66
N TYR J 107 -58.24 -21.16 -78.08
CA TYR J 107 -59.43 -21.70 -78.72
C TYR J 107 -59.09 -22.32 -80.08
N GLY J 108 -58.22 -21.68 -80.84
CA GLY J 108 -57.83 -22.21 -82.14
C GLY J 108 -58.08 -21.26 -83.28
N GLY J 109 -58.48 -20.03 -82.98
CA GLY J 109 -58.71 -19.04 -84.01
C GLY J 109 -57.41 -18.66 -84.69
N ARG J 110 -57.46 -18.48 -86.01
CA ARG J 110 -56.26 -18.24 -86.81
C ARG J 110 -56.20 -16.78 -87.24
N PHE J 111 -55.04 -16.16 -87.02
CA PHE J 111 -54.78 -14.77 -87.38
C PHE J 111 -53.67 -14.76 -88.42
N PHE J 112 -53.91 -14.08 -89.55
CA PHE J 112 -53.03 -14.13 -90.70
C PHE J 112 -52.33 -12.79 -90.88
N GLN J 113 -51.00 -12.82 -90.96
CA GLN J 113 -50.20 -11.64 -91.23
C GLN J 113 -49.29 -11.91 -92.42
N LEU J 114 -48.70 -10.86 -92.97
CA LEU J 114 -47.76 -10.98 -94.08
C LEU J 114 -46.50 -10.22 -93.73
N VAL J 115 -45.34 -10.80 -94.07
CA VAL J 115 -44.05 -10.24 -93.73
C VAL J 115 -43.17 -10.21 -94.96
N LEU J 116 -42.62 -9.05 -95.29
CA LEU J 116 -41.58 -8.97 -96.31
C LEU J 116 -40.28 -9.43 -95.67
N CYS J 117 -39.98 -10.72 -95.83
CA CYS J 117 -38.83 -11.33 -95.17
C CYS J 117 -37.52 -10.81 -95.76
N GLY J 118 -36.52 -10.70 -94.90
CA GLY J 118 -35.21 -10.22 -95.31
C GLY J 118 -34.37 -9.84 -94.12
N HIS J 119 -33.16 -9.40 -94.41
CA HIS J 119 -32.21 -9.03 -93.37
C HIS J 119 -32.63 -7.70 -92.75
N LYS J 120 -33.33 -7.77 -91.62
CA LYS J 120 -33.82 -6.60 -90.88
C LYS J 120 -34.72 -5.73 -91.77
N LEU J 121 -35.70 -6.35 -92.40
CA LEU J 121 -36.64 -5.65 -93.27
C LEU J 121 -37.88 -5.23 -92.47
N GLU J 122 -38.91 -4.78 -93.18
CA GLU J 122 -40.17 -4.36 -92.62
C GLU J 122 -41.29 -5.30 -93.07
N PRO J 123 -42.34 -5.47 -92.26
CA PRO J 123 -43.39 -6.43 -92.62
C PRO J 123 -44.44 -5.80 -93.53
N LEU J 124 -45.45 -6.59 -93.87
CA LEU J 124 -46.56 -6.19 -94.74
C LEU J 124 -47.87 -6.48 -94.02
N VAL J 125 -47.97 -6.00 -92.77
CA VAL J 125 -49.16 -6.21 -91.97
C VAL J 125 -50.33 -5.46 -92.59
N LEU J 126 -51.40 -6.19 -92.91
CA LEU J 126 -52.57 -5.58 -93.50
C LEU J 126 -53.43 -4.94 -92.40
N VAL J 127 -54.44 -4.17 -92.83
CA VAL J 127 -55.12 -3.22 -91.91
C VAL J 127 -56.23 -4.01 -91.23
N GLN J 128 -55.85 -4.73 -90.17
CA GLN J 128 -56.75 -5.23 -89.12
C GLN J 128 -57.92 -6.06 -89.68
N LEU J 129 -57.64 -6.89 -90.69
CA LEU J 129 -58.69 -7.70 -91.32
C LEU J 129 -58.10 -9.06 -91.68
N SER J 130 -58.25 -10.03 -90.77
CA SER J 130 -57.82 -11.41 -91.06
C SER J 130 -58.75 -12.35 -90.30
N GLU J 131 -59.80 -12.78 -90.99
CA GLU J 131 -60.71 -13.83 -90.50
C GLU J 131 -60.95 -14.90 -91.56
N ARG J 132 -60.91 -14.54 -92.83
CA ARG J 132 -61.09 -15.47 -93.94
C ARG J 132 -59.89 -15.38 -94.86
N TYR J 133 -59.64 -16.47 -95.59
CA TYR J 133 -58.51 -16.53 -96.52
C TYR J 133 -58.68 -15.60 -97.71
N GLU J 134 -59.93 -15.30 -98.09
CA GLU J 134 -60.27 -14.41 -99.20
C GLU J 134 -59.66 -14.85 -100.52
N GLN J 135 -58.63 -14.14 -100.98
CA GLN J 135 -58.10 -14.30 -102.32
C GLN J 135 -56.70 -14.90 -102.38
N MET J 136 -55.92 -14.82 -101.31
CA MET J 136 -54.57 -15.38 -101.23
C MET J 136 -53.65 -14.83 -102.31
N GLU J 137 -53.54 -15.55 -103.43
CA GLU J 137 -52.50 -15.32 -104.43
C GLU J 137 -52.70 -14.07 -105.27
N PHE J 138 -53.81 -13.34 -105.12
CA PHE J 138 -54.05 -12.18 -105.96
C PHE J 138 -53.04 -11.06 -105.66
N LEU J 139 -52.83 -10.77 -104.37
CA LEU J 139 -51.85 -9.75 -104.01
C LEU J 139 -50.42 -10.22 -104.30
N GLY J 140 -50.18 -11.53 -104.20
CA GLY J 140 -48.89 -12.07 -104.62
C GLY J 140 -48.64 -11.89 -106.10
N ARG J 141 -49.68 -12.09 -106.92
CA ARG J 141 -49.54 -11.84 -108.35
C ARG J 141 -49.39 -10.36 -108.66
N HIS J 142 -50.03 -9.49 -107.87
CA HIS J 142 -49.79 -8.06 -108.03
C HIS J 142 -48.34 -7.69 -107.71
N LEU J 143 -47.79 -8.27 -106.64
CA LEU J 143 -46.38 -8.07 -106.33
C LEU J 143 -45.48 -8.65 -107.42
N ALA J 144 -45.92 -9.75 -108.03
CA ALA J 144 -45.18 -10.32 -109.15
C ALA J 144 -45.18 -9.39 -110.35
N ARG J 145 -46.33 -8.77 -110.65
CA ARG J 145 -46.38 -7.76 -111.71
C ARG J 145 -45.50 -6.57 -111.37
N LYS J 146 -45.41 -6.22 -110.09
CA LYS J 146 -44.52 -5.14 -109.66
C LYS J 146 -43.06 -5.48 -109.91
N LEU J 147 -42.50 -6.42 -109.15
CA LEU J 147 -41.07 -6.72 -109.22
C LEU J 147 -40.77 -8.18 -108.90
N ASN J 148 -41.42 -9.11 -109.62
CA ASN J 148 -41.56 -10.53 -109.24
C ASN J 148 -40.33 -11.15 -108.61
N ILE J 149 -40.48 -11.56 -107.35
CA ILE J 149 -39.49 -12.23 -106.54
C ILE J 149 -39.98 -13.57 -105.95
N ASN J 150 -40.98 -13.52 -105.07
CA ASN J 150 -41.43 -14.68 -104.31
C ASN J 150 -42.84 -14.40 -103.81
N TYR J 151 -43.51 -15.48 -103.41
CA TYR J 151 -44.69 -15.43 -102.56
C TYR J 151 -44.70 -16.77 -101.83
N PHE J 152 -44.33 -16.72 -100.55
CA PHE J 152 -44.13 -17.91 -99.76
C PHE J 152 -45.34 -18.16 -98.85
N ASP J 153 -45.82 -19.39 -98.90
CA ASP J 153 -46.93 -19.85 -98.08
C ASP J 153 -46.40 -20.43 -96.78
N TYR J 154 -47.29 -21.03 -96.00
CA TYR J 154 -46.89 -21.61 -94.73
C TYR J 154 -46.24 -22.98 -94.94
N LEU J 155 -45.57 -23.45 -93.89
CA LEU J 155 -44.89 -24.75 -93.83
C LEU J 155 -43.80 -24.78 -94.90
N ALA J 156 -43.54 -25.96 -95.45
CA ALA J 156 -42.48 -26.14 -96.44
C ALA J 156 -42.96 -25.68 -97.81
N SER J 157 -42.20 -26.02 -98.86
CA SER J 157 -42.55 -25.67 -100.23
C SER J 157 -43.88 -26.30 -100.64
N SER J 158 -43.91 -27.64 -100.72
CA SER J 158 -45.09 -28.41 -101.07
C SER J 158 -45.69 -27.93 -102.39
N TYR J 159 -46.70 -27.07 -102.31
CA TYR J 159 -47.34 -26.48 -103.47
C TYR J 159 -47.78 -25.08 -103.09
N ARG J 160 -48.67 -24.49 -103.90
CA ARG J 160 -49.42 -23.26 -103.62
C ARG J 160 -48.55 -22.05 -103.26
N HIS J 161 -47.24 -22.13 -103.50
CA HIS J 161 -46.36 -20.98 -103.28
C HIS J 161 -45.47 -20.82 -104.50
N VAL J 162 -45.06 -19.59 -104.79
CA VAL J 162 -44.42 -19.25 -106.05
C VAL J 162 -43.04 -18.65 -105.78
N VAL J 163 -42.06 -19.07 -106.58
CA VAL J 163 -40.71 -18.52 -106.53
C VAL J 163 -40.36 -18.03 -107.94
N ARG J 164 -39.49 -17.02 -108.00
CA ARG J 164 -39.01 -16.51 -109.28
C ARG J 164 -37.50 -16.54 -109.40
N HIS J 165 -36.78 -16.25 -108.32
CA HIS J 165 -35.32 -16.29 -108.30
C HIS J 165 -34.85 -17.32 -107.29
N TRP J 166 -33.89 -18.14 -107.68
CA TRP J 166 -33.37 -19.20 -106.84
C TRP J 166 -31.85 -19.14 -106.80
N PRO J 167 -31.25 -19.34 -105.63
CA PRO J 167 -29.78 -19.30 -105.53
C PRO J 167 -29.14 -20.66 -105.78
N LEU J 168 -29.97 -21.70 -105.89
CA LEU J 168 -29.53 -23.09 -106.07
C LEU J 168 -28.55 -23.53 -104.98
N THR K 1 -132.96 -93.96 -124.60
CA THR K 1 -133.32 -93.22 -125.81
C THR K 1 -132.45 -91.98 -125.98
N ALA K 2 -131.34 -92.14 -126.71
CA ALA K 2 -130.43 -91.01 -126.91
C ALA K 2 -130.99 -90.01 -127.93
N ASN K 3 -131.86 -90.48 -128.81
CA ASN K 3 -132.47 -89.66 -129.88
C ASN K 3 -131.40 -89.01 -130.76
N VAL K 4 -130.44 -89.82 -131.20
CA VAL K 4 -129.33 -89.35 -132.03
C VAL K 4 -129.24 -90.24 -133.27
N SER K 5 -128.66 -89.67 -134.33
CA SER K 5 -128.50 -90.41 -135.57
C SER K 5 -127.37 -91.43 -135.45
N VAL K 6 -127.57 -92.60 -136.05
CA VAL K 6 -126.54 -93.65 -136.01
C VAL K 6 -125.33 -93.23 -136.81
N SER K 7 -125.55 -92.60 -137.97
CA SER K 7 -124.45 -92.14 -138.81
C SER K 7 -123.63 -91.04 -138.17
N ASP K 8 -124.20 -90.28 -137.23
CA ASP K 8 -123.44 -89.27 -136.50
C ASP K 8 -122.85 -89.81 -135.21
N VAL K 9 -123.45 -90.86 -134.64
CA VAL K 9 -122.95 -91.45 -133.41
C VAL K 9 -121.87 -92.50 -133.64
N CYS K 10 -121.78 -93.06 -134.84
CA CYS K 10 -120.76 -94.06 -135.17
C CYS K 10 -119.95 -93.62 -136.39
N GLU K 11 -119.51 -92.37 -136.40
CA GLU K 11 -118.75 -91.80 -137.51
C GLU K 11 -117.26 -91.73 -137.18
N ASP K 12 -116.76 -92.73 -136.46
CA ASP K 12 -115.36 -92.84 -136.05
C ASP K 12 -114.91 -91.60 -135.26
N PHE K 13 -115.57 -91.40 -134.12
CA PHE K 13 -115.28 -90.24 -133.28
C PHE K 13 -113.92 -90.35 -132.59
N ASP K 14 -113.35 -91.53 -132.52
CA ASP K 14 -112.03 -91.71 -131.91
C ASP K 14 -110.95 -91.05 -132.76
N GLU K 15 -110.00 -90.39 -132.09
CA GLU K 15 -108.92 -89.71 -132.81
C GLU K 15 -107.84 -90.67 -133.27
N GLU K 16 -107.87 -91.92 -132.82
CA GLU K 16 -106.88 -92.91 -133.25
C GLU K 16 -107.21 -93.57 -134.58
N GLY K 17 -108.39 -93.28 -135.15
CA GLY K 17 -108.79 -93.86 -136.40
C GLY K 17 -109.43 -95.23 -136.31
N LYS K 18 -109.58 -95.77 -135.11
CA LYS K 18 -110.19 -97.09 -134.94
C LYS K 18 -111.68 -97.02 -135.24
N SER K 19 -112.21 -98.14 -135.74
CA SER K 19 -113.63 -98.20 -136.10
C SER K 19 -114.49 -98.35 -134.84
N VAL K 20 -115.37 -97.38 -134.62
CA VAL K 20 -116.25 -97.41 -133.45
C VAL K 20 -117.25 -98.56 -133.56
N ARG K 21 -117.74 -98.83 -134.77
CA ARG K 21 -118.66 -99.95 -134.96
C ARG K 21 -117.98 -101.28 -134.69
N ASN K 22 -116.75 -101.45 -135.16
CA ASN K 22 -116.00 -102.68 -134.89
C ASN K 22 -115.70 -102.82 -133.40
N ARG K 23 -115.34 -101.72 -132.74
CA ARG K 23 -115.09 -101.76 -131.30
C ARG K 23 -116.34 -102.13 -130.53
N ILE K 24 -117.50 -101.58 -130.93
CA ILE K 24 -118.75 -101.90 -130.26
C ILE K 24 -119.14 -103.35 -130.50
N ARG K 25 -118.89 -103.86 -131.71
CA ARG K 25 -119.18 -105.27 -131.99
C ARG K 25 -118.29 -106.19 -131.17
N LYS K 26 -117.00 -105.85 -131.03
CA LYS K 26 -116.11 -106.64 -130.19
C LYS K 26 -116.52 -106.59 -128.73
N TYR K 27 -116.95 -105.41 -128.26
CA TYR K 27 -117.41 -105.28 -126.89
C TYR K 27 -118.68 -106.09 -126.65
N SER K 28 -119.59 -106.10 -127.63
CA SER K 28 -120.81 -106.90 -127.51
C SER K 28 -120.50 -108.39 -127.51
N GLN K 29 -119.53 -108.81 -128.33
CA GLN K 29 -119.13 -110.22 -128.33
C GLN K 29 -118.51 -110.61 -126.99
N THR K 30 -117.66 -109.73 -126.43
CA THR K 30 -117.06 -110.00 -125.12
C THR K 30 -118.12 -110.04 -124.04
N ILE K 31 -119.12 -109.15 -124.11
CA ILE K 31 -120.19 -109.14 -123.12
C ILE K 31 -121.03 -110.41 -123.22
N SER K 32 -121.30 -110.87 -124.44
CA SER K 32 -122.04 -112.12 -124.62
C SER K 32 -121.26 -113.30 -124.08
N ILE K 33 -119.94 -113.33 -124.31
CA ILE K 33 -119.11 -114.41 -123.78
C ILE K 33 -119.10 -114.38 -122.26
N ARG K 34 -118.99 -113.18 -121.68
CA ARG K 34 -119.01 -113.06 -120.21
C ARG K 34 -120.36 -113.47 -119.63
N ASP K 35 -121.46 -113.13 -120.31
CA ASP K 35 -122.78 -113.53 -119.85
C ASP K 35 -122.97 -115.04 -119.94
N SER K 36 -122.43 -115.66 -120.99
CA SER K 36 -122.49 -117.12 -121.09
C SER K 36 -121.63 -117.79 -120.03
N LEU K 37 -120.48 -117.20 -119.70
CA LEU K 37 -119.57 -117.75 -118.71
C LEU K 37 -119.92 -117.33 -117.28
N ASN K 38 -120.96 -116.51 -117.11
CA ASN K 38 -121.43 -116.04 -115.80
C ASN K 38 -120.33 -115.27 -115.06
N LEU K 39 -119.84 -114.23 -115.71
CA LEU K 39 -118.78 -113.39 -115.15
C LEU K 39 -119.36 -112.28 -114.28
N GLU K 40 -118.62 -111.93 -113.24
CA GLU K 40 -119.05 -110.89 -112.32
C GLU K 40 -118.93 -109.52 -112.96
N PRO K 41 -119.66 -108.53 -112.43
CA PRO K 41 -119.58 -107.17 -113.01
C PRO K 41 -118.21 -106.54 -112.92
N GLU K 42 -117.47 -106.77 -111.83
CA GLU K 42 -116.13 -106.22 -111.71
C GLU K 42 -115.18 -106.84 -112.74
N GLU K 43 -115.27 -108.16 -112.94
CA GLU K 43 -114.45 -108.81 -113.95
C GLU K 43 -114.85 -108.35 -115.35
N ILE K 44 -116.14 -108.12 -115.59
CA ILE K 44 -116.60 -107.63 -116.88
C ILE K 44 -116.06 -106.23 -117.15
N GLN K 45 -116.09 -105.36 -116.13
CA GLN K 45 -115.54 -104.02 -116.28
C GLN K 45 -114.04 -104.05 -116.52
N GLN K 46 -113.32 -104.93 -115.81
CA GLN K 46 -111.89 -105.07 -116.03
C GLN K 46 -111.58 -105.57 -117.44
N GLN K 47 -112.37 -106.53 -117.94
CA GLN K 47 -112.18 -107.04 -119.28
C GLN K 47 -112.48 -105.97 -120.33
N ALA K 48 -113.52 -105.18 -120.11
CA ALA K 48 -113.83 -104.08 -121.03
C ALA K 48 -112.72 -103.04 -121.04
N ARG K 49 -112.18 -102.71 -119.86
CA ARG K 49 -111.07 -101.78 -119.78
C ARG K 49 -109.84 -102.33 -120.49
N ARG K 50 -109.57 -103.62 -120.33
CA ARG K 50 -108.43 -104.25 -121.02
C ARG K 50 -108.64 -104.24 -122.54
N GLU K 51 -109.86 -104.48 -122.99
CA GLU K 51 -110.16 -104.43 -124.42
C GLU K 51 -109.98 -103.02 -124.99
N LEU K 52 -110.44 -102.01 -124.24
CA LEU K 52 -110.24 -100.63 -124.68
C LEU K 52 -108.76 -100.27 -124.70
N GLU K 53 -108.01 -100.71 -123.70
CA GLU K 53 -106.56 -100.46 -123.66
C GLU K 53 -105.86 -101.15 -124.82
N LEU K 54 -106.27 -102.37 -125.17
CA LEU K 54 -105.69 -103.06 -126.32
C LEU K 54 -106.05 -102.38 -127.63
N CYS K 55 -107.28 -101.86 -127.74
CA CYS K 55 -107.68 -101.14 -128.95
C CYS K 55 -106.87 -99.85 -129.11
N HIS K 56 -106.62 -99.15 -128.00
CA HIS K 56 -105.79 -97.96 -128.03
C HIS K 56 -104.31 -98.27 -128.25
N GLY K 57 -103.83 -99.40 -127.76
CA GLY K 57 -102.43 -99.77 -127.86
C GLY K 57 -102.10 -100.58 -129.10
N ARG K 58 -102.14 -99.93 -130.27
CA ARG K 58 -101.70 -100.55 -131.50
C ARG K 58 -100.18 -100.50 -131.58
N SER K 59 -99.62 -100.75 -132.76
CA SER K 59 -98.17 -100.64 -132.95
C SER K 59 -97.73 -99.21 -132.68
N LEU K 60 -96.80 -99.04 -131.74
CA LEU K 60 -96.38 -97.70 -131.31
C LEU K 60 -95.63 -96.96 -132.40
N GLU K 61 -95.02 -97.66 -133.35
CA GLU K 61 -94.33 -96.99 -134.45
C GLU K 61 -95.30 -96.37 -135.45
N HIS K 62 -96.56 -96.79 -135.44
CA HIS K 62 -97.57 -96.24 -136.36
C HIS K 62 -98.27 -95.06 -135.70
N GLY K 63 -97.49 -94.00 -135.49
CA GLY K 63 -98.02 -92.79 -134.90
C GLY K 63 -97.86 -92.72 -133.41
N GLU K 64 -97.66 -91.52 -132.87
CA GLU K 64 -97.50 -91.32 -131.44
C GLU K 64 -98.84 -91.15 -130.71
N ASP K 65 -99.96 -91.14 -131.44
CA ASP K 65 -101.26 -91.00 -130.80
C ASP K 65 -101.60 -92.23 -129.96
N HIS K 66 -101.20 -93.42 -130.44
CA HIS K 66 -101.45 -94.64 -129.68
C HIS K 66 -100.66 -94.66 -128.37
N GLU K 67 -99.42 -94.16 -128.40
CA GLU K 67 -98.63 -94.09 -127.18
C GLU K 67 -99.26 -93.13 -126.16
N GLU K 68 -99.74 -91.99 -126.62
CA GLU K 68 -100.42 -91.05 -125.73
C GLU K 68 -101.71 -91.65 -125.17
N SER K 69 -102.45 -92.39 -126.00
CA SER K 69 -103.66 -93.06 -125.54
C SER K 69 -103.34 -94.11 -124.48
N GLU K 70 -102.27 -94.87 -124.68
CA GLU K 70 -101.86 -95.86 -123.68
C GLU K 70 -101.41 -95.19 -122.39
N THR K 71 -100.69 -94.08 -122.50
CA THR K 71 -100.27 -93.35 -121.30
C THR K 71 -101.46 -92.80 -120.54
N SER K 72 -102.46 -92.30 -121.26
CA SER K 72 -103.69 -91.82 -120.61
C SER K 72 -104.47 -92.97 -119.97
N LEU K 73 -104.54 -94.12 -120.64
CA LEU K 73 -105.26 -95.27 -120.10
C LEU K 73 -104.53 -95.93 -118.94
N ALA K 74 -103.23 -95.71 -118.80
CA ALA K 74 -102.49 -96.24 -117.66
C ALA K 74 -102.87 -95.58 -116.34
N SER K 75 -103.54 -94.45 -116.36
CA SER K 75 -103.94 -93.75 -115.15
C SER K 75 -105.25 -94.37 -114.62
N SER K 76 -105.82 -93.75 -113.58
CA SER K 76 -107.07 -94.23 -112.99
C SER K 76 -108.26 -93.34 -113.33
N THR K 77 -108.17 -92.05 -113.01
CA THR K 77 -109.30 -91.14 -113.24
C THR K 77 -109.52 -90.87 -114.72
N SER K 78 -108.44 -90.57 -115.45
CA SER K 78 -108.56 -90.32 -116.89
C SER K 78 -109.01 -91.58 -117.64
N GLU K 79 -108.47 -92.74 -117.27
CA GLU K 79 -108.89 -93.98 -117.89
C GLU K 79 -110.35 -94.30 -117.59
N SER K 80 -110.79 -94.06 -116.35
CA SER K 80 -112.19 -94.29 -116.02
C SER K 80 -113.10 -93.34 -116.78
N LEU K 81 -112.69 -92.08 -116.93
CA LEU K 81 -113.50 -91.12 -117.70
C LEU K 81 -113.56 -91.52 -119.17
N ILE K 82 -112.44 -91.97 -119.73
CA ILE K 82 -112.42 -92.40 -121.12
C ILE K 82 -113.30 -93.64 -121.32
N PHE K 83 -113.24 -94.58 -120.39
CA PHE K 83 -114.07 -95.78 -120.47
C PHE K 83 -115.55 -95.43 -120.35
N SER K 84 -115.90 -94.50 -119.45
CA SER K 84 -117.28 -94.07 -119.31
C SER K 84 -117.77 -93.36 -120.57
N LEU K 85 -116.92 -92.53 -121.18
CA LEU K 85 -117.30 -91.87 -122.43
C LEU K 85 -117.47 -92.86 -123.57
N TRP K 86 -116.61 -93.88 -123.63
CA TRP K 86 -116.72 -94.87 -124.70
C TRP K 86 -117.94 -95.76 -124.52
N LYS K 87 -118.21 -96.18 -123.27
CA LYS K 87 -119.35 -97.04 -123.02
C LYS K 87 -120.69 -96.38 -123.31
N PRO K 88 -120.94 -95.14 -122.90
CA PRO K 88 -122.23 -94.50 -123.25
C PRO K 88 -122.39 -94.28 -124.75
N HIS K 89 -121.31 -93.91 -125.45
CA HIS K 89 -121.37 -93.76 -126.90
C HIS K 89 -121.61 -95.11 -127.58
N ARG K 90 -120.96 -96.16 -127.08
CA ARG K 90 -121.18 -97.50 -127.62
C ARG K 90 -122.62 -97.96 -127.41
N THR K 91 -123.17 -97.70 -126.22
CA THR K 91 -124.57 -98.06 -125.95
C THR K 91 -125.52 -97.27 -126.84
N TYR K 92 -125.26 -95.98 -127.04
CA TYR K 92 -126.10 -95.16 -127.91
C TYR K 92 -126.04 -95.66 -129.35
N TRP K 93 -124.84 -96.00 -129.83
CA TRP K 93 -124.71 -96.53 -131.19
C TRP K 93 -125.40 -97.88 -131.35
N THR K 94 -125.28 -98.75 -130.33
CA THR K 94 -125.94 -100.04 -130.40
C THR K 94 -127.46 -99.90 -130.39
N GLU K 95 -127.98 -98.95 -129.61
CA GLU K 95 -129.42 -98.72 -129.59
C GLU K 95 -129.90 -98.08 -130.89
N GLN K 96 -129.07 -97.22 -131.50
CA GLN K 96 -129.42 -96.57 -132.74
C GLN K 96 -129.26 -97.47 -133.96
N GLN K 97 -128.52 -98.57 -133.83
CA GLN K 97 -128.32 -99.49 -134.94
C GLN K 97 -129.64 -100.09 -135.40
N ASN K 98 -130.29 -100.90 -134.56
CA ASN K 98 -131.55 -101.52 -134.95
C ASN K 98 -132.67 -100.50 -135.13
N ARG K 99 -133.18 -99.95 -134.02
CA ARG K 99 -134.27 -98.97 -134.09
C ARG K 99 -134.31 -98.20 -132.78
N LEU K 100 -133.71 -97.01 -132.75
CA LEU K 100 -133.75 -96.16 -131.56
C LEU K 100 -135.04 -95.34 -131.42
N PRO K 101 -135.44 -94.50 -132.39
CA PRO K 101 -136.46 -93.49 -132.11
C PRO K 101 -137.83 -94.10 -131.83
N LEU K 102 -138.50 -93.57 -130.82
CA LEU K 102 -139.74 -94.18 -130.33
C LEU K 102 -140.56 -93.16 -129.53
N PRO K 103 -141.72 -93.55 -129.01
CA PRO K 103 -142.56 -92.60 -128.27
C PRO K 103 -141.97 -92.17 -126.94
N LEU K 104 -142.70 -91.28 -126.26
CA LEU K 104 -142.38 -90.68 -124.96
C LEU K 104 -141.19 -89.73 -125.01
N MET K 105 -140.49 -89.65 -126.15
CA MET K 105 -139.47 -88.64 -126.32
C MET K 105 -140.10 -87.25 -126.43
N GLU K 106 -141.18 -87.15 -127.20
CA GLU K 106 -141.94 -85.90 -127.24
C GLU K 106 -142.56 -85.58 -125.89
N LEU K 107 -142.96 -86.61 -125.13
CA LEU K 107 -143.50 -86.38 -123.79
C LEU K 107 -142.42 -85.82 -122.85
N MET K 108 -141.20 -86.35 -122.93
CA MET K 108 -140.10 -85.83 -122.13
C MET K 108 -139.75 -84.41 -122.55
N GLU K 109 -139.77 -84.12 -123.85
CA GLU K 109 -139.50 -82.77 -124.32
C GLU K 109 -140.57 -81.80 -123.84
N THR K 110 -141.83 -82.22 -123.88
CA THR K 110 -142.93 -81.37 -123.38
C THR K 110 -142.81 -81.14 -121.88
N GLU K 111 -142.42 -82.17 -121.13
CA GLU K 111 -142.22 -82.01 -119.69
C GLU K 111 -141.08 -81.04 -119.40
N VAL K 112 -139.98 -81.13 -120.17
CA VAL K 112 -138.87 -80.22 -119.99
C VAL K 112 -139.29 -78.79 -120.32
N LEU K 113 -140.06 -78.61 -121.40
CA LEU K 113 -140.54 -77.28 -121.77
C LEU K 113 -141.48 -76.71 -120.71
N ASP K 114 -142.37 -77.53 -120.16
CA ASP K 114 -143.28 -77.07 -119.11
C ASP K 114 -142.52 -76.69 -117.85
N ILE K 115 -141.50 -77.49 -117.49
CA ILE K 115 -140.68 -77.17 -116.32
C ILE K 115 -139.93 -75.86 -116.54
N LEU K 116 -139.38 -75.67 -117.75
CA LEU K 116 -138.68 -74.42 -118.05
C LEU K 116 -139.61 -73.22 -118.00
N LYS K 117 -140.83 -73.37 -118.53
CA LYS K 117 -141.80 -72.26 -118.50
C LYS K 117 -142.21 -71.93 -117.06
N LYS K 118 -142.46 -72.96 -116.25
CA LYS K 118 -142.83 -72.73 -114.86
C LYS K 118 -141.68 -72.07 -114.08
N ALA K 119 -140.45 -72.52 -114.31
CA ALA K 119 -139.30 -71.91 -113.66
C ALA K 119 -139.10 -70.47 -114.10
N LEU K 120 -139.31 -70.18 -115.39
CA LEU K 120 -139.20 -68.81 -115.89
C LEU K 120 -140.26 -67.92 -115.26
N ILE K 121 -141.49 -68.41 -115.15
CA ILE K 121 -142.56 -67.62 -114.52
C ILE K 121 -142.24 -67.37 -113.05
N THR K 122 -141.78 -68.40 -112.34
CA THR K 122 -141.47 -68.25 -110.92
C THR K 122 -140.31 -67.29 -110.69
N TYR K 123 -139.29 -67.33 -111.56
CA TYR K 123 -138.17 -66.41 -111.42
C TYR K 123 -138.54 -65.00 -111.82
N ARG K 124 -139.43 -64.83 -112.80
CA ARG K 124 -139.82 -63.49 -113.23
C ARG K 124 -140.73 -62.82 -112.20
N SER K 125 -141.69 -63.56 -111.66
CA SER K 125 -142.65 -63.01 -110.70
C SER K 125 -142.27 -63.45 -109.30
N THR K 126 -141.80 -62.50 -108.48
CA THR K 126 -141.44 -62.76 -107.09
C THR K 126 -141.91 -61.56 -106.27
N ILE K 127 -143.13 -61.64 -105.74
CA ILE K 127 -143.66 -60.55 -104.93
C ILE K 127 -142.96 -60.52 -103.57
N GLY K 128 -142.73 -61.67 -102.97
CA GLY K 128 -142.12 -61.73 -101.65
C GLY K 128 -140.70 -62.24 -101.65
N ARG K 129 -139.76 -61.41 -101.18
CA ARG K 129 -138.37 -61.84 -101.05
C ARG K 129 -138.16 -62.79 -99.88
N ASN K 130 -139.05 -62.77 -98.88
CA ASN K 130 -138.98 -63.66 -97.73
C ASN K 130 -140.05 -64.75 -97.78
N HIS K 131 -140.69 -64.94 -98.93
CA HIS K 131 -141.72 -65.96 -99.06
C HIS K 131 -141.10 -67.36 -99.03
N PHE K 132 -141.93 -68.34 -98.71
CA PHE K 132 -141.48 -69.72 -98.59
C PHE K 132 -141.77 -70.56 -99.82
N MET K 133 -142.93 -70.38 -100.45
CA MET K 133 -143.29 -71.21 -101.60
C MET K 133 -142.38 -70.95 -102.80
N THR K 134 -142.09 -69.67 -103.07
CA THR K 134 -141.20 -69.34 -104.17
C THR K 134 -139.79 -69.85 -103.93
N LYS K 135 -139.31 -69.73 -102.68
CA LYS K 135 -137.98 -70.25 -102.34
C LYS K 135 -137.93 -71.76 -102.48
N GLU K 136 -138.98 -72.46 -102.05
CA GLU K 136 -139.03 -73.92 -102.18
C GLU K 136 -139.05 -74.33 -103.65
N LEU K 137 -139.83 -73.63 -104.48
CA LEU K 137 -139.87 -73.95 -105.90
C LEU K 137 -138.52 -73.70 -106.57
N GLN K 138 -137.86 -72.59 -106.23
CA GLN K 138 -136.55 -72.31 -106.80
C GLN K 138 -135.51 -73.34 -106.36
N GLY K 139 -135.56 -73.74 -105.08
CA GLY K 139 -134.64 -74.76 -104.61
C GLY K 139 -134.88 -76.11 -105.26
N TYR K 140 -136.14 -76.48 -105.45
CA TYR K 140 -136.45 -77.73 -106.14
C TYR K 140 -135.98 -77.69 -107.60
N ILE K 141 -136.15 -76.55 -108.26
CA ILE K 141 -135.70 -76.41 -109.64
C ILE K 141 -134.18 -76.52 -109.72
N GLU K 142 -133.47 -75.87 -108.79
CA GLU K 142 -132.01 -75.95 -108.76
C GLU K 142 -131.53 -77.37 -108.49
N GLY K 143 -132.20 -78.06 -107.55
CA GLY K 143 -131.83 -79.45 -107.28
C GLY K 143 -132.08 -80.37 -108.45
N ILE K 144 -133.21 -80.17 -109.15
CA ILE K 144 -133.51 -80.97 -110.34
C ILE K 144 -132.48 -80.72 -111.44
N ARG K 145 -132.11 -79.45 -111.64
CA ARG K 145 -131.09 -79.14 -112.64
C ARG K 145 -129.75 -79.73 -112.29
N LYS K 146 -129.37 -79.69 -111.00
CA LYS K 146 -128.10 -80.28 -110.58
C LYS K 146 -128.11 -81.79 -110.73
N ARG K 147 -129.24 -82.44 -110.45
CA ARG K 147 -129.34 -83.88 -110.61
C ARG K 147 -129.31 -84.27 -112.09
N ARG K 148 -129.94 -83.47 -112.94
CA ARG K 148 -129.92 -83.78 -114.38
C ARG K 148 -128.54 -83.56 -114.98
N ASN K 149 -127.86 -82.50 -114.58
CA ASN K 149 -126.52 -82.21 -115.10
C ASN K 149 -125.50 -83.21 -114.56
N PRO L 1 -170.07 -7.95 -111.88
CA PRO L 1 -168.83 -7.67 -112.63
C PRO L 1 -167.58 -7.92 -111.81
N ILE L 2 -167.57 -9.03 -111.05
CA ILE L 2 -166.41 -9.39 -110.23
C ILE L 2 -165.58 -10.36 -111.07
N VAL L 3 -164.54 -9.83 -111.70
CA VAL L 3 -163.63 -10.63 -112.51
C VAL L 3 -162.27 -10.65 -111.84
N LEU L 4 -162.26 -10.53 -110.52
CA LEU L 4 -161.02 -10.33 -109.79
C LEU L 4 -160.23 -11.64 -109.64
N PRO L 5 -158.91 -11.55 -109.53
CA PRO L 5 -158.12 -12.74 -109.18
C PRO L 5 -158.46 -13.30 -107.82
N PHE L 6 -159.02 -12.50 -106.91
CA PHE L 6 -159.53 -13.05 -105.66
C PHE L 6 -160.63 -14.07 -105.90
N VAL L 7 -161.57 -13.74 -106.79
CA VAL L 7 -162.61 -14.71 -107.16
C VAL L 7 -162.01 -15.88 -107.94
N GLN L 8 -161.11 -15.59 -108.88
CA GLN L 8 -160.49 -16.63 -109.69
C GLN L 8 -159.58 -17.56 -108.89
N ARG L 9 -159.22 -17.19 -107.67
CA ARG L 9 -158.50 -18.08 -106.77
C ARG L 9 -159.40 -18.68 -105.68
N PHE L 10 -160.49 -18.00 -105.34
CA PHE L 10 -161.45 -18.52 -104.36
C PHE L 10 -162.33 -19.61 -104.94
N ASN L 11 -162.53 -19.65 -106.26
CA ASN L 11 -163.30 -20.73 -106.87
C ASN L 11 -162.51 -22.02 -106.98
N ASN L 12 -161.24 -22.02 -106.58
CA ASN L 12 -160.40 -23.21 -106.60
C ASN L 12 -160.90 -24.22 -105.56
N ILE L 13 -160.32 -25.42 -105.61
CA ILE L 13 -160.75 -26.50 -104.72
C ILE L 13 -160.36 -26.18 -103.28
N ASP L 14 -159.16 -25.63 -103.08
CA ASP L 14 -158.73 -25.25 -101.74
C ASP L 14 -159.53 -24.05 -101.22
N GLY L 15 -159.95 -23.15 -102.10
CA GLY L 15 -160.81 -22.06 -101.68
C GLY L 15 -162.16 -22.56 -101.17
N PHE L 16 -162.72 -23.57 -101.84
CA PHE L 16 -163.93 -24.21 -101.35
C PHE L 16 -163.73 -24.89 -100.02
N MET L 17 -162.61 -25.59 -99.83
CA MET L 17 -162.48 -26.34 -98.59
C MET L 17 -161.95 -25.53 -97.41
N THR L 18 -161.29 -24.40 -97.62
CA THR L 18 -161.06 -23.56 -96.46
C THR L 18 -162.39 -23.19 -95.83
N LEU L 19 -163.39 -22.86 -96.67
CA LEU L 19 -164.69 -22.49 -96.12
C LEU L 19 -165.34 -23.74 -95.53
N TYR L 20 -165.23 -24.89 -96.22
CA TYR L 20 -165.84 -26.13 -95.72
C TYR L 20 -165.28 -26.51 -94.36
N VAL L 21 -163.98 -26.32 -94.16
CA VAL L 21 -163.36 -26.55 -92.86
C VAL L 21 -163.93 -25.58 -91.83
N ALA L 22 -164.10 -24.30 -92.21
CA ALA L 22 -164.70 -23.35 -91.29
C ALA L 22 -166.14 -23.73 -90.92
N ALA L 23 -166.92 -24.21 -91.89
CA ALA L 23 -168.30 -24.59 -91.65
C ALA L 23 -168.39 -25.82 -90.76
N VAL L 24 -167.52 -26.81 -90.99
CA VAL L 24 -167.48 -27.99 -90.12
C VAL L 24 -167.03 -27.58 -88.72
N LEU L 25 -166.11 -26.62 -88.63
CA LEU L 25 -165.66 -26.12 -87.33
C LEU L 25 -166.80 -25.46 -86.55
N ILE L 26 -167.57 -24.60 -87.21
CA ILE L 26 -168.65 -23.93 -86.51
C ILE L 26 -169.79 -24.90 -86.21
N HIS L 27 -170.00 -25.91 -87.06
CA HIS L 27 -170.97 -26.95 -86.73
C HIS L 27 -170.55 -27.73 -85.49
N GLY L 28 -169.26 -28.09 -85.40
CA GLY L 28 -168.78 -28.79 -84.22
C GLY L 28 -168.89 -27.94 -82.97
N ALA L 29 -168.55 -26.65 -83.07
CA ALA L 29 -168.68 -25.75 -81.94
C ALA L 29 -170.13 -25.62 -81.50
N LEU L 30 -171.04 -25.45 -82.45
CA LEU L 30 -172.46 -25.31 -82.11
C LEU L 30 -172.98 -26.58 -81.46
N PHE L 31 -172.64 -27.76 -82.01
CA PHE L 31 -173.12 -29.01 -81.44
C PHE L 31 -172.56 -29.25 -80.03
N ALA L 32 -171.28 -28.94 -79.83
CA ALA L 32 -170.69 -29.09 -78.51
C ALA L 32 -171.32 -28.15 -77.50
N VAL L 33 -171.68 -26.95 -77.93
CA VAL L 33 -172.39 -26.03 -77.04
C VAL L 33 -173.79 -26.55 -76.72
N VAL L 34 -174.51 -27.01 -77.76
CA VAL L 34 -175.91 -27.42 -77.57
C VAL L 34 -176.02 -28.65 -76.68
N ASP L 35 -175.08 -29.59 -76.79
CA ASP L 35 -175.16 -30.81 -75.99
C ASP L 35 -175.10 -30.50 -74.49
N MET L 36 -174.08 -29.76 -74.07
CA MET L 36 -173.99 -29.37 -72.67
C MET L 36 -175.06 -28.38 -72.26
N THR L 37 -175.52 -27.52 -73.18
CA THR L 37 -176.60 -26.60 -72.85
C THR L 37 -177.90 -27.36 -72.56
N LEU L 38 -178.20 -28.39 -73.35
CA LEU L 38 -179.37 -29.21 -73.09
C LEU L 38 -179.22 -30.00 -71.79
N ASN L 39 -178.01 -30.51 -71.52
CA ASN L 39 -177.78 -31.24 -70.29
C ASN L 39 -178.01 -30.35 -69.07
N ILE L 40 -177.43 -29.15 -69.06
CA ILE L 40 -177.63 -28.25 -67.93
C ILE L 40 -179.05 -27.68 -67.91
N TYR L 41 -179.72 -27.60 -69.06
CA TYR L 41 -181.12 -27.19 -69.08
C TYR L 41 -182.00 -28.21 -68.37
N GLN L 42 -181.78 -29.49 -68.66
CA GLN L 42 -182.52 -30.54 -67.96
C GLN L 42 -182.16 -30.56 -66.47
N VAL L 43 -180.90 -30.30 -66.15
CA VAL L 43 -180.47 -30.32 -64.74
C VAL L 43 -181.11 -29.17 -63.97
N GLN L 44 -181.09 -27.96 -64.52
CA GLN L 44 -181.44 -26.76 -63.77
C GLN L 44 -182.90 -26.36 -63.90
N PHE L 45 -183.48 -26.46 -65.10
CA PHE L 45 -184.81 -25.93 -65.37
C PHE L 45 -185.93 -26.90 -64.98
N SER L 46 -185.64 -27.86 -64.10
CA SER L 46 -186.64 -28.78 -63.52
C SER L 46 -187.35 -29.60 -64.59
N LEU L 47 -186.57 -30.44 -65.28
CA LEU L 47 -187.09 -31.38 -66.25
C LEU L 47 -186.72 -32.80 -65.84
N THR L 48 -187.01 -33.75 -66.73
CA THR L 48 -186.75 -35.16 -66.50
C THR L 48 -185.77 -35.72 -67.52
N ARG L 49 -185.08 -36.78 -67.12
CA ARG L 49 -184.13 -37.43 -68.01
C ARG L 49 -184.83 -38.05 -69.21
N THR L 50 -186.09 -38.48 -69.06
CA THR L 50 -186.85 -38.96 -70.22
C THR L 50 -187.09 -37.84 -71.22
N GLU L 51 -187.41 -36.64 -70.74
CA GLU L 51 -187.56 -35.50 -71.62
C GLU L 51 -186.24 -35.14 -72.29
N TRP L 52 -185.13 -35.24 -71.55
CA TRP L 52 -183.83 -34.98 -72.15
C TRP L 52 -183.47 -36.03 -73.20
N TYR L 53 -183.86 -37.28 -72.97
CA TYR L 53 -183.57 -38.33 -73.94
C TYR L 53 -184.40 -38.16 -75.20
N LEU L 54 -185.67 -37.78 -75.06
CA LEU L 54 -186.49 -37.44 -76.22
C LEU L 54 -185.90 -36.23 -76.95
N MET L 55 -185.38 -35.27 -76.19
CA MET L 55 -184.73 -34.09 -76.75
C MET L 55 -183.52 -34.48 -77.60
N ASP L 56 -182.69 -35.38 -77.08
CA ASP L 56 -181.53 -35.83 -77.85
C ASP L 56 -181.95 -36.69 -79.04
N PHE L 57 -183.05 -37.43 -78.91
CA PHE L 57 -183.52 -38.28 -80.00
C PHE L 57 -184.12 -37.46 -81.13
N SER L 58 -184.62 -36.26 -80.83
CA SER L 58 -185.23 -35.42 -81.87
C SER L 58 -184.23 -35.05 -82.95
N ASP L 59 -183.01 -34.66 -82.55
CA ASP L 59 -181.98 -34.32 -83.52
C ASP L 59 -181.61 -35.53 -84.38
N TYR L 60 -181.48 -36.70 -83.76
CA TYR L 60 -181.11 -37.90 -84.49
C TYR L 60 -182.18 -38.30 -85.50
N ILE L 61 -183.46 -38.24 -85.11
CA ILE L 61 -184.51 -38.63 -86.04
C ILE L 61 -184.67 -37.59 -87.14
N ALA L 62 -184.47 -36.30 -86.84
CA ALA L 62 -184.52 -35.29 -87.89
C ALA L 62 -183.40 -35.48 -88.90
N SER L 63 -182.20 -35.79 -88.41
CA SER L 63 -181.08 -36.07 -89.31
C SER L 63 -181.34 -37.31 -90.15
N PHE L 64 -181.93 -38.34 -89.53
CA PHE L 64 -182.24 -39.57 -90.27
C PHE L 64 -183.27 -39.33 -91.37
N VAL L 65 -184.30 -38.53 -91.08
CA VAL L 65 -185.33 -38.30 -92.10
C VAL L 65 -184.88 -37.26 -93.13
N VAL L 66 -183.84 -36.48 -92.84
CA VAL L 66 -183.35 -35.52 -93.81
C VAL L 66 -182.20 -36.05 -94.67
N ALA L 67 -181.48 -37.09 -94.22
CA ALA L 67 -180.28 -37.53 -94.92
C ALA L 67 -180.60 -38.09 -96.30
N ILE L 68 -181.53 -39.04 -96.38
CA ILE L 68 -181.85 -39.69 -97.65
C ILE L 68 -182.48 -38.69 -98.61
N ILE L 69 -183.38 -37.84 -98.10
CA ILE L 69 -184.05 -36.85 -98.95
C ILE L 69 -183.05 -35.87 -99.53
N ILE L 70 -182.11 -35.37 -98.70
CA ILE L 70 -181.16 -34.40 -99.22
C ILE L 70 -180.12 -35.08 -100.12
N ALA L 71 -179.84 -36.37 -99.90
CA ALA L 71 -178.95 -37.08 -100.81
C ALA L 71 -179.58 -37.25 -102.18
N HIS L 72 -180.87 -37.60 -102.21
CA HIS L 72 -181.58 -37.71 -103.49
C HIS L 72 -181.69 -36.35 -104.17
N PHE L 73 -181.92 -35.29 -103.40
CA PHE L 73 -182.03 -33.96 -103.99
C PHE L 73 -180.69 -33.46 -104.53
N GLY L 74 -179.59 -33.70 -103.80
CA GLY L 74 -178.28 -33.29 -104.27
C GLY L 74 -177.71 -34.16 -105.36
N SER L 75 -178.25 -35.37 -105.53
CA SER L 75 -177.82 -36.21 -106.65
C SER L 75 -178.25 -35.61 -107.99
N LYS L 76 -179.37 -34.88 -108.02
CA LYS L 76 -179.88 -34.31 -109.25
C LYS L 76 -179.63 -32.81 -109.39
N GLY L 77 -179.44 -32.10 -108.28
CA GLY L 77 -179.30 -30.65 -108.30
C GLY L 77 -177.90 -30.19 -107.92
N ASN L 78 -177.75 -28.87 -107.93
CA ASN L 78 -176.48 -28.26 -107.57
C ASN L 78 -176.24 -28.39 -106.07
N ARG L 79 -175.07 -28.92 -105.71
CA ARG L 79 -174.75 -29.12 -104.30
C ARG L 79 -174.54 -27.79 -103.57
N THR L 80 -174.00 -26.79 -104.28
CA THR L 80 -173.69 -25.50 -103.65
C THR L 80 -174.95 -24.81 -103.14
N ARG L 81 -176.03 -24.85 -103.94
CA ARG L 81 -177.28 -24.21 -103.53
C ARG L 81 -177.87 -24.88 -102.29
N TRP L 82 -177.83 -26.22 -102.25
CA TRP L 82 -178.36 -26.93 -101.09
C TRP L 82 -177.50 -26.67 -99.85
N ILE L 83 -176.18 -26.60 -100.02
CA ILE L 83 -175.30 -26.28 -98.89
C ILE L 83 -175.56 -24.88 -98.36
N ALA L 84 -175.77 -23.91 -99.27
CA ALA L 84 -176.08 -22.55 -98.86
C ALA L 84 -177.43 -22.48 -98.14
N ALA L 85 -178.42 -23.22 -98.64
CA ALA L 85 -179.72 -23.27 -97.97
C ALA L 85 -179.61 -23.88 -96.58
N SER L 86 -178.81 -24.95 -96.44
CA SER L 86 -178.59 -25.55 -95.14
C SER L 86 -177.88 -24.59 -94.20
N CYS L 87 -176.92 -23.81 -94.72
CA CYS L 87 -176.22 -22.84 -93.88
C CYS L 87 -177.15 -21.73 -93.42
N ILE L 88 -178.06 -21.27 -94.30
CA ILE L 88 -179.04 -20.26 -93.91
C ILE L 88 -179.99 -20.83 -92.85
N LEU L 89 -180.43 -22.07 -93.03
CA LEU L 89 -181.29 -22.73 -92.05
C LEU L 89 -180.56 -22.89 -90.72
N MET L 90 -179.24 -23.13 -90.77
CA MET L 90 -178.43 -23.23 -89.55
C MET L 90 -178.30 -21.89 -88.84
N GLY L 91 -178.12 -20.81 -89.62
CA GLY L 91 -178.10 -19.48 -89.02
C GLY L 91 -179.41 -19.11 -88.38
N LEU L 92 -180.52 -19.56 -88.97
CA LEU L 92 -181.81 -19.43 -88.30
C LEU L 92 -181.88 -20.30 -87.05
N GLU L 93 -181.32 -21.51 -87.11
CA GLU L 93 -181.38 -22.46 -86.00
C GLU L 93 -180.68 -21.93 -84.76
N SER L 94 -179.50 -21.33 -84.94
CA SER L 94 -178.75 -20.85 -83.79
C SER L 94 -179.49 -19.73 -83.06
N MET L 95 -180.06 -18.77 -83.80
CA MET L 95 -180.79 -17.69 -83.15
C MET L 95 -182.13 -18.17 -82.60
N LEU L 96 -182.74 -19.19 -83.23
CA LEU L 96 -183.95 -19.78 -82.70
C LEU L 96 -183.70 -20.48 -81.37
N PHE L 97 -182.54 -21.14 -81.24
CA PHE L 97 -182.14 -21.70 -79.94
C PHE L 97 -181.77 -20.59 -78.96
N ALA L 98 -181.29 -19.45 -79.47
CA ALA L 98 -180.90 -18.36 -78.58
C ALA L 98 -182.11 -17.62 -78.01
N PHE L 99 -183.26 -17.68 -78.69
CA PHE L 99 -184.44 -16.96 -78.23
C PHE L 99 -184.88 -17.31 -76.80
N PRO L 100 -185.12 -18.58 -76.42
CA PRO L 100 -185.72 -18.83 -75.09
C PRO L 100 -184.83 -18.45 -73.92
N PHE L 101 -183.51 -18.48 -74.10
CA PHE L 101 -182.61 -18.14 -73.00
C PHE L 101 -182.61 -16.65 -72.70
N PHE L 102 -183.15 -15.83 -73.58
CA PHE L 102 -183.28 -14.39 -73.35
C PHE L 102 -184.71 -13.95 -73.10
N THR L 103 -185.69 -14.51 -73.80
CA THR L 103 -187.06 -14.07 -73.63
C THR L 103 -187.76 -14.76 -72.46
N TYR L 104 -187.26 -15.92 -72.04
CA TYR L 104 -187.88 -16.64 -70.93
C TYR L 104 -186.86 -16.99 -69.85
N GLU L 105 -186.08 -16.01 -69.39
CA GLU L 105 -185.11 -16.22 -68.32
C GLU L 105 -185.73 -16.17 -66.93
N ILE L 106 -187.05 -16.24 -66.81
CA ILE L 106 -187.75 -16.12 -65.54
C ILE L 106 -188.43 -17.43 -65.15
N ILE L 107 -187.97 -18.56 -65.72
CA ILE L 107 -188.62 -19.84 -65.50
C ILE L 107 -188.47 -20.28 -64.04
N ILE L 108 -187.24 -20.45 -63.58
CA ILE L 108 -187.01 -20.83 -62.19
C ILE L 108 -185.83 -20.02 -61.65
N PRO L 109 -186.09 -18.87 -61.04
CA PRO L 109 -185.03 -18.12 -60.37
C PRO L 109 -184.99 -18.47 -58.88
N GLY L 110 -183.94 -17.97 -58.22
CA GLY L 110 -183.82 -18.18 -56.78
C GLY L 110 -184.88 -17.45 -55.99
N ARG L 111 -185.12 -16.17 -56.32
CA ARG L 111 -186.05 -15.36 -55.56
C ARG L 111 -186.93 -14.45 -56.41
N GLN L 112 -186.78 -14.45 -57.74
CA GLN L 112 -187.50 -13.49 -58.57
C GLN L 112 -188.95 -13.86 -58.81
N SER L 113 -189.37 -15.06 -58.41
CA SER L 113 -190.78 -15.47 -58.53
C SER L 113 -191.56 -14.82 -57.41
N ILE L 114 -191.88 -13.53 -57.61
CA ILE L 114 -192.52 -12.73 -56.56
C ILE L 114 -194.00 -13.04 -56.40
N GLU L 115 -194.63 -13.70 -57.38
CA GLU L 115 -196.06 -13.97 -57.29
C GLU L 115 -196.35 -15.09 -56.29
N LEU L 116 -195.52 -16.12 -56.26
CA LEU L 116 -195.80 -17.31 -55.47
C LEU L 116 -194.76 -17.60 -54.40
N CYS L 117 -193.64 -16.88 -54.36
CA CYS L 117 -192.57 -17.13 -53.40
C CYS L 117 -192.19 -15.85 -52.69
N MET L 118 -191.95 -15.93 -51.39
CA MET L 118 -191.55 -14.79 -50.59
C MET L 118 -190.09 -14.95 -50.15
N GLU L 119 -189.41 -13.81 -50.04
CA GLU L 119 -187.98 -13.84 -49.69
C GLU L 119 -187.77 -14.23 -48.23
N GLU L 120 -188.72 -13.95 -47.36
CA GLU L 120 -188.57 -14.24 -45.94
C GLU L 120 -188.70 -15.72 -45.61
N ASN L 121 -189.10 -16.56 -46.56
CA ASN L 121 -189.32 -17.98 -46.32
C ASN L 121 -188.42 -18.81 -47.24
N GLU L 122 -187.86 -19.87 -46.69
CA GLU L 122 -187.00 -20.79 -47.44
C GLU L 122 -187.76 -21.98 -48.00
N LYS L 123 -188.79 -22.46 -47.30
CA LYS L 123 -189.57 -23.59 -47.80
C LYS L 123 -190.48 -23.19 -48.95
N ARG L 124 -190.85 -21.90 -49.03
CA ARG L 124 -191.72 -21.44 -50.10
C ARG L 124 -190.97 -21.14 -51.39
N ASN L 125 -189.64 -21.08 -51.35
CA ASN L 125 -188.86 -20.81 -52.55
C ASN L 125 -188.55 -22.06 -53.36
N ILE L 126 -188.90 -23.25 -52.86
CA ILE L 126 -188.70 -24.50 -53.56
C ILE L 126 -190.02 -25.19 -53.88
N ILE L 127 -191.15 -24.55 -53.60
CA ILE L 127 -192.47 -25.10 -53.88
C ILE L 127 -193.24 -24.09 -54.70
N CYS L 128 -194.53 -24.38 -54.96
CA CYS L 128 -195.39 -23.59 -55.83
C CYS L 128 -194.79 -23.51 -57.24
N GLY L 129 -194.76 -24.68 -57.88
CA GLY L 129 -193.98 -24.88 -59.09
C GLY L 129 -194.54 -24.19 -60.32
N ASN L 130 -194.42 -22.86 -60.36
CA ASN L 130 -194.72 -22.10 -61.57
C ASN L 130 -193.69 -22.31 -62.66
N SER L 131 -192.57 -22.97 -62.35
CA SER L 131 -191.58 -23.31 -63.36
C SER L 131 -192.08 -24.36 -64.34
N VAL L 132 -193.07 -25.17 -63.96
CA VAL L 132 -193.64 -26.17 -64.85
C VAL L 132 -194.37 -25.47 -66.01
N PRO L 133 -195.19 -24.42 -65.79
CA PRO L 133 -195.56 -23.57 -66.91
C PRO L 133 -194.37 -22.75 -67.40
N ASN L 134 -194.51 -22.22 -68.61
CA ASN L 134 -193.44 -21.49 -69.32
C ASN L 134 -192.21 -22.38 -69.52
N ARG L 135 -192.42 -23.69 -69.58
CA ARG L 135 -191.37 -24.67 -69.81
C ARG L 135 -191.64 -25.56 -71.01
N SER L 136 -192.89 -25.98 -71.21
CA SER L 136 -193.24 -26.75 -72.40
C SER L 136 -193.09 -25.92 -73.67
N LYS L 137 -193.28 -24.61 -73.57
CA LYS L 137 -192.98 -23.72 -74.68
C LYS L 137 -191.49 -23.74 -75.00
N CYS L 138 -190.65 -23.74 -73.96
CA CYS L 138 -189.22 -23.91 -74.16
C CYS L 138 -188.87 -25.29 -74.69
N ILE L 139 -189.62 -26.32 -74.25
CA ILE L 139 -189.42 -27.67 -74.80
C ILE L 139 -189.76 -27.70 -76.28
N TYR L 140 -190.86 -27.05 -76.67
CA TYR L 140 -191.23 -26.96 -78.08
C TYR L 140 -190.18 -26.20 -78.88
N PHE L 141 -189.68 -25.09 -78.33
CA PHE L 141 -188.66 -24.31 -79.01
C PHE L 141 -187.38 -25.12 -79.20
N HIS L 142 -186.97 -25.87 -78.18
CA HIS L 142 -185.76 -26.67 -78.29
C HIS L 142 -185.96 -27.84 -79.25
N ILE L 143 -187.16 -28.43 -79.28
CA ILE L 143 -187.44 -29.51 -80.21
C ILE L 143 -187.37 -29.02 -81.65
N GLY L 144 -187.99 -27.88 -81.93
CA GLY L 144 -187.89 -27.29 -83.25
C GLY L 144 -186.46 -26.90 -83.59
N GLY L 145 -185.71 -26.40 -82.60
CA GLY L 145 -184.33 -26.02 -82.84
C GLY L 145 -183.43 -27.20 -83.18
N GLN L 146 -183.61 -28.32 -82.47
CA GLN L 146 -182.80 -29.50 -82.80
C GLN L 146 -183.24 -30.14 -84.11
N CYS L 147 -184.53 -30.07 -84.43
CA CYS L 147 -184.99 -30.57 -85.73
C CYS L 147 -184.36 -29.77 -86.87
N ILE L 148 -184.44 -28.44 -86.81
CA ILE L 148 -183.84 -27.61 -87.85
C ILE L 148 -182.31 -27.72 -87.79
N HIS L 149 -181.74 -28.03 -86.61
CA HIS L 149 -180.31 -28.24 -86.50
C HIS L 149 -179.87 -29.47 -87.29
N GLY L 150 -180.60 -30.58 -87.14
CA GLY L 150 -180.29 -31.76 -87.93
C GLY L 150 -180.48 -31.54 -89.42
N ILE L 151 -181.62 -30.91 -89.77
CA ILE L 151 -181.95 -30.65 -91.17
C ILE L 151 -180.95 -29.68 -91.80
N ALA L 152 -180.32 -28.83 -91.00
CA ALA L 152 -179.32 -27.90 -91.52
C ALA L 152 -177.90 -28.42 -91.42
N GLY L 153 -177.65 -29.44 -90.61
CA GLY L 153 -176.30 -29.93 -90.40
C GLY L 153 -175.93 -31.16 -91.20
N MET L 154 -176.82 -32.16 -91.26
CA MET L 154 -176.43 -33.35 -92.01
C MET L 154 -176.37 -33.20 -93.53
N PRO L 155 -177.20 -32.36 -94.16
CA PRO L 155 -176.93 -32.03 -95.57
C PRO L 155 -175.53 -31.47 -95.81
N ILE L 156 -174.99 -30.68 -94.89
CA ILE L 156 -173.61 -30.22 -95.04
C ILE L 156 -172.64 -31.39 -95.03
N TYR L 157 -172.78 -32.28 -94.04
CA TYR L 157 -171.87 -33.42 -93.92
C TYR L 157 -172.06 -34.46 -95.02
N ILE L 158 -173.17 -34.39 -95.77
CA ILE L 158 -173.35 -35.26 -96.91
C ILE L 158 -172.74 -34.62 -98.15
N LEU L 159 -173.19 -33.39 -98.45
CA LEU L 159 -172.86 -32.76 -99.72
C LEU L 159 -171.41 -32.27 -99.79
N GLY L 160 -170.82 -31.85 -98.66
CA GLY L 160 -169.41 -31.48 -98.69
C GLY L 160 -168.50 -32.66 -99.01
N ILE L 161 -168.76 -33.80 -98.36
CA ILE L 161 -167.98 -35.00 -98.66
C ILE L 161 -168.30 -35.51 -100.07
N THR L 162 -169.54 -35.31 -100.54
CA THR L 162 -169.87 -35.65 -101.92
C THR L 162 -169.06 -34.80 -102.90
N PHE L 163 -168.93 -33.51 -102.63
CA PHE L 163 -168.10 -32.63 -103.46
C PHE L 163 -166.64 -33.05 -103.41
N ILE L 164 -166.16 -33.46 -102.22
CA ILE L 164 -164.80 -33.99 -102.10
C ILE L 164 -164.63 -35.22 -102.98
N PHE L 165 -165.62 -36.11 -102.97
CA PHE L 165 -165.51 -37.36 -103.71
C PHE L 165 -165.55 -37.12 -105.22
N ASP L 166 -166.42 -36.21 -105.66
CA ASP L 166 -166.67 -36.02 -107.09
C ASP L 166 -165.84 -34.89 -107.70
N HIS L 167 -165.02 -34.19 -106.92
CA HIS L 167 -164.24 -33.08 -107.46
C HIS L 167 -162.77 -33.14 -107.07
N ILE L 168 -162.36 -34.03 -106.17
CA ILE L 168 -160.97 -34.14 -105.76
C ILE L 168 -160.46 -35.54 -106.12
N PRO L 169 -159.21 -35.66 -106.57
CA PRO L 169 -158.61 -36.99 -106.72
C PRO L 169 -158.43 -37.68 -105.37
N THR L 170 -158.34 -39.01 -105.42
CA THR L 170 -158.21 -39.80 -104.20
C THR L 170 -156.89 -39.58 -103.50
N SER L 171 -155.89 -39.03 -104.20
CA SER L 171 -154.60 -38.77 -103.55
C SER L 171 -154.68 -37.61 -102.56
N SER L 172 -155.70 -36.76 -102.69
CA SER L 172 -155.94 -35.69 -101.73
C SER L 172 -157.25 -35.88 -100.97
N CYS L 173 -158.09 -36.84 -101.40
CA CYS L 173 -159.35 -37.09 -100.71
C CYS L 173 -159.12 -37.54 -99.27
N GLY L 174 -158.08 -38.35 -99.04
CA GLY L 174 -157.81 -38.81 -97.68
C GLY L 174 -157.39 -37.69 -96.75
N PHE L 175 -156.45 -36.84 -97.18
CA PHE L 175 -156.09 -35.65 -96.41
C PHE L 175 -157.30 -34.76 -96.18
N TYR L 176 -158.20 -34.74 -97.16
CA TYR L 176 -159.31 -33.80 -97.07
C TYR L 176 -160.39 -34.27 -96.09
N LEU L 177 -160.71 -35.56 -96.12
CA LEU L 177 -161.58 -36.12 -95.08
C LEU L 177 -160.92 -36.03 -93.71
N ALA L 178 -159.60 -36.18 -93.65
CA ALA L 178 -158.88 -36.07 -92.39
C ALA L 178 -159.01 -34.67 -91.80
N ILE L 179 -158.79 -33.64 -92.62
CA ILE L 179 -158.87 -32.28 -92.10
C ILE L 179 -160.31 -31.89 -91.80
N GLY L 180 -161.29 -32.44 -92.52
CA GLY L 180 -162.68 -32.20 -92.18
C GLY L 180 -163.06 -32.80 -90.83
N HIS L 181 -162.65 -34.05 -90.58
CA HIS L 181 -162.93 -34.67 -89.29
C HIS L 181 -162.17 -33.98 -88.16
N SER L 182 -160.94 -33.54 -88.43
CA SER L 182 -160.19 -32.76 -87.45
C SER L 182 -160.85 -31.42 -87.18
N ALA L 183 -161.45 -30.80 -88.21
CA ALA L 183 -162.19 -29.57 -88.00
C ALA L 183 -163.41 -29.79 -87.12
N TYR L 184 -164.10 -30.91 -87.32
CA TYR L 184 -165.21 -31.26 -86.43
C TYR L 184 -164.74 -31.46 -85.00
N LEU L 185 -163.61 -32.15 -84.83
CA LEU L 185 -163.11 -32.42 -83.48
C LEU L 185 -162.66 -31.14 -82.79
N ILE L 186 -161.95 -30.25 -83.49
CA ILE L 186 -161.52 -29.01 -82.87
C ILE L 186 -162.70 -28.06 -82.67
N GLY L 187 -163.76 -28.18 -83.48
CA GLY L 187 -164.99 -27.48 -83.17
C GLY L 187 -165.60 -27.97 -81.87
N TYR L 188 -165.62 -29.29 -81.67
CA TYR L 188 -166.07 -29.85 -80.40
C TYR L 188 -165.25 -29.31 -79.23
N LEU L 189 -163.92 -29.29 -79.39
CA LEU L 189 -163.03 -28.78 -78.34
C LEU L 189 -163.30 -27.31 -78.03
N LEU L 190 -163.32 -26.47 -79.07
CA LEU L 190 -163.50 -25.04 -78.87
C LEU L 190 -164.88 -24.73 -78.30
N GLY L 191 -165.91 -25.44 -78.76
CA GLY L 191 -167.24 -25.23 -78.24
C GLY L 191 -167.36 -25.61 -76.77
N MET L 192 -166.77 -26.74 -76.39
CA MET L 192 -166.84 -27.15 -74.98
C MET L 192 -166.01 -26.21 -74.11
N VAL L 193 -164.87 -25.74 -74.62
CA VAL L 193 -164.05 -24.79 -73.86
C VAL L 193 -164.80 -23.48 -73.65
N GLY L 194 -165.39 -22.94 -74.73
CA GLY L 194 -166.12 -21.69 -74.60
C GLY L 194 -167.36 -21.82 -73.74
N GLY L 195 -168.03 -22.97 -73.81
CA GLY L 195 -169.18 -23.20 -72.96
C GLY L 195 -168.82 -23.30 -71.49
N LEU L 196 -167.75 -24.04 -71.17
CA LEU L 196 -167.39 -24.27 -69.78
C LEU L 196 -166.58 -23.13 -69.18
N GLN L 197 -166.05 -22.22 -69.99
CA GLN L 197 -165.39 -21.04 -69.46
C GLN L 197 -166.38 -19.97 -69.04
N ASN L 198 -167.65 -20.11 -69.41
CA ASN L 198 -168.69 -19.16 -69.07
C ASN L 198 -169.79 -19.74 -68.20
N PHE L 199 -170.14 -21.02 -68.39
CA PHE L 199 -171.14 -21.65 -67.54
C PHE L 199 -170.60 -21.88 -66.13
N GLN L 200 -169.31 -22.17 -66.00
CA GLN L 200 -168.70 -22.28 -64.68
C GLN L 200 -168.77 -20.92 -63.98
N PRO L 201 -169.05 -20.89 -62.69
CA PRO L 201 -169.28 -19.61 -61.99
C PRO L 201 -168.01 -18.78 -61.92
N PRO L 202 -168.15 -17.47 -61.73
CA PRO L 202 -166.96 -16.60 -61.57
C PRO L 202 -166.16 -16.97 -60.33
N PRO L 203 -164.93 -16.44 -60.18
CA PRO L 203 -164.10 -16.76 -58.99
C PRO L 203 -164.77 -16.54 -57.64
N LYS L 204 -165.88 -15.79 -57.60
CA LYS L 204 -166.72 -15.72 -56.41
C LYS L 204 -167.72 -16.88 -56.43
N GLU L 205 -167.18 -18.10 -56.39
CA GLU L 205 -167.96 -19.32 -56.49
C GLU L 205 -168.68 -19.68 -55.19
N LYS L 206 -168.24 -19.15 -54.06
CA LYS L 206 -168.62 -19.66 -52.75
C LYS L 206 -169.30 -18.59 -51.91
N THR L 207 -170.20 -17.82 -52.53
CA THR L 207 -170.90 -16.75 -51.85
C THR L 207 -172.28 -17.22 -51.37
N VAL L 208 -173.11 -16.28 -50.96
CA VAL L 208 -174.44 -16.53 -50.43
C VAL L 208 -175.36 -17.06 -51.53
N GLU L 209 -176.57 -17.47 -51.15
CA GLU L 209 -177.51 -18.18 -52.00
C GLU L 209 -178.05 -17.35 -53.16
N ILE L 210 -177.57 -16.10 -53.30
CA ILE L 210 -177.80 -15.34 -54.52
C ILE L 210 -176.88 -15.79 -55.65
N GLU L 211 -175.83 -16.55 -55.33
CA GLU L 211 -174.93 -17.07 -56.35
C GLU L 211 -175.58 -18.02 -57.35
N PRO L 212 -176.43 -18.98 -56.95
CA PRO L 212 -177.13 -19.78 -57.98
C PRO L 212 -178.02 -18.94 -58.90
N ALA L 213 -178.67 -17.89 -58.39
CA ALA L 213 -179.45 -17.02 -59.26
C ALA L 213 -178.54 -16.24 -60.21
N LYS L 214 -177.38 -15.80 -59.71
CA LYS L 214 -176.42 -15.10 -60.57
C LYS L 214 -175.91 -16.03 -61.67
N VAL L 215 -175.63 -17.29 -61.33
CA VAL L 215 -175.20 -18.27 -62.34
C VAL L 215 -176.33 -18.56 -63.32
N TYR L 216 -177.58 -18.59 -62.83
CA TYR L 216 -178.74 -18.81 -63.68
C TYR L 216 -178.87 -17.71 -64.72
N GLN L 217 -178.62 -16.46 -64.31
CA GLN L 217 -178.62 -15.37 -65.29
C GLN L 217 -177.40 -15.45 -66.21
N LEU L 218 -176.23 -15.77 -65.66
CA LEU L 218 -174.97 -15.68 -66.41
C LEU L 218 -174.90 -16.75 -67.49
N LEU L 219 -175.37 -17.96 -67.20
CA LEU L 219 -175.34 -19.02 -68.20
C LEU L 219 -176.25 -18.69 -69.38
N GLN L 220 -177.44 -18.15 -69.10
CA GLN L 220 -178.34 -17.76 -70.18
C GLN L 220 -177.78 -16.61 -70.99
N SER L 221 -177.15 -15.63 -70.33
CA SER L 221 -176.51 -14.53 -71.05
C SER L 221 -175.37 -15.03 -71.93
N GLY L 222 -174.56 -15.95 -71.41
CA GLY L 222 -173.47 -16.50 -72.19
C GLY L 222 -173.94 -17.28 -73.40
N TRP L 223 -174.99 -18.09 -73.24
CA TRP L 223 -175.53 -18.80 -74.39
C TRP L 223 -176.15 -17.84 -75.40
N TRP L 224 -176.84 -16.80 -74.92
CA TRP L 224 -177.43 -15.81 -75.82
C TRP L 224 -176.37 -15.07 -76.62
N LYS L 225 -175.21 -14.79 -76.01
CA LYS L 225 -174.12 -14.18 -76.76
C LYS L 225 -173.50 -15.17 -77.75
N THR L 226 -173.21 -16.38 -77.29
CA THR L 226 -172.47 -17.34 -78.12
C THR L 226 -173.28 -17.80 -79.32
N PHE L 227 -174.57 -18.08 -79.12
CA PHE L 227 -175.41 -18.48 -80.24
C PHE L 227 -175.61 -17.34 -81.24
N LEU L 228 -175.67 -16.09 -80.75
CA LEU L 228 -175.73 -14.96 -81.66
C LEU L 228 -174.47 -14.85 -82.52
N ILE L 229 -173.30 -15.02 -81.90
CA ILE L 229 -172.05 -14.98 -82.65
C ILE L 229 -171.98 -16.12 -83.65
N ILE L 230 -172.41 -17.32 -83.25
CA ILE L 230 -172.39 -18.48 -84.14
C ILE L 230 -173.34 -18.26 -85.32
N ALA L 231 -174.53 -17.71 -85.06
CA ALA L 231 -175.48 -17.45 -86.13
C ALA L 231 -174.95 -16.40 -87.11
N ALA L 232 -174.32 -15.34 -86.57
CA ALA L 232 -173.75 -14.32 -87.45
C ALA L 232 -172.63 -14.89 -88.32
N ILE L 233 -171.76 -15.70 -87.74
CA ILE L 233 -170.66 -16.30 -88.49
C ILE L 233 -171.21 -17.25 -89.55
N SER L 234 -172.20 -18.06 -89.20
CA SER L 234 -172.79 -18.99 -90.16
C SER L 234 -173.48 -18.25 -91.30
N PHE L 235 -174.18 -17.16 -91.00
CA PHE L 235 -174.83 -16.38 -92.05
C PHE L 235 -173.81 -15.74 -92.98
N CYS L 236 -172.73 -15.18 -92.42
CA CYS L 236 -171.70 -14.57 -93.25
C CYS L 236 -171.01 -15.60 -94.14
N VAL L 237 -170.71 -16.78 -93.59
CA VAL L 237 -170.15 -17.86 -94.38
C VAL L 237 -171.11 -18.31 -95.47
N SER L 238 -172.42 -18.31 -95.18
CA SER L 238 -173.42 -18.65 -96.18
C SER L 238 -173.43 -17.64 -97.32
N PHE L 239 -173.38 -16.34 -97.00
CA PHE L 239 -173.36 -15.34 -98.06
C PHE L 239 -172.07 -15.42 -98.86
N MET L 240 -170.97 -15.85 -98.23
CA MET L 240 -169.73 -16.04 -98.97
C MET L 240 -169.82 -17.24 -99.90
N MET L 241 -170.49 -18.32 -99.45
CA MET L 241 -170.80 -19.46 -100.33
C MET L 241 -171.71 -19.15 -101.51
N VAL L 242 -172.71 -18.29 -101.34
CA VAL L 242 -173.63 -18.05 -102.45
C VAL L 242 -172.88 -17.41 -103.61
N CYS L 243 -171.88 -16.58 -103.32
CA CYS L 243 -171.18 -15.83 -104.35
C CYS L 243 -170.30 -16.70 -105.24
N PHE L 244 -169.98 -17.93 -104.85
CA PHE L 244 -169.10 -18.73 -105.68
C PHE L 244 -169.87 -19.27 -106.89
N PRO L 245 -169.22 -19.41 -108.05
CA PRO L 245 -169.93 -19.86 -109.25
C PRO L 245 -170.29 -21.33 -109.18
N THR L 246 -171.34 -21.70 -109.93
CA THR L 246 -171.76 -23.08 -110.00
C THR L 246 -170.73 -23.94 -110.72
N SER L 247 -170.20 -23.44 -111.84
CA SER L 247 -169.23 -24.18 -112.65
C SER L 247 -167.83 -23.80 -112.17
N LEU L 248 -167.20 -24.69 -111.41
CA LEU L 248 -165.86 -24.45 -110.90
C LEU L 248 -164.83 -24.62 -112.02
N PRO L 249 -163.89 -23.68 -112.16
CA PRO L 249 -162.86 -23.79 -113.20
C PRO L 249 -161.93 -24.99 -112.99
N GLY L 250 -161.51 -25.20 -111.74
CA GLY L 250 -160.66 -26.35 -111.45
C GLY L 250 -161.37 -27.67 -111.67
N ALA L 251 -162.64 -27.75 -111.27
CA ALA L 251 -163.42 -28.96 -111.49
C ALA L 251 -163.62 -29.21 -112.98
N HIS L 252 -163.88 -28.15 -113.76
CA HIS L 252 -164.02 -28.30 -115.20
C HIS L 252 -162.72 -28.75 -115.84
N LYS L 253 -161.59 -28.21 -115.39
CA LYS L 253 -160.29 -28.63 -115.91
C LYS L 253 -160.01 -30.08 -115.59
N LEU L 254 -160.31 -30.51 -114.36
CA LEU L 254 -160.11 -31.91 -113.98
C LEU L 254 -161.03 -32.83 -114.78
N ARG L 255 -162.28 -32.42 -115.01
CA ARG L 255 -163.19 -33.22 -115.82
C ARG L 255 -162.70 -33.31 -117.26
N LEU L 256 -162.18 -32.22 -117.82
CA LEU L 256 -161.63 -32.25 -119.17
C LEU L 256 -160.40 -33.16 -119.24
N ALA L 257 -159.56 -33.14 -118.20
CA ALA L 257 -158.39 -34.01 -118.18
C ALA L 257 -158.78 -35.48 -118.07
N LYS L 258 -159.79 -35.80 -117.26
CA LYS L 258 -160.20 -37.18 -117.05
C LYS L 258 -161.19 -37.69 -118.10
N ARG L 259 -161.71 -36.81 -118.96
CA ARG L 259 -162.56 -37.27 -120.06
C ARG L 259 -161.77 -38.11 -121.06
N LYS L 260 -160.52 -37.75 -121.31
CA LYS L 260 -159.68 -38.49 -122.24
C LYS L 260 -159.07 -39.70 -121.52
N GLU L 261 -158.17 -40.40 -122.19
CA GLU L 261 -157.47 -41.58 -121.68
C GLU L 261 -158.42 -42.66 -121.19
N GLN L 275 -181.77 -39.42 -114.65
CA GLN L 275 -182.82 -39.08 -113.71
C GLN L 275 -182.81 -40.02 -112.50
N PRO L 276 -182.78 -39.44 -111.30
CA PRO L 276 -182.81 -40.26 -110.07
C PRO L 276 -184.20 -40.81 -109.77
N HIS L 277 -184.64 -41.76 -110.59
CA HIS L 277 -185.95 -42.35 -110.45
C HIS L 277 -185.99 -43.30 -109.25
N LEU L 278 -187.22 -43.69 -108.87
CA LEU L 278 -187.39 -44.66 -107.80
C LEU L 278 -186.81 -46.01 -108.21
N LYS L 279 -186.92 -46.37 -109.49
CA LYS L 279 -186.29 -47.59 -109.98
C LYS L 279 -184.78 -47.52 -109.90
N GLY L 280 -184.19 -46.35 -110.18
CA GLY L 280 -182.76 -46.18 -110.02
C GLY L 280 -182.33 -46.27 -108.57
N PHE L 281 -183.12 -45.69 -107.66
CA PHE L 281 -182.85 -45.82 -106.23
C PHE L 281 -182.91 -47.27 -105.78
N LEU L 282 -183.91 -48.01 -106.25
CA LEU L 282 -184.05 -49.42 -105.91
C LEU L 282 -182.90 -50.24 -106.49
N HIS L 283 -182.45 -49.90 -107.70
CA HIS L 283 -181.31 -50.58 -108.29
C HIS L 283 -180.03 -50.33 -107.50
N ASN L 284 -179.82 -49.09 -107.05
CA ASN L 284 -178.66 -48.79 -106.21
C ASN L 284 -178.73 -49.55 -104.88
N ILE L 285 -179.92 -49.61 -104.27
CA ILE L 285 -180.09 -50.35 -103.03
C ILE L 285 -179.81 -51.83 -103.24
N TRP L 286 -180.31 -52.39 -104.35
CA TRP L 286 -180.08 -53.80 -104.64
C TRP L 286 -178.59 -54.09 -104.87
N HIS L 287 -177.89 -53.19 -105.57
CA HIS L 287 -176.46 -53.38 -105.78
C HIS L 287 -175.70 -53.30 -104.46
N ILE L 288 -176.07 -52.36 -103.59
CA ILE L 288 -175.42 -52.22 -102.29
C ILE L 288 -175.66 -53.47 -101.44
N LEU L 289 -176.88 -54.00 -101.45
CA LEU L 289 -177.18 -55.21 -100.68
C LEU L 289 -176.51 -56.45 -101.28
N LYS L 290 -176.37 -56.49 -102.61
CA LYS L 290 -175.72 -57.63 -103.25
C LYS L 290 -174.24 -57.65 -102.96
N ASN L 291 -173.59 -56.49 -102.93
CA ASN L 291 -172.16 -56.43 -102.61
C ASN L 291 -172.00 -56.47 -101.09
N PRO L 292 -171.43 -57.54 -100.52
CA PRO L 292 -171.35 -57.63 -99.06
C PRO L 292 -170.24 -56.80 -98.44
N LEU L 293 -169.36 -56.22 -99.26
CA LEU L 293 -168.34 -55.32 -98.71
C LEU L 293 -168.97 -54.06 -98.12
N MET L 294 -169.96 -53.50 -98.82
CA MET L 294 -170.64 -52.30 -98.33
C MET L 294 -171.37 -52.58 -97.01
N LEU L 295 -172.03 -53.73 -96.91
CA LEU L 295 -172.69 -54.10 -95.66
C LEU L 295 -171.69 -54.25 -94.52
N THR L 296 -170.54 -54.89 -94.80
CA THR L 296 -169.52 -55.05 -93.78
C THR L 296 -168.99 -53.71 -93.31
N GLN L 297 -168.70 -52.80 -94.24
CA GLN L 297 -168.20 -51.48 -93.87
C GLN L 297 -169.26 -50.70 -93.10
N ALA L 298 -170.53 -50.84 -93.46
CA ALA L 298 -171.60 -50.14 -92.76
C ALA L 298 -171.73 -50.63 -91.32
N ILE L 299 -171.72 -51.95 -91.12
CA ILE L 299 -171.81 -52.47 -89.76
C ILE L 299 -170.56 -52.14 -88.96
N CYS L 300 -169.39 -52.13 -89.61
CA CYS L 300 -168.16 -51.74 -88.92
C CYS L 300 -168.21 -50.28 -88.47
N LYS L 301 -168.72 -49.40 -89.33
CA LYS L 301 -168.89 -48.00 -88.96
C LYS L 301 -169.91 -47.84 -87.84
N VAL L 302 -170.99 -48.63 -87.88
CA VAL L 302 -172.00 -48.59 -86.82
C VAL L 302 -171.39 -49.00 -85.48
N SER L 303 -170.60 -50.07 -85.48
CA SER L 303 -169.96 -50.53 -84.25
C SER L 303 -168.92 -49.55 -83.75
N GLU L 304 -168.16 -48.94 -84.66
CA GLU L 304 -167.16 -47.95 -84.27
C GLU L 304 -167.82 -46.73 -83.64
N TYR L 305 -168.90 -46.24 -84.25
CA TYR L 305 -169.62 -45.10 -83.70
C TYR L 305 -170.26 -45.44 -82.36
N LEU L 306 -170.79 -46.66 -82.23
CA LEU L 306 -171.36 -47.09 -80.95
C LEU L 306 -170.30 -47.14 -79.86
N THR L 307 -169.12 -47.68 -80.18
CA THR L 307 -168.04 -47.75 -79.20
C THR L 307 -167.55 -46.36 -78.81
N PHE L 308 -167.42 -45.46 -79.80
CA PHE L 308 -166.97 -44.10 -79.52
C PHE L 308 -167.97 -43.35 -78.65
N ASN L 309 -169.26 -43.48 -78.97
CA ASN L 309 -170.30 -42.82 -78.17
C ASN L 309 -170.37 -43.40 -76.76
N THR L 310 -170.24 -44.72 -76.63
CA THR L 310 -170.24 -45.34 -75.31
C THR L 310 -169.06 -44.87 -74.48
N SER L 311 -167.87 -44.77 -75.09
CA SER L 311 -166.70 -44.28 -74.37
C SER L 311 -166.88 -42.82 -73.94
N LEU L 312 -167.41 -41.99 -74.85
CA LEU L 312 -167.60 -40.58 -74.53
C LEU L 312 -168.63 -40.40 -73.42
N TYR L 313 -169.71 -41.18 -73.44
CA TYR L 313 -170.73 -41.07 -72.40
C TYR L 313 -170.29 -41.70 -71.08
N PHE L 314 -169.41 -42.69 -71.13
CA PHE L 314 -169.09 -43.49 -69.95
C PHE L 314 -167.85 -43.01 -69.20
N LEU L 315 -166.89 -42.40 -69.90
CA LEU L 315 -165.63 -42.02 -69.25
C LEU L 315 -165.80 -41.00 -68.12
N PRO L 316 -166.57 -39.91 -68.25
CA PRO L 316 -166.73 -39.02 -67.07
C PRO L 316 -167.40 -39.70 -65.89
N HIS L 317 -168.41 -40.53 -66.14
CA HIS L 317 -169.05 -41.25 -65.04
C HIS L 317 -168.10 -42.27 -64.42
N HIS L 318 -167.28 -42.91 -65.24
CA HIS L 318 -166.29 -43.85 -64.72
C HIS L 318 -165.26 -43.15 -63.85
N LEU L 319 -164.80 -41.97 -64.27
CA LEU L 319 -163.85 -41.20 -63.47
C LEU L 319 -164.51 -40.71 -62.18
N GLN L 320 -165.80 -40.37 -62.24
CA GLN L 320 -166.51 -39.94 -61.04
C GLN L 320 -166.66 -41.07 -60.04
N THR L 321 -166.94 -42.29 -60.51
CA THR L 321 -167.19 -43.40 -59.61
C THR L 321 -165.94 -44.16 -59.19
N GLN L 322 -164.82 -44.02 -59.90
CA GLN L 322 -163.63 -44.80 -59.61
C GLN L 322 -162.48 -43.95 -59.10
N PHE L 323 -162.11 -42.89 -59.82
CA PHE L 323 -160.98 -42.07 -59.45
C PHE L 323 -161.36 -40.88 -58.57
N LEU L 324 -162.63 -40.80 -58.17
CA LEU L 324 -163.14 -39.78 -57.23
C LEU L 324 -162.91 -38.37 -57.76
N ILE L 325 -163.56 -38.08 -58.89
CA ILE L 325 -163.50 -36.76 -59.51
C ILE L 325 -164.88 -36.14 -59.49
N THR L 326 -164.92 -34.81 -59.40
CA THR L 326 -166.16 -34.08 -59.61
C THR L 326 -166.67 -34.35 -61.01
N PRO L 327 -168.00 -34.53 -61.20
CA PRO L 327 -168.51 -34.87 -62.55
C PRO L 327 -168.15 -33.86 -63.63
N GLY L 328 -168.17 -32.57 -63.31
CA GLY L 328 -167.77 -31.57 -64.31
C GLY L 328 -166.30 -31.67 -64.68
N ILE L 329 -165.43 -31.86 -63.69
CA ILE L 329 -164.02 -32.01 -63.95
C ILE L 329 -163.73 -33.29 -64.73
N ALA L 330 -164.49 -34.35 -64.44
CA ALA L 330 -164.33 -35.60 -65.18
C ALA L 330 -164.79 -35.45 -66.62
N SER L 331 -165.88 -34.71 -66.85
CA SER L 331 -166.33 -34.42 -68.21
C SER L 331 -165.29 -33.60 -68.97
N LEU L 332 -164.69 -32.62 -68.29
CA LEU L 332 -163.62 -31.83 -68.90
C LEU L 332 -162.42 -32.71 -69.23
N LEU L 333 -162.06 -33.61 -68.31
CA LEU L 333 -160.90 -34.48 -68.52
C LEU L 333 -161.14 -35.45 -69.68
N THR L 334 -162.39 -35.91 -69.84
CA THR L 334 -162.71 -36.75 -70.98
C THR L 334 -162.67 -35.95 -72.28
N GLY L 335 -163.34 -34.80 -72.30
CA GLY L 335 -163.47 -34.01 -73.51
C GLY L 335 -162.20 -33.38 -74.03
N ALA L 336 -161.42 -32.74 -73.16
CA ALA L 336 -160.23 -32.02 -73.60
C ALA L 336 -159.09 -32.97 -73.92
N PHE L 337 -159.22 -34.23 -73.52
CA PHE L 337 -158.19 -35.22 -73.78
C PHE L 337 -158.62 -36.30 -74.77
N VAL L 338 -159.88 -36.30 -75.22
CA VAL L 338 -160.27 -37.19 -76.29
C VAL L 338 -159.84 -36.66 -77.66
N LEU L 339 -159.55 -35.36 -77.78
CA LEU L 339 -159.11 -34.77 -79.04
C LEU L 339 -157.63 -34.95 -79.35
N PRO L 340 -156.68 -34.74 -78.41
CA PRO L 340 -155.25 -34.83 -78.81
C PRO L 340 -154.85 -36.17 -79.37
N GLY L 341 -155.57 -37.25 -79.05
CA GLY L 341 -155.40 -38.49 -79.78
C GLY L 341 -156.20 -38.50 -81.07
N GLY L 342 -157.41 -37.92 -81.04
CA GLY L 342 -158.32 -38.07 -82.16
C GLY L 342 -157.89 -37.34 -83.41
N ILE L 343 -157.48 -36.08 -83.28
CA ILE L 343 -157.08 -35.30 -84.45
C ILE L 343 -155.79 -35.84 -85.04
N ILE L 344 -154.86 -36.28 -84.19
CA ILE L 344 -153.63 -36.89 -84.67
C ILE L 344 -153.91 -38.20 -85.40
N GLY L 345 -154.83 -39.01 -84.85
CA GLY L 345 -155.19 -40.24 -85.52
C GLY L 345 -155.85 -40.01 -86.87
N HIS L 346 -156.75 -39.02 -86.94
CA HIS L 346 -157.39 -38.71 -88.21
C HIS L 346 -156.40 -38.17 -89.24
N PHE L 347 -155.50 -37.28 -88.81
CA PHE L 347 -154.49 -36.73 -89.71
C PHE L 347 -153.56 -37.82 -90.24
N LEU L 348 -153.14 -38.72 -89.35
CA LEU L 348 -152.27 -39.83 -89.78
C LEU L 348 -153.04 -40.79 -90.68
N GLY L 349 -154.33 -40.99 -90.43
CA GLY L 349 -155.11 -41.87 -91.28
C GLY L 349 -155.26 -41.33 -92.70
N GLY L 350 -155.46 -40.01 -92.82
CA GLY L 350 -155.42 -39.41 -94.15
C GLY L 350 -154.04 -39.50 -94.79
N LEU L 351 -153.01 -39.16 -94.03
CA LEU L 351 -151.67 -39.00 -94.58
C LEU L 351 -151.06 -40.33 -95.02
N ILE L 352 -151.33 -41.42 -94.29
CA ILE L 352 -150.79 -42.72 -94.69
C ILE L 352 -151.31 -43.12 -96.07
N VAL L 353 -152.63 -43.04 -96.26
CA VAL L 353 -153.24 -43.41 -97.53
C VAL L 353 -152.75 -42.49 -98.64
N ASP L 354 -152.70 -41.18 -98.38
CA ASP L 354 -152.32 -40.24 -99.43
C ASP L 354 -150.86 -40.39 -99.85
N ARG L 355 -149.97 -40.62 -98.88
CA ARG L 355 -148.56 -40.76 -99.20
C ARG L 355 -148.24 -42.12 -99.82
N LEU L 356 -148.94 -43.17 -99.41
CA LEU L 356 -148.58 -44.51 -99.86
C LEU L 356 -149.41 -45.01 -101.04
N GLU L 357 -150.43 -44.27 -101.48
CA GLU L 357 -151.30 -44.65 -102.60
C GLU L 357 -151.92 -46.03 -102.33
N MET L 358 -152.76 -46.06 -101.31
CA MET L 358 -153.06 -47.29 -100.59
C MET L 358 -154.19 -48.05 -101.30
N THR L 359 -154.08 -49.37 -101.34
CA THR L 359 -155.03 -50.23 -102.03
C THR L 359 -156.07 -50.77 -101.06
N ASN L 360 -157.11 -51.41 -101.62
CA ASN L 360 -158.26 -51.83 -100.83
C ASN L 360 -157.95 -53.08 -99.99
N LYS L 361 -157.26 -54.06 -100.58
CA LYS L 361 -156.91 -55.27 -99.83
C LYS L 361 -155.95 -54.94 -98.70
N ASN L 362 -154.94 -54.11 -98.98
CA ASN L 362 -154.06 -53.64 -97.92
C ASN L 362 -154.82 -52.80 -96.90
N LYS L 363 -155.83 -52.05 -97.35
CA LYS L 363 -156.66 -51.28 -96.41
C LYS L 363 -157.36 -52.21 -95.43
N LEU L 364 -157.94 -53.30 -95.93
CA LEU L 364 -158.60 -54.27 -95.07
C LEU L 364 -157.61 -54.94 -94.11
N LYS L 365 -156.44 -55.34 -94.62
CA LYS L 365 -155.42 -55.97 -93.77
C LYS L 365 -154.95 -55.01 -92.68
N PHE L 366 -154.69 -53.76 -93.04
CA PHE L 366 -154.19 -52.78 -92.10
C PHE L 366 -155.25 -52.39 -91.08
N THR L 367 -156.52 -52.33 -91.51
CA THR L 367 -157.60 -52.08 -90.57
C THR L 367 -157.75 -53.22 -89.58
N LEU L 368 -157.57 -54.46 -90.05
CA LEU L 368 -157.57 -55.62 -89.15
C LEU L 368 -156.43 -55.53 -88.15
N VAL L 369 -155.23 -55.14 -88.61
CA VAL L 369 -154.08 -55.03 -87.72
C VAL L 369 -154.33 -53.96 -86.67
N THR L 370 -154.84 -52.79 -87.09
CA THR L 370 -155.13 -51.71 -86.15
C THR L 370 -156.19 -52.12 -85.14
N THR L 371 -157.23 -52.83 -85.60
CA THR L 371 -158.26 -53.30 -84.68
C THR L 371 -157.69 -54.30 -83.69
N VAL L 372 -156.75 -55.14 -84.13
CA VAL L 372 -156.13 -56.11 -83.23
C VAL L 372 -155.32 -55.39 -82.14
N VAL L 373 -154.54 -54.38 -82.54
CA VAL L 373 -153.76 -53.66 -81.54
C VAL L 373 -154.66 -52.85 -80.61
N SER L 374 -155.77 -52.31 -81.12
CA SER L 374 -156.74 -51.63 -80.25
C SER L 374 -157.41 -52.60 -79.28
N VAL L 375 -157.65 -53.83 -79.73
CA VAL L 375 -158.15 -54.89 -78.85
C VAL L 375 -157.15 -55.16 -77.74
N GLY L 376 -155.87 -55.26 -78.08
CA GLY L 376 -154.84 -55.45 -77.06
C GLY L 376 -154.77 -54.29 -76.08
N LEU L 377 -154.91 -53.06 -76.58
CA LEU L 377 -154.92 -51.89 -75.72
C LEU L 377 -156.11 -51.88 -74.78
N PHE L 378 -157.29 -52.27 -75.27
CA PHE L 378 -158.47 -52.33 -74.41
C PHE L 378 -158.32 -53.43 -73.36
N LEU L 379 -157.70 -54.56 -73.73
CA LEU L 379 -157.41 -55.61 -72.76
C LEU L 379 -156.45 -55.10 -71.68
N LEU L 380 -155.44 -54.32 -72.07
CA LEU L 380 -154.54 -53.71 -71.10
C LEU L 380 -155.28 -52.72 -70.21
N ILE L 381 -156.26 -51.99 -70.77
CA ILE L 381 -157.06 -51.07 -69.98
C ILE L 381 -157.86 -51.83 -68.92
N PHE L 382 -158.45 -52.96 -69.32
CA PHE L 382 -159.17 -53.78 -68.35
C PHE L 382 -158.24 -54.35 -67.29
N PHE L 383 -157.02 -54.75 -67.69
CA PHE L 383 -156.05 -55.26 -66.72
C PHE L 383 -155.66 -54.19 -65.71
N VAL L 384 -155.52 -52.95 -66.16
CA VAL L 384 -155.21 -51.85 -65.25
C VAL L 384 -156.41 -51.55 -64.35
N GLU L 385 -157.62 -51.59 -64.90
CA GLU L 385 -158.84 -51.39 -64.12
C GLU L 385 -159.03 -52.45 -63.05
N CYS L 386 -158.47 -53.65 -63.26
CA CYS L 386 -158.53 -54.70 -62.25
C CYS L 386 -157.81 -54.34 -60.96
N GLN L 387 -156.95 -53.32 -60.96
CA GLN L 387 -156.27 -52.89 -59.75
C GLN L 387 -157.25 -52.23 -58.78
N THR L 388 -156.88 -52.22 -57.51
CA THR L 388 -157.72 -51.63 -56.47
C THR L 388 -157.50 -50.13 -56.40
N THR L 389 -158.37 -49.46 -55.64
CA THR L 389 -158.30 -48.01 -55.47
C THR L 389 -158.94 -47.66 -54.14
N THR L 390 -158.88 -46.37 -53.80
CA THR L 390 -159.50 -45.86 -52.59
C THR L 390 -161.01 -45.95 -52.70
N PHE L 391 -161.66 -46.43 -51.64
CA PHE L 391 -163.11 -46.62 -51.62
C PHE L 391 -163.77 -45.52 -50.80
N ALA L 392 -164.84 -44.95 -51.35
CA ALA L 392 -165.62 -43.91 -50.70
C ALA L 392 -167.04 -44.40 -50.46
N GLY L 393 -167.50 -44.31 -49.22
CA GLY L 393 -168.84 -44.75 -48.89
C GLY L 393 -168.97 -46.28 -48.93
N ILE L 394 -170.23 -46.70 -49.12
CA ILE L 394 -170.68 -48.10 -49.25
C ILE L 394 -169.98 -49.01 -48.22
N ASN L 395 -169.95 -48.57 -46.96
CA ASN L 395 -169.18 -49.22 -45.92
C ASN L 395 -170.02 -50.11 -45.01
N GLU L 396 -171.17 -50.60 -45.51
CA GLU L 396 -172.10 -51.45 -44.75
C GLU L 396 -172.55 -50.73 -43.48
N ASP L 397 -173.36 -49.70 -43.72
CA ASP L 397 -174.00 -48.85 -42.71
C ASP L 397 -172.99 -47.94 -42.01
N TYR L 398 -173.49 -46.87 -41.38
CA TYR L 398 -172.64 -45.83 -40.80
C TYR L 398 -172.05 -46.33 -39.48
N ASP L 399 -171.06 -47.21 -39.60
CA ASP L 399 -170.25 -47.71 -38.48
C ASP L 399 -171.10 -48.36 -37.39
N GLY L 400 -172.24 -48.95 -37.77
CA GLY L 400 -173.17 -49.50 -36.81
C GLY L 400 -174.17 -48.51 -36.26
N TYR L 401 -173.97 -47.21 -36.48
CA TYR L 401 -174.91 -46.18 -36.04
C TYR L 401 -175.87 -45.91 -37.19
N GLY L 402 -177.02 -46.58 -37.18
CA GLY L 402 -177.97 -46.47 -38.26
C GLY L 402 -177.65 -47.42 -39.40
N GLN L 403 -178.45 -47.31 -40.45
CA GLN L 403 -178.37 -48.19 -41.61
C GLN L 403 -178.29 -47.34 -42.88
N LEU L 404 -178.31 -48.00 -44.03
CA LEU L 404 -178.34 -47.31 -45.32
C LEU L 404 -179.71 -46.69 -45.48
N GLY L 405 -179.84 -45.42 -45.10
CA GLY L 405 -181.12 -44.77 -45.02
C GLY L 405 -181.21 -43.82 -43.84
N ASN L 406 -180.15 -43.75 -43.05
CA ASN L 406 -180.06 -42.81 -41.93
C ASN L 406 -179.62 -41.41 -42.38
N LEU L 407 -179.63 -41.13 -43.68
CA LEU L 407 -179.25 -39.83 -44.18
C LEU L 407 -180.22 -38.73 -43.78
N THR L 408 -181.48 -39.08 -43.50
CA THR L 408 -182.48 -38.12 -43.08
C THR L 408 -182.52 -38.03 -41.56
N ALA L 409 -181.52 -37.35 -41.01
CA ALA L 409 -181.36 -37.25 -39.57
C ALA L 409 -181.71 -35.84 -39.09
N ASP L 410 -181.51 -35.59 -37.79
CA ASP L 410 -181.77 -34.27 -37.23
C ASP L 410 -180.82 -33.22 -37.82
N CYS L 411 -179.55 -33.58 -38.01
CA CYS L 411 -178.62 -32.67 -38.66
C CYS L 411 -178.91 -32.48 -40.15
N ASN L 412 -179.63 -33.42 -40.77
CA ASN L 412 -180.12 -33.20 -42.13
C ASN L 412 -181.30 -32.24 -42.14
N GLU L 413 -182.22 -32.41 -41.19
CA GLU L 413 -183.39 -31.54 -41.14
C GLU L 413 -183.05 -30.13 -40.70
N TYR L 414 -182.01 -29.96 -39.89
CA TYR L 414 -181.65 -28.62 -39.40
C TYR L 414 -181.13 -27.74 -40.54
N CYS L 415 -180.29 -28.29 -41.41
CA CYS L 415 -179.69 -27.50 -42.48
C CYS L 415 -180.57 -27.41 -43.72
N ASP L 416 -181.68 -28.15 -43.76
CA ASP L 416 -182.67 -28.11 -44.85
C ASP L 416 -182.02 -28.49 -46.20
N CYS L 417 -181.49 -29.70 -46.25
CA CYS L 417 -180.77 -30.17 -47.42
C CYS L 417 -181.69 -30.99 -48.33
N THR L 418 -181.42 -30.91 -49.63
CA THR L 418 -182.11 -31.72 -50.62
C THR L 418 -181.18 -32.82 -51.12
N THR L 419 -181.72 -34.02 -51.28
CA THR L 419 -180.90 -35.18 -51.66
C THR L 419 -180.57 -35.23 -53.15
N SER L 420 -180.84 -34.17 -53.93
CA SER L 420 -180.46 -34.13 -55.33
C SER L 420 -179.12 -33.47 -55.58
N LEU L 421 -178.51 -32.87 -54.56
CA LEU L 421 -177.24 -32.17 -54.69
C LEU L 421 -176.27 -32.56 -53.58
N TYR L 422 -176.33 -33.82 -53.13
CA TYR L 422 -175.45 -34.28 -52.07
C TYR L 422 -174.05 -34.56 -52.63
N THR L 423 -173.03 -34.02 -51.96
CA THR L 423 -171.64 -34.28 -52.31
C THR L 423 -171.00 -35.13 -51.22
N SER L 424 -169.71 -35.40 -51.39
CA SER L 424 -168.97 -36.28 -50.48
C SER L 424 -167.90 -35.48 -49.75
N ILE L 425 -168.05 -35.37 -48.43
CA ILE L 425 -167.04 -34.79 -47.57
C ILE L 425 -166.14 -35.90 -47.07
N CYS L 426 -164.93 -35.55 -46.66
CA CYS L 426 -163.93 -36.51 -46.21
C CYS L 426 -163.42 -36.10 -44.84
N GLY L 427 -163.61 -36.97 -43.85
CA GLY L 427 -163.08 -36.70 -42.53
C GLY L 427 -161.59 -36.99 -42.45
N ARG L 428 -161.00 -36.59 -41.32
CA ARG L 428 -159.57 -36.78 -41.13
C ARG L 428 -159.20 -38.22 -40.77
N ASP L 429 -160.19 -39.06 -40.47
CA ASP L 429 -159.96 -40.47 -40.17
C ASP L 429 -160.07 -41.36 -41.41
N GLU L 430 -159.80 -40.80 -42.60
CA GLU L 430 -159.85 -41.46 -43.90
C GLU L 430 -161.23 -42.01 -44.24
N LYS L 431 -162.29 -41.51 -43.62
CA LYS L 431 -163.64 -41.96 -43.90
C LYS L 431 -164.38 -40.91 -44.71
N GLU L 432 -165.02 -41.34 -45.79
CA GLU L 432 -165.78 -40.45 -46.65
C GLU L 432 -167.27 -40.57 -46.33
N TYR L 433 -167.89 -39.43 -46.02
CA TYR L 433 -169.31 -39.36 -45.72
C TYR L 433 -169.99 -38.49 -46.76
N PHE L 434 -171.07 -38.99 -47.36
CA PHE L 434 -171.84 -38.17 -48.27
C PHE L 434 -172.62 -37.12 -47.47
N SER L 435 -173.12 -36.11 -48.19
CA SER L 435 -173.95 -35.04 -47.65
C SER L 435 -173.24 -34.27 -46.53
N PRO L 436 -172.31 -33.38 -46.88
CA PRO L 436 -171.55 -32.65 -45.85
C PRO L 436 -172.41 -31.84 -44.89
N CYS L 437 -173.62 -31.45 -45.29
CA CYS L 437 -174.52 -30.81 -44.33
C CYS L 437 -175.12 -31.82 -43.37
N PHE L 438 -175.31 -33.07 -43.81
CA PHE L 438 -175.68 -34.16 -42.91
C PHE L 438 -174.52 -34.58 -42.02
N ALA L 439 -173.28 -34.24 -42.40
CA ALA L 439 -172.14 -34.52 -41.54
C ALA L 439 -172.16 -33.77 -40.21
N GLY L 440 -173.14 -32.90 -39.99
CA GLY L 440 -173.35 -32.27 -38.69
C GLY L 440 -172.84 -30.86 -38.54
N CYS L 441 -172.40 -30.24 -39.62
CA CYS L 441 -171.72 -28.94 -39.54
C CYS L 441 -172.74 -27.83 -39.75
N LYS L 442 -173.04 -27.09 -38.67
CA LYS L 442 -173.96 -25.96 -38.73
C LYS L 442 -173.27 -24.64 -39.05
N ALA L 443 -171.95 -24.60 -39.09
CA ALA L 443 -171.18 -23.40 -39.35
C ALA L 443 -170.39 -23.56 -40.64
N THR L 444 -170.48 -22.55 -41.51
CA THR L 444 -169.83 -22.58 -42.82
C THR L 444 -169.02 -21.29 -43.01
N LYS L 445 -167.74 -21.35 -42.65
CA LYS L 445 -166.80 -20.27 -42.94
C LYS L 445 -165.93 -20.71 -44.11
N VAL L 446 -165.80 -19.84 -45.10
CA VAL L 446 -165.24 -20.22 -46.39
C VAL L 446 -164.10 -19.27 -46.76
N SER L 447 -162.97 -19.85 -47.19
CA SER L 447 -161.79 -19.13 -47.61
C SER L 447 -161.85 -18.85 -49.12
N GLN L 448 -160.76 -18.31 -49.66
CA GLN L 448 -160.76 -17.86 -51.05
C GLN L 448 -160.64 -19.02 -52.04
N THR L 449 -159.85 -20.04 -51.73
CA THR L 449 -159.56 -21.11 -52.68
C THR L 449 -160.00 -22.49 -52.21
N GLU L 450 -160.74 -22.60 -51.12
CA GLU L 450 -161.14 -23.90 -50.62
C GLU L 450 -162.43 -23.77 -49.81
N LYS L 451 -163.27 -24.80 -49.90
CA LYS L 451 -164.50 -24.87 -49.12
C LYS L 451 -164.30 -25.79 -47.92
N THR L 452 -164.85 -25.39 -46.78
CA THR L 452 -164.72 -26.18 -45.56
C THR L 452 -165.94 -25.96 -44.68
N TYR L 453 -166.16 -26.91 -43.78
CA TYR L 453 -167.31 -26.94 -42.89
C TYR L 453 -166.84 -26.94 -41.43
N TYR L 454 -167.53 -26.18 -40.58
CA TYR L 454 -167.15 -26.00 -39.19
C TYR L 454 -168.24 -26.52 -38.26
N ASN L 455 -167.82 -26.95 -37.08
CA ASN L 455 -168.69 -27.40 -35.99
C ASN L 455 -169.57 -28.56 -36.42
N CYS L 456 -168.92 -29.67 -36.77
CA CYS L 456 -169.62 -30.87 -37.21
C CYS L 456 -169.91 -31.75 -35.99
N SER L 457 -171.19 -32.06 -35.80
CA SER L 457 -171.64 -32.83 -34.63
C SER L 457 -172.13 -34.23 -34.95
N CYS L 458 -172.66 -34.46 -36.15
CA CYS L 458 -173.08 -35.80 -36.56
C CYS L 458 -171.92 -36.64 -37.04
N ILE L 459 -170.70 -36.10 -37.05
CA ILE L 459 -169.49 -36.78 -37.49
C ILE L 459 -168.99 -37.71 -36.40
N LYS L 460 -168.04 -38.58 -36.73
CA LYS L 460 -167.47 -39.55 -35.81
C LYS L 460 -166.51 -38.80 -34.87
N GLU L 461 -165.83 -39.52 -33.99
CA GLU L 461 -164.77 -38.92 -33.16
C GLU L 461 -163.74 -38.19 -34.02
N GLY L 462 -163.18 -38.88 -35.01
CA GLY L 462 -162.35 -38.31 -36.07
C GLY L 462 -161.33 -37.27 -35.67
N LEU L 463 -161.13 -36.28 -36.55
CA LEU L 463 -160.30 -35.10 -36.30
C LEU L 463 -158.87 -35.49 -35.90
N ALA L 464 -158.19 -36.17 -36.82
CA ALA L 464 -156.87 -36.69 -36.51
C ALA L 464 -155.82 -35.60 -36.53
N ALA L 465 -155.55 -35.02 -37.70
CA ALA L 465 -154.52 -33.98 -37.82
C ALA L 465 -155.11 -32.64 -38.26
N SER L 466 -155.77 -32.59 -39.42
CA SER L 466 -156.38 -31.38 -39.99
C SER L 466 -155.39 -30.23 -40.16
N ASP L 467 -155.90 -29.05 -40.53
CA ASP L 467 -155.08 -27.86 -40.65
C ASP L 467 -155.94 -26.61 -40.72
N ASP L 468 -155.70 -25.65 -39.82
CA ASP L 468 -156.42 -24.39 -39.83
C ASP L 468 -155.60 -23.37 -39.04
N GLU L 469 -155.92 -22.09 -39.27
CA GLU L 469 -155.17 -20.99 -38.66
C GLU L 469 -156.03 -20.17 -37.70
N GLY L 470 -157.15 -19.62 -38.19
CA GLY L 470 -157.98 -18.76 -37.35
C GLY L 470 -158.95 -19.49 -36.46
N GLN L 471 -159.24 -20.74 -36.76
CA GLN L 471 -160.14 -21.58 -35.98
C GLN L 471 -159.63 -23.00 -36.04
N PHE L 472 -160.47 -23.96 -35.70
CA PHE L 472 -160.11 -25.37 -35.77
C PHE L 472 -161.39 -26.19 -35.90
N ILE L 473 -161.22 -27.52 -36.05
CA ILE L 473 -162.27 -28.45 -36.41
C ILE L 473 -162.93 -27.97 -37.70
N ASP L 474 -162.21 -28.11 -38.81
CA ASP L 474 -162.71 -27.70 -40.12
C ASP L 474 -162.52 -28.87 -41.09
N ALA L 475 -163.61 -29.36 -41.63
CA ALA L 475 -163.56 -30.47 -42.59
C ALA L 475 -163.54 -29.91 -44.00
N ILE L 476 -162.53 -30.33 -44.78
CA ILE L 476 -162.38 -29.85 -46.15
C ILE L 476 -163.46 -30.46 -47.03
N ALA L 477 -163.84 -29.74 -48.08
CA ALA L 477 -164.88 -30.21 -48.98
C ALA L 477 -164.28 -30.94 -50.17
N GLY L 478 -165.14 -31.64 -50.90
CA GLY L 478 -164.71 -32.45 -52.02
C GLY L 478 -164.21 -33.81 -51.60
N THR L 479 -164.16 -34.72 -52.57
CA THR L 479 -163.71 -36.08 -52.28
C THR L 479 -162.20 -36.10 -52.12
N CYS L 480 -161.73 -36.66 -51.00
CA CYS L 480 -160.31 -36.77 -50.74
C CYS L 480 -159.77 -38.02 -51.42
N ASP L 481 -158.51 -37.95 -51.87
CA ASP L 481 -157.86 -39.06 -52.54
C ASP L 481 -156.47 -39.25 -51.95
N SER L 482 -156.09 -40.51 -51.75
CA SER L 482 -154.72 -40.86 -51.40
C SER L 482 -154.03 -41.65 -52.50
N ASP L 483 -154.76 -42.48 -53.24
CA ASP L 483 -154.24 -43.23 -54.38
C ASP L 483 -155.21 -43.05 -55.55
N CYS L 484 -155.02 -41.96 -56.30
CA CYS L 484 -155.72 -41.73 -57.56
C CYS L 484 -154.72 -41.66 -58.72
N LEU L 485 -153.54 -42.21 -58.52
CA LEU L 485 -152.37 -41.98 -59.37
C LEU L 485 -152.30 -42.94 -60.55
N LYS L 486 -153.29 -43.83 -60.69
CA LYS L 486 -153.45 -44.62 -61.92
C LYS L 486 -154.09 -43.82 -63.05
N LEU L 487 -154.56 -42.60 -62.76
CA LEU L 487 -155.17 -41.77 -63.78
C LEU L 487 -154.26 -41.41 -64.95
N PRO L 488 -152.98 -41.04 -64.78
CA PRO L 488 -152.14 -40.82 -65.96
C PRO L 488 -151.96 -42.05 -66.84
N LEU L 489 -151.83 -43.24 -66.25
CA LEU L 489 -151.75 -44.46 -67.05
C LEU L 489 -153.06 -44.71 -67.80
N PHE L 490 -154.19 -44.51 -67.14
CA PHE L 490 -155.48 -44.69 -67.80
C PHE L 490 -155.65 -43.69 -68.93
N PHE L 491 -155.19 -42.46 -68.74
CA PHE L 491 -155.32 -41.44 -69.77
C PHE L 491 -154.40 -41.72 -70.95
N ALA L 492 -153.19 -42.24 -70.70
CA ALA L 492 -152.29 -42.61 -71.79
C ALA L 492 -152.85 -43.77 -72.59
N PHE L 493 -153.41 -44.77 -71.91
CA PHE L 493 -154.02 -45.89 -72.63
C PHE L 493 -155.27 -45.45 -73.39
N TYR L 494 -156.02 -44.48 -72.85
CA TYR L 494 -157.14 -43.92 -73.60
C TYR L 494 -156.65 -43.10 -74.80
N PHE L 495 -155.49 -42.44 -74.66
CA PHE L 495 -154.87 -41.77 -75.80
C PHE L 495 -154.59 -42.76 -76.93
N SER L 496 -153.97 -43.89 -76.58
CA SER L 496 -153.67 -44.91 -77.58
C SER L 496 -154.94 -45.50 -78.19
N ALA L 497 -155.94 -45.76 -77.36
CA ALA L 497 -157.20 -46.31 -77.85
C ALA L 497 -157.91 -45.34 -78.78
N THR L 498 -157.91 -44.04 -78.43
CA THR L 498 -158.53 -43.03 -79.28
C THR L 498 -157.77 -42.88 -80.60
N VAL L 499 -156.44 -42.94 -80.56
CA VAL L 499 -155.64 -42.86 -81.78
C VAL L 499 -155.99 -44.02 -82.71
N PHE L 500 -156.01 -45.24 -82.17
CA PHE L 500 -156.27 -46.39 -83.02
C PHE L 500 -157.75 -46.57 -83.35
N SER L 501 -158.65 -45.88 -82.65
CA SER L 501 -160.05 -45.85 -83.05
C SER L 501 -160.28 -44.86 -84.17
N ASN L 502 -159.65 -43.68 -84.11
CA ASN L 502 -159.67 -42.73 -85.21
C ASN L 502 -158.92 -43.24 -86.42
N MET L 503 -158.00 -44.17 -86.24
CA MET L 503 -157.24 -44.68 -87.37
C MET L 503 -158.09 -45.56 -88.28
N CYS L 504 -159.22 -46.07 -87.79
CA CYS L 504 -159.99 -47.06 -88.54
C CYS L 504 -160.95 -46.45 -89.55
N SER L 505 -161.47 -45.25 -89.28
CA SER L 505 -162.58 -44.72 -90.08
C SER L 505 -162.16 -44.27 -91.47
N ILE L 506 -160.96 -43.69 -91.62
CA ILE L 506 -160.54 -43.15 -92.91
C ILE L 506 -160.40 -44.23 -93.99
N PRO L 507 -159.73 -45.37 -93.76
CA PRO L 507 -159.69 -46.39 -94.82
C PRO L 507 -161.05 -46.95 -95.18
N VAL L 508 -162.01 -46.96 -94.26
CA VAL L 508 -163.35 -47.44 -94.57
C VAL L 508 -164.03 -46.54 -95.60
N ILE L 509 -163.95 -45.22 -95.39
CA ILE L 509 -164.55 -44.30 -96.34
C ILE L 509 -163.77 -44.30 -97.65
N SER L 510 -162.45 -44.51 -97.59
CA SER L 510 -161.66 -44.64 -98.82
C SER L 510 -162.10 -45.86 -99.62
N ILE L 511 -162.39 -46.97 -98.94
CA ILE L 511 -162.93 -48.15 -99.59
C ILE L 511 -164.31 -47.87 -100.17
N ILE L 512 -165.14 -47.12 -99.44
CA ILE L 512 -166.47 -46.74 -99.91
C ILE L 512 -166.38 -45.97 -101.22
N LEU L 513 -165.37 -45.10 -101.34
CA LEU L 513 -165.16 -44.36 -102.59
C LEU L 513 -164.87 -45.29 -103.77
N GLN L 514 -164.12 -46.38 -103.54
CA GLN L 514 -163.64 -47.20 -104.64
C GLN L 514 -164.78 -47.98 -105.31
N SER L 515 -165.71 -48.52 -104.52
CA SER L 515 -166.70 -49.46 -105.04
C SER L 515 -167.91 -48.81 -105.68
N VAL L 516 -167.93 -47.48 -105.80
CA VAL L 516 -169.06 -46.77 -106.36
C VAL L 516 -168.59 -45.91 -107.52
N PRO L 517 -169.31 -45.87 -108.65
CA PRO L 517 -168.93 -44.99 -109.75
C PRO L 517 -169.04 -43.51 -109.37
N ALA L 518 -168.48 -42.67 -110.23
CA ALA L 518 -168.40 -41.24 -109.95
C ALA L 518 -169.78 -40.59 -109.91
N ASN L 519 -170.67 -41.00 -110.81
CA ASN L 519 -171.99 -40.38 -110.88
C ASN L 519 -172.88 -40.80 -109.72
N PHE L 520 -172.69 -42.01 -109.20
CA PHE L 520 -173.53 -42.55 -108.13
C PHE L 520 -172.92 -42.39 -106.76
N THR L 521 -171.81 -41.66 -106.64
CA THR L 521 -171.13 -41.50 -105.35
C THR L 521 -171.91 -40.62 -104.38
N SER L 522 -172.89 -39.85 -104.87
CA SER L 522 -173.65 -38.97 -103.99
C SER L 522 -174.50 -39.76 -103.01
N LEU L 523 -175.06 -40.88 -103.44
CA LEU L 523 -175.98 -41.63 -102.61
C LEU L 523 -175.30 -42.56 -101.61
N SER L 524 -174.01 -42.84 -101.78
CA SER L 524 -173.32 -43.77 -100.90
C SER L 524 -173.20 -43.22 -99.48
N LEU L 525 -172.83 -41.94 -99.36
CA LEU L 525 -172.71 -41.32 -98.04
C LEU L 525 -174.08 -41.24 -97.35
N GLY L 526 -175.13 -40.94 -98.12
CA GLY L 526 -176.46 -40.92 -97.55
C GLY L 526 -176.93 -42.30 -97.10
N VAL L 527 -176.61 -43.33 -97.87
CA VAL L 527 -176.96 -44.70 -97.50
C VAL L 527 -176.25 -45.10 -96.22
N THR L 528 -174.96 -44.77 -96.10
CA THR L 528 -174.23 -45.07 -94.87
C THR L 528 -174.76 -44.27 -93.69
N TYR L 529 -175.09 -42.99 -93.91
CA TYR L 529 -175.54 -42.13 -92.82
C TYR L 529 -176.95 -42.50 -92.35
N ALA L 530 -177.74 -43.14 -93.22
CA ALA L 530 -179.03 -43.66 -92.78
C ALA L 530 -178.85 -44.75 -91.73
N ILE L 531 -177.84 -45.61 -91.88
CA ILE L 531 -177.53 -46.62 -90.88
C ILE L 531 -176.75 -46.05 -89.71
N VAL L 532 -176.07 -44.91 -89.89
CA VAL L 532 -175.29 -44.31 -88.82
C VAL L 532 -176.19 -43.89 -87.65
N LYS L 533 -177.33 -43.27 -87.93
CA LYS L 533 -178.15 -42.70 -86.88
C LYS L 533 -179.38 -43.51 -86.53
N PHE L 534 -179.89 -44.35 -87.44
CA PHE L 534 -181.12 -45.09 -87.17
C PHE L 534 -180.84 -46.42 -86.49
N VAL L 535 -180.06 -47.30 -87.14
CA VAL L 535 -179.80 -48.62 -86.58
C VAL L 535 -178.88 -48.52 -85.36
N ALA L 536 -177.94 -47.56 -85.36
CA ALA L 536 -176.95 -47.46 -84.30
C ALA L 536 -177.41 -46.54 -83.17
N SER L 537 -177.77 -45.29 -83.48
CA SER L 537 -177.94 -44.28 -82.46
C SER L 537 -179.30 -44.30 -81.79
N VAL L 538 -180.27 -45.04 -82.31
CA VAL L 538 -181.60 -45.11 -81.69
C VAL L 538 -181.63 -46.09 -80.52
N PRO L 539 -181.18 -47.35 -80.64
CA PRO L 539 -181.25 -48.25 -79.46
C PRO L 539 -180.05 -48.14 -78.55
N ALA L 540 -179.01 -47.38 -78.93
CA ALA L 540 -177.83 -47.24 -78.08
C ALA L 540 -178.14 -46.58 -76.75
N PRO L 541 -178.87 -45.46 -76.67
CA PRO L 541 -179.21 -44.92 -75.34
C PRO L 541 -180.06 -45.86 -74.49
N LEU L 542 -180.94 -46.64 -75.11
CA LEU L 542 -181.72 -47.62 -74.33
C LEU L 542 -180.82 -48.71 -73.76
N LEU L 543 -179.86 -49.19 -74.56
CA LEU L 543 -178.91 -50.18 -74.06
C LEU L 543 -178.03 -49.60 -72.96
N PHE L 544 -177.59 -48.34 -73.12
CA PHE L 544 -176.79 -47.69 -72.09
C PHE L 544 -177.60 -47.53 -70.82
N ARG L 545 -178.89 -47.20 -70.94
CA ARG L 545 -179.75 -47.03 -69.77
C ARG L 545 -179.97 -48.36 -69.05
N LEU L 546 -180.16 -49.45 -69.79
CA LEU L 546 -180.36 -50.74 -69.13
C LEU L 546 -179.07 -51.21 -68.44
N SER L 547 -177.92 -50.97 -69.08
CA SER L 547 -176.65 -51.31 -68.43
C SER L 547 -176.41 -50.45 -67.19
N SER L 548 -176.72 -49.16 -67.27
CA SER L 548 -176.53 -48.27 -66.13
C SER L 548 -177.49 -48.61 -65.00
N ALA L 549 -178.71 -49.04 -65.34
CA ALA L 549 -179.66 -49.48 -64.31
C ALA L 549 -179.24 -50.80 -63.68
N ILE L 550 -178.63 -51.69 -64.47
CA ILE L 550 -178.08 -52.93 -63.91
C ILE L 550 -176.97 -52.61 -62.93
N ALA L 551 -176.09 -51.68 -63.28
CA ALA L 551 -174.99 -51.32 -62.39
C ALA L 551 -175.47 -50.53 -61.17
N CYS L 552 -176.45 -49.65 -61.36
CA CYS L 552 -176.98 -48.80 -60.29
C CYS L 552 -178.25 -49.42 -59.72
N ILE L 553 -178.06 -50.48 -58.94
CA ILE L 553 -179.20 -51.13 -58.30
C ILE L 553 -179.74 -50.24 -57.18
N TYR L 554 -178.86 -49.61 -56.41
CA TYR L 554 -179.24 -48.91 -55.18
C TYR L 554 -179.65 -47.47 -55.50
N TRP L 555 -180.81 -47.35 -56.14
CA TRP L 555 -181.36 -46.02 -56.40
C TRP L 555 -181.87 -45.38 -55.12
N ASP L 556 -181.87 -44.05 -55.11
CA ASP L 556 -182.36 -43.29 -53.96
C ASP L 556 -183.90 -43.31 -53.99
N ASN L 557 -184.46 -44.37 -53.41
CA ASN L 557 -185.90 -44.54 -53.39
C ASN L 557 -186.59 -43.70 -52.31
N ASN L 558 -185.82 -43.03 -51.45
CA ASN L 558 -186.42 -42.23 -50.39
C ASN L 558 -187.08 -40.98 -50.94
N ARG L 559 -186.40 -40.27 -51.85
CA ARG L 559 -186.90 -38.99 -52.36
C ARG L 559 -186.99 -38.93 -53.87
N CYS L 560 -186.02 -39.52 -54.59
CA CYS L 560 -185.99 -39.38 -56.05
C CYS L 560 -187.17 -40.09 -56.71
N GLY L 561 -187.46 -41.32 -56.27
CA GLY L 561 -188.58 -42.04 -56.82
C GLY L 561 -188.27 -42.86 -58.05
N GLY L 562 -188.58 -42.32 -59.23
CA GLY L 562 -188.42 -43.06 -60.47
C GLY L 562 -187.02 -43.07 -61.04
N LYS L 563 -186.04 -43.44 -60.21
CA LYS L 563 -184.64 -43.61 -60.62
C LYS L 563 -184.07 -42.32 -61.22
N GLU L 564 -184.00 -41.29 -60.38
CA GLU L 564 -183.51 -39.98 -60.82
C GLU L 564 -182.07 -39.72 -60.41
N ARG L 565 -181.59 -40.32 -59.32
CA ARG L 565 -180.22 -40.09 -58.86
C ARG L 565 -179.81 -41.25 -57.97
N CYS L 566 -178.73 -41.95 -58.34
CA CYS L 566 -178.17 -43.01 -57.53
C CYS L 566 -176.90 -42.53 -56.83
N TRP L 567 -176.46 -43.32 -55.86
CA TRP L 567 -175.27 -42.95 -55.09
C TRP L 567 -174.20 -44.01 -55.15
N ILE L 568 -174.59 -45.28 -55.26
CA ILE L 568 -173.67 -46.40 -55.28
C ILE L 568 -173.58 -46.90 -56.71
N TYR L 569 -172.51 -46.52 -57.40
CA TYR L 569 -172.22 -46.99 -58.75
C TYR L 569 -171.22 -48.14 -58.63
N ASN L 570 -171.70 -49.37 -58.83
CA ASN L 570 -170.90 -50.57 -58.59
C ASN L 570 -169.75 -50.63 -59.59
N LYS L 571 -168.53 -50.37 -59.10
CA LYS L 571 -167.37 -50.18 -59.98
C LYS L 571 -167.03 -51.46 -60.74
N ASN L 572 -166.99 -52.59 -60.03
CA ASN L 572 -166.65 -53.86 -60.68
C ASN L 572 -167.70 -54.24 -61.72
N ILE L 573 -168.99 -54.07 -61.38
CA ILE L 573 -170.06 -54.44 -62.29
C ILE L 573 -170.03 -53.56 -63.54
N LEU L 574 -169.88 -52.24 -63.36
CA LEU L 574 -169.86 -51.35 -64.51
C LEU L 574 -168.63 -51.61 -65.39
N VAL L 575 -167.47 -51.86 -64.78
CA VAL L 575 -166.26 -52.10 -65.56
C VAL L 575 -166.41 -53.38 -66.36
N TYR L 576 -166.88 -54.46 -65.72
CA TYR L 576 -167.01 -55.72 -66.42
C TYR L 576 -168.05 -55.63 -67.55
N GLU L 577 -169.19 -55.00 -67.29
CA GLU L 577 -170.23 -54.90 -68.31
C GLU L 577 -169.80 -54.04 -69.48
N PHE L 578 -169.19 -52.88 -69.21
CA PHE L 578 -168.81 -51.99 -70.30
C PHE L 578 -167.65 -52.55 -71.11
N MET L 579 -166.68 -53.22 -70.45
CA MET L 579 -165.59 -53.81 -71.20
C MET L 579 -166.06 -55.06 -71.95
N GLY L 580 -167.07 -55.76 -71.43
CA GLY L 580 -167.67 -56.83 -72.21
C GLY L 580 -168.37 -56.31 -73.45
N ILE L 581 -169.08 -55.19 -73.33
CA ILE L 581 -169.77 -54.61 -74.48
C ILE L 581 -168.75 -54.13 -75.51
N TRP L 582 -167.69 -53.45 -75.06
CA TRP L 582 -166.68 -52.96 -75.99
C TRP L 582 -165.90 -54.11 -76.62
N MET L 583 -165.65 -55.18 -75.86
CA MET L 583 -165.03 -56.38 -76.39
C MET L 583 -165.91 -57.02 -77.46
N SER L 584 -167.22 -57.09 -77.22
CA SER L 584 -168.13 -57.65 -78.21
C SER L 584 -168.14 -56.81 -79.49
N SER L 585 -168.16 -55.48 -79.34
CA SER L 585 -168.16 -54.62 -80.52
C SER L 585 -166.86 -54.74 -81.31
N GLN L 586 -165.73 -54.76 -80.62
CA GLN L 586 -164.44 -54.87 -81.30
C GLN L 586 -164.28 -56.24 -81.97
N LEU L 587 -164.76 -57.30 -81.31
CA LEU L 587 -164.72 -58.63 -81.91
C LEU L 587 -165.66 -58.73 -83.12
N ILE L 588 -166.81 -58.05 -83.06
CA ILE L 588 -167.70 -58.02 -84.22
C ILE L 588 -167.02 -57.32 -85.39
N ILE L 589 -166.32 -56.22 -85.11
CA ILE L 589 -165.53 -55.54 -86.15
C ILE L 589 -164.45 -56.47 -86.70
N VAL L 590 -163.81 -57.24 -85.82
CA VAL L 590 -162.73 -58.13 -86.24
C VAL L 590 -163.25 -59.24 -87.15
N LEU L 591 -164.36 -59.89 -86.78
CA LEU L 591 -164.92 -60.94 -87.63
C LEU L 591 -165.47 -60.36 -88.93
N LEU L 592 -166.03 -59.16 -88.90
CA LEU L 592 -166.47 -58.53 -90.14
C LEU L 592 -165.30 -58.26 -91.07
N ASN L 593 -164.18 -57.79 -90.51
CA ASN L 593 -162.99 -57.56 -91.33
C ASN L 593 -162.42 -58.86 -91.88
N ILE L 594 -162.43 -59.92 -91.07
CA ILE L 594 -161.90 -61.20 -91.53
C ILE L 594 -162.81 -61.86 -92.55
N TYR L 595 -164.11 -61.54 -92.54
CA TYR L 595 -164.99 -61.97 -93.62
C TYR L 595 -164.77 -61.13 -94.87
N ALA L 596 -164.59 -59.82 -94.69
CA ALA L 596 -164.46 -58.91 -95.83
C ALA L 596 -163.15 -59.10 -96.56
N ILE L 597 -162.10 -59.55 -95.87
CA ILE L 597 -160.83 -59.82 -96.54
C ILE L 597 -161.00 -60.94 -97.56
N GLN L 598 -161.61 -62.05 -97.15
CA GLN L 598 -161.87 -63.15 -98.06
C GLN L 598 -162.87 -62.76 -99.15
N ILE L 599 -163.89 -61.98 -98.79
CA ILE L 599 -164.90 -61.56 -99.77
C ILE L 599 -164.27 -60.68 -100.85
N HIS L 600 -163.46 -59.71 -100.43
CA HIS L 600 -162.82 -58.81 -101.38
C HIS L 600 -161.78 -59.53 -102.21
N ASP L 601 -161.06 -60.49 -101.61
CA ASP L 601 -160.13 -61.29 -102.39
C ASP L 601 -160.83 -62.12 -103.45
N VAL L 602 -161.98 -62.70 -103.09
CA VAL L 602 -162.77 -63.48 -104.06
C VAL L 602 -163.28 -62.58 -105.18
N VAL L 603 -163.77 -61.38 -104.83
CA VAL L 603 -164.28 -60.45 -105.84
C VAL L 603 -163.15 -59.99 -106.77
N VAL L 604 -161.98 -59.67 -106.21
CA VAL L 604 -160.85 -59.24 -107.01
C VAL L 604 -160.38 -60.36 -107.93
N HIS L 605 -160.32 -61.60 -107.42
CA HIS L 605 -159.93 -62.72 -108.26
C HIS L 605 -160.94 -62.97 -109.37
N GLY L 606 -162.24 -62.81 -109.07
CA GLY L 606 -163.25 -62.97 -110.10
C GLY L 606 -163.16 -61.90 -111.17
N GLU L 607 -162.86 -60.67 -110.77
CA GLU L 607 -162.75 -59.57 -111.72
C GLU L 607 -161.44 -59.56 -112.49
N ILE L 608 -160.40 -60.24 -111.99
CA ILE L 608 -159.10 -60.26 -112.65
C ILE L 608 -158.91 -61.51 -113.51
N THR L 609 -159.20 -62.68 -112.93
CA THR L 609 -159.00 -64.02 -113.52
C THR L 609 -157.75 -64.13 -114.37
N GLU L 610 -156.62 -63.76 -113.76
CA GLU L 610 -155.32 -63.87 -114.41
C GLU L 610 -154.91 -65.32 -114.60
N MET M 1 -20.69 -5.06 -88.92
CA MET M 1 -20.82 -3.80 -89.64
C MET M 1 -20.51 -2.61 -88.73
N ARG M 2 -20.76 -1.40 -89.22
CA ARG M 2 -20.32 -0.17 -88.57
C ARG M 2 -21.11 0.07 -87.29
N TRP M 3 -20.56 -0.39 -86.16
CA TRP M 3 -21.26 -0.23 -84.90
C TRP M 3 -21.26 1.22 -84.43
N ARG M 4 -20.35 2.05 -84.95
CA ARG M 4 -20.45 3.49 -84.74
C ARG M 4 -21.79 4.01 -85.23
N ASP M 5 -22.16 3.65 -86.47
CA ASP M 5 -23.45 4.05 -87.00
C ASP M 5 -24.60 3.30 -86.35
N ARG M 6 -24.38 2.05 -85.91
CA ARG M 6 -25.42 1.31 -85.21
C ARG M 6 -25.79 1.98 -83.89
N ILE M 7 -24.79 2.47 -83.15
CA ILE M 7 -25.03 3.14 -81.88
C ILE M 7 -25.30 4.63 -82.06
N ALA M 8 -25.10 5.17 -83.26
CA ALA M 8 -25.27 6.61 -83.46
C ALA M 8 -26.73 7.03 -83.49
N VAL M 9 -27.48 6.57 -84.49
CA VAL M 9 -28.74 7.20 -84.82
C VAL M 9 -29.85 6.18 -85.06
N LEU M 10 -31.09 6.62 -84.80
CA LEU M 10 -32.34 6.07 -85.30
C LEU M 10 -32.77 4.73 -84.71
N CYS M 11 -31.89 4.06 -83.96
CA CYS M 11 -32.20 2.72 -83.46
C CYS M 11 -31.12 2.31 -82.47
N PHE M 12 -31.24 1.09 -81.99
CA PHE M 12 -30.25 0.36 -81.20
C PHE M 12 -30.15 -1.05 -81.76
N PRO M 13 -29.05 -1.74 -81.50
CA PRO M 13 -29.00 -3.16 -81.84
C PRO M 13 -30.07 -3.93 -81.10
N PRO M 14 -30.52 -5.06 -81.64
CA PRO M 14 -31.58 -5.82 -80.97
C PRO M 14 -31.17 -6.27 -79.58
N GLY M 15 -32.09 -6.12 -78.62
CA GLY M 15 -31.70 -6.21 -77.23
C GLY M 15 -30.79 -5.06 -76.86
N LEU M 16 -29.87 -5.32 -75.93
CA LEU M 16 -28.70 -4.49 -75.67
C LEU M 16 -29.02 -3.10 -75.09
N MET M 17 -30.31 -2.76 -74.99
CA MET M 17 -30.76 -1.66 -74.15
C MET M 17 -31.58 -2.13 -72.95
N LEU M 18 -32.29 -3.24 -73.09
CA LEU M 18 -32.92 -3.89 -71.95
C LEU M 18 -31.86 -4.26 -70.91
N THR M 19 -30.71 -4.73 -71.38
CA THR M 19 -29.61 -5.08 -70.48
C THR M 19 -29.08 -3.86 -69.75
N VAL M 20 -28.88 -2.75 -70.45
CA VAL M 20 -28.33 -1.55 -69.80
C VAL M 20 -29.38 -0.92 -68.87
N ALA M 21 -30.67 -1.08 -69.20
CA ALA M 21 -31.72 -0.70 -68.27
C ALA M 21 -31.65 -1.54 -67.01
N ALA M 22 -31.39 -2.85 -67.15
CA ALA M 22 -31.18 -3.69 -65.99
C ALA M 22 -29.95 -3.25 -65.20
N LEU M 23 -28.90 -2.80 -65.88
CA LEU M 23 -27.70 -2.35 -65.19
C LEU M 23 -27.98 -1.11 -64.33
N ILE M 24 -28.62 -0.10 -64.92
CA ILE M 24 -28.89 1.12 -64.17
C ILE M 24 -29.92 0.85 -63.07
N LEU M 25 -30.86 -0.07 -63.34
CA LEU M 25 -31.84 -0.47 -62.33
C LEU M 25 -31.16 -1.14 -61.14
N PHE M 26 -30.22 -2.05 -61.41
CA PHE M 26 -29.45 -2.69 -60.36
C PHE M 26 -28.62 -1.69 -59.59
N PHE M 27 -28.03 -0.72 -60.29
CA PHE M 27 -27.23 0.30 -59.63
C PHE M 27 -28.07 1.13 -58.66
N ILE M 28 -29.21 1.64 -59.12
CA ILE M 28 -30.01 2.53 -58.27
C ILE M 28 -30.68 1.74 -57.16
N HIS M 29 -31.01 0.46 -57.41
CA HIS M 29 -31.60 -0.35 -56.35
C HIS M 29 -30.56 -0.75 -55.30
N MET M 30 -29.31 -0.98 -55.72
CA MET M 30 -28.24 -1.16 -54.74
C MET M 30 -28.00 0.10 -53.94
N GLY M 31 -28.08 1.27 -54.58
CA GLY M 31 -27.97 2.51 -53.83
C GLY M 31 -29.07 2.66 -52.79
N VAL M 32 -30.31 2.33 -53.16
CA VAL M 32 -31.42 2.39 -52.22
C VAL M 32 -31.22 1.39 -51.08
N PHE M 33 -30.80 0.16 -51.42
CA PHE M 33 -30.58 -0.87 -50.41
C PHE M 33 -29.46 -0.48 -49.45
N ALA M 34 -28.37 0.08 -49.97
CA ALA M 34 -27.27 0.52 -49.12
C ALA M 34 -27.69 1.66 -48.23
N SER M 35 -28.48 2.61 -48.76
CA SER M 35 -29.01 3.68 -47.94
C SER M 35 -29.90 3.15 -46.83
N ASP M 36 -30.75 2.17 -47.14
CA ASP M 36 -31.64 1.59 -46.13
C ASP M 36 -30.85 0.88 -45.05
N VAL M 37 -29.84 0.10 -45.44
CA VAL M 37 -29.03 -0.64 -44.46
C VAL M 37 -28.23 0.32 -43.60
N HIS M 38 -27.60 1.33 -44.22
CA HIS M 38 -26.82 2.31 -43.47
C HIS M 38 -27.70 3.09 -42.51
N ASN M 39 -28.90 3.46 -42.93
CA ASN M 39 -29.77 4.25 -42.07
C ASN M 39 -30.34 3.39 -40.95
N PHE M 40 -30.55 2.09 -41.21
CA PHE M 40 -31.07 1.17 -40.20
C PHE M 40 -30.04 0.82 -39.14
N CYS M 41 -28.76 0.66 -39.52
CA CYS M 41 -27.81 0.09 -38.57
C CYS M 41 -27.37 1.08 -37.50
N VAL M 42 -26.80 2.21 -37.90
CA VAL M 42 -26.10 3.10 -36.97
C VAL M 42 -26.91 4.35 -36.65
N ILE M 43 -27.28 5.14 -37.67
CA ILE M 43 -27.65 6.53 -37.42
C ILE M 43 -29.08 6.66 -36.88
N HIS M 44 -29.94 5.69 -37.15
CA HIS M 44 -31.28 5.59 -36.57
C HIS M 44 -32.12 6.85 -36.88
N ASN M 45 -32.44 6.99 -38.16
CA ASN M 45 -33.09 8.19 -38.70
C ASN M 45 -34.39 7.71 -39.39
N TYR M 46 -35.23 7.06 -38.59
CA TYR M 46 -36.52 6.52 -39.05
C TYR M 46 -37.41 7.56 -39.73
N ASP M 47 -37.17 8.86 -39.52
CA ASP M 47 -37.95 9.88 -40.22
C ASP M 47 -37.66 9.88 -41.71
N HIS M 48 -36.43 9.59 -42.10
CA HIS M 48 -35.95 9.77 -43.47
C HIS M 48 -35.67 8.44 -44.16
N MET M 49 -36.18 7.33 -43.62
CA MET M 49 -36.18 6.06 -44.33
C MET M 49 -37.03 6.10 -45.59
N SER M 50 -36.89 5.03 -46.37
CA SER M 50 -37.84 4.77 -47.44
C SER M 50 -39.00 3.94 -46.90
N PHE M 51 -39.58 4.36 -45.78
CA PHE M 51 -40.82 3.76 -45.30
C PHE M 51 -42.02 4.25 -46.09
N ARG M 52 -41.86 5.36 -46.82
CA ARG M 52 -42.94 6.00 -47.53
C ARG M 52 -43.11 5.45 -48.95
N TYR M 53 -42.00 5.18 -49.63
CA TYR M 53 -42.00 4.54 -50.95
C TYR M 53 -41.75 3.05 -50.72
N THR M 54 -42.82 2.26 -50.66
CA THR M 54 -42.75 0.84 -50.34
C THR M 54 -43.17 -0.05 -51.49
N VAL M 55 -44.36 0.16 -52.04
CA VAL M 55 -44.89 -0.75 -53.05
C VAL M 55 -44.49 -0.34 -54.47
N VAL M 56 -44.26 0.95 -54.71
CA VAL M 56 -43.87 1.39 -56.04
C VAL M 56 -42.48 0.86 -56.41
N LEU M 57 -41.54 0.89 -55.47
CA LEU M 57 -40.23 0.37 -55.77
C LEU M 57 -40.20 -1.15 -55.79
N ILE M 58 -41.16 -1.80 -55.13
CA ILE M 58 -41.30 -3.24 -55.28
C ILE M 58 -41.81 -3.60 -56.68
N PHE M 59 -42.77 -2.82 -57.19
CA PHE M 59 -43.20 -2.98 -58.57
C PHE M 59 -42.04 -2.70 -59.53
N SER M 60 -41.22 -1.71 -59.20
CA SER M 60 -40.00 -1.45 -59.95
C SER M 60 -39.07 -2.66 -59.95
N GLN M 61 -38.94 -3.31 -58.78
CA GLN M 61 -38.13 -4.52 -58.68
C GLN M 61 -38.64 -5.60 -59.61
N VAL M 62 -39.95 -5.86 -59.59
CA VAL M 62 -40.48 -6.96 -60.40
C VAL M 62 -40.41 -6.64 -61.89
N ILE M 63 -40.59 -5.38 -62.30
CA ILE M 63 -40.46 -5.10 -63.73
C ILE M 63 -38.98 -5.15 -64.13
N SER M 64 -38.08 -4.86 -63.18
CA SER M 64 -36.65 -5.03 -63.45
C SER M 64 -36.31 -6.49 -63.71
N ILE M 65 -36.82 -7.40 -62.87
CA ILE M 65 -36.56 -8.82 -63.08
C ILE M 65 -37.17 -9.29 -64.41
N GLY M 66 -38.39 -8.86 -64.70
CA GLY M 66 -39.02 -9.25 -65.95
C GLY M 66 -38.28 -8.74 -67.18
N TRP M 67 -37.83 -7.47 -67.13
CA TRP M 67 -37.08 -6.90 -68.24
C TRP M 67 -35.75 -7.61 -68.43
N ALA M 68 -35.03 -7.89 -67.33
CA ALA M 68 -33.76 -8.61 -67.44
C ALA M 68 -33.96 -10.01 -68.00
N ALA M 69 -35.00 -10.71 -67.54
CA ALA M 69 -35.26 -12.07 -68.02
C ALA M 69 -35.59 -12.07 -69.52
N MET M 70 -36.55 -11.25 -69.93
CA MET M 70 -36.95 -11.29 -71.33
C MET M 70 -35.89 -10.67 -72.24
N GLY M 71 -35.01 -9.81 -71.69
CA GLY M 71 -33.84 -9.38 -72.44
C GLY M 71 -32.84 -10.50 -72.63
N SER M 72 -32.66 -11.34 -71.61
CA SER M 72 -31.83 -12.53 -71.76
C SER M 72 -32.41 -13.45 -72.84
N LEU M 73 -33.73 -13.60 -72.84
CA LEU M 73 -34.38 -14.41 -73.87
C LEU M 73 -34.18 -13.81 -75.26
N TYR M 74 -34.25 -12.48 -75.35
CA TYR M 74 -34.08 -11.76 -76.61
C TYR M 74 -32.63 -11.74 -77.10
N ALA M 75 -31.67 -11.97 -76.20
CA ALA M 75 -30.25 -11.98 -76.57
C ALA M 75 -29.64 -13.37 -76.62
N GLU M 76 -30.38 -14.42 -76.23
CA GLU M 76 -29.81 -15.76 -76.19
C GLU M 76 -29.43 -16.28 -77.58
N MET M 77 -30.27 -16.08 -78.59
CA MET M 77 -30.07 -16.76 -79.87
C MET M 77 -28.94 -16.18 -80.72
N THR M 78 -28.15 -15.24 -80.19
CA THR M 78 -27.02 -14.70 -80.95
C THR M 78 -25.90 -15.72 -81.13
N GLY M 79 -25.92 -16.84 -80.42
CA GLY M 79 -24.92 -17.87 -80.58
C GLY M 79 -23.60 -17.62 -79.89
N ASP M 80 -23.47 -16.52 -79.15
CA ASP M 80 -22.23 -16.15 -78.49
C ASP M 80 -22.37 -16.37 -76.99
N LYS M 81 -21.36 -17.02 -76.40
CA LYS M 81 -21.43 -17.39 -74.99
C LYS M 81 -21.31 -16.18 -74.07
N PHE M 82 -20.58 -15.15 -74.49
CA PHE M 82 -20.35 -13.98 -73.63
C PHE M 82 -21.65 -13.23 -73.35
N LEU M 83 -22.48 -13.03 -74.38
CA LEU M 83 -23.74 -12.34 -74.18
C LEU M 83 -24.67 -13.12 -73.27
N ARG M 84 -24.73 -14.44 -73.45
CA ARG M 84 -25.56 -15.28 -72.59
C ARG M 84 -25.07 -15.25 -71.15
N CYS M 85 -23.74 -15.30 -70.95
CA CYS M 85 -23.19 -15.23 -69.59
C CYS M 85 -23.48 -13.88 -68.96
N PHE M 86 -23.36 -12.80 -69.72
CA PHE M 86 -23.68 -11.47 -69.22
C PHE M 86 -25.13 -11.39 -68.77
N ALA M 87 -26.05 -11.82 -69.63
CA ALA M 87 -27.48 -11.74 -69.31
C ALA M 87 -27.84 -12.62 -68.13
N LEU M 88 -27.29 -13.84 -68.06
CA LEU M 88 -27.58 -14.74 -66.96
C LEU M 88 -27.03 -14.22 -65.64
N THR M 89 -25.82 -13.64 -65.66
CA THR M 89 -25.26 -13.06 -64.44
C THR M 89 -26.09 -11.88 -63.97
N ILE M 90 -26.56 -11.04 -64.89
CA ILE M 90 -27.40 -9.92 -64.51
C ILE M 90 -28.73 -10.40 -63.92
N LEU M 91 -29.31 -11.46 -64.51
CA LEU M 91 -30.52 -12.05 -63.96
C LEU M 91 -30.29 -12.58 -62.55
N ILE M 92 -29.16 -13.26 -62.33
CA ILE M 92 -28.86 -13.85 -61.03
C ILE M 92 -28.70 -12.76 -59.98
N LEU M 93 -27.94 -11.71 -60.28
CA LEU M 93 -27.74 -10.65 -59.29
C LEU M 93 -29.02 -9.88 -59.03
N ASN M 94 -29.85 -9.68 -60.07
CA ASN M 94 -31.13 -9.01 -59.87
C ASN M 94 -32.05 -9.82 -58.97
N GLY M 95 -32.12 -11.14 -59.19
CA GLY M 95 -32.93 -11.99 -58.33
C GLY M 95 -32.43 -12.02 -56.90
N ALA M 96 -31.10 -12.10 -56.72
CA ALA M 96 -30.53 -12.09 -55.38
C ALA M 96 -30.81 -10.78 -54.65
N MET M 97 -30.68 -9.65 -55.36
CA MET M 97 -30.98 -8.36 -54.77
C MET M 97 -32.46 -8.24 -54.40
N PHE M 98 -33.35 -8.74 -55.27
CA PHE M 98 -34.77 -8.71 -54.95
C PHE M 98 -35.07 -9.53 -53.70
N PHE M 99 -34.48 -10.73 -53.61
CA PHE M 99 -34.73 -11.57 -52.44
C PHE M 99 -34.17 -10.94 -51.18
N ASN M 100 -33.00 -10.30 -51.27
CA ASN M 100 -32.41 -9.62 -50.12
C ASN M 100 -33.29 -8.48 -49.65
N ARG M 101 -33.81 -7.67 -50.59
CA ARG M 101 -34.68 -6.57 -50.19
C ARG M 101 -36.02 -7.07 -49.66
N LEU M 102 -36.53 -8.18 -50.20
CA LEU M 102 -37.75 -8.77 -49.66
C LEU M 102 -37.54 -9.24 -48.22
N CYS M 103 -36.39 -9.87 -47.95
CA CYS M 103 -36.08 -10.29 -46.59
C CYS M 103 -35.94 -9.11 -45.65
N LEU M 104 -35.29 -8.03 -46.11
CA LEU M 104 -35.14 -6.83 -45.29
C LEU M 104 -36.50 -6.19 -45.00
N GLU M 105 -37.37 -6.12 -46.01
CA GLU M 105 -38.70 -5.54 -45.84
C GLU M 105 -39.54 -6.38 -44.88
N PHE M 106 -39.44 -7.70 -44.97
CA PHE M 106 -40.17 -8.57 -44.05
C PHE M 106 -39.63 -8.46 -42.63
N LEU M 107 -38.32 -8.30 -42.48
CA LEU M 107 -37.73 -8.17 -41.14
C LEU M 107 -38.13 -6.86 -40.49
N ALA M 108 -38.01 -5.75 -41.22
CA ALA M 108 -38.37 -4.43 -40.70
C ALA M 108 -39.85 -4.18 -41.00
N ILE M 109 -40.71 -4.74 -40.15
CA ILE M 109 -42.14 -4.68 -40.38
C ILE M 109 -42.81 -3.91 -39.25
N ASN M 110 -42.18 -3.89 -38.07
CA ASN M 110 -42.72 -3.22 -36.90
C ASN M 110 -42.32 -1.74 -36.83
N TYR M 111 -41.87 -1.17 -37.95
CA TYR M 111 -41.28 0.16 -37.93
C TYR M 111 -41.98 1.15 -38.85
N ARG M 112 -42.96 0.73 -39.63
CA ARG M 112 -43.60 1.60 -40.61
C ARG M 112 -44.87 2.26 -40.08
N GLU M 113 -45.87 1.45 -39.77
CA GLU M 113 -47.21 1.89 -39.37
C GLU M 113 -47.99 0.65 -38.96
N GLU M 114 -49.21 0.87 -38.49
CA GLU M 114 -50.06 -0.23 -38.06
C GLU M 114 -51.44 -0.09 -38.67
N ARG M 115 -51.97 -1.20 -39.17
CA ARG M 115 -53.31 -1.24 -39.76
C ARG M 115 -54.19 -2.23 -39.03
N UNK N 1 -33.14 -5.98 -34.05
CA UNK N 1 -32.43 -7.22 -34.35
C UNK N 1 -32.08 -7.30 -35.83
N UNK N 2 -30.82 -7.04 -36.15
CA UNK N 2 -30.34 -7.08 -37.52
C UNK N 2 -28.86 -7.43 -37.58
N UNK N 3 -28.28 -7.69 -36.41
CA UNK N 3 -26.85 -8.02 -36.33
C UNK N 3 -26.64 -9.52 -36.36
N UNK N 4 -27.74 -10.28 -36.36
CA UNK N 4 -27.66 -11.73 -36.37
C UNK N 4 -28.64 -12.33 -37.37
N UNK N 5 -29.91 -11.95 -37.26
CA UNK N 5 -30.95 -12.47 -38.14
C UNK N 5 -30.80 -11.94 -39.56
N UNK N 6 -30.27 -10.73 -39.69
CA UNK N 6 -30.05 -10.12 -40.99
C UNK N 6 -28.62 -10.34 -41.45
N UNK N 7 -27.80 -10.91 -40.56
CA UNK N 7 -26.40 -11.17 -40.87
C UNK N 7 -26.22 -12.63 -41.31
N UNK N 8 -27.12 -13.49 -40.87
CA UNK N 8 -27.07 -14.90 -41.24
C UNK N 8 -27.87 -15.17 -42.50
N UNK N 9 -28.47 -14.12 -43.04
CA UNK N 9 -29.24 -14.23 -44.27
C UNK N 9 -28.33 -14.09 -45.48
N UNK N 10 -27.20 -13.42 -45.29
CA UNK N 10 -26.22 -13.24 -46.35
C UNK N 10 -25.24 -14.40 -46.37
N UNK N 11 -25.12 -15.08 -45.23
CA UNK N 11 -24.24 -16.24 -45.12
C UNK N 11 -24.85 -17.44 -45.84
N UNK N 12 -26.18 -17.54 -45.79
CA UNK N 12 -26.89 -18.61 -46.47
C UNK N 12 -26.93 -18.35 -47.97
N UNK N 13 -26.90 -17.07 -48.34
CA UNK N 13 -26.91 -16.68 -49.75
C UNK N 13 -25.54 -16.93 -50.38
N UNK N 14 -24.49 -16.75 -49.58
CA UNK N 14 -23.13 -16.96 -50.05
C UNK N 14 -22.81 -18.45 -50.15
N UNK N 15 -23.45 -19.23 -49.28
CA UNK N 15 -23.25 -20.68 -49.27
C UNK N 15 -23.97 -21.32 -50.45
N UNK N 16 -25.11 -20.75 -50.82
CA UNK N 16 -25.89 -21.25 -51.95
C UNK N 16 -25.23 -20.87 -53.27
N UNK N 17 -24.57 -19.73 -53.29
CA UNK N 17 -23.87 -19.26 -54.48
C UNK N 17 -22.59 -20.07 -54.70
N UNK N 18 -21.97 -20.49 -53.61
CA UNK N 18 -20.76 -21.30 -53.68
C UNK N 18 -21.08 -22.72 -54.12
N UNK N 19 -22.25 -23.20 -53.73
CA UNK N 19 -22.69 -24.53 -54.09
C UNK N 19 -23.11 -24.58 -55.55
N UNK N 20 -23.68 -23.48 -56.05
CA UNK N 20 -24.12 -23.39 -57.43
C UNK N 20 -22.90 -23.22 -58.36
N UNK N 21 -21.88 -22.55 -57.86
CA UNK N 21 -20.65 -22.33 -58.62
C UNK N 21 -19.84 -23.62 -58.70
N UNK N 22 -19.89 -24.41 -57.64
CA UNK N 22 -19.19 -25.68 -57.60
C UNK N 22 -19.89 -26.71 -58.49
N UNK N 23 -21.20 -26.59 -58.58
CA UNK N 23 -21.99 -27.48 -59.43
C UNK N 23 -21.81 -27.11 -60.89
N UNK N 24 -21.60 -25.82 -61.15
CA UNK N 24 -21.38 -25.34 -62.51
C UNK N 24 -19.96 -25.66 -62.97
N UNK N 25 -19.02 -25.66 -62.03
CA UNK N 25 -17.64 -25.98 -62.33
C UNK N 25 -17.47 -27.49 -62.54
N UNK N 26 -18.36 -28.27 -61.93
CA UNK N 26 -18.33 -29.71 -62.07
C UNK N 26 -18.95 -30.14 -63.40
N UNK N 27 -19.76 -29.24 -63.97
CA UNK N 27 -20.40 -29.51 -65.25
C UNK N 27 -19.45 -29.19 -66.41
N UNK N 28 -18.40 -28.45 -66.10
CA UNK N 28 -17.40 -28.08 -67.11
C UNK N 28 -16.34 -29.16 -67.26
N LEU O 1 79.65 -6.16 -42.79
CA LEU O 1 78.47 -5.30 -42.82
C LEU O 1 78.65 -4.17 -43.81
N LEU O 2 79.13 -4.47 -45.00
CA LEU O 2 79.32 -3.45 -46.01
C LEU O 2 78.21 -3.54 -47.03
N GLY O 3 78.56 -3.85 -48.27
CA GLY O 3 77.52 -4.04 -49.27
C GLY O 3 76.40 -4.98 -48.86
N LEU O 4 76.72 -6.01 -48.06
CA LEU O 4 75.68 -6.88 -47.53
C LEU O 4 74.72 -6.12 -46.63
N GLN O 5 75.28 -5.25 -45.77
CA GLN O 5 74.45 -4.39 -44.95
C GLN O 5 73.66 -3.41 -45.82
N GLN O 6 74.25 -2.93 -46.91
CA GLN O 6 73.53 -2.01 -47.79
C GLN O 6 72.33 -2.68 -48.46
N MET O 7 72.49 -3.93 -48.90
CA MET O 7 71.37 -4.58 -49.59
C MET O 7 70.30 -5.05 -48.59
N ILE O 8 70.72 -5.51 -47.40
CA ILE O 8 69.77 -5.77 -46.32
C ILE O 8 69.01 -4.50 -45.98
N LEU O 9 69.72 -3.37 -45.90
CA LEU O 9 69.10 -2.09 -45.63
C LEU O 9 68.14 -1.69 -46.73
N SER O 10 68.47 -2.00 -47.99
CA SER O 10 67.57 -1.67 -49.09
C SER O 10 66.26 -2.44 -48.99
N LEU O 11 66.35 -3.76 -48.82
CA LEU O 11 65.13 -4.58 -48.75
C LEU O 11 64.30 -4.24 -47.52
N THR O 12 64.93 -4.26 -46.34
CA THR O 12 64.21 -3.94 -45.12
C THR O 12 63.80 -2.48 -45.06
N GLN O 13 64.48 -1.60 -45.79
CA GLN O 13 64.07 -0.20 -45.87
C GLN O 13 62.81 -0.06 -46.68
N SER O 14 62.72 -0.78 -47.81
CA SER O 14 61.48 -0.83 -48.57
C SER O 14 60.32 -1.30 -47.68
N LEU O 15 60.52 -2.43 -46.99
CA LEU O 15 59.46 -3.00 -46.17
C LEU O 15 59.06 -2.07 -45.02
N GLY O 16 60.03 -1.69 -44.19
CA GLY O 16 59.72 -0.91 -43.00
C GLY O 16 59.38 0.53 -43.32
N PHE O 17 59.78 1.02 -44.50
CA PHE O 17 59.45 2.38 -44.90
C PHE O 17 58.03 2.42 -45.44
N GLU O 18 57.60 1.35 -46.10
CA GLU O 18 56.20 1.25 -46.49
C GLU O 18 55.30 1.09 -45.27
N THR O 19 55.72 0.26 -44.31
CA THR O 19 54.85 -0.04 -43.18
C THR O 19 54.91 1.03 -42.09
N PHE O 20 56.08 1.21 -41.49
CA PHE O 20 56.19 2.01 -40.26
C PHE O 20 56.07 3.50 -40.54
N ILE O 21 56.73 3.99 -41.60
CA ILE O 21 56.81 5.43 -41.83
C ILE O 21 55.44 6.02 -42.14
N PHE O 22 54.63 5.28 -42.91
CA PHE O 22 53.33 5.79 -43.31
C PHE O 22 52.41 6.02 -42.12
N ILE O 23 52.32 5.03 -41.22
CA ILE O 23 51.38 5.13 -40.11
C ILE O 23 51.85 6.18 -39.09
N VAL O 24 53.15 6.22 -38.79
CA VAL O 24 53.64 7.18 -37.81
C VAL O 24 53.58 8.60 -38.37
N VAL O 25 53.82 8.79 -39.67
CA VAL O 25 53.69 10.13 -40.24
C VAL O 25 52.22 10.54 -40.33
N CYS O 26 51.31 9.59 -40.58
CA CYS O 26 49.88 9.90 -40.55
C CYS O 26 49.45 10.36 -39.16
N LEU O 27 49.92 9.66 -38.12
CA LEU O 27 49.60 10.06 -36.75
C LEU O 27 50.23 11.41 -36.40
N ASN O 28 51.46 11.66 -36.87
CA ASN O 28 52.10 12.95 -36.65
C ASN O 28 51.33 14.08 -37.33
N THR O 29 50.84 13.83 -38.54
CA THR O 29 50.02 14.82 -39.23
C THR O 29 48.69 15.05 -38.50
N VAL O 30 48.09 13.98 -37.98
CA VAL O 30 46.84 14.13 -37.23
C VAL O 30 47.04 14.99 -35.99
N ILE O 31 48.07 14.69 -35.21
CA ILE O 31 48.32 15.47 -34.00
C ILE O 31 48.76 16.89 -34.34
N LEU O 32 49.46 17.10 -35.45
CA LEU O 32 49.90 18.45 -35.81
C LEU O 32 48.76 19.32 -36.32
N VAL O 33 47.82 18.75 -37.09
CA VAL O 33 46.66 19.53 -37.50
C VAL O 33 45.65 19.69 -36.37
N ALA O 34 45.65 18.81 -35.37
CA ALA O 34 44.91 19.09 -34.16
C ALA O 34 45.62 20.10 -33.28
N GLN O 35 46.92 20.29 -33.50
CA GLN O 35 47.71 21.18 -32.67
C GLN O 35 47.64 22.63 -33.16
N THR O 36 47.76 22.84 -34.47
CA THR O 36 47.90 24.21 -34.98
C THR O 36 46.68 25.05 -34.62
N PHE O 37 45.54 24.78 -35.25
CA PHE O 37 44.21 24.69 -34.62
C PHE O 37 44.02 25.57 -33.39
N THR O 38 44.13 26.90 -33.51
CA THR O 38 44.15 27.72 -32.30
C THR O 38 42.78 27.90 -31.67
N GLU O 39 42.08 26.79 -31.41
CA GLU O 39 40.96 26.74 -30.48
C GLU O 39 41.04 25.54 -29.55
N LEU O 40 41.70 24.46 -29.97
CA LEU O 40 41.82 23.26 -29.16
C LEU O 40 43.15 23.16 -28.42
N GLU O 41 44.07 24.11 -28.62
CA GLU O 41 45.34 24.07 -27.91
C GLU O 41 45.18 24.39 -26.43
N ILE O 42 44.17 25.17 -26.06
CA ILE O 42 43.83 25.36 -24.66
C ILE O 42 43.09 24.14 -24.11
N ARG O 43 42.51 23.31 -24.98
CA ARG O 43 42.03 21.98 -24.60
C ARG O 43 43.16 20.97 -24.81
N GLY O 44 44.29 21.29 -24.20
CA GLY O 44 45.56 20.65 -24.53
C GLY O 44 46.71 21.37 -23.87
N GLU O 45 47.72 21.75 -24.67
CA GLU O 45 48.92 22.47 -24.24
C GLU O 45 49.80 21.62 -23.31
N TRP O 46 49.34 20.43 -22.96
CA TRP O 46 50.08 19.49 -22.14
C TRP O 46 50.19 18.10 -22.74
N TYR O 47 49.18 17.66 -23.49
CA TYR O 47 49.23 16.43 -24.27
C TYR O 47 49.73 16.68 -25.69
N PHE O 48 50.11 17.90 -26.00
CA PHE O 48 50.45 18.30 -27.37
C PHE O 48 51.96 18.28 -27.59
N MET O 49 52.71 18.99 -26.75
CA MET O 49 54.16 19.08 -26.95
C MET O 49 54.88 17.80 -26.58
N VAL O 50 54.32 16.98 -25.68
CA VAL O 50 54.91 15.68 -25.41
C VAL O 50 54.83 14.79 -26.65
N LEU O 51 53.69 14.81 -27.34
CA LEU O 51 53.56 14.06 -28.59
C LEU O 51 54.44 14.67 -29.68
N ASP O 52 54.63 15.99 -29.66
CA ASP O 52 55.59 16.62 -30.56
C ASP O 52 57.00 16.08 -30.35
N SER O 53 57.44 16.02 -29.09
CA SER O 53 58.77 15.49 -28.79
C SER O 53 58.88 14.00 -29.16
N ILE O 54 57.81 13.23 -28.93
CA ILE O 54 57.84 11.81 -29.25
C ILE O 54 57.96 11.61 -30.76
N PHE O 55 57.13 12.31 -31.54
CA PHE O 55 57.19 12.14 -32.98
C PHE O 55 58.41 12.81 -33.60
N LEU O 56 58.99 13.83 -32.95
CA LEU O 56 60.28 14.34 -33.39
C LEU O 56 61.39 13.33 -33.11
N SER O 57 61.28 12.57 -32.02
CA SER O 57 62.17 11.45 -31.80
C SER O 57 62.02 10.40 -32.91
N ILE O 58 60.78 10.14 -33.32
CA ILE O 58 60.55 9.23 -34.45
C ILE O 58 61.19 9.77 -35.71
N TYR O 59 61.06 11.08 -35.94
CA TYR O 59 61.65 11.70 -37.13
C TYR O 59 63.17 11.65 -37.11
N VAL O 60 63.78 11.84 -35.93
CA VAL O 60 65.24 11.74 -35.86
C VAL O 60 65.68 10.28 -35.98
N LEU O 61 64.80 9.33 -35.64
CA LEU O 61 65.09 7.94 -35.96
C LEU O 61 65.06 7.70 -37.47
N GLU O 62 64.12 8.35 -38.17
CA GLU O 62 64.11 8.30 -39.63
C GLU O 62 65.41 8.88 -40.19
N ALA O 63 65.87 10.00 -39.60
CA ALA O 63 67.13 10.60 -40.01
C ALA O 63 68.32 9.68 -39.75
N VAL O 64 68.33 8.99 -38.59
CA VAL O 64 69.41 8.06 -38.27
C VAL O 64 69.42 6.89 -39.26
N LEU O 65 68.24 6.36 -39.59
CA LEU O 65 68.15 5.29 -40.58
C LEU O 65 68.63 5.76 -41.95
N LYS O 66 68.25 6.96 -42.36
CA LYS O 66 68.69 7.47 -43.66
C LYS O 66 70.19 7.75 -43.67
N LEU O 67 70.76 8.17 -42.54
CA LEU O 67 72.20 8.38 -42.44
C LEU O 67 72.96 7.06 -42.52
N ILE O 68 72.47 6.03 -41.82
CA ILE O 68 73.09 4.70 -41.90
C ILE O 68 72.80 4.01 -43.24
N ALA O 69 71.86 4.56 -44.02
CA ALA O 69 71.53 4.01 -45.32
C ALA O 69 72.60 4.39 -46.35
N LEU O 70 72.28 4.22 -47.63
CA LEU O 70 73.28 4.19 -48.70
C LEU O 70 74.01 5.52 -48.89
N GLY O 71 73.45 6.64 -48.43
CA GLY O 71 74.23 7.86 -48.38
C GLY O 71 74.13 8.83 -49.55
N LEU O 72 75.05 8.72 -50.50
CA LEU O 72 75.27 9.79 -51.48
C LEU O 72 74.07 9.99 -52.40
N GLU O 73 73.49 8.90 -52.90
CA GLU O 73 72.30 9.05 -53.75
C GLU O 73 71.10 9.52 -52.94
N TYR O 74 71.04 9.17 -51.65
CA TYR O 74 70.03 9.76 -50.78
C TYR O 74 70.20 11.27 -50.68
N PHE O 75 71.44 11.74 -50.54
CA PHE O 75 71.73 13.17 -50.57
C PHE O 75 71.41 13.80 -51.93
N TYR O 76 71.49 13.02 -53.01
CA TYR O 76 71.22 13.53 -54.35
C TYR O 76 69.75 13.92 -54.57
N ASP O 77 68.85 13.53 -53.67
CA ASP O 77 67.44 13.89 -53.80
C ASP O 77 67.20 15.22 -53.11
N PRO O 78 66.69 16.25 -53.81
CA PRO O 78 66.45 17.55 -53.15
C PRO O 78 65.46 17.49 -52.01
N TRP O 79 64.43 16.64 -52.13
CA TRP O 79 63.49 16.47 -51.01
C TRP O 79 64.19 15.87 -49.80
N ASN O 80 65.10 14.92 -50.03
CA ASN O 80 65.86 14.36 -48.92
C ASN O 80 66.85 15.37 -48.34
N ASN O 81 67.37 16.28 -49.17
CA ASN O 81 68.16 17.39 -48.64
C ASN O 81 67.32 18.28 -47.74
N LEU O 82 66.08 18.55 -48.14
CA LEU O 82 65.17 19.30 -47.28
C LEU O 82 64.88 18.56 -45.99
N ASP O 83 64.75 17.23 -46.07
CA ASP O 83 64.55 16.41 -44.87
C ASP O 83 65.75 16.51 -43.94
N PHE O 84 66.97 16.44 -44.49
CA PHE O 84 68.18 16.56 -43.68
C PHE O 84 68.27 17.93 -43.02
N PHE O 85 67.92 18.98 -43.76
CA PHE O 85 67.90 20.34 -43.22
C PHE O 85 66.90 20.43 -42.07
N ILE O 86 65.70 19.88 -42.26
CA ILE O 86 64.65 19.92 -41.23
C ILE O 86 65.09 19.14 -40.00
N MET O 87 65.75 18.00 -40.18
CA MET O 87 66.24 17.25 -39.03
C MET O 87 67.36 17.99 -38.31
N VAL O 88 68.17 18.76 -39.06
CA VAL O 88 69.21 19.57 -38.43
C VAL O 88 68.59 20.62 -37.51
N MET O 89 67.59 21.36 -38.02
CA MET O 89 66.95 22.33 -37.13
C MET O 89 66.17 21.66 -36.01
N ALA O 90 65.65 20.45 -36.25
CA ALA O 90 64.91 19.75 -35.21
C ALA O 90 65.82 19.35 -34.06
N VAL O 91 66.99 18.78 -34.36
CA VAL O 91 67.91 18.46 -33.28
C VAL O 91 68.45 19.72 -32.63
N LEU O 92 68.63 20.80 -33.40
CA LEU O 92 69.11 22.05 -32.83
C LEU O 92 68.13 22.60 -31.80
N ASP O 93 66.85 22.73 -32.17
CA ASP O 93 65.90 23.30 -31.22
C ASP O 93 65.58 22.33 -30.09
N PHE O 94 65.66 21.02 -30.35
CA PHE O 94 65.46 20.04 -29.28
C PHE O 94 66.56 20.15 -28.22
N VAL O 95 67.82 20.23 -28.64
CA VAL O 95 68.87 20.36 -27.64
C VAL O 95 68.85 21.75 -27.00
N LEU O 96 68.39 22.76 -27.73
CA LEU O 96 68.26 24.10 -27.14
C LEU O 96 67.21 24.10 -26.03
N LEU O 97 66.10 23.40 -26.23
CA LEU O 97 65.11 23.27 -25.16
C LEU O 97 65.59 22.33 -24.05
N GLN O 98 66.43 21.35 -24.40
CA GLN O 98 66.85 20.35 -23.43
C GLN O 98 67.87 20.90 -22.45
N ILE O 99 68.80 21.73 -22.93
CA ILE O 99 69.88 22.22 -22.07
C ILE O 99 69.34 23.15 -20.98
N ASN O 100 68.27 23.88 -21.27
CA ASN O 100 67.64 24.87 -20.37
C ASN O 100 68.71 25.90 -20.02
N SER O 101 68.66 26.47 -18.80
CA SER O 101 69.60 27.50 -18.33
C SER O 101 69.66 28.69 -19.30
N LEU O 102 70.72 28.74 -20.11
CA LEU O 102 70.95 29.75 -21.14
C LEU O 102 70.98 31.17 -20.60
N SER O 103 71.11 32.16 -21.49
CA SER O 103 71.24 33.54 -21.06
C SER O 103 70.46 34.52 -21.94
N TYR O 104 69.69 34.05 -22.89
CA TYR O 104 68.95 34.93 -23.80
C TYR O 104 67.46 34.94 -23.41
N SER O 105 66.72 35.80 -24.11
CA SER O 105 65.29 35.95 -23.83
C SER O 105 64.52 34.71 -24.25
N PHE O 106 63.39 34.50 -23.59
CA PHE O 106 62.55 33.32 -23.78
C PHE O 106 61.11 33.73 -23.52
N TYR O 107 60.25 32.73 -23.25
CA TYR O 107 58.82 32.93 -23.02
C TYR O 107 58.14 33.54 -24.24
N ASN O 108 58.10 32.72 -25.29
CA ASN O 108 57.49 33.05 -26.58
C ASN O 108 58.22 34.20 -27.26
N HIS O 109 59.48 33.94 -27.60
CA HIS O 109 60.35 34.93 -28.22
C HIS O 109 60.40 34.73 -29.75
N SER O 110 61.19 35.58 -30.41
CA SER O 110 61.38 35.48 -31.86
C SER O 110 62.03 34.17 -32.26
N LEU O 111 62.99 33.69 -31.46
CA LEU O 111 63.55 32.36 -31.70
C LEU O 111 62.48 31.29 -31.61
N PHE O 112 61.55 31.41 -30.66
CA PHE O 112 60.43 30.48 -30.57
C PHE O 112 59.52 30.56 -31.79
N ARG O 113 59.35 31.77 -32.34
CA ARG O 113 58.63 31.91 -33.60
C ARG O 113 59.32 31.16 -34.73
N ILE O 114 60.64 31.28 -34.79
CA ILE O 114 61.45 30.53 -35.76
C ILE O 114 61.27 29.03 -35.53
N LEU O 115 61.19 28.61 -34.27
CA LEU O 115 60.98 27.19 -34.01
C LEU O 115 59.61 26.71 -34.46
N LYS O 116 58.53 27.46 -34.24
CA LYS O 116 57.24 26.90 -34.63
C LYS O 116 57.05 26.99 -36.14
N VAL O 117 57.70 27.96 -36.81
CA VAL O 117 57.69 27.86 -38.27
C VAL O 117 58.55 26.67 -38.72
N PHE O 118 59.60 26.32 -37.96
CA PHE O 118 60.33 25.08 -38.23
C PHE O 118 59.40 23.87 -38.16
N LYS O 119 58.51 23.85 -37.16
CA LYS O 119 57.54 22.77 -37.10
C LYS O 119 56.52 22.88 -38.23
N SER O 120 56.35 24.08 -38.78
CA SER O 120 55.46 24.21 -39.94
C SER O 120 56.02 23.52 -41.19
N MET O 121 57.32 23.70 -41.53
CA MET O 121 57.76 22.88 -42.68
C MET O 121 57.93 21.41 -42.27
N ARG O 122 58.05 21.12 -40.98
CA ARG O 122 57.97 19.71 -40.59
C ARG O 122 56.61 19.11 -40.95
N ALA O 123 55.53 19.84 -40.66
CA ALA O 123 54.19 19.40 -41.04
C ALA O 123 54.04 19.34 -42.55
N LEU O 124 54.64 20.31 -43.26
CA LEU O 124 54.59 20.29 -44.72
C LEU O 124 55.28 19.06 -45.29
N ARG O 125 56.41 18.67 -44.73
CA ARG O 125 57.11 17.48 -45.22
C ARG O 125 56.33 16.22 -44.86
N ALA O 126 55.62 16.22 -43.73
CA ALA O 126 54.74 15.10 -43.41
C ALA O 126 53.62 14.97 -44.42
N ILE O 127 53.02 16.11 -44.80
CA ILE O 127 51.98 16.12 -45.83
C ILE O 127 52.55 15.62 -47.16
N ARG O 128 53.77 16.05 -47.50
CA ARG O 128 54.39 15.65 -48.76
C ARG O 128 54.69 14.16 -48.80
N VAL O 129 55.09 13.56 -47.68
CA VAL O 129 55.39 12.12 -47.68
C VAL O 129 54.15 11.26 -47.45
N LEU O 130 53.03 11.84 -47.02
CA LEU O 130 51.78 11.08 -46.97
C LEU O 130 51.09 10.93 -48.33
N ARG O 131 51.46 11.71 -49.34
CA ARG O 131 50.81 11.64 -50.64
C ARG O 131 51.61 10.82 -51.64
N ARG O 132 52.25 9.74 -51.19
CA ARG O 132 52.93 8.83 -52.11
C ARG O 132 51.94 8.09 -53.00
N LEU O 133 50.71 7.90 -52.52
CA LEU O 133 49.67 7.19 -53.25
C LEU O 133 48.54 8.13 -53.61
N SER O 134 47.98 7.93 -54.81
CA SER O 134 46.79 8.65 -55.29
C SER O 134 47.01 10.16 -55.32
N ILE O 135 47.98 10.58 -56.15
CA ILE O 135 48.19 12.00 -56.40
C ILE O 135 47.22 12.50 -57.46
N LEU O 136 46.52 11.59 -58.14
CA LEU O 136 45.52 11.84 -59.19
C LEU O 136 46.16 12.34 -60.47
N THR O 137 45.96 11.59 -61.56
CA THR O 137 46.64 11.83 -62.82
C THR O 137 46.23 13.12 -63.48
N SER O 138 44.98 13.56 -63.29
CA SER O 138 44.52 14.80 -63.91
C SER O 138 45.32 16.00 -63.39
N LEU O 139 45.38 16.16 -62.07
CA LEU O 139 46.16 17.26 -61.53
C LEU O 139 47.67 17.01 -61.63
N HIS O 140 48.09 15.74 -61.74
CA HIS O 140 49.49 15.47 -62.05
C HIS O 140 49.88 16.03 -63.41
N GLU O 141 49.06 15.77 -64.43
CA GLU O 141 49.30 16.32 -65.76
C GLU O 141 49.18 17.84 -65.76
N VAL O 142 48.24 18.37 -64.98
CA VAL O 142 48.09 19.82 -64.86
C VAL O 142 49.36 20.44 -64.28
N ALA O 143 49.91 19.84 -63.22
CA ALA O 143 51.12 20.35 -62.59
C ALA O 143 52.32 20.23 -63.51
N GLY O 144 52.42 19.13 -64.26
CA GLY O 144 53.49 19.00 -65.23
C GLY O 144 53.43 20.05 -66.32
N THR O 145 52.23 20.34 -66.81
CA THR O 145 52.07 21.39 -67.82
C THR O 145 52.27 22.78 -67.21
N LEU O 146 52.07 22.92 -65.89
CA LEU O 146 52.48 24.15 -65.21
C LEU O 146 54.00 24.29 -65.24
N SER O 147 54.71 23.24 -64.85
CA SER O 147 56.17 23.28 -64.70
C SER O 147 56.91 23.17 -66.02
N GLY O 148 56.20 22.96 -67.13
CA GLY O 148 56.87 22.88 -68.43
C GLY O 148 57.67 24.12 -68.79
N SER O 149 57.08 25.30 -68.62
CA SER O 149 57.77 26.55 -68.97
C SER O 149 58.33 27.23 -67.72
N LEU O 150 59.42 26.67 -67.22
CA LEU O 150 60.17 27.26 -66.11
C LEU O 150 61.12 28.38 -66.55
N PRO O 151 61.96 28.22 -67.60
CA PRO O 151 62.90 29.31 -67.94
C PRO O 151 62.22 30.62 -68.31
N SER O 152 61.07 30.57 -68.98
CA SER O 152 60.39 31.81 -69.38
C SER O 152 59.91 32.59 -68.15
N ILE O 153 59.23 31.90 -67.23
CA ILE O 153 58.72 32.60 -66.05
C ILE O 153 59.86 33.04 -65.14
N THR O 154 60.95 32.28 -65.07
CA THR O 154 62.09 32.73 -64.28
C THR O 154 62.74 33.97 -64.88
N ALA O 155 62.85 34.02 -66.21
CA ALA O 155 63.35 35.23 -66.86
C ALA O 155 62.44 36.42 -66.62
N ILE O 156 61.12 36.20 -66.67
CA ILE O 156 60.18 37.30 -66.45
C ILE O 156 60.26 37.80 -65.01
N LEU O 157 60.39 36.89 -64.03
CA LEU O 157 60.49 37.35 -62.66
C LEU O 157 61.84 38.03 -62.39
N THR O 158 62.90 37.60 -63.07
CA THR O 158 64.17 38.33 -63.00
C THR O 158 64.01 39.74 -63.54
N LEU O 159 63.30 39.88 -64.67
CA LEU O 159 63.07 41.21 -65.22
C LEU O 159 62.24 42.07 -64.28
N MET O 160 61.23 41.48 -63.64
CA MET O 160 60.36 42.29 -62.80
C MET O 160 61.13 42.71 -61.55
N PHE O 161 62.02 41.83 -61.07
CA PHE O 161 62.92 42.13 -59.96
C PHE O 161 63.83 43.31 -60.28
N THR O 162 64.45 43.28 -61.47
CA THR O 162 65.33 44.38 -61.87
C THR O 162 64.55 45.68 -61.99
N CYS O 163 63.34 45.61 -62.57
CA CYS O 163 62.53 46.81 -62.74
C CYS O 163 62.02 47.38 -61.40
N LEU O 164 61.53 46.54 -60.48
CA LEU O 164 61.21 47.00 -59.12
C LEU O 164 62.42 47.57 -58.38
N PHE O 165 63.59 46.96 -58.51
CA PHE O 165 64.74 47.51 -57.82
C PHE O 165 65.10 48.89 -58.38
N LEU O 166 65.02 49.05 -59.71
CA LEU O 166 65.28 50.35 -60.31
C LEU O 166 64.25 51.38 -59.87
N PHE O 167 62.97 51.01 -59.84
CA PHE O 167 61.92 51.92 -59.41
C PHE O 167 62.09 52.28 -57.93
N SER O 168 62.48 51.31 -57.11
CA SER O 168 62.73 51.58 -55.69
C SER O 168 63.87 52.56 -55.52
N VAL O 169 64.96 52.36 -56.26
CA VAL O 169 66.11 53.25 -56.15
C VAL O 169 65.72 54.67 -56.57
N VAL O 170 65.04 54.80 -57.72
CA VAL O 170 64.71 56.14 -58.21
C VAL O 170 63.69 56.83 -57.32
N LEU O 171 62.73 56.08 -56.76
CA LEU O 171 61.70 56.72 -55.94
C LEU O 171 62.25 57.11 -54.57
N ARG O 172 63.09 56.25 -53.97
CA ARG O 172 63.76 56.61 -52.73
C ARG O 172 64.70 57.78 -52.94
N ALA O 173 65.29 57.89 -54.12
CA ALA O 173 66.17 59.02 -54.42
C ALA O 173 65.38 60.32 -54.58
N LEU O 174 64.27 60.28 -55.32
CA LEU O 174 63.47 61.47 -55.58
C LEU O 174 62.60 61.89 -54.39
N PHE O 175 62.39 61.00 -53.42
CA PHE O 175 61.56 61.28 -52.26
C PHE O 175 62.35 61.74 -51.04
N GLN O 176 63.61 62.13 -51.20
CA GLN O 176 64.41 62.49 -50.05
C GLN O 176 63.89 63.77 -49.39
N ASP O 177 63.70 63.69 -48.07
CA ASP O 177 63.10 64.77 -47.27
C ASP O 177 61.73 65.18 -47.81
N SER O 178 60.91 64.17 -48.14
CA SER O 178 59.55 64.33 -48.65
C SER O 178 58.61 63.41 -47.87
N ASP O 179 58.67 63.52 -46.54
CA ASP O 179 58.15 62.61 -45.50
C ASP O 179 58.37 61.13 -45.83
N PRO O 180 59.62 60.61 -45.78
CA PRO O 180 59.85 59.17 -45.91
C PRO O 180 59.25 58.25 -44.84
N LYS O 181 58.43 58.75 -43.92
CA LYS O 181 58.06 57.98 -42.72
C LYS O 181 57.36 56.66 -43.05
N ARG O 182 56.75 56.54 -44.22
CA ARG O 182 56.16 55.26 -44.60
C ARG O 182 57.21 54.27 -45.11
N PHE O 183 58.32 54.78 -45.65
CA PHE O 183 59.32 53.95 -46.33
C PHE O 183 60.74 54.41 -46.02
N GLN O 184 60.99 54.73 -44.75
CA GLN O 184 62.26 55.29 -44.28
C GLN O 184 63.47 54.39 -44.56
N ASN O 185 63.29 53.09 -44.76
CA ASN O 185 64.40 52.18 -45.02
C ASN O 185 64.11 51.38 -46.29
N ILE O 186 65.04 50.49 -46.61
CA ILE O 186 64.96 49.74 -47.87
C ILE O 186 63.79 48.76 -47.86
N PHE O 187 63.55 48.11 -46.73
CA PHE O 187 62.46 47.14 -46.63
C PHE O 187 61.11 47.83 -46.83
N THR O 188 60.86 48.91 -46.07
CA THR O 188 59.60 49.61 -46.21
C THR O 188 59.48 50.29 -47.56
N THR O 189 60.61 50.70 -48.15
CA THR O 189 60.61 51.18 -49.52
C THR O 189 60.07 50.13 -50.48
N LEU O 190 60.76 48.98 -50.55
CA LEU O 190 60.36 47.92 -51.47
C LEU O 190 58.95 47.41 -51.16
N PHE O 191 58.49 47.52 -49.91
CA PHE O 191 57.11 47.19 -49.61
C PHE O 191 56.13 48.22 -50.21
N THR O 192 56.48 49.51 -50.16
CA THR O 192 55.64 50.51 -50.80
C THR O 192 55.60 50.31 -52.32
N LEU O 193 56.75 49.97 -52.90
CA LEU O 193 56.76 49.61 -54.32
C LEU O 193 56.03 48.30 -54.60
N PHE O 194 55.93 47.43 -53.61
CA PHE O 194 55.08 46.27 -53.79
C PHE O 194 53.60 46.66 -53.81
N THR O 195 53.21 47.62 -52.96
CA THR O 195 51.82 48.08 -52.93
C THR O 195 51.45 48.79 -54.22
N MET O 196 52.37 49.60 -54.73
CA MET O 196 52.24 50.28 -56.01
C MET O 196 52.16 49.28 -57.16
N LEU O 197 52.82 48.13 -57.02
CA LEU O 197 52.74 47.06 -58.02
C LEU O 197 51.50 46.20 -57.85
N THR O 198 50.85 46.24 -56.69
CA THR O 198 49.67 45.43 -56.41
C THR O 198 48.39 46.26 -56.25
N LEU O 199 48.43 47.53 -56.68
CA LEU O 199 47.24 48.39 -56.81
C LEU O 199 46.57 48.63 -55.46
N ASP O 200 47.36 49.02 -54.47
CA ASP O 200 46.91 49.11 -53.09
C ASP O 200 47.15 50.52 -52.57
N ASP O 201 46.11 51.34 -52.62
CA ASP O 201 46.09 52.70 -52.05
C ASP O 201 47.18 53.60 -52.66
N TRP O 202 47.54 53.36 -53.92
CA TRP O 202 48.36 54.33 -54.62
C TRP O 202 47.55 55.55 -55.05
N SER O 203 46.23 55.41 -55.21
CA SER O 203 45.38 56.59 -55.30
C SER O 203 45.43 57.38 -54.00
N LEU O 204 45.48 56.67 -52.87
CA LEU O 204 45.70 57.33 -51.58
C LEU O 204 47.08 57.98 -51.53
N ILE O 205 48.07 57.35 -52.16
CA ILE O 205 49.40 57.96 -52.28
C ILE O 205 49.32 59.26 -53.05
N TYR O 206 48.54 59.27 -54.14
CA TYR O 206 48.37 60.49 -54.93
C TYR O 206 47.67 61.59 -54.12
N ILE O 207 46.61 61.22 -53.39
CA ILE O 207 45.85 62.25 -52.68
C ILE O 207 46.63 62.78 -51.47
N ASP O 208 47.44 61.96 -50.80
CA ASP O 208 48.22 62.47 -49.68
C ASP O 208 49.59 62.98 -50.09
N ASN O 209 49.96 62.83 -51.36
CA ASN O 209 51.13 63.51 -51.91
C ASN O 209 50.77 64.86 -52.51
N ARG O 210 49.53 65.03 -52.97
CA ARG O 210 49.07 66.35 -53.37
C ARG O 210 49.04 67.31 -52.18
N ALA O 211 48.81 66.79 -50.97
CA ALA O 211 48.92 67.61 -49.77
C ALA O 211 50.34 68.11 -49.54
N GLN O 212 51.34 67.38 -50.02
CA GLN O 212 52.72 67.84 -49.96
C GLN O 212 52.99 68.85 -51.07
N GLY O 213 54.22 69.34 -51.14
CA GLY O 213 54.57 70.37 -52.10
C GLY O 213 55.05 69.84 -53.44
N ALA O 214 55.23 68.53 -53.55
CA ALA O 214 55.72 67.90 -54.77
C ALA O 214 54.55 67.37 -55.58
N TRP O 215 54.50 67.74 -56.86
CA TRP O 215 53.44 67.28 -57.75
C TRP O 215 53.94 66.45 -58.92
N TYR O 216 55.17 66.70 -59.39
CA TYR O 216 55.69 65.99 -60.56
C TYR O 216 56.07 64.55 -60.25
N ILE O 217 56.12 64.19 -58.96
CA ILE O 217 56.39 62.80 -58.60
C ILE O 217 55.19 61.92 -58.87
N ILE O 218 54.02 62.52 -59.07
CA ILE O 218 52.80 61.77 -59.37
C ILE O 218 52.78 61.29 -60.81
N PRO O 219 53.09 62.10 -61.84
CA PRO O 219 53.21 61.52 -63.19
C PRO O 219 54.31 60.48 -63.34
N ILE O 220 55.41 60.62 -62.59
CA ILE O 220 56.50 59.64 -62.68
C ILE O 220 56.03 58.29 -62.13
N LEU O 221 55.44 58.31 -60.93
CA LEU O 221 54.81 57.12 -60.35
C LEU O 221 53.74 56.57 -61.29
N MET O 222 53.03 57.47 -61.97
CA MET O 222 51.93 57.11 -62.85
C MET O 222 52.43 56.27 -64.02
N ILE O 223 53.41 56.80 -64.74
CA ILE O 223 53.92 56.11 -65.93
C ILE O 223 54.64 54.83 -65.52
N TYR O 224 55.36 54.86 -64.39
CA TYR O 224 56.04 53.65 -63.93
C TYR O 224 55.04 52.56 -63.59
N ILE O 225 53.95 52.94 -62.88
CA ILE O 225 52.91 51.98 -62.53
C ILE O 225 52.38 51.33 -63.79
N VAL O 226 51.95 52.16 -64.75
CA VAL O 226 51.19 51.62 -65.86
C VAL O 226 52.08 50.76 -66.76
N ILE O 227 53.34 51.16 -66.98
CA ILE O 227 54.20 50.38 -67.86
C ILE O 227 54.55 49.04 -67.22
N GLN O 228 54.91 49.04 -65.92
CA GLN O 228 55.29 47.77 -65.30
C GLN O 228 54.09 46.84 -65.19
N TYR O 229 52.90 47.40 -64.88
CA TYR O 229 51.68 46.62 -64.81
C TYR O 229 51.41 45.92 -66.13
N PHE O 230 51.25 46.72 -67.19
CA PHE O 230 50.84 46.17 -68.48
C PHE O 230 51.89 45.17 -69.00
N ILE O 231 53.16 45.55 -68.93
CA ILE O 231 54.22 44.71 -69.47
C ILE O 231 54.31 43.38 -68.71
N PHE O 232 54.39 43.43 -67.38
CA PHE O 232 54.60 42.21 -66.62
C PHE O 232 53.38 41.30 -66.67
N LEU O 233 52.19 41.85 -66.38
CA LEU O 233 51.00 41.01 -66.36
C LEU O 233 50.72 40.41 -67.72
N ASN O 234 50.88 41.21 -68.79
CA ASN O 234 50.67 40.69 -70.14
C ASN O 234 51.69 39.62 -70.49
N LEU O 235 52.95 39.81 -70.10
CA LEU O 235 53.99 38.83 -70.41
C LEU O 235 53.70 37.49 -69.73
N VAL O 236 53.35 37.52 -68.44
CA VAL O 236 53.10 36.27 -67.73
C VAL O 236 51.85 35.58 -68.26
N ILE O 237 50.78 36.37 -68.50
CA ILE O 237 49.53 35.79 -69.02
C ILE O 237 49.77 35.13 -70.38
N ALA O 238 50.45 35.85 -71.27
CA ALA O 238 50.72 35.33 -72.61
C ALA O 238 51.59 34.08 -72.56
N VAL O 239 52.63 34.11 -71.72
CA VAL O 239 53.56 32.98 -71.66
C VAL O 239 52.85 31.72 -71.18
N LEU O 240 52.07 31.83 -70.10
CA LEU O 240 51.40 30.64 -69.59
C LEU O 240 50.28 30.17 -70.51
N VAL O 241 49.58 31.12 -71.17
CA VAL O 241 48.53 30.74 -72.11
C VAL O 241 49.12 29.95 -73.27
N ASP O 242 50.23 30.44 -73.86
CA ASP O 242 50.80 29.69 -74.96
C ASP O 242 51.39 28.37 -74.49
N ASN O 243 51.99 28.34 -73.28
CA ASN O 243 52.55 27.10 -72.75
C ASN O 243 51.50 26.01 -72.63
N PHE O 244 50.33 26.35 -72.11
CA PHE O 244 49.26 25.37 -72.14
C PHE O 244 48.68 25.18 -73.54
N GLN O 245 48.92 26.11 -74.45
CA GLN O 245 48.34 25.98 -75.78
C GLN O 245 49.07 24.94 -76.62
N MET O 246 50.40 24.81 -76.50
CA MET O 246 51.01 23.67 -77.20
C MET O 246 50.58 22.34 -76.58
N ALA O 247 50.38 22.29 -75.26
CA ALA O 247 49.88 21.07 -74.64
C ALA O 247 48.47 20.74 -75.14
N LEU O 248 47.64 21.76 -75.37
CA LEU O 248 46.34 21.53 -75.96
C LEU O 248 46.46 21.05 -77.41
N LEU O 249 47.41 21.62 -78.16
CA LEU O 249 47.64 21.19 -79.54
C LEU O 249 48.12 19.75 -79.62
N LYS O 250 48.84 19.27 -78.61
CA LYS O 250 49.21 17.87 -78.54
C LYS O 250 48.03 17.05 -78.01
N GLY O 251 48.27 15.78 -77.69
CA GLY O 251 47.22 14.90 -77.22
C GLY O 251 46.68 15.24 -75.86
N PRO P 1 98.76 49.03 -81.29
CA PRO P 1 97.91 49.40 -80.16
C PRO P 1 96.53 49.88 -80.60
N LEU P 2 95.93 50.78 -79.82
CA LEU P 2 94.65 51.41 -80.12
C LEU P 2 93.52 50.39 -80.27
N SER P 3 93.06 50.20 -81.50
CA SER P 3 91.98 49.25 -81.76
C SER P 3 92.39 47.82 -81.45
N LEU P 4 93.65 47.46 -81.73
CA LEU P 4 94.16 46.16 -81.33
C LEU P 4 94.13 46.01 -79.81
N TRP P 5 94.45 47.07 -79.08
CA TRP P 5 94.40 47.02 -77.63
C TRP P 5 92.98 46.86 -77.13
N ALA P 6 92.02 47.56 -77.75
CA ALA P 6 90.62 47.40 -77.37
C ALA P 6 90.15 45.98 -77.63
N GLY P 7 90.54 45.40 -78.77
CA GLY P 7 90.20 44.02 -79.06
C GLY P 7 90.80 43.04 -78.06
N TRP P 8 92.07 43.27 -77.68
CA TRP P 8 92.72 42.37 -76.72
C TRP P 8 92.08 42.46 -75.34
N VAL P 9 91.75 43.68 -74.87
CA VAL P 9 91.15 43.80 -73.55
C VAL P 9 89.70 43.36 -73.57
N LEU P 10 89.04 43.36 -74.73
CA LEU P 10 87.71 42.76 -74.81
C LEU P 10 87.77 41.24 -74.86
N ASP P 11 88.82 40.68 -75.49
CA ASP P 11 88.95 39.23 -75.58
C ASP P 11 89.41 38.61 -74.28
N SER P 12 90.25 39.32 -73.51
CA SER P 12 90.77 38.76 -72.26
C SER P 12 89.65 38.61 -71.24
N SER P 13 89.57 37.43 -70.64
CA SER P 13 88.50 37.16 -69.68
C SER P 13 88.76 37.80 -68.33
N VAL P 14 90.01 38.14 -68.03
CA VAL P 14 90.33 38.77 -66.76
C VAL P 14 89.79 40.19 -66.70
N PHE P 15 89.89 40.94 -67.80
CA PHE P 15 89.37 42.30 -67.83
C PHE P 15 87.85 42.32 -67.73
N SER P 16 87.17 41.40 -68.42
CA SER P 16 85.72 41.33 -68.35
C SER P 16 85.26 40.96 -66.94
N LYS P 17 85.94 39.99 -66.30
CA LYS P 17 85.62 39.63 -64.93
C LYS P 17 85.84 40.80 -63.99
N PHE P 18 86.94 41.54 -64.18
CA PHE P 18 87.22 42.69 -63.33
C PHE P 18 86.16 43.78 -63.49
N ILE P 19 85.75 44.07 -64.72
CA ILE P 19 84.79 45.17 -64.91
C ILE P 19 83.40 44.76 -64.42
N ILE P 20 83.00 43.50 -64.60
CA ILE P 20 81.69 43.11 -64.08
C ILE P 20 81.72 43.03 -62.56
N SER P 21 82.86 42.65 -61.97
CA SER P 21 83.00 42.67 -60.51
C SER P 21 82.89 44.09 -59.98
N LEU P 22 83.55 45.04 -60.64
CA LEU P 22 83.44 46.43 -60.25
C LEU P 22 82.02 46.94 -60.41
N ILE P 23 81.32 46.48 -61.46
CA ILE P 23 79.95 46.92 -61.69
C ILE P 23 79.03 46.47 -60.56
N PHE P 24 79.07 45.17 -60.22
CA PHE P 24 78.12 44.74 -59.18
C PHE P 24 78.57 45.20 -57.80
N LEU P 25 79.88 45.39 -57.57
CA LEU P 25 80.32 45.97 -56.31
C LEU P 25 79.84 47.41 -56.17
N ASN P 26 79.89 48.19 -57.26
CA ASN P 26 79.39 49.56 -57.21
C ASN P 26 77.89 49.59 -56.97
N THR P 27 77.13 48.70 -57.64
CA THR P 27 75.69 48.69 -57.44
C THR P 27 75.33 48.28 -56.01
N PHE P 28 76.07 47.33 -55.43
CA PHE P 28 75.81 46.95 -54.04
C PHE P 28 76.19 48.06 -53.07
N VAL P 29 77.31 48.75 -53.33
CA VAL P 29 77.78 49.79 -52.43
C VAL P 29 76.88 51.03 -52.49
N LEU P 30 76.25 51.28 -53.66
CA LEU P 30 75.55 52.53 -53.90
C LEU P 30 74.41 52.78 -52.91
N MET P 31 73.64 51.74 -52.59
CA MET P 31 72.54 51.91 -51.65
C MET P 31 72.99 51.93 -50.19
N VAL P 32 74.23 51.50 -49.90
CA VAL P 32 74.71 51.49 -48.53
C VAL P 32 74.94 52.91 -48.02
N GLU P 33 75.55 53.76 -48.86
CA GLU P 33 75.96 55.08 -48.40
C GLU P 33 74.78 56.00 -48.11
N ILE P 34 73.63 55.78 -48.77
CA ILE P 34 72.47 56.63 -48.53
C ILE P 34 71.73 56.27 -47.26
N GLU P 35 72.04 55.13 -46.64
CA GLU P 35 71.31 54.70 -45.44
C GLU P 35 71.68 55.56 -44.25
N LEU P 36 72.97 55.81 -44.03
CA LEU P 36 73.43 56.56 -42.87
C LEU P 36 74.60 57.43 -43.26
N MET P 37 74.50 58.73 -42.98
CA MET P 37 75.58 59.70 -43.17
C MET P 37 75.78 60.53 -41.92
N GLU P 38 75.66 59.88 -40.75
CA GLU P 38 75.75 60.57 -39.47
C GLU P 38 76.82 59.95 -38.59
N SER P 39 76.86 60.36 -37.32
CA SER P 39 77.86 59.90 -36.37
C SER P 39 77.39 58.72 -35.54
N THR P 40 76.53 57.86 -36.12
CA THR P 40 76.08 56.66 -35.40
C THR P 40 77.24 55.70 -35.14
N ASN P 41 78.12 55.54 -36.11
CA ASN P 41 79.32 54.70 -35.96
C ASN P 41 80.52 55.56 -36.36
N THR P 42 81.27 56.03 -35.36
CA THR P 42 82.43 56.88 -35.63
C THR P 42 83.51 56.11 -36.38
N ALA P 43 83.78 54.87 -35.95
CA ALA P 43 84.81 54.07 -36.61
C ALA P 43 84.45 53.69 -38.04
N LEU P 44 83.16 53.68 -38.38
CA LEU P 44 82.72 53.34 -39.73
C LEU P 44 82.55 54.57 -40.62
N TRP P 45 82.85 55.77 -40.11
CA TRP P 45 82.70 56.97 -40.94
C TRP P 45 83.82 57.13 -41.97
N PRO P 46 85.12 57.04 -41.62
CA PRO P 46 86.14 57.14 -42.68
C PRO P 46 86.07 56.03 -43.69
N VAL P 47 85.69 54.81 -43.29
CA VAL P 47 85.60 53.73 -44.28
C VAL P 47 84.39 53.93 -45.20
N LYS P 48 83.31 54.54 -44.70
CA LYS P 48 82.18 54.85 -45.57
C LYS P 48 82.54 55.98 -46.55
N LEU P 49 83.31 56.97 -46.08
CA LEU P 49 83.84 57.97 -47.00
C LEU P 49 84.74 57.33 -48.04
N ALA P 50 85.57 56.37 -47.62
CA ALA P 50 86.43 55.65 -48.56
C ALA P 50 85.62 54.83 -49.54
N LEU P 51 84.45 54.34 -49.14
CA LEU P 51 83.59 53.62 -50.07
C LEU P 51 82.96 54.56 -51.10
N GLU P 52 82.54 55.74 -50.67
CA GLU P 52 82.05 56.75 -51.61
C GLU P 52 83.16 57.16 -52.59
N VAL P 53 84.38 57.28 -52.08
CA VAL P 53 85.51 57.61 -52.95
C VAL P 53 85.92 56.42 -53.81
N ALA P 54 85.63 55.20 -53.38
CA ALA P 54 85.77 54.05 -54.27
C ALA P 54 84.76 54.13 -55.41
N ASP P 55 83.56 54.64 -55.14
CA ASP P 55 82.60 54.90 -56.21
C ASP P 55 83.11 55.98 -57.17
N TRP P 56 83.75 57.02 -56.62
CA TRP P 56 84.44 58.00 -57.47
C TRP P 56 85.53 57.33 -58.31
N PHE P 57 86.22 56.35 -57.73
CA PHE P 57 87.21 55.57 -58.48
C PHE P 57 86.56 54.73 -59.57
N ILE P 58 85.35 54.23 -59.33
CA ILE P 58 84.60 53.55 -60.40
C ILE P 58 84.26 54.54 -61.52
N LEU P 59 83.96 55.79 -61.16
CA LEU P 59 83.77 56.82 -62.20
C LEU P 59 85.06 57.07 -62.98
N LEU P 60 86.20 57.06 -62.30
CA LEU P 60 87.48 57.17 -63.01
C LEU P 60 87.74 55.94 -63.88
N SER P 61 87.28 54.76 -63.45
CA SER P 61 87.36 53.58 -64.29
C SER P 61 86.46 53.72 -65.51
N PHE P 62 85.32 54.39 -65.36
CA PHE P 62 84.50 54.73 -66.52
C PHE P 62 85.23 55.70 -67.44
N ILE P 63 86.02 56.61 -66.87
CA ILE P 63 86.82 57.52 -67.68
C ILE P 63 87.85 56.75 -68.51
N VAL P 64 88.54 55.78 -67.89
CA VAL P 64 89.49 55.00 -68.68
C VAL P 64 88.78 54.04 -69.62
N GLU P 65 87.52 53.67 -69.32
CA GLU P 65 86.72 52.89 -70.25
C GLU P 65 86.38 53.70 -71.50
N ILE P 66 86.01 54.97 -71.33
CA ILE P 66 85.77 55.79 -72.52
C ILE P 66 87.08 56.15 -73.21
N LEU P 67 88.21 56.09 -72.51
CA LEU P 67 89.51 56.16 -73.20
C LEU P 67 89.71 54.95 -74.10
N LEU P 68 89.40 53.76 -73.59
CA LEU P 68 89.44 52.56 -74.42
C LEU P 68 88.43 52.65 -75.56
N MET P 69 87.34 53.37 -75.36
CA MET P 69 86.37 53.59 -76.44
C MET P 69 86.91 54.56 -77.47
N TRP P 70 87.64 55.60 -77.04
CA TRP P 70 88.38 56.46 -77.95
C TRP P 70 89.39 55.66 -78.78
N LEU P 71 89.98 54.63 -78.19
CA LEU P 71 90.85 53.73 -78.95
C LEU P 71 90.12 53.01 -80.08
N ALA P 72 88.80 52.91 -80.01
CA ALA P 72 87.99 52.34 -81.09
C ALA P 72 87.75 53.38 -82.17
N SER P 73 86.75 53.14 -83.02
CA SER P 73 86.52 53.90 -84.26
C SER P 73 86.26 55.39 -84.07
N PHE P 74 86.24 55.87 -82.82
CA PHE P 74 86.29 57.29 -82.48
C PHE P 74 85.06 58.05 -82.97
N SER P 75 85.19 58.75 -84.10
CA SER P 75 84.12 59.62 -84.57
C SER P 75 82.94 58.83 -85.12
N LEU P 76 83.18 57.60 -85.58
CA LEU P 76 82.08 56.78 -86.09
C LEU P 76 81.17 56.31 -84.97
N PHE P 77 81.68 56.23 -83.75
CA PHE P 77 80.90 55.74 -82.61
C PHE P 77 79.94 56.79 -82.04
N TRP P 78 79.98 58.02 -82.54
CA TRP P 78 79.09 59.06 -82.03
C TRP P 78 77.63 58.83 -82.41
N LYS P 79 77.38 58.04 -83.45
CA LYS P 79 76.03 57.69 -83.87
C LYS P 79 76.00 56.18 -84.11
N ASP P 80 75.46 55.43 -83.16
CA ASP P 80 75.51 53.97 -83.22
C ASP P 80 74.28 53.42 -82.50
N ALA P 81 74.34 52.14 -82.13
CA ALA P 81 73.30 51.47 -81.37
C ALA P 81 73.40 51.84 -79.90
N TRP P 82 72.75 51.06 -79.03
CA TRP P 82 72.63 51.32 -77.59
C TRP P 82 73.96 51.60 -76.88
N ASN P 83 75.08 51.29 -77.53
CA ASN P 83 76.38 51.65 -76.98
C ASN P 83 76.56 53.16 -76.88
N VAL P 84 75.99 53.93 -77.82
CA VAL P 84 76.08 55.38 -77.70
C VAL P 84 75.19 55.88 -76.55
N PHE P 85 74.07 55.18 -76.29
CA PHE P 85 73.27 55.49 -75.11
C PHE P 85 74.06 55.21 -73.84
N ASP P 86 74.80 54.11 -73.82
CA ASP P 86 75.67 53.81 -72.68
C ASP P 86 76.75 54.87 -72.50
N PHE P 87 77.32 55.36 -73.62
CA PHE P 87 78.30 56.42 -73.55
C PHE P 87 77.71 57.71 -72.99
N PHE P 88 76.49 58.05 -73.42
CA PHE P 88 75.82 59.23 -72.90
C PHE P 88 75.52 59.09 -71.41
N VAL P 89 75.13 57.87 -70.99
CA VAL P 89 74.86 57.64 -69.57
C VAL P 89 76.13 57.74 -68.75
N THR P 90 77.26 57.25 -69.28
CA THR P 90 78.52 57.39 -68.58
C THR P 90 78.96 58.86 -68.49
N LEU P 91 78.68 59.64 -69.53
CA LEU P 91 78.94 61.08 -69.46
C LEU P 91 78.08 61.74 -68.40
N LEU P 92 76.79 61.36 -68.33
CA LEU P 92 75.90 61.92 -67.31
C LEU P 92 76.29 61.46 -65.91
N SER P 93 76.96 60.31 -65.80
CA SER P 93 77.45 59.83 -64.52
C SER P 93 78.78 60.47 -64.14
N LEU P 94 79.56 60.94 -65.10
CA LEU P 94 80.72 61.76 -64.83
C LEU P 94 80.35 63.18 -64.46
N LEU P 95 79.21 63.67 -64.95
CA LEU P 95 78.75 65.02 -64.67
C LEU P 95 78.65 65.39 -63.18
N PRO P 96 78.18 64.53 -62.25
CA PRO P 96 78.12 64.97 -60.83
C PRO P 96 79.45 65.35 -60.24
N GLU P 97 80.57 64.77 -60.71
CA GLU P 97 81.88 65.23 -60.25
C GLU P 97 82.10 66.69 -60.60
N LEU P 98 81.73 67.09 -61.83
CA LEU P 98 81.86 68.48 -62.22
C LEU P 98 80.90 69.38 -61.45
N VAL P 99 79.66 68.92 -61.22
CA VAL P 99 78.69 69.78 -60.55
C VAL P 99 78.88 69.83 -59.04
N VAL P 100 79.74 68.97 -58.47
CA VAL P 100 80.16 69.16 -57.08
C VAL P 100 81.52 69.85 -56.98
N LEU P 101 82.34 69.81 -58.04
CA LEU P 101 83.58 70.56 -58.03
C LEU P 101 83.37 72.04 -58.29
N LEU P 102 82.38 72.39 -59.11
CA LEU P 102 82.15 73.80 -59.46
C LEU P 102 80.71 74.25 -59.37
N GLY P 103 79.74 73.35 -59.16
CA GLY P 103 78.35 73.74 -59.16
C GLY P 103 77.76 74.15 -57.83
N VAL P 104 78.46 73.86 -56.72
CA VAL P 104 77.99 74.12 -55.36
C VAL P 104 76.61 73.52 -55.16
N PRO P 105 76.48 72.20 -55.02
CA PRO P 105 75.16 71.56 -55.12
C PRO P 105 74.24 71.80 -53.93
N ALA P 106 74.05 73.07 -53.54
CA ALA P 106 73.00 73.45 -52.61
C ALA P 106 71.79 73.99 -53.37
N HIS P 107 71.28 73.17 -54.28
CA HIS P 107 70.24 73.58 -55.21
C HIS P 107 69.52 72.32 -55.70
N SER P 108 68.78 72.46 -56.80
CA SER P 108 68.22 71.29 -57.48
C SER P 108 69.35 70.55 -58.19
N VAL P 109 70.02 69.67 -57.46
CA VAL P 109 71.24 69.03 -57.97
C VAL P 109 70.93 68.12 -59.15
N TRP P 110 69.85 67.34 -59.03
CA TRP P 110 69.48 66.29 -59.98
C TRP P 110 70.60 65.26 -60.14
N LEU P 111 71.39 65.07 -59.08
CA LEU P 111 72.38 64.00 -59.05
C LEU P 111 71.71 62.63 -59.02
N GLN P 112 70.51 62.56 -58.45
CA GLN P 112 69.82 61.28 -58.27
C GLN P 112 69.40 60.69 -59.61
N LEU P 113 68.98 61.54 -60.55
CA LEU P 113 68.59 61.05 -61.87
C LEU P 113 69.78 60.44 -62.61
N LEU P 114 70.94 61.11 -62.55
CA LEU P 114 72.15 60.56 -63.18
C LEU P 114 72.61 59.30 -62.47
N ARG P 115 72.43 59.26 -61.14
CA ARG P 115 72.79 58.07 -60.37
C ARG P 115 71.94 56.88 -60.79
N VAL P 116 70.63 57.07 -60.94
CA VAL P 116 69.78 55.97 -61.36
C VAL P 116 70.00 55.64 -62.83
N CYS P 117 70.45 56.61 -63.63
CA CYS P 117 70.80 56.32 -65.02
C CYS P 117 72.00 55.39 -65.10
N ARG P 118 73.06 55.69 -64.33
CA ARG P 118 74.22 54.80 -64.31
C ARG P 118 73.89 53.46 -63.66
N VAL P 119 72.94 53.46 -62.70
CA VAL P 119 72.53 52.19 -62.09
C VAL P 119 71.81 51.32 -63.12
N LEU P 120 70.92 51.90 -63.92
CA LEU P 120 70.23 51.11 -64.94
C LEU P 120 71.18 50.69 -66.06
N ARG P 121 72.17 51.52 -66.39
CA ARG P 121 73.18 51.10 -67.35
C ARG P 121 73.99 49.92 -66.83
N SER P 122 74.36 49.95 -65.55
CA SER P 122 75.05 48.81 -64.96
C SER P 122 74.17 47.57 -64.90
N LEU P 123 72.88 47.74 -64.60
CA LEU P 123 71.93 46.63 -64.55
C LEU P 123 71.60 46.07 -65.93
N LYS P 124 71.85 46.83 -67.00
CA LYS P 124 71.69 46.31 -68.35
C LYS P 124 72.98 45.77 -68.96
N LEU P 125 74.14 46.27 -68.53
CA LEU P 125 75.43 45.76 -69.00
C LEU P 125 75.99 44.76 -67.99
N PHE P 126 75.23 43.70 -67.76
CA PHE P 126 75.55 42.70 -66.75
C PHE P 126 75.72 41.31 -67.38
N ALA P 127 76.05 41.27 -68.67
CA ALA P 127 76.14 40.05 -69.47
C ALA P 127 74.80 39.29 -69.44
N ARG P 128 73.81 39.94 -70.03
CA ARG P 128 72.44 39.43 -70.05
C ARG P 128 72.36 38.06 -70.69
N PHE P 129 71.56 37.19 -70.08
CA PHE P 129 71.45 35.81 -70.53
C PHE P 129 70.65 35.72 -71.83
N ARG P 130 70.77 34.58 -72.49
CA ARG P 130 70.04 34.35 -73.73
C ARG P 130 68.55 34.21 -73.51
N GLN P 131 68.15 33.65 -72.35
CA GLN P 131 66.73 33.58 -72.01
C GLN P 131 66.15 34.98 -71.80
N ILE P 132 66.93 35.90 -71.23
CA ILE P 132 66.51 37.29 -71.17
C ILE P 132 66.49 37.90 -72.56
N LYS P 133 67.47 37.55 -73.40
CA LYS P 133 67.59 38.16 -74.71
C LYS P 133 66.44 37.79 -75.63
N VAL P 134 65.99 36.54 -75.60
CA VAL P 134 64.90 36.13 -76.49
C VAL P 134 63.59 36.79 -76.09
N ILE P 135 63.32 36.90 -74.79
CA ILE P 135 62.10 37.57 -74.36
C ILE P 135 62.20 39.08 -74.59
N LEU P 136 63.41 39.63 -74.57
CA LEU P 136 63.58 41.05 -74.90
C LEU P 136 63.37 41.29 -76.38
N LEU P 137 63.81 40.35 -77.23
CA LEU P 137 63.53 40.45 -78.66
C LEU P 137 62.03 40.33 -78.93
N ALA P 138 61.35 39.43 -78.21
CA ALA P 138 59.90 39.35 -78.31
C ALA P 138 59.24 40.66 -77.89
N LEU P 139 59.74 41.28 -76.81
CA LEU P 139 59.17 42.53 -76.34
C LEU P 139 59.43 43.68 -77.30
N VAL P 140 60.60 43.71 -77.93
CA VAL P 140 60.87 44.84 -78.83
C VAL P 140 60.12 44.68 -80.15
N ARG P 141 60.02 43.45 -80.70
CA ARG P 141 59.17 43.27 -81.87
C ARG P 141 57.71 43.50 -81.52
N ALA P 142 57.35 43.22 -80.26
CA ALA P 142 56.06 43.60 -79.73
C ALA P 142 55.84 45.09 -79.81
N LEU P 143 56.78 45.89 -79.30
CA LEU P 143 56.57 47.33 -79.30
C LEU P 143 56.65 47.92 -80.70
N LYS P 144 57.31 47.24 -81.65
CA LYS P 144 57.13 47.60 -83.05
C LYS P 144 55.69 47.31 -83.51
N SER P 145 55.11 46.19 -83.06
CA SER P 145 53.74 45.85 -83.41
C SER P 145 52.70 46.78 -82.79
N MET P 146 53.02 47.42 -81.66
CA MET P 146 52.23 48.53 -81.14
C MET P 146 52.27 49.73 -82.07
N THR P 147 51.35 49.77 -83.04
CA THR P 147 51.28 50.84 -84.02
C THR P 147 50.00 51.67 -83.91
N PHE P 148 48.83 51.03 -83.99
CA PHE P 148 47.56 51.74 -83.97
C PHE P 148 46.79 51.59 -82.67
N LEU P 149 46.96 50.48 -81.95
CA LEU P 149 46.19 50.25 -80.73
C LEU P 149 46.59 51.25 -79.64
N LEU P 150 47.87 51.66 -79.61
CA LEU P 150 48.30 52.64 -78.61
C LEU P 150 47.67 54.00 -78.85
N MET P 151 47.59 54.47 -80.11
CA MET P 151 46.99 55.78 -80.32
C MET P 151 45.47 55.69 -80.20
N LEU P 152 44.89 54.53 -80.49
CA LEU P 152 43.48 54.32 -80.17
C LEU P 152 43.23 54.43 -78.67
N LEU P 153 44.10 53.81 -77.86
CA LEU P 153 43.98 53.87 -76.42
C LEU P 153 44.11 55.32 -75.91
N LEU P 154 45.12 56.04 -76.41
CA LEU P 154 45.32 57.39 -75.90
C LEU P 154 44.24 58.34 -76.39
N ILE P 155 43.69 58.12 -77.58
CA ILE P 155 42.62 59.01 -78.04
C ILE P 155 41.31 58.70 -77.34
N PHE P 156 41.05 57.44 -76.97
CA PHE P 156 39.89 57.15 -76.15
C PHE P 156 40.04 57.75 -74.76
N PHE P 157 41.25 57.66 -74.19
CA PHE P 157 41.57 58.34 -72.94
C PHE P 157 41.30 59.84 -73.05
N TYR P 158 41.76 60.44 -74.15
CA TYR P 158 41.59 61.87 -74.37
C TYR P 158 40.11 62.27 -74.42
N ILE P 159 39.33 61.57 -75.26
CA ILE P 159 37.94 61.95 -75.44
C ILE P 159 37.14 61.71 -74.16
N PHE P 160 37.39 60.59 -73.48
CA PHE P 160 36.61 60.29 -72.28
C PHE P 160 36.99 61.21 -71.12
N ALA P 161 38.28 61.53 -70.99
CA ALA P 161 38.71 62.47 -69.95
C ALA P 161 38.15 63.85 -70.19
N VAL P 162 38.19 64.32 -71.43
CA VAL P 162 37.69 65.66 -71.71
C VAL P 162 36.17 65.71 -71.68
N THR P 163 35.50 64.57 -71.84
CA THR P 163 34.06 64.52 -71.61
C THR P 163 33.74 64.56 -70.12
N GLY P 164 34.52 63.83 -69.32
CA GLY P 164 34.30 63.79 -67.89
C GLY P 164 34.82 64.97 -67.10
N VAL P 165 35.54 65.89 -67.76
CA VAL P 165 35.92 67.13 -67.10
C VAL P 165 34.68 67.87 -66.61
N TYR P 166 33.81 68.27 -67.53
CA TYR P 166 32.59 68.99 -67.19
C TYR P 166 31.39 68.06 -67.09
N PHE P 167 31.51 66.98 -66.33
CA PHE P 167 30.38 66.14 -65.96
C PHE P 167 30.14 66.15 -64.46
N PHE P 168 31.14 65.80 -63.67
CA PHE P 168 31.09 65.99 -62.22
C PHE P 168 31.72 67.32 -61.84
N ARG P 169 31.26 68.38 -62.52
CA ARG P 169 31.77 69.72 -62.26
C ARG P 169 31.32 70.23 -60.89
N GLU P 170 30.08 69.92 -60.50
CA GLU P 170 29.52 70.29 -59.21
C GLU P 170 30.08 69.46 -58.06
N TYR P 171 31.02 68.55 -58.33
CA TYR P 171 31.73 67.87 -57.26
C TYR P 171 32.83 68.78 -56.72
N SER P 172 33.79 69.16 -57.56
CA SER P 172 34.86 70.03 -57.09
C SER P 172 34.36 71.46 -56.93
N ARG P 173 33.44 71.91 -57.77
CA ARG P 173 32.94 73.27 -57.66
C ARG P 173 31.65 73.34 -56.83
N SER P 174 31.76 72.92 -55.56
CA SER P 174 30.67 72.98 -54.61
C SER P 174 31.19 73.52 -53.28
N THR P 175 30.26 74.03 -52.46
CA THR P 175 30.61 74.64 -51.18
C THR P 175 30.52 73.67 -50.02
N ILE P 176 30.74 72.38 -50.26
CA ILE P 176 30.71 71.38 -49.19
C ILE P 176 32.03 71.42 -48.43
N GLU P 177 31.95 71.60 -47.10
CA GLU P 177 33.16 71.69 -46.29
C GLU P 177 33.85 70.34 -46.18
N GLY P 178 33.09 69.28 -45.90
CA GLY P 178 33.69 67.98 -45.69
C GLY P 178 33.78 67.13 -46.95
N LEU P 179 34.95 67.17 -47.59
CA LEU P 179 35.22 66.37 -48.77
C LEU P 179 36.73 66.17 -48.88
N GLU P 180 37.13 65.03 -49.45
CA GLU P 180 38.54 64.71 -49.56
C GLU P 180 38.99 64.26 -50.96
N TYR P 181 38.07 63.95 -51.87
CA TYR P 181 38.41 63.67 -53.26
C TYR P 181 38.04 64.83 -54.17
N ASN P 182 37.98 66.05 -53.62
CA ASN P 182 37.51 67.20 -54.34
C ASN P 182 38.44 67.55 -55.49
N MET P 183 39.75 67.53 -55.21
CA MET P 183 40.81 67.90 -56.14
C MET P 183 40.93 66.92 -57.30
N PHE P 184 40.34 65.73 -57.19
CA PHE P 184 40.42 64.74 -58.26
C PHE P 184 39.80 65.26 -59.56
N PHE P 185 38.66 65.94 -59.46
CA PHE P 185 37.93 66.41 -60.63
C PHE P 185 38.07 67.91 -60.86
N SER P 186 39.11 68.53 -60.30
CA SER P 186 39.23 69.98 -60.37
C SER P 186 39.85 70.44 -61.70
N ASP P 187 41.08 70.03 -61.97
CA ASP P 187 41.83 70.50 -63.13
C ASP P 187 41.76 69.49 -64.27
N LEU P 188 42.15 69.94 -65.46
CA LEU P 188 42.23 69.05 -66.61
C LEU P 188 43.30 67.97 -66.39
N LEU P 189 44.45 68.36 -65.85
CA LEU P 189 45.47 67.37 -65.49
C LEU P 189 44.97 66.47 -64.36
N ASN P 190 44.25 67.04 -63.39
CA ASN P 190 43.61 66.23 -62.36
C ASN P 190 42.56 65.30 -62.95
N SER P 191 41.84 65.77 -63.97
CA SER P 191 40.88 64.91 -64.66
C SER P 191 41.58 63.75 -65.36
N LEU P 192 42.73 64.02 -66.01
CA LEU P 192 43.50 62.95 -66.63
C LEU P 192 43.96 61.94 -65.59
N VAL P 193 44.43 62.44 -64.44
CA VAL P 193 44.93 61.55 -63.39
C VAL P 193 43.79 60.68 -62.84
N THR P 194 42.62 61.28 -62.61
CA THR P 194 41.53 60.50 -62.01
C THR P 194 40.89 59.54 -63.01
N VAL P 195 40.87 59.86 -64.31
CA VAL P 195 40.34 58.88 -65.24
C VAL P 195 41.36 57.78 -65.50
N PHE P 196 42.66 58.08 -65.37
CA PHE P 196 43.67 57.03 -65.33
C PHE P 196 43.49 56.14 -64.11
N ILE P 197 43.14 56.73 -62.97
CA ILE P 197 42.84 55.94 -61.77
C ILE P 197 41.66 55.01 -62.02
N LEU P 198 40.61 55.55 -62.65
CA LEU P 198 39.45 54.72 -63.00
C LEU P 198 39.84 53.62 -63.99
N PHE P 199 40.76 53.92 -64.92
CA PHE P 199 41.26 52.92 -65.84
C PHE P 199 42.01 51.81 -65.11
N THR P 200 42.84 52.16 -64.14
CA THR P 200 43.53 51.17 -63.32
C THR P 200 42.57 50.40 -62.42
N LEU P 201 41.41 50.97 -62.12
CA LEU P 201 40.36 50.35 -61.32
C LEU P 201 40.85 50.01 -59.91
N ASP P 202 41.24 51.05 -59.17
CA ASP P 202 41.58 50.93 -57.76
C ASP P 202 40.63 51.83 -56.97
N HIS P 203 39.92 51.22 -56.01
CA HIS P 203 38.97 51.92 -55.13
C HIS P 203 37.94 52.72 -55.92
N TRP P 204 37.44 52.14 -57.00
CA TRP P 204 36.33 52.75 -57.73
C TRP P 204 35.09 52.84 -56.86
N TYR P 205 34.90 51.86 -55.97
CA TYR P 205 33.80 51.90 -55.01
C TYR P 205 33.89 53.16 -54.16
N ALA P 206 35.05 53.39 -53.54
CA ALA P 206 35.23 54.54 -52.66
C ALA P 206 35.17 55.85 -53.42
N VAL P 207 35.68 55.87 -54.66
CA VAL P 207 35.56 57.06 -55.49
C VAL P 207 34.09 57.39 -55.72
N LEU P 208 33.28 56.37 -56.04
CA LEU P 208 31.86 56.60 -56.26
C LEU P 208 31.16 57.08 -54.99
N GLN P 209 31.48 56.52 -53.83
CA GLN P 209 30.85 57.01 -52.60
C GLN P 209 31.31 58.42 -52.23
N ASP P 210 32.54 58.78 -52.57
CA ASP P 210 32.98 60.15 -52.31
C ASP P 210 32.36 61.15 -53.27
N ILE P 211 32.02 60.73 -54.49
CA ILE P 211 31.24 61.59 -55.39
C ILE P 211 29.75 61.56 -55.04
N TRP P 212 29.28 60.55 -54.30
CA TRP P 212 27.89 60.51 -53.86
C TRP P 212 27.53 61.65 -52.91
N LYS P 213 28.52 62.35 -52.34
CA LYS P 213 28.23 63.53 -51.53
C LYS P 213 27.67 64.68 -52.37
N VAL P 214 27.85 64.62 -53.69
CA VAL P 214 27.11 65.52 -54.59
C VAL P 214 25.62 65.23 -54.45
N PRO P 215 24.74 66.25 -54.45
CA PRO P 215 23.29 65.99 -54.47
C PRO P 215 22.87 65.06 -55.60
N GLU P 216 22.29 63.92 -55.23
CA GLU P 216 21.96 62.87 -56.19
C GLU P 216 20.83 63.34 -57.10
N SER P 217 21.16 63.63 -58.35
CA SER P 217 20.17 64.03 -59.35
C SER P 217 19.63 62.82 -60.11
N SER P 218 19.19 61.82 -59.35
CA SER P 218 18.59 60.58 -59.86
C SER P 218 19.53 59.79 -60.77
N ARG P 219 20.84 60.05 -60.67
CA ARG P 219 21.93 59.32 -61.33
C ARG P 219 21.68 59.05 -62.82
N VAL P 220 20.89 59.91 -63.47
CA VAL P 220 20.38 59.60 -64.80
C VAL P 220 21.48 59.64 -65.86
N PHE P 221 22.50 60.47 -65.69
CA PHE P 221 23.49 60.56 -66.75
C PHE P 221 24.94 60.41 -66.30
N SER P 222 25.28 60.92 -65.11
CA SER P 222 26.68 61.06 -64.75
C SER P 222 27.28 59.75 -64.22
N SER P 223 26.63 59.15 -63.23
CA SER P 223 27.17 57.93 -62.62
C SER P 223 27.22 56.79 -63.62
N ILE P 224 26.17 56.64 -64.45
CA ILE P 224 26.19 55.62 -65.48
C ILE P 224 27.27 55.91 -66.51
N TYR P 225 27.56 57.20 -66.79
CA TYR P 225 28.62 57.54 -67.74
C TYR P 225 29.98 57.12 -67.21
N VAL P 226 30.29 57.48 -65.96
CA VAL P 226 31.62 57.16 -65.44
C VAL P 226 31.77 55.65 -65.25
N ILE P 227 30.70 54.96 -64.81
CA ILE P 227 30.75 53.52 -64.64
C ILE P 227 30.96 52.83 -65.98
N LEU P 228 30.19 53.23 -67.00
CA LEU P 228 30.36 52.65 -68.33
C LEU P 228 31.76 52.92 -68.86
N TRP P 229 32.27 54.14 -68.69
CA TRP P 229 33.61 54.48 -69.15
C TRP P 229 34.65 53.59 -68.50
N LEU P 230 34.63 53.49 -67.16
CA LEU P 230 35.67 52.71 -66.48
C LEU P 230 35.60 51.24 -66.89
N LEU P 231 34.40 50.65 -66.88
CA LEU P 231 34.28 49.23 -67.19
C LEU P 231 34.66 48.95 -68.65
N LEU P 232 34.11 49.72 -69.59
CA LEU P 232 34.36 49.48 -71.01
C LEU P 232 35.83 49.68 -71.34
N GLY P 233 36.41 50.79 -70.88
CA GLY P 233 37.79 51.08 -71.21
C GLY P 233 38.74 50.07 -70.63
N SER P 234 38.56 49.73 -69.34
CA SER P 234 39.44 48.77 -68.69
C SER P 234 39.36 47.41 -69.39
N ILE P 235 38.15 46.86 -69.55
CA ILE P 235 38.06 45.51 -70.08
C ILE P 235 38.45 45.49 -71.56
N ILE P 236 38.00 46.47 -72.35
CA ILE P 236 38.27 46.44 -73.78
C ILE P 236 39.76 46.60 -74.05
N PHE P 237 40.41 47.54 -73.37
CA PHE P 237 41.83 47.76 -73.66
C PHE P 237 42.71 46.66 -73.09
N ARG P 238 42.44 46.19 -71.87
CA ARG P 238 43.22 45.08 -71.31
C ARG P 238 43.07 43.84 -72.18
N ASN P 239 41.84 43.53 -72.59
CA ASN P 239 41.59 42.37 -73.42
C ASN P 239 42.23 42.50 -74.79
N ILE P 240 42.19 43.70 -75.40
CA ILE P 240 42.76 43.87 -76.73
C ILE P 240 44.28 43.75 -76.67
N ILE P 241 44.92 44.26 -75.61
CA ILE P 241 46.37 44.15 -75.52
C ILE P 241 46.78 42.71 -75.25
N VAL P 242 46.08 42.00 -74.36
CA VAL P 242 46.48 40.61 -74.09
C VAL P 242 46.23 39.73 -75.32
N ALA P 243 45.13 39.98 -76.05
CA ALA P 243 44.85 39.25 -77.28
C ALA P 243 45.93 39.49 -78.31
N MET P 244 46.36 40.73 -78.46
CA MET P 244 47.32 40.97 -79.53
C MET P 244 48.70 40.47 -79.14
N MET P 245 49.02 40.46 -77.85
CA MET P 245 50.29 39.91 -77.40
C MET P 245 50.36 38.39 -77.58
N VAL P 246 49.27 37.69 -77.26
CA VAL P 246 49.29 36.25 -77.50
C VAL P 246 49.25 35.97 -79.00
N THR P 247 48.66 36.86 -79.80
CA THR P 247 48.76 36.71 -81.25
C THR P 247 50.20 36.88 -81.73
N ASN P 248 50.94 37.81 -81.12
CA ASN P 248 52.35 37.98 -81.43
C ASN P 248 53.14 36.72 -81.11
N PHE P 249 52.87 36.13 -79.94
CA PHE P 249 53.48 34.85 -79.60
C PHE P 249 53.10 33.75 -80.60
N GLN P 250 51.84 33.78 -81.04
CA GLN P 250 51.36 32.79 -82.01
C GLN P 250 52.15 32.87 -83.33
N ASN P 251 52.32 34.08 -83.86
CA ASN P 251 53.05 34.14 -85.14
C ASN P 251 54.55 33.97 -84.94
N ILE P 252 55.09 34.29 -83.75
CA ILE P 252 56.48 33.98 -83.47
C ILE P 252 56.71 32.48 -83.54
N ARG P 253 55.86 31.70 -82.86
CA ARG P 253 55.99 30.26 -82.91
C ARG P 253 55.68 29.72 -84.31
N SER P 254 54.78 30.38 -85.04
CA SER P 254 54.47 29.94 -86.40
C SER P 254 55.66 30.09 -87.33
N GLU P 255 56.35 31.24 -87.29
CA GLU P 255 57.51 31.42 -88.15
C GLU P 255 58.65 30.52 -87.70
N LEU P 256 58.80 30.31 -86.39
CA LEU P 256 59.80 29.36 -85.91
C LEU P 256 59.53 27.95 -86.44
N SER P 257 58.27 27.50 -86.34
CA SER P 257 57.91 26.16 -86.77
C SER P 257 58.06 25.98 -88.28
N GLU P 258 57.71 27.01 -89.06
CA GLU P 258 57.91 26.91 -90.50
C GLU P 258 59.38 26.92 -90.86
N GLU P 259 60.21 27.61 -90.06
CA GLU P 259 61.66 27.54 -90.28
C GLU P 259 62.20 26.14 -90.03
N MET P 260 61.78 25.49 -88.93
CA MET P 260 62.23 24.12 -88.69
C MET P 260 61.68 23.15 -89.73
N SER P 261 60.45 23.38 -90.20
CA SER P 261 59.88 22.52 -91.25
C SER P 261 60.65 22.66 -92.55
N HIS P 262 61.02 23.89 -92.92
CA HIS P 262 61.84 24.10 -94.12
C HIS P 262 63.22 23.47 -93.94
N LEU P 263 63.79 23.56 -92.74
CA LEU P 263 65.09 22.93 -92.49
C LEU P 263 64.99 21.41 -92.63
N GLU P 264 63.91 20.82 -92.14
CA GLU P 264 63.72 19.37 -92.26
C GLU P 264 63.52 18.97 -93.72
N VAL P 265 62.76 19.76 -94.48
CA VAL P 265 62.58 19.48 -95.90
C VAL P 265 63.91 19.56 -96.64
N GLN P 266 64.72 20.58 -96.32
CA GLN P 266 66.04 20.72 -96.92
C GLN P 266 66.94 19.56 -96.54
N TYR P 267 66.85 19.07 -95.31
CA TYR P 267 67.65 17.91 -94.89
C TYR P 267 67.24 16.65 -95.64
N LYS P 268 65.93 16.46 -95.82
CA LYS P 268 65.46 15.31 -96.60
C LYS P 268 65.93 15.39 -98.05
N ALA P 269 65.87 16.59 -98.64
CA ALA P 269 66.37 16.78 -100.00
C ALA P 269 67.87 16.55 -100.08
N ASP P 270 68.62 17.00 -99.06
CA ASP P 270 70.06 16.77 -99.02
C ASP P 270 70.39 15.29 -98.94
N MET P 271 69.65 14.54 -98.12
CA MET P 271 69.90 13.11 -97.98
C MET P 271 69.53 12.37 -99.26
N PHE P 272 68.42 12.74 -99.89
CA PHE P 272 68.04 12.16 -101.18
C PHE P 272 69.09 12.45 -102.25
N LYS P 273 69.60 13.69 -102.29
CA LYS P 273 70.63 14.01 -103.27
C LYS P 273 71.95 13.33 -102.94
N GLN P 274 72.19 13.00 -101.66
CA GLN P 274 73.35 12.20 -101.31
C GLN P 274 73.21 10.78 -101.88
N GLN P 275 72.02 10.20 -101.80
CA GLN P 275 71.78 8.92 -102.46
C GLN P 275 71.98 9.01 -103.97
N ILE P 276 71.49 10.10 -104.57
CA ILE P 276 71.62 10.30 -106.01
C ILE P 276 73.08 10.39 -106.41
N ILE P 277 73.87 11.16 -105.65
CA ILE P 277 75.30 11.31 -105.93
C ILE P 277 76.03 9.97 -105.76
N GLN P 278 75.70 9.23 -104.69
CA GLN P 278 76.37 7.96 -104.44
C GLN P 278 76.08 6.98 -105.57
N ARG P 279 74.83 6.90 -106.02
CA ARG P 279 74.52 6.04 -107.16
C ARG P 279 75.17 6.57 -108.43
N ARG P 280 75.39 7.89 -108.51
CA ARG P 280 76.03 8.46 -109.70
C ARG P 280 77.51 8.14 -109.81
N GLN P 281 78.22 7.97 -108.70
CA GLN P 281 79.58 7.45 -108.81
C GLN P 281 79.46 6.00 -109.31
N GLU Q 1 24.38 64.15 -113.66
CA GLU Q 1 25.02 65.19 -114.47
C GLU Q 1 26.39 65.54 -113.91
N CYS Q 2 26.40 66.35 -112.86
CA CYS Q 2 27.63 66.78 -112.20
C CYS Q 2 28.00 65.88 -111.02
N GLN Q 3 27.31 64.75 -110.85
CA GLN Q 3 27.58 63.87 -109.73
C GLN Q 3 28.99 63.27 -109.82
N ALA Q 4 29.45 62.95 -111.03
CA ALA Q 4 30.80 62.43 -111.20
C ALA Q 4 31.85 63.45 -110.80
N TYR Q 5 31.66 64.71 -111.21
CA TYR Q 5 32.60 65.76 -110.83
C TYR Q 5 32.57 66.01 -109.32
N PHE Q 6 31.38 65.95 -108.72
CA PHE Q 6 31.27 66.14 -107.27
C PHE Q 6 31.97 65.00 -106.52
N ARG Q 7 31.82 63.76 -107.02
CA ARG Q 7 32.53 62.63 -106.40
C ARG Q 7 34.03 62.75 -106.59
N LYS Q 8 34.49 63.24 -107.74
CA LYS Q 8 35.93 63.48 -107.92
C LYS Q 8 36.43 64.55 -106.96
N VAL Q 9 35.64 65.60 -106.74
CA VAL Q 9 36.02 66.64 -105.79
C VAL Q 9 36.09 66.07 -104.38
N ILE Q 10 35.11 65.25 -103.99
CA ILE Q 10 35.11 64.65 -102.66
C ILE Q 10 36.20 63.60 -102.51
N LYS Q 11 36.68 63.01 -103.60
CA LYS Q 11 37.80 62.10 -103.58
C LYS Q 11 39.15 62.81 -103.56
N SER Q 12 39.18 64.07 -104.00
CA SER Q 12 40.40 64.86 -103.91
C SER Q 12 40.81 65.04 -102.45
N THR Q 13 42.14 65.00 -102.22
CA THR Q 13 42.66 64.99 -100.86
C THR Q 13 42.73 66.37 -100.22
N PHE Q 14 42.59 67.44 -101.01
CA PHE Q 14 42.65 68.78 -100.44
C PHE Q 14 41.46 69.07 -99.55
N PHE Q 15 40.27 68.62 -99.96
CA PHE Q 15 39.10 68.82 -99.13
C PHE Q 15 39.25 68.11 -97.79
N GLN Q 16 39.72 66.86 -97.80
CA GLN Q 16 39.93 66.13 -96.56
C GLN Q 16 40.97 66.79 -95.68
N ILE Q 17 42.00 67.38 -96.30
CA ILE Q 17 43.02 68.10 -95.54
C ILE Q 17 42.41 69.31 -94.84
N VAL Q 18 41.56 70.06 -95.55
CA VAL Q 18 40.90 71.22 -94.96
C VAL Q 18 39.96 70.79 -93.82
N MET Q 19 39.24 69.69 -94.02
CA MET Q 19 38.36 69.13 -93.00
C MET Q 19 39.14 68.77 -91.74
N ILE Q 20 40.25 68.05 -91.92
CA ILE Q 20 41.06 67.63 -90.79
C ILE Q 20 41.65 68.84 -90.07
N THR Q 21 42.06 69.86 -90.83
CA THR Q 21 42.57 71.09 -90.22
C THR Q 21 41.49 71.78 -89.38
N THR Q 22 40.27 71.84 -89.90
CA THR Q 22 39.18 72.48 -89.16
C THR Q 22 38.86 71.74 -87.88
N VAL Q 23 38.78 70.42 -87.93
CA VAL Q 23 38.45 69.70 -86.69
C VAL Q 23 39.64 69.62 -85.74
N THR Q 24 40.89 69.71 -86.22
CA THR Q 24 42.00 69.81 -85.28
C THR Q 24 42.03 71.16 -84.59
N THR Q 25 41.68 72.24 -85.31
CA THR Q 25 41.50 73.52 -84.64
C THR Q 25 40.34 73.47 -83.65
N ASN Q 26 39.31 72.67 -83.95
CA ASN Q 26 38.24 72.44 -82.97
C ASN Q 26 38.77 71.73 -81.74
N SER Q 27 39.66 70.75 -81.93
CA SER Q 27 40.27 70.06 -80.79
C SER Q 27 41.10 71.03 -79.95
N PHE Q 28 41.85 71.93 -80.61
CA PHE Q 28 42.58 72.95 -79.88
C PHE Q 28 41.64 73.92 -79.16
N LEU Q 29 40.48 74.22 -79.77
CA LEU Q 29 39.48 75.03 -79.10
C LEU Q 29 38.98 74.35 -77.84
N LEU Q 30 38.73 73.04 -77.89
CA LEU Q 30 38.33 72.32 -76.69
C LEU Q 30 39.44 72.32 -75.64
N VAL Q 31 40.69 72.18 -76.08
CA VAL Q 31 41.82 72.20 -75.16
C VAL Q 31 41.91 73.54 -74.44
N LEU Q 32 41.73 74.64 -75.18
CA LEU Q 32 41.74 75.96 -74.56
C LEU Q 32 40.46 76.28 -73.80
N GLY Q 33 39.35 75.61 -74.10
CA GLY Q 33 38.10 75.88 -73.43
C GLY Q 33 37.89 75.08 -72.17
N THR Q 34 38.65 73.99 -72.01
CA THR Q 34 38.63 73.30 -70.73
C THR Q 34 39.31 74.12 -69.63
N ASN Q 35 40.06 75.15 -69.99
CA ASN Q 35 40.54 76.14 -69.04
C ASN Q 35 39.42 77.12 -68.70
N TYR Q 36 39.68 78.02 -67.77
CA TYR Q 36 38.68 78.98 -67.33
C TYR Q 36 38.80 80.33 -68.03
N ASP Q 37 40.02 80.79 -68.33
CA ASP Q 37 40.19 82.13 -68.87
C ASP Q 37 39.67 82.22 -70.30
N ILE Q 38 40.06 81.26 -71.14
CA ILE Q 38 39.70 81.29 -72.55
C ILE Q 38 38.27 80.83 -72.78
N GLN Q 39 37.64 80.21 -71.77
CA GLN Q 39 36.29 79.69 -71.91
C GLN Q 39 35.28 80.81 -72.15
N PHE Q 40 35.37 81.90 -71.37
CA PHE Q 40 34.43 83.01 -71.51
C PHE Q 40 35.09 84.36 -71.71
N GLU Q 41 36.41 84.45 -71.68
CA GLU Q 41 37.13 85.68 -71.95
C GLU Q 41 38.16 85.42 -73.05
N PHE Q 42 38.48 86.48 -73.80
CA PHE Q 42 39.31 86.38 -75.01
C PHE Q 42 38.73 85.35 -75.96
N PHE Q 43 37.39 85.37 -76.08
CA PHE Q 43 36.65 84.31 -76.75
C PHE Q 43 36.00 84.75 -78.06
N ARG Q 44 36.39 85.91 -78.60
CA ARG Q 44 35.95 86.27 -79.94
C ARG Q 44 36.54 85.31 -80.97
N THR Q 45 37.81 84.93 -80.78
CA THR Q 45 38.42 83.89 -81.60
C THR Q 45 37.66 82.57 -81.45
N PHE Q 46 37.26 82.25 -80.22
CA PHE Q 46 36.45 81.05 -79.98
C PHE Q 46 35.14 81.11 -80.76
N GLU Q 47 34.48 82.28 -80.75
CA GLU Q 47 33.21 82.42 -81.43
C GLU Q 47 33.36 82.26 -82.94
N VAL Q 48 34.33 82.94 -83.54
CA VAL Q 48 34.48 82.88 -84.99
C VAL Q 48 34.94 81.49 -85.42
N SER Q 49 35.83 80.86 -84.65
CA SER Q 49 36.27 79.52 -84.97
C SER Q 49 35.12 78.52 -84.85
N GLU Q 50 34.30 78.65 -83.80
CA GLU Q 50 33.15 77.76 -83.63
C GLU Q 50 32.15 77.93 -84.77
N LEU Q 51 31.94 79.17 -85.23
CA LEU Q 51 31.09 79.39 -86.39
C LEU Q 51 31.66 78.72 -87.63
N PHE Q 52 32.98 78.81 -87.82
CA PHE Q 52 33.62 78.12 -88.94
C PHE Q 52 33.44 76.61 -88.84
N PHE Q 53 33.59 76.06 -87.62
CA PHE Q 53 33.48 74.62 -87.44
C PHE Q 53 32.07 74.12 -87.69
N VAL Q 54 31.06 74.84 -87.19
CA VAL Q 54 29.69 74.40 -87.43
C VAL Q 54 29.32 74.59 -88.89
N SER Q 55 29.89 75.59 -89.58
CA SER Q 55 29.69 75.69 -91.03
C SER Q 55 30.28 74.49 -91.74
N VAL Q 56 31.48 74.06 -91.34
CA VAL Q 56 32.12 72.90 -91.95
C VAL Q 56 31.29 71.64 -91.71
N TYR Q 57 30.77 71.47 -90.49
CA TYR Q 57 29.94 70.29 -90.20
C TYR Q 57 28.61 70.34 -90.94
N VAL Q 58 28.06 71.53 -91.15
CA VAL Q 58 26.86 71.68 -91.97
C VAL Q 58 27.16 71.26 -93.40
N CYS Q 59 28.32 71.65 -93.92
CA CYS Q 59 28.73 71.20 -95.25
C CYS Q 59 28.90 69.68 -95.30
N GLU Q 60 29.40 69.09 -94.22
CA GLU Q 60 29.51 67.64 -94.13
C GLU Q 60 28.15 66.96 -94.23
N PHE Q 61 27.17 67.48 -93.48
CA PHE Q 61 25.83 66.91 -93.57
C PHE Q 61 25.21 67.17 -94.94
N LEU Q 62 25.55 68.29 -95.57
CA LEU Q 62 25.03 68.61 -96.90
C LEU Q 62 25.59 67.64 -97.95
N MET Q 63 26.84 67.20 -97.79
CA MET Q 63 27.39 66.28 -98.77
C MET Q 63 27.08 64.84 -98.41
N LYS Q 64 26.62 64.58 -97.18
CA LYS Q 64 26.12 63.26 -96.82
C LYS Q 64 24.59 63.14 -96.93
N VAL Q 65 23.90 64.20 -97.32
CA VAL Q 65 22.45 64.16 -97.51
C VAL Q 65 22.08 63.75 -98.95
N TYR Q 66 23.05 63.23 -99.70
CA TYR Q 66 22.87 62.82 -101.09
C TYR Q 66 22.10 61.50 -101.20
N VAL Q 67 22.16 60.85 -102.36
CA VAL Q 67 21.60 59.50 -102.49
C VAL Q 67 22.47 58.43 -101.83
N ASP Q 68 23.67 58.80 -101.38
CA ASP Q 68 24.54 57.84 -100.70
C ASP Q 68 23.98 57.26 -99.40
N PRO Q 69 23.03 57.92 -98.69
CA PRO Q 69 22.28 57.20 -97.64
C PRO Q 69 21.73 55.82 -98.00
N ILE Q 70 21.53 55.51 -99.28
CA ILE Q 70 21.17 54.13 -99.65
C ILE Q 70 22.26 53.13 -99.28
N THR Q 71 23.51 53.57 -99.16
CA THR Q 71 24.58 52.73 -98.63
C THR Q 71 24.93 53.07 -97.19
N TYR Q 72 24.71 54.32 -96.78
CA TYR Q 72 24.90 54.75 -95.39
C TYR Q 72 23.89 54.13 -94.43
N TRP Q 73 22.77 53.60 -94.93
CA TRP Q 73 21.74 53.01 -94.08
C TRP Q 73 21.96 51.53 -93.78
N LYS Q 74 23.01 50.92 -94.34
CA LYS Q 74 23.32 49.53 -94.09
C LYS Q 74 24.77 49.29 -93.66
N ASP Q 75 25.63 50.30 -93.73
CA ASP Q 75 27.04 50.13 -93.42
C ASP Q 75 27.30 50.39 -91.93
N GLY Q 76 28.58 50.52 -91.58
CA GLY Q 76 29.06 50.70 -90.23
C GLY Q 76 29.41 52.15 -89.98
N TYR Q 77 30.69 52.49 -90.20
CA TYR Q 77 31.21 53.84 -89.99
C TYR Q 77 30.35 54.93 -90.63
N ASN Q 78 29.69 54.62 -91.76
CA ASN Q 78 28.87 55.63 -92.43
C ASN Q 78 27.65 56.02 -91.60
N ILE Q 79 26.89 55.02 -91.12
CA ILE Q 79 25.74 55.34 -90.27
C ILE Q 79 26.22 55.90 -88.95
N LEU Q 80 27.39 55.46 -88.47
CA LEU Q 80 27.95 56.00 -87.25
C LEU Q 80 28.23 57.50 -87.37
N ASP Q 81 28.82 57.92 -88.50
CA ASP Q 81 29.18 59.33 -88.63
C ASP Q 81 27.95 60.19 -88.91
N VAL Q 82 26.95 59.68 -89.64
CA VAL Q 82 25.77 60.52 -89.83
C VAL Q 82 24.97 60.63 -88.52
N ILE Q 83 24.95 59.57 -87.71
CA ILE Q 83 24.33 59.66 -86.39
C ILE Q 83 25.08 60.65 -85.51
N ILE Q 84 26.41 60.63 -85.57
CA ILE Q 84 27.22 61.60 -84.84
C ILE Q 84 26.91 63.02 -85.32
N LEU Q 85 26.73 63.21 -86.62
CA LEU Q 85 26.38 64.52 -87.15
C LEU Q 85 25.02 65.00 -86.64
N ILE Q 86 24.04 64.08 -86.57
CA ILE Q 86 22.71 64.48 -86.10
C ILE Q 86 22.74 64.85 -84.61
N ILE Q 87 23.36 64.00 -83.79
CA ILE Q 87 23.46 64.26 -82.35
C ILE Q 87 24.55 65.29 -82.03
N LEU Q 88 25.21 65.82 -83.05
CA LEU Q 88 25.98 67.04 -82.89
C LEU Q 88 25.13 68.26 -83.22
N THR Q 89 24.47 68.24 -84.37
CA THR Q 89 23.75 69.43 -84.86
C THR Q 89 22.59 69.79 -83.96
N ILE Q 90 21.79 68.81 -83.53
CA ILE Q 90 20.59 69.11 -82.74
C ILE Q 90 20.93 69.72 -81.37
N PRO Q 91 21.84 69.16 -80.55
CA PRO Q 91 22.05 69.74 -79.21
C PRO Q 91 22.61 71.16 -79.21
N TYR Q 92 23.58 71.49 -80.07
CA TYR Q 92 24.01 72.89 -80.06
C TYR Q 92 22.99 73.81 -80.73
N LEU Q 93 22.11 73.26 -81.57
CA LEU Q 93 20.99 74.05 -82.07
C LEU Q 93 20.04 74.43 -80.94
N LEU Q 94 19.80 73.52 -79.99
CA LEU Q 94 18.95 73.84 -78.86
C LEU Q 94 19.73 74.36 -77.65
N ARG Q 95 21.05 74.53 -77.77
CA ARG Q 95 21.88 74.99 -76.65
C ARG Q 95 22.50 76.35 -76.88
N LYS Q 96 23.16 76.57 -78.03
CA LYS Q 96 23.81 77.85 -78.29
C LYS Q 96 22.78 78.98 -78.37
N ILE Q 97 21.71 78.76 -79.12
CA ILE Q 97 20.53 79.62 -79.06
C ILE Q 97 19.41 78.77 -78.48
N LYS Q 98 19.25 78.80 -77.15
CA LYS Q 98 18.33 77.86 -76.49
C LYS Q 98 16.94 78.46 -76.34
N GLY Q 99 16.82 79.53 -75.54
CA GLY Q 99 15.56 80.16 -75.22
C GLY Q 99 14.46 79.20 -74.78
N ASN Q 100 14.85 78.08 -74.19
CA ASN Q 100 13.96 76.95 -73.96
C ASN Q 100 14.07 76.47 -72.52
N HIS Q 101 13.28 75.43 -72.21
CA HIS Q 101 13.24 74.85 -70.87
C HIS Q 101 14.13 73.60 -70.85
N SER Q 102 15.43 73.84 -70.84
CA SER Q 102 16.43 72.80 -70.64
C SER Q 102 16.80 72.74 -69.17
N ALA Q 103 17.55 71.69 -68.80
CA ALA Q 103 17.86 71.51 -67.38
C ALA Q 103 19.01 72.41 -66.94
N TYR Q 104 20.21 72.16 -67.47
CA TYR Q 104 21.43 72.90 -67.13
C TYR Q 104 22.46 72.62 -68.21
N LEU Q 105 23.71 73.02 -67.95
CA LEU Q 105 24.80 72.80 -68.89
C LEU Q 105 25.57 71.54 -68.47
N HIS Q 106 25.50 70.50 -69.29
CA HIS Q 106 26.37 69.35 -69.11
C HIS Q 106 26.82 68.72 -70.41
N PHE Q 107 26.49 69.29 -71.57
CA PHE Q 107 26.77 68.69 -72.87
C PHE Q 107 27.48 69.68 -73.79
N ALA Q 108 28.52 70.33 -73.28
CA ALA Q 108 29.39 71.17 -74.10
C ALA Q 108 30.68 70.44 -74.45
N ASP Q 109 31.42 70.00 -73.43
CA ASP Q 109 32.60 69.18 -73.67
C ASP Q 109 32.23 67.83 -74.29
N GLY Q 110 31.03 67.33 -74.01
CA GLY Q 110 30.56 66.14 -74.70
C GLY Q 110 30.37 66.35 -76.19
N ILE Q 111 29.79 67.48 -76.57
CA ILE Q 111 29.64 67.82 -77.99
C ILE Q 111 31.01 67.97 -78.65
N GLN Q 112 31.93 68.66 -77.97
CA GLN Q 112 33.28 68.82 -78.51
C GLN Q 112 34.00 67.47 -78.63
N SER Q 113 33.76 66.56 -77.68
CA SER Q 113 34.36 65.23 -77.77
C SER Q 113 33.75 64.41 -78.90
N LEU Q 114 32.45 64.59 -79.18
CA LEU Q 114 31.87 63.96 -80.36
C LEU Q 114 32.50 64.52 -81.64
N ARG Q 115 32.81 65.82 -81.65
CA ARG Q 115 33.54 66.39 -82.78
C ARG Q 115 34.93 65.77 -82.92
N ILE Q 116 35.61 65.53 -81.79
CA ILE Q 116 36.91 64.86 -81.83
C ILE Q 116 36.75 63.42 -82.33
N LEU Q 117 35.66 62.76 -81.98
CA LEU Q 117 35.39 61.43 -82.52
C LEU Q 117 35.19 61.47 -84.03
N LYS Q 118 34.53 62.52 -84.52
CA LYS Q 118 34.43 62.73 -85.96
C LYS Q 118 35.80 62.97 -86.59
N LEU Q 119 36.71 63.62 -85.85
CA LEU Q 119 38.09 63.77 -86.33
C LEU Q 119 38.76 62.41 -86.47
N ILE Q 120 38.67 61.57 -85.43
CA ILE Q 120 39.33 60.26 -85.44
C ILE Q 120 38.58 59.25 -86.31
N SER Q 121 37.42 59.63 -86.86
CA SER Q 121 36.73 58.79 -87.83
C SER Q 121 37.55 58.54 -89.09
N TYR Q 122 38.59 59.34 -89.34
CA TYR Q 122 39.56 59.12 -90.40
C TYR Q 122 40.56 58.04 -90.01
N SER Q 123 41.72 58.00 -90.66
CA SER Q 123 42.79 57.03 -90.41
C SER Q 123 42.32 55.60 -90.74
N ARG Q 124 42.26 55.35 -92.05
CA ARG Q 124 41.92 54.06 -92.64
C ARG Q 124 42.62 52.86 -91.99
N GLY Q 125 43.81 53.05 -91.42
CA GLY Q 125 44.41 51.98 -90.63
C GLY Q 125 43.59 51.65 -89.39
N ILE Q 126 43.16 52.69 -88.66
CA ILE Q 126 42.24 52.48 -87.53
C ILE Q 126 40.91 51.95 -88.02
N ARG Q 127 40.49 52.34 -89.23
CA ARG Q 127 39.26 51.78 -89.81
C ARG Q 127 39.40 50.28 -90.04
N THR Q 128 40.55 49.84 -90.57
CA THR Q 128 40.79 48.42 -90.76
C THR Q 128 40.85 47.68 -89.43
N LEU Q 129 41.43 48.31 -88.41
CA LEU Q 129 41.43 47.72 -87.08
C LEU Q 129 40.01 47.57 -86.54
N ILE Q 130 39.16 48.59 -86.76
CA ILE Q 130 37.78 48.53 -86.32
C ILE Q 130 37.03 47.42 -87.04
N ILE Q 131 37.27 47.28 -88.34
CA ILE Q 131 36.66 46.19 -89.10
C ILE Q 131 37.14 44.83 -88.58
N ALA Q 132 38.42 44.73 -88.27
CA ALA Q 132 38.99 43.47 -87.79
C ALA Q 132 38.49 43.11 -86.39
N VAL Q 133 38.11 44.09 -85.58
CA VAL Q 133 37.56 43.81 -84.26
C VAL Q 133 36.04 43.92 -84.22
N GLY Q 134 35.39 44.15 -85.36
CA GLY Q 134 33.96 44.39 -85.39
C GLY Q 134 33.07 43.17 -85.36
N GLU Q 135 33.64 41.97 -85.49
CA GLU Q 135 32.84 40.75 -85.46
C GLU Q 135 32.58 40.24 -84.05
N THR Q 136 33.14 40.88 -83.04
CA THR Q 136 32.97 40.47 -81.64
C THR Q 136 31.87 41.25 -80.94
N VAL Q 137 31.10 42.06 -81.68
CA VAL Q 137 30.04 42.87 -81.06
C VAL Q 137 28.96 41.98 -80.47
N TYR Q 138 28.53 40.96 -81.22
CA TYR Q 138 27.52 40.03 -80.70
C TYR Q 138 28.03 39.26 -79.50
N THR Q 139 29.31 38.86 -79.53
CA THR Q 139 29.89 38.12 -78.41
C THR Q 139 29.95 38.97 -77.14
N VAL Q 140 30.44 40.22 -77.27
CA VAL Q 140 30.52 41.06 -76.09
C VAL Q 140 29.13 41.46 -75.61
N ALA Q 141 28.15 41.58 -76.52
CA ALA Q 141 26.77 41.81 -76.10
C ALA Q 141 26.23 40.62 -75.32
N SER Q 142 26.53 39.40 -75.76
CA SER Q 142 26.08 38.22 -75.04
C SER Q 142 26.73 38.12 -73.66
N VAL Q 143 28.02 38.42 -73.56
CA VAL Q 143 28.69 38.40 -72.26
C VAL Q 143 28.13 39.50 -71.36
N LEU Q 144 27.80 40.67 -71.93
CA LEU Q 144 27.19 41.73 -71.15
C LEU Q 144 25.81 41.34 -70.65
N THR Q 145 25.03 40.63 -71.47
CA THR Q 145 23.71 40.17 -71.03
C THR Q 145 23.83 39.13 -69.92
N LEU Q 146 24.79 38.21 -70.03
CA LEU Q 146 25.03 37.25 -68.95
C LEU Q 146 25.46 37.97 -67.67
N LEU Q 147 26.32 38.97 -67.80
CA LEU Q 147 26.71 39.79 -66.66
C LEU Q 147 25.51 40.44 -66.01
N PHE Q 148 24.65 41.07 -66.82
CA PHE Q 148 23.46 41.76 -66.30
C PHE Q 148 22.50 40.78 -65.63
N LEU Q 149 22.35 39.58 -66.19
CA LEU Q 149 21.52 38.56 -65.56
C LEU Q 149 22.08 38.18 -64.19
N LEU Q 150 23.40 38.04 -64.09
CA LEU Q 150 24.00 37.71 -62.80
C LEU Q 150 23.83 38.86 -61.80
N MET Q 151 23.97 40.11 -62.25
CA MET Q 151 23.70 41.24 -61.37
C MET Q 151 22.25 41.26 -60.90
N PHE Q 152 21.30 40.92 -61.78
CA PHE Q 152 19.90 40.90 -61.37
C PHE Q 152 19.63 39.79 -60.36
N VAL Q 153 20.20 38.61 -60.59
CA VAL Q 153 20.03 37.48 -59.67
C VAL Q 153 20.56 37.84 -58.29
N PHE Q 154 21.82 38.30 -58.24
CA PHE Q 154 22.38 38.63 -56.93
C PHE Q 154 21.86 39.95 -56.39
N ALA Q 155 21.24 40.78 -57.22
CA ALA Q 155 20.59 41.99 -56.71
C ALA Q 155 19.34 41.62 -55.92
N ILE Q 156 18.50 40.76 -56.48
CA ILE Q 156 17.34 40.31 -55.73
C ILE Q 156 17.79 39.48 -54.53
N LEU Q 157 18.89 38.73 -54.65
CA LEU Q 157 19.36 37.93 -53.52
C LEU Q 157 19.89 38.81 -52.39
N GLY Q 158 20.71 39.81 -52.73
CA GLY Q 158 21.22 40.71 -51.70
C GLY Q 158 20.13 41.56 -51.06
N PHE Q 159 19.15 41.99 -51.86
CA PHE Q 159 18.00 42.68 -51.29
C PHE Q 159 17.28 41.79 -50.29
N CYS Q 160 16.93 40.57 -50.71
CA CYS Q 160 16.21 39.65 -49.82
C CYS Q 160 17.02 39.27 -48.59
N LEU Q 161 18.35 39.30 -48.69
CA LEU Q 161 19.18 38.90 -47.56
C LEU Q 161 19.44 40.04 -46.57
N PHE Q 162 19.52 41.29 -47.04
CA PHE Q 162 19.96 42.37 -46.16
C PHE Q 162 19.05 43.59 -46.11
N GLY Q 163 18.22 43.86 -47.11
CA GLY Q 163 17.42 45.07 -47.11
C GLY Q 163 15.99 44.89 -46.66
N VAL Q 164 15.45 43.67 -46.75
CA VAL Q 164 14.07 43.44 -46.30
C VAL Q 164 14.02 43.34 -44.79
N THR Q 165 15.08 42.85 -44.16
CA THR Q 165 15.10 42.78 -42.70
C THR Q 165 15.11 44.17 -42.07
N ASP Q 166 15.68 45.16 -42.78
CA ASP Q 166 15.60 46.58 -42.41
C ASP Q 166 16.14 46.84 -41.00
N ARG Q 167 17.28 46.23 -40.68
CA ARG Q 167 17.95 46.45 -39.41
C ARG Q 167 19.31 47.12 -39.59
N GLY Q 168 19.51 47.79 -40.73
CA GLY Q 168 20.76 48.41 -41.09
C GLY Q 168 21.10 48.06 -42.52
N ASP Q 169 22.38 48.28 -42.87
CA ASP Q 169 22.93 47.96 -44.19
C ASP Q 169 22.18 48.68 -45.31
N LEU Q 170 21.65 49.86 -45.02
CA LEU Q 170 20.89 50.61 -46.01
C LEU Q 170 21.83 51.26 -47.02
N GLU Q 171 21.30 51.46 -48.23
CA GLU Q 171 22.02 52.03 -49.37
C GLU Q 171 23.23 51.20 -49.79
N ASN Q 172 23.32 49.96 -49.33
CA ASN Q 172 24.28 48.99 -49.82
C ASN Q 172 23.61 47.76 -50.41
N TRP Q 173 22.59 47.24 -49.72
CA TRP Q 173 21.70 46.21 -50.26
C TRP Q 173 20.24 46.64 -50.10
N GLY Q 174 20.02 47.95 -50.06
CA GLY Q 174 18.71 48.53 -49.85
C GLY Q 174 18.06 49.03 -51.12
N ASN Q 175 18.20 50.32 -51.38
CA ASN Q 175 17.69 50.91 -52.62
C ASN Q 175 18.32 50.26 -53.84
N LEU Q 176 17.59 50.25 -54.95
CA LEU Q 176 17.97 49.42 -56.09
C LEU Q 176 19.25 49.90 -56.75
N ALA Q 177 19.38 51.21 -57.01
CA ALA Q 177 20.57 51.71 -57.70
C ALA Q 177 21.82 51.57 -56.84
N SER Q 178 21.72 51.92 -55.55
CA SER Q 178 22.85 51.77 -54.65
C SER Q 178 23.24 50.31 -54.49
N ALA Q 179 22.24 49.42 -54.41
CA ALA Q 179 22.52 47.99 -54.33
C ALA Q 179 23.23 47.50 -55.59
N PHE Q 180 22.78 47.94 -56.77
CA PHE Q 180 23.42 47.56 -58.02
C PHE Q 180 24.86 48.03 -58.07
N PHE Q 181 25.12 49.26 -57.61
CA PHE Q 181 26.48 49.78 -57.63
C PHE Q 181 27.38 49.03 -56.65
N THR Q 182 26.85 48.68 -55.46
CA THR Q 182 27.63 47.89 -54.52
C THR Q 182 27.92 46.50 -55.06
N LEU Q 183 26.96 45.91 -55.78
CA LEU Q 183 27.20 44.60 -56.39
C LEU Q 183 28.24 44.68 -57.50
N PHE Q 184 28.22 45.76 -58.29
CA PHE Q 184 29.25 45.93 -59.31
C PHE Q 184 30.62 46.08 -58.68
N SER Q 185 30.70 46.82 -57.56
CA SER Q 185 31.96 46.93 -56.84
C SER Q 185 32.42 45.59 -56.28
N LEU Q 186 31.49 44.80 -55.75
CA LEU Q 186 31.84 43.49 -55.21
C LEU Q 186 32.25 42.52 -56.31
N ALA Q 187 31.65 42.65 -57.50
CA ALA Q 187 32.10 41.89 -58.66
C ALA Q 187 33.48 42.32 -59.12
N THR Q 188 33.81 43.61 -59.00
CA THR Q 188 35.19 44.04 -59.14
C THR Q 188 35.93 43.75 -57.83
N VAL Q 189 37.20 44.13 -57.78
CA VAL Q 189 37.97 43.92 -56.56
C VAL Q 189 37.84 45.10 -55.60
N ASP Q 190 37.43 46.26 -56.09
CA ASP Q 190 37.44 47.47 -55.27
C ASP Q 190 36.31 47.47 -54.26
N GLY Q 191 36.62 47.97 -53.05
CA GLY Q 191 35.61 48.20 -52.04
C GLY Q 191 35.15 46.98 -51.29
N TRP Q 192 35.69 45.79 -51.62
CA TRP Q 192 35.22 44.57 -50.99
C TRP Q 192 35.59 44.53 -49.50
N THR Q 193 36.77 45.03 -49.14
CA THR Q 193 37.19 44.99 -47.73
C THR Q 193 36.27 45.86 -46.86
N ASP Q 194 36.02 47.10 -47.28
CA ASP Q 194 35.16 47.97 -46.49
C ASP Q 194 33.71 47.51 -46.53
N LEU Q 195 33.27 46.93 -47.66
CA LEU Q 195 31.93 46.37 -47.71
C LEU Q 195 31.77 45.20 -46.76
N GLN Q 196 32.80 44.34 -46.67
CA GLN Q 196 32.78 43.22 -45.74
C GLN Q 196 32.76 43.71 -44.29
N GLU Q 197 33.57 44.73 -43.98
CA GLU Q 197 33.55 45.30 -42.64
C GLU Q 197 32.22 45.98 -42.34
N GLU Q 198 31.52 46.45 -43.36
CA GLU Q 198 30.19 47.01 -43.16
C GLU Q 198 29.14 45.92 -42.91
N LEU Q 199 29.25 44.79 -43.62
CA LEU Q 199 28.22 43.77 -43.53
C LEU Q 199 28.40 42.78 -42.39
N ASP Q 200 29.63 42.62 -41.86
CA ASP Q 200 29.82 41.61 -40.82
C ASP Q 200 29.21 42.01 -39.47
N LYS Q 201 28.83 43.27 -39.30
CA LYS Q 201 28.27 43.74 -38.04
C LYS Q 201 26.74 43.65 -37.99
N ARG Q 202 26.11 43.11 -39.03
CA ARG Q 202 24.65 43.04 -39.11
C ARG Q 202 24.12 41.66 -38.73
N LYS Q 203 24.74 41.01 -37.73
CA LYS Q 203 24.34 39.71 -37.17
C LYS Q 203 24.02 38.67 -38.24
N PHE Q 204 24.80 38.71 -39.34
CA PHE Q 204 24.63 37.79 -40.46
C PHE Q 204 26.01 37.18 -40.73
N THR Q 205 26.30 36.07 -40.05
CA THR Q 205 27.62 35.46 -40.15
C THR Q 205 27.85 34.86 -41.53
N VAL Q 206 26.82 34.24 -42.11
CA VAL Q 206 26.96 33.61 -43.42
C VAL Q 206 26.97 34.61 -44.56
N SER Q 207 26.79 35.90 -44.26
CA SER Q 207 26.94 36.93 -45.29
C SER Q 207 28.36 36.97 -45.84
N ARG Q 208 29.34 36.73 -44.96
CA ARG Q 208 30.74 36.67 -45.42
C ARG Q 208 30.95 35.52 -46.41
N ALA Q 209 30.39 34.35 -46.10
CA ALA Q 209 30.49 33.21 -47.02
C ALA Q 209 29.77 33.49 -48.32
N PHE Q 210 28.59 34.12 -48.25
CA PHE Q 210 27.85 34.46 -49.46
C PHE Q 210 28.62 35.45 -50.32
N THR Q 211 29.25 36.45 -49.70
CA THR Q 211 29.98 37.46 -50.47
C THR Q 211 31.26 36.89 -51.08
N ILE Q 212 31.97 36.03 -50.35
CA ILE Q 212 33.17 35.44 -50.95
C ILE Q 212 32.80 34.46 -52.06
N LEU Q 213 31.68 33.74 -51.91
CA LEU Q 213 31.19 32.91 -53.00
C LEU Q 213 30.82 33.77 -54.21
N PHE Q 214 30.16 34.90 -53.97
CA PHE Q 214 29.80 35.82 -55.05
C PHE Q 214 31.03 36.34 -55.76
N ILE Q 215 32.09 36.64 -55.01
CA ILE Q 215 33.33 37.10 -55.62
C ILE Q 215 33.94 36.00 -56.49
N LEU Q 216 34.10 34.80 -55.91
CA LEU Q 216 34.78 33.73 -56.62
C LEU Q 216 34.00 33.21 -57.83
N LEU Q 217 32.68 33.44 -57.88
CA LEU Q 217 31.98 33.22 -59.13
C LEU Q 217 32.12 34.42 -60.07
N ALA Q 218 31.60 35.58 -59.65
CA ALA Q 218 31.39 36.70 -60.56
C ALA Q 218 32.70 37.26 -61.09
N SER Q 219 33.64 37.60 -60.20
CA SER Q 219 34.87 38.26 -60.64
C SER Q 219 35.68 37.38 -61.57
N PHE Q 220 35.91 36.13 -61.15
CA PHE Q 220 36.71 35.21 -61.94
C PHE Q 220 36.03 34.90 -63.27
N ILE Q 221 34.73 34.55 -63.24
CA ILE Q 221 34.02 34.19 -64.47
C ILE Q 221 34.02 35.35 -65.45
N PHE Q 222 33.65 36.55 -64.97
CA PHE Q 222 33.57 37.70 -65.86
C PHE Q 222 34.93 38.04 -66.45
N LEU Q 223 35.95 38.20 -65.60
CA LEU Q 223 37.25 38.64 -66.09
C LEU Q 223 37.87 37.62 -67.04
N ASN Q 224 37.96 36.37 -66.59
CA ASN Q 224 38.68 35.36 -67.36
C ASN Q 224 37.90 34.95 -68.59
N MET Q 225 36.56 34.86 -68.49
CA MET Q 225 35.74 34.57 -69.66
C MET Q 225 35.86 35.65 -70.71
N PHE Q 226 35.82 36.93 -70.28
CA PHE Q 226 35.93 38.03 -71.23
C PHE Q 226 37.29 38.04 -71.91
N VAL Q 227 38.37 37.90 -71.14
CA VAL Q 227 39.70 37.94 -71.73
C VAL Q 227 39.88 36.77 -72.67
N GLY Q 228 39.42 35.58 -72.31
CA GLY Q 228 39.49 34.46 -73.24
C GLY Q 228 38.77 34.80 -74.53
N VAL Q 229 37.45 35.03 -74.45
CA VAL Q 229 36.61 35.21 -75.63
C VAL Q 229 37.24 36.22 -76.59
N MET Q 230 37.74 37.33 -76.04
CA MET Q 230 38.35 38.33 -76.90
C MET Q 230 39.64 37.77 -77.51
N ILE Q 231 40.45 37.04 -76.72
CA ILE Q 231 41.76 36.57 -77.18
C ILE Q 231 41.65 35.68 -78.41
N MET Q 232 40.88 34.60 -78.32
CA MET Q 232 40.76 33.76 -79.53
C MET Q 232 39.82 34.34 -80.59
N HIS Q 233 38.85 35.19 -80.24
CA HIS Q 233 38.10 35.80 -81.33
C HIS Q 233 39.02 36.66 -82.19
N THR Q 234 39.88 37.46 -81.56
CA THR Q 234 40.82 38.28 -82.31
C THR Q 234 41.92 37.44 -82.94
N GLU Q 235 42.33 36.35 -82.27
CA GLU Q 235 43.36 35.49 -82.86
C GLU Q 235 42.85 34.85 -84.16
N ASP Q 236 41.62 34.33 -84.15
CA ASP Q 236 41.06 33.74 -85.36
C ASP Q 236 40.74 34.79 -86.40
N SER Q 237 40.43 36.02 -85.99
CA SER Q 237 40.17 37.09 -86.96
C SER Q 237 41.45 37.59 -87.63
N MET Q 238 42.53 37.77 -86.86
CA MET Q 238 43.86 38.03 -87.44
C MET Q 238 44.38 36.88 -88.30
N LYS Q 239 44.13 35.63 -87.91
CA LYS Q 239 44.70 34.49 -88.63
C LYS Q 239 44.21 34.45 -90.07
N LYS Q 240 42.90 34.59 -90.28
CA LYS Q 240 42.34 34.53 -91.63
C LYS Q 240 42.84 35.68 -92.49
N PHE Q 241 42.94 36.88 -91.92
CA PHE Q 241 43.46 38.02 -92.66
C PHE Q 241 44.90 37.79 -93.08
N GLU Q 242 45.72 37.26 -92.17
CA GLU Q 242 47.13 37.02 -92.50
C GLU Q 242 47.28 35.94 -93.56
N ARG Q 243 46.48 34.86 -93.47
CA ARG Q 243 46.58 33.81 -94.48
C ARG Q 243 46.07 34.30 -95.84
N ASP Q 244 45.05 35.16 -95.83
CA ASP Q 244 44.58 35.74 -97.08
C ASP Q 244 45.62 36.65 -97.71
N LEU Q 245 46.33 37.44 -96.89
CA LEU Q 245 47.39 38.30 -97.42
C LEU Q 245 48.52 37.46 -98.01
N THR Q 246 48.91 36.37 -97.32
CA THR Q 246 49.96 35.51 -97.84
C THR Q 246 49.51 34.81 -99.12
N LEU Q 247 48.23 34.44 -99.20
CA LEU Q 247 47.69 33.83 -100.41
C LEU Q 247 47.71 34.81 -101.58
N GLU Q 248 47.36 36.07 -101.32
CA GLU Q 248 47.41 37.07 -102.38
C GLU Q 248 48.85 37.30 -102.85
N ARG Q 249 49.80 37.33 -101.91
CA ARG Q 249 51.21 37.46 -102.29
C ARG Q 249 51.68 36.26 -103.11
N ASN Q 250 51.25 35.05 -102.74
CA ASN Q 250 51.61 33.85 -103.50
C ASN Q 250 51.01 33.89 -104.90
N LEU Q 251 49.76 34.37 -105.03
CA LEU Q 251 49.16 34.49 -106.35
C LEU Q 251 49.90 35.51 -107.21
N ALA Q 252 50.32 36.63 -106.60
CA ALA Q 252 51.09 37.62 -107.34
C ALA Q 252 52.44 37.04 -107.80
N ILE Q 253 53.09 36.26 -106.92
CA ILE Q 253 54.36 35.63 -107.28
C ILE Q 253 54.16 34.64 -108.42
N MET Q 254 53.09 33.85 -108.37
CA MET Q 254 52.79 32.91 -109.44
C MET Q 254 52.52 33.62 -110.75
N GLU Q 255 51.80 34.74 -110.71
CA GLU Q 255 51.54 35.51 -111.92
C GLU Q 255 52.82 36.08 -112.49
N GLU Q 256 53.71 36.58 -111.63
CA GLU Q 256 55.00 37.11 -112.11
C GLU Q 256 55.83 36.01 -112.74
N LYS Q 257 55.87 34.82 -112.13
CA LYS Q 257 56.62 33.70 -112.69
C LYS Q 257 56.04 33.25 -114.03
N GLN Q 258 54.70 33.23 -114.14
CA GLN Q 258 54.07 32.88 -115.41
C GLN Q 258 54.36 33.90 -116.49
N ILE Q 259 54.38 35.19 -116.12
CA ILE Q 259 54.72 36.25 -117.08
C ILE Q 259 56.16 36.08 -117.54
N ILE Q 260 57.08 35.78 -116.62
CA ILE Q 260 58.47 35.57 -116.98
C ILE Q 260 58.62 34.36 -117.91
N LEU Q 261 57.90 33.28 -117.61
CA LEU Q 261 57.96 32.08 -118.45
C LEU Q 261 57.40 32.35 -119.85
N LYS Q 262 56.30 33.10 -119.93
CA LYS Q 262 55.74 33.45 -121.23
C LYS Q 262 56.68 34.34 -122.02
N ARG Q 263 57.35 35.29 -121.35
CA ARG Q 263 58.31 36.14 -122.04
C ARG Q 263 59.49 35.32 -122.56
N GLN Q 264 59.98 34.36 -121.75
CA GLN Q 264 61.06 33.50 -122.19
C GLN Q 264 60.64 32.64 -123.37
N GLN Q 265 59.42 32.10 -123.34
CA GLN Q 265 58.93 31.28 -124.44
C GLN Q 265 58.79 32.10 -125.72
N GLU Q 266 58.29 33.33 -125.59
CA GLU Q 266 58.17 34.21 -126.76
C GLU Q 266 59.54 34.56 -127.33
N GLU Q 267 60.51 34.82 -126.45
CA GLU Q 267 61.86 35.11 -126.92
C GLU Q 267 62.48 33.91 -127.63
N VAL Q 268 62.26 32.71 -127.08
CA VAL Q 268 62.78 31.49 -127.72
C VAL Q 268 62.13 31.28 -129.08
N ASN Q 269 60.82 31.47 -129.16
CA ASN Q 269 60.11 31.31 -130.43
C ASN Q 269 60.58 32.33 -131.47
N ARG Q 270 60.78 33.58 -131.04
CA ARG Q 270 61.27 34.61 -131.96
C ARG Q 270 62.69 34.30 -132.43
N LEU Q 271 63.55 33.81 -131.53
CA LEU Q 271 64.90 33.43 -131.91
C LEU Q 271 64.89 32.29 -132.92
N MET Q 272 64.04 31.28 -132.68
CA MET Q 272 63.93 30.16 -133.61
C MET Q 272 63.39 30.62 -134.96
N ASN Q 273 62.42 31.53 -134.97
CA ASN Q 273 61.88 32.04 -136.22
C ASN Q 273 62.93 32.83 -137.00
N THR Q 274 63.71 33.66 -136.29
CA THR Q 274 64.77 34.40 -136.97
C THR Q 274 65.85 33.47 -137.51
N GLN Q 275 66.19 32.42 -136.75
CA GLN Q 275 67.16 31.44 -137.24
C GLN Q 275 66.65 30.71 -138.47
N LYS Q 276 65.36 30.37 -138.48
CA LYS Q 276 64.78 29.69 -139.63
C LYS Q 276 64.73 30.60 -140.85
N SER Q 277 64.37 31.87 -140.65
CA SER Q 277 64.22 32.79 -141.77
C SER Q 277 65.53 33.41 -142.25
N GLY Q 278 66.60 33.31 -141.47
CA GLY Q 278 67.87 33.88 -141.85
C GLY Q 278 68.92 32.86 -142.20
N ASP R 1 7.49 3.68 -97.40
CA ASP R 1 7.63 3.51 -98.84
C ASP R 1 6.37 3.97 -99.58
N VAL R 2 5.40 3.07 -99.70
CA VAL R 2 4.11 3.44 -100.29
C VAL R 2 3.20 4.04 -99.22
N MET R 3 3.14 3.41 -98.04
CA MET R 3 2.19 3.74 -96.97
C MET R 3 0.76 3.77 -97.50
N GLU R 4 0.29 2.59 -97.92
CA GLU R 4 -1.10 2.46 -98.36
C GLU R 4 -2.07 2.78 -97.22
N LYS R 5 -1.78 2.31 -96.02
CA LYS R 5 -2.61 2.58 -94.86
C LYS R 5 -1.73 2.65 -93.62
N LYS R 6 -1.89 3.73 -92.85
CA LYS R 6 -1.13 3.91 -91.62
C LYS R 6 -1.65 3.01 -90.51
N ASP R 7 -0.83 2.84 -89.48
CA ASP R 7 -1.18 2.04 -88.32
C ASP R 7 -1.20 2.92 -87.07
N ALA R 8 -1.50 2.28 -85.93
CA ALA R 8 -1.67 3.01 -84.68
C ALA R 8 -0.38 3.66 -84.22
N TRP R 9 0.76 2.97 -84.37
CA TRP R 9 2.03 3.56 -83.96
C TRP R 9 2.46 4.68 -84.89
N ASP R 10 2.14 4.58 -86.19
CA ASP R 10 2.38 5.70 -87.09
C ASP R 10 1.52 6.89 -86.71
N VAL R 11 0.27 6.65 -86.31
CA VAL R 11 -0.61 7.72 -85.87
C VAL R 11 -0.05 8.38 -84.61
N GLN R 12 0.43 7.57 -83.67
CA GLN R 12 1.03 8.12 -82.44
C GLN R 12 2.30 8.91 -82.75
N GLU R 13 3.12 8.42 -83.67
CA GLU R 13 4.34 9.14 -84.05
C GLU R 13 3.99 10.46 -84.73
N PHE R 14 2.95 10.47 -85.57
CA PHE R 14 2.52 11.72 -86.20
C PHE R 14 1.96 12.70 -85.17
N ILE R 15 1.25 12.19 -84.16
CA ILE R 15 0.73 13.05 -83.09
C ILE R 15 1.88 13.67 -82.31
N THR R 16 2.89 12.86 -81.97
CA THR R 16 4.05 13.39 -81.27
C THR R 16 4.84 14.37 -82.15
N GLN R 17 4.88 14.12 -83.46
CA GLN R 17 5.51 15.05 -84.39
C GLN R 17 4.79 16.39 -84.39
N MET R 18 3.45 16.37 -84.37
CA MET R 18 2.68 17.61 -84.28
C MET R 18 2.96 18.33 -82.96
N TYR R 19 3.02 17.55 -81.87
CA TYR R 19 3.22 18.13 -80.54
C TYR R 19 4.62 18.73 -80.38
N ILE R 20 5.62 18.16 -81.07
CA ILE R 20 6.95 18.76 -81.02
C ILE R 20 7.12 19.83 -82.09
N LYS R 21 6.27 19.84 -83.12
CA LYS R 21 6.29 20.93 -84.08
C LYS R 21 5.76 22.22 -83.45
N GLN R 22 4.72 22.11 -82.64
CA GLN R 22 4.23 23.26 -81.89
C GLN R 22 4.92 23.36 -80.53
N LEU R 23 5.14 24.61 -80.09
CA LEU R 23 5.64 24.97 -78.76
C LEU R 23 7.12 24.62 -78.58
N LEU R 24 7.70 23.92 -79.56
CA LEU R 24 9.12 23.59 -79.53
C LEU R 24 9.86 24.06 -80.77
N ARG R 25 9.19 24.14 -81.92
CA ARG R 25 9.77 24.68 -83.14
C ARG R 25 9.14 25.97 -83.60
N HIS R 26 7.88 26.21 -83.24
CA HIS R 26 7.20 27.44 -83.62
C HIS R 26 7.76 28.61 -82.82
N PRO R 27 8.28 29.66 -83.47
CA PRO R 27 8.84 30.79 -82.71
C PRO R 27 7.79 31.63 -81.99
N ALA R 28 6.52 31.55 -82.41
CA ALA R 28 5.50 32.44 -81.84
C ALA R 28 5.22 32.12 -80.37
N PHE R 29 5.11 30.84 -80.03
CA PHE R 29 4.82 30.46 -78.65
C PHE R 29 6.00 30.79 -77.73
N GLN R 30 7.22 30.55 -78.20
CA GLN R 30 8.40 30.91 -77.42
C GLN R 30 8.51 32.42 -77.26
N LEU R 31 8.14 33.17 -78.30
CA LEU R 31 8.15 34.63 -78.20
C LEU R 31 7.11 35.12 -77.20
N LEU R 32 5.92 34.49 -77.18
CA LEU R 32 4.90 34.86 -76.21
C LEU R 32 5.34 34.54 -74.79
N LEU R 33 5.97 33.38 -74.59
CA LEU R 33 6.49 33.03 -73.26
C LEU R 33 7.58 34.00 -72.83
N ALA R 34 8.47 34.37 -73.74
CA ALA R 34 9.52 35.33 -73.42
C ALA R 34 8.94 36.70 -73.13
N PHE R 35 7.89 37.10 -73.84
CA PHE R 35 7.24 38.38 -73.57
C PHE R 35 6.59 38.41 -72.19
N LEU R 36 5.90 37.32 -71.82
CA LEU R 36 5.32 37.23 -70.49
C LEU R 36 6.39 37.24 -69.41
N LEU R 37 7.51 36.54 -69.65
CA LEU R 37 8.60 36.52 -68.68
C LEU R 37 9.26 37.88 -68.55
N LEU R 38 9.41 38.60 -69.66
CA LEU R 38 9.96 39.95 -69.60
C LEU R 38 9.00 40.91 -68.90
N SER R 39 7.70 40.75 -69.09
CA SER R 39 6.73 41.59 -68.38
C SER R 39 6.78 41.34 -66.88
N ASN R 40 6.82 40.07 -66.46
CA ASN R 40 6.92 39.84 -65.02
C ASN R 40 8.30 40.18 -64.48
N ALA R 41 9.35 40.18 -65.32
CA ALA R 41 10.64 40.70 -64.89
C ALA R 41 10.60 42.20 -64.71
N ILE R 42 9.82 42.90 -65.54
CA ILE R 42 9.60 44.33 -65.34
C ILE R 42 8.90 44.56 -64.01
N THR R 43 7.91 43.72 -63.69
CA THR R 43 7.27 43.82 -62.37
C THR R 43 8.24 43.46 -61.25
N ILE R 44 9.20 42.56 -61.51
CA ILE R 44 10.24 42.26 -60.53
C ILE R 44 11.08 43.50 -60.25
N ALA R 45 11.51 44.17 -61.31
CA ALA R 45 12.29 45.40 -61.17
C ALA R 45 11.48 46.54 -60.57
N LEU R 46 10.16 46.50 -60.70
CA LEU R 46 9.28 47.50 -60.12
C LEU R 46 9.07 47.29 -58.62
N ARG R 47 9.60 46.22 -58.05
CA ARG R 47 9.48 45.95 -56.64
C ARG R 47 10.51 46.77 -55.86
N THR R 48 10.73 46.42 -54.58
CA THR R 48 11.54 47.18 -53.63
C THR R 48 10.99 48.60 -53.45
N ASN R 49 9.68 48.77 -53.60
CA ASN R 49 9.05 50.08 -53.38
C ASN R 49 7.57 49.84 -53.07
N SER R 50 7.20 50.05 -51.81
CA SER R 50 5.81 49.93 -51.40
C SER R 50 4.90 50.96 -52.06
N TYR R 51 5.47 52.07 -52.54
CA TYR R 51 4.66 53.09 -53.19
C TYR R 51 4.05 52.57 -54.49
N LEU R 52 4.79 51.80 -55.27
CA LEU R 52 4.19 51.02 -56.35
C LEU R 52 3.46 49.78 -55.84
N GLY R 53 3.97 49.15 -54.77
CA GLY R 53 3.38 47.90 -54.31
C GLY R 53 1.95 48.01 -53.80
N GLN R 54 1.56 49.17 -53.26
CA GLN R 54 0.26 49.31 -52.61
C GLN R 54 -0.91 49.26 -53.58
N LYS R 55 -0.66 49.42 -54.88
CA LYS R 55 -1.68 49.24 -55.91
C LYS R 55 -1.29 48.15 -56.90
N HIS R 56 -0.24 47.39 -56.60
CA HIS R 56 0.25 46.34 -57.49
C HIS R 56 0.32 44.97 -56.83
N TYR R 57 0.10 44.87 -55.52
CA TYR R 57 0.28 43.58 -54.82
C TYR R 57 -0.73 42.54 -55.30
N GLU R 58 -1.98 42.94 -55.55
CA GLU R 58 -2.97 41.99 -56.03
C GLU R 58 -2.68 41.60 -57.48
N LEU R 59 -2.25 42.56 -58.30
CA LEU R 59 -1.83 42.23 -59.66
C LEU R 59 -0.57 41.39 -59.66
N PHE R 60 0.32 41.63 -58.70
CA PHE R 60 1.50 40.78 -58.55
C PHE R 60 1.10 39.36 -58.21
N SER R 61 0.11 39.19 -57.32
CA SER R 61 -0.37 37.86 -56.99
C SER R 61 -0.99 37.17 -58.20
N THR R 62 -1.78 37.91 -58.98
CA THR R 62 -2.41 37.33 -60.16
C THR R 62 -1.37 36.91 -61.20
N ILE R 63 -0.37 37.75 -61.45
CA ILE R 63 0.64 37.38 -62.44
C ILE R 63 1.54 36.26 -61.91
N ASP R 64 1.73 36.17 -60.59
CA ASP R 64 2.41 35.02 -60.01
C ASP R 64 1.65 33.74 -60.30
N ASP R 65 0.33 33.77 -60.08
CA ASP R 65 -0.50 32.59 -60.38
C ASP R 65 -0.46 32.24 -61.85
N ILE R 66 -0.47 33.26 -62.72
CA ILE R 66 -0.49 33.01 -64.16
C ILE R 66 0.83 32.38 -64.61
N VAL R 67 1.95 32.93 -64.15
CA VAL R 67 3.24 32.37 -64.55
C VAL R 67 3.43 30.97 -63.95
N LEU R 68 2.94 30.75 -62.73
CA LEU R 68 3.05 29.41 -62.14
C LEU R 68 2.22 28.39 -62.91
N THR R 69 1.01 28.76 -63.31
CA THR R 69 0.16 27.80 -64.01
C THR R 69 0.66 27.55 -65.44
N ILE R 70 1.22 28.57 -66.10
CA ILE R 70 1.77 28.29 -67.44
C ILE R 70 3.05 27.48 -67.34
N LEU R 71 3.85 27.68 -66.27
CA LEU R 71 5.04 26.86 -66.09
C LEU R 71 4.68 25.40 -65.82
N ILE R 72 3.69 25.15 -64.96
CA ILE R 72 3.32 23.76 -64.71
C ILE R 72 2.61 23.15 -65.92
N CYS R 73 1.92 23.97 -66.72
CA CYS R 73 1.36 23.46 -67.98
C CYS R 73 2.46 23.05 -68.95
N GLU R 74 3.52 23.85 -69.05
CA GLU R 74 4.65 23.49 -69.90
C GLU R 74 5.34 22.22 -69.39
N VAL R 75 5.46 22.09 -68.07
CA VAL R 75 6.06 20.90 -67.49
C VAL R 75 5.21 19.66 -67.77
N LEU R 76 3.89 19.80 -67.68
CA LEU R 76 3.00 18.69 -67.99
C LEU R 76 3.08 18.32 -69.47
N LEU R 77 3.19 19.32 -70.35
CA LEU R 77 3.33 19.05 -71.78
C LEU R 77 4.65 18.32 -72.07
N GLY R 78 5.72 18.69 -71.38
CA GLY R 78 6.97 17.95 -71.51
C GLY R 78 6.87 16.55 -70.97
N TRP R 79 6.15 16.37 -69.85
CA TRP R 79 5.90 15.06 -69.27
C TRP R 79 5.07 14.17 -70.19
N LEU R 80 4.23 14.77 -71.03
CA LEU R 80 3.35 14.00 -71.91
C LEU R 80 4.14 13.13 -72.88
N ASN R 81 5.27 13.64 -73.39
CA ASN R 81 6.10 12.85 -74.29
C ASN R 81 6.77 11.68 -73.59
N GLY R 82 6.90 11.73 -72.27
CA GLY R 82 7.51 10.64 -71.53
C GLY R 82 8.25 11.09 -70.29
N PHE R 83 8.05 10.39 -69.18
CA PHE R 83 8.73 10.75 -67.94
C PHE R 83 10.20 10.35 -67.98
N TRP R 84 10.53 9.26 -68.66
CA TRP R 84 11.92 8.79 -68.66
C TRP R 84 12.85 9.77 -69.38
N ILE R 85 12.43 10.28 -70.54
CA ILE R 85 13.27 11.22 -71.28
C ILE R 85 13.38 12.55 -70.55
N PHE R 86 12.29 13.00 -69.92
CA PHE R 86 12.34 14.26 -69.17
C PHE R 86 13.21 14.11 -67.92
N TRP R 87 13.18 12.94 -67.29
CA TRP R 87 14.01 12.70 -66.11
C TRP R 87 15.47 12.53 -66.48
N LYS R 88 15.76 11.98 -67.65
CA LYS R 88 17.14 11.84 -68.13
C LYS R 88 17.47 12.98 -69.08
N ASP R 89 17.68 14.15 -68.49
CA ASP R 89 18.02 15.35 -69.25
C ASP R 89 18.89 16.25 -68.37
N GLY R 90 19.63 17.16 -69.02
CA GLY R 90 20.55 18.00 -68.29
C GLY R 90 19.94 19.26 -67.74
N TRP R 91 18.90 19.79 -68.39
CA TRP R 91 18.29 21.05 -67.99
C TRP R 91 16.82 20.93 -67.61
N ASN R 92 16.11 19.94 -68.16
CA ASN R 92 14.73 19.68 -67.74
C ASN R 92 14.67 19.29 -66.26
N ILE R 93 15.71 18.65 -65.73
CA ILE R 93 15.79 18.38 -64.30
C ILE R 93 15.78 19.69 -63.52
N LEU R 94 16.59 20.66 -63.96
CA LEU R 94 16.63 21.96 -63.30
C LEU R 94 15.30 22.69 -63.37
N ASN R 95 14.67 22.67 -64.55
CA ASN R 95 13.37 23.32 -64.70
C ASN R 95 12.30 22.64 -63.84
N PHE R 96 12.31 21.30 -63.78
CA PHE R 96 11.36 20.58 -62.94
C PHE R 96 11.58 20.87 -61.47
N ALA R 97 12.84 20.96 -61.04
CA ALA R 97 13.12 21.32 -59.65
C ALA R 97 12.66 22.73 -59.35
N ILE R 98 12.85 23.66 -60.30
CA ILE R 98 12.42 25.04 -60.11
C ILE R 98 10.91 25.11 -59.93
N VAL R 99 10.16 24.47 -60.83
CA VAL R 99 8.71 24.54 -60.74
C VAL R 99 8.19 23.76 -59.54
N PHE R 100 8.88 22.69 -59.13
CA PHE R 100 8.45 21.93 -57.96
C PHE R 100 8.61 22.76 -56.69
N ILE R 101 9.77 23.42 -56.54
CA ILE R 101 9.99 24.27 -55.38
C ILE R 101 9.00 25.42 -55.36
N LEU R 102 8.77 26.06 -56.52
CA LEU R 102 7.85 27.19 -56.57
C LEU R 102 6.42 26.76 -56.24
N PHE R 103 5.97 25.64 -56.81
CA PHE R 103 4.62 25.16 -56.54
C PHE R 103 4.43 24.70 -55.10
N MET R 104 5.43 24.05 -54.51
CA MET R 104 5.31 23.63 -53.12
C MET R 104 5.30 24.84 -52.19
N GLY R 105 6.13 25.85 -52.47
CA GLY R 105 6.11 27.05 -51.66
C GLY R 105 4.86 27.88 -51.85
N PHE R 106 4.21 27.76 -53.00
CA PHE R 106 2.96 28.46 -53.24
C PHE R 106 1.79 27.77 -52.54
N PHE R 107 1.55 26.49 -52.86
CA PHE R 107 0.39 25.80 -52.32
C PHE R 107 0.55 25.48 -50.84
N ILE R 108 1.70 24.94 -50.45
CA ILE R 108 1.95 24.57 -49.06
C ILE R 108 2.61 25.75 -48.36
N LYS R 109 2.32 25.90 -47.07
CA LYS R 109 2.96 26.94 -46.27
C LYS R 109 4.45 26.69 -46.18
N GLN R 110 5.23 27.73 -46.42
CA GLN R 110 6.69 27.61 -46.43
C GLN R 110 7.31 28.94 -46.01
N LEU R 111 8.47 28.84 -45.38
CA LEU R 111 9.30 30.00 -45.07
C LEU R 111 10.19 30.40 -46.24
N ASP R 112 9.87 29.93 -47.45
CA ASP R 112 10.69 30.23 -48.62
C ASP R 112 10.64 31.71 -48.99
N MET R 113 9.44 32.31 -48.95
CA MET R 113 9.14 33.73 -49.11
C MET R 113 9.89 34.38 -50.27
N VAL R 114 10.09 35.70 -50.22
CA VAL R 114 10.51 36.47 -51.40
C VAL R 114 11.87 36.01 -51.91
N ALA R 115 12.78 35.61 -51.01
CA ALA R 115 14.13 35.19 -51.36
C ALA R 115 14.17 33.86 -52.11
N ILE R 116 13.04 33.16 -52.21
CA ILE R 116 12.94 31.99 -53.06
C ILE R 116 12.03 32.26 -54.24
N THR R 117 10.94 32.99 -54.04
CA THR R 117 10.00 33.25 -55.13
C THR R 117 10.66 34.06 -56.25
N TYR R 118 11.44 35.08 -55.90
CA TYR R 118 12.03 35.94 -56.94
C TYR R 118 13.25 35.32 -57.63
N PRO R 119 14.26 34.80 -56.90
CA PRO R 119 15.40 34.18 -57.61
C PRO R 119 15.02 32.98 -58.45
N LEU R 120 14.00 32.22 -58.06
CA LEU R 120 13.55 31.11 -58.90
C LEU R 120 12.95 31.62 -60.20
N ARG R 121 12.21 32.74 -60.13
CA ARG R 121 11.68 33.36 -61.35
C ARG R 121 12.80 33.83 -62.26
N VAL R 122 13.83 34.47 -61.71
CA VAL R 122 14.89 34.93 -62.60
C VAL R 122 15.78 33.78 -63.09
N LEU R 123 15.84 32.67 -62.34
CA LEU R 123 16.49 31.47 -62.85
C LEU R 123 15.72 30.89 -64.03
N ARG R 124 14.40 30.88 -63.94
CA ARG R 124 13.58 30.48 -65.09
C ARG R 124 13.76 31.44 -66.26
N LEU R 125 13.93 32.73 -65.97
CA LEU R 125 14.22 33.71 -67.01
C LEU R 125 15.53 33.38 -67.72
N VAL R 126 16.56 33.04 -66.95
CA VAL R 126 17.85 32.67 -67.54
C VAL R 126 17.72 31.40 -68.37
N HIS R 127 16.97 30.41 -67.86
CA HIS R 127 16.78 29.16 -68.59
C HIS R 127 16.06 29.38 -69.91
N VAL R 128 15.04 30.25 -69.92
CA VAL R 128 14.30 30.52 -71.14
C VAL R 128 15.15 31.32 -72.12
N CYS R 129 15.86 32.34 -71.64
CA CYS R 129 16.72 33.13 -72.51
C CYS R 129 17.92 32.34 -73.02
N MET R 130 18.26 31.21 -72.41
CA MET R 130 19.28 30.34 -72.97
C MET R 130 18.80 29.69 -74.27
N ALA R 131 17.48 29.49 -74.40
CA ALA R 131 16.94 28.74 -75.53
C ALA R 131 17.17 29.46 -76.85
N VAL R 132 17.03 30.79 -76.87
CA VAL R 132 17.29 31.54 -78.09
C VAL R 132 18.78 31.49 -78.41
N GLU R 133 19.10 31.47 -79.70
CA GLU R 133 20.44 31.04 -80.12
C GLU R 133 21.60 31.92 -79.64
N PRO R 134 21.57 33.29 -79.73
CA PRO R 134 22.85 34.00 -79.52
C PRO R 134 23.18 34.24 -78.06
N LEU R 135 22.90 33.24 -77.22
CA LEU R 135 23.54 33.10 -75.91
C LEU R 135 23.78 31.65 -75.56
N ALA R 136 23.30 30.70 -76.37
CA ALA R 136 23.38 29.29 -76.02
C ALA R 136 24.79 28.75 -76.20
N ARG R 137 25.49 29.19 -77.24
CA ARG R 137 26.87 28.77 -77.44
C ARG R 137 27.76 29.25 -76.30
N ILE R 138 27.58 30.50 -75.88
CA ILE R 138 28.40 31.05 -74.80
C ILE R 138 28.07 30.38 -73.47
N ILE R 139 26.80 30.06 -73.23
CA ILE R 139 26.40 29.38 -71.99
C ILE R 139 26.92 27.95 -72.00
N LYS R 140 26.89 27.28 -73.16
CA LYS R 140 27.27 25.87 -73.24
C LYS R 140 28.73 25.65 -72.85
N VAL R 141 29.58 26.64 -73.07
CA VAL R 141 31.01 26.44 -72.83
C VAL R 141 31.43 26.93 -71.46
N ILE R 142 30.58 27.70 -70.77
CA ILE R 142 30.83 28.00 -69.37
C ILE R 142 30.71 26.73 -68.54
N LEU R 143 29.70 25.92 -68.82
CA LEU R 143 29.55 24.63 -68.15
C LEU R 143 30.58 23.61 -68.64
N GLN R 144 31.09 23.76 -69.86
CA GLN R 144 32.18 22.90 -70.32
C GLN R 144 33.50 23.27 -69.66
N SER R 145 33.64 24.52 -69.19
CA SER R 145 34.88 24.95 -68.57
C SER R 145 34.97 24.60 -67.10
N MET R 146 33.86 24.30 -66.43
CA MET R 146 33.90 24.05 -65.00
C MET R 146 34.56 22.73 -64.62
N PRO R 147 34.48 21.62 -65.41
CA PRO R 147 35.27 20.44 -65.02
C PRO R 147 36.77 20.69 -65.04
N ASP R 148 37.26 21.48 -65.99
CA ASP R 148 38.67 21.82 -66.04
C ASP R 148 39.02 22.92 -65.04
N LEU R 149 38.03 23.69 -64.60
CA LEU R 149 38.28 24.67 -63.55
C LEU R 149 38.33 24.03 -62.16
N ALA R 150 37.58 22.93 -61.95
CA ALA R 150 37.48 22.34 -60.63
C ALA R 150 38.83 21.84 -60.12
N ASN R 151 39.66 21.28 -61.01
CA ASN R 151 40.99 20.85 -60.61
C ASN R 151 41.86 22.04 -60.20
N VAL R 152 41.71 23.18 -60.89
CA VAL R 152 42.44 24.38 -60.53
C VAL R 152 42.01 24.88 -59.16
N MET R 153 40.70 24.89 -58.89
CA MET R 153 40.22 25.22 -57.54
C MET R 153 40.77 24.27 -56.48
N ALA R 154 40.80 22.97 -56.77
CA ALA R 154 41.30 22.01 -55.80
C ALA R 154 42.78 22.23 -55.50
N LEU R 155 43.59 22.44 -56.54
CA LEU R 155 45.01 22.71 -56.35
C LEU R 155 45.23 24.02 -55.60
N ILE R 156 44.45 25.05 -55.93
CA ILE R 156 44.57 26.34 -55.27
C ILE R 156 44.25 26.22 -53.79
N LEU R 157 43.17 25.50 -53.44
CA LEU R 157 42.81 25.37 -52.03
C LEU R 157 43.79 24.50 -51.28
N PHE R 158 44.35 23.47 -51.93
CA PHE R 158 45.36 22.64 -51.26
C PHE R 158 46.63 23.43 -50.98
N PHE R 159 47.11 24.19 -51.97
CA PHE R 159 48.26 25.06 -51.72
C PHE R 159 47.94 26.13 -50.68
N MET R 160 46.70 26.62 -50.69
CA MET R 160 46.25 27.61 -49.71
C MET R 160 46.32 27.05 -48.29
N LEU R 161 45.89 25.81 -48.11
CA LEU R 161 45.98 25.18 -46.79
C LEU R 161 47.43 24.93 -46.38
N VAL R 162 48.23 24.35 -47.27
CA VAL R 162 49.60 23.99 -46.89
C VAL R 162 50.48 25.22 -46.71
N PHE R 163 50.08 26.38 -47.25
CA PHE R 163 50.75 27.63 -46.90
C PHE R 163 50.09 28.36 -45.74
N SER R 164 48.84 28.03 -45.42
CA SER R 164 48.22 28.54 -44.21
C SER R 164 48.78 27.89 -42.96
N VAL R 165 49.29 26.66 -43.08
CA VAL R 165 50.04 26.08 -41.98
C VAL R 165 51.24 26.95 -41.63
N PHE R 166 51.89 27.50 -42.66
CA PHE R 166 52.89 28.54 -42.44
C PHE R 166 52.24 29.83 -41.92
N GLY R 167 51.04 30.15 -42.40
CA GLY R 167 50.33 31.32 -41.96
C GLY R 167 49.93 31.27 -40.50
N VAL R 168 49.30 30.17 -40.07
CA VAL R 168 48.79 30.08 -38.71
C VAL R 168 49.88 30.01 -37.65
N THR R 169 51.14 29.81 -38.05
CA THR R 169 52.24 29.86 -37.10
C THR R 169 52.45 31.27 -36.57
N LEU R 170 52.39 32.28 -37.44
CA LEU R 170 52.52 33.67 -37.04
C LEU R 170 51.15 34.31 -36.79
N PHE R 171 50.12 33.48 -36.65
CA PHE R 171 48.76 33.93 -36.41
C PHE R 171 48.34 33.49 -35.01
N GLY R 172 47.21 34.04 -34.56
CA GLY R 172 46.60 33.57 -33.32
C GLY R 172 47.11 34.26 -32.07
N ALA R 173 46.20 34.92 -31.34
CA ALA R 173 46.41 35.60 -30.07
C ALA R 173 47.31 36.83 -30.17
N PHE R 174 47.89 37.10 -31.34
CA PHE R 174 48.59 38.34 -31.61
C PHE R 174 48.25 38.75 -33.04
N VAL R 175 48.27 40.06 -33.27
CA VAL R 175 47.62 40.77 -34.39
C VAL R 175 46.30 40.05 -34.71
N PRO R 176 45.33 40.07 -33.78
CA PRO R 176 44.14 39.24 -33.91
C PRO R 176 43.00 39.91 -34.68
N LYS R 177 41.83 39.25 -34.65
CA LYS R 177 40.52 39.65 -35.18
C LYS R 177 40.45 39.51 -36.69
N HIS R 178 41.57 39.24 -37.37
CA HIS R 178 41.56 38.79 -38.76
C HIS R 178 42.53 37.66 -39.01
N PHE R 179 43.43 37.37 -38.08
CA PHE R 179 44.39 36.28 -38.19
C PHE R 179 44.06 35.10 -37.28
N GLN R 180 43.04 35.23 -36.43
CA GLN R 180 42.67 34.18 -35.49
C GLN R 180 41.46 33.42 -36.03
N ASN R 181 40.92 32.51 -35.22
CA ASN R 181 39.70 31.71 -35.39
C ASN R 181 39.90 30.59 -36.43
N MET R 182 40.98 30.61 -37.20
CA MET R 182 41.37 29.56 -38.15
C MET R 182 40.36 29.34 -39.28
N GLY R 183 39.28 30.11 -39.32
CA GLY R 183 38.48 30.22 -40.53
C GLY R 183 38.46 31.64 -41.02
N VAL R 184 38.46 32.59 -40.08
CA VAL R 184 38.61 33.99 -40.43
C VAL R 184 40.03 34.23 -40.95
N ALA R 185 41.02 33.54 -40.39
CA ALA R 185 42.38 33.65 -40.93
C ALA R 185 42.46 33.15 -42.37
N LEU R 186 41.83 32.00 -42.64
CA LEU R 186 41.83 31.46 -44.00
C LEU R 186 41.13 32.40 -44.97
N TYR R 187 39.96 32.93 -44.58
CA TYR R 187 39.24 33.79 -45.51
C TYR R 187 39.89 35.16 -45.63
N THR R 188 40.61 35.63 -44.61
CA THR R 188 41.35 36.88 -44.73
C THR R 188 42.57 36.71 -45.63
N LEU R 189 43.24 35.56 -45.56
CA LEU R 189 44.30 35.27 -46.51
C LEU R 189 43.73 35.15 -47.92
N PHE R 190 42.53 34.61 -48.05
CA PHE R 190 41.85 34.59 -49.35
C PHE R 190 41.57 36.01 -49.86
N ILE R 191 41.17 36.91 -48.94
CA ILE R 191 40.95 38.31 -49.31
C ILE R 191 42.25 38.92 -49.81
N CYS R 192 43.35 38.70 -49.07
CA CYS R 192 44.63 39.27 -49.46
C CYS R 192 45.15 38.65 -50.75
N ILE R 193 44.78 37.40 -51.04
CA ILE R 193 45.12 36.79 -52.32
C ILE R 193 44.30 37.41 -53.45
N THR R 194 43.01 37.70 -53.20
CA THR R 194 42.22 38.46 -54.17
C THR R 194 42.73 39.88 -54.33
N GLN R 195 43.57 40.36 -53.41
CA GLN R 195 44.51 41.45 -53.64
C GLN R 195 43.85 42.80 -53.94
N ASP R 196 43.09 43.33 -52.98
CA ASP R 196 42.61 44.70 -53.08
C ASP R 196 42.44 45.28 -51.69
N GLY R 197 43.14 46.38 -51.42
CA GLY R 197 43.00 47.08 -50.15
C GLY R 197 43.44 46.29 -48.94
N TRP R 198 44.61 45.66 -49.00
CA TRP R 198 45.15 44.93 -47.85
C TRP R 198 46.07 45.79 -47.00
N LEU R 199 46.16 47.09 -47.28
CA LEU R 199 46.96 47.96 -46.42
C LEU R 199 46.29 48.22 -45.07
N ASP R 200 44.99 47.93 -44.94
CA ASP R 200 44.42 47.84 -43.61
C ASP R 200 45.09 46.73 -42.80
N ILE R 201 45.31 45.57 -43.43
CA ILE R 201 46.05 44.50 -42.76
C ILE R 201 47.51 44.90 -42.56
N TYR R 202 48.08 45.63 -43.52
CA TYR R 202 49.47 46.07 -43.40
C TYR R 202 49.67 46.97 -42.20
N THR R 203 48.76 47.93 -42.00
CA THR R 203 48.76 48.74 -40.79
C THR R 203 48.35 47.94 -39.55
N ASP R 204 47.61 46.85 -39.73
CA ASP R 204 47.23 46.02 -38.59
C ASP R 204 48.43 45.29 -38.00
N PHE R 205 49.25 44.68 -38.85
CA PHE R 205 50.47 44.05 -38.36
C PHE R 205 51.68 44.98 -38.38
N GLN R 206 51.46 46.27 -38.67
CA GLN R 206 52.53 47.26 -38.59
C GLN R 206 52.91 47.54 -37.13
N MET R 207 54.09 48.14 -36.95
CA MET R 207 54.64 48.53 -35.65
C MET R 207 54.75 47.34 -34.69
N ASP R 208 55.61 46.38 -35.05
CA ASP R 208 55.99 45.35 -34.10
C ASP R 208 57.18 45.80 -33.26
N GLU R 209 58.23 46.31 -33.91
CA GLU R 209 59.39 46.89 -33.23
C GLU R 209 59.75 48.25 -33.82
N ARG R 210 59.10 48.65 -34.92
CA ARG R 210 59.21 49.88 -35.70
C ARG R 210 60.45 49.87 -36.61
N GLU R 211 61.38 48.92 -36.46
CA GLU R 211 62.53 48.88 -37.36
C GLU R 211 62.51 47.62 -38.24
N TYR R 212 62.71 46.42 -37.67
CA TYR R 212 62.60 45.19 -38.45
C TYR R 212 61.61 44.20 -37.84
N ALA R 213 61.84 43.77 -36.60
CA ALA R 213 61.11 42.69 -35.92
C ALA R 213 60.82 41.50 -36.82
N MET R 214 59.65 40.89 -36.65
CA MET R 214 59.05 40.02 -37.65
C MET R 214 58.26 40.80 -38.70
N GLU R 215 58.15 42.12 -38.52
CA GLU R 215 57.51 42.98 -39.51
C GLU R 215 58.22 42.91 -40.85
N VAL R 216 59.51 42.57 -40.86
CA VAL R 216 60.18 42.26 -42.12
C VAL R 216 59.84 40.86 -42.60
N GLY R 217 60.13 39.85 -41.77
CA GLY R 217 60.08 38.46 -42.16
C GLY R 217 58.70 37.95 -42.55
N GLY R 218 57.73 38.04 -41.62
CA GLY R 218 56.40 37.54 -41.93
C GLY R 218 55.75 38.29 -43.05
N ALA R 219 55.96 39.62 -43.10
CA ALA R 219 55.35 40.42 -44.15
C ALA R 219 55.91 40.06 -45.52
N ILE R 220 57.24 39.87 -45.64
CA ILE R 220 57.77 39.51 -46.94
C ILE R 220 57.38 38.09 -47.32
N TYR R 221 57.33 37.17 -46.34
CA TYR R 221 56.91 35.80 -46.63
C TYR R 221 55.49 35.78 -47.20
N PHE R 222 54.56 36.40 -46.48
CA PHE R 222 53.18 36.42 -46.94
C PHE R 222 52.98 37.28 -48.17
N ALA R 223 53.81 38.31 -48.39
CA ALA R 223 53.67 39.13 -49.58
C ALA R 223 54.10 38.38 -50.83
N VAL R 224 55.25 37.68 -50.77
CA VAL R 224 55.66 36.90 -51.93
C VAL R 224 54.72 35.73 -52.15
N PHE R 225 54.20 35.12 -51.07
CA PHE R 225 53.21 34.06 -51.25
C PHE R 225 51.93 34.60 -51.89
N ILE R 226 51.49 35.78 -51.46
CA ILE R 226 50.27 36.39 -52.00
C ILE R 226 50.44 36.69 -53.49
N THR R 227 51.58 37.29 -53.85
CA THR R 227 51.77 37.67 -55.24
C THR R 227 51.94 36.43 -56.13
N LEU R 228 52.63 35.39 -55.65
CA LEU R 228 52.79 34.17 -56.43
C LEU R 228 51.47 33.45 -56.60
N GLY R 229 50.69 33.33 -55.51
CA GLY R 229 49.41 32.67 -55.58
C GLY R 229 48.41 33.40 -56.46
N ALA R 230 48.39 34.74 -56.37
CA ALA R 230 47.48 35.52 -57.19
C ALA R 230 47.83 35.40 -58.67
N PHE R 231 49.11 35.51 -59.01
CA PHE R 231 49.53 35.38 -60.39
C PHE R 231 49.21 33.99 -60.94
N ILE R 232 49.53 32.96 -60.15
CA ILE R 232 49.30 31.58 -60.59
C ILE R 232 47.81 31.31 -60.76
N GLY R 233 47.00 31.79 -59.81
CA GLY R 233 45.56 31.58 -59.91
C GLY R 233 44.94 32.26 -61.11
N LEU R 234 45.29 33.54 -61.33
CA LEU R 234 44.74 34.25 -62.48
C LEU R 234 45.18 33.61 -63.79
N ASN R 235 46.45 33.21 -63.87
CA ASN R 235 46.97 32.55 -65.06
C ASN R 235 46.26 31.23 -65.32
N LEU R 236 46.06 30.43 -64.26
CA LEU R 236 45.36 29.16 -64.42
C LEU R 236 43.91 29.35 -64.82
N PHE R 237 43.26 30.39 -64.31
CA PHE R 237 41.88 30.67 -64.70
C PHE R 237 41.79 30.99 -66.18
N VAL R 238 42.63 31.93 -66.65
CA VAL R 238 42.57 32.30 -68.07
C VAL R 238 43.06 31.14 -68.94
N VAL R 239 43.92 30.28 -68.42
CA VAL R 239 44.40 29.11 -69.16
C VAL R 239 43.28 28.09 -69.34
N VAL R 240 42.51 27.82 -68.29
CA VAL R 240 41.40 26.88 -68.42
C VAL R 240 40.35 27.46 -69.36
N VAL R 241 40.13 28.78 -69.29
CA VAL R 241 39.19 29.44 -70.19
C VAL R 241 39.65 29.29 -71.64
N THR R 242 40.94 29.53 -71.90
CA THR R 242 41.42 29.45 -73.28
C THR R 242 41.44 28.00 -73.78
N THR R 243 41.68 27.03 -72.88
CA THR R 243 41.60 25.62 -73.28
C THR R 243 40.20 25.23 -73.68
N ASN R 244 39.21 25.51 -72.83
CA ASN R 244 37.85 25.10 -73.14
C ASN R 244 37.24 25.87 -74.30
N LEU R 245 37.63 27.12 -74.49
CA LEU R 245 37.07 27.75 -75.68
C LEU R 245 37.77 27.21 -76.94
N GLU R 246 39.11 26.99 -76.93
CA GLU R 246 39.75 26.25 -78.04
C GLU R 246 39.03 24.93 -78.34
N GLN R 247 38.53 24.28 -77.30
CA GLN R 247 37.60 23.18 -77.49
C GLN R 247 36.31 23.60 -78.21
N MET R 248 35.73 24.77 -77.90
CA MET R 248 34.43 25.08 -78.51
C MET R 248 34.57 25.52 -79.98
N MET R 249 35.68 26.20 -80.34
CA MET R 249 36.05 26.41 -81.75
C MET R 249 36.74 25.23 -82.42
N LYS R 250 37.00 24.14 -81.70
CA LYS R 250 37.40 22.93 -82.41
C LYS R 250 36.20 22.00 -82.66
N VAL S 1 2.76 78.24 4.43
CA VAL S 1 1.41 78.31 4.95
C VAL S 1 1.38 78.10 6.45
N ILE S 2 1.31 79.19 7.19
CA ILE S 2 1.30 79.15 8.65
C ILE S 2 -0.15 79.31 9.11
N HIS S 3 -0.68 78.26 9.74
CA HIS S 3 -2.11 78.18 9.97
C HIS S 3 -2.58 79.17 11.03
N ASN S 4 -1.88 79.25 12.16
CA ASN S 4 -2.22 80.19 13.21
C ASN S 4 -1.27 81.40 13.17
N LYS S 5 -0.92 81.84 11.96
CA LYS S 5 -0.13 83.05 11.79
C LYS S 5 -0.86 84.27 12.30
N GLY S 6 -2.19 84.27 12.26
CA GLY S 6 -2.98 85.36 12.80
C GLY S 6 -3.81 86.07 11.75
N LYS S 7 -5.14 85.84 11.78
CA LYS S 7 -6.08 86.50 10.90
C LYS S 7 -7.14 87.17 11.77
N GLU S 8 -7.36 88.46 11.55
CA GLU S 8 -8.30 89.23 12.35
C GLU S 8 -9.19 90.16 11.54
N ARG S 9 -8.88 90.40 10.27
CA ARG S 9 -9.63 91.35 9.47
C ARG S 9 -10.07 90.72 8.17
N THR S 10 -11.24 91.17 7.68
CA THR S 10 -11.79 90.72 6.41
C THR S 10 -11.61 91.85 5.41
N TYR S 11 -10.66 91.68 4.48
CA TYR S 11 -10.27 92.76 3.58
C TYR S 11 -11.19 92.87 2.37
N PHE S 12 -12.02 91.87 2.09
CA PHE S 12 -12.84 91.87 0.89
C PHE S 12 -14.31 91.68 1.26
N SER S 13 -15.18 92.27 0.44
CA SER S 13 -16.62 92.05 0.54
C SER S 13 -17.13 91.68 -0.84
N CYS S 14 -17.55 90.43 -0.99
CA CYS S 14 -18.00 89.89 -2.27
C CYS S 14 -19.48 89.53 -2.16
N SER S 15 -20.18 89.59 -3.30
CA SER S 15 -21.59 89.20 -3.32
C SER S 15 -21.98 88.78 -4.73
N GLY S 16 -22.86 87.79 -4.81
CA GLY S 16 -23.40 87.31 -6.06
C GLY S 16 -24.70 87.94 -6.48
N GLU S 17 -25.28 88.82 -5.65
CA GLU S 17 -26.47 89.61 -5.94
C GLU S 17 -27.71 88.77 -6.18
N GLY S 18 -27.64 87.47 -5.92
CA GLY S 18 -28.81 86.60 -6.01
C GLY S 18 -29.49 86.45 -4.67
N ILE S 19 -28.74 86.05 -3.65
CA ILE S 19 -29.22 85.92 -2.29
C ILE S 19 -28.32 86.74 -1.39
N LEU S 20 -28.93 87.66 -0.62
CA LEU S 20 -28.18 88.46 0.34
C LEU S 20 -28.15 87.75 1.69
N THR S 21 -27.00 87.79 2.35
CA THR S 21 -26.83 87.20 3.66
C THR S 21 -26.13 88.19 4.58
N GLY S 22 -25.68 87.72 5.75
CA GLY S 22 -24.93 88.57 6.64
C GLY S 22 -23.65 89.10 6.02
N LEU S 23 -23.44 90.42 6.13
CA LEU S 23 -22.29 91.05 5.51
C LEU S 23 -20.97 90.68 6.16
N HIS S 24 -21.00 90.02 7.32
CA HIS S 24 -19.79 89.62 8.02
C HIS S 24 -19.14 88.39 7.39
N THR S 25 -19.81 87.72 6.46
CA THR S 25 -19.26 86.56 5.79
C THR S 25 -19.71 86.56 4.34
N ILE S 26 -19.03 85.77 3.51
CA ILE S 26 -19.31 85.68 2.09
C ILE S 26 -19.84 84.28 1.79
N LYS S 27 -21.16 84.17 1.68
CA LYS S 27 -21.82 82.92 1.31
C LYS S 27 -22.36 83.05 -0.10
N LEU S 28 -21.99 82.10 -0.96
CA LEU S 28 -22.39 82.10 -2.35
C LEU S 28 -23.14 80.81 -2.67
N PHE S 29 -24.10 80.92 -3.59
CA PHE S 29 -24.94 79.79 -3.96
C PHE S 29 -24.82 79.54 -5.46
N LEU S 30 -24.67 78.27 -5.82
CA LEU S 30 -24.44 77.87 -7.20
C LEU S 30 -25.72 77.25 -7.77
N THR S 31 -26.18 77.80 -8.88
CA THR S 31 -27.29 77.26 -9.64
C THR S 31 -26.85 77.09 -11.09
N MET S 32 -27.83 76.82 -11.97
CA MET S 32 -27.51 76.43 -13.35
C MET S 32 -26.83 77.52 -14.16
N ASP S 33 -27.01 78.79 -13.80
CA ASP S 33 -26.40 79.86 -14.57
C ASP S 33 -24.92 80.00 -14.20
N ASN S 34 -24.26 80.98 -14.82
CA ASN S 34 -22.90 81.30 -14.45
C ASN S 34 -22.88 82.00 -13.10
N LEU S 35 -22.00 81.53 -12.22
CA LEU S 35 -21.83 82.18 -10.91
C LEU S 35 -21.16 83.52 -11.14
N LYS S 36 -21.91 84.60 -10.93
CA LYS S 36 -21.45 85.95 -11.19
C LYS S 36 -21.33 86.67 -9.87
N VAL S 37 -20.14 87.17 -9.57
CA VAL S 37 -19.82 87.76 -8.28
C VAL S 37 -19.14 89.11 -8.50
N ARG S 38 -19.65 90.14 -7.82
CA ARG S 38 -19.00 91.43 -7.73
C ARG S 38 -18.43 91.60 -6.33
N CYS S 39 -17.17 91.99 -6.25
CA CYS S 39 -16.45 92.07 -4.99
C CYS S 39 -15.65 93.36 -4.94
N PHE S 40 -15.50 93.91 -3.74
CA PHE S 40 -14.71 95.13 -3.58
C PHE S 40 -13.84 95.02 -2.34
N PHE S 41 -12.89 95.95 -2.24
CA PHE S 41 -11.93 95.99 -1.15
C PHE S 41 -12.55 96.79 0.00
N ARG S 42 -12.88 96.10 1.09
CA ARG S 42 -13.42 96.77 2.26
C ARG S 42 -12.27 97.36 3.08
N ASN S 43 -12.42 98.61 3.49
CA ASN S 43 -11.38 99.33 4.21
C ASN S 43 -12.08 100.14 5.30
N GLU S 44 -11.37 101.16 5.81
CA GLU S 44 -11.97 102.07 6.78
C GLU S 44 -13.24 102.72 6.24
N ASN S 45 -13.30 102.97 4.94
CA ASN S 45 -14.52 103.35 4.26
C ASN S 45 -15.15 102.09 3.66
N GLN S 46 -16.28 101.65 4.23
CA GLN S 46 -16.89 100.41 3.81
C GLN S 46 -17.59 100.50 2.46
N SER S 47 -17.77 101.70 1.92
CA SER S 47 -18.34 101.82 0.59
C SER S 47 -17.29 101.53 -0.48
N PRO S 48 -17.70 100.98 -1.62
CA PRO S 48 -16.75 100.80 -2.73
C PRO S 48 -16.26 102.14 -3.25
N SER S 49 -15.00 102.16 -3.65
CA SER S 49 -14.36 103.40 -4.10
C SER S 49 -13.58 103.14 -5.38
N LYS S 50 -13.56 104.15 -6.25
CA LYS S 50 -12.82 104.07 -7.51
C LYS S 50 -11.34 104.42 -7.33
N GLU S 51 -10.94 104.94 -6.18
CA GLU S 51 -9.56 105.29 -5.93
C GLU S 51 -8.71 104.07 -5.59
N ILE S 52 -9.17 103.25 -4.64
CA ILE S 52 -8.41 102.07 -4.23
C ILE S 52 -8.33 101.06 -5.36
N LEU S 53 -9.43 100.88 -6.09
CA LEU S 53 -9.43 99.94 -7.22
C LEU S 53 -8.50 100.41 -8.32
N GLY S 54 -8.49 101.72 -8.61
CA GLY S 54 -7.54 102.25 -9.59
C GLY S 54 -6.10 102.14 -9.14
N LEU S 55 -5.86 102.31 -7.84
CA LEU S 55 -4.52 102.09 -7.29
C LEU S 55 -4.08 100.65 -7.47
N PHE S 56 -4.98 99.70 -7.20
CA PHE S 56 -4.64 98.29 -7.30
C PHE S 56 -4.43 97.86 -8.75
N THR S 57 -5.26 98.34 -9.67
CA THR S 57 -5.20 97.92 -11.07
C THR S 57 -4.17 98.70 -11.88
N SER S 58 -3.23 99.37 -11.21
CA SER S 58 -2.15 100.07 -11.90
C SER S 58 -0.82 99.35 -11.83
N GLY S 59 -0.63 98.46 -10.85
CA GLY S 59 0.59 97.70 -10.76
C GLY S 59 0.44 96.30 -11.33
N GLY S 60 -0.58 96.11 -12.16
CA GLY S 60 -0.89 94.80 -12.69
C GLY S 60 -1.38 93.83 -11.63
N LEU S 61 -2.18 94.30 -10.68
CA LEU S 61 -2.66 93.49 -9.57
C LEU S 61 -4.16 93.28 -9.74
N ALA S 62 -4.56 92.02 -9.78
CA ALA S 62 -5.96 91.63 -9.87
C ALA S 62 -6.25 90.53 -8.86
N PRO S 63 -7.47 90.50 -8.30
CA PRO S 63 -7.78 89.53 -7.27
C PRO S 63 -7.80 88.10 -7.80
N ASN S 64 -7.58 87.18 -6.87
CA ASN S 64 -7.61 85.75 -7.15
C ASN S 64 -8.52 85.06 -6.17
N MET S 65 -9.08 83.95 -6.64
CA MET S 65 -10.19 83.21 -6.06
C MET S 65 -9.85 81.73 -5.95
N ILE S 66 -9.66 81.24 -4.72
CA ILE S 66 -9.32 79.84 -4.51
C ILE S 66 -10.54 79.11 -3.95
N ILE S 67 -11.04 78.14 -4.70
CA ILE S 67 -12.10 77.24 -4.25
C ILE S 67 -11.49 75.90 -3.90
N THR S 68 -11.84 75.37 -2.73
CA THR S 68 -11.30 74.10 -2.30
C THR S 68 -12.41 73.21 -1.78
N ASN S 69 -12.26 71.91 -2.05
CA ASN S 69 -13.10 70.87 -1.48
C ASN S 69 -12.23 70.00 -0.59
N SER S 70 -12.78 68.91 -0.07
CA SER S 70 -11.96 67.97 0.69
C SER S 70 -10.96 67.24 -0.19
N THR S 71 -11.19 67.18 -1.51
CA THR S 71 -10.27 66.52 -2.42
C THR S 71 -9.96 67.37 -3.65
N PHE S 72 -10.40 68.62 -3.69
CA PHE S 72 -10.31 69.43 -4.90
C PHE S 72 -9.72 70.79 -4.60
N TYR S 73 -8.93 71.30 -5.53
CA TYR S 73 -8.34 72.64 -5.44
C TYR S 73 -8.49 73.31 -6.80
N GLY S 74 -8.85 74.59 -6.79
CA GLY S 74 -8.98 75.33 -8.03
C GLY S 74 -8.78 76.81 -7.79
N GLY S 75 -8.22 77.47 -8.80
CA GLY S 75 -7.98 78.91 -8.73
C GLY S 75 -8.57 79.60 -9.95
N TYR S 76 -9.12 80.80 -9.72
CA TYR S 76 -9.71 81.61 -10.78
C TYR S 76 -9.23 83.05 -10.63
N TYR S 77 -9.03 83.72 -11.75
CA TYR S 77 -8.35 85.00 -11.80
C TYR S 77 -9.33 86.09 -12.23
N PHE S 78 -9.36 87.19 -11.49
CA PHE S 78 -10.10 88.35 -11.97
C PHE S 78 -9.35 88.99 -13.13
N LYS S 79 -10.09 89.36 -14.17
CA LYS S 79 -9.48 89.93 -15.36
C LYS S 79 -9.01 91.35 -15.10
N LEU S 80 -7.90 91.71 -15.75
CA LEU S 80 -7.34 93.05 -15.65
C LEU S 80 -8.04 93.95 -16.67
N THR S 81 -8.81 94.92 -16.17
CA THR S 81 -9.65 95.79 -16.96
C THR S 81 -9.40 97.23 -16.49
N PRO S 82 -9.32 98.18 -17.41
CA PRO S 82 -9.10 99.58 -17.01
C PRO S 82 -10.20 100.09 -16.07
N PHE S 83 -9.77 100.91 -15.11
CA PHE S 83 -10.62 101.43 -14.04
C PHE S 83 -11.39 102.68 -14.44
N SER S 84 -11.57 102.92 -15.74
CA SER S 84 -12.16 104.18 -16.20
C SER S 84 -13.64 104.30 -15.83
N ASN S 85 -14.34 103.18 -15.71
CA ASN S 85 -15.78 103.20 -15.51
C ASN S 85 -16.23 102.40 -14.30
N ARG S 86 -15.56 101.29 -13.99
CA ARG S 86 -15.99 100.32 -12.99
C ARG S 86 -15.74 100.83 -11.57
N LEU S 87 -16.35 100.13 -10.62
CA LEU S 87 -16.16 100.39 -9.19
C LEU S 87 -15.76 99.16 -8.39
N GLU S 88 -16.29 97.99 -8.73
CA GLU S 88 -15.95 96.75 -8.04
C GLU S 88 -15.50 95.72 -9.07
N TRP S 89 -14.65 94.80 -8.62
CA TRP S 89 -14.19 93.71 -9.46
C TRP S 89 -15.34 92.75 -9.74
N LEU S 90 -15.34 92.18 -10.95
CA LEU S 90 -16.42 91.33 -11.41
C LEU S 90 -15.83 90.04 -11.98
N ILE S 91 -16.50 88.92 -11.71
CA ILE S 91 -16.10 87.67 -12.37
C ILE S 91 -17.34 86.78 -12.51
N ASP S 92 -17.46 86.13 -13.66
CA ASP S 92 -18.51 85.16 -13.90
C ASP S 92 -17.86 83.84 -14.32
N ILE S 93 -18.30 82.76 -13.71
CA ILE S 93 -17.72 81.44 -13.93
C ILE S 93 -18.80 80.53 -14.48
N PRO S 94 -18.55 79.83 -15.59
CA PRO S 94 -19.49 78.79 -16.04
C PRO S 94 -19.59 77.67 -15.02
N ARG S 95 -20.78 77.06 -14.97
CA ARG S 95 -21.01 75.99 -14.00
C ARG S 95 -20.12 74.79 -14.28
N GLN S 96 -19.89 74.46 -15.56
CA GLN S 96 -19.05 73.32 -15.91
C GLN S 96 -17.60 73.51 -15.47
N ASN S 97 -17.18 74.74 -15.22
CA ASN S 97 -15.84 74.98 -14.69
C ASN S 97 -15.71 74.50 -13.25
N ILE S 98 -16.80 74.43 -12.51
CA ILE S 98 -16.80 73.94 -11.14
C ILE S 98 -17.21 72.47 -11.08
N THR S 99 -18.37 72.14 -11.64
CA THR S 99 -18.85 70.76 -11.68
C THR S 99 -19.56 70.50 -13.00
N VAL S 100 -19.48 69.26 -13.47
CA VAL S 100 -20.16 68.86 -14.68
C VAL S 100 -21.36 67.97 -14.40
N ASN S 101 -21.43 67.34 -13.24
CA ASN S 101 -22.58 66.52 -12.86
C ASN S 101 -23.67 67.40 -12.27
N THR S 102 -24.91 67.13 -12.65
CA THR S 102 -26.05 67.90 -12.17
C THR S 102 -27.11 66.98 -11.57
N ASP S 103 -26.70 65.82 -11.08
CA ASP S 103 -27.61 64.90 -10.43
C ASP S 103 -27.76 65.27 -8.95
N ILE S 104 -28.65 64.54 -8.27
CA ILE S 104 -28.91 64.76 -6.85
C ILE S 104 -28.09 63.73 -6.06
N ALA S 105 -27.16 64.23 -5.25
CA ALA S 105 -26.29 63.36 -4.47
C ALA S 105 -25.83 64.13 -3.24
N ALA S 106 -24.97 63.50 -2.45
CA ALA S 106 -24.39 64.12 -1.26
C ALA S 106 -23.10 64.81 -1.68
N VAL S 107 -23.19 66.11 -1.95
CA VAL S 107 -22.06 66.91 -2.43
C VAL S 107 -21.64 67.86 -1.32
N GLU S 108 -20.34 67.91 -1.06
CA GLU S 108 -19.81 68.73 0.03
C GLU S 108 -19.82 70.21 -0.35
N GLN S 109 -19.84 71.05 0.69
CA GLN S 109 -19.72 72.49 0.54
C GLN S 109 -18.27 72.85 0.19
N TRP S 110 -18.09 74.00 -0.45
CA TRP S 110 -16.78 74.43 -0.90
C TRP S 110 -16.28 75.59 -0.05
N MET S 111 -15.03 75.51 0.40
CA MET S 111 -14.42 76.61 1.11
C MET S 111 -13.78 77.58 0.12
N ILE S 112 -13.87 78.87 0.45
CA ILE S 112 -13.67 79.98 -0.49
C ILE S 112 -12.65 80.95 0.10
N LYS S 113 -11.61 81.30 -0.68
CA LYS S 113 -10.55 82.19 -0.20
C LYS S 113 -10.22 83.25 -1.24
N ILE S 114 -10.54 84.50 -0.92
CA ILE S 114 -10.28 85.65 -1.79
C ILE S 114 -8.94 86.26 -1.37
N THR S 115 -8.03 86.40 -2.33
CA THR S 115 -6.76 87.06 -2.03
C THR S 115 -6.45 88.05 -3.14
N MET S 116 -5.46 88.92 -2.89
CA MET S 116 -5.02 89.81 -3.94
C MET S 116 -4.04 89.08 -4.86
N HIS S 117 -3.11 88.32 -4.29
CA HIS S 117 -2.18 87.52 -5.08
C HIS S 117 -2.18 86.11 -4.52
N GLU S 118 -1.98 85.13 -5.41
CA GLU S 118 -2.11 83.74 -5.00
C GLU S 118 -0.91 83.27 -4.20
N GLY S 119 0.27 83.25 -4.81
CA GLY S 119 1.47 82.86 -4.08
C GLY S 119 1.84 83.87 -3.02
N LEU S 120 1.74 85.15 -3.33
CA LEU S 120 2.05 86.23 -2.38
C LEU S 120 0.73 86.69 -1.75
N ASN S 121 0.18 85.82 -0.91
CA ASN S 121 -1.11 86.06 -0.29
C ASN S 121 -0.98 87.14 0.80
N ILE S 122 -1.62 88.28 0.58
CA ILE S 122 -1.49 89.43 1.46
C ILE S 122 -2.81 89.77 2.16
N TYR S 123 -3.94 89.59 1.49
CA TYR S 123 -5.25 89.98 2.03
C TYR S 123 -6.19 88.79 1.83
N ASP S 124 -6.29 87.93 2.83
CA ASP S 124 -7.08 86.71 2.73
C ASP S 124 -8.45 86.91 3.37
N THR S 125 -9.50 86.59 2.62
CA THR S 125 -10.86 86.63 3.12
C THR S 125 -11.54 85.29 2.86
N GLU S 126 -12.19 84.74 3.87
CA GLU S 126 -12.76 83.41 3.79
C GLU S 126 -14.27 83.46 3.60
N GLY S 127 -14.80 82.36 3.05
CA GLY S 127 -16.22 82.26 2.80
C GLY S 127 -16.60 80.86 2.39
N THR S 128 -17.87 80.70 2.02
CA THR S 128 -18.42 79.40 1.68
C THR S 128 -19.19 79.47 0.37
N LEU S 129 -19.24 78.34 -0.33
CA LEU S 129 -20.01 78.19 -1.55
C LEU S 129 -20.80 76.89 -1.49
N LEU S 130 -22.10 76.97 -1.73
CA LEU S 130 -22.99 75.83 -1.63
C LEU S 130 -23.70 75.61 -2.97
N ASP S 131 -23.68 74.36 -3.44
CA ASP S 131 -24.42 73.99 -4.63
C ASP S 131 -25.88 73.79 -4.27
N LEU S 132 -26.78 74.31 -5.10
CA LEU S 132 -28.21 74.27 -4.83
C LEU S 132 -28.95 73.17 -5.58
N VAL S 133 -28.59 72.93 -6.85
CA VAL S 133 -29.35 71.99 -7.66
C VAL S 133 -29.02 70.53 -7.36
N ARG S 134 -28.03 70.27 -6.52
CA ARG S 134 -27.64 68.91 -6.19
C ARG S 134 -27.89 68.55 -4.72
N GLU S 135 -28.42 69.47 -3.93
CA GLU S 135 -28.68 69.19 -2.53
C GLU S 135 -29.98 68.40 -2.38
N PRO S 136 -29.95 67.24 -1.72
CA PRO S 136 -31.16 66.39 -1.69
C PRO S 136 -32.32 66.99 -0.93
N ILE S 137 -32.07 67.69 0.17
CA ILE S 137 -33.16 68.19 1.00
C ILE S 137 -33.88 69.35 0.31
N LEU S 138 -33.17 70.14 -0.51
CA LEU S 138 -33.75 71.34 -1.10
C LEU S 138 -34.73 71.04 -2.24
N GLN S 139 -34.85 69.79 -2.67
CA GLN S 139 -35.73 69.46 -3.78
C GLN S 139 -37.16 69.17 -3.34
N TRP S 140 -37.44 69.22 -2.04
CA TRP S 140 -38.77 68.91 -1.53
C TRP S 140 -39.40 70.13 -0.87
N ASN S 141 -40.71 70.03 -0.65
CA ASN S 141 -41.46 70.99 0.13
C ASN S 141 -41.79 70.35 1.47
N LEU S 142 -41.36 71.00 2.57
CA LEU S 142 -41.57 70.44 3.89
C LEU S 142 -43.06 70.38 4.25
N GLY S 143 -43.75 71.50 4.10
CA GLY S 143 -45.15 71.54 4.46
C GLY S 143 -45.74 72.91 4.16
N ARG S 144 -46.87 73.20 4.80
CA ARG S 144 -47.52 74.49 4.62
C ARG S 144 -46.69 75.60 5.23
N VAL S 145 -46.43 76.63 4.46
CA VAL S 145 -45.54 77.72 4.87
C VAL S 145 -46.29 78.64 5.83
N LEU S 146 -45.72 78.87 7.00
CA LEU S 146 -46.30 79.79 7.96
C LEU S 146 -45.79 81.20 7.72
N THR S 147 -46.71 82.16 7.67
CA THR S 147 -46.36 83.55 7.45
C THR S 147 -45.99 84.23 8.76
N GLU S 148 -45.74 85.53 8.70
CA GLU S 148 -45.56 86.29 9.92
C GLU S 148 -46.90 86.43 10.64
N MET S 149 -46.80 86.56 11.97
CA MET S 149 -47.91 86.61 12.92
C MET S 149 -48.58 85.22 12.85
N GLU S 150 -47.86 84.23 12.35
CA GLU S 150 -48.24 82.84 12.51
C GLU S 150 -47.23 82.08 13.36
N VAL S 151 -45.99 82.58 13.42
CA VAL S 151 -44.98 82.07 14.34
C VAL S 151 -44.76 83.00 15.51
N ARG S 152 -45.23 84.26 15.43
CA ARG S 152 -45.13 85.17 16.56
C ARG S 152 -46.03 84.73 17.72
N ASP S 153 -47.25 84.30 17.43
CA ASP S 153 -48.12 83.71 18.43
C ASP S 153 -47.67 82.32 18.87
N LEU S 154 -46.75 81.70 18.14
CA LEU S 154 -46.18 80.43 18.57
C LEU S 154 -45.15 80.62 19.68
N TYR S 155 -44.65 81.84 19.85
CA TYR S 155 -43.60 82.12 20.85
C TYR S 155 -44.00 81.78 22.28
N PRO S 156 -45.18 82.14 22.80
CA PRO S 156 -45.49 81.79 24.20
C PRO S 156 -45.60 80.29 24.46
N GLU S 157 -45.73 79.46 23.43
CA GLU S 157 -45.82 78.02 23.62
C GLU S 157 -44.50 77.28 23.44
N VAL S 158 -43.41 77.99 23.14
CA VAL S 158 -42.15 77.33 22.85
C VAL S 158 -41.56 76.74 24.13
N ASN S 159 -41.28 75.43 24.11
CA ASN S 159 -40.70 74.74 25.25
C ASN S 159 -39.25 74.35 25.05
N ASP S 160 -38.83 73.91 23.87
CA ASP S 160 -37.42 73.62 23.64
C ASP S 160 -37.12 73.59 22.15
N ILE S 161 -35.84 73.51 21.82
CA ILE S 161 -35.34 73.66 20.45
C ILE S 161 -34.47 72.46 20.10
N LYS S 162 -34.50 72.04 18.83
CA LYS S 162 -33.59 71.03 18.31
C LYS S 162 -33.08 71.46 16.94
N VAL S 163 -31.94 70.89 16.54
CA VAL S 163 -31.32 71.21 15.26
C VAL S 163 -30.84 69.94 14.58
N THR S 164 -30.66 70.03 13.27
CA THR S 164 -30.01 68.99 12.47
C THR S 164 -28.77 69.58 11.80
N LYS S 165 -28.03 68.73 11.08
CA LYS S 165 -26.77 69.19 10.51
C LYS S 165 -26.57 68.89 9.02
N SER S 166 -27.15 67.78 8.53
CA SER S 166 -26.90 67.30 7.17
C SER S 166 -25.40 67.13 6.94
N PRO S 167 -24.79 66.05 7.47
CA PRO S 167 -23.33 65.97 7.67
C PRO S 167 -22.41 66.42 6.54
N CYS S 168 -22.79 66.16 5.28
CA CYS S 168 -21.87 66.43 4.18
C CYS S 168 -21.71 67.92 3.91
N ALA S 169 -22.76 68.70 4.14
CA ALA S 169 -22.72 70.15 3.95
C ALA S 169 -23.60 70.81 5.00
N ASN S 170 -22.99 71.67 5.81
CA ASN S 170 -23.72 72.37 6.86
C ASN S 170 -24.38 73.62 6.29
N ASP S 171 -24.85 74.50 7.18
CA ASP S 171 -25.56 75.75 6.88
C ASP S 171 -26.86 75.54 6.10
N VAL S 172 -27.35 74.30 6.02
CA VAL S 172 -28.66 74.01 5.44
C VAL S 172 -29.48 73.31 6.52
N ALA S 173 -29.22 73.67 7.77
CA ALA S 173 -29.80 72.97 8.91
C ALA S 173 -31.30 73.21 9.03
N LEU S 174 -31.94 72.34 9.81
CA LEU S 174 -33.34 72.44 10.16
C LEU S 174 -33.47 72.56 11.67
N ILE S 175 -34.36 73.45 12.09
CA ILE S 175 -34.55 73.81 13.49
C ILE S 175 -35.99 73.45 13.88
N GLY S 176 -36.13 72.48 14.77
CA GLY S 176 -37.43 71.98 15.18
C GLY S 176 -37.82 72.52 16.54
N PHE S 177 -39.11 72.75 16.73
CA PHE S 177 -39.64 73.28 17.98
C PHE S 177 -40.35 72.17 18.74
N MET S 178 -40.00 71.99 20.01
CA MET S 178 -40.70 71.04 20.87
C MET S 178 -41.63 71.84 21.77
N MET S 179 -42.91 71.46 21.77
CA MET S 179 -44.00 72.31 22.22
C MET S 179 -44.44 71.91 23.63
N LYS S 180 -45.24 72.78 24.24
CA LYS S 180 -46.04 72.38 25.38
C LYS S 180 -47.24 71.58 24.90
N PRO S 181 -47.79 70.68 25.73
CA PRO S 181 -48.92 69.87 25.28
C PRO S 181 -50.24 70.61 25.12
N SER S 182 -50.28 71.92 25.41
CA SER S 182 -51.45 72.73 25.12
C SER S 182 -51.53 73.14 23.65
N SER S 183 -50.46 72.95 22.89
CA SER S 183 -50.41 73.28 21.48
C SER S 183 -50.45 72.00 20.65
N ASN S 184 -50.41 72.18 19.33
CA ASN S 184 -50.47 71.05 18.40
C ASN S 184 -49.74 71.40 17.12
N GLY S 185 -48.98 70.44 16.60
CA GLY S 185 -48.34 70.58 15.30
C GLY S 185 -46.83 70.44 15.32
N VAL S 186 -46.29 69.89 14.24
CA VAL S 186 -44.85 69.87 14.01
C VAL S 186 -44.45 71.21 13.42
N PHE S 187 -43.48 71.87 14.05
CA PHE S 187 -43.04 73.19 13.62
C PHE S 187 -41.54 73.15 13.37
N ILE S 188 -41.15 73.45 12.13
CA ILE S 188 -39.80 73.25 11.66
C ILE S 188 -39.41 74.45 10.78
N GLY S 189 -38.20 74.94 10.95
CA GLY S 189 -37.66 75.99 10.12
C GLY S 189 -36.44 75.49 9.37
N LYS S 190 -36.19 76.06 8.21
CA LYS S 190 -35.05 75.67 7.37
C LYS S 190 -34.16 76.88 7.14
N THR S 191 -32.86 76.70 7.32
CA THR S 191 -31.91 77.75 6.99
C THR S 191 -31.16 77.37 5.72
N ILE S 192 -30.62 78.40 5.06
CA ILE S 192 -29.87 78.21 3.83
C ILE S 192 -28.54 78.96 3.94
N SER S 193 -28.43 79.82 4.96
CA SER S 193 -27.25 80.62 5.17
C SER S 193 -26.66 80.41 6.56
N GLY S 194 -26.97 79.28 7.18
CA GLY S 194 -26.45 78.96 8.50
C GLY S 194 -26.93 79.87 9.61
N PHE S 195 -28.23 80.23 9.59
CA PHE S 195 -28.88 81.01 10.65
C PHE S 195 -28.22 82.37 10.84
N TRP S 196 -27.62 82.91 9.77
CA TRP S 196 -26.99 84.21 9.84
C TRP S 196 -27.98 85.36 9.75
N THR S 197 -29.25 85.05 9.48
CA THR S 197 -30.33 86.04 9.52
C THR S 197 -31.58 85.33 10.00
N TYR S 198 -32.33 85.96 10.91
CA TYR S 198 -33.60 85.38 11.33
C TYR S 198 -34.66 85.50 10.25
N LYS S 199 -34.49 86.43 9.32
CA LYS S 199 -35.51 86.66 8.29
C LYS S 199 -35.52 85.59 7.21
N GLU S 200 -34.40 84.89 6.99
CA GLU S 200 -34.30 83.90 5.94
C GLU S 200 -34.74 82.50 6.40
N CYS S 201 -35.03 82.32 7.68
CA CYS S 201 -35.47 81.02 8.19
C CYS S 201 -36.96 80.90 7.97
N ILE S 202 -37.36 80.19 6.91
CA ILE S 202 -38.76 79.99 6.58
C ILE S 202 -39.31 78.84 7.40
N TRP S 203 -40.55 78.96 7.86
CA TRP S 203 -41.15 78.03 8.79
C TRP S 203 -42.27 77.25 8.11
N HIS S 204 -42.42 75.98 8.46
CA HIS S 204 -43.39 75.09 7.84
C HIS S 204 -44.09 74.26 8.91
N ASP S 205 -45.29 73.80 8.57
CA ASP S 205 -46.09 72.95 9.46
C ASP S 205 -46.42 71.65 8.73
N LEU S 206 -46.26 70.53 9.43
CA LEU S 206 -46.41 69.20 8.85
C LEU S 206 -47.50 68.40 9.55
N THR S 207 -48.44 69.09 10.20
CA THR S 207 -49.46 68.41 10.97
C THR S 207 -50.36 67.56 10.08
N GLU S 208 -50.69 68.06 8.89
CA GLU S 208 -51.50 67.29 7.96
C GLU S 208 -50.78 66.02 7.51
N ILE S 209 -49.49 66.11 7.23
CA ILE S 209 -48.72 64.95 6.78
C ILE S 209 -48.59 63.93 7.90
N ILE S 210 -48.42 64.39 9.15
CA ILE S 210 -48.37 63.45 10.26
C ILE S 210 -49.72 62.80 10.49
N TYR S 211 -50.80 63.59 10.42
CA TYR S 211 -52.15 63.09 10.68
C TYR S 211 -52.68 62.19 9.56
N ALA S 212 -52.11 62.27 8.36
CA ALA S 212 -52.60 61.46 7.23
C ALA S 212 -52.49 59.97 7.53
N GLU S 213 -51.31 59.53 7.96
CA GLU S 213 -51.12 58.13 8.35
C GLU S 213 -51.30 57.93 9.85
N LEU S 214 -52.43 58.40 10.37
CA LEU S 214 -52.71 58.27 11.80
C LEU S 214 -54.14 57.83 12.10
N LYS S 215 -55.07 57.92 11.14
CA LYS S 215 -56.43 57.37 11.15
C LYS S 215 -57.33 58.02 12.18
N ASP S 216 -56.78 58.89 13.03
CA ASP S 216 -57.53 59.72 13.97
C ASP S 216 -56.55 60.71 14.61
N GLU S 217 -57.05 61.90 14.92
CA GLU S 217 -56.25 62.89 15.62
C GLU S 217 -56.44 62.71 17.12
N HIS S 218 -55.37 62.31 17.82
CA HIS S 218 -55.54 61.81 19.18
C HIS S 218 -55.69 62.93 20.20
N GLN S 219 -54.60 63.67 20.46
CA GLN S 219 -54.70 64.79 21.38
C GLN S 219 -53.87 65.99 20.92
N GLY S 220 -52.83 65.72 20.12
CA GLY S 220 -51.84 66.73 19.84
C GLY S 220 -50.44 66.16 19.69
N LEU S 221 -49.62 66.75 18.83
CA LEU S 221 -48.33 66.19 18.47
C LEU S 221 -47.26 67.27 18.52
N THR S 222 -46.12 66.95 19.14
CA THR S 222 -44.95 67.81 19.19
C THR S 222 -43.74 67.05 18.68
N VAL S 223 -42.78 67.77 18.14
CA VAL S 223 -41.52 67.17 17.71
C VAL S 223 -40.73 66.81 18.96
N ILE S 224 -40.25 65.57 19.03
CA ILE S 224 -39.40 65.15 20.14
C ILE S 224 -37.93 65.16 19.73
N ASP S 225 -37.62 64.58 18.57
CA ASP S 225 -36.26 64.56 18.05
C ASP S 225 -36.32 64.46 16.53
N LEU S 226 -35.22 64.83 15.89
CA LEU S 226 -35.16 64.75 14.44
C LEU S 226 -33.69 64.65 14.01
N VAL S 227 -33.44 63.79 13.02
CA VAL S 227 -32.10 63.60 12.48
C VAL S 227 -32.17 63.54 10.95
N LEU S 228 -31.13 64.08 10.32
CA LEU S 228 -31.06 64.21 8.87
C LEU S 228 -29.83 63.44 8.40
N THR S 229 -30.04 62.30 7.76
CA THR S 229 -28.95 61.50 7.23
C THR S 229 -28.53 62.07 5.88
N ASN S 230 -27.68 61.34 5.15
CA ASN S 230 -27.25 61.79 3.83
C ASN S 230 -28.37 61.68 2.81
N HIS S 231 -29.35 60.80 3.03
CA HIS S 231 -30.39 60.54 2.05
C HIS S 231 -31.79 60.46 2.66
N PHE S 232 -31.93 60.63 3.97
CA PHE S 232 -33.20 60.39 4.63
C PHE S 232 -33.43 61.40 5.75
N LEU S 233 -34.69 61.53 6.14
CA LEU S 233 -35.09 62.37 7.27
C LEU S 233 -35.88 61.51 8.24
N VAL S 234 -35.44 61.46 9.48
CA VAL S 234 -36.10 60.68 10.52
C VAL S 234 -36.60 61.64 11.59
N ILE S 235 -37.90 61.56 11.90
CA ILE S 235 -38.53 62.46 12.85
C ILE S 235 -39.27 61.62 13.89
N LEU S 236 -38.85 61.74 15.14
CA LEU S 236 -39.56 61.15 16.26
C LEU S 236 -40.42 62.24 16.86
N THR S 237 -41.72 62.18 16.61
CA THR S 237 -42.69 63.05 17.25
C THR S 237 -43.37 62.30 18.38
N SER S 238 -44.11 63.05 19.20
CA SER S 238 -44.78 62.47 20.36
C SER S 238 -45.79 61.39 19.98
N LEU S 239 -46.24 61.35 18.73
CA LEU S 239 -47.18 60.36 18.28
C LEU S 239 -46.53 59.26 17.44
N GLY S 240 -45.20 59.23 17.34
CA GLY S 240 -44.54 58.10 16.72
C GLY S 240 -43.33 58.53 15.90
N LEU S 241 -42.73 57.54 15.26
CA LEU S 241 -41.51 57.72 14.48
C LEU S 241 -41.85 57.65 13.00
N TYR S 242 -41.29 58.59 12.22
CA TYR S 242 -41.57 58.70 10.80
C TYR S 242 -40.25 58.77 10.03
N VAL S 243 -40.21 58.08 8.89
CA VAL S 243 -39.05 58.07 8.01
C VAL S 243 -39.48 58.58 6.65
N SER S 244 -38.71 59.48 6.07
CA SER S 244 -38.96 59.91 4.71
C SER S 244 -38.74 58.76 3.74
N SER S 245 -39.44 58.81 2.60
CA SER S 245 -39.26 57.79 1.56
C SER S 245 -37.83 57.82 1.03
N ASP S 246 -37.45 58.93 0.38
CA ASP S 246 -36.09 59.16 -0.08
C ASP S 246 -35.96 60.64 -0.40
N LEU S 247 -34.71 61.09 -0.59
CA LEU S 247 -34.45 62.47 -0.93
C LEU S 247 -33.81 62.65 -2.29
N ARG S 248 -33.27 61.59 -2.89
CA ARG S 248 -32.56 61.71 -4.17
C ARG S 248 -33.47 61.54 -5.38
N TYR S 249 -34.73 61.17 -5.18
CA TYR S 249 -35.68 60.95 -6.26
C TYR S 249 -36.95 61.75 -5.99
N PRO S 250 -36.94 63.05 -6.30
CA PRO S 250 -38.14 63.87 -6.08
C PRO S 250 -39.23 63.52 -7.09
N THR S 251 -40.43 63.28 -6.59
CA THR S 251 -41.52 62.84 -7.45
C THR S 251 -42.78 63.69 -7.31
N THR S 252 -43.11 64.13 -6.09
CA THR S 252 -44.37 64.84 -5.85
C THR S 252 -44.18 66.24 -5.29
N SER S 253 -42.95 66.72 -5.15
CA SER S 253 -42.63 68.02 -4.54
C SER S 253 -43.24 68.14 -3.15
N GLN S 254 -43.26 67.01 -2.43
CA GLN S 254 -43.77 66.95 -1.06
C GLN S 254 -43.25 65.67 -0.42
N ILE S 255 -42.65 65.79 0.76
CA ILE S 255 -42.02 64.65 1.40
C ILE S 255 -43.08 63.65 1.84
N LYS S 256 -42.86 62.38 1.51
CA LYS S 256 -43.76 61.31 1.89
C LYS S 256 -43.16 60.56 3.07
N LEU S 257 -43.81 60.68 4.23
CA LEU S 257 -43.33 60.07 5.46
C LEU S 257 -44.11 58.80 5.74
N SER S 258 -43.38 57.73 6.06
CA SER S 258 -43.95 56.46 6.47
C SER S 258 -43.69 56.27 7.95
N ARG S 259 -44.73 55.90 8.70
CA ARG S 259 -44.62 55.75 10.13
C ARG S 259 -44.15 54.35 10.48
N ALA S 260 -43.04 54.27 11.20
CA ALA S 260 -42.52 53.00 11.67
C ALA S 260 -43.40 52.44 12.79
N GLU S 261 -43.32 51.13 12.99
CA GLU S 261 -44.12 50.43 13.98
C GLU S 261 -43.29 50.16 15.22
N PHE S 262 -43.91 50.31 16.39
CA PHE S 262 -43.28 50.00 17.67
C PHE S 262 -44.37 49.45 18.57
N CYS S 263 -44.49 48.12 18.62
CA CYS S 263 -45.59 47.48 19.31
C CYS S 263 -45.42 47.61 20.81
N GLY S 264 -46.42 48.18 21.47
CA GLY S 264 -46.35 48.45 22.89
C GLY S 264 -45.97 49.87 23.26
N PHE S 265 -45.96 50.79 22.29
CA PHE S 265 -45.46 52.14 22.52
C PHE S 265 -46.61 53.14 22.40
N GLU S 266 -46.90 53.84 23.49
CA GLU S 266 -47.86 54.92 23.50
C GLU S 266 -47.12 56.24 23.72
N ARG S 267 -47.88 57.32 23.93
CA ARG S 267 -47.31 58.67 23.95
C ARG S 267 -46.32 58.87 25.09
N VAL S 268 -46.56 58.23 26.23
CA VAL S 268 -45.65 58.37 27.37
C VAL S 268 -44.30 57.70 27.10
N ASP S 269 -44.26 56.75 26.16
CA ASP S 269 -42.99 56.20 25.71
C ASP S 269 -42.31 57.04 24.65
N TYR S 270 -43.08 57.66 23.75
CA TYR S 270 -42.51 58.51 22.72
C TYR S 270 -41.98 59.83 23.27
N ILE S 271 -42.54 60.32 24.38
CA ILE S 271 -41.98 61.53 24.98
C ILE S 271 -40.65 61.27 25.66
N ARG S 272 -40.30 60.01 25.93
CA ARG S 272 -39.01 59.63 26.50
C ARG S 272 -38.29 58.76 25.49
N GLY S 273 -37.57 59.40 24.57
CA GLY S 273 -36.82 58.70 23.56
C GLY S 273 -35.78 59.59 22.91
N ASN S 274 -34.64 59.03 22.54
CA ASN S 274 -33.54 59.78 21.97
C ASN S 274 -33.04 59.08 20.71
N LEU S 275 -32.56 59.88 19.76
CA LEU S 275 -32.02 59.38 18.50
C LEU S 275 -30.51 59.59 18.50
N TRP S 276 -29.78 58.55 18.13
CA TRP S 276 -28.33 58.57 18.06
C TRP S 276 -27.88 58.24 16.64
N TYR S 277 -27.01 59.07 16.08
CA TYR S 277 -26.52 58.90 14.74
C TYR S 277 -25.09 59.42 14.67
N ASN S 278 -24.22 58.65 14.03
CA ASN S 278 -22.82 59.05 13.87
C ASN S 278 -22.71 59.98 12.66
N GLU S 279 -22.38 61.24 12.91
CA GLU S 279 -22.30 62.24 11.85
C GLU S 279 -21.10 61.93 10.97
N LYS S 280 -21.37 61.35 9.80
CA LYS S 280 -20.33 60.99 8.85
C LYS S 280 -20.78 61.36 7.45
N CYS S 281 -19.87 61.94 6.67
CA CYS S 281 -20.19 62.36 5.30
C CYS S 281 -19.68 61.31 4.32
N PHE S 282 -20.58 60.80 3.50
CA PHE S 282 -20.24 59.87 2.42
C PHE S 282 -20.49 60.61 1.12
N ALA S 283 -19.48 61.34 0.65
CA ALA S 283 -19.64 62.20 -0.52
C ALA S 283 -19.77 61.38 -1.80
N ASN S 284 -18.75 60.57 -2.11
CA ASN S 284 -18.78 59.75 -3.31
C ASN S 284 -19.45 58.40 -3.07
N ARG S 285 -19.86 58.10 -1.83
CA ARG S 285 -20.68 56.95 -1.48
C ARG S 285 -20.00 55.63 -1.89
N GLU S 286 -18.89 55.35 -1.20
CA GLU S 286 -18.22 54.08 -1.37
C GLU S 286 -19.12 52.94 -0.92
N SER S 287 -18.93 51.78 -1.54
CA SER S 287 -19.84 50.65 -1.36
C SER S 287 -19.82 50.09 0.06
N PHE S 288 -18.72 50.24 0.78
CA PHE S 288 -18.61 49.73 2.15
C PHE S 288 -19.14 50.70 3.19
N GLU S 289 -19.63 51.86 2.78
CA GLU S 289 -20.13 52.88 3.70
C GLU S 289 -21.63 52.72 3.85
N VAL S 290 -22.08 52.54 5.09
CA VAL S 290 -23.49 52.38 5.41
C VAL S 290 -23.82 53.27 6.61
N ASP S 291 -25.10 53.57 6.76
CA ASP S 291 -25.59 54.45 7.81
C ASP S 291 -26.47 53.67 8.78
N TYR S 292 -26.35 54.00 10.06
CA TYR S 292 -27.14 53.38 11.11
C TYR S 292 -27.72 54.45 12.02
N VAL S 293 -28.93 54.19 12.51
CA VAL S 293 -29.58 55.09 13.46
C VAL S 293 -30.12 54.27 14.62
N THR S 294 -29.82 54.71 15.85
CA THR S 294 -30.26 54.08 17.07
C THR S 294 -31.33 54.93 17.72
N ILE S 295 -32.32 54.29 18.33
CA ILE S 295 -33.37 54.96 19.09
C ILE S 295 -33.46 54.29 20.46
N THR S 296 -33.52 55.10 21.51
CA THR S 296 -33.50 54.63 22.88
C THR S 296 -34.72 55.17 23.62
N PHE S 297 -35.35 54.31 24.43
CA PHE S 297 -36.53 54.68 25.20
C PHE S 297 -36.27 54.44 26.69
N ASN S 298 -37.29 54.71 27.49
CA ASN S 298 -37.27 54.43 28.92
C ASN S 298 -38.60 53.78 29.27
N ARG S 299 -38.61 52.45 29.34
CA ARG S 299 -39.85 51.70 29.47
C ARG S 299 -39.74 50.77 30.67
N ASN S 300 -40.83 50.05 30.94
CA ASN S 300 -40.92 49.16 32.08
C ASN S 300 -40.68 47.69 31.73
N ARG S 301 -40.28 47.39 30.48
CA ARG S 301 -40.15 46.03 29.97
C ARG S 301 -41.47 45.27 30.11
N THR S 302 -42.45 45.75 29.37
CA THR S 302 -43.81 45.24 29.47
C THR S 302 -43.93 43.85 28.85
N LEU S 303 -45.15 43.35 28.81
CA LEU S 303 -45.40 42.04 28.20
C LEU S 303 -45.17 42.09 26.69
N SER S 304 -45.70 43.11 26.02
CA SER S 304 -45.63 43.17 24.57
C SER S 304 -44.20 43.35 24.08
N GLU S 305 -43.42 44.20 24.75
CA GLU S 305 -42.06 44.48 24.32
C GLU S 305 -41.10 44.33 25.48
N SER S 306 -39.95 43.71 25.18
CA SER S 306 -38.91 43.48 26.17
C SER S 306 -37.69 44.35 25.97
N SER S 307 -37.67 45.20 24.94
CA SER S 307 -36.50 46.01 24.62
C SER S 307 -36.89 47.48 24.58
N SER S 308 -35.92 48.34 24.86
CA SER S 308 -36.07 49.78 24.80
C SER S 308 -34.92 50.41 24.03
N CYS S 309 -34.34 49.65 23.10
CA CYS S 309 -33.20 50.14 22.33
C CYS S 309 -33.21 49.44 20.98
N PHE S 310 -33.49 50.18 19.92
CA PHE S 310 -33.58 49.61 18.59
C PHE S 310 -32.64 50.37 17.66
N PHE S 311 -32.32 49.75 16.53
CA PHE S 311 -31.48 50.40 15.53
C PHE S 311 -31.85 49.89 14.15
N SER S 312 -31.49 50.69 13.14
CA SER S 312 -31.81 50.36 11.77
C SER S 312 -30.71 50.86 10.84
N LYS S 313 -30.66 50.25 9.66
CA LYS S 313 -29.68 50.55 8.64
C LYS S 313 -30.18 51.69 7.75
N GLU S 314 -29.51 51.90 6.62
CA GLU S 314 -29.84 53.03 5.74
C GLU S 314 -31.29 53.01 5.23
N PRO S 315 -31.87 51.88 4.76
CA PRO S 315 -33.34 51.86 4.61
C PRO S 315 -33.99 51.60 5.95
N PHE S 316 -34.61 52.64 6.52
CA PHE S 316 -35.14 52.59 7.87
C PHE S 316 -36.53 51.93 7.83
N LEU S 317 -36.51 50.62 7.59
CA LEU S 317 -37.73 49.83 7.55
C LEU S 317 -37.72 48.67 8.53
N HIS S 318 -36.57 48.06 8.76
CA HIS S 318 -36.44 46.95 9.70
C HIS S 318 -35.70 47.46 10.94
N TRP S 319 -36.45 47.81 11.97
CA TRP S 319 -35.89 48.27 13.23
C TRP S 319 -35.70 47.07 14.15
N LEU S 320 -34.45 46.70 14.40
CA LEU S 320 -34.21 45.51 15.21
C LEU S 320 -33.56 45.90 16.52
N PRO S 321 -33.81 45.16 17.60
CA PRO S 321 -33.25 45.52 18.90
C PRO S 321 -31.72 45.45 18.90
N CYS S 322 -31.12 46.32 19.70
CA CYS S 322 -29.68 46.41 19.80
C CYS S 322 -29.06 45.34 20.69
N VAL S 323 -29.81 44.83 21.66
CA VAL S 323 -29.33 43.83 22.59
C VAL S 323 -30.25 42.62 22.53
N PHE S 324 -29.67 41.43 22.46
CA PHE S 324 -30.40 40.18 22.41
C PHE S 324 -30.12 39.36 23.66
N SER S 325 -30.67 38.14 23.70
CA SER S 325 -30.50 37.26 24.85
C SER S 325 -29.06 36.75 24.95
N SER S 332 -32.32 44.34 37.72
CA SER S 332 -31.18 43.45 37.54
C SER S 332 -30.56 43.62 36.16
N ILE S 333 -31.42 43.64 35.14
CA ILE S 333 -30.93 43.85 33.77
C ILE S 333 -30.51 45.31 33.60
N PRO S 334 -29.25 45.58 33.26
CA PRO S 334 -28.83 46.98 33.09
C PRO S 334 -29.47 47.63 31.89
N ARG S 335 -29.84 48.89 32.07
CA ARG S 335 -30.43 49.70 31.01
C ARG S 335 -29.32 50.26 30.14
N VAL S 336 -29.51 50.20 28.82
CA VAL S 336 -28.55 50.76 27.88
C VAL S 336 -28.96 52.20 27.58
N ILE S 337 -28.08 53.14 27.90
CA ILE S 337 -28.35 54.54 27.63
C ILE S 337 -28.17 54.83 26.14
N THR S 338 -27.10 54.30 25.56
CA THR S 338 -26.76 54.58 24.17
C THR S 338 -26.07 53.36 23.58
N PHE S 339 -26.46 53.00 22.36
CA PHE S 339 -25.77 52.01 21.56
C PHE S 339 -25.33 52.66 20.26
N LEU S 340 -24.04 52.53 19.95
CA LEU S 340 -23.45 53.19 18.79
C LEU S 340 -22.78 52.15 17.90
N ILE S 341 -22.77 52.42 16.59
CA ILE S 341 -22.11 51.57 15.62
C ILE S 341 -20.95 52.35 15.02
N ASP S 342 -19.74 51.84 15.21
CA ASP S 342 -18.54 52.46 14.65
C ASP S 342 -18.04 51.63 13.47
N GLN S 343 -17.78 52.32 12.36
CA GLN S 343 -17.39 51.69 11.11
C GLN S 343 -15.89 51.65 10.89
N GLU S 344 -15.12 52.40 11.68
CA GLU S 344 -13.67 52.32 11.58
C GLU S 344 -13.15 50.96 12.02
N THR S 345 -13.76 50.39 13.05
CA THR S 345 -13.41 49.07 13.52
C THR S 345 -14.55 48.06 13.44
N ASP S 346 -15.72 48.48 12.96
CA ASP S 346 -16.90 47.63 12.79
C ASP S 346 -17.31 47.00 14.13
N SER S 347 -17.70 47.86 15.06
CA SER S 347 -18.03 47.44 16.41
C SER S 347 -19.26 48.16 16.90
N GLY S 348 -19.83 47.65 17.99
CA GLY S 348 -20.96 48.28 18.62
C GLY S 348 -20.70 48.55 20.09
N ILE S 349 -20.92 49.79 20.51
CA ILE S 349 -20.61 50.25 21.86
C ILE S 349 -21.93 50.40 22.62
N TYR S 350 -22.02 49.70 23.74
CA TYR S 350 -23.15 49.80 24.66
C TYR S 350 -22.71 50.54 25.91
N LEU S 351 -23.53 51.52 26.33
CA LEU S 351 -23.33 52.20 27.61
C LEU S 351 -24.35 51.63 28.59
N PHE S 352 -23.93 50.62 29.35
CA PHE S 352 -24.82 49.98 30.29
C PHE S 352 -24.75 50.64 31.66
N ASN S 353 -25.89 50.76 32.31
CA ASN S 353 -25.96 51.18 33.71
C ASN S 353 -27.01 50.33 34.40
N VAL S 354 -26.62 49.63 35.46
CA VAL S 354 -27.57 48.82 36.21
C VAL S 354 -28.31 49.72 37.20
N GLN S 355 -29.63 49.63 37.18
CA GLN S 355 -30.46 50.42 38.07
C GLN S 355 -30.30 49.94 39.52
N ASP S 356 -30.59 50.87 40.45
CA ASP S 356 -30.43 50.65 41.90
C ASP S 356 -28.99 50.33 42.26
N THR S 357 -28.05 50.80 41.45
CA THR S 357 -26.63 50.54 41.66
C THR S 357 -25.85 51.61 40.89
N LYS S 358 -24.80 52.14 41.51
CA LYS S 358 -24.00 53.16 40.87
C LYS S 358 -23.02 52.60 39.84
N GLU S 359 -23.12 51.33 39.49
CA GLU S 359 -22.24 50.73 38.50
C GLU S 359 -22.66 51.14 37.10
N THR S 360 -21.73 51.73 36.35
CA THR S 360 -21.89 52.02 34.94
C THR S 360 -20.70 51.42 34.22
N TYR S 361 -20.92 50.91 33.01
CA TYR S 361 -19.81 50.34 32.26
C TYR S 361 -20.08 50.45 30.77
N VAL S 362 -19.02 50.24 30.00
CA VAL S 362 -19.04 50.33 28.54
C VAL S 362 -18.57 49.01 27.97
N THR S 363 -19.33 48.47 27.03
CA THR S 363 -19.07 47.16 26.44
C THR S 363 -18.99 47.30 24.92
N VAL S 364 -18.03 46.61 24.31
CA VAL S 364 -17.83 46.65 22.86
C VAL S 364 -18.07 45.25 22.30
N ALA S 365 -18.99 45.14 21.36
CA ALA S 365 -19.40 43.87 20.78
C ALA S 365 -19.14 43.86 19.27
N MET S 366 -18.81 42.69 18.74
CA MET S 366 -18.51 42.54 17.33
C MET S 366 -19.77 42.28 16.53
N LEU S 367 -19.80 42.80 15.31
CA LEU S 367 -20.96 42.67 14.44
C LEU S 367 -20.80 41.45 13.55
N LYS S 368 -21.77 40.54 13.63
CA LYS S 368 -21.81 39.37 12.77
C LYS S 368 -22.96 39.54 11.79
N ASP S 369 -22.63 39.54 10.49
CA ASP S 369 -23.55 39.84 9.37
C ASP S 369 -24.51 40.97 9.71
N GLY S 370 -23.94 42.09 10.19
CA GLY S 370 -24.74 43.23 10.57
C GLY S 370 -25.52 43.07 11.84
N LYS S 371 -25.13 42.10 12.68
CA LYS S 371 -25.82 41.85 13.94
C LYS S 371 -24.80 41.67 15.05
N PRO S 372 -24.87 42.49 16.11
CA PRO S 372 -23.89 42.36 17.19
C PRO S 372 -24.04 41.04 17.95
N SER S 373 -22.94 40.61 18.54
CA SER S 373 -22.81 39.32 19.19
C SER S 373 -22.41 39.47 20.65
N PRO S 374 -22.60 38.43 21.47
CA PRO S 374 -22.02 38.44 22.82
C PRO S 374 -20.51 38.22 22.79
N ARG S 375 -19.89 38.01 23.95
CA ARG S 375 -18.45 37.77 24.08
C ARG S 375 -17.67 38.97 23.56
N PRO S 376 -17.56 40.04 24.35
CA PRO S 376 -16.92 41.27 23.87
C PRO S 376 -15.48 41.07 23.43
N LYS S 377 -15.00 42.02 22.60
CA LYS S 377 -13.63 41.98 22.10
C LYS S 377 -12.61 41.97 23.23
N PHE S 378 -12.79 42.87 24.18
CA PHE S 378 -11.93 43.00 25.35
C PHE S 378 -12.83 43.08 26.57
N PRO S 379 -12.28 42.86 27.76
CA PRO S 379 -13.07 43.08 28.98
C PRO S 379 -13.65 44.48 29.05
N SER S 380 -14.91 44.56 29.47
CA SER S 380 -15.63 45.82 29.47
C SER S 380 -15.06 46.78 30.50
N PHE S 381 -15.24 48.08 30.24
CA PHE S 381 -14.65 49.11 31.09
C PHE S 381 -15.68 49.58 32.11
N HIS S 382 -15.38 49.38 33.39
CA HIS S 382 -16.25 49.78 34.48
C HIS S 382 -15.84 51.16 34.98
N PHE S 383 -16.82 52.04 35.12
CA PHE S 383 -16.56 53.38 35.64
C PHE S 383 -16.49 53.32 37.17
N PRO S 384 -15.81 54.29 37.79
CA PRO S 384 -15.87 54.41 39.25
C PRO S 384 -17.26 54.77 39.72
N SER S 385 -17.53 54.44 40.98
CA SER S 385 -18.85 54.63 41.57
C SER S 385 -19.27 56.08 41.69
N THR S 386 -18.34 57.03 41.55
CA THR S 386 -18.67 58.44 41.64
C THR S 386 -19.54 58.93 40.49
N PHE S 387 -19.61 58.18 39.38
CA PHE S 387 -20.50 58.54 38.29
C PHE S 387 -21.94 58.35 38.70
N THR S 388 -22.64 59.44 38.99
CA THR S 388 -24.01 59.35 39.49
C THR S 388 -24.97 59.00 38.37
N LEU S 389 -25.06 59.84 37.35
CA LEU S 389 -25.98 59.61 36.24
C LEU S 389 -25.26 59.81 34.92
N PRO S 390 -25.29 58.82 34.03
CA PRO S 390 -24.84 59.05 32.65
C PRO S 390 -25.99 59.46 31.74
N LEU S 391 -25.65 60.24 30.73
CA LEU S 391 -26.67 60.77 29.84
C LEU S 391 -26.41 60.44 28.36
N GLY S 392 -25.37 59.70 28.05
CA GLY S 392 -25.13 59.27 26.69
C GLY S 392 -23.67 59.46 26.32
N MET S 393 -23.38 59.15 25.06
CA MET S 393 -22.07 59.38 24.50
C MET S 393 -22.21 59.89 23.07
N ILE S 394 -21.13 60.47 22.57
CA ILE S 394 -21.11 61.03 21.23
C ILE S 394 -19.73 60.79 20.62
N PHE S 395 -19.72 60.37 19.36
CA PHE S 395 -18.50 60.35 18.56
C PHE S 395 -18.29 61.71 17.93
N HIS S 396 -17.06 62.22 17.99
CA HIS S 396 -16.74 63.42 17.24
C HIS S 396 -16.80 63.12 15.75
N PRO S 397 -17.42 63.97 14.95
CA PRO S 397 -17.66 63.63 13.53
C PRO S 397 -16.36 63.46 12.76
N ARG S 398 -16.37 62.49 11.85
CA ARG S 398 -15.24 62.19 10.96
C ARG S 398 -13.97 61.90 11.75
N SER S 399 -14.10 61.20 12.86
CA SER S 399 -12.96 60.89 13.72
C SER S 399 -13.30 59.66 14.55
N HIS S 400 -12.46 59.39 15.54
CA HIS S 400 -12.58 58.21 16.40
C HIS S 400 -12.47 58.59 17.87
N PHE S 401 -12.90 59.81 18.21
CA PHE S 401 -12.91 60.29 19.59
C PHE S 401 -14.30 60.07 20.17
N LEU S 402 -14.39 59.28 21.24
CA LEU S 402 -15.64 59.02 21.93
C LEU S 402 -15.72 59.87 23.19
N TYR S 403 -16.92 60.34 23.51
CA TYR S 403 -17.11 61.20 24.67
C TYR S 403 -18.35 60.74 25.42
N VAL S 404 -18.16 60.22 26.64
CA VAL S 404 -19.28 59.85 27.50
C VAL S 404 -19.56 61.00 28.44
N TYR S 405 -20.81 61.48 28.44
CA TYR S 405 -21.16 62.67 29.20
C TYR S 405 -22.38 62.37 30.07
N GLY S 406 -22.53 63.19 31.11
CA GLY S 406 -23.54 63.01 32.12
C GLY S 406 -23.19 63.84 33.34
N SER S 407 -23.17 63.22 34.52
CA SER S 407 -22.67 63.92 35.70
C SER S 407 -21.17 64.16 35.62
N GLN S 408 -20.44 63.33 34.86
CA GLN S 408 -19.02 63.50 34.62
C GLN S 408 -18.79 63.48 33.11
N ILE S 409 -17.54 63.75 32.72
CA ILE S 409 -17.17 63.73 31.31
C ILE S 409 -15.90 62.89 31.15
N TRP S 410 -16.02 61.80 30.40
CA TRP S 410 -14.90 60.95 30.06
C TRP S 410 -14.65 61.03 28.56
N VAL S 411 -13.38 61.05 28.18
CA VAL S 411 -12.98 61.01 26.78
C VAL S 411 -12.25 59.70 26.55
N SER S 412 -12.55 59.05 25.43
CA SER S 412 -11.86 57.82 25.06
C SER S 412 -11.33 57.97 23.64
N MET S 413 -10.09 57.58 23.43
CA MET S 413 -9.64 57.36 22.08
C MET S 413 -9.71 55.84 21.86
N ASP S 414 -9.18 55.33 20.76
CA ASP S 414 -9.21 53.92 20.33
C ASP S 414 -10.66 53.42 20.29
N GLY S 415 -10.86 52.12 20.41
CA GLY S 415 -12.20 51.56 20.27
C GLY S 415 -13.10 51.82 21.45
N GLY S 416 -12.54 52.17 22.60
CA GLY S 416 -13.34 52.47 23.78
C GLY S 416 -13.04 51.57 24.95
N ASN S 417 -11.89 50.91 24.93
CA ASN S 417 -11.46 50.08 26.05
C ASN S 417 -10.99 50.90 27.24
N THR S 418 -10.46 52.10 27.01
CA THR S 418 -9.92 52.94 28.07
C THR S 418 -10.57 54.32 27.99
N PHE S 419 -11.05 54.81 29.12
CA PHE S 419 -11.63 56.14 29.22
C PHE S 419 -10.87 56.94 30.26
N GLU S 420 -10.74 58.24 30.03
CA GLU S 420 -10.06 59.12 30.98
C GLU S 420 -10.99 60.26 31.38
N MET S 421 -11.10 60.51 32.69
CA MET S 421 -11.53 61.80 33.25
C MET S 421 -11.01 62.99 32.47
N LEU S 422 -11.91 63.95 32.22
CA LEU S 422 -11.45 65.30 31.98
C LEU S 422 -12.15 66.34 32.85
N CYS S 423 -13.40 66.11 33.26
CA CYS S 423 -14.11 67.06 34.10
C CYS S 423 -15.17 66.32 34.90
N ASN S 424 -15.40 66.80 36.13
CA ASN S 424 -16.43 66.26 37.01
C ASN S 424 -17.37 67.38 37.40
N LEU S 425 -18.66 67.09 37.44
CA LEU S 425 -19.70 68.06 37.78
C LEU S 425 -20.53 67.47 38.92
N PHE S 426 -20.32 67.98 40.13
CA PHE S 426 -21.04 67.50 41.30
C PHE S 426 -22.45 68.09 41.32
N SER S 427 -23.45 67.21 41.36
CA SER S 427 -24.87 67.58 41.35
C SER S 427 -25.21 68.43 40.11
N HIS S 428 -24.54 68.13 39.01
CA HIS S 428 -24.75 68.87 37.77
C HIS S 428 -24.50 67.92 36.61
N HIS S 429 -25.31 68.04 35.56
CA HIS S 429 -25.18 67.19 34.38
C HIS S 429 -25.32 68.04 33.13
N VAL S 430 -24.49 67.72 32.14
CA VAL S 430 -24.53 68.38 30.84
C VAL S 430 -25.79 67.95 30.11
N THR S 431 -26.43 68.91 29.45
CA THR S 431 -27.69 68.65 28.74
C THR S 431 -27.46 68.29 27.27
N LYS S 432 -26.78 69.17 26.53
CA LYS S 432 -26.54 68.92 25.11
C LYS S 432 -25.12 69.35 24.75
N THR S 433 -24.73 68.98 23.54
CA THR S 433 -23.38 69.19 23.04
C THR S 433 -23.45 69.67 21.59
N SER S 434 -22.69 70.72 21.29
CA SER S 434 -22.53 71.19 19.93
C SER S 434 -21.06 71.14 19.56
N ASN S 435 -20.75 70.50 18.44
CA ASN S 435 -19.36 70.33 18.05
C ASN S 435 -19.24 70.39 16.55
N SER S 436 -18.06 70.80 16.09
CA SER S 436 -17.81 71.06 14.69
C SER S 436 -16.63 70.24 14.20
N PHE S 437 -16.79 69.59 13.04
CA PHE S 437 -15.67 68.87 12.44
C PHE S 437 -14.57 69.84 12.02
N TYR S 438 -14.96 71.01 11.52
CA TYR S 438 -13.99 72.07 11.26
C TYR S 438 -13.54 72.67 12.59
N THR S 439 -12.23 72.90 12.71
CA THR S 439 -11.56 73.49 13.88
C THR S 439 -11.64 72.61 15.13
N SER S 440 -12.33 71.47 15.04
CA SER S 440 -12.35 70.44 16.08
C SER S 440 -12.76 71.00 17.45
N ASP S 441 -13.80 71.83 17.46
CA ASP S 441 -14.30 72.44 18.68
C ASP S 441 -15.51 71.67 19.21
N ILE S 442 -15.50 71.38 20.50
CA ILE S 442 -16.61 70.71 21.18
C ILE S 442 -17.04 71.56 22.35
N VAL S 443 -18.35 71.76 22.51
CA VAL S 443 -18.92 72.62 23.53
C VAL S 443 -20.06 71.88 24.20
N PHE S 444 -20.03 71.82 25.53
CA PHE S 444 -21.06 71.17 26.34
C PHE S 444 -21.82 72.21 27.13
N ILE S 445 -23.13 72.02 27.26
CA ILE S 445 -23.99 72.91 28.04
C ILE S 445 -24.49 72.15 29.26
N VAL S 446 -24.21 72.67 30.44
CA VAL S 446 -24.61 72.04 31.70
C VAL S 446 -25.52 73.00 32.45
N GLU S 447 -26.58 72.44 33.05
CA GLU S 447 -27.52 73.22 33.83
C GLU S 447 -26.81 73.97 34.95
N ASP S 448 -27.38 75.14 35.27
CA ASP S 448 -26.87 76.46 35.76
C ASP S 448 -26.40 77.25 34.54
N GLY S 449 -26.53 76.73 33.34
CA GLY S 449 -26.20 77.45 32.13
C GLY S 449 -24.73 77.54 31.80
N ARG S 450 -23.88 76.76 32.45
CA ARG S 450 -22.46 76.86 32.18
C ARG S 450 -22.09 76.17 30.87
N ILE S 451 -21.04 76.69 30.24
CA ILE S 451 -20.61 76.26 28.91
C ILE S 451 -19.16 75.85 29.00
N LEU S 452 -18.87 74.58 28.70
CA LEU S 452 -17.52 74.06 28.75
C LEU S 452 -17.03 73.79 27.33
N THR S 453 -15.75 74.12 27.09
CA THR S 453 -15.19 74.02 25.75
C THR S 453 -13.93 73.17 25.77
N THR S 454 -13.72 72.47 24.65
CA THR S 454 -12.52 71.67 24.47
C THR S 454 -12.22 71.55 22.98
N LYS S 455 -10.96 71.24 22.69
CA LYS S 455 -10.53 70.90 21.34
C LYS S 455 -10.30 69.39 21.27
N ALA S 456 -10.80 68.79 20.19
CA ALA S 456 -10.91 67.34 20.09
C ALA S 456 -9.55 66.68 20.24
N GLY S 457 -9.49 65.63 21.06
CA GLY S 457 -8.27 64.91 21.30
C GLY S 457 -7.46 65.43 22.47
N LEU S 458 -7.69 66.66 22.90
CA LEU S 458 -7.00 67.19 24.06
C LEU S 458 -7.50 66.53 25.34
N THR S 459 -6.66 66.57 26.36
CA THR S 459 -7.04 66.06 27.68
C THR S 459 -7.24 67.18 28.68
N THR S 460 -7.35 68.42 28.23
CA THR S 460 -7.70 69.56 29.07
C THR S 460 -9.00 70.15 28.57
N TYR S 461 -9.38 71.29 29.15
CA TYR S 461 -10.60 71.97 28.78
C TYR S 461 -10.60 73.35 29.40
N SER S 462 -11.61 74.13 29.06
CA SER S 462 -11.81 75.42 29.70
C SER S 462 -13.29 75.71 29.83
N GLU S 463 -13.59 76.83 30.46
CA GLU S 463 -14.94 77.36 30.54
C GLU S 463 -15.04 78.52 29.57
N LEU S 464 -16.14 78.60 28.82
CA LEU S 464 -16.32 79.71 27.90
C LEU S 464 -17.02 80.88 28.57
N GLY S 465 -17.97 80.58 29.46
CA GLY S 465 -18.71 81.62 30.14
C GLY S 465 -20.02 81.06 30.69
N ILE S 466 -20.95 81.98 30.93
CA ILE S 466 -22.27 81.63 31.43
C ILE S 466 -23.32 82.29 30.56
N LEU S 467 -24.48 81.65 30.47
CA LEU S 467 -25.59 82.18 29.68
C LEU S 467 -26.88 81.88 30.44
N LYS S 468 -27.69 82.91 30.68
CA LYS S 468 -28.88 82.78 31.52
C LYS S 468 -30.17 82.84 30.70
N ASP S 469 -30.12 82.44 29.44
CA ASP S 469 -31.33 82.38 28.64
C ASP S 469 -32.21 81.23 29.10
N ALA S 470 -33.52 81.41 28.93
CA ALA S 470 -34.48 80.38 29.33
C ALA S 470 -34.38 79.17 28.42
N ILE S 471 -34.62 79.36 27.12
CA ILE S 471 -34.51 78.31 26.13
C ILE S 471 -33.63 78.81 24.99
N PHE S 472 -32.58 78.06 24.69
CA PHE S 472 -31.62 78.43 23.65
C PHE S 472 -30.83 77.20 23.28
N THR S 473 -30.15 77.29 22.13
CA THR S 473 -29.25 76.22 21.72
C THR S 473 -28.05 76.84 21.00
N LEU S 474 -27.00 76.04 20.84
CA LEU S 474 -25.75 76.49 20.25
C LEU S 474 -25.49 75.73 18.95
N TYR S 475 -25.09 76.47 17.92
CA TYR S 475 -24.90 75.90 16.59
C TYR S 475 -23.53 76.30 16.05
N TYR S 476 -22.89 75.40 15.33
CA TYR S 476 -21.62 75.66 14.66
C TYR S 476 -21.84 75.61 13.16
N ASP S 477 -21.38 76.64 12.45
CA ASP S 477 -21.48 76.62 11.00
C ASP S 477 -20.25 75.95 10.41
N GLN S 478 -20.17 75.94 9.08
CA GLN S 478 -19.08 75.24 8.39
C GLN S 478 -17.74 75.91 8.66
N LEU S 479 -17.73 77.24 8.75
CA LEU S 479 -16.48 77.97 8.99
C LEU S 479 -16.07 77.98 10.45
N GLY S 480 -16.81 77.28 11.33
CA GLY S 480 -16.46 77.18 12.72
C GLY S 480 -17.06 78.24 13.62
N TYR S 481 -17.76 79.22 13.04
CA TYR S 481 -18.38 80.24 13.86
C TYR S 481 -19.55 79.67 14.65
N ILE S 482 -19.85 80.32 15.78
CA ILE S 482 -20.80 79.84 16.77
C ILE S 482 -21.98 80.79 16.80
N HIS S 483 -23.19 80.23 16.81
CA HIS S 483 -24.43 81.00 16.89
C HIS S 483 -25.26 80.50 18.06
N LYS S 484 -25.99 81.44 18.67
CA LYS S 484 -27.02 81.15 19.65
C LYS S 484 -28.38 81.26 18.98
N LEU S 485 -29.13 80.16 19.01
CA LEU S 485 -30.45 80.10 18.40
C LEU S 485 -31.52 80.09 19.48
N THR S 486 -32.49 80.98 19.33
CA THR S 486 -33.59 81.23 20.24
C THR S 486 -34.73 81.73 19.37
N PRO S 487 -35.98 81.49 19.75
CA PRO S 487 -37.09 82.14 19.06
C PRO S 487 -36.90 83.66 19.03
N GLU S 488 -37.14 84.24 17.84
CA GLU S 488 -36.79 85.61 17.43
C GLU S 488 -35.44 86.08 17.97
N ASN S 489 -34.43 85.20 17.95
CA ASN S 489 -33.07 85.61 18.32
C ASN S 489 -32.07 84.65 17.69
N PHE S 490 -31.46 85.07 16.59
CA PHE S 490 -30.36 84.34 15.96
C PHE S 490 -29.11 85.20 16.12
N ASP S 491 -28.30 84.90 17.13
CA ASP S 491 -27.14 85.72 17.45
C ASP S 491 -25.86 85.05 16.95
N ALA S 492 -25.00 85.85 16.30
CA ALA S 492 -23.73 85.35 15.80
C ALA S 492 -22.54 85.76 16.66
N GLY S 493 -22.63 86.87 17.37
CA GLY S 493 -21.55 87.31 18.25
C GLY S 493 -21.41 88.83 18.21
N SER S 494 -20.73 89.36 19.22
CA SER S 494 -20.48 90.79 19.28
C SER S 494 -19.27 91.18 18.42
N LYS S 495 -18.12 90.57 18.69
CA LYS S 495 -16.92 90.78 17.89
C LYS S 495 -16.72 89.58 16.97
N LEU S 496 -16.20 89.84 15.77
CA LEU S 496 -16.00 88.81 14.77
C LEU S 496 -14.61 88.95 14.17
N LEU S 497 -13.89 87.84 14.11
CA LEU S 497 -12.54 87.80 13.56
C LEU S 497 -12.57 87.16 12.17
N GLY S 498 -11.40 87.07 11.54
CA GLY S 498 -11.32 86.43 10.24
C GLY S 498 -11.61 84.94 10.30
N HIS S 499 -11.18 84.29 11.39
CA HIS S 499 -11.37 82.86 11.55
C HIS S 499 -12.58 82.58 12.44
N GLY S 500 -12.90 81.30 12.59
CA GLY S 500 -14.06 80.88 13.34
C GLY S 500 -13.85 80.85 14.84
N ASN S 501 -13.82 82.01 15.48
CA ASN S 501 -13.65 82.07 16.92
C ASN S 501 -14.89 81.54 17.62
N SER S 502 -14.68 80.83 18.73
CA SER S 502 -15.75 80.18 19.47
C SER S 502 -16.18 80.98 20.71
N GLY S 503 -15.68 82.20 20.87
CA GLY S 503 -16.05 83.01 22.02
C GLY S 503 -16.67 84.34 21.62
N SER S 504 -17.35 84.36 20.47
CA SER S 504 -17.94 85.59 19.96
C SER S 504 -19.18 86.01 20.75
N ILE S 505 -19.97 85.03 21.21
CA ILE S 505 -21.20 85.34 21.92
C ILE S 505 -20.90 86.00 23.27
N PHE S 506 -19.97 85.42 24.03
CA PHE S 506 -19.64 85.94 25.34
C PHE S 506 -18.84 87.24 25.23
N GLY S 507 -19.03 88.12 26.21
CA GLY S 507 -18.35 89.40 26.22
C GLY S 507 -16.88 89.32 26.54
N LYS S 508 -16.54 88.72 27.68
CA LYS S 508 -15.18 88.63 28.14
C LYS S 508 -14.87 87.22 28.62
N ARG S 509 -13.60 86.85 28.54
CA ARG S 509 -13.18 85.52 28.97
C ARG S 509 -13.36 85.38 30.48
N PRO S 510 -13.64 84.18 30.97
CA PRO S 510 -13.96 84.02 32.38
C PRO S 510 -12.74 83.85 33.26
N ASP S 511 -12.89 84.25 34.51
CA ASP S 511 -11.87 84.02 35.54
C ASP S 511 -12.15 82.68 36.20
N LEU S 512 -11.20 81.76 36.09
CA LEU S 512 -11.37 80.40 36.54
C LEU S 512 -10.84 80.18 37.96
N GLY S 513 -10.32 81.22 38.60
CA GLY S 513 -9.81 81.10 39.94
C GLY S 513 -10.88 81.31 41.00
N PHE S 514 -10.65 80.70 42.16
CA PHE S 514 -11.55 80.78 43.28
C PHE S 514 -11.13 81.93 44.20
N GLU S 515 -11.74 81.97 45.38
CA GLU S 515 -11.44 82.99 46.39
C GLU S 515 -10.76 82.29 47.57
N ALA S 516 -9.44 82.41 47.65
CA ALA S 516 -8.65 81.79 48.70
C ALA S 516 -7.33 82.55 48.83
N ILE S 517 -6.46 82.03 49.70
CA ILE S 517 -5.18 82.65 50.00
C ILE S 517 -4.11 81.87 49.26
N LEU S 518 -3.27 82.56 48.50
CA LEU S 518 -2.15 81.93 47.80
C LEU S 518 -0.84 82.34 48.45
N VAL S 519 0.02 81.35 48.68
CA VAL S 519 1.33 81.52 49.29
C VAL S 519 2.38 81.09 48.27
N PRO S 520 3.27 81.98 47.85
CA PRO S 520 4.27 81.62 46.84
C PRO S 520 5.54 81.04 47.45
N GLN S 521 6.32 80.35 46.60
CA GLN S 521 7.62 79.82 46.98
C GLN S 521 8.41 79.43 45.73
N TYR S 522 9.59 80.01 45.55
CA TYR S 522 10.45 79.65 44.43
C TYR S 522 10.91 78.21 44.56
N ILE S 523 11.19 77.58 43.43
CA ILE S 523 11.88 76.29 43.43
C ILE S 523 13.02 76.21 42.44
N SER S 524 13.24 77.24 41.63
CA SER S 524 14.28 77.22 40.62
C SER S 524 14.57 78.66 40.23
N THR S 525 15.28 78.83 39.12
CA THR S 525 15.45 80.16 38.56
C THR S 525 14.11 80.75 38.13
N ASN S 526 13.18 79.93 37.65
CA ASN S 526 11.96 80.44 37.03
C ASN S 526 10.68 79.71 37.39
N GLU S 527 10.69 78.76 38.31
CA GLU S 527 9.47 78.04 38.66
C GLU S 527 9.01 78.40 40.06
N MET S 528 7.71 78.28 40.30
CA MET S 528 7.09 79.05 41.37
C MET S 528 5.87 78.28 41.89
N TYR S 529 5.97 77.78 43.11
CA TYR S 529 4.88 77.10 43.79
C TYR S 529 3.87 78.08 44.36
N PHE S 530 2.60 77.82 44.10
CA PHE S 530 1.51 78.51 44.78
C PHE S 530 0.75 77.49 45.62
N PHE S 531 0.67 77.74 46.93
CA PHE S 531 -0.10 76.92 47.84
C PHE S 531 -1.35 77.67 48.28
N ALA S 532 -2.52 77.09 48.07
CA ALA S 532 -3.77 77.69 48.51
C ALA S 532 -4.07 77.22 49.92
N HIS S 533 -4.34 78.19 50.80
CA HIS S 533 -4.50 77.95 52.23
C HIS S 533 -5.96 77.58 52.51
N VAL S 534 -6.17 76.34 52.93
CA VAL S 534 -7.48 75.90 53.42
C VAL S 534 -7.54 76.27 54.91
N PRO S 535 -8.51 77.08 55.33
CA PRO S 535 -8.59 77.44 56.75
C PRO S 535 -9.06 76.26 57.60
N LEU S 536 -8.41 76.10 58.75
CA LEU S 536 -8.79 75.05 59.67
C LEU S 536 -10.14 75.38 60.32
N THR S 537 -10.76 74.35 60.89
CA THR S 537 -12.09 74.44 61.50
C THR S 537 -13.11 74.99 60.51
N MET S 538 -13.31 74.22 59.44
CA MET S 538 -14.17 74.63 58.34
C MET S 538 -14.78 73.38 57.71
N PRO S 539 -16.08 73.43 57.38
CA PRO S 539 -16.85 72.20 57.11
C PRO S 539 -16.36 71.41 55.91
N THR S 540 -16.53 70.09 55.99
CA THR S 540 -15.99 69.20 54.97
C THR S 540 -16.70 69.32 53.63
N ASN S 541 -18.02 69.54 53.64
CA ASN S 541 -18.78 69.62 52.40
C ASN S 541 -18.45 70.85 51.57
N ILE S 542 -17.82 71.87 52.15
CA ILE S 542 -17.46 73.09 51.46
C ILE S 542 -15.95 73.25 51.30
N GLN S 543 -15.19 72.16 51.51
CA GLN S 543 -13.74 72.13 51.26
C GLN S 543 -13.40 72.41 49.80
N TRP S 544 -14.27 72.03 48.86
CA TRP S 544 -13.95 72.16 47.44
C TRP S 544 -13.83 73.61 46.99
N LYS S 545 -14.46 74.55 47.71
CA LYS S 545 -14.42 75.95 47.32
C LYS S 545 -13.05 76.59 47.48
N LYS S 546 -12.14 75.95 48.20
CA LYS S 546 -10.78 76.44 48.40
C LYS S 546 -9.76 75.42 47.89
N ARG S 547 -10.03 74.84 46.73
CA ARG S 547 -9.21 73.75 46.22
C ARG S 547 -8.97 73.92 44.73
N PHE S 548 -7.75 73.60 44.30
CA PHE S 548 -7.42 73.51 42.89
C PHE S 548 -7.99 72.24 42.29
N LYS S 549 -8.43 72.33 41.03
CA LYS S 549 -8.96 71.22 40.26
C LYS S 549 -8.27 71.18 38.91
N THR S 550 -8.59 70.17 38.11
CA THR S 550 -7.96 69.95 36.82
C THR S 550 -8.27 71.02 35.79
N ILE S 551 -9.28 71.86 36.05
CA ILE S 551 -9.63 72.93 35.12
C ILE S 551 -8.46 73.91 34.98
N HIS S 552 -7.64 74.02 36.01
CA HIS S 552 -6.50 74.92 36.00
C HIS S 552 -5.32 74.38 35.20
N LEU S 553 -5.37 73.13 34.76
CA LEU S 553 -4.29 72.56 33.96
C LEU S 553 -4.26 73.24 32.60
N GLY S 554 -3.15 73.88 32.27
CA GLY S 554 -2.98 74.55 31.00
C GLY S 554 -3.32 76.02 31.00
N LYS S 555 -3.94 76.52 32.05
CA LYS S 555 -4.27 77.94 32.15
C LYS S 555 -3.05 78.73 32.61
N THR S 556 -3.26 79.99 32.95
CA THR S 556 -2.21 80.88 33.37
C THR S 556 -2.72 81.73 34.52
N ILE S 557 -1.80 82.19 35.35
CA ILE S 557 -2.12 83.03 36.50
C ILE S 557 -1.54 84.41 36.26
N GLU S 558 -2.33 85.45 36.52
CA GLU S 558 -1.93 86.82 36.32
C GLU S 558 -2.16 87.62 37.60
N PHE S 559 -1.27 88.57 37.86
CA PHE S 559 -1.35 89.42 39.03
C PHE S 559 -1.74 90.84 38.61
N SER S 560 -2.53 91.50 39.46
CA SER S 560 -2.98 92.86 39.14
C SER S 560 -1.83 93.85 39.08
N LYS S 561 -0.87 93.74 40.05
CA LYS S 561 0.29 94.61 40.01
C LYS S 561 1.09 94.37 38.73
N THR S 562 1.68 93.18 38.63
CA THR S 562 2.38 92.72 37.44
C THR S 562 2.71 91.23 37.62
N GLY S 563 2.84 90.51 36.53
CA GLY S 563 3.15 89.10 36.62
C GLY S 563 2.24 88.20 35.82
N LEU S 564 2.83 87.21 35.16
CA LEU S 564 2.08 86.22 34.39
C LEU S 564 2.88 84.93 34.37
N ALA S 565 2.27 83.86 34.86
CA ALA S 565 2.93 82.57 34.94
C ALA S 565 2.05 81.52 34.31
N ASN S 566 2.69 80.52 33.71
CA ASN S 566 2.01 79.46 32.98
C ASN S 566 1.90 78.24 33.87
N ILE S 567 0.68 77.73 34.03
CA ILE S 567 0.44 76.57 34.90
C ILE S 567 0.88 75.31 34.18
N LYS S 568 1.65 74.47 34.87
CA LYS S 568 2.12 73.21 34.31
C LYS S 568 1.60 72.00 35.06
N ASN S 569 1.38 72.06 36.37
CA ASN S 569 0.82 70.88 37.01
C ASN S 569 -0.02 71.23 38.23
N VAL S 570 -0.90 70.29 38.58
CA VAL S 570 -1.77 70.39 39.75
C VAL S 570 -1.40 69.28 40.72
N TYR S 571 -1.07 69.66 41.96
CA TYR S 571 -0.67 68.70 42.99
C TYR S 571 -1.64 68.70 44.16
N MET S 572 -1.95 67.50 44.61
CA MET S 572 -2.85 67.22 45.71
C MET S 572 -2.10 66.54 46.84
N HIS S 573 -2.13 67.16 48.03
CA HIS S 573 -1.51 66.56 49.20
C HIS S 573 -2.38 66.95 50.39
N LYS S 574 -3.33 66.08 50.73
CA LYS S 574 -4.36 66.43 51.70
C LYS S 574 -3.90 66.24 53.14
N THR S 575 -2.76 65.60 53.37
CA THR S 575 -2.33 65.25 54.72
C THR S 575 -1.05 65.93 55.15
N GLU S 576 0.01 65.87 54.34
CA GLU S 576 1.35 66.24 54.79
C GLU S 576 1.47 67.72 55.19
N PRO S 577 0.99 68.71 54.42
CA PRO S 577 1.03 70.08 54.95
C PRO S 577 -0.25 70.43 55.69
N VAL S 578 -0.07 71.17 56.79
CA VAL S 578 -1.18 71.60 57.61
C VAL S 578 -1.60 73.01 57.17
N GLY S 579 -2.88 73.17 56.87
CA GLY S 579 -3.41 74.40 56.35
C GLY S 579 -3.34 74.52 54.85
N PHE S 580 -2.57 73.66 54.19
CA PHE S 580 -2.45 73.65 52.74
C PHE S 580 -2.65 72.24 52.21
N GLN S 581 -3.49 72.12 51.19
CA GLN S 581 -3.79 70.84 50.58
C GLN S 581 -3.57 70.83 49.07
N THR S 582 -3.48 72.01 48.46
CA THR S 582 -3.41 72.16 47.02
C THR S 582 -2.09 72.83 46.67
N SER S 583 -1.59 72.56 45.47
CA SER S 583 -0.50 73.36 44.94
C SER S 583 -0.52 73.30 43.42
N ILE S 584 0.04 74.33 42.80
CA ILE S 584 0.19 74.37 41.35
C ILE S 584 1.64 74.65 41.03
N HIS S 585 2.21 73.81 40.17
CA HIS S 585 3.57 74.01 39.68
C HIS S 585 3.47 74.88 38.44
N THR S 586 4.11 76.07 38.50
CA THR S 586 3.98 77.09 37.48
C THR S 586 5.36 77.54 37.02
N GLU S 587 5.37 78.25 35.89
CA GLU S 587 6.59 78.77 35.29
C GLU S 587 6.46 80.27 35.08
N ILE S 588 7.47 81.02 35.52
CA ILE S 588 7.44 82.48 35.48
C ILE S 588 7.81 82.96 34.09
N ILE S 589 6.99 83.85 33.53
CA ILE S 589 7.37 84.59 32.32
C ILE S 589 7.58 86.04 32.71
N VAL S 590 6.68 86.57 33.51
CA VAL S 590 6.77 87.91 34.08
C VAL S 590 7.08 87.76 35.56
N PRO S 591 8.09 88.45 36.10
CA PRO S 591 8.63 88.06 37.40
C PRO S 591 7.86 88.50 38.64
N PHE S 592 6.61 88.96 38.48
CA PHE S 592 5.69 89.31 39.58
C PHE S 592 6.13 90.53 40.38
N GLY S 593 5.18 91.20 41.01
CA GLY S 593 5.44 92.43 41.75
C GLY S 593 5.37 92.21 43.26
N ILE S 594 6.30 92.84 43.97
CA ILE S 594 6.43 92.66 45.41
C ILE S 594 5.79 93.83 46.14
N GLU S 595 5.62 93.66 47.45
CA GLU S 595 4.98 94.68 48.26
C GLU S 595 5.91 95.87 48.50
N ASN S 596 5.34 97.06 48.57
CA ASN S 596 6.09 98.26 48.90
C ASN S 596 6.30 98.34 50.42
N SER S 597 7.12 99.30 50.83
CA SER S 597 7.36 99.55 52.25
C SER S 597 6.46 100.63 52.84
N LYS S 598 5.80 101.43 52.00
CA LYS S 598 4.93 102.49 52.51
C LYS S 598 3.69 101.92 53.19
N ASP S 599 3.01 100.99 52.51
CA ASP S 599 1.80 100.41 53.08
C ASP S 599 2.14 99.46 54.22
N SER S 600 3.22 98.71 54.10
CA SER S 600 3.68 97.80 55.16
C SER S 600 5.02 98.31 55.68
N PRO S 601 5.02 99.04 56.80
CA PRO S 601 6.27 99.62 57.32
C PRO S 601 7.14 98.65 58.12
N CYS S 602 6.73 97.39 58.25
CA CYS S 602 7.53 96.39 58.95
C CYS S 602 8.69 95.88 58.11
N LEU S 603 8.77 96.27 56.83
CA LEU S 603 9.85 95.79 55.95
C LEU S 603 11.21 96.29 56.41
N LEU S 604 11.26 97.46 57.03
CA LEU S 604 12.52 98.10 57.40
C LEU S 604 13.03 97.60 58.76
N SER S 605 13.11 96.29 58.92
CA SER S 605 13.56 95.71 60.18
C SER S 605 14.09 94.30 59.92
N ASP S 606 14.61 93.68 60.97
CA ASP S 606 15.19 92.34 60.90
C ASP S 606 14.17 91.34 61.42
N LEU S 607 14.04 90.21 60.71
CA LEU S 607 13.09 89.18 61.10
C LEU S 607 13.79 88.08 61.88
N GLU S 608 13.05 87.47 62.81
CA GLU S 608 13.52 86.28 63.50
C GLU S 608 12.35 85.32 63.63
N ILE S 609 12.48 84.14 63.03
CA ILE S 609 11.41 83.16 63.01
C ILE S 609 11.85 81.94 63.80
N THR S 610 11.02 81.52 64.76
CA THR S 610 11.29 80.35 65.58
C THR S 610 10.05 79.49 65.63
N TYR S 611 10.20 78.28 66.16
CA TYR S 611 9.08 77.39 66.34
C TYR S 611 8.22 77.85 67.52
N SER S 612 6.91 77.89 67.32
CA SER S 612 5.97 78.12 68.40
C SER S 612 5.72 76.81 69.13
N GLY S 613 4.70 76.78 69.98
CA GLY S 613 4.43 75.62 70.81
C GLY S 613 4.06 74.35 70.08
N LYS S 614 2.88 74.32 69.45
CA LYS S 614 2.37 73.07 68.89
C LYS S 614 2.73 72.93 67.42
N LEU S 615 2.19 73.82 66.58
CA LEU S 615 2.46 73.80 65.15
C LEU S 615 2.67 75.16 64.51
N TYR S 616 2.53 76.26 65.23
CA TYR S 616 2.68 77.58 64.65
C TYR S 616 4.16 77.97 64.58
N TYR S 617 4.41 79.15 64.02
CA TYR S 617 5.75 79.71 63.99
C TYR S 617 5.69 81.15 64.47
N THR S 618 6.58 81.50 65.39
CA THR S 618 6.61 82.83 65.99
C THR S 618 7.55 83.71 65.18
N ILE S 619 7.03 84.83 64.68
CA ILE S 619 7.78 85.81 63.91
C ILE S 619 7.97 87.03 64.79
N LYS S 620 9.21 87.46 64.98
CA LYS S 620 9.52 88.62 65.80
C LYS S 620 10.35 89.62 65.02
N LEU S 621 9.97 90.88 65.14
CA LEU S 621 10.67 91.99 64.53
C LEU S 621 11.70 92.50 65.53
N LEU S 622 12.98 92.40 65.17
CA LEU S 622 14.04 92.78 66.11
C LEU S 622 14.05 94.27 66.39
N SER S 623 13.64 95.09 65.43
CA SER S 623 13.60 96.53 65.61
C SER S 623 12.35 96.93 66.39
N LYS S 624 12.55 97.58 67.54
CA LYS S 624 11.45 98.09 68.37
C LYS S 624 11.12 99.54 68.03
N ASN S 625 11.45 99.96 66.82
CA ASN S 625 11.14 101.29 66.31
C ASN S 625 9.62 101.50 66.30
N PRO S 626 9.09 102.58 66.92
CA PRO S 626 7.66 102.81 66.85
C PRO S 626 7.09 103.45 65.56
N LEU S 627 7.83 103.31 64.47
CA LEU S 627 7.34 103.63 63.13
C LEU S 627 7.02 102.40 62.31
N HIS S 628 7.69 101.27 62.57
CA HIS S 628 7.51 100.07 61.75
C HIS S 628 6.26 99.28 62.17
N GLU S 629 6.27 98.73 63.38
CA GLU S 629 5.16 97.95 63.94
C GLU S 629 4.70 96.81 63.05
N LEU S 630 3.47 96.34 63.27
CA LEU S 630 2.81 95.36 62.41
C LEU S 630 1.35 95.78 62.33
N LYS S 631 0.96 96.37 61.20
CA LYS S 631 -0.39 96.86 61.03
C LYS S 631 -1.39 95.71 60.98
N SER S 632 -2.62 95.98 61.41
CA SER S 632 -3.68 94.98 61.39
C SER S 632 -4.13 94.63 59.98
N THR S 633 -3.76 95.43 58.99
CA THR S 633 -4.01 95.08 57.59
C THR S 633 -3.01 94.07 57.06
N ASP S 634 -1.95 93.75 57.81
CA ASP S 634 -0.94 92.79 57.37
C ASP S 634 -1.32 91.36 57.78
N VAL S 635 -2.54 90.97 57.43
CA VAL S 635 -3.04 89.61 57.61
C VAL S 635 -3.31 89.03 56.24
N GLU S 636 -3.20 87.71 56.12
CA GLU S 636 -3.31 86.98 54.86
C GLU S 636 -2.27 87.48 53.85
N LYS S 637 -1.07 87.74 54.35
CA LYS S 637 0.08 88.10 53.53
C LYS S 637 1.14 87.02 53.70
N SER S 638 2.00 86.88 52.69
CA SER S 638 3.01 85.84 52.68
C SER S 638 4.39 86.48 52.71
N VAL S 639 5.24 86.02 53.62
CA VAL S 639 6.60 86.52 53.71
C VAL S 639 7.56 85.48 53.14
N LEU S 640 8.41 85.92 52.20
CA LEU S 640 9.29 85.04 51.45
C LEU S 640 10.73 85.45 51.62
N ILE S 641 11.60 84.44 51.74
CA ILE S 641 13.04 84.63 51.62
C ILE S 641 13.43 83.65 50.51
N PRO S 642 14.11 84.10 49.46
CA PRO S 642 14.52 83.17 48.39
C PRO S 642 15.59 82.20 48.87
N GLY S 643 15.15 80.91 49.06
CA GLY S 643 16.04 79.88 49.54
C GLY S 643 15.49 79.10 50.73
N TYR S 644 14.42 79.61 51.34
CA TYR S 644 13.84 78.99 52.52
C TYR S 644 12.32 78.85 52.32
N SER S 645 11.65 78.42 53.38
CA SER S 645 10.22 78.14 53.32
C SER S 645 9.42 79.43 53.25
N SER S 646 8.13 79.27 52.97
CA SER S 646 7.18 80.37 52.95
C SER S 646 6.38 80.38 54.23
N PHE S 647 5.94 81.57 54.64
CA PHE S 647 5.18 81.75 55.86
C PHE S 647 4.00 82.68 55.60
N LEU S 648 2.82 82.24 56.01
CA LEU S 648 1.59 83.01 55.87
C LEU S 648 1.25 83.57 57.26
N ILE S 649 0.92 84.86 57.33
CA ILE S 649 0.60 85.48 58.60
C ILE S 649 -0.92 85.51 58.77
N MET S 650 -1.42 84.90 59.83
CA MET S 650 -2.84 85.00 60.15
C MET S 650 -3.12 85.77 61.42
N ASN S 651 -2.17 85.83 62.35
CA ASN S 651 -2.41 86.47 63.64
C ASN S 651 -1.26 87.39 64.00
N ILE S 652 -1.61 88.51 64.64
CA ILE S 652 -0.66 89.49 65.13
C ILE S 652 -0.89 89.63 66.62
N THR S 653 -0.11 88.91 67.42
CA THR S 653 -0.33 88.84 68.85
C THR S 653 0.31 89.99 69.63
N ASP S 654 1.13 90.81 68.98
CA ASP S 654 1.76 91.96 69.63
C ASP S 654 1.95 93.04 68.57
N LYS S 655 2.75 94.04 68.89
CA LYS S 655 3.10 95.05 67.90
C LYS S 655 4.39 94.74 67.16
N TRP S 656 5.10 93.68 67.57
CA TRP S 656 6.28 93.23 66.85
C TRP S 656 6.34 91.70 66.79
N THR S 657 5.29 91.02 67.25
CA THR S 657 5.27 89.57 67.29
C THR S 657 4.01 89.06 66.61
N ALA S 658 4.17 88.08 65.71
CA ALA S 658 3.08 87.53 64.94
C ALA S 658 3.17 86.01 64.92
N SER S 659 2.06 85.37 64.60
CA SER S 659 1.97 83.93 64.45
C SER S 659 1.82 83.60 62.97
N ALA S 660 2.43 82.51 62.53
CA ALA S 660 2.44 82.17 61.12
C ALA S 660 2.37 80.66 60.93
N LEU S 661 2.00 80.26 59.72
CA LEU S 661 2.05 78.87 59.27
C LEU S 661 3.13 78.73 58.20
N ALA S 662 3.90 77.64 58.28
CA ALA S 662 5.02 77.40 57.39
C ALA S 662 4.61 76.42 56.31
N THR S 663 4.78 76.82 55.05
CA THR S 663 4.61 75.90 53.93
C THR S 663 5.88 75.09 53.78
N MET S 664 5.74 73.76 53.76
CA MET S 664 6.83 72.79 53.78
C MET S 664 7.67 73.12 55.01
N PRO S 665 7.23 72.72 56.20
CA PRO S 665 8.01 72.98 57.42
C PRO S 665 9.05 71.92 57.74
N GLN S 666 9.38 71.04 56.80
CA GLN S 666 10.27 69.92 57.06
C GLN S 666 11.73 70.22 56.73
N ALA S 667 12.07 71.46 56.43
CA ALA S 667 13.45 71.84 56.12
C ALA S 667 13.83 73.15 56.82
N ILE S 668 13.51 73.23 58.11
CA ILE S 668 13.92 74.40 58.90
C ILE S 668 14.90 73.94 59.97
N LYS S 669 14.43 73.12 60.90
CA LYS S 669 15.25 72.43 61.90
C LYS S 669 16.11 73.36 62.74
N SER S 670 15.78 74.65 62.80
CA SER S 670 16.56 75.63 63.55
C SER S 670 15.73 76.91 63.68
N ASN S 671 16.35 77.93 64.25
CA ASN S 671 15.76 79.26 64.39
C ASN S 671 16.46 80.19 63.39
N LEU S 672 15.68 80.88 62.57
CA LEU S 672 16.24 81.63 61.46
C LEU S 672 16.16 83.13 61.71
N LYS S 673 17.18 83.84 61.23
CA LYS S 673 17.29 85.28 61.37
C LYS S 673 17.55 85.89 60.00
N PHE S 674 17.08 87.12 59.81
CA PHE S 674 17.23 87.80 58.52
C PHE S 674 17.50 89.28 58.77
N LEU S 675 17.64 90.02 57.67
CA LEU S 675 18.03 91.42 57.68
C LEU S 675 16.90 92.27 57.08
N THR S 676 17.18 93.55 56.85
CA THR S 676 16.18 94.45 56.31
C THR S 676 15.83 94.11 54.86
N GLY S 677 16.85 93.91 54.02
CA GLY S 677 16.62 93.72 52.60
C GLY S 677 16.86 92.31 52.09
N SER S 678 16.45 91.31 52.87
CA SER S 678 16.59 89.92 52.46
C SER S 678 15.27 89.19 52.30
N TRP S 679 14.17 89.74 52.79
CA TRP S 679 12.86 89.12 52.72
C TRP S 679 11.87 90.08 52.10
N PHE S 680 10.78 89.53 51.58
CA PHE S 680 9.79 90.32 50.86
C PHE S 680 8.39 89.85 51.24
N LEU S 681 7.41 90.69 50.93
CA LEU S 681 6.01 90.39 51.23
C LEU S 681 5.20 90.31 49.95
N TYR S 682 4.20 89.43 49.95
CA TYR S 682 3.30 89.23 48.84
C TYR S 682 1.86 89.24 49.35
N ASN S 683 0.98 89.88 48.61
CA ASN S 683 -0.43 90.03 48.98
C ASN S 683 -1.29 89.32 47.95
N PHE S 684 -1.52 88.03 48.16
CA PHE S 684 -2.39 87.24 47.29
C PHE S 684 -3.71 86.89 47.96
N GLY S 685 -4.00 87.47 49.11
CA GLY S 685 -5.22 87.14 49.83
C GLY S 685 -6.45 87.80 49.25
N THR S 686 -7.60 87.38 49.76
CA THR S 686 -8.89 87.93 49.35
C THR S 686 -9.26 89.19 50.11
N ALA S 687 -8.50 89.56 51.14
CA ALA S 687 -8.81 90.75 51.93
C ALA S 687 -8.57 92.01 51.10
N GLY S 688 -9.54 92.91 51.11
CA GLY S 688 -9.45 94.11 50.31
C GLY S 688 -9.64 93.91 48.83
N GLY S 689 -10.05 92.72 48.40
CA GLY S 689 -10.18 92.42 46.99
C GLY S 689 -9.12 91.47 46.49
N ARG S 690 -9.55 90.34 45.94
CA ARG S 690 -8.61 89.38 45.37
C ARG S 690 -7.99 89.96 44.11
N LYS S 691 -6.66 89.86 44.01
CA LYS S 691 -5.90 90.59 42.99
C LYS S 691 -5.22 89.68 41.98
N TRP S 692 -5.61 88.41 41.92
CA TRP S 692 -5.02 87.47 40.97
C TRP S 692 -6.13 86.80 40.17
N SER S 693 -5.78 86.40 38.94
CA SER S 693 -6.75 85.83 38.02
C SER S 693 -6.17 84.56 37.38
N ILE S 694 -7.07 83.64 37.07
CA ILE S 694 -6.75 82.39 36.38
C ILE S 694 -7.50 82.41 35.06
N SER S 695 -6.78 82.27 33.95
CA SER S 695 -7.40 82.44 32.65
C SER S 695 -6.65 81.67 31.58
N THR S 696 -7.30 81.47 30.45
CA THR S 696 -6.68 80.74 29.34
C THR S 696 -5.56 81.57 28.72
N ARG S 697 -4.68 80.89 27.99
CA ARG S 697 -3.50 81.50 27.41
C ARG S 697 -3.63 81.63 25.90
N GLN S 698 -2.67 82.33 25.31
CA GLN S 698 -2.68 82.61 23.88
C GLN S 698 -2.24 81.38 23.09
N CYS S 699 -2.40 81.48 21.77
CA CYS S 699 -1.92 80.43 20.88
C CYS S 699 -0.39 80.39 20.88
N ASN S 700 0.17 79.19 20.93
CA ASN S 700 1.61 79.03 21.04
C ASN S 700 2.18 77.99 20.08
N TYR S 701 1.37 77.41 19.20
CA TYR S 701 1.88 76.44 18.25
C TYR S 701 1.44 76.83 16.85
N TRP S 702 2.40 76.82 15.94
CA TRP S 702 2.21 77.21 14.55
C TRP S 702 2.44 75.99 13.69
N ILE S 703 1.53 75.73 12.75
CA ILE S 703 1.64 74.62 11.83
C ILE S 703 2.01 75.18 10.47
N GLN S 704 3.06 74.64 9.87
CA GLN S 704 3.51 75.03 8.55
C GLN S 704 3.49 73.82 7.63
N GLN S 705 2.76 73.93 6.53
CA GLN S 705 2.66 72.87 5.54
C GLN S 705 2.98 73.50 4.19
N ASP S 706 4.15 73.17 3.64
CA ASP S 706 4.61 73.82 2.42
C ASP S 706 3.98 73.20 1.18
N SER S 707 3.66 71.91 1.24
CA SER S 707 3.19 71.19 0.06
C SER S 707 1.78 71.61 -0.32
N LEU S 708 1.57 71.81 -1.63
CA LEU S 708 0.28 72.19 -2.19
C LEU S 708 -0.76 71.12 -1.89
N ASP S 709 -2.04 71.51 -1.99
CA ASP S 709 -3.24 70.68 -1.80
C ASP S 709 -3.27 69.93 -0.47
N PHE S 710 -2.45 70.34 0.49
CA PHE S 710 -2.48 69.77 1.83
C PHE S 710 -2.86 70.79 2.90
N MET S 711 -3.05 72.06 2.53
CA MET S 711 -3.36 73.08 3.53
C MET S 711 -4.75 72.93 4.09
N SER S 712 -5.65 72.25 3.37
CA SER S 712 -7.03 72.15 3.79
C SER S 712 -7.13 71.43 5.14
N LEU S 713 -7.95 71.99 6.03
CA LEU S 713 -8.09 71.44 7.36
C LEU S 713 -8.74 70.07 7.34
N ASN S 714 -9.53 69.77 6.31
CA ASN S 714 -10.10 68.46 6.08
C ASN S 714 -9.50 67.88 4.80
N LEU S 715 -8.94 66.68 4.90
CA LEU S 715 -8.33 66.03 3.76
C LEU S 715 -8.75 64.56 3.70
N VAL S 716 -9.07 64.11 2.50
CA VAL S 716 -9.38 62.72 2.22
C VAL S 716 -8.47 62.26 1.09
N LYS S 717 -7.68 61.22 1.36
CA LYS S 717 -6.71 60.72 0.40
C LYS S 717 -6.98 59.25 0.10
N TYR S 718 -7.00 58.90 -1.18
CA TYR S 718 -7.22 57.54 -1.62
C TYR S 718 -5.89 56.85 -1.89
N ILE S 719 -5.81 55.57 -1.52
CA ILE S 719 -4.66 54.74 -1.85
C ILE S 719 -5.15 53.41 -2.41
N ASP S 720 -4.56 52.99 -3.52
CA ASP S 720 -4.82 51.67 -4.07
C ASP S 720 -3.88 50.66 -3.42
N VAL S 721 -3.79 49.45 -4.00
CA VAL S 721 -2.83 48.47 -3.52
C VAL S 721 -1.44 48.85 -4.01
N GLY S 722 -0.48 48.85 -3.08
CA GLY S 722 0.91 49.13 -3.41
C GLY S 722 1.41 50.55 -3.26
N ASN S 723 0.69 51.52 -3.81
CA ASN S 723 1.14 52.91 -3.74
C ASN S 723 1.01 53.45 -2.31
N THR S 724 1.96 54.31 -1.95
CA THR S 724 2.03 54.92 -0.63
C THR S 724 1.84 56.43 -0.76
N ILE S 725 1.47 57.06 0.36
CA ILE S 725 1.26 58.50 0.41
C ILE S 725 2.04 59.07 1.59
N ASP S 726 2.74 60.17 1.36
CA ASP S 726 3.59 60.74 2.39
C ASP S 726 3.28 62.21 2.57
N PHE S 727 3.46 62.71 3.78
CA PHE S 727 3.38 64.14 3.99
C PHE S 727 4.34 64.58 5.10
N GLN S 728 4.72 65.85 5.02
CA GLN S 728 5.63 66.48 5.95
C GLN S 728 4.96 67.69 6.57
N PHE S 729 5.15 67.87 7.86
CA PHE S 729 4.70 69.04 8.59
C PHE S 729 5.87 69.69 9.31
N LYS S 730 5.75 70.99 9.55
CA LYS S 730 6.65 71.75 10.39
C LYS S 730 5.87 72.32 11.56
N ILE S 731 6.42 72.20 12.76
CA ILE S 731 5.80 72.70 13.98
C ILE S 731 6.71 73.77 14.55
N ILE S 732 6.14 74.93 14.86
CA ILE S 732 6.87 76.10 15.31
C ILE S 732 6.34 76.49 16.69
N PRO S 733 7.16 76.48 17.74
CA PRO S 733 6.72 76.98 19.03
C PRO S 733 6.75 78.51 19.08
N LYS S 734 5.91 79.06 19.94
CA LYS S 734 5.88 80.50 20.21
C LYS S 734 6.19 80.83 21.66
N ALA S 735 6.49 79.82 22.46
CA ALA S 735 6.79 79.98 23.88
C ALA S 735 7.82 78.91 24.22
N MET S 736 7.96 78.61 25.51
CA MET S 736 8.84 77.51 25.90
C MET S 736 8.29 76.20 25.37
N SER S 737 9.15 75.40 24.76
CA SER S 737 8.79 74.19 24.06
C SER S 737 9.40 72.97 24.72
N THR S 738 8.70 71.85 24.62
CA THR S 738 9.14 70.59 25.21
C THR S 738 10.19 69.98 24.27
N PHE S 739 11.47 70.20 24.59
CA PHE S 739 12.52 69.63 23.75
C PHE S 739 12.56 68.11 23.76
N PRO S 740 12.58 67.41 24.91
CA PRO S 740 12.66 65.95 24.82
C PRO S 740 11.40 65.30 24.27
N ILE S 741 10.24 65.64 24.81
CA ILE S 741 9.00 65.01 24.37
C ILE S 741 8.54 65.68 23.08
N PRO S 742 8.32 64.93 22.00
CA PRO S 742 7.74 65.52 20.80
C PRO S 742 6.34 66.04 21.07
N PRO S 743 5.98 67.18 20.46
CA PRO S 743 4.74 67.86 20.85
C PRO S 743 3.50 67.43 20.08
N VAL S 744 3.62 66.53 19.12
CA VAL S 744 2.48 66.05 18.34
C VAL S 744 2.35 64.55 18.54
N SER S 745 1.28 64.13 19.20
CA SER S 745 0.97 62.71 19.32
C SER S 745 -0.06 62.38 18.26
N MET S 746 0.17 61.31 17.52
CA MET S 746 -0.72 60.93 16.44
C MET S 746 -1.37 59.60 16.78
N VAL S 747 -2.65 59.50 16.45
CA VAL S 747 -3.46 58.35 16.81
C VAL S 747 -4.08 57.80 15.54
N VAL S 748 -4.31 56.49 15.53
CA VAL S 748 -4.84 55.79 14.37
C VAL S 748 -6.18 55.18 14.73
N GLY S 749 -7.19 55.45 13.90
CA GLY S 749 -8.51 54.86 14.15
C GLY S 749 -8.53 53.35 13.93
N ASN S 750 -7.96 52.89 12.82
CA ASN S 750 -7.96 51.47 12.46
C ASN S 750 -6.55 51.07 12.06
N PRO S 751 -5.77 50.47 12.97
CA PRO S 751 -4.40 50.07 12.65
C PRO S 751 -4.32 48.78 11.85
N GLY S 752 -5.42 48.10 11.60
CA GLY S 752 -5.40 46.78 10.98
C GLY S 752 -5.29 46.78 9.48
N LEU S 753 -5.63 47.89 8.82
CA LEU S 753 -5.60 47.95 7.37
C LEU S 753 -4.54 48.89 6.82
N VAL S 754 -3.90 49.69 7.66
CA VAL S 754 -2.97 50.72 7.22
C VAL S 754 -1.65 50.55 7.95
N GLU S 755 -0.55 50.86 7.25
CA GLU S 755 0.78 50.83 7.82
C GLU S 755 1.33 52.25 7.83
N VAL S 756 1.76 52.71 9.00
CA VAL S 756 2.14 54.10 9.21
C VAL S 756 3.56 54.14 9.76
N LYS S 757 4.47 54.72 8.99
CA LYS S 757 5.86 54.87 9.41
C LYS S 757 6.18 56.35 9.57
N THR S 758 6.65 56.72 10.75
CA THR S 758 6.79 58.11 11.15
C THR S 758 8.25 58.44 11.47
N GLN S 759 8.68 59.64 11.07
CA GLN S 759 9.96 60.18 11.49
C GLN S 759 9.76 61.57 12.04
N GLY S 760 10.41 61.86 13.16
CA GLY S 760 10.34 63.17 13.77
C GLY S 760 11.68 63.67 14.26
N VAL S 761 12.13 64.80 13.71
CA VAL S 761 13.44 65.35 14.00
C VAL S 761 13.30 66.79 14.46
N PHE S 762 14.36 67.29 15.09
CA PHE S 762 14.37 68.61 15.70
C PHE S 762 15.34 69.52 14.98
N ASP S 763 15.05 70.82 15.03
CA ASP S 763 15.85 71.85 14.42
C ASP S 763 16.72 72.51 15.49
N LEU S 764 17.42 73.57 15.11
CA LEU S 764 18.25 74.28 16.06
C LEU S 764 17.40 75.08 17.03
N ASN S 765 16.39 75.79 16.53
CA ASN S 765 15.49 76.58 17.35
C ASN S 765 14.24 75.82 17.76
N GLU S 766 14.35 74.50 17.91
CA GLU S 766 13.29 73.60 18.35
C GLU S 766 12.16 73.47 17.36
N ASN S 767 12.35 73.91 16.12
CA ASN S 767 11.35 73.66 15.09
C ASN S 767 11.32 72.18 14.75
N TYR S 768 10.12 71.62 14.77
CA TYR S 768 9.91 70.18 14.71
C TYR S 768 9.53 69.79 13.29
N TYR S 769 10.37 68.99 12.63
CA TYR S 769 10.03 68.48 11.31
C TYR S 769 9.54 67.05 11.46
N LEU S 770 8.34 66.79 10.96
CA LEU S 770 7.80 65.43 11.02
C LEU S 770 7.37 65.02 9.62
N ASP S 771 7.47 63.73 9.34
CA ASP S 771 6.98 63.19 8.09
C ASP S 771 6.47 61.78 8.30
N ILE S 772 5.32 61.51 7.67
CA ILE S 772 4.63 60.24 7.82
C ILE S 772 4.41 59.64 6.44
N HIS S 773 4.69 58.34 6.32
CA HIS S 773 4.40 57.56 5.12
C HIS S 773 3.32 56.55 5.47
N VAL S 774 2.30 56.47 4.62
CA VAL S 774 1.10 55.68 4.86
C VAL S 774 0.91 54.74 3.68
N SER S 775 0.73 53.46 3.98
CA SER S 775 0.53 52.44 2.96
C SER S 775 -0.46 51.40 3.48
N GLY S 776 -1.09 50.69 2.55
CA GLY S 776 -2.03 49.66 2.92
C GLY S 776 -1.35 48.39 3.38
N ARG S 777 -2.17 47.41 3.76
CA ARG S 777 -1.67 46.11 4.19
C ARG S 777 -1.89 45.05 3.13
N PHE S 778 -3.13 44.88 2.68
CA PHE S 778 -3.46 43.92 1.62
C PHE S 778 -4.75 44.36 0.95
N PHE S 779 -5.34 43.47 0.16
CA PHE S 779 -6.51 43.79 -0.66
C PHE S 779 -7.74 43.89 0.23
N GLN S 780 -8.13 45.11 0.56
CA GLN S 780 -9.36 45.38 1.31
C GLN S 780 -9.77 46.84 1.16
N GLY S 782 -11.54 49.74 2.88
CA GLY S 782 -12.16 50.47 3.96
C GLY S 782 -11.65 51.90 4.08
N SER S 783 -11.72 52.46 5.30
CA SER S 783 -11.25 53.81 5.54
C SER S 783 -10.83 53.94 6.99
N THR S 784 -9.99 54.95 7.24
CA THR S 784 -9.49 55.19 8.59
C THR S 784 -9.13 56.65 8.73
N SER S 785 -8.92 57.07 9.99
CA SER S 785 -8.59 58.45 10.30
C SER S 785 -7.29 58.49 11.10
N ILE S 786 -6.42 59.42 10.74
CA ILE S 786 -5.17 59.65 11.45
C ILE S 786 -5.22 61.04 12.04
N ALA S 787 -4.99 61.15 13.35
CA ALA S 787 -5.12 62.44 14.02
C ALA S 787 -3.78 62.85 14.60
N LEU S 788 -3.37 64.07 14.28
CA LEU S 788 -2.22 64.71 14.91
C LEU S 788 -2.74 65.71 15.92
N VAL S 789 -2.40 65.52 17.20
CA VAL S 789 -2.91 66.34 18.28
C VAL S 789 -1.74 66.94 19.05
N LEU S 790 -1.82 68.24 19.30
CA LEU S 790 -0.88 68.95 20.18
C LEU S 790 -1.43 68.87 21.58
N TRP S 791 -0.86 67.99 22.40
CA TRP S 791 -1.34 67.86 23.78
C TRP S 791 -0.97 69.10 24.60
N GLU S 792 0.15 69.73 24.28
CA GLU S 792 0.59 70.92 25.00
C GLU S 792 -0.08 72.19 24.50
N GLY S 793 -0.80 72.13 23.39
CA GLY S 793 -1.32 73.34 22.78
C GLY S 793 -2.38 74.00 23.63
N SER S 794 -2.69 75.25 23.29
CA SER S 794 -3.63 76.04 24.05
C SER S 794 -5.06 75.77 23.60
N SER S 795 -6.02 76.15 24.45
CA SER S 795 -7.43 75.98 24.16
C SER S 795 -8.03 77.18 23.45
N LYS S 796 -7.22 78.15 23.06
CA LYS S 796 -7.68 79.29 22.27
C LYS S 796 -7.09 79.29 20.86
N CYS S 797 -6.38 78.24 20.49
CA CYS S 797 -5.73 78.19 19.19
C CYS S 797 -6.73 77.95 18.08
N TYR S 798 -6.35 78.36 16.87
CA TYR S 798 -7.23 78.19 15.72
C TYR S 798 -7.19 76.76 15.19
N ALA S 799 -6.02 76.13 15.21
CA ALA S 799 -5.87 74.76 14.73
C ALA S 799 -5.02 73.97 15.72
N ILE S 800 -5.58 72.89 16.26
CA ILE S 800 -4.89 72.03 17.21
C ILE S 800 -4.92 70.58 16.74
N THR S 801 -6.10 70.06 16.43
CA THR S 801 -6.28 68.69 15.98
C THR S 801 -6.39 68.65 14.47
N LEU S 802 -5.51 67.89 13.83
CA LEU S 802 -5.56 67.71 12.39
C LEU S 802 -5.95 66.27 12.08
N LEU S 803 -6.97 66.11 11.25
CA LEU S 803 -7.61 64.81 11.04
C LEU S 803 -7.67 64.47 9.55
N PRO S 804 -6.56 64.04 8.96
CA PRO S 804 -6.63 63.42 7.63
C PRO S 804 -7.37 62.08 7.68
N THR S 805 -8.02 61.78 6.56
CA THR S 805 -8.75 60.53 6.37
C THR S 805 -8.17 59.82 5.17
N ILE S 806 -8.01 58.50 5.28
CA ILE S 806 -7.41 57.68 4.23
C ILE S 806 -8.42 56.61 3.84
N LYS S 807 -8.63 56.46 2.53
CA LYS S 807 -9.56 55.48 1.98
C LYS S 807 -8.79 54.47 1.13
N SER S 808 -8.98 53.18 1.43
CA SER S 808 -8.33 52.10 0.67
C SER S 808 -9.18 51.73 -0.54
N SER S 809 -9.48 52.74 -1.35
CA SER S 809 -10.15 52.55 -2.62
C SER S 809 -9.41 53.35 -3.69
N CYS S 810 -9.95 53.42 -4.89
CA CYS S 810 -9.33 54.18 -5.97
C CYS S 810 -10.12 55.46 -6.21
N SER S 811 -9.41 56.48 -6.68
CA SER S 811 -10.02 57.79 -6.90
C SER S 811 -10.95 57.73 -8.11
N TYR S 812 -11.89 58.68 -8.13
CA TYR S 812 -12.81 58.84 -9.24
C TYR S 812 -12.12 59.34 -10.51
N LEU S 813 -10.91 59.85 -10.41
CA LEU S 813 -10.12 60.28 -11.56
C LEU S 813 -9.14 59.20 -12.02
N ARG S 814 -9.15 58.03 -11.39
CA ARG S 814 -8.22 56.95 -11.70
C ARG S 814 -8.87 56.01 -12.71
N THR S 815 -8.52 56.16 -13.98
CA THR S 815 -8.99 55.27 -15.04
C THR S 815 -7.85 55.01 -16.02
N MET S 816 -8.18 54.33 -17.12
CA MET S 816 -7.22 53.94 -18.13
C MET S 816 -7.68 54.45 -19.49
N HIS S 817 -6.74 54.98 -20.26
CA HIS S 817 -7.01 55.52 -21.58
C HIS S 817 -6.07 54.89 -22.60
N HIS S 818 -6.49 54.90 -23.86
CA HIS S 818 -5.68 54.46 -24.97
C HIS S 818 -5.80 55.49 -26.09
N THR S 819 -4.70 56.18 -26.38
CA THR S 819 -4.68 57.13 -27.48
C THR S 819 -4.67 56.37 -28.81
N PRO S 820 -5.58 56.68 -29.74
CA PRO S 820 -5.59 55.96 -31.02
C PRO S 820 -4.43 56.32 -31.94
N GLY S 821 -3.82 57.50 -31.75
CA GLY S 821 -2.72 57.93 -32.58
C GLY S 821 -3.13 58.57 -33.89
N ARG S 822 -4.42 58.62 -34.20
CA ARG S 822 -4.89 59.28 -35.42
C ARG S 822 -5.17 60.76 -35.23
N HIS S 823 -5.48 61.19 -34.00
CA HIS S 823 -5.76 62.58 -33.60
C HIS S 823 -6.63 63.30 -34.63
N ILE S 824 -7.69 62.62 -35.04
CA ILE S 824 -8.59 63.16 -36.06
C ILE S 824 -9.37 64.33 -35.46
N PRO S 825 -9.37 65.50 -36.11
CA PRO S 825 -10.04 66.66 -35.52
C PRO S 825 -11.54 66.44 -35.46
N PRO S 826 -12.23 67.04 -34.48
CA PRO S 826 -13.68 66.82 -34.36
C PRO S 826 -14.49 67.34 -35.52
N GLU S 827 -14.08 68.45 -36.14
CA GLU S 827 -14.81 68.96 -37.30
C GLU S 827 -14.74 67.97 -38.46
N ASP S 828 -13.58 67.35 -38.67
CA ASP S 828 -13.49 66.35 -39.72
C ASP S 828 -14.13 65.04 -39.30
N TRP S 829 -14.23 64.77 -38.00
CA TRP S 829 -15.01 63.63 -37.54
C TRP S 829 -16.49 63.80 -37.87
N ILE S 830 -16.99 65.03 -37.73
CA ILE S 830 -18.34 65.34 -38.18
C ILE S 830 -18.45 65.21 -39.70
N SER S 831 -17.45 65.71 -40.43
CA SER S 831 -17.55 65.76 -41.89
C SER S 831 -17.45 64.37 -42.51
N GLY S 832 -16.55 63.53 -42.01
CA GLY S 832 -16.30 62.21 -42.56
C GLY S 832 -15.66 62.18 -43.92
N VAL S 833 -14.74 63.11 -44.20
CA VAL S 833 -14.14 63.24 -45.53
C VAL S 833 -12.61 63.26 -45.45
N HIS S 834 -12.05 62.69 -44.38
CA HIS S 834 -10.63 62.83 -44.13
C HIS S 834 -9.79 62.10 -45.17
N LYS S 835 -8.68 62.72 -45.56
CA LYS S 835 -7.70 62.13 -46.46
C LYS S 835 -6.31 62.39 -45.91
N ASP S 836 -5.49 61.35 -45.86
CA ASP S 836 -4.13 61.48 -45.33
C ASP S 836 -3.13 61.84 -46.43
N SER S 837 -3.48 62.84 -47.24
CA SER S 837 -2.68 63.31 -48.37
C SER S 837 -2.29 62.19 -49.33
N GLN S 838 -3.07 61.11 -49.37
CA GLN S 838 -2.72 59.95 -50.18
C GLN S 838 -3.91 59.31 -50.89
N GLY S 839 -5.08 59.94 -50.87
CA GLY S 839 -6.26 59.37 -51.52
C GLY S 839 -6.99 58.31 -50.73
N PHE S 840 -6.72 58.18 -49.44
CA PHE S 840 -7.37 57.19 -48.59
C PHE S 840 -8.28 57.89 -47.59
N ASN S 841 -9.43 57.29 -47.32
CA ASN S 841 -10.35 57.83 -46.33
C ASN S 841 -10.02 57.26 -44.95
N MET S 842 -9.78 58.14 -43.99
CA MET S 842 -9.48 57.71 -42.63
C MET S 842 -10.72 57.51 -41.76
N ILE S 843 -11.88 58.04 -42.17
CA ILE S 843 -13.11 57.90 -41.40
C ILE S 843 -14.16 57.25 -42.29
N LYS S 844 -14.83 56.23 -41.76
CA LYS S 844 -15.88 55.51 -42.47
C LYS S 844 -17.21 55.73 -41.76
N THR S 845 -18.22 56.10 -42.53
CA THR S 845 -19.59 56.18 -42.02
C THR S 845 -20.25 54.83 -42.18
N LEU S 846 -20.67 54.24 -41.07
CA LEU S 846 -21.15 52.87 -41.09
C LEU S 846 -22.49 52.77 -41.81
N PRO S 847 -22.73 51.66 -42.52
CA PRO S 847 -24.07 51.42 -43.08
C PRO S 847 -25.10 51.27 -41.97
N ILE S 848 -26.35 51.60 -42.31
CA ILE S 848 -27.43 51.52 -41.33
C ILE S 848 -27.68 50.06 -40.97
N ASN S 849 -28.03 49.83 -39.70
CA ASN S 849 -28.26 48.49 -39.15
C ASN S 849 -27.07 47.56 -39.37
N TYR S 850 -25.86 48.12 -39.26
CA TYR S 850 -24.67 47.34 -39.51
C TYR S 850 -24.44 46.30 -38.42
N ARG S 851 -24.04 45.10 -38.84
CA ARG S 851 -23.67 44.03 -37.94
C ARG S 851 -22.37 43.43 -38.44
N PRO S 852 -21.39 43.23 -37.56
CA PRO S 852 -20.12 42.63 -37.98
C PRO S 852 -20.30 41.18 -38.40
N PRO S 853 -19.49 40.70 -39.33
CA PRO S 853 -19.62 39.31 -39.80
C PRO S 853 -19.24 38.26 -38.78
N SER S 854 -19.36 37.00 -39.16
CA SER S 854 -19.02 35.86 -38.32
C SER S 854 -17.95 35.01 -38.99
N HIS S 855 -17.65 33.86 -38.39
CA HIS S 855 -16.57 33.00 -38.86
C HIS S 855 -16.90 32.25 -40.14
N MET S 856 -18.11 31.71 -40.29
CA MET S 856 -18.42 30.87 -41.43
C MET S 856 -18.74 31.66 -42.69
N GLY S 857 -18.83 32.98 -42.61
CA GLY S 857 -19.09 33.79 -43.77
C GLY S 857 -19.05 35.26 -43.40
N ILE S 858 -18.59 36.06 -44.36
CA ILE S 858 -18.49 37.50 -44.13
C ILE S 858 -19.77 38.23 -44.50
N SER S 859 -20.74 37.56 -45.11
CA SER S 859 -22.01 38.16 -45.47
C SER S 859 -23.16 37.74 -44.56
N ILE S 860 -22.91 36.83 -43.61
CA ILE S 860 -23.93 36.36 -42.70
C ILE S 860 -23.51 36.69 -41.27
N PRO S 861 -23.96 37.81 -40.71
CA PRO S 861 -23.58 38.16 -39.34
C PRO S 861 -24.22 37.23 -38.32
N LEU S 862 -23.44 36.92 -37.27
CA LEU S 862 -23.92 36.13 -36.14
C LEU S 862 -23.44 36.70 -34.82
N THR S 863 -23.33 38.02 -34.72
CA THR S 863 -22.70 38.67 -33.57
C THR S 863 -23.69 39.16 -32.53
N ASP S 864 -24.98 39.26 -32.86
CA ASP S 864 -26.04 39.65 -31.92
C ASP S 864 -25.80 41.05 -31.34
N ASN S 865 -25.12 41.91 -32.10
CA ASN S 865 -24.90 43.30 -31.71
C ASN S 865 -25.16 44.19 -32.90
N PHE S 866 -25.77 45.34 -32.66
CA PHE S 866 -26.25 46.22 -33.72
C PHE S 866 -25.45 47.52 -33.73
N TYR S 867 -24.89 47.85 -34.89
CA TYR S 867 -24.15 49.08 -35.10
C TYR S 867 -24.89 49.94 -36.10
N HIS S 868 -25.01 51.24 -35.80
CA HIS S 868 -25.82 52.18 -36.57
C HIS S 868 -27.26 51.65 -36.70
N ALA S 869 -27.79 51.16 -35.59
CA ALA S 869 -29.06 50.44 -35.60
C ALA S 869 -30.23 51.38 -35.84
N ASP S 870 -31.17 50.92 -36.67
CA ASP S 870 -32.39 51.67 -36.95
C ASP S 870 -33.52 50.72 -37.31
N PRO S 871 -34.54 50.59 -36.47
CA PRO S 871 -35.65 49.68 -36.78
C PRO S 871 -36.57 50.17 -37.88
N SER S 872 -36.46 51.43 -38.29
CA SER S 872 -37.35 51.99 -39.30
C SER S 872 -36.95 51.60 -40.73
N LYS S 873 -35.79 50.99 -40.92
CA LYS S 873 -35.29 50.62 -42.22
C LYS S 873 -35.18 49.10 -42.34
N PRO S 874 -35.26 48.56 -43.55
CA PRO S 874 -35.04 47.11 -43.74
C PRO S 874 -33.61 46.73 -43.36
N ILE S 875 -33.47 45.52 -42.84
CA ILE S 875 -32.21 45.01 -42.33
C ILE S 875 -31.38 44.49 -43.50
N PRO S 876 -30.13 44.95 -43.67
CA PRO S 876 -29.30 44.45 -44.78
C PRO S 876 -28.57 43.16 -44.40
N ARG S 877 -28.41 42.29 -45.40
CA ARG S 877 -27.62 41.06 -45.30
C ARG S 877 -28.12 40.16 -44.17
N ASN S 878 -29.43 39.94 -44.10
CA ASN S 878 -30.02 39.16 -43.02
C ASN S 878 -30.94 38.07 -43.58
N GLN S 879 -30.42 37.31 -44.54
CA GLN S 879 -31.06 36.04 -44.89
C GLN S 879 -30.59 34.99 -43.88
N PHE S 880 -30.94 33.72 -44.09
CA PHE S 880 -30.54 32.58 -43.28
C PHE S 880 -31.18 32.58 -41.89
N HIS S 881 -31.52 31.38 -41.40
CA HIS S 881 -32.33 31.26 -40.20
C HIS S 881 -31.59 31.70 -38.95
N LYS S 882 -30.31 31.32 -38.83
CA LYS S 882 -29.55 31.69 -37.65
C LYS S 882 -29.32 33.19 -37.56
N SER S 883 -29.04 33.85 -38.69
CA SER S 883 -28.90 35.30 -38.67
C SER S 883 -30.24 35.98 -38.43
N LYS S 884 -31.34 35.38 -38.90
CA LYS S 884 -32.67 35.88 -38.54
C LYS S 884 -32.91 35.79 -37.04
N GLU S 885 -32.41 34.72 -36.41
CA GLU S 885 -32.63 34.47 -35.00
C GLU S 885 -31.63 35.20 -34.09
N THR S 886 -30.75 36.02 -34.65
CA THR S 886 -29.77 36.76 -33.86
C THR S 886 -29.87 38.25 -34.18
N GLY S 887 -29.49 39.06 -33.21
CA GLY S 887 -29.51 40.50 -33.35
C GLY S 887 -30.56 41.17 -32.47
N LYS S 888 -30.15 41.71 -31.34
CA LYS S 888 -31.05 42.38 -30.40
C LYS S 888 -30.80 43.88 -30.45
N TYR S 889 -31.88 44.65 -30.47
CA TYR S 889 -31.79 46.10 -30.39
C TYR S 889 -31.81 46.52 -28.92
N LYS S 890 -30.70 47.07 -28.43
CA LYS S 890 -30.58 47.38 -27.02
C LYS S 890 -31.03 48.83 -26.72
N GLN S 891 -30.35 49.81 -27.31
CA GLN S 891 -30.70 51.20 -27.09
C GLN S 891 -31.78 51.67 -28.05
N CYS S 892 -31.58 51.47 -29.35
CA CYS S 892 -32.61 51.78 -30.34
C CYS S 892 -33.56 50.59 -30.46
N ALA S 893 -34.37 50.43 -29.42
CA ALA S 893 -35.38 49.38 -29.28
C ALA S 893 -36.59 49.72 -30.13
N ASN S 894 -37.74 49.12 -29.81
CA ASN S 894 -39.00 49.41 -30.51
C ASN S 894 -39.37 50.88 -30.57
N VAL S 895 -38.67 51.72 -29.79
CA VAL S 895 -38.64 53.16 -29.98
C VAL S 895 -38.31 53.44 -31.45
N THR S 896 -39.10 54.32 -32.08
CA THR S 896 -39.38 54.26 -33.52
C THR S 896 -38.16 54.25 -34.45
N SER S 897 -37.38 55.32 -34.47
CA SER S 897 -36.33 55.46 -35.49
C SER S 897 -35.02 55.88 -34.83
N ARG S 898 -34.01 56.12 -35.67
CA ARG S 898 -32.74 56.64 -35.17
C ARG S 898 -32.91 58.05 -34.59
N ALA S 899 -33.71 58.88 -35.25
CA ALA S 899 -33.97 60.23 -34.75
C ALA S 899 -34.83 60.19 -33.49
N MET S 900 -35.52 59.07 -33.24
CA MET S 900 -36.36 58.99 -32.06
C MET S 900 -35.57 58.43 -30.88
N CYS S 901 -34.88 57.30 -31.05
CA CYS S 901 -34.02 56.75 -30.00
C CYS S 901 -32.88 57.74 -29.78
N ASN S 902 -32.70 58.15 -28.53
CA ASN S 902 -31.96 59.37 -28.25
C ASN S 902 -30.52 59.07 -27.86
N CYS S 903 -29.59 59.85 -28.42
CA CYS S 903 -28.17 59.71 -28.18
C CYS S 903 -27.54 61.08 -28.05
N SER S 904 -26.37 61.12 -27.42
CA SER S 904 -25.63 62.34 -27.17
C SER S 904 -24.21 62.22 -27.73
N GLU S 905 -23.43 63.28 -27.55
CA GLU S 905 -22.03 63.27 -27.99
C GLU S 905 -21.22 62.21 -27.27
N HIS S 906 -21.51 62.00 -25.98
CA HIS S 906 -20.86 60.93 -25.23
C HIS S 906 -21.22 59.55 -25.75
N GLN S 907 -22.35 59.40 -26.43
CA GLN S 907 -22.74 58.13 -27.04
C GLN S 907 -22.27 58.01 -28.48
N LYS S 908 -21.99 59.13 -29.15
CA LYS S 908 -21.37 59.10 -30.47
C LYS S 908 -19.87 58.90 -30.41
N PHE S 909 -19.21 59.32 -29.33
CA PHE S 909 -17.78 59.09 -29.17
C PHE S 909 -17.46 57.92 -28.25
N SER S 910 -18.47 57.14 -27.85
CA SER S 910 -18.23 55.97 -27.01
C SER S 910 -17.83 54.78 -27.87
N HIS S 911 -16.73 54.13 -27.51
CA HIS S 911 -16.29 52.91 -28.17
C HIS S 911 -16.75 51.65 -27.44
N ALA S 912 -17.67 51.79 -26.49
CA ALA S 912 -18.03 50.72 -25.58
C ALA S 912 -19.25 49.95 -26.08
N VAL S 913 -19.35 48.71 -25.61
CA VAL S 913 -20.47 47.82 -25.90
C VAL S 913 -21.75 48.39 -25.28
N ALA S 914 -22.88 48.17 -25.97
CA ALA S 914 -24.23 48.62 -25.63
C ALA S 914 -24.42 50.11 -25.84
N PHE S 915 -23.41 50.80 -26.38
CA PHE S 915 -23.55 52.17 -26.86
C PHE S 915 -23.39 52.23 -28.38
N SER S 916 -23.49 51.08 -29.05
CA SER S 916 -23.21 50.96 -30.46
C SER S 916 -24.44 51.10 -31.34
N ASP S 917 -25.63 51.26 -30.76
CA ASP S 917 -26.84 51.38 -31.55
C ASP S 917 -26.87 52.67 -32.37
N CYS S 918 -26.19 53.72 -31.92
CA CYS S 918 -26.07 54.96 -32.66
C CYS S 918 -24.60 55.27 -32.95
N LYS S 919 -23.78 54.23 -33.06
CA LYS S 919 -22.38 54.38 -33.44
C LYS S 919 -22.31 54.37 -34.97
N GLU S 920 -21.96 55.53 -35.54
CA GLU S 920 -22.11 55.72 -36.98
C GLU S 920 -20.81 56.06 -37.71
N LYS S 921 -19.84 56.68 -37.04
CA LYS S 921 -18.54 56.96 -37.64
C LYS S 921 -17.46 56.18 -36.91
N VAL S 922 -16.64 55.45 -37.69
CA VAL S 922 -15.50 54.71 -37.16
C VAL S 922 -14.27 55.12 -37.95
N HIS S 923 -13.11 54.62 -37.50
CA HIS S 923 -11.85 54.89 -38.18
C HIS S 923 -11.76 54.04 -39.43
N ARG S 924 -10.60 54.05 -40.09
CA ARG S 924 -10.40 53.22 -41.27
C ARG S 924 -8.92 52.86 -41.39
N PHE S 925 -8.66 51.80 -42.13
CA PHE S 925 -7.31 51.28 -42.31
C PHE S 925 -7.21 50.60 -43.66
N LYS S 926 -6.00 50.17 -43.99
CA LYS S 926 -5.78 49.28 -45.14
C LYS S 926 -6.06 47.84 -44.72
N PHE S 927 -5.85 46.91 -45.66
CA PHE S 927 -5.95 45.49 -45.29
C PHE S 927 -4.79 45.06 -44.40
N PRO S 928 -3.50 45.19 -44.80
CA PRO S 928 -2.44 44.76 -43.89
C PRO S 928 -2.10 45.82 -42.86
N VAL S 929 -2.48 45.58 -41.61
CA VAL S 929 -2.14 46.47 -40.50
C VAL S 929 -1.11 45.76 -39.64
N THR S 930 0.10 46.29 -39.63
CA THR S 930 1.23 45.69 -38.92
C THR S 930 1.75 46.65 -37.87
N GLN S 931 2.03 46.11 -36.69
CA GLN S 931 2.62 46.85 -35.57
C GLN S 931 1.74 48.04 -35.17
N TYR S 932 0.46 47.80 -34.97
CA TYR S 932 -0.41 48.85 -34.44
C TYR S 932 -0.08 49.01 -32.97
N PRO S 933 0.32 50.21 -32.52
CA PRO S 933 0.76 50.37 -31.13
C PRO S 933 -0.42 50.38 -30.17
N VAL S 934 -0.44 49.41 -29.27
CA VAL S 934 -1.44 49.33 -28.21
C VAL S 934 -0.81 49.96 -26.99
N VAL S 935 -0.96 51.27 -26.85
CA VAL S 935 -0.41 52.02 -25.73
C VAL S 935 -1.54 52.30 -24.74
N LEU S 936 -1.24 52.14 -23.45
CA LEU S 936 -2.22 52.34 -22.39
C LEU S 936 -1.63 53.26 -21.33
N GLU S 937 -2.34 54.33 -21.04
CA GLU S 937 -1.96 55.29 -20.01
C GLU S 937 -2.94 55.19 -18.85
N ILE S 938 -2.41 55.36 -17.65
CA ILE S 938 -3.19 55.32 -16.42
C ILE S 938 -3.24 56.72 -15.84
N PHE S 939 -4.44 57.17 -15.49
CA PHE S 939 -4.65 58.41 -14.75
C PHE S 939 -4.59 58.06 -13.28
N ASN S 940 -3.91 58.90 -12.52
CA ASN S 940 -3.74 58.71 -11.08
C ASN S 940 -3.60 60.07 -10.38
N GLU S 941 -4.44 61.03 -10.80
CA GLU S 941 -4.83 62.24 -10.07
C GLU S 941 -3.77 63.34 -10.04
N ARG S 942 -2.55 63.10 -10.55
CA ARG S 942 -1.63 64.22 -10.72
C ARG S 942 -0.89 64.21 -12.05
N ASP S 943 -0.72 63.06 -12.73
CA ASP S 943 -0.04 63.05 -14.02
C ASP S 943 -0.55 61.85 -14.81
N LYS S 944 0.10 61.56 -15.92
CA LYS S 944 -0.29 60.47 -16.81
C LYS S 944 0.87 59.48 -16.85
N ILE S 945 0.63 58.23 -16.46
CA ILE S 945 1.70 57.24 -16.46
C ILE S 945 1.39 56.18 -17.52
N SER S 946 2.39 55.39 -17.85
CA SER S 946 2.20 54.28 -18.76
C SER S 946 1.83 53.02 -17.97
N ALA S 947 1.24 52.05 -18.67
CA ALA S 947 0.90 50.79 -18.04
C ALA S 947 2.17 50.06 -17.59
N GLU S 948 2.11 49.47 -16.40
CA GLU S 948 3.26 48.87 -15.74
C GLU S 948 3.22 47.36 -15.82
N PRO S 949 4.39 46.70 -15.83
CA PRO S 949 4.43 45.23 -15.83
C PRO S 949 3.77 44.59 -14.62
N PRO S 950 3.71 45.25 -13.44
CA PRO S 950 2.78 44.76 -12.41
C PRO S 950 1.33 44.73 -12.83
N TYR S 951 0.92 45.55 -13.80
CA TYR S 951 -0.47 45.61 -14.23
C TYR S 951 -0.62 44.78 -15.50
N LEU S 952 -0.82 43.48 -15.31
CA LEU S 952 -0.97 42.58 -16.44
C LEU S 952 -2.30 42.81 -17.15
N VAL S 953 -2.33 42.48 -18.43
CA VAL S 953 -3.37 42.92 -19.35
C VAL S 953 -3.98 41.71 -20.05
N THR S 954 -5.31 41.71 -20.15
CA THR S 954 -6.06 40.73 -20.93
C THR S 954 -6.73 41.42 -22.11
N MET S 955 -6.62 40.77 -23.26
CA MET S 955 -7.16 41.23 -24.53
C MET S 955 -8.35 40.36 -24.90
N THR S 956 -9.44 40.99 -25.35
CA THR S 956 -10.60 40.22 -25.78
C THR S 956 -11.30 40.97 -26.90
N GLU S 957 -12.02 40.23 -27.75
CA GLU S 957 -12.84 40.80 -28.81
C GLU S 957 -14.30 40.52 -28.49
N VAL S 958 -15.16 41.52 -28.68
CA VAL S 958 -16.56 41.42 -28.26
C VAL S 958 -17.38 40.73 -29.34
N ASN S 959 -16.80 40.51 -30.51
CA ASN S 959 -17.54 40.01 -31.66
C ASN S 959 -16.94 38.73 -32.22
N MET S 960 -16.39 37.88 -31.33
CA MET S 960 -15.89 36.52 -31.58
C MET S 960 -15.21 36.33 -32.95
N ARG S 961 -14.15 37.10 -33.15
CA ARG S 961 -13.33 36.99 -34.36
C ARG S 961 -12.00 36.32 -34.04
N LYS S 962 -11.50 35.55 -34.99
CA LYS S 962 -10.27 34.78 -34.83
C LYS S 962 -9.30 35.09 -35.95
N ASN S 963 -9.11 36.39 -36.24
CA ASN S 963 -8.20 36.81 -37.30
C ASN S 963 -7.32 37.97 -36.85
N TRP S 964 -6.94 37.97 -35.58
CA TRP S 964 -6.06 38.99 -35.02
C TRP S 964 -5.10 38.33 -34.04
N GLN S 965 -3.84 38.76 -34.12
CA GLN S 965 -2.77 38.18 -33.30
C GLN S 965 -1.98 39.33 -32.67
N LEU S 966 -1.27 39.00 -31.58
CA LEU S 966 -0.58 40.00 -30.79
C LEU S 966 0.90 39.67 -30.68
N LYS S 967 1.72 40.70 -30.73
CA LYS S 967 3.16 40.63 -30.46
C LYS S 967 3.44 41.31 -29.13
N HIS S 968 4.13 40.61 -28.24
CA HIS S 968 4.47 41.13 -26.93
C HIS S 968 5.79 40.53 -26.49
N ASN S 969 6.46 41.24 -25.59
CA ASN S 969 7.77 40.82 -25.06
C ASN S 969 7.58 40.40 -23.61
N GLU S 970 8.08 39.22 -23.27
CA GLU S 970 7.97 38.69 -21.92
C GLU S 970 9.36 38.52 -21.32
N PRO S 971 9.82 39.43 -20.47
CA PRO S 971 11.11 39.26 -19.80
C PRO S 971 10.97 38.31 -18.63
N GLU S 972 12.06 38.15 -17.88
CA GLU S 972 12.03 37.33 -16.67
C GLU S 972 11.51 38.15 -15.48
N ASN S 973 10.34 38.73 -15.67
CA ASN S 973 9.64 39.47 -14.63
C ASN S 973 8.20 39.04 -14.45
N VAL S 974 7.52 38.60 -15.50
CA VAL S 974 6.13 38.17 -15.43
C VAL S 974 5.99 36.70 -15.82
N LYS S 975 7.08 35.95 -15.78
CA LYS S 975 7.01 34.52 -16.07
C LYS S 975 6.17 33.78 -15.05
N LYS S 976 6.43 34.03 -13.76
CA LYS S 976 5.67 33.34 -12.71
C LYS S 976 4.24 33.83 -12.65
N MET S 977 4.01 35.14 -12.81
CA MET S 977 2.66 35.66 -13.05
C MET S 977 1.92 34.97 -14.18
N LYS S 978 2.52 34.88 -15.37
CA LYS S 978 1.78 34.29 -16.48
C LYS S 978 1.51 32.82 -16.25
N HIS S 979 2.51 32.09 -15.73
CA HIS S 979 2.36 30.67 -15.50
C HIS S 979 1.36 30.37 -14.39
N TYR S 980 1.22 31.28 -13.42
CA TYR S 980 0.21 31.09 -12.38
C TYR S 980 -1.17 31.51 -12.86
N LEU S 981 -1.26 32.58 -13.64
CA LEU S 981 -2.55 33.17 -13.95
C LEU S 981 -3.26 32.46 -15.10
N GLU S 982 -2.55 32.19 -16.21
CA GLU S 982 -3.16 31.64 -17.41
C GLU S 982 -3.93 30.33 -17.18
N PRO S 983 -3.55 29.48 -16.23
CA PRO S 983 -4.48 28.38 -15.85
C PRO S 983 -5.83 28.85 -15.35
N LEU S 984 -5.88 29.64 -14.27
CA LEU S 984 -7.15 29.87 -13.58
C LEU S 984 -7.93 31.07 -14.12
N LEU S 985 -7.39 31.82 -15.07
CA LEU S 985 -8.17 32.83 -15.77
C LEU S 985 -8.73 32.33 -17.09
N LYS S 986 -8.19 31.21 -17.62
CA LYS S 986 -8.65 30.59 -18.86
C LYS S 986 -8.60 31.56 -20.04
N THR S 987 -7.55 32.39 -20.06
CA THR S 987 -7.33 33.35 -21.14
C THR S 987 -5.85 33.70 -21.19
N PRO S 988 -5.30 33.98 -22.37
CA PRO S 988 -3.91 34.45 -22.44
C PRO S 988 -3.73 35.77 -21.73
N VAL S 989 -2.59 35.92 -21.07
CA VAL S 989 -2.24 37.11 -20.31
C VAL S 989 -1.03 37.75 -20.96
N TYR S 990 -1.12 39.04 -21.24
CA TYR S 990 -0.06 39.75 -21.95
C TYR S 990 0.65 40.73 -21.03
N ASN S 991 1.79 41.22 -21.51
CA ASN S 991 2.55 42.25 -20.81
C ASN S 991 2.42 43.57 -21.55
N PRO S 992 2.15 44.67 -20.85
CA PRO S 992 2.01 45.96 -21.53
C PRO S 992 3.34 46.53 -22.02
N LEU S 993 3.28 47.78 -22.51
CA LEU S 993 4.40 48.59 -22.99
C LEU S 993 5.18 47.92 -24.13
N GLY S 994 4.66 46.84 -24.69
CA GLY S 994 5.23 46.21 -25.86
C GLY S 994 4.18 45.59 -26.76
N LEU S 995 2.91 45.92 -26.48
CA LEU S 995 1.81 45.26 -27.17
C LEU S 995 1.64 45.81 -28.58
N ASN S 996 1.55 44.91 -29.56
CA ASN S 996 1.26 45.28 -30.94
C ASN S 996 0.28 44.28 -31.53
N LEU S 997 -0.51 44.74 -32.51
CA LEU S 997 -1.58 43.94 -33.08
C LEU S 997 -1.36 43.74 -34.58
N THR S 998 -1.85 42.61 -35.07
CA THR S 998 -1.85 42.32 -36.51
C THR S 998 -3.18 41.68 -36.86
N ILE S 999 -3.90 42.29 -37.79
CA ILE S 999 -5.26 41.89 -38.13
C ILE S 999 -5.32 41.53 -39.61
N GLN S 1000 -5.96 40.40 -39.92
CA GLN S 1000 -6.21 39.97 -41.30
C GLN S 1000 -7.71 39.86 -41.49
N GLY S 1001 -8.36 40.98 -41.83
CA GLY S 1001 -9.80 40.99 -41.97
C GLY S 1001 -10.32 42.04 -42.92
N SER S 1002 -11.64 42.12 -43.07
CA SER S 1002 -12.29 43.13 -43.91
C SER S 1002 -13.54 43.65 -43.23
N GLU S 1003 -13.48 43.88 -41.92
CA GLU S 1003 -14.69 44.19 -41.17
C GLU S 1003 -14.32 45.09 -39.99
N LEU S 1004 -15.30 45.29 -39.10
CA LEU S 1004 -15.11 46.06 -37.88
C LEU S 1004 -14.64 45.13 -36.78
N PHE S 1005 -13.51 45.47 -36.16
CA PHE S 1005 -12.96 44.73 -35.03
C PHE S 1005 -13.11 45.56 -33.78
N HIS S 1006 -13.80 45.00 -32.79
CA HIS S 1006 -14.15 45.70 -31.56
C HIS S 1006 -13.41 45.04 -30.40
N PHE S 1007 -12.37 45.69 -29.91
CA PHE S 1007 -11.52 45.11 -28.90
C PHE S 1007 -11.73 45.78 -27.56
N LYS S 1008 -11.65 44.97 -26.49
CA LYS S 1008 -11.62 45.46 -25.13
C LYS S 1008 -10.36 44.98 -24.44
N VAL S 1009 -9.79 45.89 -23.64
CA VAL S 1009 -8.58 45.66 -22.87
C VAL S 1009 -8.93 45.81 -21.40
N SER S 1010 -8.56 44.80 -20.60
CA SER S 1010 -8.82 44.81 -19.17
C SER S 1010 -7.53 44.49 -18.42
N VAL S 1011 -7.54 44.79 -17.13
CA VAL S 1011 -6.43 44.49 -16.25
C VAL S 1011 -6.84 43.33 -15.35
N VAL S 1012 -5.90 42.43 -15.08
CA VAL S 1012 -6.16 41.19 -14.33
C VAL S 1012 -6.64 41.54 -12.92
N PRO S 1013 -7.53 40.75 -12.34
CA PRO S 1013 -8.09 41.11 -11.03
C PRO S 1013 -7.07 40.98 -9.91
N GLY S 1014 -7.33 41.72 -8.83
CA GLY S 1014 -6.54 41.65 -7.62
C GLY S 1014 -5.37 42.61 -7.57
N VAL S 1015 -5.04 43.29 -8.66
CA VAL S 1015 -3.95 44.25 -8.69
C VAL S 1015 -4.45 45.68 -8.64
N SER S 1016 -5.76 45.88 -8.51
CA SER S 1016 -6.34 47.21 -8.42
C SER S 1016 -7.69 47.10 -7.73
N PHE S 1017 -8.17 48.23 -7.22
CA PHE S 1017 -9.46 48.27 -6.54
C PHE S 1017 -10.62 48.52 -7.48
N CYS S 1018 -10.40 49.26 -8.56
CA CYS S 1018 -11.41 49.47 -9.59
C CYS S 1018 -10.92 48.86 -10.91
N GLU S 1019 -11.88 48.45 -11.72
CA GLU S 1019 -11.56 47.83 -13.00
C GLU S 1019 -11.02 48.88 -13.96
N LEU S 1020 -9.85 48.62 -14.52
CA LEU S 1020 -9.27 49.49 -15.53
C LEU S 1020 -9.47 48.84 -16.89
N SER S 1021 -10.41 49.36 -17.66
CA SER S 1021 -10.75 48.77 -18.94
C SER S 1021 -10.94 49.86 -19.98
N GLU S 1022 -10.70 49.50 -21.24
CA GLU S 1022 -10.88 50.40 -22.36
C GLU S 1022 -11.38 49.61 -23.56
N GLU S 1023 -12.07 50.28 -24.47
CA GLU S 1023 -12.57 49.65 -25.68
C GLU S 1023 -12.22 50.51 -26.88
N PHE S 1024 -12.01 49.85 -28.02
CA PHE S 1024 -11.72 50.59 -29.25
C PHE S 1024 -12.17 49.79 -30.46
N GLN S 1025 -12.24 50.48 -31.59
CA GLN S 1025 -12.74 49.93 -32.84
C GLN S 1025 -11.73 50.15 -33.95
N ILE S 1026 -11.63 49.17 -34.84
CA ILE S 1026 -10.72 49.24 -35.98
C ILE S 1026 -11.48 48.77 -37.22
N TYR S 1027 -11.47 49.59 -38.28
CA TYR S 1027 -12.08 49.22 -39.54
C TYR S 1027 -11.00 49.02 -40.58
N VAL S 1028 -11.00 47.85 -41.20
CA VAL S 1028 -10.08 47.50 -42.28
C VAL S 1028 -10.90 47.13 -43.51
N ASP S 1029 -10.29 47.27 -44.67
CA ASP S 1029 -11.00 47.09 -45.94
C ASP S 1029 -10.01 46.64 -47.00
N GLU S 1030 -10.45 46.68 -48.25
CA GLU S 1030 -9.64 46.44 -49.46
C GLU S 1030 -8.84 45.14 -49.38
N VAL S 1031 -9.51 44.09 -48.93
CA VAL S 1031 -8.97 42.73 -49.03
C VAL S 1031 -8.80 42.36 -50.50
N PRO S 1032 -7.65 41.83 -50.94
CA PRO S 1032 -7.43 41.57 -52.37
C PRO S 1032 -8.38 40.53 -52.94
N LEU S 1033 -8.29 39.31 -52.38
CA LEU S 1033 -9.09 38.16 -52.75
C LEU S 1033 -8.74 37.00 -51.82
N PRO S 1034 -9.67 36.09 -51.52
CA PRO S 1034 -9.30 34.85 -50.84
C PRO S 1034 -8.70 33.84 -51.80
N PHE S 1035 -8.46 32.62 -51.32
CA PHE S 1035 -7.90 31.57 -52.18
C PHE S 1035 -8.74 31.20 -53.40
N PRO S 1036 -10.08 31.07 -53.36
CA PRO S 1036 -10.79 30.63 -54.57
C PRO S 1036 -10.70 31.61 -55.72
N GLY S 1037 -10.62 32.92 -55.46
CA GLY S 1037 -10.47 33.87 -56.55
C GLY S 1037 -9.17 33.70 -57.30
N HIS S 1038 -8.06 33.56 -56.56
CA HIS S 1038 -6.76 33.30 -57.18
C HIS S 1038 -6.76 31.98 -57.94
N ALA S 1039 -7.35 30.93 -57.34
CA ALA S 1039 -7.41 29.64 -58.00
C ALA S 1039 -8.23 29.73 -59.29
N LEU S 1040 -9.36 30.44 -59.25
CA LEU S 1040 -10.23 30.57 -60.40
C LEU S 1040 -9.55 31.33 -61.53
N ILE S 1041 -8.88 32.44 -61.22
CA ILE S 1041 -8.24 33.21 -62.29
C ILE S 1041 -7.07 32.43 -62.89
N ALA S 1042 -6.31 31.71 -62.05
CA ALA S 1042 -5.20 30.91 -62.55
C ALA S 1042 -5.69 29.81 -63.47
N VAL S 1043 -6.70 29.03 -63.03
CA VAL S 1043 -7.18 27.94 -63.87
C VAL S 1043 -7.90 28.48 -65.10
N ALA S 1044 -8.52 29.66 -65.01
CA ALA S 1044 -9.20 30.25 -66.16
C ALA S 1044 -8.20 30.63 -67.24
N THR S 1045 -7.10 31.28 -66.85
CA THR S 1045 -6.06 31.61 -67.84
C THR S 1045 -5.43 30.35 -68.41
N SER S 1046 -5.19 29.35 -67.56
CA SER S 1046 -4.59 28.10 -68.03
C SER S 1046 -5.47 27.41 -69.06
N VAL S 1047 -6.77 27.30 -68.78
CA VAL S 1047 -7.65 26.61 -69.72
C VAL S 1047 -7.92 27.46 -70.94
N VAL S 1048 -7.87 28.79 -70.82
CA VAL S 1048 -8.02 29.63 -72.02
C VAL S 1048 -6.87 29.41 -72.98
N LEU S 1049 -5.64 29.37 -72.44
CA LEU S 1049 -4.48 29.04 -73.28
C LEU S 1049 -4.61 27.63 -73.85
N GLY S 1050 -5.06 26.68 -73.03
CA GLY S 1050 -5.19 25.31 -73.49
C GLY S 1050 -6.20 25.16 -74.62
N VAL S 1051 -7.37 25.77 -74.47
CA VAL S 1051 -8.39 25.65 -75.51
C VAL S 1051 -8.00 26.42 -76.75
N LEU S 1052 -7.26 27.54 -76.61
CA LEU S 1052 -6.80 28.25 -77.81
C LEU S 1052 -5.80 27.41 -78.59
N ILE S 1053 -4.83 26.82 -77.90
CA ILE S 1053 -3.82 26.00 -78.58
C ILE S 1053 -4.47 24.74 -79.15
N PHE S 1054 -5.47 24.19 -78.46
CA PHE S 1054 -6.13 22.99 -78.96
C PHE S 1054 -7.05 23.30 -80.14
N ILE S 1055 -7.67 24.48 -80.18
CA ILE S 1055 -8.43 24.89 -81.34
C ILE S 1055 -7.50 25.07 -82.54
N ALA S 1056 -6.30 25.63 -82.30
CA ALA S 1056 -5.30 25.70 -83.36
C ALA S 1056 -4.91 24.31 -83.85
N PHE S 1057 -4.72 23.36 -82.91
CA PHE S 1057 -4.42 21.98 -83.25
C PHE S 1057 -5.51 21.38 -84.15
N VAL S 1058 -6.76 21.50 -83.72
CA VAL S 1058 -7.88 20.89 -84.43
C VAL S 1058 -8.03 21.52 -85.82
N PHE S 1059 -7.92 22.86 -85.90
CA PHE S 1059 -8.04 23.53 -87.19
C PHE S 1059 -6.93 23.09 -88.15
N GLN S 1060 -5.69 23.04 -87.67
CA GLN S 1060 -4.58 22.65 -88.54
C GLN S 1060 -4.71 21.20 -88.99
N LEU S 1061 -5.04 20.29 -88.07
CA LEU S 1061 -5.10 18.88 -88.42
C LEU S 1061 -6.31 18.56 -89.28
N ARG S 1062 -7.41 19.32 -89.13
CA ARG S 1062 -8.57 19.10 -89.99
C ARG S 1062 -8.35 19.68 -91.37
N ASN S 1063 -7.67 20.84 -91.46
CA ASN S 1063 -7.38 21.43 -92.75
C ASN S 1063 -6.31 20.67 -93.52
N ILE S 1064 -5.42 19.96 -92.82
CA ILE S 1064 -4.51 19.04 -93.51
C ILE S 1064 -5.30 17.91 -94.16
N HIS S 1065 -6.28 17.36 -93.45
CA HIS S 1065 -7.14 16.32 -93.99
C HIS S 1065 -8.02 16.86 -95.11
N HIS T 1 6.05 58.88 35.48
CA HIS T 1 4.89 58.53 34.67
C HIS T 1 5.05 57.16 34.01
N CYS T 2 5.21 57.16 32.69
CA CYS T 2 5.17 55.93 31.90
C CYS T 2 6.57 55.42 31.64
N THR T 3 6.82 54.17 32.01
CA THR T 3 8.11 53.53 31.82
C THR T 3 7.91 52.21 31.09
N TRP T 4 9.02 51.65 30.62
CA TRP T 4 8.99 50.35 29.99
C TRP T 4 9.22 49.26 31.02
N LEU T 5 9.39 48.02 30.55
CA LEU T 5 9.64 46.89 31.41
C LEU T 5 10.19 45.75 30.56
N LEU T 6 11.33 45.18 30.94
CA LEU T 6 11.94 44.10 30.17
C LEU T 6 12.24 42.94 31.11
N VAL T 7 11.78 41.75 30.73
CA VAL T 7 12.14 40.49 31.38
C VAL T 7 12.41 39.45 30.30
N LEU T 8 13.53 38.76 30.41
CA LEU T 8 13.88 37.72 29.46
C LEU T 8 13.00 36.49 29.66
N ASN T 9 12.75 35.76 28.57
CA ASN T 9 11.77 34.68 28.54
C ASN T 9 12.39 33.40 27.97
N LYS T 10 11.97 32.26 28.51
CA LYS T 10 12.33 30.96 27.95
C LYS T 10 11.43 30.67 26.76
N PHE T 11 12.04 30.44 25.59
CA PHE T 11 11.30 30.52 24.33
C PHE T 11 10.26 29.42 24.17
N GLU T 12 10.38 28.30 24.90
CA GLU T 12 9.35 27.28 24.88
C GLU T 12 8.11 27.69 25.67
N LYS T 13 8.19 28.78 26.42
CA LYS T 13 7.16 29.22 27.35
C LYS T 13 6.77 30.65 27.05
N VAL T 14 6.42 30.91 25.79
CA VAL T 14 6.17 32.27 25.32
C VAL T 14 5.01 32.92 26.07
N GLY T 15 3.93 32.19 26.29
CA GLY T 15 2.75 32.80 26.88
C GLY T 15 2.49 32.40 28.31
N LEU T 16 2.70 31.13 28.63
CA LEU T 16 2.36 30.62 29.94
C LEU T 16 3.30 31.09 31.03
N HIS T 17 4.50 31.56 30.66
CA HIS T 17 5.49 32.01 31.61
C HIS T 17 5.70 33.51 31.45
N LEU T 18 5.33 34.27 32.47
CA LEU T 18 5.55 35.71 32.50
C LEU T 18 6.61 36.11 33.52
N SER T 19 7.12 35.17 34.31
CA SER T 19 8.06 35.48 35.39
C SER T 19 9.45 35.69 34.82
N LYS T 20 10.46 35.73 35.71
CA LYS T 20 11.82 36.10 35.33
C LYS T 20 12.61 34.85 34.94
N ASP T 21 12.94 34.75 33.67
CA ASP T 21 13.86 33.73 33.17
C ASP T 21 15.28 34.28 33.19
N ARG T 22 16.24 33.39 33.44
CA ARG T 22 17.64 33.76 33.54
C ARG T 22 18.40 33.36 32.29
N PHE T 23 19.46 34.11 32.01
CA PHE T 23 20.31 33.85 30.84
C PHE T 23 21.25 32.72 31.18
N GLN T 24 20.92 31.50 30.73
CA GLN T 24 21.73 30.33 31.04
C GLN T 24 22.38 29.74 29.80
N ASP T 25 21.60 29.36 28.80
CA ASP T 25 22.14 28.67 27.64
C ASP T 25 22.73 29.67 26.65
N HIS T 26 23.89 29.32 26.11
CA HIS T 26 24.55 30.13 25.10
C HIS T 26 24.82 29.30 23.86
N GLU T 27 23.85 28.46 23.51
CA GLU T 27 23.92 27.68 22.28
C GLU T 27 22.61 27.89 21.53
N PRO T 28 22.68 28.26 20.26
CA PRO T 28 21.47 28.38 19.44
C PRO T 28 21.12 27.08 18.72
N ILE T 29 19.89 26.59 18.93
CA ILE T 29 19.44 25.30 18.41
C ILE T 29 18.82 25.44 17.02
N ASP T 30 18.61 24.31 16.35
CA ASP T 30 18.20 24.25 14.95
C ASP T 30 16.75 23.78 14.77
N THR T 31 15.85 24.27 15.62
CA THR T 31 14.44 23.86 15.55
C THR T 31 13.60 24.84 14.72
N VAL T 32 14.01 25.15 13.49
CA VAL T 32 13.26 26.09 12.67
C VAL T 32 13.02 25.54 11.26
N ALA T 33 13.66 24.43 10.92
CA ALA T 33 13.54 23.91 9.56
C ALA T 33 12.11 23.46 9.25
N LYS T 34 11.47 22.79 10.21
CA LYS T 34 10.12 22.28 10.02
C LYS T 34 9.09 23.39 9.88
N VAL T 35 9.37 24.58 10.38
CA VAL T 35 8.45 25.70 10.20
C VAL T 35 8.83 26.54 8.99
N PHE T 36 10.12 26.60 8.66
CA PHE T 36 10.58 27.37 7.50
C PHE T 36 10.23 26.68 6.19
N GLN T 37 10.02 25.36 6.21
CA GLN T 37 9.61 24.68 4.98
C GLN T 37 8.12 24.81 4.69
N LYS T 38 7.33 25.31 5.64
CA LYS T 38 5.88 25.40 5.44
C LYS T 38 5.49 26.47 4.43
N LEU T 39 6.37 27.43 4.17
CA LEU T 39 6.12 28.47 3.19
C LEU T 39 6.08 27.89 1.78
N THR T 40 5.17 28.43 0.95
CA THR T 40 5.10 28.07 -0.45
C THR T 40 5.44 29.25 -1.36
N ASP T 41 4.68 30.33 -1.28
CA ASP T 41 4.91 31.51 -2.12
C ASP T 41 5.62 32.62 -1.35
N SER T 42 6.88 32.39 -0.99
CA SER T 42 7.70 33.42 -0.39
C SER T 42 9.10 33.37 -0.96
N PRO T 43 9.77 34.53 -1.12
CA PRO T 43 11.13 34.55 -1.69
C PRO T 43 12.19 34.03 -0.73
N ILE T 44 12.19 32.72 -0.52
CA ILE T 44 13.10 32.07 0.42
C ILE T 44 13.79 30.91 -0.28
N ASP T 45 15.12 30.90 -0.25
CA ASP T 45 15.88 29.83 -0.88
C ASP T 45 15.78 28.55 -0.05
N PRO T 46 15.36 27.43 -0.63
CA PRO T 46 15.33 26.17 0.13
C PRO T 46 16.69 25.52 0.30
N SER T 47 17.72 26.00 -0.40
CA SER T 47 19.04 25.38 -0.31
C SER T 47 19.69 25.63 1.05
N GLU T 48 19.54 26.83 1.58
CA GLU T 48 20.18 27.20 2.83
C GLU T 48 19.45 26.60 4.02
N ASN T 49 20.07 26.71 5.19
CA ASN T 49 19.50 26.23 6.45
C ASN T 49 19.63 27.30 7.52
N TYR T 50 18.61 27.41 8.37
CA TYR T 50 18.58 28.39 9.44
C TYR T 50 18.46 27.68 10.78
N LEU T 51 18.58 28.45 11.85
CA LEU T 51 18.61 27.92 13.21
C LEU T 51 18.45 29.06 14.20
N SER T 52 17.54 28.90 15.16
CA SER T 52 17.18 30.00 16.04
C SER T 52 18.11 30.11 17.24
N PHE T 53 18.14 31.30 17.82
CA PHE T 53 18.76 31.51 19.12
C PHE T 53 17.77 31.13 20.21
N PRO T 54 18.27 30.81 21.41
CA PRO T 54 17.36 30.63 22.55
C PRO T 54 16.98 31.98 23.13
N TYR T 55 15.96 31.94 24.00
CA TYR T 55 15.46 33.06 24.79
C TYR T 55 14.76 34.13 23.97
N TYR T 56 13.81 34.80 24.61
CA TYR T 56 12.99 35.85 23.99
C TYR T 56 13.03 37.09 24.86
N LEU T 57 12.72 38.24 24.26
CA LEU T 57 12.53 39.49 24.97
C LEU T 57 11.04 39.79 25.13
N GLN T 58 10.66 40.16 26.34
CA GLN T 58 9.29 40.52 26.68
C GLN T 58 9.24 41.99 27.00
N ILE T 59 8.25 42.68 26.45
CA ILE T 59 8.11 44.12 26.60
C ILE T 59 6.66 44.45 26.91
N ASN T 60 6.45 45.21 27.98
CA ASN T 60 5.18 45.87 28.22
C ASN T 60 5.47 47.11 29.05
N PHE T 61 4.53 48.05 29.04
CA PHE T 61 4.79 49.35 29.62
C PHE T 61 3.74 49.72 30.66
N SER T 62 4.18 50.43 31.70
CA SER T 62 3.38 50.70 32.87
C SER T 62 3.27 52.20 33.10
N CYS T 63 2.06 52.66 33.40
CA CYS T 63 1.79 54.01 33.85
C CYS T 63 0.92 53.93 35.10
N PRO T 64 1.14 54.81 36.08
CA PRO T 64 0.40 54.70 37.34
C PRO T 64 -1.08 55.05 37.17
N GLY T 65 -1.90 54.49 38.05
CA GLY T 65 -3.32 54.74 38.07
C GLY T 65 -4.15 53.70 37.33
N GLN T 66 -3.55 52.96 36.42
CA GLN T 66 -4.27 51.92 35.68
C GLN T 66 -3.54 50.60 35.79
N ASN T 67 -3.94 49.61 35.02
CA ASN T 67 -3.25 48.32 35.00
C ASN T 67 -2.44 48.18 33.72
N ILE T 68 -1.33 47.42 33.86
CA ILE T 68 -0.37 47.24 32.78
C ILE T 68 -1.05 46.65 31.56
N GLU T 69 -1.93 45.68 31.76
CA GLU T 69 -2.57 45.01 30.64
C GLU T 69 -3.48 45.97 29.87
N GLU T 70 -4.27 46.78 30.59
CA GLU T 70 -5.10 47.75 29.89
C GLU T 70 -4.27 48.78 29.16
N LEU T 71 -3.13 49.15 29.73
CA LEU T 71 -2.24 50.07 29.02
C LEU T 71 -1.69 49.43 27.74
N ALA T 72 -1.32 48.15 27.79
CA ALA T 72 -0.80 47.49 26.60
C ALA T 72 -1.89 47.30 25.54
N ARG T 73 -3.11 47.01 25.99
CA ARG T 73 -4.25 46.91 25.07
C ARG T 73 -4.51 48.24 24.39
N LYS T 74 -4.51 49.32 25.16
CA LYS T 74 -4.61 50.64 24.57
C LYS T 74 -3.48 50.88 23.59
N GLY T 75 -2.26 50.50 23.97
CA GLY T 75 -1.11 50.75 23.11
C GLY T 75 -1.22 50.08 21.76
N HIS T 76 -1.60 48.81 21.73
CA HIS T 76 -1.72 48.16 20.43
C HIS T 76 -2.93 48.66 19.67
N LEU T 77 -4.03 48.95 20.36
CA LEU T 77 -5.21 49.46 19.66
C LEU T 77 -4.98 50.86 19.10
N MET T 78 -3.95 51.55 19.58
CA MET T 78 -3.51 52.81 19.00
C MET T 78 -2.50 52.59 17.89
N GLY T 79 -1.59 51.66 18.07
CA GLY T 79 -0.54 51.42 17.11
C GLY T 79 0.85 51.48 17.71
N MET T 80 0.95 51.35 19.03
CA MET T 80 2.25 51.27 19.71
C MET T 80 3.11 50.15 19.15
N LYS T 81 4.34 50.49 18.81
CA LYS T 81 5.31 49.50 18.40
C LYS T 81 6.63 49.79 19.11
N PRO T 82 7.15 48.86 19.86
CA PRO T 82 8.44 49.08 20.54
C PRO T 82 9.60 48.89 19.57
N MET T 83 10.34 49.96 19.33
CA MET T 83 11.61 49.91 18.62
C MET T 83 12.70 49.52 19.59
N VAL T 84 13.40 48.42 19.30
CA VAL T 84 14.52 47.96 20.09
C VAL T 84 15.77 48.06 19.23
N GLN T 85 16.84 48.59 19.80
CA GLN T 85 18.13 48.65 19.12
C GLN T 85 19.20 48.18 20.09
N ILE T 86 19.95 47.17 19.70
CA ILE T 86 20.94 46.54 20.56
C ILE T 86 22.32 46.84 19.99
N ASN T 87 23.20 47.35 20.84
CA ASN T 87 24.57 47.60 20.44
C ASN T 87 25.50 46.71 21.24
N TYR T 88 26.54 46.20 20.59
CA TYR T 88 27.42 45.21 21.17
C TYR T 88 28.80 45.81 21.44
N MET T 89 29.33 45.55 22.62
CA MET T 89 30.66 45.98 22.99
C MET T 89 31.63 44.81 22.90
N TYR T 90 32.72 45.00 22.17
CA TYR T 90 33.71 43.96 21.97
C TYR T 90 34.42 43.63 23.28
N SER T 91 34.81 42.37 23.42
CA SER T 91 35.50 41.92 24.62
C SER T 91 36.92 42.49 24.65
N VAL T 92 37.54 42.41 25.82
CA VAL T 92 38.80 43.10 26.08
C VAL T 92 39.96 42.61 25.22
N ASN T 93 39.84 41.46 24.56
CA ASN T 93 40.92 40.95 23.74
C ASN T 93 40.90 41.55 22.34
N PHE T 94 42.09 41.71 21.78
CA PHE T 94 42.25 42.05 20.38
C PHE T 94 43.13 41.05 19.62
N TYR T 95 43.73 40.09 20.31
CA TYR T 95 44.56 39.09 19.64
C TYR T 95 43.73 38.03 18.95
N ARG T 96 42.79 37.41 19.67
CA ARG T 96 41.98 36.34 19.15
C ARG T 96 40.59 36.79 18.73
N TRP T 97 40.30 38.09 18.80
CA TRP T 97 39.07 38.66 18.29
C TRP T 97 39.38 40.03 17.69
N GLU T 98 38.34 40.71 17.24
CA GLU T 98 38.43 42.08 16.77
C GLU T 98 37.71 43.00 17.74
N MET T 99 37.72 44.29 17.42
CA MET T 99 37.03 45.30 18.20
C MET T 99 35.72 45.75 17.55
N GLU T 100 35.25 45.03 16.54
CA GLU T 100 34.14 45.47 15.70
C GLU T 100 32.87 45.68 16.52
N ASN T 101 32.24 46.84 16.31
CA ASN T 101 31.03 47.21 17.02
C ASN T 101 29.85 47.11 16.07
N VAL T 102 28.84 46.31 16.45
CA VAL T 102 27.69 46.06 15.60
C VAL T 102 26.42 46.28 16.41
N GLN T 103 25.38 46.75 15.72
CA GLN T 103 24.09 47.03 16.32
C GLN T 103 22.99 46.49 15.42
N ILE T 104 21.92 46.02 16.06
CA ILE T 104 20.76 45.46 15.38
C ILE T 104 19.53 46.25 15.79
N LEU T 105 18.74 46.68 14.81
CA LEU T 105 17.51 47.41 15.07
C LEU T 105 16.33 46.56 14.64
N MET T 106 15.42 46.29 15.58
CA MET T 106 14.24 45.48 15.30
C MET T 106 13.01 46.17 15.87
N GLU T 107 11.86 45.76 15.35
CA GLU T 107 10.56 46.15 15.90
C GLU T 107 9.94 44.95 16.59
N ALA T 108 9.26 45.19 17.70
CA ALA T 108 8.70 44.08 18.48
C ALA T 108 7.49 43.47 17.76
N ALA T 109 6.83 42.52 18.40
CA ALA T 109 5.69 41.82 17.83
C ALA T 109 4.62 41.63 18.90
N PRO T 110 3.34 41.59 18.50
CA PRO T 110 2.26 41.34 19.44
C PRO T 110 1.86 39.88 19.56
N MET T 111 1.55 39.51 20.80
CA MET T 111 1.44 38.13 21.28
C MET T 111 0.32 37.98 22.29
N ARG T 112 -0.70 37.20 21.93
CA ARG T 112 -1.82 36.97 22.84
C ARG T 112 -1.42 35.84 23.78
N SER T 113 -1.12 36.19 25.03
CA SER T 113 -0.64 35.19 25.99
C SER T 113 -1.73 34.17 26.25
N THR T 114 -1.36 32.89 26.21
CA THR T 114 -2.32 31.81 26.15
C THR T 114 -2.92 31.54 27.52
N GLY T 115 -4.24 31.41 27.56
CA GLY T 115 -4.92 31.15 28.81
C GLY T 115 -6.38 30.87 28.57
N TYR T 116 -7.18 30.95 29.64
CA TYR T 116 -8.61 30.71 29.51
C TYR T 116 -9.28 31.80 28.67
N CYS T 117 -8.95 33.07 28.95
CA CYS T 117 -9.40 34.23 28.19
C CYS T 117 -10.91 34.32 28.03
N PRO T 118 -11.64 34.72 29.08
CA PRO T 118 -13.10 34.86 28.94
C PRO T 118 -13.53 35.83 27.87
N ALA T 119 -12.73 36.84 27.57
CA ALA T 119 -13.03 37.74 26.46
C ALA T 119 -12.82 37.03 25.13
N GLU T 120 -13.37 37.62 24.06
CA GLU T 120 -13.32 36.98 22.75
C GLU T 120 -11.98 37.20 22.07
N ALA T 121 -11.64 38.46 21.78
CA ALA T 121 -10.48 38.75 20.94
C ALA T 121 -9.35 39.39 21.70
N MET T 122 -9.57 40.54 22.34
CA MET T 122 -8.49 41.18 23.08
C MET T 122 -8.45 40.62 24.49
N CYS T 123 -7.24 40.45 25.00
CA CYS T 123 -7.02 39.66 26.21
C CYS T 123 -5.71 40.13 26.80
N VAL T 124 -5.14 39.33 27.71
CA VAL T 124 -3.81 39.62 28.20
C VAL T 124 -2.82 39.58 27.04
N LEU T 125 -1.92 40.56 27.00
CA LEU T 125 -1.15 40.85 25.80
C LEU T 125 0.20 41.44 26.19
N ASN T 126 1.25 40.97 25.52
CA ASN T 126 2.61 41.40 25.84
C ASN T 126 3.44 41.36 24.57
N TRP T 127 4.20 42.43 24.33
CA TRP T 127 5.07 42.48 23.17
C TRP T 127 6.21 41.48 23.30
N TYR T 128 6.60 40.85 22.19
CA TYR T 128 7.75 39.97 22.19
C TYR T 128 8.70 40.33 21.06
N THR T 129 9.97 39.97 21.27
CA THR T 129 11.08 40.40 20.47
C THR T 129 12.10 39.28 20.42
N PRO T 130 12.75 39.04 19.28
CA PRO T 130 13.83 38.06 19.24
C PRO T 130 15.03 38.51 20.06
N MET T 131 15.96 37.59 20.26
CA MET T 131 17.18 37.84 21.03
C MET T 131 18.37 37.21 20.32
N PRO T 132 19.10 37.97 19.51
CA PRO T 132 20.38 37.50 18.99
C PRO T 132 21.53 37.87 19.92
N PHE T 133 22.62 37.12 19.77
CA PHE T 133 23.86 37.42 20.46
C PHE T 133 25.00 36.80 19.68
N LYS T 134 25.98 37.62 19.31
CA LYS T 134 27.03 37.22 18.38
C LYS T 134 28.17 36.54 19.12
N ASN T 135 29.12 36.02 18.34
CA ASN T 135 30.30 35.38 18.88
C ASN T 135 31.42 36.41 19.06
N GLY T 136 31.94 36.51 20.27
CA GLY T 136 33.04 37.37 20.58
C GLY T 136 32.75 38.55 21.49
N SER T 137 31.63 38.54 22.21
CA SER T 137 31.28 39.67 23.05
C SER T 137 30.36 39.19 24.16
N VAL T 138 30.25 40.00 25.21
CA VAL T 138 29.30 39.71 26.28
C VAL T 138 28.39 40.89 26.51
N VAL T 139 28.89 42.10 26.27
CA VAL T 139 28.20 43.30 26.73
C VAL T 139 27.22 43.75 25.66
N SER T 140 25.94 43.74 26.01
CA SER T 140 24.85 44.03 25.09
C SER T 140 23.99 45.13 25.70
N SER T 141 24.08 46.33 25.16
CA SER T 141 23.22 47.42 25.62
C SER T 141 21.99 47.47 24.73
N VAL T 142 20.82 47.20 25.32
CA VAL T 142 19.57 47.20 24.59
C VAL T 142 18.89 48.55 24.85
N ASP T 143 18.29 49.11 23.81
CA ASP T 143 17.64 50.41 23.88
C ASP T 143 16.21 50.25 23.40
N ILE T 144 15.25 50.61 24.24
CA ILE T 144 13.84 50.52 23.91
C ILE T 144 13.28 51.94 23.83
N TYR T 145 12.59 52.22 22.73
CA TYR T 145 11.94 53.52 22.57
C TYR T 145 10.74 53.36 21.65
N THR T 146 9.84 54.33 21.73
CA THR T 146 8.54 54.27 21.06
C THR T 146 8.69 54.36 19.54
N ASN T 147 7.67 53.82 18.86
CA ASN T 147 7.60 53.97 17.41
C ASN T 147 7.40 55.42 17.01
N GLY T 148 6.56 56.14 17.76
CA GLY T 148 6.28 57.53 17.46
C GLY T 148 4.81 57.86 17.58
N ILE T 149 3.97 56.83 17.52
CA ILE T 149 2.53 56.97 17.65
C ILE T 149 2.10 56.25 18.92
N GLY T 150 0.90 56.55 19.39
CA GLY T 150 0.41 55.97 20.63
C GLY T 150 0.67 56.88 21.81
N PRO T 151 0.43 56.39 23.03
CA PRO T 151 0.75 57.18 24.21
C PRO T 151 2.25 57.37 24.35
N PHE T 152 2.65 58.45 25.01
CA PHE T 152 4.07 58.68 25.19
C PHE T 152 4.65 57.70 26.19
N VAL T 153 5.78 57.14 25.83
CA VAL T 153 6.61 56.28 26.67
C VAL T 153 8.07 56.70 26.49
N SER T 154 8.82 56.70 27.59
CA SER T 154 10.17 57.25 27.57
C SER T 154 11.12 56.26 26.92
N LYS T 155 12.40 56.62 26.91
CA LYS T 155 13.45 55.79 26.31
C LYS T 155 14.26 55.16 27.43
N LYS T 156 14.52 53.86 27.32
CA LYS T 156 15.26 53.18 28.38
C LYS T 156 16.37 52.31 27.80
N ARG T 157 17.36 52.04 28.64
CA ARG T 157 18.49 51.18 28.32
C ARG T 157 18.58 50.06 29.34
N PHE T 158 18.83 48.84 28.86
CA PHE T 158 19.00 47.70 29.74
C PHE T 158 20.21 46.89 29.31
N TYR T 159 20.65 45.98 30.19
CA TYR T 159 21.79 45.12 29.93
C TYR T 159 21.43 43.69 30.37
N VAL T 160 21.08 42.85 29.41
CA VAL T 160 20.98 41.42 29.66
C VAL T 160 22.13 40.74 28.94
N ASN T 161 23.26 40.57 29.64
CA ASN T 161 24.47 40.32 28.86
C ASN T 161 24.87 38.85 28.73
N MET T 162 25.48 38.27 29.76
CA MET T 162 26.03 36.93 29.61
C MET T 162 26.15 36.22 30.96
N ASN T 163 25.06 36.12 31.73
CA ASN T 163 25.17 35.41 33.01
C ASN T 163 25.69 34.00 32.80
N GLY T 164 26.91 33.73 33.28
CA GLY T 164 27.58 32.50 32.94
C GLY T 164 28.12 31.72 34.12
N PHE T 165 27.38 31.71 35.22
CA PHE T 165 27.72 30.89 36.38
C PHE T 165 26.75 29.73 36.53
N LEU T 166 25.94 29.48 35.52
CA LEU T 166 24.74 28.66 35.65
C LEU T 166 25.02 27.22 35.26
N LYS T 167 24.69 26.31 36.15
CA LYS T 167 24.81 24.87 35.93
C LYS T 167 23.44 24.24 36.00
N ARG T 168 23.29 23.12 35.29
CA ARG T 168 22.03 22.38 35.23
C ARG T 168 22.19 21.04 35.93
N ASP T 169 21.27 20.74 36.85
CA ASP T 169 21.30 19.48 37.57
C ASP T 169 20.53 18.43 36.79
N ALA T 170 20.27 17.28 37.43
CA ALA T 170 19.52 16.21 36.77
C ALA T 170 18.07 16.60 36.54
N SER T 171 17.47 17.35 37.47
CA SER T 171 16.07 17.75 37.30
C SER T 171 15.92 18.83 36.23
N GLY T 172 16.96 19.61 35.99
CA GLY T 172 16.91 20.61 34.94
C GLY T 172 16.46 21.98 35.40
N LYS T 173 17.12 22.54 36.41
CA LYS T 173 16.83 23.89 36.87
C LYS T 173 18.11 24.63 37.19
N SER T 174 18.01 25.95 37.22
CA SER T 174 19.19 26.82 37.32
C SER T 174 19.83 26.71 38.70
N LEU T 175 21.17 26.76 38.71
CA LEU T 175 21.95 26.69 39.93
C LEU T 175 23.22 27.51 39.76
N PHE T 176 23.56 28.27 40.80
CA PHE T 176 24.79 29.05 40.78
C PHE T 176 25.97 28.14 41.15
N ALA T 177 27.03 28.20 40.34
CA ALA T 177 28.22 27.41 40.64
C ALA T 177 29.03 28.01 41.78
N ILE T 178 28.75 29.26 42.15
CA ILE T 178 29.46 29.89 43.26
C ILE T 178 28.82 29.50 44.59
N GLY T 179 27.50 29.53 44.66
CA GLY T 179 26.84 29.22 45.90
C GLY T 179 25.37 28.89 45.69
N TYR T 180 24.62 28.99 46.79
CA TYR T 180 23.22 28.60 46.82
C TYR T 180 22.40 29.75 47.40
N GLU T 181 21.19 29.92 46.88
CA GLU T 181 20.27 30.93 47.38
C GLU T 181 19.56 30.35 48.61
N SER T 182 19.88 30.88 49.79
CA SER T 182 19.32 30.34 51.02
C SER T 182 18.98 31.40 52.07
N LEU T 183 18.99 32.68 51.73
CA LEU T 183 18.78 33.73 52.71
C LEU T 183 17.60 34.61 52.33
N VAL T 184 17.26 35.51 53.24
CA VAL T 184 16.10 36.38 53.11
C VAL T 184 16.56 37.83 53.25
N LEU T 185 16.05 38.70 52.38
CA LEU T 185 16.44 40.10 52.39
C LEU T 185 15.84 40.82 53.59
N LYS T 186 16.38 40.53 54.77
CA LYS T 186 15.92 41.22 55.98
C LYS T 186 16.45 42.65 55.99
N SER T 187 15.55 43.59 56.28
CA SER T 187 15.91 45.00 56.37
C SER T 187 16.93 45.29 57.47
N SER T 188 17.08 44.38 58.43
CA SER T 188 18.02 44.59 59.53
C SER T 188 19.48 44.55 59.06
N HIS T 189 19.75 43.93 57.92
CA HIS T 189 21.13 43.62 57.54
C HIS T 189 21.96 44.87 57.29
N PHE T 190 21.37 45.91 56.70
CA PHE T 190 22.11 47.12 56.36
C PHE T 190 21.31 48.36 56.75
N ARG T 191 20.73 48.35 57.93
CA ARG T 191 20.02 49.52 58.42
C ARG T 191 20.93 50.52 59.13
N LEU T 192 22.17 50.15 59.40
CA LEU T 192 23.14 51.07 59.99
C LEU T 192 24.49 51.03 59.29
N SER T 193 24.67 50.17 58.30
CA SER T 193 25.96 50.05 57.64
C SER T 193 26.22 51.23 56.72
N LYS T 194 27.51 51.50 56.49
CA LYS T 194 27.95 52.61 55.66
C LYS T 194 27.77 52.27 54.18
N SER T 195 28.15 53.20 53.32
CA SER T 195 28.04 53.00 51.88
C SER T 195 29.31 52.34 51.36
N ARG T 196 29.13 51.30 50.57
CA ARG T 196 30.21 50.49 50.05
C ARG T 196 30.29 50.62 48.53
N PRO T 197 31.47 50.84 47.99
CA PRO T 197 31.59 51.02 46.54
C PRO T 197 31.43 49.73 45.75
N LEU T 198 31.59 49.82 44.43
CA LEU T 198 31.31 48.71 43.53
C LEU T 198 32.36 48.75 42.43
N TRP T 199 33.21 47.73 42.38
CA TRP T 199 34.38 47.73 41.51
C TRP T 199 34.21 46.70 40.42
N TYR T 200 34.62 47.08 39.21
CA TYR T 200 34.51 46.27 38.01
C TYR T 200 35.28 47.01 36.92
N THR T 201 35.36 46.41 35.73
CA THR T 201 36.02 47.08 34.62
C THR T 201 35.21 48.28 34.16
N VAL T 202 35.80 49.08 33.28
CA VAL T 202 35.21 50.37 32.93
C VAL T 202 33.85 50.19 32.26
N ASN T 203 33.74 49.27 31.30
CA ASN T 203 32.45 48.97 30.72
C ASN T 203 32.22 47.49 30.44
N HIS T 204 33.24 46.64 30.47
CA HIS T 204 33.18 45.30 29.91
C HIS T 204 32.81 44.23 30.91
N ALA T 205 32.43 44.59 32.14
CA ALA T 205 32.05 43.59 33.12
C ALA T 205 30.65 43.07 32.83
N PRO T 206 30.48 41.78 32.55
CA PRO T 206 29.15 41.25 32.26
C PRO T 206 28.34 40.92 33.49
N VAL T 207 28.92 40.99 34.68
CA VAL T 207 28.25 40.73 35.93
C VAL T 207 28.61 41.82 36.93
N PHE T 208 28.09 41.69 38.15
CA PHE T 208 28.33 42.63 39.22
C PHE T 208 28.34 41.87 40.53
N ILE T 209 29.23 42.27 41.44
CA ILE T 209 29.38 41.60 42.73
C ILE T 209 29.54 42.65 43.81
N LEU T 210 28.79 42.53 44.89
CA LEU T 210 28.89 43.48 45.99
C LEU T 210 28.52 42.79 47.30
N GLY T 211 29.40 42.88 48.28
CA GLY T 211 29.15 42.31 49.59
C GLY T 211 29.22 43.35 50.70
N GLY T 212 30.18 43.18 51.61
CA GLY T 212 30.39 44.13 52.69
C GLY T 212 29.29 44.18 53.72
N PHE T 213 28.71 43.03 54.07
CA PHE T 213 27.60 42.99 55.01
C PHE T 213 28.12 43.12 56.44
N TYR T 214 27.26 42.85 57.42
CA TYR T 214 27.69 42.92 58.81
C TYR T 214 28.58 41.73 59.15
N ASP T 215 28.06 40.51 59.03
CA ASP T 215 28.85 39.32 59.31
C ASP T 215 28.61 38.18 58.33
N GLU T 216 27.68 38.31 57.40
CA GLU T 216 27.26 37.19 56.57
C GLU T 216 28.08 37.15 55.30
N LYS T 217 28.56 35.95 54.95
CA LYS T 217 29.34 35.74 53.73
C LYS T 217 28.41 35.68 52.51
N SER T 218 27.69 36.78 52.31
CA SER T 218 26.74 36.90 51.23
C SER T 218 27.10 38.08 50.35
N ILE T 219 26.87 37.92 49.05
CA ILE T 219 27.05 38.98 48.08
C ILE T 219 25.69 39.29 47.46
N LEU T 220 25.67 40.32 46.63
CA LEU T 220 24.46 40.70 45.91
C LEU T 220 24.72 40.61 44.42
N PHE T 221 25.28 39.49 43.98
CA PHE T 221 25.60 39.28 42.58
C PHE T 221 24.35 39.41 41.72
N SER T 222 24.44 40.20 40.66
CA SER T 222 23.30 40.42 39.78
C SER T 222 23.79 40.86 38.41
N ASP T 223 23.06 40.44 37.39
CA ASP T 223 23.24 40.96 36.06
C ASP T 223 22.67 42.38 35.99
N SER T 224 22.71 42.97 34.80
CA SER T 224 22.18 44.32 34.51
C SER T 224 22.95 45.30 35.39
N ASN T 225 22.28 46.28 35.98
CA ASN T 225 22.88 47.28 36.86
C ASN T 225 22.15 47.29 38.19
N PHE T 226 21.98 46.10 38.76
CA PHE T 226 21.20 45.87 39.98
C PHE T 226 19.75 46.29 39.78
N GLN T 227 19.24 46.09 38.58
CA GLN T 227 17.80 46.16 38.37
C GLN T 227 17.10 44.99 39.04
N ASP T 228 17.76 43.84 39.11
CA ASP T 228 17.20 42.61 39.67
C ASP T 228 18.19 42.08 40.69
N TYR T 229 18.08 42.54 41.93
CA TYR T 229 19.03 42.15 42.97
C TYR T 229 18.68 40.75 43.45
N VAL T 230 19.42 39.76 42.96
CA VAL T 230 19.25 38.38 43.39
C VAL T 230 20.38 38.04 44.36
N LEU T 231 20.03 37.85 45.63
CA LEU T 231 21.03 37.59 46.65
C LEU T 231 21.65 36.22 46.43
N LEU T 232 22.82 36.02 47.04
CA LEU T 232 23.51 34.74 46.96
C LEU T 232 24.24 34.48 48.27
N GLU T 233 24.34 33.21 48.64
CA GLU T 233 25.19 32.75 49.73
C GLU T 233 26.32 31.92 49.13
N LEU T 234 27.54 32.38 49.32
CA LEU T 234 28.71 31.73 48.72
C LEU T 234 29.00 30.41 49.43
N SER T 235 29.34 29.38 48.66
CA SER T 235 29.72 28.10 49.24
C SER T 235 31.20 28.13 49.64
N ILE T 236 31.66 29.21 50.18
CA ILE T 236 33.08 29.17 50.46
C ILE T 236 33.26 29.10 51.91
N ASP T 237 34.06 28.14 52.29
CA ASP T 237 34.19 27.92 53.68
C ASP T 237 34.74 29.10 54.27
N SER T 238 34.53 29.21 55.52
CA SER T 238 35.02 30.35 56.30
C SER T 238 36.35 29.98 56.94
N CYS T 239 37.45 30.47 56.37
CA CYS T 239 38.79 30.12 56.80
C CYS T 239 39.55 31.31 57.43
N TRP T 240 40.51 31.03 58.30
CA TRP T 240 41.35 32.05 58.91
C TRP T 240 42.72 31.43 58.96
N VAL T 241 43.72 32.26 58.64
CA VAL T 241 45.10 31.80 58.68
C VAL T 241 45.62 31.67 60.10
N GLY T 242 46.85 31.21 60.26
CA GLY T 242 47.33 30.89 61.59
C GLY T 242 48.08 31.81 62.49
N SER T 243 49.38 31.93 62.31
CA SER T 243 50.12 32.74 63.28
C SER T 243 51.43 33.31 62.82
N PHE T 244 52.35 33.49 63.75
CA PHE T 244 53.63 34.09 63.43
C PHE T 244 53.58 34.91 62.14
N TYR T 245 54.03 34.40 61.03
CA TYR T 245 54.08 35.21 59.82
C TYR T 245 52.83 35.94 59.65
N CYS T 246 51.76 35.34 60.09
CA CYS T 246 50.50 35.95 59.85
C CYS T 246 49.78 36.33 61.14
N PRO T 247 48.82 37.25 61.02
CA PRO T 247 48.08 37.53 62.23
C PRO T 247 46.58 37.67 62.00
N ILE T 248 46.10 38.46 61.03
CA ILE T 248 44.65 38.76 60.84
C ILE T 248 43.79 38.14 61.89
N LEU T 249 43.40 38.90 62.91
CA LEU T 249 42.67 38.31 64.07
C LEU T 249 41.14 38.44 64.20
N GLY T 250 40.40 38.24 63.11
CA GLY T 250 38.93 38.31 63.17
C GLY T 250 38.24 38.04 61.85
N PHE T 251 37.94 36.75 61.64
CA PHE T 251 37.32 36.28 60.42
C PHE T 251 36.41 37.27 59.84
N SER T 252 35.30 37.53 60.52
CA SER T 252 34.29 38.44 59.98
C SER T 252 33.94 38.04 58.55
N ALA T 253 33.12 37.01 58.40
CA ALA T 253 32.74 36.53 57.06
C ALA T 253 32.02 37.60 56.26
N THR T 254 32.76 38.59 55.76
CA THR T 254 32.16 39.65 54.97
C THR T 254 33.12 39.97 53.85
N ILE T 255 32.86 39.43 52.67
CA ILE T 255 33.79 39.63 51.56
C ILE T 255 34.14 41.09 51.32
N HIS T 256 35.29 41.51 51.81
CA HIS T 256 35.74 42.85 51.53
C HIS T 256 36.48 42.85 50.20
N ASP T 257 36.35 43.96 49.47
CA ASP T 257 37.00 44.17 48.18
C ASP T 257 36.58 43.10 47.17
N ALA T 258 35.27 43.06 46.92
CA ALA T 258 34.67 42.09 46.00
C ALA T 258 34.73 42.67 44.60
N ILE T 259 35.69 42.22 43.81
CA ILE T 259 35.90 42.78 42.48
C ILE T 259 35.70 41.67 41.45
N ALA T 260 35.58 42.09 40.19
CA ALA T 260 35.38 41.15 39.11
C ALA T 260 35.96 41.74 37.82
N THR T 261 35.92 40.95 36.77
CA THR T 261 36.23 41.40 35.43
C THR T 261 35.53 40.47 34.46
N GLU T 262 35.85 40.59 33.17
CA GLU T 262 35.44 39.55 32.24
C GLU T 262 36.03 38.23 32.67
N SER T 263 35.19 37.19 32.69
CA SER T 263 35.50 35.87 33.21
C SER T 263 35.73 35.87 34.72
N THR T 264 36.92 36.25 35.18
CA THR T 264 37.30 35.96 36.55
C THR T 264 36.61 36.90 37.55
N LEU T 265 36.47 36.39 38.77
CA LEU T 265 35.84 37.05 39.90
C LEU T 265 36.72 36.85 41.12
N PHE T 266 36.99 37.93 41.86
CA PHE T 266 37.94 37.87 42.97
C PHE T 266 37.26 38.37 44.23
N ILE T 267 37.38 37.60 45.30
CA ILE T 267 36.86 37.99 46.60
C ILE T 267 38.00 37.89 47.61
N ARG T 268 37.91 38.70 48.66
CA ARG T 268 38.91 38.72 49.72
C ARG T 268 38.18 38.60 51.06
N GLN T 269 38.18 37.39 51.61
CA GLN T 269 37.84 37.21 53.01
C GLN T 269 39.12 37.47 53.82
N ASN T 270 39.09 37.19 55.12
CA ASN T 270 40.16 37.62 56.00
C ASN T 270 41.50 37.02 55.61
N GLN T 271 42.35 37.86 55.02
CA GLN T 271 43.68 37.49 54.49
C GLN T 271 43.59 36.37 53.47
N LEU T 272 42.41 36.10 52.92
CA LEU T 272 42.24 34.98 52.01
C LEU T 272 41.63 35.49 50.71
N VAL T 273 42.40 35.43 49.63
CA VAL T 273 41.90 35.75 48.31
C VAL T 273 41.40 34.45 47.68
N TYR T 274 40.16 34.49 47.21
CA TYR T 274 39.55 33.38 46.49
C TYR T 274 39.19 33.85 45.09
N TYR T 275 39.45 33.02 44.10
CA TYR T 275 39.21 33.38 42.72
C TYR T 275 38.31 32.35 42.05
N PHE T 276 37.31 32.84 41.35
CA PHE T 276 36.35 32.04 40.62
C PHE T 276 36.39 32.42 39.15
N THR T 277 35.96 31.50 38.31
CA THR T 277 35.76 31.78 36.91
C THR T 277 34.43 31.21 36.46
N GLY T 278 33.63 32.05 35.82
CA GLY T 278 32.43 31.58 35.18
C GLY T 278 32.75 31.00 33.82
N THR T 279 31.95 30.01 33.42
CA THR T 279 32.09 29.47 32.08
C THR T 279 31.55 30.49 31.08
N TYR T 280 32.39 30.85 30.12
CA TYR T 280 32.04 31.85 29.12
C TYR T 280 32.49 31.30 27.77
N ILE T 281 31.62 30.50 27.15
CA ILE T 281 31.89 30.04 25.81
C ILE T 281 31.82 31.22 24.85
N THR T 282 32.37 31.01 23.65
CA THR T 282 32.45 32.00 22.58
C THR T 282 33.23 33.25 23.00
N LEU T 283 33.97 33.18 24.10
CA LEU T 283 34.91 34.22 24.49
C LEU T 283 36.35 33.74 24.38
N PHE T 284 36.70 32.69 25.13
CA PHE T 284 37.99 32.03 24.96
C PHE T 284 37.85 30.57 24.55
N ASP T 285 37.23 29.75 25.38
CA ASP T 285 37.08 28.30 25.22
C ASP T 285 36.30 27.76 26.41
N LYS T 286 36.10 26.44 26.46
CA LYS T 286 35.56 25.80 27.66
C LYS T 286 36.56 25.74 28.81
N SER T 287 37.84 26.01 28.55
CA SER T 287 38.96 25.59 29.39
C SER T 287 38.88 25.99 30.86
N HIS T 288 38.89 27.29 31.15
CA HIS T 288 39.06 27.72 32.52
C HIS T 288 37.71 27.73 33.28
N GLY T 289 36.72 26.95 32.84
CA GLY T 289 35.51 26.80 33.62
C GLY T 289 35.82 26.19 34.97
N SER T 290 35.79 27.02 36.01
CA SER T 290 36.24 26.57 37.33
C SER T 290 35.25 25.59 37.94
N SER T 291 35.79 24.54 38.57
CA SER T 291 34.95 23.63 39.34
C SER T 291 34.31 24.36 40.50
N ARG T 292 35.10 25.12 41.26
CA ARG T 292 34.62 25.98 42.31
C ARG T 292 35.72 26.98 42.65
N TRP T 293 35.53 27.72 43.74
CA TRP T 293 36.51 28.73 44.14
C TRP T 293 37.82 28.08 44.53
N VAL T 294 38.89 28.86 44.46
CA VAL T 294 40.23 28.39 44.79
C VAL T 294 40.90 29.45 45.65
N ARG T 295 41.44 29.02 46.79
CA ARG T 295 42.39 29.85 47.51
C ARG T 295 43.69 29.90 46.70
N VAL T 296 43.99 31.06 46.15
CA VAL T 296 45.17 31.26 45.32
C VAL T 296 46.11 32.21 46.06
N LEU T 297 47.32 32.37 45.53
CA LEU T 297 48.47 33.03 46.16
C LEU T 297 48.82 32.34 47.48
N PRO T 298 49.41 31.14 47.45
CA PRO T 298 49.86 30.53 48.72
C PRO T 298 51.18 31.10 49.23
N SER T 299 51.32 32.42 49.15
CA SER T 299 52.30 33.17 49.91
C SER T 299 51.65 33.96 51.04
N GLU T 300 50.35 34.18 50.96
CA GLU T 300 49.48 34.50 52.08
C GLU T 300 49.74 35.87 52.69
N CYS T 301 49.03 36.14 53.80
CA CYS T 301 49.08 37.42 54.52
C CYS T 301 48.67 38.59 53.65
N ILE T 302 47.76 38.37 52.70
CA ILE T 302 47.29 39.44 51.83
C ILE T 302 46.42 40.40 52.63
N LYS T 303 46.75 41.69 52.58
CA LYS T 303 46.08 42.68 53.40
C LYS T 303 45.01 43.47 52.67
N ARG T 304 45.07 43.55 51.34
CA ARG T 304 44.19 44.45 50.62
C ARG T 304 44.14 44.07 49.15
N LEU T 305 42.97 44.18 48.55
CA LEU T 305 42.83 44.11 47.11
C LEU T 305 42.75 45.53 46.56
N CYS T 306 43.36 45.74 45.40
CA CYS T 306 43.41 47.05 44.78
C CYS T 306 43.06 46.93 43.30
N PRO T 307 42.28 47.87 42.76
CA PRO T 307 41.70 47.69 41.43
C PRO T 307 42.58 48.25 40.33
N VAL T 308 42.37 47.71 39.12
CA VAL T 308 42.92 48.27 37.89
C VAL T 308 41.75 48.41 36.94
N TYR T 309 41.27 49.64 36.73
CA TYR T 309 40.08 49.85 35.95
C TYR T 309 40.31 49.63 34.47
N ALA T 310 41.51 49.92 33.97
CA ALA T 310 41.76 49.90 32.54
C ALA T 310 41.80 48.48 32.00
N SER T 311 41.87 48.38 30.67
CA SER T 311 41.87 47.11 29.96
C SER T 311 42.83 47.22 28.79
N GLY T 312 44.09 46.80 28.99
CA GLY T 312 45.08 46.88 27.94
C GLY T 312 45.84 45.57 27.81
N ASN T 313 46.58 45.47 26.70
CA ASN T 313 47.43 44.32 26.38
C ASN T 313 46.63 43.01 26.28
N GLY T 314 45.33 43.11 26.01
CA GLY T 314 44.48 41.94 26.01
C GLY T 314 44.45 41.24 27.36
N SER T 315 44.46 42.01 28.43
CA SER T 315 44.62 41.43 29.76
C SER T 315 44.00 42.34 30.79
N GLU T 316 43.63 41.76 31.92
CA GLU T 316 43.10 42.48 33.06
C GLU T 316 44.06 42.33 34.23
N TYR T 317 44.03 43.31 35.13
CA TYR T 317 45.03 43.42 36.18
C TYR T 317 44.37 43.68 37.52
N VAL T 318 44.96 43.10 38.57
CA VAL T 318 44.56 43.32 39.96
C VAL T 318 45.83 43.48 40.78
N LEU T 319 45.70 44.10 41.96
CA LEU T 319 46.83 44.31 42.84
C LEU T 319 46.54 43.71 44.20
N ALA T 320 47.50 42.98 44.75
CA ALA T 320 47.39 42.40 46.07
C ALA T 320 48.45 43.05 46.97
N LEU T 321 48.00 43.66 48.05
CA LEU T 321 48.87 44.24 49.05
C LEU T 321 48.87 43.32 50.26
N THR T 322 50.06 43.07 50.81
CA THR T 322 50.22 42.11 51.90
C THR T 322 50.90 42.76 53.09
N THR T 323 50.36 42.52 54.27
CA THR T 323 50.94 42.93 55.54
C THR T 323 51.51 41.72 56.26
N GLY T 324 52.13 41.95 57.41
CA GLY T 324 52.70 40.86 58.18
C GLY T 324 54.09 40.48 57.72
N LYS T 325 54.20 39.98 56.50
CA LYS T 325 55.48 39.67 55.89
C LYS T 325 55.50 40.23 54.47
N ASN T 326 56.72 40.36 53.94
CA ASN T 326 56.96 40.98 52.63
C ASN T 326 56.38 42.39 52.57
N GLU T 327 56.59 43.16 53.64
CA GLU T 327 56.00 44.50 53.73
C GLU T 327 56.49 45.42 52.63
N GLY T 328 57.75 45.29 52.23
CA GLY T 328 58.27 46.08 51.14
C GLY T 328 57.90 45.57 49.77
N TYR T 329 56.99 44.60 49.69
CA TYR T 329 56.69 43.90 48.46
C TYR T 329 55.19 43.84 48.24
N ILE T 330 54.79 43.82 46.97
CA ILE T 330 53.40 43.75 46.55
C ILE T 330 53.25 42.61 45.56
N HIS T 331 52.02 42.41 45.07
CA HIS T 331 51.74 41.37 44.10
C HIS T 331 50.89 41.93 42.96
N ILE T 332 51.30 41.62 41.74
CA ILE T 332 50.55 42.00 40.54
C ILE T 332 49.93 40.75 39.95
N GLY T 333 48.63 40.77 39.76
CA GLY T 333 47.96 39.65 39.14
C GLY T 333 47.39 39.98 37.79
N THR T 334 47.87 39.29 36.76
CA THR T 334 47.46 39.54 35.38
C THR T 334 46.70 38.32 34.85
N ILE T 335 45.55 38.58 34.23
CA ILE T 335 44.75 37.55 33.62
C ILE T 335 44.69 37.85 32.13
N THR T 336 45.15 36.91 31.32
CA THR T 336 45.07 37.01 29.87
C THR T 336 43.90 36.13 29.42
N ASP T 337 42.73 36.75 29.23
CA ASP T 337 41.55 36.09 28.67
C ASP T 337 41.17 34.83 29.45
N GLY T 338 41.16 34.93 30.78
CA GLY T 338 40.82 33.81 31.61
C GLY T 338 41.99 32.96 32.04
N LEU T 339 43.16 33.12 31.43
CA LEU T 339 44.36 32.42 31.87
C LEU T 339 45.08 33.29 32.88
N VAL T 340 45.12 32.85 34.12
CA VAL T 340 45.44 33.70 35.25
C VAL T 340 46.88 33.47 35.68
N SER T 341 47.54 34.53 36.16
CA SER T 341 48.86 34.43 36.76
C SER T 341 49.03 35.57 37.76
N PHE T 342 49.90 35.34 38.74
CA PHE T 342 50.24 36.38 39.71
C PHE T 342 51.74 36.34 39.96
N GLU T 343 52.28 37.47 40.39
CA GLU T 343 53.71 37.54 40.65
C GLU T 343 53.99 38.62 41.69
N MET T 344 55.24 38.65 42.12
CA MET T 344 55.74 39.56 43.15
C MET T 344 56.73 40.52 42.49
N VAL T 345 56.22 41.68 42.08
CA VAL T 345 56.94 42.60 41.18
C VAL T 345 58.12 43.35 41.80
N PRO T 346 58.13 43.79 43.12
CA PRO T 346 59.23 44.67 43.56
C PRO T 346 60.63 44.08 43.56
N ASP T 347 60.79 42.87 43.02
CA ASP T 347 62.07 42.23 42.73
C ASP T 347 62.82 41.85 44.00
N GLY T 348 64.14 41.66 43.88
CA GLY T 348 64.92 41.21 45.02
C GLY T 348 64.99 42.24 46.14
N TRP T 349 65.20 43.50 45.78
CA TRP T 349 65.36 44.54 46.80
C TRP T 349 64.00 44.98 47.32
N SER T 350 63.91 45.14 48.64
CA SER T 350 62.77 45.80 49.24
C SER T 350 62.76 47.26 48.83
N VAL T 351 61.56 47.85 48.81
CA VAL T 351 61.44 49.25 48.40
C VAL T 351 62.09 50.19 49.41
N CYS T 352 62.37 49.71 50.62
CA CYS T 352 63.03 50.48 51.68
C CYS T 352 64.51 50.73 51.40
N GLU T 353 65.07 50.14 50.35
CA GLU T 353 66.46 50.40 50.01
C GLU T 353 66.66 51.83 49.54
N LYS T 354 65.70 52.38 48.81
CA LYS T 354 65.91 53.61 48.06
C LYS T 354 65.11 54.80 48.60
N LEU T 355 64.89 54.84 49.91
CA LEU T 355 64.25 55.98 50.55
C LEU T 355 64.54 55.92 52.05
N PRO T 356 64.48 57.05 52.75
CA PRO T 356 64.74 57.04 54.19
C PRO T 356 63.67 56.28 54.96
N GLY T 357 63.93 56.12 56.25
CA GLY T 357 63.17 55.20 57.09
C GLY T 357 63.79 53.82 57.07
N LYS T 358 63.11 52.91 57.77
CA LYS T 358 63.58 51.53 57.88
C LYS T 358 62.65 50.56 57.16
N ASN T 359 61.37 50.56 57.50
CA ASN T 359 60.39 49.70 56.87
C ASN T 359 59.57 50.50 55.85
N CYS T 360 58.64 49.81 55.20
CA CYS T 360 57.78 50.41 54.19
C CYS T 360 56.41 49.77 54.29
N SER T 361 55.36 50.58 54.18
CA SER T 361 54.00 50.05 54.16
C SER T 361 53.29 50.60 52.94
N ILE T 362 52.74 49.70 52.12
CA ILE T 362 52.10 50.08 50.87
C ILE T 362 50.66 50.45 51.17
N ASP T 363 50.36 51.75 51.24
CA ASP T 363 48.99 52.16 51.55
C ASP T 363 48.06 51.84 50.38
N TRP T 364 48.45 52.23 49.17
CA TRP T 364 47.65 52.00 47.98
C TRP T 364 48.57 51.97 46.78
N ALA T 365 48.13 51.25 45.75
CA ALA T 365 48.90 51.10 44.52
C ALA T 365 47.95 51.15 43.32
N THR T 366 48.50 51.48 42.17
CA THR T 366 47.74 51.47 40.93
C THR T 366 48.67 51.19 39.76
N TYR T 367 48.08 50.67 38.69
CA TYR T 367 48.79 50.16 37.53
C TYR T 367 48.38 50.94 36.31
N ILE T 368 49.30 51.10 35.36
CA ILE T 368 49.00 51.74 34.08
C ILE T 368 49.58 50.83 33.01
N ALA T 369 48.69 50.19 32.23
CA ALA T 369 49.10 49.26 31.19
C ALA T 369 49.91 49.96 30.11
N ASP T 370 49.49 51.16 29.71
CA ASP T 370 50.32 51.98 28.86
C ASP T 370 51.60 52.34 29.61
N GLU T 371 52.72 52.28 28.90
CA GLU T 371 54.04 52.64 29.40
C GLU T 371 54.50 51.79 30.60
N ARG T 372 53.72 50.78 30.98
CA ARG T 372 54.12 49.75 31.95
C ARG T 372 54.52 50.36 33.30
N ASN T 373 53.59 51.09 33.89
CA ASN T 373 53.87 51.89 35.07
C ASN T 373 53.13 51.38 36.30
N LEU T 374 53.70 51.68 37.46
CA LEU T 374 53.08 51.44 38.75
C LEU T 374 53.26 52.69 39.60
N LEU T 375 52.16 53.28 40.04
CA LEU T 375 52.23 54.41 40.97
C LEU T 375 51.70 53.94 42.31
N LEU T 376 52.51 54.05 43.35
CA LEU T 376 52.06 53.58 44.65
C LEU T 376 52.58 54.47 45.76
N LEU T 377 51.77 54.63 46.79
CA LEU T 377 52.14 55.49 47.90
C LEU T 377 52.52 54.64 49.11
N VAL T 378 53.66 54.98 49.70
CA VAL T 378 54.26 54.23 50.79
C VAL T 378 54.29 55.11 52.02
N LYS T 379 53.76 54.60 53.12
CA LYS T 379 53.95 55.21 54.43
C LYS T 379 55.23 54.65 55.02
N ILE T 380 56.06 55.54 55.53
CA ILE T 380 57.31 55.16 56.17
C ILE T 380 57.12 55.22 57.67
N ASP T 381 58.10 54.69 58.41
CA ASP T 381 57.95 54.44 59.84
C ASP T 381 57.72 55.70 60.65
N SER T 382 58.08 56.88 60.13
CA SER T 382 57.79 58.14 60.80
C SER T 382 56.46 58.74 60.33
N GLY T 383 55.60 57.93 59.73
CA GLY T 383 54.28 58.38 59.34
C GLY T 383 54.21 59.24 58.11
N GLN T 384 55.31 59.41 57.40
CA GLN T 384 55.33 60.24 56.21
C GLN T 384 54.93 59.43 54.98
N PHE T 385 54.13 60.04 54.12
CA PHE T 385 53.61 59.37 52.93
C PHE T 385 54.34 59.90 51.71
N TYR T 386 54.96 58.99 50.97
CA TYR T 386 55.74 59.32 49.80
C TYR T 386 55.13 58.59 48.61
N LEU T 387 54.77 59.33 47.57
CA LEU T 387 54.25 58.75 46.35
C LEU T 387 55.45 58.45 45.45
N VAL T 388 55.64 57.17 45.15
CA VAL T 388 56.77 56.71 44.36
C VAL T 388 56.26 56.01 43.11
N ASN T 389 56.88 56.35 41.98
CA ASN T 389 56.55 55.69 40.72
C ASN T 389 57.57 54.59 40.46
N PHE T 390 57.17 53.66 39.61
CA PHE T 390 57.95 52.46 39.34
C PHE T 390 57.69 52.09 37.91
N ASN T 391 58.72 51.65 37.21
CA ASN T 391 58.54 51.15 35.86
C ASN T 391 58.83 49.66 35.83
N THR T 392 58.02 48.91 35.10
CA THR T 392 58.26 47.48 35.02
C THR T 392 59.17 47.10 33.87
N GLU T 393 59.24 47.93 32.82
CA GLU T 393 60.13 47.63 31.71
C GLU T 393 61.59 47.80 32.11
N PHE T 394 61.93 48.90 32.78
CA PHE T 394 63.23 49.07 33.40
C PHE T 394 63.00 49.35 34.88
N LYS T 395 63.87 48.84 35.72
CA LYS T 395 63.51 48.49 37.09
C LYS T 395 63.45 49.66 38.03
N THR T 396 63.34 50.93 37.65
CA THR T 396 63.44 51.98 38.65
C THR T 396 62.18 52.12 39.49
N LEU T 397 62.40 52.57 40.72
CA LEU T 397 61.44 53.35 41.47
C LEU T 397 62.06 54.73 41.69
N ASN T 398 61.23 55.77 41.57
CA ASN T 398 61.67 57.13 41.81
C ASN T 398 60.63 57.82 42.68
N ILE T 399 61.11 58.47 43.74
CA ILE T 399 60.24 59.31 44.55
C ILE T 399 59.74 60.45 43.68
N LEU T 400 58.41 60.56 43.57
CA LEU T 400 57.81 61.58 42.74
C LEU T 400 56.98 62.58 43.53
N TYR T 401 56.61 62.27 44.76
CA TYR T 401 56.07 63.30 45.62
C TYR T 401 56.34 62.95 47.07
N LYS T 402 56.58 63.99 47.86
CA LYS T 402 56.77 63.92 49.31
C LYS T 402 55.55 64.60 49.92
N ILE T 403 54.48 63.84 50.16
CA ILE T 403 53.17 64.45 50.41
C ILE T 403 53.19 65.23 51.72
N PRO T 404 53.09 66.55 51.67
CA PRO T 404 53.30 67.35 52.87
C PRO T 404 52.13 67.25 53.84
N GLU T 405 52.45 67.37 55.13
CA GLU T 405 51.47 67.24 56.19
C GLU T 405 51.05 68.63 56.66
N PHE T 406 50.21 68.64 57.71
CA PHE T 406 49.76 69.86 58.39
C PHE T 406 49.05 70.80 57.41
N ILE T 407 47.90 70.31 56.92
CA ILE T 407 47.14 70.84 55.78
C ILE T 407 47.09 72.37 55.74
N PRO T 408 47.37 72.99 54.60
CA PRO T 408 47.48 74.45 54.56
C PRO T 408 46.14 75.14 54.64
N GLU T 409 46.14 76.46 54.50
CA GLU T 409 44.93 77.25 54.45
C GLU T 409 44.83 77.94 53.09
N ALA T 410 43.59 78.14 52.64
CA ALA T 410 43.33 78.90 51.42
C ALA T 410 41.97 79.58 51.61
N LYS T 411 42.00 80.82 52.09
CA LYS T 411 40.75 81.55 52.34
C LYS T 411 40.03 81.86 51.05
N GLU T 412 40.76 82.33 50.05
CA GLU T 412 40.19 82.65 48.74
C GLU T 412 40.92 81.97 47.60
N LEU T 413 42.09 81.39 47.84
CA LEU T 413 42.85 80.69 46.81
C LEU T 413 42.12 79.38 46.52
N ASP T 414 41.10 79.49 45.67
CA ASP T 414 40.22 78.36 45.37
C ASP T 414 41.00 77.21 44.74
N PHE T 415 41.89 77.51 43.80
CA PHE T 415 42.89 76.55 43.37
C PHE T 415 44.26 77.06 43.81
N LEU T 416 45.08 76.16 44.35
CA LEU T 416 46.37 76.54 44.91
C LEU T 416 47.43 75.60 44.34
N VAL T 417 48.33 76.15 43.54
CA VAL T 417 49.49 75.38 43.13
C VAL T 417 50.38 75.18 44.36
N LEU T 418 50.77 73.95 44.61
CA LEU T 418 51.47 73.65 45.85
C LEU T 418 52.93 74.07 45.68
N LEU T 419 53.18 75.35 45.87
CA LEU T 419 54.54 75.86 45.90
C LEU T 419 55.23 75.39 47.18
N ASP T 420 56.49 75.81 47.35
CA ASP T 420 57.20 75.52 48.58
C ASP T 420 56.91 76.56 49.66
N THR T 421 56.85 77.84 49.28
CA THR T 421 56.61 78.92 50.24
C THR T 421 55.12 79.04 50.50
N VAL T 422 54.61 78.08 51.28
CA VAL T 422 53.19 78.01 51.62
C VAL T 422 53.06 77.84 53.13
N THR T 423 52.13 78.56 53.73
CA THR T 423 51.87 78.42 55.15
C THR T 423 51.06 77.17 55.44
N TYR T 424 51.14 76.69 56.67
CA TYR T 424 50.57 75.42 57.07
C TYR T 424 49.77 75.58 58.34
N THR T 425 48.69 74.81 58.46
CA THR T 425 47.82 74.86 59.63
C THR T 425 47.92 73.55 60.41
N ASN T 426 47.36 73.57 61.62
CA ASN T 426 47.53 72.48 62.57
C ASN T 426 46.79 71.21 62.14
N THR T 427 45.79 71.33 61.28
CA THR T 427 45.07 70.15 60.83
C THR T 427 45.98 69.32 59.91
N PRO T 428 46.18 68.04 60.20
CA PRO T 428 47.12 67.26 59.40
C PRO T 428 46.48 66.71 58.13
N MET T 429 47.24 65.90 57.41
CA MET T 429 46.81 65.31 56.16
C MET T 429 46.80 63.78 56.31
N THR T 430 45.82 63.14 55.70
CA THR T 430 45.71 61.69 55.82
C THR T 430 45.19 61.04 54.54
N PRO T 431 46.07 60.44 53.74
CA PRO T 431 45.63 59.81 52.50
C PRO T 431 45.06 58.44 52.76
N LYS T 432 44.10 58.07 51.93
CA LYS T 432 43.56 56.72 51.92
C LYS T 432 43.65 56.05 50.56
N GLY T 433 44.05 56.78 49.52
CA GLY T 433 44.23 56.18 48.21
C GLY T 433 44.34 57.23 47.13
N LEU T 434 44.55 56.74 45.91
CA LEU T 434 44.63 57.60 44.74
C LEU T 434 43.67 57.11 43.67
N PHE T 435 43.78 57.67 42.47
CA PHE T 435 42.93 57.29 41.35
C PHE T 435 43.56 57.78 40.07
N PHE T 436 43.40 57.05 38.98
CA PHE T 436 43.95 57.45 37.71
C PHE T 436 42.82 57.63 36.70
N ASN T 437 42.77 58.81 36.08
CA ASN T 437 41.88 59.07 34.95
C ASN T 437 42.80 59.09 33.73
N THR T 438 42.81 57.98 32.99
CA THR T 438 43.82 57.75 31.98
C THR T 438 43.42 58.25 30.60
N LEU T 439 42.27 58.90 30.46
CA LEU T 439 41.94 59.48 29.17
C LEU T 439 42.73 60.76 28.93
N ASN T 440 42.70 61.68 29.89
CA ASN T 440 43.52 62.87 29.86
C ASN T 440 44.86 62.68 30.55
N ASN T 441 45.14 61.47 31.03
CA ASN T 441 46.41 61.09 31.66
C ASN T 441 46.68 61.93 32.91
N MET T 442 45.80 61.77 33.91
CA MET T 442 45.91 62.57 35.13
C MET T 442 45.66 61.69 36.35
N LEU T 443 46.09 62.20 37.51
CA LEU T 443 46.08 61.46 38.77
C LEU T 443 45.36 62.27 39.84
N TYR T 444 44.55 61.58 40.65
CA TYR T 444 43.86 62.15 41.80
C TYR T 444 44.39 61.53 43.07
N ILE T 445 44.46 62.31 44.14
CA ILE T 445 44.85 61.85 45.47
C ILE T 445 43.70 62.16 46.41
N TRP T 446 43.10 61.14 47.01
CA TRP T 446 41.99 61.40 47.91
C TRP T 446 42.42 61.12 49.35
N GLY T 447 41.47 61.29 50.26
CA GLY T 447 41.76 61.24 51.69
C GLY T 447 40.96 62.28 52.45
N ASN T 448 41.71 63.18 53.18
CA ASN T 448 41.10 64.34 53.79
C ASN T 448 41.17 65.55 52.87
N PHE T 449 41.57 65.34 51.63
CA PHE T 449 41.91 66.40 50.69
C PHE T 449 42.04 65.79 49.31
N ILE T 450 41.92 66.63 48.30
CA ILE T 450 42.01 66.18 46.92
C ILE T 450 43.20 66.89 46.26
N LEU T 451 43.95 66.14 45.45
CA LEU T 451 45.06 66.68 44.68
C LEU T 451 44.99 66.15 43.26
N GLN T 452 45.50 66.93 42.31
CA GLN T 452 45.46 66.54 40.90
C GLN T 452 46.62 67.15 40.17
N SER T 453 46.95 66.55 39.03
CA SER T 453 47.93 67.10 38.10
C SER T 453 47.81 66.39 36.77
N TYR T 454 48.31 67.05 35.73
CA TYR T 454 48.45 66.45 34.41
C TYR T 454 49.85 65.88 34.21
N ASN T 455 50.86 66.67 34.54
CA ASN T 455 52.24 66.20 34.62
C ASN T 455 52.47 65.51 35.95
N ARG T 456 53.73 65.30 36.32
CA ARG T 456 54.07 64.71 37.60
C ARG T 456 55.06 65.57 38.37
N GLU T 457 54.99 66.89 38.20
CA GLU T 457 55.92 67.81 38.84
C GLU T 457 55.32 68.53 40.03
N GLU T 458 54.11 69.07 39.86
CA GLU T 458 53.43 69.86 40.88
C GLU T 458 52.01 69.33 41.03
N PHE T 459 51.33 69.76 42.09
CA PHE T 459 49.98 69.29 42.36
C PHE T 459 49.16 70.44 42.91
N ILE T 460 47.84 70.36 42.71
CA ILE T 460 46.93 71.48 42.95
C ILE T 460 45.99 71.12 44.09
N PHE T 461 45.86 72.02 45.06
CA PHE T 461 44.99 71.84 46.20
C PHE T 461 43.75 72.71 46.05
N LEU T 462 42.60 72.16 46.40
CA LEU T 462 41.31 72.80 46.16
C LEU T 462 40.74 73.27 47.49
N ALA T 463 40.45 74.56 47.58
CA ALA T 463 40.14 75.19 48.86
C ALA T 463 38.77 74.82 49.38
N ASP T 464 37.84 74.44 48.50
CA ASP T 464 36.45 74.28 48.92
C ASP T 464 36.25 73.06 49.80
N PHE T 465 36.87 71.94 49.44
CA PHE T 465 36.67 70.70 50.18
C PHE T 465 37.31 70.80 51.56
N PRO T 466 36.54 70.68 52.64
CA PRO T 466 37.12 70.85 53.97
C PRO T 466 38.04 69.70 54.38
N LYS T 467 38.61 69.82 55.58
CA LYS T 467 39.44 68.79 56.18
C LYS T 467 38.74 68.13 57.36
N GLU T 468 37.47 68.46 57.57
CA GLU T 468 36.66 67.86 58.63
C GLU T 468 35.79 66.71 58.12
N SER T 469 35.97 66.32 56.86
CA SER T 469 35.24 65.20 56.29
C SER T 469 36.21 64.31 55.54
N THR T 470 36.16 63.01 55.82
CA THR T 470 37.07 62.05 55.22
C THR T 470 36.39 61.29 54.08
N ILE T 471 37.15 61.03 53.03
CA ILE T 471 36.59 60.48 51.80
C ILE T 471 36.38 58.98 51.96
N LYS T 472 35.14 58.54 51.76
CA LYS T 472 34.87 57.11 51.66
C LYS T 472 35.48 56.54 50.39
N TYR T 473 35.21 57.16 49.25
CA TYR T 473 35.66 56.65 47.95
C TYR T 473 35.41 57.73 46.91
N MET T 474 35.71 57.39 45.65
CA MET T 474 35.47 58.26 44.52
C MET T 474 35.19 57.40 43.30
N VAL T 475 34.08 57.70 42.62
CA VAL T 475 33.73 57.02 41.38
C VAL T 475 33.78 58.03 40.24
N ASN T 476 33.87 57.49 39.03
CA ASN T 476 34.27 58.25 37.85
C ASN T 476 33.27 58.03 36.72
N SER T 477 33.13 59.07 35.89
CA SER T 477 32.40 58.93 34.65
C SER T 477 33.26 58.37 33.54
N PHE T 478 34.57 58.65 33.58
CA PHE T 478 35.47 58.54 32.44
C PHE T 478 34.98 59.42 31.29
N LYS T 479 34.29 60.50 31.66
CA LYS T 479 33.84 61.52 30.74
C LYS T 479 34.04 62.92 31.30
N GLY T 480 34.52 63.06 32.54
CA GLY T 480 34.75 64.34 33.15
C GLY T 480 34.03 64.59 34.45
N GLN T 481 33.25 63.62 34.96
CA GLN T 481 32.45 63.81 36.17
C GLN T 481 33.02 62.94 37.28
N MET T 482 33.36 63.58 38.39
CA MET T 482 33.86 62.91 39.58
C MET T 482 32.79 62.95 40.66
N ALA T 483 32.49 61.80 41.23
CA ALA T 483 31.66 61.72 42.42
C ALA T 483 32.55 61.27 43.57
N VAL T 484 32.49 61.99 44.69
CA VAL T 484 33.35 61.73 45.84
C VAL T 484 32.46 61.50 47.05
N VAL T 485 32.47 60.29 47.59
CA VAL T 485 31.65 59.93 48.72
C VAL T 485 32.50 59.97 49.99
N THR T 486 31.91 60.48 51.06
CA THR T 486 32.60 60.65 52.32
C THR T 486 32.06 59.68 53.36
N GLU T 487 32.81 59.52 54.44
CA GLU T 487 32.34 58.72 55.57
C GLU T 487 31.14 59.34 56.28
N ASN T 488 30.90 60.63 56.06
CA ASN T 488 29.68 61.29 56.52
C ASN T 488 28.47 60.92 55.69
N GLU T 489 28.59 59.99 54.75
CA GLU T 489 27.53 59.62 53.80
C GLU T 489 27.05 60.83 53.02
N GLU T 490 27.98 61.68 52.60
CA GLU T 490 27.69 62.82 51.75
C GLU T 490 28.55 62.75 50.50
N ILE T 491 27.97 63.11 49.36
CA ILE T 491 28.69 63.04 48.09
C ILE T 491 28.99 64.46 47.63
N TRP T 492 30.04 64.58 46.83
CA TRP T 492 30.46 65.85 46.27
C TRP T 492 30.75 65.64 44.79
N TYR T 493 30.20 66.52 43.95
CA TYR T 493 30.25 66.38 42.51
C TYR T 493 31.23 67.40 41.95
N PHE T 494 32.13 66.95 41.09
CA PHE T 494 33.15 67.83 40.56
C PHE T 494 33.30 67.59 39.06
N LEU T 495 33.41 68.69 38.31
CA LEU T 495 33.57 68.63 36.86
C LEU T 495 35.02 68.95 36.51
N GLU T 496 35.60 68.15 35.60
CA GLU T 496 37.03 68.26 35.34
C GLU T 496 37.39 69.60 34.71
N GLY T 497 36.47 70.22 33.98
CA GLY T 497 36.76 71.50 33.35
C GLY T 497 36.96 72.61 34.37
N GLY T 498 36.11 72.68 35.38
CA GLY T 498 36.23 73.65 36.44
C GLY T 498 37.18 73.18 37.52
N TYR T 499 37.08 73.82 38.68
CA TYR T 499 37.91 73.42 39.81
C TYR T 499 37.08 73.27 41.08
N ASP T 500 35.98 74.01 41.17
CA ASP T 500 35.17 74.00 42.38
C ASP T 500 34.48 72.66 42.58
N VAL T 501 34.38 72.23 43.83
CA VAL T 501 33.74 70.97 44.19
C VAL T 501 32.39 71.30 44.80
N TYR T 502 31.32 70.82 44.17
CA TYR T 502 29.96 71.23 44.50
C TYR T 502 29.31 70.19 45.39
N GLN T 503 28.88 70.62 46.57
CA GLN T 503 28.13 69.76 47.48
C GLN T 503 26.78 69.41 46.86
N VAL T 504 26.27 68.23 47.19
CA VAL T 504 25.03 67.80 46.54
C VAL T 504 23.95 67.38 47.53
N VAL T 505 24.18 66.36 48.34
CA VAL T 505 23.04 65.67 48.94
C VAL T 505 22.42 66.33 50.18
N PRO T 506 23.13 66.91 51.17
CA PRO T 506 22.38 67.76 52.09
C PRO T 506 22.28 69.16 51.51
N SER T 507 21.15 69.53 50.91
CA SER T 507 21.13 70.80 50.19
C SER T 507 19.71 71.24 49.90
N GLN T 508 19.62 72.52 49.52
CA GLN T 508 18.37 73.12 49.11
C GLN T 508 17.79 72.39 47.89
N GLY T 509 18.63 72.16 46.88
CA GLY T 509 18.16 71.49 45.68
C GLY T 509 17.70 70.07 45.95
N TRP T 510 18.43 69.35 46.80
CA TRP T 510 18.05 67.98 47.11
C TRP T 510 16.74 67.95 47.88
N GLU T 511 16.55 68.86 48.83
CA GLU T 511 15.29 68.88 49.57
C GLU T 511 14.11 69.22 48.66
N THR T 512 14.31 70.18 47.74
CA THR T 512 13.25 70.51 46.80
C THR T 512 12.91 69.32 45.91
N TYR T 513 13.95 68.63 45.41
CA TYR T 513 13.73 67.43 44.60
C TYR T 513 12.99 66.35 45.39
N HIS T 514 13.37 66.16 46.65
CA HIS T 514 12.75 65.11 47.47
C HIS T 514 11.27 65.39 47.71
N ASN T 515 10.94 66.61 48.11
CA ASN T 515 9.52 66.88 48.31
C ASN T 515 8.76 66.85 46.98
N LEU T 516 9.38 67.30 45.89
CA LEU T 516 8.74 67.20 44.57
C LEU T 516 8.39 65.76 44.23
N GLN T 517 9.30 64.83 44.51
CA GLN T 517 8.99 63.42 44.29
C GLN T 517 7.92 62.93 45.25
N LYS T 518 7.92 63.43 46.49
CA LYS T 518 6.93 62.99 47.46
C LYS T 518 5.51 63.37 47.05
N MET T 519 5.29 64.60 46.58
CA MET T 519 3.94 64.84 46.04
C MET T 519 3.79 64.39 44.58
N GLN T 520 4.87 63.94 43.94
CA GLN T 520 4.70 63.15 42.74
C GLN T 520 4.18 61.76 43.05
N LYS T 521 4.25 61.36 44.32
CA LYS T 521 3.60 60.16 44.85
C LYS T 521 4.16 58.89 44.23
N SER T 522 5.41 58.93 43.78
CA SER T 522 6.06 57.74 43.25
C SER T 522 6.37 56.77 44.39
N SER T 523 6.88 55.60 44.02
CA SER T 523 7.24 54.59 45.01
C SER T 523 8.73 54.25 44.97
N PHE T 524 9.56 55.17 44.49
CA PHE T 524 11.00 55.02 44.53
C PHE T 524 11.63 55.93 45.58
N HIS T 525 10.86 56.82 46.19
CA HIS T 525 11.36 57.74 47.20
C HIS T 525 10.64 57.49 48.52
N SER T 526 11.41 57.32 49.58
CA SER T 526 10.87 57.06 50.90
C SER T 526 11.59 57.92 51.93
N GLU T 527 10.90 58.18 53.04
CA GLU T 527 11.43 59.06 54.08
C GLU T 527 12.63 58.45 54.80
N ASP T 528 12.75 57.13 54.80
CA ASP T 528 13.88 56.44 55.38
C ASP T 528 14.60 55.66 54.29
N GLU T 529 15.93 55.79 54.25
CA GLU T 529 16.69 55.18 53.16
C GLU T 529 18.07 54.80 53.65
N SER T 530 18.67 53.85 52.94
CA SER T 530 20.05 53.44 53.17
C SER T 530 20.76 53.43 51.83
N LEU T 531 21.83 54.22 51.73
CA LEU T 531 22.63 54.34 50.51
C LEU T 531 23.53 53.12 50.42
N VAL T 532 22.97 52.02 49.88
CA VAL T 532 23.72 50.78 49.83
C VAL T 532 24.91 50.92 48.90
N SER T 533 24.72 51.55 47.74
CA SER T 533 25.85 51.86 46.87
C SER T 533 25.44 52.96 45.91
N LEU T 534 26.42 53.43 45.14
CA LEU T 534 26.16 54.34 44.03
C LEU T 534 27.29 54.23 43.04
N PHE T 535 27.00 54.54 41.79
CA PHE T 535 27.94 54.30 40.71
C PHE T 535 27.48 55.10 39.48
N PHE T 536 28.16 54.87 38.36
CA PHE T 536 27.94 55.63 37.15
C PHE T 536 27.58 54.69 36.01
N GLU T 537 26.83 55.22 35.05
CA GLU T 537 26.58 54.50 33.81
C GLU T 537 26.11 55.50 32.77
N ASP T 538 26.79 55.50 31.62
CA ASP T 538 26.57 56.42 30.49
C ASP T 538 26.28 57.85 30.93
N GLY T 539 27.17 58.37 31.78
CA GLY T 539 27.06 59.74 32.21
C GLY T 539 25.96 60.02 33.20
N LYS T 540 25.31 58.99 33.72
CA LYS T 540 24.21 59.14 34.66
C LYS T 540 24.58 58.47 35.99
N LEU T 541 24.33 59.18 37.08
CA LEU T 541 24.61 58.66 38.41
C LEU T 541 23.45 57.80 38.87
N PHE T 542 23.71 56.51 39.07
CA PHE T 542 22.74 55.61 39.70
C PHE T 542 23.11 55.46 41.16
N GLN T 543 22.10 55.23 42.00
CA GLN T 543 22.35 54.82 43.37
C GLN T 543 21.44 53.66 43.73
N LEU T 544 22.02 52.63 44.33
CA LEU T 544 21.28 51.52 44.89
C LEU T 544 20.93 51.86 46.33
N VAL T 545 19.64 51.99 46.60
CA VAL T 545 19.14 52.45 47.88
C VAL T 545 18.13 51.44 48.38
N TYR T 546 18.25 51.08 49.65
CA TYR T 546 17.25 50.25 50.31
C TYR T 546 16.32 51.13 51.15
N LEU T 547 15.09 50.65 51.32
CA LEU T 547 14.05 51.36 52.05
C LEU T 547 13.46 50.41 53.08
N PHE T 548 13.36 50.88 54.33
CA PHE T 548 12.72 50.14 55.42
C PHE T 548 11.25 50.50 55.57
N ASP T 549 10.63 51.06 54.54
CA ASP T 549 9.23 51.48 54.63
C ASP T 549 8.34 50.27 54.90
N VAL T 550 7.32 50.48 55.73
CA VAL T 550 6.42 49.40 56.11
C VAL T 550 5.66 48.92 54.87
N GLY T 551 5.73 47.62 54.61
CA GLY T 551 5.20 47.06 53.38
C GLY T 551 5.98 47.41 52.14
N LYS T 552 7.11 48.10 52.28
CA LYS T 552 7.92 48.51 51.14
C LYS T 552 9.41 48.36 51.47
N GLU T 553 9.76 47.38 52.30
CA GLU T 553 11.14 47.15 52.71
C GLU T 553 11.88 46.56 51.51
N ARG T 554 12.27 47.44 50.59
CA ARG T 554 12.73 47.00 49.28
C ARG T 554 13.94 47.80 48.83
N LEU T 555 14.74 47.20 47.97
CA LEU T 555 15.88 47.84 47.35
C LEU T 555 15.53 48.21 45.91
N VAL T 556 16.11 49.31 45.43
CA VAL T 556 15.97 49.70 44.03
C VAL T 556 17.09 50.65 43.66
N LYS T 557 17.37 50.73 42.37
CA LYS T 557 18.32 51.70 41.82
C LYS T 557 17.55 52.88 41.26
N ARG T 558 18.04 54.09 41.53
CA ARG T 558 17.37 55.28 41.03
C ARG T 558 18.40 56.29 40.54
N LEU T 559 17.94 57.13 39.62
CA LEU T 559 18.75 58.21 39.08
C LEU T 559 19.02 59.27 40.13
N LEU T 560 20.13 59.96 39.98
CA LEU T 560 20.44 61.14 40.80
C LEU T 560 20.81 62.28 39.85
N PRO T 561 19.80 62.91 39.22
CA PRO T 561 20.11 63.91 38.20
C PRO T 561 20.68 65.18 38.79
N VAL T 562 22.00 65.33 38.66
CA VAL T 562 22.68 66.42 39.32
C VAL T 562 22.45 67.74 38.62
N GLY T 563 22.14 67.72 37.33
CA GLY T 563 21.78 68.95 36.64
C GLY T 563 20.55 69.60 37.25
N THR T 564 19.49 68.81 37.45
CA THR T 564 18.33 69.33 38.15
C THR T 564 18.66 69.62 39.61
N LEU T 565 19.54 68.81 40.21
CA LEU T 565 19.82 68.94 41.64
C LEU T 565 20.48 70.28 41.95
N MET T 566 21.43 70.73 41.14
CA MET T 566 21.98 72.05 41.38
C MET T 566 21.30 73.13 40.55
N GLU T 567 20.34 72.76 39.70
CA GLU T 567 19.45 73.78 39.12
C GLU T 567 18.44 74.25 40.14
N TYR T 568 18.07 73.39 41.08
CA TYR T 568 17.15 73.77 42.14
C TYR T 568 17.87 74.41 43.33
N ASN T 569 19.07 74.95 43.11
CA ASN T 569 19.83 75.60 44.17
C ASN T 569 19.43 77.07 44.21
N LEU T 570 18.45 77.39 45.03
CA LEU T 570 17.92 78.74 45.17
C LEU T 570 18.88 79.73 45.84
N PRO T 571 19.79 79.31 46.75
CA PRO T 571 20.88 80.23 47.13
C PRO T 571 21.61 80.79 45.93
N LYS T 572 21.44 82.09 45.71
CA LYS T 572 21.81 82.76 44.47
C LYS T 572 21.63 84.26 44.66
N PRO T 573 22.30 85.09 43.85
CA PRO T 573 22.06 86.53 43.94
C PRO T 573 20.64 86.87 43.52
N PHE T 574 20.08 87.91 44.13
CA PHE T 574 18.81 88.43 43.68
C PHE T 574 18.86 89.94 43.61
N THR T 575 18.13 90.50 42.66
CA THR T 575 18.05 91.94 42.47
C THR T 575 16.59 92.35 42.30
N VAL T 576 16.26 93.50 42.87
CA VAL T 576 14.91 94.05 42.82
C VAL T 576 14.95 95.30 41.96
N VAL T 577 14.15 95.30 40.90
CA VAL T 577 14.02 96.45 40.01
C VAL T 577 12.61 97.03 40.18
N ASN T 578 12.39 98.20 39.58
CA ASN T 578 11.08 98.82 39.55
C ASN T 578 10.58 98.82 38.12
N GLN T 579 9.37 98.29 37.92
CA GLN T 579 8.80 98.17 36.58
C GLN T 579 7.31 98.40 36.67
N GLY T 580 6.81 99.38 35.92
CA GLY T 580 5.41 99.73 35.98
C GLY T 580 4.95 100.18 37.35
N ASN T 581 5.74 101.06 38.00
CA ASN T 581 5.54 101.54 39.38
C ASN T 581 5.30 100.40 40.37
N TYR T 582 5.85 99.22 40.09
CA TYR T 582 5.87 98.10 41.02
C TYR T 582 7.25 97.48 41.02
N GLN T 583 7.64 96.94 42.17
CA GLN T 583 8.96 96.36 42.34
C GLN T 583 8.91 94.85 42.09
N ALA T 584 9.80 94.38 41.23
CA ALA T 584 9.87 93.00 40.81
C ALA T 584 11.26 92.44 41.09
N ILE T 585 11.31 91.20 41.58
CA ILE T 585 12.58 90.54 41.78
C ILE T 585 13.03 89.99 40.43
N SER T 586 13.78 90.80 39.69
CA SER T 586 14.29 90.39 38.38
C SER T 586 15.72 89.90 38.55
N PHE T 587 15.83 88.80 39.29
CA PHE T 587 17.09 88.44 39.90
C PHE T 587 18.11 88.01 38.85
N THR T 588 19.39 88.30 39.13
CA THR T 588 20.44 88.41 38.14
C THR T 588 20.75 87.08 37.48
N HIS T 589 21.39 87.17 36.32
CA HIS T 589 21.79 86.02 35.52
C HIS T 589 23.31 85.87 35.63
N THR T 590 23.75 84.71 36.12
CA THR T 590 25.15 84.46 36.39
C THR T 590 25.86 83.70 35.27
N CYS T 591 25.13 83.03 34.40
CA CYS T 591 25.76 82.36 33.28
C CYS T 591 26.33 83.40 32.32
N PRO T 592 27.55 83.20 31.82
CA PRO T 592 28.16 84.21 30.92
C PRO T 592 27.44 84.38 29.59
N PHE T 593 26.61 83.43 29.18
CA PHE T 593 25.98 83.51 27.86
C PHE T 593 24.47 83.34 27.94
N LYS T 594 23.85 83.14 26.78
CA LYS T 594 22.44 82.79 26.70
C LYS T 594 22.20 81.37 26.19
N GLU T 595 22.88 80.97 25.12
CA GLU T 595 22.61 79.66 24.53
C GLU T 595 23.85 79.12 23.83
N ILE T 596 23.88 77.80 23.67
CA ILE T 596 25.01 77.09 23.06
C ILE T 596 24.48 76.10 22.03
N HIS T 597 25.17 76.01 20.89
CA HIS T 597 24.80 75.12 19.79
C HIS T 597 26.05 74.40 19.30
N LEU T 598 25.92 73.11 19.01
CA LEU T 598 26.96 72.33 18.36
C LEU T 598 26.45 71.83 17.02
N ILE T 599 27.15 72.17 15.94
CA ILE T 599 26.68 71.87 14.59
C ILE T 599 27.83 71.42 13.69
N ASP T 600 27.43 70.86 12.55
CA ASP T 600 28.25 70.38 11.44
C ASP T 600 29.15 69.21 11.80
N VAL T 601 28.87 68.52 12.90
CA VAL T 601 29.63 67.34 13.29
C VAL T 601 29.34 66.23 12.29
N PRO T 602 30.24 65.27 12.10
CA PRO T 602 29.87 64.08 11.33
C PRO T 602 28.78 63.30 12.04
N LYS T 603 27.90 62.70 11.24
CA LYS T 603 26.88 61.83 11.83
C LYS T 603 27.56 60.62 12.46
N LYS T 604 27.02 60.17 13.59
CA LYS T 604 27.77 59.33 14.51
C LYS T 604 28.18 58.00 13.88
N HIS T 605 27.26 57.34 13.18
CA HIS T 605 27.50 55.95 12.80
C HIS T 605 28.54 55.78 11.70
N HIS T 606 28.92 56.84 10.99
CA HIS T 606 29.96 56.72 9.97
C HIS T 606 31.33 57.19 10.43
N ALA T 607 31.40 57.88 11.57
CA ALA T 607 32.66 58.38 12.09
C ALA T 607 33.12 57.65 13.34
N SER T 608 32.20 57.29 14.23
CA SER T 608 32.53 56.49 15.40
C SER T 608 32.76 55.02 15.06
N ARG T 609 32.69 54.66 13.78
CA ARG T 609 33.07 53.35 13.26
C ARG T 609 32.23 52.24 13.87
N THR T 610 30.94 52.28 13.57
CA THR T 610 29.99 51.26 13.98
C THR T 610 29.32 50.66 12.75
N GLU T 611 28.76 49.47 12.90
CA GLU T 611 28.10 48.77 11.81
C GLU T 611 26.68 48.42 12.21
N SER T 612 25.70 48.75 11.36
CA SER T 612 24.29 48.70 11.70
C SER T 612 23.54 47.71 10.80
N TYR T 613 22.54 47.05 11.38
CA TYR T 613 21.65 46.17 10.64
C TYR T 613 20.22 46.39 11.09
N VAL T 614 19.28 46.06 10.22
CA VAL T 614 17.86 46.15 10.55
C VAL T 614 17.20 44.79 10.31
N ALA T 615 16.15 44.51 11.08
CA ALA T 615 15.43 43.26 10.95
C ALA T 615 14.01 43.51 11.47
N LEU T 616 13.04 43.55 10.56
CA LEU T 616 11.68 43.84 10.98
C LEU T 616 10.81 42.59 10.91
N PRO T 617 9.83 42.45 11.80
CA PRO T 617 8.98 41.27 11.79
C PRO T 617 8.16 41.21 10.52
N PRO T 618 7.81 40.02 10.04
CA PRO T 618 7.11 39.91 8.77
C PRO T 618 5.67 40.39 8.86
N LEU T 619 5.14 40.80 7.72
CA LEU T 619 3.76 41.24 7.65
C LEU T 619 2.83 40.04 7.79
N VAL T 620 1.93 40.10 8.78
CA VAL T 620 0.98 39.03 9.05
C VAL T 620 -0.39 39.50 8.59
N SER T 621 -1.02 38.70 7.73
CA SER T 621 -2.28 39.07 7.09
C SER T 621 -3.49 38.86 7.98
N GLU T 622 -3.30 38.43 9.23
CA GLU T 622 -4.40 38.26 10.15
C GLU T 622 -5.09 39.61 10.42
N SER T 623 -6.41 39.56 10.59
CA SER T 623 -7.18 40.78 10.82
C SER T 623 -6.75 41.49 12.09
N LEU T 624 -6.52 40.74 13.17
CA LEU T 624 -5.97 41.33 14.38
C LEU T 624 -4.50 41.69 14.22
N GLY T 625 -3.81 41.09 13.25
CA GLY T 625 -2.41 41.41 13.03
C GLY T 625 -1.49 40.88 14.09
N PHE T 626 -1.93 39.90 14.87
CA PHE T 626 -1.11 39.35 15.94
C PHE T 626 -0.24 38.24 15.36
N HIS T 627 0.91 38.02 15.97
CA HIS T 627 1.85 36.99 15.55
C HIS T 627 1.52 35.69 16.26
N ASN T 628 2.40 34.69 16.11
CA ASN T 628 2.35 33.48 16.95
C ASN T 628 3.76 32.99 17.29
N ASN T 629 3.84 31.89 18.06
CA ASN T 629 5.13 31.28 18.36
C ASN T 629 5.82 30.78 17.09
N ASN T 630 5.03 30.31 16.11
CA ASN T 630 5.61 29.82 14.88
C ASN T 630 6.26 30.95 14.09
N THR T 631 5.54 32.05 13.91
CA THR T 631 6.10 33.15 13.16
C THR T 631 7.24 33.83 13.93
N LEU T 632 7.23 33.77 15.26
CA LEU T 632 8.38 34.34 15.94
C LEU T 632 9.59 33.44 15.83
N ALA T 633 9.38 32.13 15.76
CA ALA T 633 10.49 31.24 15.45
C ALA T 633 11.05 31.56 14.06
N VAL T 634 10.16 31.85 13.11
CA VAL T 634 10.60 32.24 11.76
C VAL T 634 11.39 33.54 11.81
N TYR T 635 10.92 34.51 12.60
CA TYR T 635 11.62 35.78 12.78
C TYR T 635 12.99 35.58 13.41
N GLN T 636 13.07 34.68 14.40
CA GLN T 636 14.35 34.38 15.03
C GLN T 636 15.31 33.75 14.04
N GLY T 637 14.81 32.86 13.18
CA GLY T 637 15.66 32.29 12.15
C GLY T 637 16.16 33.34 11.16
N LEU T 638 15.28 34.28 10.79
CA LEU T 638 15.68 35.35 9.87
C LEU T 638 16.74 36.25 10.49
N VAL T 639 16.57 36.63 11.75
CA VAL T 639 17.56 37.49 12.40
C VAL T 639 18.86 36.72 12.62
N TYR T 640 18.78 35.40 12.82
CA TYR T 640 19.99 34.59 12.84
C TYR T 640 20.72 34.63 11.51
N TYR T 641 19.98 34.51 10.40
CA TYR T 641 20.63 34.56 9.09
C TYR T 641 21.26 35.91 8.85
N LEU T 642 20.60 36.98 9.31
CA LEU T 642 21.18 38.32 9.19
C LEU T 642 22.49 38.43 9.95
N LEU T 643 22.51 37.96 11.20
CA LEU T 643 23.73 38.00 12.00
C LEU T 643 24.83 37.13 11.40
N TRP T 644 24.46 35.95 10.90
CA TRP T 644 25.41 35.06 10.26
C TRP T 644 26.04 35.73 9.04
N LEU T 645 25.22 36.32 8.17
CA LEU T 645 25.75 36.97 6.99
C LEU T 645 26.63 38.17 7.36
N HIS T 646 26.27 38.87 8.45
CA HIS T 646 27.12 39.95 8.97
C HIS T 646 28.50 39.42 9.33
N SER T 647 28.55 38.34 10.09
CA SER T 647 29.85 37.75 10.43
C SER T 647 30.49 37.03 9.25
N LYS T 648 29.75 36.84 8.16
CA LYS T 648 30.17 36.04 7.02
C LYS T 648 30.78 36.87 5.90
N TYR T 649 30.48 38.17 5.81
CA TYR T 649 30.98 38.93 4.68
C TYR T 649 32.46 39.31 4.80
N ASP T 650 33.22 38.59 5.63
CA ASP T 650 34.67 38.79 5.70
C ASP T 650 35.43 37.94 4.69
N LYS T 651 34.80 37.57 3.59
CA LYS T 651 35.48 36.80 2.55
C LYS T 651 36.52 37.68 1.85
N PRO T 652 37.61 37.08 1.36
CA PRO T 652 38.72 37.89 0.84
C PRO T 652 38.58 38.34 -0.61
N TYR T 653 37.37 38.26 -1.18
CA TYR T 653 37.15 38.67 -2.55
C TYR T 653 36.33 39.94 -2.61
N ALA T 654 36.50 40.69 -3.71
CA ALA T 654 35.95 42.03 -3.80
C ALA T 654 34.44 42.03 -3.97
N ASP T 655 33.91 41.13 -4.84
CA ASP T 655 32.49 40.98 -5.16
C ASP T 655 31.96 42.22 -5.88
N PRO T 656 30.76 42.19 -6.45
CA PRO T 656 30.08 43.45 -6.79
C PRO T 656 29.69 44.25 -5.55
N VAL T 657 28.92 45.34 -5.75
CA VAL T 657 28.46 46.22 -4.67
C VAL T 657 27.94 45.38 -3.52
N HIS T 658 28.50 45.62 -2.32
CA HIS T 658 28.67 44.59 -1.30
C HIS T 658 27.36 43.91 -0.90
N ASP T 659 26.49 44.64 -0.19
CA ASP T 659 25.07 44.38 0.04
C ASP T 659 24.73 42.90 0.19
N PRO T 660 25.13 42.27 1.29
CA PRO T 660 24.92 40.81 1.41
C PRO T 660 23.46 40.39 1.33
N THR T 661 22.54 41.22 1.83
CA THR T 661 21.12 40.95 1.67
C THR T 661 20.73 40.95 0.19
N TRP T 662 21.27 41.90 -0.58
CA TRP T 662 21.02 41.92 -2.01
C TRP T 662 21.61 40.70 -2.70
N ARG T 663 22.78 40.25 -2.24
CA ARG T 663 23.42 39.09 -2.86
C ARG T 663 22.61 37.82 -2.60
N TRP T 664 22.08 37.67 -1.40
CA TRP T 664 21.25 36.48 -1.12
C TRP T 664 19.84 36.61 -1.69
N TRP T 665 19.33 37.82 -1.85
CA TRP T 665 18.11 38.04 -2.61
C TRP T 665 18.29 37.62 -4.05
N GLN T 666 19.16 38.33 -4.79
CA GLN T 666 19.61 37.97 -6.13
C GLN T 666 18.45 37.81 -7.11
N HIS T 667 18.01 36.57 -7.31
CA HIS T 667 16.96 36.27 -8.27
C HIS T 667 15.58 36.65 -7.78
N LYS T 668 15.41 36.87 -6.48
CA LYS T 668 14.10 37.20 -5.92
C LYS T 668 13.82 38.70 -5.91
N THR T 669 14.75 39.52 -6.39
CA THR T 669 14.51 40.95 -6.48
C THR T 669 13.56 41.32 -7.62
N LYS T 670 13.29 40.39 -8.54
CA LYS T 670 12.44 40.63 -9.69
C LYS T 670 11.01 40.13 -9.47
N ASP T 671 10.65 39.77 -8.24
CA ASP T 671 9.33 39.25 -7.94
C ASP T 671 8.65 40.05 -6.83
N LYS T 672 8.97 41.34 -6.73
CA LYS T 672 8.41 42.18 -5.67
C LYS T 672 6.89 42.26 -5.78
N ASP T 673 6.39 42.83 -6.88
CA ASP T 673 4.97 42.86 -7.12
C ASP T 673 4.38 41.46 -7.29
N TYR T 674 5.19 40.47 -7.67
CA TYR T 674 4.70 39.10 -7.77
C TYR T 674 4.25 38.59 -6.40
N PHE T 675 5.14 38.67 -5.42
CA PHE T 675 4.80 38.25 -4.07
C PHE T 675 3.79 39.20 -3.45
N PHE T 676 3.79 40.48 -3.85
CA PHE T 676 2.79 41.41 -3.34
C PHE T 676 1.37 41.02 -3.78
N TYR T 677 1.20 40.66 -5.05
CA TYR T 677 -0.12 40.21 -5.50
C TYR T 677 -0.48 38.88 -4.85
N LEU T 678 0.49 37.97 -4.71
CA LEU T 678 0.19 36.70 -4.06
C LEU T 678 -0.23 36.89 -2.60
N PHE T 679 0.32 37.90 -1.93
CA PHE T 679 0.00 38.19 -0.54
C PHE T 679 -1.27 39.01 -0.36
N SER T 680 -1.55 39.93 -1.27
CA SER T 680 -2.61 40.91 -1.06
C SER T 680 -3.98 40.27 -1.01
N ASN T 681 -4.24 39.30 -1.88
CA ASN T 681 -5.52 38.61 -1.89
C ASN T 681 -5.62 37.57 -0.78
N ARG T 682 -4.66 37.53 0.14
CA ARG T 682 -4.64 36.63 1.29
C ARG T 682 -4.72 35.16 0.83
N LEU T 683 -3.76 34.80 -0.01
CA LEU T 683 -3.75 33.46 -0.59
C LEU T 683 -2.40 32.78 -0.40
N ALA T 684 -1.33 33.57 -0.38
CA ALA T 684 0.02 33.01 -0.33
C ALA T 684 0.39 32.62 1.10
N ALA T 685 0.70 31.34 1.29
CA ALA T 685 1.23 30.77 2.54
C ALA T 685 0.24 31.03 3.68
N GLU T 686 0.76 31.25 4.88
CA GLU T 686 -0.04 31.49 6.07
C GLU T 686 -0.26 32.98 6.32
N GLY T 687 -0.33 33.78 5.27
CA GLY T 687 -0.39 35.22 5.42
C GLY T 687 0.89 35.81 5.97
N ILE T 688 2.04 35.34 5.49
CA ILE T 688 3.35 35.83 5.91
C ILE T 688 4.01 36.52 4.73
N TYR T 689 4.44 37.75 4.93
CA TYR T 689 5.11 38.51 3.88
C TYR T 689 6.46 39.01 4.39
N ILE T 690 7.51 38.78 3.60
CA ILE T 690 8.85 39.25 3.89
C ILE T 690 9.27 40.18 2.77
N ASN T 691 9.79 41.35 3.13
CA ASN T 691 10.05 42.43 2.19
C ASN T 691 11.54 42.74 2.11
N MET T 692 11.88 43.73 1.27
CA MET T 692 13.28 43.96 0.93
C MET T 692 14.00 44.70 2.04
N ASN T 693 13.51 45.89 2.38
CA ASN T 693 14.24 46.82 3.23
C ASN T 693 14.19 46.47 4.71
N ALA T 694 13.38 45.48 5.11
CA ALA T 694 13.31 45.11 6.51
C ALA T 694 14.65 44.54 7.00
N TYR T 695 15.29 43.71 6.19
CA TYR T 695 16.55 43.06 6.54
C TYR T 695 17.62 43.56 5.58
N GLN T 696 18.48 44.46 6.06
CA GLN T 696 19.45 45.14 5.21
C GLN T 696 20.44 45.85 6.12
N LYS T 697 21.55 46.32 5.55
CA LYS T 697 22.63 46.93 6.32
C LYS T 697 22.64 48.43 6.09
N LEU T 698 22.63 49.19 7.19
CA LEU T 698 22.39 50.63 7.13
C LEU T 698 23.65 51.38 6.73
N TYR T 699 23.72 51.84 5.48
CA TYR T 699 24.83 52.66 5.06
C TYR T 699 24.66 54.11 5.51
N ASN T 700 23.62 54.77 5.02
CA ASN T 700 23.36 56.18 5.32
C ASN T 700 21.92 56.32 5.75
N MET T 701 21.70 56.99 6.88
CA MET T 701 20.38 57.07 7.49
C MET T 701 20.28 58.38 8.25
N SER T 702 19.27 58.49 9.11
CA SER T 702 19.04 59.68 9.91
C SER T 702 19.12 59.28 11.39
N GLY T 703 20.33 59.29 11.93
CA GLY T 703 20.60 58.84 13.28
C GLY T 703 20.43 59.93 14.31
N ASP T 704 21.19 59.79 15.39
CA ASP T 704 21.10 60.76 16.49
C ASP T 704 21.68 62.10 16.09
N TYR T 705 21.17 63.15 16.71
CA TYR T 705 21.77 64.46 16.61
C TYR T 705 22.75 64.64 17.77
N GLY T 706 23.24 65.85 17.97
CA GLY T 706 24.13 66.10 19.07
C GLY T 706 25.57 65.69 18.77
N ILE T 707 26.35 65.65 19.84
CA ILE T 707 27.79 65.45 19.76
C ILE T 707 28.09 63.98 19.45
N PRO T 708 29.02 63.70 18.54
CA PRO T 708 29.47 62.31 18.33
C PRO T 708 30.15 61.78 19.58
N ASP T 709 30.00 60.48 19.81
CA ASP T 709 30.46 59.89 21.07
C ASP T 709 31.98 59.82 21.14
N LEU T 710 32.61 59.10 20.21
CA LEU T 710 34.05 58.91 20.21
C LEU T 710 34.56 59.09 18.78
N PHE T 711 35.88 58.96 18.59
CA PHE T 711 36.46 59.20 17.28
C PHE T 711 37.58 58.21 17.00
N PHE T 712 37.82 57.97 15.72
CA PHE T 712 38.97 57.22 15.22
C PHE T 712 39.67 58.03 14.16
N LEU T 713 41.01 58.03 14.19
CA LEU T 713 41.79 58.79 13.23
C LEU T 713 42.90 57.92 12.64
N ASP T 714 43.35 58.26 11.43
CA ASP T 714 44.40 57.52 10.73
C ASP T 714 45.20 58.37 9.73
N LYS T 715 46.38 58.81 10.16
CA LYS T 715 47.44 59.37 9.31
C LYS T 715 46.98 60.61 8.54
N GLY T 716 46.75 61.68 9.30
CA GLY T 716 46.61 63.00 8.73
C GLY T 716 45.19 63.42 8.42
N ASN T 717 44.22 62.53 8.57
CA ASN T 717 42.83 62.94 8.52
C ASN T 717 42.49 63.79 9.74
N TRP T 718 41.30 64.36 9.74
CA TRP T 718 40.98 65.41 10.69
C TRP T 718 39.46 65.48 10.86
N PHE T 719 39.02 66.37 11.74
CA PHE T 719 37.61 66.73 11.75
C PHE T 719 37.41 68.08 12.43
N THR T 720 36.24 68.67 12.15
CA THR T 720 35.88 69.98 12.69
C THR T 720 34.57 69.87 13.44
N ILE T 721 34.44 70.71 14.46
CA ILE T 721 33.17 70.95 15.14
C ILE T 721 32.92 72.45 15.07
N THR T 722 31.72 72.85 14.67
CA THR T 722 31.42 74.26 14.62
C THR T 722 30.46 74.60 15.75
N VAL T 723 30.89 75.50 16.61
CA VAL T 723 30.10 75.85 17.79
C VAL T 723 29.53 77.25 17.54
N VAL T 724 28.33 77.47 18.07
CA VAL T 724 27.66 78.76 17.96
C VAL T 724 27.15 79.15 19.33
N LEU T 725 27.58 80.30 19.84
CA LEU T 725 27.12 80.79 21.12
C LEU T 725 26.27 82.04 20.92
N LEU T 726 25.19 82.12 21.67
CA LEU T 726 24.33 83.30 21.73
C LEU T 726 24.52 83.93 23.10
N SER T 727 24.86 85.22 23.13
CA SER T 727 25.25 85.87 24.35
C SER T 727 24.07 86.63 24.97
N HIS T 728 24.34 87.34 26.06
CA HIS T 728 23.33 88.17 26.71
C HIS T 728 22.92 89.33 25.80
N GLN T 729 21.78 89.93 26.13
CA GLN T 729 21.24 91.02 25.31
C GLN T 729 22.14 92.25 25.36
N ASP T 730 22.73 92.52 26.53
CA ASP T 730 23.61 93.68 26.73
C ASP T 730 24.95 93.22 27.27
N THR T 731 25.53 92.20 26.65
CA THR T 731 26.77 91.62 27.14
C THR T 731 27.98 92.52 26.94
N PHE T 732 27.92 93.44 25.97
CA PHE T 732 29.03 94.34 25.70
C PHE T 732 28.54 95.78 25.72
N THR T 733 29.45 96.69 26.09
CA THR T 733 29.17 98.11 26.14
C THR T 733 29.99 98.84 25.07
N SER T 734 29.82 100.16 25.01
CA SER T 734 30.61 100.97 24.09
C SER T 734 32.08 101.02 24.49
N SER T 735 32.39 100.73 25.75
CA SER T 735 33.77 100.67 26.20
C SER T 735 34.53 99.48 25.63
N ASP T 736 33.84 98.51 25.04
CA ASP T 736 34.49 97.38 24.40
C ASP T 736 35.10 97.73 23.06
N SER T 737 34.75 98.89 22.49
CA SER T 737 35.30 99.32 21.20
C SER T 737 36.68 99.93 21.45
N GLN T 738 37.68 99.06 21.55
CA GLN T 738 39.05 99.49 21.83
C GLN T 738 40.01 99.26 20.69
N GLY T 739 39.71 98.35 19.76
CA GLY T 739 40.60 98.06 18.67
C GLY T 739 39.88 97.93 17.34
N PRO T 740 40.62 97.64 16.27
CA PRO T 740 39.99 97.42 14.96
C PRO T 740 39.00 96.27 14.95
N THR T 741 39.27 95.22 15.72
CA THR T 741 38.35 94.11 15.89
C THR T 741 37.91 94.06 17.34
N ILE T 742 36.67 93.64 17.57
CA ILE T 742 36.15 93.54 18.92
C ILE T 742 36.86 92.42 19.66
N ASN T 743 37.33 92.70 20.87
CA ASN T 743 37.89 91.67 21.75
C ASN T 743 36.73 91.01 22.47
N VAL T 744 36.49 89.72 22.20
CA VAL T 744 35.37 89.00 22.81
C VAL T 744 35.82 87.99 23.85
N ASP T 745 37.12 87.77 24.01
CA ASP T 745 37.65 86.82 24.98
C ASP T 745 37.49 87.27 26.43
N LYS T 746 37.34 88.57 26.67
CA LYS T 746 37.26 89.06 28.04
C LYS T 746 35.94 88.68 28.71
N LYS T 747 34.89 88.47 27.92
CA LYS T 747 33.56 88.18 28.42
C LYS T 747 33.07 86.78 28.08
N LEU T 748 33.12 86.38 26.81
CA LEU T 748 32.64 85.05 26.41
C LEU T 748 33.69 84.44 25.47
N ALA T 749 34.55 83.60 26.02
CA ALA T 749 35.65 83.01 25.28
C ALA T 749 35.50 81.50 25.23
N ILE T 750 36.09 80.90 24.21
CA ILE T 750 36.04 79.46 23.99
C ILE T 750 37.47 78.94 23.97
N ALA T 751 37.71 77.88 24.73
CA ALA T 751 39.04 77.33 24.87
C ALA T 751 39.00 75.83 24.61
N VAL T 752 40.14 75.31 24.20
CA VAL T 752 40.32 73.89 23.96
C VAL T 752 41.63 73.45 24.60
N THR T 753 41.58 72.35 25.34
CA THR T 753 42.76 71.79 25.96
C THR T 753 42.98 70.38 25.43
N ILE T 754 44.23 70.05 25.19
CA ILE T 754 44.61 68.76 24.64
C ILE T 754 45.45 68.03 25.67
N ALA T 755 45.34 66.71 25.67
CA ALA T 755 46.25 65.84 26.39
C ALA T 755 47.07 65.05 25.38
N ASP T 756 48.23 64.57 25.83
CA ASP T 756 49.26 64.03 24.95
C ASP T 756 49.54 65.01 23.80
N PRO T 757 49.94 66.25 24.11
CA PRO T 757 49.86 67.33 23.10
C PRO T 757 50.77 67.15 21.91
N GLU T 758 51.84 66.36 22.02
CA GLU T 758 52.78 66.21 20.92
C GLU T 758 52.35 65.19 19.88
N CYS T 759 51.07 64.83 19.86
CA CYS T 759 50.51 64.00 18.79
C CYS T 759 49.19 64.53 18.25
N LEU T 760 48.60 65.55 18.88
CA LEU T 760 47.32 66.09 18.43
C LEU T 760 47.40 67.61 18.36
N SER T 761 46.99 68.19 17.24
CA SER T 761 46.99 69.63 17.05
C SER T 761 45.56 70.15 16.89
N VAL T 762 45.30 71.31 17.48
CA VAL T 762 43.99 71.92 17.43
C VAL T 762 44.15 73.38 17.03
N THR T 763 43.36 73.82 16.05
CA THR T 763 43.32 75.22 15.65
C THR T 763 41.88 75.70 15.74
N VAL T 764 41.66 76.82 16.42
CA VAL T 764 40.32 77.34 16.61
C VAL T 764 40.27 78.76 16.05
N THR T 765 39.08 79.17 15.64
CA THR T 765 38.92 80.51 15.10
C THR T 765 37.48 80.98 15.28
N GLN T 766 37.32 82.20 15.76
CA GLN T 766 36.05 82.81 16.10
C GLN T 766 35.58 83.75 15.00
N ASP T 767 34.33 84.19 15.13
CA ASP T 767 33.79 85.32 14.38
C ASP T 767 32.57 85.83 15.14
N VAL T 768 32.37 87.15 15.16
CA VAL T 768 31.34 87.79 15.97
C VAL T 768 30.35 88.50 15.07
N LEU T 769 29.06 88.32 15.34
CA LEU T 769 27.97 89.07 14.72
C LEU T 769 27.16 89.67 15.85
N LEU T 770 27.39 90.95 16.13
CA LEU T 770 26.77 91.59 17.28
C LEU T 770 25.31 91.95 17.05
N ASN T 771 24.87 92.01 15.78
CA ASN T 771 23.44 92.26 15.52
C ASN T 771 22.58 91.12 16.05
N ARG T 772 22.99 89.88 15.79
CA ARG T 772 22.28 88.71 16.28
C ARG T 772 22.81 88.22 17.61
N ASN T 773 23.77 88.94 18.21
CA ASN T 773 24.36 88.60 19.50
C ASN T 773 24.97 87.20 19.49
N ALA T 774 25.65 86.87 18.38
CA ALA T 774 26.16 85.55 18.14
C ALA T 774 27.67 85.58 17.97
N VAL T 775 28.32 84.50 18.42
CA VAL T 775 29.70 84.23 18.06
C VAL T 775 29.75 82.81 17.49
N ILE T 776 30.22 82.71 16.25
CA ILE T 776 30.30 81.44 15.53
C ILE T 776 31.77 81.12 15.38
N ASN T 777 32.18 79.94 15.85
CA ASN T 777 33.57 79.56 15.77
C ASN T 777 33.70 78.14 15.23
N LYS T 778 34.82 77.90 14.56
CA LYS T 778 35.16 76.59 14.06
C LYS T 778 36.36 76.07 14.82
N ILE T 779 36.31 74.83 15.26
CA ILE T 779 37.46 74.16 15.84
C ILE T 779 37.83 73.00 14.94
N LYS T 780 39.09 72.97 14.50
CA LYS T 780 39.59 71.98 13.57
C LYS T 780 40.70 71.23 14.26
N VAL T 781 40.56 69.93 14.39
CA VAL T 781 41.56 69.10 15.06
C VAL T 781 42.13 68.12 14.05
N ILE T 782 43.46 68.06 14.00
CA ILE T 782 44.22 67.33 13.00
C ILE T 782 45.22 66.44 13.69
N ASP T 783 45.62 65.38 12.99
CA ASP T 783 46.65 64.47 13.50
C ASP T 783 48.03 65.02 13.18
N LYS T 784 48.97 64.80 14.10
CA LYS T 784 50.31 65.34 13.97
C LYS T 784 51.31 64.38 13.34
N LYS T 785 50.83 63.26 12.79
CA LYS T 785 51.60 62.32 11.98
C LYS T 785 52.73 61.62 12.73
N ARG T 786 52.79 61.75 14.04
CA ARG T 786 53.78 61.06 14.87
C ARG T 786 53.07 60.19 15.90
N CYS T 787 53.88 59.57 16.77
CA CYS T 787 53.43 58.70 17.86
C CYS T 787 52.63 57.50 17.38
N SER T 788 52.20 56.65 18.32
CA SER T 788 51.27 55.54 18.08
C SER T 788 51.79 54.60 16.99
N GLU T 789 52.86 53.88 17.33
CA GLU T 789 53.71 53.13 16.41
C GLU T 789 52.95 52.24 15.41
N GLN T 790 53.61 51.92 14.31
CA GLN T 790 52.96 51.26 13.17
C GLN T 790 52.44 49.88 13.56
N GLY T 791 51.17 49.62 13.24
CA GLY T 791 50.50 48.40 13.63
C GLY T 791 49.44 47.96 12.65
N MET T 792 48.33 47.41 13.16
CA MET T 792 47.27 46.93 12.28
C MET T 792 45.97 46.77 13.06
N ILE T 793 44.88 47.29 12.49
CA ILE T 793 43.50 47.04 12.89
C ILE T 793 43.21 47.39 14.35
N GLY T 794 43.88 46.74 15.29
CA GLY T 794 43.58 47.00 16.69
C GLY T 794 44.78 47.09 17.62
N ARG T 795 45.92 47.52 17.10
CA ARG T 795 47.14 47.57 17.89
C ARG T 795 47.70 48.98 18.01
N ASN T 796 47.78 49.71 16.89
CA ASN T 796 48.41 51.03 16.88
C ASN T 796 47.60 52.10 17.59
N ILE T 797 46.36 51.80 17.99
CA ILE T 797 45.50 52.82 18.57
C ILE T 797 45.98 53.19 19.96
N LYS T 798 46.07 54.49 20.22
CA LYS T 798 46.27 55.06 21.54
C LYS T 798 45.12 56.02 21.81
N LYS T 799 44.63 56.03 23.04
CA LYS T 799 43.48 56.83 23.41
C LYS T 799 43.92 58.20 23.88
N THR T 800 43.13 59.22 23.53
CA THR T 800 43.47 60.59 23.94
C THR T 800 42.19 61.40 24.01
N SER T 801 41.96 62.06 25.14
CA SER T 801 40.76 62.85 25.36
C SER T 801 41.10 64.32 25.25
N MET T 802 40.45 65.00 24.31
CA MET T 802 40.54 66.45 24.25
C MET T 802 39.30 67.04 24.90
N MET T 803 39.45 68.25 25.42
CA MET T 803 38.39 68.99 26.09
C MET T 803 38.09 70.26 25.34
N LEU T 804 36.81 70.48 25.03
CA LEU T 804 36.33 71.76 24.55
C LEU T 804 35.51 72.38 25.67
N LYS T 805 35.68 73.68 25.87
CA LYS T 805 34.92 74.35 26.91
C LYS T 805 34.77 75.81 26.53
N VAL T 806 33.81 76.46 27.18
CA VAL T 806 33.67 77.91 27.10
C VAL T 806 33.84 78.45 28.51
N LEU T 807 34.57 79.54 28.64
CA LEU T 807 35.16 79.91 29.91
C LEU T 807 34.11 80.41 30.88
N GLY T 808 34.19 79.93 32.13
CA GLY T 808 33.24 80.29 33.16
C GLY T 808 31.94 79.53 33.10
N ALA T 809 31.63 78.92 31.96
CA ALA T 809 30.39 78.14 31.84
C ALA T 809 30.28 76.92 32.77
N PRO T 810 31.29 76.05 32.95
CA PRO T 810 31.03 74.77 33.59
C PRO T 810 30.51 74.90 35.02
N GLY T 811 29.48 74.14 35.31
CA GLY T 811 28.81 74.21 36.60
C GLY T 811 27.65 75.18 36.66
N ASN T 812 27.91 76.44 36.31
CA ASN T 812 26.90 77.48 36.48
C ASN T 812 25.75 77.30 35.49
N CYS T 813 26.04 77.36 34.20
CA CYS T 813 25.00 77.30 33.18
C CYS T 813 24.45 75.89 33.05
N ILE T 814 23.21 75.82 32.56
CA ILE T 814 22.50 74.56 32.41
C ILE T 814 21.37 74.78 31.42
N GLN T 815 21.16 73.82 30.53
CA GLN T 815 19.97 73.83 29.69
C GLN T 815 18.85 73.14 30.45
N ARG T 816 17.92 73.94 30.96
CA ARG T 816 16.74 73.41 31.61
C ARG T 816 15.66 73.21 30.55
N THR T 817 15.32 71.96 30.29
CA THR T 817 14.26 71.63 29.36
C THR T 817 13.09 71.06 30.14
N TYR T 818 12.07 70.64 29.40
CA TYR T 818 11.05 69.78 29.99
C TYR T 818 11.70 68.51 30.50
N LEU T 819 11.33 68.11 31.72
CA LEU T 819 11.88 66.93 32.38
C LEU T 819 13.39 67.07 32.56
N GLY T 820 13.75 68.01 33.41
CA GLY T 820 15.11 68.09 33.93
C GLY T 820 16.00 69.09 33.21
N GLY T 821 17.25 69.08 33.63
CA GLY T 821 18.25 69.97 33.08
C GLY T 821 19.56 69.26 32.85
N ILE T 822 20.25 69.67 31.79
CA ILE T 822 21.48 69.03 31.34
C ILE T 822 22.61 70.04 31.40
N ILE T 823 23.82 69.55 31.67
CA ILE T 823 24.99 70.39 31.90
C ILE T 823 25.68 70.68 30.58
N GLN T 824 26.00 71.96 30.35
CA GLN T 824 26.68 72.36 29.12
C GLN T 824 27.95 73.16 29.41
N GLY T 825 28.53 73.71 28.34
CA GLY T 825 29.69 74.56 28.45
C GLY T 825 31.01 73.84 28.51
N PHE T 826 30.99 72.51 28.60
CA PHE T 826 32.20 71.75 28.87
C PHE T 826 31.94 70.33 28.38
N LYS T 827 32.66 69.91 27.35
CA LYS T 827 32.46 68.59 26.76
C LYS T 827 33.80 67.98 26.38
N VAL T 828 33.98 66.73 26.77
CA VAL T 828 35.21 65.99 26.54
C VAL T 828 34.95 64.97 25.44
N VAL T 829 35.75 64.99 24.39
CA VAL T 829 35.63 64.05 23.29
C VAL T 829 36.88 63.17 23.25
N PRO T 830 36.73 61.86 23.19
CA PRO T 830 37.91 61.00 23.02
C PRO T 830 38.15 60.62 21.57
N ILE T 831 39.41 60.64 21.16
CA ILE T 831 39.83 60.13 19.87
C ILE T 831 40.77 58.97 20.11
N PHE T 832 40.79 58.04 19.17
CA PHE T 832 41.75 56.94 19.16
C PHE T 832 42.60 57.11 17.91
N ILE T 833 43.89 57.29 18.12
CA ILE T 833 44.84 57.43 17.02
C ILE T 833 45.36 56.05 16.65
N GLY T 834 45.56 55.84 15.35
CA GLY T 834 45.98 54.53 14.89
C GLY T 834 45.22 54.18 13.63
N CYS T 835 44.53 53.04 13.63
CA CYS T 835 43.68 52.75 12.49
C CYS T 835 42.49 51.91 12.92
N PRO T 836 41.31 52.19 12.38
CA PRO T 836 40.09 51.64 12.95
C PRO T 836 39.69 50.34 12.26
N PRO T 837 38.61 49.71 12.69
CA PRO T 837 38.01 48.65 11.89
C PRO T 837 37.39 49.21 10.61
N GLY T 838 36.82 48.31 9.82
CA GLY T 838 36.12 48.66 8.62
C GLY T 838 36.99 48.79 7.38
N LYS T 839 38.20 49.34 7.51
CA LYS T 839 39.08 49.56 6.36
C LYS T 839 39.65 48.21 5.92
N ARG T 840 39.04 47.61 4.91
CA ARG T 840 39.48 46.32 4.39
C ARG T 840 39.93 46.47 2.94
N LEU T 841 40.89 45.63 2.56
CA LEU T 841 41.43 45.61 1.20
C LEU T 841 40.93 44.38 0.47
N ALA T 842 40.62 44.54 -0.81
CA ALA T 842 40.14 43.46 -1.65
C ALA T 842 40.81 43.55 -3.01
N PHE T 843 40.65 42.50 -3.81
CA PHE T 843 41.31 42.37 -5.11
C PHE T 843 40.26 42.50 -6.21
N ASP T 844 40.47 43.45 -7.12
CA ASP T 844 39.46 43.82 -8.11
C ASP T 844 39.34 42.73 -9.17
N VAL T 845 38.38 41.83 -8.96
CA VAL T 845 38.21 40.70 -9.87
C VAL T 845 37.72 41.16 -11.23
N SER T 846 36.69 41.99 -11.27
CA SER T 846 36.12 42.42 -12.54
C SER T 846 37.08 43.32 -13.31
N TYR T 847 37.79 44.20 -12.60
CA TYR T 847 38.80 45.03 -13.24
C TYR T 847 39.94 44.16 -13.76
N THR T 848 40.32 43.11 -13.02
CA THR T 848 41.34 42.20 -13.52
C THR T 848 40.87 41.50 -14.80
N ILE T 849 39.61 41.05 -14.82
CA ILE T 849 39.08 40.35 -15.98
C ILE T 849 39.07 41.27 -17.20
N MET T 850 38.57 42.50 -17.04
CA MET T 850 38.44 43.35 -18.23
C MET T 850 39.80 43.89 -18.66
N HIS T 851 40.73 44.08 -17.72
CA HIS T 851 42.07 44.50 -18.10
C HIS T 851 42.82 43.39 -18.83
N SER T 852 42.68 42.14 -18.38
CA SER T 852 43.25 41.02 -19.11
C SER T 852 42.63 40.89 -20.50
N GLU T 853 41.32 41.13 -20.59
CA GLU T 853 40.63 41.10 -21.89
C GLU T 853 41.17 42.19 -22.81
N GLU T 854 41.42 43.38 -22.27
CA GLU T 854 41.88 44.49 -23.11
C GLU T 854 43.34 44.30 -23.52
N ILE T 855 44.17 43.74 -22.64
CA ILE T 855 45.59 43.63 -22.92
C ILE T 855 45.88 42.42 -23.81
N ASN T 856 45.40 41.24 -23.41
CA ASN T 856 45.74 40.01 -24.08
C ASN T 856 44.75 39.62 -25.18
N LYS T 857 43.71 40.43 -25.40
CA LYS T 857 42.64 40.18 -26.37
C LYS T 857 41.86 38.89 -26.07
N HIS T 858 42.01 38.35 -24.87
CA HIS T 858 41.33 37.13 -24.46
C HIS T 858 41.48 36.97 -22.95
N TYR T 859 40.63 36.11 -22.39
CA TYR T 859 40.74 35.70 -20.98
C TYR T 859 40.00 34.39 -20.82
N PHE T 860 40.72 33.33 -20.47
CA PHE T 860 40.13 31.99 -20.37
C PHE T 860 40.04 31.58 -18.91
N ASP T 861 38.85 31.14 -18.50
CA ASP T 861 38.63 30.62 -17.17
C ASP T 861 38.78 29.09 -17.19
N CYS T 862 38.37 28.43 -16.10
CA CYS T 862 38.47 26.99 -16.02
C CYS T 862 37.33 26.33 -16.81
N VAL T 863 37.42 25.00 -16.93
CA VAL T 863 36.35 24.26 -17.58
C VAL T 863 35.11 24.22 -16.69
N ILE T 864 35.30 24.42 -15.38
CA ILE T 864 34.18 24.60 -14.45
C ILE T 864 34.25 26.06 -14.00
N LYS T 865 33.34 26.88 -14.51
CA LYS T 865 33.33 28.29 -14.17
C LYS T 865 32.91 28.50 -12.72
N ASP T 866 33.57 29.44 -12.06
CA ASP T 866 33.26 29.81 -10.68
C ASP T 866 33.00 31.30 -10.63
N ALA T 867 31.90 31.69 -9.97
CA ALA T 867 31.53 33.10 -9.92
C ALA T 867 32.51 33.89 -9.06
N GLU T 868 32.79 33.41 -7.84
CA GLU T 868 33.72 34.10 -6.97
C GLU T 868 35.17 33.87 -7.37
N MET T 869 35.47 32.74 -7.98
CA MET T 869 36.85 32.35 -8.25
C MET T 869 37.11 32.47 -9.75
N PRO T 870 37.94 33.42 -10.19
CA PRO T 870 38.34 33.45 -11.60
C PRO T 870 39.65 32.72 -11.85
N CYS T 871 39.72 31.94 -12.93
CA CYS T 871 40.94 31.21 -13.27
C CYS T 871 41.78 32.08 -14.20
N PHE T 872 42.89 32.58 -13.68
CA PHE T 872 43.79 33.42 -14.46
C PHE T 872 44.66 32.56 -15.36
N LEU T 873 44.94 33.06 -16.56
CA LEU T 873 45.75 32.33 -17.52
C LEU T 873 47.24 32.59 -17.25
N PHE T 874 48.04 31.51 -17.36
CA PHE T 874 49.48 31.65 -17.19
C PHE T 874 50.09 32.46 -18.33
N ARG T 875 49.59 32.28 -19.55
CA ARG T 875 50.11 33.03 -20.69
C ARG T 875 49.73 34.50 -20.62
N ASP T 876 48.54 34.81 -20.11
CA ASP T 876 48.10 36.19 -19.98
C ASP T 876 48.91 36.91 -18.91
N LEU T 877 49.31 38.13 -19.22
CA LEU T 877 50.01 38.96 -18.24
C LEU T 877 49.05 39.41 -17.15
N PHE T 878 49.49 39.33 -15.90
CA PHE T 878 48.66 39.65 -14.75
C PHE T 878 49.05 41.03 -14.21
N GLN T 879 48.05 41.90 -14.09
CA GLN T 879 48.26 43.23 -13.51
C GLN T 879 47.31 43.38 -12.32
N PRO T 880 47.79 43.18 -11.09
CA PRO T 880 46.89 43.21 -9.94
C PRO T 880 46.36 44.61 -9.65
N PHE T 881 45.09 44.66 -9.26
CA PHE T 881 44.45 45.86 -8.73
C PHE T 881 43.83 45.54 -7.38
N PHE T 882 43.84 46.53 -6.50
CA PHE T 882 43.28 46.38 -5.17
C PHE T 882 42.53 47.65 -4.80
N LEU T 883 41.60 47.51 -3.85
CA LEU T 883 40.84 48.66 -3.39
C LEU T 883 40.58 48.52 -1.89
N VAL T 884 40.53 49.67 -1.22
CA VAL T 884 40.20 49.74 0.19
C VAL T 884 38.73 50.13 0.29
N GLN T 885 37.95 49.29 0.96
CA GLN T 885 36.54 49.58 1.23
C GLN T 885 36.37 49.78 2.73
N ASP T 886 35.62 50.80 3.10
CA ASP T 886 35.34 51.08 4.51
C ASP T 886 33.91 50.60 4.74
N LEU T 887 33.79 49.34 5.17
CA LEU T 887 32.49 48.64 5.17
C LEU T 887 31.47 49.31 6.08
N VAL T 888 31.92 50.04 7.09
CA VAL T 888 30.99 50.81 7.92
C VAL T 888 30.54 52.09 7.24
N THR T 889 31.10 52.42 6.07
CA THR T 889 30.71 53.59 5.31
C THR T 889 30.27 53.15 3.91
N GLY T 890 29.79 54.12 3.14
CA GLY T 890 29.45 53.88 1.76
C GLY T 890 30.60 54.25 0.84
N ASP T 891 31.82 53.88 1.23
CA ASP T 891 33.02 54.26 0.50
C ASP T 891 33.84 53.02 0.18
N SER T 892 34.31 52.95 -1.07
CA SER T 892 35.19 51.88 -1.53
C SER T 892 36.01 52.44 -2.68
N GLY T 893 37.25 52.82 -2.40
CA GLY T 893 38.11 53.47 -3.37
C GLY T 893 39.34 52.64 -3.68
N SER T 894 39.79 52.73 -4.93
CA SER T 894 40.94 51.94 -5.37
C SER T 894 42.21 52.39 -4.68
N PHE T 895 43.17 51.47 -4.58
CA PHE T 895 44.42 51.69 -3.88
C PHE T 895 45.40 52.31 -4.87
N LEU T 896 45.47 53.64 -4.85
CA LEU T 896 46.34 54.40 -5.74
C LEU T 896 47.71 54.59 -5.08
N GLY T 897 48.46 53.51 -5.05
CA GLY T 897 49.77 53.56 -4.43
C GLY T 897 50.52 52.25 -4.60
N SER T 898 51.62 52.15 -3.86
CA SER T 898 52.49 50.98 -3.90
C SER T 898 52.04 49.94 -2.88
N TYR T 899 52.37 48.69 -3.16
CA TYR T 899 52.04 47.60 -2.24
C TYR T 899 53.02 46.46 -2.45
N VAL T 900 53.17 45.64 -1.42
CA VAL T 900 54.15 44.55 -1.40
C VAL T 900 53.42 43.24 -1.61
N LEU T 901 53.91 42.45 -2.58
CA LEU T 901 53.33 41.16 -2.92
C LEU T 901 54.40 40.08 -2.82
N LYS T 902 54.02 38.93 -2.24
CA LYS T 902 54.93 37.81 -2.10
C LYS T 902 54.12 36.54 -1.90
N VAL T 903 54.44 35.50 -2.65
CA VAL T 903 53.73 34.23 -2.57
C VAL T 903 54.19 33.48 -1.33
N VAL T 904 53.24 33.12 -0.47
CA VAL T 904 53.55 32.41 0.77
C VAL T 904 53.16 30.94 0.74
N GLY T 905 52.50 30.47 -0.32
CA GLY T 905 52.26 29.04 -0.42
C GLY T 905 51.62 28.59 -1.72
N GLY T 906 51.79 27.30 -2.04
CA GLY T 906 51.23 26.75 -3.26
C GLY T 906 50.50 25.43 -3.06
N GLY T 907 49.45 25.20 -3.82
CA GLY T 907 48.64 24.01 -3.66
C GLY T 907 48.14 23.49 -5.00
N ARG T 908 48.10 22.16 -5.10
CA ARG T 908 47.60 21.51 -6.32
C ARG T 908 46.09 21.59 -6.39
N THR T 909 45.41 21.16 -5.32
CA THR T 909 43.96 21.11 -5.26
C THR T 909 43.51 21.80 -3.98
N LEU T 910 42.22 21.67 -3.66
CA LEU T 910 41.68 22.26 -2.44
C LEU T 910 42.28 21.59 -1.21
N ASN T 911 42.48 22.40 -0.16
CA ASN T 911 43.16 22.07 1.09
C ASN T 911 44.39 21.20 0.89
N THR T 912 45.23 21.56 -0.08
CA THR T 912 46.53 20.93 -0.29
C THR T 912 47.65 21.96 -0.24
N ILE T 913 47.41 23.07 0.46
CA ILE T 913 48.34 24.18 0.51
C ILE T 913 48.99 24.22 1.88
N ARG T 914 50.22 24.71 1.93
CA ARG T 914 50.94 24.93 3.18
C ARG T 914 51.66 26.27 3.10
N ASP T 915 51.80 26.91 4.26
CA ASP T 915 52.57 28.14 4.33
C ASP T 915 54.06 27.84 4.19
N TYR T 916 54.80 28.86 3.77
CA TYR T 916 56.24 28.72 3.53
C TYR T 916 57.02 29.55 4.55
N THR T 917 58.20 29.05 4.90
CA THR T 917 59.04 29.70 5.89
C THR T 917 59.62 31.00 5.32
N GLU T 918 60.29 31.75 6.21
CA GLU T 918 60.88 33.02 5.79
C GLU T 918 61.99 32.79 4.77
N GLU T 919 62.83 31.78 4.97
CA GLU T 919 63.85 31.44 3.99
C GLU T 919 63.22 30.93 2.70
N GLU T 920 62.09 30.22 2.79
CA GLU T 920 61.38 29.77 1.60
C GLU T 920 60.90 30.95 0.77
N ILE T 921 60.28 31.95 1.44
CA ILE T 921 59.79 33.12 0.73
C ILE T 921 60.95 33.95 0.18
N PHE T 922 62.07 33.98 0.92
CA PHE T 922 63.27 34.65 0.41
C PHE T 922 63.79 33.97 -0.84
N ARG T 923 63.76 32.64 -0.88
CA ARG T 923 64.15 31.92 -2.08
C ARG T 923 63.19 32.19 -3.24
N TYR T 924 61.89 32.23 -2.94
CA TYR T 924 60.88 32.23 -4.00
C TYR T 924 60.52 33.63 -4.50
N ASN T 925 60.84 34.68 -3.78
CA ASN T 925 60.38 36.01 -4.16
C ASN T 925 61.50 37.04 -4.27
N SER T 926 62.51 36.92 -3.42
CA SER T 926 63.58 37.92 -3.40
C SER T 926 64.48 37.75 -4.61
N PRO T 927 64.71 38.81 -5.40
CA PRO T 927 65.65 38.71 -6.52
C PRO T 927 67.09 38.52 -6.10
N LEU T 928 67.42 38.76 -4.83
CA LEU T 928 68.78 38.54 -4.35
C LEU T 928 69.15 37.06 -4.28
N ASP T 929 68.16 36.16 -4.31
CA ASP T 929 68.41 34.73 -4.27
C ASP T 929 68.95 34.27 -5.63
N THR T 930 70.22 33.84 -5.64
CA THR T 930 70.80 33.33 -6.88
C THR T 930 70.26 31.96 -7.27
N THR T 931 69.68 31.24 -6.31
CA THR T 931 69.05 29.96 -6.61
C THR T 931 67.82 30.17 -7.49
N ASN T 932 67.67 29.31 -8.50
CA ASN T 932 66.55 29.42 -9.42
C ASN T 932 65.25 28.97 -8.76
N SER T 933 64.78 29.74 -7.78
CA SER T 933 63.54 29.45 -7.07
C SER T 933 62.49 30.54 -7.25
N LEU T 934 62.77 31.56 -8.06
CA LEU T 934 61.86 32.68 -8.20
C LEU T 934 60.57 32.25 -8.88
N ILE T 935 59.44 32.72 -8.34
CA ILE T 935 58.15 32.41 -8.94
C ILE T 935 57.78 33.42 -10.00
N TRP T 936 58.23 34.66 -9.85
CA TRP T 936 57.87 35.74 -10.76
C TRP T 936 59.02 36.74 -10.85
N LYS T 937 59.04 37.49 -11.94
CA LYS T 937 60.02 38.55 -12.13
C LYS T 937 59.38 39.65 -12.96
N THR T 938 59.42 40.87 -12.42
CA THR T 938 58.84 42.04 -13.08
C THR T 938 59.96 43.00 -13.44
N LYS T 939 59.94 43.48 -14.69
CA LYS T 939 60.95 44.41 -15.18
C LYS T 939 60.66 45.80 -14.62
N VAL T 940 60.92 45.96 -13.33
CA VAL T 940 60.72 47.21 -12.61
C VAL T 940 62.01 47.59 -11.90
N GLU T 941 62.12 48.87 -11.57
CA GLU T 941 63.28 49.39 -10.87
C GLU T 941 63.03 49.66 -9.40
N ARG T 942 61.78 49.91 -9.00
CA ARG T 942 61.48 50.22 -7.62
C ARG T 942 61.65 48.99 -6.74
N THR T 943 62.38 49.16 -5.64
CA THR T 943 62.63 48.07 -4.70
C THR T 943 62.58 48.66 -3.29
N THR T 944 62.20 47.83 -2.32
CA THR T 944 62.02 48.30 -0.94
C THR T 944 63.38 48.50 -0.28
N GLU T 945 63.34 48.83 1.01
CA GLU T 945 64.56 48.91 1.81
C GLU T 945 65.19 47.52 1.92
N ASP T 946 66.53 47.51 2.02
CA ASP T 946 67.40 46.33 2.03
C ASP T 946 67.38 45.57 0.70
N LYS T 947 66.68 46.07 -0.32
CA LYS T 947 66.60 45.45 -1.65
C LYS T 947 66.13 44.00 -1.56
N LYS T 948 65.13 43.76 -0.71
CA LYS T 948 64.68 42.39 -0.47
C LYS T 948 63.58 41.96 -1.44
N PHE T 949 62.52 42.76 -1.57
CA PHE T 949 61.41 42.39 -2.42
C PHE T 949 61.05 43.56 -3.32
N TYR T 950 60.52 43.24 -4.50
CA TYR T 950 60.12 44.28 -5.44
C TYR T 950 58.87 45.00 -4.96
N ILE T 951 58.80 46.29 -5.27
CA ILE T 951 57.67 47.13 -4.92
C ILE T 951 57.02 47.60 -6.21
N MET T 952 55.73 47.33 -6.35
CA MET T 952 54.99 47.67 -7.54
C MET T 952 53.67 48.36 -7.19
N SER T 953 53.19 49.19 -8.11
CA SER T 953 52.05 50.07 -7.90
C SER T 953 50.96 49.77 -8.91
N HIS T 954 49.95 50.63 -8.94
CA HIS T 954 48.88 50.54 -9.93
C HIS T 954 49.36 50.92 -11.33
N GLU T 955 50.48 51.64 -11.45
CA GLU T 955 51.04 52.02 -12.73
C GLU T 955 52.10 51.03 -13.22
N SER T 956 52.29 49.93 -12.49
CA SER T 956 53.35 48.99 -12.82
C SER T 956 53.03 48.24 -14.11
N PRO T 957 54.06 47.81 -14.85
CA PRO T 957 53.81 47.12 -16.13
C PRO T 957 53.01 45.83 -16.01
N GLY T 958 53.20 45.08 -14.94
CA GLY T 958 52.48 43.83 -14.76
C GLY T 958 53.32 42.82 -14.01
N VAL T 959 52.79 41.61 -13.91
CA VAL T 959 53.45 40.51 -13.23
C VAL T 959 53.72 39.42 -14.26
N GLU T 960 54.98 39.03 -14.39
CA GLU T 960 55.41 37.96 -15.27
C GLU T 960 55.80 36.77 -14.42
N TRP T 961 55.15 35.63 -14.63
CA TRP T 961 55.27 34.47 -13.77
C TRP T 961 56.31 33.51 -14.36
N LEU T 962 57.25 33.08 -13.52
CA LEU T 962 58.31 32.19 -13.96
C LEU T 962 58.24 30.81 -13.30
N CYS T 963 58.28 30.76 -11.97
CA CYS T 963 58.24 29.52 -11.17
C CYS T 963 59.27 28.49 -11.68
N LEU T 964 60.53 28.84 -11.42
CA LEU T 964 61.69 28.15 -11.98
C LEU T 964 61.87 26.78 -11.31
N GLU T 965 63.03 26.16 -11.57
CA GLU T 965 63.24 24.74 -11.30
C GLU T 965 63.08 24.35 -9.84
N ASN T 966 63.34 25.26 -8.90
CA ASN T 966 63.14 24.95 -7.49
C ASN T 966 61.70 25.10 -7.04
N SER T 967 60.85 25.74 -7.84
CA SER T 967 59.45 25.85 -7.52
C SER T 967 58.75 24.50 -7.78
N PRO T 968 57.59 24.28 -7.13
CA PRO T 968 56.85 23.04 -7.39
C PRO T 968 56.19 22.97 -8.77
N CYS T 969 56.42 23.94 -9.66
CA CYS T 969 55.98 23.78 -11.05
C CYS T 969 56.68 22.62 -11.73
N TYR T 970 57.96 22.43 -11.43
CA TYR T 970 58.70 21.30 -11.98
C TYR T 970 58.19 19.99 -11.38
N ASP T 971 58.26 18.93 -12.18
CA ASP T 971 57.76 17.60 -11.83
C ASP T 971 56.29 17.63 -11.45
N ILE T 972 55.47 18.06 -12.41
CA ILE T 972 54.02 18.14 -12.25
C ILE T 972 53.38 17.21 -13.27
N ILE T 973 52.60 16.26 -12.79
CA ILE T 973 51.82 15.35 -13.65
C ILE T 973 50.39 15.31 -13.12
N PRO T 974 49.45 15.98 -13.76
CA PRO T 974 48.04 15.83 -13.36
C PRO T 974 47.55 14.41 -13.57
N GLN T 975 46.66 13.98 -12.68
CA GLN T 975 46.18 12.60 -12.67
C GLN T 975 45.04 12.37 -13.65
N SER T 976 44.59 13.39 -14.38
CA SER T 976 43.45 13.23 -15.27
C SER T 976 43.64 14.15 -16.47
N ILE T 977 42.57 14.37 -17.23
CA ILE T 977 42.58 15.19 -18.43
C ILE T 977 42.72 16.66 -18.06
N TYR T 978 42.97 17.51 -19.07
CA TYR T 978 43.05 18.98 -19.02
C TYR T 978 44.34 19.43 -18.35
N PRO T 979 44.81 20.65 -18.62
CA PRO T 979 46.04 21.10 -17.99
C PRO T 979 45.89 21.18 -16.48
N PRO T 980 46.96 20.93 -15.74
CA PRO T 980 46.88 21.02 -14.27
C PRO T 980 46.67 22.46 -13.83
N GLU T 981 45.95 22.60 -12.73
CA GLU T 981 45.65 23.90 -12.14
C GLU T 981 46.36 24.02 -10.80
N PHE T 982 46.65 25.27 -10.42
CA PHE T 982 47.39 25.54 -9.20
C PHE T 982 46.82 26.76 -8.50
N PHE T 983 46.88 26.73 -7.17
CA PHE T 983 46.51 27.89 -6.36
C PHE T 983 47.73 28.39 -5.60
N PHE T 984 47.87 29.70 -5.51
CA PHE T 984 48.97 30.33 -4.79
C PHE T 984 48.38 31.28 -3.75
N LYS T 985 48.57 30.94 -2.48
CA LYS T 985 48.18 31.85 -1.41
C LYS T 985 49.29 32.86 -1.18
N LEU T 986 48.91 34.12 -1.04
CA LEU T 986 49.86 35.21 -0.94
C LEU T 986 49.21 36.38 -0.23
N LEU T 987 50.06 37.24 0.34
CA LEU T 987 49.64 38.40 1.08
C LEU T 987 50.12 39.67 0.38
N VAL T 988 49.28 40.69 0.41
CA VAL T 988 49.61 42.03 -0.04
C VAL T 988 49.65 42.94 1.17
N SER T 989 50.76 43.65 1.34
CA SER T 989 51.00 44.47 2.52
C SER T 989 51.32 45.90 2.12
N ASN T 990 51.21 46.79 3.10
CA ASN T 990 51.55 48.20 2.99
C ASN T 990 52.39 48.63 4.19
N ARG T 991 53.27 47.73 4.65
CA ARG T 991 53.96 47.92 5.92
C ARG T 991 54.96 49.06 5.85
N GLY T 992 55.80 49.08 4.83
CA GLY T 992 56.85 50.08 4.75
C GLY T 992 56.88 50.86 3.44
N VAL T 993 55.77 50.88 2.72
CA VAL T 993 55.70 51.57 1.45
C VAL T 993 54.53 52.55 1.45
N ASP T 994 54.15 53.03 2.64
CA ASP T 994 53.02 53.93 2.77
C ASP T 994 53.46 55.23 3.44
N ASN T 995 52.98 56.34 2.89
CA ASN T 995 53.17 57.66 3.49
C ASN T 995 51.85 58.31 3.86
N SER T 996 50.73 57.59 3.72
CA SER T 996 49.41 58.14 3.96
C SER T 996 48.50 57.25 4.80
N THR T 997 48.94 56.06 5.20
CA THR T 997 48.14 55.17 6.02
C THR T 997 48.85 54.95 7.35
N TYR T 998 48.07 54.90 8.43
CA TYR T 998 48.67 54.65 9.73
C TYR T 998 48.80 53.16 10.01
N CYS T 999 48.10 52.32 9.26
CA CYS T 999 48.31 50.88 9.35
C CYS T 999 48.22 50.27 7.96
N ASP T 1000 48.83 49.09 7.81
CA ASP T 1000 48.83 48.39 6.54
C ASP T 1000 47.57 47.56 6.37
N TYR T 1001 47.14 47.44 5.12
CA TYR T 1001 46.00 46.57 4.78
C TYR T 1001 46.52 45.21 4.32
N LYS T 1002 47.04 44.46 5.29
CA LYS T 1002 47.62 43.15 5.03
C LYS T 1002 46.50 42.18 4.67
N LEU T 1003 46.37 41.88 3.39
CA LEU T 1003 45.30 41.02 2.89
C LEU T 1003 45.89 39.73 2.34
N THR T 1004 45.40 38.60 2.84
CA THR T 1004 45.81 37.28 2.39
C THR T 1004 44.73 36.72 1.49
N PHE T 1005 45.10 36.30 0.28
CA PHE T 1005 44.14 35.71 -0.63
C PHE T 1005 44.84 34.69 -1.50
N ILE T 1006 44.12 34.17 -2.49
CA ILE T 1006 44.59 33.07 -3.33
C ILE T 1006 44.45 33.48 -4.79
N VAL T 1007 45.46 33.14 -5.60
CA VAL T 1007 45.47 33.41 -7.03
C VAL T 1007 45.48 32.07 -7.76
N HIS T 1008 44.58 31.92 -8.73
CA HIS T 1008 44.50 30.70 -9.52
C HIS T 1008 45.35 30.83 -10.77
N ILE T 1009 45.92 29.71 -11.20
CA ILE T 1009 46.62 29.63 -12.47
C ILE T 1009 46.29 28.27 -13.09
N HIS T 1010 46.35 28.21 -14.42
CA HIS T 1010 46.14 26.96 -15.15
C HIS T 1010 47.08 26.93 -16.35
N GLY T 1011 47.34 25.73 -16.85
CA GLY T 1011 48.28 25.58 -17.95
C GLY T 1011 49.68 25.71 -17.43
N LEU T 1012 50.22 24.62 -16.88
CA LEU T 1012 51.55 24.67 -16.29
C LEU T 1012 52.56 23.83 -17.05
N PRO T 1013 53.47 24.48 -17.78
CA PRO T 1013 54.52 23.76 -18.49
C PRO T 1013 55.88 24.10 -17.92
N LEU T 1014 56.30 23.40 -16.87
CA LEU T 1014 57.57 23.72 -16.22
C LEU T 1014 58.42 22.52 -15.86
N SER T 1015 59.42 22.21 -16.69
CA SER T 1015 60.34 21.10 -16.43
C SER T 1015 61.27 20.90 -17.60
N SER T 1016 61.78 19.68 -17.77
CA SER T 1016 62.67 19.37 -18.89
C SER T 1016 62.97 17.89 -18.99
N LYS T 1017 63.69 17.35 -18.01
CA LYS T 1017 64.08 15.94 -18.06
C LYS T 1017 62.98 15.05 -18.62
N ARG T 1018 61.77 15.17 -18.09
CA ARG T 1018 60.70 14.28 -18.53
C ARG T 1018 60.62 14.19 -20.04
N THR T 1019 60.75 15.33 -20.73
CA THR T 1019 60.71 15.31 -22.20
C THR T 1019 61.88 14.52 -22.76
N SER T 1020 63.08 14.72 -22.22
CA SER T 1020 64.23 13.94 -22.65
C SER T 1020 64.01 12.46 -22.39
N PHE T 1021 63.49 12.11 -21.20
CA PHE T 1021 63.30 10.71 -20.83
C PHE T 1021 62.34 10.02 -21.79
N ILE T 1022 61.21 10.65 -22.07
CA ILE T 1022 60.24 10.03 -22.98
C ILE T 1022 60.82 9.96 -24.40
N VAL T 1023 61.63 10.95 -24.79
CA VAL T 1023 62.22 10.94 -26.13
C VAL T 1023 63.20 9.78 -26.29
N MET T 1024 64.13 9.64 -25.34
CA MET T 1024 65.09 8.52 -25.46
C MET T 1024 64.42 7.17 -25.29
N VAL T 1025 63.41 7.05 -24.42
CA VAL T 1025 62.77 5.74 -24.30
C VAL T 1025 62.00 5.39 -25.57
N SER T 1026 61.37 6.38 -26.22
CA SER T 1026 60.70 6.13 -27.49
C SER T 1026 61.70 5.74 -28.57
N THR T 1027 62.84 6.45 -28.64
CA THR T 1027 63.84 6.11 -29.64
C THR T 1027 64.39 4.71 -29.44
N SER T 1028 64.70 4.36 -28.18
CA SER T 1028 65.28 3.05 -27.90
C SER T 1028 64.30 1.93 -28.21
N PHE T 1029 63.04 2.08 -27.78
CA PHE T 1029 62.06 1.04 -28.05
C PHE T 1029 61.78 0.90 -29.54
N PHE T 1030 61.70 2.02 -30.27
CA PHE T 1030 61.39 1.93 -31.69
C PHE T 1030 62.57 1.39 -32.49
N ILE T 1031 63.80 1.74 -32.14
CA ILE T 1031 64.93 1.15 -32.86
C ILE T 1031 65.06 -0.33 -32.53
N ALA T 1032 64.74 -0.74 -31.30
CA ALA T 1032 64.73 -2.16 -30.98
C ALA T 1032 63.70 -2.91 -31.81
N LEU T 1033 62.50 -2.35 -31.93
CA LEU T 1033 61.45 -2.99 -32.72
C LEU T 1033 61.81 -3.04 -34.20
N VAL T 1034 62.40 -1.96 -34.73
CA VAL T 1034 62.78 -1.92 -36.15
C VAL T 1034 63.92 -2.91 -36.43
N VAL T 1035 64.88 -3.01 -35.52
CA VAL T 1035 65.97 -3.97 -35.68
C VAL T 1035 65.45 -5.39 -35.62
N PHE T 1036 64.49 -5.67 -34.72
CA PHE T 1036 63.86 -6.98 -34.69
C PHE T 1036 63.13 -7.28 -36.00
N TYR T 1037 62.42 -6.29 -36.53
CA TYR T 1037 61.74 -6.47 -37.82
C TYR T 1037 62.73 -6.77 -38.93
N ILE T 1038 63.85 -6.05 -38.96
CA ILE T 1038 64.87 -6.26 -39.99
C ILE T 1038 65.45 -7.67 -39.90
N LEU T 1039 65.83 -8.08 -38.68
CA LEU T 1039 66.47 -9.38 -38.51
C LEU T 1039 65.52 -10.52 -38.81
N PHE T 1040 64.25 -10.39 -38.40
CA PHE T 1040 63.28 -11.44 -38.70
C PHE T 1040 62.78 -11.39 -40.13
N CYS T 1041 62.93 -10.26 -40.83
CA CYS T 1041 62.65 -10.22 -42.26
C CYS T 1041 63.78 -10.83 -43.08
N LEU T 1042 65.02 -10.73 -42.62
CA LEU T 1042 66.13 -11.43 -43.27
C LEU T 1042 65.97 -12.94 -43.11
N HIS U 1 20.78 123.69 19.01
CA HIS U 1 20.62 122.62 19.99
C HIS U 1 20.16 121.33 19.31
N THR U 2 18.87 121.24 18.99
CA THR U 2 18.35 120.08 18.31
C THR U 2 18.45 120.25 16.79
N LEU U 3 18.14 119.18 16.07
CA LEU U 3 18.24 119.09 14.62
C LEU U 3 19.65 119.44 14.13
N CYS U 4 19.85 120.68 13.70
CA CYS U 4 21.08 121.07 13.03
C CYS U 4 21.93 121.97 13.92
N ARG U 5 23.23 121.87 13.73
CA ARG U 5 24.20 122.86 14.21
C ARG U 5 24.81 123.51 12.98
N VAL U 6 24.75 124.84 12.93
CA VAL U 6 25.15 125.54 11.72
C VAL U 6 26.66 125.42 11.51
N HIS U 7 27.08 125.49 10.25
CA HIS U 7 28.49 125.45 9.91
C HIS U 7 28.72 126.28 8.67
N THR U 8 29.69 127.19 8.73
CA THR U 8 29.96 128.11 7.63
C THR U 8 31.15 127.63 6.81
N VAL U 9 30.99 127.65 5.49
CA VAL U 9 32.03 127.26 4.55
C VAL U 9 32.40 128.47 3.71
N ARG U 10 33.71 128.74 3.63
CA ARG U 10 34.27 129.86 2.88
C ARG U 10 35.73 129.58 2.61
N THR U 11 36.16 129.75 1.36
CA THR U 11 37.55 129.59 0.98
C THR U 11 37.93 130.73 0.03
N GLY U 12 39.20 130.74 -0.38
CA GLY U 12 39.67 131.69 -1.36
C GLY U 12 39.91 133.09 -0.84
N LYS U 13 39.72 133.33 0.45
CA LYS U 13 39.89 134.65 1.05
C LYS U 13 41.07 134.66 2.01
N VAL U 14 42.13 133.93 1.67
CA VAL U 14 43.31 133.87 2.52
C VAL U 14 44.11 135.16 2.43
N PHE U 15 44.33 135.68 1.22
CA PHE U 15 45.15 136.86 1.02
C PHE U 15 44.32 137.90 0.26
N LYS U 16 44.96 138.99 -0.13
CA LYS U 16 44.28 140.08 -0.82
C LYS U 16 44.21 139.78 -2.31
N SER U 17 43.27 138.90 -2.65
CA SER U 17 43.02 138.51 -4.03
C SER U 17 41.90 139.38 -4.59
N ASN U 18 42.18 140.05 -5.71
CA ASN U 18 41.23 140.97 -6.33
C ASN U 18 40.42 140.20 -7.35
N ILE U 19 39.24 139.72 -6.95
CA ILE U 19 38.34 138.97 -7.81
C ILE U 19 37.04 139.75 -7.92
N GLN U 20 36.62 140.02 -9.15
CA GLN U 20 35.41 140.81 -9.40
C GLN U 20 34.57 140.13 -10.48
N LEU U 21 33.27 140.31 -10.39
CA LEU U 21 32.34 139.78 -11.38
C LEU U 21 32.32 140.68 -12.62
N GLN U 22 31.72 140.16 -13.69
CA GLN U 22 31.69 140.85 -14.98
C GLN U 22 30.44 140.45 -15.74
N GLY U 23 29.52 141.39 -15.89
CA GLY U 23 28.27 141.17 -16.61
C GLY U 23 27.07 141.37 -15.71
N ASP U 24 25.90 140.98 -16.24
CA ASP U 24 24.66 141.10 -15.48
C ASP U 24 24.38 139.80 -14.73
N PRO U 25 24.03 139.86 -13.46
CA PRO U 25 23.83 138.62 -12.69
C PRO U 25 22.54 137.91 -13.07
N LEU U 26 22.38 136.72 -12.51
CA LEU U 26 21.24 135.85 -12.79
C LEU U 26 20.37 135.74 -11.54
N PHE U 27 19.06 135.84 -11.73
CA PHE U 27 18.12 135.75 -10.62
C PHE U 27 16.89 134.98 -11.06
N TYR U 28 16.23 134.33 -10.09
CA TYR U 28 15.06 133.52 -10.35
C TYR U 28 13.85 134.42 -10.61
N ALA U 29 12.79 133.80 -11.16
CA ALA U 29 11.57 134.51 -11.49
C ALA U 29 10.42 134.19 -10.54
N PHE U 30 10.73 133.66 -9.36
CA PHE U 30 9.71 133.26 -8.40
C PHE U 30 10.18 133.61 -6.99
N PRO U 31 9.24 133.89 -6.07
CA PRO U 31 9.64 134.18 -4.68
C PRO U 31 10.34 133.03 -3.97
N ASN U 32 10.00 131.79 -4.31
CA ASN U 32 10.56 130.64 -3.60
C ASN U 32 12.00 130.38 -4.05
N THR U 33 12.71 129.60 -3.24
CA THR U 33 14.07 129.19 -3.53
C THR U 33 14.12 127.69 -3.79
N PHE U 34 14.97 127.28 -4.72
CA PHE U 34 15.04 125.89 -5.15
C PHE U 34 16.49 125.45 -5.28
N VAL U 35 16.70 124.13 -5.18
CA VAL U 35 18.00 123.52 -5.45
C VAL U 35 17.76 122.37 -6.43
N LEU U 36 18.20 122.55 -7.66
CA LEU U 36 18.12 121.50 -8.67
C LEU U 36 19.40 120.68 -8.64
N LYS U 37 19.24 119.36 -8.50
CA LYS U 37 20.34 118.43 -8.34
C LYS U 37 20.39 117.49 -9.53
N ASN U 38 21.58 117.27 -10.08
CA ASN U 38 21.74 116.29 -11.13
C ASN U 38 21.61 114.88 -10.55
N VAL U 39 21.27 113.93 -11.42
CA VAL U 39 20.83 112.62 -10.95
C VAL U 39 22.00 111.82 -10.38
N CYS U 40 22.99 111.51 -11.21
CA CYS U 40 24.14 110.72 -10.79
C CYS U 40 25.39 111.56 -10.59
N LYS U 41 25.50 112.67 -11.32
CA LYS U 41 26.52 113.67 -11.00
C LYS U 41 25.98 114.58 -9.90
N ALA U 42 25.69 114.01 -8.74
CA ALA U 42 25.01 114.72 -7.66
C ALA U 42 25.87 115.82 -7.05
N ASP U 43 27.18 115.80 -7.30
CA ASP U 43 28.03 116.90 -6.84
C ASP U 43 27.66 118.21 -7.53
N ILE U 44 27.34 118.16 -8.82
CA ILE U 44 26.94 119.35 -9.55
C ILE U 44 25.51 119.72 -9.16
N SER U 45 25.30 120.98 -8.79
CA SER U 45 23.98 121.43 -8.37
C SER U 45 23.80 122.90 -8.72
N VAL U 46 22.54 123.32 -8.80
CA VAL U 46 22.18 124.71 -9.09
C VAL U 46 21.23 125.20 -8.00
N TYR U 47 21.63 126.24 -7.29
CA TYR U 47 20.75 126.92 -6.35
C TYR U 47 20.13 128.12 -7.06
N LEU U 48 18.80 128.13 -7.16
CA LEU U 48 18.05 129.21 -7.80
C LEU U 48 17.31 129.99 -6.72
N GLY U 49 17.58 131.29 -6.66
CA GLY U 49 16.95 132.20 -5.72
C GLY U 49 17.14 133.63 -6.15
N GLN U 50 17.43 134.53 -5.21
CA GLN U 50 17.77 135.89 -5.57
C GLN U 50 19.08 135.94 -6.36
N LYS U 51 19.97 134.99 -6.11
CA LYS U 51 21.16 134.79 -6.92
C LYS U 51 21.26 133.32 -7.29
N VAL U 52 21.79 133.05 -8.48
CA VAL U 52 21.89 131.70 -9.01
C VAL U 52 23.33 131.22 -8.84
N PHE U 53 23.49 130.05 -8.26
CA PHE U 53 24.81 129.48 -8.00
C PHE U 53 24.91 128.09 -8.63
N LEU U 54 25.89 127.91 -9.50
CA LEU U 54 26.18 126.62 -10.10
C LEU U 54 27.45 126.09 -9.46
N THR U 55 27.32 125.02 -8.67
CA THR U 55 28.44 124.43 -7.97
C THR U 55 28.78 123.08 -8.57
N ILE U 56 30.08 122.84 -8.76
CA ILE U 56 30.55 121.52 -9.15
C ILE U 56 30.77 120.63 -7.93
N ASP U 57 31.25 121.21 -6.82
CA ASP U 57 31.33 120.50 -5.55
C ASP U 57 29.95 120.50 -4.91
N ASN U 58 29.81 119.75 -3.81
CA ASN U 58 28.54 119.68 -3.11
C ASN U 58 28.34 120.93 -2.24
N PHE U 59 28.34 122.10 -2.89
CA PHE U 59 28.19 123.40 -2.24
C PHE U 59 29.28 123.63 -1.18
N GLU U 60 30.50 123.19 -1.50
CA GLU U 60 31.67 123.61 -0.74
C GLU U 60 32.27 124.86 -1.37
N SER U 61 33.30 125.39 -0.71
CA SER U 61 34.05 126.58 -1.12
C SER U 61 33.15 127.81 -1.25
N SER U 62 33.67 128.86 -1.89
CA SER U 62 32.90 130.07 -2.16
C SER U 62 32.60 130.15 -3.65
N LEU U 63 31.34 130.37 -3.99
CA LEU U 63 30.88 130.33 -5.36
C LEU U 63 30.47 131.73 -5.82
N LEU U 64 31.01 132.15 -6.96
CA LEU U 64 30.58 133.38 -7.60
C LEU U 64 29.24 133.16 -8.29
N PRO U 65 28.36 134.16 -8.30
CA PRO U 65 27.06 134.01 -8.96
C PRO U 65 27.19 133.85 -10.47
N LEU U 66 26.25 133.11 -11.04
CA LEU U 66 26.23 132.90 -12.48
C LEU U 66 25.91 134.20 -13.20
N THR U 67 26.61 134.44 -14.30
CA THR U 67 26.58 135.74 -14.96
C THR U 67 26.45 135.56 -16.46
N VAL U 68 25.76 136.51 -17.09
CA VAL U 68 25.63 136.59 -18.54
C VAL U 68 26.72 137.52 -19.07
N PRO U 69 27.54 137.09 -20.02
CA PRO U 69 28.71 137.89 -20.43
C PRO U 69 28.41 139.04 -21.38
N LYS U 70 27.14 139.37 -21.62
CA LYS U 70 26.66 140.54 -22.36
C LYS U 70 26.98 140.48 -23.86
N SER U 71 27.72 139.46 -24.31
CA SER U 71 27.98 139.32 -25.74
C SER U 71 26.72 139.01 -26.53
N LEU U 72 25.70 138.46 -25.88
CA LEU U 72 24.39 138.25 -26.48
C LEU U 72 23.35 138.98 -25.63
N ALA U 73 22.40 139.62 -26.30
CA ALA U 73 21.40 140.44 -25.63
C ALA U 73 20.33 139.52 -25.05
N VAL U 74 20.41 139.27 -23.74
CA VAL U 74 19.42 138.44 -23.05
C VAL U 74 18.29 139.25 -22.46
N GLY U 75 18.36 140.58 -22.49
CA GLY U 75 17.33 141.39 -21.87
C GLY U 75 17.37 141.24 -20.37
N VAL U 76 16.21 141.08 -19.76
CA VAL U 76 16.10 140.86 -18.32
C VAL U 76 16.52 139.43 -18.03
N PRO U 77 17.51 139.21 -17.15
CA PRO U 77 18.02 137.85 -16.89
C PRO U 77 17.25 137.13 -15.80
N SER U 78 16.02 136.72 -16.13
CA SER U 78 15.16 136.00 -15.21
C SER U 78 15.05 134.54 -15.64
N ILE U 79 15.33 133.62 -14.72
CA ILE U 79 15.28 132.20 -15.00
C ILE U 79 13.92 131.66 -14.59
N THR U 80 13.22 131.02 -15.54
CA THR U 80 11.92 130.42 -15.29
C THR U 80 11.99 128.91 -15.14
N SER U 81 12.88 128.25 -15.89
CA SER U 81 13.00 126.80 -15.82
C SER U 81 14.43 126.39 -16.15
N ALA U 82 14.91 125.35 -15.47
CA ALA U 82 16.24 124.81 -15.68
C ALA U 82 16.18 123.30 -15.82
N HIS U 83 17.11 122.75 -16.59
CA HIS U 83 17.15 121.31 -16.82
C HIS U 83 18.61 120.87 -16.98
N PHE U 84 18.86 119.61 -16.65
CA PHE U 84 20.19 119.01 -16.78
C PHE U 84 20.14 117.97 -17.89
N VAL U 85 20.80 118.25 -19.00
CA VAL U 85 20.93 117.28 -20.08
C VAL U 85 22.19 116.45 -19.84
N SER U 86 22.29 115.33 -20.54
CA SER U 86 23.44 114.45 -20.41
C SER U 86 24.69 115.15 -20.93
N GLY U 87 25.79 115.02 -20.19
CA GLY U 87 27.03 115.68 -20.54
C GLY U 87 27.43 116.73 -19.54
N SER U 88 28.03 117.82 -20.01
CA SER U 88 28.46 118.93 -19.15
C SER U 88 27.64 120.18 -19.43
N LEU U 89 26.40 120.01 -19.88
CA LEU U 89 25.57 121.12 -20.34
C LEU U 89 24.34 121.24 -19.46
N VAL U 90 23.92 122.49 -19.22
CA VAL U 90 22.71 122.80 -18.46
C VAL U 90 21.87 123.78 -19.26
N LEU U 91 20.57 123.56 -19.27
CA LEU U 91 19.65 124.36 -20.06
C LEU U 91 18.86 125.31 -19.16
N PHE U 92 18.80 126.58 -19.56
CA PHE U 92 18.05 127.59 -18.85
C PHE U 92 17.06 128.27 -19.79
N VAL U 93 15.94 128.71 -19.22
CA VAL U 93 14.94 129.50 -19.94
C VAL U 93 15.08 130.93 -19.42
N ILE U 94 15.74 131.79 -20.19
CA ILE U 94 15.95 133.18 -19.83
C ILE U 94 15.16 134.05 -20.79
N SER U 95 14.24 134.85 -20.25
CA SER U 95 13.46 135.84 -20.99
C SER U 95 12.68 135.20 -22.14
N GLY U 96 12.23 133.97 -21.96
CA GLY U 96 11.48 133.28 -22.98
C GLY U 96 12.30 132.59 -24.06
N LYS U 97 13.63 132.71 -24.01
CA LYS U 97 14.50 132.09 -24.99
C LYS U 97 15.40 131.07 -24.30
N GLY U 98 15.71 130.00 -25.01
CA GLY U 98 16.48 128.91 -24.42
C GLY U 98 17.98 129.11 -24.58
N TYR U 99 18.72 128.77 -23.52
CA TYR U 99 20.17 128.91 -23.55
C TYR U 99 20.81 127.67 -22.93
N SER U 100 21.98 127.32 -23.46
CA SER U 100 22.80 126.22 -22.97
C SER U 100 24.06 126.78 -22.34
N TYR U 101 24.45 126.25 -21.19
CA TYR U 101 25.64 126.68 -20.50
C TYR U 101 26.51 125.47 -20.20
N ASP U 102 27.80 125.58 -20.53
CA ASP U 102 28.78 124.56 -20.16
C ASP U 102 29.52 125.05 -18.92
N TYR U 103 29.55 124.21 -17.89
CA TYR U 103 30.18 124.59 -16.63
C TYR U 103 31.63 124.14 -16.52
N TYR U 104 32.01 123.04 -17.16
CA TYR U 104 33.43 122.71 -17.26
C TYR U 104 34.18 123.75 -18.07
N GLU U 105 33.58 124.20 -19.16
CA GLU U 105 34.05 125.35 -19.92
C GLU U 105 33.31 126.60 -19.39
N ASN U 106 33.36 127.70 -20.13
CA ASN U 106 32.55 128.88 -19.85
C ASN U 106 31.77 129.28 -21.10
N THR U 107 31.13 128.29 -21.72
CA THR U 107 30.51 128.46 -23.02
C THR U 107 29.01 128.70 -22.87
N TRP U 108 28.54 129.80 -23.45
CA TRP U 108 27.12 130.06 -23.60
C TRP U 108 26.71 129.79 -25.04
N ARG U 109 25.55 129.16 -25.21
CA ARG U 109 25.01 128.84 -26.53
C ARG U 109 23.54 129.24 -26.55
N LYS U 110 23.10 129.76 -27.70
CA LYS U 110 21.72 130.18 -27.87
C LYS U 110 20.96 129.09 -28.63
N LEU U 111 19.82 128.66 -28.09
CA LEU U 111 19.03 127.63 -28.74
C LEU U 111 18.24 128.25 -29.88
N GLU U 112 18.56 127.86 -31.11
CA GLU U 112 18.01 128.48 -32.31
C GLU U 112 16.72 127.85 -32.80
N GLY U 113 16.36 126.67 -32.29
CA GLY U 113 15.15 126.02 -32.76
C GLY U 113 13.88 126.74 -32.36
N ILE U 114 13.84 127.28 -31.14
CA ILE U 114 12.62 127.90 -30.62
C ILE U 114 12.44 129.28 -31.22
N SER U 115 11.21 129.59 -31.62
CA SER U 115 10.86 130.90 -32.14
C SER U 115 9.91 131.66 -31.22
N GLU U 116 8.75 131.09 -30.92
CA GLU U 116 7.84 131.72 -29.98
C GLU U 116 8.36 131.55 -28.54
N PRO U 117 8.10 132.52 -27.67
CA PRO U 117 8.68 132.49 -26.31
C PRO U 117 8.09 131.36 -25.48
N VAL U 118 8.95 130.47 -25.03
CA VAL U 118 8.55 129.37 -24.16
C VAL U 118 8.86 129.77 -22.72
N SER U 119 8.31 128.99 -21.79
CA SER U 119 8.54 129.26 -20.37
C SER U 119 9.07 128.07 -19.60
N HIS U 120 9.11 126.87 -20.19
CA HIS U 120 9.48 125.68 -19.43
C HIS U 120 10.08 124.64 -20.37
N ILE U 121 11.09 123.95 -19.85
CA ILE U 121 11.81 122.89 -20.55
C ILE U 121 11.69 121.62 -19.72
N SER U 122 11.25 120.53 -20.35
CA SER U 122 10.96 119.29 -19.64
C SER U 122 11.64 118.12 -20.31
N GLY U 123 11.99 117.12 -19.51
CA GLY U 123 12.62 115.91 -20.01
C GLY U 123 12.96 114.99 -18.86
N ASP U 124 13.24 113.74 -19.23
CA ASP U 124 13.62 112.71 -18.28
C ASP U 124 15.05 112.25 -18.54
N VAL U 125 15.79 112.02 -17.46
CA VAL U 125 17.20 111.65 -17.53
C VAL U 125 17.37 110.29 -16.88
N CYS U 126 17.71 109.28 -17.69
CA CYS U 126 18.26 108.03 -17.19
C CYS U 126 19.76 108.04 -17.38
N CYS U 127 20.47 107.64 -16.34
CA CYS U 127 21.93 107.55 -16.42
C CYS U 127 22.39 106.22 -15.83
N PHE U 128 21.78 105.13 -16.32
CA PHE U 128 22.39 103.81 -16.25
C PHE U 128 23.50 103.74 -17.28
N LYS U 129 24.61 103.11 -16.91
CA LYS U 129 25.74 103.00 -17.82
C LYS U 129 25.40 102.12 -19.02
N GLY U 130 25.77 102.59 -20.20
CA GLY U 130 25.44 101.92 -21.44
C GLY U 130 25.17 102.95 -22.51
N SER U 131 24.38 102.54 -23.50
CA SER U 131 23.98 103.43 -24.59
C SER U 131 22.47 103.42 -24.82
N PHE U 132 21.71 102.72 -23.96
CA PHE U 132 20.27 102.59 -24.18
C PHE U 132 19.53 103.87 -23.82
N CYS U 133 19.61 104.29 -22.56
CA CYS U 133 18.83 105.45 -22.13
C CYS U 133 19.57 106.77 -22.32
N LEU U 134 20.79 106.74 -22.86
CA LEU U 134 21.39 107.98 -23.34
C LEU U 134 20.56 108.58 -24.47
N GLU U 135 19.98 107.74 -25.33
CA GLU U 135 19.03 108.21 -26.32
C GLU U 135 17.69 108.59 -25.70
N LEU U 136 17.29 107.91 -24.62
CA LEU U 136 16.05 108.26 -23.94
C LEU U 136 16.13 109.64 -23.30
N SER U 137 17.29 110.01 -22.79
CA SER U 137 17.51 111.30 -22.16
C SER U 137 17.75 112.42 -23.18
N ASN U 138 17.42 112.20 -24.45
CA ASN U 138 17.61 113.20 -25.50
C ASN U 138 16.31 113.82 -25.98
N ASN U 139 15.16 113.21 -25.68
CA ASN U 139 13.87 113.73 -26.10
C ASN U 139 13.40 114.75 -25.07
N LEU U 140 13.20 115.99 -25.49
CA LEU U 140 12.90 117.08 -24.58
C LEU U 140 11.77 117.91 -25.15
N PHE U 141 10.92 118.43 -24.26
CA PHE U 141 9.77 119.26 -24.60
C PHE U 141 10.03 120.70 -24.19
N ALA U 142 9.61 121.64 -25.03
CA ALA U 142 9.68 123.06 -24.74
C ALA U 142 8.29 123.64 -24.89
N TYR U 143 7.78 124.29 -23.83
CA TYR U 143 6.40 124.72 -23.83
C TYR U 143 6.25 125.96 -22.97
N LEU U 144 5.16 126.69 -23.18
CA LEU U 144 4.84 127.89 -22.42
C LEU U 144 3.74 127.54 -21.43
N ARG U 145 4.01 127.74 -20.13
CA ARG U 145 3.01 127.43 -19.12
C ARG U 145 1.96 128.53 -19.07
N GLY U 146 0.72 128.14 -18.79
CA GLY U 146 -0.38 129.07 -18.67
C GLY U 146 -1.01 129.51 -19.97
N GLY U 147 -0.66 128.88 -21.09
CA GLY U 147 -1.20 129.28 -22.37
C GLY U 147 -2.46 128.55 -22.76
N GLN U 148 -3.00 128.92 -23.92
CA GLN U 148 -4.19 128.30 -24.49
C GLN U 148 -3.75 127.29 -25.55
N ILE U 149 -4.15 126.02 -25.38
CA ILE U 149 -3.73 124.98 -26.32
C ILE U 149 -4.15 125.27 -27.76
N PRO U 150 -5.41 125.71 -28.05
CA PRO U 150 -5.67 126.16 -29.42
C PRO U 150 -4.99 127.49 -29.72
N GLY U 151 -3.90 127.44 -30.48
CA GLY U 151 -3.17 128.64 -30.82
C GLY U 151 -1.71 128.63 -30.44
N THR U 152 -1.39 128.08 -29.27
CA THR U 152 -0.01 128.06 -28.81
C THR U 152 0.80 126.98 -29.52
N ASN U 153 2.11 127.16 -29.50
CA ASN U 153 3.06 126.27 -30.16
C ASN U 153 3.92 125.57 -29.12
N ILE U 154 4.18 124.29 -29.32
CA ILE U 154 5.01 123.50 -28.42
C ILE U 154 6.08 122.80 -29.27
N TYR U 155 7.33 122.85 -28.79
CA TYR U 155 8.49 122.34 -29.51
C TYR U 155 9.06 121.09 -28.84
N PHE U 156 9.77 120.29 -29.62
CA PHE U 156 10.44 119.11 -29.09
C PHE U 156 11.78 118.95 -29.78
N SER U 157 12.64 118.18 -29.14
CA SER U 157 13.95 117.86 -29.68
C SER U 157 14.28 116.41 -29.38
N ASP U 158 14.81 115.72 -30.38
CA ASP U 158 15.33 114.37 -30.20
C ASP U 158 16.85 114.31 -30.27
N ASN U 159 17.50 115.36 -30.78
CA ASN U 159 18.95 115.44 -30.78
C ASN U 159 19.45 116.16 -29.53
N GLY U 160 18.99 115.68 -28.39
CA GLY U 160 19.27 116.34 -27.13
C GLY U 160 18.54 117.67 -27.03
N GLY U 161 19.27 118.76 -27.12
CA GLY U 161 18.68 120.08 -27.11
C GLY U 161 19.31 121.02 -28.12
N PHE U 162 19.79 120.45 -29.23
CA PHE U 162 20.50 121.26 -30.22
C PHE U 162 19.53 122.05 -31.09
N SER U 163 18.58 121.37 -31.72
CA SER U 163 17.57 122.00 -32.56
C SER U 163 16.18 121.62 -32.08
N PHE U 164 15.27 122.59 -32.08
CA PHE U 164 13.92 122.41 -31.57
C PHE U 164 12.94 122.59 -32.72
N GLN U 165 12.02 121.64 -32.87
CA GLN U 165 11.01 121.70 -33.91
C GLN U 165 9.60 121.65 -33.29
N LEU U 166 8.73 122.52 -33.78
CA LEU U 166 7.33 122.57 -33.34
C LEU U 166 6.59 121.32 -33.80
N MET U 167 5.73 120.75 -32.94
CA MET U 167 4.99 119.56 -33.34
C MET U 167 3.66 120.00 -33.93
N ASN U 168 3.03 119.14 -34.69
CA ASN U 168 1.73 119.43 -35.28
C ASN U 168 0.65 119.57 -34.20
N THR U 169 -0.31 120.46 -34.46
CA THR U 169 -1.41 120.71 -33.54
C THR U 169 -2.64 119.86 -33.82
N ASP U 170 -2.55 118.92 -34.77
CA ASP U 170 -3.68 118.04 -35.06
C ASP U 170 -3.99 117.12 -33.88
N LYS U 171 -2.95 116.65 -33.18
CA LYS U 171 -3.16 115.75 -32.05
C LYS U 171 -3.86 116.47 -30.90
N LEU U 172 -3.54 117.75 -30.68
CA LEU U 172 -4.10 118.54 -29.59
C LEU U 172 -5.22 119.46 -30.08
N SER U 173 -5.99 119.02 -31.08
CA SER U 173 -7.06 119.86 -31.60
C SER U 173 -8.27 119.87 -30.68
N HIS U 174 -8.58 118.74 -30.05
CA HIS U 174 -9.82 118.57 -29.31
C HIS U 174 -9.69 118.88 -27.82
N LEU U 175 -8.55 119.36 -27.36
CA LEU U 175 -8.38 119.76 -25.97
C LEU U 175 -8.59 121.27 -25.84
N THR U 176 -9.51 121.66 -24.97
CA THR U 176 -9.91 123.06 -24.83
C THR U 176 -9.80 123.55 -23.39
N GLY U 177 -9.09 124.66 -23.23
CA GLY U 177 -8.84 125.32 -21.95
C GLY U 177 -7.37 125.72 -21.84
N THR U 178 -6.73 125.53 -20.68
CA THR U 178 -5.33 125.92 -20.51
C THR U 178 -4.45 124.72 -20.16
N LEU U 179 -3.29 124.63 -20.82
CA LEU U 179 -2.35 123.56 -20.55
C LEU U 179 -1.52 123.86 -19.30
N GLY U 180 -1.15 122.80 -18.58
CA GLY U 180 -0.33 122.93 -17.40
C GLY U 180 1.01 122.26 -17.54
N GLY U 181 1.28 121.71 -18.71
CA GLY U 181 2.53 121.04 -18.97
C GLY U 181 2.40 119.78 -19.79
N ILE U 182 3.45 119.44 -20.55
CA ILE U 182 3.49 118.24 -21.36
C ILE U 182 4.74 117.44 -20.96
N PHE U 183 4.55 116.15 -20.72
CA PHE U 183 5.58 115.31 -20.13
C PHE U 183 5.76 114.03 -20.92
N HIS U 184 7.02 113.60 -21.04
CA HIS U 184 7.37 112.30 -21.62
C HIS U 184 7.29 111.26 -20.49
N LEU U 185 6.08 110.75 -20.28
CA LEU U 185 5.83 109.81 -19.18
C LEU U 185 6.41 108.46 -19.57
N HIS U 186 7.72 108.32 -19.34
CA HIS U 186 8.43 107.10 -19.67
C HIS U 186 8.10 105.94 -18.75
N SER U 187 7.47 106.20 -17.59
CA SER U 187 6.93 105.11 -16.78
C SER U 187 5.83 104.39 -17.54
N MET U 188 4.97 105.14 -18.22
CA MET U 188 3.97 104.61 -19.12
C MET U 188 4.48 104.43 -20.54
N SER U 189 5.69 104.94 -20.83
CA SER U 189 6.19 105.09 -22.19
C SER U 189 5.19 105.85 -23.04
N GLN U 190 4.62 106.90 -22.45
CA GLN U 190 3.52 107.66 -23.01
C GLN U 190 3.90 109.13 -23.09
N VAL U 191 2.99 109.92 -23.64
CA VAL U 191 3.08 111.38 -23.62
C VAL U 191 1.81 111.87 -22.94
N GLY U 192 1.98 112.66 -21.89
CA GLY U 192 0.86 113.16 -21.11
C GLY U 192 0.83 114.68 -21.08
N VAL U 193 -0.36 115.24 -20.92
CA VAL U 193 -0.49 116.68 -20.70
C VAL U 193 -1.41 116.91 -19.51
N LEU U 194 -1.17 118.03 -18.82
CA LEU U 194 -1.98 118.48 -17.70
C LEU U 194 -2.89 119.59 -18.19
N MET U 195 -4.18 119.45 -17.94
CA MET U 195 -5.14 120.29 -18.63
C MET U 195 -6.08 120.92 -17.57
N VAL U 196 -6.35 122.22 -17.72
CA VAL U 196 -7.11 122.98 -16.72
C VAL U 196 -8.33 123.56 -17.42
N GLU U 197 -9.44 122.81 -17.43
CA GLU U 197 -10.69 123.31 -18.01
C GLU U 197 -11.38 124.33 -17.13
N ASN U 198 -11.27 124.19 -15.83
CA ASN U 198 -12.04 124.95 -14.86
C ASN U 198 -11.17 125.11 -13.62
N ASN U 199 -11.81 125.37 -12.47
CA ASN U 199 -11.09 125.38 -11.21
C ASN U 199 -10.45 124.03 -10.89
N LEU U 200 -10.90 122.96 -11.51
CA LEU U 200 -10.30 121.64 -11.39
C LEU U 200 -9.55 121.28 -12.66
N GLY U 201 -8.59 120.35 -12.54
CA GLY U 201 -7.78 119.95 -13.67
C GLY U 201 -7.64 118.44 -13.75
N THR U 202 -7.13 117.99 -14.89
CA THR U 202 -7.02 116.56 -15.16
C THR U 202 -5.82 116.29 -16.05
N PHE U 203 -5.68 115.03 -16.47
CA PHE U 203 -4.55 114.56 -17.26
C PHE U 203 -5.03 113.85 -18.51
N HIS U 204 -4.33 114.07 -19.62
CA HIS U 204 -4.65 113.48 -20.91
C HIS U 204 -3.45 112.66 -21.37
N TYR U 205 -3.71 111.53 -22.02
CA TYR U 205 -2.69 110.64 -22.53
C TYR U 205 -2.83 110.46 -24.04
N MET U 206 -1.70 110.57 -24.76
CA MET U 206 -1.72 110.52 -26.22
C MET U 206 -1.66 109.11 -26.79
N GLU U 207 -0.62 108.34 -26.45
CA GLU U 207 -0.30 107.13 -27.19
C GLU U 207 -1.36 106.05 -26.99
N TYR U 208 -1.31 105.03 -27.87
CA TYR U 208 -2.40 104.07 -27.99
C TYR U 208 -2.77 103.36 -26.70
N PRO U 209 -1.83 102.94 -25.80
CA PRO U 209 -2.27 102.53 -24.46
C PRO U 209 -2.98 103.67 -23.75
N LEU U 210 -4.28 103.49 -23.51
CA LEU U 210 -5.14 104.52 -22.92
C LEU U 210 -5.10 105.82 -23.71
N ASN U 211 -5.16 105.70 -25.04
CA ASN U 211 -5.34 106.89 -25.86
C ASN U 211 -6.75 107.42 -25.70
N HIS U 212 -6.87 108.76 -25.73
CA HIS U 212 -8.14 109.46 -25.55
C HIS U 212 -8.78 109.13 -24.20
N SER U 213 -7.96 108.75 -23.22
CA SER U 213 -8.43 108.31 -21.91
C SER U 213 -8.18 109.40 -20.88
N MET U 214 -8.80 109.24 -19.71
CA MET U 214 -8.83 110.30 -18.72
C MET U 214 -8.36 109.76 -17.38
N GLY U 215 -7.87 110.68 -16.53
CA GLY U 215 -7.62 110.41 -15.14
C GLY U 215 -8.64 111.13 -14.27
N ILE U 216 -8.56 110.82 -12.98
CA ILE U 216 -9.47 111.42 -12.00
C ILE U 216 -9.08 112.89 -11.82
N ALA U 217 -10.08 113.77 -11.96
CA ALA U 217 -9.82 115.19 -11.93
C ALA U 217 -9.50 115.67 -10.51
N PHE U 218 -8.76 116.78 -10.43
CA PHE U 218 -8.34 117.34 -9.16
C PHE U 218 -8.36 118.86 -9.26
N SER U 219 -8.51 119.51 -8.11
CA SER U 219 -8.60 120.96 -8.07
C SER U 219 -7.29 121.62 -8.50
N TYR U 220 -7.40 122.77 -9.17
CA TYR U 220 -6.27 123.46 -9.77
C TYR U 220 -6.31 124.94 -9.43
N LYS U 221 -6.43 125.26 -8.15
CA LYS U 221 -6.27 126.65 -7.71
C LYS U 221 -4.88 127.16 -8.07
N ASN U 222 -4.83 128.33 -8.69
CA ASN U 222 -3.59 128.96 -9.18
C ASN U 222 -2.82 128.05 -10.11
N LEU U 223 -1.52 128.32 -10.27
CA LEU U 223 -0.66 127.47 -11.07
C LEU U 223 -0.06 126.37 -10.20
N LEU U 224 0.69 125.46 -10.84
CA LEU U 224 1.31 124.35 -10.14
C LEU U 224 2.71 124.12 -10.68
N GLU U 225 3.58 123.62 -9.81
CA GLU U 225 4.92 123.20 -10.15
C GLU U 225 5.03 121.69 -9.97
N VAL U 226 5.49 121.02 -11.02
CA VAL U 226 5.39 119.57 -11.16
C VAL U 226 6.80 118.98 -11.07
N ILE U 227 6.97 117.99 -10.18
CA ILE U 227 8.28 117.41 -9.87
C ILE U 227 8.19 115.90 -10.00
N MET U 228 9.05 115.33 -10.85
CA MET U 228 9.11 113.90 -11.07
C MET U 228 10.02 113.26 -10.03
N LYS U 229 9.76 111.98 -9.71
CA LYS U 229 10.82 111.32 -8.95
C LYS U 229 11.83 110.70 -9.90
N PRO U 230 13.13 110.70 -9.55
CA PRO U 230 14.17 110.44 -10.55
C PRO U 230 14.43 108.97 -10.84
N TYR U 231 13.53 108.07 -10.44
CA TYR U 231 13.74 106.65 -10.67
C TYR U 231 12.73 106.08 -11.66
N GLN U 232 12.01 106.95 -12.39
CA GLN U 232 11.09 106.55 -13.47
C GLN U 232 9.99 105.62 -12.96
N ARG U 233 9.60 105.79 -11.70
CA ARG U 233 8.50 105.03 -11.12
C ARG U 233 7.17 105.76 -11.20
N GLY U 234 7.15 106.94 -11.83
CA GLY U 234 5.92 107.67 -12.03
C GLY U 234 5.44 108.47 -10.84
N PHE U 235 6.18 108.46 -9.73
CA PHE U 235 5.78 109.23 -8.56
C PHE U 235 5.88 110.73 -8.85
N MET U 236 4.80 111.45 -8.54
CA MET U 236 4.62 112.81 -8.99
C MET U 236 4.29 113.70 -7.79
N VAL U 237 4.90 114.89 -7.75
CA VAL U 237 4.63 115.85 -6.68
C VAL U 237 4.25 117.17 -7.33
N LEU U 238 3.06 117.68 -7.00
CA LEU U 238 2.58 118.93 -7.58
C LEU U 238 2.37 119.93 -6.45
N TRP U 239 3.20 120.98 -6.42
CA TRP U 239 3.17 121.92 -5.32
C TRP U 239 3.14 123.34 -5.84
N ASN U 240 2.56 124.22 -5.05
CA ASN U 240 2.57 125.66 -5.30
C ASN U 240 2.58 126.35 -3.94
N GLN U 241 2.22 127.63 -3.93
CA GLN U 241 2.26 128.40 -2.69
C GLN U 241 1.26 127.88 -1.66
N LYS U 242 0.06 127.47 -2.09
CA LYS U 242 -1.00 127.17 -1.13
C LYS U 242 -1.59 125.77 -1.30
N SER U 243 -0.90 124.86 -1.98
CA SER U 243 -1.41 123.50 -2.13
C SER U 243 -0.25 122.56 -2.42
N ILE U 244 -0.50 121.27 -2.17
CA ILE U 244 0.47 120.21 -2.47
C ILE U 244 -0.30 118.91 -2.65
N LEU U 245 0.01 118.19 -3.73
CA LEU U 245 -0.63 116.93 -4.04
C LEU U 245 0.42 115.92 -4.46
N VAL U 246 0.12 114.65 -4.20
CA VAL U 246 1.02 113.54 -4.54
C VAL U 246 0.25 112.58 -5.44
N SER U 247 0.80 112.32 -6.63
CA SER U 247 0.27 111.32 -7.54
C SER U 247 1.14 110.08 -7.43
N SER U 248 0.62 109.06 -6.76
CA SER U 248 1.29 107.77 -6.71
C SER U 248 1.36 107.13 -8.09
N ASN U 249 0.31 107.28 -8.89
CA ASN U 249 0.34 106.86 -10.28
C ASN U 249 1.05 107.93 -11.11
N SER U 250 1.04 107.77 -12.43
CA SER U 250 1.67 108.72 -13.34
C SER U 250 0.77 109.89 -13.70
N GLY U 251 -0.18 110.23 -12.83
CA GLY U 251 -1.20 111.22 -13.11
C GLY U 251 -2.59 110.65 -13.24
N GLN U 252 -2.73 109.32 -13.18
CA GLN U 252 -4.06 108.71 -13.27
C GLN U 252 -4.89 109.06 -12.05
N ILE U 253 -4.33 108.89 -10.86
CA ILE U 253 -4.96 109.30 -9.61
C ILE U 253 -4.01 110.29 -8.93
N VAL U 254 -4.51 111.50 -8.69
CA VAL U 254 -3.77 112.52 -7.94
C VAL U 254 -4.55 112.79 -6.67
N GLU U 255 -3.91 112.56 -5.53
CA GLU U 255 -4.62 112.64 -4.26
C GLU U 255 -3.99 113.66 -3.32
N HIS U 256 -4.51 113.74 -2.11
CA HIS U 256 -4.04 114.69 -1.12
C HIS U 256 -2.92 114.08 -0.28
N VAL U 257 -2.56 114.76 0.80
CA VAL U 257 -1.46 114.35 1.67
C VAL U 257 -2.02 114.14 3.07
N ARG U 258 -1.55 113.09 3.74
CA ARG U 258 -1.93 112.84 5.11
C ARG U 258 -0.92 113.49 6.06
N LEU U 259 -1.35 113.65 7.31
CA LEU U 259 -0.51 114.18 8.37
C LEU U 259 -0.73 113.33 9.60
N ILE U 260 0.37 112.93 10.23
CA ILE U 260 0.36 112.04 11.38
C ILE U 260 0.54 112.85 12.65
N ASP U 261 -0.34 112.62 13.62
CA ASP U 261 -0.28 113.33 14.90
C ASP U 261 -0.98 112.49 15.95
N GLN U 262 -0.23 112.07 16.97
CA GLN U 262 -0.76 111.32 18.12
C GLN U 262 -1.49 110.05 17.66
N LYS U 263 -0.85 109.34 16.73
CA LYS U 263 -1.35 108.08 16.17
C LYS U 263 -2.75 108.22 15.58
N ILE U 264 -3.00 109.32 14.87
CA ILE U 264 -4.15 109.46 14.00
C ILE U 264 -3.75 110.34 12.82
N PHE U 265 -4.30 110.04 11.65
CA PHE U 265 -3.95 110.74 10.43
C PHE U 265 -5.11 111.62 9.98
N THR U 266 -4.77 112.77 9.42
CA THR U 266 -5.76 113.70 8.90
C THR U 266 -5.30 114.26 7.57
N ASP U 267 -6.25 114.63 6.71
CA ASP U 267 -5.90 115.26 5.45
C ASP U 267 -5.33 116.65 5.71
N LEU U 268 -4.30 117.01 4.95
CA LEU U 268 -3.61 118.28 5.10
C LEU U 268 -3.98 119.20 3.94
N ASP U 269 -4.70 120.27 4.25
CA ASP U 269 -4.95 121.34 3.31
C ASP U 269 -4.14 122.57 3.74
N VAL U 270 -3.30 123.06 2.83
CA VAL U 270 -2.37 124.14 3.18
C VAL U 270 -3.14 125.42 3.48
N GLU U 271 -4.12 125.76 2.65
CA GLU U 271 -4.88 126.99 2.85
C GLU U 271 -5.70 126.95 4.15
N HIS U 272 -6.33 125.82 4.43
CA HIS U 272 -7.11 125.68 5.65
C HIS U 272 -6.23 125.60 6.90
N ALA U 273 -5.01 125.08 6.77
CA ALA U 273 -4.04 125.11 7.85
C ALA U 273 -3.38 126.47 8.00
N ASN U 274 -3.58 127.36 7.03
CA ASN U 274 -3.09 128.75 7.08
C ASN U 274 -1.57 128.79 7.19
N ILE U 275 -0.91 128.02 6.33
CA ILE U 275 0.55 127.98 6.25
C ILE U 275 0.94 128.26 4.81
N ASN U 276 2.23 128.52 4.61
CA ASN U 276 2.79 128.72 3.28
C ASN U 276 4.09 127.95 3.19
N ILE U 277 4.15 126.98 2.29
CA ILE U 277 5.35 126.18 2.10
C ILE U 277 6.36 127.02 1.31
N TYR U 278 7.60 127.01 1.77
CA TYR U 278 8.66 127.82 1.16
C TYR U 278 9.59 127.03 0.26
N SER U 279 10.05 125.85 0.70
CA SER U 279 10.98 125.07 -0.12
C SER U 279 10.52 123.62 -0.16
N VAL U 280 10.87 122.94 -1.25
CA VAL U 280 10.50 121.54 -1.47
C VAL U 280 11.73 120.78 -1.93
N ALA U 281 12.06 119.69 -1.25
CA ALA U 281 13.14 118.79 -1.62
C ALA U 281 12.59 117.39 -1.84
N SER U 282 12.99 116.77 -2.95
CA SER U 282 12.45 115.46 -3.33
C SER U 282 13.61 114.51 -3.58
N ASN U 283 13.62 113.38 -2.88
CA ASN U 283 14.57 112.31 -3.12
C ASN U 283 13.92 111.30 -4.08
N ALA U 284 14.57 110.15 -4.25
CA ALA U 284 13.95 109.08 -5.04
C ALA U 284 12.73 108.51 -4.33
N TYR U 285 12.79 108.40 -3.00
CA TYR U 285 11.69 107.85 -2.21
C TYR U 285 11.10 108.84 -1.22
N GLU U 286 11.82 109.88 -0.82
CA GLU U 286 11.43 110.73 0.29
C GLU U 286 10.98 112.10 -0.23
N LEU U 287 10.38 112.87 0.67
CA LEU U 287 9.94 114.22 0.34
C LEU U 287 10.01 115.06 1.61
N ALA U 288 10.36 116.33 1.44
CA ALA U 288 10.38 117.25 2.57
C ALA U 288 10.02 118.64 2.08
N PHE U 289 9.39 119.41 2.95
CA PHE U 289 9.11 120.80 2.62
C PHE U 289 9.26 121.70 3.83
N LEU U 290 9.85 122.87 3.59
CA LEU U 290 10.04 123.91 4.59
C LEU U 290 8.93 124.94 4.43
N VAL U 291 8.17 125.12 5.51
CA VAL U 291 7.13 126.13 5.62
C VAL U 291 7.77 127.39 6.18
N ALA U 292 7.46 128.53 5.54
CA ALA U 292 8.17 129.79 5.78
C ALA U 292 8.06 130.28 7.21
N GLU U 293 7.07 129.81 7.98
CA GLU U 293 6.99 130.14 9.40
C GLU U 293 7.88 129.22 10.24
N ASP U 294 9.13 129.08 9.81
CA ASP U 294 10.17 128.30 10.48
C ASP U 294 9.69 126.89 10.84
N HIS U 295 9.15 126.19 9.84
CA HIS U 295 8.65 124.84 10.07
C HIS U 295 9.22 123.89 9.03
N LEU U 296 9.44 122.65 9.44
CA LEU U 296 9.98 121.61 8.56
C LEU U 296 9.08 120.40 8.64
N TYR U 297 8.74 119.83 7.48
CA TYR U 297 7.91 118.63 7.41
C TYR U 297 8.59 117.60 6.53
N TYR U 298 8.63 116.36 7.01
CA TYR U 298 9.24 115.25 6.30
C TYR U 298 8.19 114.17 6.06
N GLY U 299 8.22 113.57 4.89
CA GLY U 299 7.28 112.51 4.56
C GLY U 299 7.93 111.45 3.69
N SER U 300 7.46 110.23 3.86
CA SER U 300 7.84 109.12 3.00
C SER U 300 6.74 108.90 1.98
N GLN U 301 7.06 109.08 0.71
CA GLN U 301 6.10 108.96 -0.37
C GLN U 301 6.15 107.54 -0.93
N SER U 302 5.01 106.86 -0.87
CA SER U 302 4.92 105.47 -1.31
C SER U 302 3.49 105.20 -1.74
N TYR U 303 3.18 103.92 -1.95
CA TYR U 303 1.83 103.53 -2.32
C TYR U 303 0.93 103.54 -1.09
N MET U 304 -0.39 103.49 -1.36
CA MET U 304 -1.45 103.52 -0.34
C MET U 304 -1.61 104.92 0.27
N GLY U 305 -0.66 105.80 -0.03
CA GLY U 305 -0.69 107.16 0.48
C GLY U 305 0.62 107.55 1.11
N THR U 306 0.71 108.85 1.42
CA THR U 306 1.92 109.45 1.99
C THR U 306 1.62 109.95 3.39
N TYR U 307 2.46 109.56 4.34
CA TYR U 307 2.34 110.03 5.73
C TYR U 307 3.40 111.10 5.96
N VAL U 308 2.98 112.24 6.49
CA VAL U 308 3.86 113.38 6.71
C VAL U 308 3.80 113.75 8.19
N ILE U 309 4.97 113.91 8.81
CA ILE U 309 5.08 114.30 10.21
C ILE U 309 5.79 115.64 10.29
N LYS U 310 5.64 116.30 11.43
CA LYS U 310 6.26 117.60 11.69
C LYS U 310 7.51 117.38 12.53
N LEU U 311 8.65 117.85 12.02
CA LEU U 311 9.91 117.72 12.73
C LEU U 311 9.97 118.72 13.88
N PRO U 312 10.83 118.48 14.88
CA PRO U 312 10.95 119.43 15.99
C PRO U 312 11.41 120.80 15.54
N HIS U 313 11.08 121.80 16.37
CA HIS U 313 11.28 123.19 15.99
C HIS U 313 12.76 123.59 16.01
N GLN U 314 13.13 124.43 15.06
CA GLN U 314 14.43 125.09 14.95
C GLN U 314 14.29 126.31 14.05
N PRO U 315 14.82 127.47 14.46
CA PRO U 315 14.68 128.67 13.63
C PRO U 315 15.58 128.63 12.39
N LEU U 316 15.10 127.97 11.33
CA LEU U 316 15.90 127.76 10.13
C LEU U 316 15.63 128.77 9.03
N TRP U 317 14.44 129.38 8.99
CA TRP U 317 14.04 130.23 7.87
C TRP U 317 14.70 131.60 7.98
N SER U 318 15.51 131.96 6.99
CA SER U 318 16.27 133.20 7.00
C SER U 318 16.26 133.86 5.62
N THR U 319 15.10 133.86 4.97
CA THR U 319 14.81 134.62 3.73
C THR U 319 15.64 134.20 2.52
N HIS U 320 16.56 133.26 2.69
CA HIS U 320 17.39 132.81 1.58
C HIS U 320 17.63 131.30 1.58
N THR U 321 17.11 130.59 2.57
CA THR U 321 17.45 129.19 2.77
C THR U 321 16.80 128.29 1.73
N SER U 322 17.42 127.13 1.53
CA SER U 322 16.88 126.13 0.61
C SER U 322 17.27 124.75 1.14
N ILE U 323 16.32 123.85 1.18
CA ILE U 323 16.58 122.48 1.62
C ILE U 323 16.89 121.62 0.42
N TYR U 324 17.79 120.66 0.59
CA TYR U 324 18.07 119.68 -0.43
C TYR U 324 18.53 118.38 0.21
N PHE U 325 18.15 117.26 -0.38
CA PHE U 325 18.48 115.95 0.15
C PHE U 325 19.93 115.64 -0.22
N GLU U 326 20.84 115.83 0.75
CA GLU U 326 22.24 115.50 0.52
C GLU U 326 22.42 113.99 0.32
N ASP U 327 21.69 113.19 1.10
CA ASP U 327 21.75 111.74 0.99
C ASP U 327 20.44 111.18 1.54
N ILE U 328 20.29 109.87 1.45
CA ILE U 328 19.12 109.22 2.04
C ILE U 328 19.21 109.32 3.55
N GLY U 329 18.19 109.91 4.17
CA GLY U 329 18.21 110.13 5.59
C GLY U 329 19.03 111.33 6.03
N ILE U 330 19.56 112.10 5.09
CA ILE U 330 20.39 113.27 5.39
C ILE U 330 19.83 114.45 4.61
N LEU U 331 19.21 115.39 5.30
CA LEU U 331 18.77 116.64 4.71
C LEU U 331 19.87 117.68 4.89
N GLN U 332 19.79 118.75 4.09
CA GLN U 332 20.76 119.82 4.24
C GLN U 332 20.09 121.15 3.92
N VAL U 333 20.14 122.06 4.88
CA VAL U 333 19.67 123.43 4.72
C VAL U 333 20.87 124.27 4.31
N LEU U 334 20.75 124.98 3.19
CA LEU U 334 21.83 125.79 2.64
C LEU U 334 21.35 127.23 2.56
N THR U 335 22.21 128.16 3.00
CA THR U 335 21.90 129.59 2.95
C THR U 335 23.13 130.33 2.46
N PRO U 336 23.09 130.96 1.28
CA PRO U 336 24.24 131.75 0.83
C PRO U 336 24.28 133.10 1.53
N VAL U 337 25.48 133.54 1.88
CA VAL U 337 25.70 134.82 2.54
C VAL U 337 26.68 135.62 1.69
N ALA U 338 26.33 136.88 1.43
CA ALA U 338 27.16 137.76 0.62
C ALA U 338 28.36 138.25 1.44
N ASP U 339 29.36 138.75 0.71
CA ASP U 339 30.54 139.38 1.31
C ASP U 339 31.10 140.39 0.31
N PRO U 340 30.95 141.68 0.59
CA PRO U 340 31.43 142.71 -0.36
C PRO U 340 32.90 143.07 -0.20
N HIS U 341 33.55 142.68 0.90
CA HIS U 341 34.97 142.95 1.05
C HIS U 341 35.80 142.17 0.06
N PHE U 342 35.32 141.01 -0.38
CA PHE U 342 35.97 140.22 -1.40
C PHE U 342 35.07 139.99 -2.61
N ALA U 343 33.85 140.52 -2.61
CA ALA U 343 32.88 140.37 -3.69
C ALA U 343 32.61 138.89 -3.99
N ALA U 344 32.18 138.16 -2.98
CA ALA U 344 31.97 136.73 -3.11
C ALA U 344 30.95 136.26 -2.08
N TYR U 345 30.42 135.07 -2.30
CA TYR U 345 29.40 134.49 -1.43
C TYR U 345 29.96 133.24 -0.74
N ASP U 346 29.81 133.17 0.57
CA ASP U 346 30.08 131.96 1.32
C ASP U 346 28.75 131.29 1.66
N PHE U 347 28.81 130.15 2.35
CA PHE U 347 27.58 129.42 2.60
C PHE U 347 27.48 129.00 4.06
N ASP U 348 26.24 128.88 4.55
CA ASP U 348 25.95 128.31 5.85
C ASP U 348 25.11 127.05 5.64
N LYS U 349 25.52 125.96 6.29
CA LYS U 349 24.89 124.67 6.09
C LYS U 349 24.47 124.06 7.42
N CYS U 350 23.29 123.46 7.42
CA CYS U 350 22.82 122.57 8.47
C CYS U 350 22.64 121.19 7.89
N THR U 351 23.30 120.20 8.50
CA THR U 351 23.16 118.80 8.11
C THR U 351 22.15 118.15 9.06
N VAL U 352 20.94 117.91 8.56
CA VAL U 352 19.85 117.38 9.38
C VAL U 352 19.86 115.86 9.28
N ASN U 353 20.14 115.20 10.39
CA ASN U 353 20.03 113.74 10.49
C ASN U 353 18.61 113.42 10.92
N VAL U 354 17.75 113.14 9.94
CA VAL U 354 16.34 112.90 10.24
C VAL U 354 16.16 111.60 10.99
N GLN U 355 17.00 110.59 10.72
CA GLN U 355 16.92 109.32 11.43
C GLN U 355 17.16 109.51 12.92
N SER U 356 18.20 110.28 13.27
CA SER U 356 18.42 110.62 14.68
C SER U 356 17.32 111.54 15.20
N SER U 357 16.76 112.37 14.32
CA SER U 357 15.75 113.33 14.72
C SER U 357 14.45 112.68 15.17
N LEU U 358 13.99 111.65 14.47
CA LEU U 358 12.66 111.10 14.78
C LEU U 358 12.68 110.04 15.89
N MET U 359 13.34 110.35 17.01
CA MET U 359 13.23 109.55 18.22
C MET U 359 12.74 110.32 19.44
N ASP U 360 12.23 111.53 19.27
CA ASP U 360 11.77 112.29 20.42
C ASP U 360 10.54 111.65 21.04
N GLU U 361 10.54 111.59 22.37
CA GLU U 361 9.42 110.99 23.10
C GLU U 361 8.12 111.74 22.91
N LYS U 362 8.19 113.02 22.54
CA LYS U 362 6.97 113.77 22.20
C LYS U 362 6.33 113.23 20.94
N LEU U 363 7.11 112.61 20.05
CA LEU U 363 6.57 112.03 18.83
C LEU U 363 6.12 110.59 19.07
N ALA U 364 7.00 109.77 19.64
CA ALA U 364 6.71 108.38 20.03
C ALA U 364 6.25 107.54 18.83
N LEU U 365 7.10 107.47 17.83
CA LEU U 365 6.82 106.70 16.63
C LEU U 365 7.17 105.23 16.85
N GLN U 366 6.30 104.34 16.38
CA GLN U 366 6.57 102.91 16.47
C GLN U 366 7.75 102.55 15.57
N PRO U 367 8.67 101.68 16.04
CA PRO U 367 9.86 101.36 15.25
C PRO U 367 9.57 100.60 13.96
N CYS U 368 10.63 100.29 13.21
CA CYS U 368 10.48 99.62 11.92
C CYS U 368 9.92 98.21 12.10
N ASN U 369 9.01 97.83 11.22
CA ASN U 369 8.37 96.52 11.27
C ASN U 369 9.08 95.48 10.41
N VAL U 370 10.18 95.84 9.75
CA VAL U 370 10.95 94.94 8.93
C VAL U 370 12.42 95.06 9.33
N GLU U 371 13.11 93.93 9.45
CA GLU U 371 14.47 93.92 9.93
C GLU U 371 15.51 93.99 8.82
N LEU U 372 15.20 93.43 7.64
CA LEU U 372 16.18 93.40 6.56
C LEU U 372 15.44 93.25 5.23
N LEU U 373 15.88 93.98 4.22
CA LEU U 373 15.34 93.87 2.86
C LEU U 373 16.50 94.04 1.89
N GLU U 374 16.90 92.96 1.22
CA GLU U 374 18.10 93.00 0.39
C GLU U 374 17.87 92.24 -0.91
N SER U 375 18.34 92.84 -2.01
CA SER U 375 18.33 92.18 -3.31
C SER U 375 19.48 92.72 -4.13
N THR U 376 19.69 92.10 -5.29
CA THR U 376 20.81 92.44 -6.17
C THR U 376 20.35 92.99 -7.52
N MET U 377 19.07 93.34 -7.65
CA MET U 377 18.54 93.83 -8.91
C MET U 377 18.58 95.35 -9.04
N ILE U 378 19.04 96.06 -8.02
CA ILE U 378 19.10 97.51 -8.07
C ILE U 378 20.35 98.04 -8.76
N ASN U 379 21.34 97.18 -9.01
CA ASN U 379 22.60 97.66 -9.57
C ASN U 379 22.47 98.00 -11.06
N THR U 380 21.73 97.18 -11.81
CA THR U 380 21.70 97.34 -13.26
C THR U 380 20.29 97.42 -13.82
N MET U 381 20.20 97.41 -15.15
CA MET U 381 18.96 97.55 -15.90
C MET U 381 18.81 96.33 -16.80
N PHE U 382 17.56 95.92 -17.02
CA PHE U 382 17.29 94.65 -17.68
C PHE U 382 16.41 94.83 -18.90
N THR U 383 16.75 94.09 -19.96
CA THR U 383 16.00 94.13 -21.22
C THR U 383 15.33 92.79 -21.47
N ILE U 384 14.16 92.84 -22.09
CA ILE U 384 13.41 91.64 -22.48
C ILE U 384 13.15 91.69 -23.98
N ASP U 385 13.33 90.57 -24.64
CA ASP U 385 12.83 90.33 -25.99
C ASP U 385 11.58 89.45 -25.89
N MET U 386 10.85 89.32 -27.00
CA MET U 386 9.70 88.43 -26.99
C MET U 386 10.13 86.97 -26.95
N ASN U 387 9.22 86.13 -26.44
CA ASN U 387 9.46 84.71 -26.17
C ASN U 387 10.65 84.53 -25.22
N SER U 388 10.84 85.48 -24.32
CA SER U 388 11.91 85.42 -23.33
C SER U 388 11.36 85.90 -21.99
N LYS U 389 11.75 85.18 -20.93
CA LYS U 389 11.30 85.47 -19.58
C LYS U 389 12.52 85.71 -18.71
N LEU U 390 12.33 86.44 -17.61
CA LEU U 390 13.44 86.62 -16.68
C LEU U 390 12.95 86.52 -15.24
N LYS U 391 13.90 86.29 -14.33
CA LYS U 391 13.62 86.08 -12.93
C LYS U 391 14.49 86.99 -12.07
N LEU U 392 13.89 87.56 -11.03
CA LEU U 392 14.61 88.35 -10.04
C LEU U 392 14.30 87.81 -8.65
N SER U 393 15.20 88.09 -7.70
CA SER U 393 15.09 87.52 -6.36
C SER U 393 15.32 88.59 -5.31
N ALA U 394 14.75 88.38 -4.13
CA ALA U 394 14.94 89.27 -3.01
C ALA U 394 14.77 88.49 -1.72
N LEU U 395 15.41 88.98 -0.66
CA LEU U 395 15.36 88.35 0.66
C LEU U 395 14.84 89.37 1.66
N MET U 396 13.93 88.95 2.53
CA MET U 396 13.38 89.87 3.52
C MET U 396 13.28 89.13 4.84
N ILE U 397 13.72 89.78 5.90
CA ILE U 397 13.64 89.27 7.26
C ILE U 397 12.79 90.26 8.06
N PRO U 398 11.66 89.83 8.61
CA PRO U 398 10.75 90.75 9.28
C PRO U 398 11.08 90.93 10.75
N ARG U 399 10.32 91.81 11.39
CA ARG U 399 10.52 92.07 12.81
C ARG U 399 9.99 90.90 13.64
N LYS U 400 10.32 90.93 14.93
CA LYS U 400 9.98 89.82 15.80
C LYS U 400 8.48 89.69 16.03
N GLY U 401 7.77 90.81 16.17
CA GLY U 401 6.38 90.76 16.55
C GLY U 401 5.38 91.08 15.45
N GLU U 402 5.72 92.03 14.58
CA GLU U 402 4.77 92.49 13.58
C GLU U 402 4.66 91.48 12.43
N ASN U 403 3.65 91.68 11.60
CA ASN U 403 3.41 90.84 10.42
C ASN U 403 3.27 91.74 9.20
N PRO U 404 4.37 92.21 8.65
CA PRO U 404 4.30 93.09 7.48
C PRO U 404 3.85 92.35 6.23
N THR U 405 3.23 93.10 5.33
CA THR U 405 2.73 92.54 4.08
C THR U 405 3.55 93.10 2.92
N PRO U 406 4.41 92.32 2.28
CA PRO U 406 5.13 92.81 1.11
C PRO U 406 4.24 92.88 -0.11
N LEU U 407 4.66 93.70 -1.07
CA LEU U 407 3.94 93.83 -2.33
C LEU U 407 4.91 94.23 -3.43
N VAL U 408 4.74 93.63 -4.59
CA VAL U 408 5.55 93.93 -5.77
C VAL U 408 4.62 94.45 -6.85
N MET U 409 5.05 95.50 -7.54
CA MET U 409 4.24 96.08 -8.61
C MET U 409 5.10 96.65 -9.73
N VAL U 410 4.42 96.79 -10.87
CA VAL U 410 5.01 97.21 -12.13
C VAL U 410 4.45 98.58 -12.48
N SER U 411 5.32 99.50 -12.92
CA SER U 411 4.86 100.83 -13.30
C SER U 411 3.89 100.76 -14.47
N ASN U 412 4.22 99.98 -15.51
CA ASN U 412 3.41 99.90 -16.73
C ASN U 412 2.87 98.48 -16.88
N PRO U 413 1.65 98.23 -16.39
CA PRO U 413 1.09 96.88 -16.46
C PRO U 413 0.70 96.46 -17.87
N HIS U 414 0.61 97.39 -18.81
CA HIS U 414 0.11 97.07 -20.15
C HIS U 414 1.10 96.23 -20.94
N ALA U 415 2.40 96.36 -20.68
CA ALA U 415 3.41 95.63 -21.44
C ALA U 415 4.38 94.89 -20.52
N LEU U 416 3.98 94.59 -19.28
CA LEU U 416 4.88 93.89 -18.37
C LEU U 416 4.03 93.11 -17.37
N GLY U 417 4.11 91.79 -17.42
CA GLY U 417 3.37 90.92 -16.53
C GLY U 417 4.29 90.13 -15.63
N PHE U 418 3.85 89.95 -14.38
CA PHE U 418 4.67 89.37 -13.33
C PHE U 418 3.93 88.25 -12.62
N LYS U 419 4.71 87.32 -12.08
CA LYS U 419 4.21 86.33 -11.13
C LYS U 419 5.25 86.18 -10.03
N ALA U 420 4.87 86.50 -8.80
CA ALA U 420 5.80 86.51 -7.68
C ALA U 420 5.42 85.45 -6.66
N ASN U 421 6.41 84.66 -6.26
CA ASN U 421 6.23 83.65 -5.22
C ASN U 421 7.10 84.00 -4.03
N LEU U 422 6.52 83.96 -2.83
CA LEU U 422 7.25 84.26 -1.61
C LEU U 422 7.25 82.98 -0.78
N ASN U 423 8.42 82.38 -0.61
CA ASN U 423 8.55 81.14 0.14
C ASN U 423 9.50 81.35 1.31
N GLU U 424 9.20 80.66 2.41
CA GLU U 424 10.02 80.72 3.61
C GLU U 424 11.09 79.64 3.53
N PHE U 425 12.33 80.02 3.81
CA PHE U 425 13.42 79.05 3.94
C PHE U 425 14.34 79.48 5.07
N GLY U 426 14.70 78.53 5.94
CA GLY U 426 15.60 78.79 7.03
C GLY U 426 15.11 79.80 8.05
N ASN U 427 15.95 80.13 9.04
CA ASN U 427 15.61 81.14 10.03
C ASN U 427 16.91 81.59 10.68
N THR U 428 16.90 82.81 11.21
CA THR U 428 18.12 83.39 11.77
C THR U 428 18.41 82.83 13.16
N PHE U 429 19.60 83.13 13.68
CA PHE U 429 19.98 82.54 14.96
C PHE U 429 19.10 83.04 16.11
N ASP U 430 18.50 84.23 15.96
CA ASP U 430 17.52 84.68 16.96
C ASP U 430 16.29 83.78 16.93
N GLY U 431 15.77 83.49 15.75
CA GLY U 431 14.51 82.77 15.64
C GLY U 431 13.64 83.37 14.56
N ASN U 432 13.95 84.60 14.16
CA ASN U 432 13.28 85.22 13.03
C ASN U 432 13.63 84.47 11.76
N SER U 433 12.67 84.42 10.83
CA SER U 433 12.76 83.54 9.69
C SER U 433 12.99 84.34 8.41
N LYS U 434 13.94 83.88 7.60
CA LYS U 434 14.20 84.50 6.30
C LYS U 434 13.09 84.14 5.34
N TYR U 435 12.70 85.08 4.48
CA TYR U 435 11.72 84.83 3.44
C TYR U 435 12.39 85.18 2.13
N LYS U 436 12.29 84.32 1.13
CA LYS U 436 12.83 84.59 -0.19
C LYS U 436 11.67 84.73 -1.17
N LEU U 437 11.63 85.85 -1.89
CA LEU U 437 10.61 86.07 -2.90
C LEU U 437 11.27 86.18 -4.26
N ASP U 438 10.79 85.39 -5.21
CA ASP U 438 11.29 85.42 -6.58
C ASP U 438 10.14 85.81 -7.51
N ILE U 439 10.44 86.71 -8.44
CA ILE U 439 9.47 87.22 -9.40
C ILE U 439 9.89 86.78 -10.79
N GLU U 440 8.91 86.38 -11.60
CA GLU U 440 9.11 86.04 -13.00
C GLU U 440 8.38 87.06 -13.85
N LEU U 441 9.08 87.62 -14.83
CA LEU U 441 8.61 88.73 -15.64
C LEU U 441 8.65 88.35 -17.11
N LYS U 442 7.56 88.70 -17.81
CA LYS U 442 7.49 88.58 -19.26
C LYS U 442 6.50 89.61 -19.78
N GLN U 443 6.09 89.46 -21.03
CA GLN U 443 5.12 90.37 -21.63
C GLN U 443 3.73 90.13 -21.05
N GLN U 444 2.89 91.17 -21.13
CA GLN U 444 1.55 91.08 -20.56
C GLN U 444 0.65 90.18 -21.40
N HIS U 445 0.81 90.21 -22.72
CA HIS U 445 -0.08 89.46 -23.61
C HIS U 445 0.08 87.96 -23.43
N HIS U 446 1.31 87.49 -23.19
CA HIS U 446 1.56 86.06 -23.08
C HIS U 446 0.93 85.44 -21.84
N TRP U 447 0.64 86.25 -20.81
CA TRP U 447 -0.06 85.72 -19.64
C TRP U 447 -1.52 85.40 -19.97
N GLY U 448 -2.19 86.28 -20.71
CA GLY U 448 -3.58 86.08 -21.05
C GLY U 448 -4.57 86.39 -19.95
N ASN U 449 -4.20 87.23 -18.98
CA ASN U 449 -5.07 87.62 -17.88
C ASN U 449 -5.45 89.10 -17.97
N SER U 450 -5.56 89.62 -19.19
CA SER U 450 -5.91 91.00 -19.41
C SER U 450 -6.88 91.10 -20.57
N ASP U 451 -7.65 92.18 -20.60
CA ASP U 451 -8.58 92.42 -21.69
C ASP U 451 -7.85 93.00 -22.89
N PHE U 452 -8.54 93.01 -24.03
CA PHE U 452 -8.03 93.71 -25.21
C PHE U 452 -7.99 95.21 -25.00
N ASN U 453 -8.83 95.73 -24.11
CA ASN U 453 -8.77 97.14 -23.71
C ASN U 453 -7.58 97.44 -22.82
N PHE U 454 -6.88 96.42 -22.33
CA PHE U 454 -5.78 96.60 -21.38
C PHE U 454 -4.44 96.13 -21.92
N THR U 455 -4.42 95.24 -22.91
CA THR U 455 -3.15 94.71 -23.42
C THR U 455 -2.36 95.79 -24.16
N ALA U 456 -3.02 96.51 -25.07
CA ALA U 456 -2.47 97.69 -25.76
C ALA U 456 -1.19 97.35 -26.53
N SER U 457 -1.37 96.51 -27.55
CA SER U 457 -0.38 96.20 -28.59
C SER U 457 0.80 95.37 -28.07
N ILE U 458 1.49 94.68 -28.98
CA ILE U 458 2.62 93.85 -28.61
C ILE U 458 3.80 94.11 -29.54
N LYS U 459 3.56 94.79 -30.65
CA LYS U 459 4.60 94.99 -31.66
C LYS U 459 5.55 96.14 -31.33
N ARG U 460 5.21 96.99 -30.36
CA ARG U 460 6.00 98.16 -30.04
C ARG U 460 6.75 97.97 -28.74
N HIS U 461 7.99 98.48 -28.71
CA HIS U 461 8.83 98.43 -27.53
C HIS U 461 8.33 99.42 -26.48
N ALA U 462 8.68 99.15 -25.22
CA ALA U 462 8.25 100.00 -24.11
C ALA U 462 9.26 99.88 -22.99
N ILE U 463 8.98 100.59 -21.89
CA ILE U 463 9.90 100.71 -20.77
C ILE U 463 9.06 100.83 -19.48
N SER U 464 9.54 100.17 -18.42
CA SER U 464 8.81 100.18 -17.16
C SER U 464 9.79 100.00 -16.01
N SER U 465 9.26 100.10 -14.80
CA SER U 465 10.03 99.95 -13.57
C SER U 465 9.35 98.94 -12.67
N VAL U 466 10.14 98.07 -12.07
CA VAL U 466 9.66 97.03 -11.17
C VAL U 466 10.08 97.40 -9.76
N THR U 467 9.13 97.37 -8.83
CA THR U 467 9.43 97.79 -7.46
C THR U 467 8.86 96.77 -6.48
N VAL U 468 9.72 96.35 -5.55
CA VAL U 468 9.32 95.57 -4.38
C VAL U 468 9.29 96.53 -3.20
N ASP U 469 8.22 96.47 -2.41
CA ASP U 469 8.01 97.38 -1.30
C ASP U 469 7.27 96.65 -0.19
N ILE U 470 7.20 97.28 0.98
CA ILE U 470 6.37 96.82 2.08
C ILE U 470 5.12 97.67 2.11
N ALA U 471 3.96 97.02 2.10
CA ALA U 471 2.70 97.77 2.02
C ALA U 471 2.42 98.49 3.34
N ASP U 472 2.64 97.83 4.46
CA ASP U 472 2.32 98.38 5.77
C ASP U 472 3.57 98.83 6.52
N LYS U 473 4.57 99.31 5.79
CA LYS U 473 5.75 99.85 6.44
C LYS U 473 5.39 101.17 7.14
N THR U 474 5.87 101.31 8.37
CA THR U 474 5.58 102.50 9.16
C THR U 474 6.58 103.60 8.78
N LEU U 475 6.59 104.68 9.56
CA LEU U 475 7.62 105.68 9.41
C LEU U 475 8.90 105.19 10.10
N SER U 476 9.92 106.05 10.09
CA SER U 476 11.25 105.77 10.67
C SER U 476 11.98 104.65 9.94
N CYS U 477 11.42 104.13 8.86
CA CYS U 477 12.08 103.14 8.00
C CYS U 477 12.80 103.83 6.85
N VAL U 478 13.65 104.81 7.19
CA VAL U 478 14.25 105.66 6.17
C VAL U 478 15.31 104.90 5.39
N ASP U 479 16.22 104.22 6.08
CA ASP U 479 17.32 103.52 5.42
C ASP U 479 16.87 102.28 4.65
N LEU U 480 15.81 101.61 5.12
CA LEU U 480 15.31 100.42 4.44
C LEU U 480 14.50 100.85 3.21
N LYS U 481 15.24 101.25 2.18
CA LYS U 481 14.62 101.70 0.95
C LYS U 481 13.99 100.52 0.21
N PRO U 482 12.80 100.71 -0.37
CA PRO U 482 12.24 99.67 -1.22
C PRO U 482 13.06 99.50 -2.49
N LEU U 483 13.00 98.30 -3.06
CA LEU U 483 13.85 97.94 -4.18
C LEU U 483 13.18 98.32 -5.50
N SER U 484 13.95 98.87 -6.42
CA SER U 484 13.42 99.29 -7.71
C SER U 484 14.45 99.04 -8.79
N THR U 485 13.96 98.66 -9.97
CA THR U 485 14.82 98.42 -11.12
C THR U 485 14.11 98.85 -12.39
N LEU U 486 14.90 99.07 -13.44
CA LEU U 486 14.40 99.56 -14.71
C LEU U 486 14.51 98.45 -15.75
N ILE U 487 13.41 98.17 -16.46
CA ILE U 487 13.35 97.07 -17.41
C ILE U 487 12.68 97.57 -18.68
N SER U 488 13.35 97.35 -19.81
CA SER U 488 12.84 97.76 -21.12
C SER U 488 12.45 96.54 -21.92
N VAL U 489 11.21 96.53 -22.42
CA VAL U 489 10.75 95.51 -23.36
C VAL U 489 11.04 96.05 -24.76
N GLY U 490 12.26 95.83 -25.21
CA GLY U 490 12.71 96.35 -26.48
C GLY U 490 13.82 95.51 -27.06
N CYS U 491 14.58 96.09 -27.97
CA CYS U 491 15.63 95.35 -28.66
C CYS U 491 16.82 95.08 -27.74
N ASP U 492 17.63 94.11 -28.14
CA ASP U 492 18.86 93.75 -27.44
C ASP U 492 20.03 94.18 -28.31
N MET U 493 20.85 95.10 -27.78
CA MET U 493 21.95 95.67 -28.54
C MET U 493 22.99 94.65 -28.97
N THR U 494 23.13 93.54 -28.27
CA THR U 494 24.19 92.58 -28.52
C THR U 494 23.87 91.60 -29.63
N LYS U 495 22.70 91.68 -30.24
CA LYS U 495 22.34 90.75 -31.31
C LYS U 495 22.80 91.30 -32.66
N LYS U 496 23.61 90.52 -33.36
CA LYS U 496 24.08 90.85 -34.70
C LYS U 496 23.84 89.65 -35.62
N ILE U 497 23.97 89.89 -36.92
CA ILE U 497 23.84 88.84 -37.92
C ILE U 497 25.12 88.75 -38.73
N VAL U 498 25.64 87.52 -38.87
CA VAL U 498 26.85 87.26 -39.64
C VAL U 498 26.49 86.34 -40.80
N VAL U 499 27.35 86.35 -41.82
CA VAL U 499 27.16 85.56 -43.03
C VAL U 499 28.31 84.57 -43.13
N GLN U 500 27.98 83.30 -43.35
CA GLN U 500 29.01 82.28 -43.48
C GLN U 500 29.76 82.45 -44.79
N ASN U 501 31.10 82.41 -44.70
CA ASN U 501 32.00 82.50 -45.83
C ASN U 501 32.96 81.33 -45.81
N LYS U 502 32.39 80.12 -45.71
CA LYS U 502 33.16 78.89 -45.58
C LYS U 502 34.13 78.72 -46.76
N ILE U 503 33.67 79.04 -47.97
CA ILE U 503 34.54 79.14 -49.14
C ILE U 503 34.44 80.57 -49.66
N SER U 504 35.60 81.21 -49.81
CA SER U 504 35.66 82.59 -50.25
C SER U 504 36.20 82.68 -51.68
N ALA U 505 36.29 83.91 -52.19
CA ALA U 505 36.84 84.14 -53.51
C ALA U 505 38.35 84.25 -53.52
N CYS U 506 38.99 84.13 -52.35
CA CYS U 506 40.44 84.25 -52.24
C CYS U 506 41.07 82.86 -52.13
N THR U 507 42.41 82.87 -52.07
CA THR U 507 43.25 81.68 -51.92
C THR U 507 43.05 80.65 -53.03
N MET U 508 42.79 81.09 -54.25
CA MET U 508 42.87 80.24 -55.43
C MET U 508 43.26 81.12 -56.62
N GLY U 509 43.22 80.54 -57.82
CA GLY U 509 43.68 81.22 -59.01
C GLY U 509 42.75 82.28 -59.59
N ILE U 510 41.98 82.95 -58.72
CA ILE U 510 41.13 84.06 -59.16
C ILE U 510 41.58 85.33 -58.47
N LEU U 511 41.52 85.35 -57.14
CA LEU U 511 41.87 86.52 -56.35
C LEU U 511 42.69 86.11 -55.14
N ASN U 512 43.45 87.07 -54.63
CA ASN U 512 44.28 86.88 -53.45
C ASN U 512 44.04 87.99 -52.46
N PRO U 513 44.14 87.71 -51.15
CA PRO U 513 43.97 88.76 -50.15
C PRO U 513 45.02 89.85 -50.19
N VAL U 514 46.19 89.59 -50.78
CA VAL U 514 47.30 90.54 -50.75
C VAL U 514 47.10 91.73 -51.69
N GLN U 515 46.04 91.73 -52.49
CA GLN U 515 45.84 92.77 -53.48
C GLN U 515 44.56 93.58 -53.30
N LEU U 516 43.52 93.02 -52.67
CA LEU U 516 42.23 93.69 -52.65
C LEU U 516 42.21 94.92 -51.73
N GLN U 517 43.17 95.05 -50.83
CA GLN U 517 43.18 96.20 -49.93
C GLN U 517 43.57 97.49 -50.63
N LYS U 518 44.26 97.41 -51.77
CA LYS U 518 44.76 98.61 -52.45
C LYS U 518 43.83 98.95 -53.61
N ASN U 519 42.73 99.63 -53.25
CA ASN U 519 41.72 100.23 -54.15
C ASN U 519 41.45 99.39 -55.41
N TYR U 520 41.27 98.08 -55.21
CA TYR U 520 40.95 97.22 -56.34
C TYR U 520 39.52 97.50 -56.77
N THR U 521 39.38 98.12 -57.93
CA THR U 521 38.15 98.75 -58.38
C THR U 521 37.61 98.00 -59.58
N TYR U 522 36.31 97.71 -59.56
CA TYR U 522 35.70 96.89 -60.59
C TYR U 522 34.63 97.67 -61.34
N THR U 523 34.21 97.11 -62.47
CA THR U 523 33.29 97.77 -63.39
C THR U 523 31.99 96.97 -63.53
N ILE U 524 30.97 97.66 -64.03
CA ILE U 524 29.71 97.04 -64.40
C ILE U 524 29.46 97.32 -65.88
N GLU U 525 28.76 96.40 -66.54
CA GLU U 525 28.55 96.49 -67.98
C GLU U 525 27.21 97.14 -68.34
N LYS U 526 26.96 98.33 -67.77
CA LYS U 526 25.79 99.15 -68.07
C LYS U 526 24.48 98.38 -67.88
N GLU U 527 24.29 97.89 -66.65
CA GLU U 527 23.13 97.06 -66.35
C GLU U 527 22.43 97.40 -65.04
N ALA U 528 22.85 98.45 -64.34
CA ALA U 528 22.19 98.79 -63.08
C ALA U 528 20.92 99.59 -63.33
N TYR U 529 21.06 100.79 -63.88
CA TYR U 529 19.93 101.67 -64.13
C TYR U 529 19.75 102.00 -65.60
N ASP U 530 20.81 102.42 -66.28
CA ASP U 530 20.72 102.81 -67.68
C ASP U 530 22.09 102.71 -68.36
N ASP U 540 25.37 103.80 -66.87
CA ASP U 540 26.32 103.94 -67.97
C ASP U 540 27.68 103.36 -67.60
N ASP U 541 28.68 104.23 -67.47
CA ASP U 541 30.02 103.81 -67.08
C ASP U 541 30.16 103.74 -65.57
N LEU U 542 29.27 102.98 -64.93
CA LEU U 542 29.25 102.87 -63.49
C LEU U 542 30.44 102.04 -62.99
N ILE U 543 30.94 102.41 -61.81
CA ILE U 543 32.13 101.80 -61.25
C ILE U 543 31.83 101.44 -59.79
N VAL U 544 32.60 100.50 -59.25
CA VAL U 544 32.42 100.06 -57.88
C VAL U 544 33.79 99.96 -57.20
N PHE U 545 33.88 100.47 -55.98
CA PHE U 545 35.09 100.47 -55.17
C PHE U 545 34.93 99.42 -54.08
N TYR U 546 35.61 98.29 -54.23
CA TYR U 546 35.56 97.25 -53.20
C TYR U 546 36.42 97.66 -52.01
N GLU U 547 35.88 97.46 -50.81
CA GLU U 547 36.56 97.77 -49.56
C GLU U 547 36.84 96.48 -48.83
N TYR U 548 38.12 96.08 -48.80
CA TYR U 548 38.49 94.80 -48.19
C TYR U 548 38.32 94.84 -46.67
N LYS U 549 38.65 95.96 -46.04
CA LYS U 549 38.60 96.04 -44.58
C LYS U 549 37.17 95.96 -44.07
N ASP U 550 36.22 96.62 -44.74
CA ASP U 550 34.84 96.57 -44.29
C ASP U 550 34.17 95.25 -44.64
N LEU U 551 34.48 94.71 -45.82
CA LEU U 551 33.77 93.53 -46.34
C LEU U 551 34.54 92.24 -46.12
N GLY U 552 35.77 92.17 -46.63
CA GLY U 552 36.53 90.94 -46.60
C GLY U 552 36.47 90.20 -47.92
N CYS U 553 36.93 88.95 -47.89
CA CYS U 553 36.93 88.11 -49.08
C CYS U 553 35.48 87.75 -49.43
N PRO U 554 35.02 88.08 -50.64
CA PRO U 554 33.62 87.79 -50.98
C PRO U 554 33.37 86.30 -51.15
N ARG U 555 32.11 85.91 -50.99
CA ARG U 555 31.71 84.54 -51.27
C ARG U 555 31.80 84.27 -52.77
N LEU U 556 31.82 82.99 -53.14
CA LEU U 556 31.95 82.60 -54.53
C LEU U 556 30.73 81.78 -54.94
N VAL U 557 30.06 82.20 -56.02
CA VAL U 557 28.92 81.48 -56.56
C VAL U 557 29.06 81.40 -58.08
N TYR U 558 28.33 80.48 -58.68
CA TYR U 558 28.45 80.19 -60.10
C TYR U 558 27.13 80.47 -60.82
N TYR U 559 27.19 80.38 -62.14
CA TYR U 559 26.05 80.69 -63.00
C TYR U 559 24.99 79.61 -62.89
N ASP U 560 23.72 80.04 -62.82
CA ASP U 560 22.55 79.16 -62.86
C ASP U 560 22.58 78.14 -61.72
N LYS U 561 22.64 78.65 -60.49
CA LYS U 561 22.59 77.82 -59.30
C LYS U 561 21.56 78.40 -58.34
N PRO U 562 20.52 77.63 -57.99
CA PRO U 562 19.56 78.11 -56.99
C PRO U 562 20.21 78.17 -55.62
N TRP U 563 20.45 79.39 -55.14
CA TRP U 563 21.21 79.61 -53.92
C TRP U 563 20.45 80.57 -53.01
N LYS U 564 20.44 80.25 -51.72
CA LYS U 564 19.99 81.17 -50.70
C LYS U 564 21.08 81.30 -49.63
N PRO U 565 21.30 82.50 -49.11
CA PRO U 565 22.37 82.68 -48.13
C PRO U 565 22.00 82.08 -46.78
N VAL U 566 23.04 81.73 -46.02
CA VAL U 566 22.89 81.27 -44.64
C VAL U 566 23.52 82.32 -43.74
N VAL U 567 22.76 82.74 -42.73
CA VAL U 567 23.20 83.76 -41.79
C VAL U 567 22.96 83.26 -40.38
N GLU U 568 23.77 83.75 -39.44
CA GLU U 568 23.78 83.29 -38.06
C GLU U 568 23.63 84.46 -37.12
N LEU U 569 23.03 84.20 -35.97
CA LEU U 569 22.84 85.20 -34.92
C LEU U 569 24.03 85.17 -33.97
N TRP U 570 24.52 86.34 -33.61
CA TRP U 570 25.66 86.48 -32.72
C TRP U 570 25.27 87.33 -31.52
N LYS U 571 25.37 86.73 -30.33
CA LYS U 571 25.11 87.42 -29.07
C LYS U 571 26.42 87.47 -28.28
N ASN U 572 26.99 88.67 -28.18
CA ASN U 572 28.30 88.89 -27.55
C ASN U 572 29.39 88.05 -28.21
N GLY U 573 29.32 87.92 -29.54
CA GLY U 573 30.41 87.36 -30.31
C GLY U 573 30.54 85.85 -30.30
N ILE U 574 29.49 85.11 -29.98
CA ILE U 574 29.50 83.65 -30.02
C ILE U 574 28.30 83.19 -30.83
N VAL U 575 28.53 82.23 -31.73
CA VAL U 575 27.45 81.65 -32.51
C VAL U 575 26.45 80.98 -31.57
N GLU U 576 25.17 81.33 -31.70
CA GLU U 576 24.16 80.79 -30.82
C GLU U 576 23.03 80.07 -31.55
N GLU U 577 22.60 80.58 -32.72
CA GLU U 577 21.49 79.96 -33.45
C GLU U 577 21.47 80.51 -34.87
N ILE U 578 21.22 79.62 -35.84
CA ILE U 578 21.12 80.03 -37.23
C ILE U 578 19.81 80.75 -37.46
N MET U 579 19.79 81.61 -38.47
CA MET U 579 18.58 82.38 -38.80
C MET U 579 17.57 81.47 -39.49
N ASN U 580 16.30 81.69 -39.21
CA ASN U 580 15.20 81.02 -39.90
C ASN U 580 14.03 81.95 -40.18
N ALA U 581 14.28 83.26 -40.22
CA ALA U 581 13.22 84.26 -40.33
C ALA U 581 12.93 84.60 -41.79
N GLU U 582 11.87 85.39 -41.97
CA GLU U 582 11.65 86.04 -43.26
C GLU U 582 12.61 87.22 -43.39
N TYR U 583 13.35 87.25 -44.49
CA TYR U 583 14.37 88.26 -44.69
C TYR U 583 14.45 88.59 -46.18
N VAL U 584 14.97 89.78 -46.47
CA VAL U 584 15.13 90.20 -47.87
C VAL U 584 16.56 90.66 -48.08
N ILE U 585 16.97 90.58 -49.35
CA ILE U 585 18.25 91.11 -49.80
C ILE U 585 17.97 92.16 -50.87
N SER U 586 18.92 93.09 -51.01
CA SER U 586 18.75 94.19 -51.94
C SER U 586 20.14 94.64 -52.42
N GLU U 587 20.13 95.45 -53.46
CA GLU U 587 21.34 96.01 -54.05
C GLU U 587 21.47 97.48 -53.66
N ILE U 588 22.67 97.86 -53.22
CA ILE U 588 22.93 99.27 -52.94
C ILE U 588 23.24 100.04 -54.22
N ASN U 589 23.92 99.40 -55.17
CA ASN U 589 24.18 100.05 -56.45
C ASN U 589 22.91 100.15 -57.28
N GLY U 590 22.09 99.11 -57.27
CA GLY U 590 20.80 99.16 -57.95
C GLY U 590 20.72 98.40 -59.26
N LEU U 591 21.30 97.21 -59.30
CA LEU U 591 21.21 96.35 -60.48
C LEU U 591 20.02 95.41 -60.37
N VAL U 592 19.63 94.85 -61.53
CA VAL U 592 18.48 93.94 -61.58
C VAL U 592 18.82 92.67 -62.33
N THR U 593 20.09 92.30 -62.39
CA THR U 593 20.50 91.11 -63.15
C THR U 593 20.44 89.84 -62.30
N TYR U 594 19.30 89.64 -61.64
CA TYR U 594 19.07 88.44 -60.86
C TYR U 594 17.57 88.27 -60.66
N SER U 595 17.10 87.03 -60.83
CA SER U 595 15.70 86.69 -60.66
C SER U 595 15.55 85.78 -59.44
N TYR U 596 14.30 85.48 -59.11
CA TYR U 596 13.97 84.70 -57.92
C TYR U 596 13.44 83.34 -58.32
N SER U 597 13.23 82.51 -57.29
CA SER U 597 12.60 81.20 -57.45
C SER U 597 11.09 81.35 -57.55
N LEU U 598 10.36 80.26 -57.29
CA LEU U 598 8.92 80.10 -57.43
C LEU U 598 8.14 81.38 -57.08
N THR U 599 7.27 81.78 -58.01
CA THR U 599 6.74 83.14 -58.05
C THR U 599 5.37 83.22 -57.38
N ALA U 600 5.33 82.91 -56.09
CA ALA U 600 4.19 83.04 -55.19
C ALA U 600 2.96 82.24 -55.61
N ALA U 601 3.05 81.44 -56.68
CA ALA U 601 1.91 80.64 -57.14
C ALA U 601 1.93 79.24 -56.53
N THR U 602 3.03 78.52 -56.71
CA THR U 602 3.23 77.26 -56.02
C THR U 602 3.82 77.45 -54.62
N ALA U 603 4.08 78.69 -54.22
CA ALA U 603 4.41 79.03 -52.84
C ALA U 603 3.17 79.24 -51.98
N ASN U 604 1.98 79.20 -52.59
CA ASN U 604 0.69 79.23 -51.88
C ASN U 604 0.51 80.53 -51.09
N CYS U 605 1.01 81.63 -51.63
CA CYS U 605 0.72 82.94 -51.05
C CYS U 605 -0.69 83.37 -51.44
N ARG U 606 -1.38 84.01 -50.50
CA ARG U 606 -2.82 84.21 -50.62
C ARG U 606 -3.28 85.66 -50.58
N SER U 607 -2.41 86.62 -50.25
CA SER U 607 -2.88 87.98 -50.01
C SER U 607 -2.00 89.02 -50.70
N GLN U 608 -1.72 88.81 -52.00
CA GLN U 608 -1.06 89.78 -52.87
C GLN U 608 0.27 90.28 -52.28
N PRO U 609 1.33 89.49 -52.35
CA PRO U 609 2.57 89.86 -51.66
C PRO U 609 3.18 91.13 -52.26
N GLN U 610 3.73 91.95 -51.38
CA GLN U 610 4.36 93.20 -51.78
C GLN U 610 5.83 92.97 -52.11
N ASN U 611 6.32 93.73 -53.07
CA ASN U 611 7.66 93.58 -53.62
C ASN U 611 8.46 94.86 -53.37
N TRP U 612 9.64 94.94 -54.00
CA TRP U 612 10.50 96.10 -53.87
C TRP U 612 10.05 97.23 -54.79
N SER U 613 8.76 97.59 -54.72
CA SER U 613 8.22 98.70 -55.49
C SER U 613 7.26 99.59 -54.72
N THR U 614 6.97 99.29 -53.45
CA THR U 614 6.04 100.10 -52.67
C THR U 614 6.59 101.49 -52.37
N PHE U 615 7.91 101.66 -52.36
CA PHE U 615 8.51 102.96 -52.09
C PHE U 615 9.59 103.27 -53.12
N LEU U 626 12.85 101.55 -48.23
CA LEU U 626 13.58 100.48 -47.55
C LEU U 626 12.66 99.70 -46.63
N TRP U 627 12.79 98.38 -46.64
CA TRP U 627 11.97 97.51 -45.80
C TRP U 627 12.54 97.43 -44.39
N ASN U 628 11.69 96.97 -43.47
CA ASN U 628 12.06 96.80 -42.07
C ASN U 628 11.06 95.84 -41.43
N ARG U 629 11.09 95.76 -40.10
CA ARG U 629 10.12 94.97 -39.36
C ARG U 629 8.83 95.73 -39.11
N GLU U 630 8.72 96.98 -39.55
CA GLU U 630 7.55 97.80 -39.28
C GLU U 630 6.55 97.76 -40.44
N ASN U 631 7.00 98.13 -41.64
CA ASN U 631 6.10 98.29 -42.78
C ASN U 631 5.76 96.98 -43.48
N TYR U 632 6.09 95.84 -42.90
CA TYR U 632 5.89 94.55 -43.56
C TYR U 632 4.63 93.88 -43.02
N VAL U 633 3.81 93.40 -43.95
CA VAL U 633 2.66 92.55 -43.63
C VAL U 633 2.73 91.32 -44.54
N SER U 634 2.56 90.14 -43.94
CA SER U 634 2.68 88.91 -44.70
C SER U 634 1.43 88.70 -45.57
N CYS U 635 1.56 87.79 -46.54
CA CYS U 635 0.48 87.49 -47.47
C CYS U 635 -0.14 86.12 -47.24
N HIS U 636 0.24 85.42 -46.18
CA HIS U 636 -0.32 84.11 -45.87
C HIS U 636 -1.46 84.18 -44.87
N GLU U 637 -1.90 85.37 -44.49
CA GLU U 637 -3.05 85.55 -43.62
C GLU U 637 -4.33 85.52 -44.45
N ASP U 638 -5.44 85.92 -43.83
CA ASP U 638 -6.75 85.86 -44.47
C ASP U 638 -7.35 87.26 -44.56
N ASN U 639 -6.55 88.21 -45.04
CA ASN U 639 -7.07 89.54 -45.33
C ASN U 639 -8.07 89.47 -46.47
N LYS U 640 -9.16 90.22 -46.34
CA LYS U 640 -10.32 90.07 -47.21
C LYS U 640 -10.57 91.29 -48.10
N ASP U 641 -9.52 91.97 -48.54
CA ASP U 641 -9.71 93.05 -49.50
C ASP U 641 -8.75 93.05 -50.68
N ASN U 642 -7.59 92.38 -50.59
CA ASN U 642 -6.63 92.33 -51.69
C ASN U 642 -6.17 90.89 -51.90
N PRO U 643 -7.06 90.01 -52.38
CA PRO U 643 -6.67 88.60 -52.53
C PRO U 643 -5.76 88.35 -53.74
N LEU U 644 -6.09 88.92 -54.90
CA LEU U 644 -5.36 88.58 -56.12
C LEU U 644 -5.55 89.62 -57.22
N LEU U 645 -4.47 90.35 -57.54
CA LEU U 645 -4.28 90.86 -58.89
C LEU U 645 -2.83 90.47 -59.22
N TRP U 646 -2.65 89.20 -59.58
CA TRP U 646 -1.35 88.63 -59.89
C TRP U 646 -1.51 87.36 -60.71
N PRO U 647 -1.09 87.35 -61.98
CA PRO U 647 -0.98 86.07 -62.69
C PRO U 647 0.13 85.20 -62.13
N ASN U 648 1.36 85.74 -62.15
CA ASN U 648 2.52 85.03 -61.61
C ASN U 648 3.51 85.97 -60.94
N VAL U 649 3.01 87.02 -60.27
CA VAL U 649 3.90 88.02 -59.66
C VAL U 649 4.77 87.36 -58.61
N GLU U 650 6.07 87.67 -58.67
CA GLU U 650 7.08 86.90 -57.95
C GLU U 650 7.01 87.16 -56.45
N TYR U 651 7.72 86.33 -55.69
CA TYR U 651 7.76 86.36 -54.23
C TYR U 651 9.20 86.70 -53.83
N GLN U 652 9.48 87.99 -53.67
CA GLN U 652 10.83 88.43 -53.32
C GLN U 652 11.03 88.48 -51.81
N VAL U 653 10.72 87.38 -51.14
CA VAL U 653 10.95 87.24 -49.70
C VAL U 653 11.59 85.88 -49.46
N LEU U 654 12.78 85.89 -48.86
CA LEU U 654 13.53 84.67 -48.60
C LEU U 654 13.33 84.22 -47.16
N GLY U 655 13.67 82.96 -46.90
CA GLY U 655 13.54 82.40 -45.57
C GLY U 655 12.10 82.09 -45.21
N GLY U 656 11.91 81.79 -43.92
CA GLY U 656 10.61 81.40 -43.44
C GLY U 656 10.22 80.02 -43.96
N GLN U 657 8.92 79.78 -44.07
CA GLN U 657 8.41 78.52 -44.61
C GLN U 657 8.61 78.41 -46.11
N THR U 658 8.58 79.53 -46.83
CA THR U 658 8.84 79.52 -48.26
C THR U 658 10.31 79.23 -48.52
N ASN U 659 10.58 78.43 -49.55
CA ASN U 659 11.91 77.95 -49.86
C ASN U 659 12.39 78.48 -51.20
N ASN U 660 12.18 79.77 -51.44
CA ASN U 660 12.67 80.41 -52.65
C ASN U 660 14.15 80.73 -52.53
N LYS U 661 14.84 80.67 -53.67
CA LYS U 661 16.25 81.01 -53.78
C LYS U 661 16.42 82.05 -54.88
N ILE U 662 17.67 82.33 -55.23
CA ILE U 662 18.00 83.35 -56.23
C ILE U 662 18.65 82.66 -57.42
N ILE U 663 18.57 83.30 -58.58
CA ILE U 663 19.27 82.88 -59.78
C ILE U 663 19.91 84.11 -60.41
N PHE U 664 21.19 84.02 -60.71
CA PHE U 664 21.98 85.18 -61.10
C PHE U 664 22.03 85.34 -62.61
N GLY U 665 22.56 86.47 -63.05
CA GLY U 665 22.83 86.68 -64.46
C GLY U 665 24.26 86.31 -64.82
N GLN U 666 24.68 86.81 -65.97
CA GLN U 666 26.01 86.54 -66.52
C GLN U 666 26.91 87.77 -66.48
N ARG U 667 26.70 88.65 -65.50
CA ARG U 667 27.52 89.84 -65.38
C ARG U 667 28.95 89.51 -64.99
N ASN U 668 29.14 88.45 -64.20
CA ASN U 668 30.45 87.95 -63.77
C ASN U 668 31.22 89.02 -63.00
N GLY U 669 30.65 89.40 -61.86
CA GLY U 669 31.26 90.38 -60.99
C GLY U 669 30.85 90.24 -59.55
N ILE U 670 30.93 91.33 -58.80
CA ILE U 670 30.61 91.35 -57.37
C ILE U 670 29.22 91.96 -57.18
N TYR U 671 28.42 91.31 -56.36
CA TYR U 671 27.17 91.88 -55.85
C TYR U 671 27.34 92.19 -54.38
N THR U 672 26.96 93.40 -53.99
CA THR U 672 26.96 93.81 -52.58
C THR U 672 25.53 93.68 -52.08
N PHE U 673 25.27 92.60 -51.35
CA PHE U 673 23.94 92.32 -50.83
C PHE U 673 23.73 93.04 -49.51
N HIS U 674 22.69 93.85 -49.44
CA HIS U 674 22.22 94.44 -48.19
C HIS U 674 21.03 93.61 -47.70
N LEU U 675 21.19 92.96 -46.56
CA LEU U 675 20.24 92.00 -46.04
C LEU U 675 19.54 92.58 -44.83
N SER U 676 18.21 92.50 -44.82
CA SER U 676 17.40 92.98 -43.71
C SER U 676 16.47 91.88 -43.23
N VAL U 677 16.44 91.66 -41.91
CA VAL U 677 15.45 90.77 -41.32
C VAL U 677 14.10 91.48 -41.28
N VAL U 678 13.07 90.77 -41.73
CA VAL U 678 11.82 91.42 -42.12
C VAL U 678 10.69 91.10 -41.14
N ASP U 679 10.67 89.87 -40.62
CA ASP U 679 9.57 89.44 -39.78
C ASP U 679 9.56 90.20 -38.46
N PRO U 680 8.40 90.70 -38.02
CA PRO U 680 8.34 91.50 -36.79
C PRO U 680 8.17 90.70 -35.51
N TYR U 681 8.11 89.37 -35.58
CA TYR U 681 7.83 88.54 -34.41
C TYR U 681 9.05 87.78 -33.89
N TYR U 682 10.26 88.15 -34.31
CA TYR U 682 11.44 87.51 -33.76
C TYR U 682 12.16 88.41 -32.76
N SER U 683 12.49 89.64 -33.15
CA SER U 683 13.14 90.56 -32.23
C SER U 683 12.70 91.97 -32.57
N TYR U 684 12.77 92.85 -31.56
CA TYR U 684 12.59 94.28 -31.80
C TYR U 684 13.78 94.90 -32.51
N CYS U 685 14.89 94.18 -32.63
CA CYS U 685 16.08 94.67 -33.28
C CYS U 685 15.89 94.63 -34.79
N ASN U 686 16.12 95.75 -35.45
CA ASN U 686 16.11 95.80 -36.91
C ASN U 686 17.44 95.26 -37.42
N LEU U 687 17.54 93.94 -37.56
CA LEU U 687 18.80 93.31 -37.92
C LEU U 687 19.12 93.57 -39.38
N ASN U 688 20.28 94.19 -39.63
CA ASN U 688 20.71 94.56 -40.97
C ASN U 688 22.18 94.19 -41.12
N THR U 689 22.56 93.81 -42.34
CA THR U 689 23.94 93.46 -42.62
C THR U 689 24.22 93.72 -44.10
N ILE U 690 25.50 93.72 -44.45
CA ILE U 690 25.94 93.89 -45.84
C ILE U 690 27.09 92.92 -46.08
N PHE U 691 27.00 92.17 -47.18
CA PHE U 691 28.04 91.20 -47.53
C PHE U 691 28.27 91.25 -49.04
N SER U 692 29.28 90.51 -49.50
CA SER U 692 29.71 90.58 -50.90
C SER U 692 29.84 89.18 -51.48
N VAL U 693 29.37 89.03 -52.72
CA VAL U 693 29.46 87.77 -53.44
C VAL U 693 30.05 88.04 -54.82
N TYR U 694 30.59 86.98 -55.42
CA TYR U 694 31.23 87.05 -56.73
C TYR U 694 30.70 85.90 -57.58
N VAL U 695 30.14 86.25 -58.74
CA VAL U 695 29.60 85.25 -59.67
C VAL U 695 30.65 84.93 -60.72
N HIS U 696 30.76 83.64 -61.05
CA HIS U 696 31.59 83.20 -62.17
C HIS U 696 30.72 82.39 -63.11
N GLY U 697 30.63 82.83 -64.36
CA GLY U 697 29.72 82.26 -65.33
C GLY U 697 30.39 81.26 -66.26
N ALA U 698 29.69 80.98 -67.36
CA ALA U 698 30.15 80.01 -68.35
C ALA U 698 30.40 80.64 -69.71
N LEU U 699 29.42 81.37 -70.26
CA LEU U 699 29.59 81.98 -71.57
C LEU U 699 28.63 83.13 -71.77
N PRO U 700 29.13 84.34 -72.04
CA PRO U 700 28.25 85.41 -72.52
C PRO U 700 27.89 85.20 -73.99
N VAL U 701 26.76 85.79 -74.38
CA VAL U 701 26.21 85.60 -75.71
C VAL U 701 26.29 86.90 -76.48
N THR U 702 26.96 86.87 -77.63
CA THR U 702 27.04 87.99 -78.56
C THR U 702 26.52 87.59 -79.94
N LYS U 703 25.60 86.62 -79.99
CA LYS U 703 25.12 86.09 -81.26
C LYS U 703 24.20 87.06 -81.98
N PHE U 704 23.45 87.89 -81.24
CA PHE U 704 22.52 88.88 -81.77
C PHE U 704 21.48 88.25 -82.68
N GLN U 705 20.95 89.05 -83.61
CA GLN U 705 19.94 88.60 -84.57
C GLN U 705 20.43 87.51 -85.54
N PRO U 706 21.72 87.36 -85.85
CA PRO U 706 22.13 86.13 -86.54
C PRO U 706 21.97 84.90 -85.65
N LEU U 707 21.09 84.00 -86.08
CA LEU U 707 20.85 82.75 -85.39
C LEU U 707 21.64 81.62 -86.05
N LEU U 708 21.75 80.51 -85.32
CA LEU U 708 22.43 79.33 -85.88
C LEU U 708 21.71 78.84 -87.14
N THR U 709 20.38 78.84 -87.11
CA THR U 709 19.62 78.51 -88.32
C THR U 709 19.86 79.53 -89.42
N ILE U 710 19.98 80.81 -89.07
CA ILE U 710 20.19 81.84 -90.09
C ILE U 710 21.52 81.61 -90.80
N LEU U 711 22.58 81.37 -90.04
CA LEU U 711 23.87 81.06 -90.66
C LEU U 711 23.85 79.71 -91.37
N LEU U 712 23.00 78.77 -90.95
CA LEU U 712 22.94 77.48 -91.66
C LEU U 712 22.31 77.65 -93.03
N MET U 713 21.20 78.40 -93.12
CA MET U 713 20.67 78.83 -94.42
C MET U 713 21.70 79.60 -95.26
N VAL U 714 22.44 80.52 -94.65
CA VAL U 714 23.43 81.28 -95.41
C VAL U 714 24.50 80.36 -95.99
N THR U 715 24.98 79.40 -95.19
CA THR U 715 25.99 78.47 -95.66
C THR U 715 25.45 77.53 -96.72
N THR U 716 24.19 77.08 -96.59
CA THR U 716 23.59 76.25 -97.63
C THR U 716 23.47 77.02 -98.95
N THR U 717 23.05 78.28 -98.88
CA THR U 717 22.95 79.09 -100.10
C THR U 717 24.33 79.31 -100.73
N LEU U 718 25.34 79.57 -99.91
CA LEU U 718 26.70 79.76 -100.43
C LEU U 718 27.24 78.48 -101.05
N LEU U 719 26.97 77.33 -100.43
CA LEU U 719 27.47 76.08 -100.98
C LEU U 719 26.74 75.70 -102.27
N THR U 720 25.43 75.99 -102.35
CA THR U 720 24.72 75.75 -103.61
C THR U 720 25.21 76.69 -104.71
N ALA U 721 25.56 77.93 -104.34
CA ALA U 721 26.17 78.83 -105.31
C ALA U 721 27.53 78.32 -105.78
N TRP U 722 28.32 77.75 -104.86
CA TRP U 722 29.60 77.15 -105.24
C TRP U 722 29.40 75.95 -106.16
N LEU U 723 28.39 75.13 -105.89
CA LEU U 723 28.09 74.00 -106.77
C LEU U 723 27.65 74.48 -108.15
N ALA U 724 26.83 75.54 -108.20
CA ALA U 724 26.40 76.09 -109.48
C ALA U 724 27.55 76.75 -110.21
N TYR U 725 28.57 77.22 -109.49
CA TYR U 725 29.78 77.73 -110.13
C TYR U 725 30.69 76.62 -110.62
N ALA U 726 30.73 75.49 -109.93
CA ALA U 726 31.55 74.35 -110.31
C ALA U 726 30.90 73.45 -111.35
N ILE U 727 29.61 73.61 -111.61
CA ILE U 727 28.97 72.89 -112.72
C ILE U 727 29.59 73.26 -114.07
N PRO U 728 29.83 74.55 -114.40
CA PRO U 728 30.57 74.84 -115.63
C PRO U 728 31.99 74.32 -115.65
N LYS U 729 32.60 74.06 -114.49
CA LYS U 729 33.92 73.44 -114.47
C LYS U 729 33.89 72.06 -115.09
N GLN U 730 32.84 71.29 -114.81
CA GLN U 730 32.66 69.99 -115.47
C GLN U 730 32.15 70.17 -116.90
N LEU U 731 31.32 71.19 -117.13
CA LEU U 731 30.75 71.39 -118.46
C LEU U 731 31.80 71.77 -119.50
N ARG U 732 32.82 72.54 -119.09
CA ARG U 732 33.88 72.94 -120.00
C ARG U 732 34.92 71.85 -120.23
N SER U 733 34.88 70.77 -119.46
CA SER U 733 35.82 69.68 -119.62
C SER U 733 35.24 68.56 -120.48
N LEU V 1 47.55 115.43 47.48
CA LEU V 1 48.12 114.75 46.32
C LEU V 1 48.37 113.27 46.62
N TRP V 2 47.74 112.42 45.82
CA TRP V 2 47.89 110.97 45.95
C TRP V 2 47.77 110.35 44.57
N ARG V 3 48.25 109.11 44.46
CA ARG V 3 48.20 108.40 43.18
C ARG V 3 48.20 106.90 43.46
N TYR V 4 48.19 106.13 42.38
CA TYR V 4 48.10 104.68 42.46
C TYR V 4 48.90 104.05 41.33
N TYR V 5 49.33 102.82 41.55
CA TYR V 5 50.14 102.07 40.59
C TYR V 5 49.59 100.66 40.46
N ILE V 6 49.87 100.04 39.31
CA ILE V 6 49.51 98.66 39.05
C ILE V 6 50.74 97.92 38.56
N ASN V 7 50.69 96.58 38.69
CA ASN V 7 51.87 95.76 38.43
C ASN V 7 52.20 95.63 36.95
N SER V 8 51.22 95.82 36.06
CA SER V 8 51.40 95.55 34.65
C SER V 8 51.28 96.82 33.83
N GLN V 9 52.09 96.92 32.77
CA GLN V 9 51.98 98.05 31.84
C GLN V 9 50.73 97.91 30.97
N ASP V 10 50.47 96.71 30.46
CA ASP V 10 49.31 96.50 29.61
C ASP V 10 48.03 96.56 30.43
N TYR V 11 47.07 97.34 29.96
CA TYR V 11 45.83 97.55 30.70
C TYR V 11 44.74 96.55 30.32
N SER V 12 44.98 95.67 29.35
CA SER V 12 44.07 94.58 29.08
C SER V 12 44.07 93.54 30.20
N ILE V 13 45.21 93.36 30.86
CA ILE V 13 45.32 92.41 31.96
C ILE V 13 44.52 92.86 33.17
N PHE V 14 44.38 94.18 33.36
CA PHE V 14 43.78 94.77 34.56
C PHE V 14 42.37 94.28 34.81
N SER V 15 42.17 93.55 35.91
CA SER V 15 40.89 92.97 36.24
C SER V 15 40.83 92.78 37.76
N THR V 16 39.87 91.98 38.23
CA THR V 16 39.63 91.82 39.66
C THR V 16 40.76 91.12 40.38
N ARG V 17 41.56 90.31 39.69
CA ARG V 17 42.64 89.59 40.34
C ARG V 17 43.88 90.46 40.55
N SER V 18 43.89 91.68 40.01
CA SER V 18 45.04 92.56 40.16
C SER V 18 45.00 93.29 41.49
N SER V 19 46.14 93.87 41.86
CA SER V 19 46.28 94.66 43.08
C SER V 19 46.68 96.09 42.70
N ILE V 20 46.23 97.05 43.50
CA ILE V 20 46.50 98.46 43.23
C ILE V 20 47.26 99.03 44.42
N LYS V 21 48.44 99.58 44.16
CA LYS V 21 49.24 100.20 45.22
C LYS V 21 48.87 101.67 45.32
N LEU V 22 48.30 102.07 46.45
CA LEU V 22 47.87 103.44 46.69
C LEU V 22 48.93 104.16 47.51
N GLU V 23 49.44 105.27 46.98
CA GLU V 23 50.47 106.06 47.62
C GLU V 23 49.98 107.49 47.79
N TYR V 24 49.97 107.97 49.03
CA TYR V 24 49.60 109.34 49.36
C TYR V 24 50.83 110.06 49.89
N GLU V 25 51.07 111.27 49.37
CA GLU V 25 52.14 112.13 49.85
C GLU V 25 51.53 113.39 50.43
N GLY V 26 51.99 113.76 51.61
CA GLY V 26 51.47 114.93 52.29
C GLY V 26 51.72 114.86 53.78
N ASN V 27 51.76 116.04 54.40
CA ASN V 27 51.98 116.12 55.84
C ASN V 27 50.80 115.60 56.63
N SER V 28 49.58 115.89 56.17
CA SER V 28 48.37 115.51 56.87
C SER V 28 47.74 114.30 56.21
N PHE V 29 47.47 113.26 57.00
CA PHE V 29 46.82 112.06 56.51
C PHE V 29 46.11 111.38 57.66
N VAL V 30 44.92 110.85 57.41
CA VAL V 30 44.11 110.17 58.43
C VAL V 30 43.92 108.70 58.07
N SER V 31 43.26 108.41 56.96
CA SER V 31 42.92 107.05 56.56
C SER V 31 42.51 107.07 55.10
N TRP V 32 41.96 105.95 54.62
CA TRP V 32 41.46 105.82 53.26
C TRP V 32 39.97 105.52 53.28
N LYS V 33 39.26 106.05 52.28
CA LYS V 33 37.81 105.82 52.14
C LYS V 33 37.61 104.96 50.91
N ILE V 34 36.97 103.80 51.09
CA ILE V 34 36.75 102.85 50.00
C ILE V 34 35.29 102.39 50.04
N PRO V 35 34.76 101.84 48.95
CA PRO V 35 33.48 101.12 49.05
C PRO V 35 33.64 99.83 49.83
N GLU V 36 32.49 99.26 50.20
CA GLU V 36 32.47 98.03 51.00
C GLU V 36 32.97 96.82 50.21
N SER V 37 32.87 96.84 48.88
CA SER V 37 33.20 95.66 48.08
C SER V 37 34.70 95.41 48.07
N CYS V 38 35.50 96.47 48.08
CA CYS V 38 36.95 96.36 47.94
C CYS V 38 37.61 96.57 49.29
N LYS V 39 38.84 96.05 49.44
CA LYS V 39 39.54 96.04 50.71
C LYS V 39 40.93 96.63 50.59
N VAL V 40 41.36 97.32 51.65
CA VAL V 40 42.65 97.97 51.71
C VAL V 40 43.44 97.35 52.87
N GLU V 41 44.72 97.05 52.63
CA GLU V 41 45.57 96.52 53.68
C GLU V 41 46.24 97.67 54.43
N ASN V 42 46.11 97.66 55.76
CA ASN V 42 46.64 98.69 56.65
C ASN V 42 46.10 100.07 56.26
N THR V 43 44.79 100.23 56.51
CA THR V 43 44.03 101.39 56.08
C THR V 43 44.51 102.70 56.68
N THR V 44 45.29 102.64 57.76
CA THR V 44 45.83 103.83 58.39
C THR V 44 47.18 104.26 57.81
N SER V 45 47.66 103.59 56.75
CA SER V 45 48.96 103.94 56.19
C SER V 45 48.81 104.72 54.88
N PRO V 46 49.65 105.73 54.66
CA PRO V 46 49.59 106.44 53.37
C PRO V 46 50.06 105.61 52.20
N LYS V 47 50.85 104.56 52.43
CA LYS V 47 51.23 103.62 51.38
C LYS V 47 50.59 102.27 51.69
N THR V 48 49.81 101.76 50.75
CA THR V 48 49.04 100.55 51.01
C THR V 48 48.70 99.83 49.72
N THR V 49 48.05 98.68 49.86
CA THR V 49 47.61 97.86 48.74
C THR V 49 46.10 97.69 48.79
N LEU V 50 45.50 97.53 47.62
CA LEU V 50 44.05 97.44 47.44
C LEU V 50 43.74 96.22 46.61
N HIS V 51 42.82 95.40 47.10
CA HIS V 51 42.34 94.20 46.43
C HIS V 51 40.82 94.26 46.33
N CYS V 52 40.28 93.91 45.16
CA CYS V 52 38.83 94.00 45.02
C CYS V 52 38.37 93.02 43.95
N LYS V 53 37.32 92.28 44.29
CA LYS V 53 36.81 91.22 43.41
C LYS V 53 35.52 91.58 42.69
N ARG V 54 34.61 92.30 43.34
CA ARG V 54 33.37 92.72 42.69
C ARG V 54 33.66 93.77 41.62
N ALA V 55 33.04 93.60 40.47
CA ALA V 55 33.28 94.47 39.33
C ALA V 55 32.50 95.77 39.48
N GLY V 56 32.66 96.67 38.51
CA GLY V 56 31.97 97.93 38.49
C GLY V 56 32.90 99.13 38.62
N ILE V 57 32.41 100.19 39.27
CA ILE V 57 33.19 101.39 39.52
C ILE V 57 33.25 101.60 41.03
N HIS V 58 34.42 102.02 41.50
CA HIS V 58 34.67 102.17 42.93
C HIS V 58 35.22 103.57 43.18
N THR V 59 34.69 104.23 44.21
CA THR V 59 35.08 105.59 44.57
C THR V 59 36.02 105.53 45.77
N ILE V 60 37.26 105.96 45.57
CA ILE V 60 38.29 105.91 46.61
C ILE V 60 38.82 107.32 46.83
N LYS V 61 38.96 107.69 48.11
CA LYS V 61 39.44 109.00 48.48
C LYS V 61 40.23 108.90 49.78
N PRO V 62 41.45 109.43 49.83
CA PRO V 62 42.20 109.47 51.09
C PRO V 62 41.74 110.63 51.96
N ILE V 63 41.09 110.30 53.08
CA ILE V 63 40.65 111.33 54.01
C ILE V 63 41.87 111.83 54.78
N ALA V 64 42.03 113.15 54.82
CA ALA V 64 43.19 113.78 55.44
C ALA V 64 42.75 115.11 56.02
N GLY V 65 43.73 115.89 56.50
CA GLY V 65 43.42 117.20 57.06
C GLY V 65 42.93 118.18 56.00
N ASN V 66 43.58 118.20 54.85
CA ASN V 66 43.19 119.10 53.76
C ASN V 66 42.15 118.41 52.89
N GLN V 67 41.76 119.06 51.80
CA GLN V 67 40.79 118.51 50.86
C GLN V 67 41.53 117.68 49.82
N GLU V 68 41.14 116.41 49.70
CA GLU V 68 41.70 115.50 48.70
C GLU V 68 40.59 115.02 47.79
N VAL V 69 40.82 115.08 46.48
CA VAL V 69 39.79 114.69 45.53
C VAL V 69 39.64 113.17 45.54
N GLU V 70 38.44 112.71 45.19
CA GLU V 70 38.15 111.30 45.07
C GLU V 70 38.36 110.84 43.63
N ARG V 71 38.51 109.54 43.45
CA ARG V 71 38.74 108.96 42.14
C ARG V 71 37.87 107.74 41.96
N HIS V 72 37.24 107.65 40.80
CA HIS V 72 36.42 106.49 40.44
C HIS V 72 37.23 105.60 39.50
N LEU V 73 37.37 104.34 39.86
CA LEU V 73 38.16 103.38 39.11
C LEU V 73 37.26 102.21 38.69
N THR V 74 37.39 101.80 37.43
CA THR V 74 36.57 100.72 36.88
C THR V 74 37.37 99.42 36.92
N VAL V 75 36.77 98.40 37.53
CA VAL V 75 37.34 97.05 37.54
C VAL V 75 36.34 96.13 36.84
N ASP V 76 36.80 95.43 35.80
CA ASP V 76 35.94 94.58 35.01
C ASP V 76 36.50 93.17 34.98
N ASN V 77 35.61 92.20 34.96
CA ASN V 77 36.02 90.80 34.92
C ASN V 77 36.61 90.46 33.57
N SER V 78 37.82 89.89 33.59
CA SER V 78 38.53 89.55 32.37
C SER V 78 39.04 88.11 32.48
N TYR V 79 39.10 87.45 31.33
CA TYR V 79 39.64 86.10 31.26
C TYR V 79 41.08 86.06 30.79
N ILE V 80 41.69 87.23 30.51
CA ILE V 80 43.09 87.32 30.10
C ILE V 80 43.89 87.72 31.32
N CYS V 81 44.78 86.85 31.78
CA CYS V 81 45.51 87.08 33.01
C CYS V 81 47.01 87.11 32.79
N TYR V 82 47.54 86.17 32.01
CA TYR V 82 48.97 85.96 31.91
C TYR V 82 49.55 86.81 30.79
N LEU V 83 50.88 86.90 30.77
CA LEU V 83 51.58 87.71 29.79
C LEU V 83 52.84 86.98 29.34
N TRP V 84 53.30 87.34 28.15
CA TRP V 84 54.56 86.82 27.62
C TRP V 84 55.72 87.65 28.13
N TYR V 85 56.86 86.99 28.34
CA TYR V 85 58.13 87.65 28.53
C TYR V 85 59.11 87.08 27.53
N PHE V 86 59.88 87.95 26.88
CA PHE V 86 60.85 87.51 25.89
C PHE V 86 62.19 88.19 26.15
N THR V 87 63.26 87.49 25.78
CA THR V 87 64.62 88.00 25.88
C THR V 87 65.34 87.68 24.58
N VAL V 88 65.96 88.68 23.97
CA VAL V 88 66.57 88.54 22.66
C VAL V 88 68.08 88.48 22.80
N VAL V 89 68.71 87.98 21.75
CA VAL V 89 70.16 88.08 21.57
C VAL V 89 70.43 88.17 20.08
N ASP V 90 71.45 88.93 19.71
CA ASP V 90 71.75 89.20 18.31
C ASP V 90 73.12 88.65 17.96
N VAL V 91 73.19 87.90 16.86
CA VAL V 91 74.45 87.49 16.26
C VAL V 91 74.56 88.20 14.92
N TYR V 92 75.78 88.60 14.56
CA TYR V 92 75.99 89.30 13.30
C TYR V 92 76.59 88.41 12.22
N TYR V 93 77.36 87.39 12.62
CA TYR V 93 77.98 86.50 11.64
C TYR V 93 76.95 85.81 10.77
N ASN V 94 75.87 85.32 11.38
CA ASN V 94 74.77 84.78 10.61
C ASN V 94 73.73 85.83 10.25
N LEU V 95 73.88 87.06 10.75
CA LEU V 95 72.92 88.15 10.57
C LEU V 95 71.50 87.72 10.92
N SER V 96 71.35 87.29 12.17
CA SER V 96 70.08 86.79 12.66
C SER V 96 69.95 87.12 14.14
N GLN V 97 68.84 86.69 14.73
CA GLN V 97 68.55 86.96 16.13
C GLN V 97 67.95 85.70 16.76
N ILE V 98 68.17 85.53 18.06
CA ILE V 98 67.63 84.41 18.81
C ILE V 98 66.89 84.96 20.01
N VAL V 99 65.65 84.52 20.21
CA VAL V 99 64.79 85.02 21.27
C VAL V 99 64.38 83.87 22.18
N THR V 100 64.34 84.15 23.48
CA THR V 100 63.92 83.20 24.51
C THR V 100 62.67 83.74 25.19
N ILE V 101 61.61 82.93 25.21
CA ILE V 101 60.29 83.36 25.64
C ILE V 101 59.80 82.43 26.75
N TRP V 102 59.17 83.00 27.77
CA TRP V 102 58.47 82.21 28.78
C TRP V 102 57.27 83.01 29.28
N VAL V 103 56.40 82.33 30.03
CA VAL V 103 55.14 82.88 30.50
C VAL V 103 55.30 83.28 31.96
N TYR V 104 54.85 84.49 32.31
CA TYR V 104 54.88 84.96 33.68
C TYR V 104 53.55 85.62 34.03
N ASP V 105 53.14 85.44 35.28
CA ASP V 105 51.94 86.07 35.82
C ASP V 105 52.34 87.37 36.50
N PRO V 106 51.79 88.53 36.10
CA PRO V 106 52.19 89.81 36.70
C PRO V 106 51.92 89.90 38.20
N GLU V 107 50.95 89.16 38.74
CA GLU V 107 50.64 89.25 40.16
C GLU V 107 51.67 88.53 41.03
N SER V 108 52.27 87.46 40.52
CA SER V 108 53.21 86.65 41.28
C SER V 108 54.51 86.42 40.53
N ALA V 109 55.06 87.49 39.95
CA ALA V 109 56.33 87.42 39.23
C ALA V 109 57.45 88.01 40.08
N SER V 110 58.67 87.86 39.59
CA SER V 110 59.83 88.47 40.23
C SER V 110 59.89 89.96 39.92
N THR V 111 60.71 90.67 40.69
CA THR V 111 60.89 92.10 40.47
C THR V 111 61.54 92.39 39.13
N GLU V 112 62.58 91.62 38.76
CA GLU V 112 63.32 91.88 37.53
C GLU V 112 62.45 91.69 36.29
N GLU V 113 61.59 90.68 36.30
CA GLU V 113 60.65 90.49 35.19
C GLU V 113 59.66 91.64 35.06
N LEU V 114 59.34 92.32 36.16
CA LEU V 114 58.44 93.47 36.11
C LEU V 114 59.10 94.72 35.53
N ILE V 115 60.43 94.76 35.47
CA ILE V 115 61.16 95.90 34.92
C ILE V 115 61.96 95.51 33.69
N TRP V 116 61.79 94.27 33.21
CA TRP V 116 62.44 93.76 31.99
C TRP V 116 63.97 93.78 32.12
N THR V 117 64.45 93.13 33.19
CA THR V 117 65.88 92.99 33.43
C THR V 117 66.25 91.55 33.74
N ALA V 118 65.34 90.61 33.55
CA ALA V 118 65.58 89.21 33.86
C ALA V 118 66.14 88.48 32.65
N LYS V 119 66.94 87.44 32.93
CA LYS V 119 67.51 86.59 31.88
C LYS V 119 67.10 85.15 32.13
N LYS V 120 66.68 84.84 33.35
CA LYS V 120 66.27 83.50 33.74
C LYS V 120 64.91 83.57 34.41
N PRO V 121 63.95 82.73 34.01
CA PRO V 121 62.63 82.75 34.66
C PRO V 121 62.71 82.28 36.11
N SER V 122 61.81 82.82 36.93
CA SER V 122 61.74 82.44 38.33
C SER V 122 61.00 81.10 38.47
N LEU V 123 60.81 80.68 39.72
CA LEU V 123 60.20 79.37 39.99
C LEU V 123 58.76 79.30 39.52
N SER V 124 57.94 80.30 39.88
CA SER V 124 56.54 80.30 39.50
C SER V 124 56.39 80.39 37.99
N SER V 125 57.19 81.23 37.34
CA SER V 125 57.16 81.35 35.89
C SER V 125 57.54 80.04 35.21
N ARG V 126 58.57 79.37 35.73
CA ARG V 126 59.01 78.10 35.14
C ARG V 126 57.95 77.01 35.29
N VAL V 127 57.34 76.92 36.49
CA VAL V 127 56.33 75.89 36.71
C VAL V 127 55.09 76.17 35.86
N LEU V 128 54.70 77.44 35.73
CA LEU V 128 53.55 77.77 34.90
C LEU V 128 53.87 77.51 33.43
N THR V 129 55.11 77.75 33.00
CA THR V 129 55.50 77.48 31.63
C THR V 129 55.47 75.98 31.32
N LYS V 130 55.98 75.16 32.23
CA LYS V 130 55.93 73.72 31.97
C LYS V 130 54.50 73.21 32.07
N GLN V 131 53.65 73.84 32.87
CA GLN V 131 52.24 73.49 32.88
C GLN V 131 51.57 73.84 31.55
N MET V 132 51.95 74.96 30.94
CA MET V 132 51.40 75.34 29.64
C MET V 132 51.90 74.43 28.53
N ASN V 133 53.14 73.97 28.60
CA ASN V 133 53.58 72.94 27.66
C ASN V 133 52.84 71.64 27.87
N THR V 134 52.55 71.30 29.13
CA THR V 134 51.84 70.05 29.43
C THR V 134 50.41 70.08 28.92
N LEU V 135 49.66 71.13 29.25
CA LEU V 135 48.34 71.33 28.66
C LEU V 135 48.40 71.70 27.19
N GLY V 136 49.58 72.07 26.69
CA GLY V 136 49.77 72.24 25.27
C GLY V 136 49.64 73.65 24.75
N GLN V 137 50.40 74.59 25.30
CA GLN V 137 50.41 75.96 24.81
C GLN V 137 51.77 76.20 24.17
N ARG V 138 51.78 76.71 22.93
CA ARG V 138 53.00 76.96 22.17
C ARG V 138 52.95 78.35 21.53
N PRO V 139 53.93 79.21 21.81
CA PRO V 139 53.96 80.52 21.16
C PRO V 139 54.54 80.46 19.76
N PHE V 140 54.26 81.51 18.99
CA PHE V 140 54.92 81.71 17.71
C PHE V 140 54.95 83.20 17.39
N ILE V 141 55.88 83.60 16.52
CA ILE V 141 56.11 85.00 16.21
C ILE V 141 55.69 85.26 14.77
N PHE V 142 54.99 86.38 14.55
CA PHE V 142 54.38 86.71 13.27
C PHE V 142 54.79 88.13 12.88
N THR V 143 55.50 88.26 11.77
CA THR V 143 55.87 89.58 11.27
C THR V 143 54.66 90.28 10.68
N VAL V 144 54.57 91.58 10.96
CA VAL V 144 53.36 92.34 10.65
C VAL V 144 53.32 92.79 9.20
N GLU V 145 54.39 93.45 8.72
CA GLU V 145 54.35 94.04 7.39
C GLU V 145 54.26 92.99 6.30
N LYS V 146 55.02 91.90 6.43
CA LYS V 146 54.91 90.75 5.55
C LYS V 146 54.56 89.54 6.39
N ARG V 147 53.53 88.81 5.99
CA ARG V 147 52.90 87.80 6.85
C ARG V 147 53.74 86.53 6.83
N LEU V 148 54.75 86.51 7.70
CA LEU V 148 55.59 85.33 7.92
C LEU V 148 55.51 84.91 9.39
N THR V 149 55.44 83.61 9.61
CA THR V 149 55.39 83.05 10.95
C THR V 149 56.65 82.23 11.21
N TYR V 150 57.09 82.24 12.47
CA TYR V 150 58.22 81.45 12.91
C TYR V 150 57.83 80.73 14.19
N HIS V 151 58.17 79.44 14.25
CA HIS V 151 57.80 78.48 15.29
C HIS V 151 59.00 78.15 16.17
N PRO V 152 58.77 77.77 17.43
CA PRO V 152 59.89 77.41 18.30
C PRO V 152 60.24 75.93 18.22
N GLY V 153 61.22 75.52 19.01
CA GLY V 153 61.50 74.11 19.20
C GLY V 153 60.83 73.61 20.46
N PRO V 154 61.27 72.46 20.96
CA PRO V 154 60.74 71.96 22.23
C PRO V 154 61.24 72.79 23.40
N LEU V 155 60.54 72.65 24.52
CA LEU V 155 60.95 73.34 25.74
C LEU V 155 62.27 72.78 26.24
N THR V 156 63.14 73.65 26.73
CA THR V 156 64.45 73.25 27.24
C THR V 156 64.31 72.72 28.65
N SER V 157 65.44 72.55 29.35
CA SER V 157 65.41 72.08 30.73
C SER V 157 64.67 73.06 31.64
N GLU V 158 64.98 74.34 31.51
CA GLU V 158 64.19 75.38 32.14
C GLU V 158 63.12 75.88 31.17
N GLY V 159 62.10 76.52 31.72
CA GLY V 159 61.02 77.02 30.88
C GLY V 159 61.49 78.12 29.95
N THR V 160 61.64 77.78 28.67
CA THR V 160 62.19 78.70 27.68
C THR V 160 61.91 78.15 26.28
N TRP V 161 61.30 78.96 25.43
CA TRP V 161 61.15 78.65 24.02
C TRP V 161 62.13 79.51 23.23
N VAL V 162 62.90 78.87 22.36
CA VAL V 162 63.96 79.52 21.60
C VAL V 162 63.53 79.60 20.15
N ILE V 163 63.48 80.82 19.60
CA ILE V 163 63.09 81.04 18.22
C ILE V 163 64.18 81.85 17.52
N HIS V 164 64.60 81.39 16.35
CA HIS V 164 65.52 82.13 15.50
C HIS V 164 64.73 82.99 14.52
N LEU V 165 65.33 84.12 14.13
CA LEU V 165 64.62 85.12 13.37
C LEU V 165 65.56 85.86 12.44
N PRO V 166 65.21 86.00 11.17
CA PRO V 166 66.06 86.74 10.24
C PRO V 166 66.12 88.23 10.57
N MET V 167 67.22 88.85 10.17
CA MET V 167 67.44 90.27 10.42
C MET V 167 66.92 91.01 9.19
N SER V 168 65.81 91.72 9.33
CA SER V 168 65.04 92.21 8.19
C SER V 168 65.31 93.68 7.85
N SER V 169 65.09 94.59 8.81
CA SER V 169 65.21 96.05 8.67
C SER V 169 64.18 96.63 7.71
N ASP V 170 63.22 95.85 7.26
CA ASP V 170 62.11 96.32 6.45
C ASP V 170 60.76 96.03 7.11
N ASP V 171 60.61 94.87 7.74
CA ASP V 171 59.46 94.55 8.57
C ASP V 171 59.96 94.45 10.00
N ILE V 172 60.04 95.59 10.68
CA ILE V 172 60.56 95.63 12.04
C ILE V 172 59.48 95.40 13.08
N ALA V 173 58.21 95.37 12.69
CA ALA V 173 57.12 95.17 13.64
C ALA V 173 56.70 93.71 13.64
N LYS V 174 56.60 93.13 14.84
CA LYS V 174 56.25 91.73 14.99
C LYS V 174 55.29 91.58 16.16
N VAL V 175 54.52 90.50 16.13
CA VAL V 175 53.68 90.10 17.25
C VAL V 175 54.11 88.70 17.66
N ILE V 176 53.74 88.31 18.88
CA ILE V 176 53.88 86.94 19.35
C ILE V 176 52.55 86.52 19.94
N ARG V 177 52.09 85.34 19.51
CA ARG V 177 50.76 84.82 19.81
C ARG V 177 50.89 83.39 20.28
N GLY V 178 49.77 82.82 20.68
CA GLY V 178 49.75 81.44 21.11
C GLY V 178 48.44 80.76 20.77
N ASN V 179 48.38 79.46 21.04
CA ASN V 179 47.20 78.66 20.83
C ASN V 179 46.11 79.02 21.84
N LYS V 180 44.91 78.48 21.61
CA LYS V 180 43.81 78.68 22.55
C LYS V 180 43.68 77.50 23.51
N VAL V 181 44.66 77.40 24.40
CA VAL V 181 44.64 76.50 25.54
C VAL V 181 44.75 77.36 26.80
N ALA V 182 43.82 77.19 27.73
CA ALA V 182 43.76 77.99 28.94
C ALA V 182 43.94 77.10 30.16
N PHE V 183 44.36 77.70 31.27
CA PHE V 183 44.82 76.92 32.41
C PHE V 183 43.72 76.68 33.44
N GLN V 184 43.29 77.74 34.10
CA GLN V 184 42.32 77.69 35.18
C GLN V 184 41.35 78.85 35.04
N ASP V 185 40.80 79.00 33.84
CA ASP V 185 40.03 80.17 33.43
C ASP V 185 40.92 81.42 33.44
N CYS V 186 41.99 81.36 32.65
CA CYS V 186 42.85 82.50 32.43
C CYS V 186 43.55 82.29 31.10
N PHE V 187 43.67 83.38 30.32
CA PHE V 187 44.27 83.36 29.00
C PHE V 187 45.62 84.07 29.03
N ILE V 188 46.30 84.08 27.88
CA ILE V 188 47.55 84.81 27.69
C ILE V 188 47.36 85.78 26.54
N ALA V 189 47.70 87.05 26.78
CA ALA V 189 47.52 88.10 25.78
C ALA V 189 48.66 88.07 24.76
N ASN V 190 48.33 88.40 23.52
CA ASN V 190 49.34 88.56 22.48
C ASN V 190 50.21 89.77 22.80
N LEU V 191 51.45 89.74 22.32
CA LEU V 191 52.39 90.83 22.62
C LEU V 191 52.96 91.41 21.32
N TYR V 192 52.90 92.74 21.21
CA TYR V 192 53.41 93.47 20.06
C TYR V 192 54.77 94.06 20.39
N PHE V 193 55.67 94.08 19.42
CA PHE V 193 57.02 94.60 19.66
C PHE V 193 57.66 94.95 18.32
N MET V 194 58.80 95.64 18.40
CA MET V 194 59.59 96.01 17.23
C MET V 194 61.05 95.69 17.49
N LEU V 195 61.76 95.33 16.43
CA LEU V 195 63.20 95.11 16.53
C LEU V 195 63.86 95.31 15.18
N THR V 196 65.08 95.85 15.22
CA THR V 196 65.94 96.05 14.06
C THR V 196 67.36 95.77 14.53
N TYR V 197 68.35 96.25 13.78
CA TYR V 197 69.74 96.12 14.22
C TYR V 197 69.92 96.79 15.58
N PRO V 198 70.66 96.18 16.50
CA PRO V 198 70.99 96.86 17.75
C PRO V 198 71.92 98.03 17.48
N MET V 199 71.49 99.22 17.89
CA MET V 199 72.29 100.43 17.74
C MET V 199 73.10 100.67 19.01
N THR V 200 74.26 101.30 18.85
CA THR V 200 75.18 101.50 19.96
C THR V 200 75.21 102.96 20.37
N ILE V 201 75.00 103.21 21.65
CA ILE V 201 75.14 104.55 22.19
C ILE V 201 76.63 104.86 22.33
N ILE V 202 76.96 106.15 22.35
CA ILE V 202 78.37 106.54 22.36
C ILE V 202 78.98 106.33 23.73
N SER V 203 80.30 106.31 23.77
CA SER V 203 81.07 106.22 25.00
C SER V 203 81.65 107.58 25.36
N GLU V 204 82.19 107.68 26.57
CA GLU V 204 82.74 108.94 27.06
C GLU V 204 84.24 108.81 27.26
N PRO V 205 85.05 109.63 26.58
CA PRO V 205 86.48 109.66 26.86
C PRO V 205 86.77 110.54 28.07
N PRO V 206 87.80 110.22 28.85
CA PRO V 206 88.15 111.07 29.99
C PRO V 206 88.65 112.43 29.55
N GLY V 207 88.39 113.43 30.38
CA GLY V 207 88.77 114.80 30.08
C GLY V 207 87.76 115.58 29.25
N TYR V 208 86.53 115.12 29.16
CA TYR V 208 85.52 115.78 28.35
C TYR V 208 84.61 116.64 29.23
N GLU V 209 83.82 117.50 28.58
CA GLU V 209 83.02 118.50 29.28
C GLU V 209 81.54 118.38 28.92
N PRO V 210 80.66 118.52 29.89
CA PRO V 210 79.22 118.35 29.63
C PRO V 210 78.63 119.50 28.82
N LEU V 211 77.52 119.19 28.16
CA LEU V 211 76.74 120.17 27.41
C LEU V 211 75.38 120.29 28.05
N THR V 212 74.99 121.51 28.42
CA THR V 212 73.78 121.74 29.20
C THR V 212 72.90 122.77 28.51
N VAL V 213 71.63 122.79 28.91
CA VAL V 213 70.68 123.82 28.51
C VAL V 213 70.96 125.08 29.33
N PRO V 214 70.47 126.24 28.93
CA PRO V 214 70.64 127.43 29.77
C PRO V 214 69.98 127.26 31.11
N PRO V 215 70.52 127.87 32.16
CA PRO V 215 69.96 127.69 33.50
C PRO V 215 68.55 128.25 33.61
N GLY V 216 67.72 127.56 34.38
CA GLY V 216 66.33 127.93 34.54
C GLY V 216 65.41 127.43 33.44
N SER V 217 65.95 126.98 32.31
CA SER V 217 65.17 126.47 31.20
C SER V 217 64.67 125.07 31.49
N PRO V 218 63.57 124.64 30.87
CA PRO V 218 63.10 123.27 31.08
C PRO V 218 64.03 122.26 30.43
N LEU V 219 63.89 121.01 30.85
CA LEU V 219 64.70 119.91 30.32
C LEU V 219 64.09 119.35 29.04
N MET V 220 64.94 119.14 28.03
CA MET V 220 64.52 118.64 26.73
C MET V 220 64.81 117.15 26.59
N LEU V 221 64.10 116.53 25.65
CA LEU V 221 64.27 115.11 25.34
C LEU V 221 63.89 114.87 23.89
N SER V 222 64.65 114.00 23.21
CA SER V 222 64.34 113.63 21.83
C SER V 222 64.68 112.16 21.61
N TRP V 223 63.83 111.49 20.84
CA TRP V 223 63.96 110.06 20.58
C TRP V 223 63.89 109.77 19.08
N ASP V 224 64.15 108.50 18.75
CA ASP V 224 64.12 108.06 17.37
C ASP V 224 62.68 107.91 16.87
N THR V 225 62.48 108.22 15.59
CA THR V 225 61.12 108.27 15.04
C THR V 225 60.54 106.87 14.84
N CYS V 226 61.37 105.84 14.66
CA CYS V 226 60.89 104.51 14.35
C CYS V 226 60.84 103.61 15.58
N ILE V 227 61.95 103.51 16.31
CA ILE V 227 62.05 102.64 17.47
C ILE V 227 62.21 103.52 18.70
N SER V 228 61.32 103.33 19.68
CA SER V 228 61.41 104.06 20.94
C SER V 228 62.45 103.40 21.83
N THR V 229 62.50 103.81 23.11
CA THR V 229 63.46 103.31 24.10
C THR V 229 64.91 103.49 23.64
N PHE V 230 65.16 104.48 22.78
CA PHE V 230 66.51 104.88 22.41
C PHE V 230 66.47 106.39 22.21
N ALA V 231 67.01 107.12 23.18
CA ALA V 231 66.76 108.55 23.19
C ALA V 231 67.93 109.29 23.83
N LEU V 232 67.84 110.62 23.78
CA LEU V 232 68.82 111.49 24.42
C LEU V 232 68.08 112.65 25.08
N LEU V 233 68.49 112.96 26.31
CA LEU V 233 67.82 113.94 27.15
C LEU V 233 68.86 114.96 27.61
N ALA V 234 68.52 116.24 27.49
CA ALA V 234 69.40 117.33 27.91
C ALA V 234 68.79 118.03 29.11
N THR V 235 69.58 118.20 30.17
CA THR V 235 69.17 118.87 31.39
C THR V 235 70.00 120.13 31.57
N ASP V 236 69.83 120.78 32.73
CA ASP V 236 70.65 121.92 33.08
C ASP V 236 72.05 121.52 33.55
N GLN V 237 72.30 120.24 33.75
CA GLN V 237 73.59 119.78 34.27
C GLN V 237 74.26 118.69 33.45
N GLU V 238 73.53 117.93 32.64
CA GLU V 238 74.14 116.81 31.92
C GLU V 238 73.28 116.45 30.71
N THR V 239 73.94 115.79 29.76
CA THR V 239 73.27 115.20 28.61
C THR V 239 73.39 113.68 28.71
N PHE V 240 72.25 113.00 28.75
CA PHE V 240 72.21 111.55 28.88
C PHE V 240 71.70 110.93 27.59
N GLN V 241 72.16 109.73 27.30
CA GLN V 241 71.67 108.94 26.18
C GLN V 241 71.39 107.53 26.66
N THR V 242 70.28 106.97 26.18
CA THR V 242 69.85 105.65 26.64
C THR V 242 69.51 104.75 25.47
N ASN V 243 70.04 103.52 25.56
CA ASN V 243 69.68 102.37 24.74
C ASN V 243 68.39 101.70 25.20
N ASP V 244 67.87 102.10 26.37
CA ASP V 244 66.67 101.51 26.95
C ASP V 244 65.72 102.64 27.35
N SER V 245 64.68 102.32 28.14
CA SER V 245 63.80 103.34 28.70
C SER V 245 64.44 103.99 29.93
N PHE V 246 65.66 104.51 29.70
CA PHE V 246 66.46 105.19 30.72
C PHE V 246 66.72 104.30 31.94
N GLN V 247 66.71 102.99 31.73
CA GLN V 247 67.16 102.07 32.79
C GLN V 247 68.66 102.17 32.98
N THR V 248 69.41 102.13 31.87
CA THR V 248 70.84 102.37 31.87
C THR V 248 71.14 103.52 30.91
N TRP V 249 71.98 104.46 31.35
CA TRP V 249 72.25 105.67 30.58
C TRP V 249 73.74 105.95 30.56
N THR V 250 74.15 106.70 29.54
CA THR V 250 75.55 107.08 29.36
C THR V 250 75.62 108.56 29.02
N ARG V 251 76.58 109.27 29.61
CA ARG V 251 76.68 110.70 29.38
C ARG V 251 77.26 111.00 28.00
N VAL V 252 76.90 112.18 27.49
CA VAL V 252 77.39 112.67 26.20
C VAL V 252 78.10 113.99 26.47
N ARG V 253 79.35 114.10 26.02
CA ARG V 253 80.19 115.26 26.31
C ARG V 253 80.96 115.66 25.06
N ALA V 254 81.86 116.64 25.23
CA ALA V 254 82.58 117.23 24.11
C ALA V 254 84.07 117.26 24.38
N PRO V 255 84.90 117.19 23.33
CA PRO V 255 86.34 117.28 23.52
C PRO V 255 86.74 118.67 23.99
N PRO V 256 87.88 118.80 24.68
CA PRO V 256 88.30 120.12 25.17
C PRO V 256 88.66 121.08 24.03
N GLY V 257 88.40 122.36 24.28
CA GLY V 257 88.80 123.41 23.37
C GLY V 257 87.88 123.64 22.20
N ILE V 258 86.89 122.77 21.98
CA ILE V 258 85.99 122.94 20.84
C ILE V 258 85.03 124.09 21.09
N LEU V 259 84.47 124.17 22.30
CA LEU V 259 83.46 125.17 22.63
C LEU V 259 83.81 125.85 23.94
N SER V 260 83.39 127.11 24.05
CA SER V 260 83.58 127.86 25.29
C SER V 260 82.67 127.34 26.39
N ASP V 261 82.98 127.71 27.62
CA ASP V 261 82.13 127.34 28.75
C ASP V 261 80.76 127.99 28.65
N ALA V 262 80.72 129.26 28.22
CA ALA V 262 79.44 129.93 28.01
C ALA V 262 78.67 129.31 26.85
N GLN V 263 79.37 128.93 25.78
CA GLN V 263 78.71 128.28 24.66
C GLN V 263 78.14 126.92 25.04
N ARG V 264 78.86 126.16 25.87
CA ARG V 264 78.41 124.84 26.31
C ARG V 264 77.14 124.89 27.14
N HIS V 265 76.79 126.05 27.69
CA HIS V 265 75.57 126.21 28.48
C HIS V 265 74.49 126.93 27.70
N SER V 266 74.57 126.95 26.37
CA SER V 266 73.60 127.60 25.51
C SER V 266 73.09 126.63 24.45
N LEU V 267 72.95 125.36 24.82
CA LEU V 267 72.43 124.36 23.89
C LEU V 267 70.93 124.55 23.73
N ARG V 268 70.47 124.64 22.48
CA ARG V 268 69.07 124.96 22.23
C ARG V 268 68.23 123.73 21.88
N ASP V 269 68.70 122.90 20.95
CA ASP V 269 67.90 121.76 20.48
C ASP V 269 68.82 120.61 20.08
N VAL V 270 68.27 119.40 20.14
CA VAL V 270 69.01 118.18 19.85
C VAL V 270 68.16 117.23 19.02
N ILE V 271 68.80 116.61 18.02
CA ILE V 271 68.19 115.54 17.22
C ILE V 271 69.12 114.34 17.18
N ILE V 272 68.54 113.14 17.23
CA ILE V 272 69.28 111.89 17.35
C ILE V 272 68.96 111.04 16.13
N PHE V 273 69.98 110.53 15.47
CA PHE V 273 69.83 109.51 14.45
C PHE V 273 70.64 108.29 14.85
N ASP V 274 70.61 107.26 14.01
CA ASP V 274 71.45 106.09 14.25
C ASP V 274 72.92 106.42 14.03
N GLN V 275 73.21 107.34 13.10
CA GLN V 275 74.59 107.68 12.78
C GLN V 275 75.20 108.58 13.87
N GLY V 276 74.45 109.56 14.35
CA GLY V 276 75.00 110.46 15.35
C GLY V 276 73.97 111.45 15.85
N THR V 277 74.46 112.41 16.64
CA THR V 277 73.61 113.41 17.26
C THR V 277 73.94 114.79 16.71
N LEU V 278 72.92 115.64 16.64
CA LEU V 278 73.05 117.01 16.16
C LEU V 278 72.61 117.97 17.24
N PHE V 279 73.49 118.92 17.58
CA PHE V 279 73.28 119.93 18.61
C PHE V 279 73.15 121.30 17.94
N LEU V 280 72.25 122.12 18.45
CA LEU V 280 72.11 123.50 18.02
C LEU V 280 72.62 124.35 19.18
N VAL V 281 73.89 124.72 19.11
CA VAL V 281 74.54 125.48 20.16
C VAL V 281 74.61 126.93 19.70
N ASP V 282 73.76 127.79 20.29
CA ASP V 282 73.78 129.24 20.08
C ASP V 282 73.65 129.60 18.60
N GLY V 283 72.82 128.86 17.87
CA GLY V 283 72.63 129.10 16.46
C GLY V 283 73.60 128.40 15.53
N THR V 284 74.50 127.58 16.05
CA THR V 284 75.46 126.86 15.23
C THR V 284 75.22 125.36 15.35
N VAL V 285 75.39 124.63 14.25
CA VAL V 285 75.07 123.21 14.21
C VAL V 285 76.34 122.40 14.40
N TYR V 286 76.32 121.50 15.37
CA TYR V 286 77.45 120.62 15.66
C TYR V 286 77.01 119.17 15.56
N LEU V 287 77.82 118.35 14.90
CA LEU V 287 77.57 116.93 14.72
C LEU V 287 78.53 116.14 15.60
N ARG V 288 77.97 115.39 16.55
CA ARG V 288 78.74 114.52 17.43
C ARG V 288 78.51 113.07 17.00
N THR V 289 79.60 112.38 16.71
CA THR V 289 79.58 110.94 16.46
C THR V 289 80.46 110.27 17.50
N GLU V 290 80.64 108.96 17.34
CA GLU V 290 81.57 108.23 18.18
C GLU V 290 83.02 108.61 17.90
N ASP V 291 83.28 109.27 16.78
CA ASP V 291 84.64 109.62 16.37
C ASP V 291 84.99 111.08 16.65
N GLU V 292 84.15 112.02 16.20
CA GLU V 292 84.51 113.43 16.27
C GLU V 292 83.29 114.29 16.58
N PHE V 293 83.57 115.55 16.87
CA PHE V 293 82.60 116.56 17.32
C PHE V 293 82.58 117.71 16.32
N THR V 294 82.43 117.38 15.04
CA THR V 294 82.70 118.36 13.99
C THR V 294 81.60 119.41 13.92
N LYS V 295 82.00 120.65 13.69
CA LYS V 295 81.07 121.75 13.55
C LYS V 295 80.72 121.93 12.08
N LEU V 296 79.42 121.92 11.77
CA LEU V 296 79.00 122.12 10.38
C LEU V 296 79.26 123.56 9.95
N ASP V 297 79.65 123.72 8.70
CA ASP V 297 80.06 125.02 8.18
C ASP V 297 79.48 125.17 6.77
N GLU V 298 79.96 126.20 6.06
CA GLU V 298 79.48 126.46 4.70
C GLU V 298 79.90 125.38 3.72
N SER V 299 80.93 124.59 4.04
CA SER V 299 81.34 123.49 3.17
C SER V 299 80.24 122.43 3.04
N ARG V 300 79.42 122.26 4.06
CA ARG V 300 78.30 121.31 4.01
C ARG V 300 76.99 121.96 3.60
N GLY V 301 76.99 123.27 3.35
CA GLY V 301 75.80 123.95 2.89
C GLY V 301 74.95 124.62 3.94
N ILE V 302 75.50 124.88 5.13
CA ILE V 302 74.75 125.52 6.20
C ILE V 302 75.37 126.88 6.49
N SER V 303 74.56 127.76 7.08
CA SER V 303 75.04 129.06 7.54
C SER V 303 75.46 128.98 8.99
N GLU V 304 76.26 129.96 9.42
CA GLU V 304 76.82 129.99 10.76
C GLU V 304 76.13 131.03 11.62
N THR V 305 75.73 130.61 12.82
CA THR V 305 75.07 131.47 13.81
C THR V 305 73.80 132.10 13.23
N GLY V 306 73.08 131.36 12.39
CA GLY V 306 71.84 131.83 11.83
C GLY V 306 70.73 130.80 11.93
N ILE V 307 71.07 129.56 12.27
CA ILE V 307 70.08 128.50 12.33
C ILE V 307 69.23 128.66 13.58
N LEU V 308 67.91 128.69 13.42
CA LEU V 308 66.99 128.71 14.54
C LEU V 308 66.29 127.37 14.76
N GLY V 309 66.22 126.49 13.77
CA GLY V 309 65.63 125.21 14.13
C GLY V 309 65.91 124.12 13.13
N PHE V 310 65.55 122.90 13.54
CA PHE V 310 65.61 121.72 12.70
C PHE V 310 64.62 120.67 13.20
N SER V 311 64.25 119.76 12.32
CA SER V 311 63.22 118.77 12.61
C SER V 311 63.41 117.56 11.71
N LYS V 312 62.78 116.46 12.11
CA LYS V 312 62.82 115.20 11.39
C LYS V 312 61.40 114.66 11.24
N ARG V 313 61.29 113.49 10.62
CA ARG V 313 59.99 112.84 10.49
C ARG V 313 59.52 112.32 11.84
N ARG V 314 58.20 112.08 11.94
CA ARG V 314 57.59 111.69 13.20
C ARG V 314 56.80 110.40 13.14
N TRP V 315 56.56 109.84 11.95
CA TRP V 315 55.85 108.58 11.80
C TRP V 315 56.70 107.62 10.99
N CYS V 316 56.84 106.39 11.50
CA CYS V 316 57.80 105.42 10.96
C CYS V 316 57.24 104.82 9.67
N GLN V 317 57.48 105.52 8.57
CA GLN V 317 57.14 105.01 7.24
C GLN V 317 58.35 104.29 6.63
N ILE V 318 58.89 103.36 7.40
CA ILE V 318 60.17 102.75 7.06
C ILE V 318 60.03 101.85 5.83
N ARG V 319 58.86 101.23 5.64
CA ARG V 319 58.66 100.38 4.47
C ARG V 319 58.74 101.18 3.18
N TYR V 320 58.01 102.29 3.11
CA TYR V 320 58.06 103.12 1.92
C TYR V 320 59.42 103.79 1.75
N LEU V 321 60.04 104.20 2.87
CA LEU V 321 61.35 104.83 2.79
C LEU V 321 62.40 103.87 2.26
N TYR V 322 62.31 102.59 2.65
CA TYR V 322 63.25 101.59 2.15
C TYR V 322 62.95 101.21 0.71
N LYS V 323 61.67 101.07 0.37
CA LYS V 323 61.29 100.63 -0.97
C LYS V 323 61.33 101.75 -2.01
N LEU V 324 61.53 103.00 -1.59
CA LEU V 324 61.67 104.08 -2.55
C LEU V 324 62.93 103.93 -3.41
N ALA V 325 63.96 103.27 -2.87
CA ALA V 325 65.22 103.03 -3.58
C ALA V 325 65.87 104.33 -4.04
N SER V 326 65.75 105.37 -3.22
CA SER V 326 66.33 106.67 -3.51
C SER V 326 66.52 107.41 -2.20
N LYS V 327 67.76 107.79 -1.90
CA LYS V 327 68.06 108.45 -0.63
C LYS V 327 67.48 109.86 -0.63
N LYS V 328 66.58 110.12 0.31
CA LYS V 328 65.90 111.40 0.42
C LYS V 328 66.36 112.14 1.67
N SER V 329 65.82 113.34 1.87
CA SER V 329 66.19 114.14 3.02
C SER V 329 65.66 113.51 4.30
N ILE V 330 66.50 113.51 5.34
CA ILE V 330 66.14 112.98 6.65
C ILE V 330 65.97 114.07 7.68
N LEU V 331 66.30 115.31 7.36
CA LEU V 331 66.18 116.40 8.31
C LEU V 331 65.86 117.67 7.54
N ILE V 332 65.19 118.61 8.18
CA ILE V 332 64.96 119.92 7.60
C ILE V 332 65.32 120.99 8.63
N ALA V 333 66.20 121.91 8.26
CA ALA V 333 66.58 123.02 9.12
C ALA V 333 66.06 124.33 8.53
N TRP V 334 65.83 125.30 9.41
CA TRP V 334 65.36 126.61 8.99
C TRP V 334 66.11 127.70 9.75
N SER V 335 66.44 128.76 9.01
CA SER V 335 67.27 129.86 9.49
C SER V 335 66.56 131.21 9.26
N LYS V 336 65.23 131.23 9.40
CA LYS V 336 64.33 132.41 9.45
C LYS V 336 64.24 133.08 8.09
N THR V 337 65.12 132.71 7.18
CA THR V 337 65.11 133.23 5.83
C THR V 337 65.43 132.16 4.80
N THR V 338 65.75 130.94 5.22
CA THR V 338 66.19 129.90 4.30
C THR V 338 66.02 128.55 4.97
N VAL V 339 65.49 127.58 4.23
CA VAL V 339 65.35 126.21 4.71
C VAL V 339 66.35 125.33 3.98
N TYR V 340 66.80 124.27 4.64
CA TYR V 340 67.76 123.32 4.10
C TYR V 340 67.27 121.90 4.35
N ALA V 341 67.45 121.05 3.33
CA ALA V 341 66.99 119.66 3.38
C ALA V 341 68.20 118.75 3.56
N GLY V 342 68.49 118.42 4.81
CA GLY V 342 69.61 117.55 5.15
C GLY V 342 69.37 116.10 4.81
N TYR V 343 70.21 115.57 3.94
CA TYR V 343 70.17 114.17 3.53
C TYR V 343 71.03 113.32 4.47
N ALA V 344 71.30 112.10 4.03
CA ALA V 344 72.24 111.26 4.76
C ALA V 344 73.66 111.81 4.64
N THR V 345 74.54 111.31 5.50
CA THR V 345 75.95 111.70 5.63
C THR V 345 76.12 113.16 6.04
N PHE V 346 75.03 113.85 6.39
CA PHE V 346 75.05 115.19 6.98
C PHE V 346 75.72 116.21 6.07
N ARG V 347 75.26 116.24 4.82
CA ARG V 347 75.61 117.30 3.88
C ARG V 347 74.39 117.57 3.01
N PHE V 348 74.24 118.82 2.58
CA PHE V 348 72.98 119.21 1.97
C PHE V 348 73.17 120.47 1.14
N VAL V 349 72.14 120.80 0.36
CA VAL V 349 72.04 122.06 -0.36
C VAL V 349 70.89 122.86 0.23
N THR V 350 70.88 124.16 -0.04
CA THR V 350 69.79 125.00 0.43
C THR V 350 68.50 124.64 -0.32
N LEU V 351 67.39 124.58 0.43
CA LEU V 351 66.12 124.23 -0.19
C LEU V 351 65.46 125.46 -0.82
N THR V 352 65.11 126.45 0.01
CA THR V 352 64.36 127.60 -0.48
C THR V 352 64.71 128.81 0.37
N ASP V 353 64.83 129.97 -0.28
CA ASP V 353 64.97 131.25 0.39
C ASP V 353 63.63 131.99 0.41
N THR V 354 63.58 133.06 1.18
CA THR V 354 62.33 133.80 1.35
C THR V 354 61.94 134.61 0.11
N ALA V 355 62.90 134.96 -0.75
CA ALA V 355 62.58 135.76 -1.93
C ALA V 355 61.73 134.97 -2.91
N LYS V 356 62.04 133.69 -3.13
CA LYS V 356 61.25 132.86 -4.03
C LYS V 356 59.84 132.66 -3.49
N LEU V 357 59.70 132.48 -2.17
CA LEU V 357 58.37 132.38 -1.58
C LEU V 357 57.60 133.70 -1.68
N LYS V 358 58.29 134.83 -1.54
CA LYS V 358 57.64 136.12 -1.72
C LYS V 358 57.14 136.30 -3.14
N ASP V 359 57.94 135.86 -4.12
CA ASP V 359 57.49 135.86 -5.51
C ASP V 359 56.31 134.93 -5.72
N PHE V 360 56.33 133.76 -5.06
CA PHE V 360 55.25 132.78 -5.23
C PHE V 360 53.93 133.28 -4.65
N LEU V 361 53.98 133.92 -3.49
CA LEU V 361 52.77 134.35 -2.79
C LEU V 361 52.24 135.71 -3.26
N LYS V 362 52.66 136.17 -4.45
CA LYS V 362 52.18 137.40 -5.10
C LYS V 362 52.28 138.64 -4.18
N LEU V 363 53.18 138.59 -3.20
CA LEU V 363 53.34 139.67 -2.24
C LEU V 363 53.84 140.93 -2.94
N PRO V 364 53.49 142.11 -2.43
CA PRO V 364 53.93 143.36 -3.06
C PRO V 364 55.38 143.74 -2.80
N GLN V 365 56.19 142.79 -2.32
CA GLN V 365 57.64 142.93 -2.10
C GLN V 365 57.96 143.92 -0.98
N THR V 366 59.21 143.87 -0.51
CA THR V 366 59.69 144.69 0.61
C THR V 366 58.79 144.52 1.85
N ASP V 367 58.38 143.28 2.09
CA ASP V 367 57.56 142.93 3.23
C ASP V 367 58.34 142.02 4.16
N THR V 368 57.98 142.06 5.45
CA THR V 368 58.61 141.18 6.44
C THR V 368 57.88 139.84 6.39
N LEU V 369 58.44 138.92 5.62
CA LEU V 369 57.93 137.56 5.50
C LEU V 369 59.02 136.60 5.97
N GLU V 370 58.66 135.74 6.92
CA GLU V 370 59.64 134.88 7.58
C GLU V 370 59.12 133.45 7.62
N VAL V 371 60.06 132.51 7.66
CA VAL V 371 59.75 131.10 7.88
C VAL V 371 60.13 130.78 9.33
N MET V 372 59.30 129.98 10.00
CA MET V 372 59.56 129.85 11.42
C MET V 372 59.54 128.40 11.90
N SER V 373 58.80 127.52 11.25
CA SER V 373 58.77 126.12 11.68
C SER V 373 58.39 125.22 10.50
N VAL V 374 59.15 124.15 10.31
CA VAL V 374 58.93 123.22 9.20
C VAL V 374 58.71 121.83 9.79
N GLU V 375 57.67 121.15 9.30
CA GLU V 375 57.36 119.80 9.76
C GLU V 375 57.14 118.87 8.58
N TYR V 376 57.53 117.61 8.78
CA TYR V 376 57.23 116.53 7.86
C TYR V 376 55.82 116.02 8.19
N LEU V 377 54.92 116.13 7.23
CA LEU V 377 53.56 115.61 7.41
C LEU V 377 53.58 114.09 7.22
N TRP V 378 52.42 113.45 7.44
CA TRP V 378 52.32 112.00 7.31
C TRP V 378 52.61 111.52 5.90
N HIS V 379 52.30 112.32 4.89
CA HIS V 379 52.67 111.98 3.52
C HIS V 379 54.19 112.07 3.38
N PRO V 380 54.87 111.01 2.93
CA PRO V 380 56.33 110.97 3.05
C PRO V 380 57.09 112.01 2.22
N LEU V 381 56.54 112.52 1.13
CA LEU V 381 57.34 113.27 0.16
C LEU V 381 56.90 114.73 0.07
N GLU V 382 56.41 115.28 1.18
CA GLU V 382 56.10 116.70 1.24
C GLU V 382 56.48 117.23 2.62
N ALA V 383 56.50 118.56 2.72
CA ALA V 383 56.81 119.25 3.97
C ALA V 383 55.93 120.49 4.08
N ALA V 384 55.80 121.01 5.31
CA ALA V 384 55.01 122.21 5.53
C ALA V 384 55.82 123.22 6.33
N VAL V 385 55.70 124.50 5.95
CA VAL V 385 56.46 125.57 6.57
C VAL V 385 55.51 126.69 6.99
N LEU V 386 55.65 127.12 8.25
CA LEU V 386 54.87 128.21 8.81
C LEU V 386 55.45 129.55 8.39
N LEU V 387 54.63 130.37 7.72
CA LEU V 387 55.02 131.65 7.17
C LEU V 387 54.40 132.75 8.01
N SER V 388 55.23 133.67 8.47
CA SER V 388 54.78 134.85 9.21
C SER V 388 54.87 136.06 8.29
N HIS V 389 53.76 136.78 8.16
CA HIS V 389 53.62 137.86 7.20
C HIS V 389 53.25 139.14 7.94
N CYS V 390 54.02 140.21 7.71
CA CYS V 390 53.86 141.43 8.49
C CYS V 390 52.64 142.25 8.10
N SER V 391 52.29 142.28 6.82
CA SER V 391 51.23 143.13 6.25
C SER V 391 51.50 144.61 6.56
N VAL V 392 52.60 145.09 5.95
CA VAL V 392 53.06 146.49 5.97
C VAL V 392 53.42 146.91 7.40
N CYS V 393 53.59 145.93 8.29
CA CYS V 393 54.12 146.11 9.64
C CYS V 393 53.49 147.25 10.44
N THR V 394 54.33 147.95 11.20
CA THR V 394 53.97 149.11 12.04
C THR V 394 52.98 148.75 13.16
N THR V 395 52.64 147.47 13.30
CA THR V 395 51.79 146.99 14.37
C THR V 395 52.51 145.83 15.05
N ASN V 396 51.82 145.19 15.99
CA ASN V 396 52.30 143.98 16.63
C ASN V 396 51.67 142.72 16.04
N THR V 397 50.61 142.87 15.26
CA THR V 397 49.85 141.74 14.72
C THR V 397 50.51 141.23 13.44
N ARG V 398 50.71 139.92 13.37
CA ARG V 398 51.30 139.27 12.20
C ARG V 398 50.39 138.16 11.72
N ASN V 399 50.21 138.08 10.39
CA ASN V 399 49.43 137.01 9.80
C ASN V 399 50.23 135.72 9.82
N ILE V 400 49.54 134.61 10.11
CA ILE V 400 50.15 133.29 10.18
C ILE V 400 49.55 132.43 9.08
N ARG V 401 50.36 132.01 8.13
CA ARG V 401 49.93 131.15 7.04
C ARG V 401 50.78 129.89 7.02
N ILE V 402 50.36 128.93 6.21
CA ILE V 402 51.09 127.69 5.98
C ILE V 402 51.36 127.60 4.48
N VAL V 403 52.53 127.04 4.13
CA VAL V 403 52.85 126.73 2.74
C VAL V 403 53.37 125.30 2.70
N ILE V 404 52.85 124.51 1.77
CA ILE V 404 53.26 123.11 1.62
C ILE V 404 54.16 123.02 0.39
N TYR V 405 55.18 122.18 0.48
CA TYR V 405 56.08 121.89 -0.62
C TYR V 405 56.06 120.40 -0.90
N SER V 406 55.82 120.04 -2.15
CA SER V 406 55.79 118.65 -2.60
C SER V 406 57.10 118.36 -3.32
N ALA V 407 57.88 117.41 -2.80
CA ALA V 407 59.15 117.05 -3.42
C ALA V 407 58.98 116.27 -4.71
N ILE V 408 57.91 115.47 -4.83
CA ILE V 408 57.69 114.68 -6.04
C ILE V 408 57.41 115.58 -7.24
N PHE V 409 56.59 116.62 -7.04
CA PHE V 409 56.25 117.54 -8.11
C PHE V 409 57.10 118.81 -8.12
N GLN V 410 57.88 119.06 -7.07
CA GLN V 410 58.69 120.27 -6.93
C GLN V 410 57.83 121.53 -7.08
N THR V 411 56.67 121.52 -6.41
CA THR V 411 55.69 122.59 -6.50
C THR V 411 55.39 123.12 -5.11
N TRP V 412 54.62 124.20 -5.07
CA TRP V 412 54.23 124.86 -3.82
C TRP V 412 52.76 125.22 -3.87
N THR V 413 52.14 125.25 -2.68
CA THR V 413 50.72 125.57 -2.56
C THR V 413 50.49 126.35 -1.27
N LEU V 414 49.54 127.28 -1.31
CA LEU V 414 49.14 128.04 -0.14
C LEU V 414 47.76 127.61 0.30
N GLN V 415 47.62 127.31 1.59
CA GLN V 415 46.37 126.80 2.13
C GLN V 415 45.63 127.91 2.87
N ASP V 416 44.54 127.53 3.54
CA ASP V 416 43.60 128.49 4.13
C ASP V 416 43.86 128.63 5.63
N PHE V 417 44.66 129.63 6.01
CA PHE V 417 44.86 129.99 7.41
C PHE V 417 44.55 131.46 7.60
N GLU V 418 43.87 131.79 8.70
CA GLU V 418 43.45 133.15 9.00
C GLU V 418 43.78 133.50 10.45
N LEU V 419 45.01 133.21 10.86
CA LEU V 419 45.44 133.37 12.24
C LEU V 419 46.21 134.67 12.40
N GLN V 420 45.79 135.49 13.35
CA GLN V 420 46.46 136.74 13.71
C GLN V 420 47.07 136.59 15.10
N LEU V 421 48.35 136.88 15.21
CA LEU V 421 49.08 136.66 16.45
C LEU V 421 50.09 137.78 16.67
N PRO V 422 50.41 138.09 17.93
CA PRO V 422 51.37 139.17 18.20
C PRO V 422 52.79 138.79 17.81
N LYS V 423 53.68 139.78 17.89
CA LYS V 423 55.07 139.58 17.54
C LYS V 423 55.77 138.63 18.52
N GLU V 424 55.44 138.75 19.81
CA GLU V 424 56.20 138.06 20.85
C GLU V 424 56.01 136.54 20.79
N ALA V 425 54.80 136.06 20.48
CA ALA V 425 54.50 134.65 20.58
C ALA V 425 55.26 133.83 19.55
N ILE V 426 55.90 132.75 20.02
CA ILE V 426 56.54 131.77 19.14
C ILE V 426 55.59 130.59 19.00
N LEU V 427 55.68 129.89 17.86
CA LEU V 427 54.70 128.89 17.48
C LEU V 427 55.38 127.54 17.27
N GLU V 428 54.72 126.47 17.69
CA GLU V 428 55.18 125.13 17.36
C GLU V 428 54.00 124.29 16.93
N PHE V 429 54.11 123.64 15.75
CA PHE V 429 52.98 122.94 15.16
C PHE V 429 53.34 121.50 14.84
N ARG V 430 52.33 120.64 14.90
CA ARG V 430 52.49 119.22 14.63
C ARG V 430 51.32 118.72 13.80
N PHE V 431 51.59 117.65 13.04
CA PHE V 431 50.59 116.98 12.22
C PHE V 431 50.04 115.77 12.97
N LEU V 432 48.73 115.58 12.90
CA LEU V 432 48.12 114.43 13.54
C LEU V 432 48.13 113.23 12.62
N TYR V 433 47.79 112.07 13.18
CA TYR V 433 47.77 110.81 12.44
C TYR V 433 46.52 110.78 11.56
N SER V 434 46.65 111.35 10.36
CA SER V 434 45.56 111.35 9.39
C SER V 434 46.15 111.52 8.00
N ALA V 435 45.43 110.99 7.01
CA ALA V 435 45.81 111.22 5.62
C ALA V 435 45.66 112.70 5.27
N MET V 436 44.59 113.32 5.70
CA MET V 436 44.39 114.75 5.58
C MET V 436 45.23 115.48 6.63
N PRO V 437 46.06 116.44 6.21
CA PRO V 437 46.76 117.29 7.19
C PRO V 437 45.85 117.97 8.21
N ASP V 438 46.01 117.59 9.48
CA ASP V 438 45.34 118.23 10.59
C ASP V 438 46.42 118.71 11.55
N ILE V 439 46.34 120.00 11.92
CA ILE V 439 47.45 120.67 12.58
C ILE V 439 47.04 121.07 13.99
N ILE V 440 47.88 120.71 14.95
CA ILE V 440 47.75 121.18 16.33
C ILE V 440 48.98 122.01 16.64
N MET V 441 48.79 123.27 17.01
CA MET V 441 49.91 124.12 17.32
C MET V 441 49.70 124.89 18.61
N TRP V 442 50.81 125.29 19.23
CA TRP V 442 50.77 125.95 20.51
C TRP V 442 51.75 127.12 20.54
N ASP V 443 51.40 128.13 21.32
CA ASP V 443 52.22 129.34 21.45
C ASP V 443 52.46 129.68 22.91
N GLN V 444 52.81 128.68 23.72
CA GLN V 444 53.22 128.73 25.12
C GLN V 444 52.23 129.46 26.03
N HIS V 445 51.07 129.83 25.49
CA HIS V 445 49.93 130.25 26.29
C HIS V 445 48.60 129.70 25.78
N HIS V 446 48.52 129.33 24.51
CA HIS V 446 47.29 128.81 23.92
C HIS V 446 47.65 127.64 23.00
N VAL V 447 46.63 126.86 22.67
CA VAL V 447 46.72 125.76 21.72
C VAL V 447 45.57 125.92 20.74
N TYR V 448 45.89 126.08 19.46
CA TYR V 448 44.88 126.17 18.42
C TYR V 448 44.95 124.96 17.49
N TYR V 449 43.84 124.71 16.82
CA TYR V 449 43.63 123.49 16.04
C TYR V 449 43.11 123.83 14.65
N SER V 450 43.48 122.97 13.70
CA SER V 450 42.96 123.01 12.33
C SER V 450 42.61 121.58 11.95
N TYR V 451 41.31 121.30 11.80
CA TYR V 451 40.81 119.99 11.46
C TYR V 451 39.99 120.05 10.17
N LYS V 452 39.76 118.87 9.58
CA LYS V 452 38.81 118.64 8.50
C LYS V 452 39.14 119.54 7.30
N ASN V 453 40.32 119.25 6.73
CA ASN V 453 40.85 119.97 5.57
C ASN V 453 40.87 121.48 5.80
N PHE V 454 41.40 121.87 6.96
CA PHE V 454 41.69 123.27 7.30
C PHE V 454 40.43 124.11 7.41
N THR V 455 39.27 123.45 7.55
CA THR V 455 38.00 124.14 7.66
C THR V 455 37.60 124.41 9.10
N VAL V 456 37.76 123.43 9.98
CA VAL V 456 37.45 123.60 11.40
C VAL V 456 38.72 124.16 12.04
N VAL V 457 38.87 125.47 11.98
CA VAL V 457 40.03 126.17 12.51
C VAL V 457 39.58 127.00 13.70
N GLY V 458 40.29 126.87 14.82
CA GLY V 458 39.91 127.63 15.99
C GLY V 458 40.85 127.39 17.15
N THR V 459 40.40 127.81 18.33
CA THR V 459 41.14 127.68 19.57
C THR V 459 40.56 126.54 20.39
N ILE V 460 41.43 125.64 20.85
CA ILE V 460 41.02 124.62 21.81
C ILE V 460 40.68 125.33 23.12
N SER V 461 39.49 125.05 23.64
CA SER V 461 38.96 125.80 24.78
C SER V 461 38.63 124.84 25.92
N THR V 462 38.65 125.39 27.12
CA THR V 462 38.20 124.67 28.31
C THR V 462 36.69 124.53 28.28
N PRO V 463 36.13 123.57 29.04
CA PRO V 463 34.67 123.54 29.22
C PRO V 463 34.12 124.82 29.82
N SER V 464 34.90 125.50 30.67
CA SER V 464 34.50 126.84 31.12
C SER V 464 34.60 127.86 30.00
N GLY V 465 35.62 127.74 29.14
CA GLY V 465 35.78 128.63 28.01
C GLY V 465 36.82 129.71 28.16
N GLU V 466 37.83 129.51 29.00
CA GLU V 466 38.87 130.52 29.19
C GLU V 466 39.78 130.64 27.96
N THR V 467 40.05 129.51 27.30
CA THR V 467 40.91 129.36 26.13
C THR V 467 42.37 129.72 26.39
N ASN V 468 42.71 130.03 27.64
CA ASN V 468 44.09 130.33 28.04
C ASN V 468 44.50 129.29 29.08
N LEU V 469 45.63 128.63 28.86
CA LEU V 469 46.05 127.55 29.73
C LEU V 469 46.91 128.02 30.89
N SER V 470 47.56 129.18 30.78
CA SER V 470 48.38 129.68 31.88
C SER V 470 47.53 130.09 33.08
N SER V 471 46.34 130.64 32.85
CA SER V 471 45.46 131.04 33.94
C SER V 471 44.98 129.86 34.77
N LEU V 472 44.71 128.72 34.14
CA LEU V 472 44.33 127.52 34.87
C LEU V 472 45.53 126.76 35.43
N SER V 473 46.75 127.18 35.13
CA SER V 473 47.95 126.56 35.68
C SER V 473 48.85 127.57 36.38
N GLN V 474 48.25 128.68 36.84
CA GLN V 474 48.94 129.69 37.66
C GLN V 474 50.07 130.37 36.89
N GLY V 475 49.78 130.74 35.64
CA GLY V 475 50.68 131.59 34.87
C GLY V 475 51.99 130.98 34.43
N SER V 476 51.94 129.84 33.74
CA SER V 476 53.15 129.18 33.29
C SER V 476 53.00 128.75 31.83
N LYS V 477 54.13 128.51 31.16
CA LYS V 477 54.21 128.40 29.71
C LYS V 477 54.35 126.95 29.23
N ILE V 478 53.81 126.68 28.04
CA ILE V 478 53.68 125.31 27.54
C ILE V 478 55.07 124.72 27.28
N HIS V 479 55.30 123.51 27.78
CA HIS V 479 56.59 122.85 27.73
C HIS V 479 56.65 121.72 26.70
N GLN V 480 55.72 120.77 26.76
CA GLN V 480 55.78 119.58 25.92
C GLN V 480 54.40 119.21 25.43
N VAL V 481 54.34 118.74 24.19
CA VAL V 481 53.10 118.25 23.58
C VAL V 481 53.43 116.94 22.86
N LEU V 482 52.68 115.88 23.16
CA LEU V 482 52.92 114.57 22.59
C LEU V 482 51.67 114.07 21.88
N THR V 483 51.85 113.57 20.66
CA THR V 483 50.78 112.92 19.90
C THR V 483 51.06 111.42 19.80
N ASP V 484 50.11 110.69 19.23
CA ASP V 484 50.25 109.25 19.09
C ASP V 484 49.48 108.76 17.87
N ARG V 485 49.52 107.45 17.66
CA ARG V 485 48.79 106.83 16.56
C ARG V 485 47.28 106.87 16.79
N ILE V 486 46.84 106.72 18.04
CA ILE V 486 45.42 106.69 18.35
C ILE V 486 44.78 108.06 18.09
N GLY V 487 45.42 109.12 18.57
CA GLY V 487 44.89 110.45 18.35
C GLY V 487 44.71 111.26 19.62
N ASN V 488 45.19 110.74 20.74
CA ASN V 488 45.13 111.48 21.99
C ASN V 488 46.38 112.34 22.11
N VAL V 489 46.18 113.62 22.39
CA VAL V 489 47.25 114.59 22.50
C VAL V 489 47.35 115.05 23.95
N VAL V 490 48.57 115.02 24.46
CA VAL V 490 48.91 115.25 25.86
C VAL V 490 49.72 116.52 25.95
N VAL V 491 49.22 117.49 26.73
CA VAL V 491 49.89 118.77 26.92
C VAL V 491 50.40 118.82 28.35
N LYS V 492 51.72 118.93 28.47
CA LYS V 492 52.39 118.92 29.77
C LYS V 492 52.83 120.33 30.07
N MET V 493 52.70 120.71 31.32
CA MET V 493 52.95 122.08 31.71
C MET V 493 54.31 122.13 32.44
N GLU V 494 54.93 123.32 32.52
CA GLU V 494 56.16 123.42 33.33
C GLU V 494 55.87 123.44 34.83
N ASN V 495 54.66 123.86 35.22
CA ASN V 495 54.08 123.60 36.53
C ASN V 495 53.84 122.11 36.75
N ASN V 496 53.97 121.29 35.69
CA ASN V 496 53.70 119.85 35.71
C ASN V 496 52.22 119.61 36.00
N VAL V 497 51.35 120.21 35.19
CA VAL V 497 49.92 119.93 35.21
C VAL V 497 49.54 119.49 33.81
N MET V 498 48.36 118.89 33.71
CA MET V 498 48.02 117.98 32.63
C MET V 498 46.78 118.42 31.86
N PHE V 499 46.91 118.51 30.53
CA PHE V 499 45.75 118.72 29.67
C PHE V 499 45.68 117.63 28.60
N TYR V 500 44.45 117.25 28.26
CA TYR V 500 44.17 116.16 27.35
C TYR V 500 43.27 116.64 26.22
N ILE V 501 43.63 116.27 25.00
CA ILE V 501 42.85 116.58 23.80
C ILE V 501 42.68 115.28 23.02
N LYS V 502 41.56 115.17 22.30
CA LYS V 502 41.34 114.11 21.34
C LYS V 502 41.31 114.71 19.94
N ALA V 503 41.81 113.97 18.96
CA ALA V 503 41.75 114.43 17.57
C ALA V 503 40.30 114.61 17.14
N ASP V 504 40.07 115.65 16.33
CA ASP V 504 38.74 116.05 15.85
C ASP V 504 37.79 116.37 17.00
N ILE V 505 38.32 116.84 18.13
CA ILE V 505 37.52 117.25 19.28
C ILE V 505 38.06 118.58 19.78
N THR V 506 37.17 119.56 19.95
CA THR V 506 37.58 120.91 20.32
C THR V 506 37.82 121.06 21.82
N GLU V 507 36.93 120.51 22.65
CA GLU V 507 37.03 120.71 24.09
C GLU V 507 38.22 119.94 24.67
N ALA V 508 38.90 120.57 25.61
CA ALA V 508 40.03 119.96 26.32
C ALA V 508 39.59 119.48 27.69
N VAL V 509 40.41 118.61 28.28
CA VAL V 509 40.13 118.04 29.59
C VAL V 509 41.30 118.33 30.51
N ILE V 510 41.05 119.00 31.62
CA ILE V 510 42.07 119.25 32.63
C ILE V 510 42.15 117.99 33.48
N LEU V 511 43.32 117.36 33.50
CA LEU V 511 43.45 116.13 34.27
C LEU V 511 43.68 116.45 35.73
N HIS V 512 43.45 115.44 36.57
CA HIS V 512 43.67 115.60 38.00
C HIS V 512 45.16 115.70 38.31
N THR V 513 45.46 116.24 39.50
CA THR V 513 46.85 116.44 39.89
C THR V 513 47.50 115.11 40.23
N TRP V 514 48.62 114.81 39.58
CA TRP V 514 49.34 113.57 39.76
C TRP V 514 50.80 113.76 40.17
N VAL V 515 51.43 114.86 39.77
CA VAL V 515 52.85 115.09 39.96
C VAL V 515 53.04 116.47 40.57
N ASN V 516 54.10 116.59 41.38
CA ASN V 516 54.40 117.82 42.11
C ASN V 516 54.65 119.01 41.20
N THR V 517 54.49 120.22 41.75
CA THR V 517 54.78 121.46 41.05
C THR V 517 56.28 121.64 40.81
N THR V 518 57.11 121.31 41.80
CA THR V 518 58.54 121.56 41.73
C THR V 518 59.33 120.43 41.09
N ALA V 519 58.68 119.32 40.75
CA ALA V 519 59.41 118.18 40.22
C ALA V 519 59.87 118.43 38.79
N LYS V 520 61.10 118.03 38.50
CA LYS V 520 61.65 118.11 37.15
C LYS V 520 61.29 116.82 36.43
N THR V 521 60.32 116.91 35.52
CA THR V 521 59.71 115.75 34.90
C THR V 521 59.68 115.92 33.39
N VAL V 522 59.60 114.77 32.70
CA VAL V 522 59.41 114.75 31.25
C VAL V 522 58.48 113.59 30.93
N VAL V 523 57.76 113.70 29.82
CA VAL V 523 56.84 112.67 29.37
C VAL V 523 57.44 111.97 28.15
N LEU V 524 57.42 110.64 28.17
CA LEU V 524 58.03 109.86 27.10
C LEU V 524 57.21 108.58 26.89
N PHE V 525 57.70 107.73 25.99
CA PHE V 525 57.04 106.49 25.64
C PHE V 525 57.90 105.30 26.04
N ASP V 526 57.24 104.22 26.45
CA ASP V 526 57.89 102.96 26.79
C ASP V 526 58.09 102.15 25.50
N LYS V 527 58.35 100.84 25.65
CA LYS V 527 58.41 99.98 24.47
C LYS V 527 57.09 99.98 23.71
N SER V 528 55.97 99.97 24.44
CA SER V 528 54.67 100.21 23.83
C SER V 528 54.45 101.71 23.73
N PHE V 529 53.26 102.13 23.34
CA PHE V 529 52.97 103.55 23.14
C PHE V 529 52.24 104.16 24.33
N GLU V 530 52.50 103.65 25.54
CA GLU V 530 51.87 104.17 26.73
C GLU V 530 52.65 105.37 27.27
N VAL V 531 52.06 106.05 28.24
CA VAL V 531 52.62 107.28 28.77
C VAL V 531 53.51 106.97 29.96
N CYS V 532 54.73 107.51 29.95
CA CYS V 532 55.63 107.36 31.08
C CYS V 532 56.14 108.73 31.50
N ILE V 533 56.27 108.93 32.80
CA ILE V 533 56.82 110.16 33.37
C ILE V 533 58.19 109.83 33.95
N LEU V 534 59.21 110.54 33.48
CA LEU V 534 60.56 110.39 33.98
C LEU V 534 60.87 111.56 34.89
N TYR V 535 61.38 111.26 36.06
CA TYR V 535 61.76 112.24 37.07
C TYR V 535 63.28 112.35 37.10
N TYR V 536 63.78 113.57 36.97
CA TYR V 536 65.20 113.85 37.07
C TYR V 536 65.47 114.73 38.28
N ASN V 537 66.44 114.34 39.09
CA ASN V 537 66.89 115.16 40.20
C ASN V 537 68.35 114.82 40.48
N GLU V 538 69.18 115.85 40.58
CA GLU V 538 70.59 115.66 40.91
C GLU V 538 70.72 115.46 42.41
N ASN V 539 71.97 115.52 42.91
CA ASN V 539 72.30 115.31 44.32
C ASN V 539 71.80 113.96 44.82
N LEU V 540 71.97 112.93 43.99
CA LEU V 540 71.61 111.58 44.38
C LEU V 540 72.79 110.63 44.13
N ASP V 541 72.57 109.33 44.29
CA ASP V 541 73.63 108.34 44.22
C ASP V 541 73.86 107.79 42.81
N GLU V 542 73.48 108.56 41.78
CA GLU V 542 73.74 108.27 40.37
C GLU V 542 72.92 107.08 39.86
N LYS V 543 72.20 106.40 40.75
CA LYS V 543 71.34 105.29 40.38
C LYS V 543 69.86 105.63 40.43
N TYR V 544 69.48 106.73 41.08
CA TYR V 544 68.10 107.16 41.11
C TYR V 544 67.93 108.61 40.66
N GLN V 545 68.91 109.14 39.91
CA GLN V 545 68.78 110.47 39.35
C GLN V 545 67.79 110.52 38.19
N LEU V 546 67.37 109.37 37.67
CA LEU V 546 66.39 109.31 36.58
C LEU V 546 65.49 108.11 36.86
N GLN V 547 64.26 108.37 37.28
CA GLN V 547 63.32 107.31 37.63
C GLN V 547 62.07 107.40 36.77
N THR V 548 61.66 106.28 36.19
CA THR V 548 60.54 106.25 35.26
C THR V 548 59.34 105.57 35.90
N GLN V 549 58.17 106.20 35.81
CA GLN V 549 56.92 105.64 36.30
C GLN V 549 55.84 105.75 35.22
N PRO V 550 55.06 104.70 35.01
CA PRO V 550 53.98 104.77 34.03
C PRO V 550 52.83 105.66 34.52
N TYR V 551 52.00 106.06 33.57
CA TYR V 551 50.85 106.92 33.86
C TYR V 551 49.56 106.29 33.35
N PRO V 552 48.57 106.04 34.21
CA PRO V 552 47.27 105.48 33.78
C PRO V 552 46.34 106.53 33.19
N LEU V 553 46.71 106.99 31.99
CA LEU V 553 45.94 108.04 31.32
C LEU V 553 44.54 107.57 30.98
N ILE V 554 44.39 106.31 30.55
CA ILE V 554 43.07 105.78 30.21
C ILE V 554 42.17 105.72 31.43
N LEU V 555 42.71 105.27 32.56
CA LEU V 555 41.91 105.20 33.79
C LEU V 555 41.52 106.59 34.29
N GLU V 556 42.45 107.55 34.23
CA GLU V 556 42.12 108.91 34.64
C GLU V 556 41.07 109.53 33.72
N LEU V 557 41.19 109.29 32.41
CA LEU V 557 40.18 109.77 31.47
C LEU V 557 38.83 109.13 31.74
N GLN V 558 38.82 107.84 32.08
CA GLN V 558 37.57 107.18 32.43
C GLN V 558 36.95 107.80 33.68
N SER V 559 37.76 108.10 34.69
CA SER V 559 37.25 108.74 35.90
C SER V 559 36.66 110.11 35.58
N ILE V 560 37.35 110.88 34.74
CA ILE V 560 36.83 112.17 34.31
C ILE V 560 35.51 111.99 33.55
N ASN V 561 35.41 110.92 32.76
CA ASN V 561 34.18 110.69 32.00
C ASN V 561 33.02 110.29 32.91
N LYS V 562 33.29 109.51 33.96
CA LYS V 562 32.23 109.23 34.93
C LYS V 562 31.83 110.50 35.68
N ASP V 563 32.77 111.41 35.88
CA ASP V 563 32.43 112.70 36.47
C ASP V 563 31.54 113.52 35.53
N LEU V 564 31.82 113.46 34.23
CA LEU V 564 31.15 114.33 33.26
C LEU V 564 29.83 113.76 32.77
N GLY V 565 29.87 112.60 32.10
CA GLY V 565 28.67 111.95 31.61
C GLY V 565 28.60 111.77 30.11
N ASP V 566 29.74 111.55 29.45
CA ASP V 566 29.76 111.33 28.02
C ASP V 566 29.75 109.84 27.71
N TRP V 567 29.46 109.52 26.45
CA TRP V 567 29.41 108.13 26.00
C TRP V 567 29.73 108.08 24.50
N CYS V 568 30.14 106.90 24.05
CA CYS V 568 30.51 106.71 22.65
C CYS V 568 29.25 106.50 21.82
N PRO V 569 29.06 107.23 20.72
CA PRO V 569 27.81 107.12 19.95
C PRO V 569 27.61 105.78 19.28
N TYR V 570 28.66 105.02 19.01
CA TYR V 570 28.54 103.75 18.28
C TYR V 570 29.05 102.61 19.14
N LEU V 571 28.42 101.44 18.99
CA LEU V 571 28.86 100.27 19.73
C LEU V 571 30.20 99.76 19.20
N ALA V 572 30.34 99.62 17.89
CA ALA V 572 31.55 99.01 17.35
C ALA V 572 31.77 99.47 15.92
N PHE V 573 33.02 99.36 15.49
CA PHE V 573 33.42 99.70 14.13
C PHE V 573 34.59 98.79 13.75
N GLN V 574 34.36 97.90 12.79
CA GLN V 574 35.37 96.95 12.35
C GLN V 574 35.76 97.24 10.91
N HIS V 575 36.98 96.86 10.56
CA HIS V 575 37.49 96.99 9.21
C HIS V 575 38.51 95.89 8.96
N ASN V 576 38.80 95.62 7.69
CA ASN V 576 39.70 94.53 7.32
C ASN V 576 41.08 95.04 6.91
N ILE V 577 41.39 96.31 7.17
CA ILE V 577 42.69 96.87 6.79
C ILE V 577 43.72 96.40 7.82
N HIS V 578 44.60 95.49 7.41
CA HIS V 578 45.62 94.94 8.29
C HIS V 578 47.02 95.47 7.99
N SER V 579 47.15 96.42 7.07
CA SER V 579 48.46 96.94 6.71
C SER V 579 48.35 98.45 6.55
N GLN V 580 49.46 99.07 6.14
CA GLN V 580 49.52 100.52 5.96
C GLN V 580 49.96 100.86 4.55
N PHE V 581 50.62 99.92 3.89
CA PHE V 581 51.18 100.12 2.55
C PHE V 581 50.64 99.02 1.64
N TYR V 582 50.03 99.42 0.53
CA TYR V 582 49.45 98.48 -0.43
C TYR V 582 49.93 98.82 -1.84
N HIS V 583 50.56 97.85 -2.49
CA HIS V 583 51.15 98.02 -3.82
C HIS V 583 50.66 96.93 -4.74
N MET V 584 50.10 97.34 -5.88
CA MET V 584 49.62 96.41 -6.90
C MET V 584 49.92 96.98 -8.27
N ASP V 585 49.93 96.08 -9.25
CA ASP V 585 50.28 96.42 -10.61
C ASP V 585 49.00 96.74 -11.40
N LYS V 586 49.09 96.72 -12.73
CA LYS V 586 47.99 97.09 -13.60
C LYS V 586 46.74 96.23 -13.36
N GLY V 587 46.93 94.91 -13.25
CA GLY V 587 45.83 93.99 -13.38
C GLY V 587 45.13 93.53 -12.12
N GLU V 588 45.34 94.20 -10.99
CA GLU V 588 44.70 93.83 -9.74
C GLU V 588 43.96 95.03 -9.15
N SER V 589 42.95 94.72 -8.34
CA SER V 589 42.17 95.70 -7.62
C SER V 589 42.33 95.46 -6.12
N LEU V 590 41.82 96.39 -5.32
CA LEU V 590 41.89 96.28 -3.87
C LEU V 590 40.48 96.29 -3.28
N THR V 591 40.22 95.35 -2.38
CA THR V 591 38.92 95.19 -1.74
C THR V 591 39.07 95.50 -0.26
N ILE V 592 38.23 96.41 0.25
CA ILE V 592 38.24 96.81 1.65
C ILE V 592 36.86 96.56 2.23
N TRP V 593 36.81 95.94 3.40
CA TRP V 593 35.59 95.62 4.11
C TRP V 593 35.52 96.41 5.40
N SER V 594 34.33 96.90 5.75
CA SER V 594 34.14 97.66 6.97
C SER V 594 32.69 97.49 7.43
N GLN V 595 32.46 97.83 8.70
CA GLN V 595 31.15 97.61 9.31
C GLN V 595 31.02 98.48 10.55
N ILE V 596 29.84 99.05 10.75
CA ILE V 596 29.53 99.83 11.95
C ILE V 596 28.30 99.23 12.60
N VAL V 597 28.32 99.16 13.93
CA VAL V 597 27.19 98.72 14.73
C VAL V 597 26.91 99.79 15.77
N TYR V 598 25.66 100.24 15.84
CA TYR V 598 25.30 101.42 16.61
C TYR V 598 23.87 101.26 17.10
N PRO V 599 23.39 102.18 17.97
CA PRO V 599 21.99 102.11 18.43
C PRO V 599 20.93 102.22 17.35
N GLU V 600 19.67 102.22 17.79
CA GLU V 600 18.55 101.79 16.94
C GLU V 600 18.43 102.58 15.64
N ASN V 601 18.35 103.91 15.73
CA ASN V 601 18.27 104.66 14.47
C ASN V 601 19.02 105.99 14.52
N ARG V 602 20.09 106.08 15.30
CA ARG V 602 20.96 107.24 15.24
C ARG V 602 21.76 107.14 13.96
N GLY V 603 21.27 107.79 12.90
CA GLY V 603 21.76 107.60 11.56
C GLY V 603 23.23 107.90 11.33
N LEU V 604 24.03 106.85 11.14
CA LEU V 604 25.46 106.97 10.92
C LEU V 604 25.82 106.35 9.58
N TYR V 605 27.09 106.48 9.23
CA TYR V 605 27.67 105.91 8.01
C TYR V 605 29.18 105.93 8.19
N ILE V 606 29.90 105.44 7.19
CA ILE V 606 31.35 105.38 7.23
C ILE V 606 31.90 106.42 6.25
N VAL V 607 32.65 107.37 6.77
CA VAL V 607 33.29 108.40 5.96
C VAL V 607 34.61 107.86 5.42
N VAL V 608 34.77 107.92 4.10
CA VAL V 608 36.00 107.54 3.42
C VAL V 608 36.61 108.82 2.86
N GLU V 609 37.80 109.17 3.31
CA GLU V 609 38.48 110.38 2.89
C GLU V 609 39.75 110.03 2.13
N HIS V 610 40.00 110.78 1.07
CA HIS V 610 41.10 110.49 0.15
C HIS V 610 42.01 111.71 0.02
N TYR V 611 43.25 111.46 -0.39
CA TYR V 611 44.23 112.52 -0.58
C TYR V 611 45.29 112.09 -1.59
N GLY V 612 45.68 113.04 -2.44
CA GLY V 612 46.64 112.81 -3.49
C GLY V 612 46.10 113.17 -4.86
N SER V 613 46.78 112.72 -5.92
CA SER V 613 46.30 112.92 -7.29
C SER V 613 45.52 111.69 -7.74
N SER V 614 44.19 111.79 -7.69
CA SER V 614 43.30 110.63 -7.79
C SER V 614 43.43 109.99 -9.17
N VAL V 615 43.73 108.69 -9.19
CA VAL V 615 43.92 107.96 -10.44
C VAL V 615 43.15 106.65 -10.39
N MET V 616 42.23 106.53 -9.44
CA MET V 616 41.53 105.27 -9.19
C MET V 616 40.02 105.52 -9.17
N THR V 617 39.24 104.45 -9.27
CA THR V 617 37.79 104.54 -9.17
C THR V 617 37.32 103.64 -8.03
N TRP V 618 36.23 104.06 -7.38
CA TRP V 618 35.67 103.31 -6.26
C TRP V 618 34.32 102.72 -6.64
N THR V 619 34.07 101.52 -6.13
CA THR V 619 32.73 100.93 -6.16
C THR V 619 32.36 100.54 -4.74
N GLN V 620 31.18 100.97 -4.30
CA GLN V 620 30.74 100.75 -2.93
C GLN V 620 29.41 100.00 -2.90
N ASN V 621 29.35 98.96 -2.07
CA ASN V 621 28.15 98.17 -1.86
C ASN V 621 27.81 98.15 -0.38
N LEU V 622 26.57 98.52 -0.06
CA LEU V 622 26.14 98.72 1.31
C LEU V 622 25.03 97.73 1.67
N GLU V 623 25.08 97.22 2.90
CA GLU V 623 24.06 96.34 3.43
C GLU V 623 23.60 96.88 4.79
N TYR V 624 22.29 96.82 5.02
CA TYR V 624 21.67 97.40 6.21
C TYR V 624 20.90 96.33 6.96
N GLU V 625 21.04 96.32 8.29
CA GLU V 625 20.34 95.35 9.13
C GLU V 625 19.93 95.99 10.45
N ILE V 626 18.76 95.60 10.95
CA ILE V 626 18.30 95.98 12.27
C ILE V 626 18.03 94.70 13.05
N ALA V 627 18.56 94.62 14.27
CA ALA V 627 18.37 93.44 15.10
C ALA V 627 18.60 93.79 16.55
N SER V 628 17.69 93.34 17.42
CA SER V 628 17.79 93.50 18.88
C SER V 628 17.98 94.96 19.28
N GLY V 629 17.30 95.86 18.58
CA GLY V 629 17.41 97.26 18.88
C GLY V 629 18.72 97.90 18.47
N PHE V 630 19.45 97.29 17.55
CA PHE V 630 20.75 97.81 17.11
C PHE V 630 20.83 97.76 15.58
N CYS V 631 21.46 98.76 15.00
CA CYS V 631 21.62 98.82 13.55
C CYS V 631 23.06 98.52 13.15
N THR V 632 23.18 97.69 12.11
CA THR V 632 24.46 97.30 11.55
C THR V 632 24.50 97.69 10.08
N LYS V 633 25.51 98.47 9.71
CA LYS V 633 25.72 98.89 8.33
C LYS V 633 27.06 98.33 7.86
N THR V 634 27.04 97.58 6.76
CA THR V 634 28.23 96.92 6.24
C THR V 634 28.58 97.53 4.89
N MET V 635 29.85 97.91 4.74
CA MET V 635 30.35 98.55 3.53
C MET V 635 31.43 97.68 2.92
N ILE V 636 31.34 97.45 1.61
CA ILE V 636 32.41 96.81 0.85
C ILE V 636 32.78 97.72 -0.30
N THR V 637 34.05 98.14 -0.35
CA THR V 637 34.50 99.05 -1.39
C THR V 637 35.64 98.42 -2.17
N ARG V 638 35.73 98.78 -3.45
CA ARG V 638 36.73 98.24 -4.35
C ARG V 638 37.37 99.38 -5.13
N PHE V 639 38.70 99.40 -5.13
CA PHE V 639 39.50 100.40 -5.84
C PHE V 639 40.19 99.73 -7.02
N PHE V 640 40.07 100.34 -8.20
CA PHE V 640 40.66 99.76 -9.40
C PHE V 640 40.86 100.82 -10.47
N GLN V 641 41.58 100.43 -11.51
CA GLN V 641 41.84 101.25 -12.68
C GLN V 641 41.24 100.60 -13.91
N THR V 642 40.80 101.42 -14.85
CA THR V 642 40.08 100.94 -16.04
C THR V 642 40.62 101.60 -17.31
N THR V 643 41.94 101.60 -17.47
CA THR V 643 42.57 102.16 -18.65
C THR V 643 43.11 101.04 -19.54
N ASN V 644 43.24 101.36 -20.83
CA ASN V 644 43.73 100.42 -21.83
C ASN V 644 44.95 101.01 -22.53
N TYR V 645 45.96 100.17 -22.77
CA TYR V 645 47.20 100.59 -23.39
C TYR V 645 47.39 100.01 -24.79
N GLU V 646 46.37 99.40 -25.37
CA GLU V 646 46.51 98.75 -26.67
C GLU V 646 46.20 99.72 -27.80
N LEU V 647 47.08 99.73 -28.80
CA LEU V 647 46.94 100.55 -30.02
C LEU V 647 46.80 102.03 -29.69
N VAL V 648 47.62 102.50 -28.75
CA VAL V 648 47.61 103.89 -28.35
C VAL V 648 49.00 104.48 -28.56
N ASP V 649 49.05 105.81 -28.69
CA ASP V 649 50.30 106.52 -28.79
C ASP V 649 50.70 107.07 -27.43
N ASN V 650 52.01 107.31 -27.27
CA ASN V 650 52.61 107.77 -26.02
C ASN V 650 52.28 106.80 -24.88
N TYR V 651 52.67 105.54 -25.09
CA TYR V 651 52.39 104.49 -24.10
C TYR V 651 53.09 104.76 -22.78
N TYR V 652 54.38 105.12 -22.84
CA TYR V 652 55.11 105.44 -21.63
C TYR V 652 54.58 106.71 -20.97
N GLN V 653 54.14 107.67 -21.78
CA GLN V 653 53.57 108.90 -21.23
C GLN V 653 52.28 108.62 -20.47
N LEU V 654 51.40 107.78 -21.04
CA LEU V 654 50.19 107.38 -20.32
C LEU V 654 50.51 106.55 -19.09
N GLN V 655 51.55 105.71 -19.18
CA GLN V 655 51.97 104.91 -18.03
C GLN V 655 52.43 105.79 -16.88
N LYS V 656 53.17 106.86 -17.19
CA LYS V 656 53.58 107.81 -16.17
C LYS V 656 52.43 108.67 -15.68
N GLU V 657 51.48 109.01 -16.56
CA GLU V 657 50.30 109.78 -16.18
C GLU V 657 49.37 109.00 -15.26
N ASN V 658 49.35 107.68 -15.36
CA ASN V 658 48.47 106.83 -14.57
C ASN V 658 49.22 106.14 -13.44
N THR V 659 50.20 106.83 -12.85
CA THR V 659 50.93 106.28 -11.71
C THR V 659 51.05 107.35 -10.63
N GLY V 660 51.36 106.90 -9.42
CA GLY V 660 51.50 107.74 -8.25
C GLY V 660 51.14 106.98 -7.00
N LEU V 661 50.97 107.72 -5.90
CA LEU V 661 50.58 107.14 -4.64
C LEU V 661 49.38 107.89 -4.05
N MET V 662 48.57 107.16 -3.30
CA MET V 662 47.28 107.61 -2.80
C MET V 662 47.23 107.40 -1.29
N LEU V 663 46.49 108.26 -0.61
CA LEU V 663 46.26 108.12 0.82
C LEU V 663 44.76 108.02 1.06
N LEU V 664 44.36 107.00 1.81
CA LEU V 664 42.98 106.79 2.19
C LEU V 664 42.88 106.70 3.70
N GLN V 665 41.75 107.16 4.23
CA GLN V 665 41.47 107.00 5.65
C GLN V 665 39.98 106.73 5.82
N PHE V 666 39.67 105.88 6.79
CA PHE V 666 38.29 105.50 7.11
C PHE V 666 37.96 105.99 8.51
N ARG V 667 36.75 106.51 8.69
CA ARG V 667 36.37 107.00 10.01
C ARG V 667 34.86 106.93 10.14
N PRO V 668 34.33 106.99 11.35
CA PRO V 668 32.87 107.10 11.53
C PRO V 668 32.38 108.49 11.11
N SER V 669 31.05 108.59 10.98
CA SER V 669 30.43 109.86 10.67
C SER V 669 30.67 110.88 11.78
N GLU V 670 30.15 110.59 12.97
CA GLU V 670 30.38 111.41 14.15
C GLU V 670 30.98 110.54 15.23
N PHE V 671 31.96 111.10 15.94
CA PHE V 671 32.58 110.40 17.05
C PHE V 671 33.02 111.42 18.09
N SER V 672 33.18 110.94 19.31
CA SER V 672 33.49 111.80 20.45
C SER V 672 34.52 111.07 21.30
N ARG V 673 34.70 111.54 22.53
CA ARG V 673 35.58 110.87 23.47
C ARG V 673 34.96 109.54 23.91
N THR V 674 35.70 108.80 24.72
CA THR V 674 35.39 107.43 25.16
C THR V 674 35.24 106.46 24.00
N CYS V 675 35.75 106.81 22.82
CA CYS V 675 35.77 105.94 21.66
C CYS V 675 37.22 105.63 21.34
N LEU V 676 37.70 104.49 21.83
CA LEU V 676 39.11 104.13 21.74
C LEU V 676 39.46 103.48 20.41
N THR V 677 38.65 103.69 19.38
CA THR V 677 38.92 103.11 18.07
C THR V 677 40.09 103.81 17.41
N ALA V 678 40.89 103.05 16.66
CA ALA V 678 41.99 103.59 15.89
C ALA V 678 41.52 103.85 14.47
N LYS V 679 41.75 105.05 13.97
CA LYS V 679 41.32 105.39 12.63
C LYS V 679 42.27 104.79 11.60
N PRO V 680 41.79 103.95 10.69
CA PRO V 680 42.69 103.32 9.70
C PRO V 680 43.06 104.31 8.60
N VAL V 681 44.36 104.57 8.49
CA VAL V 681 44.94 105.42 7.45
C VAL V 681 46.00 104.59 6.73
N PHE V 682 45.90 104.50 5.41
CA PHE V 682 46.83 103.70 4.63
C PHE V 682 47.13 104.40 3.31
N GLU V 683 48.09 103.83 2.58
CA GLU V 683 48.53 104.39 1.32
C GLU V 683 48.61 103.28 0.28
N ILE V 684 48.25 103.64 -0.95
CA ILE V 684 48.13 102.74 -2.08
C ILE V 684 48.96 103.28 -3.23
N ASP V 685 49.94 102.51 -3.70
CA ASP V 685 50.80 102.98 -4.79
C ASP V 685 50.68 102.07 -6.00
N VAL V 686 50.70 102.68 -7.18
CA VAL V 686 50.62 101.98 -8.45
C VAL V 686 51.93 102.18 -9.20
N GLY V 687 52.41 101.13 -9.84
CA GLY V 687 53.69 101.13 -10.52
C GLY V 687 54.47 99.90 -10.13
N CYS V 688 55.71 99.83 -10.60
CA CYS V 688 56.60 98.73 -10.27
C CYS V 688 57.55 99.10 -9.14
N ASP V 689 57.81 98.13 -8.26
CA ASP V 689 58.72 98.32 -7.14
C ASP V 689 60.17 98.06 -7.51
N SER V 690 60.44 97.69 -8.77
CA SER V 690 61.77 97.33 -9.28
C SER V 690 62.38 96.16 -8.50
N SER V 691 61.53 95.28 -7.97
CA SER V 691 62.00 94.08 -7.29
C SER V 691 61.35 92.82 -7.86
N LYS V 692 60.55 92.94 -8.92
CA LYS V 692 59.88 91.81 -9.54
C LYS V 692 60.36 91.69 -10.98
N TYR V 693 60.82 90.51 -11.36
CA TYR V 693 61.33 90.29 -12.70
C TYR V 693 61.11 88.82 -13.07
N ILE V 694 61.78 88.37 -14.13
CA ILE V 694 61.44 87.10 -14.77
C ILE V 694 62.69 86.25 -14.96
N MET V 695 62.60 84.99 -14.50
CA MET V 695 63.69 84.03 -14.63
C MET V 695 63.27 82.87 -15.51
N VAL V 696 64.18 82.43 -16.38
CA VAL V 696 64.02 81.17 -17.09
C VAL V 696 64.45 80.03 -16.18
N ARG V 697 63.72 78.91 -16.24
CA ARG V 697 64.00 77.79 -15.36
C ARG V 697 65.31 77.11 -15.74
N GLY V 698 65.99 76.57 -14.74
CA GLY V 698 67.25 75.90 -14.94
C GLY V 698 68.45 76.81 -15.07
N PHE V 699 68.26 78.12 -14.92
CA PHE V 699 69.33 79.10 -15.07
C PHE V 699 69.53 79.85 -13.77
N ASN V 700 70.79 80.19 -13.49
CA ASN V 700 71.13 80.93 -12.29
C ASN V 700 72.40 81.74 -12.57
N LYS V 701 72.67 82.68 -11.68
CA LYS V 701 73.77 83.61 -11.90
C LYS V 701 75.12 82.94 -11.70
N SER V 702 75.38 82.41 -10.49
CA SER V 702 76.71 81.92 -10.16
C SER V 702 76.67 80.56 -9.48
N ARG V 703 75.67 79.73 -9.76
CA ARG V 703 75.73 78.35 -9.30
C ARG V 703 76.70 77.54 -10.14
N CYS V 704 76.99 78.00 -11.35
CA CYS V 704 77.91 77.35 -12.27
C CYS V 704 79.14 78.25 -12.43
N GLN V 705 80.29 77.76 -11.98
CA GLN V 705 81.53 78.52 -12.02
C GLN V 705 82.25 78.28 -13.33
N ARG V 706 82.81 79.34 -13.89
CA ARG V 706 83.49 79.29 -15.18
C ARG V 706 84.52 80.42 -15.22
N ARG V 707 85.05 80.70 -16.40
CA ARG V 707 86.09 81.71 -16.55
C ARG V 707 85.81 82.64 -17.71
N ASP V 708 86.78 83.49 -18.05
CA ASP V 708 86.61 84.46 -19.13
C ASP V 708 86.61 83.76 -20.49
N PHE V 709 85.84 84.32 -21.41
CA PHE V 709 85.65 83.75 -22.74
C PHE V 709 85.90 84.83 -23.78
N SER V 710 86.21 84.39 -25.00
CA SER V 710 86.45 85.29 -26.12
C SER V 710 86.20 84.53 -27.41
N TYR V 711 85.55 85.19 -28.36
CA TYR V 711 85.23 84.52 -29.62
C TYR V 711 85.03 85.55 -30.72
N VAL V 712 85.16 85.08 -31.95
CA VAL V 712 84.98 85.91 -33.14
C VAL V 712 83.88 85.30 -33.99
N ILE V 713 82.90 86.11 -34.36
CA ILE V 713 81.80 85.70 -35.23
C ILE V 713 81.81 86.62 -36.44
N ASP V 714 81.84 86.04 -37.63
CA ASP V 714 81.96 86.82 -38.86
C ASP V 714 81.07 86.22 -39.94
N LYS V 715 80.78 87.05 -40.95
CA LYS V 715 80.07 86.72 -42.17
C LYS V 715 78.62 86.29 -41.94
N GLU V 716 78.08 86.45 -40.73
CA GLU V 716 76.72 86.03 -40.42
C GLU V 716 75.88 87.14 -39.82
N LEU V 717 76.36 88.38 -39.81
CA LEU V 717 75.63 89.49 -39.24
C LEU V 717 74.64 90.05 -40.26
N LEU V 718 73.84 91.02 -39.82
CA LEU V 718 72.88 91.68 -40.69
C LEU V 718 73.56 92.76 -41.53
N ASP V 724 81.29 92.83 -39.84
CA ASP V 724 82.17 92.04 -40.69
C ASP V 724 83.09 91.15 -39.85
N ASN V 725 83.61 91.70 -38.76
CA ASN V 725 84.49 90.95 -37.85
C ASN V 725 84.38 91.58 -36.47
N LEU V 726 83.68 90.90 -35.56
CA LEU V 726 83.53 91.37 -34.19
C LEU V 726 84.29 90.44 -33.26
N LYS V 727 84.98 91.03 -32.28
CA LYS V 727 85.66 90.29 -31.23
C LYS V 727 85.01 90.67 -29.92
N VAL V 728 84.25 89.76 -29.34
CA VAL V 728 83.45 90.04 -28.15
C VAL V 728 83.74 88.98 -27.10
N ARG V 729 83.81 89.41 -25.85
CA ARG V 729 84.19 88.55 -24.73
C ARG V 729 82.96 88.11 -23.95
N TYR V 730 82.77 86.81 -23.86
CA TYR V 730 81.70 86.21 -23.06
C TYR V 730 82.19 85.99 -21.62
N ASP V 731 81.25 85.94 -20.69
CA ASP V 731 81.59 85.75 -19.28
C ASP V 731 80.39 85.17 -18.55
N VAL V 732 80.47 85.12 -17.22
CA VAL V 732 79.39 84.60 -16.40
C VAL V 732 78.79 85.66 -15.48
N ALA V 733 79.57 86.65 -15.05
CA ALA V 733 79.05 87.66 -14.14
C ALA V 733 78.03 88.57 -14.83
N LYS V 734 78.09 88.66 -16.15
CA LYS V 734 77.14 89.48 -16.90
C LYS V 734 76.29 88.65 -17.86
N TYR V 735 76.75 87.45 -18.23
CA TYR V 735 76.00 86.62 -19.16
C TYR V 735 75.50 85.31 -18.56
N GLY V 736 76.00 84.88 -17.40
CA GLY V 736 75.56 83.65 -16.79
C GLY V 736 76.24 82.42 -17.37
N CYS V 737 75.96 81.27 -16.75
CA CYS V 737 76.49 80.01 -17.25
C CYS V 737 75.79 79.63 -18.55
N PRO V 738 76.53 79.36 -19.61
CA PRO V 738 75.89 79.06 -20.90
C PRO V 738 75.35 77.64 -20.94
N LEU V 739 74.47 77.41 -21.91
CA LEU V 739 73.96 76.07 -22.15
C LEU V 739 75.02 75.23 -22.87
N THR V 740 74.95 73.92 -22.65
CA THR V 740 75.87 72.96 -23.25
C THR V 740 75.12 71.97 -24.14
N LEU V 741 74.26 72.49 -25.00
CA LEU V 741 73.32 71.65 -25.73
C LEU V 741 74.02 70.76 -26.75
N GLU V 742 73.58 69.51 -26.81
CA GLU V 742 74.12 68.48 -27.68
C GLU V 742 73.60 68.71 -29.10
N LEU V 743 73.72 67.69 -29.96
CA LEU V 743 73.19 67.75 -31.32
C LEU V 743 71.69 68.08 -31.28
N GLY V 744 71.22 68.63 -32.41
CA GLY V 744 69.95 69.35 -32.52
C GLY V 744 68.75 68.80 -31.78
N GLN V 745 68.22 69.62 -30.86
CA GLN V 745 67.12 69.23 -29.99
C GLN V 745 66.07 70.33 -29.98
N MET V 746 65.03 70.11 -29.20
CA MET V 746 63.86 70.98 -29.17
C MET V 746 63.85 71.71 -27.84
N PHE V 747 63.81 73.05 -27.88
CA PHE V 747 63.81 73.85 -26.66
C PHE V 747 62.76 74.95 -26.76
N GLN V 748 61.99 75.11 -25.69
CA GLN V 748 61.02 76.18 -25.58
C GLN V 748 61.47 77.16 -24.51
N PRO V 749 61.69 78.43 -24.83
CA PRO V 749 62.00 79.40 -23.77
C PRO V 749 60.78 79.73 -22.94
N ILE V 750 60.73 79.18 -21.72
CA ILE V 750 59.60 79.35 -20.82
C ILE V 750 60.11 80.02 -19.55
N VAL V 751 59.42 81.08 -19.13
CA VAL V 751 59.92 81.99 -18.11
C VAL V 751 58.85 82.19 -17.05
N GLU V 752 59.27 82.37 -15.80
CA GLU V 752 58.36 82.55 -14.69
C GLU V 752 58.71 83.81 -13.90
N LEU V 753 57.70 84.36 -13.24
CA LEU V 753 57.83 85.59 -12.49
C LEU V 753 58.35 85.31 -11.08
N TYR V 754 59.16 86.24 -10.56
CA TYR V 754 59.76 86.09 -9.24
C TYR V 754 60.01 87.46 -8.65
N ASP V 755 59.83 87.57 -7.33
CA ASP V 755 60.11 88.80 -6.60
C ASP V 755 60.43 88.47 -5.15
N GLU V 756 61.35 89.26 -4.57
CA GLU V 756 61.59 89.32 -3.13
C GLU V 756 61.82 87.96 -2.49
N ASN V 757 60.76 87.40 -1.89
CA ASN V 757 60.87 86.14 -1.16
C ASN V 757 61.06 84.96 -2.12
N GLY V 758 60.28 84.92 -3.19
CA GLY V 758 60.37 83.79 -4.09
C GLY V 758 59.50 84.00 -5.32
N PHE V 759 59.41 82.96 -6.14
CA PHE V 759 58.65 83.03 -7.38
C PHE V 759 57.16 83.23 -7.07
N ILE V 760 56.46 83.86 -8.02
CA ILE V 760 55.05 84.13 -7.86
C ILE V 760 54.24 83.16 -8.72
N LYS V 761 54.45 83.21 -10.03
CA LYS V 761 53.66 82.43 -10.97
C LYS V 761 54.42 82.29 -12.28
N ILE V 762 53.95 81.35 -13.09
CA ILE V 762 54.47 81.18 -14.44
C ILE V 762 53.93 82.30 -15.32
N VAL V 763 54.72 82.74 -16.29
CA VAL V 763 54.40 83.92 -17.08
C VAL V 763 53.80 83.47 -18.41
N ASP V 764 52.59 83.95 -18.69
CA ASP V 764 51.97 83.78 -20.00
C ASP V 764 51.71 85.18 -20.54
N ALA V 765 52.43 85.52 -21.61
CA ALA V 765 52.54 86.88 -22.12
C ALA V 765 52.74 86.81 -23.63
N ASN V 766 53.31 87.85 -24.23
CA ASN V 766 53.83 87.71 -25.58
C ASN V 766 55.33 88.00 -25.52
N PHE V 767 56.14 87.11 -26.10
CA PHE V 767 57.59 87.17 -25.97
C PHE V 767 58.24 87.63 -27.26
N ILE V 768 59.41 88.24 -27.12
CA ILE V 768 60.32 88.46 -28.24
C ILE V 768 61.73 88.07 -27.80
N LEU V 769 62.44 87.38 -28.68
CA LEU V 769 63.83 87.00 -28.48
C LEU V 769 64.73 87.78 -29.42
N TRP V 770 65.84 88.27 -28.90
CA TRP V 770 66.82 88.92 -29.75
C TRP V 770 68.22 88.55 -29.28
N GLU V 771 69.12 88.39 -30.24
CA GLU V 771 70.52 88.13 -29.94
C GLU V 771 71.20 89.43 -29.53
N ILE V 772 72.30 89.28 -28.78
CA ILE V 772 73.00 90.45 -28.26
C ILE V 772 73.56 91.30 -29.39
N HIS V 773 74.22 90.69 -30.36
CA HIS V 773 74.94 91.42 -31.40
C HIS V 773 74.21 91.46 -32.74
N GLY V 774 73.72 90.33 -33.24
CA GLY V 774 73.01 90.30 -34.49
C GLY V 774 73.43 89.17 -35.40
N ARG V 775 72.48 88.31 -35.77
CA ARG V 775 72.69 87.23 -36.72
C ARG V 775 71.44 87.10 -37.58
N ASN V 776 71.55 86.29 -38.63
CA ASN V 776 70.39 85.91 -39.42
C ASN V 776 70.18 84.40 -39.49
N ASP V 777 71.10 83.60 -38.96
CA ASP V 777 70.99 82.15 -39.02
C ASP V 777 70.34 81.65 -37.72
N TYR V 778 69.02 81.83 -37.66
CA TYR V 778 68.20 81.25 -36.60
C TYR V 778 66.75 81.34 -37.04
N THR V 779 66.01 80.24 -36.88
CA THR V 779 64.62 80.21 -37.35
C THR V 779 63.69 79.72 -36.25
N PHE V 780 62.41 79.57 -36.58
CA PHE V 780 61.42 79.27 -35.56
C PHE V 780 60.57 78.06 -35.93
N ASN V 781 59.67 77.70 -35.03
CA ASN V 781 58.84 76.49 -35.15
C ASN V 781 57.85 76.54 -36.30
N SER V 782 57.10 77.63 -36.43
CA SER V 782 55.94 77.64 -37.31
C SER V 782 55.86 78.89 -38.18
N THR V 783 54.72 79.06 -38.86
CA THR V 783 54.42 80.23 -39.68
C THR V 783 53.31 81.03 -38.99
N MET V 784 52.89 82.13 -39.63
CA MET V 784 51.71 82.82 -39.12
C MET V 784 50.42 82.05 -39.42
N GLU V 785 50.41 81.22 -40.45
CA GLU V 785 49.39 80.19 -40.53
C GLU V 785 49.74 79.07 -39.54
N GLN V 786 48.76 78.21 -39.28
CA GLN V 786 48.83 77.13 -38.28
C GLN V 786 49.02 77.71 -36.88
N ASN V 787 48.78 79.02 -36.74
CA ASN V 787 48.76 79.71 -35.45
C ASN V 787 47.57 80.65 -35.30
N GLY V 788 46.98 81.11 -36.41
CA GLY V 788 45.75 81.86 -36.36
C GLY V 788 45.81 83.28 -36.92
N CYS V 789 46.94 83.67 -37.50
CA CYS V 789 47.08 85.02 -38.03
C CYS V 789 46.17 85.23 -39.24
N ILE V 790 45.11 86.01 -39.06
CA ILE V 790 44.21 86.30 -40.18
C ILE V 790 44.86 87.31 -41.13
N ASN V 791 45.62 88.26 -40.60
CA ASN V 791 46.25 89.31 -41.39
C ASN V 791 47.77 89.22 -41.26
N GLU V 792 48.47 90.07 -42.00
CA GLU V 792 49.92 90.09 -41.95
C GLU V 792 50.39 90.58 -40.59
N ALA V 793 51.37 89.87 -40.01
CA ALA V 793 51.87 90.17 -38.68
C ALA V 793 53.02 91.18 -38.79
N GLN V 794 53.71 91.42 -37.67
CA GLN V 794 54.91 92.25 -37.64
C GLN V 794 56.09 91.35 -37.31
N THR V 795 57.01 91.21 -38.24
CA THR V 795 58.17 90.33 -38.06
C THR V 795 59.41 91.14 -37.76
N TRP V 796 60.44 90.43 -37.26
CA TRP V 796 61.65 91.09 -36.79
C TRP V 796 62.41 91.77 -37.91
N ASP V 797 62.51 91.11 -39.07
CA ASP V 797 63.20 91.71 -40.21
C ASP V 797 62.48 92.97 -40.68
N SER V 798 61.15 92.93 -40.75
CA SER V 798 60.38 94.11 -41.14
C SER V 798 60.56 95.24 -40.14
N MET V 799 60.61 94.93 -38.85
CA MET V 799 60.70 96.01 -37.88
C MET V 799 62.10 96.60 -37.83
N ILE V 800 63.12 95.76 -38.05
CA ILE V 800 64.49 96.25 -38.16
C ILE V 800 64.63 97.14 -39.39
N GLU V 801 64.01 96.74 -40.50
CA GLU V 801 63.99 97.59 -41.69
C GLU V 801 63.22 98.88 -41.44
N GLU V 802 62.17 98.82 -40.59
CA GLU V 802 61.37 100.00 -40.30
C GLU V 802 62.18 101.02 -39.49
N ASN V 803 62.89 100.56 -38.47
CA ASN V 803 63.68 101.45 -37.63
C ASN V 803 65.10 101.51 -38.17
N PRO V 804 65.49 102.57 -38.89
CA PRO V 804 66.75 102.55 -39.63
C PRO V 804 68.02 102.60 -38.78
N ASP V 805 68.12 103.58 -37.86
CA ASP V 805 69.39 103.89 -37.23
C ASP V 805 69.42 103.68 -35.72
N ILE V 806 68.27 103.67 -35.05
CA ILE V 806 68.23 103.55 -33.60
C ILE V 806 68.65 102.13 -33.20
N PRO V 807 69.22 101.96 -31.99
CA PRO V 807 69.57 100.60 -31.54
C PRO V 807 68.38 99.68 -31.44
N LEU V 808 68.62 98.37 -31.32
CA LEU V 808 67.55 97.38 -31.34
C LEU V 808 66.64 97.48 -30.12
N ASP V 809 67.09 98.13 -29.04
CA ASP V 809 66.29 98.19 -27.81
C ASP V 809 64.99 98.95 -28.03
N ASP V 810 65.04 100.05 -28.76
CA ASP V 810 63.86 100.85 -29.04
C ASP V 810 63.23 100.50 -30.38
N VAL V 811 63.63 99.38 -30.99
CA VAL V 811 63.05 98.99 -32.27
C VAL V 811 61.66 98.39 -32.07
N TRP V 812 61.56 97.33 -31.27
CA TRP V 812 60.30 96.64 -31.03
C TRP V 812 60.09 96.46 -29.54
N GLY V 813 58.87 96.73 -29.08
CA GLY V 813 58.53 96.59 -27.68
C GLY V 813 57.04 96.60 -27.44
N PRO V 814 56.63 96.57 -26.17
CA PRO V 814 55.19 96.62 -25.85
C PRO V 814 54.50 97.91 -26.26
N GLN V 815 55.25 99.00 -26.43
CA GLN V 815 54.68 100.26 -26.91
C GLN V 815 54.39 100.24 -28.41
N ASN V 816 54.91 99.25 -29.13
CA ASN V 816 54.71 99.15 -30.57
C ASN V 816 54.08 97.82 -30.96
N TYR V 817 53.45 97.11 -30.03
CA TYR V 817 52.80 95.85 -30.32
C TYR V 817 51.52 96.10 -31.11
N ARG V 818 51.42 95.47 -32.28
CA ARG V 818 50.19 95.41 -33.05
C ARG V 818 49.85 93.95 -33.30
N PRO V 819 48.71 93.47 -32.82
CA PRO V 819 48.38 92.04 -32.97
C PRO V 819 48.06 91.67 -34.41
N CYS V 820 48.27 90.39 -34.72
CA CYS V 820 47.98 89.85 -36.04
C CYS V 820 46.58 89.29 -36.16
N PHE V 821 45.90 89.03 -35.04
CA PHE V 821 44.51 88.55 -35.06
C PHE V 821 43.59 89.77 -35.22
N SER V 822 43.75 90.43 -36.36
CA SER V 822 43.30 91.81 -36.51
C SER V 822 42.17 91.99 -37.50
N TYR V 823 42.36 91.57 -38.76
CA TYR V 823 41.40 91.67 -39.86
C TYR V 823 41.16 93.12 -40.28
N ALA V 824 41.69 94.09 -39.54
CA ALA V 824 41.42 95.48 -39.85
C ALA V 824 42.60 96.43 -39.62
N ILE V 825 43.74 95.97 -39.11
CA ILE V 825 44.76 96.91 -38.67
C ILE V 825 45.84 97.14 -39.72
N GLY V 826 46.67 96.13 -39.98
CA GLY V 826 47.83 96.40 -40.81
C GLY V 826 47.75 96.06 -42.29
N LYS V 827 47.53 94.78 -42.61
CA LYS V 827 47.69 94.29 -43.98
C LYS V 827 47.22 92.85 -44.09
N PRO V 828 46.51 92.49 -45.16
CA PRO V 828 46.29 91.08 -45.48
C PRO V 828 47.37 90.52 -46.41
N GLY V 829 48.61 90.54 -45.94
CA GLY V 829 49.73 90.12 -46.76
C GLY V 829 49.80 88.61 -46.93
N ASP V 830 50.88 88.16 -47.57
CA ASP V 830 51.13 86.75 -47.74
C ASP V 830 51.49 86.09 -46.42
N LEU V 831 51.27 84.79 -46.32
CA LEU V 831 51.56 84.04 -45.12
C LEU V 831 52.42 82.82 -45.46
N GLY V 832 53.30 82.45 -44.53
CA GLY V 832 54.27 81.40 -44.72
C GLY V 832 55.64 81.73 -44.16
N GLN V 833 55.81 82.98 -43.73
CA GLN V 833 57.06 83.43 -43.14
C GLN V 833 57.24 82.88 -41.72
N PRO V 834 58.44 82.99 -41.16
CA PRO V 834 58.60 82.70 -39.73
C PRO V 834 57.75 83.62 -38.87
N TYR V 835 57.28 83.08 -37.75
CA TYR V 835 56.39 83.76 -36.81
C TYR V 835 57.04 83.77 -35.44
N GLU V 836 57.28 84.98 -34.89
CA GLU V 836 57.85 85.09 -33.55
C GLU V 836 57.02 86.07 -32.70
N ILE V 837 55.92 85.54 -32.16
CA ILE V 837 55.20 86.15 -31.05
C ILE V 837 55.04 85.05 -30.02
N LEU V 838 56.03 84.17 -29.95
CA LEU V 838 55.97 82.92 -29.19
C LEU V 838 55.57 83.17 -27.74
N ASN V 839 54.83 82.22 -27.17
CA ASN V 839 54.26 82.39 -25.85
C ASN V 839 53.74 81.04 -25.37
N TYR V 840 53.15 81.04 -24.18
CA TYR V 840 52.39 79.88 -23.74
C TYR V 840 51.07 79.82 -24.49
N SER V 841 50.44 78.64 -24.44
CA SER V 841 49.31 78.26 -25.30
C SER V 841 49.74 78.29 -26.76
N ASN V 842 51.03 78.13 -27.01
CA ASN V 842 51.62 78.02 -28.34
C ASN V 842 52.76 77.02 -28.31
N LYS V 843 53.03 76.42 -29.47
CA LYS V 843 54.07 75.41 -29.60
C LYS V 843 55.34 75.97 -30.21
N ASN V 844 55.49 77.29 -30.25
CA ASN V 844 56.58 77.92 -30.98
C ASN V 844 57.89 77.74 -30.22
N HIS V 845 58.82 77.00 -30.83
CA HIS V 845 60.17 76.76 -30.33
C HIS V 845 61.19 77.44 -31.23
N ILE V 846 62.42 77.54 -30.72
CA ILE V 846 63.53 78.11 -31.48
C ILE V 846 64.30 77.01 -32.19
N LYS V 847 64.85 77.32 -33.36
CA LYS V 847 65.71 76.43 -34.14
C LYS V 847 66.91 77.22 -34.62
N TRP V 848 67.97 76.51 -34.92
CA TRP V 848 69.21 77.05 -35.48
C TRP V 848 69.56 76.21 -36.69
N PRO V 849 70.29 76.77 -37.66
CA PRO V 849 70.78 75.95 -38.77
C PRO V 849 71.67 74.83 -38.27
N MET V 850 71.54 73.68 -38.92
CA MET V 850 72.11 72.46 -38.37
C MET V 850 73.61 72.32 -38.62
N THR V 851 74.10 72.81 -39.77
CA THR V 851 75.45 72.47 -40.23
C THR V 851 76.54 73.02 -39.30
N TYR V 852 76.59 74.34 -39.14
CA TYR V 852 77.60 74.94 -38.30
C TYR V 852 77.16 74.94 -36.83
N ALA V 853 78.14 74.76 -35.95
CA ALA V 853 77.92 74.88 -34.51
C ALA V 853 78.08 76.34 -34.10
N GLY V 854 77.12 76.83 -33.33
CA GLY V 854 77.09 78.25 -33.07
C GLY V 854 76.82 78.58 -31.63
N MET V 855 76.75 79.88 -31.37
CA MET V 855 76.47 80.43 -30.07
C MET V 855 75.47 81.57 -30.21
N TYR V 856 74.52 81.64 -29.27
CA TYR V 856 73.49 82.69 -29.34
C TYR V 856 73.12 83.13 -27.92
N VAL V 857 73.44 84.37 -27.59
CA VAL V 857 72.93 84.97 -26.36
C VAL V 857 71.64 85.72 -26.71
N TYR V 858 70.52 85.20 -26.23
CA TYR V 858 69.22 85.83 -26.43
C TYR V 858 68.72 86.47 -25.14
N ARG V 859 68.11 87.64 -25.29
CA ARG V 859 67.39 88.29 -24.22
C ARG V 859 65.89 88.14 -24.49
N LEU V 860 65.18 87.55 -23.55
CA LEU V 860 63.73 87.41 -23.62
C LEU V 860 63.09 88.69 -23.07
N LYS V 861 62.20 89.28 -23.87
CA LYS V 861 61.51 90.51 -23.49
C LYS V 861 60.01 90.32 -23.67
N ILE V 862 59.23 90.80 -22.69
CA ILE V 862 57.78 90.67 -22.71
C ILE V 862 57.19 91.77 -23.58
N LEU V 863 56.34 91.37 -24.53
CA LEU V 863 55.73 92.29 -25.48
C LEU V 863 54.30 92.67 -25.11
N ASP V 864 53.75 92.12 -24.03
CA ASP V 864 52.37 92.42 -23.64
C ASP V 864 52.25 93.85 -23.15
N PRO V 865 51.35 94.66 -23.72
CA PRO V 865 51.29 96.08 -23.36
C PRO V 865 50.61 96.37 -22.03
N ASN V 866 49.90 95.42 -21.44
CA ASN V 866 49.19 95.67 -20.19
C ASN V 866 49.43 94.52 -19.21
N TYR V 867 50.65 93.98 -19.23
CA TYR V 867 51.03 92.92 -18.30
C TYR V 867 51.58 93.47 -16.99
N SER V 868 52.63 94.29 -17.06
CA SER V 868 53.25 94.84 -15.87
C SER V 868 53.61 96.29 -16.13
N PHE V 869 53.88 97.02 -15.04
CA PHE V 869 54.19 98.44 -15.10
C PHE V 869 55.65 98.73 -15.44
N CYS V 870 56.48 97.70 -15.60
CA CYS V 870 57.90 97.86 -15.83
C CYS V 870 58.34 96.99 -17.00
N ASN V 871 59.60 97.16 -17.39
CA ASN V 871 60.21 96.37 -18.45
C ASN V 871 60.82 95.10 -17.85
N LEU V 872 60.43 93.94 -18.37
CA LEU V 872 60.92 92.66 -17.90
C LEU V 872 61.74 92.01 -19.00
N THR V 873 63.05 91.90 -18.79
CA THR V 873 63.95 91.31 -19.76
C THR V 873 64.93 90.41 -19.04
N THR V 874 65.18 89.24 -19.62
CA THR V 874 66.08 88.26 -19.02
C THR V 874 67.08 87.78 -20.05
N ILE V 875 68.18 87.20 -19.57
CA ILE V 875 69.31 86.78 -20.38
C ILE V 875 69.42 85.27 -20.37
N PHE V 876 69.85 84.69 -21.50
CA PHE V 876 70.28 83.30 -21.54
C PHE V 876 71.04 83.04 -22.83
N ALA V 877 72.06 82.20 -22.76
CA ALA V 877 72.92 81.90 -23.90
C ALA V 877 72.92 80.41 -24.20
N ILE V 878 72.74 80.07 -25.48
CA ILE V 878 72.66 78.68 -25.92
C ILE V 878 73.88 78.37 -26.80
N GLU V 879 74.50 77.23 -26.53
CA GLU V 879 75.62 76.70 -27.32
C GLU V 879 75.23 75.29 -27.75
N SER V 880 74.77 75.15 -28.99
CA SER V 880 74.31 73.87 -29.51
C SER V 880 75.33 73.26 -30.46
N LEU V 881 75.64 72.00 -30.24
CA LEU V 881 76.58 71.30 -31.12
C LEU V 881 75.95 71.03 -32.49
N GLY V 882 76.77 71.09 -33.53
CA GLY V 882 76.34 70.83 -34.89
C GLY V 882 77.01 69.60 -35.48
N MET V 883 76.93 69.49 -36.82
CA MET V 883 77.54 68.39 -37.56
C MET V 883 78.44 68.93 -38.67
N ILE V 884 79.36 69.84 -38.33
CA ILE V 884 80.36 70.24 -39.30
C ILE V 884 81.63 69.42 -39.05
N PRO V 885 81.87 68.34 -39.83
CA PRO V 885 83.06 67.53 -39.60
C PRO V 885 84.23 67.96 -40.47
N ARG V 886 85.34 67.24 -40.38
CA ARG V 886 86.45 67.48 -41.29
C ARG V 886 86.09 67.03 -42.69
N SER V 887 86.58 67.78 -43.69
CA SER V 887 86.25 67.47 -45.08
C SER V 887 86.91 66.17 -45.54
N SER V 888 88.18 65.98 -45.18
CA SER V 888 88.97 64.78 -45.52
C SER V 888 89.08 64.57 -47.04
N VAL V 889 88.89 65.65 -47.81
CA VAL V 889 88.90 65.56 -49.27
C VAL V 889 90.29 65.17 -49.76
N TYR V 890 91.34 65.77 -49.20
CA TYR V 890 92.69 65.37 -49.58
C TYR V 890 93.07 64.01 -49.00
N LEU V 891 92.53 63.67 -47.83
CA LEU V 891 92.75 62.36 -47.24
C LEU V 891 92.24 61.25 -48.15
N VAL V 892 91.10 61.47 -48.80
CA VAL V 892 90.60 60.48 -49.75
C VAL V 892 91.14 60.68 -51.17
N ALA V 893 91.61 61.88 -51.50
CA ALA V 893 92.32 62.05 -52.76
C ALA V 893 93.64 61.30 -52.76
N ALA V 894 94.22 61.09 -51.57
CA ALA V 894 95.37 60.20 -51.46
C ALA V 894 95.01 58.78 -51.89
N LEU V 895 93.85 58.29 -51.48
CA LEU V 895 93.38 56.98 -51.92
C LEU V 895 93.09 56.98 -53.42
N ILE V 896 92.53 58.07 -53.93
CA ILE V 896 92.31 58.21 -55.38
C ILE V 896 93.63 58.07 -56.12
N PHE V 897 94.67 58.75 -55.63
CA PHE V 897 95.96 58.71 -56.31
C PHE V 897 96.62 57.34 -56.17
N VAL V 898 96.48 56.69 -55.02
CA VAL V 898 96.98 55.33 -54.87
C VAL V 898 96.30 54.42 -55.87
N LEU V 899 94.98 54.57 -56.03
CA LEU V 899 94.22 53.70 -56.92
C LEU V 899 94.60 53.90 -58.38
N MET V 900 94.69 55.14 -58.88
CA MET V 900 94.91 55.21 -60.33
C MET V 900 96.39 55.01 -60.64
N LEU V 901 97.29 55.22 -59.65
CA LEU V 901 98.67 54.77 -59.84
C LEU V 901 98.77 53.25 -59.93
N THR V 902 98.01 52.53 -59.09
CA THR V 902 98.01 51.07 -59.19
C THR V 902 97.41 50.61 -60.51
N PHE V 903 96.35 51.28 -60.97
CA PHE V 903 95.75 50.95 -62.25
C PHE V 903 96.71 51.22 -63.41
N ILE V 904 97.46 52.32 -63.34
CA ILE V 904 98.46 52.62 -64.36
C ILE V 904 99.57 51.59 -64.35
N SER V 905 100.00 51.16 -63.16
CA SER V 905 101.03 50.12 -63.07
C SER V 905 100.54 48.80 -63.64
N ILE V 906 99.28 48.45 -63.38
CA ILE V 906 98.70 47.23 -63.95
C ILE V 906 98.61 47.34 -65.46
N LEU V 907 98.22 48.52 -65.97
CA LEU V 907 98.16 48.73 -67.41
C LEU V 907 99.54 48.65 -68.04
N VAL V 908 100.57 49.14 -67.35
CA VAL V 908 101.94 49.07 -67.87
C VAL V 908 102.43 47.63 -67.87
N LEU V 909 102.10 46.85 -66.84
CA LEU V 909 102.46 45.45 -66.80
C LEU V 909 101.78 44.68 -67.94
N SER V 910 100.49 44.92 -68.15
CA SER V 910 99.79 44.30 -69.27
C SER V 910 100.35 44.77 -70.60
N TYR V 911 100.79 46.03 -70.66
CA TYR V 911 101.41 46.58 -71.85
C TYR V 911 102.68 45.82 -72.21
N PHE V 912 103.55 45.62 -71.21
CA PHE V 912 104.79 44.90 -71.46
C PHE V 912 104.54 43.42 -71.78
N TRP V 913 103.53 42.83 -71.15
CA TRP V 913 103.17 41.45 -71.48
C TRP V 913 102.70 41.33 -72.93
N TYR V 914 101.89 42.29 -73.39
CA TYR V 914 101.42 42.21 -74.77
C TYR V 914 102.52 42.60 -75.76
N LEU V 915 103.48 43.43 -75.34
CA LEU V 915 104.65 43.63 -76.18
C LEU V 915 105.49 42.37 -76.28
N LYS V 916 105.50 41.55 -75.24
CA LYS V 916 106.18 40.26 -75.35
C LYS V 916 105.41 39.30 -76.25
N ILE V 917 104.07 39.35 -76.23
CA ILE V 917 103.30 38.29 -76.88
C ILE V 917 102.56 38.77 -78.13
N TYR V 918 102.91 39.92 -78.73
CA TYR V 918 102.27 40.24 -80.01
C TYR V 918 103.03 39.69 -81.21
N ARG V 919 104.31 39.35 -81.05
CA ARG V 919 105.11 38.88 -82.18
C ARG V 919 104.72 37.49 -82.65
N GLN V 920 103.94 36.75 -81.86
CA GLN V 920 103.44 35.45 -82.33
C GLN V 920 102.42 35.62 -83.44
N PHE V 921 101.56 36.64 -83.34
CA PHE V 921 100.56 36.90 -84.36
C PHE V 921 101.19 37.57 -85.59
N MET W 1 21.80 -12.34 -73.24
CA MET W 1 20.52 -12.00 -73.82
C MET W 1 20.66 -11.64 -75.29
N CYS W 2 21.91 -11.48 -75.74
CA CYS W 2 22.16 -11.05 -77.11
C CYS W 2 21.92 -12.19 -78.10
N TRP W 3 22.02 -13.44 -77.65
CA TRP W 3 21.88 -14.57 -78.56
C TRP W 3 20.56 -15.30 -78.34
N VAL W 4 19.96 -15.16 -77.16
CA VAL W 4 18.76 -15.94 -76.83
C VAL W 4 17.56 -15.49 -77.64
N MET W 5 17.31 -14.18 -77.69
CA MET W 5 16.15 -13.58 -78.34
C MET W 5 16.15 -13.56 -79.88
N PRO W 6 17.27 -13.43 -80.61
CA PRO W 6 17.20 -13.36 -82.09
C PRO W 6 16.52 -14.56 -82.74
N PRO W 7 16.75 -15.82 -82.31
CA PRO W 7 16.03 -16.92 -83.00
C PRO W 7 14.53 -16.88 -82.81
N SER W 8 14.05 -16.84 -81.56
CA SER W 8 12.63 -16.80 -81.23
C SER W 8 11.88 -17.95 -81.91
N VAL W 9 12.21 -19.17 -81.46
CA VAL W 9 11.78 -20.41 -82.10
C VAL W 9 10.27 -20.47 -82.28
N PHE W 10 9.85 -20.54 -83.56
CA PHE W 10 8.46 -20.49 -83.98
C PHE W 10 7.83 -19.19 -83.48
N VAL W 11 6.86 -19.23 -82.57
CA VAL W 11 6.13 -18.03 -82.15
C VAL W 11 6.99 -17.18 -81.22
N LEU W 12 6.53 -15.95 -80.96
CA LEU W 12 7.32 -14.95 -80.25
C LEU W 12 6.74 -14.58 -78.89
N GLU W 13 5.43 -14.34 -78.81
CA GLU W 13 4.68 -13.88 -77.64
C GLU W 13 5.06 -12.45 -77.24
N TYR W 14 4.11 -11.71 -76.66
CA TYR W 14 4.38 -10.36 -76.21
C TYR W 14 3.34 -9.96 -75.16
N TYR W 15 3.67 -8.90 -74.42
CA TYR W 15 2.79 -8.41 -73.36
C TYR W 15 2.88 -6.89 -73.23
N LEU W 16 2.27 -6.33 -72.18
CA LEU W 16 2.30 -4.90 -71.95
C LEU W 16 2.70 -4.62 -70.51
N ASP W 17 3.09 -3.37 -70.25
CA ASP W 17 3.59 -2.95 -68.95
C ASP W 17 2.66 -1.99 -68.23
N THR W 18 1.41 -1.89 -68.67
CA THR W 18 0.42 -1.08 -67.94
C THR W 18 0.11 -1.68 -66.57
N LEU W 19 0.27 -3.00 -66.42
CA LEU W 19 0.13 -3.63 -65.10
C LEU W 19 1.18 -3.11 -64.13
N TRP W 20 2.41 -2.91 -64.60
CA TRP W 20 3.44 -2.30 -63.76
C TRP W 20 3.02 -0.90 -63.30
N LYS W 21 2.53 -0.08 -64.25
CA LYS W 21 2.14 1.30 -63.95
C LYS W 21 1.01 1.33 -62.92
N GLY W 22 0.00 0.50 -63.13
CA GLY W 22 -1.07 0.39 -62.14
C GLY W 22 -0.58 -0.17 -60.83
N THR W 23 0.49 -0.96 -60.86
CA THR W 23 1.03 -1.53 -59.62
C THR W 23 1.67 -0.46 -58.74
N MET W 24 2.53 0.40 -59.32
CA MET W 24 3.05 1.41 -58.39
C MET W 24 1.99 2.46 -58.09
N LEU W 25 0.99 2.64 -58.96
CA LEU W 25 -0.11 3.51 -58.58
C LEU W 25 -0.86 2.95 -57.37
N PHE W 26 -1.11 1.64 -57.34
CA PHE W 26 -1.83 1.04 -56.23
C PHE W 26 -1.00 1.11 -54.95
N ILE W 27 0.31 0.90 -55.05
CA ILE W 27 1.17 1.02 -53.88
C ILE W 27 1.17 2.45 -53.35
N ILE W 28 1.29 3.42 -54.25
CA ILE W 28 1.34 4.83 -53.86
C ILE W 28 0.03 5.26 -53.23
N CYS W 29 -1.10 4.85 -53.81
CA CYS W 29 -2.39 5.28 -53.28
C CYS W 29 -2.73 4.56 -51.98
N LEU W 30 -2.29 3.31 -51.82
CA LEU W 30 -2.44 2.63 -50.54
C LEU W 30 -1.62 3.32 -49.46
N VAL W 31 -0.44 3.82 -49.83
CA VAL W 31 0.33 4.65 -48.89
C VAL W 31 -0.42 5.94 -48.57
N PHE W 32 -1.02 6.56 -49.60
CA PHE W 32 -1.79 7.80 -49.42
C PHE W 32 -2.99 7.62 -48.51
N ILE W 33 -3.59 6.42 -48.51
CA ILE W 33 -4.81 6.18 -47.72
C ILE W 33 -4.52 6.34 -46.23
N SER W 34 -3.44 5.76 -45.76
CA SER W 34 -3.15 5.70 -44.33
C SER W 34 -2.23 6.86 -43.93
N CYS W 35 -2.71 7.70 -43.01
CA CYS W 35 -1.93 8.78 -42.40
C CYS W 35 -1.39 9.76 -43.45
N ASN W 36 -2.32 10.41 -44.13
CA ASN W 36 -1.97 11.45 -45.09
C ASN W 36 -1.69 12.76 -44.36
N VAL W 37 -1.52 13.84 -45.11
CA VAL W 37 -1.31 15.15 -44.49
C VAL W 37 -2.62 15.63 -43.87
N LEU W 38 -2.51 16.34 -42.75
CA LEU W 38 -3.66 16.87 -42.02
C LEU W 38 -3.77 18.35 -42.35
N ARG W 39 -4.51 18.67 -43.41
CA ARG W 39 -4.66 20.03 -43.90
C ARG W 39 -6.09 20.53 -43.70
N GLU W 40 -6.68 20.23 -42.54
CA GLU W 40 -7.97 20.79 -42.19
C GLU W 40 -7.90 22.30 -41.96
N VAL W 41 -6.70 22.82 -41.64
CA VAL W 41 -6.51 24.26 -41.56
C VAL W 41 -6.51 24.91 -42.94
N LYS W 42 -6.36 24.11 -43.99
CA LYS W 42 -6.49 24.60 -45.36
C LYS W 42 -7.92 24.62 -45.86
N TYR W 43 -8.89 24.30 -44.97
CA TYR W 43 -10.32 24.32 -45.28
C TYR W 43 -10.66 23.40 -46.45
N GLN W 44 -9.97 22.27 -46.53
CA GLN W 44 -10.09 21.36 -47.67
C GLN W 44 -9.54 20.00 -47.28
N GLU W 45 -10.18 18.96 -47.80
CA GLU W 45 -9.70 17.58 -47.69
C GLU W 45 -9.29 17.11 -49.07
N THR W 46 -8.13 16.46 -49.16
CA THR W 46 -7.55 16.02 -50.42
C THR W 46 -7.65 14.50 -50.58
N TRP W 47 -8.78 13.93 -50.16
CA TRP W 47 -9.00 12.50 -50.30
C TRP W 47 -9.53 12.11 -51.68
N CYS W 48 -9.95 13.07 -52.49
CA CYS W 48 -10.55 12.75 -53.78
C CYS W 48 -9.52 12.64 -54.90
N PHE W 49 -8.34 13.24 -54.75
CA PHE W 49 -7.24 12.90 -55.65
C PHE W 49 -6.88 11.41 -55.56
N PRO W 50 -6.73 10.80 -54.37
CA PRO W 50 -6.68 9.33 -54.35
C PRO W 50 -7.93 8.65 -54.89
N ALA W 51 -9.12 9.26 -54.82
CA ALA W 51 -10.28 8.65 -55.46
C ALA W 51 -10.08 8.54 -56.97
N TYR W 52 -9.49 9.58 -57.57
CA TYR W 52 -9.11 9.48 -58.97
C TYR W 52 -8.01 8.45 -59.16
N GLY W 53 -7.14 8.26 -58.16
CA GLY W 53 -6.18 7.17 -58.23
C GLY W 53 -6.84 5.80 -58.28
N MET W 54 -7.82 5.57 -57.40
CA MET W 54 -8.71 4.42 -57.49
C MET W 54 -9.26 4.21 -58.90
N VAL W 55 -9.85 5.26 -59.47
CA VAL W 55 -10.55 5.11 -60.75
C VAL W 55 -9.56 4.77 -61.87
N ILE W 56 -8.46 5.54 -61.96
CA ILE W 56 -7.48 5.34 -63.00
C ILE W 56 -6.84 3.96 -62.88
N GLY W 57 -6.47 3.57 -61.67
CA GLY W 57 -5.86 2.27 -61.48
C GLY W 57 -6.78 1.12 -61.80
N LEU W 58 -8.02 1.16 -61.30
CA LEU W 58 -8.95 0.07 -61.57
C LEU W 58 -9.22 -0.06 -63.06
N TRP W 59 -9.31 1.07 -63.76
CA TRP W 59 -9.44 1.00 -65.19
C TRP W 59 -8.19 0.37 -65.83
N LEU W 60 -7.00 0.69 -65.31
CA LEU W 60 -5.77 0.14 -65.90
C LEU W 60 -5.63 -1.35 -65.64
N MET W 61 -6.01 -1.85 -64.46
CA MET W 61 -6.14 -3.30 -64.28
C MET W 61 -7.23 -3.91 -65.15
N LEU W 62 -8.22 -3.13 -65.58
CA LEU W 62 -9.21 -3.71 -66.51
C LEU W 62 -8.63 -4.03 -67.88
N SER W 63 -7.41 -3.57 -68.19
CA SER W 63 -6.76 -3.89 -69.47
C SER W 63 -5.79 -5.05 -69.28
N SER W 64 -6.33 -6.26 -69.36
CA SER W 64 -5.51 -7.46 -69.27
C SER W 64 -5.21 -8.03 -70.65
N ILE W 65 -3.95 -8.37 -70.88
CA ILE W 65 -3.48 -8.80 -72.20
C ILE W 65 -2.77 -10.15 -72.10
N PRO W 66 -3.42 -11.26 -72.45
CA PRO W 66 -2.75 -12.57 -72.41
C PRO W 66 -1.95 -12.84 -73.67
N GLN W 67 -0.62 -12.76 -73.57
CA GLN W 67 0.34 -13.31 -74.53
C GLN W 67 0.07 -12.97 -76.00
N ARG W 68 0.21 -11.69 -76.37
CA ARG W 68 0.05 -11.28 -77.76
C ARG W 68 1.00 -12.03 -78.68
N ARG W 69 0.43 -12.85 -79.57
CA ARG W 69 1.22 -13.69 -80.46
C ARG W 69 0.74 -13.53 -81.89
N LEU W 70 1.47 -14.16 -82.82
CA LEU W 70 1.15 -14.15 -84.23
C LEU W 70 1.41 -15.55 -84.78
N VAL W 71 1.50 -15.64 -86.11
CA VAL W 71 1.73 -16.90 -86.81
C VAL W 71 3.12 -16.78 -87.43
N LEU W 72 4.01 -16.12 -86.71
CA LEU W 72 5.43 -16.01 -87.04
C LEU W 72 6.17 -17.34 -86.94
N ASN W 73 5.55 -18.52 -86.82
CA ASN W 73 6.32 -19.77 -86.79
C ASN W 73 7.08 -19.96 -88.10
N HIS W 74 8.27 -20.56 -88.01
CA HIS W 74 9.21 -20.59 -89.12
C HIS W 74 8.72 -21.50 -90.23
N THR W 75 7.61 -21.13 -90.84
CA THR W 75 6.88 -21.93 -91.82
C THR W 75 6.20 -20.95 -92.77
N ARG W 76 5.15 -21.40 -93.45
CA ARG W 76 4.40 -20.56 -94.36
C ARG W 76 3.22 -19.96 -93.58
N GLY W 77 3.47 -19.64 -92.32
CA GLY W 77 2.49 -18.95 -91.50
C GLY W 77 2.13 -17.57 -92.04
N MET W 78 0.87 -17.18 -91.88
CA MET W 78 0.33 -15.99 -92.50
C MET W 78 0.42 -14.75 -91.63
N TYR W 79 1.05 -14.85 -90.44
CA TYR W 79 1.17 -13.76 -89.47
C TYR W 79 -0.21 -13.23 -89.05
N HIS W 80 -1.18 -14.13 -88.94
CA HIS W 80 -2.50 -13.78 -88.44
C HIS W 80 -2.40 -13.36 -86.98
N PHE W 81 -3.13 -12.31 -86.63
CA PHE W 81 -3.02 -11.68 -85.31
C PHE W 81 -3.78 -12.52 -84.29
N SER W 82 -3.05 -13.18 -83.39
CA SER W 82 -3.58 -14.25 -82.56
C SER W 82 -3.50 -13.90 -81.08
N ILE W 83 -4.64 -14.01 -80.39
CA ILE W 83 -4.71 -13.93 -78.93
C ILE W 83 -5.38 -15.21 -78.41
N GLN W 84 -5.05 -15.58 -77.18
CA GLN W 84 -5.77 -16.64 -76.47
C GLN W 84 -7.24 -16.26 -76.37
N GLY W 85 -8.10 -17.03 -77.03
CA GLY W 85 -9.51 -16.67 -77.08
C GLY W 85 -9.88 -16.04 -78.40
N ARG W 86 -10.00 -14.72 -78.42
CA ARG W 86 -10.47 -13.99 -79.60
C ARG W 86 -9.35 -13.80 -80.62
N THR W 87 -9.76 -13.60 -81.87
CA THR W 87 -8.86 -13.29 -82.97
C THR W 87 -9.48 -12.19 -83.81
N VAL W 88 -8.65 -11.25 -84.27
CA VAL W 88 -9.19 -10.07 -84.93
C VAL W 88 -8.65 -9.94 -86.36
N CYS W 89 -7.34 -9.79 -86.51
CA CYS W 89 -6.74 -9.37 -87.78
C CYS W 89 -6.15 -10.56 -88.51
N GLN W 90 -6.36 -10.57 -89.83
CA GLN W 90 -5.74 -11.53 -90.75
C GLN W 90 -5.25 -10.77 -91.97
N GLY W 91 -4.24 -11.30 -92.64
CA GLY W 91 -3.71 -10.65 -93.82
C GLY W 91 -2.70 -11.45 -94.61
N PRO W 92 -2.90 -11.52 -95.92
CA PRO W 92 -1.89 -12.13 -96.80
C PRO W 92 -0.74 -11.19 -97.12
N MET W 93 0.25 -11.15 -96.23
CA MET W 93 1.47 -10.36 -96.38
C MET W 93 1.19 -8.86 -96.39
N HIS W 94 2.18 -8.07 -96.80
CA HIS W 94 2.08 -6.66 -97.15
C HIS W 94 1.65 -5.75 -96.00
N LEU W 95 1.55 -6.26 -94.78
CA LEU W 95 1.14 -5.40 -93.67
C LEU W 95 2.15 -5.45 -92.53
N VAL W 96 2.80 -6.59 -92.32
CA VAL W 96 3.77 -6.73 -91.24
C VAL W 96 5.09 -6.14 -91.73
N TYR W 97 5.60 -5.13 -91.01
CA TYR W 97 6.90 -4.56 -91.25
C TYR W 97 7.64 -4.41 -89.92
N VAL W 98 8.93 -4.10 -90.01
CA VAL W 98 9.75 -3.74 -88.86
C VAL W 98 10.43 -2.42 -89.20
N ARG W 99 9.99 -1.33 -88.58
CA ARG W 99 10.33 0.01 -89.01
C ARG W 99 11.08 0.75 -87.89
N LEU W 100 12.14 1.44 -88.29
CA LEU W 100 12.88 2.33 -87.39
C LEU W 100 12.13 3.67 -87.29
N ALA W 101 11.97 4.17 -86.06
CA ALA W 101 11.32 5.43 -85.81
C ALA W 101 12.24 6.34 -84.99
N LEU W 102 12.14 7.63 -85.25
CA LEU W 102 13.00 8.62 -84.62
C LEU W 102 12.16 9.70 -83.93
N SER W 103 12.65 10.18 -82.79
CA SER W 103 12.01 11.25 -82.05
C SER W 103 13.04 12.30 -81.68
N SER W 104 12.60 13.54 -81.62
CA SER W 104 13.50 14.66 -81.33
C SER W 104 12.87 15.60 -80.31
N ASP W 105 13.73 16.26 -79.54
CA ASP W 105 13.32 17.24 -78.55
C ASP W 105 13.58 18.65 -79.09
N ALA W 106 13.41 19.65 -78.22
CA ALA W 106 13.69 21.03 -78.62
C ALA W 106 15.17 21.23 -78.89
N TYR W 107 16.03 20.62 -78.09
CA TYR W 107 17.48 20.75 -78.30
C TYR W 107 17.91 20.09 -79.61
N GLY W 108 17.36 18.93 -79.92
CA GLY W 108 17.70 18.24 -81.16
C GLY W 108 18.24 16.84 -80.94
N GLY W 109 18.18 16.36 -79.71
CA GLY W 109 18.63 15.00 -79.43
C GLY W 109 17.72 13.98 -80.08
N ARG W 110 18.33 12.99 -80.72
CA ARG W 110 17.60 11.97 -81.49
C ARG W 110 17.50 10.69 -80.70
N PHE W 111 16.29 10.14 -80.61
CA PHE W 111 16.03 8.88 -79.94
C PHE W 111 15.43 7.90 -80.93
N PHE W 112 15.99 6.69 -80.98
CA PHE W 112 15.63 5.69 -81.98
C PHE W 112 14.89 4.54 -81.34
N GLN W 113 13.72 4.22 -81.87
CA GLN W 113 12.92 3.08 -81.44
C GLN W 113 12.61 2.21 -82.66
N LEU W 114 12.09 1.01 -82.39
CA LEU W 114 11.70 0.08 -83.43
C LEU W 114 10.26 -0.33 -83.21
N VAL W 115 9.51 -0.49 -84.31
CA VAL W 115 8.09 -0.83 -84.23
C VAL W 115 7.80 -1.93 -85.24
N LEU W 116 7.20 -3.03 -84.78
CA LEU W 116 6.69 -4.05 -85.70
C LEU W 116 5.36 -3.55 -86.23
N CYS W 117 5.39 -2.87 -87.39
CA CYS W 117 4.21 -2.24 -87.93
C CYS W 117 3.20 -3.27 -88.42
N GLY W 118 1.92 -2.93 -88.29
CA GLY W 118 0.86 -3.81 -88.72
C GLY W 118 -0.47 -3.34 -88.18
N HIS W 119 -1.50 -4.13 -88.48
CA HIS W 119 -2.86 -3.81 -88.04
C HIS W 119 -2.98 -4.11 -86.55
N LYS W 120 -2.80 -3.08 -85.72
CA LYS W 120 -2.90 -3.17 -84.26
C LYS W 120 -1.92 -4.21 -83.71
N LEU W 121 -0.66 -4.09 -84.11
CA LEU W 121 0.38 -5.01 -83.68
C LEU W 121 1.09 -4.44 -82.45
N GLU W 122 2.21 -5.07 -82.07
CA GLU W 122 3.01 -4.69 -80.92
C GLU W 122 4.37 -4.16 -81.37
N PRO W 123 4.96 -3.22 -80.63
CA PRO W 123 6.23 -2.61 -81.07
C PRO W 123 7.42 -3.47 -80.70
N LEU W 124 8.61 -2.95 -81.04
CA LEU W 124 9.89 -3.60 -80.78
C LEU W 124 10.82 -2.63 -80.05
N VAL W 125 10.30 -2.03 -78.98
CA VAL W 125 11.06 -1.04 -78.23
C VAL W 125 12.19 -1.72 -77.48
N LEU W 126 13.42 -1.28 -77.73
CA LEU W 126 14.59 -1.86 -77.08
C LEU W 126 14.78 -1.27 -75.67
N VAL W 127 15.62 -1.92 -74.89
CA VAL W 127 15.63 -1.71 -73.43
C VAL W 127 16.59 -0.56 -73.14
N GLN W 128 16.07 0.66 -73.28
CA GLN W 128 16.67 1.89 -72.73
C GLN W 128 18.11 2.07 -73.20
N LEU W 129 18.32 1.97 -74.51
CA LEU W 129 19.64 2.23 -75.11
C LEU W 129 19.39 2.83 -76.49
N SER W 130 19.32 4.16 -76.57
CA SER W 130 19.15 4.81 -77.86
C SER W 130 19.86 6.17 -77.81
N GLU W 131 21.13 6.17 -78.18
CA GLU W 131 21.92 7.38 -78.35
C GLU W 131 22.71 7.36 -79.65
N ARG W 132 23.12 6.19 -80.12
CA ARG W 132 23.88 6.02 -81.34
C ARG W 132 23.22 4.96 -82.21
N TYR W 133 23.56 4.98 -83.50
CA TYR W 133 23.00 4.04 -84.46
C TYR W 133 23.59 2.65 -84.33
N GLU W 134 24.81 2.53 -83.78
CA GLU W 134 25.50 1.25 -83.55
C GLU W 134 25.62 0.42 -84.83
N GLN W 135 24.72 -0.56 -85.00
CA GLN W 135 24.79 -1.46 -86.15
C GLN W 135 23.51 -1.50 -86.98
N MET W 136 22.36 -1.16 -86.39
CA MET W 136 21.08 -1.06 -87.10
C MET W 136 20.67 -2.31 -87.87
N GLU W 137 21.20 -2.47 -89.08
CA GLU W 137 20.71 -3.48 -90.00
C GLU W 137 21.05 -4.91 -89.60
N PHE W 138 21.91 -5.12 -88.60
CA PHE W 138 22.25 -6.48 -88.20
C PHE W 138 21.07 -7.18 -87.55
N LEU W 139 20.32 -6.47 -86.70
CA LEU W 139 19.12 -7.04 -86.11
C LEU W 139 18.05 -7.31 -87.16
N GLY W 140 17.96 -6.43 -88.17
CA GLY W 140 17.10 -6.72 -89.31
C GLY W 140 17.54 -7.96 -90.07
N ARG W 141 18.85 -8.18 -90.14
CA ARG W 141 19.35 -9.40 -90.79
C ARG W 141 19.03 -10.64 -89.98
N HIS W 142 19.07 -10.56 -88.64
CA HIS W 142 18.63 -11.69 -87.83
C HIS W 142 17.12 -11.95 -88.00
N LEU W 143 16.32 -10.88 -88.09
CA LEU W 143 14.90 -11.06 -88.38
C LEU W 143 14.70 -11.66 -89.76
N ALA W 144 15.54 -11.29 -90.72
CA ALA W 144 15.50 -11.87 -92.05
C ALA W 144 15.84 -13.35 -92.03
N ARG W 145 16.85 -13.72 -91.24
CA ARG W 145 17.14 -15.14 -91.03
C ARG W 145 15.95 -15.85 -90.40
N LYS W 146 15.20 -15.14 -89.56
CA LYS W 146 14.05 -15.74 -88.90
C LYS W 146 12.98 -16.05 -89.96
N LEU W 147 12.34 -15.04 -90.54
CA LEU W 147 11.29 -15.31 -91.54
C LEU W 147 11.18 -14.22 -92.61
N ASN W 148 12.28 -13.86 -93.26
CA ASN W 148 12.53 -12.55 -93.87
C ASN W 148 11.30 -11.84 -94.42
N ILE W 149 11.03 -10.64 -93.90
CA ILE W 149 9.82 -9.90 -94.20
C ILE W 149 10.18 -8.52 -94.72
N ASN W 150 10.71 -7.67 -93.84
CA ASN W 150 11.09 -6.30 -94.16
C ASN W 150 12.10 -5.81 -93.16
N TYR W 151 12.70 -4.66 -93.47
CA TYR W 151 13.45 -3.83 -92.54
C TYR W 151 13.39 -2.41 -93.11
N PHE W 152 12.50 -1.60 -92.54
CA PHE W 152 12.24 -0.26 -93.05
C PHE W 152 12.98 0.78 -92.22
N ASP W 153 13.60 1.72 -92.92
CA ASP W 153 14.34 2.82 -92.30
C ASP W 153 13.47 4.08 -92.31
N TYR W 154 14.08 5.18 -91.87
CA TYR W 154 13.35 6.44 -91.75
C TYR W 154 13.06 7.05 -93.12
N LEU W 155 11.99 7.86 -93.15
CA LEU W 155 11.47 8.54 -94.34
C LEU W 155 11.08 7.50 -95.40
N ALA W 156 11.21 7.86 -96.67
CA ALA W 156 10.73 7.02 -97.76
C ALA W 156 11.72 5.89 -98.03
N SER W 157 11.53 5.19 -99.15
CA SER W 157 12.36 4.05 -99.50
C SER W 157 13.82 4.44 -99.69
N SER W 158 14.09 5.24 -100.73
CA SER W 158 15.41 5.73 -101.06
C SER W 158 16.43 4.59 -101.15
N TYR W 159 17.16 4.36 -100.07
CA TYR W 159 18.15 3.30 -100.01
C TYR W 159 18.12 2.72 -98.59
N ARG W 160 19.16 1.94 -98.25
CA ARG W 160 19.49 1.49 -96.88
C ARG W 160 18.33 0.79 -96.17
N HIS W 161 17.35 0.27 -96.90
CA HIS W 161 16.27 -0.51 -96.30
C HIS W 161 15.96 -1.69 -97.20
N VAL W 162 15.43 -2.76 -96.60
CA VAL W 162 15.27 -4.04 -97.28
C VAL W 162 13.81 -4.47 -97.27
N VAL W 163 13.36 -5.04 -98.39
CA VAL W 163 12.02 -5.59 -98.52
C VAL W 163 12.15 -7.02 -99.02
N ARG W 164 11.21 -7.89 -98.62
CA ARG W 164 11.22 -9.26 -99.12
C ARG W 164 9.95 -9.61 -99.87
N HIS W 165 8.78 -9.22 -99.38
CA HIS W 165 7.52 -9.45 -100.06
C HIS W 165 6.88 -8.12 -100.44
N TRP W 166 6.21 -8.11 -101.59
CA TRP W 166 5.55 -6.92 -102.12
C TRP W 166 4.25 -7.38 -102.78
N PRO W 167 3.16 -6.64 -102.60
CA PRO W 167 1.94 -6.94 -103.37
C PRO W 167 1.86 -6.25 -104.71
N LEU W 168 2.91 -5.52 -105.10
CA LEU W 168 2.99 -4.78 -106.37
C LEU W 168 1.86 -3.79 -106.52
N THR X 1 116.03 49.05 -125.72
CA THR X 1 116.75 47.80 -125.63
C THR X 1 115.83 46.66 -125.17
N ALA X 2 115.16 46.01 -126.12
CA ALA X 2 114.24 44.93 -125.79
C ALA X 2 114.97 43.66 -125.37
N ASN X 3 116.19 43.45 -125.87
CA ASN X 3 117.01 42.27 -125.56
C ASN X 3 116.28 40.97 -125.90
N VAL X 4 115.67 40.91 -127.08
CA VAL X 4 114.97 39.74 -127.56
C VAL X 4 115.54 39.32 -128.91
N SER X 5 115.31 38.06 -129.24
CA SER X 5 115.80 37.52 -130.52
C SER X 5 115.04 38.14 -131.68
N VAL X 6 115.78 38.46 -132.74
CA VAL X 6 115.16 38.98 -133.96
C VAL X 6 114.28 37.93 -134.60
N SER X 7 114.76 36.68 -134.67
CA SER X 7 113.99 35.57 -135.21
C SER X 7 112.79 35.20 -134.35
N ASP X 8 112.74 35.65 -133.10
CA ASP X 8 111.58 35.43 -132.24
C ASP X 8 110.60 36.60 -132.31
N VAL X 9 111.11 37.82 -132.48
CA VAL X 9 110.24 39.00 -132.56
C VAL X 9 109.68 39.22 -133.96
N CYS X 10 110.27 38.60 -134.98
CA CYS X 10 109.77 38.71 -136.34
C CYS X 10 109.49 37.34 -136.93
N GLU X 11 108.84 36.47 -136.15
CA GLU X 11 108.50 35.12 -136.56
C GLU X 11 107.06 35.02 -137.06
N ASP X 12 106.56 36.08 -137.68
CA ASP X 12 105.17 36.18 -138.16
C ASP X 12 104.17 35.92 -137.02
N PHE X 13 104.24 36.79 -136.01
CA PHE X 13 103.40 36.67 -134.84
C PHE X 13 101.93 37.00 -135.11
N ASP X 14 101.63 37.62 -136.24
CA ASP X 14 100.25 37.91 -136.59
C ASP X 14 99.48 36.63 -136.89
N GLU X 15 98.26 36.55 -136.36
CA GLU X 15 97.44 35.35 -136.58
C GLU X 15 96.86 35.29 -137.99
N GLU X 16 96.84 36.42 -138.71
CA GLU X 16 96.32 36.45 -140.07
C GLU X 16 97.34 35.97 -141.10
N GLY X 17 98.57 35.69 -140.70
CA GLY X 17 99.60 35.25 -141.63
C GLY X 17 100.35 36.36 -142.33
N LYS X 18 100.05 37.61 -142.04
CA LYS X 18 100.76 38.72 -142.66
C LYS X 18 102.20 38.79 -142.18
N SER X 19 103.09 39.21 -143.08
CA SER X 19 104.50 39.28 -142.75
C SER X 19 104.78 40.47 -141.82
N VAL X 20 105.29 40.18 -140.63
CA VAL X 20 105.60 41.23 -139.66
C VAL X 20 106.75 42.09 -140.15
N ARG X 21 107.75 41.49 -140.80
CA ARG X 21 108.85 42.26 -141.36
C ARG X 21 108.38 43.20 -142.47
N ASN X 22 107.49 42.72 -143.35
CA ASN X 22 106.94 43.57 -144.39
C ASN X 22 106.08 44.70 -143.81
N ARG X 23 105.30 44.38 -142.77
CA ARG X 23 104.50 45.42 -142.12
C ARG X 23 105.39 46.47 -141.47
N ILE X 24 106.48 46.04 -140.83
CA ILE X 24 107.40 46.99 -140.21
C ILE X 24 108.10 47.84 -141.26
N ARG X 25 108.45 47.25 -142.39
CA ARG X 25 109.06 48.01 -143.48
C ARG X 25 108.10 49.04 -144.05
N LYS X 26 106.82 48.65 -144.22
CA LYS X 26 105.82 49.60 -144.70
C LYS X 26 105.59 50.72 -143.70
N TYR X 27 105.56 50.40 -142.40
CA TYR X 27 105.41 51.43 -141.38
C TYR X 27 106.60 52.37 -141.35
N SER X 28 107.82 51.84 -141.51
CA SER X 28 109.00 52.68 -141.55
C SER X 28 109.00 53.59 -142.77
N GLN X 29 108.58 53.07 -143.93
CA GLN X 29 108.49 53.90 -145.13
C GLN X 29 107.45 55.00 -144.97
N THR X 30 106.30 54.67 -144.37
CA THR X 30 105.27 55.67 -144.12
C THR X 30 105.74 56.74 -143.14
N ILE X 31 106.49 56.32 -142.10
CA ILE X 31 107.02 57.27 -141.13
C ILE X 31 108.06 58.18 -141.78
N SER X 32 108.90 57.62 -142.66
CA SER X 32 109.87 58.44 -143.37
C SER X 32 109.19 59.43 -144.30
N ILE X 33 108.13 59.00 -144.99
CA ILE X 33 107.38 59.92 -145.85
C ILE X 33 106.72 61.02 -145.04
N ARG X 34 106.15 60.67 -143.87
CA ARG X 34 105.53 61.66 -143.01
C ARG X 34 106.57 62.66 -142.47
N ASP X 35 107.76 62.16 -142.11
CA ASP X 35 108.82 63.06 -141.65
C ASP X 35 109.29 63.99 -142.76
N SER X 36 109.38 63.47 -143.99
CA SER X 36 109.75 64.31 -145.13
C SER X 36 108.69 65.37 -145.43
N LEU X 37 107.41 65.00 -145.28
CA LEU X 37 106.30 65.91 -145.55
C LEU X 37 105.94 66.77 -144.34
N ASN X 38 106.63 66.58 -143.21
CA ASN X 38 106.38 67.35 -141.98
C ASN X 38 104.95 67.17 -141.49
N LEU X 39 104.50 65.93 -141.44
CA LEU X 39 103.16 65.62 -140.97
C LEU X 39 103.08 65.73 -139.45
N GLU X 40 101.89 66.02 -138.96
CA GLU X 40 101.67 66.13 -137.53
C GLU X 40 101.68 64.75 -136.87
N PRO X 41 101.93 64.69 -135.56
CA PRO X 41 101.87 63.40 -134.87
C PRO X 41 100.51 62.74 -134.92
N GLU X 42 99.43 63.52 -134.84
CA GLU X 42 98.09 62.96 -134.94
C GLU X 42 97.83 62.39 -136.33
N GLU X 43 98.26 63.10 -137.37
CA GLU X 43 98.12 62.60 -138.73
C GLU X 43 98.96 61.34 -138.95
N ILE X 44 100.17 61.31 -138.36
CA ILE X 44 101.02 60.13 -138.49
C ILE X 44 100.38 58.92 -137.79
N GLN X 45 99.81 59.14 -136.60
CA GLN X 45 99.12 58.06 -135.90
C GLN X 45 97.91 57.57 -136.67
N GLN X 46 97.15 58.50 -137.27
CA GLN X 46 96.01 58.12 -138.09
C GLN X 46 96.45 57.32 -139.31
N GLN X 47 97.55 57.73 -139.94
CA GLN X 47 98.06 56.99 -141.10
C GLN X 47 98.55 55.61 -140.72
N ALA X 48 99.21 55.48 -139.55
CA ALA X 48 99.65 54.17 -139.09
C ALA X 48 98.47 53.27 -138.77
N ARG X 49 97.44 53.82 -138.14
CA ARG X 49 96.22 53.04 -137.85
C ARG X 49 95.54 52.62 -139.14
N ARG X 50 95.49 53.51 -140.14
CA ARG X 50 94.91 53.18 -141.43
C ARG X 50 95.71 52.10 -142.14
N GLU X 51 97.04 52.15 -142.04
CA GLU X 51 97.88 51.12 -142.64
C GLU X 51 97.66 49.77 -141.98
N LEU X 52 97.55 49.75 -140.64
CA LEU X 52 97.26 48.51 -139.94
C LEU X 52 95.88 47.97 -140.29
N GLU X 53 94.90 48.86 -140.41
CA GLU X 53 93.55 48.44 -140.80
C GLU X 53 93.52 47.89 -142.21
N LEU X 54 94.28 48.50 -143.13
CA LEU X 54 94.36 47.99 -144.49
C LEU X 54 95.10 46.66 -144.56
N CYS X 55 96.13 46.48 -143.71
CA CYS X 55 96.82 45.20 -143.64
C CYS X 55 95.90 44.09 -143.14
N HIS X 56 95.08 44.39 -142.13
CA HIS X 56 94.09 43.45 -141.64
C HIS X 56 92.93 43.24 -142.61
N GLY X 57 92.60 44.24 -143.42
CA GLY X 57 91.49 44.15 -144.36
C GLY X 57 91.91 43.69 -145.74
N ARG X 58 92.38 42.45 -145.83
CA ARG X 58 92.65 41.82 -147.12
C ARG X 58 91.32 41.34 -147.72
N SER X 59 91.41 40.49 -148.74
CA SER X 59 90.21 39.90 -149.32
C SER X 59 89.46 39.09 -148.27
N LEU X 60 88.24 39.51 -147.96
CA LEU X 60 87.45 38.87 -146.92
C LEU X 60 87.02 37.46 -147.29
N GLU X 61 87.00 37.13 -148.58
CA GLU X 61 86.70 35.77 -149.00
C GLU X 61 87.84 34.79 -148.67
N HIS X 62 89.04 35.30 -148.42
CA HIS X 62 90.18 34.46 -148.06
C HIS X 62 90.27 34.30 -146.53
N GLY X 63 89.22 33.70 -145.97
CA GLY X 63 89.16 33.45 -144.55
C GLY X 63 88.39 34.50 -143.78
N GLU X 64 87.70 34.08 -142.71
CA GLU X 64 86.92 35.00 -141.89
C GLU X 64 87.75 35.66 -140.79
N ASP X 65 89.03 35.27 -140.65
CA ASP X 65 89.88 35.90 -139.65
C ASP X 65 90.16 37.35 -140.00
N HIS X 66 90.29 37.65 -141.29
CA HIS X 66 90.49 39.04 -141.72
C HIS X 66 89.28 39.89 -141.41
N GLU X 67 88.07 39.35 -141.59
CA GLU X 67 86.86 40.07 -141.25
C GLU X 67 86.76 40.33 -139.75
N GLU X 68 87.14 39.33 -138.94
CA GLU X 68 87.13 39.52 -137.50
C GLU X 68 88.15 40.55 -137.06
N SER X 69 89.33 40.55 -137.69
CA SER X 69 90.35 41.56 -137.39
C SER X 69 89.88 42.96 -137.78
N GLU X 70 89.20 43.08 -138.93
CA GLU X 70 88.66 44.36 -139.34
C GLU X 70 87.57 44.84 -138.38
N THR X 71 86.73 43.91 -137.92
CA THR X 71 85.70 44.29 -136.95
C THR X 71 86.32 44.72 -135.62
N SER X 72 87.38 44.05 -135.19
CA SER X 72 88.08 44.46 -133.98
C SER X 72 88.75 45.83 -134.14
N LEU X 73 89.35 46.09 -135.29
CA LEU X 73 90.00 47.36 -135.55
C LEU X 73 89.01 48.49 -135.81
N ALA X 74 87.75 48.17 -136.14
CA ALA X 74 86.73 49.19 -136.30
C ALA X 74 86.28 49.81 -134.99
N SER X 75 86.63 49.20 -133.86
CA SER X 75 86.28 49.75 -132.55
C SER X 75 87.31 50.82 -132.16
N SER X 76 87.24 51.28 -130.92
CA SER X 76 88.17 52.30 -130.42
C SER X 76 89.18 51.73 -129.44
N THR X 77 88.71 51.09 -128.36
CA THR X 77 89.62 50.59 -127.34
C THR X 77 90.40 49.37 -127.82
N SER X 78 89.71 48.42 -128.46
CA SER X 78 90.38 47.24 -128.98
C SER X 78 91.36 47.60 -130.09
N GLU X 79 90.97 48.53 -130.97
CA GLU X 79 91.87 48.98 -132.04
C GLU X 79 93.08 49.70 -131.46
N SER X 80 92.88 50.53 -130.44
CA SER X 80 94.00 51.23 -129.81
C SER X 80 94.95 50.24 -129.14
N LEU X 81 94.40 49.23 -128.46
CA LEU X 81 95.24 48.21 -127.83
C LEU X 81 96.02 47.41 -128.86
N ILE X 82 95.37 47.06 -129.98
CA ILE X 82 96.05 46.31 -131.03
C ILE X 82 97.16 47.15 -131.66
N PHE X 83 96.89 48.44 -131.89
CA PHE X 83 97.90 49.33 -132.45
C PHE X 83 99.08 49.50 -131.49
N SER X 84 98.80 49.63 -130.19
CA SER X 84 99.87 49.76 -129.20
C SER X 84 100.70 48.48 -129.12
N LEU X 85 100.06 47.32 -129.20
CA LEU X 85 100.79 46.06 -129.18
C LEU X 85 101.63 45.89 -130.45
N TRP X 86 101.10 46.31 -131.60
CA TRP X 86 101.84 46.16 -132.85
C TRP X 86 103.01 47.13 -132.92
N LYS X 87 102.82 48.36 -132.45
CA LYS X 87 103.90 49.36 -132.50
C LYS X 87 105.09 48.97 -131.65
N PRO X 88 104.93 48.50 -130.41
CA PRO X 88 106.12 48.06 -129.64
C PRO X 88 106.84 46.89 -130.27
N HIS X 89 106.11 45.90 -130.79
CA HIS X 89 106.75 44.76 -131.44
C HIS X 89 107.46 45.18 -132.72
N ARG X 90 106.84 46.06 -133.51
CA ARG X 90 107.48 46.55 -134.73
C ARG X 90 108.74 47.36 -134.42
N THR X 91 108.68 48.20 -133.38
CA THR X 91 109.86 48.95 -132.98
C THR X 91 110.96 48.04 -132.47
N TYR X 92 110.59 47.00 -131.70
CA TYR X 92 111.57 46.04 -131.22
C TYR X 92 112.23 45.29 -132.39
N TRP X 93 111.45 44.89 -133.39
CA TRP X 93 112.01 44.22 -134.55
C TRP X 93 112.92 45.15 -135.36
N THR X 94 112.50 46.41 -135.53
CA THR X 94 113.32 47.37 -136.27
C THR X 94 114.63 47.64 -135.56
N GLU X 95 114.61 47.68 -134.22
CA GLU X 95 115.85 47.88 -133.47
C GLU X 95 116.69 46.60 -133.44
N GLN X 96 116.05 45.44 -133.50
CA GLN X 96 116.75 44.16 -133.50
C GLN X 96 117.32 43.81 -134.86
N GLN X 97 116.91 44.51 -135.92
CA GLN X 97 117.49 44.31 -137.24
C GLN X 97 118.99 44.57 -137.25
N ASN X 98 119.40 45.80 -136.94
CA ASN X 98 120.82 46.14 -137.03
C ASN X 98 121.62 45.55 -135.88
N ARG X 99 121.40 46.05 -134.65
CA ARG X 99 122.10 45.52 -133.48
C ARG X 99 121.38 45.98 -132.21
N LEU X 100 120.75 45.03 -131.52
CA LEU X 100 120.35 45.30 -130.14
C LEU X 100 121.41 45.01 -129.06
N PRO X 101 122.22 43.94 -129.11
CA PRO X 101 123.11 43.65 -127.97
C PRO X 101 124.11 44.77 -127.70
N LEU X 102 124.11 45.24 -126.46
CA LEU X 102 124.89 46.41 -126.06
C LEU X 102 125.05 46.45 -124.55
N PRO X 103 125.75 47.45 -124.01
CA PRO X 103 125.97 47.51 -122.56
C PRO X 103 124.74 47.97 -121.79
N LEU X 104 124.90 48.06 -120.46
CA LEU X 104 123.93 48.57 -119.49
C LEU X 104 122.75 47.61 -119.29
N MET X 105 122.66 46.55 -120.10
CA MET X 105 121.67 45.52 -119.86
C MET X 105 122.00 44.72 -118.61
N GLU X 106 123.28 44.36 -118.45
CA GLU X 106 123.73 43.70 -117.23
C GLU X 106 123.59 44.63 -116.03
N LEU X 107 123.81 45.93 -116.23
CA LEU X 107 123.63 46.90 -115.15
C LEU X 107 122.18 46.97 -114.72
N MET X 108 121.25 46.98 -115.67
CA MET X 108 119.82 46.99 -115.34
C MET X 108 119.41 45.70 -114.64
N GLU X 109 119.93 44.56 -115.11
CA GLU X 109 119.64 43.28 -114.45
C GLU X 109 120.18 43.25 -113.02
N THR X 110 121.39 43.79 -112.81
CA THR X 110 121.96 43.85 -111.48
C THR X 110 121.16 44.78 -110.58
N GLU X 111 120.70 45.90 -111.12
CA GLU X 111 119.87 46.82 -110.34
C GLU X 111 118.55 46.18 -109.94
N VAL X 112 117.93 45.44 -110.86
CA VAL X 112 116.69 44.74 -110.56
C VAL X 112 116.91 43.67 -109.50
N LEU X 113 118.01 42.92 -109.61
CA LEU X 113 118.32 41.89 -108.63
C LEU X 113 118.59 42.49 -107.25
N ASP X 114 119.31 43.62 -107.21
CA ASP X 114 119.59 44.28 -105.94
C ASP X 114 118.30 44.83 -105.31
N ILE X 115 117.42 45.39 -106.14
CA ILE X 115 116.14 45.89 -105.63
C ILE X 115 115.30 44.74 -105.08
N LEU X 116 115.27 43.61 -105.78
CA LEU X 116 114.53 42.45 -105.30
C LEU X 116 115.12 41.91 -104.00
N LYS X 117 116.45 41.87 -103.89
CA LYS X 117 117.09 41.39 -102.67
C LYS X 117 116.80 42.32 -101.50
N LYS X 118 116.88 43.64 -101.73
CA LYS X 118 116.58 44.59 -100.67
C LYS X 118 115.12 44.49 -100.23
N ALA X 119 114.21 44.35 -101.18
CA ALA X 119 112.79 44.20 -100.86
C ALA X 119 112.54 42.92 -100.06
N LEU X 120 113.19 41.83 -100.45
CA LEU X 120 113.04 40.57 -99.73
C LEU X 120 113.59 40.68 -98.30
N ILE X 121 114.74 41.35 -98.14
CA ILE X 121 115.33 41.52 -96.82
C ILE X 121 114.44 42.40 -95.95
N THR X 122 113.81 43.42 -96.54
CA THR X 122 112.91 44.28 -95.79
C THR X 122 111.63 43.55 -95.40
N TYR X 123 111.10 42.71 -96.30
CA TYR X 123 109.84 42.04 -96.03
C TYR X 123 109.99 40.86 -95.07
N ARG X 124 111.12 40.14 -95.14
CA ARG X 124 111.28 38.96 -94.29
C ARG X 124 111.47 39.34 -92.83
N SER X 125 112.22 40.40 -92.55
CA SER X 125 112.49 40.86 -91.20
C SER X 125 111.74 42.16 -90.95
N THR X 126 110.80 42.14 -90.01
CA THR X 126 110.01 43.32 -89.65
C THR X 126 109.86 43.31 -88.13
N ILE X 127 110.78 43.98 -87.44
CA ILE X 127 110.74 44.03 -85.98
C ILE X 127 109.58 44.90 -85.50
N GLY X 128 109.39 46.06 -86.12
CA GLY X 128 108.39 47.01 -85.68
C GLY X 128 107.19 47.02 -86.60
N ARG X 129 106.02 46.66 -86.02
CA ARG X 129 104.78 46.72 -86.77
C ARG X 129 104.27 48.14 -86.97
N ASN X 130 104.66 49.06 -86.09
CA ASN X 130 104.28 50.47 -86.20
C ASN X 130 105.45 51.35 -86.63
N HIS X 131 106.55 50.75 -87.09
CA HIS X 131 107.70 51.53 -87.53
C HIS X 131 107.40 52.25 -88.83
N PHE X 132 108.09 53.37 -89.04
CA PHE X 132 107.86 54.21 -90.21
C PHE X 132 108.81 53.91 -91.36
N MET X 133 110.07 53.57 -91.07
CA MET X 133 111.05 53.35 -92.13
C MET X 133 110.71 52.12 -92.96
N THR X 134 110.33 51.02 -92.31
CA THR X 134 109.96 49.81 -93.03
C THR X 134 108.70 50.02 -93.86
N LYS X 135 107.72 50.73 -93.31
CA LYS X 135 106.50 51.03 -94.06
C LYS X 135 106.79 51.92 -95.26
N GLU X 136 107.67 52.90 -95.10
CA GLU X 136 108.05 53.77 -96.21
C GLU X 136 108.79 52.99 -97.30
N LEU X 137 109.67 52.08 -96.89
CA LEU X 137 110.38 51.26 -97.86
C LEU X 137 109.42 50.34 -98.62
N GLN X 138 108.47 49.73 -97.90
CA GLN X 138 107.48 48.87 -98.56
C GLN X 138 106.61 49.67 -99.52
N GLY X 139 106.19 50.87 -99.11
CA GLY X 139 105.40 51.70 -100.00
C GLY X 139 106.17 52.15 -101.23
N TYR X 140 107.45 52.49 -101.07
CA TYR X 140 108.28 52.84 -102.22
C TYR X 140 108.45 51.67 -103.16
N ILE X 141 108.65 50.46 -102.61
CA ILE X 141 108.79 49.28 -103.44
C ILE X 141 107.51 48.99 -104.20
N GLU X 142 106.36 49.14 -103.52
CA GLU X 142 105.07 48.92 -104.18
C GLU X 142 104.82 49.94 -105.27
N GLY X 143 105.18 51.20 -105.03
CA GLY X 143 105.03 52.22 -106.05
C GLY X 143 105.93 51.99 -107.25
N ILE X 144 107.17 51.55 -107.00
CA ILE X 144 108.09 51.24 -108.09
C ILE X 144 107.57 50.05 -108.90
N ARG X 145 107.03 49.04 -108.23
CA ARG X 145 106.47 47.88 -108.93
C ARG X 145 105.26 48.29 -109.76
N LYS X 146 104.39 49.15 -109.22
CA LYS X 146 103.23 49.62 -109.96
C LYS X 146 103.64 50.44 -111.18
N ARG X 147 104.68 51.29 -111.02
CA ARG X 147 105.17 52.07 -112.15
C ARG X 147 105.80 51.18 -113.21
N ARG X 148 106.53 50.14 -112.80
CA ARG X 148 107.16 49.25 -113.77
C ARG X 148 106.13 48.40 -114.49
N ASN X 149 105.09 47.95 -113.79
CA ASN X 149 104.05 47.12 -114.40
C ASN X 149 103.16 47.95 -115.31
N PRO Y 1 126.99 10.13 -40.24
CA PRO Y 1 126.10 9.09 -40.78
C PRO Y 1 124.70 9.63 -41.08
N ILE Y 2 124.61 10.92 -41.38
CA ILE Y 2 123.32 11.57 -41.67
C ILE Y 2 123.09 11.42 -43.18
N VAL Y 3 122.24 10.47 -43.54
CA VAL Y 3 121.88 10.23 -44.93
C VAL Y 3 120.39 10.48 -45.10
N LEU Y 4 119.86 11.41 -44.32
CA LEU Y 4 118.42 11.61 -44.27
C LEU Y 4 117.92 12.37 -45.50
N PRO Y 5 116.68 12.09 -45.93
CA PRO Y 5 116.05 12.94 -46.97
C PRO Y 5 115.88 14.38 -46.53
N PHE Y 6 115.80 14.64 -45.21
CA PHE Y 6 115.79 16.03 -44.74
C PHE Y 6 117.06 16.74 -45.15
N VAL Y 7 118.22 16.10 -44.98
CA VAL Y 7 119.48 16.68 -45.44
C VAL Y 7 119.52 16.76 -46.96
N GLN Y 8 119.08 15.69 -47.64
CA GLN Y 8 119.11 15.65 -49.09
C GLN Y 8 118.21 16.70 -49.74
N ARG Y 9 117.21 17.19 -49.01
CA ARG Y 9 116.41 18.32 -49.47
C ARG Y 9 116.92 19.66 -48.96
N PHE Y 10 117.58 19.69 -47.80
CA PHE Y 10 118.13 20.94 -47.28
C PHE Y 10 119.34 21.40 -48.05
N ASN Y 11 120.04 20.51 -48.76
CA ASN Y 11 121.16 20.99 -49.56
C ASN Y 11 120.73 21.51 -50.92
N ASN Y 12 119.43 21.55 -51.18
CA ASN Y 12 118.93 22.12 -52.42
C ASN Y 12 119.08 23.64 -52.38
N ILE Y 13 118.87 24.27 -53.54
CA ILE Y 13 119.06 25.71 -53.66
C ILE Y 13 118.01 26.47 -52.86
N ASP Y 14 116.78 25.96 -52.81
CA ASP Y 14 115.75 26.59 -51.98
C ASP Y 14 116.10 26.49 -50.49
N GLY Y 15 116.74 25.38 -50.10
CA GLY Y 15 117.20 25.26 -48.72
C GLY Y 15 118.22 26.31 -48.34
N PHE Y 16 119.19 26.56 -49.22
CA PHE Y 16 120.13 27.66 -49.00
C PHE Y 16 119.41 29.00 -48.97
N MET Y 17 118.40 29.15 -49.82
CA MET Y 17 117.76 30.45 -49.96
C MET Y 17 116.96 30.77 -48.70
N THR Y 18 116.36 29.75 -48.08
CA THR Y 18 115.59 29.95 -46.85
C THR Y 18 116.46 30.50 -45.72
N LEU Y 19 117.62 29.87 -45.48
CA LEU Y 19 118.53 30.38 -44.45
C LEU Y 19 119.14 31.72 -44.84
N TYR Y 20 119.33 31.98 -46.14
CA TYR Y 20 119.80 33.30 -46.52
C TYR Y 20 118.77 34.38 -46.25
N VAL Y 21 117.48 34.09 -46.51
CA VAL Y 21 116.42 35.02 -46.15
C VAL Y 21 116.38 35.26 -44.65
N ALA Y 22 116.50 34.19 -43.86
CA ALA Y 22 116.50 34.34 -42.41
C ALA Y 22 117.68 35.19 -41.93
N ALA Y 23 118.87 34.95 -42.49
CA ALA Y 23 120.05 35.71 -42.10
C ALA Y 23 119.93 37.17 -42.48
N VAL Y 24 119.42 37.45 -43.69
CA VAL Y 24 119.25 38.83 -44.11
C VAL Y 24 118.18 39.52 -43.26
N LEU Y 25 117.13 38.79 -42.88
CA LEU Y 25 116.08 39.34 -42.02
C LEU Y 25 116.64 39.71 -40.65
N ILE Y 26 117.41 38.80 -40.03
CA ILE Y 26 117.93 39.10 -38.70
C ILE Y 26 119.00 40.19 -38.77
N HIS Y 27 119.76 40.24 -39.87
CA HIS Y 27 120.72 41.34 -40.04
C HIS Y 27 120.00 42.68 -40.16
N GLY Y 28 118.91 42.72 -40.93
CA GLY Y 28 118.15 43.96 -41.04
C GLY Y 28 117.53 44.38 -39.72
N ALA Y 29 117.00 43.41 -38.97
CA ALA Y 29 116.44 43.72 -37.65
C ALA Y 29 117.51 44.26 -36.71
N LEU Y 30 118.69 43.62 -36.70
CA LEU Y 30 119.76 44.07 -35.82
C LEU Y 30 120.25 45.46 -36.22
N PHE Y 31 120.38 45.73 -37.52
CA PHE Y 31 120.84 47.05 -37.96
C PHE Y 31 119.82 48.13 -37.63
N ALA Y 32 118.52 47.84 -37.84
CA ALA Y 32 117.48 48.82 -37.54
C ALA Y 32 117.42 49.09 -36.04
N VAL Y 33 117.61 48.07 -35.21
CA VAL Y 33 117.66 48.28 -33.77
C VAL Y 33 118.90 49.10 -33.39
N VAL Y 34 120.06 48.77 -33.98
CA VAL Y 34 121.33 49.38 -33.60
C VAL Y 34 121.35 50.87 -33.94
N ASP Y 35 120.80 51.25 -35.11
CA ASP Y 35 120.84 52.66 -35.51
C ASP Y 35 120.09 53.54 -34.53
N MET Y 36 118.84 53.19 -34.22
CA MET Y 36 118.08 54.00 -33.28
C MET Y 36 118.55 53.82 -31.85
N THR Y 37 119.16 52.69 -31.52
CA THR Y 37 119.77 52.53 -30.20
C THR Y 37 120.94 53.49 -30.02
N LEU Y 38 121.78 53.62 -31.05
CA LEU Y 38 122.86 54.60 -31.01
C LEU Y 38 122.32 56.02 -30.96
N ASN Y 39 121.23 56.30 -31.69
CA ASN Y 39 120.65 57.64 -31.67
C ASN Y 39 120.14 58.00 -30.29
N ILE Y 40 119.36 57.11 -29.66
CA ILE Y 40 118.86 57.40 -28.31
C ILE Y 40 119.97 57.36 -27.28
N TYR Y 41 121.02 56.56 -27.48
CA TYR Y 41 122.19 56.59 -26.62
C TYR Y 41 122.86 57.96 -26.65
N GLN Y 42 122.99 58.54 -27.85
CA GLN Y 42 123.60 59.85 -27.98
C GLN Y 42 122.69 60.94 -27.41
N VAL Y 43 121.38 60.78 -27.56
CA VAL Y 43 120.44 61.76 -27.03
C VAL Y 43 120.46 61.75 -25.50
N GLN Y 44 120.48 60.56 -24.90
CA GLN Y 44 120.27 60.44 -23.46
C GLN Y 44 121.57 60.51 -22.64
N PHE Y 45 122.66 59.95 -23.16
CA PHE Y 45 123.86 59.72 -22.36
C PHE Y 45 124.83 60.91 -22.37
N SER Y 46 124.35 62.11 -22.74
CA SER Y 46 125.10 63.36 -22.63
C SER Y 46 126.40 63.33 -23.45
N LEU Y 47 126.24 63.23 -24.77
CA LEU Y 47 127.37 63.33 -25.68
C LEU Y 47 127.10 64.38 -26.75
N THR Y 48 127.98 64.49 -27.73
CA THR Y 48 127.85 65.43 -28.83
C THR Y 48 127.63 64.69 -30.14
N ARG Y 49 127.03 65.40 -31.10
CA ARG Y 49 126.61 64.79 -32.37
C ARG Y 49 127.81 64.34 -33.20
N THR Y 50 128.98 64.95 -33.00
CA THR Y 50 130.16 64.54 -33.74
C THR Y 50 130.55 63.11 -33.41
N GLU Y 51 130.36 62.70 -32.16
CA GLU Y 51 130.64 61.31 -31.79
C GLU Y 51 129.63 60.35 -32.40
N TRP Y 52 128.36 60.76 -32.52
CA TRP Y 52 127.38 59.93 -33.23
C TRP Y 52 127.80 59.75 -34.68
N TYR Y 53 128.25 60.84 -35.32
CA TYR Y 53 128.76 60.73 -36.68
C TYR Y 53 129.98 59.81 -36.75
N LEU Y 54 130.86 59.88 -35.74
CA LEU Y 54 132.07 59.07 -35.74
C LEU Y 54 131.74 57.58 -35.65
N MET Y 55 130.91 57.19 -34.68
CA MET Y 55 130.56 55.77 -34.58
C MET Y 55 129.57 55.32 -35.64
N ASP Y 56 128.92 56.24 -36.36
CA ASP Y 56 128.17 55.83 -37.54
C ASP Y 56 129.12 55.57 -38.72
N PHE Y 57 130.17 56.38 -38.84
CA PHE Y 57 131.14 56.18 -39.92
C PHE Y 57 132.04 54.99 -39.66
N SER Y 58 132.18 54.57 -38.39
CA SER Y 58 133.01 53.42 -38.07
C SER Y 58 132.49 52.15 -38.74
N ASP Y 59 131.17 51.94 -38.71
CA ASP Y 59 130.57 50.79 -39.38
C ASP Y 59 130.82 50.84 -40.89
N TYR Y 60 130.66 52.01 -41.49
CA TYR Y 60 130.84 52.15 -42.94
C TYR Y 60 132.29 51.89 -43.35
N ILE Y 61 133.25 52.44 -42.59
CA ILE Y 61 134.65 52.22 -42.95
C ILE Y 61 135.07 50.79 -42.68
N ALA Y 62 134.50 50.14 -41.66
CA ALA Y 62 134.79 48.72 -41.43
C ALA Y 62 134.25 47.88 -42.58
N SER Y 63 133.04 48.19 -43.06
CA SER Y 63 132.50 47.49 -44.22
C SER Y 63 133.36 47.72 -45.46
N PHE Y 64 133.85 48.95 -45.65
CA PHE Y 64 134.70 49.26 -46.79
C PHE Y 64 136.01 48.47 -46.74
N VAL Y 65 136.64 48.41 -45.57
CA VAL Y 65 137.92 47.71 -45.46
C VAL Y 65 137.76 46.20 -45.38
N VAL Y 66 136.54 45.70 -45.15
CA VAL Y 66 136.34 44.25 -45.17
C VAL Y 66 135.82 43.73 -46.51
N ALA Y 67 135.19 44.58 -47.33
CA ALA Y 67 134.53 44.10 -48.54
C ALA Y 67 135.52 43.52 -49.55
N ILE Y 68 136.58 44.28 -49.88
CA ILE Y 68 137.53 43.83 -50.88
C ILE Y 68 138.29 42.60 -50.39
N ILE Y 69 138.70 42.61 -49.12
CA ILE Y 69 139.48 41.50 -48.58
C ILE Y 69 138.63 40.23 -48.51
N ILE Y 70 137.33 40.36 -48.23
CA ILE Y 70 136.51 39.16 -48.12
C ILE Y 70 136.09 38.69 -49.51
N ALA Y 71 135.99 39.59 -50.49
CA ALA Y 71 135.76 39.16 -51.86
C ALA Y 71 136.98 38.41 -52.39
N HIS Y 72 138.18 38.90 -52.08
CA HIS Y 72 139.40 38.22 -52.49
C HIS Y 72 139.54 36.87 -51.79
N PHE Y 73 139.14 36.80 -50.52
CA PHE Y 73 139.24 35.53 -49.79
C PHE Y 73 138.22 34.52 -50.30
N GLY Y 74 136.98 34.95 -50.55
CA GLY Y 74 135.96 34.05 -51.06
C GLY Y 74 136.11 33.70 -52.52
N SER Y 75 136.90 34.48 -53.27
CA SER Y 75 137.17 34.14 -54.66
C SER Y 75 138.05 32.89 -54.79
N LYS Y 76 138.75 32.50 -53.73
CA LYS Y 76 139.62 31.34 -53.75
C LYS Y 76 139.17 30.21 -52.82
N GLY Y 77 138.47 30.54 -51.73
CA GLY Y 77 138.02 29.54 -50.78
C GLY Y 77 136.51 29.33 -50.83
N ASN Y 78 136.05 28.46 -49.92
CA ASN Y 78 134.64 28.10 -49.86
C ASN Y 78 133.82 29.23 -49.27
N ARG Y 79 132.73 29.59 -49.96
CA ARG Y 79 131.88 30.68 -49.50
C ARG Y 79 131.11 30.31 -48.24
N THR Y 80 130.73 29.05 -48.09
CA THR Y 80 129.94 28.62 -46.94
C THR Y 80 130.70 28.79 -45.63
N ARG Y 81 132.00 28.45 -45.64
CA ARG Y 81 132.80 28.58 -44.42
C ARG Y 81 132.96 30.04 -44.01
N TRP Y 82 133.20 30.93 -44.97
CA TRP Y 82 133.31 32.35 -44.65
C TRP Y 82 131.97 32.92 -44.20
N ILE Y 83 130.86 32.44 -44.78
CA ILE Y 83 129.53 32.88 -44.33
C ILE Y 83 129.29 32.45 -42.89
N ALA Y 84 129.67 31.21 -42.56
CA ALA Y 84 129.52 30.73 -41.19
C ALA Y 84 130.40 31.51 -40.22
N ALA Y 85 131.63 31.83 -40.63
CA ALA Y 85 132.51 32.65 -39.79
C ALA Y 85 131.93 34.04 -39.58
N SER Y 86 131.35 34.63 -40.63
CA SER Y 86 130.71 35.94 -40.50
C SER Y 86 129.50 35.88 -39.57
N CYS Y 87 128.72 34.81 -39.64
CA CYS Y 87 127.57 34.66 -38.74
C CYS Y 87 128.02 34.47 -37.29
N ILE Y 88 129.12 33.75 -37.09
CA ILE Y 88 129.69 33.60 -35.75
C ILE Y 88 130.14 34.95 -35.20
N LEU Y 89 130.84 35.73 -36.02
CA LEU Y 89 131.27 37.07 -35.60
C LEU Y 89 130.07 37.98 -35.36
N MET Y 90 128.99 37.79 -36.12
CA MET Y 90 127.75 38.54 -35.93
C MET Y 90 127.12 38.22 -34.58
N GLY Y 91 127.06 36.93 -34.23
CA GLY Y 91 126.53 36.53 -32.94
C GLY Y 91 127.38 37.04 -31.79
N LEU Y 92 128.69 37.08 -31.98
CA LEU Y 92 129.56 37.71 -30.98
C LEU Y 92 129.29 39.21 -30.89
N GLU Y 93 129.05 39.87 -32.03
CA GLU Y 93 128.82 41.31 -32.04
C GLU Y 93 127.55 41.67 -31.28
N SER Y 94 126.49 40.88 -31.44
CA SER Y 94 125.23 41.18 -30.77
C SER Y 94 125.39 41.16 -29.25
N MET Y 95 126.10 40.15 -28.73
CA MET Y 95 126.35 40.09 -27.29
C MET Y 95 127.30 41.20 -26.85
N LEU Y 96 128.29 41.55 -27.67
CA LEU Y 96 129.20 42.63 -27.33
C LEU Y 96 128.48 43.97 -27.28
N PHE Y 97 127.45 44.16 -28.10
CA PHE Y 97 126.63 45.36 -28.02
C PHE Y 97 125.67 45.31 -26.85
N ALA Y 98 125.19 44.11 -26.48
CA ALA Y 98 124.29 43.99 -25.34
C ALA Y 98 124.99 44.24 -24.02
N PHE Y 99 126.27 43.88 -23.91
CA PHE Y 99 126.97 43.94 -22.63
C PHE Y 99 127.02 45.34 -21.98
N PRO Y 100 127.32 46.44 -22.68
CA PRO Y 100 127.33 47.74 -21.98
C PRO Y 100 125.97 48.17 -21.43
N PHE Y 101 124.88 47.77 -22.07
CA PHE Y 101 123.56 48.18 -21.61
C PHE Y 101 123.11 47.45 -20.35
N PHE Y 102 123.85 46.41 -19.93
CA PHE Y 102 123.56 45.69 -18.69
C PHE Y 102 124.63 45.89 -17.64
N THR Y 103 125.90 46.00 -18.04
CA THR Y 103 126.98 46.23 -17.08
C THR Y 103 127.02 47.68 -16.62
N TYR Y 104 126.74 48.62 -17.51
CA TYR Y 104 126.96 50.04 -17.24
C TYR Y 104 125.66 50.84 -17.26
N GLU Y 105 124.64 50.34 -16.58
CA GLU Y 105 123.35 51.03 -16.53
C GLU Y 105 123.28 52.08 -15.41
N ILE Y 106 124.37 52.31 -14.69
CA ILE Y 106 124.39 53.30 -13.61
C ILE Y 106 125.28 54.49 -14.01
N ILE Y 107 125.36 54.80 -15.30
CA ILE Y 107 126.18 55.92 -15.74
C ILE Y 107 125.45 57.24 -15.49
N ILE Y 108 124.30 57.44 -16.12
CA ILE Y 108 123.50 58.63 -15.88
C ILE Y 108 122.06 58.22 -15.58
N PRO Y 109 121.75 57.93 -14.32
CA PRO Y 109 120.35 57.72 -13.93
C PRO Y 109 119.74 59.02 -13.42
N GLY Y 110 118.44 58.96 -13.13
CA GLY Y 110 117.74 60.13 -12.64
C GLY Y 110 118.21 60.55 -11.25
N ARG Y 111 118.29 59.59 -10.32
CA ARG Y 111 118.66 59.90 -8.94
C ARG Y 111 119.63 58.90 -8.32
N GLN Y 112 120.04 57.85 -9.04
CA GLN Y 112 120.83 56.79 -8.43
C GLN Y 112 122.29 57.18 -8.20
N SER Y 113 122.74 58.33 -8.70
CA SER Y 113 124.09 58.82 -8.46
C SER Y 113 124.14 59.42 -7.06
N ILE Y 114 124.39 58.55 -6.07
CA ILE Y 114 124.35 58.97 -4.67
C ILE Y 114 125.68 59.56 -4.21
N GLU Y 115 126.76 59.41 -4.98
CA GLU Y 115 128.05 59.91 -4.54
C GLU Y 115 128.14 61.42 -4.65
N LEU Y 116 127.59 62.00 -5.73
CA LEU Y 116 127.72 63.43 -5.98
C LEU Y 116 126.39 64.16 -6.11
N CYS Y 117 125.26 63.45 -6.10
CA CYS Y 117 123.94 64.07 -6.21
C CYS Y 117 123.08 63.60 -5.05
N MET Y 118 122.27 64.51 -4.51
CA MET Y 118 121.39 64.23 -3.39
C MET Y 118 119.94 64.47 -3.78
N GLU Y 119 119.05 63.71 -3.14
CA GLU Y 119 117.65 63.66 -3.54
C GLU Y 119 116.90 64.96 -3.25
N GLU Y 120 117.23 65.64 -2.15
CA GLU Y 120 116.51 66.85 -1.75
C GLU Y 120 116.89 68.07 -2.58
N ASN Y 121 117.88 67.99 -3.45
CA ASN Y 121 118.30 69.09 -4.30
C ASN Y 121 117.98 68.77 -5.75
N GLU Y 122 117.45 69.76 -6.46
CA GLU Y 122 117.09 69.60 -7.87
C GLU Y 122 118.20 70.03 -8.81
N LYS Y 123 118.97 71.06 -8.43
CA LYS Y 123 120.03 71.55 -9.30
C LYS Y 123 121.24 70.62 -9.30
N ARG Y 124 121.52 69.96 -8.18
CA ARG Y 124 122.69 69.10 -8.08
C ARG Y 124 122.55 67.78 -8.82
N ASN Y 125 121.34 67.44 -9.29
CA ASN Y 125 121.14 66.21 -10.04
C ASN Y 125 121.52 66.33 -11.51
N ILE Y 126 121.68 67.55 -12.02
CA ILE Y 126 122.02 67.79 -13.42
C ILE Y 126 123.42 68.37 -13.57
N ILE Y 127 124.19 68.42 -12.49
CA ILE Y 127 125.58 68.90 -12.53
C ILE Y 127 126.44 67.81 -11.91
N CYS Y 128 127.75 68.10 -11.77
CA CYS Y 128 128.75 67.13 -11.31
C CYS Y 128 128.75 65.90 -12.21
N GLY Y 129 129.18 66.15 -13.44
CA GLY Y 129 129.01 65.20 -14.54
C GLY Y 129 129.88 63.96 -14.44
N ASN Y 130 129.57 63.09 -13.49
CA ASN Y 130 130.22 61.80 -13.38
C ASN Y 130 129.82 60.85 -14.50
N SER Y 131 128.81 61.20 -15.30
CA SER Y 131 128.42 60.38 -16.44
C SER Y 131 129.48 60.38 -17.55
N VAL Y 132 130.26 61.46 -17.66
CA VAL Y 132 131.34 61.52 -18.64
C VAL Y 132 132.41 60.48 -18.30
N PRO Y 133 132.82 60.30 -17.04
CA PRO Y 133 133.52 59.06 -16.69
C PRO Y 133 132.63 57.84 -16.87
N ASN Y 134 133.28 56.72 -17.17
CA ASN Y 134 132.67 55.42 -17.52
C ASN Y 134 131.84 55.50 -18.81
N ARG Y 135 131.98 56.57 -19.58
CA ARG Y 135 131.36 56.72 -20.89
C ARG Y 135 132.32 56.40 -22.02
N SER Y 136 133.60 56.75 -21.87
CA SER Y 136 134.60 56.43 -22.87
C SER Y 136 134.77 54.93 -23.04
N LYS Y 137 134.60 54.16 -21.96
CA LYS Y 137 134.57 52.71 -22.08
C LYS Y 137 133.38 52.25 -22.92
N CYS Y 138 132.22 52.89 -22.72
CA CYS Y 138 131.06 52.59 -23.55
C CYS Y 138 131.28 53.04 -24.99
N ILE Y 139 131.98 54.16 -25.19
CA ILE Y 139 132.32 54.59 -26.55
C ILE Y 139 133.22 53.57 -27.24
N TYR Y 140 134.22 53.06 -26.51
CA TYR Y 140 135.09 52.02 -27.06
C TYR Y 140 134.30 50.75 -27.36
N PHE Y 141 133.39 50.36 -26.46
CA PHE Y 141 132.56 49.18 -26.69
C PHE Y 141 131.70 49.34 -27.94
N HIS Y 142 131.11 50.53 -28.12
CA HIS Y 142 130.22 50.75 -29.26
C HIS Y 142 130.99 50.84 -30.57
N ILE Y 143 132.18 51.45 -30.55
CA ILE Y 143 132.97 51.53 -31.78
C ILE Y 143 133.50 50.16 -32.16
N GLY Y 144 133.89 49.35 -31.17
CA GLY Y 144 134.29 47.98 -31.48
C GLY Y 144 133.12 47.15 -31.97
N GLY Y 145 131.94 47.35 -31.40
CA GLY Y 145 130.75 46.65 -31.87
C GLY Y 145 130.38 47.02 -33.28
N GLN Y 146 130.48 48.31 -33.63
CA GLN Y 146 130.21 48.73 -35.01
C GLN Y 146 131.24 48.16 -35.97
N CYS Y 147 132.51 48.13 -35.57
CA CYS Y 147 133.55 47.56 -36.44
C CYS Y 147 133.29 46.07 -36.70
N ILE Y 148 133.06 45.30 -35.63
CA ILE Y 148 132.82 43.88 -35.81
C ILE Y 148 131.48 43.63 -36.49
N HIS Y 149 130.52 44.55 -36.33
CA HIS Y 149 129.24 44.43 -37.03
C HIS Y 149 129.44 44.56 -38.53
N GLY Y 150 130.21 45.56 -38.96
CA GLY Y 150 130.50 45.70 -40.38
C GLY Y 150 131.28 44.51 -40.93
N ILE Y 151 132.33 44.10 -40.20
CA ILE Y 151 133.17 42.99 -40.62
C ILE Y 151 132.40 41.68 -40.69
N ALA Y 152 131.37 41.53 -39.85
CA ALA Y 152 130.57 40.31 -39.82
C ALA Y 152 129.32 40.37 -40.69
N GLY Y 153 128.85 41.56 -41.03
CA GLY Y 153 127.67 41.68 -41.83
C GLY Y 153 127.88 41.85 -43.33
N MET Y 154 128.96 42.51 -43.73
CA MET Y 154 129.23 42.76 -45.14
C MET Y 154 129.43 41.48 -45.96
N PRO Y 155 130.37 40.61 -45.54
CA PRO Y 155 130.63 39.42 -46.34
C PRO Y 155 129.33 38.71 -46.71
N ILE Y 156 128.39 38.68 -45.79
CA ILE Y 156 127.10 38.07 -46.07
C ILE Y 156 126.50 38.64 -47.34
N TYR Y 157 126.13 39.91 -47.29
CA TYR Y 157 125.56 40.56 -48.47
C TYR Y 157 126.47 40.42 -49.68
N ILE Y 158 127.75 40.10 -49.48
CA ILE Y 158 128.62 39.84 -50.63
C ILE Y 158 128.47 38.39 -51.11
N LEU Y 159 128.77 37.43 -50.24
CA LEU Y 159 128.85 36.02 -50.62
C LEU Y 159 127.48 35.39 -50.85
N GLY Y 160 126.41 35.84 -50.20
CA GLY Y 160 125.09 35.28 -50.51
C GLY Y 160 124.64 35.62 -51.92
N ILE Y 161 124.82 36.88 -52.31
CA ILE Y 161 124.53 37.27 -53.68
C ILE Y 161 125.52 36.62 -54.65
N THR Y 162 126.76 36.38 -54.21
CA THR Y 162 127.69 35.62 -55.04
C THR Y 162 127.20 34.18 -55.27
N PHE Y 163 126.66 33.55 -54.21
CA PHE Y 163 126.08 32.22 -54.34
C PHE Y 163 124.92 32.25 -55.34
N ILE Y 164 124.06 33.26 -55.22
CA ILE Y 164 122.93 33.41 -56.14
C ILE Y 164 123.43 33.58 -57.57
N PHE Y 165 124.49 34.36 -57.76
CA PHE Y 165 125.00 34.62 -59.10
C PHE Y 165 125.63 33.39 -59.72
N ASP Y 166 126.40 32.64 -58.94
CA ASP Y 166 127.20 31.54 -59.48
C ASP Y 166 126.47 30.21 -59.53
N HIS Y 167 125.39 30.02 -58.75
CA HIS Y 167 124.72 28.74 -58.71
C HIS Y 167 123.22 28.79 -58.92
N ILE Y 168 122.65 29.94 -59.29
CA ILE Y 168 121.25 30.03 -59.67
C ILE Y 168 121.18 30.57 -61.09
N PRO Y 169 120.30 30.05 -61.95
CA PRO Y 169 120.13 30.65 -63.28
C PRO Y 169 119.56 32.06 -63.20
N THR Y 170 119.77 32.81 -64.28
CA THR Y 170 119.33 34.20 -64.34
C THR Y 170 117.80 34.34 -64.32
N SER Y 171 117.07 33.26 -64.62
CA SER Y 171 115.62 33.31 -64.53
C SER Y 171 115.12 33.39 -63.10
N SER Y 172 115.95 33.01 -62.12
CA SER Y 172 115.60 33.12 -60.71
C SER Y 172 116.57 34.01 -59.93
N CYS Y 173 117.64 34.49 -60.58
CA CYS Y 173 118.55 35.41 -59.91
C CYS Y 173 117.86 36.71 -59.52
N GLY Y 174 117.02 37.23 -60.43
CA GLY Y 174 116.26 38.43 -60.10
C GLY Y 174 115.29 38.21 -58.96
N PHE Y 175 114.62 37.05 -58.94
CA PHE Y 175 113.71 36.72 -57.84
C PHE Y 175 114.45 36.63 -56.52
N TYR Y 176 115.62 35.98 -56.52
CA TYR Y 176 116.37 35.83 -55.27
C TYR Y 176 116.91 37.17 -54.79
N LEU Y 177 117.37 38.02 -55.71
CA LEU Y 177 117.81 39.36 -55.34
C LEU Y 177 116.65 40.18 -54.77
N ALA Y 178 115.48 40.10 -55.40
CA ALA Y 178 114.32 40.84 -54.94
C ALA Y 178 113.87 40.39 -53.57
N ILE Y 179 113.84 39.07 -53.33
CA ILE Y 179 113.38 38.60 -52.04
C ILE Y 179 114.45 38.81 -50.96
N GLY Y 180 115.72 38.84 -51.33
CA GLY Y 180 116.74 39.21 -50.36
C GLY Y 180 116.65 40.67 -49.95
N HIS Y 181 116.43 41.56 -50.92
CA HIS Y 181 116.23 42.97 -50.61
C HIS Y 181 114.96 43.18 -49.79
N SER Y 182 113.89 42.44 -50.12
CA SER Y 182 112.66 42.53 -49.35
C SER Y 182 112.86 41.98 -47.94
N ALA Y 183 113.69 40.94 -47.79
CA ALA Y 183 114.00 40.43 -46.47
C ALA Y 183 114.75 41.46 -45.64
N TYR Y 184 115.70 42.16 -46.25
CA TYR Y 184 116.39 43.25 -45.57
C TYR Y 184 115.42 44.36 -45.18
N LEU Y 185 114.48 44.69 -46.07
CA LEU Y 185 113.53 45.76 -45.82
C LEU Y 185 112.57 45.40 -44.69
N ILE Y 186 112.01 44.19 -44.71
CA ILE Y 186 111.11 43.77 -43.65
C ILE Y 186 111.86 43.52 -42.35
N GLY Y 187 113.15 43.19 -42.42
CA GLY Y 187 113.96 43.16 -41.22
C GLY Y 187 114.11 44.54 -40.61
N TYR Y 188 114.35 45.55 -41.45
CA TYR Y 188 114.38 46.94 -40.98
C TYR Y 188 113.06 47.32 -40.31
N LEU Y 189 111.93 47.00 -40.96
CA LEU Y 189 110.61 47.25 -40.37
C LEU Y 189 110.41 46.54 -39.04
N LEU Y 190 110.68 45.24 -38.98
CA LEU Y 190 110.44 44.48 -37.76
C LEU Y 190 111.36 44.94 -36.64
N GLY Y 191 112.62 45.24 -36.96
CA GLY Y 191 113.54 45.74 -35.95
C GLY Y 191 113.12 47.08 -35.40
N MET Y 192 112.68 47.99 -36.27
CA MET Y 192 112.24 49.29 -35.78
C MET Y 192 110.96 49.16 -34.96
N VAL Y 193 110.08 48.21 -35.32
CA VAL Y 193 108.84 48.04 -34.59
C VAL Y 193 109.11 47.46 -33.21
N GLY Y 194 109.97 46.45 -33.14
CA GLY Y 194 110.35 45.89 -31.85
C GLY Y 194 111.10 46.88 -30.98
N GLY Y 195 111.93 47.73 -31.59
CA GLY Y 195 112.62 48.75 -30.83
C GLY Y 195 111.69 49.81 -30.28
N LEU Y 196 110.75 50.29 -31.10
CA LEU Y 196 109.87 51.38 -30.70
C LEU Y 196 108.68 50.91 -29.87
N GLN Y 197 108.39 49.61 -29.83
CA GLN Y 197 107.36 49.10 -28.94
C GLN Y 197 107.86 48.97 -27.51
N ASN Y 198 109.18 49.03 -27.30
CA ASN Y 198 109.76 48.91 -25.97
C ASN Y 198 110.47 50.17 -25.50
N PHE Y 199 111.11 50.94 -26.39
CA PHE Y 199 111.76 52.17 -25.98
C PHE Y 199 110.74 53.23 -25.59
N GLN Y 200 109.59 53.26 -26.26
CA GLN Y 200 108.53 54.17 -25.89
C GLN Y 200 108.04 53.84 -24.48
N PRO Y 201 107.73 54.84 -23.66
CA PRO Y 201 107.34 54.57 -22.28
C PRO Y 201 105.99 53.88 -22.22
N PRO Y 202 105.70 53.17 -21.12
CA PRO Y 202 104.39 52.52 -20.95
C PRO Y 202 103.27 53.54 -20.88
N PRO Y 203 101.98 53.10 -20.92
CA PRO Y 203 100.86 54.04 -20.82
C PRO Y 203 100.89 54.98 -19.61
N LYS Y 204 101.72 54.70 -18.61
CA LYS Y 204 102.02 55.64 -17.53
C LYS Y 204 103.13 56.59 -17.99
N GLU Y 205 102.88 57.27 -19.11
CA GLU Y 205 103.87 58.13 -19.73
C GLU Y 205 104.10 59.42 -18.98
N LYS Y 206 103.13 59.88 -18.20
CA LYS Y 206 103.07 61.26 -17.73
C LYS Y 206 103.04 61.34 -16.21
N THR Y 207 103.90 60.56 -15.55
CA THR Y 207 103.98 60.55 -14.10
C THR Y 207 105.11 61.48 -13.63
N VAL Y 208 105.45 61.39 -12.35
CA VAL Y 208 106.47 62.22 -11.73
C VAL Y 208 107.85 61.87 -12.27
N GLU Y 209 108.86 62.68 -11.93
CA GLU Y 209 110.22 62.62 -12.50
C GLU Y 209 110.96 61.31 -12.21
N ILE Y 210 110.37 60.30 -11.57
CA ILE Y 210 110.94 58.95 -11.64
C ILE Y 210 110.65 58.31 -12.99
N GLU Y 211 109.79 58.92 -13.80
CA GLU Y 211 109.51 58.40 -15.14
C GLU Y 211 110.73 58.39 -16.06
N PRO Y 212 111.55 59.45 -16.18
CA PRO Y 212 112.77 59.32 -17.00
C PRO Y 212 113.73 58.27 -16.49
N ALA Y 213 113.84 58.08 -15.17
CA ALA Y 213 114.74 57.06 -14.63
C ALA Y 213 114.23 55.65 -14.95
N LYS Y 214 112.93 55.43 -14.84
CA LYS Y 214 112.40 54.11 -15.12
C LYS Y 214 112.40 53.81 -16.61
N VAL Y 215 112.21 54.84 -17.44
CA VAL Y 215 112.39 54.69 -18.88
C VAL Y 215 113.84 54.37 -19.22
N TYR Y 216 114.78 55.03 -18.53
CA TYR Y 216 116.20 54.79 -18.71
C TYR Y 216 116.56 53.34 -18.37
N GLN Y 217 115.99 52.81 -17.29
CA GLN Y 217 116.19 51.40 -16.97
C GLN Y 217 115.55 50.49 -18.02
N LEU Y 218 114.31 50.79 -18.41
CA LEU Y 218 113.52 49.89 -19.24
C LEU Y 218 114.09 49.76 -20.65
N LEU Y 219 114.60 50.87 -21.22
CA LEU Y 219 115.11 50.80 -22.58
C LEU Y 219 116.38 49.94 -22.66
N GLN Y 220 117.29 50.08 -21.69
CA GLN Y 220 118.47 49.24 -21.67
C GLN Y 220 118.12 47.79 -21.39
N SER Y 221 117.12 47.55 -20.52
CA SER Y 221 116.68 46.18 -20.28
C SER Y 221 116.12 45.55 -21.55
N GLY Y 222 115.31 46.31 -22.29
CA GLY Y 222 114.74 45.78 -23.53
C GLY Y 222 115.80 45.51 -24.57
N TRP Y 223 116.79 46.41 -24.70
CA TRP Y 223 117.91 46.14 -25.60
C TRP Y 223 118.68 44.91 -25.15
N TRP Y 224 118.86 44.73 -23.84
CA TRP Y 224 119.58 43.57 -23.34
C TRP Y 224 118.85 42.26 -23.68
N LYS Y 225 117.53 42.25 -23.59
CA LYS Y 225 116.78 41.07 -24.04
C LYS Y 225 116.91 40.86 -25.54
N THR Y 226 116.66 41.91 -26.33
CA THR Y 226 116.56 41.77 -27.77
C THR Y 226 117.89 41.37 -28.40
N PHE Y 227 118.99 41.96 -27.93
CA PHE Y 227 120.30 41.65 -28.52
C PHE Y 227 120.74 40.23 -28.20
N LEU Y 228 120.46 39.72 -26.99
CA LEU Y 228 120.77 38.32 -26.70
C LEU Y 228 119.89 37.38 -27.51
N ILE Y 229 118.62 37.75 -27.73
CA ILE Y 229 117.77 36.94 -28.61
C ILE Y 229 118.35 36.88 -30.02
N ILE Y 230 118.78 38.04 -30.54
CA ILE Y 230 119.37 38.10 -31.88
C ILE Y 230 120.66 37.29 -31.94
N ALA Y 231 121.49 37.37 -30.90
CA ALA Y 231 122.73 36.61 -30.86
C ALA Y 231 122.47 35.11 -30.84
N ALA Y 232 121.49 34.67 -30.05
CA ALA Y 232 121.16 33.24 -30.02
C ALA Y 232 120.63 32.77 -31.37
N ILE Y 233 119.78 33.57 -32.02
CA ILE Y 233 119.25 33.22 -33.33
C ILE Y 233 120.37 33.13 -34.36
N SER Y 234 121.29 34.10 -34.33
CA SER Y 234 122.40 34.11 -35.29
C SER Y 234 123.33 32.93 -35.07
N PHE Y 235 123.61 32.59 -33.80
CA PHE Y 235 124.46 31.43 -33.52
C PHE Y 235 123.80 30.13 -33.95
N CYS Y 236 122.48 30.01 -33.74
CA CYS Y 236 121.76 28.82 -34.21
C CYS Y 236 121.77 28.71 -35.72
N VAL Y 237 121.60 29.84 -36.42
CA VAL Y 237 121.65 29.85 -37.88
C VAL Y 237 123.04 29.46 -38.36
N SER Y 238 124.09 29.97 -37.70
CA SER Y 238 125.45 29.62 -38.07
C SER Y 238 125.71 28.14 -37.87
N PHE Y 239 125.25 27.58 -36.75
CA PHE Y 239 125.46 26.16 -36.51
C PHE Y 239 124.70 25.29 -37.50
N MET Y 240 123.47 25.69 -37.87
CA MET Y 240 122.71 24.94 -38.85
C MET Y 240 123.37 25.00 -40.23
N MET Y 241 123.91 26.17 -40.60
CA MET Y 241 124.56 26.32 -41.89
C MET Y 241 125.93 25.66 -41.94
N VAL Y 242 126.59 25.47 -40.79
CA VAL Y 242 127.85 24.75 -40.75
C VAL Y 242 127.67 23.31 -41.25
N CYS Y 243 126.55 22.68 -40.89
CA CYS Y 243 126.28 21.30 -41.28
C CYS Y 243 126.04 21.15 -42.78
N PHE Y 244 125.86 22.24 -43.52
CA PHE Y 244 125.68 22.15 -44.95
C PHE Y 244 126.98 21.69 -45.63
N PRO Y 245 126.89 20.75 -46.56
CA PRO Y 245 128.10 20.28 -47.25
C PRO Y 245 128.65 21.33 -48.22
N THR Y 246 129.93 21.19 -48.52
CA THR Y 246 130.58 22.10 -49.47
C THR Y 246 130.09 21.84 -50.89
N SER Y 247 129.98 20.57 -51.28
CA SER Y 247 129.58 20.20 -52.64
C SER Y 247 128.07 20.05 -52.67
N LEU Y 248 127.38 21.08 -53.15
CA LEU Y 248 125.93 21.04 -53.23
C LEU Y 248 125.50 20.14 -54.40
N PRO Y 249 124.54 19.23 -54.17
CA PRO Y 249 124.11 18.34 -55.26
C PRO Y 249 123.41 19.08 -56.39
N GLY Y 250 122.52 20.01 -56.07
CA GLY Y 250 121.85 20.77 -57.12
C GLY Y 250 122.81 21.65 -57.90
N ALA Y 251 123.78 22.28 -57.21
CA ALA Y 251 124.78 23.08 -57.88
C ALA Y 251 125.65 22.21 -58.79
N HIS Y 252 126.02 21.02 -58.33
CA HIS Y 252 126.82 20.12 -59.17
C HIS Y 252 126.03 19.63 -60.37
N LYS Y 253 124.72 19.37 -60.19
CA LYS Y 253 123.89 18.99 -61.33
C LYS Y 253 123.78 20.13 -62.34
N LEU Y 254 123.62 21.37 -61.86
CA LEU Y 254 123.58 22.51 -62.76
C LEU Y 254 124.90 22.68 -63.50
N ARG Y 255 126.03 22.50 -62.81
CA ARG Y 255 127.33 22.62 -63.45
C ARG Y 255 127.54 21.52 -64.48
N LEU Y 256 127.11 20.29 -64.17
CA LEU Y 256 127.20 19.20 -65.14
C LEU Y 256 126.32 19.45 -66.36
N ALA Y 257 125.13 20.02 -66.16
CA ALA Y 257 124.26 20.34 -67.27
C ALA Y 257 124.85 21.44 -68.15
N LYS Y 258 125.46 22.46 -67.52
CA LYS Y 258 125.98 23.58 -68.28
C LYS Y 258 127.39 23.35 -68.82
N ARG Y 259 128.07 22.27 -68.39
CA ARG Y 259 129.37 21.94 -68.96
C ARG Y 259 129.25 21.53 -70.42
N LYS Y 260 128.17 20.84 -70.78
CA LYS Y 260 127.95 20.41 -72.15
C LYS Y 260 127.39 21.57 -72.96
N GLU Y 261 127.06 21.30 -74.23
CA GLU Y 261 126.47 22.27 -75.18
C GLU Y 261 127.29 23.55 -75.29
N GLN Y 275 143.90 31.39 -59.56
CA GLN Y 275 144.63 32.04 -58.46
C GLN Y 275 144.45 33.55 -58.44
N PRO Y 276 143.78 34.10 -57.41
CA PRO Y 276 143.60 35.55 -57.47
C PRO Y 276 144.90 36.28 -57.19
N HIS Y 277 145.71 36.47 -58.23
CA HIS Y 277 147.00 37.13 -58.05
C HIS Y 277 146.87 38.64 -58.23
N LEU Y 278 147.76 39.39 -57.58
CA LEU Y 278 147.72 40.85 -57.69
C LEU Y 278 147.71 41.31 -59.14
N LYS Y 279 148.45 40.62 -60.02
CA LYS Y 279 148.42 40.97 -61.44
C LYS Y 279 147.05 40.70 -62.05
N GLY Y 280 146.42 39.59 -61.69
CA GLY Y 280 145.05 39.34 -62.13
C GLY Y 280 144.07 40.35 -61.57
N PHE Y 281 144.28 40.78 -60.32
CA PHE Y 281 143.47 41.84 -59.74
C PHE Y 281 143.60 43.13 -60.52
N LEU Y 282 144.83 43.50 -60.89
CA LEU Y 282 145.05 44.73 -61.64
C LEU Y 282 144.46 44.64 -63.04
N HIS Y 283 144.56 43.47 -63.68
CA HIS Y 283 143.94 43.28 -64.99
C HIS Y 283 142.42 43.38 -64.89
N ASN Y 284 141.84 42.87 -63.80
CA ASN Y 284 140.40 42.96 -63.61
C ASN Y 284 139.96 44.40 -63.39
N ILE Y 285 140.73 45.17 -62.61
CA ILE Y 285 140.43 46.59 -62.43
C ILE Y 285 140.58 47.33 -63.77
N TRP Y 286 141.56 46.93 -64.58
CA TRP Y 286 141.72 47.55 -65.90
C TRP Y 286 140.53 47.25 -66.80
N HIS Y 287 140.02 46.01 -66.77
CA HIS Y 287 138.83 45.68 -67.55
C HIS Y 287 137.61 46.46 -67.06
N ILE Y 288 137.47 46.58 -65.73
CA ILE Y 288 136.35 47.34 -65.15
C ILE Y 288 136.41 48.80 -65.59
N LEU Y 289 137.61 49.41 -65.55
CA LEU Y 289 137.74 50.80 -65.95
C LEU Y 289 137.62 50.97 -67.46
N LYS Y 290 137.98 49.95 -68.23
CA LYS Y 290 137.88 50.05 -69.69
C LYS Y 290 136.44 49.93 -70.15
N ASN Y 291 135.64 49.13 -69.46
CA ASN Y 291 134.21 49.02 -69.79
C ASN Y 291 133.46 50.14 -69.09
N PRO Y 292 132.91 51.12 -69.82
CA PRO Y 292 132.24 52.25 -69.15
C PRO Y 292 130.84 51.94 -68.67
N LEU Y 293 130.28 50.78 -69.02
CA LEU Y 293 128.97 50.39 -68.49
C LEU Y 293 129.03 50.19 -66.98
N MET Y 294 130.09 49.54 -66.50
CA MET Y 294 130.23 49.30 -65.06
C MET Y 294 130.37 50.61 -64.30
N LEU Y 295 131.15 51.56 -64.84
CA LEU Y 295 131.29 52.86 -64.20
C LEU Y 295 129.97 53.61 -64.14
N THR Y 296 129.19 53.56 -65.22
CA THR Y 296 127.88 54.21 -65.24
C THR Y 296 126.94 53.58 -64.22
N GLN Y 297 126.90 52.25 -64.17
CA GLN Y 297 126.03 51.58 -63.20
C GLN Y 297 126.49 51.86 -61.77
N ALA Y 298 127.79 51.96 -61.55
CA ALA Y 298 128.31 52.25 -60.21
C ALA Y 298 127.92 53.64 -59.75
N ILE Y 299 128.08 54.64 -60.61
CA ILE Y 299 127.69 56.01 -60.23
C ILE Y 299 126.18 56.11 -60.09
N CYS Y 300 125.42 55.38 -60.91
CA CYS Y 300 123.97 55.37 -60.79
C CYS Y 300 123.54 54.76 -59.45
N LYS Y 301 124.17 53.66 -59.04
CA LYS Y 301 123.89 53.07 -57.75
C LYS Y 301 124.29 54.00 -56.61
N VAL Y 302 125.42 54.70 -56.77
CA VAL Y 302 125.85 55.66 -55.75
C VAL Y 302 124.82 56.77 -55.59
N SER Y 303 124.33 57.30 -56.71
CA SER Y 303 123.34 58.38 -56.65
C SER Y 303 122.00 57.87 -56.11
N GLU Y 304 121.61 56.64 -56.46
CA GLU Y 304 120.37 56.07 -55.93
C GLU Y 304 120.46 55.87 -54.43
N TYR Y 305 121.59 55.35 -53.94
CA TYR Y 305 121.78 55.18 -52.51
C TYR Y 305 121.82 56.53 -51.80
N LEU Y 306 122.45 57.53 -52.42
CA LEU Y 306 122.50 58.86 -51.83
C LEU Y 306 121.09 59.45 -51.71
N THR Y 307 120.28 59.31 -52.76
CA THR Y 307 118.91 59.81 -52.72
C THR Y 307 118.07 59.08 -51.67
N PHE Y 308 118.22 57.75 -51.60
CA PHE Y 308 117.46 56.97 -50.63
C PHE Y 308 117.84 57.34 -49.19
N ASN Y 309 119.15 57.48 -48.93
CA ASN Y 309 119.60 57.84 -47.59
C ASN Y 309 119.19 59.26 -47.23
N THR Y 310 119.26 60.19 -48.20
CA THR Y 310 118.83 61.56 -47.95
C THR Y 310 117.34 61.62 -47.64
N SER Y 311 116.52 60.87 -48.39
CA SER Y 311 115.09 60.84 -48.13
C SER Y 311 114.80 60.24 -46.76
N LEU Y 312 115.48 59.15 -46.41
CA LEU Y 312 115.23 58.50 -45.12
C LEU Y 312 115.65 59.40 -43.96
N TYR Y 313 116.77 60.12 -44.09
CA TYR Y 313 117.22 61.00 -43.02
C TYR Y 313 116.41 62.29 -42.96
N PHE Y 314 115.85 62.73 -44.08
CA PHE Y 314 115.24 64.04 -44.19
C PHE Y 314 113.73 64.05 -43.99
N LEU Y 315 113.04 62.94 -44.31
CA LEU Y 315 111.58 62.92 -44.21
C LEU Y 315 111.06 63.13 -42.80
N PRO Y 316 111.59 62.50 -41.73
CA PRO Y 316 111.08 62.84 -40.39
C PRO Y 316 111.30 64.29 -40.01
N HIS Y 317 112.47 64.85 -40.33
CA HIS Y 317 112.73 66.26 -40.04
C HIS Y 317 111.80 67.17 -40.83
N HIS Y 318 111.51 66.81 -42.08
CA HIS Y 318 110.55 67.55 -42.88
C HIS Y 318 109.16 67.50 -42.26
N LEU Y 319 108.77 66.33 -41.73
CA LEU Y 319 107.47 66.21 -41.07
C LEU Y 319 107.41 67.07 -39.82
N GLN Y 320 108.49 67.12 -39.04
CA GLN Y 320 108.50 67.99 -37.86
C GLN Y 320 108.42 69.46 -38.23
N THR Y 321 109.17 69.89 -39.25
CA THR Y 321 109.24 71.31 -39.57
C THR Y 321 108.09 71.82 -40.42
N GLN Y 322 107.36 70.93 -41.10
CA GLN Y 322 106.27 71.37 -41.98
C GLN Y 322 104.91 70.89 -41.52
N PHE Y 323 104.77 69.60 -41.21
CA PHE Y 323 103.50 69.03 -40.80
C PHE Y 323 103.35 68.94 -39.28
N LEU Y 324 104.32 69.46 -38.55
CA LEU Y 324 104.29 69.38 -37.09
C LEU Y 324 104.12 67.94 -36.65
N ILE Y 325 105.05 67.08 -37.03
CA ILE Y 325 104.98 65.68 -36.65
C ILE Y 325 106.05 65.33 -35.62
N THR Y 326 105.64 65.00 -34.41
CA THR Y 326 106.59 64.68 -33.35
C THR Y 326 107.68 63.73 -33.82
N PRO Y 327 108.92 63.99 -33.41
CA PRO Y 327 110.06 63.15 -33.81
C PRO Y 327 109.71 61.67 -33.91
N GLY Y 328 109.54 60.97 -32.80
CA GLY Y 328 109.30 59.55 -32.91
C GLY Y 328 108.11 59.17 -33.80
N ILE Y 329 107.02 59.92 -33.73
CA ILE Y 329 105.90 59.70 -34.65
C ILE Y 329 106.32 59.99 -36.09
N ALA Y 330 107.13 61.03 -36.31
CA ALA Y 330 107.60 61.31 -37.68
C ALA Y 330 108.51 60.21 -38.20
N SER Y 331 109.44 59.73 -37.36
CA SER Y 331 110.31 58.62 -37.75
C SER Y 331 109.51 57.34 -37.96
N LEU Y 332 108.51 57.11 -37.11
CA LEU Y 332 107.64 55.94 -37.27
C LEU Y 332 106.86 56.01 -38.57
N LEU Y 333 106.35 57.20 -38.92
CA LEU Y 333 105.63 57.35 -40.18
C LEU Y 333 106.55 57.12 -41.36
N THR Y 334 107.74 57.74 -41.35
CA THR Y 334 108.69 57.57 -42.45
C THR Y 334 109.10 56.12 -42.61
N GLY Y 335 109.43 55.45 -41.50
CA GLY Y 335 109.68 54.02 -41.55
C GLY Y 335 108.48 53.28 -42.12
N ALA Y 336 107.40 53.22 -41.35
CA ALA Y 336 106.26 52.34 -41.65
C ALA Y 336 105.59 52.64 -42.99
N PHE Y 337 105.91 53.76 -43.64
CA PHE Y 337 105.38 54.01 -44.97
C PHE Y 337 106.46 54.15 -46.03
N VAL Y 338 107.73 53.87 -45.71
CA VAL Y 338 108.72 53.61 -46.76
C VAL Y 338 108.82 52.14 -47.14
N LEU Y 339 108.35 51.22 -46.29
CA LEU Y 339 108.36 49.80 -46.63
C LEU Y 339 107.28 49.29 -47.61
N PRO Y 340 105.98 49.61 -47.45
CA PRO Y 340 105.01 48.99 -48.38
C PRO Y 340 105.23 49.35 -49.83
N GLY Y 341 105.74 50.54 -50.12
CA GLY Y 341 106.18 50.84 -51.47
C GLY Y 341 107.44 50.10 -51.86
N GLY Y 342 108.42 50.05 -50.95
CA GLY Y 342 109.73 49.52 -51.30
C GLY Y 342 109.72 48.03 -51.60
N ILE Y 343 109.04 47.25 -50.77
CA ILE Y 343 109.05 45.80 -50.97
C ILE Y 343 108.27 45.44 -52.23
N ILE Y 344 107.17 46.14 -52.49
CA ILE Y 344 106.39 45.89 -53.71
C ILE Y 344 107.19 46.29 -54.94
N GLY Y 345 107.92 47.40 -54.87
CA GLY Y 345 108.76 47.79 -55.99
C GLY Y 345 109.87 46.80 -56.27
N HIS Y 346 110.53 46.31 -55.22
CA HIS Y 346 111.57 45.30 -55.39
C HIS Y 346 111.01 44.01 -55.98
N PHE Y 347 109.85 43.57 -55.46
CA PHE Y 347 109.24 42.33 -55.97
C PHE Y 347 108.83 42.47 -57.43
N LEU Y 348 108.24 43.61 -57.79
CA LEU Y 348 107.84 43.83 -59.18
C LEU Y 348 109.07 43.92 -60.10
N GLY Y 349 110.12 44.61 -59.66
CA GLY Y 349 111.32 44.73 -60.47
C GLY Y 349 111.99 43.39 -60.71
N GLY Y 350 112.04 42.53 -59.70
CA GLY Y 350 112.53 41.19 -59.90
C GLY Y 350 111.63 40.37 -60.82
N LEU Y 351 110.32 40.39 -60.55
CA LEU Y 351 109.39 39.49 -61.23
C LEU Y 351 109.22 39.84 -62.69
N ILE Y 352 109.30 41.13 -63.06
CA ILE Y 352 109.21 41.52 -64.47
C ILE Y 352 110.33 40.87 -65.26
N VAL Y 353 111.56 40.99 -64.78
CA VAL Y 353 112.71 40.41 -65.46
C VAL Y 353 112.61 38.88 -65.49
N ASP Y 354 112.21 38.28 -64.36
CA ASP Y 354 112.15 36.81 -64.30
C ASP Y 354 111.11 36.25 -65.24
N ARG Y 355 109.92 36.87 -65.30
CA ARG Y 355 108.86 36.34 -66.14
C ARG Y 355 109.09 36.66 -67.62
N LEU Y 356 109.61 37.84 -67.92
CA LEU Y 356 109.65 38.31 -69.29
C LEU Y 356 111.00 38.15 -69.97
N GLU Y 357 112.03 37.69 -69.24
CA GLU Y 357 113.37 37.45 -69.78
C GLU Y 357 113.94 38.71 -70.43
N MET Y 358 114.13 39.75 -69.60
CA MET Y 358 114.57 41.04 -70.09
C MET Y 358 116.00 40.99 -70.62
N THR Y 359 116.24 41.74 -71.69
CA THR Y 359 117.56 41.90 -72.27
C THR Y 359 118.22 43.15 -71.69
N ASN Y 360 119.47 43.38 -72.10
CA ASN Y 360 120.25 44.46 -71.51
C ASN Y 360 119.82 45.83 -72.02
N LYS Y 361 119.62 45.95 -73.34
CA LYS Y 361 119.17 47.23 -73.90
C LYS Y 361 117.76 47.57 -73.43
N ASN Y 362 116.88 46.56 -73.38
CA ASN Y 362 115.54 46.77 -72.84
C ASN Y 362 115.59 47.11 -71.36
N LYS Y 363 116.54 46.55 -70.61
CA LYS Y 363 116.71 46.91 -69.21
C LYS Y 363 117.13 48.36 -69.06
N LEU Y 364 118.05 48.82 -69.92
CA LEU Y 364 118.46 50.22 -69.87
C LEU Y 364 117.32 51.16 -70.22
N LYS Y 365 116.53 50.82 -71.25
CA LYS Y 365 115.37 51.63 -71.60
C LYS Y 365 114.33 51.64 -70.49
N PHE Y 366 114.11 50.48 -69.86
CA PHE Y 366 113.17 50.37 -68.75
C PHE Y 366 113.59 51.21 -67.55
N THR Y 367 114.90 51.18 -67.23
CA THR Y 367 115.41 51.99 -66.13
C THR Y 367 115.31 53.48 -66.45
N LEU Y 368 115.58 53.86 -67.71
CA LEU Y 368 115.44 55.26 -68.11
C LEU Y 368 114.01 55.74 -67.99
N VAL Y 369 113.04 54.92 -68.42
CA VAL Y 369 111.64 55.28 -68.31
C VAL Y 369 111.24 55.42 -66.84
N THR Y 370 111.68 54.47 -66.00
CA THR Y 370 111.37 54.53 -64.58
C THR Y 370 111.95 55.79 -63.94
N THR Y 371 113.18 56.15 -64.30
CA THR Y 371 113.79 57.36 -63.75
C THR Y 371 113.07 58.61 -64.23
N VAL Y 372 112.60 58.62 -65.48
CA VAL Y 372 111.87 59.77 -66.00
C VAL Y 372 110.56 59.98 -65.24
N VAL Y 373 109.82 58.88 -65.03
CA VAL Y 373 108.57 59.02 -64.29
C VAL Y 373 108.83 59.35 -62.82
N SER Y 374 109.93 58.86 -62.25
CA SER Y 374 110.29 59.24 -60.88
C SER Y 374 110.63 60.72 -60.80
N VAL Y 375 111.30 61.26 -61.82
CA VAL Y 375 111.58 62.70 -61.86
C VAL Y 375 110.30 63.50 -61.94
N GLY Y 376 109.35 63.04 -62.77
CA GLY Y 376 108.06 63.71 -62.83
C GLY Y 376 107.31 63.68 -61.51
N LEU Y 377 107.36 62.54 -60.82
CA LEU Y 377 106.71 62.43 -59.51
C LEU Y 377 107.39 63.33 -58.48
N PHE Y 378 108.72 63.44 -58.52
CA PHE Y 378 109.41 64.36 -57.61
C PHE Y 378 109.05 65.81 -57.90
N LEU Y 379 108.87 66.15 -59.19
CA LEU Y 379 108.42 67.48 -59.55
C LEU Y 379 107.01 67.75 -59.01
N LEU Y 380 106.14 66.74 -59.09
CA LEU Y 380 104.80 66.87 -58.51
C LEU Y 380 104.87 67.03 -56.99
N ILE Y 381 105.80 66.33 -56.35
CA ILE Y 381 106.01 66.45 -54.92
C ILE Y 381 106.43 67.87 -54.55
N PHE Y 382 107.34 68.45 -55.34
CA PHE Y 382 107.75 69.83 -55.12
C PHE Y 382 106.59 70.81 -55.35
N PHE Y 383 105.76 70.54 -56.37
CA PHE Y 383 104.60 71.38 -56.63
C PHE Y 383 103.61 71.34 -55.46
N VAL Y 384 103.42 70.16 -54.88
CA VAL Y 384 102.54 70.05 -53.71
C VAL Y 384 103.14 70.76 -52.51
N GLU Y 385 104.45 70.62 -52.29
CA GLU Y 385 105.13 71.33 -51.21
C GLU Y 385 105.11 72.83 -51.38
N CYS Y 386 104.93 73.33 -52.61
CA CYS Y 386 104.78 74.75 -52.83
C CYS Y 386 103.53 75.34 -52.18
N GLN Y 387 102.57 74.50 -51.78
CA GLN Y 387 101.38 74.97 -51.09
C GLN Y 387 101.74 75.45 -49.68
N THR Y 388 100.84 76.24 -49.10
CA THR Y 388 101.06 76.80 -47.77
C THR Y 388 100.51 75.88 -46.69
N THR Y 389 100.85 76.20 -45.44
CA THR Y 389 100.41 75.42 -44.30
C THR Y 389 100.38 76.33 -43.07
N THR Y 390 99.91 75.76 -41.96
CA THR Y 390 99.86 76.51 -40.70
C THR Y 390 101.27 76.76 -40.19
N PHE Y 391 101.52 77.99 -39.75
CA PHE Y 391 102.84 78.41 -39.28
C PHE Y 391 102.88 78.42 -37.77
N ALA Y 392 103.94 77.84 -37.21
CA ALA Y 392 104.17 77.82 -35.77
C ALA Y 392 105.43 78.60 -35.45
N GLY Y 393 105.31 79.57 -34.55
CA GLY Y 393 106.46 80.38 -34.17
C GLY Y 393 106.88 81.35 -35.26
N ILE Y 394 108.12 81.83 -35.12
CA ILE Y 394 108.81 82.80 -35.99
C ILE Y 394 107.87 83.95 -36.38
N ASN Y 395 107.13 84.46 -35.38
CA ASN Y 395 106.13 85.49 -35.59
C ASN Y 395 106.70 86.91 -35.46
N GLU Y 396 108.01 87.07 -35.69
CA GLU Y 396 108.71 88.35 -35.62
C GLU Y 396 108.53 89.00 -34.24
N ASP Y 397 109.15 88.33 -33.25
CA ASP Y 397 109.14 88.68 -31.83
C ASP Y 397 107.77 88.43 -31.20
N TYR Y 398 107.75 88.23 -29.89
CA TYR Y 398 106.54 87.81 -29.18
C TYR Y 398 105.61 89.01 -29.02
N ASP Y 399 104.96 89.37 -30.12
CA ASP Y 399 103.90 90.38 -30.16
C ASP Y 399 104.36 91.75 -29.65
N GLY Y 400 105.65 92.04 -29.77
CA GLY Y 400 106.22 93.24 -29.22
C GLY Y 400 106.66 93.14 -27.78
N TYR Y 401 106.27 92.09 -27.07
CA TYR Y 401 106.69 91.87 -25.69
C TYR Y 401 107.92 90.99 -25.71
N GLY Y 402 109.10 91.63 -25.70
CA GLY Y 402 110.35 90.92 -25.76
C GLY Y 402 110.80 90.65 -27.19
N GLN Y 403 112.06 90.24 -27.30
CA GLN Y 403 112.69 89.93 -28.58
C GLN Y 403 112.93 88.44 -28.70
N LEU Y 404 113.57 88.04 -29.80
CA LEU Y 404 113.97 86.64 -29.98
C LEU Y 404 115.12 86.37 -29.02
N GLY Y 405 114.79 85.85 -27.84
CA GLY Y 405 115.75 85.73 -26.76
C GLY Y 405 115.13 86.11 -25.42
N ASN Y 406 113.82 86.38 -25.44
CA ASN Y 406 113.06 86.63 -24.21
C ASN Y 406 112.57 85.34 -23.56
N LEU Y 407 113.05 84.20 -24.06
CA LEU Y 407 112.64 82.89 -23.57
C LEU Y 407 113.16 82.61 -22.16
N THR Y 408 114.19 83.32 -21.73
CA THR Y 408 114.74 83.19 -20.38
C THR Y 408 114.15 84.30 -19.50
N ALA Y 409 112.87 84.16 -19.22
CA ALA Y 409 112.14 85.11 -18.40
C ALA Y 409 111.96 84.54 -16.99
N ASP Y 410 111.19 85.27 -16.16
CA ASP Y 410 110.93 84.81 -14.80
C ASP Y 410 110.10 83.54 -14.78
N CYS Y 411 109.18 83.41 -15.74
CA CYS Y 411 108.40 82.17 -15.87
C CYS Y 411 109.29 81.00 -16.24
N ASN Y 412 110.32 81.22 -17.07
CA ASN Y 412 111.28 80.17 -17.36
C ASN Y 412 112.13 79.84 -16.14
N GLU Y 413 112.50 80.85 -15.36
CA GLU Y 413 113.38 80.63 -14.22
C GLU Y 413 112.66 79.96 -13.05
N TYR Y 414 111.35 80.15 -12.94
CA TYR Y 414 110.62 79.65 -11.77
C TYR Y 414 110.59 78.13 -11.73
N CYS Y 415 110.20 77.50 -12.85
CA CYS Y 415 110.00 76.05 -12.88
C CYS Y 415 111.23 75.29 -13.38
N ASP Y 416 112.34 75.98 -13.62
CA ASP Y 416 113.64 75.37 -13.95
C ASP Y 416 113.56 74.49 -15.19
N CYS Y 417 113.29 75.15 -16.31
CA CYS Y 417 113.24 74.49 -17.61
C CYS Y 417 114.61 74.52 -18.28
N THR Y 418 114.93 73.44 -19.00
CA THR Y 418 116.15 73.33 -19.77
C THR Y 418 115.82 73.49 -21.24
N THR Y 419 116.61 74.32 -21.93
CA THR Y 419 116.34 74.67 -23.34
C THR Y 419 116.58 73.51 -24.30
N SER Y 420 117.17 72.40 -23.89
CA SER Y 420 117.44 71.30 -24.81
C SER Y 420 116.23 70.40 -25.06
N LEU Y 421 115.15 70.58 -24.30
CA LEU Y 421 113.95 69.76 -24.43
C LEU Y 421 112.69 70.61 -24.47
N TYR Y 422 112.74 71.71 -25.21
CA TYR Y 422 111.59 72.60 -25.33
C TYR Y 422 110.62 72.08 -26.37
N THR Y 423 109.35 71.95 -25.97
CA THR Y 423 108.28 71.48 -26.85
C THR Y 423 107.41 72.67 -27.26
N SER Y 424 106.38 72.37 -28.04
CA SER Y 424 105.49 73.39 -28.60
C SER Y 424 104.11 73.26 -27.96
N ILE Y 425 103.65 74.34 -27.33
CA ILE Y 425 102.29 74.43 -26.81
C ILE Y 425 101.47 75.28 -27.76
N CYS Y 426 100.15 75.09 -27.72
CA CYS Y 426 99.23 75.78 -28.61
C CYS Y 426 98.17 76.49 -27.78
N GLY Y 427 98.18 77.82 -27.79
CA GLY Y 427 97.14 78.56 -27.11
C GLY Y 427 95.83 78.54 -27.89
N ARG Y 428 94.78 79.04 -27.25
CA ARG Y 428 93.46 78.99 -27.85
C ARG Y 428 93.23 80.13 -28.85
N ASP Y 429 94.14 81.09 -28.94
CA ASP Y 429 94.05 82.17 -29.92
C ASP Y 429 94.84 81.88 -31.19
N GLU Y 430 95.02 80.60 -31.51
CA GLU Y 430 95.74 80.11 -32.69
C GLU Y 430 97.20 80.57 -32.71
N LYS Y 431 97.81 80.82 -31.55
CA LYS Y 431 99.21 81.17 -31.46
C LYS Y 431 99.97 80.02 -30.78
N GLU Y 432 101.08 79.61 -31.37
CA GLU Y 432 101.88 78.52 -30.85
C GLU Y 432 103.10 79.10 -30.15
N TYR Y 433 103.40 78.58 -28.95
CA TYR Y 433 104.48 79.07 -28.11
C TYR Y 433 105.47 77.96 -27.82
N PHE Y 434 106.75 78.25 -28.00
CA PHE Y 434 107.79 77.36 -27.50
C PHE Y 434 107.81 77.37 -25.97
N SER Y 435 108.31 76.27 -25.40
CA SER Y 435 108.55 76.12 -23.96
C SER Y 435 107.27 76.31 -23.15
N PRO Y 436 106.40 75.28 -23.12
CA PRO Y 436 105.12 75.41 -22.40
C PRO Y 436 105.27 75.78 -20.93
N CYS Y 437 106.39 75.41 -20.29
CA CYS Y 437 106.61 75.86 -18.91
C CYS Y 437 106.96 77.35 -18.85
N PHE Y 438 107.71 77.84 -19.85
CA PHE Y 438 107.94 79.28 -19.97
C PHE Y 438 106.67 80.04 -20.28
N ALA Y 439 105.66 79.36 -20.87
CA ALA Y 439 104.38 80.00 -21.13
C ALA Y 439 103.64 80.44 -19.87
N GLY Y 440 104.18 80.20 -18.67
CA GLY Y 440 103.64 80.72 -17.44
C GLY Y 440 102.87 79.74 -16.58
N CYS Y 441 102.91 78.46 -16.92
CA CYS Y 441 102.04 77.46 -16.29
C CYS Y 441 102.83 76.77 -15.18
N LYS Y 442 102.55 77.15 -13.93
CA LYS Y 442 103.23 76.56 -12.78
C LYS Y 442 102.51 75.34 -12.23
N ALA Y 443 101.31 75.03 -12.69
CA ALA Y 443 100.56 73.88 -12.24
C ALA Y 443 100.34 72.93 -13.40
N THR Y 444 100.48 71.63 -13.15
CA THR Y 444 100.36 70.59 -14.17
C THR Y 444 99.56 69.42 -13.60
N LYS Y 445 98.25 69.41 -13.86
CA LYS Y 445 97.40 68.28 -13.57
C LYS Y 445 97.17 67.51 -14.87
N VAL Y 446 97.36 66.20 -14.83
CA VAL Y 446 97.53 65.39 -16.02
C VAL Y 446 96.43 64.33 -16.10
N SER Y 447 95.85 64.20 -17.28
CA SER Y 447 94.81 63.22 -17.57
C SER Y 447 95.45 61.91 -18.06
N GLN Y 448 94.60 60.90 -18.26
CA GLN Y 448 95.11 59.58 -18.61
C GLN Y 448 95.57 59.53 -20.07
N THR Y 449 94.94 60.30 -20.95
CA THR Y 449 95.24 60.24 -22.38
C THR Y 449 95.76 61.54 -22.95
N GLU Y 450 95.95 62.58 -22.14
CA GLU Y 450 96.36 63.88 -22.67
C GLU Y 450 97.14 64.65 -21.63
N LYS Y 451 98.10 65.44 -22.09
CA LYS Y 451 98.88 66.33 -21.24
C LYS Y 451 98.36 67.76 -21.38
N THR Y 452 98.28 68.47 -20.26
CA THR Y 452 97.79 69.83 -20.27
C THR Y 452 98.46 70.62 -19.15
N TYR Y 453 98.42 71.94 -19.30
CA TYR Y 453 99.06 72.87 -18.38
C TYR Y 453 98.03 73.81 -17.77
N TYR Y 454 98.24 74.13 -16.49
CA TYR Y 454 97.31 74.88 -15.66
C TYR Y 454 97.93 76.18 -15.16
N ASN Y 455 97.09 77.20 -15.02
CA ASN Y 455 97.44 78.49 -14.41
C ASN Y 455 98.62 79.15 -15.13
N CYS Y 456 98.40 79.47 -16.40
CA CYS Y 456 99.43 80.06 -17.23
C CYS Y 456 99.34 81.58 -17.16
N SER Y 457 100.43 82.21 -16.76
CA SER Y 457 100.46 83.65 -16.48
C SER Y 457 101.28 84.46 -17.46
N CYS Y 458 102.34 83.87 -18.04
CA CYS Y 458 103.17 84.59 -18.99
C CYS Y 458 102.59 84.57 -20.41
N ILE Y 459 101.48 83.89 -20.61
CA ILE Y 459 100.82 83.76 -21.91
C ILE Y 459 100.11 85.08 -22.23
N LYS Y 460 99.65 85.23 -23.48
CA LYS Y 460 98.92 86.40 -23.93
C LYS Y 460 97.48 86.33 -23.39
N GLU Y 461 96.59 87.16 -23.91
CA GLU Y 461 95.20 87.14 -23.46
C GLU Y 461 94.56 85.78 -23.74
N GLY Y 462 94.36 85.46 -25.01
CA GLY Y 462 93.93 84.11 -25.40
C GLY Y 462 92.61 83.70 -24.77
N LEU Y 463 92.61 82.49 -24.20
CA LEU Y 463 91.47 81.82 -23.56
C LEU Y 463 90.18 81.99 -24.37
N ALA Y 464 90.27 81.56 -25.63
CA ALA Y 464 89.14 81.78 -26.55
C ALA Y 464 87.99 80.82 -26.25
N ALA Y 465 88.20 79.52 -26.48
CA ALA Y 465 87.15 78.54 -26.26
C ALA Y 465 87.52 77.53 -25.18
N SER Y 466 88.61 76.79 -25.35
CA SER Y 466 89.09 75.76 -24.42
C SER Y 466 88.05 74.68 -24.14
N ASP Y 467 88.37 73.75 -23.23
CA ASP Y 467 87.44 72.71 -22.81
C ASP Y 467 87.94 72.00 -21.55
N ASP Y 468 87.14 71.96 -20.48
CA ASP Y 468 87.49 71.13 -19.33
C ASP Y 468 86.18 70.90 -18.56
N GLU Y 469 86.20 69.89 -17.70
CA GLU Y 469 85.09 69.51 -16.83
C GLU Y 469 85.33 69.88 -15.37
N GLY Y 470 86.48 69.47 -14.80
CA GLY Y 470 86.74 69.65 -13.37
C GLY Y 470 87.40 70.94 -12.97
N GLN Y 471 88.05 71.63 -13.89
CA GLN Y 471 88.75 72.89 -13.60
C GLN Y 471 88.60 73.79 -14.82
N PHE Y 472 89.49 74.76 -14.98
CA PHE Y 472 89.53 75.57 -16.19
C PHE Y 472 90.94 76.13 -16.37
N ILE Y 473 91.10 76.95 -17.42
CA ILE Y 473 92.38 77.47 -17.88
C ILE Y 473 93.31 76.29 -18.15
N ASP Y 474 93.06 75.61 -19.26
CA ASP Y 474 93.81 74.41 -19.64
C ASP Y 474 94.43 74.58 -21.03
N ALA Y 475 95.75 74.57 -21.08
CA ALA Y 475 96.44 74.62 -22.36
C ALA Y 475 96.91 73.22 -22.72
N ILE Y 476 96.41 72.69 -23.85
CA ILE Y 476 96.73 71.32 -24.24
C ILE Y 476 98.19 71.24 -24.69
N ALA Y 477 98.75 70.04 -24.65
CA ALA Y 477 100.13 69.84 -25.05
C ALA Y 477 100.22 69.31 -26.48
N GLY Y 478 101.41 69.41 -27.04
CA GLY Y 478 101.64 69.04 -28.42
C GLY Y 478 101.32 70.18 -29.37
N THR Y 479 101.67 69.97 -30.63
CA THR Y 479 101.46 70.98 -31.66
C THR Y 479 100.07 70.81 -32.27
N CYS Y 480 99.25 71.85 -32.16
CA CYS Y 480 97.92 71.83 -32.77
C CYS Y 480 98.03 72.09 -34.26
N ASP Y 481 97.20 71.40 -35.03
CA ASP Y 481 97.19 71.55 -36.48
C ASP Y 481 95.75 71.68 -36.97
N SER Y 482 95.52 72.63 -37.86
CA SER Y 482 94.20 72.85 -38.43
C SER Y 482 94.10 72.45 -39.90
N ASP Y 483 95.23 72.40 -40.62
CA ASP Y 483 95.27 71.99 -42.03
C ASP Y 483 96.41 71.00 -42.18
N CYS Y 484 96.12 69.72 -41.98
CA CYS Y 484 97.11 68.65 -42.12
C CYS Y 484 96.70 67.63 -43.17
N LEU Y 485 95.85 68.02 -44.11
CA LEU Y 485 95.36 67.10 -45.14
C LEU Y 485 96.37 66.88 -46.26
N LYS Y 486 97.44 67.68 -46.32
CA LYS Y 486 98.47 67.45 -47.32
C LYS Y 486 99.33 66.23 -47.01
N LEU Y 487 99.32 65.77 -45.76
CA LEU Y 487 100.15 64.63 -45.37
C LEU Y 487 99.77 63.32 -46.06
N PRO Y 488 98.49 62.91 -46.15
CA PRO Y 488 98.20 61.68 -46.92
C PRO Y 488 98.55 61.80 -48.39
N LEU Y 489 98.38 62.98 -48.98
CA LEU Y 489 98.76 63.18 -50.39
C LEU Y 489 100.26 63.03 -50.57
N PHE Y 490 101.03 63.65 -49.68
CA PHE Y 490 102.48 63.52 -49.71
C PHE Y 490 102.91 62.08 -49.46
N PHE Y 491 102.17 61.35 -48.63
CA PHE Y 491 102.50 59.96 -48.36
C PHE Y 491 102.24 59.07 -49.56
N ALA Y 492 101.15 59.32 -50.30
CA ALA Y 492 100.90 58.58 -51.53
C ALA Y 492 101.96 58.87 -52.58
N PHE Y 493 102.35 60.14 -52.70
CA PHE Y 493 103.42 60.48 -53.64
C PHE Y 493 104.74 59.85 -53.23
N TYR Y 494 105.01 59.78 -51.92
CA TYR Y 494 106.20 59.09 -51.43
C TYR Y 494 106.11 57.58 -51.66
N PHE Y 495 104.90 57.01 -51.60
CA PHE Y 495 104.72 55.61 -51.98
C PHE Y 495 105.17 55.39 -53.42
N SER Y 496 104.69 56.23 -54.34
CA SER Y 496 105.05 56.09 -55.75
C SER Y 496 106.55 56.30 -55.96
N ALA Y 497 107.12 57.30 -55.28
CA ALA Y 497 108.55 57.58 -55.41
C ALA Y 497 109.39 56.43 -54.87
N THR Y 498 108.99 55.84 -53.74
CA THR Y 498 109.71 54.70 -53.18
C THR Y 498 109.60 53.48 -54.09
N VAL Y 499 108.43 53.27 -54.69
CA VAL Y 499 108.25 52.16 -55.63
C VAL Y 499 109.21 52.32 -56.80
N PHE Y 500 109.24 53.50 -57.40
CA PHE Y 500 110.06 53.70 -58.59
C PHE Y 500 111.54 53.87 -58.27
N SER Y 501 111.89 54.13 -57.00
CA SER Y 501 113.29 54.14 -56.61
C SER Y 501 113.80 52.74 -56.32
N ASN Y 502 112.99 51.91 -55.66
CA ASN Y 502 113.37 50.54 -55.36
C ASN Y 502 113.32 49.65 -56.60
N MET Y 503 112.51 50.02 -57.60
CA MET Y 503 112.36 49.17 -58.77
C MET Y 503 113.48 49.38 -59.79
N CYS Y 504 114.26 50.45 -59.66
CA CYS Y 504 115.39 50.70 -60.56
C CYS Y 504 116.61 49.84 -60.26
N SER Y 505 116.78 49.38 -59.02
CA SER Y 505 118.04 48.76 -58.63
C SER Y 505 118.20 47.35 -59.19
N ILE Y 506 117.10 46.58 -59.28
CA ILE Y 506 117.19 45.20 -59.74
C ILE Y 506 117.71 45.08 -61.17
N PRO Y 507 117.23 45.84 -62.16
CA PRO Y 507 117.84 45.76 -63.50
C PRO Y 507 119.31 46.14 -63.52
N VAL Y 508 119.76 47.02 -62.63
CA VAL Y 508 121.18 47.39 -62.58
C VAL Y 508 122.03 46.18 -62.19
N ILE Y 509 121.59 45.44 -61.16
CA ILE Y 509 122.33 44.26 -60.73
C ILE Y 509 122.25 43.16 -61.78
N SER Y 510 121.10 43.04 -62.46
CA SER Y 510 121.00 42.09 -63.56
C SER Y 510 121.95 42.44 -64.69
N ILE Y 511 122.13 43.73 -64.97
CA ILE Y 511 123.11 44.19 -65.95
C ILE Y 511 124.52 43.83 -65.49
N ILE Y 512 124.80 44.02 -64.19
CA ILE Y 512 126.11 43.70 -63.63
C ILE Y 512 126.43 42.22 -63.81
N LEU Y 513 125.42 41.36 -63.67
CA LEU Y 513 125.64 39.93 -63.86
C LEU Y 513 126.07 39.59 -65.28
N GLN Y 514 125.53 40.28 -66.29
CA GLN Y 514 125.71 39.87 -67.68
C GLN Y 514 127.16 40.07 -68.15
N SER Y 515 127.78 41.18 -67.78
CA SER Y 515 129.05 41.58 -68.37
C SER Y 515 130.25 40.93 -67.70
N VAL Y 516 130.04 40.05 -66.73
CA VAL Y 516 131.13 39.45 -65.95
C VAL Y 516 131.02 37.94 -66.14
N PRO Y 517 132.13 37.24 -66.42
CA PRO Y 517 132.08 35.77 -66.52
C PRO Y 517 131.75 35.12 -65.19
N ALA Y 518 131.45 33.82 -65.27
CA ALA Y 518 130.98 33.09 -64.09
C ALA Y 518 132.08 32.95 -63.04
N ASN Y 519 133.32 32.75 -63.47
CA ASN Y 519 134.40 32.53 -62.50
C ASN Y 519 134.80 33.80 -61.78
N PHE Y 520 134.52 34.97 -62.36
CA PHE Y 520 134.91 36.24 -61.77
C PHE Y 520 133.73 36.98 -61.13
N THR Y 521 132.54 36.40 -61.15
CA THR Y 521 131.34 37.10 -60.67
C THR Y 521 131.41 37.42 -59.18
N SER Y 522 132.31 36.78 -58.43
CA SER Y 522 132.45 37.06 -57.01
C SER Y 522 132.92 38.49 -56.74
N LEU Y 523 133.90 38.97 -57.50
CA LEU Y 523 134.53 40.25 -57.18
C LEU Y 523 133.73 41.47 -57.63
N SER Y 524 132.76 41.29 -58.54
CA SER Y 524 131.99 42.42 -59.03
C SER Y 524 131.15 43.05 -57.93
N LEU Y 525 130.53 42.22 -57.10
CA LEU Y 525 129.73 42.73 -55.99
C LEU Y 525 130.59 43.50 -55.00
N GLY Y 526 131.79 42.98 -54.70
CA GLY Y 526 132.69 43.69 -53.80
C GLY Y 526 133.19 45.00 -54.39
N VAL Y 527 133.46 45.01 -55.70
CA VAL Y 527 133.90 46.24 -56.37
C VAL Y 527 132.81 47.30 -56.31
N THR Y 528 131.55 46.90 -56.55
CA THR Y 528 130.45 47.85 -56.46
C THR Y 528 130.23 48.31 -55.01
N TYR Y 529 130.35 47.39 -54.05
CA TYR Y 529 130.06 47.72 -52.67
C TYR Y 529 131.14 48.59 -52.05
N ALA Y 530 132.36 48.53 -52.57
CA ALA Y 530 133.40 49.46 -52.12
C ALA Y 530 133.05 50.91 -52.46
N ILE Y 531 132.60 51.15 -53.69
CA ILE Y 531 132.10 52.47 -54.08
C ILE Y 531 130.82 52.82 -53.35
N VAL Y 532 130.01 51.83 -52.99
CA VAL Y 532 128.79 52.08 -52.23
C VAL Y 532 129.12 52.70 -50.87
N LYS Y 533 130.13 52.17 -50.18
CA LYS Y 533 130.40 52.57 -48.80
C LYS Y 533 131.50 53.61 -48.65
N PHE Y 534 132.36 53.81 -49.65
CA PHE Y 534 133.45 54.77 -49.50
C PHE Y 534 133.18 56.07 -50.25
N VAL Y 535 132.91 55.96 -51.55
CA VAL Y 535 132.69 57.16 -52.37
C VAL Y 535 131.38 57.84 -52.01
N ALA Y 536 130.33 57.06 -51.75
CA ALA Y 536 129.00 57.62 -51.50
C ALA Y 536 128.78 57.93 -50.01
N SER Y 537 129.05 56.96 -49.14
CA SER Y 537 128.61 57.04 -47.75
C SER Y 537 129.49 57.93 -46.88
N VAL Y 538 130.70 58.26 -47.30
CA VAL Y 538 131.58 59.08 -46.46
C VAL Y 538 131.29 60.58 -46.59
N PRO Y 539 131.20 61.18 -47.78
CA PRO Y 539 130.97 62.64 -47.81
C PRO Y 539 129.51 63.06 -47.77
N ALA Y 540 128.58 62.10 -47.95
CA ALA Y 540 127.17 62.43 -47.91
C ALA Y 540 126.70 63.00 -46.57
N PRO Y 541 127.05 62.43 -45.40
CA PRO Y 541 126.66 63.09 -44.15
C PRO Y 541 127.29 64.46 -43.94
N LEU Y 542 128.52 64.68 -44.43
CA LEU Y 542 129.10 66.01 -44.35
C LEU Y 542 128.32 67.01 -45.20
N LEU Y 543 127.91 66.59 -46.40
CA LEU Y 543 127.07 67.45 -47.25
C LEU Y 543 125.72 67.70 -46.61
N PHE Y 544 125.14 66.68 -45.97
CA PHE Y 544 123.86 66.85 -45.27
C PHE Y 544 123.99 67.83 -44.12
N ARG Y 545 125.11 67.75 -43.38
CA ARG Y 545 125.34 68.69 -42.28
C ARG Y 545 125.56 70.10 -42.80
N LEU Y 546 126.24 70.24 -43.94
CA LEU Y 546 126.42 71.56 -44.54
C LEU Y 546 125.08 72.16 -44.96
N SER Y 547 124.22 71.36 -45.60
CA SER Y 547 122.90 71.85 -45.98
C SER Y 547 122.05 72.16 -44.76
N SER Y 548 122.16 71.34 -43.71
CA SER Y 548 121.40 71.58 -42.48
C SER Y 548 121.87 72.85 -41.79
N ALA Y 549 123.17 73.12 -41.83
CA ALA Y 549 123.69 74.35 -41.24
C ALA Y 549 123.31 75.57 -42.07
N ILE Y 550 123.23 75.40 -43.39
CA ILE Y 550 122.73 76.49 -44.24
C ILE Y 550 121.28 76.80 -43.90
N ALA Y 551 120.47 75.77 -43.73
CA ALA Y 551 119.06 75.97 -43.41
C ALA Y 551 118.86 76.53 -41.99
N CYS Y 552 119.49 75.91 -41.00
CA CYS Y 552 119.28 76.26 -39.59
C CYS Y 552 120.24 77.38 -39.20
N ILE Y 553 119.90 78.59 -39.66
CA ILE Y 553 120.73 79.74 -39.37
C ILE Y 553 120.60 80.13 -37.89
N TYR Y 554 119.39 80.10 -37.35
CA TYR Y 554 119.12 80.60 -36.01
C TYR Y 554 119.32 79.47 -34.99
N TRP Y 555 120.60 79.18 -34.71
CA TRP Y 555 120.92 78.22 -33.67
C TRP Y 555 120.70 78.83 -32.29
N ASP Y 556 120.66 77.97 -31.28
CA ASP Y 556 120.45 78.40 -29.89
C ASP Y 556 121.80 78.80 -29.31
N ASN Y 557 122.18 80.05 -29.56
CA ASN Y 557 123.49 80.55 -29.13
C ASN Y 557 123.51 80.97 -27.67
N ASN Y 558 122.34 81.10 -27.02
CA ASN Y 558 122.31 81.57 -25.64
C ASN Y 558 122.89 80.53 -24.69
N ARG Y 559 122.45 79.27 -24.81
CA ARG Y 559 122.94 78.19 -23.95
C ARG Y 559 123.54 77.04 -24.74
N CYS Y 560 122.88 76.61 -25.82
CA CYS Y 560 123.29 75.39 -26.50
C CYS Y 560 124.66 75.53 -27.15
N GLY Y 561 124.92 76.67 -27.78
CA GLY Y 561 126.28 76.99 -28.21
C GLY Y 561 126.68 76.51 -29.59
N GLY Y 562 127.46 75.43 -29.63
CA GLY Y 562 128.09 75.00 -30.87
C GLY Y 562 127.22 74.21 -31.82
N LYS Y 563 126.04 74.75 -32.12
CA LYS Y 563 125.12 74.18 -33.11
C LYS Y 563 124.72 72.74 -32.77
N GLU Y 564 124.04 72.60 -31.64
CA GLU Y 564 123.56 71.29 -31.20
C GLU Y 564 122.04 71.16 -31.27
N ARG Y 565 121.30 72.26 -31.26
CA ARG Y 565 119.84 72.21 -31.32
C ARG Y 565 119.33 73.54 -31.83
N CYS Y 566 118.66 73.52 -32.97
CA CYS Y 566 118.05 74.72 -33.55
C CYS Y 566 116.54 74.71 -33.30
N TRP Y 567 115.90 75.83 -33.66
CA TRP Y 567 114.47 75.96 -33.42
C TRP Y 567 113.72 76.43 -34.66
N ILE Y 568 114.37 77.21 -35.52
CA ILE Y 568 113.74 77.74 -36.73
C ILE Y 568 114.32 76.97 -37.91
N TYR Y 569 113.54 76.04 -38.44
CA TYR Y 569 113.90 75.27 -39.62
C TYR Y 569 113.12 75.83 -40.80
N ASN Y 570 113.81 76.61 -41.64
CA ASN Y 570 113.16 77.36 -42.71
C ASN Y 570 112.65 76.42 -43.78
N LYS Y 571 111.31 76.27 -43.85
CA LYS Y 571 110.68 75.25 -44.69
C LYS Y 571 110.98 75.46 -46.16
N ASN Y 572 110.86 76.71 -46.63
CA ASN Y 572 111.08 76.99 -48.05
C ASN Y 572 112.52 76.71 -48.46
N ILE Y 573 113.49 77.13 -47.63
CA ILE Y 573 114.89 76.94 -47.98
C ILE Y 573 115.27 75.46 -47.94
N LEU Y 574 114.82 74.73 -46.91
CA LEU Y 574 115.14 73.31 -46.84
C LEU Y 574 114.50 72.53 -47.99
N VAL Y 575 113.25 72.85 -48.32
CA VAL Y 575 112.56 72.18 -49.42
C VAL Y 575 113.27 72.46 -50.74
N TYR Y 576 113.63 73.72 -50.98
CA TYR Y 576 114.28 74.10 -52.23
C TYR Y 576 115.65 73.43 -52.36
N GLU Y 577 116.44 73.44 -51.29
CA GLU Y 577 117.78 72.87 -51.35
C GLU Y 577 117.76 71.35 -51.51
N PHE Y 578 116.91 70.66 -50.72
CA PHE Y 578 116.86 69.21 -50.82
C PHE Y 578 116.28 68.78 -52.17
N MET Y 579 115.32 69.53 -52.70
CA MET Y 579 114.77 69.19 -54.01
C MET Y 579 115.76 69.47 -55.12
N GLY Y 580 116.56 70.54 -55.00
CA GLY Y 580 117.63 70.75 -55.95
C GLY Y 580 118.66 69.64 -55.93
N ILE Y 581 119.01 69.16 -54.74
CA ILE Y 581 119.98 68.07 -54.62
C ILE Y 581 119.40 66.79 -55.23
N TRP Y 582 118.14 66.48 -54.92
CA TRP Y 582 117.51 65.27 -55.45
C TRP Y 582 117.36 65.34 -56.96
N MET Y 583 116.97 66.51 -57.49
CA MET Y 583 116.83 66.68 -58.92
C MET Y 583 118.17 66.59 -59.62
N SER Y 584 119.23 67.13 -59.01
CA SER Y 584 120.56 67.01 -59.59
C SER Y 584 121.02 65.55 -59.63
N SER Y 585 120.76 64.81 -58.55
CA SER Y 585 121.13 63.39 -58.54
C SER Y 585 120.34 62.60 -59.58
N GLN Y 586 119.04 62.86 -59.69
CA GLN Y 586 118.21 62.15 -60.66
C GLN Y 586 118.59 62.50 -62.09
N LEU Y 587 118.94 63.77 -62.34
CA LEU Y 587 119.39 64.17 -63.67
C LEU Y 587 120.76 63.58 -63.99
N ILE Y 588 121.62 63.42 -62.99
CA ILE Y 588 122.88 62.72 -63.18
C ILE Y 588 122.63 61.27 -63.58
N ILE Y 589 121.67 60.63 -62.90
CA ILE Y 589 121.29 59.26 -63.24
C ILE Y 589 120.75 59.19 -64.68
N VAL Y 590 119.91 60.16 -65.05
CA VAL Y 590 119.33 60.17 -66.39
C VAL Y 590 120.42 60.36 -67.46
N LEU Y 591 121.36 61.28 -67.21
CA LEU Y 591 122.45 61.50 -68.15
C LEU Y 591 123.35 60.28 -68.26
N LEU Y 592 123.62 59.61 -67.14
CA LEU Y 592 124.41 58.39 -67.17
C LEU Y 592 123.69 57.29 -67.95
N ASN Y 593 122.37 57.18 -67.78
CA ASN Y 593 121.62 56.18 -68.53
C ASN Y 593 121.58 56.49 -70.02
N ILE Y 594 121.46 57.77 -70.38
CA ILE Y 594 121.44 58.13 -71.79
C ILE Y 594 122.82 58.01 -72.43
N TYR Y 595 123.89 58.07 -71.62
CA TYR Y 595 125.21 57.73 -72.14
C TYR Y 595 125.36 56.23 -72.29
N ALA Y 596 124.88 55.46 -71.30
CA ALA Y 596 125.07 54.02 -71.28
C ALA Y 596 124.25 53.32 -72.36
N ILE Y 597 123.10 53.89 -72.74
CA ILE Y 597 122.31 53.31 -73.82
C ILE Y 597 123.09 53.33 -75.12
N GLN Y 598 123.68 54.48 -75.45
CA GLN Y 598 124.50 54.60 -76.66
C GLN Y 598 125.76 53.75 -76.56
N ILE Y 599 126.38 53.71 -75.37
CA ILE Y 599 127.60 52.93 -75.18
C ILE Y 599 127.31 51.44 -75.39
N HIS Y 600 126.22 50.95 -74.79
CA HIS Y 600 125.86 49.55 -74.93
C HIS Y 600 125.43 49.21 -76.34
N ASP Y 601 124.76 50.15 -77.02
CA ASP Y 601 124.41 49.94 -78.43
C ASP Y 601 125.66 49.84 -79.30
N VAL Y 602 126.65 50.69 -79.04
CA VAL Y 602 127.91 50.64 -79.79
C VAL Y 602 128.64 49.33 -79.52
N VAL Y 603 128.68 48.89 -78.26
CA VAL Y 603 129.35 47.65 -77.91
C VAL Y 603 128.65 46.45 -78.54
N VAL Y 604 127.32 46.44 -78.50
CA VAL Y 604 126.54 45.35 -79.10
C VAL Y 604 126.75 45.30 -80.61
N HIS Y 605 126.74 46.48 -81.26
CA HIS Y 605 126.98 46.53 -82.70
C HIS Y 605 128.39 46.05 -83.05
N GLY Y 606 129.37 46.40 -82.23
CA GLY Y 606 130.73 45.93 -82.48
C GLY Y 606 130.87 44.43 -82.30
N GLU Y 607 130.20 43.88 -81.28
CA GLU Y 607 130.31 42.44 -81.02
C GLU Y 607 129.42 41.59 -81.92
N ILE Y 608 128.45 42.20 -82.60
CA ILE Y 608 127.57 41.47 -83.52
C ILE Y 608 128.06 41.58 -84.95
N THR Y 609 128.40 42.79 -85.39
CA THR Y 609 128.79 43.18 -86.76
C THR Y 609 128.01 42.41 -87.82
N GLU Y 610 126.68 42.49 -87.73
CA GLU Y 610 125.79 41.85 -88.68
C GLU Y 610 125.86 42.51 -90.05
N MET Z 1 -15.56 -5.67 -87.56
CA MET Z 1 -15.32 -6.97 -86.95
C MET Z 1 -16.35 -7.27 -85.85
N ARG Z 2 -16.00 -8.15 -84.91
CA ARG Z 2 -16.96 -8.59 -83.90
C ARG Z 2 -16.93 -7.62 -82.72
N TRP Z 3 -17.82 -6.62 -82.75
CA TRP Z 3 -17.82 -5.62 -81.69
C TRP Z 3 -18.30 -6.20 -80.36
N ARG Z 4 -19.06 -7.30 -80.39
CA ARG Z 4 -19.33 -8.05 -79.18
C ARG Z 4 -18.03 -8.46 -78.50
N ASP Z 5 -17.12 -9.07 -79.26
CA ASP Z 5 -15.85 -9.51 -78.71
C ASP Z 5 -14.92 -8.33 -78.41
N ARG Z 6 -15.06 -7.23 -79.16
CA ARG Z 6 -14.27 -6.04 -78.88
C ARG Z 6 -14.65 -5.43 -77.53
N ILE Z 7 -15.94 -5.36 -77.23
CA ILE Z 7 -16.40 -4.80 -75.96
C ILE Z 7 -16.41 -5.82 -74.84
N ALA Z 8 -16.24 -7.11 -75.14
CA ALA Z 8 -16.31 -8.13 -74.12
C ALA Z 8 -15.11 -8.10 -73.17
N VAL Z 9 -13.90 -8.35 -73.70
CA VAL Z 9 -12.76 -8.65 -72.85
C VAL Z 9 -11.49 -8.00 -73.37
N LEU Z 10 -10.55 -7.80 -72.44
CA LEU Z 10 -9.12 -7.60 -72.66
C LEU Z 10 -8.71 -6.25 -73.24
N CYS Z 11 -9.66 -5.45 -73.69
CA CYS Z 11 -9.33 -4.16 -74.31
C CYS Z 11 -10.61 -3.38 -74.55
N PHE Z 12 -10.44 -2.19 -75.11
CA PHE Z 12 -11.48 -1.33 -75.65
C PHE Z 12 -11.02 -0.79 -76.99
N PRO Z 13 -11.95 -0.45 -77.88
CA PRO Z 13 -11.57 0.21 -79.15
C PRO Z 13 -10.87 1.52 -78.88
N PRO Z 14 -9.98 1.97 -79.77
CA PRO Z 14 -9.16 3.15 -79.47
C PRO Z 14 -10.03 4.40 -79.32
N GLY Z 15 -9.69 5.24 -78.34
CA GLY Z 15 -10.61 6.29 -77.92
C GLY Z 15 -11.77 5.69 -77.15
N LEU Z 16 -12.85 6.48 -77.00
CA LEU Z 16 -14.17 6.04 -76.49
C LEU Z 16 -14.20 5.56 -75.04
N MET Z 17 -13.02 5.56 -74.43
CA MET Z 17 -12.76 5.50 -73.00
C MET Z 17 -12.87 6.89 -72.36
N LEU Z 18 -12.13 7.86 -72.88
CA LEU Z 18 -12.12 9.20 -72.30
C LEU Z 18 -13.46 9.90 -72.49
N THR Z 19 -14.12 9.62 -73.62
CA THR Z 19 -15.45 10.19 -73.86
C THR Z 19 -16.46 9.71 -72.83
N VAL Z 20 -16.47 8.41 -72.54
CA VAL Z 20 -17.40 7.86 -71.55
C VAL Z 20 -17.07 8.37 -70.15
N ALA Z 21 -15.76 8.46 -69.83
CA ALA Z 21 -15.36 9.03 -68.56
C ALA Z 21 -15.81 10.49 -68.42
N ALA Z 22 -15.70 11.26 -69.51
CA ALA Z 22 -16.17 12.64 -69.49
C ALA Z 22 -17.69 12.70 -69.35
N LEU Z 23 -18.40 11.72 -69.91
CA LEU Z 23 -19.85 11.65 -69.72
C LEU Z 23 -20.21 11.43 -68.25
N ILE Z 24 -19.54 10.50 -67.58
CA ILE Z 24 -19.87 10.24 -66.18
C ILE Z 24 -19.44 11.40 -65.29
N LEU Z 25 -18.33 12.07 -65.65
CA LEU Z 25 -17.92 13.28 -64.94
C LEU Z 25 -18.97 14.38 -65.12
N PHE Z 26 -19.50 14.50 -66.33
CA PHE Z 26 -20.58 15.44 -66.61
C PHE Z 26 -21.81 15.11 -65.77
N PHE Z 27 -22.13 13.83 -65.63
CA PHE Z 27 -23.29 13.43 -64.82
C PHE Z 27 -23.12 13.85 -63.37
N ILE Z 28 -22.01 13.45 -62.74
CA ILE Z 28 -21.81 13.76 -61.33
C ILE Z 28 -21.67 15.27 -61.11
N HIS Z 29 -21.19 16.00 -62.12
CA HIS Z 29 -21.00 17.43 -61.96
C HIS Z 29 -22.29 18.23 -62.17
N MET Z 30 -23.19 17.81 -63.07
CA MET Z 30 -24.57 18.29 -62.99
C MET Z 30 -25.23 17.97 -61.65
N GLY Z 31 -24.97 16.79 -61.07
CA GLY Z 31 -25.53 16.52 -59.75
C GLY Z 31 -25.11 17.54 -58.71
N VAL Z 32 -23.80 17.78 -58.61
CA VAL Z 32 -23.32 18.71 -57.59
C VAL Z 32 -23.68 20.15 -57.92
N PHE Z 33 -23.69 20.52 -59.21
CA PHE Z 33 -24.06 21.88 -59.59
C PHE Z 33 -25.53 22.16 -59.30
N ALA Z 34 -26.40 21.19 -59.57
CA ALA Z 34 -27.82 21.33 -59.27
C ALA Z 34 -28.04 21.41 -57.77
N SER Z 35 -27.32 20.60 -56.98
CA SER Z 35 -27.41 20.72 -55.53
C SER Z 35 -26.96 22.09 -55.06
N ASP Z 36 -25.89 22.63 -55.66
CA ASP Z 36 -25.37 23.93 -55.26
C ASP Z 36 -26.36 25.04 -55.55
N VAL Z 37 -26.94 25.06 -56.76
CA VAL Z 37 -27.89 26.12 -57.08
C VAL Z 37 -29.16 25.98 -56.24
N HIS Z 38 -29.59 24.74 -55.97
CA HIS Z 38 -30.75 24.50 -55.13
C HIS Z 38 -30.56 25.08 -53.74
N ASN Z 39 -29.45 24.71 -53.09
CA ASN Z 39 -29.22 25.14 -51.72
C ASN Z 39 -28.84 26.62 -51.64
N PHE Z 40 -28.30 27.18 -52.73
CA PHE Z 40 -28.04 28.62 -52.75
C PHE Z 40 -29.31 29.42 -53.01
N CYS Z 41 -30.31 28.83 -53.65
CA CYS Z 41 -31.48 29.62 -54.02
C CYS Z 41 -32.60 29.55 -52.97
N VAL Z 42 -32.97 28.36 -52.50
CA VAL Z 42 -34.16 28.22 -51.64
C VAL Z 42 -33.82 27.78 -50.21
N ILE Z 43 -33.27 26.57 -50.05
CA ILE Z 43 -33.39 25.88 -48.76
C ILE Z 43 -32.43 26.45 -47.72
N HIS Z 44 -31.32 27.05 -48.16
CA HIS Z 44 -30.47 27.92 -47.33
C HIS Z 44 -29.94 27.20 -46.09
N ASN Z 45 -29.11 26.19 -46.32
CA ASN Z 45 -28.45 25.41 -45.27
C ASN Z 45 -26.95 25.31 -45.57
N TYR Z 46 -26.33 26.47 -45.75
CA TYR Z 46 -24.93 26.62 -46.16
C TYR Z 46 -23.94 25.71 -45.43
N ASP Z 47 -24.28 25.24 -44.23
CA ASP Z 47 -23.42 24.29 -43.53
C ASP Z 47 -23.25 22.99 -44.30
N HIS Z 48 -24.23 22.66 -45.15
CA HIS Z 48 -24.15 21.49 -46.01
C HIS Z 48 -23.91 21.85 -47.48
N MET Z 49 -23.35 23.04 -47.74
CA MET Z 49 -22.85 23.39 -49.07
C MET Z 49 -21.69 22.49 -49.49
N SER Z 50 -21.25 22.71 -50.72
CA SER Z 50 -19.92 22.28 -51.12
C SER Z 50 -18.94 23.43 -50.89
N PHE Z 51 -18.99 24.02 -49.69
CA PHE Z 51 -17.97 24.98 -49.27
C PHE Z 51 -16.71 24.29 -48.80
N ARG Z 52 -16.79 22.99 -48.54
CA ARG Z 52 -15.69 22.22 -47.98
C ARG Z 52 -14.78 21.65 -49.06
N TYR Z 53 -15.35 21.07 -50.11
CA TYR Z 53 -14.60 20.56 -51.25
C TYR Z 53 -14.69 21.62 -52.36
N THR Z 54 -13.63 22.40 -52.51
CA THR Z 54 -13.63 23.51 -53.44
C THR Z 54 -12.55 23.46 -54.51
N VAL Z 55 -11.40 22.84 -54.24
CA VAL Z 55 -10.29 22.87 -55.18
C VAL Z 55 -10.11 21.52 -55.85
N VAL Z 56 -10.50 20.43 -55.18
CA VAL Z 56 -10.34 19.11 -55.76
C VAL Z 56 -11.32 18.90 -56.91
N LEU Z 57 -12.53 19.45 -56.80
CA LEU Z 57 -13.46 19.33 -57.90
C LEU Z 57 -13.14 20.30 -59.04
N ILE Z 58 -12.40 21.38 -58.74
CA ILE Z 58 -11.88 22.26 -59.79
C ILE Z 58 -10.79 21.52 -60.57
N PHE Z 59 -9.94 20.78 -59.84
CA PHE Z 59 -8.94 19.92 -60.47
C PHE Z 59 -9.60 18.84 -61.31
N SER Z 60 -10.67 18.24 -60.79
CA SER Z 60 -11.45 17.29 -61.55
C SER Z 60 -12.04 17.93 -62.80
N GLN Z 61 -12.44 19.20 -62.68
CA GLN Z 61 -13.03 19.91 -63.81
C GLN Z 61 -12.00 20.07 -64.93
N VAL Z 62 -10.81 20.55 -64.58
CA VAL Z 62 -9.80 20.80 -65.61
C VAL Z 62 -9.26 19.50 -66.19
N ILE Z 63 -9.12 18.44 -65.37
CA ILE Z 63 -8.65 17.19 -65.95
C ILE Z 63 -9.74 16.57 -66.84
N SER Z 64 -11.02 16.76 -66.50
CA SER Z 64 -12.08 16.27 -67.36
C SER Z 64 -12.10 17.02 -68.69
N ILE Z 65 -11.85 18.34 -68.65
CA ILE Z 65 -11.70 19.13 -69.87
C ILE Z 65 -10.56 18.57 -70.72
N GLY Z 66 -9.42 18.30 -70.06
CA GLY Z 66 -8.27 17.77 -70.78
C GLY Z 66 -8.52 16.42 -71.40
N TRP Z 67 -9.22 15.53 -70.68
CA TRP Z 67 -9.48 14.20 -71.21
C TRP Z 67 -10.50 14.25 -72.33
N ALA Z 68 -11.48 15.15 -72.24
CA ALA Z 68 -12.41 15.32 -73.35
C ALA Z 68 -11.70 15.80 -74.61
N ALA Z 69 -10.81 16.78 -74.47
CA ALA Z 69 -10.05 17.27 -75.62
C ALA Z 69 -9.13 16.19 -76.17
N MET Z 70 -8.49 15.43 -75.28
CA MET Z 70 -7.55 14.40 -75.70
C MET Z 70 -8.27 13.25 -76.40
N GLY Z 71 -9.45 12.86 -75.92
CA GLY Z 71 -10.24 11.87 -76.62
C GLY Z 71 -10.75 12.36 -77.96
N SER Z 72 -11.11 13.64 -78.04
CA SER Z 72 -11.51 14.22 -79.33
C SER Z 72 -10.36 14.16 -80.32
N LEU Z 73 -9.16 14.51 -79.87
CA LEU Z 73 -7.98 14.47 -80.74
C LEU Z 73 -7.66 13.04 -81.16
N TYR Z 74 -7.84 12.08 -80.25
CA TYR Z 74 -7.55 10.68 -80.55
C TYR Z 74 -8.61 10.01 -81.42
N ALA Z 75 -9.83 10.55 -81.45
CA ALA Z 75 -10.90 9.97 -82.24
C ALA Z 75 -11.23 10.75 -83.51
N GLU Z 76 -10.57 11.89 -83.75
CA GLU Z 76 -10.88 12.65 -84.96
C GLU Z 76 -10.49 11.89 -86.23
N MET Z 77 -9.41 11.10 -86.20
CA MET Z 77 -8.91 10.49 -87.43
C MET Z 77 -9.72 9.28 -87.89
N THR Z 78 -10.89 9.02 -87.30
CA THR Z 78 -11.70 7.89 -87.72
C THR Z 78 -12.37 8.12 -89.08
N GLY Z 79 -12.38 9.36 -89.58
CA GLY Z 79 -12.99 9.65 -90.86
C GLY Z 79 -14.50 9.72 -90.84
N ASP Z 80 -15.13 9.60 -89.68
CA ASP Z 80 -16.58 9.60 -89.54
C ASP Z 80 -17.02 10.89 -88.88
N LYS Z 81 -18.05 11.52 -89.45
CA LYS Z 81 -18.48 12.83 -88.95
C LYS Z 81 -19.23 12.71 -87.63
N PHE Z 82 -19.89 11.58 -87.38
CA PHE Z 82 -20.66 11.43 -86.14
C PHE Z 82 -19.76 11.42 -84.92
N LEU Z 83 -18.62 10.74 -84.98
CA LEU Z 83 -17.69 10.72 -83.86
C LEU Z 83 -17.11 12.10 -83.58
N ARG Z 84 -16.76 12.83 -84.63
CA ARG Z 84 -16.23 14.18 -84.47
C ARG Z 84 -17.28 15.11 -83.87
N CYS Z 85 -18.53 14.99 -84.34
CA CYS Z 85 -19.62 15.79 -83.76
C CYS Z 85 -19.84 15.44 -82.30
N PHE Z 86 -19.79 14.14 -81.96
CA PHE Z 86 -19.93 13.68 -80.59
C PHE Z 86 -18.86 14.32 -79.69
N ALA Z 87 -17.60 14.22 -80.12
CA ALA Z 87 -16.49 14.73 -79.33
C ALA Z 87 -16.54 16.25 -79.21
N LEU Z 88 -16.86 16.95 -80.30
CA LEU Z 88 -16.94 18.41 -80.24
C LEU Z 88 -18.10 18.86 -79.35
N THR Z 89 -19.23 18.18 -79.41
CA THR Z 89 -20.36 18.55 -78.57
C THR Z 89 -20.05 18.33 -77.09
N ILE Z 90 -19.43 17.19 -76.75
CA ILE Z 90 -19.12 16.96 -75.34
C ILE Z 90 -18.06 17.94 -74.85
N LEU Z 91 -17.10 18.28 -75.70
CA LEU Z 91 -16.10 19.29 -75.35
C LEU Z 91 -16.75 20.65 -75.11
N ILE Z 92 -17.69 21.03 -75.99
CA ILE Z 92 -18.34 22.34 -75.87
C ILE Z 92 -19.19 22.42 -74.61
N LEU Z 93 -19.97 21.37 -74.33
CA LEU Z 93 -20.79 21.40 -73.12
C LEU Z 93 -19.94 21.39 -71.87
N ASN Z 94 -18.82 20.65 -71.88
CA ASN Z 94 -17.93 20.66 -70.72
C ASN Z 94 -17.27 22.02 -70.52
N GLY Z 95 -16.88 22.68 -71.60
CA GLY Z 95 -16.27 24.00 -71.47
C GLY Z 95 -17.23 25.07 -70.97
N ALA Z 96 -18.44 25.08 -71.53
CA ALA Z 96 -19.44 26.04 -71.06
C ALA Z 96 -19.86 25.72 -69.63
N MET Z 97 -19.94 24.43 -69.31
CA MET Z 97 -20.09 23.99 -67.93
C MET Z 97 -19.01 24.58 -67.03
N PHE Z 98 -17.75 24.53 -67.47
CA PHE Z 98 -16.65 25.00 -66.64
C PHE Z 98 -16.76 26.49 -66.41
N PHE Z 99 -17.08 27.24 -67.47
CA PHE Z 99 -17.25 28.69 -67.33
C PHE Z 99 -18.40 29.02 -66.39
N ASN Z 100 -19.50 28.27 -66.50
CA ASN Z 100 -20.66 28.51 -65.62
C ASN Z 100 -20.31 28.27 -64.16
N ARG Z 101 -19.62 27.16 -63.86
CA ARG Z 101 -19.30 26.89 -62.48
C ARG Z 101 -18.22 27.84 -61.95
N LEU Z 102 -17.29 28.28 -62.82
CA LEU Z 102 -16.32 29.28 -62.40
C LEU Z 102 -17.01 30.60 -62.06
N CYS Z 103 -17.99 31.00 -62.86
CA CYS Z 103 -18.75 32.21 -62.57
C CYS Z 103 -19.55 32.07 -61.27
N LEU Z 104 -20.15 30.90 -61.05
CA LEU Z 104 -20.89 30.69 -59.81
C LEU Z 104 -19.98 30.73 -58.59
N GLU Z 105 -18.80 30.10 -58.68
CA GLU Z 105 -17.85 30.15 -57.58
C GLU Z 105 -17.38 31.57 -57.33
N PHE Z 106 -17.06 32.32 -58.39
CA PHE Z 106 -16.62 33.71 -58.24
C PHE Z 106 -17.72 34.60 -57.68
N LEU Z 107 -18.98 34.27 -57.95
CA LEU Z 107 -20.08 34.98 -57.30
C LEU Z 107 -20.17 34.61 -55.83
N ALA Z 108 -19.85 33.35 -55.50
CA ALA Z 108 -19.92 32.87 -54.11
C ALA Z 108 -18.53 32.98 -53.47
N ILE Z 109 -18.13 34.22 -53.19
CA ILE Z 109 -16.94 34.50 -52.39
C ILE Z 109 -17.25 34.80 -50.94
N ASN Z 110 -18.23 35.66 -50.66
CA ASN Z 110 -18.46 36.20 -49.33
C ASN Z 110 -19.10 35.20 -48.37
N TYR Z 111 -19.22 33.93 -48.76
CA TYR Z 111 -19.95 32.95 -47.97
C TYR Z 111 -19.08 31.83 -47.43
N ARG Z 112 -17.81 31.74 -47.83
CA ARG Z 112 -16.97 30.57 -47.50
C ARG Z 112 -16.17 30.79 -46.22
N GLU Z 113 -15.25 31.75 -46.24
CA GLU Z 113 -14.28 31.97 -45.18
C GLU Z 113 -13.48 33.23 -45.51
N GLU Z 114 -12.68 33.72 -44.57
CA GLU Z 114 -11.95 34.97 -44.78
C GLU Z 114 -10.50 34.82 -44.35
N ARG Z 115 -9.58 35.23 -45.23
CA ARG Z 115 -8.18 35.34 -44.88
C ARG Z 115 -7.69 36.78 -45.05
N UNK AA 1 -27.66 37.99 -53.86
CA UNK AA 1 -27.89 38.44 -55.23
C UNK AA 1 -27.57 37.34 -56.23
N UNK AA 2 -28.62 36.66 -56.70
CA UNK AA 2 -28.45 35.57 -57.66
C UNK AA 2 -29.66 35.46 -58.56
N UNK AA 3 -30.62 36.37 -58.38
CA UNK AA 3 -31.85 36.36 -59.17
C UNK AA 3 -31.70 37.25 -60.40
N UNK AA 4 -30.57 37.95 -60.50
CA UNK AA 4 -30.34 38.86 -61.61
C UNK AA 4 -28.94 38.67 -62.20
N UNK AA 5 -27.92 38.80 -61.36
CA UNK AA 5 -26.54 38.68 -61.81
C UNK AA 5 -26.19 37.26 -62.23
N UNK AA 6 -26.81 36.28 -61.56
CA UNK AA 6 -26.59 34.88 -61.88
C UNK AA 6 -27.60 34.39 -62.91
N UNK AA 7 -28.61 35.21 -63.18
CA UNK AA 7 -29.64 34.87 -64.15
C UNK AA 7 -29.31 35.45 -65.52
N UNK AA 8 -28.55 36.55 -65.53
CA UNK AA 8 -28.16 37.19 -66.78
C UNK AA 8 -26.88 36.55 -67.32
N UNK AA 9 -26.28 35.66 -66.54
CA UNK AA 9 -25.08 34.96 -66.95
C UNK AA 9 -25.43 33.81 -67.89
N UNK AA 10 -26.63 33.26 -67.70
CA UNK AA 10 -27.10 32.17 -68.55
C UNK AA 10 -27.71 32.71 -69.84
N UNK AA 11 -28.19 33.94 -69.79
CA UNK AA 11 -28.77 34.59 -70.96
C UNK AA 11 -27.70 34.95 -71.97
N UNK AA 12 -26.52 35.33 -71.46
CA UNK AA 12 -25.40 35.68 -72.32
C UNK AA 12 -24.77 34.42 -72.92
N UNK AA 13 -24.83 33.33 -72.17
CA UNK AA 13 -24.27 32.06 -72.63
C UNK AA 13 -25.17 31.45 -73.71
N UNK AA 14 -26.47 31.67 -73.58
CA UNK AA 14 -27.44 31.16 -74.54
C UNK AA 14 -27.39 31.99 -75.82
N UNK AA 15 -27.07 33.26 -75.69
CA UNK AA 15 -26.97 34.15 -76.84
C UNK AA 15 -25.70 33.85 -77.64
N UNK AA 16 -24.66 33.42 -76.94
CA UNK AA 16 -23.39 33.08 -77.58
C UNK AA 16 -23.50 31.73 -78.29
N UNK AA 17 -24.33 30.84 -77.75
CA UNK AA 17 -24.52 29.52 -78.33
C UNK AA 17 -25.39 29.62 -79.58
N UNK AA 18 -26.34 30.56 -79.58
CA UNK AA 18 -27.23 30.76 -80.71
C UNK AA 18 -26.50 31.45 -81.85
N UNK AA 19 -25.56 32.33 -81.51
CA UNK AA 19 -24.78 33.04 -82.52
C UNK AA 19 -23.77 32.10 -83.16
N UNK AA 20 -23.27 31.16 -82.38
CA UNK AA 20 -22.31 30.17 -82.89
C UNK AA 20 -23.02 29.14 -83.75
N UNK AA 21 -24.26 28.85 -83.41
CA UNK AA 21 -25.06 27.90 -84.16
C UNK AA 21 -25.52 28.51 -85.49
N UNK AA 22 -25.78 29.81 -85.47
CA UNK AA 22 -26.20 30.51 -86.68
C UNK AA 22 -25.03 30.69 -87.63
N UNK AA 23 -23.84 30.84 -87.07
CA UNK AA 23 -22.63 31.00 -87.87
C UNK AA 23 -22.21 29.66 -88.46
N UNK AA 24 -22.55 28.58 -87.77
CA UNK AA 24 -22.23 27.24 -88.23
C UNK AA 24 -23.24 26.78 -89.29
N UNK AA 25 -24.48 27.21 -89.15
CA UNK AA 25 -25.53 26.87 -90.11
C UNK AA 25 -25.35 27.66 -91.41
N UNK AA 26 -24.72 28.83 -91.29
CA UNK AA 26 -24.46 29.66 -92.45
C UNK AA 26 -23.24 29.15 -93.21
N UNK AA 27 -22.42 28.36 -92.53
CA UNK AA 27 -21.23 27.78 -93.14
C UNK AA 27 -21.57 26.48 -93.86
N UNK AA 28 -22.77 25.96 -93.62
CA UNK AA 28 -23.22 24.73 -94.25
C UNK AA 28 -23.78 25.01 -95.64
N LEU BA 1 66.62 -34.63 -32.21
CA LEU BA 1 67.59 -34.98 -31.18
C LEU BA 1 67.81 -36.48 -31.12
N LEU BA 2 68.21 -37.07 -32.25
CA LEU BA 2 68.40 -38.50 -32.30
C LEU BA 2 69.89 -38.83 -32.23
N GLY BA 3 70.36 -39.62 -33.19
CA GLY BA 3 71.78 -39.93 -33.22
C GLY BA 3 72.69 -38.73 -33.13
N LEU BA 4 72.27 -37.59 -33.70
CA LEU BA 4 73.06 -36.36 -33.56
C LEU BA 4 73.17 -35.96 -32.09
N GLN BA 5 72.04 -36.01 -31.38
CA GLN BA 5 72.05 -35.75 -29.94
C GLN BA 5 72.89 -36.78 -29.20
N GLN BA 6 72.85 -38.04 -29.64
CA GLN BA 6 73.65 -39.07 -28.99
C GLN BA 6 75.14 -38.81 -29.13
N MET BA 7 75.60 -38.42 -30.32
CA MET BA 7 77.05 -38.24 -30.47
C MET BA 7 77.51 -36.93 -29.82
N ILE BA 8 76.68 -35.87 -29.90
CA ILE BA 8 76.97 -34.66 -29.14
C ILE BA 8 77.04 -34.97 -27.66
N LEU BA 9 76.12 -35.80 -27.16
CA LEU BA 9 76.14 -36.22 -25.77
C LEU BA 9 77.38 -37.03 -25.46
N SER BA 10 77.86 -37.84 -26.41
CA SER BA 10 79.06 -38.63 -26.17
C SER BA 10 80.29 -37.73 -26.01
N LEU BA 11 80.49 -36.80 -26.96
CA LEU BA 11 81.66 -35.93 -26.90
C LEU BA 11 81.61 -35.01 -25.69
N THR BA 12 80.49 -34.31 -25.50
CA THR BA 12 80.35 -33.42 -24.36
C THR BA 12 80.27 -34.20 -23.05
N GLN BA 13 79.88 -35.47 -23.09
CA GLN BA 13 79.88 -36.31 -21.90
C GLN BA 13 81.31 -36.63 -21.50
N SER BA 14 82.15 -36.97 -22.47
CA SER BA 14 83.58 -37.17 -22.19
C SER BA 14 84.16 -35.91 -21.54
N LEU BA 15 83.93 -34.76 -22.18
CA LEU BA 15 84.52 -33.51 -21.68
C LEU BA 15 83.99 -33.14 -20.29
N GLY BA 16 82.67 -33.01 -20.15
CA GLY BA 16 82.11 -32.55 -18.90
C GLY BA 16 82.15 -33.59 -17.80
N PHE BA 17 82.29 -34.87 -18.18
CA PHE BA 17 82.42 -35.92 -17.19
C PHE BA 17 83.85 -35.98 -16.65
N GLU BA 18 84.82 -35.66 -17.49
CA GLU BA 18 86.19 -35.52 -17.01
C GLU BA 18 86.33 -34.29 -16.12
N THR BA 19 85.70 -33.18 -16.52
CA THR BA 19 85.90 -31.92 -15.80
C THR BA 19 84.99 -31.82 -14.57
N PHE BA 20 83.68 -31.79 -14.79
CA PHE BA 20 82.75 -31.41 -13.72
C PHE BA 20 82.59 -32.51 -12.68
N ILE BA 21 82.49 -33.77 -13.11
CA ILE BA 21 82.16 -34.85 -12.20
C ILE BA 21 83.29 -35.07 -11.19
N PHE BA 22 84.54 -34.95 -11.63
CA PHE BA 22 85.67 -35.21 -10.73
C PHE BA 22 85.70 -34.23 -9.56
N ILE BA 23 85.57 -32.93 -9.86
CA ILE BA 23 85.70 -31.93 -8.80
C ILE BA 23 84.50 -31.97 -7.85
N VAL BA 24 83.29 -32.16 -8.38
CA VAL BA 24 82.12 -32.19 -7.51
C VAL BA 24 82.10 -33.46 -6.68
N VAL BA 25 82.59 -34.59 -7.22
CA VAL BA 25 82.66 -35.80 -6.41
C VAL BA 25 83.76 -35.69 -5.36
N CYS BA 26 84.87 -35.01 -5.67
CA CYS BA 26 85.90 -34.76 -4.68
C CYS BA 26 85.37 -33.91 -3.54
N LEU BA 27 84.63 -32.85 -3.86
CA LEU BA 27 84.01 -32.05 -2.81
C LEU BA 27 82.97 -32.85 -2.03
N ASN BA 28 82.22 -33.72 -2.72
CA ASN BA 28 81.23 -34.56 -2.06
C ASN BA 28 81.87 -35.50 -1.05
N THR BA 29 82.97 -36.15 -1.43
CA THR BA 29 83.59 -37.07 -0.48
C THR BA 29 84.33 -36.32 0.61
N VAL BA 30 84.82 -35.10 0.34
CA VAL BA 30 85.42 -34.29 1.40
C VAL BA 30 84.37 -33.94 2.45
N ILE BA 31 83.22 -33.44 2.02
CA ILE BA 31 82.18 -33.10 2.97
C ILE BA 31 81.58 -34.35 3.61
N LEU BA 32 81.62 -35.50 2.94
CA LEU BA 32 81.06 -36.71 3.54
C LEU BA 32 82.00 -37.32 4.58
N VAL BA 33 83.31 -37.30 4.35
CA VAL BA 33 84.24 -37.76 5.39
C VAL BA 33 84.36 -36.73 6.52
N ALA BA 34 84.02 -35.46 6.27
CA ALA BA 34 83.83 -34.54 7.38
C ALA BA 34 82.50 -34.79 8.09
N GLN BA 35 81.51 -35.32 7.36
CA GLN BA 35 80.19 -35.55 7.92
C GLN BA 35 80.19 -36.74 8.88
N THR BA 36 80.83 -37.84 8.48
CA THR BA 36 80.73 -39.07 9.27
C THR BA 36 81.35 -38.89 10.66
N PHE BA 37 82.69 -38.87 10.73
CA PHE BA 37 83.52 -38.09 11.66
C PHE BA 37 82.87 -37.77 13.01
N THR BA 38 82.57 -38.77 13.83
CA THR BA 38 81.66 -38.54 14.94
C THR BA 38 82.28 -37.76 16.10
N GLU BA 39 82.89 -36.62 15.79
CA GLU BA 39 83.20 -35.52 16.70
C GLU BA 39 82.79 -34.17 16.13
N LEU BA 40 82.95 -33.97 14.82
CA LEU BA 40 82.71 -32.69 14.18
C LEU BA 40 81.26 -32.48 13.74
N GLU BA 41 80.40 -33.49 13.90
CA GLU BA 41 78.99 -33.30 13.55
C GLU BA 41 78.29 -32.35 14.53
N ILE BA 42 78.73 -32.32 15.79
CA ILE BA 42 78.24 -31.31 16.73
C ILE BA 42 78.87 -29.96 16.46
N ARG BA 43 80.03 -29.92 15.80
CA ARG BA 43 80.59 -28.69 15.26
C ARG BA 43 80.06 -28.47 13.84
N GLY BA 44 78.74 -28.30 13.77
CA GLY BA 44 78.04 -28.37 12.51
C GLY BA 44 76.61 -28.85 12.70
N GLU BA 45 76.26 -29.95 12.02
CA GLU BA 45 74.94 -30.58 12.04
C GLU BA 45 73.89 -29.68 11.39
N TRP BA 46 74.27 -28.50 10.92
CA TRP BA 46 73.39 -27.64 10.15
C TRP BA 46 73.98 -27.22 8.82
N TYR BA 47 75.30 -27.09 8.72
CA TYR BA 47 75.99 -26.92 7.45
C TYR BA 47 76.29 -28.26 6.78
N PHE BA 48 75.87 -29.36 7.40
CA PHE BA 48 76.21 -30.70 6.92
C PHE BA 48 75.13 -31.26 5.98
N MET BA 49 73.88 -31.34 6.45
CA MET BA 49 72.85 -31.94 5.62
C MET BA 49 72.41 -31.02 4.48
N VAL BA 50 72.61 -29.71 4.61
CA VAL BA 50 72.30 -28.84 3.48
C VAL BA 50 73.26 -29.12 2.32
N LEU BA 51 74.55 -29.28 2.62
CA LEU BA 51 75.50 -29.65 1.59
C LEU BA 51 75.28 -31.08 1.11
N ASP BA 52 74.83 -31.96 2.02
CA ASP BA 52 74.49 -33.32 1.63
C ASP BA 52 73.35 -33.35 0.63
N SER BA 53 72.31 -32.54 0.87
CA SER BA 53 71.20 -32.44 -0.07
C SER BA 53 71.62 -31.78 -1.37
N ILE BA 54 72.51 -30.77 -1.30
CA ILE BA 54 72.99 -30.12 -2.52
C ILE BA 54 73.75 -31.11 -3.40
N PHE BA 55 74.63 -31.91 -2.80
CA PHE BA 55 75.37 -32.88 -3.59
C PHE BA 55 74.53 -34.09 -3.99
N LEU BA 56 73.49 -34.42 -3.22
CA LEU BA 56 72.50 -35.38 -3.71
C LEU BA 56 71.76 -34.85 -4.93
N SER BA 57 71.50 -33.54 -4.96
CA SER BA 57 70.93 -32.93 -6.15
C SER BA 57 71.91 -33.00 -7.32
N ILE BA 58 73.20 -32.81 -7.05
CA ILE BA 58 74.21 -32.97 -8.09
C ILE BA 58 74.20 -34.41 -8.63
N TYR BA 59 74.08 -35.38 -7.72
CA TYR BA 59 74.05 -36.78 -8.13
C TYR BA 59 72.79 -37.11 -8.92
N VAL BA 60 71.65 -36.50 -8.58
CA VAL BA 60 70.45 -36.74 -9.37
C VAL BA 60 70.55 -36.04 -10.72
N LEU BA 61 71.33 -34.96 -10.81
CA LEU BA 61 71.63 -34.39 -12.12
C LEU BA 61 72.49 -35.34 -12.95
N GLU BA 62 73.45 -36.01 -12.30
CA GLU BA 62 74.22 -37.05 -12.97
C GLU BA 62 73.30 -38.16 -13.49
N ALA BA 63 72.33 -38.56 -12.66
CA ALA BA 63 71.35 -39.57 -13.07
C ALA BA 63 70.52 -39.10 -14.25
N VAL BA 64 70.08 -37.84 -14.23
CA VAL BA 64 69.28 -37.30 -15.34
C VAL BA 64 70.10 -37.29 -16.63
N LEU BA 65 71.36 -36.87 -16.54
CA LEU BA 65 72.22 -36.89 -17.72
C LEU BA 65 72.45 -38.31 -18.24
N LYS BA 66 72.66 -39.28 -17.34
CA LYS BA 66 72.85 -40.66 -17.77
C LYS BA 66 71.56 -41.23 -18.38
N LEU BA 67 70.40 -40.82 -17.86
CA LEU BA 67 69.13 -41.26 -18.43
C LEU BA 67 68.89 -40.68 -19.81
N ILE BA 68 69.20 -39.39 -20.01
CA ILE BA 68 69.07 -38.78 -21.34
C ILE BA 68 70.18 -39.24 -22.27
N ALA BA 69 71.22 -39.86 -21.75
CA ALA BA 69 72.31 -40.40 -22.56
C ALA BA 69 71.90 -41.73 -23.19
N LEU BA 70 72.91 -42.48 -23.67
CA LEU BA 70 72.70 -43.61 -24.60
C LEU BA 70 71.81 -44.71 -24.03
N GLY BA 71 71.77 -44.90 -22.72
CA GLY BA 71 70.77 -45.80 -22.16
C GLY BA 71 71.18 -47.23 -21.91
N LEU BA 72 70.87 -48.12 -22.87
CA LEU BA 72 71.00 -49.56 -22.66
C LEU BA 72 72.45 -49.98 -22.45
N GLU BA 73 73.38 -49.35 -23.19
CA GLU BA 73 74.80 -49.60 -22.96
C GLU BA 73 75.23 -49.17 -21.56
N TYR BA 74 74.64 -48.10 -21.03
CA TYR BA 74 74.90 -47.73 -19.64
C TYR BA 74 74.32 -48.76 -18.68
N PHE BA 75 73.10 -49.23 -18.93
CA PHE BA 75 72.46 -50.25 -18.10
C PHE BA 75 73.22 -51.57 -18.11
N TYR BA 76 73.97 -51.87 -19.18
CA TYR BA 76 74.77 -53.09 -19.21
C TYR BA 76 75.88 -53.09 -18.16
N ASP BA 77 76.37 -51.92 -17.75
CA ASP BA 77 77.47 -51.83 -16.79
C ASP BA 77 76.94 -52.06 -15.39
N PRO BA 78 77.46 -53.06 -14.66
CA PRO BA 78 76.97 -53.29 -13.28
C PRO BA 78 77.19 -52.13 -12.34
N TRP BA 79 78.29 -51.39 -12.49
CA TRP BA 79 78.52 -50.21 -11.67
C TRP BA 79 77.46 -49.15 -11.95
N ASN BA 80 77.07 -48.98 -13.21
CA ASN BA 80 76.03 -48.03 -13.55
C ASN BA 80 74.66 -48.51 -13.09
N ASN BA 81 74.43 -49.82 -13.05
CA ASN BA 81 73.21 -50.35 -12.43
C ASN BA 81 73.19 -50.00 -10.95
N LEU BA 82 74.34 -50.12 -10.28
CA LEU BA 82 74.43 -49.70 -8.88
C LEU BA 82 74.18 -48.21 -8.74
N ASP BA 83 74.64 -47.40 -9.70
CA ASP BA 83 74.34 -45.97 -9.70
C ASP BA 83 72.84 -45.72 -9.81
N PHE BA 84 72.17 -46.45 -10.69
CA PHE BA 84 70.73 -46.31 -10.86
C PHE BA 84 69.99 -46.69 -9.58
N PHE BA 85 70.41 -47.77 -8.93
CA PHE BA 85 69.81 -48.17 -7.66
C PHE BA 85 70.06 -47.13 -6.58
N ILE BA 86 71.29 -46.57 -6.56
CA ILE BA 86 71.65 -45.50 -5.63
C ILE BA 86 70.71 -44.32 -5.79
N MET BA 87 70.48 -43.91 -7.03
CA MET BA 87 69.68 -42.72 -7.27
C MET BA 87 68.21 -42.99 -7.03
N VAL BA 88 67.76 -44.22 -7.24
CA VAL BA 88 66.38 -44.57 -6.88
C VAL BA 88 66.18 -44.42 -5.38
N MET BA 89 67.10 -44.97 -4.58
CA MET BA 89 66.94 -44.83 -3.13
C MET BA 89 67.14 -43.39 -2.68
N ALA BA 90 67.97 -42.63 -3.39
CA ALA BA 90 68.22 -41.24 -3.02
C ALA BA 90 66.99 -40.39 -3.29
N VAL BA 91 66.35 -40.54 -4.46
CA VAL BA 91 65.13 -39.77 -4.70
C VAL BA 91 64.02 -40.24 -3.77
N LEU BA 92 63.99 -41.54 -3.42
CA LEU BA 92 62.99 -42.03 -2.48
C LEU BA 92 63.12 -41.35 -1.12
N ASP BA 93 64.33 -41.35 -0.55
CA ASP BA 93 64.48 -40.77 0.78
C ASP BA 93 64.37 -39.25 0.75
N PHE BA 94 64.77 -38.63 -0.37
CA PHE BA 94 64.65 -37.18 -0.50
C PHE BA 94 63.17 -36.77 -0.51
N VAL BA 95 62.34 -37.45 -1.31
CA VAL BA 95 60.93 -37.09 -1.31
C VAL BA 95 60.26 -37.49 0.00
N LEU BA 96 60.75 -38.56 0.65
CA LEU BA 96 60.19 -38.92 1.96
C LEU BA 96 60.46 -37.84 3.00
N LEU BA 97 61.66 -37.26 2.99
CA LEU BA 97 61.94 -36.13 3.88
C LEU BA 97 61.20 -34.88 3.43
N GLN BA 98 60.97 -34.71 2.13
CA GLN BA 98 60.39 -33.48 1.61
C GLN BA 98 58.89 -33.39 1.90
N ILE BA 99 58.16 -34.50 1.78
CA ILE BA 99 56.71 -34.45 1.93
C ILE BA 99 56.31 -34.09 3.36
N ASN BA 100 57.13 -34.47 4.34
CA ASN BA 100 56.90 -34.26 5.78
C ASN BA 100 55.56 -34.92 6.14
N SER BA 101 54.81 -34.37 7.10
CA SER BA 101 53.54 -34.91 7.57
C SER BA 101 53.68 -36.37 7.99
N LEU BA 102 53.25 -37.29 7.11
CA LEU BA 102 53.36 -38.74 7.30
C LEU BA 102 52.62 -39.24 8.53
N SER BA 103 52.72 -40.54 8.81
CA SER BA 103 52.01 -41.13 9.94
C SER BA 103 52.84 -42.17 10.69
N TYR BA 104 54.11 -42.35 10.35
CA TYR BA 104 54.95 -43.37 10.96
C TYR BA 104 55.97 -42.73 11.89
N SER BA 105 56.74 -43.59 12.55
CA SER BA 105 57.72 -43.14 13.54
C SER BA 105 58.91 -42.47 12.84
N PHE BA 106 59.52 -41.54 13.56
CA PHE BA 106 60.61 -40.71 13.05
C PHE BA 106 61.55 -40.42 14.21
N TYR BA 107 62.37 -39.37 14.07
CA TYR BA 107 63.36 -38.94 15.05
C TYR BA 107 64.40 -40.04 15.27
N ASN BA 108 65.19 -40.26 14.22
CA ASN BA 108 66.30 -41.21 14.18
C ASN BA 108 65.81 -42.65 14.37
N HIS BA 109 65.00 -43.09 13.40
CA HIS BA 109 64.43 -44.42 13.42
C HIS BA 109 65.30 -45.40 12.63
N SER BA 110 64.85 -46.66 12.57
CA SER BA 110 65.52 -47.66 11.76
C SER BA 110 65.50 -47.28 10.28
N LEU BA 111 64.41 -46.66 9.83
CA LEU BA 111 64.39 -46.12 8.47
C LEU BA 111 65.45 -45.04 8.28
N PHE BA 112 65.66 -44.19 9.29
CA PHE BA 112 66.71 -43.19 9.21
C PHE BA 112 68.10 -43.83 9.09
N ARG BA 113 68.34 -44.91 9.84
CA ARG BA 113 69.60 -45.64 9.68
C ARG BA 113 69.72 -46.29 8.32
N ILE BA 114 68.61 -46.76 7.75
CA ILE BA 114 68.63 -47.28 6.38
C ILE BA 114 69.06 -46.19 5.40
N LEU BA 115 68.51 -44.98 5.59
CA LEU BA 115 68.96 -43.84 4.77
C LEU BA 115 70.42 -43.51 5.02
N LYS BA 116 70.89 -43.66 6.26
CA LYS BA 116 72.28 -43.38 6.58
C LYS BA 116 73.23 -44.36 5.90
N VAL BA 117 72.89 -45.66 5.91
CA VAL BA 117 73.75 -46.61 5.21
C VAL BA 117 73.62 -46.43 3.70
N PHE BA 118 72.49 -45.93 3.21
CA PHE BA 118 72.41 -45.53 1.80
C PHE BA 118 73.36 -44.39 1.49
N LYS BA 119 73.46 -43.40 2.39
CA LYS BA 119 74.44 -42.35 2.22
C LYS BA 119 75.86 -42.92 2.27
N SER BA 120 76.08 -43.94 3.10
CA SER BA 120 77.38 -44.57 3.18
C SER BA 120 77.78 -45.26 1.88
N MET BA 121 76.86 -45.97 1.25
CA MET BA 121 77.24 -46.66 0.02
C MET BA 121 77.29 -45.68 -1.16
N ARG BA 122 76.59 -44.54 -1.02
CA ARG BA 122 76.83 -43.42 -1.93
C ARG BA 122 78.26 -42.89 -1.79
N ALA BA 123 78.74 -42.77 -0.55
CA ALA BA 123 80.12 -42.35 -0.32
C ALA BA 123 81.10 -43.36 -0.89
N LEU BA 124 80.79 -44.65 -0.75
CA LEU BA 124 81.61 -45.70 -1.36
C LEU BA 124 81.66 -45.54 -2.88
N ARG BA 125 80.52 -45.21 -3.49
CA ARG BA 125 80.50 -44.96 -4.93
C ARG BA 125 81.34 -43.75 -5.31
N ALA BA 126 81.30 -42.69 -4.50
CA ALA BA 126 82.14 -41.53 -4.75
C ALA BA 126 83.63 -41.90 -4.68
N ILE BA 127 83.99 -42.72 -3.70
CA ILE BA 127 85.36 -43.20 -3.57
C ILE BA 127 85.75 -44.03 -4.80
N ARG BA 128 84.86 -44.90 -5.26
CA ARG BA 128 85.17 -45.76 -6.39
C ARG BA 128 85.22 -45.01 -7.71
N VAL BA 129 84.55 -43.86 -7.82
CA VAL BA 129 84.63 -43.08 -9.06
C VAL BA 129 85.75 -42.04 -9.02
N LEU BA 130 86.30 -41.74 -7.85
CA LEU BA 130 87.51 -40.91 -7.83
C LEU BA 130 88.78 -41.66 -8.22
N ARG BA 131 88.78 -43.00 -8.19
CA ARG BA 131 89.99 -43.77 -8.46
C ARG BA 131 90.10 -44.20 -9.91
N ARG BA 132 89.60 -43.37 -10.83
CA ARG BA 132 89.81 -43.62 -12.25
C ARG BA 132 91.27 -43.49 -12.64
N LEU BA 133 92.04 -42.67 -11.90
CA LEU BA 133 93.44 -42.44 -12.18
C LEU BA 133 94.29 -42.98 -11.03
N SER BA 134 95.41 -43.61 -11.38
CA SER BA 134 96.44 -44.05 -10.43
C SER BA 134 95.88 -45.02 -9.39
N ILE BA 135 95.38 -46.16 -9.89
CA ILE BA 135 94.96 -47.25 -9.01
C ILE BA 135 96.15 -48.13 -8.66
N LEU BA 136 97.29 -47.93 -9.33
CA LEU BA 136 98.58 -48.58 -9.13
C LEU BA 136 98.60 -50.01 -9.66
N THR BA 137 99.55 -50.29 -10.55
CA THR BA 137 99.59 -51.54 -11.29
C THR BA 137 99.95 -52.73 -10.41
N SER BA 138 100.74 -52.53 -9.34
CA SER BA 138 101.11 -53.63 -8.47
C SER BA 138 99.87 -54.22 -7.78
N LEU BA 139 99.08 -53.38 -7.14
CA LEU BA 139 97.87 -53.87 -6.51
C LEU BA 139 96.79 -54.21 -7.54
N HIS BA 140 96.83 -53.60 -8.73
CA HIS BA 140 95.96 -54.05 -9.81
C HIS BA 140 96.22 -55.50 -10.17
N GLU BA 141 97.50 -55.85 -10.36
CA GLU BA 141 97.87 -57.23 -10.67
C GLU BA 141 97.55 -58.16 -9.50
N VAL BA 142 97.76 -57.69 -8.27
CA VAL BA 142 97.44 -58.49 -7.09
C VAL BA 142 95.94 -58.79 -7.03
N ALA BA 143 95.11 -57.77 -7.27
CA ALA BA 143 93.67 -57.96 -7.26
C ALA BA 143 93.21 -58.88 -8.39
N GLY BA 144 93.81 -58.75 -9.57
CA GLY BA 144 93.46 -59.64 -10.68
C GLY BA 144 93.82 -61.09 -10.39
N THR BA 145 95.02 -61.32 -9.86
CA THR BA 145 95.42 -62.68 -9.53
C THR BA 145 94.61 -63.24 -8.36
N LEU BA 146 94.11 -62.36 -7.47
CA LEU BA 146 93.24 -62.82 -6.40
C LEU BA 146 91.87 -63.21 -6.94
N SER BA 147 91.32 -62.41 -7.85
CA SER BA 147 89.99 -62.64 -8.39
C SER BA 147 89.97 -63.65 -9.52
N GLY BA 148 91.13 -64.15 -9.94
CA GLY BA 148 91.16 -65.16 -11.00
C GLY BA 148 90.39 -66.43 -10.66
N SER BA 149 90.60 -66.98 -9.46
CA SER BA 149 89.94 -68.24 -9.08
C SER BA 149 88.67 -67.96 -8.28
N LEU BA 150 87.62 -67.57 -9.00
CA LEU BA 150 86.32 -67.28 -8.39
C LEU BA 150 85.39 -68.49 -8.27
N PRO BA 151 85.21 -69.33 -9.31
CA PRO BA 151 84.48 -70.56 -9.13
C PRO BA 151 84.92 -71.42 -7.95
N SER BA 152 86.22 -71.54 -7.68
CA SER BA 152 86.68 -72.42 -6.61
C SER BA 152 86.24 -71.88 -5.25
N ILE BA 153 86.44 -70.59 -5.01
CA ILE BA 153 86.04 -70.03 -3.73
C ILE BA 153 84.53 -69.99 -3.59
N THR BA 154 83.79 -69.79 -4.69
CA THR BA 154 82.33 -69.85 -4.60
C THR BA 154 81.86 -71.27 -4.27
N ALA BA 155 82.50 -72.29 -4.86
CA ALA BA 155 82.18 -73.67 -4.53
C ALA BA 155 82.43 -73.93 -3.05
N ILE BA 156 83.57 -73.47 -2.54
CA ILE BA 156 83.90 -73.76 -1.15
C ILE BA 156 82.97 -73.02 -0.19
N LEU BA 157 82.62 -71.77 -0.51
CA LEU BA 157 81.67 -71.05 0.37
C LEU BA 157 80.27 -71.66 0.28
N THR BA 158 79.89 -72.20 -0.88
CA THR BA 158 78.62 -72.93 -0.97
C THR BA 158 78.64 -74.18 -0.11
N LEU BA 159 79.78 -74.88 -0.08
CA LEU BA 159 79.91 -76.05 0.80
C LEU BA 159 79.79 -75.66 2.27
N MET BA 160 80.37 -74.53 2.64
CA MET BA 160 80.16 -73.97 3.99
C MET BA 160 78.71 -73.67 4.28
N PHE BA 161 78.01 -73.07 3.32
CA PHE BA 161 76.62 -72.74 3.57
C PHE BA 161 75.79 -74.00 3.78
N THR BA 162 76.03 -75.03 2.97
CA THR BA 162 75.31 -76.29 3.14
C THR BA 162 75.65 -76.95 4.47
N CYS BA 163 76.95 -77.05 4.79
CA CYS BA 163 77.36 -77.72 6.02
C CYS BA 163 76.90 -76.95 7.26
N LEU BA 164 76.99 -75.63 7.23
CA LEU BA 164 76.57 -74.80 8.35
C LEU BA 164 75.06 -74.87 8.55
N PHE BA 165 74.29 -74.88 7.45
CA PHE BA 165 72.84 -75.04 7.58
C PHE BA 165 72.49 -76.41 8.16
N LEU BA 166 73.18 -77.46 7.73
CA LEU BA 166 72.95 -78.78 8.28
C LEU BA 166 73.28 -78.84 9.77
N PHE BA 167 74.42 -78.27 10.16
CA PHE BA 167 74.82 -78.26 11.56
C PHE BA 167 73.88 -77.43 12.41
N SER BA 168 73.43 -76.28 11.89
CA SER BA 168 72.47 -75.47 12.62
C SER BA 168 71.13 -76.19 12.79
N VAL BA 169 70.70 -76.90 11.74
CA VAL BA 169 69.44 -77.65 11.82
C VAL BA 169 69.55 -78.75 12.87
N VAL BA 170 70.64 -79.51 12.86
CA VAL BA 170 70.76 -80.61 13.81
C VAL BA 170 70.96 -80.09 15.23
N LEU BA 171 71.66 -78.96 15.41
CA LEU BA 171 71.85 -78.42 16.75
C LEU BA 171 70.56 -77.84 17.31
N ARG BA 172 69.78 -77.14 16.47
CA ARG BA 172 68.48 -76.67 16.91
C ARG BA 172 67.54 -77.82 17.20
N ALA BA 173 67.65 -78.91 16.45
CA ALA BA 173 66.82 -80.08 16.69
C ALA BA 173 67.19 -80.78 18.01
N LEU BA 174 68.48 -80.86 18.33
CA LEU BA 174 68.93 -81.53 19.55
C LEU BA 174 68.88 -80.63 20.78
N PHE BA 175 68.67 -79.34 20.59
CA PHE BA 175 68.67 -78.36 21.66
C PHE BA 175 67.28 -77.91 22.08
N GLN BA 176 66.24 -78.68 21.76
CA GLN BA 176 64.89 -78.31 22.16
C GLN BA 176 64.70 -78.51 23.66
N ASP BA 177 64.09 -77.52 24.32
CA ASP BA 177 63.83 -77.53 25.77
C ASP BA 177 65.12 -77.77 26.56
N SER BA 178 66.21 -77.17 26.09
CA SER BA 178 67.56 -77.37 26.62
C SER BA 178 68.23 -76.02 26.85
N ASP BA 179 67.53 -75.14 27.59
CA ASP BA 179 67.76 -73.70 27.76
C ASP BA 179 68.17 -73.06 26.44
N PRO BA 180 67.24 -72.94 25.48
CA PRO BA 180 67.60 -72.45 24.15
C PRO BA 180 67.56 -70.94 24.03
N LYS BA 181 67.61 -70.23 25.17
CA LYS BA 181 67.46 -68.79 25.18
C LYS BA 181 68.53 -68.09 24.34
N ARG BA 182 69.70 -68.70 24.18
CA ARG BA 182 70.75 -68.12 23.35
C ARG BA 182 70.50 -68.33 21.86
N PHE BA 183 69.77 -69.37 21.48
CA PHE BA 183 69.52 -69.72 20.08
C PHE BA 183 68.03 -70.04 19.86
N GLN BA 184 67.15 -69.21 20.41
CA GLN BA 184 65.72 -69.52 20.40
C GLN BA 184 65.11 -69.41 19.00
N ASN BA 185 65.74 -68.74 18.05
CA ASN BA 185 65.18 -68.56 16.72
C ASN BA 185 66.23 -68.84 15.66
N ILE BA 186 65.83 -68.61 14.40
CA ILE BA 186 66.67 -68.93 13.25
C ILE BA 186 67.96 -68.12 13.28
N PHE BA 187 67.84 -66.80 13.51
CA PHE BA 187 69.00 -65.92 13.46
C PHE BA 187 69.97 -66.23 14.58
N THR BA 188 69.46 -66.43 15.80
CA THR BA 188 70.34 -66.72 16.93
C THR BA 188 70.99 -68.10 16.79
N THR BA 189 70.26 -69.07 16.24
CA THR BA 189 70.84 -70.39 16.00
C THR BA 189 71.99 -70.30 14.99
N LEU BA 190 71.78 -69.59 13.88
CA LEU BA 190 72.85 -69.46 12.90
C LEU BA 190 74.00 -68.60 13.43
N PHE BA 191 73.72 -67.64 14.31
CA PHE BA 191 74.79 -66.83 14.89
C PHE BA 191 75.62 -67.66 15.87
N THR BA 192 74.97 -68.52 16.66
CA THR BA 192 75.72 -69.43 17.52
C THR BA 192 76.55 -70.40 16.70
N LEU BA 193 76.01 -70.86 15.57
CA LEU BA 193 76.81 -71.70 14.67
C LEU BA 193 77.98 -70.94 14.08
N PHE BA 194 77.80 -69.65 13.79
CA PHE BA 194 78.89 -68.82 13.30
C PHE BA 194 79.98 -68.66 14.35
N THR BA 195 79.60 -68.42 15.60
CA THR BA 195 80.59 -68.39 16.68
C THR BA 195 81.27 -69.73 16.81
N MET BA 196 80.53 -70.81 16.54
CA MET BA 196 81.09 -72.14 16.69
C MET BA 196 82.15 -72.35 15.63
N LEU BA 197 81.88 -71.90 14.42
CA LEU BA 197 82.81 -71.93 13.29
C LEU BA 197 84.00 -70.99 13.47
N THR BA 198 83.82 -69.89 14.19
CA THR BA 198 84.85 -68.88 14.33
C THR BA 198 85.54 -68.92 15.70
N LEU BA 199 85.32 -70.01 16.45
CA LEU BA 199 86.14 -70.32 17.64
C LEU BA 199 85.96 -69.27 18.74
N ASP BA 200 84.71 -68.94 19.05
CA ASP BA 200 84.41 -67.92 20.05
C ASP BA 200 83.65 -68.58 21.20
N ASP BA 201 84.39 -68.81 22.30
CA ASP BA 201 83.83 -69.28 23.56
C ASP BA 201 83.12 -70.63 23.43
N TRP BA 202 83.63 -71.52 22.57
CA TRP BA 202 83.07 -72.86 22.54
C TRP BA 202 83.51 -73.67 23.76
N SER BA 203 84.67 -73.34 24.33
CA SER BA 203 85.02 -73.87 25.65
C SER BA 203 84.03 -73.38 26.70
N LEU BA 204 83.60 -72.12 26.61
CA LEU BA 204 82.58 -71.60 27.51
C LEU BA 204 81.25 -72.32 27.32
N ILE BA 205 80.90 -72.63 26.07
CA ILE BA 205 79.68 -73.38 25.79
C ILE BA 205 79.77 -74.78 26.38
N TYR BA 206 80.94 -75.41 26.28
CA TYR BA 206 81.15 -76.72 26.90
C TYR BA 206 81.01 -76.65 28.41
N ILE BA 207 81.59 -75.63 29.04
CA ILE BA 207 81.57 -75.57 30.50
C ILE BA 207 80.20 -75.16 31.03
N ASP BA 208 79.41 -74.39 30.29
CA ASP BA 208 78.07 -74.06 30.77
C ASP BA 208 77.01 -75.03 30.26
N ASN BA 209 77.37 -75.94 29.35
CA ASN BA 209 76.51 -77.06 29.02
C ASN BA 209 76.76 -78.26 29.93
N ARG BA 210 77.95 -78.35 30.51
CA ARG BA 210 78.18 -79.33 31.56
C ARG BA 210 77.33 -79.05 32.80
N ALA BA 211 77.01 -77.77 33.05
CA ALA BA 211 76.07 -77.42 34.09
C ALA BA 211 74.66 -77.93 33.80
N GLN BA 212 74.34 -78.16 32.53
CA GLN BA 212 73.08 -78.77 32.16
C GLN BA 212 73.18 -80.29 32.27
N GLY BA 213 72.09 -80.99 31.94
CA GLY BA 213 72.03 -82.42 32.11
C GLY BA 213 72.44 -83.21 30.88
N ALA BA 214 72.68 -82.54 29.76
CA ALA BA 214 73.07 -83.19 28.52
C ALA BA 214 74.59 -83.14 28.37
N TRP BA 215 75.19 -84.30 28.11
CA TRP BA 215 76.63 -84.39 27.96
C TRP BA 215 77.06 -84.87 26.57
N TYR BA 216 76.24 -85.67 25.89
CA TYR BA 216 76.64 -86.22 24.61
C TYR BA 216 76.59 -85.19 23.49
N ILE BA 217 75.97 -84.03 23.72
CA ILE BA 217 75.94 -82.98 22.73
C ILE BA 217 77.30 -82.32 22.57
N ILE BA 218 78.18 -82.48 23.56
CA ILE BA 218 79.50 -81.85 23.54
C ILE BA 218 80.45 -82.58 22.59
N PRO BA 219 80.57 -83.92 22.61
CA PRO BA 219 81.40 -84.57 21.57
C PRO BA 219 80.89 -84.36 20.15
N ILE BA 220 79.58 -84.32 19.96
CA ILE BA 220 79.02 -84.11 18.61
C ILE BA 220 79.37 -82.72 18.12
N LEU BA 221 79.17 -81.72 18.97
CA LEU BA 221 79.54 -80.35 18.64
C LEU BA 221 81.03 -80.22 18.37
N MET BA 222 81.85 -80.86 19.21
CA MET BA 222 83.30 -80.89 19.04
C MET BA 222 83.70 -81.46 17.69
N ILE BA 223 83.17 -82.63 17.34
CA ILE BA 223 83.58 -83.28 16.09
C ILE BA 223 83.10 -82.50 14.89
N TYR BA 224 81.90 -81.92 14.96
CA TYR BA 224 81.42 -81.06 13.88
C TYR BA 224 82.33 -79.85 13.71
N ILE BA 225 82.72 -79.23 14.82
CA ILE BA 225 83.60 -78.06 14.82
C ILE BA 225 84.91 -78.40 14.13
N VAL BA 226 85.53 -79.50 14.53
CA VAL BA 226 86.87 -79.78 14.04
C VAL BA 226 86.83 -80.15 12.57
N ILE BA 227 85.81 -80.93 12.15
CA ILE BA 227 85.77 -81.34 10.75
C ILE BA 227 85.49 -80.14 9.85
N GLN BA 228 84.51 -79.29 10.21
CA GLN BA 228 84.23 -78.14 9.37
C GLN BA 228 85.40 -77.15 9.38
N TYR BA 229 86.08 -76.97 10.51
CA TYR BA 229 87.15 -75.97 10.59
C TYR BA 229 88.39 -76.42 9.80
N PHE BA 230 88.99 -77.58 10.16
CA PHE BA 230 89.99 -78.25 9.29
C PHE BA 230 89.64 -78.20 7.80
N ILE BA 231 88.48 -78.74 7.40
CA ILE BA 231 88.20 -78.91 5.97
C ILE BA 231 88.15 -77.57 5.26
N PHE BA 232 87.46 -76.58 5.84
CA PHE BA 232 87.36 -75.29 5.15
C PHE BA 232 88.66 -74.54 5.10
N LEU BA 233 89.39 -74.44 6.22
CA LEU BA 233 90.59 -73.61 6.15
C LEU BA 233 91.59 -74.24 5.20
N ASN BA 234 91.68 -75.56 5.23
CA ASN BA 234 92.63 -76.27 4.40
C ASN BA 234 92.28 -76.12 2.94
N LEU BA 235 90.99 -76.24 2.61
CA LEU BA 235 90.55 -76.07 1.23
C LEU BA 235 90.85 -74.67 0.71
N VAL BA 236 90.48 -73.64 1.47
CA VAL BA 236 90.66 -72.28 0.97
C VAL BA 236 92.13 -71.89 0.92
N ILE BA 237 92.89 -72.28 1.94
CA ILE BA 237 94.32 -71.95 1.98
C ILE BA 237 95.02 -72.57 0.78
N ALA BA 238 94.78 -73.87 0.53
CA ALA BA 238 95.42 -74.51 -0.61
C ALA BA 238 94.95 -73.90 -1.93
N VAL BA 239 93.65 -73.61 -2.04
CA VAL BA 239 93.10 -73.11 -3.30
C VAL BA 239 93.72 -71.77 -3.64
N LEU BA 240 93.80 -70.86 -2.66
CA LEU BA 240 94.37 -69.55 -2.96
C LEU BA 240 95.89 -69.60 -3.11
N VAL BA 241 96.56 -70.51 -2.39
CA VAL BA 241 98.00 -70.69 -2.57
C VAL BA 241 98.31 -71.12 -3.99
N ASP BA 242 97.59 -72.12 -4.50
CA ASP BA 242 97.82 -72.51 -5.88
C ASP BA 242 97.36 -71.42 -6.86
N ASN BA 243 96.29 -70.69 -6.49
CA ASN BA 243 95.75 -69.62 -7.34
C ASN BA 243 96.79 -68.54 -7.59
N PHE BA 244 97.59 -68.22 -6.58
CA PHE BA 244 98.72 -67.35 -6.86
C PHE BA 244 99.94 -68.12 -7.37
N GLN BA 245 99.96 -69.44 -7.21
CA GLN BA 245 101.17 -70.17 -7.57
C GLN BA 245 101.29 -70.38 -9.08
N MET BA 246 100.18 -70.56 -9.82
CA MET BA 246 100.42 -70.59 -11.28
C MET BA 246 100.80 -69.20 -11.80
N ALA BA 247 100.28 -68.14 -11.19
CA ALA BA 247 100.71 -66.80 -11.55
C ALA BA 247 102.19 -66.59 -11.24
N LEU BA 248 102.67 -67.21 -10.16
CA LEU BA 248 104.10 -67.20 -9.85
C LEU BA 248 104.90 -67.94 -10.90
N LEU BA 249 104.40 -69.11 -11.33
CA LEU BA 249 105.09 -69.91 -12.33
C LEU BA 249 105.15 -69.20 -13.68
N LYS BA 250 104.14 -68.41 -14.02
CA LYS BA 250 104.19 -67.58 -15.21
C LYS BA 250 105.06 -66.34 -14.93
N GLY BA 251 105.09 -65.41 -15.88
CA GLY BA 251 105.88 -64.20 -15.73
C GLY BA 251 105.34 -63.24 -14.69
N PRO CA 1 57.16 -102.39 -19.39
CA PRO CA 1 57.14 -101.55 -18.19
C PRO CA 1 58.36 -101.77 -17.29
N LEU CA 2 58.17 -101.61 -15.98
CA LEU CA 2 59.20 -101.84 -14.98
C LEU CA 2 60.44 -100.99 -15.21
N SER CA 3 61.52 -101.65 -15.66
CA SER CA 3 62.77 -100.93 -15.92
C SER CA 3 62.63 -99.92 -17.04
N LEU CA 4 61.81 -100.24 -18.06
CA LEU CA 4 61.56 -99.28 -19.14
C LEU CA 4 60.84 -98.05 -18.62
N TRP CA 5 59.85 -98.24 -17.74
CA TRP CA 5 59.16 -97.10 -17.13
C TRP CA 5 60.11 -96.28 -16.26
N ALA CA 6 60.98 -96.96 -15.51
CA ALA CA 6 61.96 -96.25 -14.68
C ALA CA 6 62.90 -95.42 -15.54
N GLY CA 7 63.38 -95.98 -16.65
CA GLY CA 7 64.21 -95.21 -17.56
C GLY CA 7 63.48 -94.04 -18.17
N TRP CA 8 62.20 -94.23 -18.51
CA TRP CA 8 61.41 -93.14 -19.09
C TRP CA 8 61.20 -92.00 -18.08
N VAL CA 9 60.89 -92.33 -16.83
CA VAL CA 9 60.68 -91.28 -15.84
C VAL CA 9 61.98 -90.66 -15.38
N LEU CA 10 63.12 -91.35 -15.54
CA LEU CA 10 64.40 -90.70 -15.31
C LEU CA 10 64.79 -89.80 -16.48
N ASP CA 11 64.42 -90.16 -17.70
CA ASP CA 11 64.75 -89.35 -18.87
C ASP CA 11 63.86 -88.13 -19.00
N SER CA 12 62.60 -88.23 -18.58
CA SER CA 12 61.67 -87.11 -18.73
C SER CA 12 62.07 -85.95 -17.82
N SER CA 13 62.14 -84.75 -18.40
CA SER CA 13 62.55 -83.58 -17.64
C SER CA 13 61.46 -83.07 -16.72
N VAL CA 14 60.19 -83.40 -17.01
CA VAL CA 14 59.10 -82.94 -16.17
C VAL CA 14 59.12 -83.65 -14.81
N PHE CA 15 59.41 -84.95 -14.81
CA PHE CA 15 59.48 -85.68 -13.55
C PHE CA 15 60.66 -85.23 -12.69
N SER CA 16 61.81 -84.98 -13.33
CA SER CA 16 62.98 -84.49 -12.59
C SER CA 16 62.72 -83.11 -12.01
N LYS CA 17 62.10 -82.22 -12.79
CA LYS CA 17 61.74 -80.90 -12.29
C LYS CA 17 60.75 -81.00 -11.14
N PHE CA 18 59.77 -81.90 -11.26
CA PHE CA 18 58.79 -82.06 -10.18
C PHE CA 18 59.43 -82.57 -8.90
N ILE CA 19 60.33 -83.56 -9.02
CA ILE CA 19 60.91 -84.12 -7.80
C ILE CA 19 61.89 -83.15 -7.15
N ILE CA 20 62.65 -82.39 -7.95
CA ILE CA 20 63.55 -81.41 -7.32
C ILE CA 20 62.74 -80.26 -6.72
N SER CA 21 61.62 -79.88 -7.35
CA SER CA 21 60.76 -78.85 -6.77
C SER CA 21 60.18 -79.32 -5.45
N LEU CA 22 59.72 -80.57 -5.39
CA LEU CA 22 59.22 -81.13 -4.14
C LEU CA 22 60.32 -81.19 -3.09
N ILE CA 23 61.55 -81.51 -3.51
CA ILE CA 23 62.66 -81.61 -2.57
C ILE CA 23 62.96 -80.25 -1.93
N PHE CA 24 63.12 -79.20 -2.75
CA PHE CA 24 63.47 -77.94 -2.12
C PHE CA 24 62.27 -77.30 -1.42
N LEU CA 25 61.03 -77.58 -1.87
CA LEU CA 25 59.86 -77.14 -1.10
C LEU CA 25 59.83 -77.81 0.26
N ASN CA 26 60.13 -79.11 0.33
CA ASN CA 26 60.13 -79.81 1.60
C ASN CA 26 61.21 -79.27 2.52
N THR CA 27 62.39 -79.00 1.98
CA THR CA 27 63.47 -78.45 2.82
C THR CA 27 63.11 -77.05 3.33
N PHE CA 28 62.46 -76.23 2.50
CA PHE CA 28 62.05 -74.91 2.95
C PHE CA 28 60.94 -74.98 3.98
N VAL CA 29 59.97 -75.88 3.78
CA VAL CA 29 58.83 -76.00 4.68
C VAL CA 29 59.23 -76.60 6.02
N LEU CA 30 60.25 -77.47 6.01
CA LEU CA 30 60.56 -78.30 7.17
C LEU CA 30 60.88 -77.49 8.42
N MET CA 31 61.65 -76.41 8.27
CA MET CA 31 62.11 -75.70 9.44
C MET CA 31 61.14 -74.59 9.85
N VAL CA 32 60.11 -74.34 9.04
CA VAL CA 32 59.07 -73.40 9.40
C VAL CA 32 58.18 -73.96 10.50
N GLU CA 33 57.84 -75.25 10.39
CA GLU CA 33 56.88 -75.85 11.33
C GLU CA 33 57.40 -75.91 12.75
N ILE CA 34 58.73 -76.01 12.93
CA ILE CA 34 59.31 -76.06 14.28
C ILE CA 34 59.32 -74.70 14.96
N GLU CA 35 59.05 -73.62 14.23
CA GLU CA 35 59.10 -72.29 14.82
C GLU CA 35 57.91 -72.06 15.76
N LEU CA 36 56.71 -72.44 15.34
CA LEU CA 36 55.51 -72.16 16.13
C LEU CA 36 54.54 -73.31 15.97
N MET CA 37 54.12 -73.89 17.10
CA MET CA 37 53.09 -74.92 17.15
C MET CA 37 52.06 -74.56 18.22
N GLU CA 38 51.70 -73.28 18.28
CA GLU CA 38 50.79 -72.79 19.31
C GLU CA 38 49.60 -72.06 18.70
N SER CA 39 48.81 -71.39 19.53
CA SER CA 39 47.62 -70.67 19.11
C SER CA 39 47.88 -69.19 18.88
N THR CA 40 49.10 -68.84 18.45
CA THR CA 40 49.41 -67.44 18.16
C THR CA 40 48.63 -66.95 16.95
N ASN CA 41 48.36 -67.83 15.98
CA ASN CA 41 47.59 -67.50 14.79
C ASN CA 41 46.61 -68.65 14.55
N THR CA 42 45.35 -68.45 14.93
CA THR CA 42 44.36 -69.53 14.82
C THR CA 42 43.92 -69.73 13.38
N ALA CA 43 44.15 -68.74 12.52
CA ALA CA 43 43.80 -68.88 11.11
C ALA CA 43 44.81 -69.75 10.36
N LEU CA 44 46.09 -69.67 10.73
CA LEU CA 44 47.14 -70.42 10.05
C LEU CA 44 47.46 -71.75 10.71
N TRP CA 45 46.78 -72.09 11.81
CA TRP CA 45 46.99 -73.40 12.44
C TRP CA 45 46.55 -74.56 11.54
N PRO CA 46 45.34 -74.57 10.94
CA PRO CA 46 45.01 -75.68 10.03
C PRO CA 46 45.90 -75.75 8.80
N VAL CA 47 46.35 -74.61 8.27
CA VAL CA 47 47.21 -74.69 7.09
C VAL CA 47 48.63 -75.11 7.47
N LYS CA 48 49.06 -74.83 8.71
CA LYS CA 48 50.35 -75.37 9.15
C LYS CA 48 50.27 -76.87 9.38
N LEU CA 49 49.14 -77.35 9.91
CA LEU CA 49 48.93 -78.80 9.98
C LEU CA 49 48.91 -79.41 8.58
N ALA CA 50 48.27 -78.73 7.63
CA ALA CA 50 48.24 -79.19 6.25
C ALA CA 50 49.64 -79.18 5.63
N LEU CA 51 50.51 -78.26 6.06
CA LEU CA 51 51.88 -78.26 5.56
C LEU CA 51 52.68 -79.43 6.12
N GLU CA 52 52.49 -79.74 7.41
CA GLU CA 52 53.12 -80.93 7.99
C GLU CA 52 52.62 -82.19 7.29
N VAL CA 53 51.33 -82.24 6.96
CA VAL CA 53 50.80 -83.37 6.24
C VAL CA 53 51.24 -83.38 4.77
N ALA CA 54 51.57 -82.21 4.22
CA ALA CA 54 52.23 -82.18 2.92
C ALA CA 54 53.63 -82.78 3.00
N ASP CA 55 54.31 -82.57 4.13
CA ASP CA 55 55.59 -83.25 4.36
C ASP CA 55 55.39 -84.77 4.44
N TRP CA 56 54.33 -85.21 5.12
CA TRP CA 56 53.97 -86.62 5.09
C TRP CA 56 53.70 -87.10 3.66
N PHE CA 57 53.11 -86.25 2.83
CA PHE CA 57 52.89 -86.56 1.42
C PHE CA 57 54.21 -86.66 0.66
N ILE CA 58 55.19 -85.83 1.01
CA ILE CA 58 56.53 -85.98 0.43
C ILE CA 58 57.14 -87.31 0.84
N LEU CA 59 56.90 -87.75 2.07
CA LEU CA 59 57.34 -89.09 2.47
C LEU CA 59 56.64 -90.16 1.64
N LEU CA 60 55.35 -89.97 1.36
CA LEU CA 60 54.65 -90.92 0.50
C LEU CA 60 55.21 -90.91 -0.93
N SER CA 61 55.62 -89.73 -1.40
CA SER CA 61 56.33 -89.63 -2.66
C SER CA 61 57.66 -90.38 -2.61
N PHE CA 62 58.29 -90.40 -1.44
CA PHE CA 62 59.49 -91.22 -1.29
C PHE CA 62 59.16 -92.71 -1.36
N ILE CA 63 58.00 -93.14 -0.84
CA ILE CA 63 57.64 -94.55 -0.99
C ILE CA 63 57.36 -94.90 -2.45
N VAL CA 64 56.70 -94.00 -3.19
CA VAL CA 64 56.51 -94.33 -4.60
C VAL CA 64 57.82 -94.21 -5.37
N GLU CA 65 58.76 -93.41 -4.89
CA GLU CA 65 60.11 -93.40 -5.45
C GLU CA 65 60.82 -94.73 -5.23
N ILE CA 66 60.69 -95.31 -4.03
CA ILE CA 66 61.31 -96.62 -3.83
C ILE CA 66 60.52 -97.72 -4.55
N LEU CA 67 59.24 -97.48 -4.88
CA LEU CA 67 58.55 -98.38 -5.80
C LEU CA 67 59.17 -98.33 -7.19
N LEU CA 68 59.46 -97.12 -7.68
CA LEU CA 68 60.20 -96.97 -8.93
C LEU CA 68 61.58 -97.59 -8.83
N MET CA 69 62.17 -97.59 -7.64
CA MET CA 69 63.45 -98.26 -7.43
C MET CA 69 63.31 -99.79 -7.44
N TRP CA 70 62.19 -100.31 -6.94
CA TRP CA 70 61.89 -101.73 -7.10
C TRP CA 70 61.69 -102.10 -8.56
N LEU CA 71 61.18 -101.16 -9.37
CA LEU CA 71 61.11 -101.38 -10.81
C LEU CA 71 62.49 -101.55 -11.45
N ALA CA 72 63.56 -101.10 -10.77
CA ALA CA 72 64.92 -101.33 -11.21
C ALA CA 72 65.39 -102.73 -10.84
N SER CA 73 66.70 -102.95 -10.85
CA SER CA 73 67.31 -104.29 -10.72
C SER CA 73 67.01 -105.01 -9.40
N PHE CA 74 66.27 -104.37 -8.50
CA PHE CA 74 65.67 -105.00 -7.32
C PHE CA 74 66.72 -105.52 -6.35
N SER CA 75 66.99 -106.83 -6.41
CA SER CA 75 67.88 -107.45 -5.43
C SER CA 75 69.33 -107.04 -5.63
N LEU CA 76 69.71 -106.65 -6.84
CA LEU CA 76 71.08 -106.21 -7.09
C LEU CA 76 71.36 -104.85 -6.45
N PHE CA 77 70.32 -104.05 -6.23
CA PHE CA 77 70.48 -102.71 -5.70
C PHE CA 77 70.69 -102.69 -4.18
N TRP CA 78 70.59 -103.83 -3.51
CA TRP CA 78 70.77 -103.86 -2.06
C TRP CA 78 72.22 -103.61 -1.64
N LYS CA 79 73.18 -103.81 -2.54
CA LYS CA 79 74.59 -103.54 -2.27
C LYS CA 79 75.14 -102.78 -3.48
N ASP CA 80 75.27 -101.47 -3.35
CA ASP CA 80 75.65 -100.62 -4.46
C ASP CA 80 76.42 -99.41 -3.92
N ALA CA 81 76.51 -98.36 -4.73
CA ALA CA 81 77.15 -97.10 -4.35
C ALA CA 81 76.22 -96.28 -3.46
N TRP CA 82 76.51 -94.99 -3.32
CA TRP CA 82 75.80 -94.07 -2.42
C TRP CA 82 74.27 -94.08 -2.59
N ASN CA 83 73.78 -94.65 -3.68
CA ASN CA 83 72.33 -94.83 -3.85
C ASN CA 83 71.75 -95.74 -2.78
N VAL CA 84 72.49 -96.76 -2.33
CA VAL CA 84 71.98 -97.60 -1.26
C VAL CA 84 71.96 -96.84 0.07
N PHE CA 85 72.91 -95.92 0.26
CA PHE CA 85 72.85 -95.03 1.42
C PHE CA 85 71.63 -94.12 1.35
N ASP CA 86 71.31 -93.62 0.16
CA ASP CA 86 70.10 -92.83 -0.03
C ASP CA 86 68.86 -93.65 0.27
N PHE CA 87 68.84 -94.91 -0.16
CA PHE CA 87 67.72 -95.79 0.14
C PHE CA 87 67.57 -96.03 1.63
N PHE CA 88 68.68 -96.24 2.33
CA PHE CA 88 68.65 -96.41 3.77
C PHE CA 88 68.16 -95.14 4.47
N VAL CA 89 68.56 -93.98 3.98
CA VAL CA 89 68.11 -92.72 4.56
C VAL CA 89 66.61 -92.53 4.33
N THR CA 90 66.11 -92.91 3.14
CA THR CA 90 64.68 -92.82 2.89
C THR CA 90 63.90 -93.79 3.77
N LEU CA 91 64.45 -94.98 4.04
CA LEU CA 91 63.82 -95.89 4.98
C LEU CA 91 63.79 -95.29 6.39
N LEU CA 92 64.89 -94.67 6.80
CA LEU CA 92 64.93 -94.03 8.12
C LEU CA 92 64.00 -92.82 8.18
N SER CA 93 63.71 -92.19 7.05
CA SER CA 93 62.77 -91.09 7.00
C SER CA 93 61.31 -91.57 6.93
N LEU CA 94 61.09 -92.79 6.44
CA LEU CA 94 59.77 -93.42 6.56
C LEU CA 94 59.51 -93.93 7.97
N LEU CA 95 60.55 -94.28 8.71
CA LEU CA 95 60.41 -94.78 10.08
C LEU CA 95 59.61 -93.90 11.03
N PRO CA 96 59.74 -92.56 11.05
CA PRO CA 96 58.93 -91.77 12.01
C PRO CA 96 57.43 -91.94 11.85
N GLU CA 97 56.92 -92.20 10.65
CA GLU CA 97 55.51 -92.48 10.48
C GLU CA 97 55.10 -93.72 11.28
N LEU CA 98 55.92 -94.77 11.22
CA LEU CA 98 55.64 -95.97 12.00
C LEU CA 98 55.77 -95.71 13.49
N VAL CA 99 56.79 -94.96 13.90
CA VAL CA 99 56.99 -94.75 15.35
C VAL CA 99 56.03 -93.73 15.94
N VAL CA 100 55.28 -92.99 15.12
CA VAL CA 100 54.17 -92.21 15.63
C VAL CA 100 52.83 -92.92 15.46
N LEU CA 101 52.74 -93.88 14.55
CA LEU CA 101 51.52 -94.67 14.45
C LEU CA 101 51.42 -95.73 15.55
N LEU CA 102 52.56 -96.28 15.98
CA LEU CA 102 52.51 -97.34 16.99
C LEU CA 102 53.51 -97.18 18.14
N GLY CA 103 54.41 -96.21 18.08
CA GLY CA 103 55.44 -96.09 19.10
C GLY CA 103 55.11 -95.24 20.31
N VAL CA 104 54.06 -94.42 20.23
CA VAL CA 104 53.66 -93.47 21.28
C VAL CA 104 54.86 -92.61 21.65
N PRO CA 105 55.23 -91.63 20.81
CA PRO CA 105 56.53 -90.96 21.00
C PRO CA 105 56.59 -90.00 22.19
N ALA CA 106 56.20 -90.46 23.36
CA ALA CA 106 56.47 -89.73 24.61
C ALA CA 106 57.72 -90.30 25.29
N HIS CA 107 58.82 -90.31 24.54
CA HIS CA 107 60.05 -90.94 24.97
C HIS CA 107 61.20 -90.33 24.18
N SER CA 108 62.35 -91.00 24.18
CA SER CA 108 63.45 -90.61 23.31
C SER CA 108 63.11 -90.97 21.87
N VAL CA 109 62.43 -90.06 21.18
CA VAL CA 109 61.88 -90.36 19.86
C VAL CA 109 63.00 -90.57 18.84
N TRP CA 110 64.02 -89.71 18.89
CA TRP CA 110 65.11 -89.67 17.89
C TRP CA 110 64.56 -89.43 16.47
N LEU CA 111 63.43 -88.72 16.39
CA LEU CA 111 62.90 -88.32 15.08
C LEU CA 111 63.79 -87.27 14.44
N GLN CA 112 64.50 -86.48 15.27
CA GLN CA 112 65.30 -85.38 14.75
C GLN CA 112 66.51 -85.89 13.96
N LEU CA 113 67.10 -87.00 14.39
CA LEU CA 113 68.23 -87.58 13.65
C LEU CA 113 67.80 -88.04 12.27
N LEU CA 114 66.65 -88.72 12.17
CA LEU CA 114 66.15 -89.15 10.87
C LEU CA 114 65.73 -87.95 10.02
N ARG CA 115 65.20 -86.91 10.66
CA ARG CA 115 64.84 -85.70 9.93
C ARG CA 115 66.08 -85.03 9.33
N VAL CA 116 67.16 -84.92 10.10
CA VAL CA 116 68.36 -84.30 9.56
C VAL CA 116 69.04 -85.24 8.56
N CYS CA 117 68.83 -86.55 8.68
CA CYS CA 117 69.35 -87.47 7.67
C CYS CA 117 68.67 -87.27 6.34
N ARG CA 118 67.33 -87.17 6.34
CA ARG CA 118 66.62 -86.92 5.09
C ARG CA 118 66.90 -85.51 4.56
N VAL CA 119 67.17 -84.56 5.46
CA VAL CA 119 67.53 -83.20 5.02
C VAL CA 119 68.88 -83.21 4.33
N LEU CA 120 69.87 -83.93 4.86
CA LEU CA 120 71.16 -84.01 4.21
C LEU CA 120 71.09 -84.80 2.91
N ARG CA 121 70.23 -85.83 2.86
CA ARG CA 121 70.04 -86.55 1.60
C ARG CA 121 69.42 -85.64 0.54
N SER CA 122 68.45 -84.82 0.92
CA SER CA 122 67.87 -83.86 -0.02
C SER CA 122 68.89 -82.80 -0.44
N LEU CA 123 69.71 -82.32 0.49
CA LEU CA 123 70.75 -81.34 0.19
C LEU CA 123 71.89 -81.91 -0.63
N LYS CA 124 72.05 -83.23 -0.66
CA LYS CA 124 73.03 -83.87 -1.54
C LYS CA 124 72.46 -84.26 -2.89
N LEU CA 125 71.19 -84.65 -2.96
CA LEU CA 125 70.53 -85.00 -4.22
C LEU CA 125 69.81 -83.78 -4.80
N PHE CA 126 70.60 -82.74 -5.06
CA PHE CA 126 70.08 -81.46 -5.53
C PHE CA 126 70.63 -81.10 -6.92
N ALA CA 127 71.06 -82.12 -7.67
CA ALA CA 127 71.75 -81.96 -8.95
C ALA CA 127 73.01 -81.12 -8.79
N ARG CA 128 73.95 -81.71 -8.04
CA ARG CA 128 75.20 -81.05 -7.71
C ARG CA 128 75.98 -80.64 -8.95
N PHE CA 129 76.56 -79.44 -8.91
CA PHE CA 129 77.19 -78.84 -10.07
C PHE CA 129 78.55 -79.45 -10.36
N ARG CA 130 79.11 -79.10 -11.53
CA ARG CA 130 80.44 -79.57 -11.89
C ARG CA 130 81.48 -79.02 -10.93
N GLN CA 131 81.27 -77.78 -10.48
CA GLN CA 131 82.21 -77.10 -9.61
C GLN CA 131 82.08 -77.58 -8.16
N ILE CA 132 80.98 -78.27 -7.86
CA ILE CA 132 80.91 -79.02 -6.61
C ILE CA 132 81.61 -80.37 -6.76
N LYS CA 133 81.36 -81.09 -7.86
CA LYS CA 133 81.85 -82.47 -7.91
C LYS CA 133 83.36 -82.54 -8.11
N VAL CA 134 83.96 -81.53 -8.77
CA VAL CA 134 85.41 -81.59 -8.95
C VAL CA 134 86.13 -81.42 -7.61
N ILE CA 135 85.69 -80.47 -6.79
CA ILE CA 135 86.32 -80.28 -5.49
C ILE CA 135 85.92 -81.39 -4.54
N LEU CA 136 84.77 -82.04 -4.77
CA LEU CA 136 84.42 -83.20 -3.96
C LEU CA 136 85.30 -84.40 -4.29
N LEU CA 137 85.62 -84.58 -5.58
CA LEU CA 137 86.58 -85.61 -5.97
C LEU CA 137 87.96 -85.32 -5.38
N ALA CA 138 88.37 -84.05 -5.39
CA ALA CA 138 89.63 -83.67 -4.76
C ALA CA 138 89.62 -83.97 -3.26
N LEU CA 139 88.50 -83.68 -2.59
CA LEU CA 139 88.41 -83.93 -1.15
C LEU CA 139 88.40 -85.42 -0.84
N VAL CA 140 87.70 -86.23 -1.63
CA VAL CA 140 87.66 -87.65 -1.32
C VAL CA 140 89.00 -88.32 -1.63
N ARG CA 141 89.70 -87.89 -2.68
CA ARG CA 141 91.03 -88.44 -2.90
C ARG CA 141 92.03 -87.91 -1.87
N ALA CA 142 91.80 -86.71 -1.34
CA ALA CA 142 92.60 -86.24 -0.23
C ALA CA 142 92.39 -87.10 1.01
N LEU CA 143 91.14 -87.46 1.30
CA LEU CA 143 90.92 -88.32 2.46
C LEU CA 143 91.35 -89.76 2.20
N LYS CA 144 91.47 -90.16 0.93
CA LYS CA 144 92.13 -91.43 0.62
C LYS CA 144 93.62 -91.34 0.91
N SER CA 145 94.24 -90.23 0.54
CA SER CA 145 95.63 -89.97 0.92
C SER CA 145 95.81 -89.79 2.43
N MET CA 146 94.74 -89.48 3.16
CA MET CA 146 94.81 -89.46 4.62
C MET CA 146 94.91 -90.90 5.11
N THR CA 147 96.11 -91.47 5.06
CA THR CA 147 96.31 -92.83 5.52
C THR CA 147 97.01 -92.88 6.87
N PHE CA 148 98.21 -92.31 6.97
CA PHE CA 148 99.01 -92.46 8.16
C PHE CA 148 99.06 -91.19 8.99
N LEU CA 149 98.81 -90.03 8.38
CA LEU CA 149 98.84 -88.75 9.10
C LEU CA 149 97.76 -88.70 10.17
N LEU CA 150 96.59 -89.28 9.90
CA LEU CA 150 95.51 -89.25 10.88
C LEU CA 150 95.80 -90.13 12.09
N MET CA 151 96.41 -91.31 11.89
CA MET CA 151 96.78 -92.10 13.05
C MET CA 151 97.93 -91.46 13.81
N LEU CA 152 98.84 -90.77 13.11
CA LEU CA 152 99.86 -90.00 13.81
C LEU CA 152 99.22 -88.92 14.68
N LEU CA 153 98.23 -88.20 14.14
CA LEU CA 153 97.54 -87.15 14.89
C LEU CA 153 96.83 -87.72 16.11
N LEU CA 154 96.06 -88.80 15.91
CA LEU CA 154 95.29 -89.35 17.02
C LEU CA 154 96.20 -90.00 18.06
N ILE CA 155 97.33 -90.59 17.65
CA ILE CA 155 98.19 -91.21 18.63
C ILE CA 155 99.00 -90.17 19.41
N PHE CA 156 99.37 -89.04 18.78
CA PHE CA 156 100.00 -87.98 19.55
C PHE CA 156 99.01 -87.32 20.50
N PHE CA 157 97.75 -87.15 20.06
CA PHE CA 157 96.68 -86.74 20.95
C PHE CA 157 96.53 -87.69 22.12
N TYR CA 158 96.55 -88.99 21.84
CA TYR CA 158 96.40 -90.01 22.87
C TYR CA 158 97.52 -89.92 23.91
N ILE CA 159 98.77 -89.90 23.45
CA ILE CA 159 99.88 -89.91 24.40
C ILE CA 159 99.93 -88.61 25.19
N PHE CA 160 99.68 -87.47 24.54
CA PHE CA 160 99.75 -86.20 25.26
C PHE CA 160 98.59 -86.05 26.24
N ALA CA 161 97.40 -86.54 25.87
CA ALA CA 161 96.26 -86.47 26.77
C ALA CA 161 96.46 -87.34 27.99
N VAL CA 162 96.91 -88.59 27.79
CA VAL CA 162 97.14 -89.45 28.95
C VAL CA 162 98.36 -89.01 29.75
N THR CA 163 99.28 -88.25 29.16
CA THR CA 163 100.33 -87.64 29.96
C THR CA 163 99.78 -86.51 30.81
N GLY CA 164 98.95 -85.65 30.22
CA GLY CA 164 98.39 -84.51 30.92
C GLY CA 164 97.23 -84.80 31.84
N VAL CA 165 96.75 -86.05 31.89
CA VAL CA 165 95.75 -86.43 32.89
C VAL CA 165 96.29 -86.18 34.30
N TYR CA 166 97.36 -86.88 34.66
CA TYR CA 166 97.96 -86.76 35.99
C TYR CA 166 99.14 -85.79 36.00
N PHE CA 167 98.94 -84.58 35.49
CA PHE CA 167 99.90 -83.50 35.63
C PHE CA 167 99.31 -82.33 36.40
N PHE CA 168 98.17 -81.79 35.95
CA PHE CA 168 97.41 -80.83 36.76
C PHE CA 168 96.34 -81.55 37.57
N ARG CA 169 96.78 -82.58 38.28
CA ARG CA 169 95.87 -83.36 39.13
C ARG CA 169 95.39 -82.55 40.32
N GLU CA 170 96.27 -81.74 40.90
CA GLU CA 170 95.95 -80.87 42.03
C GLU CA 170 95.12 -79.65 41.63
N TYR CA 171 94.67 -79.58 40.38
CA TYR CA 171 93.72 -78.54 39.97
C TYR CA 171 92.30 -78.97 40.30
N SER CA 172 91.85 -80.07 39.71
CA SER CA 172 90.51 -80.58 40.02
C SER CA 172 90.47 -81.22 41.41
N ARG CA 173 91.56 -81.88 41.80
CA ARG CA 173 91.58 -82.52 43.12
C ARG CA 173 92.18 -81.61 44.18
N SER CA 174 91.56 -80.44 44.35
CA SER CA 174 91.94 -79.48 45.37
C SER CA 174 90.68 -78.96 46.07
N THR CA 175 90.85 -78.44 47.28
CA THR CA 175 89.74 -77.99 48.11
C THR CA 175 89.46 -76.50 47.96
N ILE CA 176 89.77 -75.91 46.80
CA ILE CA 176 89.49 -74.50 46.56
C ILE CA 176 88.02 -74.34 46.22
N GLU CA 177 87.32 -73.49 46.97
CA GLU CA 177 85.88 -73.32 46.75
C GLU CA 177 85.61 -72.56 45.45
N GLY CA 178 86.31 -71.46 45.22
CA GLY CA 178 86.07 -70.66 44.03
C GLY CA 178 86.89 -71.09 42.84
N LEU CA 179 86.30 -71.91 41.98
CA LEU CA 179 86.93 -72.39 40.77
C LEU CA 179 85.84 -72.81 39.79
N GLU CA 180 86.10 -72.62 38.50
CA GLU CA 180 85.11 -72.94 37.48
C GLU CA 180 85.62 -73.76 36.32
N TYR CA 181 86.93 -73.98 36.19
CA TYR CA 181 87.49 -74.87 35.18
C TYR CA 181 87.98 -76.19 35.76
N ASN CA 182 87.52 -76.53 36.97
CA ASN CA 182 87.95 -77.78 37.61
C ASN CA 182 87.39 -79.00 36.89
N MET CA 183 86.23 -78.85 36.25
CA MET CA 183 85.60 -79.94 35.50
C MET CA 183 86.44 -80.35 34.28
N PHE CA 184 87.30 -79.45 33.79
CA PHE CA 184 88.09 -79.71 32.59
C PHE CA 184 89.05 -80.88 32.81
N PHE CA 185 89.73 -80.92 33.96
CA PHE CA 185 90.83 -81.85 34.18
C PHE CA 185 90.44 -82.99 35.13
N SER CA 186 89.15 -83.26 35.29
CA SER CA 186 88.72 -84.27 36.26
C SER CA 186 88.83 -85.68 35.70
N ASP CA 187 88.09 -85.98 34.64
CA ASP CA 187 88.00 -87.33 34.10
C ASP CA 187 88.90 -87.48 32.88
N LEU CA 188 89.09 -88.73 32.46
CA LEU CA 188 89.87 -89.01 31.25
C LEU CA 188 89.19 -88.44 30.02
N LEU CA 189 87.88 -88.61 29.90
CA LEU CA 189 87.14 -87.99 28.81
C LEU CA 189 87.17 -86.48 28.91
N ASN CA 190 87.10 -85.96 30.14
CA ASN CA 190 87.26 -84.53 30.36
C ASN CA 190 88.66 -84.07 29.96
N SER CA 191 89.67 -84.89 30.22
CA SER CA 191 91.03 -84.58 29.78
C SER CA 191 91.12 -84.54 28.26
N LEU CA 192 90.46 -85.49 27.59
CA LEU CA 192 90.41 -85.47 26.13
C LEU CA 192 89.76 -84.20 25.62
N VAL CA 193 88.66 -83.79 26.25
CA VAL CA 193 87.94 -82.58 25.83
C VAL CA 193 88.81 -81.35 26.02
N THR CA 194 89.50 -81.26 27.16
CA THR CA 194 90.29 -80.05 27.43
C THR CA 194 91.56 -80.00 26.59
N VAL CA 195 92.17 -81.14 26.26
CA VAL CA 195 93.33 -81.08 25.39
C VAL CA 195 92.88 -80.85 23.94
N PHE CA 196 91.67 -81.26 23.58
CA PHE CA 196 91.12 -80.86 22.29
C PHE CA 196 90.87 -79.36 22.25
N ILE CA 197 90.39 -78.79 23.35
CA ILE CA 197 90.22 -77.34 23.44
C ILE CA 197 91.56 -76.64 23.28
N LEU CA 198 92.60 -77.16 23.94
CA LEU CA 198 93.95 -76.61 23.77
C LEU CA 198 94.44 -76.75 22.33
N PHE CA 199 94.07 -77.85 21.66
CA PHE CA 199 94.44 -78.05 20.27
C PHE CA 199 93.79 -77.02 19.37
N THR CA 200 92.49 -76.76 19.55
CA THR CA 200 91.84 -75.68 18.80
C THR CA 200 92.33 -74.29 19.22
N LEU CA 201 92.94 -74.17 20.41
CA LEU CA 201 93.55 -72.93 20.89
C LEU CA 201 92.52 -71.80 20.99
N ASP CA 202 91.54 -72.00 21.88
CA ASP CA 202 90.57 -70.97 22.21
C ASP CA 202 90.66 -70.68 23.70
N HIS CA 203 90.88 -69.41 24.03
CA HIS CA 203 90.99 -68.92 25.42
C HIS CA 203 92.04 -69.71 26.21
N TRP CA 204 93.17 -70.00 25.57
CA TRP CA 204 94.27 -70.64 26.28
C TRP CA 204 94.83 -69.74 27.37
N TYR CA 205 94.79 -68.42 27.16
CA TYR CA 205 95.20 -67.47 28.19
C TYR CA 205 94.29 -67.60 29.42
N ALA CA 206 92.97 -67.61 29.20
CA ALA CA 206 92.03 -67.73 30.31
C ALA CA 206 92.15 -69.09 31.00
N VAL CA 207 92.41 -70.14 30.22
CA VAL CA 207 92.62 -71.47 30.81
C VAL CA 207 93.85 -71.47 31.70
N LEU CA 208 94.94 -70.85 31.22
CA LEU CA 208 96.17 -70.77 32.02
C LEU CA 208 95.96 -69.95 33.29
N GLN CA 209 95.24 -68.82 33.20
CA GLN CA 209 94.97 -68.03 34.40
C GLN CA 209 94.07 -68.78 35.38
N ASP CA 210 93.14 -69.61 34.88
CA ASP CA 210 92.30 -70.38 35.78
C ASP CA 210 93.04 -71.54 36.43
N ILE CA 211 94.03 -72.13 35.74
CA ILE CA 211 94.91 -73.12 36.37
C ILE CA 211 95.93 -72.46 37.29
N TRP CA 212 96.20 -71.16 37.11
CA TRP CA 212 97.12 -70.43 38.00
C TRP CA 212 96.63 -70.38 39.45
N LYS CA 213 95.36 -70.64 39.70
CA LYS CA 213 94.87 -70.70 41.09
C LYS CA 213 95.44 -71.86 41.86
N VAL CA 214 96.02 -72.86 41.18
CA VAL CA 214 96.81 -73.89 41.86
C VAL CA 214 98.02 -73.23 42.48
N PRO CA 215 98.45 -73.65 43.70
CA PRO CA 215 99.71 -73.14 44.27
C PRO CA 215 100.89 -73.26 43.30
N GLU CA 216 101.47 -72.11 42.96
CA GLU CA 216 102.52 -72.05 41.94
C GLU CA 216 103.79 -72.70 42.46
N SER CA 217 104.10 -73.89 41.98
CA SER CA 217 105.32 -74.61 42.34
C SER CA 217 106.46 -74.28 41.38
N SER CA 218 106.70 -72.97 41.19
CA SER CA 218 107.77 -72.42 40.37
C SER CA 218 107.69 -72.83 38.90
N ARG CA 219 106.51 -73.29 38.46
CA ARG CA 219 106.15 -73.60 37.06
C ARG CA 219 107.21 -74.44 36.34
N VAL CA 220 107.98 -75.24 37.08
CA VAL CA 220 109.18 -75.86 36.53
C VAL CA 220 108.84 -76.95 35.52
N PHE CA 221 107.70 -77.62 35.66
CA PHE CA 221 107.43 -78.73 34.75
C PHE CA 221 106.06 -78.69 34.10
N SER CA 222 105.02 -78.24 34.81
CA SER CA 222 103.65 -78.42 34.33
C SER CA 222 103.26 -77.38 33.29
N SER CA 223 103.44 -76.09 33.61
CA SER CA 223 103.02 -75.02 32.70
C SER CA 223 103.80 -75.07 31.40
N ILE CA 224 105.12 -75.32 31.48
CA ILE CA 224 105.92 -75.45 30.27
C ILE CA 224 105.49 -76.67 29.47
N TYR CA 225 105.07 -77.75 30.14
CA TYR CA 225 104.61 -78.93 29.43
C TYR CA 225 103.34 -78.65 28.63
N VAL CA 226 102.34 -78.04 29.28
CA VAL CA 226 101.08 -77.79 28.58
C VAL CA 226 101.26 -76.76 27.48
N ILE CA 227 102.10 -75.74 27.72
CA ILE CA 227 102.33 -74.72 26.71
C ILE CA 227 103.05 -75.30 25.49
N LEU CA 228 104.09 -76.10 25.74
CA LEU CA 228 104.80 -76.74 24.64
C LEU CA 228 103.89 -77.70 23.89
N TRP CA 229 103.06 -78.45 24.60
CA TRP CA 229 102.13 -79.37 23.95
C TRP CA 229 101.18 -78.62 23.03
N LEU CA 230 100.51 -77.58 23.55
CA LEU CA 230 99.52 -76.86 22.74
C LEU CA 230 100.17 -76.22 21.52
N LEU CA 231 101.30 -75.51 21.73
CA LEU CA 231 101.97 -74.81 20.65
C LEU CA 231 102.45 -75.78 19.58
N LEU CA 232 103.23 -76.79 20.00
CA LEU CA 232 103.84 -77.71 19.06
C LEU CA 232 102.78 -78.52 18.33
N GLY CA 233 101.81 -79.08 19.06
CA GLY CA 233 100.78 -79.87 18.42
C GLY CA 233 99.98 -79.07 17.43
N SER CA 234 99.52 -77.86 17.82
CA SER CA 234 98.70 -77.06 16.93
C SER CA 234 99.47 -76.68 15.66
N ILE CA 235 100.66 -76.09 15.81
CA ILE CA 235 101.36 -75.59 14.63
C ILE CA 235 101.83 -76.76 13.76
N ILE CA 236 102.34 -77.83 14.37
CA ILE CA 236 102.88 -78.95 13.60
C ILE CA 236 101.78 -79.66 12.84
N PHE CA 237 100.65 -79.94 13.50
CA PHE CA 237 99.60 -80.70 12.83
C PHE CA 237 98.87 -79.88 11.79
N ARG CA 238 98.51 -78.63 12.10
CA ARG CA 238 97.90 -77.77 11.09
C ARG CA 238 98.83 -77.61 9.90
N ASN CA 239 100.14 -77.50 10.17
CA ASN CA 239 101.09 -77.27 9.10
C ASN CA 239 101.29 -78.50 8.23
N ILE CA 240 101.37 -79.69 8.83
CA ILE CA 240 101.59 -80.89 8.02
C ILE CA 240 100.35 -81.19 7.19
N ILE CA 241 99.15 -80.92 7.74
CA ILE CA 241 97.94 -81.17 6.95
C ILE CA 241 97.83 -80.17 5.80
N VAL CA 242 98.14 -78.90 6.02
CA VAL CA 242 98.07 -77.95 4.90
C VAL CA 242 99.16 -78.23 3.88
N ALA CA 243 100.34 -78.68 4.31
CA ALA CA 243 101.42 -79.01 3.38
C ALA CA 243 101.06 -80.21 2.50
N MET CA 244 100.46 -81.24 3.11
CA MET CA 244 99.95 -82.36 2.32
C MET CA 244 98.81 -81.94 1.40
N MET CA 245 97.95 -81.01 1.84
CA MET CA 245 96.88 -80.55 0.96
C MET CA 245 97.41 -79.84 -0.29
N VAL CA 246 98.37 -78.92 -0.11
CA VAL CA 246 98.92 -78.25 -1.27
C VAL CA 246 99.71 -79.25 -2.11
N THR CA 247 100.32 -80.28 -1.49
CA THR CA 247 100.96 -81.34 -2.27
C THR CA 247 99.96 -82.11 -3.12
N ASN CA 248 98.76 -82.38 -2.57
CA ASN CA 248 97.72 -83.05 -3.34
C ASN CA 248 97.30 -82.19 -4.52
N PHE CA 249 97.12 -80.90 -4.29
CA PHE CA 249 96.78 -80.00 -5.39
C PHE CA 249 97.90 -79.97 -6.43
N GLN CA 250 99.16 -80.00 -5.97
CA GLN CA 250 100.29 -79.99 -6.88
C GLN CA 250 100.30 -81.22 -7.76
N ASN CA 251 100.10 -82.41 -7.18
CA ASN CA 251 100.14 -83.61 -8.01
C ASN CA 251 98.88 -83.75 -8.87
N ILE CA 252 97.73 -83.23 -8.42
CA ILE CA 252 96.54 -83.20 -9.27
C ILE CA 252 96.81 -82.35 -10.51
N ARG CA 253 97.34 -81.15 -10.31
CA ARG CA 253 97.63 -80.28 -11.44
C ARG CA 253 98.75 -80.84 -12.32
N SER CA 254 99.74 -81.51 -11.71
CA SER CA 254 100.81 -82.13 -12.49
C SER CA 254 100.26 -83.25 -13.37
N GLU CA 255 99.36 -84.07 -12.84
CA GLU CA 255 98.72 -85.12 -13.63
C GLU CA 255 97.90 -84.51 -14.76
N LEU CA 256 97.16 -83.44 -14.48
CA LEU CA 256 96.38 -82.77 -15.51
C LEU CA 256 97.27 -82.20 -16.61
N SER CA 257 98.38 -81.57 -16.21
CA SER CA 257 99.30 -80.98 -17.17
C SER CA 257 99.98 -82.04 -18.02
N GLU CA 258 100.37 -83.17 -17.42
CA GLU CA 258 101.00 -84.23 -18.21
C GLU CA 258 100.00 -84.91 -19.12
N GLU CA 259 98.72 -85.00 -18.71
CA GLU CA 259 97.71 -85.53 -19.61
C GLU CA 259 97.49 -84.60 -20.80
N MET CA 260 97.45 -83.29 -20.56
CA MET CA 260 97.32 -82.33 -21.66
C MET CA 260 98.53 -82.37 -22.57
N SER CA 261 99.73 -82.52 -22.00
CA SER CA 261 100.94 -82.61 -22.80
C SER CA 261 100.95 -83.86 -23.67
N HIS CA 262 100.52 -84.99 -23.11
CA HIS CA 262 100.41 -86.22 -23.91
C HIS CA 262 99.38 -86.07 -25.01
N LEU CA 263 98.26 -85.39 -24.72
CA LEU CA 263 97.25 -85.16 -25.74
C LEU CA 263 97.79 -84.28 -26.87
N GLU CA 264 98.57 -83.25 -26.52
CA GLU CA 264 99.16 -82.39 -27.54
C GLU CA 264 100.19 -83.14 -28.38
N VAL CA 265 101.00 -83.98 -27.74
CA VAL CA 265 101.97 -84.80 -28.47
C VAL CA 265 101.26 -85.76 -29.42
N GLN CA 266 100.17 -86.37 -28.95
CA GLN CA 266 99.39 -87.27 -29.79
C GLN CA 266 98.75 -86.52 -30.96
N TYR CA 267 98.30 -85.29 -30.74
CA TYR CA 267 97.75 -84.49 -31.82
C TYR CA 267 98.81 -84.12 -32.85
N LYS CA 268 100.02 -83.79 -32.39
CA LYS CA 268 101.12 -83.51 -33.30
C LYS CA 268 101.47 -84.74 -34.14
N ALA CA 269 101.52 -85.91 -33.49
CA ALA CA 269 101.77 -87.15 -34.23
C ALA CA 269 100.64 -87.47 -35.20
N ASP CA 270 99.40 -87.18 -34.81
CA ASP CA 270 98.25 -87.42 -35.69
C ASP CA 270 98.32 -86.54 -36.93
N MET CA 271 98.66 -85.27 -36.77
CA MET CA 271 98.78 -84.38 -37.93
C MET CA 271 99.98 -84.74 -38.80
N PHE CA 272 101.09 -85.17 -38.19
CA PHE CA 272 102.24 -85.64 -38.97
C PHE CA 272 101.87 -86.87 -39.79
N LYS CA 273 101.16 -87.82 -39.19
CA LYS CA 273 100.74 -89.00 -39.93
C LYS CA 273 99.66 -88.67 -40.95
N GLN CA 274 98.89 -87.61 -40.72
CA GLN CA 274 97.96 -87.15 -41.75
C GLN CA 274 98.69 -86.62 -42.97
N GLN CA 275 99.76 -85.85 -42.75
CA GLN CA 275 100.61 -85.41 -43.86
C GLN CA 275 101.25 -86.62 -44.55
N ILE CA 276 101.67 -87.61 -43.77
CA ILE CA 276 102.27 -88.82 -44.34
C ILE CA 276 101.28 -89.55 -45.23
N ILE CA 277 100.04 -89.69 -44.76
CA ILE CA 277 99.00 -90.37 -45.54
C ILE CA 277 98.67 -89.57 -46.81
N GLN CA 278 98.59 -88.24 -46.69
CA GLN CA 278 98.28 -87.40 -47.84
C GLN CA 278 99.36 -87.49 -48.91
N ARG CA 279 100.64 -87.55 -48.49
CA ARG CA 279 101.70 -87.76 -49.46
C ARG CA 279 101.69 -89.18 -50.02
N ARG CA 280 101.33 -90.16 -49.19
CA ARG CA 280 101.28 -91.55 -49.64
C ARG CA 280 100.16 -91.78 -50.65
N GLN CA 281 99.10 -90.99 -50.61
CA GLN CA 281 98.02 -91.13 -51.58
C GLN CA 281 98.43 -90.59 -52.95
N GLU DA 1 130.23 -115.66 16.48
CA GLU DA 1 129.83 -117.07 16.52
C GLU DA 1 128.33 -117.22 16.32
N CYS DA 2 127.57 -116.91 17.37
CA CYS DA 2 126.11 -117.01 17.34
C CYS DA 2 125.44 -115.69 17.01
N GLN DA 3 126.22 -114.68 16.63
CA GLN DA 3 125.64 -113.37 16.31
C GLN DA 3 124.71 -113.44 15.10
N ALA DA 4 125.08 -114.24 14.10
CA ALA DA 4 124.23 -114.40 12.92
C ALA DA 4 122.89 -115.05 13.30
N TYR DA 5 122.93 -116.07 14.16
CA TYR DA 5 121.69 -116.71 14.59
C TYR DA 5 120.83 -115.75 15.42
N PHE DA 6 121.47 -114.93 16.26
CA PHE DA 6 120.72 -113.95 17.03
C PHE DA 6 120.07 -112.91 16.12
N ARG DA 7 120.78 -112.50 15.07
CA ARG DA 7 120.22 -111.56 14.11
C ARG DA 7 119.05 -112.17 13.36
N LYS DA 8 119.15 -113.47 13.01
CA LYS DA 8 118.01 -114.15 12.39
C LYS DA 8 116.83 -114.24 13.36
N VAL DA 9 117.11 -114.47 14.64
CA VAL DA 9 116.05 -114.56 15.64
C VAL DA 9 115.30 -113.24 15.76
N ILE DA 10 116.03 -112.12 15.80
CA ILE DA 10 115.33 -110.84 15.89
C ILE DA 10 114.76 -110.39 14.55
N LYS DA 11 115.25 -110.92 13.43
CA LYS DA 11 114.60 -110.66 12.15
C LYS DA 11 113.34 -111.49 11.96
N SER DA 12 113.19 -112.58 12.72
CA SER DA 12 111.93 -113.29 12.75
C SER DA 12 110.82 -112.41 13.33
N THR DA 13 109.61 -112.57 12.78
CA THR DA 13 108.51 -111.68 13.11
C THR DA 13 107.71 -112.13 14.33
N PHE DA 14 107.91 -113.36 14.82
CA PHE DA 14 107.18 -113.83 15.99
C PHE DA 14 107.59 -113.04 17.23
N PHE DA 15 108.89 -112.76 17.37
CA PHE DA 15 109.34 -111.92 18.48
C PHE DA 15 108.69 -110.55 18.41
N GLN DA 16 108.71 -109.91 17.24
CA GLN DA 16 108.14 -108.58 17.10
C GLN DA 16 106.65 -108.56 17.46
N ILE DA 17 105.95 -109.65 17.12
CA ILE DA 17 104.57 -109.83 17.57
C ILE DA 17 104.50 -109.88 19.08
N VAL DA 18 105.49 -110.53 19.72
CA VAL DA 18 105.50 -110.63 21.19
C VAL DA 18 105.68 -109.26 21.84
N MET DA 19 106.66 -108.46 21.38
CA MET DA 19 106.80 -107.12 21.96
C MET DA 19 105.58 -106.23 21.64
N ILE DA 20 105.00 -106.35 20.45
CA ILE DA 20 103.81 -105.56 20.15
C ILE DA 20 102.66 -105.93 21.09
N THR DA 21 102.47 -107.22 21.35
CA THR DA 21 101.42 -107.67 22.26
C THR DA 21 101.68 -107.16 23.68
N THR DA 22 102.93 -107.24 24.15
CA THR DA 22 103.23 -106.81 25.52
C THR DA 22 103.00 -105.31 25.70
N VAL DA 23 103.45 -104.49 24.74
CA VAL DA 23 103.26 -103.06 24.92
C VAL DA 23 101.82 -102.63 24.64
N THR DA 24 101.05 -103.38 23.83
CA THR DA 24 99.63 -103.06 23.71
C THR DA 24 98.88 -103.40 25.00
N THR DA 25 99.27 -104.50 25.67
CA THR DA 25 98.72 -104.75 26.99
C THR DA 25 99.16 -103.69 27.99
N ASN DA 26 100.36 -103.13 27.83
CA ASN DA 26 100.76 -101.99 28.64
C ASN DA 26 99.87 -100.77 28.38
N SER DA 27 99.51 -100.55 27.11
CA SER DA 27 98.60 -99.47 26.78
C SER DA 27 97.23 -99.68 27.42
N PHE DA 28 96.74 -100.92 27.40
CA PHE DA 28 95.49 -101.22 28.09
C PHE DA 28 95.62 -101.06 29.60
N LEU DA 29 96.81 -101.35 30.15
CA LEU DA 29 97.06 -101.10 31.56
C LEU DA 29 96.97 -99.62 31.89
N LEU DA 30 97.53 -98.77 31.02
CA LEU DA 30 97.40 -97.33 31.21
C LEU DA 30 95.95 -96.88 31.10
N VAL DA 31 95.20 -97.47 30.16
CA VAL DA 31 93.79 -97.14 30.00
C VAL DA 31 93.00 -97.48 31.27
N LEU DA 32 93.26 -98.64 31.84
CA LEU DA 32 92.59 -99.03 33.08
C LEU DA 32 93.15 -98.34 34.31
N GLY DA 33 94.37 -97.81 34.26
CA GLY DA 33 94.98 -97.16 35.40
C GLY DA 33 94.68 -95.67 35.48
N THR DA 34 94.27 -95.08 34.36
CA THR DA 34 93.78 -93.70 34.42
C THR DA 34 92.46 -93.60 35.16
N ASN DA 35 91.76 -94.72 35.38
CA ASN DA 35 90.63 -94.77 36.28
C ASN DA 35 91.11 -94.84 37.72
N TYR DA 36 90.15 -94.86 38.65
CA TYR DA 36 90.47 -94.83 40.07
C TYR DA 36 90.38 -96.18 40.75
N ASP DA 37 89.38 -97.00 40.39
CA ASP DA 37 89.18 -98.28 41.07
C ASP DA 37 90.31 -99.25 40.77
N ILE DA 38 90.68 -99.38 39.48
CA ILE DA 38 91.69 -100.33 39.06
C ILE DA 38 93.10 -99.83 39.34
N GLN DA 39 93.24 -98.53 39.67
CA GLN DA 39 94.56 -97.97 39.92
C GLN DA 39 95.22 -98.58 41.15
N PHE DA 40 94.46 -98.75 42.24
CA PHE DA 40 95.01 -99.30 43.47
C PHE DA 40 94.22 -100.46 44.04
N GLU DA 41 93.08 -100.82 43.46
CA GLU DA 41 92.31 -101.99 43.89
C GLU DA 41 92.11 -102.90 42.69
N PHE DA 42 91.99 -104.21 42.98
CA PHE DA 42 91.99 -105.26 41.95
C PHE DA 42 93.23 -105.14 41.07
N PHE DA 43 94.36 -104.87 41.73
CA PHE DA 43 95.60 -104.48 41.04
C PHE DA 43 96.68 -105.55 41.10
N ARG DA 44 96.35 -106.77 41.51
CA ARG DA 44 97.33 -107.86 41.41
C ARG DA 44 97.63 -108.17 39.96
N THR DA 45 96.61 -108.14 39.09
CA THR DA 45 96.83 -108.24 37.66
C THR DA 45 97.71 -107.10 37.15
N PHE DA 46 97.47 -105.89 37.66
CA PHE DA 46 98.32 -104.75 37.31
C PHE DA 46 99.77 -104.99 37.70
N GLU DA 47 99.99 -105.54 38.89
CA GLU DA 47 101.35 -105.79 39.38
C GLU DA 47 102.06 -106.83 38.53
N VAL DA 48 101.40 -107.96 38.26
CA VAL DA 48 102.06 -109.03 37.50
C VAL DA 48 102.28 -108.59 36.05
N SER DA 49 101.32 -107.86 35.47
CA SER DA 49 101.51 -107.37 34.11
C SER DA 49 102.64 -106.35 34.04
N GLU DA 50 102.73 -105.45 35.03
CA GLU DA 50 103.81 -104.48 35.05
C GLU DA 50 105.17 -105.15 35.21
N LEU DA 51 105.23 -106.21 36.02
CA LEU DA 51 106.47 -106.98 36.12
C LEU DA 51 106.84 -107.61 34.78
N PHE DA 52 105.84 -108.16 34.07
CA PHE DA 52 106.11 -108.71 32.75
C PHE DA 52 106.59 -107.64 31.78
N PHE DA 53 105.98 -106.46 31.83
CA PHE DA 53 106.36 -105.38 30.91
C PHE DA 53 107.77 -104.88 31.19
N VAL DA 54 108.12 -104.69 32.46
CA VAL DA 54 109.48 -104.24 32.76
C VAL DA 54 110.50 -105.32 32.44
N SER DA 55 110.12 -106.60 32.57
CA SER DA 55 111.00 -107.67 32.12
C SER DA 55 111.22 -107.60 30.61
N VAL DA 56 110.15 -107.35 29.85
CA VAL DA 56 110.27 -107.23 28.40
C VAL DA 56 111.14 -106.04 28.03
N TYR DA 57 110.98 -104.92 28.72
CA TYR DA 57 111.77 -103.73 28.41
C TYR DA 57 113.23 -103.91 28.80
N VAL DA 58 113.51 -104.63 29.90
CA VAL DA 58 114.89 -104.97 30.24
C VAL DA 58 115.49 -105.86 29.15
N CYS DA 59 114.71 -106.82 28.65
CA CYS DA 59 115.17 -107.63 27.53
C CYS DA 59 115.45 -106.78 26.29
N GLU DA 60 114.65 -105.74 26.08
CA GLU DA 60 114.83 -104.87 24.91
C GLU DA 60 116.10 -104.05 25.06
N PHE DA 61 116.40 -103.58 26.29
CA PHE DA 61 117.66 -102.87 26.53
C PHE DA 61 118.85 -103.80 26.37
N LEU DA 62 118.72 -105.06 26.80
CA LEU DA 62 119.74 -106.06 26.51
C LEU DA 62 119.87 -106.28 25.01
N MET DA 63 118.77 -106.12 24.28
CA MET DA 63 118.80 -106.33 22.84
C MET DA 63 119.40 -105.12 22.12
N LYS DA 64 119.48 -103.97 22.79
CA LYS DA 64 120.20 -102.81 22.27
C LYS DA 64 121.52 -102.51 22.97
N VAL DA 65 122.03 -103.42 23.81
CA VAL DA 65 123.26 -103.14 24.57
C VAL DA 65 124.52 -103.71 23.90
N TYR DA 66 124.41 -104.29 22.71
CA TYR DA 66 125.60 -104.88 22.07
C TYR DA 66 126.51 -103.85 21.41
N VAL DA 67 127.32 -104.31 20.45
CA VAL DA 67 128.11 -103.42 19.60
C VAL DA 67 127.28 -102.62 18.61
N ASP DA 68 125.99 -102.93 18.47
CA ASP DA 68 125.14 -102.14 17.58
C ASP DA 68 125.00 -100.68 17.96
N PRO DA 69 125.19 -100.26 19.23
CA PRO DA 69 125.43 -98.83 19.49
C PRO DA 69 126.46 -98.12 18.61
N ILE DA 70 127.37 -98.84 17.94
CA ILE DA 70 128.23 -98.19 16.95
C ILE DA 70 127.42 -97.61 15.80
N THR DA 71 126.21 -98.12 15.54
CA THR DA 71 125.28 -97.52 14.59
C THR DA 71 124.16 -96.75 15.27
N TYR DA 72 123.78 -97.16 16.49
CA TYR DA 72 122.78 -96.46 17.29
C TYR DA 72 123.26 -95.09 17.78
N TRP DA 73 124.57 -94.82 17.77
CA TRP DA 73 125.10 -93.55 18.26
C TRP DA 73 125.15 -92.47 17.19
N LYS DA 74 124.80 -92.79 15.95
CA LYS DA 74 124.78 -91.80 14.87
C LYS DA 74 123.45 -91.72 14.14
N ASP DA 75 122.51 -92.63 14.39
CA ASP DA 75 121.25 -92.67 13.66
C ASP DA 75 120.21 -91.81 14.36
N GLY DA 76 118.96 -91.96 13.94
CA GLY DA 76 117.82 -91.21 14.40
C GLY DA 76 117.00 -92.01 15.38
N TYR DA 77 115.99 -92.72 14.86
CA TYR DA 77 115.09 -93.54 15.68
C TYR DA 77 115.82 -94.47 16.64
N ASN DA 78 117.02 -94.94 16.26
CA ASN DA 78 117.77 -95.85 17.14
C ASN DA 78 118.21 -95.15 18.42
N ILE DA 79 118.86 -93.99 18.29
CA ILE DA 79 119.27 -93.26 19.50
C ILE DA 79 118.05 -92.76 20.25
N LEU DA 80 116.97 -92.45 19.52
CA LEU DA 80 115.74 -92.03 20.18
C LEU DA 80 115.18 -93.14 21.07
N ASP DA 81 115.15 -94.37 20.56
CA ASP DA 81 114.57 -95.46 21.36
C ASP DA 81 115.49 -95.89 22.50
N VAL DA 82 116.82 -95.84 22.32
CA VAL DA 82 117.66 -96.18 23.47
C VAL DA 82 117.60 -95.09 24.54
N ILE DA 83 117.47 -93.83 24.14
CA ILE DA 83 117.28 -92.76 25.12
C ILE DA 83 115.94 -92.93 25.84
N ILE DA 84 114.90 -93.32 25.09
CA ILE DA 84 113.61 -93.62 25.71
C ILE DA 84 113.73 -94.76 26.70
N LEU DA 85 114.51 -95.79 26.36
CA LEU DA 85 114.72 -96.90 27.29
C LEU DA 85 115.44 -96.46 28.55
N ILE DA 86 116.44 -95.58 28.42
CA ILE DA 86 117.17 -95.13 29.60
C ILE DA 86 116.27 -94.29 30.51
N ILE DA 87 115.56 -93.31 29.94
CA ILE DA 87 114.66 -92.45 30.70
C ILE DA 87 113.34 -93.16 31.02
N LEU DA 88 113.20 -94.42 30.63
CA LEU DA 88 112.16 -95.28 31.18
C LEU DA 88 112.69 -96.06 32.37
N THR DA 89 113.83 -96.72 32.19
CA THR DA 89 114.36 -97.63 33.21
C THR DA 89 114.74 -96.90 34.48
N ILE DA 90 115.42 -95.75 34.38
CA ILE DA 90 115.88 -95.04 35.57
C ILE DA 90 114.72 -94.52 36.43
N PRO DA 91 113.71 -93.81 35.89
CA PRO DA 91 112.67 -93.25 36.79
C PRO DA 91 111.84 -94.29 37.53
N TYR DA 92 111.42 -95.38 36.89
CA TYR DA 92 110.68 -96.36 37.70
C TYR DA 92 111.59 -97.15 38.62
N LEU DA 93 112.90 -97.20 38.31
CA LEU DA 93 113.85 -97.76 39.26
C LEU DA 93 113.93 -96.92 40.53
N LEU DA 94 113.87 -95.60 40.41
CA LEU DA 94 113.87 -94.73 41.57
C LEU DA 94 112.47 -94.41 42.09
N ARG DA 95 111.43 -94.92 41.45
CA ARG DA 95 110.05 -94.62 41.85
C ARG DA 95 109.32 -95.82 42.45
N LYS DA 96 109.33 -96.98 41.78
CA LYS DA 96 108.59 -98.13 42.27
C LYS DA 96 109.15 -98.61 43.61
N ILE DA 97 110.47 -98.74 43.71
CA ILE DA 97 111.15 -98.91 44.99
C ILE DA 97 111.99 -97.66 45.20
N LYS DA 98 111.43 -96.66 45.88
CA LYS DA 98 112.07 -95.35 45.94
C LYS DA 98 112.96 -95.23 47.18
N GLY DA 99 112.37 -95.27 48.37
CA GLY DA 99 113.08 -95.11 49.62
C GLY DA 99 113.97 -93.88 49.68
N ASN DA 100 113.61 -92.83 48.94
CA ASN DA 100 114.49 -91.70 48.68
C ASN DA 100 113.75 -90.39 48.90
N HIS DA 101 114.45 -89.28 48.66
CA HIS DA 101 113.91 -87.94 48.87
C HIS DA 101 113.45 -87.38 47.53
N SER DA 102 112.27 -87.82 47.09
CA SER DA 102 111.62 -87.29 45.90
C SER DA 102 110.51 -86.34 46.31
N ALA DA 103 110.01 -85.58 45.33
CA ALA DA 103 109.04 -84.53 45.64
C ALA DA 103 107.62 -85.11 45.79
N TYR DA 104 107.06 -85.63 44.70
CA TYR DA 104 105.70 -86.15 44.66
C TYR DA 104 105.50 -86.86 43.32
N LEU DA 105 104.41 -87.60 43.20
CA LEU DA 105 104.18 -88.46 42.04
C LEU DA 105 103.66 -87.62 40.87
N HIS DA 106 104.49 -87.48 39.84
CA HIS DA 106 104.04 -86.81 38.62
C HIS DA 106 104.59 -87.45 37.35
N PHE DA 107 105.31 -88.57 37.44
CA PHE DA 107 105.96 -89.20 36.29
C PHE DA 107 105.60 -90.68 36.21
N ALA DA 108 104.31 -90.99 36.36
CA ALA DA 108 103.81 -92.34 36.14
C ALA DA 108 103.07 -92.45 34.81
N ASP DA 109 102.09 -91.57 34.58
CA ASP DA 109 101.46 -91.49 33.28
C ASP DA 109 102.45 -91.05 32.21
N GLY DA 110 103.44 -90.23 32.58
CA GLY DA 110 104.49 -89.90 31.63
C GLY DA 110 105.33 -91.09 31.24
N ILE DA 111 105.66 -91.95 32.21
CA ILE DA 111 106.40 -93.17 31.92
C ILE DA 111 105.60 -94.09 31.01
N GLN DA 112 104.31 -94.27 31.32
CA GLN DA 112 103.47 -95.13 30.49
C GLN DA 112 103.25 -94.53 29.10
N SER DA 113 103.23 -93.20 28.99
CA SER DA 113 103.16 -92.57 27.68
C SER DA 113 104.45 -92.76 26.89
N LEU DA 114 105.60 -92.75 27.57
CA LEU DA 114 106.85 -93.10 26.89
C LEU DA 114 106.83 -94.54 26.42
N ARG DA 115 106.22 -95.43 27.20
CA ARG DA 115 106.06 -96.81 26.76
C ARG DA 115 105.17 -96.91 25.51
N ILE DA 116 104.09 -96.11 25.47
CA ILE DA 116 103.25 -96.08 24.29
C ILE DA 116 104.02 -95.50 23.10
N LEU DA 117 104.90 -94.53 23.35
CA LEU DA 117 105.77 -94.01 22.29
C LEU DA 117 106.70 -95.10 21.77
N LYS DA 118 107.21 -95.96 22.66
CA LYS DA 118 107.99 -97.10 22.23
C LYS DA 118 107.14 -98.08 21.41
N LEU DA 119 105.85 -98.21 21.74
CA LEU DA 119 104.94 -99.00 20.92
C LEU DA 119 104.85 -98.43 19.50
N ILE DA 120 104.60 -97.12 19.39
CA ILE DA 120 104.44 -96.48 18.09
C ILE DA 120 105.77 -96.28 17.37
N SER DA 121 106.88 -96.60 18.03
CA SER DA 121 108.19 -96.60 17.36
C SER DA 121 108.28 -97.62 16.23
N TYR DA 122 107.33 -98.56 16.16
CA TYR DA 122 107.14 -99.46 15.03
C TYR DA 122 106.45 -98.74 13.89
N SER DA 123 105.85 -99.51 12.97
CA SER DA 123 105.12 -98.97 11.81
C SER DA 123 106.07 -98.20 10.88
N ARG DA 124 106.87 -98.99 10.17
CA ARG DA 124 107.81 -98.52 9.12
C ARG DA 124 107.21 -97.46 8.20
N GLY DA 125 105.89 -97.48 7.99
CA GLY DA 125 105.25 -96.37 7.30
C GLY DA 125 105.38 -95.05 8.06
N ILE DA 126 105.10 -95.07 9.37
CA ILE DA 126 105.32 -93.87 10.19
C ILE DA 126 106.80 -93.52 10.17
N ARG DA 127 107.67 -94.53 10.15
CA ARG DA 127 109.10 -94.28 10.09
C ARG DA 127 109.48 -93.55 8.80
N THR DA 128 108.86 -93.93 7.68
CA THR DA 128 109.12 -93.25 6.42
C THR DA 128 108.59 -91.82 6.44
N LEU DA 129 107.43 -91.59 7.07
CA LEU DA 129 106.97 -90.21 7.25
C LEU DA 129 107.94 -89.41 8.11
N ILE DA 130 108.47 -90.02 9.17
CA ILE DA 130 109.42 -89.35 10.05
C ILE DA 130 110.69 -89.00 9.28
N ILE DA 131 111.17 -89.91 8.43
CA ILE DA 131 112.33 -89.63 7.59
C ILE DA 131 112.01 -88.49 6.61
N ALA DA 132 110.83 -88.52 6.01
CA ALA DA 132 110.47 -87.53 5.01
C ALA DA 132 110.28 -86.14 5.62
N VAL DA 133 109.94 -86.06 6.90
CA VAL DA 133 109.78 -84.77 7.56
C VAL DA 133 110.94 -84.42 8.48
N GLY DA 134 111.97 -85.27 8.53
CA GLY DA 134 113.08 -85.07 9.44
C GLY DA 134 114.14 -84.08 9.02
N GLU DA 135 114.09 -83.61 7.77
CA GLU DA 135 115.06 -82.63 7.31
C GLU DA 135 114.67 -81.20 7.66
N THR DA 136 113.49 -80.99 8.23
CA THR DA 136 113.01 -79.66 8.60
C THR DA 136 113.26 -79.33 10.06
N VAL DA 137 114.01 -80.17 10.77
CA VAL DA 137 114.31 -79.92 12.18
C VAL DA 137 115.12 -78.64 12.34
N TYR DA 138 116.12 -78.44 11.48
CA TYR DA 138 116.92 -77.22 11.53
C TYR DA 138 116.07 -76.00 11.22
N THR DA 139 115.15 -76.12 10.26
CA THR DA 139 114.30 -74.98 9.90
C THR DA 139 113.36 -74.60 11.04
N VAL DA 140 112.70 -75.60 11.64
CA VAL DA 140 111.79 -75.29 12.73
C VAL DA 140 112.55 -74.80 13.96
N ALA DA 141 113.79 -75.28 14.16
CA ALA DA 141 114.61 -74.75 15.24
C ALA DA 141 114.99 -73.30 14.99
N SER DA 142 115.31 -72.96 13.74
CA SER DA 142 115.62 -71.57 13.41
C SER DA 142 114.43 -70.65 13.63
N VAL DA 143 113.23 -71.09 13.20
CA VAL DA 143 112.04 -70.28 13.43
C VAL DA 143 111.73 -70.17 14.91
N LEU DA 144 111.97 -71.24 15.67
CA LEU DA 144 111.77 -71.20 17.11
C LEU DA 144 112.74 -70.23 17.78
N THR DA 145 113.99 -70.19 17.33
CA THR DA 145 114.95 -69.23 17.88
C THR DA 145 114.57 -67.80 17.53
N LEU DA 146 114.10 -67.57 16.31
CA LEU DA 146 113.62 -66.23 15.94
C LEU DA 146 112.44 -65.82 16.80
N LEU DA 147 111.52 -66.74 17.05
CA LEU DA 147 110.34 -66.44 17.86
C LEU DA 147 110.73 -66.21 19.31
N PHE DA 148 111.73 -66.95 19.81
CA PHE DA 148 112.25 -66.72 21.16
C PHE DA 148 112.92 -65.35 21.27
N LEU DA 149 113.67 -64.95 20.24
CA LEU DA 149 114.28 -63.62 20.25
C LEU DA 149 113.21 -62.54 20.24
N LEU DA 150 112.13 -62.75 19.48
CA LEU DA 150 111.03 -61.79 19.49
C LEU DA 150 110.35 -61.72 20.86
N MET DA 151 110.16 -62.88 21.52
CA MET DA 151 109.65 -62.87 22.88
C MET DA 151 110.57 -62.11 23.82
N PHE DA 152 111.88 -62.29 23.67
CA PHE DA 152 112.82 -61.59 24.56
C PHE DA 152 112.76 -60.08 24.35
N VAL DA 153 112.73 -59.65 23.09
CA VAL DA 153 112.69 -58.23 22.76
C VAL DA 153 111.43 -57.60 23.34
N PHE DA 154 110.27 -58.18 23.05
CA PHE DA 154 109.05 -57.57 23.57
C PHE DA 154 108.83 -57.86 25.04
N ALA DA 155 109.56 -58.82 25.63
CA ALA DA 155 109.50 -59.01 27.06
C ALA DA 155 110.19 -57.87 27.78
N ILE DA 156 111.40 -57.52 27.33
CA ILE DA 156 112.07 -56.38 27.94
C ILE DA 156 111.30 -55.09 27.62
N LEU DA 157 110.67 -55.00 26.44
CA LEU DA 157 109.90 -53.81 26.12
C LEU DA 157 108.65 -53.69 26.98
N GLY DA 158 107.91 -54.79 27.16
CA GLY DA 158 106.72 -54.74 28.00
C GLY DA 158 107.05 -54.50 29.46
N PHE DA 159 108.15 -55.08 29.94
CA PHE DA 159 108.59 -54.77 31.30
C PHE DA 159 108.90 -53.28 31.44
N CYS DA 160 109.73 -52.73 30.53
CA CYS DA 160 110.10 -51.32 30.62
C CYS DA 160 108.91 -50.40 30.41
N LEU DA 161 107.85 -50.87 29.77
CA LEU DA 161 106.70 -50.02 29.51
C LEU DA 161 105.65 -50.07 30.62
N PHE DA 162 105.51 -51.21 31.31
CA PHE DA 162 104.40 -51.35 32.26
C PHE DA 162 104.79 -51.79 33.67
N GLY DA 163 105.94 -52.43 33.88
CA GLY DA 163 106.25 -52.96 35.19
C GLY DA 163 107.25 -52.14 36.00
N VAL DA 164 108.06 -51.32 35.33
CA VAL DA 164 109.02 -50.49 36.07
C VAL DA 164 108.30 -49.31 36.70
N THR DA 165 107.26 -48.79 36.05
CA THR DA 165 106.50 -47.70 36.63
C THR DA 165 105.79 -48.12 37.91
N ASP DA 166 105.44 -49.41 38.02
CA ASP DA 166 104.91 -50.02 39.24
C ASP DA 166 103.66 -49.32 39.75
N ARG DA 167 102.80 -48.89 38.82
CA ARG DA 167 101.52 -48.27 39.15
C ARG DA 167 100.35 -49.18 38.82
N GLY DA 168 100.59 -50.49 38.75
CA GLY DA 168 99.59 -51.48 38.42
C GLY DA 168 100.12 -52.44 37.38
N ASP DA 169 99.19 -53.18 36.77
CA ASP DA 169 99.50 -54.14 35.69
C ASP DA 169 100.50 -55.20 36.14
N LEU DA 170 100.45 -55.59 37.40
CA LEU DA 170 101.37 -56.60 37.90
C LEU DA 170 100.94 -57.99 37.45
N GLU DA 171 101.93 -58.89 37.35
CA GLU DA 171 101.77 -60.28 36.92
C GLU DA 171 101.21 -60.41 35.51
N ASN DA 172 101.26 -59.33 34.73
CA ASN DA 172 100.97 -59.36 33.30
C ASN DA 172 102.14 -58.85 32.49
N TRP DA 173 102.77 -57.75 32.93
CA TRP DA 173 104.04 -57.26 32.39
C TRP DA 173 105.02 -57.02 33.52
N GLY DA 174 104.84 -57.73 34.64
CA GLY DA 174 105.64 -57.57 35.82
C GLY DA 174 106.70 -58.64 35.98
N ASN DA 175 106.38 -59.68 36.77
CA ASN DA 175 107.28 -60.81 36.94
C ASN DA 175 107.56 -61.48 35.58
N LEU DA 176 108.76 -62.06 35.46
CA LEU DA 176 109.26 -62.46 34.15
C LEU DA 176 108.44 -63.60 33.55
N ALA DA 177 108.11 -64.62 34.34
CA ALA DA 177 107.40 -65.78 33.79
C ALA DA 177 105.97 -65.41 33.39
N SER DA 178 105.27 -64.68 34.25
CA SER DA 178 103.92 -64.23 33.92
C SER DA 178 103.92 -63.29 32.72
N ALA DA 179 104.94 -62.42 32.63
CA ALA DA 179 105.06 -61.54 31.48
C ALA DA 179 105.27 -62.34 30.20
N PHE DA 180 106.15 -63.35 30.24
CA PHE DA 180 106.39 -64.20 29.07
C PHE DA 180 105.13 -64.93 28.65
N PHE DA 181 104.35 -65.43 29.61
CA PHE DA 181 103.12 -66.13 29.29
C PHE DA 181 102.08 -65.19 28.68
N THR DA 182 101.97 -63.97 29.21
CA THR DA 182 101.06 -62.99 28.62
C THR DA 182 101.50 -62.60 27.21
N LEU DA 183 102.81 -62.50 26.98
CA LEU DA 183 103.30 -62.19 25.63
C LEU DA 183 103.02 -63.32 24.67
N PHE DA 184 103.16 -64.55 25.13
CA PHE DA 184 102.80 -65.67 24.31
C PHE DA 184 101.31 -65.69 23.98
N SER DA 185 100.46 -65.38 24.97
CA SER DA 185 99.04 -65.28 24.71
C SER DA 185 98.72 -64.17 23.72
N LEU DA 186 99.42 -63.04 23.83
CA LEU DA 186 99.19 -61.92 22.91
C LEU DA 186 99.70 -62.23 21.50
N ALA DA 187 100.77 -63.02 21.40
CA ALA DA 187 101.23 -63.49 20.10
C ALA DA 187 100.25 -64.48 19.49
N THR DA 188 99.56 -65.26 20.32
CA THR DA 188 98.40 -66.00 19.85
C THR DA 188 97.19 -65.06 19.83
N VAL DA 189 96.02 -65.61 19.51
CA VAL DA 189 94.82 -64.78 19.47
C VAL DA 189 94.09 -64.77 20.82
N ASP DA 190 94.36 -65.74 21.68
CA ASP DA 190 93.59 -65.89 22.90
C ASP DA 190 93.96 -64.84 23.95
N GLY DA 191 92.95 -64.36 24.67
CA GLY DA 191 93.15 -63.48 25.80
C GLY DA 191 93.46 -62.04 25.48
N TRP DA 192 93.49 -61.68 24.18
CA TRP DA 192 93.86 -60.32 23.81
C TRP DA 192 92.81 -59.31 24.22
N THR DA 193 91.52 -59.66 24.13
CA THR DA 193 90.47 -58.72 24.51
C THR DA 193 90.53 -58.38 26.00
N ASP DA 194 90.62 -59.39 26.85
CA ASP DA 194 90.67 -59.14 28.29
C ASP DA 194 92.00 -58.50 28.68
N LEU DA 195 93.10 -58.84 28.00
CA LEU DA 195 94.36 -58.18 28.27
C LEU DA 195 94.30 -56.71 27.90
N GLN DA 196 93.66 -56.38 26.77
CA GLN DA 196 93.49 -54.99 26.37
C GLN DA 196 92.63 -54.22 27.36
N GLU DA 197 91.53 -54.83 27.82
CA GLU DA 197 90.68 -54.20 28.81
C GLU DA 197 91.42 -54.03 30.15
N GLU DA 198 92.38 -54.90 30.43
CA GLU DA 198 93.20 -54.74 31.63
C GLU DA 198 94.21 -53.61 31.47
N LEU DA 199 94.82 -53.48 30.29
CA LEU DA 199 95.90 -52.51 30.11
C LEU DA 199 95.43 -51.10 29.79
N ASP DA 200 94.22 -50.92 29.25
CA ASP DA 200 93.82 -49.57 28.88
C ASP DA 200 93.46 -48.70 30.08
N LYS DA 201 93.33 -49.27 31.27
CA LYS DA 201 93.02 -48.52 32.48
C LYS DA 201 94.26 -48.07 33.24
N ARG DA 202 95.46 -48.34 32.72
CA ARG DA 202 96.70 -48.01 33.39
C ARG DA 202 97.30 -46.68 32.92
N LYS DA 203 96.45 -45.77 32.44
CA LYS DA 203 96.85 -44.42 32.02
C LYS DA 203 97.95 -44.44 30.97
N PHE DA 204 97.80 -45.32 29.99
CA PHE DA 204 98.80 -45.50 28.93
C PHE DA 204 98.02 -45.68 27.62
N THR DA 205 97.76 -44.56 26.93
CA THR DA 205 96.94 -44.62 25.72
C THR DA 205 97.66 -45.31 24.58
N VAL DA 206 98.97 -45.09 24.46
CA VAL DA 206 99.76 -45.70 23.40
C VAL DA 206 100.03 -47.18 23.64
N SER DA 207 99.65 -47.70 24.81
CA SER DA 207 99.78 -49.14 25.06
C SER DA 207 98.91 -49.94 24.10
N ARG DA 208 97.72 -49.43 23.78
CA ARG DA 208 96.85 -50.11 22.83
C ARG DA 208 97.47 -50.15 21.44
N ALA DA 209 98.08 -49.04 21.00
CA ALA DA 209 98.76 -49.03 19.71
C ALA DA 209 99.96 -49.97 19.71
N PHE DA 210 100.72 -49.99 20.80
CA PHE DA 210 101.87 -50.89 20.90
C PHE DA 210 101.42 -52.35 20.86
N THR DA 211 100.32 -52.68 21.54
CA THR DA 211 99.86 -54.06 21.58
C THR DA 211 99.29 -54.49 20.22
N ILE DA 212 98.56 -53.61 19.52
CA ILE DA 212 98.06 -54.02 18.21
C ILE DA 212 99.21 -54.11 17.20
N LEU DA 213 100.24 -53.26 17.33
CA LEU DA 213 101.43 -53.42 16.50
C LEU DA 213 102.12 -54.75 16.80
N PHE DA 214 102.22 -55.11 18.07
CA PHE DA 214 102.82 -56.38 18.46
C PHE DA 214 102.02 -57.56 17.90
N ILE DA 215 100.69 -57.45 17.91
CA ILE DA 215 99.86 -58.52 17.34
C ILE DA 215 100.13 -58.65 15.85
N LEU DA 216 99.97 -57.54 15.11
CA LEU DA 216 100.11 -57.59 13.65
C LEU DA 216 101.53 -57.93 13.21
N LEU DA 217 102.52 -57.75 14.07
CA LEU DA 217 103.84 -58.27 13.75
C LEU DA 217 103.96 -59.75 14.11
N ALA DA 218 103.85 -60.06 15.40
CA ALA DA 218 104.22 -61.39 15.91
C ALA DA 218 103.29 -62.47 15.38
N SER DA 219 101.97 -62.29 15.52
CA SER DA 219 101.03 -63.34 15.16
C SER DA 219 101.11 -63.67 13.68
N PHE DA 220 101.04 -62.62 12.84
CA PHE DA 220 101.08 -62.82 11.40
C PHE DA 220 102.42 -63.42 10.96
N ILE DA 221 103.53 -62.84 11.43
CA ILE DA 221 104.84 -63.31 10.99
C ILE DA 221 105.05 -64.76 11.39
N PHE DA 222 104.78 -65.09 12.66
CA PHE DA 222 105.01 -66.45 13.14
C PHE DA 222 104.14 -67.46 12.41
N LEU DA 223 102.81 -67.22 12.39
CA LEU DA 223 101.90 -68.19 11.79
C LEU DA 223 102.15 -68.35 10.30
N ASN DA 224 102.16 -67.25 9.56
CA ASN DA 224 102.27 -67.32 8.11
C ASN DA 224 103.65 -67.81 7.67
N MET DA 225 104.72 -67.34 8.32
CA MET DA 225 106.06 -67.81 7.97
C MET DA 225 106.20 -69.30 8.24
N PHE DA 226 105.69 -69.78 9.38
CA PHE DA 226 105.77 -71.21 9.66
C PHE DA 226 104.99 -72.03 8.64
N VAL DA 227 103.78 -71.61 8.30
CA VAL DA 227 102.98 -72.42 7.39
C VAL DA 227 103.59 -72.41 5.99
N GLY DA 228 104.11 -71.26 5.54
CA GLY DA 228 104.78 -71.23 4.25
C GLY DA 228 106.03 -72.09 4.22
N VAL DA 229 106.87 -71.98 5.26
CA VAL DA 229 108.12 -72.73 5.30
C VAL DA 229 107.85 -74.22 5.25
N MET DA 230 106.90 -74.68 6.07
CA MET DA 230 106.62 -76.12 6.12
C MET DA 230 105.97 -76.58 4.82
N ILE DA 231 105.14 -75.72 4.20
CA ILE DA 231 104.48 -76.09 2.96
C ILE DA 231 105.51 -76.30 1.85
N MET DA 232 106.43 -75.35 1.68
CA MET DA 232 107.49 -75.54 0.68
C MET DA 232 108.39 -76.72 1.00
N HIS DA 233 108.75 -76.90 2.27
CA HIS DA 233 109.67 -77.98 2.62
C HIS DA 233 109.06 -79.34 2.35
N THR DA 234 107.80 -79.54 2.74
CA THR DA 234 107.14 -80.82 2.48
C THR DA 234 106.87 -81.02 1.00
N GLU DA 235 106.52 -79.95 0.27
CA GLU DA 235 106.29 -80.08 -1.16
C GLU DA 235 107.55 -80.53 -1.88
N ASP DA 236 108.69 -79.88 -1.57
CA ASP DA 236 109.93 -80.23 -2.23
C ASP DA 236 110.50 -81.56 -1.75
N SER DA 237 110.17 -81.98 -0.53
CA SER DA 237 110.62 -83.28 -0.05
C SER DA 237 109.80 -84.43 -0.66
N MET DA 238 108.47 -84.28 -0.76
CA MET DA 238 107.65 -85.22 -1.52
C MET DA 238 107.98 -85.26 -3.01
N LYS DA 239 108.32 -84.11 -3.62
CA LYS DA 239 108.54 -84.07 -5.07
C LYS DA 239 109.71 -84.96 -5.48
N LYS DA 240 110.83 -84.86 -4.76
CA LYS DA 240 112.00 -85.67 -5.10
C LYS DA 240 111.74 -87.16 -4.86
N PHE DA 241 111.01 -87.49 -3.80
CA PHE DA 241 110.70 -88.89 -3.52
C PHE DA 241 109.82 -89.49 -4.61
N GLU DA 242 108.79 -88.75 -5.03
CA GLU DA 242 107.92 -89.24 -6.09
C GLU DA 242 108.67 -89.34 -7.42
N ARG DA 243 109.54 -88.36 -7.71
CA ARG DA 243 110.35 -88.41 -8.92
C ARG DA 243 111.27 -89.63 -8.92
N ASP DA 244 111.89 -89.92 -7.77
CA ASP DA 244 112.77 -91.07 -7.68
C ASP DA 244 112.00 -92.38 -7.81
N LEU DA 245 110.79 -92.45 -7.24
CA LEU DA 245 109.98 -93.66 -7.38
C LEU DA 245 109.57 -93.89 -8.83
N THR DA 246 109.14 -92.82 -9.53
CA THR DA 246 108.81 -92.95 -10.94
C THR DA 246 110.03 -93.32 -11.77
N LEU DA 247 111.20 -92.77 -11.41
CA LEU DA 247 112.43 -93.11 -12.11
C LEU DA 247 112.79 -94.58 -11.94
N GLU DA 248 112.65 -95.10 -10.71
CA GLU DA 248 112.94 -96.52 -10.48
C GLU DA 248 111.96 -97.42 -11.23
N ARG DA 249 110.68 -97.03 -11.27
CA ARG DA 249 109.72 -97.77 -12.08
C ARG DA 249 110.09 -97.72 -13.56
N ASN DA 250 110.60 -96.58 -14.02
CA ASN DA 250 111.05 -96.46 -15.40
C ASN DA 250 112.22 -97.39 -15.71
N LEU DA 251 113.21 -97.45 -14.81
CA LEU DA 251 114.33 -98.38 -15.01
C LEU DA 251 113.87 -99.83 -14.99
N ALA DA 252 112.90 -100.17 -14.12
CA ALA DA 252 112.34 -101.51 -14.14
C ALA DA 252 111.66 -101.82 -15.47
N ILE DA 253 110.93 -100.85 -16.01
CA ILE DA 253 110.23 -101.04 -17.29
C ILE DA 253 111.23 -101.25 -18.43
N MET DA 254 112.28 -100.42 -18.49
CA MET DA 254 113.29 -100.58 -19.54
C MET DA 254 114.07 -101.88 -19.38
N GLU DA 255 114.32 -102.32 -18.14
CA GLU DA 255 114.97 -103.60 -17.94
C GLU DA 255 114.10 -104.75 -18.44
N GLU DA 256 112.80 -104.69 -18.16
CA GLU DA 256 111.88 -105.70 -18.68
C GLU DA 256 111.84 -105.70 -20.20
N LYS DA 257 111.83 -104.51 -20.81
CA LYS DA 257 111.83 -104.41 -22.27
C LYS DA 257 113.11 -104.96 -22.87
N GLN DA 258 114.26 -104.68 -22.25
CA GLN DA 258 115.52 -105.22 -22.73
C GLN DA 258 115.57 -106.74 -22.59
N ILE DA 259 115.02 -107.27 -21.49
CA ILE DA 259 114.96 -108.71 -21.31
C ILE DA 259 114.08 -109.35 -22.39
N ILE DA 260 112.95 -108.72 -22.69
CA ILE DA 260 112.06 -109.23 -23.74
C ILE DA 260 112.76 -109.20 -25.10
N LEU DA 261 113.47 -108.11 -25.39
CA LEU DA 261 114.18 -108.00 -26.66
C LEU DA 261 115.29 -109.03 -26.77
N LYS DA 262 116.02 -109.26 -25.68
CA LYS DA 262 117.07 -110.28 -25.68
C LYS DA 262 116.49 -111.68 -25.87
N ARG DA 263 115.35 -111.97 -25.22
CA ARG DA 263 114.70 -113.26 -25.41
C ARG DA 263 114.23 -113.45 -26.84
N GLN DA 264 113.67 -112.39 -27.45
CA GLN DA 264 113.23 -112.47 -28.84
C GLN DA 264 114.42 -112.68 -29.77
N GLN DA 265 115.54 -111.99 -29.52
CA GLN DA 265 116.73 -112.17 -30.34
C GLN DA 265 117.29 -113.58 -30.21
N GLU DA 266 117.29 -114.12 -28.98
CA GLU DA 266 117.76 -115.48 -28.78
C GLU DA 266 116.87 -116.50 -29.48
N GLU DA 267 115.55 -116.29 -29.42
CA GLU DA 267 114.62 -117.18 -30.10
C GLU DA 267 114.81 -117.12 -31.62
N VAL DA 268 115.01 -115.91 -32.16
CA VAL DA 268 115.24 -115.76 -33.60
C VAL DA 268 116.55 -116.44 -34.00
N ASN DA 269 117.59 -116.26 -33.20
CA ASN DA 269 118.88 -116.90 -33.51
C ASN DA 269 118.78 -118.42 -33.45
N ARG DA 270 118.06 -118.94 -32.45
CA ARG DA 270 117.88 -120.39 -32.36
C ARG DA 270 117.07 -120.94 -33.53
N LEU DA 271 116.03 -120.22 -33.95
CA LEU DA 271 115.25 -120.63 -35.11
C LEU DA 271 116.09 -120.62 -36.37
N MET DA 272 116.91 -119.58 -36.56
CA MET DA 272 117.78 -119.51 -37.72
C MET DA 272 118.82 -120.63 -37.71
N ASN DA 273 119.38 -120.94 -36.54
CA ASN DA 273 120.35 -122.02 -36.42
C ASN DA 273 119.71 -123.37 -36.75
N THR DA 274 118.50 -123.61 -36.24
CA THR DA 274 117.82 -124.86 -36.54
C THR DA 274 117.46 -124.96 -38.02
N GLN DA 275 117.05 -123.85 -38.64
CA GLN DA 275 116.77 -123.85 -40.07
C GLN DA 275 118.04 -124.12 -40.88
N LYS DA 276 119.17 -123.55 -40.47
CA LYS DA 276 120.42 -123.79 -41.18
C LYS DA 276 120.88 -125.24 -41.02
N SER DA 277 120.74 -125.80 -39.82
CA SER DA 277 121.20 -127.16 -39.57
C SER DA 277 120.23 -128.22 -40.05
N GLY DA 278 118.98 -127.85 -40.37
CA GLY DA 278 118.00 -128.80 -40.85
C GLY DA 278 117.78 -128.71 -42.35
N ASP EA 1 151.48 -61.08 -11.59
CA ASP EA 1 152.16 -62.14 -12.32
C ASP EA 1 153.46 -62.54 -11.62
N VAL EA 2 154.59 -62.09 -12.18
CA VAL EA 2 155.89 -62.42 -11.62
C VAL EA 2 156.09 -61.71 -10.29
N MET EA 3 155.63 -60.45 -10.19
CA MET EA 3 155.71 -59.58 -9.02
C MET EA 3 157.13 -59.57 -8.42
N GLU EA 4 158.06 -59.07 -9.24
CA GLU EA 4 159.45 -58.95 -8.82
C GLU EA 4 159.58 -58.05 -7.60
N LYS EA 5 158.85 -56.94 -7.56
CA LYS EA 5 158.81 -56.07 -6.39
C LYS EA 5 157.43 -55.45 -6.28
N LYS EA 6 156.89 -55.45 -5.06
CA LYS EA 6 155.57 -54.90 -4.80
C LYS EA 6 155.64 -53.38 -4.69
N ASP EA 7 154.45 -52.76 -4.71
CA ASP EA 7 154.33 -51.31 -4.60
C ASP EA 7 153.43 -50.95 -3.43
N ALA EA 8 153.22 -49.64 -3.26
CA ALA EA 8 152.50 -49.13 -2.09
C ALA EA 8 151.04 -49.56 -2.10
N TRP EA 9 150.40 -49.57 -3.27
CA TRP EA 9 149.00 -49.96 -3.32
C TRP EA 9 148.82 -51.46 -3.14
N ASP EA 10 149.78 -52.26 -3.62
CA ASP EA 10 149.76 -53.68 -3.30
C ASP EA 10 149.95 -53.90 -1.80
N VAL EA 11 150.80 -53.10 -1.17
CA VAL EA 11 150.96 -53.15 0.28
C VAL EA 11 149.65 -52.83 0.98
N GLN EA 12 148.96 -51.77 0.54
CA GLN EA 12 147.70 -51.38 1.16
C GLN EA 12 146.63 -52.45 0.95
N GLU EA 13 146.61 -53.07 -0.24
CA GLU EA 13 145.65 -54.13 -0.49
C GLU EA 13 145.93 -55.37 0.36
N PHE EA 14 147.22 -55.68 0.57
CA PHE EA 14 147.57 -56.79 1.45
C PHE EA 14 147.21 -56.49 2.90
N ILE EA 15 147.37 -55.22 3.31
CA ILE EA 15 146.98 -54.81 4.65
C ILE EA 15 145.48 -54.93 4.85
N THR EA 16 144.70 -54.51 3.85
CA THR EA 16 143.25 -54.68 3.92
C THR EA 16 142.85 -56.15 3.86
N GLN EA 17 143.57 -56.97 3.10
CA GLN EA 17 143.28 -58.40 3.01
C GLN EA 17 143.47 -59.08 4.36
N MET EA 18 144.57 -58.81 5.04
CA MET EA 18 144.75 -59.32 6.39
C MET EA 18 143.78 -58.72 7.40
N TYR EA 19 143.42 -57.43 7.23
CA TYR EA 19 142.47 -56.81 8.14
C TYR EA 19 141.09 -57.46 8.00
N ILE EA 20 140.70 -57.87 6.79
CA ILE EA 20 139.44 -58.59 6.63
C ILE EA 20 139.60 -60.07 6.87
N LYS EA 21 140.82 -60.60 6.84
CA LYS EA 21 141.05 -61.97 7.26
C LYS EA 21 140.80 -62.15 8.75
N GLN EA 22 141.23 -61.19 9.55
CA GLN EA 22 140.95 -61.22 10.98
C GLN EA 22 139.63 -60.52 11.28
N LEU EA 23 138.89 -61.08 12.26
CA LEU EA 23 137.68 -60.52 12.85
C LEU EA 23 136.48 -60.59 11.89
N LEU EA 24 136.71 -60.97 10.64
CA LEU EA 24 135.63 -61.14 9.68
C LEU EA 24 135.54 -62.54 9.11
N ARG EA 25 136.67 -63.25 8.98
CA ARG EA 25 136.68 -64.64 8.54
C ARG EA 25 137.07 -65.61 9.63
N HIS EA 26 137.85 -65.17 10.61
CA HIS EA 26 138.26 -66.03 11.71
C HIS EA 26 137.07 -66.33 12.62
N PRO EA 27 136.71 -67.60 12.82
CA PRO EA 27 135.57 -67.90 13.70
C PRO EA 27 135.83 -67.63 15.17
N ALA EA 28 137.10 -67.53 15.59
CA ALA EA 28 137.40 -67.41 17.02
C ALA EA 28 136.95 -66.06 17.58
N PHE EA 29 137.22 -64.98 16.85
CA PHE EA 29 136.83 -63.66 17.32
C PHE EA 29 135.31 -63.49 17.35
N GLN EA 30 134.63 -64.01 16.33
CA GLN EA 30 133.17 -63.98 16.30
C GLN EA 30 132.59 -64.83 17.43
N LEU EA 31 133.21 -65.97 17.72
CA LEU EA 31 132.77 -66.80 18.83
C LEU EA 31 132.96 -66.09 20.17
N LEU EA 32 134.07 -65.37 20.33
CA LEU EA 32 134.30 -64.61 21.56
C LEU EA 32 133.26 -63.50 21.70
N LEU EA 33 132.96 -62.80 20.61
CA LEU EA 33 131.94 -61.76 20.65
C LEU EA 33 130.57 -62.33 20.99
N ALA EA 34 130.23 -63.48 20.39
CA ALA EA 34 128.95 -64.13 20.67
C ALA EA 34 128.89 -64.62 22.11
N PHE EA 35 130.01 -65.11 22.64
CA PHE EA 35 130.04 -65.56 24.03
C PHE EA 35 129.85 -64.40 24.99
N LEU EA 36 130.50 -63.26 24.73
CA LEU EA 36 130.30 -62.08 25.55
C LEU EA 36 128.87 -61.59 25.46
N LEU EA 37 128.29 -61.61 24.26
CA LEU EA 37 126.90 -61.18 24.10
C LEU EA 37 125.93 -62.13 24.80
N LEU EA 38 126.21 -63.43 24.77
CA LEU EA 38 125.37 -64.38 25.50
C LEU EA 38 125.52 -64.21 27.00
N SER EA 39 126.73 -63.89 27.49
CA SER EA 39 126.90 -63.63 28.91
C SER EA 39 126.13 -62.39 29.35
N ASN EA 40 126.22 -61.29 28.59
CA ASN EA 40 125.43 -60.13 28.99
C ASN EA 40 123.95 -60.33 28.74
N ALA EA 41 123.56 -61.23 27.84
CA ALA EA 41 122.15 -61.60 27.71
C ALA EA 41 121.68 -62.39 28.91
N ILE EA 42 122.55 -63.24 29.47
CA ILE EA 42 122.25 -63.92 30.72
C ILE EA 42 122.04 -62.90 31.83
N THR EA 43 122.90 -61.87 31.89
CA THR EA 43 122.69 -60.80 32.86
C THR EA 43 121.41 -60.01 32.57
N ILE EA 44 121.02 -59.90 31.30
CA ILE EA 44 119.75 -59.28 30.95
C ILE EA 44 118.59 -60.08 31.52
N ALA EA 45 118.61 -61.40 31.32
CA ALA EA 45 117.56 -62.27 31.86
C ALA EA 45 117.59 -62.32 33.38
N LEU EA 46 118.74 -62.06 33.99
CA LEU EA 46 118.87 -62.02 35.45
C LEU EA 46 118.30 -60.76 36.06
N ARG EA 47 117.87 -59.79 35.25
CA ARG EA 47 117.30 -58.54 35.74
C ARG EA 47 115.84 -58.80 36.14
N THR EA 48 115.06 -57.73 36.33
CA THR EA 48 113.74 -57.75 36.98
C THR EA 48 113.84 -58.36 38.38
N ASN EA 49 114.95 -58.10 39.07
CA ASN EA 49 115.18 -58.68 40.39
C ASN EA 49 116.14 -57.77 41.14
N SER EA 50 115.62 -56.93 42.03
CA SER EA 50 116.47 -56.09 42.87
C SER EA 50 117.25 -56.91 43.88
N TYR EA 51 116.73 -58.08 44.29
CA TYR EA 51 117.45 -58.96 45.20
C TYR EA 51 118.77 -59.43 44.60
N LEU EA 52 118.81 -59.63 43.28
CA LEU EA 52 120.07 -59.89 42.61
C LEU EA 52 120.82 -58.61 42.26
N GLY EA 53 120.09 -57.54 41.91
CA GLY EA 53 120.71 -56.32 41.45
C GLY EA 53 121.44 -55.53 42.51
N GLN EA 54 121.12 -55.76 43.79
CA GLN EA 54 121.82 -55.03 44.86
C GLN EA 54 123.30 -55.41 44.95
N LYS EA 55 123.67 -56.63 44.55
CA LYS EA 55 125.07 -57.03 44.46
C LYS EA 55 125.54 -57.16 43.02
N HIS EA 56 124.77 -56.63 42.06
CA HIS EA 56 125.10 -56.75 40.65
C HIS EA 56 125.08 -55.44 39.90
N TYR EA 57 124.65 -54.33 40.52
CA TYR EA 57 124.51 -53.06 39.81
C TYR EA 57 125.84 -52.53 39.33
N GLU EA 58 126.89 -52.62 40.17
CA GLU EA 58 128.20 -52.14 39.76
C GLU EA 58 128.80 -53.05 38.68
N LEU EA 59 128.59 -54.36 38.80
CA LEU EA 59 129.04 -55.27 37.76
C LEU EA 59 128.25 -55.09 36.48
N PHE EA 60 126.96 -54.78 36.60
CA PHE EA 60 126.15 -54.45 35.43
C PHE EA 60 126.68 -53.21 34.73
N SER EA 61 127.06 -52.19 35.49
CA SER EA 61 127.65 -50.99 34.91
C SER EA 61 128.97 -51.29 34.21
N THR EA 62 129.81 -52.10 34.85
CA THR EA 62 131.10 -52.44 34.23
C THR EA 62 130.90 -53.22 32.94
N ILE EA 63 130.00 -54.21 32.93
CA ILE EA 63 129.79 -54.97 31.70
C ILE EA 63 129.10 -54.13 30.63
N ASP EA 64 128.28 -53.15 31.03
CA ASP EA 64 127.74 -52.19 30.08
C ASP EA 64 128.86 -51.40 29.40
N ASP EA 65 129.81 -50.91 30.21
CA ASP EA 65 130.94 -50.18 29.65
C ASP EA 65 131.78 -51.07 28.75
N ILE EA 66 131.97 -52.33 29.14
CA ILE EA 66 132.80 -53.25 28.36
C ILE EA 66 132.14 -53.55 27.02
N VAL EA 67 130.84 -53.84 27.03
CA VAL EA 67 130.17 -54.16 25.76
C VAL EA 67 130.08 -52.91 24.89
N LEU EA 68 129.89 -51.73 25.48
CA LEU EA 68 129.87 -50.51 24.68
C LEU EA 68 131.23 -50.24 24.04
N THR EA 69 132.31 -50.42 24.80
CA THR EA 69 133.62 -50.12 24.24
C THR EA 69 134.06 -51.16 23.22
N ILE EA 70 133.69 -52.43 23.39
CA ILE EA 70 134.03 -53.40 22.35
C ILE EA 70 133.17 -53.18 21.12
N LEU EA 71 131.91 -52.74 21.29
CA LEU EA 71 131.09 -52.38 20.14
C LEU EA 71 131.68 -51.22 19.37
N ILE EA 72 132.17 -50.19 20.07
CA ILE EA 72 132.71 -49.04 19.34
C ILE EA 72 134.10 -49.35 18.77
N CYS EA 73 134.83 -50.30 19.36
CA CYS EA 73 136.07 -50.73 18.74
C CYS EA 73 135.82 -51.53 17.47
N GLU EA 74 134.81 -52.43 17.49
CA GLU EA 74 134.39 -53.11 16.26
C GLU EA 74 133.92 -52.10 15.22
N VAL EA 75 133.20 -51.07 15.67
CA VAL EA 75 132.82 -49.95 14.81
C VAL EA 75 134.06 -49.35 14.15
N LEU EA 76 135.00 -48.84 14.96
CA LEU EA 76 136.16 -48.14 14.42
C LEU EA 76 136.97 -49.01 13.47
N LEU EA 77 137.07 -50.32 13.77
CA LEU EA 77 137.72 -51.23 12.85
C LEU EA 77 136.97 -51.34 11.53
N GLY EA 78 135.64 -51.41 11.57
CA GLY EA 78 134.86 -51.47 10.34
C GLY EA 78 134.95 -50.20 9.52
N TRP EA 79 134.82 -49.05 10.19
CA TRP EA 79 134.88 -47.76 9.52
C TRP EA 79 136.29 -47.38 9.10
N LEU EA 80 137.31 -48.10 9.58
CA LEU EA 80 138.67 -47.90 9.10
C LEU EA 80 138.77 -48.26 7.62
N ASN EA 81 138.07 -49.31 7.18
CA ASN EA 81 138.10 -49.70 5.77
C ASN EA 81 137.47 -48.67 4.86
N GLY EA 82 136.64 -47.77 5.40
CA GLY EA 82 136.07 -46.71 4.60
C GLY EA 82 134.72 -46.20 5.09
N PHE EA 83 134.59 -44.87 5.12
CA PHE EA 83 133.31 -44.24 5.47
C PHE EA 83 132.24 -44.54 4.42
N TRP EA 84 132.60 -44.52 3.14
CA TRP EA 84 131.60 -44.62 2.09
C TRP EA 84 130.97 -46.01 2.04
N ILE EA 85 131.79 -47.06 2.13
CA ILE EA 85 131.26 -48.42 2.04
C ILE EA 85 130.43 -48.76 3.28
N PHE EA 86 130.84 -48.28 4.46
CA PHE EA 86 130.07 -48.54 5.66
C PHE EA 86 128.76 -47.76 5.66
N TRP EA 87 128.78 -46.54 5.09
CA TRP EA 87 127.55 -45.76 5.00
C TRP EA 87 126.59 -46.33 3.95
N LYS EA 88 127.12 -46.93 2.89
CA LYS EA 88 126.29 -47.55 1.86
C LYS EA 88 126.22 -49.06 2.11
N ASP EA 89 125.41 -49.42 3.09
CA ASP EA 89 125.20 -50.81 3.45
C ASP EA 89 123.80 -50.98 4.02
N GLY EA 90 123.30 -52.21 4.00
CA GLY EA 90 121.94 -52.47 4.44
C GLY EA 90 121.79 -52.70 5.93
N TRP EA 91 122.82 -53.24 6.58
CA TRP EA 91 122.75 -53.56 8.00
C TRP EA 91 123.80 -52.83 8.83
N ASN EA 92 124.92 -52.40 8.22
CA ASN EA 92 125.88 -51.57 8.92
C ASN EA 92 125.28 -50.22 9.30
N ILE EA 93 124.30 -49.73 8.55
CA ILE EA 93 123.57 -48.53 8.95
C ILE EA 93 122.82 -48.78 10.26
N LEU EA 94 122.17 -49.95 10.38
CA LEU EA 94 121.49 -50.30 11.62
C LEU EA 94 122.47 -50.44 12.77
N ASN EA 95 123.63 -51.05 12.53
CA ASN EA 95 124.66 -51.16 13.56
C ASN EA 95 125.14 -49.79 14.02
N PHE EA 96 125.38 -48.88 13.05
CA PHE EA 96 125.82 -47.53 13.38
C PHE EA 96 124.76 -46.78 14.18
N ALA EA 97 123.49 -46.92 13.80
CA ALA EA 97 122.42 -46.26 14.54
C ALA EA 97 122.34 -46.80 15.96
N ILE EA 98 122.46 -48.12 16.12
CA ILE EA 98 122.40 -48.73 17.44
C ILE EA 98 123.52 -48.21 18.33
N VAL EA 99 124.76 -48.25 17.84
CA VAL EA 99 125.88 -47.84 18.66
C VAL EA 99 125.86 -46.33 18.92
N PHE EA 100 125.36 -45.55 17.95
CA PHE EA 100 125.30 -44.10 18.13
C PHE EA 100 124.27 -43.73 19.20
N ILE EA 101 123.09 -44.35 19.15
CA ILE EA 101 122.07 -44.09 20.16
C ILE EA 101 122.56 -44.52 21.53
N LEU EA 102 123.18 -45.70 21.62
CA LEU EA 102 123.67 -46.19 22.90
C LEU EA 102 124.76 -45.28 23.48
N PHE EA 103 125.72 -44.87 22.64
CA PHE EA 103 126.79 -44.01 23.12
C PHE EA 103 126.29 -42.61 23.49
N MET EA 104 125.34 -42.06 22.74
CA MET EA 104 124.77 -40.77 23.10
C MET EA 104 124.03 -40.86 24.43
N GLY EA 105 123.21 -41.89 24.61
CA GLY EA 105 122.49 -42.05 25.86
C GLY EA 105 123.40 -42.37 27.04
N PHE EA 106 124.57 -42.95 26.77
CA PHE EA 106 125.51 -43.22 27.84
C PHE EA 106 126.28 -41.97 28.25
N PHE EA 107 127.02 -41.38 27.30
CA PHE EA 107 127.88 -40.24 27.63
C PHE EA 107 127.07 -38.99 27.94
N ILE EA 108 126.10 -38.66 27.09
CA ILE EA 108 125.26 -37.48 27.30
C ILE EA 108 124.05 -37.91 28.11
N LYS EA 109 123.58 -37.03 29.00
CA LYS EA 109 122.41 -37.33 29.81
C LYS EA 109 121.17 -37.43 28.94
N GLN EA 110 120.37 -38.48 29.19
CA GLN EA 110 119.22 -38.78 28.36
C GLN EA 110 118.14 -39.42 29.22
N LEU EA 111 116.90 -39.30 28.75
CA LEU EA 111 115.78 -40.03 29.32
C LEU EA 111 115.59 -41.39 28.67
N ASP EA 112 116.65 -41.92 28.05
CA ASP EA 112 116.54 -43.16 27.29
C ASP EA 112 116.28 -44.37 28.19
N MET EA 113 117.01 -44.47 29.31
CA MET EA 113 116.65 -45.30 30.46
C MET EA 113 116.71 -46.79 30.06
N VAL EA 114 116.28 -47.72 30.93
CA VAL EA 114 116.28 -49.15 30.59
C VAL EA 114 115.53 -49.44 29.30
N ALA EA 115 114.45 -48.70 29.04
CA ALA EA 115 113.60 -48.93 27.87
C ALA EA 115 114.32 -48.73 26.55
N ILE EA 116 115.48 -48.08 26.56
CA ILE EA 116 116.33 -47.98 25.38
C ILE EA 116 117.61 -48.80 25.54
N THR EA 117 118.20 -48.81 26.73
CA THR EA 117 119.47 -49.52 26.91
C THR EA 117 119.33 -51.02 26.65
N TYR EA 118 118.25 -51.63 27.13
CA TYR EA 118 118.11 -53.08 27.00
C TYR EA 118 117.62 -53.55 25.63
N PRO EA 119 116.57 -52.95 25.02
CA PRO EA 119 116.18 -53.39 23.68
C PRO EA 119 117.24 -53.17 22.62
N LEU EA 120 118.08 -52.14 22.77
CA LEU EA 120 119.18 -51.95 21.83
C LEU EA 120 120.20 -53.07 21.95
N ARG EA 121 120.48 -53.52 23.18
CA ARG EA 121 121.37 -54.66 23.38
C ARG EA 121 120.82 -55.93 22.76
N VAL EA 122 119.52 -56.19 22.94
CA VAL EA 122 119.00 -57.43 22.35
C VAL EA 122 118.83 -57.30 20.84
N LEU EA 123 118.67 -56.08 20.30
CA LEU EA 123 118.73 -55.91 18.86
C LEU EA 123 120.12 -56.21 18.31
N ARG EA 124 121.16 -55.78 19.04
CA ARG EA 124 122.52 -56.15 18.65
C ARG EA 124 122.74 -57.66 18.76
N LEU EA 125 122.11 -58.29 19.76
CA LEU EA 125 122.14 -59.75 19.86
C LEU EA 125 121.52 -60.41 18.64
N VAL EA 126 120.37 -59.90 18.19
CA VAL EA 126 119.71 -60.43 17.00
C VAL EA 126 120.59 -60.25 15.77
N HIS EA 127 121.19 -59.07 15.62
CA HIS EA 127 122.05 -58.79 14.48
C HIS EA 127 123.27 -59.70 14.46
N VAL EA 128 123.86 -59.95 15.63
CA VAL EA 128 125.05 -60.80 15.69
C VAL EA 128 124.69 -62.26 15.42
N CYS EA 129 123.60 -62.75 16.01
CA CYS EA 129 123.17 -64.13 15.72
C CYS EA 129 122.62 -64.28 14.31
N MET EA 130 122.35 -63.19 13.60
CA MET EA 130 122.05 -63.30 12.17
C MET EA 130 123.30 -63.69 11.38
N ALA EA 131 124.48 -63.30 11.85
CA ALA EA 131 125.71 -63.49 11.09
C ALA EA 131 126.05 -64.97 10.91
N VAL EA 132 125.82 -65.78 11.95
CA VAL EA 132 126.06 -67.22 11.84
C VAL EA 132 125.05 -67.81 10.86
N GLU EA 133 125.48 -68.82 10.11
CA GLU EA 133 124.74 -69.23 8.92
C GLU EA 133 123.32 -69.76 9.17
N PRO EA 134 123.03 -70.67 10.15
CA PRO EA 134 121.71 -71.30 10.11
C PRO EA 134 120.62 -70.47 10.77
N LEU EA 135 120.65 -69.15 10.57
CA LEU EA 135 119.49 -68.30 10.79
C LEU EA 135 119.40 -67.18 9.75
N ALA EA 136 120.40 -67.02 8.90
CA ALA EA 136 120.41 -65.88 7.98
C ALA EA 136 119.48 -66.11 6.80
N ARG EA 137 119.33 -67.36 6.36
CA ARG EA 137 118.51 -67.66 5.19
C ARG EA 137 117.04 -67.33 5.45
N ILE EA 138 116.54 -67.68 6.64
CA ILE EA 138 115.15 -67.36 6.99
C ILE EA 138 114.99 -65.85 7.20
N ILE EA 139 115.98 -65.22 7.82
CA ILE EA 139 115.92 -63.78 8.07
C ILE EA 139 115.98 -63.01 6.76
N LYS EA 140 116.79 -63.48 5.80
CA LYS EA 140 116.94 -62.79 4.52
C LYS EA 140 115.63 -62.76 3.74
N VAL EA 141 114.79 -63.78 3.90
CA VAL EA 141 113.57 -63.83 3.12
C VAL EA 141 112.39 -63.26 3.90
N ILE EA 142 112.58 -63.04 5.21
CA ILE EA 142 111.58 -62.30 5.97
C ILE EA 142 111.52 -60.86 5.50
N LEU EA 143 112.69 -60.24 5.32
CA LEU EA 143 112.75 -58.88 4.78
C LEU EA 143 112.46 -58.84 3.29
N GLN EA 144 112.63 -59.96 2.58
CA GLN EA 144 112.22 -60.03 1.19
C GLN EA 144 110.71 -60.14 1.05
N SER EA 145 110.02 -60.59 2.11
CA SER EA 145 108.58 -60.76 2.05
C SER EA 145 107.82 -59.50 2.44
N MET EA 146 108.48 -58.53 3.09
CA MET EA 146 107.76 -57.33 3.50
C MET EA 146 107.39 -56.39 2.34
N PRO EA 147 108.14 -56.29 1.22
CA PRO EA 147 107.60 -55.47 0.12
C PRO EA 147 106.34 -56.05 -0.49
N ASP EA 148 106.24 -57.39 -0.55
CA ASP EA 148 105.03 -58.01 -1.06
C ASP EA 148 103.90 -58.00 -0.03
N LEU EA 149 104.25 -57.97 1.26
CA LEU EA 149 103.23 -57.82 2.29
C LEU EA 149 102.70 -56.40 2.38
N ALA EA 150 103.49 -55.42 1.91
CA ALA EA 150 103.05 -54.02 1.97
C ALA EA 150 101.80 -53.78 1.14
N ASN EA 151 101.76 -54.32 -0.08
CA ASN EA 151 100.57 -54.13 -0.92
C ASN EA 151 99.36 -54.82 -0.31
N VAL EA 152 99.55 -56.00 0.28
CA VAL EA 152 98.46 -56.72 0.93
C VAL EA 152 97.91 -55.92 2.10
N MET EA 153 98.78 -55.39 2.95
CA MET EA 153 98.30 -54.64 4.10
C MET EA 153 97.67 -53.32 3.69
N ALA EA 154 98.18 -52.70 2.62
CA ALA EA 154 97.56 -51.48 2.10
C ALA EA 154 96.16 -51.76 1.58
N LEU EA 155 95.98 -52.83 0.81
CA LEU EA 155 94.65 -53.21 0.34
C LEU EA 155 93.73 -53.54 1.51
N ILE EA 156 94.27 -54.22 2.53
CA ILE EA 156 93.49 -54.57 3.70
C ILE EA 156 92.99 -53.32 4.43
N LEU EA 157 93.87 -52.32 4.62
CA LEU EA 157 93.44 -51.12 5.32
C LEU EA 157 92.50 -50.28 4.48
N PHE EA 158 92.67 -50.28 3.16
CA PHE EA 158 91.74 -49.55 2.30
C PHE EA 158 90.34 -50.16 2.33
N PHE EA 159 90.26 -51.50 2.22
CA PHE EA 159 88.97 -52.16 2.38
C PHE EA 159 88.41 -51.98 3.77
N MET EA 160 89.28 -51.96 4.78
CA MET EA 160 88.89 -51.68 6.16
C MET EA 160 88.20 -50.33 6.28
N LEU EA 161 88.80 -49.29 5.68
CA LEU EA 161 88.20 -47.97 5.74
C LEU EA 161 86.88 -47.90 4.97
N VAL EA 162 86.86 -48.42 3.74
CA VAL EA 162 85.65 -48.29 2.93
C VAL EA 162 84.52 -49.17 3.42
N PHE EA 163 84.80 -50.17 4.27
CA PHE EA 163 83.74 -50.92 4.93
C PHE EA 163 83.43 -50.39 6.33
N SER EA 164 84.35 -49.64 6.94
CA SER EA 164 84.06 -48.98 8.20
C SER EA 164 83.21 -47.73 8.00
N VAL EA 165 83.20 -47.17 6.78
CA VAL EA 165 82.22 -46.13 6.46
C VAL EA 165 80.81 -46.70 6.60
N PHE EA 166 80.62 -47.95 6.19
CA PHE EA 166 79.36 -48.64 6.47
C PHE EA 166 79.16 -48.85 7.96
N GLY EA 167 80.24 -49.14 8.68
CA GLY EA 167 80.18 -49.36 10.11
C GLY EA 167 79.76 -48.14 10.90
N VAL EA 168 80.37 -46.99 10.61
CA VAL EA 168 80.14 -45.78 11.40
C VAL EA 168 78.74 -45.21 11.24
N THR EA 169 77.98 -45.67 10.24
CA THR EA 169 76.58 -45.26 10.12
C THR EA 169 75.73 -45.89 11.22
N LEU EA 170 76.10 -47.08 11.70
CA LEU EA 170 75.43 -47.73 12.81
C LEU EA 170 76.25 -47.62 14.09
N PHE EA 171 77.26 -46.75 14.10
CA PHE EA 171 78.12 -46.53 15.24
C PHE EA 171 77.87 -45.13 15.80
N GLY EA 172 78.37 -44.89 17.01
CA GLY EA 172 78.32 -43.56 17.60
C GLY EA 172 77.05 -43.26 18.36
N ALA EA 173 77.20 -42.89 19.64
CA ALA EA 173 76.16 -42.46 20.57
C ALA EA 173 75.20 -43.57 20.95
N PHE EA 174 75.31 -44.76 20.36
CA PHE EA 174 74.59 -45.94 20.79
C PHE EA 174 75.52 -47.14 20.65
N VAL EA 175 75.30 -48.14 21.51
CA VAL EA 175 76.26 -49.19 21.89
C VAL EA 175 77.67 -48.60 21.90
N PRO EA 176 77.94 -47.67 22.84
CA PRO EA 176 79.19 -46.91 22.79
C PRO EA 176 80.35 -47.57 23.52
N LYS EA 177 81.45 -46.82 23.65
CA LYS EA 177 82.70 -47.11 24.36
C LYS EA 177 83.57 -48.10 23.58
N HIS EA 178 83.06 -48.72 22.52
CA HIS EA 178 83.88 -49.48 21.58
C HIS EA 178 83.51 -49.22 20.13
N PHE EA 179 82.39 -48.56 19.85
CA PHE EA 179 81.97 -48.22 18.50
C PHE EA 179 82.05 -46.73 18.23
N GLN EA 180 82.35 -45.91 19.23
CA GLN EA 180 82.46 -44.47 19.07
C GLN EA 180 83.92 -44.07 18.93
N ASN EA 181 84.19 -42.76 18.89
CA ASN EA 181 85.51 -42.12 18.88
C ASN EA 181 86.29 -42.37 17.59
N MET EA 182 85.72 -43.09 16.62
CA MET EA 182 86.06 -43.20 15.20
C MET EA 182 87.51 -43.64 14.93
N GLY EA 183 88.30 -43.85 15.97
CA GLY EA 183 89.55 -44.54 15.84
C GLY EA 183 89.51 -45.77 16.72
N VAL EA 184 88.84 -45.62 17.86
CA VAL EA 184 88.58 -46.76 18.72
C VAL EA 184 87.64 -47.74 18.03
N ALA EA 185 86.68 -47.22 17.26
CA ALA EA 185 85.82 -48.09 16.47
C ALA EA 185 86.62 -48.85 15.42
N LEU EA 186 87.55 -48.17 14.75
CA LEU EA 186 88.37 -48.83 13.74
C LEU EA 186 89.25 -49.92 14.37
N TYR EA 187 89.86 -49.63 15.52
CA TYR EA 187 90.71 -50.63 16.15
C TYR EA 187 89.88 -51.77 16.77
N THR EA 188 88.65 -51.49 17.21
CA THR EA 188 87.78 -52.56 17.69
C THR EA 188 87.34 -53.46 16.55
N LEU EA 189 87.05 -52.88 15.38
CA LEU EA 189 86.74 -53.69 14.21
C LEU EA 189 87.98 -54.49 13.78
N PHE EA 190 89.18 -53.93 13.97
CA PHE EA 190 90.40 -54.68 13.72
C PHE EA 190 90.53 -55.85 14.69
N ILE EA 191 90.16 -55.64 15.96
CA ILE EA 191 90.15 -56.73 16.94
C ILE EA 191 89.19 -57.83 16.50
N CYS EA 192 87.99 -57.43 16.08
CA CYS EA 192 86.98 -58.40 15.67
C CYS EA 192 87.38 -59.11 14.39
N ILE EA 193 88.16 -58.45 13.52
CA ILE EA 193 88.71 -59.10 12.34
C ILE EA 193 89.80 -60.10 12.73
N THR EA 194 90.64 -59.75 13.72
CA THR EA 194 91.58 -60.73 14.27
C THR EA 194 90.87 -61.87 14.98
N GLN EA 195 89.57 -61.71 15.28
CA GLN EA 195 88.65 -62.82 15.50
C GLN EA 195 88.97 -63.68 16.72
N ASP EA 196 88.93 -63.08 17.91
CA ASP EA 196 89.00 -63.87 19.14
C ASP EA 196 88.29 -63.12 20.24
N GLY EA 197 87.29 -63.77 20.84
CA GLY EA 197 86.58 -63.20 21.97
C GLY EA 197 85.77 -61.95 21.67
N TRP EA 198 85.02 -61.96 20.56
CA TRP EA 198 84.10 -60.88 20.26
C TRP EA 198 82.69 -61.14 20.78
N LEU EA 199 82.50 -62.22 21.55
CA LEU EA 199 81.23 -62.44 22.21
C LEU EA 199 80.93 -61.39 23.26
N ASP EA 200 81.97 -60.74 23.82
CA ASP EA 200 81.74 -59.59 24.67
C ASP EA 200 81.07 -58.46 23.89
N ILE EA 201 81.52 -58.22 22.66
CA ILE EA 201 80.86 -57.24 21.80
C ILE EA 201 79.46 -57.70 21.42
N TYR EA 202 79.30 -59.01 21.20
CA TYR EA 202 77.99 -59.56 20.86
C TYR EA 202 76.97 -59.30 21.97
N THR EA 203 77.36 -59.55 23.22
CA THR EA 203 76.53 -59.20 24.37
C THR EA 203 76.41 -57.69 24.55
N ASP EA 204 77.41 -56.92 24.08
CA ASP EA 204 77.34 -55.47 24.20
C ASP EA 204 76.23 -54.89 23.30
N PHE EA 205 76.14 -55.34 22.06
CA PHE EA 205 75.07 -54.87 21.19
C PHE EA 205 73.84 -55.76 21.23
N GLN EA 206 73.81 -56.77 22.10
CA GLN EA 206 72.62 -57.59 22.29
C GLN EA 206 71.47 -56.77 22.85
N MET EA 207 70.26 -57.34 22.76
CA MET EA 207 69.03 -56.78 23.33
C MET EA 207 68.70 -55.39 22.76
N ASP EA 208 68.74 -55.30 21.43
CA ASP EA 208 68.24 -54.09 20.78
C ASP EA 208 66.71 -54.03 20.87
N GLU EA 209 66.04 -55.13 20.52
CA GLU EA 209 64.60 -55.29 20.68
C GLU EA 209 64.27 -56.67 21.25
N ARG EA 210 65.26 -57.57 21.33
CA ARG EA 210 65.25 -58.95 21.79
C ARG EA 210 64.69 -59.90 20.72
N GLU EA 211 64.08 -59.40 19.65
CA GLU EA 211 63.63 -60.30 18.58
C GLU EA 211 64.39 -60.08 17.27
N TYR EA 212 64.21 -58.94 16.60
CA TYR EA 212 64.95 -58.69 15.37
C TYR EA 212 65.71 -57.36 15.38
N ALA EA 213 64.99 -56.23 15.53
CA ALA EA 213 65.52 -54.87 15.41
C ALA EA 213 66.57 -54.70 14.31
N MET EA 214 67.64 -54.00 14.66
CA MET EA 214 68.87 -53.97 13.89
C MET EA 214 69.79 -55.11 14.30
N GLU EA 215 69.42 -55.81 15.38
CA GLU EA 215 70.21 -56.88 15.94
C GLU EA 215 70.37 -58.04 14.96
N VAL EA 216 69.47 -58.17 14.00
CA VAL EA 216 69.66 -59.14 12.93
C VAL EA 216 70.52 -58.54 11.82
N GLY EA 217 70.12 -57.39 11.29
CA GLY EA 217 70.72 -56.80 10.11
C GLY EA 217 72.16 -56.38 10.26
N GLY EA 218 72.43 -55.47 11.19
CA GLY EA 218 73.80 -55.00 11.37
C GLY EA 218 74.73 -56.11 11.79
N ALA EA 219 74.24 -57.04 12.62
CA ALA EA 219 75.06 -58.15 13.08
C ALA EA 219 75.45 -59.06 11.93
N ILE EA 220 74.49 -59.44 11.08
CA ILE EA 220 74.87 -60.31 9.96
C ILE EA 220 75.74 -59.56 8.97
N TYR EA 221 75.51 -58.25 8.78
CA TYR EA 221 76.36 -57.44 7.91
C TYR EA 221 77.82 -57.51 8.35
N PHE EA 222 78.09 -57.06 9.58
CA PHE EA 222 79.49 -57.02 9.98
C PHE EA 222 80.04 -58.41 10.28
N ALA EA 223 79.19 -59.42 10.50
CA ALA EA 223 79.68 -60.77 10.68
C ALA EA 223 80.19 -61.37 9.37
N VAL EA 224 79.42 -61.21 8.29
CA VAL EA 224 79.91 -61.71 7.00
C VAL EA 224 81.10 -60.88 6.53
N PHE EA 225 81.12 -59.58 6.85
CA PHE EA 225 82.29 -58.77 6.53
C PHE EA 225 83.52 -59.26 7.30
N ILE EA 226 83.35 -59.58 8.58
CA ILE EA 226 84.46 -60.05 9.40
C ILE EA 226 85.00 -61.36 8.86
N THR EA 227 84.11 -62.31 8.55
CA THR EA 227 84.57 -63.61 8.10
C THR EA 227 85.26 -63.51 6.73
N LEU EA 228 84.72 -62.68 5.82
CA LEU EA 228 85.34 -62.53 4.52
C LEU EA 228 86.69 -61.84 4.63
N GLY EA 229 86.76 -60.76 5.43
CA GLY EA 229 88.02 -60.05 5.57
C GLY EA 229 89.09 -60.88 6.26
N ALA EA 230 88.71 -61.63 7.30
CA ALA EA 230 89.68 -62.48 7.99
C ALA EA 230 90.21 -63.58 7.08
N PHE EA 231 89.31 -64.25 6.35
CA PHE EA 231 89.75 -65.30 5.43
C PHE EA 231 90.66 -64.74 4.35
N ILE EA 232 90.27 -63.59 3.76
CA ILE EA 232 91.05 -62.99 2.69
C ILE EA 232 92.42 -62.55 3.20
N GLY EA 233 92.46 -61.94 4.38
CA GLY EA 233 93.73 -61.48 4.93
C GLY EA 233 94.67 -62.62 5.25
N LEU EA 234 94.16 -63.66 5.92
CA LEU EA 234 95.01 -64.81 6.25
C LEU EA 234 95.49 -65.52 4.99
N ASN EA 235 94.61 -65.68 4.00
CA ASN EA 235 95.00 -66.30 2.75
C ASN EA 235 96.07 -65.50 2.03
N LEU EA 236 95.90 -64.17 1.96
CA LEU EA 236 96.88 -63.32 1.29
C LEU EA 236 98.21 -63.33 2.02
N PHE EA 237 98.19 -63.38 3.36
CA PHE EA 237 99.42 -63.47 4.12
C PHE EA 237 100.19 -64.75 3.81
N VAL EA 238 99.50 -65.91 3.88
CA VAL EA 238 100.20 -67.16 3.61
C VAL EA 238 100.61 -67.26 2.15
N VAL EA 239 99.85 -66.63 1.24
CA VAL EA 239 100.21 -66.59 -0.17
C VAL EA 239 101.49 -65.79 -0.38
N VAL EA 240 101.60 -64.61 0.24
CA VAL EA 240 102.81 -63.81 0.10
C VAL EA 240 104.01 -64.54 0.69
N VAL EA 241 103.80 -65.22 1.83
CA VAL EA 241 104.89 -65.96 2.46
C VAL EA 241 105.38 -67.08 1.56
N THR EA 242 104.45 -67.89 1.04
CA THR EA 242 104.85 -69.01 0.18
C THR EA 242 105.41 -68.51 -1.15
N THR EA 243 104.99 -67.32 -1.59
CA THR EA 243 105.56 -66.72 -2.80
C THR EA 243 107.03 -66.37 -2.59
N ASN EA 244 107.33 -65.66 -1.51
CA ASN EA 244 108.72 -65.29 -1.25
C ASN EA 244 109.58 -66.49 -0.90
N LEU EA 245 109.01 -67.54 -0.32
CA LEU EA 245 109.79 -68.76 -0.09
C LEU EA 245 110.04 -69.54 -1.37
N GLU EA 246 109.11 -69.51 -2.33
CA GLU EA 246 109.40 -70.07 -3.65
C GLU EA 246 110.50 -69.26 -4.34
N GLN EA 247 110.49 -67.94 -4.18
CA GLN EA 247 111.62 -67.13 -4.63
C GLN EA 247 112.93 -67.54 -3.94
N MET EA 248 112.86 -67.93 -2.67
CA MET EA 248 114.08 -68.34 -1.97
C MET EA 248 114.59 -69.67 -2.51
N MET EA 249 113.72 -70.67 -2.66
CA MET EA 249 114.11 -71.94 -3.29
C MET EA 249 114.53 -71.80 -4.76
N LYS EA 250 114.12 -70.74 -5.45
CA LYS EA 250 114.60 -70.52 -6.81
C LYS EA 250 115.98 -69.87 -6.81
N VAL FA 1 82.54 -32.25 89.69
CA VAL FA 1 83.33 -31.37 90.53
C VAL FA 1 82.49 -30.20 91.03
N ILE FA 2 81.85 -30.37 92.18
CA ILE FA 2 81.06 -29.31 92.79
C ILE FA 2 81.92 -28.65 93.86
N HIS FA 3 82.28 -27.39 93.62
CA HIS FA 3 83.34 -26.76 94.40
C HIS FA 3 82.89 -26.47 95.83
N ASN FA 4 81.71 -25.91 96.01
CA ASN FA 4 81.17 -25.64 97.35
C ASN FA 4 80.13 -26.68 97.73
N LYS FA 5 80.39 -27.94 97.37
CA LYS FA 5 79.52 -29.05 97.77
C LYS FA 5 79.48 -29.22 99.28
N GLY FA 6 80.55 -28.85 99.97
CA GLY FA 6 80.59 -28.93 101.42
C GLY FA 6 81.59 -29.93 101.95
N LYS FA 7 82.72 -29.43 102.46
CA LYS FA 7 83.76 -30.25 103.06
C LYS FA 7 84.00 -29.76 104.48
N GLU FA 8 83.97 -30.69 105.43
CA GLU FA 8 84.11 -30.34 106.84
C GLU FA 8 85.02 -31.28 107.62
N ARG FA 9 85.39 -32.43 107.07
CA ARG FA 9 86.15 -33.44 107.81
C ARG FA 9 87.37 -33.87 107.02
N THR FA 10 88.45 -34.15 107.74
CA THR FA 10 89.69 -34.66 107.18
C THR FA 10 89.75 -36.15 107.46
N TYR FA 11 89.51 -36.96 106.45
CA TYR FA 11 89.39 -38.41 106.63
C TYR FA 11 90.74 -39.12 106.68
N PHE FA 12 91.83 -38.47 106.32
CA PHE FA 12 93.12 -39.12 106.22
C PHE FA 12 94.16 -38.38 107.04
N SER FA 13 95.15 -39.13 107.51
CA SER FA 13 96.33 -38.55 108.16
C SER FA 13 97.56 -39.20 107.52
N CYS FA 14 98.29 -38.42 106.72
CA CYS FA 14 99.46 -38.88 106.00
C CYS FA 14 100.69 -38.21 106.57
N SER FA 15 101.84 -38.88 106.48
CA SER FA 15 103.09 -38.31 106.95
C SER FA 15 104.26 -38.96 106.24
N GLY FA 16 105.27 -38.14 105.93
CA GLY FA 16 106.48 -38.59 105.30
C GLY FA 16 107.60 -38.95 106.26
N GLU FA 17 107.41 -38.73 107.56
CA GLU FA 17 108.34 -39.12 108.63
C GLU FA 17 109.69 -38.42 108.52
N GLY FA 18 109.80 -37.40 107.67
CA GLY FA 18 111.01 -36.61 107.60
C GLY FA 18 110.93 -35.35 108.43
N ILE FA 19 109.86 -34.58 108.24
CA ILE FA 19 109.60 -33.37 109.00
C ILE FA 19 108.19 -33.45 109.55
N LEU FA 20 108.05 -33.27 110.86
CA LEU FA 20 106.75 -33.27 111.50
C LEU FA 20 106.20 -31.84 111.56
N THR FA 21 104.91 -31.70 111.28
CA THR FA 21 104.25 -30.40 111.33
C THR FA 21 102.93 -30.55 112.08
N GLY FA 22 102.07 -29.53 112.01
CA GLY FA 22 100.76 -29.59 112.61
C GLY FA 22 99.92 -30.71 112.04
N LEU FA 23 99.32 -31.52 112.92
CA LEU FA 23 98.55 -32.68 112.49
C LEU FA 23 97.24 -32.30 111.81
N HIS FA 24 96.83 -31.03 111.88
CA HIS FA 24 95.59 -30.58 111.26
C HIS FA 24 95.71 -30.46 109.74
N THR FA 25 96.93 -30.49 109.20
CA THR FA 25 97.12 -30.43 107.75
C THR FA 25 98.27 -31.36 107.38
N ILE FA 26 98.37 -31.65 106.09
CA ILE FA 26 99.37 -32.58 105.57
C ILE FA 26 100.31 -31.81 104.65
N LYS FA 27 101.49 -31.47 105.17
CA LYS FA 27 102.53 -30.80 104.40
C LYS FA 27 103.67 -31.77 104.17
N LEU FA 28 104.07 -31.93 102.91
CA LEU FA 28 105.12 -32.85 102.53
C LEU FA 28 106.25 -32.09 101.84
N PHE FA 29 107.47 -32.57 102.02
CA PHE FA 29 108.66 -31.91 101.49
C PHE FA 29 109.42 -32.88 100.60
N LEU FA 30 109.87 -32.37 99.45
CA LEU FA 30 110.53 -33.18 98.44
C LEU FA 30 112.01 -32.88 98.40
N THR FA 31 112.83 -33.92 98.51
CA THR FA 31 114.27 -33.86 98.35
C THR FA 31 114.70 -34.93 97.36
N MET FA 32 116.02 -35.17 97.29
CA MET FA 32 116.57 -36.08 96.29
C MET FA 32 116.08 -37.51 96.40
N ASP FA 33 115.75 -37.98 97.60
CA ASP FA 33 115.32 -39.36 97.76
C ASP FA 33 113.89 -39.53 97.27
N ASN FA 34 113.41 -40.77 97.33
CA ASN FA 34 112.01 -41.03 97.00
C ASN FA 34 111.10 -40.48 98.09
N LEU FA 35 110.06 -39.77 97.66
CA LEU FA 35 109.05 -39.27 98.59
C LEU FA 35 108.29 -40.47 99.14
N LYS FA 36 108.54 -40.80 100.40
CA LYS FA 36 107.95 -41.98 101.04
C LYS FA 36 106.97 -41.51 102.10
N VAL FA 37 105.71 -41.89 101.94
CA VAL FA 37 104.62 -41.42 102.80
C VAL FA 37 103.84 -42.63 103.31
N ARG FA 38 103.63 -42.66 104.62
CA ARG FA 38 102.72 -43.60 105.26
C ARG FA 38 101.48 -42.83 105.69
N CYS FA 39 100.30 -43.36 105.36
CA CYS FA 39 99.05 -42.68 105.60
C CYS FA 39 98.03 -43.66 106.15
N PHE FA 40 97.15 -43.17 107.02
CA PHE FA 40 96.11 -44.01 107.59
C PHE FA 40 94.78 -43.25 107.60
N PHE FA 41 93.72 -44.01 107.83
CA PHE FA 41 92.35 -43.48 107.82
C PHE FA 41 92.02 -42.98 109.21
N ARG FA 42 91.88 -41.67 109.35
CA ARG FA 42 91.50 -41.08 110.64
C ARG FA 42 89.99 -41.19 110.81
N ASN FA 43 89.57 -41.62 112.00
CA ASN FA 43 88.16 -41.82 112.31
C ASN FA 43 87.94 -41.35 113.73
N GLU FA 44 86.84 -41.79 114.35
CA GLU FA 44 86.57 -41.48 115.76
C GLU FA 44 87.71 -41.95 116.65
N ASN FA 45 88.37 -43.05 116.30
CA ASN FA 45 89.62 -43.46 116.92
C ASN FA 45 90.77 -42.93 116.08
N GLN FA 46 91.50 -41.96 116.62
CA GLN FA 46 92.56 -41.28 115.86
C GLN FA 46 93.80 -42.15 115.68
N SER FA 47 93.93 -43.25 116.41
CA SER FA 47 95.06 -44.13 116.20
C SER FA 47 94.84 -45.00 114.97
N PRO FA 48 95.92 -45.36 114.27
CA PRO FA 48 95.78 -46.31 113.15
C PRO FA 48 95.32 -47.67 113.64
N SER FA 49 94.50 -48.32 112.82
CA SER FA 49 93.89 -49.59 113.20
C SER FA 49 94.00 -50.58 112.04
N LYS FA 50 94.20 -51.85 112.38
CA LYS FA 50 94.26 -52.92 111.40
C LYS FA 50 92.88 -53.38 110.96
N GLU FA 51 91.83 -53.00 111.66
CA GLU FA 51 90.46 -53.39 111.32
C GLU FA 51 89.93 -52.61 110.12
N ILE FA 52 90.04 -51.29 110.16
CA ILE FA 52 89.51 -50.46 109.08
C ILE FA 52 90.30 -50.67 107.79
N LEU FA 53 91.62 -50.82 107.90
CA LEU FA 53 92.44 -51.07 106.73
C LEU FA 53 92.12 -52.43 106.10
N GLY FA 54 91.91 -53.45 106.95
CA GLY FA 54 91.50 -54.75 106.44
C GLY FA 54 90.13 -54.73 105.82
N LEU FA 55 89.22 -53.94 106.37
CA LEU FA 55 87.90 -53.75 105.76
C LEU FA 55 88.03 -53.10 104.38
N PHE FA 56 88.88 -52.09 104.26
CA PHE FA 56 89.01 -51.37 103.00
C PHE FA 56 89.72 -52.20 101.93
N THR FA 57 90.74 -52.97 102.31
CA THR FA 57 91.53 -53.74 101.37
C THR FA 57 90.92 -55.10 101.06
N SER FA 58 89.63 -55.28 101.32
CA SER FA 58 88.94 -56.52 100.96
C SER FA 58 88.00 -56.36 99.77
N GLY FA 59 87.57 -55.13 99.47
CA GLY FA 59 86.73 -54.89 98.31
C GLY FA 59 87.53 -54.35 97.13
N GLY FA 60 88.85 -54.51 97.19
CA GLY FA 60 89.71 -53.95 96.16
C GLY FA 60 89.77 -52.44 96.15
N LEU FA 61 89.81 -51.81 97.32
CA LEU FA 61 89.86 -50.36 97.46
C LEU FA 61 91.24 -49.96 97.96
N ALA FA 62 91.92 -49.09 97.22
CA ALA FA 62 93.23 -48.59 97.57
C ALA FA 62 93.27 -47.07 97.43
N PRO FA 63 94.03 -46.37 98.27
CA PRO FA 63 94.03 -44.91 98.21
C PRO FA 63 94.67 -44.38 96.94
N ASN FA 64 94.31 -43.14 96.59
CA ASN FA 64 94.80 -42.48 95.39
C ASN FA 64 95.26 -41.06 95.70
N MET FA 65 96.36 -40.68 95.07
CA MET FA 65 97.08 -39.43 95.27
C MET FA 65 96.90 -38.56 94.03
N ILE FA 66 96.49 -37.32 94.23
CA ILE FA 66 96.40 -36.34 93.15
C ILE FA 66 97.36 -35.20 93.46
N ILE FA 67 98.40 -35.08 92.64
CA ILE FA 67 99.35 -33.98 92.72
C ILE FA 67 99.04 -33.02 91.59
N THR FA 68 98.67 -31.80 91.91
CA THR FA 68 98.31 -30.84 90.88
C THR FA 68 99.09 -29.55 91.02
N ASN FA 69 99.46 -28.99 89.88
CA ASN FA 69 100.11 -27.69 89.80
C ASN FA 69 99.18 -26.71 89.10
N SER FA 70 99.65 -25.50 88.82
CA SER FA 70 98.87 -24.56 88.03
C SER FA 70 98.68 -25.02 86.60
N THR FA 71 99.54 -25.91 86.10
CA THR FA 71 99.43 -26.43 84.74
C THR FA 71 99.58 -27.94 84.68
N PHE FA 72 99.67 -28.64 85.82
CA PHE FA 72 100.01 -30.05 85.83
C PHE FA 72 98.99 -30.82 86.67
N TYR FA 73 98.71 -32.04 86.23
CA TYR FA 73 97.83 -32.96 86.94
C TYR FA 73 98.48 -34.34 86.92
N GLY FA 74 98.49 -35.02 88.07
CA GLY FA 74 99.05 -36.35 88.13
C GLY FA 74 98.38 -37.19 89.19
N GLY FA 75 98.25 -38.47 88.91
CA GLY FA 75 97.65 -39.42 89.84
C GLY FA 75 98.61 -40.56 90.14
N TYR FA 76 98.61 -41.01 91.39
CA TYR FA 76 99.47 -42.09 91.84
C TYR FA 76 98.67 -43.02 92.74
N TYR FA 77 98.87 -44.33 92.57
CA TYR FA 77 97.98 -45.33 93.15
C TYR FA 77 98.69 -46.06 94.27
N PHE FA 78 98.04 -46.21 95.41
CA PHE FA 78 98.55 -47.10 96.44
C PHE FA 78 98.37 -48.54 96.00
N LYS FA 79 99.38 -49.36 96.26
CA LYS FA 79 99.36 -50.75 95.84
C LYS FA 79 98.45 -51.57 96.74
N LEU FA 80 97.83 -52.59 96.15
CA LEU FA 80 96.96 -53.51 96.89
C LEU FA 80 97.83 -54.62 97.48
N THR FA 81 97.88 -54.67 98.81
CA THR FA 81 98.75 -55.57 99.55
C THR FA 81 97.92 -56.21 100.65
N PRO FA 82 98.11 -57.52 100.92
CA PRO FA 82 97.38 -58.16 102.02
C PRO FA 82 97.64 -57.48 103.35
N PHE FA 83 96.58 -57.40 104.17
CA PHE FA 83 96.57 -56.67 105.42
C PHE FA 83 97.06 -57.51 106.60
N SER FA 84 97.78 -58.60 106.34
CA SER FA 84 98.14 -59.53 107.41
C SER FA 84 99.13 -58.92 108.40
N ASN FA 85 99.90 -57.93 107.97
CA ASN FA 85 100.97 -57.38 108.79
C ASN FA 85 100.94 -55.87 108.96
N ARG FA 86 100.50 -55.12 107.95
CA ARG FA 86 100.61 -53.67 107.97
C ARG FA 86 99.57 -53.04 108.90
N LEU FA 87 99.76 -51.74 109.15
CA LEU FA 87 98.79 -50.93 109.86
C LEU FA 87 98.37 -49.69 109.09
N GLU FA 88 99.26 -49.11 108.28
CA GLU FA 88 98.96 -47.95 107.45
C GLU FA 88 99.41 -48.22 106.02
N TRP FA 89 98.77 -47.54 105.08
CA TRP FA 89 99.14 -47.63 103.68
C TRP FA 89 100.47 -46.91 103.45
N LEU FA 90 101.26 -47.44 102.52
CA LEU FA 90 102.59 -46.92 102.25
C LEU FA 90 102.76 -46.68 100.75
N ILE FA 91 103.42 -45.58 100.40
CA ILE FA 91 103.78 -45.36 99.00
C ILE FA 91 105.09 -44.59 98.95
N ASP FA 92 105.96 -44.98 98.01
CA ASP FA 92 107.18 -44.25 97.72
C ASP FA 92 107.18 -43.87 96.26
N ILE FA 93 107.51 -42.62 95.97
CA ILE FA 93 107.50 -42.08 94.61
C ILE FA 93 108.92 -41.65 94.27
N PRO FA 94 109.48 -42.11 93.15
CA PRO FA 94 110.76 -41.57 92.70
C PRO FA 94 110.64 -40.09 92.36
N ARG FA 95 111.75 -39.37 92.54
CA ARG FA 95 111.73 -37.92 92.30
C ARG FA 95 111.46 -37.59 90.84
N GLN FA 96 112.04 -38.38 89.91
CA GLN FA 96 111.84 -38.14 88.49
C GLN FA 96 110.39 -38.31 88.06
N ASN FA 97 109.59 -39.03 88.85
CA ASN FA 97 108.16 -39.15 88.55
C ASN FA 97 107.41 -37.84 88.74
N ILE FA 98 107.91 -36.96 89.61
CA ILE FA 98 107.30 -35.66 89.85
C ILE FA 98 108.02 -34.57 89.05
N THR FA 99 109.34 -34.48 89.18
CA THR FA 99 110.12 -33.50 88.44
C THR FA 99 111.48 -34.10 88.05
N VAL FA 100 111.97 -33.71 86.88
CA VAL FA 100 113.28 -34.18 86.43
C VAL FA 100 114.34 -33.10 86.51
N ASN FA 101 113.96 -31.83 86.53
CA ASN FA 101 114.92 -30.75 86.70
C ASN FA 101 115.27 -30.58 88.18
N THR FA 102 116.54 -30.33 88.45
CA THR FA 102 117.04 -30.17 89.82
C THR FA 102 117.81 -28.87 89.97
N ASP FA 103 117.53 -27.89 89.11
CA ASP FA 103 118.17 -26.60 89.19
C ASP FA 103 117.42 -25.70 90.18
N ILE FA 104 117.96 -24.50 90.40
CA ILE FA 104 117.35 -23.52 91.30
C ILE FA 104 116.56 -22.54 90.45
N ALA FA 105 115.25 -22.53 90.65
CA ALA FA 105 114.36 -21.66 89.89
C ALA FA 105 113.13 -21.36 90.75
N ALA FA 106 112.22 -20.56 90.18
CA ALA FA 106 110.97 -20.21 90.86
C ALA FA 106 109.94 -21.29 90.51
N VAL FA 107 109.73 -22.21 91.43
CA VAL FA 107 108.83 -23.34 91.23
C VAL FA 107 107.69 -23.26 92.24
N GLU FA 108 106.46 -23.41 91.75
CA GLU FA 108 105.29 -23.39 92.60
C GLU FA 108 105.23 -24.65 93.46
N GLN FA 109 104.42 -24.58 94.52
CA GLN FA 109 104.13 -25.77 95.29
C GLN FA 109 103.14 -26.66 94.54
N TRP FA 110 102.81 -27.79 95.14
CA TRP FA 110 101.87 -28.73 94.54
C TRP FA 110 100.72 -28.99 95.52
N MET FA 111 99.49 -28.84 95.03
CA MET FA 111 98.32 -29.16 95.82
C MET FA 111 98.13 -30.66 95.84
N ILE FA 112 97.78 -31.19 97.01
CA ILE FA 112 97.80 -32.62 97.29
C ILE FA 112 96.39 -33.04 97.67
N LYS FA 113 95.89 -34.09 97.02
CA LYS FA 113 94.57 -34.61 97.33
C LYS FA 113 94.68 -36.11 97.59
N ILE FA 114 94.13 -36.54 98.73
CA ILE FA 114 94.03 -37.93 99.13
C ILE FA 114 92.59 -38.39 98.99
N THR FA 115 92.37 -39.48 98.27
CA THR FA 115 91.02 -40.02 98.12
C THR FA 115 91.08 -41.54 98.24
N MET FA 116 89.92 -42.13 98.56
CA MET FA 116 89.79 -43.57 98.51
C MET FA 116 89.63 -44.07 97.07
N HIS FA 117 88.99 -43.26 96.22
CA HIS FA 117 88.86 -43.58 94.82
C HIS FA 117 88.93 -42.29 94.01
N GLU FA 118 89.42 -42.40 92.77
CA GLU FA 118 89.66 -41.21 91.96
C GLU FA 118 88.38 -40.68 91.35
N GLY FA 119 87.74 -41.48 90.48
CA GLY FA 119 86.48 -41.05 89.90
C GLY FA 119 85.36 -40.99 90.92
N LEU FA 120 85.26 -42.00 91.78
CA LEU FA 120 84.25 -42.05 92.82
C LEU FA 120 84.87 -41.50 94.12
N ASN FA 121 85.12 -40.20 94.10
CA ASN FA 121 85.79 -39.54 95.21
C ASN FA 121 84.83 -39.43 96.39
N ILE FA 122 85.15 -40.14 97.47
CA ILE FA 122 84.27 -40.25 98.63
C ILE FA 122 84.88 -39.60 99.87
N TYR FA 123 86.19 -39.70 100.05
CA TYR FA 123 86.88 -39.17 101.23
C TYR FA 123 88.05 -38.32 100.73
N ASP FA 124 87.82 -37.02 100.60
CA ASP FA 124 88.82 -36.11 100.07
C ASP FA 124 89.54 -35.38 101.20
N THR FA 125 90.87 -35.43 101.18
CA THR FA 125 91.68 -34.71 102.15
C THR FA 125 92.72 -33.89 101.40
N GLU FA 126 92.90 -32.64 101.82
CA GLU FA 126 93.76 -31.71 101.11
C GLU FA 126 95.06 -31.46 101.87
N GLY FA 127 96.10 -31.11 101.11
CA GLY FA 127 97.40 -30.83 101.68
C GLY FA 127 98.30 -30.15 100.68
N THR FA 128 99.55 -29.95 101.09
CA THR FA 128 100.51 -29.23 100.28
C THR FA 128 101.81 -30.02 100.16
N LEU FA 129 102.51 -29.80 99.05
CA LEU FA 129 103.81 -30.41 98.80
C LEU FA 129 104.76 -29.33 98.32
N LEU FA 130 105.94 -29.27 98.91
CA LEU FA 130 106.92 -28.22 98.62
C LEU FA 130 108.25 -28.85 98.23
N ASP FA 131 108.81 -28.40 97.12
CA ASP FA 131 110.13 -28.83 96.71
C ASP FA 131 111.20 -28.04 97.47
N LEU FA 132 112.18 -28.76 98.01
CA LEU FA 132 113.19 -28.14 98.86
C LEU FA 132 114.48 -27.81 98.11
N VAL FA 133 114.91 -28.67 97.18
CA VAL FA 133 116.20 -28.48 96.53
C VAL FA 133 116.16 -27.46 95.40
N ARG FA 134 114.98 -26.97 95.04
CA ARG FA 134 114.85 -25.98 93.97
C ARG FA 134 114.36 -24.63 94.49
N GLU FA 135 114.16 -24.49 95.79
CA GLU FA 135 113.72 -23.20 96.35
C GLU FA 135 114.91 -22.27 96.49
N PRO FA 136 114.83 -21.06 95.94
CA PRO FA 136 116.02 -20.18 95.95
C PRO FA 136 116.41 -19.70 97.35
N ILE FA 137 115.44 -19.36 98.19
CA ILE FA 137 115.75 -18.78 99.50
C ILE FA 137 116.40 -19.82 100.42
N LEU FA 138 116.05 -21.09 100.26
CA LEU FA 138 116.51 -22.13 101.18
C LEU FA 138 117.96 -22.53 100.98
N GLN FA 139 118.63 -22.03 99.95
CA GLN FA 139 120.01 -22.41 99.70
C GLN FA 139 121.02 -21.54 100.44
N TRP FA 140 120.56 -20.56 101.20
CA TRP FA 140 121.45 -19.62 101.87
C TRP FA 140 121.31 -19.72 103.38
N ASN FA 141 122.27 -19.09 104.07
CA ASN FA 141 122.21 -18.91 105.51
C ASN FA 141 121.95 -17.44 105.79
N LEU FA 142 120.88 -17.16 106.54
CA LEU FA 142 120.50 -15.79 106.81
C LEU FA 142 121.51 -15.10 107.72
N GLY FA 143 121.88 -15.75 108.82
CA GLY FA 143 122.80 -15.14 109.76
C GLY FA 143 123.05 -16.06 110.93
N ARG FA 144 123.57 -15.47 112.01
CA ARG FA 144 123.87 -16.24 113.21
C ARG FA 144 122.57 -16.69 113.85
N VAL FA 145 122.50 -17.98 114.19
CA VAL FA 145 121.28 -18.59 114.70
C VAL FA 145 121.14 -18.23 116.18
N LEU FA 146 119.99 -17.68 116.54
CA LEU FA 146 119.69 -17.37 117.94
C LEU FA 146 119.03 -18.57 118.60
N THR FA 147 119.53 -18.95 119.78
CA THR FA 147 118.99 -20.09 120.50
C THR FA 147 117.83 -19.66 121.38
N GLU FA 148 117.32 -20.60 122.16
CA GLU FA 148 116.34 -20.26 123.18
C GLU FA 148 117.01 -19.46 124.29
N MET FA 149 116.22 -18.58 124.92
CA MET FA 149 116.62 -17.62 125.94
C MET FA 149 117.57 -16.63 125.25
N GLU FA 150 117.52 -16.57 123.92
CA GLU FA 150 118.10 -15.46 123.19
C GLU FA 150 117.03 -14.64 122.48
N VAL FA 151 115.88 -15.25 122.20
CA VAL FA 151 114.71 -14.53 121.71
C VAL FA 151 113.66 -14.31 122.80
N ARG FA 152 113.74 -15.06 123.91
CA ARG FA 152 112.83 -14.83 125.02
C ARG FA 152 113.06 -13.47 125.66
N ASP FA 153 114.31 -13.06 125.84
CA ASP FA 153 114.64 -11.72 126.29
C ASP FA 153 114.42 -10.66 125.23
N LEU FA 154 114.20 -11.07 123.98
CA LEU FA 154 113.86 -10.12 122.93
C LEU FA 154 112.39 -9.72 122.97
N TYR FA 155 111.57 -10.47 123.70
CA TYR FA 155 110.13 -10.18 123.78
C TYR FA 155 109.79 -8.80 124.34
N PRO FA 156 110.40 -8.30 125.42
CA PRO FA 156 110.02 -6.97 125.92
C PRO FA 156 110.35 -5.82 124.97
N GLU FA 157 111.22 -6.02 123.99
CA GLU FA 157 111.59 -4.96 123.08
C GLU FA 157 110.85 -4.99 121.75
N VAL FA 158 109.89 -5.92 121.56
CA VAL FA 158 109.20 -6.02 120.29
C VAL FA 158 108.23 -4.87 120.12
N ASN FA 159 108.34 -4.17 118.98
CA ASN FA 159 107.44 -3.08 118.66
C ASN FA 159 106.48 -3.38 117.52
N ASP FA 160 106.92 -4.07 116.46
CA ASP FA 160 106.01 -4.41 115.36
C ASP FA 160 106.51 -5.65 114.64
N ILE FA 161 105.62 -6.22 113.82
CA ILE FA 161 105.87 -7.47 113.12
C ILE FA 161 105.66 -7.26 111.63
N LYS FA 162 106.52 -7.87 110.81
CA LYS FA 162 106.39 -7.83 109.36
C LYS FA 162 106.58 -9.22 108.78
N VAL FA 163 106.03 -9.45 107.59
CA VAL FA 163 106.10 -10.76 106.94
C VAL FA 163 106.40 -10.58 105.46
N THR FA 164 106.92 -11.65 104.87
CA THR FA 164 107.09 -11.75 103.41
C THR FA 164 106.26 -12.93 102.91
N LYS FA 165 106.28 -13.15 101.59
CA LYS FA 165 105.44 -14.19 101.02
C LYS FA 165 106.16 -15.13 100.05
N SER FA 166 107.17 -14.62 99.32
CA SER FA 166 107.81 -15.34 98.21
C SER FA 166 106.75 -15.80 97.22
N PRO FA 167 106.24 -14.88 96.38
CA PRO FA 167 104.96 -15.08 95.67
C PRO FA 167 104.71 -16.43 94.99
N CYS FA 168 105.74 -17.05 94.42
CA CYS FA 168 105.52 -18.28 93.67
C CYS FA 168 105.21 -19.45 94.58
N ALA FA 169 105.70 -19.43 95.82
CA ALA FA 169 105.48 -20.51 96.77
C ALA FA 169 105.37 -19.92 98.16
N ASN FA 170 104.20 -20.05 98.78
CA ASN FA 170 103.98 -19.53 100.12
C ASN FA 170 104.52 -20.54 101.15
N ASP FA 171 104.19 -20.31 102.42
CA ASP FA 171 104.56 -21.15 103.56
C ASP FA 171 106.07 -21.25 103.77
N VAL FA 172 106.85 -20.43 103.08
CA VAL FA 172 108.30 -20.35 103.30
C VAL FA 172 108.62 -18.92 103.69
N ALA FA 173 107.66 -18.28 104.38
CA ALA FA 173 107.73 -16.86 104.66
C ALA FA 173 108.85 -16.53 105.65
N LEU FA 174 109.26 -15.27 105.63
CA LEU FA 174 110.18 -14.70 106.60
C LEU FA 174 109.45 -13.66 107.43
N ILE FA 175 109.74 -13.66 108.73
CA ILE FA 175 109.09 -12.79 109.70
C ILE FA 175 110.16 -11.86 110.28
N GLY FA 176 109.92 -10.56 110.19
CA GLY FA 176 110.88 -9.55 110.61
C GLY FA 176 110.36 -8.79 111.81
N PHE FA 177 111.28 -8.45 112.72
CA PHE FA 177 110.94 -7.78 113.96
C PHE FA 177 111.35 -6.31 113.92
N MET FA 178 110.38 -5.45 114.20
CA MET FA 178 110.53 -4.00 114.32
C MET FA 178 110.73 -3.64 115.79
N MET FA 179 111.89 -3.04 116.10
CA MET FA 179 112.36 -2.88 117.47
C MET FA 179 112.14 -1.48 117.99
N LYS FA 180 112.13 -1.37 119.32
CA LYS FA 180 112.32 -0.09 119.99
C LYS FA 180 113.78 0.35 119.80
N PRO FA 181 114.04 1.66 119.78
CA PRO FA 181 115.41 2.14 119.56
C PRO FA 181 116.36 1.91 120.73
N SER FA 182 115.90 1.32 121.83
CA SER FA 182 116.80 0.91 122.90
C SER FA 182 117.51 -0.41 122.60
N SER FA 183 117.07 -1.13 121.57
CA SER FA 183 117.68 -2.39 121.16
C SER FA 183 118.46 -2.17 119.86
N ASN FA 184 119.05 -3.26 119.36
CA ASN FA 184 119.87 -3.19 118.15
C ASN FA 184 119.88 -4.54 117.46
N GLY FA 185 119.72 -4.53 116.15
CA GLY FA 185 119.88 -5.73 115.34
C GLY FA 185 118.69 -6.10 114.47
N VAL FA 186 118.98 -6.72 113.32
CA VAL FA 186 117.96 -7.29 112.46
C VAL FA 186 117.61 -8.68 113.00
N PHE FA 187 116.32 -8.91 113.23
CA PHE FA 187 115.84 -10.18 113.78
C PHE FA 187 114.75 -10.73 112.88
N ILE FA 188 115.10 -11.79 112.14
CA ILE FA 188 114.21 -12.39 111.15
C ILE FA 188 114.18 -13.89 111.37
N GLY FA 189 112.97 -14.43 111.53
CA GLY FA 189 112.75 -15.87 111.57
C GLY FA 189 112.27 -16.36 110.22
N LYS FA 190 112.44 -17.66 109.99
CA LYS FA 190 112.03 -18.29 108.74
C LYS FA 190 111.10 -19.45 109.05
N THR FA 191 110.02 -19.58 108.28
CA THR FA 191 109.14 -20.73 108.39
C THR FA 191 109.29 -21.62 107.17
N ILE FA 192 108.92 -22.88 107.34
CA ILE FA 192 108.99 -23.86 106.26
C ILE FA 192 107.67 -24.60 106.18
N SER FA 193 106.83 -24.44 107.21
CA SER FA 193 105.55 -25.13 107.29
C SER FA 193 104.41 -24.13 107.47
N GLY FA 194 104.60 -22.90 107.02
CA GLY FA 194 103.55 -21.89 107.11
C GLY FA 194 103.16 -21.49 108.50
N PHE FA 195 104.14 -21.38 109.42
CA PHE FA 195 103.92 -20.91 110.79
C PHE FA 195 102.94 -21.81 111.54
N TRP FA 196 102.86 -23.07 111.15
CA TRP FA 196 101.96 -24.01 111.80
C TRP FA 196 102.52 -24.53 113.13
N THR FA 197 103.77 -24.21 113.45
CA THR FA 197 104.35 -24.51 114.76
C THR FA 197 105.30 -23.37 115.11
N TYR FA 198 105.23 -22.90 116.35
CA TYR FA 198 106.19 -21.90 116.78
C TYR FA 198 107.59 -22.48 116.95
N LYS FA 199 107.69 -23.81 117.13
CA LYS FA 199 108.98 -24.44 117.40
C LYS FA 199 109.84 -24.57 116.15
N GLU FA 200 109.25 -24.55 114.96
CA GLU FA 200 109.99 -24.71 113.72
C GLU FA 200 110.47 -23.38 113.14
N CYS FA 201 110.07 -22.26 113.72
CA CYS FA 201 110.49 -20.95 113.23
C CYS FA 201 111.86 -20.62 113.83
N ILE FA 202 112.91 -20.87 113.06
CA ILE FA 202 114.27 -20.63 113.52
C ILE FA 202 114.63 -19.16 113.28
N TRP FA 203 115.23 -18.54 114.29
CA TRP FA 203 115.50 -17.11 114.28
C TRP FA 203 116.97 -16.85 114.01
N HIS FA 204 117.27 -15.73 113.35
CA HIS FA 204 118.62 -15.40 112.94
C HIS FA 204 118.87 -13.91 113.15
N ASP FA 205 120.15 -13.56 113.32
CA ASP FA 205 120.58 -12.19 113.48
C ASP FA 205 121.55 -11.84 112.37
N LEU FA 206 121.36 -10.66 111.76
CA LEU FA 206 122.13 -10.23 110.60
C LEU FA 206 122.87 -8.93 110.87
N THR FA 207 123.10 -8.62 112.16
CA THR FA 207 123.70 -7.34 112.53
C THR FA 207 125.13 -7.22 112.01
N GLU FA 208 125.88 -8.33 112.02
CA GLU FA 208 127.24 -8.31 111.50
C GLU FA 208 127.26 -8.02 110.00
N ILE FA 209 126.33 -8.62 109.25
CA ILE FA 209 126.30 -8.42 107.81
C ILE FA 209 125.86 -6.99 107.49
N ILE FA 210 124.93 -6.44 108.27
CA ILE FA 210 124.53 -5.06 108.04
C ILE FA 210 125.66 -4.09 108.40
N TYR FA 211 126.36 -4.35 109.50
CA TYR FA 211 127.44 -3.48 109.96
C TYR FA 211 128.69 -3.58 109.10
N ALA FA 212 128.86 -4.67 108.35
CA ALA FA 212 130.06 -4.85 107.54
C ALA FA 212 130.23 -3.74 106.51
N GLU FA 213 129.18 -3.49 105.72
CA GLU FA 213 129.22 -2.41 104.74
C GLU FA 213 128.62 -1.12 105.30
N LEU FA 214 129.09 -0.72 106.47
CA LEU FA 214 128.62 0.52 107.10
C LEU FA 214 129.73 1.42 107.60
N LYS FA 215 130.95 0.91 107.80
CA LYS FA 215 132.19 1.62 108.11
C LYS FA 215 132.19 2.25 109.50
N ASP FA 216 131.06 2.21 110.20
CA ASP FA 216 130.92 2.62 111.59
C ASP FA 216 129.55 2.20 112.09
N GLU FA 217 129.49 1.79 113.36
CA GLU FA 217 128.22 1.47 114.00
C GLU FA 217 127.63 2.74 114.60
N HIS FA 218 126.44 3.12 114.15
CA HIS FA 218 126.00 4.49 114.43
C HIS FA 218 125.23 4.63 115.73
N GLN FA 219 124.01 4.09 115.79
CA GLN FA 219 123.22 4.22 117.00
C GLN FA 219 122.40 2.96 117.31
N GLY FA 220 122.22 2.11 116.31
CA GLY FA 220 121.24 1.03 116.43
C GLY FA 220 120.44 0.86 115.16
N LEU FA 221 120.09 -0.38 114.84
CA LEU FA 221 119.50 -0.70 113.55
C LEU FA 221 118.34 -1.66 113.73
N THR FA 222 117.23 -1.35 113.07
CA THR FA 222 115.96 -2.07 113.17
C THR FA 222 115.42 -2.37 111.78
N VAL FA 223 114.59 -3.40 111.68
CA VAL FA 223 114.01 -3.79 110.39
C VAL FA 223 112.75 -2.98 110.14
N ILE FA 224 112.85 -1.96 109.29
CA ILE FA 224 111.70 -1.15 108.93
C ILE FA 224 110.74 -1.91 108.01
N ASP FA 225 111.26 -2.53 106.95
CA ASP FA 225 110.45 -3.26 106.00
C ASP FA 225 111.31 -4.29 105.29
N LEU FA 226 110.65 -5.27 104.69
CA LEU FA 226 111.36 -6.31 103.94
C LEU FA 226 110.43 -6.90 102.90
N VAL FA 227 110.96 -7.14 101.71
CA VAL FA 227 110.22 -7.75 100.60
C VAL FA 227 111.08 -8.82 99.95
N LEU FA 228 110.42 -9.88 99.50
CA LEU FA 228 111.07 -11.05 98.92
C LEU FA 228 110.51 -11.26 97.51
N THR FA 229 111.31 -10.96 96.50
CA THR FA 229 110.90 -11.16 95.11
C THR FA 229 111.11 -12.62 94.73
N ASN FA 230 111.00 -12.91 93.44
CA ASN FA 230 111.22 -14.28 92.97
C ASN FA 230 112.69 -14.66 93.02
N HIS FA 231 113.60 -13.67 92.98
CA HIS FA 231 115.02 -13.95 92.89
C HIS FA 231 115.86 -13.07 93.81
N PHE FA 232 115.25 -12.19 94.61
CA PHE FA 232 116.01 -11.22 95.38
C PHE FA 232 115.34 -10.98 96.72
N LEU FA 233 116.13 -10.46 97.65
CA LEU FA 233 115.67 -10.06 98.97
C LEU FA 233 116.04 -8.60 99.21
N VAL FA 234 115.06 -7.75 99.45
CA VAL FA 234 115.28 -6.34 99.67
C VAL FA 234 114.86 -6.01 101.10
N ILE FA 235 115.76 -5.43 101.88
CA ILE FA 235 115.51 -5.10 103.27
C ILE FA 235 115.76 -3.62 103.47
N LEU FA 236 114.73 -2.91 103.91
CA LEU FA 236 114.85 -1.51 104.32
C LEU FA 236 115.00 -1.50 105.83
N THR FA 237 116.20 -1.24 106.31
CA THR FA 237 116.45 -1.05 107.74
C THR FA 237 116.63 0.42 108.03
N SER FA 238 116.63 0.74 109.33
CA SER FA 238 116.71 2.13 109.78
C SER FA 238 117.99 2.81 109.33
N LEU FA 239 119.01 2.04 108.96
CA LEU FA 239 120.28 2.59 108.52
C LEU FA 239 120.50 2.46 107.02
N GLY FA 240 119.50 2.02 106.26
CA GLY FA 240 119.61 2.05 104.81
C GLY FA 240 118.89 0.90 104.16
N LEU FA 241 118.95 0.89 102.82
CA LEU FA 241 118.30 -0.10 102.00
C LEU FA 241 119.35 -1.08 101.46
N TYR FA 242 119.07 -2.37 101.54
CA TYR FA 242 120.02 -3.41 101.15
C TYR FA 242 119.34 -4.38 100.19
N VAL FA 243 120.08 -4.79 99.17
CA VAL FA 243 119.61 -5.76 98.19
C VAL FA 243 120.56 -6.95 98.19
N SER FA 244 119.99 -8.15 98.22
CA SER FA 244 120.81 -9.35 98.08
C SER FA 244 121.43 -9.39 96.68
N SER FA 245 122.57 -10.07 96.60
CA SER FA 245 123.22 -10.24 95.29
C SER FA 245 122.33 -11.04 94.35
N ASP FA 246 122.06 -12.30 94.67
CA ASP FA 246 121.13 -13.13 93.93
C ASP FA 246 120.80 -14.33 94.81
N LEU FA 247 119.77 -15.08 94.40
CA LEU FA 247 119.36 -16.26 95.14
C LEU FA 247 119.55 -17.57 94.37
N ARG FA 248 119.69 -17.51 93.05
CA ARG FA 248 119.76 -18.71 92.23
C ARG FA 248 121.18 -19.24 92.05
N TYR FA 249 122.19 -18.52 92.52
CA TYR FA 249 123.59 -18.92 92.37
C TYR FA 249 124.25 -18.89 93.74
N PRO FA 250 124.07 -19.93 94.55
CA PRO FA 250 124.70 -19.96 95.87
C PRO FA 250 126.20 -20.18 95.74
N THR FA 251 126.97 -19.33 96.40
CA THR FA 251 128.43 -19.39 96.28
C THR FA 251 129.14 -19.48 97.62
N THR FA 252 128.65 -18.77 98.64
CA THR FA 252 129.34 -18.69 99.92
C THR FA 252 128.54 -19.21 101.10
N SER FA 253 127.33 -19.73 100.86
CA SER FA 253 126.42 -20.19 101.93
C SER FA 253 126.15 -19.08 102.93
N GLN FA 254 126.09 -17.85 102.43
CA GLN FA 254 125.79 -16.67 103.25
C GLN FA 254 125.39 -15.55 102.32
N ILE FA 255 124.25 -14.91 102.61
CA ILE FA 255 123.71 -13.89 101.72
C ILE FA 255 124.61 -12.66 101.75
N LYS FA 256 124.97 -12.16 100.57
CA LYS FA 256 125.77 -10.96 100.43
C LYS FA 256 124.86 -9.80 100.05
N LEU FA 257 124.72 -8.85 100.97
CA LEU FA 257 123.84 -7.70 100.78
C LEU FA 257 124.66 -6.49 100.38
N SER FA 258 124.18 -5.75 99.39
CA SER FA 258 124.79 -4.51 98.94
C SER FA 258 123.86 -3.36 99.32
N ARG FA 259 124.42 -2.31 99.90
CA ARG FA 259 123.64 -1.17 100.34
C ARG FA 259 123.46 -0.17 99.20
N ALA FA 260 122.21 0.17 98.90
CA ALA FA 260 121.90 1.15 97.87
C ALA FA 260 122.22 2.55 98.37
N GLU FA 261 122.32 3.48 97.42
CA GLU FA 261 122.71 4.85 97.72
C GLU FA 261 121.50 5.77 97.62
N PHE FA 262 121.37 6.66 98.61
CA PHE FA 262 120.34 7.70 98.61
C PHE FA 262 120.99 8.93 99.22
N CYS FA 263 121.38 9.88 98.37
CA CYS FA 263 122.14 11.04 98.82
C CYS FA 263 121.27 11.97 99.64
N GLY FA 264 121.69 12.24 100.87
CA GLY FA 264 120.96 13.11 101.77
C GLY FA 264 119.97 12.41 102.70
N PHE FA 265 120.05 11.09 102.81
CA PHE FA 265 119.09 10.33 103.62
C PHE FA 265 119.75 9.93 104.93
N GLU FA 266 119.14 10.33 106.04
CA GLU FA 266 119.60 9.93 107.36
C GLU FA 266 118.55 9.01 108.00
N ARG FA 267 118.75 8.70 109.28
CA ARG FA 267 117.91 7.70 109.96
C ARG FA 267 116.45 8.15 110.06
N VAL FA 268 116.22 9.46 110.21
CA VAL FA 268 114.86 9.97 110.35
C VAL FA 268 114.06 9.86 109.06
N ASP FA 269 114.72 9.60 107.93
CA ASP FA 269 114.01 9.33 106.70
C ASP FA 269 113.83 7.84 106.43
N TYR FA 270 114.78 7.01 106.85
CA TYR FA 270 114.61 5.57 106.74
C TYR FA 270 113.57 5.04 107.71
N ILE FA 271 113.33 5.73 108.83
CA ILE FA 271 112.24 5.30 109.70
C ILE FA 271 110.87 5.61 109.10
N ARG FA 272 110.78 6.50 108.10
CA ARG FA 272 109.53 6.81 107.42
C ARG FA 272 109.69 6.43 105.95
N GLY FA 273 109.40 5.17 105.64
CA GLY FA 273 109.46 4.68 104.29
C GLY FA 273 108.69 3.38 104.12
N ASN FA 274 108.15 3.14 102.93
CA ASN FA 274 107.36 1.97 102.65
C ASN FA 274 107.83 1.35 101.34
N LEU FA 275 107.72 0.03 101.25
CA LEU FA 275 108.07 -0.72 100.05
C LEU FA 275 106.79 -1.28 99.43
N TRP FA 276 106.64 -1.09 98.12
CA TRP FA 276 105.50 -1.57 97.36
C TRP FA 276 105.99 -2.52 96.28
N TYR FA 277 105.35 -3.68 96.19
CA TYR FA 277 105.70 -4.69 95.20
C TYR FA 277 104.45 -5.45 94.80
N ASN FA 278 104.28 -5.66 93.50
CA ASN FA 278 103.12 -6.40 93.00
C ASN FA 278 103.40 -7.89 93.12
N GLU FA 279 102.63 -8.57 93.96
CA GLU FA 279 102.82 -10.00 94.19
C GLU FA 279 102.40 -10.76 92.94
N LYS FA 280 103.40 -11.23 92.18
CA LYS FA 280 103.16 -11.95 90.95
C LYS FA 280 104.16 -13.08 90.84
N CYS FA 281 103.70 -14.24 90.38
CA CYS FA 281 104.55 -15.42 90.26
C CYS FA 281 104.95 -15.63 88.81
N PHE FA 282 106.24 -15.72 88.56
CA PHE FA 282 106.79 -16.03 87.24
C PHE FA 282 107.48 -17.39 87.36
N ALA FA 283 106.72 -18.46 87.13
CA ALA FA 283 107.23 -19.80 87.33
C ALA FA 283 108.23 -20.18 86.25
N ASN FA 284 107.80 -20.17 84.99
CA ASN FA 284 108.68 -20.51 83.88
C ASN FA 284 109.46 -19.31 83.35
N ARG FA 285 109.22 -18.12 83.90
CA ARG FA 285 110.00 -16.91 83.63
C ARG FA 285 109.99 -16.57 82.13
N GLU FA 286 108.81 -16.17 81.67
CA GLU FA 286 108.69 -15.67 80.31
C GLU FA 286 109.50 -14.39 80.14
N SER FA 287 109.98 -14.17 78.91
CA SER FA 287 110.93 -13.09 78.65
C SER FA 287 110.33 -11.71 78.85
N PHE FA 288 109.02 -11.56 78.65
CA PHE FA 288 108.37 -10.26 78.78
C PHE FA 288 108.01 -9.92 80.22
N GLU FA 289 108.28 -10.81 81.17
CA GLU FA 289 107.91 -10.60 82.56
C GLU FA 289 109.10 -10.01 83.30
N VAL FA 290 108.87 -8.89 83.99
CA VAL FA 290 109.89 -8.21 84.76
C VAL FA 290 109.30 -7.78 86.10
N ASP FA 291 110.17 -7.53 87.07
CA ASP FA 291 109.78 -7.20 88.43
C ASP FA 291 110.18 -5.77 88.74
N TYR FA 292 109.32 -5.09 89.50
CA TYR FA 292 109.56 -3.71 89.92
C TYR FA 292 109.28 -3.56 91.40
N VAL FA 293 110.07 -2.71 92.06
CA VAL FA 293 109.89 -2.42 93.48
C VAL FA 293 109.92 -0.92 93.67
N THR FA 294 108.93 -0.40 94.38
CA THR FA 294 108.80 1.02 94.68
C THR FA 294 109.12 1.27 96.14
N ILE FA 295 109.80 2.38 96.43
CA ILE FA 295 110.07 2.82 97.79
C ILE FA 295 109.60 4.26 97.94
N THR FA 296 108.90 4.53 99.03
CA THR FA 296 108.30 5.83 99.29
C THR FA 296 108.79 6.35 100.62
N PHE FA 297 109.16 7.63 100.67
CA PHE FA 297 109.60 8.29 101.88
C PHE FA 297 108.67 9.45 102.21
N ASN FA 298 108.90 10.05 103.37
CA ASN FA 298 108.26 11.30 103.76
C ASN FA 298 109.36 12.29 104.08
N ARG FA 299 109.77 13.07 103.08
CA ARG FA 299 110.90 13.97 103.21
C ARG FA 299 110.40 15.39 102.93
N ASN FA 300 111.33 16.35 102.87
CA ASN FA 300 110.95 17.74 102.80
C ASN FA 300 111.51 18.46 101.58
N ARG FA 301 111.97 17.72 100.56
CA ARG FA 301 112.46 18.26 99.29
C ARG FA 301 113.65 19.20 99.53
N THR FA 302 114.70 18.63 100.12
CA THR FA 302 115.89 19.39 100.47
C THR FA 302 116.70 19.70 99.22
N LEU FA 303 117.84 20.38 99.43
CA LEU FA 303 118.69 20.75 98.30
C LEU FA 303 119.38 19.53 97.70
N SER FA 304 119.67 18.53 98.53
CA SER FA 304 120.38 17.35 98.04
C SER FA 304 119.49 16.47 97.17
N GLU FA 305 118.26 16.20 97.61
CA GLU FA 305 117.34 15.35 96.89
C GLU FA 305 115.98 16.02 96.78
N SER FA 306 115.37 15.91 95.60
CA SER FA 306 114.08 16.52 95.33
C SER FA 306 112.94 15.51 95.18
N SER FA 307 113.20 14.23 95.42
CA SER FA 307 112.19 13.20 95.25
C SER FA 307 112.06 12.38 96.54
N SER FA 308 110.86 11.84 96.74
CA SER FA 308 110.57 10.97 97.88
C SER FA 308 109.87 9.71 97.39
N CYS FA 309 110.08 9.36 96.13
CA CYS FA 309 109.43 8.19 95.54
C CYS FA 309 110.34 7.64 94.46
N PHE FA 310 110.95 6.48 94.72
CA PHE FA 310 111.87 5.88 93.78
C PHE FA 310 111.39 4.48 93.44
N PHE FA 311 111.90 3.93 92.34
CA PHE FA 311 111.56 2.57 91.95
C PHE FA 311 112.72 1.97 91.17
N SER FA 312 112.73 0.65 91.11
CA SER FA 312 113.79 -0.08 90.44
C SER FA 312 113.26 -1.36 89.81
N LYS FA 313 114.00 -1.84 88.83
CA LYS FA 313 113.68 -3.05 88.07
C LYS FA 313 114.26 -4.27 88.77
N GLU FA 314 114.28 -5.40 88.06
CA GLU FA 314 114.72 -6.66 88.66
C GLU FA 314 116.15 -6.63 89.19
N PRO FA 315 117.18 -6.10 88.47
CA PRO FA 315 118.45 -5.83 89.16
C PRO FA 315 118.36 -4.51 89.91
N PHE FA 316 118.27 -4.59 91.24
CA PHE FA 316 118.02 -3.44 92.08
C PHE FA 316 119.32 -2.68 92.30
N LEU FA 317 119.79 -2.05 91.24
CA LEU FA 317 121.02 -1.25 91.28
C LEU FA 317 120.79 0.18 90.84
N HIS FA 318 119.87 0.42 89.90
CA HIS FA 318 119.55 1.76 89.42
C HIS FA 318 118.17 2.13 89.95
N TRP FA 319 118.14 2.87 91.05
CA TRP FA 319 116.90 3.36 91.65
C TRP FA 319 116.60 4.73 91.07
N LEU FA 320 115.56 4.81 90.25
CA LEU FA 320 115.27 6.09 89.61
C LEU FA 320 113.95 6.64 90.14
N PRO FA 321 113.79 7.96 90.17
CA PRO FA 321 112.56 8.55 90.70
C PRO FA 321 111.35 8.20 89.85
N CYS FA 322 110.20 8.12 90.52
CA CYS FA 322 108.96 7.76 89.86
C CYS FA 322 108.29 8.93 89.16
N VAL FA 323 108.51 10.15 89.64
CA VAL FA 323 107.88 11.34 89.08
C VAL FA 323 108.99 12.31 88.67
N PHE FA 324 108.87 12.86 87.45
CA PHE FA 324 109.83 13.80 86.91
C PHE FA 324 109.18 15.17 86.73
N SER FA 325 109.92 16.10 86.15
CA SER FA 325 109.43 17.45 85.95
C SER FA 325 108.33 17.49 84.89
N SER FA 332 102.34 22.76 97.63
CA SER FA 332 101.70 22.88 96.32
C SER FA 332 101.89 21.61 95.50
N ILE FA 333 103.10 21.06 95.52
CA ILE FA 333 103.38 19.82 94.81
C ILE FA 333 102.74 18.66 95.55
N PRO FA 334 101.85 17.89 94.93
CA PRO FA 334 101.23 16.76 95.62
C PRO FA 334 102.23 15.65 95.91
N ARG FA 335 102.04 15.02 97.06
CA ARG FA 335 102.87 13.92 97.51
C ARG FA 335 102.34 12.61 96.92
N VAL FA 336 103.26 11.72 96.56
CA VAL FA 336 102.92 10.39 96.06
C VAL FA 336 102.85 9.47 97.27
N ILE FA 337 101.66 8.91 97.53
CA ILE FA 337 101.55 7.89 98.57
C ILE FA 337 102.07 6.56 98.05
N THR FA 338 101.62 6.16 96.86
CA THR FA 338 102.02 4.89 96.29
C THR FA 338 102.03 5.02 94.78
N PHE FA 339 103.11 4.54 94.16
CA PHE FA 339 103.23 4.42 92.72
C PHE FA 339 103.47 2.96 92.38
N LEU FA 340 102.68 2.44 91.45
CA LEU FA 340 102.75 1.03 91.08
C LEU FA 340 102.90 0.88 89.57
N ILE FA 341 103.54 -0.20 89.15
CA ILE FA 341 103.71 -0.56 87.75
C ILE FA 341 102.87 -1.79 87.49
N ASP FA 342 101.90 -1.68 86.58
CA ASP FA 342 101.05 -2.80 86.20
C ASP FA 342 101.48 -3.32 84.83
N GLN FA 343 101.66 -4.64 84.74
CA GLN FA 343 102.16 -5.29 83.54
C GLN FA 343 101.06 -5.81 82.64
N GLU FA 344 99.82 -5.91 83.14
CA GLU FA 344 98.71 -6.32 82.28
C GLU FA 344 98.43 -5.26 81.23
N THR FA 345 98.51 -3.99 81.61
CA THR FA 345 98.34 -2.88 80.68
C THR FA 345 99.64 -2.11 80.51
N ASP FA 346 100.67 -2.45 81.28
CA ASP FA 346 101.97 -1.78 81.24
C ASP FA 346 101.77 -0.28 81.46
N SER FA 347 101.26 0.05 82.64
CA SER FA 347 100.94 1.43 82.99
C SER FA 347 101.44 1.74 84.40
N GLY FA 348 101.56 3.03 84.70
CA GLY FA 348 102.00 3.46 86.01
C GLY FA 348 100.91 4.20 86.75
N ILE FA 349 100.64 3.81 87.98
CA ILE FA 349 99.56 4.38 88.77
C ILE FA 349 100.17 5.20 89.90
N TYR FA 350 99.79 6.47 89.98
CA TYR FA 350 100.22 7.38 91.03
C TYR FA 350 99.02 7.72 91.91
N LEU FA 351 99.23 7.65 93.23
CA LEU FA 351 98.24 8.12 94.20
C LEU FA 351 98.72 9.48 94.71
N PHE FA 352 98.27 10.54 94.05
CA PHE FA 352 98.64 11.90 94.41
C PHE FA 352 97.71 12.45 95.49
N ASN FA 353 98.29 13.18 96.44
CA ASN FA 353 97.51 13.94 97.41
C ASN FA 353 98.20 15.26 97.66
N VAL FA 354 97.49 16.37 97.44
CA VAL FA 354 98.05 17.68 97.70
C VAL FA 354 97.91 18.00 99.19
N GLN FA 355 99.01 18.42 99.81
CA GLN FA 355 98.99 18.78 101.21
C GLN FA 355 98.21 20.07 101.44
N ASP FA 356 97.72 20.24 102.67
CA ASP FA 356 96.89 21.37 103.09
C ASP FA 356 95.60 21.47 102.28
N THR FA 357 95.16 20.34 101.72
CA THR FA 357 93.97 20.29 100.89
C THR FA 357 93.46 18.86 100.89
N LYS FA 358 92.14 18.70 101.02
CA LYS FA 358 91.54 17.37 101.06
C LYS FA 358 91.43 16.72 99.69
N GLU FA 359 92.05 17.29 98.66
CA GLU FA 359 92.01 16.71 97.32
C GLU FA 359 92.98 15.54 97.25
N THR FA 360 92.46 14.38 96.83
CA THR FA 360 93.26 13.21 96.53
C THR FA 360 92.85 12.74 95.14
N TYR FA 361 93.80 12.27 94.35
CA TYR FA 361 93.45 11.78 93.03
C TYR FA 361 94.42 10.68 92.60
N VAL FA 362 94.01 9.95 91.57
CA VAL FA 362 94.75 8.85 91.01
C VAL FA 362 95.03 9.15 89.55
N THR FA 363 96.30 9.04 89.15
CA THR FA 363 96.73 9.36 87.80
C THR FA 363 97.40 8.16 87.17
N VAL FA 364 96.99 7.80 85.96
CA VAL FA 364 97.55 6.66 85.24
C VAL FA 364 98.34 7.19 84.05
N ALA FA 365 99.60 6.81 83.97
CA ALA FA 365 100.53 7.29 82.96
C ALA FA 365 101.03 6.14 82.10
N MET FA 366 101.28 6.44 80.82
CA MET FA 366 101.76 5.46 79.87
C MET FA 366 103.29 5.41 79.94
N LEU FA 367 103.85 4.20 79.88
CA LEU FA 367 105.29 4.07 80.05
C LEU FA 367 106.03 4.11 78.74
N LYS FA 368 107.17 4.79 78.75
CA LYS FA 368 108.03 4.93 77.58
C LYS FA 368 109.38 4.31 77.94
N ASP FA 369 109.73 3.24 77.23
CA ASP FA 369 110.98 2.49 77.39
C ASP FA 369 111.36 2.27 78.86
N GLY FA 370 110.37 1.80 79.64
CA GLY FA 370 110.61 1.58 81.05
C GLY FA 370 110.63 2.84 81.88
N LYS FA 371 110.15 3.95 81.34
CA LYS FA 371 110.11 5.22 82.06
C LYS FA 371 108.76 5.88 81.87
N PRO FA 372 108.03 6.17 82.95
CA PRO FA 372 106.73 6.83 82.82
C PRO FA 372 106.84 8.24 82.26
N SER FA 373 105.76 8.66 81.63
CA SER FA 373 105.66 9.90 80.90
C SER FA 373 104.50 10.75 81.40
N PRO FA 374 104.53 12.06 81.13
CA PRO FA 374 103.37 12.90 81.41
C PRO FA 374 102.24 12.64 80.44
N ARG FA 375 101.18 13.49 80.46
CA ARG FA 375 100.00 13.34 79.61
C ARG FA 375 99.31 12.01 79.90
N PRO FA 376 98.54 11.93 80.99
CA PRO FA 376 97.95 10.65 81.41
C PRO FA 376 97.08 10.00 80.34
N LYS FA 377 97.02 8.67 80.42
CA LYS FA 377 96.33 7.86 79.40
C LYS FA 377 94.85 8.22 79.30
N PHE FA 378 94.19 8.38 80.44
CA PHE FA 378 92.84 8.90 80.52
C PHE FA 378 92.84 9.99 81.58
N PRO FA 379 91.80 10.84 81.60
CA PRO FA 379 91.71 11.85 82.66
C PRO FA 379 91.74 11.23 84.05
N SER FA 380 92.47 11.90 84.95
CA SER FA 380 92.72 11.36 86.28
C SER FA 380 91.44 11.38 87.11
N PHE FA 381 91.38 10.47 88.09
CA PHE FA 381 90.19 10.30 88.91
C PHE FA 381 90.36 11.00 90.23
N HIS FA 382 89.45 11.94 90.52
CA HIS FA 382 89.49 12.72 91.75
C HIS FA 382 88.55 12.09 92.78
N PHE FA 383 89.07 11.84 93.97
CA PHE FA 383 88.24 11.33 95.05
C PHE FA 383 87.40 12.46 95.65
N PRO FA 384 86.28 12.11 96.29
CA PRO FA 384 85.52 13.11 97.04
C PRO FA 384 86.32 13.64 98.21
N SER FA 385 85.97 14.86 98.62
CA SER FA 385 86.68 15.56 99.69
C SER FA 385 86.54 14.88 101.05
N THR FA 386 85.58 13.96 101.21
CA THR FA 386 85.42 13.25 102.47
C THR FA 386 86.58 12.31 102.78
N PHE FA 387 87.42 11.99 101.80
CA PHE FA 387 88.61 11.19 102.04
C PHE FA 387 89.62 11.98 102.86
N THR FA 388 89.71 11.69 104.15
CA THR FA 388 90.57 12.46 105.04
C THR FA 388 92.03 12.15 104.80
N LEU FA 389 92.42 10.88 105.02
CA LEU FA 389 93.80 10.47 104.83
C LEU FA 389 93.86 9.18 104.02
N PRO FA 390 94.65 9.14 102.97
CA PRO FA 390 94.98 7.87 102.33
C PRO FA 390 96.28 7.29 102.90
N LEU FA 391 96.29 5.97 103.05
CA LEU FA 391 97.42 5.30 103.68
C LEU FA 391 98.12 4.30 102.76
N GLY FA 392 97.62 4.09 101.55
CA GLY FA 392 98.28 3.18 100.64
C GLY FA 392 97.27 2.55 99.68
N MET FA 393 97.80 1.66 98.85
CA MET FA 393 97.02 1.02 97.81
C MET FA 393 97.74 -0.25 97.39
N ILE FA 394 96.99 -1.16 96.78
CA ILE FA 394 97.47 -2.53 96.57
C ILE FA 394 96.70 -3.17 95.42
N PHE FA 395 97.45 -3.84 94.54
CA PHE FA 395 96.94 -4.80 93.56
C PHE FA 395 96.66 -6.14 94.24
N HIS FA 396 95.51 -6.73 93.93
CA HIS FA 396 95.28 -8.10 94.35
C HIS FA 396 96.20 -9.03 93.56
N PRO FA 397 96.85 -10.00 94.22
CA PRO FA 397 97.86 -10.81 93.53
C PRO FA 397 97.29 -11.64 92.40
N ARG FA 398 98.05 -11.72 91.30
CA ARG FA 398 97.71 -12.50 90.11
C ARG FA 398 96.35 -12.10 89.54
N SER FA 399 96.06 -10.79 89.56
CA SER FA 399 94.77 -10.30 89.12
C SER FA 399 94.92 -8.82 88.76
N HIS FA 400 93.79 -8.18 88.48
CA HIS FA 400 93.75 -6.79 88.07
C HIS FA 400 92.75 -6.00 88.91
N PHE FA 401 92.64 -6.33 90.19
CA PHE FA 401 91.77 -5.63 91.12
C PHE FA 401 92.59 -4.64 91.94
N LEU FA 402 92.14 -3.38 91.96
CA LEU FA 402 92.79 -2.26 92.62
C LEU FA 402 92.12 -1.94 93.93
N TYR FA 403 92.91 -1.64 94.95
CA TYR FA 403 92.34 -1.30 96.25
C TYR FA 403 93.11 -0.13 96.82
N VAL FA 404 92.42 0.99 97.00
CA VAL FA 404 92.99 2.15 97.68
C VAL FA 404 92.40 2.22 99.08
N TYR FA 405 93.27 2.22 100.09
CA TYR FA 405 92.82 2.17 101.47
C TYR FA 405 93.45 3.30 102.26
N GLY FA 406 92.84 3.58 103.41
CA GLY FA 406 93.18 4.73 104.23
C GLY FA 406 92.06 4.98 105.20
N SER FA 407 91.58 6.23 105.27
CA SER FA 407 90.37 6.51 106.03
C SER FA 407 89.13 5.89 105.39
N GLN FA 408 89.18 5.63 104.09
CA GLN FA 408 88.11 4.95 103.36
C GLN FA 408 88.69 3.79 102.56
N ILE FA 409 87.81 2.99 101.96
CA ILE FA 409 88.21 1.86 101.14
C ILE FA 409 87.50 1.95 99.80
N TRP FA 410 88.28 2.12 98.74
CA TRP FA 410 87.78 2.16 97.38
C TRP FA 410 88.35 0.98 96.61
N VAL FA 411 87.51 0.35 95.80
CA VAL FA 411 87.91 -0.76 94.95
C VAL FA 411 87.72 -0.32 93.50
N SER FA 412 88.68 -0.66 92.65
CA SER FA 412 88.61 -0.36 91.24
C SER FA 412 88.79 -1.65 90.45
N MET FA 413 87.93 -1.87 89.46
CA MET FA 413 88.25 -2.88 88.47
C MET FA 413 88.91 -2.13 87.31
N ASP FA 414 89.26 -2.83 86.24
CA ASP FA 414 89.92 -2.35 85.02
C ASP FA 414 91.25 -1.68 85.39
N GLY FA 415 91.77 -0.77 84.55
CA GLY FA 415 93.08 -0.21 84.81
C GLY FA 415 93.14 0.74 85.98
N GLY FA 416 92.00 1.32 86.36
CA GLY FA 416 91.97 2.23 87.49
C GLY FA 416 91.39 3.58 87.16
N ASN FA 417 90.66 3.68 86.06
CA ASN FA 417 90.00 4.93 85.69
C ASN FA 417 88.81 5.24 86.58
N THR FA 418 88.17 4.21 87.15
CA THR FA 418 86.97 4.40 87.97
C THR FA 418 87.14 3.63 89.27
N PHE FA 419 86.84 4.28 90.37
CA PHE FA 419 86.87 3.67 91.70
C PHE FA 419 85.49 3.75 92.31
N GLU FA 420 85.12 2.73 93.08
CA GLU FA 420 83.84 2.72 93.75
C GLU FA 420 84.06 2.50 95.24
N MET FA 421 83.21 3.16 96.02
CA MET FA 421 83.18 3.02 97.46
C MET FA 421 82.78 1.60 97.85
N LEU FA 422 83.43 1.04 98.89
CA LEU FA 422 82.84 -0.13 99.53
C LEU FA 422 82.66 0.00 101.03
N CYS FA 423 83.51 0.76 101.73
CA CYS FA 423 83.35 0.97 103.17
C CYS FA 423 84.00 2.28 103.62
N ASN FA 424 83.33 3.01 104.52
CA ASN FA 424 83.82 4.29 105.03
C ASN FA 424 84.09 4.16 106.52
N LEU FA 425 85.22 4.72 106.96
CA LEU FA 425 85.64 4.66 108.36
C LEU FA 425 85.89 6.08 108.85
N PHE FA 426 85.01 6.55 109.73
CA PHE FA 426 85.11 7.90 110.25
C PHE FA 426 86.08 7.94 111.42
N SER FA 427 87.10 8.79 111.30
CA SER FA 427 88.18 8.91 112.30
C SER FA 427 88.86 7.57 112.56
N HIS FA 428 88.99 6.78 111.50
CA HIS FA 428 89.61 5.47 111.59
C HIS FA 428 90.29 5.16 110.27
N HIS FA 429 91.51 4.63 110.32
CA HIS FA 429 92.29 4.31 109.14
C HIS FA 429 92.89 2.92 109.27
N VAL FA 430 92.78 2.15 108.20
CA VAL FA 430 93.26 0.77 108.17
C VAL FA 430 94.79 0.78 108.16
N THR FA 431 95.38 -0.14 108.92
CA THR FA 431 96.83 -0.21 109.06
C THR FA 431 97.48 -1.16 108.05
N LYS FA 432 97.04 -2.41 108.02
CA LYS FA 432 97.64 -3.41 107.14
C LYS FA 432 96.57 -4.28 106.52
N THR FA 433 96.99 -5.02 105.49
CA THR FA 433 96.11 -5.87 104.71
C THR FA 433 96.80 -7.19 104.43
N SER FA 434 96.07 -8.28 104.60
CA SER FA 434 96.55 -9.61 104.24
C SER FA 434 95.57 -10.24 103.28
N ASN FA 435 96.09 -10.76 102.16
CA ASN FA 435 95.24 -11.38 101.16
C ASN FA 435 95.85 -12.70 100.72
N SER FA 436 94.98 -13.55 100.18
CA SER FA 436 95.40 -14.85 99.64
C SER FA 436 94.91 -14.97 98.21
N PHE FA 437 95.83 -15.31 97.30
CA PHE FA 437 95.43 -15.56 95.92
C PHE FA 437 94.53 -16.78 95.82
N TYR FA 438 94.80 -17.80 96.62
CA TYR FA 438 93.86 -18.90 96.79
C TYR FA 438 92.64 -18.40 97.56
N THR FA 439 91.45 -18.82 97.10
CA THR FA 439 90.15 -18.51 97.69
C THR FA 439 89.79 -17.02 97.63
N SER FA 440 90.69 -16.19 97.10
CA SER FA 440 90.43 -14.77 96.82
C SER FA 440 89.92 -14.01 98.04
N ASP FA 441 90.56 -14.22 99.18
CA ASP FA 441 90.17 -13.55 100.42
C ASP FA 441 91.08 -12.37 100.70
N ILE FA 442 90.48 -11.24 101.06
CA ILE FA 442 91.21 -10.03 101.44
C ILE FA 442 90.71 -9.59 102.80
N VAL FA 443 91.65 -9.27 103.70
CA VAL FA 443 91.35 -8.90 105.08
C VAL FA 443 92.11 -7.63 105.42
N PHE FA 444 91.38 -6.63 105.93
CA PHE FA 444 91.95 -5.36 106.34
C PHE FA 444 91.86 -5.23 107.86
N ILE FA 445 92.91 -4.66 108.47
CA ILE FA 445 92.96 -4.44 109.90
C ILE FA 445 92.90 -2.94 110.17
N VAL FA 446 91.94 -2.51 110.98
CA VAL FA 446 91.78 -1.10 111.32
C VAL FA 446 91.97 -0.95 112.82
N GLU FA 447 92.51 0.22 113.21
CA GLU FA 447 92.69 0.54 114.61
C GLU FA 447 91.34 0.67 115.30
N ASP FA 448 91.33 0.32 116.58
CA ASP FA 448 90.34 -0.30 117.49
C ASP FA 448 90.39 -1.82 117.29
N GLY FA 449 91.25 -2.31 116.39
CA GLY FA 449 91.43 -3.74 116.20
C GLY FA 449 90.38 -4.43 115.37
N ARG FA 450 89.59 -3.70 114.59
CA ARG FA 450 88.53 -4.35 113.83
C ARG FA 450 89.09 -4.97 112.55
N ILE FA 451 88.42 -6.01 112.08
CA ILE FA 451 88.88 -6.81 110.96
C ILE FA 451 87.75 -6.85 109.93
N LEU FA 452 88.01 -6.32 108.74
CA LEU FA 452 87.04 -6.31 107.67
C LEU FA 452 87.46 -7.30 106.58
N THR FA 453 86.49 -8.02 106.04
CA THR FA 453 86.79 -9.09 105.10
C THR FA 453 85.98 -8.91 103.81
N THR FA 454 86.58 -9.35 102.71
CA THR FA 454 85.90 -9.33 101.41
C THR FA 454 86.46 -10.44 100.54
N LYS FA 455 85.67 -10.82 99.54
CA LYS FA 455 86.10 -11.71 98.49
C LYS FA 455 86.35 -10.89 97.23
N ALA FA 456 87.46 -11.18 96.57
CA ALA FA 456 87.98 -10.32 95.51
C ALA FA 456 86.96 -10.15 94.39
N GLY FA 457 86.79 -8.91 93.94
CA GLY FA 457 85.86 -8.58 92.89
C GLY FA 457 84.46 -8.27 93.35
N LEU FA 458 84.10 -8.65 94.57
CA LEU FA 458 82.79 -8.32 95.09
C LEU FA 458 82.71 -6.83 95.41
N THR FA 459 81.48 -6.32 95.46
CA THR FA 459 81.22 -4.95 95.85
C THR FA 459 80.57 -4.86 97.23
N THR FA 460 80.55 -5.95 97.99
CA THR FA 460 80.11 -5.95 99.37
C THR FA 460 81.27 -6.35 100.25
N TYR FA 461 80.98 -6.54 101.54
CA TYR FA 461 81.99 -6.91 102.51
C TYR FA 461 81.30 -7.31 103.80
N SER FA 462 82.10 -7.82 104.74
CA SER FA 462 81.57 -8.11 106.06
C SER FA 462 82.62 -7.79 107.11
N GLU FA 463 82.21 -7.94 108.36
CA GLU FA 463 83.11 -7.84 109.50
C GLU FA 463 83.40 -9.25 109.99
N LEU FA 464 84.65 -9.50 110.35
CA LEU FA 464 85.00 -10.83 110.86
C LEU FA 464 84.90 -10.88 112.38
N GLY FA 465 85.35 -9.82 113.04
CA GLY FA 465 85.32 -9.79 114.50
C GLY FA 465 86.20 -8.67 115.01
N ILE FA 466 86.56 -8.77 116.28
CA ILE FA 466 87.42 -7.79 116.93
C ILE FA 466 88.58 -8.54 117.60
N LEU FA 467 89.71 -7.84 117.71
CA LEU FA 467 90.90 -8.42 118.33
C LEU FA 467 91.58 -7.31 119.13
N LYS FA 468 91.78 -7.55 120.42
CA LYS FA 468 92.36 -6.55 121.32
C LYS FA 468 93.81 -6.85 121.67
N ASP FA 469 94.53 -7.55 120.78
CA ASP FA 469 95.94 -7.81 120.99
C ASP FA 469 96.75 -6.54 120.78
N ALA FA 470 97.89 -6.46 121.48
CA ALA FA 470 98.74 -5.29 121.38
C ALA FA 470 99.48 -5.26 120.06
N ILE FA 471 100.31 -6.26 119.80
CA ILE FA 471 101.05 -6.39 118.55
C ILE FA 471 100.76 -7.77 117.98
N PHE FA 472 100.31 -7.80 116.72
CA PHE FA 472 99.95 -9.04 116.05
C PHE FA 472 99.84 -8.77 114.56
N THR FA 473 99.80 -9.84 113.78
CA THR FA 473 99.54 -9.72 112.36
C THR FA 473 98.82 -10.96 111.87
N LEU FA 474 98.28 -10.87 110.65
CA LEU FA 474 97.51 -11.95 110.06
C LEU FA 474 98.20 -12.47 108.82
N TYR FA 475 98.29 -13.79 108.70
CA TYR FA 475 98.98 -14.45 107.61
C TYR FA 475 98.10 -15.51 106.98
N TYR FA 476 98.02 -15.51 105.65
CA TYR FA 476 97.29 -16.51 104.90
C TYR FA 476 98.28 -17.52 104.34
N ASP FA 477 98.03 -18.81 104.57
CA ASP FA 477 98.88 -19.83 103.98
C ASP FA 477 98.37 -20.18 102.59
N GLN FA 478 99.01 -21.16 101.95
CA GLN FA 478 98.66 -21.51 100.58
C GLN FA 478 97.26 -22.11 100.48
N LEU FA 479 96.86 -22.89 101.49
CA LEU FA 479 95.56 -23.54 101.46
C LEU FA 479 94.43 -22.61 101.89
N GLY FA 480 94.72 -21.34 102.13
CA GLY FA 480 93.70 -20.37 102.45
C GLY FA 480 93.43 -20.17 103.93
N TYR FA 481 94.04 -20.97 104.79
CA TYR FA 481 93.84 -20.81 106.23
C TYR FA 481 94.53 -19.55 106.72
N ILE FA 482 93.97 -18.98 107.79
CA ILE FA 482 94.43 -17.74 108.39
C ILE FA 482 95.16 -18.07 109.69
N HIS FA 483 96.19 -17.29 110.02
CA HIS FA 483 96.94 -17.44 111.24
C HIS FA 483 97.18 -16.07 111.85
N LYS FA 484 97.22 -16.03 113.18
CA LYS FA 484 97.61 -14.85 113.93
C LYS FA 484 99.05 -15.05 114.42
N LEU FA 485 99.93 -14.16 114.01
CA LEU FA 485 101.34 -14.21 114.38
C LEU FA 485 101.64 -13.12 115.40
N THR FA 486 102.30 -13.53 116.48
CA THR FA 486 102.65 -12.72 117.63
C THR FA 486 103.89 -13.38 118.21
N PRO FA 487 104.79 -12.63 118.84
CA PRO FA 487 105.87 -13.27 119.61
C PRO FA 487 105.32 -14.28 120.61
N GLU FA 488 105.96 -15.45 120.64
CA GLU FA 488 105.52 -16.68 121.30
C GLU FA 488 104.01 -16.94 121.17
N ASN FA 489 103.43 -16.66 120.01
CA ASN FA 489 102.03 -17.00 119.76
C ASN FA 489 101.79 -17.11 118.26
N PHE FA 490 101.76 -18.34 117.75
CA PHE FA 490 101.37 -18.62 116.37
C PHE FA 490 100.05 -19.38 116.43
N ASP FA 491 98.94 -18.66 116.34
CA ASP FA 491 97.61 -19.23 116.49
C ASP FA 491 97.01 -19.54 115.13
N ALA FA 492 96.44 -20.73 115.00
CA ALA FA 492 95.80 -21.15 113.75
C ALA FA 492 94.28 -21.11 113.80
N GLY FA 493 93.69 -21.14 114.98
CA GLY FA 493 92.25 -21.08 115.15
C GLY FA 493 91.74 -22.15 116.08
N SER FA 494 90.50 -21.98 116.54
CA SER FA 494 89.89 -22.95 117.43
C SER FA 494 89.35 -24.16 116.66
N LYS FA 495 88.41 -23.91 115.75
CA LYS FA 495 87.84 -24.96 114.91
C LYS FA 495 88.49 -24.91 113.53
N LEU FA 496 88.62 -26.08 112.91
CA LEU FA 496 89.24 -26.19 111.60
C LEU FA 496 88.40 -27.11 110.71
N LEU FA 497 88.09 -26.64 109.51
CA LEU FA 497 87.32 -27.40 108.54
C LEU FA 497 88.25 -28.00 107.49
N GLY FA 498 87.67 -28.73 106.54
CA GLY FA 498 88.47 -29.29 105.47
C GLY FA 498 89.06 -28.24 104.54
N HIS FA 499 88.30 -27.18 104.28
CA HIS FA 499 88.72 -26.12 103.38
C HIS FA 499 89.31 -24.94 104.18
N GLY FA 500 89.77 -23.94 103.44
CA GLY FA 500 90.43 -22.80 104.05
C GLY FA 500 89.49 -21.73 104.58
N ASN FA 501 88.87 -21.99 105.72
CA ASN FA 501 87.99 -21.00 106.34
C ASN FA 501 88.81 -19.83 106.88
N SER FA 502 88.26 -18.62 106.76
CA SER FA 502 88.95 -17.40 107.16
C SER FA 502 88.47 -16.87 108.51
N GLY FA 503 87.69 -17.64 109.25
CA GLY FA 503 87.20 -17.19 110.54
C GLY FA 503 87.53 -18.13 111.67
N SER FA 504 88.66 -18.83 111.55
CA SER FA 504 89.03 -19.82 112.57
C SER FA 504 89.50 -19.16 113.86
N ILE FA 505 90.14 -18.00 113.76
CA ILE FA 505 90.66 -17.31 114.94
C ILE FA 505 89.51 -16.87 115.84
N PHE FA 506 88.48 -16.26 115.27
CA PHE FA 506 87.39 -15.70 116.05
C PHE FA 506 86.47 -16.80 116.56
N GLY FA 507 85.89 -16.55 117.74
CA GLY FA 507 85.00 -17.51 118.37
C GLY FA 507 83.66 -17.64 117.68
N LYS FA 508 82.96 -16.51 117.50
CA LYS FA 508 81.63 -16.51 116.92
C LYS FA 508 81.52 -15.39 115.90
N ARG FA 509 80.60 -15.58 114.95
CA ARG FA 509 80.38 -14.57 113.93
C ARG FA 509 79.77 -13.32 114.55
N PRO FA 510 80.02 -12.13 114.00
CA PRO FA 510 79.61 -10.91 114.66
C PRO FA 510 78.19 -10.50 114.32
N ASP FA 511 77.60 -9.75 115.24
CA ASP FA 511 76.32 -9.08 115.00
C ASP FA 511 76.59 -7.70 114.42
N LEU FA 512 76.09 -7.46 113.22
CA LEU FA 512 76.37 -6.23 112.49
C LEU FA 512 75.29 -5.18 112.66
N GLY FA 513 74.28 -5.46 113.49
CA GLY FA 513 73.20 -4.51 113.72
C GLY FA 513 73.44 -3.62 114.93
N PHE FA 514 72.78 -2.47 114.91
CA PHE FA 514 72.87 -1.47 115.97
C PHE FA 514 71.71 -1.64 116.94
N GLU FA 515 71.57 -0.67 117.85
CA GLU FA 515 70.50 -0.66 118.83
C GLU FA 515 69.53 0.47 118.48
N ALA FA 516 68.44 0.12 117.82
CA ALA FA 516 67.41 1.07 117.44
C ALA FA 516 66.07 0.35 117.35
N ILE FA 517 65.05 1.08 116.90
CA ILE FA 517 63.69 0.58 116.81
C ILE FA 517 63.41 0.22 115.36
N LEU FA 518 62.88 -0.97 115.11
CA LEU FA 518 62.52 -1.39 113.76
C LEU FA 518 61.00 -1.54 113.66
N VAL FA 519 60.43 -0.97 112.61
CA VAL FA 519 59.00 -1.02 112.32
C VAL FA 519 58.82 -1.78 111.01
N PRO FA 520 58.12 -2.92 111.02
CA PRO FA 520 57.95 -3.70 109.80
C PRO FA 520 56.67 -3.34 109.05
N GLN FA 521 56.68 -3.62 107.75
CA GLN FA 521 55.54 -3.34 106.87
C GLN FA 521 55.66 -4.17 105.60
N TYR FA 522 54.62 -4.93 105.27
CA TYR FA 522 54.68 -5.76 104.07
C TYR FA 522 54.72 -4.91 102.82
N ILE FA 523 55.30 -5.46 101.76
CA ILE FA 523 55.32 -4.78 100.47
C ILE FA 523 54.85 -5.69 99.35
N SER FA 524 54.80 -7.00 99.58
CA SER FA 524 54.41 -7.98 98.57
C SER FA 524 54.01 -9.25 99.30
N THR FA 525 53.90 -10.34 98.54
CA THR FA 525 53.64 -11.64 99.13
C THR FA 525 54.77 -12.07 100.06
N ASN FA 526 56.02 -11.74 99.72
CA ASN FA 526 57.14 -12.26 100.49
C ASN FA 526 58.24 -11.25 100.82
N GLU FA 527 58.06 -9.97 100.52
CA GLU FA 527 59.09 -8.99 100.85
C GLU FA 527 58.56 -8.03 101.91
N MET FA 528 59.50 -7.42 102.64
CA MET FA 528 59.27 -6.98 104.01
C MET FA 528 60.09 -5.72 104.30
N TYR FA 529 59.44 -4.57 104.32
CA TYR FA 529 60.09 -3.31 104.67
C TYR FA 529 60.37 -3.23 106.17
N PHE FA 530 61.59 -2.84 106.51
CA PHE FA 530 61.96 -2.47 107.88
C PHE FA 530 62.37 -1.00 107.89
N PHE FA 531 61.74 -0.21 108.76
CA PHE FA 531 62.11 1.18 108.95
C PHE FA 531 62.70 1.36 110.34
N ALA FA 532 63.90 1.93 110.41
CA ALA FA 532 64.54 2.19 111.70
C ALA FA 532 64.20 3.59 112.17
N HIS FA 533 63.82 3.71 113.43
CA HIS FA 533 63.27 4.93 114.01
C HIS FA 533 64.41 5.77 114.58
N VAL FA 534 64.63 6.93 113.98
CA VAL FA 534 65.55 7.93 114.51
C VAL FA 534 64.76 8.83 115.46
N PRO FA 535 65.13 8.92 116.74
CA PRO FA 535 64.37 9.77 117.67
C PRO FA 535 64.59 11.24 117.39
N LEU FA 536 63.50 12.00 117.46
CA LEU FA 536 63.58 13.44 117.31
C LEU FA 536 64.24 14.05 118.54
N THR FA 537 64.71 15.29 118.38
CA THR FA 537 65.44 16.05 119.41
C THR FA 537 66.63 15.25 119.93
N MET FA 538 67.58 15.00 119.02
CA MET FA 538 68.69 14.12 119.30
C MET FA 538 69.86 14.56 118.44
N PRO FA 539 71.07 14.66 119.01
CA PRO FA 539 72.16 15.40 118.36
C PRO FA 539 72.59 14.87 117.00
N THR FA 540 73.07 15.81 116.16
CA THR FA 540 73.39 15.50 114.77
C THR FA 540 74.66 14.66 114.64
N ASN FA 541 75.65 14.88 115.50
CA ASN FA 541 76.91 14.15 115.41
C ASN FA 541 76.77 12.67 115.75
N ILE FA 542 75.69 12.27 116.42
CA ILE FA 542 75.45 10.89 116.80
C ILE FA 542 74.21 10.32 116.09
N GLN FA 543 73.80 10.94 114.98
CA GLN FA 543 72.75 10.36 114.13
C GLN FA 543 73.13 9.01 113.55
N TRP FA 544 74.43 8.79 113.33
CA TRP FA 544 74.87 7.58 112.63
C TRP FA 544 74.64 6.30 113.42
N LYS FA 545 74.50 6.41 114.75
CA LYS FA 545 74.29 5.22 115.58
C LYS FA 545 72.93 4.58 115.36
N LYS FA 546 71.98 5.28 114.73
CA LYS FA 546 70.65 4.76 114.45
C LYS FA 546 70.39 4.79 112.95
N ARG FA 547 71.37 4.38 112.16
CA ARG FA 547 71.27 4.47 110.71
C ARG FA 547 71.83 3.22 110.05
N PHE FA 548 71.14 2.76 109.01
CA PHE FA 548 71.64 1.70 108.16
C PHE FA 548 72.77 2.21 107.27
N LYS FA 549 73.74 1.34 107.01
CA LYS FA 549 74.86 1.61 106.11
C LYS FA 549 75.00 0.45 105.14
N THR FA 550 75.95 0.59 104.21
CA THR FA 550 76.15 -0.39 103.15
C THR FA 550 76.66 -1.73 103.65
N ILE FA 551 77.14 -1.80 104.90
CA ILE FA 551 77.63 -3.06 105.46
C ILE FA 551 76.51 -4.09 105.53
N HIS FA 552 75.27 -3.63 105.63
CA HIS FA 552 74.12 -4.51 105.72
C HIS FA 552 73.71 -5.08 104.37
N LEU FA 553 74.29 -4.61 103.27
CA LEU FA 553 73.99 -5.15 101.96
C LEU FA 553 74.50 -6.58 101.87
N GLY FA 554 73.60 -7.51 101.59
CA GLY FA 554 73.95 -8.91 101.46
C GLY FA 554 73.83 -9.72 102.74
N LYS FA 555 73.67 -9.08 103.89
CA LYS FA 555 73.52 -9.80 105.14
C LYS FA 555 72.07 -10.24 105.29
N THR FA 556 71.74 -10.80 106.44
CA THR FA 556 70.43 -11.34 106.72
C THR FA 556 70.00 -10.90 108.11
N ILE FA 557 68.69 -10.82 108.30
CA ILE FA 557 68.10 -10.40 109.57
C ILE FA 557 67.38 -11.60 110.16
N GLU FA 558 67.62 -11.86 111.45
CA GLU FA 558 67.02 -12.97 112.16
C GLU FA 558 66.34 -12.48 113.44
N PHE FA 559 65.25 -13.13 113.80
CA PHE FA 559 64.48 -12.78 114.99
C PHE FA 559 64.65 -13.87 116.04
N SER FA 560 64.66 -13.45 117.31
CA SER FA 560 64.83 -14.40 118.40
C SER FA 560 63.67 -15.38 118.49
N LYS FA 561 62.41 -14.86 118.32
CA LYS FA 561 61.26 -15.74 118.31
C LYS FA 561 61.37 -16.72 117.15
N THR FA 562 61.26 -16.21 115.93
CA THR FA 562 61.43 -16.98 114.70
C THR FA 562 61.46 -16.01 113.52
N GLY FA 563 62.10 -16.41 112.42
CA GLY FA 563 62.16 -15.56 111.26
C GLY FA 563 63.56 -15.34 110.73
N LEU FA 564 63.69 -15.35 109.40
CA LEU FA 564 64.98 -15.13 108.76
C LEU FA 564 64.72 -14.55 107.38
N ALA FA 565 65.27 -13.37 107.12
CA ALA FA 565 65.04 -12.67 105.87
C ALA FA 565 66.37 -12.23 105.29
N ASN FA 566 66.42 -12.15 103.96
CA ASN FA 566 67.63 -11.81 103.23
C ASN FA 566 67.56 -10.35 102.82
N ILE FA 567 68.60 -9.58 103.15
CA ILE FA 567 68.60 -8.15 102.90
C ILE FA 567 69.08 -7.88 101.48
N LYS FA 568 68.18 -7.36 100.65
CA LYS FA 568 68.48 -7.09 99.25
C LYS FA 568 68.85 -5.64 98.96
N ASN FA 569 68.32 -4.65 99.69
CA ASN FA 569 68.75 -3.29 99.39
C ASN FA 569 68.70 -2.39 100.62
N VAL FA 570 69.45 -1.30 100.54
CA VAL FA 570 69.54 -0.27 101.57
C VAL FA 570 69.04 1.05 100.99
N TYR FA 571 68.10 1.69 101.69
CA TYR FA 571 67.50 2.94 101.24
C TYR FA 571 67.69 4.06 102.25
N MET FA 572 68.05 5.22 101.71
CA MET FA 572 68.30 6.45 102.44
C MET FA 572 67.29 7.52 102.05
N HIS FA 573 66.60 8.06 103.04
CA HIS FA 573 65.60 9.10 102.77
C HIS FA 573 65.53 9.97 104.03
N LYS FA 574 66.26 11.07 104.02
CA LYS FA 574 66.46 11.83 105.24
C LYS FA 574 65.39 12.89 105.48
N THR FA 575 64.48 13.11 104.53
CA THR FA 575 63.52 14.20 104.65
C THR FA 575 62.07 13.76 104.63
N GLU FA 576 61.68 12.90 103.68
CA GLU FA 576 60.26 12.63 103.45
C GLU FA 576 59.55 11.99 104.64
N PRO FA 577 60.08 10.93 105.28
CA PRO FA 577 59.42 10.46 106.50
C PRO FA 577 59.98 11.13 107.75
N VAL FA 578 59.09 11.40 108.69
CA VAL FA 578 59.47 12.00 109.97
C VAL FA 578 59.66 10.88 110.99
N GLY FA 579 60.81 10.90 111.66
CA GLY FA 579 61.17 9.87 112.61
C GLY FA 579 61.86 8.68 112.00
N PHE FA 580 61.83 8.55 110.68
CA PHE FA 580 62.49 7.46 109.97
C PHE FA 580 63.30 8.01 108.82
N GLN FA 581 64.55 7.57 108.72
CA GLN FA 581 65.46 7.99 107.67
C GLN FA 581 66.05 6.82 106.89
N THR FA 582 65.91 5.61 107.39
CA THR FA 582 66.59 4.44 106.87
C THR FA 582 65.55 3.38 106.54
N SER FA 583 65.85 2.55 105.55
CA SER FA 583 65.05 1.35 105.35
C SER FA 583 65.88 0.28 104.66
N ILE FA 584 65.48 -0.97 104.85
CA ILE FA 584 66.10 -2.09 104.16
C ILE FA 584 65.00 -2.89 103.47
N HIS FA 585 65.19 -3.14 102.18
CA HIS FA 585 64.28 -3.97 101.42
C HIS FA 585 64.77 -5.41 101.54
N THR FA 586 63.93 -6.26 102.12
CA THR FA 586 64.31 -7.63 102.47
C THR FA 586 63.32 -8.62 101.86
N GLU FA 587 63.70 -9.89 101.90
CA GLU FA 587 62.89 -10.98 101.37
C GLU FA 587 62.72 -12.06 102.44
N ILE FA 588 61.49 -12.49 102.65
CA ILE FA 588 61.16 -13.43 103.71
C ILE FA 588 61.44 -14.85 103.25
N ILE FA 589 62.18 -15.60 104.06
CA ILE FA 589 62.27 -17.05 103.90
C ILE FA 589 61.45 -17.70 105.00
N VAL FA 590 61.66 -17.22 106.23
CA VAL FA 590 60.93 -17.69 107.40
C VAL FA 590 59.95 -16.58 107.79
N PRO FA 591 58.66 -16.88 108.01
CA PRO FA 591 57.65 -15.83 108.00
C PRO FA 591 57.51 -14.99 109.26
N PHE FA 592 58.50 -15.04 110.17
CA PHE FA 592 58.58 -14.18 111.36
C PHE FA 592 57.49 -14.45 112.39
N GLY FA 593 57.75 -14.09 113.65
CA GLY FA 593 56.82 -14.37 114.74
C GLY FA 593 56.19 -13.10 115.29
N ILE FA 594 54.90 -13.20 115.60
CA ILE FA 594 54.10 -12.07 116.03
C ILE FA 594 53.97 -12.08 117.55
N GLU FA 595 53.47 -10.97 118.09
CA GLU FA 595 53.26 -10.86 119.52
C GLU FA 595 52.06 -11.68 119.96
N ASN FA 596 52.15 -12.26 121.15
CA ASN FA 596 51.07 -13.06 121.70
C ASN FA 596 50.03 -12.15 122.37
N SER FA 597 49.04 -12.76 123.02
CA SER FA 597 47.93 -12.02 123.60
C SER FA 597 48.06 -11.79 125.10
N LYS FA 598 48.77 -12.65 125.82
CA LYS FA 598 48.89 -12.46 127.27
C LYS FA 598 49.84 -11.31 127.61
N ASP FA 599 50.97 -11.19 126.91
CA ASP FA 599 51.90 -10.10 127.18
C ASP FA 599 51.29 -8.76 126.83
N SER FA 600 50.58 -8.68 125.71
CA SER FA 600 49.88 -7.47 125.30
C SER FA 600 48.38 -7.76 125.25
N PRO FA 601 47.63 -7.42 126.29
CA PRO FA 601 46.19 -7.74 126.33
C PRO FA 601 45.30 -6.78 125.57
N CYS FA 602 45.86 -5.75 124.93
CA CYS FA 602 45.08 -4.82 124.12
C CYS FA 602 44.71 -5.40 122.76
N LEU FA 603 45.21 -6.59 122.42
CA LEU FA 603 44.90 -7.19 121.13
C LEU FA 603 43.42 -7.54 120.99
N LEU FA 604 42.78 -7.90 122.10
CA LEU FA 604 41.38 -8.35 122.07
C LEU FA 604 40.41 -7.17 122.10
N SER FA 605 40.53 -6.27 121.12
CA SER FA 605 39.67 -5.09 121.06
C SER FA 605 39.67 -4.56 119.63
N ASP FA 606 39.02 -3.41 119.46
CA ASP FA 606 38.88 -2.75 118.17
C ASP FA 606 39.81 -1.54 118.19
N LEU FA 607 40.55 -1.34 117.10
CA LEU FA 607 41.43 -0.20 116.98
C LEU FA 607 40.86 0.83 116.03
N GLU FA 608 40.90 2.09 116.45
CA GLU FA 608 40.50 3.20 115.61
C GLU FA 608 41.63 4.21 115.58
N ILE FA 609 42.15 4.50 114.38
CA ILE FA 609 43.24 5.46 114.24
C ILE FA 609 42.71 6.68 113.51
N THR FA 610 43.13 7.86 113.98
CA THR FA 610 42.79 9.11 113.33
C THR FA 610 44.02 10.02 113.37
N TYR FA 611 43.97 11.11 112.61
CA TYR FA 611 45.04 12.09 112.61
C TYR FA 611 44.99 12.91 113.89
N SER FA 612 46.14 13.11 114.52
CA SER FA 612 46.27 14.03 115.63
C SER FA 612 46.44 15.45 115.08
N GLY FA 613 46.83 16.38 115.94
CA GLY FA 613 46.92 17.77 115.53
C GLY FA 613 48.03 18.08 114.55
N LYS FA 614 49.29 18.03 115.00
CA LYS FA 614 50.39 18.46 114.16
C LYS FA 614 50.83 17.36 113.19
N LEU FA 615 51.41 16.29 113.73
CA LEU FA 615 51.87 15.19 112.90
C LEU FA 615 51.67 13.81 113.51
N TYR FA 616 51.16 13.72 114.75
CA TYR FA 616 51.01 12.43 115.40
C TYR FA 616 49.77 11.71 114.88
N TYR FA 617 49.56 10.49 115.37
CA TYR FA 617 48.35 9.74 115.06
C TYR FA 617 47.76 9.20 116.35
N THR FA 618 46.46 9.46 116.54
CA THR FA 618 45.76 9.06 117.75
C THR FA 618 45.17 7.66 117.55
N ILE FA 619 45.53 6.75 118.45
CA ILE FA 619 45.08 5.37 118.42
C ILE FA 619 44.15 5.17 119.61
N LYS FA 620 42.92 4.71 119.35
CA LYS FA 620 41.92 4.54 120.38
C LYS FA 620 41.41 3.12 120.37
N LEU FA 621 41.34 2.53 121.56
CA LEU FA 621 40.78 1.20 121.75
C LEU FA 621 39.29 1.37 122.01
N LEU FA 622 38.47 0.89 121.07
CA LEU FA 622 37.03 1.04 121.18
C LEU FA 622 36.49 0.31 122.41
N SER FA 623 37.01 -0.87 122.70
CA SER FA 623 36.62 -1.60 123.90
C SER FA 623 37.13 -0.87 125.13
N LYS FA 624 36.21 -0.38 125.96
CA LYS FA 624 36.54 0.26 127.23
C LYS FA 624 36.56 -0.75 128.37
N ASN FA 625 36.85 -2.00 128.05
CA ASN FA 625 36.88 -3.07 129.05
C ASN FA 625 38.00 -2.80 130.05
N PRO FA 626 37.74 -2.93 131.36
CA PRO FA 626 38.79 -2.72 132.35
C PRO FA 626 39.78 -3.87 132.46
N LEU FA 627 39.79 -4.77 131.48
CA LEU FA 627 40.76 -5.86 131.44
C LEU FA 627 41.78 -5.73 130.34
N HIS FA 628 41.48 -5.02 129.25
CA HIS FA 628 42.43 -4.90 128.15
C HIS FA 628 43.48 -3.83 128.43
N GLU FA 629 43.05 -2.58 128.54
CA GLU FA 629 43.91 -1.42 128.78
C GLU FA 629 45.05 -1.29 127.78
N LEU FA 630 46.07 -0.52 128.17
CA LEU FA 630 47.32 -0.41 127.42
C LEU FA 630 48.45 -0.35 128.45
N LYS FA 631 49.18 -1.45 128.58
CA LYS FA 631 50.26 -1.52 129.55
C LYS FA 631 51.39 -0.57 129.17
N SER FA 632 52.09 -0.08 130.20
CA SER FA 632 53.21 0.83 129.98
C SER FA 632 54.37 0.16 129.25
N THR FA 633 54.46 -1.17 129.30
CA THR FA 633 55.49 -1.91 128.58
C THR FA 633 55.22 -1.99 127.08
N ASP FA 634 54.05 -1.56 126.62
CA ASP FA 634 53.73 -1.55 125.19
C ASP FA 634 54.20 -0.25 124.53
N VAL FA 635 55.49 0.05 124.73
CA VAL FA 635 56.14 1.23 124.18
C VAL FA 635 57.27 0.74 123.28
N GLU FA 636 57.47 1.44 122.16
CA GLU FA 636 58.43 1.06 121.11
C GLU FA 636 58.06 -0.28 120.49
N LYS FA 637 56.76 -0.47 120.25
CA LYS FA 637 56.23 -1.61 119.52
C LYS FA 637 55.63 -1.11 118.22
N SER FA 638 55.42 -2.02 117.29
CA SER FA 638 54.85 -1.69 115.98
C SER FA 638 53.50 -2.37 115.83
N VAL FA 639 52.49 -1.60 115.45
CA VAL FA 639 51.20 -2.16 115.07
C VAL FA 639 51.12 -2.20 113.55
N LEU FA 640 50.76 -3.35 113.00
CA LEU FA 640 50.78 -3.58 111.57
C LEU FA 640 49.50 -4.27 111.14
N ILE FA 641 48.93 -3.79 110.04
CA ILE FA 641 47.75 -4.39 109.43
C ILE FA 641 48.12 -4.63 107.97
N PRO FA 642 48.03 -5.86 107.46
CA PRO FA 642 48.46 -6.12 106.07
C PRO FA 642 47.61 -5.40 105.03
N GLY FA 643 48.29 -4.45 104.31
CA GLY FA 643 47.62 -3.66 103.29
C GLY FA 643 47.69 -2.16 103.56
N TYR FA 644 47.99 -1.80 104.80
CA TYR FA 644 48.00 -0.42 105.24
C TYR FA 644 49.35 -0.09 105.87
N SER FA 645 49.48 1.14 106.34
CA SER FA 645 50.73 1.60 106.91
C SER FA 645 50.99 0.99 108.28
N SER FA 646 52.24 1.09 108.73
CA SER FA 646 52.64 0.65 110.05
C SER FA 646 52.79 1.86 110.96
N PHE FA 647 52.59 1.63 112.26
CA PHE FA 647 52.59 2.71 113.25
C PHE FA 647 53.41 2.29 114.47
N LEU FA 648 54.19 3.22 115.00
CA LEU FA 648 55.07 2.97 116.14
C LEU FA 648 54.47 3.61 117.37
N ILE FA 649 54.04 2.79 118.33
CA ILE FA 649 53.46 3.30 119.56
C ILE FA 649 54.58 3.84 120.44
N MET FA 650 54.50 5.11 120.80
CA MET FA 650 55.56 5.76 121.55
C MET FA 650 55.07 6.43 122.83
N ASN FA 651 53.81 6.88 122.87
CA ASN FA 651 53.24 7.46 124.08
C ASN FA 651 51.88 6.85 124.35
N ILE FA 652 51.56 6.73 125.64
CA ILE FA 652 50.29 6.20 126.11
C ILE FA 652 49.66 7.27 126.98
N THR FA 653 48.79 8.09 126.38
CA THR FA 653 48.22 9.24 127.07
C THR FA 653 47.00 8.90 127.92
N ASP FA 654 46.45 7.70 127.79
CA ASP FA 654 45.31 7.27 128.59
C ASP FA 654 45.42 5.78 128.79
N LYS FA 655 44.35 5.15 129.26
CA LYS FA 655 44.36 3.69 129.37
C LYS FA 655 43.79 3.02 128.12
N TRP FA 656 43.28 3.80 127.16
CA TRP FA 656 42.83 3.26 125.89
C TRP FA 656 43.23 4.17 124.73
N THR FA 657 43.99 5.24 124.99
CA THR FA 657 44.36 6.20 123.97
C THR FA 657 45.89 6.33 123.94
N ALA FA 658 46.45 6.24 122.74
CA ALA FA 658 47.89 6.30 122.55
C ALA FA 658 48.23 7.23 121.40
N SER FA 659 49.47 7.73 121.40
CA SER FA 659 49.99 8.58 120.33
C SER FA 659 51.09 7.82 119.61
N ALA FA 660 51.03 7.82 118.28
CA ALA FA 660 51.95 7.03 117.48
C ALA FA 660 52.45 7.83 116.29
N LEU FA 661 53.48 7.28 115.64
CA LEU FA 661 54.05 7.84 114.43
C LEU FA 661 53.73 6.92 113.26
N ALA FA 662 53.48 7.51 112.09
CA ALA FA 662 53.05 6.77 110.92
C ALA FA 662 54.21 6.59 109.94
N THR FA 663 54.50 5.35 109.60
CA THR FA 663 55.45 5.06 108.52
C THR FA 663 54.70 5.12 107.19
N MET FA 664 55.20 5.95 106.28
CA MET FA 664 54.53 6.28 105.02
C MET FA 664 53.12 6.77 105.35
N PRO FA 665 52.97 8.01 105.80
CA PRO FA 665 51.65 8.56 106.11
C PRO FA 665 50.96 9.23 104.92
N GLN FA 666 51.42 9.03 103.70
CA GLN FA 666 50.88 9.73 102.54
C GLN FA 666 49.81 8.93 101.80
N ALA FA 667 49.31 7.84 102.38
CA ALA FA 667 48.24 7.05 101.76
C ALA FA 667 47.22 6.61 102.79
N ILE FA 668 46.80 7.52 103.66
CA ILE FA 668 45.76 7.22 104.63
C ILE FA 668 44.50 7.99 104.26
N LYS FA 669 44.57 9.33 104.34
CA LYS FA 669 43.56 10.25 103.83
C LYS FA 669 42.18 10.05 104.45
N SER FA 670 42.09 9.37 105.59
CA SER FA 670 40.81 9.11 106.25
C SER FA 670 41.08 8.63 107.67
N ASN FA 671 40.02 8.27 108.38
CA ASN FA 671 40.09 7.67 109.70
C ASN FA 671 39.78 6.18 109.57
N LEU FA 672 40.59 5.34 110.21
CA LEU FA 672 40.49 3.91 109.98
C LEU FA 672 40.01 3.17 111.22
N LYS FA 673 39.20 2.14 110.98
CA LYS FA 673 38.64 1.31 112.04
C LYS FA 673 38.85 -0.16 111.67
N PHE FA 674 39.36 -0.95 112.62
CA PHE FA 674 39.75 -2.32 112.36
C PHE FA 674 38.87 -3.26 113.19
N LEU FA 675 39.26 -4.52 113.22
CA LEU FA 675 38.59 -5.53 114.03
C LEU FA 675 39.60 -6.13 115.02
N THR FA 676 39.17 -7.18 115.71
CA THR FA 676 40.01 -7.78 116.75
C THR FA 676 41.18 -8.56 116.15
N GLY FA 677 40.90 -9.37 115.13
CA GLY FA 677 41.92 -10.25 114.58
C GLY FA 677 42.48 -9.79 113.25
N SER FA 678 42.49 -8.47 113.04
CA SER FA 678 43.01 -7.90 111.80
C SER FA 678 44.38 -7.25 111.94
N TRP FA 679 44.74 -6.76 113.12
CA TRP FA 679 46.01 -6.09 113.34
C TRP FA 679 46.90 -6.98 114.20
N PHE FA 680 48.20 -6.71 114.14
CA PHE FA 680 49.17 -7.50 114.89
C PHE FA 680 50.23 -6.56 115.46
N LEU FA 681 50.90 -7.05 116.51
CA LEU FA 681 51.94 -6.29 117.18
C LEU FA 681 53.29 -6.98 116.99
N TYR FA 682 54.33 -6.17 116.86
CA TYR FA 682 55.70 -6.65 116.68
C TYR FA 682 56.61 -5.91 117.65
N ASN FA 683 57.52 -6.66 118.28
CA ASN FA 683 58.42 -6.12 119.30
C ASN FA 683 59.84 -6.20 118.78
N PHE FA 684 60.26 -5.16 118.06
CA PHE FA 684 61.62 -5.05 117.55
C PHE FA 684 62.43 -4.00 118.27
N GLY FA 685 61.90 -3.42 119.36
CA GLY FA 685 62.59 -2.37 120.06
C GLY FA 685 63.72 -2.88 120.95
N THR FA 686 64.51 -1.93 121.42
CA THR FA 686 65.61 -2.23 122.34
C THR FA 686 65.17 -2.35 123.79
N ALA FA 687 63.92 -2.01 124.09
CA ALA FA 687 63.42 -2.08 125.45
C ALA FA 687 63.30 -3.54 125.90
N GLY FA 688 63.84 -3.84 127.08
CA GLY FA 688 63.83 -5.20 127.55
C GLY FA 688 64.81 -6.12 126.86
N GLY FA 689 65.69 -5.59 126.02
CA GLY FA 689 66.62 -6.40 125.26
C GLY FA 689 66.29 -6.44 123.78
N ARG FA 690 67.25 -6.05 122.95
CA ARG FA 690 67.07 -6.13 121.50
C ARG FA 690 67.07 -7.59 121.07
N LYS FA 691 66.10 -7.96 120.24
CA LYS FA 691 65.83 -9.36 119.93
C LYS FA 691 66.02 -9.70 118.46
N TRP FA 692 66.73 -8.86 117.71
CA TRP FA 692 66.98 -9.13 116.30
C TRP FA 692 68.47 -9.01 116.00
N SER FA 693 68.92 -9.76 115.00
CA SER FA 693 70.33 -9.84 114.67
C SER FA 693 70.54 -9.66 113.18
N ILE FA 694 71.68 -9.05 112.85
CA ILE FA 694 72.13 -8.86 111.47
C ILE FA 694 73.42 -9.65 111.31
N SER FA 695 73.43 -10.58 110.35
CA SER FA 695 74.58 -11.48 110.25
C SER FA 695 74.72 -11.99 108.82
N THR FA 696 75.90 -12.52 108.52
CA THR FA 696 76.17 -13.04 107.19
C THR FA 696 75.38 -14.33 106.94
N ARG FA 697 75.27 -14.68 105.66
CA ARG FA 697 74.45 -15.82 105.23
C ARG FA 697 75.33 -16.97 104.76
N GLN FA 698 74.66 -18.07 104.44
CA GLN FA 698 75.32 -19.29 104.01
C GLN FA 698 75.73 -19.20 102.53
N CYS FA 699 76.49 -20.19 102.09
CA CYS FA 699 76.84 -20.29 100.68
C CYS FA 699 75.62 -20.69 99.87
N ASN FA 700 75.44 -20.03 98.72
CA ASN FA 700 74.26 -20.25 97.90
C ASN FA 700 74.57 -20.44 96.42
N TYR FA 701 75.84 -20.50 96.03
CA TYR FA 701 76.19 -20.72 94.64
C TYR FA 701 77.19 -21.85 94.52
N TRP FA 702 76.89 -22.77 93.61
CA TRP FA 702 77.68 -23.97 93.40
C TRP FA 702 78.28 -23.89 92.01
N ILE FA 703 79.57 -24.15 91.90
CA ILE FA 703 80.28 -24.18 90.63
C ILE FA 703 80.51 -25.63 90.26
N GLN FA 704 80.16 -26.00 89.04
CA GLN FA 704 80.36 -27.35 88.53
C GLN FA 704 81.16 -27.27 87.24
N GLN FA 705 82.30 -27.95 87.22
CA GLN FA 705 83.18 -27.97 86.06
C GLN FA 705 83.47 -29.43 85.76
N ASP FA 706 82.83 -29.96 84.71
CA ASP FA 706 82.93 -31.38 84.42
C ASP FA 706 84.27 -31.72 83.77
N SER FA 707 84.92 -30.75 83.13
CA SER FA 707 86.13 -31.02 82.38
C SER FA 707 87.30 -31.34 83.30
N LEU FA 708 88.12 -32.29 82.85
CA LEU FA 708 89.36 -32.58 83.54
C LEU FA 708 90.33 -31.42 83.36
N ASP FA 709 91.34 -31.36 84.24
CA ASP FA 709 92.42 -30.37 84.27
C ASP FA 709 91.93 -28.93 84.36
N PHE FA 710 90.64 -28.72 84.66
CA PHE FA 710 90.11 -27.38 84.87
C PHE FA 710 89.59 -27.16 86.28
N MET FA 711 89.55 -28.20 87.11
CA MET FA 711 89.01 -28.04 88.46
C MET FA 711 89.88 -27.20 89.35
N SER FA 712 91.16 -27.05 89.00
CA SER FA 712 92.11 -26.32 89.85
C SER FA 712 91.67 -24.87 89.99
N LEU FA 713 91.74 -24.38 91.24
CA LEU FA 713 91.27 -23.03 91.54
C LEU FA 713 92.13 -21.97 90.87
N ASN FA 714 93.39 -22.30 90.57
CA ASN FA 714 94.25 -21.46 89.74
C ASN FA 714 94.55 -22.20 88.45
N LEU FA 715 94.67 -21.45 87.36
CA LEU FA 715 94.92 -22.02 86.04
C LEU FA 715 95.72 -21.05 85.20
N VAL FA 716 96.72 -21.57 84.51
CA VAL FA 716 97.49 -20.82 83.53
C VAL FA 716 97.44 -21.58 82.22
N LYS FA 717 96.90 -20.94 81.18
CA LYS FA 717 96.71 -21.59 79.89
C LYS FA 717 97.47 -20.81 78.82
N TYR FA 718 98.24 -21.54 78.02
CA TYR FA 718 99.02 -20.95 76.94
C TYR FA 718 98.27 -21.09 75.62
N ILE FA 719 98.31 -20.03 74.81
CA ILE FA 719 97.76 -20.06 73.46
C ILE FA 719 98.80 -19.50 72.51
N ASP FA 720 99.02 -20.20 71.40
CA ASP FA 720 99.90 -19.73 70.34
C ASP FA 720 99.08 -18.86 69.39
N VAL FA 721 99.65 -18.56 68.21
CA VAL FA 721 98.90 -17.85 67.19
C VAL FA 721 97.92 -18.80 66.53
N GLY FA 722 96.67 -18.37 66.42
CA GLY FA 722 95.63 -19.16 65.75
C GLY FA 722 94.75 -20.07 66.60
N ASN FA 723 95.37 -20.90 67.44
CA ASN FA 723 94.60 -21.83 68.26
C ASN FA 723 93.81 -21.09 69.33
N THR FA 724 92.63 -21.61 69.63
CA THR FA 724 91.71 -21.05 70.61
C THR FA 724 91.53 -22.03 71.77
N ILE FA 725 91.10 -21.50 72.91
CA ILE FA 725 90.85 -22.32 74.09
C ILE FA 725 89.44 -22.03 74.58
N ASP FA 726 88.70 -23.08 74.90
CA ASP FA 726 87.31 -22.94 75.32
C ASP FA 726 87.10 -23.62 76.66
N PHE FA 727 86.18 -23.07 77.45
CA PHE FA 727 85.77 -23.77 78.67
C PHE FA 727 84.31 -23.52 78.96
N GLN FA 728 83.70 -24.48 79.64
CA GLN FA 728 82.30 -24.48 80.02
C GLN FA 728 82.20 -24.59 81.53
N PHE FA 729 81.26 -23.83 82.09
CA PHE FA 729 80.96 -23.89 83.51
C PHE FA 729 79.46 -24.08 83.71
N LYS FA 730 79.09 -24.71 84.81
CA LYS FA 730 77.72 -24.80 85.27
C LYS FA 730 77.59 -24.10 86.61
N ILE FA 731 76.55 -23.28 86.75
CA ILE FA 731 76.29 -22.55 87.98
C ILE FA 731 74.97 -23.05 88.53
N ILE FA 732 74.96 -23.41 89.81
CA ILE FA 732 73.80 -24.00 90.47
C ILE FA 732 73.41 -23.08 91.63
N PRO FA 733 72.19 -22.54 91.64
CA PRO FA 733 71.74 -21.79 92.82
C PRO FA 733 71.33 -22.73 93.95
N LYS FA 734 71.33 -22.19 95.16
CA LYS FA 734 70.82 -22.89 96.33
C LYS FA 734 69.72 -22.12 97.04
N ALA FA 735 69.41 -20.91 96.57
CA ALA FA 735 68.37 -20.08 97.14
C ALA FA 735 67.65 -19.43 95.96
N MET FA 736 66.89 -18.37 96.22
CA MET FA 736 66.27 -17.64 95.12
C MET FA 736 67.36 -17.06 94.21
N SER FA 737 67.18 -17.26 92.91
CA SER FA 737 68.19 -16.93 91.91
C SER FA 737 67.70 -15.83 90.99
N THR FA 738 68.63 -15.01 90.54
CA THR FA 738 68.32 -13.90 89.64
C THR FA 738 68.12 -14.47 88.24
N PHE FA 739 66.85 -14.72 87.88
CA PHE FA 739 66.56 -15.26 86.55
C PHE FA 739 66.93 -14.31 85.41
N PRO FA 740 66.50 -13.05 85.39
CA PRO FA 740 66.85 -12.22 84.23
C PRO FA 740 68.32 -11.87 84.15
N ILE FA 741 68.90 -11.41 85.25
CA ILE FA 741 70.31 -11.01 85.23
C ILE FA 741 71.18 -12.24 85.38
N PRO FA 742 72.12 -12.50 84.48
CA PRO FA 742 73.06 -13.59 84.67
C PRO FA 742 73.91 -13.35 85.91
N PRO FA 743 74.24 -14.40 86.67
CA PRO FA 743 74.85 -14.21 87.98
C PRO FA 743 76.37 -14.18 87.97
N VAL FA 744 77.02 -14.39 86.84
CA VAL FA 744 78.47 -14.35 86.74
C VAL FA 744 78.85 -13.22 85.79
N SER FA 745 79.50 -12.19 86.32
CA SER FA 745 80.05 -11.14 85.48
C SER FA 745 81.52 -11.45 85.31
N MET FA 746 82.00 -11.50 84.09
CA MET FA 746 83.40 -11.81 83.89
C MET FA 746 84.07 -10.57 83.29
N VAL FA 747 85.30 -10.36 83.69
CA VAL FA 747 86.03 -9.13 83.39
C VAL FA 747 87.42 -9.50 82.86
N VAL FA 748 87.92 -8.67 81.96
CA VAL FA 748 89.16 -8.91 81.24
C VAL FA 748 90.19 -7.90 81.71
N GLY FA 749 91.40 -8.38 82.05
CA GLY FA 749 92.46 -7.47 82.44
C GLY FA 749 92.99 -6.64 81.28
N ASN FA 750 93.31 -7.30 80.16
CA ASN FA 750 93.88 -6.62 79.00
C ASN FA 750 93.10 -7.04 77.76
N PRO FA 751 92.11 -6.25 77.35
CA PRO FA 751 91.30 -6.62 76.18
C PRO FA 751 92.00 -6.41 74.84
N GLY FA 752 93.19 -5.82 74.83
CA GLY FA 752 93.86 -5.48 73.59
C GLY FA 752 94.57 -6.62 72.89
N LEU FA 753 94.85 -7.71 73.61
CA LEU FA 753 95.55 -8.84 73.02
C LEU FA 753 94.67 -10.08 72.88
N VAL FA 754 93.56 -10.16 73.61
CA VAL FA 754 92.76 -11.37 73.67
C VAL FA 754 91.37 -11.07 73.13
N GLU FA 755 90.81 -12.01 72.38
CA GLU FA 755 89.44 -11.94 71.88
C GLU FA 755 88.61 -12.97 72.64
N VAL FA 756 87.54 -12.51 73.28
CA VAL FA 756 86.77 -13.32 74.20
C VAL FA 756 85.32 -13.31 73.75
N LYS FA 757 84.81 -14.48 73.36
CA LYS FA 757 83.42 -14.63 72.95
C LYS FA 757 82.70 -15.51 73.96
N THR FA 758 81.65 -14.98 74.56
CA THR FA 758 80.96 -15.64 75.67
C THR FA 758 79.55 -16.00 75.25
N GLN FA 759 79.06 -17.14 75.75
CA GLN FA 759 77.67 -17.53 75.57
C GLN FA 759 77.13 -18.02 76.90
N GLY FA 760 75.92 -17.57 77.24
CA GLY FA 760 75.30 -17.98 78.50
C GLY FA 760 73.83 -18.26 78.38
N VAL FA 761 73.42 -19.48 78.72
CA VAL FA 761 72.04 -19.92 78.59
C VAL FA 761 71.54 -20.45 79.93
N PHE FA 762 70.23 -20.60 80.01
CA PHE FA 762 69.56 -21.00 81.24
C PHE FA 762 68.91 -22.37 81.09
N ASP FA 763 68.77 -23.05 82.22
CA ASP FA 763 68.16 -24.37 82.30
C ASP FA 763 66.72 -24.22 82.75
N LEU FA 764 66.07 -25.35 83.00
CA LEU FA 764 64.70 -25.32 83.50
C LEU FA 764 64.66 -24.88 84.95
N ASN FA 765 65.56 -25.43 85.78
CA ASN FA 765 65.63 -25.09 87.19
C ASN FA 765 66.64 -23.99 87.48
N GLU FA 766 66.84 -23.07 86.52
CA GLU FA 766 67.70 -21.91 86.62
C GLU FA 766 69.19 -22.26 86.68
N ASN FA 767 69.55 -23.50 86.37
CA ASN FA 767 70.96 -23.83 86.26
C ASN FA 767 71.56 -23.15 85.04
N TYR FA 768 72.65 -22.43 85.28
CA TYR FA 768 73.21 -21.52 84.29
C TYR FA 768 74.38 -22.20 83.59
N TYR FA 769 74.27 -22.40 82.28
CA TYR FA 769 75.36 -22.98 81.52
C TYR FA 769 76.06 -21.87 80.76
N LEU FA 770 77.36 -21.73 80.98
CA LEU FA 770 78.12 -20.71 80.29
C LEU FA 770 79.33 -21.34 79.63
N ASP FA 771 79.76 -20.75 78.52
CA ASP FA 771 80.96 -21.20 77.84
C ASP FA 771 81.63 -20.03 77.16
N ILE FA 772 82.96 -19.98 77.31
CA ILE FA 772 83.76 -18.88 76.80
C ILE FA 772 84.83 -19.45 75.87
N HIS FA 773 85.03 -18.79 74.74
CA HIS FA 773 86.10 -19.09 73.81
C HIS FA 773 87.07 -17.91 73.79
N VAL FA 774 88.35 -18.22 73.95
CA VAL FA 774 89.41 -17.24 74.10
C VAL FA 774 90.41 -17.46 72.98
N SER FA 775 90.74 -16.40 72.26
CA SER FA 775 91.68 -16.46 71.15
C SER FA 775 92.50 -15.17 71.13
N GLY FA 776 93.67 -15.25 70.53
CA GLY FA 776 94.52 -14.09 70.41
C GLY FA 776 94.06 -13.14 69.33
N ARG FA 777 94.77 -12.01 69.22
CA ARG FA 777 94.48 -11.01 68.22
C ARG FA 777 95.50 -11.03 67.08
N PHE FA 778 96.78 -10.95 67.41
CA PHE FA 778 97.84 -11.00 66.41
C PHE FA 778 99.12 -11.44 67.10
N PHE FA 779 100.24 -11.28 66.40
CA PHE FA 779 101.55 -11.77 66.87
C PHE FA 779 102.05 -10.87 67.99
N GLN FA 780 101.89 -11.32 69.23
CA GLN FA 780 102.43 -10.63 70.40
C GLN FA 780 102.48 -11.57 71.60
N GLY FA 782 102.32 -11.69 75.47
CA GLY FA 782 101.93 -11.13 76.76
C GLY FA 782 101.09 -12.07 77.60
N SER FA 783 100.39 -11.51 78.58
CA SER FA 783 99.52 -12.31 79.45
C SER FA 783 98.40 -11.43 79.98
N THR FA 784 97.33 -12.09 80.40
CA THR FA 784 96.16 -11.39 80.91
C THR FA 784 95.41 -12.30 81.87
N SER FA 785 94.47 -11.70 82.60
CA SER FA 785 93.67 -12.42 83.59
C SER FA 785 92.19 -12.25 83.29
N ILE FA 786 91.44 -13.33 83.39
CA ILE FA 786 90.00 -13.34 83.19
C ILE FA 786 89.36 -13.72 84.52
N ALA FA 787 88.45 -12.88 85.00
CA ALA FA 787 87.84 -13.09 86.30
C ALA FA 787 86.36 -13.32 86.14
N LEU FA 788 85.87 -14.45 86.64
CA LEU FA 788 84.44 -14.71 86.74
C LEU FA 788 84.06 -14.45 88.19
N VAL FA 789 83.19 -13.46 88.42
CA VAL FA 789 82.81 -13.04 89.76
C VAL FA 789 81.30 -13.17 89.92
N LEU FA 790 80.88 -13.78 91.02
CA LEU FA 790 79.48 -13.84 91.43
C LEU FA 790 79.19 -12.62 92.27
N TRP FA 791 78.50 -11.64 91.70
CA TRP FA 791 78.18 -10.43 92.44
C TRP FA 791 77.13 -10.71 93.51
N GLU FA 792 76.22 -11.63 93.25
CA GLU FA 792 75.17 -11.97 94.20
C GLU FA 792 75.64 -12.98 95.25
N GLY FA 793 76.83 -13.54 95.10
CA GLY FA 793 77.26 -14.59 95.99
C GLY FA 793 77.50 -14.09 97.40
N SER FA 794 77.59 -15.04 98.33
CA SER FA 794 77.75 -14.71 99.74
C SER FA 794 79.21 -14.46 100.07
N SER FA 795 79.44 -13.87 101.25
CA SER FA 795 80.77 -13.60 101.74
C SER FA 795 81.31 -14.70 102.65
N LYS FA 796 80.59 -15.81 102.77
CA LYS FA 796 81.06 -16.97 103.51
C LYS FA 796 81.31 -18.17 102.62
N CYS FA 797 81.26 -17.99 101.30
CA CYS FA 797 81.41 -19.10 100.37
C CYS FA 797 82.87 -19.51 100.26
N TYR FA 798 83.08 -20.71 99.71
CA TYR FA 798 84.44 -21.22 99.57
C TYR FA 798 85.07 -20.76 98.26
N ALA FA 799 84.28 -20.69 97.19
CA ALA FA 799 84.76 -20.22 95.89
C ALA FA 799 83.75 -19.22 95.33
N ILE FA 800 84.20 -18.00 95.09
CA ILE FA 800 83.38 -16.94 94.51
C ILE FA 800 84.03 -16.36 93.26
N THR FA 801 85.28 -15.93 93.38
CA THR FA 801 86.02 -15.35 92.26
C THR FA 801 86.93 -16.41 91.65
N LEU FA 802 86.76 -16.65 90.35
CA LEU FA 802 87.63 -17.56 89.63
C LEU FA 802 88.47 -16.76 88.66
N LEU FA 803 89.79 -16.91 88.76
CA LEU FA 803 90.74 -16.10 87.99
C LEU FA 803 91.67 -16.98 87.18
N PRO FA 804 91.22 -17.48 86.03
CA PRO FA 804 92.16 -18.05 85.07
C PRO FA 804 93.08 -16.99 84.49
N THR FA 805 94.28 -17.43 84.11
CA THR FA 805 95.29 -16.57 83.50
C THR FA 805 95.65 -17.16 82.14
N ILE FA 806 95.79 -16.29 81.15
CA ILE FA 806 96.09 -16.70 79.78
C ILE FA 806 97.40 -16.06 79.37
N LYS FA 807 98.27 -16.86 78.74
CA LYS FA 807 99.56 -16.40 78.25
C LYS FA 807 99.64 -16.62 76.75
N SER FA 808 99.97 -15.55 76.01
CA SER FA 808 100.12 -15.63 74.56
C SER FA 808 101.55 -16.05 74.21
N SER FA 809 101.96 -17.19 74.75
CA SER FA 809 103.23 -17.80 74.43
C SER FA 809 103.02 -19.28 74.12
N CYS FA 810 104.08 -20.03 73.92
CA CYS FA 810 103.98 -21.45 73.65
C CYS FA 810 104.38 -22.25 74.88
N SER FA 811 103.76 -23.41 75.04
CA SER FA 811 104.00 -24.24 76.20
C SER FA 811 105.39 -24.88 76.13
N TYR FA 812 105.91 -25.22 77.30
CA TYR FA 812 107.20 -25.89 77.42
C TYR FA 812 107.15 -27.33 76.92
N LEU FA 813 105.95 -27.90 76.73
CA LEU FA 813 105.79 -29.23 76.14
C LEU FA 813 105.51 -29.15 74.65
N ARG FA 814 105.54 -27.96 74.05
CA ARG FA 814 105.21 -27.78 72.64
C ARG FA 814 106.50 -27.74 71.83
N THR FA 815 106.80 -28.87 71.18
CA THR FA 815 107.95 -28.98 70.28
C THR FA 815 107.53 -29.83 69.09
N MET FA 816 108.50 -30.13 68.22
CA MET FA 816 108.31 -31.15 67.20
C MET FA 816 109.24 -32.31 67.46
N HIS FA 817 108.86 -33.47 66.93
CA HIS FA 817 109.70 -34.64 66.87
C HIS FA 817 109.66 -35.18 65.45
N HIS FA 818 110.71 -35.94 65.10
CA HIS FA 818 110.79 -36.61 63.81
C HIS FA 818 111.18 -38.06 64.09
N THR FA 819 110.25 -38.98 63.91
CA THR FA 819 110.54 -40.39 64.08
C THR FA 819 111.45 -40.86 62.97
N PRO FA 820 112.59 -41.51 63.28
CA PRO FA 820 113.45 -42.01 62.20
C PRO FA 820 112.87 -43.19 61.46
N GLY FA 821 111.90 -43.89 62.03
CA GLY FA 821 111.31 -45.04 61.39
C GLY FA 821 112.12 -46.32 61.48
N ARG FA 822 113.28 -46.29 62.11
CA ARG FA 822 114.13 -47.46 62.23
C ARG FA 822 113.96 -48.18 63.56
N HIS FA 823 113.47 -47.48 64.60
CA HIS FA 823 113.19 -48.00 65.94
C HIS FA 823 114.29 -48.93 66.45
N ILE FA 824 115.52 -48.45 66.39
CA ILE FA 824 116.67 -49.24 66.86
C ILE FA 824 116.58 -49.38 68.37
N PRO FA 825 116.64 -50.59 68.92
CA PRO FA 825 116.59 -50.75 70.38
C PRO FA 825 117.83 -50.17 71.01
N PRO FA 826 117.72 -49.64 72.24
CA PRO FA 826 118.89 -49.01 72.89
C PRO FA 826 120.04 -49.97 73.16
N GLU FA 827 119.75 -51.23 73.47
CA GLU FA 827 120.83 -52.19 73.72
C GLU FA 827 121.63 -52.45 72.45
N ASP FA 828 120.96 -52.49 71.29
CA ASP FA 828 121.68 -52.72 70.06
C ASP FA 828 122.31 -51.44 69.54
N TRP FA 829 121.78 -50.28 69.95
CA TRP FA 829 122.48 -49.02 69.74
C TRP FA 829 123.80 -49.00 70.51
N ILE FA 830 123.79 -49.49 71.75
CA ILE FA 830 125.03 -49.62 72.52
C ILE FA 830 125.98 -50.62 71.86
N SER FA 831 125.45 -51.77 71.44
CA SER FA 831 126.31 -52.83 70.91
C SER FA 831 126.90 -52.46 69.56
N GLY FA 832 126.13 -51.78 68.71
CA GLY FA 832 126.59 -51.41 67.38
C GLY FA 832 126.83 -52.58 66.45
N VAL FA 833 126.03 -53.64 66.55
CA VAL FA 833 126.20 -54.83 65.73
C VAL FA 833 124.88 -55.18 65.04
N HIS FA 834 124.00 -54.18 64.89
CA HIS FA 834 122.66 -54.44 64.35
C HIS FA 834 122.73 -54.87 62.90
N LYS FA 835 121.99 -55.92 62.57
CA LYS FA 835 121.83 -56.41 61.21
C LYS FA 835 120.35 -56.45 60.89
N ASP FA 836 119.97 -55.90 59.74
CA ASP FA 836 118.56 -55.84 59.35
C ASP FA 836 118.15 -57.07 58.54
N SER FA 837 118.49 -58.25 59.05
CA SER FA 837 118.11 -59.55 58.49
C SER FA 837 118.57 -59.73 57.04
N GLN FA 838 119.57 -58.96 56.60
CA GLN FA 838 120.04 -59.06 55.22
C GLN FA 838 121.55 -58.96 55.09
N GLY FA 839 122.30 -59.01 56.19
CA GLY FA 839 123.74 -58.87 56.14
C GLY FA 839 124.25 -57.45 56.07
N PHE FA 840 123.39 -56.46 56.34
CA PHE FA 840 123.76 -55.06 56.31
C PHE FA 840 123.77 -54.49 57.72
N ASN FA 841 124.81 -53.73 58.04
CA ASN FA 841 124.90 -53.09 59.35
C ASN FA 841 124.01 -51.86 59.39
N MET FA 842 123.08 -51.84 60.35
CA MET FA 842 122.16 -50.73 60.48
C MET FA 842 122.80 -49.56 61.23
N ILE FA 843 123.78 -49.83 62.09
CA ILE FA 843 124.37 -48.79 62.93
C ILE FA 843 125.87 -48.75 62.67
N LYS FA 844 126.40 -47.54 62.46
CA LYS FA 844 127.81 -47.34 62.14
C LYS FA 844 128.48 -46.58 63.28
N THR FA 845 129.61 -47.11 63.74
CA THR FA 845 130.43 -46.46 64.75
C THR FA 845 131.44 -45.56 64.05
N LEU FA 846 131.49 -44.32 64.47
CA LEU FA 846 132.09 -43.30 63.67
C LEU FA 846 133.60 -43.39 63.93
N PRO FA 847 134.47 -43.21 62.93
CA PRO FA 847 135.89 -43.05 63.27
C PRO FA 847 136.17 -41.82 64.14
N ILE FA 848 137.28 -41.93 64.88
CA ILE FA 848 137.70 -40.87 65.82
C ILE FA 848 138.11 -39.63 65.03
N ASN FA 849 137.80 -38.46 65.60
CA ASN FA 849 138.10 -37.15 64.99
C ASN FA 849 137.54 -37.02 63.58
N TYR FA 850 136.35 -37.57 63.36
CA TYR FA 850 135.76 -37.57 62.03
C TYR FA 850 135.29 -36.18 61.64
N ARG FA 851 135.45 -35.86 60.36
CA ARG FA 851 134.93 -34.65 59.81
C ARG FA 851 134.26 -35.01 58.49
N PRO FA 852 133.08 -34.46 58.25
CA PRO FA 852 132.40 -34.70 56.96
C PRO FA 852 133.15 -34.06 55.81
N PRO FA 853 133.02 -34.61 54.61
CA PRO FA 853 133.77 -34.07 53.46
C PRO FA 853 133.26 -32.72 52.97
N SER FA 854 133.91 -32.20 51.94
CA SER FA 854 133.56 -30.93 51.30
C SER FA 854 133.19 -31.20 49.84
N HIS FA 855 133.01 -30.11 49.09
CA HIS FA 855 132.59 -30.20 47.70
C HIS FA 855 133.71 -30.62 46.75
N MET FA 856 134.94 -30.19 47.01
CA MET FA 856 136.04 -30.44 46.07
C MET FA 856 136.56 -31.87 46.17
N GLY FA 857 136.31 -32.55 47.28
CA GLY FA 857 136.80 -33.91 47.44
C GLY FA 857 136.23 -34.53 48.69
N ILE FA 858 136.18 -35.87 48.67
CA ILE FA 858 135.62 -36.62 49.80
C ILE FA 858 136.67 -36.96 50.86
N SER FA 859 137.95 -36.73 50.57
CA SER FA 859 139.02 -37.01 51.52
C SER FA 859 139.59 -35.76 52.15
N ILE FA 860 139.13 -34.58 51.75
CA ILE FA 860 139.64 -33.32 52.28
C ILE FA 860 138.48 -32.56 52.94
N PRO FA 861 138.30 -32.70 54.25
CA PRO FA 861 137.20 -31.99 54.92
C PRO FA 861 137.43 -30.49 54.98
N LEU FA 862 136.33 -29.73 54.87
CA LEU FA 862 136.35 -28.28 55.04
C LEU FA 862 135.14 -27.81 55.83
N THR FA 863 134.65 -28.62 56.76
CA THR FA 863 133.39 -28.37 57.44
C THR FA 863 133.54 -27.73 58.81
N ASP FA 864 134.76 -27.61 59.32
CA ASP FA 864 135.12 -26.98 60.61
C ASP FA 864 134.28 -27.48 61.79
N ASN FA 865 133.69 -28.66 61.66
CA ASN FA 865 132.91 -29.28 62.73
C ASN FA 865 133.49 -30.66 63.00
N PHE FA 866 133.54 -31.05 64.26
CA PHE FA 866 134.22 -32.26 64.68
C PHE FA 866 133.21 -33.28 65.19
N TYR FA 867 133.27 -34.47 64.61
CA TYR FA 867 132.46 -35.59 65.04
C TYR FA 867 133.37 -36.68 65.62
N HIS FA 868 132.96 -37.23 66.76
CA HIS FA 868 133.78 -38.19 67.54
C HIS FA 868 135.15 -37.58 67.85
N ALA FA 869 135.13 -36.31 68.26
CA ALA FA 869 136.36 -35.54 68.41
C ALA FA 869 137.19 -36.02 69.60
N ASP FA 870 138.50 -36.09 69.39
CA ASP FA 870 139.44 -36.46 70.45
C ASP FA 870 140.80 -35.83 70.17
N PRO FA 871 141.23 -34.86 70.99
CA PRO FA 871 142.53 -34.23 70.75
C PRO FA 871 143.73 -35.09 71.14
N SER FA 872 143.52 -36.19 71.85
CA SER FA 872 144.62 -37.05 72.27
C SER FA 872 145.12 -37.97 71.16
N LYS FA 873 144.45 -38.01 70.02
CA LYS FA 873 144.80 -38.86 68.91
C LYS FA 873 145.17 -38.01 67.69
N PRO FA 874 146.00 -38.54 66.80
CA PRO FA 874 146.30 -37.82 65.55
C PRO FA 874 145.05 -37.66 64.70
N ILE FA 875 145.01 -36.56 63.96
CA ILE FA 875 143.85 -36.20 63.13
C ILE FA 875 143.94 -36.95 61.81
N PRO FA 876 142.91 -37.69 61.41
CA PRO FA 876 142.96 -38.41 60.13
C PRO FA 876 142.52 -37.54 58.97
N ARG FA 877 143.14 -37.78 57.81
CA ARG FA 877 142.77 -37.14 56.54
C ARG FA 877 142.83 -35.62 56.63
N ASN FA 878 143.93 -35.08 57.16
CA ASN FA 878 144.05 -33.64 57.40
C ASN FA 878 145.37 -33.12 56.84
N GLN FA 879 145.65 -33.47 55.60
CA GLN FA 879 146.68 -32.77 54.84
C GLN FA 879 146.04 -31.49 54.27
N PHE FA 880 146.78 -30.73 53.46
CA PHE FA 880 146.32 -29.53 52.76
C PHE FA 880 146.07 -28.36 53.72
N HIS FA 881 146.38 -27.15 53.26
CA HIS FA 881 146.43 -26.01 54.17
C HIS FA 881 145.04 -25.56 54.60
N LYS FA 882 144.04 -25.71 53.73
CA LYS FA 882 142.70 -25.32 54.10
C LYS FA 882 142.09 -26.25 55.13
N SER FA 883 142.39 -27.55 55.04
CA SER FA 883 141.94 -28.46 56.09
C SER FA 883 142.76 -28.28 57.36
N LYS FA 884 144.02 -27.87 57.23
CA LYS FA 884 144.82 -27.53 58.41
C LYS FA 884 144.24 -26.32 59.13
N GLU FA 885 143.76 -25.33 58.39
CA GLU FA 885 143.24 -24.10 58.96
C GLU FA 885 141.76 -24.19 59.33
N THR FA 886 141.14 -25.36 59.17
CA THR FA 886 139.75 -25.54 59.53
C THR FA 886 139.62 -26.71 60.50
N GLY FA 887 138.55 -26.68 61.30
CA GLY FA 887 138.32 -27.69 62.31
C GLY FA 887 138.42 -27.15 63.71
N LYS FA 888 137.28 -26.93 64.35
CA LYS FA 888 137.21 -26.32 65.68
C LYS FA 888 136.69 -27.35 66.67
N TYR FA 889 137.39 -27.49 67.80
CA TYR FA 889 136.93 -28.33 68.89
C TYR FA 889 136.06 -27.49 69.82
N LYS FA 890 134.77 -27.80 69.90
CA LYS FA 890 133.84 -26.99 70.68
C LYS FA 890 133.66 -27.53 72.11
N GLN FA 891 133.17 -28.76 72.24
CA GLN FA 891 132.97 -29.36 73.55
C GLN FA 891 134.23 -30.04 74.06
N CYS FA 892 134.76 -30.99 73.30
CA CYS FA 892 136.04 -31.62 73.62
C CYS FA 892 137.18 -30.70 73.17
N ALA FA 893 137.37 -29.64 73.96
CA ALA FA 893 138.38 -28.61 73.75
C ALA FA 893 139.75 -29.12 74.20
N ASN FA 894 140.68 -28.21 74.49
CA ASN FA 894 141.99 -28.57 75.02
C ASN FA 894 141.95 -29.45 76.26
N VAL FA 895 140.78 -29.58 76.88
CA VAL FA 895 140.48 -30.64 77.84
C VAL FA 895 140.88 -31.98 77.21
N THR FA 896 141.63 -32.79 77.97
CA THR FA 896 142.61 -33.73 77.41
C THR FA 896 142.08 -34.73 76.39
N SER FA 897 141.21 -35.65 76.78
CA SER FA 897 140.87 -36.79 75.94
C SER FA 897 139.35 -36.92 75.84
N ARG FA 898 138.91 -37.97 75.14
CA ARG FA 898 137.48 -38.27 75.07
C ARG FA 898 136.95 -38.72 76.43
N ALA FA 899 137.71 -39.55 77.13
CA ALA FA 899 137.31 -39.97 78.47
C ALA FA 899 137.36 -38.80 79.45
N MET FA 900 138.18 -37.79 79.17
CA MET FA 900 138.24 -36.63 80.03
C MET FA 900 137.06 -35.70 79.75
N CYS FA 901 136.79 -35.37 78.47
CA CYS FA 901 135.74 -34.42 78.14
C CYS FA 901 134.37 -35.06 78.39
N ASN FA 902 133.45 -34.24 78.88
CA ASN FA 902 132.26 -34.69 79.59
C ASN FA 902 131.15 -35.02 78.62
N CYS FA 903 130.52 -36.19 78.76
CA CYS FA 903 129.38 -36.52 77.94
C CYS FA 903 128.39 -37.39 78.69
N SER FA 904 127.11 -37.20 78.39
CA SER FA 904 125.98 -37.89 79.00
C SER FA 904 125.15 -38.57 77.92
N GLU FA 905 124.11 -39.27 78.36
CA GLU FA 905 123.20 -39.94 77.43
C GLU FA 905 122.47 -38.95 76.53
N HIS FA 906 122.08 -37.80 77.08
CA HIS FA 906 121.47 -36.75 76.28
C HIS FA 906 122.42 -36.18 75.23
N GLN FA 907 123.74 -36.25 75.45
CA GLN FA 907 124.71 -35.83 74.47
C GLN FA 907 125.10 -36.93 73.50
N LYS FA 908 124.93 -38.19 73.88
CA LYS FA 908 125.11 -39.30 72.96
C LYS FA 908 123.91 -39.52 72.03
N PHE FA 909 122.72 -39.13 72.47
CA PHE FA 909 121.53 -39.26 71.64
C PHE FA 909 121.09 -37.94 71.00
N SER FA 910 121.89 -36.90 71.09
CA SER FA 910 121.54 -35.61 70.49
C SER FA 910 121.99 -35.58 69.03
N HIS FA 911 121.07 -35.25 68.13
CA HIS FA 911 121.37 -35.11 66.72
C HIS FA 911 121.68 -33.67 66.32
N ALA FA 912 121.72 -32.76 67.28
CA ALA FA 912 121.91 -31.34 67.00
C ALA FA 912 123.40 -30.98 66.99
N VAL FA 913 123.68 -29.81 66.40
CA VAL FA 913 125.05 -29.30 66.31
C VAL FA 913 125.54 -28.87 67.68
N ALA FA 914 126.84 -28.64 67.79
CA ALA FA 914 127.57 -28.29 69.01
C ALA FA 914 127.54 -29.40 70.06
N PHE FA 915 126.95 -30.55 69.74
CA PHE FA 915 126.96 -31.72 70.60
C PHE FA 915 127.60 -32.91 69.91
N SER FA 916 128.29 -32.67 68.80
CA SER FA 916 128.83 -33.72 67.95
C SER FA 916 130.23 -34.16 68.35
N ASP FA 917 130.84 -33.52 69.35
CA ASP FA 917 132.20 -33.86 69.73
C ASP FA 917 132.33 -35.26 70.31
N CYS FA 918 131.26 -35.82 70.87
CA CYS FA 918 131.27 -37.21 71.29
C CYS FA 918 130.14 -37.98 70.62
N LYS FA 919 129.74 -37.55 69.43
CA LYS FA 919 128.75 -38.27 68.64
C LYS FA 919 129.48 -39.44 67.96
N GLU FA 920 129.23 -40.65 68.45
CA GLU FA 920 130.06 -41.80 68.10
C GLU FA 920 129.31 -42.90 67.35
N LYS FA 921 128.00 -43.03 67.54
CA LYS FA 921 127.19 -44.01 66.80
C LYS FA 921 126.13 -43.27 65.99
N VAL FA 922 126.03 -43.61 64.71
CA VAL FA 922 125.05 -43.04 63.80
C VAL FA 922 124.32 -44.19 63.11
N HIS FA 923 123.31 -43.84 62.32
CA HIS FA 923 122.56 -44.82 61.56
C HIS FA 923 123.38 -45.25 60.34
N ARG FA 924 122.80 -46.05 59.46
CA ARG FA 924 123.48 -46.48 58.26
C ARG FA 924 122.46 -46.80 57.17
N PHE FA 925 122.87 -46.61 55.93
CA PHE FA 925 121.98 -46.79 54.79
C PHE FA 925 122.80 -47.25 53.59
N LYS FA 926 122.10 -47.59 52.51
CA LYS FA 926 122.75 -47.92 51.24
C LYS FA 926 123.11 -46.64 50.49
N PHE FA 927 123.72 -46.80 49.32
CA PHE FA 927 124.00 -45.63 48.49
C PHE FA 927 122.73 -45.02 47.91
N PRO FA 928 121.86 -45.76 47.17
CA PRO FA 928 120.64 -45.10 46.68
C PRO FA 928 119.54 -45.10 47.73
N VAL FA 929 119.27 -43.93 48.31
CA VAL FA 929 118.20 -43.77 49.27
C VAL FA 929 117.12 -42.91 48.63
N THR FA 930 115.94 -43.50 48.42
CA THR FA 930 114.86 -42.86 47.70
C THR FA 930 113.60 -42.89 48.55
N GLN FA 931 112.85 -41.78 48.52
CA GLN FA 931 111.58 -41.63 49.24
C GLN FA 931 111.76 -41.88 50.74
N TYR FA 932 112.84 -41.36 51.30
CA TYR FA 932 113.04 -41.41 52.74
C TYR FA 932 112.00 -40.51 53.39
N PRO FA 933 111.14 -41.03 54.27
CA PRO FA 933 110.02 -40.24 54.79
C PRO FA 933 110.49 -39.25 55.86
N VAL FA 934 110.32 -37.97 55.57
CA VAL FA 934 110.59 -36.92 56.54
C VAL FA 934 109.23 -36.52 57.12
N VAL FA 935 108.84 -37.20 58.19
CA VAL FA 935 107.58 -36.95 58.87
C VAL FA 935 107.88 -36.11 60.11
N LEU FA 936 106.99 -35.17 60.40
CA LEU FA 936 107.17 -34.24 61.52
C LEU FA 936 105.89 -34.19 62.34
N GLU FA 937 106.01 -34.47 63.63
CA GLU FA 937 104.89 -34.41 64.55
C GLU FA 937 105.11 -33.27 65.55
N ILE FA 938 104.01 -32.66 65.95
CA ILE FA 938 104.02 -31.54 66.89
C ILE FA 938 103.27 -31.96 68.13
N PHE FA 939 103.88 -31.71 69.29
CA PHE FA 939 103.22 -31.92 70.58
C PHE FA 939 102.40 -30.69 70.91
N ASN FA 940 101.22 -30.92 71.51
CA ASN FA 940 100.34 -29.81 71.86
C ASN FA 940 99.78 -30.01 73.27
N GLU FA 941 100.62 -30.53 74.17
CA GLU FA 941 100.34 -30.67 75.60
C GLU FA 941 99.23 -31.69 75.89
N ARG FA 942 98.61 -32.21 74.83
CA ARG FA 942 97.55 -33.21 74.97
C ARG FA 942 97.66 -34.39 74.02
N ASP FA 943 98.34 -34.24 72.89
CA ASP FA 943 98.37 -35.27 71.85
C ASP FA 943 99.55 -34.99 70.92
N LYS FA 944 99.70 -35.82 69.90
CA LYS FA 944 100.69 -35.63 68.86
C LYS FA 944 99.95 -35.46 67.54
N ILE FA 945 100.16 -34.34 66.86
CA ILE FA 945 99.56 -34.09 65.57
C ILE FA 945 100.64 -34.09 64.51
N SER FA 946 100.23 -34.13 63.25
CA SER FA 946 101.18 -33.99 62.15
C SER FA 946 101.40 -32.51 61.86
N ALA FA 947 102.48 -32.22 61.15
CA ALA FA 947 102.75 -30.85 60.74
C ALA FA 947 101.66 -30.36 59.79
N GLU FA 948 101.31 -29.09 59.90
CA GLU FA 948 100.19 -28.56 59.14
C GLU FA 948 100.67 -27.70 57.98
N PRO FA 949 99.90 -27.63 56.90
CA PRO FA 949 100.28 -26.76 55.75
C PRO FA 949 100.35 -25.28 56.12
N PRO FA 950 99.63 -24.79 57.14
CA PRO FA 950 99.99 -23.47 57.68
C PRO FA 950 101.41 -23.39 58.24
N TYR FA 951 102.01 -24.51 58.63
CA TYR FA 951 103.37 -24.51 59.18
C TYR FA 951 104.35 -24.87 58.07
N LEU FA 952 104.75 -23.86 57.32
CA LEU FA 952 105.71 -24.06 56.24
C LEU FA 952 107.09 -24.36 56.81
N VAL FA 953 107.83 -25.22 56.10
CA VAL FA 953 109.04 -25.84 56.63
C VAL FA 953 110.21 -25.47 55.72
N THR FA 954 111.31 -25.02 56.34
CA THR FA 954 112.56 -24.78 55.66
C THR FA 954 113.56 -25.87 56.05
N MET FA 955 114.39 -26.26 55.09
CA MET FA 955 115.37 -27.33 55.23
C MET FA 955 116.76 -26.75 55.12
N THR FA 956 117.71 -27.28 55.90
CA THR FA 956 119.10 -26.87 55.71
C THR FA 956 120.02 -28.04 56.06
N GLU FA 957 121.23 -28.01 55.49
CA GLU FA 957 122.30 -28.95 55.84
C GLU FA 957 123.43 -28.17 56.53
N VAL FA 958 123.94 -28.72 57.62
CA VAL FA 958 124.92 -28.00 58.44
C VAL FA 958 126.31 -28.13 57.85
N ASN FA 959 126.47 -29.00 56.86
CA ASN FA 959 127.80 -29.31 56.31
C ASN FA 959 127.90 -28.96 54.83
N MET FA 960 127.30 -27.84 54.43
CA MET FA 960 127.41 -27.17 53.12
C MET FA 960 127.55 -28.15 51.96
N ARG FA 961 126.55 -29.01 51.79
CA ARG FA 961 126.58 -30.04 50.77
C ARG FA 961 125.48 -29.82 49.74
N LYS FA 962 125.75 -30.28 48.51
CA LYS FA 962 124.87 -30.06 47.37
C LYS FA 962 124.67 -31.37 46.60
N ASN FA 963 124.39 -32.47 47.33
CA ASN FA 963 124.22 -33.77 46.69
C ASN FA 963 122.94 -34.45 47.17
N TRP FA 964 121.83 -33.73 47.18
CA TRP FA 964 120.61 -34.17 47.82
C TRP FA 964 119.45 -33.28 47.39
N GLN FA 965 118.26 -33.88 47.33
CA GLN FA 965 117.06 -33.17 46.88
C GLN FA 965 115.83 -33.73 47.59
N LEU FA 966 114.70 -33.06 47.36
CA LEU FA 966 113.42 -33.46 47.91
C LEU FA 966 112.42 -33.76 46.81
N LYS FA 967 111.38 -34.50 47.19
CA LYS FA 967 110.13 -34.57 46.44
C LYS FA 967 109.02 -34.10 47.36
N HIS FA 968 108.24 -33.13 46.89
CA HIS FA 968 107.17 -32.53 47.68
C HIS FA 968 106.04 -32.14 46.75
N ASN FA 969 104.83 -32.09 47.30
CA ASN FA 969 103.63 -31.75 46.56
C ASN FA 969 103.16 -30.38 47.00
N GLU FA 970 102.88 -29.50 46.04
CA GLU FA 970 102.40 -28.16 46.33
C GLU FA 970 101.01 -27.99 45.75
N PRO FA 971 99.95 -28.07 46.55
CA PRO FA 971 98.60 -27.81 46.04
C PRO FA 971 98.34 -26.31 45.99
N GLU FA 972 97.14 -25.94 45.58
CA GLU FA 972 96.73 -24.53 45.58
C GLU FA 972 96.24 -24.12 46.97
N ASN FA 973 97.16 -24.21 47.93
CA ASN FA 973 96.93 -23.74 49.29
C ASN FA 973 98.10 -22.99 49.88
N VAL FA 974 99.33 -23.25 49.43
CA VAL FA 974 100.53 -22.58 49.91
C VAL FA 974 101.29 -21.95 48.75
N LYS FA 975 100.63 -21.85 47.60
CA LYS FA 975 101.21 -21.13 46.48
C LYS FA 975 101.60 -19.70 46.87
N LYS FA 976 100.61 -18.90 47.27
CA LYS FA 976 100.84 -17.49 47.58
C LYS FA 976 101.82 -17.31 48.73
N MET FA 977 101.73 -18.19 49.74
CA MET FA 977 102.74 -18.21 50.80
C MET FA 977 104.14 -18.44 50.28
N LYS FA 978 104.32 -19.43 49.40
CA LYS FA 978 105.66 -19.68 48.88
C LYS FA 978 106.14 -18.50 48.02
N HIS FA 979 105.27 -17.94 47.15
CA HIS FA 979 105.77 -16.87 46.30
C HIS FA 979 106.03 -15.59 47.09
N TYR FA 980 105.42 -15.45 48.26
CA TYR FA 980 105.81 -14.36 49.14
C TYR FA 980 107.13 -14.68 49.83
N LEU FA 981 107.23 -15.85 50.46
CA LEU FA 981 108.32 -16.12 51.39
C LEU FA 981 109.66 -16.31 50.70
N GLU FA 982 109.70 -17.08 49.60
CA GLU FA 982 110.96 -17.44 48.96
C GLU FA 982 111.81 -16.24 48.52
N PRO FA 983 111.22 -15.10 48.12
CA PRO FA 983 112.05 -13.89 47.97
C PRO FA 983 112.77 -13.46 49.24
N LEU FA 984 112.03 -13.15 50.31
CA LEU FA 984 112.62 -12.45 51.44
C LEU FA 984 113.22 -13.36 52.50
N LEU FA 985 113.05 -14.68 52.39
CA LEU FA 985 113.80 -15.59 53.23
C LEU FA 985 115.06 -16.11 52.56
N LYS FA 986 115.19 -15.93 51.25
CA LYS FA 986 116.38 -16.34 50.47
C LYS FA 986 116.65 -17.84 50.61
N THR FA 987 115.58 -18.62 50.71
CA THR FA 987 115.68 -20.07 50.81
C THR FA 987 114.40 -20.70 50.29
N PRO FA 988 114.48 -21.87 49.66
CA PRO FA 988 113.26 -22.57 49.24
C PRO FA 988 112.40 -22.97 50.43
N VAL FA 989 111.09 -22.90 50.23
CA VAL FA 989 110.10 -23.15 51.27
C VAL FA 989 109.31 -24.38 50.89
N TYR FA 990 109.15 -25.31 51.82
CA TYR FA 990 108.55 -26.62 51.55
C TYR FA 990 107.34 -26.85 52.44
N ASN FA 991 106.38 -27.59 51.89
CA ASN FA 991 105.15 -27.97 52.58
C ASN FA 991 105.29 -29.37 53.15
N PRO FA 992 104.91 -29.58 54.42
CA PRO FA 992 105.04 -30.92 55.00
C PRO FA 992 103.99 -31.90 54.52
N LEU FA 993 103.98 -33.10 55.12
CA LEU FA 993 103.09 -34.22 54.80
C LEU FA 993 103.27 -34.73 53.37
N GLY FA 994 104.33 -34.30 52.70
CA GLY FA 994 104.69 -34.87 51.42
C GLY FA 994 106.19 -34.91 51.21
N LEU FA 995 106.94 -34.55 52.24
CA LEU FA 995 108.39 -34.41 52.11
C LEU FA 995 109.04 -35.79 51.98
N ASN FA 996 109.81 -35.99 50.92
CA ASN FA 996 110.57 -37.22 50.74
C ASN FA 996 111.99 -36.88 50.32
N LEU FA 997 112.95 -37.62 50.87
CA LEU FA 997 114.37 -37.29 50.77
C LEU FA 997 115.01 -38.10 49.65
N THR FA 998 116.07 -37.55 49.06
CA THR FA 998 116.90 -38.29 48.12
C THR FA 998 118.33 -37.79 48.27
N ILE FA 999 119.27 -38.72 48.46
CA ILE FA 999 120.66 -38.37 48.73
C ILE FA 999 121.56 -39.19 47.82
N GLN FA 1000 122.56 -38.53 47.21
CA GLN FA 1000 123.59 -39.21 46.42
C GLN FA 1000 124.93 -38.88 47.07
N GLY FA 1001 125.34 -39.70 48.04
CA GLY FA 1001 126.58 -39.44 48.75
C GLY FA 1001 127.22 -40.67 49.35
N SER FA 1002 128.33 -40.49 50.06
CA SER FA 1002 129.03 -41.57 50.74
C SER FA 1002 129.54 -41.11 52.09
N GLU FA 1003 128.72 -40.39 52.84
CA GLU FA 1003 129.22 -39.70 54.03
C GLU FA 1003 128.07 -39.44 54.99
N LEU FA 1004 128.36 -38.66 56.03
CA LEU FA 1004 127.38 -38.24 57.03
C LEU FA 1004 126.66 -36.99 56.55
N PHE FA 1005 125.35 -37.11 56.36
CA PHE FA 1005 124.50 -35.98 56.03
C PHE FA 1005 123.72 -35.54 57.26
N HIS FA 1006 123.85 -34.25 57.60
CA HIS FA 1006 123.32 -33.68 58.83
C HIS FA 1006 122.31 -32.61 58.47
N PHE FA 1007 121.03 -32.88 58.70
CA PHE FA 1007 119.96 -31.98 58.27
C PHE FA 1007 119.26 -31.35 59.47
N LYS FA 1008 118.88 -30.08 59.30
CA LYS FA 1008 118.12 -29.35 60.30
C LYS FA 1008 116.82 -28.83 59.69
N VAL FA 1009 115.72 -29.08 60.40
CA VAL FA 1009 114.37 -28.74 60.01
C VAL FA 1009 113.98 -27.50 60.80
N SER FA 1010 113.45 -26.49 60.12
CA SER FA 1010 112.97 -25.29 60.77
C SER FA 1010 111.59 -24.95 60.25
N VAL FA 1011 110.85 -24.17 61.02
CA VAL FA 1011 109.54 -23.65 60.63
C VAL FA 1011 109.71 -22.16 60.37
N VAL FA 1012 109.01 -21.66 59.34
CA VAL FA 1012 109.13 -20.27 58.89
C VAL FA 1012 108.71 -19.33 60.02
N PRO FA 1013 109.34 -18.16 60.14
CA PRO FA 1013 109.02 -17.26 61.25
C PRO FA 1013 107.63 -16.64 61.12
N GLY FA 1014 107.09 -16.25 62.26
CA GLY FA 1014 105.83 -15.54 62.32
C GLY FA 1014 104.60 -16.40 62.42
N VAL FA 1015 104.72 -17.72 62.25
CA VAL FA 1015 103.59 -18.63 62.36
C VAL FA 1015 103.58 -19.37 63.70
N SER FA 1016 104.51 -19.02 64.59
CA SER FA 1016 104.59 -19.66 65.90
C SER FA 1016 105.33 -18.73 66.84
N PHE FA 1017 105.23 -19.01 68.14
CA PHE FA 1017 105.86 -18.19 69.15
C PHE FA 1017 107.26 -18.67 69.54
N CYS FA 1018 107.50 -19.98 69.49
CA CYS FA 1018 108.82 -20.53 69.75
C CYS FA 1018 109.36 -21.20 68.49
N GLU FA 1019 110.69 -21.18 68.36
CA GLU FA 1019 111.35 -21.75 67.19
C GLU FA 1019 111.23 -23.27 67.23
N LEU FA 1020 110.35 -23.81 66.40
CA LEU FA 1020 110.17 -25.26 66.32
C LEU FA 1020 111.18 -25.81 65.32
N SER FA 1021 112.16 -26.58 65.82
CA SER FA 1021 113.25 -27.06 64.98
C SER FA 1021 113.60 -28.48 65.36
N GLU FA 1022 114.26 -29.18 64.43
CA GLU FA 1022 114.69 -30.56 64.62
C GLU FA 1022 116.00 -30.77 63.88
N GLU FA 1023 116.74 -31.80 64.27
CA GLU FA 1023 117.97 -32.18 63.58
C GLU FA 1023 118.05 -33.70 63.48
N PHE FA 1024 118.68 -34.19 62.41
CA PHE FA 1024 118.88 -35.62 62.27
C PHE FA 1024 120.09 -35.89 61.38
N GLN FA 1025 120.55 -37.15 61.43
CA GLN FA 1025 121.76 -37.59 60.76
C GLN FA 1025 121.48 -38.84 59.93
N ILE FA 1026 122.23 -38.99 58.83
CA ILE FA 1026 122.12 -40.14 57.95
C ILE FA 1026 123.53 -40.52 57.48
N TYR FA 1027 123.84 -41.81 57.53
CA TYR FA 1027 125.08 -42.33 56.97
C TYR FA 1027 124.78 -43.24 55.79
N VAL FA 1028 125.46 -42.98 54.68
CA VAL FA 1028 125.35 -43.78 53.46
C VAL FA 1028 126.75 -44.19 53.04
N ASP FA 1029 126.82 -45.29 52.29
CA ASP FA 1029 128.11 -45.89 51.97
C ASP FA 1029 127.96 -46.73 50.70
N GLU FA 1030 128.98 -47.57 50.46
CA GLU FA 1030 129.10 -48.49 49.30
C GLU FA 1030 128.69 -47.83 47.99
N VAL FA 1031 129.26 -46.65 47.74
CA VAL FA 1031 129.16 -46.05 46.41
C VAL FA 1031 129.90 -46.96 45.41
N PRO FA 1032 129.30 -47.27 44.26
CA PRO FA 1032 129.94 -48.22 43.33
C PRO FA 1032 131.26 -47.72 42.81
N LEU FA 1033 131.23 -46.57 42.13
CA LEU FA 1033 132.41 -45.91 41.55
C LEU FA 1033 131.98 -44.56 40.96
N PRO FA 1034 132.86 -43.57 40.94
CA PRO FA 1034 132.57 -42.36 40.14
C PRO FA 1034 132.84 -42.63 38.66
N PHE FA 1035 132.68 -41.61 37.83
CA PHE FA 1035 132.91 -41.78 36.39
C PHE FA 1035 134.34 -42.19 35.99
N PRO FA 1036 135.44 -41.65 36.58
CA PRO FA 1036 136.76 -42.00 36.03
C PRO FA 1036 137.11 -43.46 36.19
N GLY FA 1037 136.60 -44.14 37.22
CA GLY FA 1037 136.84 -45.57 37.32
C GLY FA 1037 136.18 -46.35 36.20
N HIS FA 1038 134.93 -46.00 35.87
CA HIS FA 1038 134.24 -46.61 34.73
C HIS FA 1038 134.99 -46.34 33.44
N ALA FA 1039 135.43 -45.09 33.24
CA ALA FA 1039 136.17 -44.76 32.03
C ALA FA 1039 137.48 -45.52 31.95
N LEU FA 1040 138.19 -45.63 33.09
CA LEU FA 1040 139.46 -46.34 33.13
C LEU FA 1040 139.30 -47.83 32.83
N ILE FA 1041 138.29 -48.48 33.43
CA ILE FA 1041 138.12 -49.91 33.17
C ILE FA 1041 137.66 -50.15 31.74
N ALA FA 1042 136.81 -49.27 31.20
CA ALA FA 1042 136.39 -49.43 29.81
C ALA FA 1042 137.56 -49.28 28.84
N VAL FA 1043 138.35 -48.21 28.99
CA VAL FA 1043 139.46 -48.01 28.08
C VAL FA 1043 140.55 -49.06 28.32
N ALA FA 1044 140.68 -49.57 29.55
CA ALA FA 1044 141.67 -50.60 29.83
C ALA FA 1044 141.32 -51.90 29.13
N THR FA 1045 140.04 -52.31 29.20
CA THR FA 1045 139.62 -53.50 28.47
C THR FA 1045 139.76 -53.30 26.96
N SER FA 1046 139.40 -52.11 26.47
CA SER FA 1046 139.51 -51.84 25.04
C SER FA 1046 140.96 -51.92 24.56
N VAL FA 1047 141.88 -51.31 25.29
CA VAL FA 1047 143.28 -51.33 24.86
C VAL FA 1047 143.90 -52.70 25.10
N VAL FA 1048 143.41 -53.46 26.08
CA VAL FA 1048 143.93 -54.83 26.27
C VAL FA 1048 143.55 -55.69 25.07
N LEU FA 1049 142.29 -55.59 24.63
CA LEU FA 1049 141.88 -56.30 23.42
C LEU FA 1049 142.65 -55.82 22.20
N GLY FA 1050 142.84 -54.50 22.08
CA GLY FA 1050 143.56 -53.95 20.95
C GLY FA 1050 145.01 -54.41 20.91
N VAL FA 1051 145.69 -54.37 22.05
CA VAL FA 1051 147.07 -54.82 22.04
C VAL FA 1051 147.15 -56.32 21.79
N LEU FA 1052 146.23 -57.12 22.35
CA LEU FA 1052 146.27 -58.57 22.11
C LEU FA 1052 146.12 -58.89 20.64
N ILE FA 1053 145.14 -58.25 19.98
CA ILE FA 1053 144.93 -58.44 18.55
C ILE FA 1053 146.16 -57.98 17.77
N PHE FA 1054 146.76 -56.86 18.18
CA PHE FA 1054 147.92 -56.34 17.45
C PHE FA 1054 149.18 -57.17 17.66
N ILE FA 1055 149.37 -57.77 18.84
CA ILE FA 1055 150.48 -58.69 19.05
C ILE FA 1055 150.32 -59.95 18.18
N ALA FA 1056 149.11 -60.51 18.12
CA ALA FA 1056 148.91 -61.67 17.24
C ALA FA 1056 149.14 -61.29 15.79
N PHE FA 1057 148.74 -60.08 15.45
CA PHE FA 1057 148.84 -59.48 14.13
C PHE FA 1057 150.29 -59.37 13.68
N VAL FA 1058 151.11 -58.74 14.54
CA VAL FA 1058 152.54 -58.55 14.29
C VAL FA 1058 153.26 -59.88 14.26
N PHE FA 1059 152.90 -60.80 15.17
CA PHE FA 1059 153.51 -62.12 15.19
C PHE FA 1059 153.26 -62.87 13.90
N GLN FA 1060 152.02 -62.84 13.41
CA GLN FA 1060 151.68 -63.53 12.17
C GLN FA 1060 152.41 -62.91 10.98
N LEU FA 1061 152.43 -61.58 10.90
CA LEU FA 1061 153.15 -60.92 9.79
C LEU FA 1061 154.64 -61.19 9.82
N ARG FA 1062 155.27 -61.11 10.98
CA ARG FA 1062 156.70 -61.31 11.06
C ARG FA 1062 157.07 -62.76 10.80
N ASN FA 1063 156.22 -63.71 11.21
CA ASN FA 1063 156.49 -65.11 10.93
C ASN FA 1063 156.23 -65.48 9.48
N ILE FA 1064 155.33 -64.77 8.79
CA ILE FA 1064 155.19 -64.95 7.35
C ILE FA 1064 156.47 -64.53 6.63
N HIS FA 1065 157.04 -63.40 7.03
CA HIS FA 1065 158.30 -62.92 6.47
C HIS FA 1065 159.46 -63.84 6.83
N HIS GA 1 68.47 1.77 87.17
CA HIS GA 1 69.93 1.71 87.18
C HIS GA 1 70.53 2.06 85.81
N CYS GA 2 71.08 1.05 85.13
CA CYS GA 2 71.85 1.25 83.92
C CYS GA 2 70.99 1.01 82.69
N THR GA 3 70.92 2.00 81.81
CA THR GA 3 70.14 1.93 80.58
C THR GA 3 71.03 2.28 79.41
N TRP GA 4 70.57 1.94 78.21
CA TRP GA 4 71.25 2.32 76.99
C TRP GA 4 70.81 3.70 76.55
N LEU GA 5 71.27 4.10 75.35
CA LEU GA 5 70.90 5.38 74.78
C LEU GA 5 71.21 5.35 73.30
N LEU GA 6 70.23 5.69 72.46
CA LEU GA 6 70.41 5.66 71.01
C LEU GA 6 70.01 7.00 70.43
N VAL GA 7 70.90 7.60 69.65
CA VAL GA 7 70.60 8.77 68.84
C VAL GA 7 71.24 8.58 67.47
N LEU GA 8 70.45 8.81 66.42
CA LEU GA 8 70.95 8.66 65.06
C LEU GA 8 71.88 9.82 64.68
N ASN GA 9 72.82 9.53 63.79
CA ASN GA 9 73.92 10.45 63.49
C ASN GA 9 74.06 10.67 61.99
N LYS GA 10 74.45 11.88 61.61
CA LYS GA 10 74.78 12.19 60.23
C LYS GA 10 76.21 11.76 59.94
N PHE GA 11 76.38 10.89 58.95
CA PHE GA 11 77.64 10.14 58.82
C PHE GA 11 78.83 11.01 58.45
N GLU GA 12 78.62 12.21 57.91
CA GLU GA 12 79.74 13.12 57.68
C GLU GA 12 80.23 13.77 58.97
N LYS GA 13 79.49 13.62 60.06
CA LYS GA 13 79.72 14.29 61.33
C LYS GA 13 79.80 13.28 62.46
N VAL GA 14 80.67 12.27 62.27
CA VAL GA 14 80.73 11.13 63.18
C VAL GA 14 81.10 11.57 64.60
N GLY GA 15 82.08 12.46 64.73
CA GLY GA 15 82.57 12.81 66.05
C GLY GA 15 82.14 14.18 66.54
N LEU GA 16 82.17 15.17 65.64
CA LEU GA 16 81.89 16.54 66.04
C LEU GA 16 80.42 16.76 66.37
N HIS GA 17 79.53 15.91 65.89
CA HIS GA 17 78.10 16.05 66.12
C HIS GA 17 77.65 14.92 67.05
N LEU GA 18 77.12 15.29 68.21
CA LEU GA 18 76.56 14.34 69.15
C LEU GA 18 75.07 14.54 69.36
N SER GA 19 74.47 15.54 68.72
CA SER GA 19 73.07 15.88 68.94
C SER GA 19 72.18 14.98 68.09
N LYS GA 20 70.90 15.33 67.99
CA LYS GA 20 69.88 14.47 67.39
C LYS GA 20 69.80 14.74 65.90
N ASP GA 21 70.26 13.78 65.10
CA ASP GA 21 70.09 13.82 63.66
C ASP GA 21 68.83 13.07 63.29
N ARG GA 22 68.09 13.61 62.31
CA ARG GA 22 66.81 13.05 61.91
C ARG GA 22 66.98 12.18 60.66
N PHE GA 23 66.06 11.22 60.51
CA PHE GA 23 66.04 10.32 59.36
C PHE GA 23 65.38 11.05 58.20
N GLN GA 24 66.19 11.58 57.28
CA GLN GA 24 65.68 12.37 56.17
C GLN GA 24 65.92 11.68 54.82
N ASP GA 25 67.17 11.39 54.50
CA ASP GA 25 67.50 10.83 53.19
C ASP GA 25 67.31 9.32 53.20
N HIS GA 26 66.75 8.79 52.12
CA HIS GA 26 66.50 7.36 52.00
C HIS GA 26 67.10 6.83 50.71
N GLU GA 27 68.34 7.24 50.45
CA GLU GA 27 69.09 6.78 49.29
C GLU GA 27 70.51 6.54 49.75
N PRO GA 28 71.12 5.44 49.35
CA PRO GA 28 72.51 5.18 49.73
C PRO GA 28 73.50 5.67 48.69
N ILE GA 29 74.53 6.41 49.12
CA ILE GA 29 75.51 7.01 48.22
C ILE GA 29 76.71 6.08 48.03
N ASP GA 30 77.54 6.37 47.02
CA ASP GA 30 78.62 5.50 46.58
C ASP GA 30 80.01 6.10 46.83
N THR GA 31 80.19 6.80 47.94
CA THR GA 31 81.45 7.49 48.22
C THR GA 31 82.37 6.65 49.11
N VAL GA 32 82.57 5.38 48.77
CA VAL GA 32 83.32 4.50 49.66
C VAL GA 32 84.37 3.72 48.86
N ALA GA 33 84.22 3.71 47.53
CA ALA GA 33 85.15 2.94 46.69
C ALA GA 33 86.58 3.44 46.83
N LYS GA 34 86.74 4.74 47.06
CA LYS GA 34 88.08 5.31 47.25
C LYS GA 34 88.77 4.78 48.50
N VAL GA 35 88.02 4.32 49.50
CA VAL GA 35 88.64 3.68 50.65
C VAL GA 35 88.63 2.16 50.51
N PHE GA 36 87.78 1.62 49.63
CA PHE GA 36 87.80 0.18 49.38
C PHE GA 36 89.01 -0.24 48.56
N GLN GA 37 89.47 0.58 47.63
CA GLN GA 37 90.66 0.19 46.88
C GLN GA 37 91.95 0.35 47.67
N LYS GA 38 91.88 0.81 48.92
CA LYS GA 38 93.08 0.98 49.73
C LYS GA 38 93.66 -0.34 50.23
N LEU GA 39 92.84 -1.38 50.39
CA LEU GA 39 93.34 -2.66 50.87
C LEU GA 39 94.24 -3.31 49.82
N THR GA 40 95.30 -3.95 50.27
CA THR GA 40 96.22 -4.66 49.40
C THR GA 40 96.20 -6.17 49.63
N ASP GA 41 96.50 -6.61 50.85
CA ASP GA 41 96.48 -8.03 51.19
C ASP GA 41 95.19 -8.39 51.94
N SER GA 42 94.07 -8.27 51.24
CA SER GA 42 92.78 -8.64 51.80
C SER GA 42 92.00 -9.49 50.81
N PRO GA 43 91.19 -10.44 51.29
CA PRO GA 43 90.36 -11.26 50.37
C PRO GA 43 89.13 -10.50 49.87
N ILE GA 44 89.36 -9.50 49.04
CA ILE GA 44 88.29 -8.66 48.49
C ILE GA 44 88.43 -8.63 46.98
N ASP GA 45 87.36 -9.00 46.28
CA ASP GA 45 87.38 -9.00 44.83
C ASP GA 45 87.30 -7.57 44.29
N PRO GA 46 88.22 -7.17 43.40
CA PRO GA 46 88.16 -5.82 42.83
C PRO GA 46 87.14 -5.66 41.71
N SER GA 47 86.55 -6.75 41.22
CA SER GA 47 85.63 -6.66 40.09
C SER GA 47 84.32 -5.99 40.48
N GLU GA 48 83.81 -6.29 41.68
CA GLU GA 48 82.51 -5.80 42.10
C GLU GA 48 82.60 -4.36 42.59
N ASN GA 49 81.46 -3.82 43.01
CA ASN GA 49 81.36 -2.46 43.51
C ASN GA 49 80.43 -2.44 44.72
N TYR GA 50 80.76 -1.59 45.68
CA TYR GA 50 79.97 -1.46 46.89
C TYR GA 50 79.68 0.01 47.16
N LEU GA 51 78.69 0.27 48.03
CA LEU GA 51 78.19 1.62 48.24
C LEU GA 51 77.43 1.68 49.56
N SER GA 52 77.72 2.70 50.36
CA SER GA 52 77.25 2.73 51.74
C SER GA 52 75.89 3.41 51.87
N PHE GA 53 75.22 3.10 52.96
CA PHE GA 53 74.03 3.80 53.38
C PHE GA 53 74.39 5.14 54.01
N PRO GA 54 73.44 6.06 54.08
CA PRO GA 54 73.62 7.24 54.94
C PRO GA 54 73.29 6.88 56.38
N TYR GA 55 73.66 7.82 57.27
CA TYR GA 55 73.35 7.80 58.70
C TYR GA 55 74.07 6.71 59.49
N TYR GA 56 74.32 7.00 60.76
CA TYR GA 56 75.04 6.13 61.67
C TYR GA 56 74.22 5.95 62.94
N LEU GA 57 74.48 4.86 63.65
CA LEU GA 57 73.91 4.63 64.96
C LEU GA 57 74.95 4.90 66.04
N GLN GA 58 74.55 5.66 67.06
CA GLN GA 58 75.41 6.04 68.17
C GLN GA 58 74.88 5.38 69.43
N ILE GA 59 75.77 4.79 70.21
CA ILE GA 59 75.40 4.04 71.40
C ILE GA 59 76.32 4.44 72.55
N ASN GA 60 75.71 4.80 73.68
CA ASN GA 60 76.43 4.89 74.93
C ASN GA 60 75.43 4.63 76.05
N PHE GA 61 75.93 4.31 77.24
CA PHE GA 61 75.07 3.85 78.30
C PHE GA 61 75.31 4.64 79.58
N SER GA 62 74.21 4.84 80.33
CA SER GA 62 74.18 5.74 81.48
C SER GA 62 73.76 4.98 82.73
N CYS GA 63 74.47 5.24 83.82
CA CYS GA 63 74.10 4.80 85.15
C CYS GA 63 74.17 5.99 86.10
N PRO GA 64 73.24 6.09 87.05
CA PRO GA 64 73.22 7.28 87.91
C PRO GA 64 74.40 7.31 88.86
N GLY GA 65 74.75 8.53 89.27
CA GLY GA 65 75.82 8.77 90.21
C GLY GA 65 77.15 9.10 89.58
N GLN GA 66 77.34 8.75 88.30
CA GLN GA 66 78.58 9.05 87.60
C GLN GA 66 78.26 9.78 86.30
N ASN GA 67 79.26 9.94 85.44
CA ASN GA 67 79.06 10.55 84.14
C ASN GA 67 79.11 9.49 83.04
N ILE GA 68 78.35 9.78 81.97
CA ILE GA 68 78.20 8.84 80.86
C ILE GA 68 79.55 8.51 80.24
N GLU GA 69 80.41 9.52 80.09
CA GLU GA 69 81.70 9.29 79.46
C GLU GA 69 82.58 8.38 80.31
N GLU GA 70 82.61 8.59 81.62
CA GLU GA 70 83.40 7.70 82.47
C GLU GA 70 82.83 6.29 82.45
N LEU GA 71 81.51 6.15 82.37
CA LEU GA 71 80.93 4.82 82.24
C LEU GA 71 81.34 4.15 80.94
N ALA GA 72 81.36 4.91 79.83
CA ALA GA 72 81.75 4.32 78.55
C ALA GA 72 83.23 3.95 78.54
N ARG GA 73 84.07 4.77 79.15
CA ARG GA 73 85.48 4.47 79.29
C ARG GA 73 85.70 3.19 80.08
N LYS GA 74 84.98 3.07 81.20
CA LYS GA 74 85.04 1.85 81.99
C LYS GA 74 84.56 0.66 81.19
N GLY GA 75 83.50 0.85 80.41
CA GLY GA 75 82.94 -0.25 79.64
C GLY GA 75 83.91 -0.79 78.60
N HIS GA 76 84.54 0.10 77.84
CA HIS GA 76 85.48 -0.41 76.84
C HIS GA 76 86.76 -0.93 77.49
N LEU GA 77 87.24 -0.27 78.54
CA LEU GA 77 88.44 -0.73 79.21
C LEU GA 77 88.22 -2.06 79.91
N MET GA 78 86.97 -2.43 80.16
CA MET GA 78 86.62 -3.76 80.65
C MET GA 78 86.33 -4.74 79.52
N GLY GA 79 85.81 -4.27 78.39
CA GLY GA 79 85.52 -5.12 77.27
C GLY GA 79 84.10 -5.04 76.72
N MET GA 80 83.37 -3.96 77.00
CA MET GA 80 82.02 -3.80 76.49
C MET GA 80 81.96 -3.92 74.97
N LYS GA 81 80.98 -4.67 74.48
CA LYS GA 81 80.62 -4.65 73.07
C LYS GA 81 79.10 -4.64 73.01
N PRO GA 82 78.50 -3.65 72.38
CA PRO GA 82 77.04 -3.65 72.23
C PRO GA 82 76.61 -4.51 71.04
N MET GA 83 75.83 -5.54 71.33
CA MET GA 83 75.21 -6.37 70.31
C MET GA 83 73.91 -5.71 69.88
N VAL GA 84 73.78 -5.43 68.59
CA VAL GA 84 72.56 -4.86 68.04
C VAL GA 84 71.98 -5.87 67.06
N GLN GA 85 70.67 -6.10 67.16
CA GLN GA 85 69.97 -6.98 66.23
C GLN GA 85 68.72 -6.25 65.75
N ILE GA 86 68.59 -6.11 64.44
CA ILE GA 86 67.53 -5.31 63.84
C ILE GA 86 66.63 -6.26 63.06
N ASN GA 87 65.34 -6.20 63.34
CA ASN GA 87 64.37 -7.02 62.64
C ASN GA 87 63.42 -6.12 61.86
N TYR GA 88 63.07 -6.54 60.65
CA TYR GA 88 62.30 -5.73 59.72
C TYR GA 88 60.90 -6.28 59.55
N MET GA 89 59.91 -5.40 59.62
CA MET GA 89 58.53 -5.77 59.39
C MET GA 89 58.10 -5.35 58.00
N TYR GA 90 57.56 -6.29 57.25
CA TYR GA 90 57.13 -6.04 55.87
C TYR GA 90 55.96 -5.06 55.84
N SER GA 91 55.91 -4.27 54.78
CA SER GA 91 54.84 -3.29 54.61
C SER GA 91 53.52 -4.00 54.30
N VAL GA 92 52.43 -3.25 54.42
CA VAL GA 92 51.09 -3.81 54.36
C VAL GA 92 50.74 -4.45 53.03
N ASN GA 93 51.51 -4.19 51.97
CA ASN GA 93 51.19 -4.75 50.67
C ASN GA 93 51.77 -6.15 50.50
N PHE GA 94 51.06 -6.98 49.75
CA PHE GA 94 51.56 -8.26 49.31
C PHE GA 94 51.49 -8.44 47.80
N TYR GA 95 50.89 -7.49 47.08
CA TYR GA 95 50.84 -7.57 45.61
C TYR GA 95 52.16 -7.16 44.99
N ARG GA 96 52.66 -5.96 45.32
CA ARG GA 96 53.89 -5.45 44.74
C ARG GA 96 55.11 -5.68 45.61
N TRP GA 97 54.97 -6.38 46.73
CA TRP GA 97 56.09 -6.78 47.55
C TRP GA 97 55.79 -8.16 48.14
N GLU GA 98 56.71 -8.64 48.97
CA GLU GA 98 56.53 -9.88 49.71
C GLU GA 98 56.34 -9.57 51.19
N MET GA 99 56.22 -10.61 51.98
CA MET GA 99 56.09 -10.51 53.43
C MET GA 99 57.35 -10.92 54.17
N GLU GA 100 58.47 -11.08 53.44
CA GLU GA 100 59.68 -11.69 53.98
C GLU GA 100 60.22 -10.90 55.16
N ASN GA 101 60.50 -11.60 56.25
CA ASN GA 101 61.01 -11.00 57.48
C ASN GA 101 62.49 -11.32 57.62
N VAL GA 102 63.31 -10.28 57.71
CA VAL GA 102 64.76 -10.42 57.76
C VAL GA 102 65.29 -9.63 58.95
N GLN GA 103 66.35 -10.16 59.55
CA GLN GA 103 67.02 -9.54 60.68
C GLN GA 103 68.52 -9.59 60.47
N ILE GA 104 69.19 -8.53 60.93
CA ILE GA 104 70.64 -8.40 60.82
C ILE GA 104 71.21 -8.24 62.22
N LEU GA 105 72.25 -8.99 62.52
CA LEU GA 105 72.95 -8.90 63.79
C LEU GA 105 74.31 -8.28 63.55
N MET GA 106 74.67 -7.30 64.37
CA MET GA 106 75.95 -6.62 64.26
C MET GA 106 76.50 -6.36 65.66
N GLU GA 107 77.82 -6.21 65.72
CA GLU GA 107 78.50 -5.74 66.92
C GLU GA 107 78.94 -4.31 66.67
N ALA GA 108 78.83 -3.47 67.70
CA ALA GA 108 79.16 -2.06 67.52
C ALA GA 108 80.68 -1.87 67.41
N ALA GA 109 81.12 -0.62 67.32
CA ALA GA 109 82.54 -0.31 67.18
C ALA GA 109 82.87 0.91 68.01
N PRO GA 110 84.10 0.99 68.55
CA PRO GA 110 84.51 2.19 69.26
C PRO GA 110 85.19 3.20 68.35
N MET GA 111 84.83 4.47 68.52
CA MET GA 111 85.42 5.57 67.77
C MET GA 111 85.64 6.71 68.74
N ARG GA 112 86.83 7.29 68.72
CA ARG GA 112 87.20 8.37 69.63
C ARG GA 112 86.71 9.69 69.06
N SER GA 113 85.69 10.26 69.68
CA SER GA 113 85.09 11.50 69.17
C SER GA 113 86.12 12.61 69.13
N THR GA 114 86.19 13.31 68.00
CA THR GA 114 87.31 14.19 67.71
C THR GA 114 87.14 15.54 68.41
N GLY GA 115 88.20 15.98 69.05
CA GLY GA 115 88.19 17.25 69.75
C GLY GA 115 89.58 17.65 70.17
N TYR GA 116 89.63 18.61 71.11
CA TYR GA 116 90.92 19.06 71.62
C TYR GA 116 91.62 17.95 72.40
N CYS GA 117 90.89 17.28 73.29
CA CYS GA 117 91.33 16.11 74.04
C CYS GA 117 92.64 16.33 74.79
N PRO GA 118 92.61 17.04 75.92
CA PRO GA 118 93.86 17.24 76.71
C PRO GA 118 94.50 15.96 77.19
N ALA GA 119 93.74 14.88 77.33
CA ALA GA 119 94.31 13.60 77.72
C ALA GA 119 95.09 12.99 76.55
N GLU GA 120 95.88 11.96 76.87
CA GLU GA 120 96.75 11.37 75.86
C GLU GA 120 96.00 10.36 74.98
N ALA GA 121 95.51 9.27 75.59
CA ALA GA 121 94.97 8.16 74.82
C ALA GA 121 93.46 8.03 74.97
N MET GA 122 92.96 7.87 76.17
CA MET GA 122 91.52 7.73 76.37
C MET GA 122 90.90 9.10 76.57
N CYS GA 123 89.69 9.26 76.06
CA CYS GA 123 89.08 10.58 75.92
C CYS GA 123 87.58 10.37 75.86
N VAL GA 124 86.85 11.38 75.39
CA VAL GA 124 85.43 11.19 75.11
C VAL GA 124 85.26 10.11 74.05
N LEU GA 125 84.23 9.28 74.21
CA LEU GA 125 84.16 8.03 73.46
C LEU GA 125 82.70 7.58 73.39
N ASN GA 126 82.31 7.09 72.21
CA ASN GA 126 80.94 6.65 71.98
C ASN GA 126 80.95 5.53 70.95
N TRP GA 127 80.20 4.47 71.22
CA TRP GA 127 80.11 3.36 70.30
C TRP GA 127 79.37 3.77 69.03
N TYR GA 128 79.79 3.22 67.89
CA TYR GA 128 79.12 3.50 66.62
C TYR GA 128 78.84 2.20 65.88
N THR GA 129 77.82 2.28 65.02
CA THR GA 129 77.21 1.13 64.38
C THR GA 129 76.68 1.56 63.02
N PRO GA 130 76.76 0.70 62.01
CA PRO GA 130 76.10 1.01 60.73
C PRO GA 130 74.59 1.00 60.86
N MET GA 131 73.93 1.49 59.81
CA MET GA 131 72.47 1.48 59.73
C MET GA 131 72.07 1.06 58.31
N PRO GA 132 71.75 -0.21 58.11
CA PRO GA 132 71.16 -0.63 56.84
C PRO GA 132 69.64 -0.56 56.90
N PHE GA 133 69.05 -0.39 55.72
CA PHE GA 133 67.60 -0.39 55.60
C PHE GA 133 67.24 -0.86 54.20
N LYS GA 134 66.50 -1.97 54.12
CA LYS GA 134 66.25 -2.64 52.86
C LYS GA 134 65.11 -1.98 52.11
N ASN GA 135 64.86 -2.47 50.89
CA ASN GA 135 63.78 -1.98 50.06
C ASN GA 135 62.52 -2.80 50.31
N GLY GA 136 61.43 -2.11 50.62
CA GLY GA 136 60.14 -2.74 50.80
C GLY GA 136 59.58 -2.73 52.21
N SER GA 137 60.11 -1.90 53.11
CA SER GA 137 59.67 -1.90 54.49
C SER GA 137 60.00 -0.56 55.12
N VAL GA 138 59.35 -0.27 56.23
CA VAL GA 138 59.69 0.91 57.00
C VAL GA 138 59.98 0.56 58.46
N VAL GA 139 59.34 -0.49 58.97
CA VAL GA 139 59.32 -0.73 60.40
C VAL GA 139 60.56 -1.52 60.77
N SER GA 140 61.43 -0.89 61.57
CA SER GA 140 62.72 -1.44 61.94
C SER GA 140 62.81 -1.46 63.46
N SER GA 141 62.65 -2.64 64.06
CA SER GA 141 62.81 -2.77 65.50
C SER GA 141 64.26 -3.12 65.78
N VAL GA 142 64.95 -2.22 66.48
CA VAL GA 142 66.35 -2.41 66.81
C VAL GA 142 66.41 -2.89 68.26
N ASP GA 143 67.29 -3.85 68.53
CA ASP GA 143 67.42 -4.45 69.85
C ASP GA 143 68.88 -4.31 70.27
N ILE GA 144 69.12 -3.67 71.40
CA ILE GA 144 70.46 -3.50 71.93
C ILE GA 144 70.58 -4.29 73.23
N TYR GA 145 71.63 -5.10 73.32
CA TYR GA 145 71.90 -5.87 74.52
C TYR GA 145 73.40 -6.12 74.62
N THR GA 146 73.86 -6.42 75.83
CA THR GA 146 75.28 -6.47 76.09
C THR GA 146 75.94 -7.68 75.44
N ASN GA 147 77.25 -7.58 75.25
CA ASN GA 147 78.03 -8.74 74.81
C ASN GA 147 77.98 -9.84 75.86
N GLY GA 148 78.02 -9.45 77.13
CA GLY GA 148 77.93 -10.38 78.23
C GLY GA 148 78.93 -10.05 79.31
N ILE GA 149 79.79 -9.06 79.05
CA ILE GA 149 80.95 -8.84 79.89
C ILE GA 149 80.93 -7.38 80.33
N GLY GA 150 81.58 -7.11 81.46
CA GLY GA 150 81.57 -5.78 82.02
C GLY GA 150 80.42 -5.57 82.96
N PRO GA 151 80.16 -4.31 83.36
CA PRO GA 151 78.99 -4.04 84.20
C PRO GA 151 77.69 -4.34 83.47
N PHE GA 152 76.68 -4.71 84.24
CA PHE GA 152 75.41 -5.08 83.64
C PHE GA 152 74.73 -3.88 83.02
N VAL GA 153 74.18 -4.09 81.83
CA VAL GA 153 73.30 -3.17 81.14
C VAL GA 153 72.12 -3.95 80.58
N SER GA 154 70.94 -3.34 80.67
CA SER GA 154 69.71 -4.06 80.36
C SER GA 154 69.53 -4.18 78.85
N LYS GA 155 68.42 -4.76 78.43
CA LYS GA 155 68.10 -4.95 77.02
C LYS GA 155 67.03 -3.95 76.63
N LYS GA 156 67.22 -3.28 75.49
CA LYS GA 156 66.26 -2.27 75.08
C LYS GA 156 65.90 -2.43 73.60
N ARG GA 157 64.72 -1.92 73.25
CA ARG GA 157 64.21 -1.91 71.90
C ARG GA 157 63.89 -0.49 71.48
N PHE GA 158 64.27 -0.13 70.26
CA PHE GA 158 63.97 1.19 69.72
C PHE GA 158 63.44 1.05 68.30
N TYR GA 159 62.85 2.15 67.80
CA TYR GA 159 62.30 2.21 66.45
C TYR GA 159 62.75 3.52 65.81
N VAL GA 160 63.75 3.45 64.93
CA VAL GA 160 64.07 4.57 64.06
C VAL GA 160 63.71 4.17 62.64
N ASN GA 161 62.48 4.47 62.23
CA ASN GA 161 62.00 3.76 61.04
C ASN GA 161 62.15 4.51 59.73
N MET GA 162 61.25 5.47 59.45
CA MET GA 162 61.24 6.06 58.12
C MET GA 162 60.60 7.45 58.15
N ASN GA 163 61.10 8.37 58.97
CA ASN GA 163 60.52 9.71 58.99
C ASN GA 163 60.57 10.32 57.59
N GLY GA 164 59.40 10.51 56.98
CA GLY GA 164 59.34 10.85 55.57
C GLY GA 164 58.48 12.06 55.24
N PHE GA 165 58.51 13.07 56.11
CA PHE GA 165 57.86 14.34 55.83
C PHE GA 165 58.89 15.43 55.57
N LEU GA 166 60.13 15.05 55.34
CA LEU GA 166 61.26 15.96 55.44
C LEU GA 166 61.62 16.52 54.07
N LYS GA 167 61.66 17.84 53.97
CA LYS GA 167 62.05 18.54 52.76
C LYS GA 167 63.30 19.37 53.04
N ARG GA 168 64.06 19.63 51.97
CA ARG GA 168 65.30 20.39 52.05
C ARG GA 168 65.12 21.70 51.30
N ASP GA 169 65.54 22.80 51.92
CA ASP GA 169 65.47 24.11 51.30
C ASP GA 169 66.78 24.40 50.58
N ALA GA 170 66.95 25.66 50.15
CA ALA GA 170 68.18 26.05 49.45
C ALA GA 170 69.39 26.04 50.38
N SER GA 171 69.20 26.41 51.66
CA SER GA 171 70.32 26.42 52.59
C SER GA 171 70.74 25.01 52.98
N GLY GA 172 69.82 24.05 52.94
CA GLY GA 172 70.15 22.68 53.24
C GLY GA 172 69.94 22.26 54.68
N LYS GA 173 68.73 22.48 55.20
CA LYS GA 173 68.39 22.04 56.54
C LYS GA 173 66.96 21.50 56.55
N SER GA 174 66.68 20.65 57.54
CA SER GA 174 65.44 19.88 57.56
C SER GA 174 64.24 20.78 57.81
N LEU GA 175 63.14 20.48 57.11
CA LEU GA 175 61.88 21.20 57.25
C LEU GA 175 60.72 20.22 57.08
N PHE GA 176 59.77 20.27 57.99
CA PHE GA 176 58.58 19.44 57.88
C PHE GA 176 57.69 19.98 56.78
N ALA GA 177 57.25 19.09 55.89
CA ALA GA 177 56.32 19.48 54.85
C ALA GA 177 54.90 19.68 55.36
N ILE GA 178 54.62 19.23 56.58
CA ILE GA 178 53.30 19.42 57.17
C ILE GA 178 53.20 20.78 57.84
N GLY GA 179 54.26 21.21 58.50
CA GLY GA 179 54.22 22.49 59.17
C GLY GA 179 55.58 22.94 59.65
N TYR GA 180 55.56 23.87 60.60
CA TYR GA 180 56.76 24.55 61.09
C TYR GA 180 56.82 24.42 62.60
N GLU GA 181 58.03 24.40 63.14
CA GLU GA 181 58.24 24.37 64.58
C GLU GA 181 58.25 25.81 65.08
N SER GA 182 57.20 26.20 65.81
CA SER GA 182 57.06 27.60 66.21
C SER GA 182 56.50 27.79 67.61
N LEU GA 183 56.47 26.77 68.46
CA LEU GA 183 55.89 26.91 69.79
C LEU GA 183 56.82 26.33 70.85
N VAL GA 184 56.43 26.56 72.10
CA VAL GA 184 57.20 26.17 73.28
C VAL GA 184 56.34 25.22 74.12
N LEU GA 185 56.96 24.16 74.63
CA LEU GA 185 56.24 23.17 75.42
C LEU GA 185 55.86 23.75 76.77
N LYS GA 186 54.85 24.62 76.78
CA LYS GA 186 54.40 25.22 78.03
C LYS GA 186 53.61 24.20 78.85
N SER GA 187 53.99 24.07 80.11
CA SER GA 187 53.33 23.15 81.03
C SER GA 187 51.86 23.49 81.25
N SER GA 188 51.45 24.72 80.97
CA SER GA 188 50.06 25.11 81.16
C SER GA 188 49.11 24.44 80.17
N HIS GA 189 49.64 23.92 79.06
CA HIS GA 189 48.79 23.52 77.95
C HIS GA 189 47.91 22.32 78.28
N PHE GA 190 48.41 21.40 79.11
CA PHE GA 190 47.65 20.21 79.45
C PHE GA 190 47.76 19.91 80.94
N ARG GA 191 47.62 20.94 81.77
CA ARG GA 191 47.60 20.74 83.21
C ARG GA 191 46.22 20.40 83.74
N LEU GA 192 45.20 20.46 82.90
CA LEU GA 192 43.85 20.08 83.27
C LEU GA 192 43.16 19.19 82.25
N SER GA 193 43.77 18.97 81.08
CA SER GA 193 43.12 18.22 80.03
C SER GA 193 43.07 16.73 80.35
N LYS GA 194 42.09 16.05 79.78
CA LYS GA 194 41.86 14.63 79.97
C LYS GA 194 42.90 13.81 79.20
N SER GA 195 42.77 12.49 79.28
CA SER GA 195 43.66 11.60 78.56
C SER GA 195 43.08 11.28 77.19
N ARG GA 196 43.89 11.46 76.15
CA ARG GA 196 43.46 11.29 74.79
C ARG GA 196 44.19 10.12 74.15
N PRO GA 197 43.48 9.23 73.47
CA PRO GA 197 44.13 8.04 72.92
C PRO GA 197 45.01 8.31 71.71
N LEU GA 198 45.53 7.24 71.11
CA LEU GA 198 46.54 7.33 70.08
C LEU GA 198 46.27 6.23 69.05
N TRP GA 199 45.86 6.62 67.85
CA TRP GA 199 45.36 5.68 66.87
C TRP GA 199 46.35 5.56 65.72
N TYR GA 200 46.53 4.34 65.25
CA TYR GA 200 47.47 3.99 64.18
C TYR GA 200 47.21 2.52 63.86
N THR GA 201 47.93 2.00 62.87
CA THR GA 201 47.78 0.58 62.54
C THR GA 201 48.36 -0.29 63.65
N VAL GA 202 48.17 -1.60 63.54
CA VAL GA 202 48.50 -2.49 64.63
C VAL GA 202 50.01 -2.48 64.91
N ASN GA 203 50.82 -2.58 63.86
CA ASN GA 203 52.26 -2.48 64.04
C ASN GA 203 52.98 -1.69 62.94
N HIS GA 204 52.35 -1.42 61.81
CA HIS GA 204 53.04 -0.97 60.61
C HIS GA 204 53.11 0.54 60.47
N ALA GA 205 52.68 1.30 61.46
CA ALA GA 205 52.72 2.75 61.35
C ALA GA 205 54.15 3.24 61.58
N PRO GA 206 54.77 3.90 60.59
CA PRO GA 206 56.14 4.38 60.78
C PRO GA 206 56.24 5.68 61.54
N VAL GA 207 55.12 6.35 61.80
CA VAL GA 207 55.09 7.61 62.52
C VAL GA 207 53.98 7.55 63.56
N PHE GA 208 53.79 8.67 64.27
CA PHE GA 208 52.77 8.80 65.28
C PHE GA 208 52.28 10.23 65.28
N ILE GA 209 50.98 10.42 65.50
CA ILE GA 209 50.36 11.75 65.51
C ILE GA 209 49.39 11.81 66.68
N LEU GA 210 49.49 12.87 67.48
CA LEU GA 210 48.59 13.06 68.61
C LEU GA 210 48.36 14.54 68.84
N GLY GA 211 47.09 14.93 68.95
CA GLY GA 211 46.72 16.30 69.22
C GLY GA 211 45.87 16.44 70.47
N GLY GA 212 44.66 16.95 70.30
CA GLY GA 212 43.71 17.10 71.40
C GLY GA 212 44.09 18.13 72.44
N PHE GA 213 44.65 19.26 72.00
CA PHE GA 213 45.09 20.31 72.93
C PHE GA 213 43.88 21.13 73.37
N TYR GA 214 44.14 22.28 74.01
CA TYR GA 214 43.03 23.13 74.44
C TYR GA 214 42.43 23.88 73.26
N ASP GA 215 43.22 24.71 72.58
CA ASP GA 215 42.74 25.45 71.43
C ASP GA 215 43.72 25.52 70.28
N GLU GA 216 44.94 25.03 70.44
CA GLU GA 216 45.98 25.23 69.46
C GLU GA 216 46.00 24.08 68.46
N LYS GA 217 46.15 24.43 67.18
CA LYS GA 217 46.24 23.41 66.11
C LYS GA 217 47.65 22.83 66.05
N SER GA 218 48.10 22.32 67.19
CA SER GA 218 49.41 21.72 67.32
C SER GA 218 49.27 20.23 67.59
N ILE GA 219 50.15 19.46 67.00
CA ILE GA 219 50.21 18.02 67.19
C ILE GA 219 51.54 17.68 67.83
N LEU GA 220 51.68 16.42 68.21
CA LEU GA 220 52.91 15.93 68.82
C LEU GA 220 53.50 14.83 67.97
N PHE GA 221 53.61 15.08 66.67
CA PHE GA 221 54.16 14.10 65.74
C PHE GA 221 55.58 13.72 66.14
N SER GA 222 55.84 12.42 66.19
CA SER GA 222 57.15 11.93 66.58
C SER GA 222 57.36 10.54 66.03
N ASP GA 223 58.61 10.24 65.70
CA ASP GA 223 59.01 8.88 65.38
C ASP GA 223 59.10 8.08 66.68
N SER GA 224 59.53 6.82 66.55
CA SER GA 224 59.74 5.90 67.69
C SER GA 224 58.41 5.72 68.40
N ASN GA 225 58.40 5.74 69.73
CA ASN GA 225 57.20 5.60 70.54
C ASN GA 225 57.10 6.77 71.50
N PHE GA 226 57.24 7.98 70.94
CA PHE GA 226 57.29 9.24 71.70
C PHE GA 226 58.46 9.25 72.68
N GLN GA 227 59.56 8.63 72.27
CA GLN GA 227 60.81 8.83 72.98
C GLN GA 227 61.34 10.25 72.77
N ASP GA 228 61.02 10.85 71.63
CA ASP GA 228 61.50 12.18 71.25
C ASP GA 228 60.29 13.01 70.81
N TYR GA 229 59.63 13.65 71.77
CA TYR GA 229 58.42 14.41 71.46
C TYR GA 229 58.84 15.72 70.81
N VAL GA 230 58.75 15.78 69.49
CA VAL GA 230 59.06 16.99 68.73
C VAL GA 230 57.73 17.62 68.30
N LEU GA 231 57.36 18.71 68.95
CA LEU GA 231 56.09 19.37 68.69
C LEU GA 231 56.10 19.99 67.30
N LEU GA 232 54.84 20.13 66.77
CA LEU GA 232 54.73 20.74 65.44
C LEU GA 232 53.56 21.70 65.45
N GLU GA 233 53.66 22.74 64.63
CA GLU GA 233 52.55 23.63 64.33
C GLU GA 233 52.08 23.32 62.92
N LEU GA 234 50.83 22.90 62.77
CA LEU GA 234 50.33 22.43 61.50
C LEU GA 234 50.10 23.53 60.51
N SER GA 235 50.61 23.39 59.30
CA SER GA 235 50.33 24.39 58.25
C SER GA 235 48.88 24.73 58.15
N ILE GA 236 48.10 23.80 57.65
CA ILE GA 236 46.66 24.00 57.45
C ILE GA 236 46.03 25.09 58.27
N ASP GA 237 45.20 25.86 57.59
CA ASP GA 237 44.64 27.00 58.24
C ASP GA 237 43.65 26.63 59.21
N SER GA 238 42.67 27.49 59.33
CA SER GA 238 41.59 27.22 60.26
C SER GA 238 40.26 27.55 59.56
N CYS GA 239 39.54 26.53 59.12
CA CYS GA 239 38.31 26.70 58.36
C CYS GA 239 37.08 26.22 59.13
N TRP GA 240 35.91 26.74 58.79
CA TRP GA 240 34.66 26.36 59.41
C TRP GA 240 33.65 26.43 58.30
N VAL GA 241 32.82 25.39 58.24
CA VAL GA 241 31.78 25.34 57.22
C VAL GA 241 30.70 26.37 57.47
N GLY GA 242 29.73 26.47 56.57
CA GLY GA 242 28.77 27.55 56.67
C GLY GA 242 27.42 27.43 57.26
N SER GA 243 26.47 26.81 56.58
CA SER GA 243 25.13 26.82 57.13
C SER GA 243 24.19 25.72 56.70
N PHE GA 244 22.90 26.01 56.76
CA PHE GA 244 21.90 25.02 56.41
C PHE GA 244 22.45 23.59 56.48
N TYR GA 245 22.79 22.99 55.35
CA TYR GA 245 23.21 21.60 55.39
C TYR GA 245 24.07 21.41 56.56
N CYS GA 246 25.01 22.28 56.69
CA CYS GA 246 25.94 22.12 57.74
C CYS GA 246 25.62 22.97 58.95
N PRO GA 247 26.15 22.58 60.10
CA PRO GA 247 25.90 23.47 61.21
C PRO GA 247 27.13 23.71 62.06
N ILE GA 248 27.99 22.73 62.33
CA ILE GA 248 29.13 22.86 63.29
C ILE GA 248 29.36 24.27 63.74
N LEU GA 249 29.21 24.54 65.04
CA LEU GA 249 29.28 25.94 65.52
C LEU GA 249 30.44 26.41 66.42
N GLY GA 250 31.67 25.92 66.20
CA GLY GA 250 32.83 26.35 66.98
C GLY GA 250 34.14 25.68 66.61
N PHE GA 251 34.89 26.38 65.75
CA PHE GA 251 36.12 25.86 65.22
C PHE GA 251 36.93 25.11 66.19
N SER GA 252 37.32 25.74 67.28
CA SER GA 252 38.16 25.09 68.29
C SER GA 252 39.30 24.37 67.59
N ALA GA 253 40.34 25.12 67.20
CA ALA GA 253 41.45 24.53 66.45
C ALA GA 253 42.27 23.52 67.24
N THR GA 254 41.65 22.48 67.76
CA THR GA 254 42.39 21.42 68.45
C THR GA 254 42.07 20.13 67.71
N ILE GA 255 42.95 19.73 66.81
CA ILE GA 255 42.69 18.54 65.98
C ILE GA 255 42.11 17.36 66.75
N HIS GA 256 40.94 16.90 66.33
CA HIS GA 256 40.35 15.72 66.94
C HIS GA 256 40.46 14.56 65.96
N ASP GA 257 40.60 13.35 66.51
CA ASP GA 257 40.68 12.11 65.74
C ASP GA 257 41.87 12.14 64.78
N ALA GA 258 43.06 12.28 65.37
CA ALA GA 258 44.31 12.39 64.62
C ALA GA 258 44.85 10.99 64.37
N ILE GA 259 44.58 10.45 63.20
CA ILE GA 259 44.97 9.08 62.90
C ILE GA 259 45.96 9.09 61.75
N ALA GA 260 46.62 7.95 61.57
CA ALA GA 260 47.58 7.80 60.50
C ALA GA 260 47.57 6.35 60.07
N THR GA 261 48.35 6.07 59.04
CA THR GA 261 48.67 4.72 58.64
C THR GA 261 50.02 4.78 57.93
N GLU GA 262 50.40 3.70 57.26
CA GLU GA 262 51.49 3.82 56.29
C GLU GA 262 51.13 4.84 55.24
N SER GA 263 52.12 5.68 54.92
CA SER GA 263 51.96 6.81 54.00
C SER GA 263 51.00 7.86 54.52
N THR GA 264 49.70 7.64 54.33
CA THR GA 264 48.74 8.70 54.54
C THR GA 264 48.52 9.00 56.02
N LEU GA 265 48.10 10.23 56.26
CA LEU GA 265 47.83 10.79 57.58
C LEU GA 265 46.51 11.55 57.49
N PHE GA 266 45.66 11.38 58.50
CA PHE GA 266 44.32 11.94 58.47
C PHE GA 266 44.06 12.71 59.75
N ILE GA 267 43.53 13.92 59.61
CA ILE GA 267 43.17 14.73 60.76
C ILE GA 267 41.77 15.27 60.53
N ARG GA 268 41.08 15.58 61.62
CA ARG GA 268 39.73 16.10 61.54
C ARG GA 268 39.65 17.36 62.38
N GLN GA 269 39.73 18.51 61.72
CA GLN GA 269 39.28 19.76 62.35
C GLN GA 269 37.77 19.82 62.16
N ASN GA 270 37.14 20.89 62.64
CA ASN GA 270 35.68 20.88 62.76
C ASN GA 270 34.99 20.76 61.42
N GLN GA 271 34.39 19.58 61.19
CA GLN GA 271 33.73 19.18 59.94
C GLN GA 271 34.68 19.15 58.75
N LEU GA 272 35.97 19.34 58.97
CA LEU GA 272 36.94 19.35 57.88
C LEU GA 272 37.96 18.24 58.09
N VAL GA 273 37.90 17.22 57.26
CA VAL GA 273 38.93 16.20 57.21
C VAL GA 273 40.03 16.71 56.29
N TYR GA 274 41.27 16.57 56.74
CA TYR GA 274 42.44 16.95 55.98
C TYR GA 274 43.35 15.73 55.88
N TYR GA 275 43.87 15.48 54.69
CA TYR GA 275 44.69 14.31 54.46
C TYR GA 275 46.04 14.72 53.87
N PHE GA 276 47.10 14.18 54.46
CA PHE GA 276 48.46 14.41 54.03
C PHE GA 276 49.10 13.09 53.66
N THR GA 277 50.12 13.16 52.81
CA THR GA 277 50.93 12.00 52.49
C THR GA 277 52.39 12.39 52.60
N GLY GA 278 53.17 11.60 53.31
CA GLY GA 278 54.60 11.75 53.31
C GLY GA 278 55.20 11.06 52.11
N THR GA 279 56.32 11.59 51.63
CA THR GA 279 57.03 10.90 50.57
C THR GA 279 57.71 9.68 51.15
N TYR GA 280 57.42 8.52 50.58
CA TYR GA 280 57.96 7.24 51.04
C TYR GA 280 58.44 6.50 49.81
N ILE GA 281 59.68 6.78 49.43
CA ILE GA 281 60.29 6.02 48.35
C ILE GA 281 60.53 4.59 48.81
N THR GA 282 60.78 3.72 47.83
CA THR GA 282 61.01 2.28 48.03
C THR GA 282 59.85 1.60 48.73
N LEU GA 283 58.66 2.22 48.76
CA LEU GA 283 57.44 1.57 49.21
C LEU GA 283 56.45 1.43 48.07
N PHE GA 284 56.02 2.54 47.47
CA PHE GA 284 55.22 2.48 46.25
C PHE GA 284 55.91 3.15 45.06
N ASP GA 285 56.20 4.44 45.15
CA ASP GA 285 56.76 5.28 44.10
C ASP GA 285 56.93 6.70 44.64
N LYS GA 286 57.39 7.62 43.80
CA LYS GA 286 57.40 9.03 44.14
C LYS GA 286 56.01 9.67 44.06
N SER GA 287 55.02 8.95 43.52
CA SER GA 287 53.83 9.55 42.93
C SER GA 287 53.06 10.42 43.92
N HIS GA 288 52.52 9.81 44.98
CA HIS GA 288 51.52 10.48 45.79
C HIS GA 288 52.21 11.34 46.89
N GLY GA 289 53.45 11.76 46.67
CA GLY GA 289 54.07 12.73 47.55
C GLY GA 289 53.29 14.02 47.54
N SER GA 290 52.57 14.30 48.62
CA SER GA 290 51.63 15.41 48.63
C SER GA 290 52.36 16.75 48.65
N SER GA 291 51.82 17.70 47.90
CA SER GA 291 52.32 19.07 47.97
C SER GA 291 52.08 19.65 49.36
N ARG GA 292 50.84 19.56 49.84
CA ARG GA 292 50.49 19.96 51.20
C ARG GA 292 49.16 19.32 51.55
N TRP GA 293 48.59 19.76 52.68
CA TRP GA 293 47.32 19.23 53.16
C TRP GA 293 46.19 19.55 52.20
N VAL GA 294 45.20 18.67 52.17
CA VAL GA 294 44.07 18.78 51.26
C VAL GA 294 42.78 18.58 52.04
N ARG GA 295 41.84 19.50 51.89
CA ARG GA 295 40.47 19.24 52.31
C ARG GA 295 39.83 18.31 51.30
N VAL GA 296 39.52 17.09 51.74
CA VAL GA 296 38.98 16.06 50.87
C VAL GA 296 37.57 15.73 51.36
N LEU GA 297 36.86 14.89 50.57
CA LEU GA 297 35.44 14.58 50.72
C LEU GA 297 34.59 15.85 50.62
N PRO GA 298 34.43 16.44 49.43
CA PRO GA 298 33.56 17.62 49.32
C PRO GA 298 32.07 17.27 49.24
N SER GA 299 31.65 16.32 50.08
CA SER GA 299 30.26 16.16 50.47
C SER GA 299 30.03 16.61 51.90
N GLU GA 300 31.10 16.67 52.69
CA GLU GA 300 31.21 17.49 53.89
C GLU GA 300 30.31 17.05 55.03
N CYS GA 301 30.33 17.85 56.10
CA CYS GA 301 29.62 17.58 57.36
C CYS GA 301 30.09 16.31 58.04
N ILE GA 302 31.38 15.97 57.91
CA ILE GA 302 31.91 14.80 58.59
C ILE GA 302 31.92 15.06 60.09
N LYS GA 303 31.23 14.21 60.85
CA LYS GA 303 31.08 14.40 62.27
C LYS GA 303 32.10 13.65 63.11
N ARG GA 304 32.74 12.63 62.54
CA ARG GA 304 33.59 11.76 63.35
C ARG GA 304 34.49 10.95 62.43
N LEU GA 305 35.72 10.72 62.87
CA LEU GA 305 36.60 9.75 62.25
C LEU GA 305 36.58 8.48 63.09
N CYS GA 306 36.63 7.33 62.41
CA CYS GA 306 36.60 6.04 63.05
C CYS GA 306 37.70 5.17 62.47
N PRO GA 307 38.37 4.38 63.31
CA PRO GA 307 39.59 3.70 62.88
C PRO GA 307 39.35 2.29 62.35
N VAL GA 308 40.32 1.83 61.56
CA VAL GA 308 40.45 0.42 61.21
C VAL GA 308 41.86 0.02 61.64
N TYR GA 309 41.94 -0.88 62.61
CA TYR GA 309 43.25 -1.31 63.09
C TYR GA 309 43.90 -2.29 62.14
N ALA GA 310 43.11 -3.17 61.51
CA ALA GA 310 43.65 -4.26 60.72
C ALA GA 310 44.24 -3.75 59.40
N SER GA 311 44.81 -4.69 58.65
CA SER GA 311 45.49 -4.38 57.39
C SER GA 311 45.29 -5.56 56.45
N GLY GA 312 44.27 -5.47 55.59
CA GLY GA 312 43.96 -6.54 54.67
C GLY GA 312 43.80 -6.02 53.25
N ASN GA 313 43.82 -6.96 52.31
CA ASN GA 313 43.64 -6.70 50.88
C ASN GA 313 44.70 -5.75 50.32
N GLY GA 314 45.85 -5.69 50.95
CA GLY GA 314 46.88 -4.74 50.56
C GLY GA 314 46.41 -3.30 50.64
N SER GA 315 45.65 -2.97 51.69
CA SER GA 315 44.99 -1.68 51.74
C SER GA 315 44.70 -1.32 53.19
N GLU GA 316 44.52 -0.03 53.43
CA GLU GA 316 44.16 0.51 54.73
C GLU GA 316 42.81 1.18 54.64
N TYR GA 317 42.11 1.27 55.76
CA TYR GA 317 40.73 1.71 55.78
C TYR GA 317 40.49 2.70 56.90
N VAL GA 318 39.58 3.65 56.64
CA VAL GA 318 39.09 4.60 57.63
C VAL GA 318 37.59 4.72 57.45
N LEU GA 319 36.91 5.23 58.48
CA LEU GA 319 35.48 5.45 58.40
C LEU GA 319 35.18 6.90 58.73
N ALA GA 320 34.42 7.55 57.85
CA ALA GA 320 33.96 8.92 58.09
C ALA GA 320 32.47 8.88 58.42
N LEU GA 321 32.11 9.49 59.55
CA LEU GA 321 30.74 9.56 59.99
C LEU GA 321 30.29 11.00 59.89
N THR GA 322 29.09 11.22 59.37
CA THR GA 322 28.60 12.54 59.05
C THR GA 322 27.27 12.81 59.74
N THR GA 323 27.15 14.00 60.32
CA THR GA 323 25.90 14.53 60.87
C THR GA 323 25.42 15.69 60.01
N GLY GA 324 24.27 16.25 60.37
CA GLY GA 324 23.75 17.39 59.64
C GLY GA 324 22.96 17.00 58.40
N LYS GA 325 23.56 16.20 57.53
CA LYS GA 325 22.87 15.61 56.39
C LYS GA 325 23.44 14.23 56.13
N ASN GA 326 22.70 13.44 55.34
CA ASN GA 326 23.02 12.04 55.07
C ASN GA 326 23.16 11.25 56.36
N GLU GA 327 22.20 11.44 57.28
CA GLU GA 327 22.27 10.82 58.60
C GLU GA 327 22.27 9.30 58.51
N GLY GA 328 21.48 8.74 57.61
CA GLY GA 328 21.47 7.31 57.43
C GLY GA 328 22.62 6.77 56.61
N TYR GA 329 23.59 7.62 56.28
CA TYR GA 329 24.64 7.28 55.35
C TYR GA 329 26.01 7.54 55.96
N ILE GA 330 26.95 6.63 55.69
CA ILE GA 330 28.30 6.71 56.23
C ILE GA 330 29.29 6.77 55.08
N HIS GA 331 30.58 6.87 55.36
CA HIS GA 331 31.60 6.92 54.32
C HIS GA 331 32.72 5.95 54.66
N ILE GA 332 33.11 5.14 53.69
CA ILE GA 332 34.23 4.22 53.83
C ILE GA 332 35.37 4.75 52.97
N GLY GA 333 36.54 4.96 53.58
CA GLY GA 333 37.69 5.41 52.83
C GLY GA 333 38.77 4.36 52.76
N THR GA 334 39.12 3.92 51.56
CA THR GA 334 40.11 2.88 51.35
C THR GA 334 41.31 3.47 50.63
N ILE GA 335 42.49 3.18 51.15
CA ILE GA 335 43.75 3.61 50.55
C ILE GA 335 44.51 2.36 50.13
N THR GA 336 44.82 2.26 48.85
CA THR GA 336 45.63 1.17 48.32
C THR GA 336 47.04 1.72 48.10
N ASP GA 337 47.91 1.51 49.09
CA ASP GA 337 49.34 1.83 49.01
C ASP GA 337 49.58 3.29 48.63
N GLY GA 338 48.86 4.19 49.28
CA GLY GA 338 48.99 5.60 49.01
C GLY GA 338 47.99 6.14 48.01
N LEU GA 339 47.34 5.28 47.23
CA LEU GA 339 46.31 5.72 46.29
C LEU GA 339 44.99 5.73 47.04
N VAL GA 340 44.47 6.92 47.31
CA VAL GA 340 43.36 7.11 48.25
C VAL GA 340 42.04 7.12 47.49
N SER GA 341 40.98 6.67 48.15
CA SER GA 341 39.63 6.80 47.62
C SER GA 341 38.65 6.78 48.78
N PHE GA 342 37.49 7.41 48.58
CA PHE GA 342 36.42 7.40 49.56
C PHE GA 342 35.10 7.17 48.84
N GLU GA 343 34.14 6.62 49.57
CA GLU GA 343 32.84 6.37 48.98
C GLU GA 343 31.78 6.35 50.06
N MET GA 344 30.53 6.32 49.61
CA MET GA 344 29.34 6.34 50.46
C MET GA 344 28.64 4.99 50.32
N VAL GA 345 28.98 4.07 51.20
CA VAL GA 345 28.62 2.65 51.08
C VAL GA 345 27.13 2.33 51.32
N PRO GA 346 26.35 3.01 52.23
CA PRO GA 346 24.98 2.51 52.51
C PRO GA 346 23.99 2.52 51.35
N ASP GA 347 24.46 2.82 50.14
CA ASP GA 347 23.72 2.66 48.89
C ASP GA 347 22.56 3.63 48.77
N GLY GA 348 21.62 3.32 47.89
CA GLY GA 348 20.50 4.23 47.65
C GLY GA 348 19.59 4.37 48.85
N TRP GA 349 19.28 3.26 49.51
CA TRP GA 349 18.36 3.30 50.64
C TRP GA 349 19.07 3.77 51.90
N SER GA 350 18.40 4.64 52.64
CA SER GA 350 18.85 4.97 53.98
C SER GA 350 18.69 3.75 54.88
N VAL GA 351 19.51 3.69 55.93
CA VAL GA 351 19.46 2.55 56.85
C VAL GA 351 18.16 2.51 57.63
N CYS GA 352 17.42 3.63 57.67
CA CYS GA 352 16.13 3.72 58.34
C CYS GA 352 15.02 2.99 57.60
N GLU GA 353 15.31 2.44 56.43
CA GLU GA 353 14.31 1.65 55.71
C GLU GA 353 13.99 0.35 56.45
N LYS GA 354 14.99 -0.27 57.07
CA LYS GA 354 14.87 -1.65 57.53
C LYS GA 354 14.91 -1.77 59.05
N LEU GA 355 14.40 -0.78 59.77
CA LEU GA 355 14.27 -0.87 61.22
C LEU GA 355 13.26 0.19 61.67
N PRO GA 356 12.64 0.01 62.83
CA PRO GA 356 11.66 1.01 63.31
C PRO GA 356 12.32 2.33 63.65
N GLY GA 357 11.48 3.30 63.99
CA GLY GA 357 11.91 4.68 64.10
C GLY GA 357 11.79 5.38 62.77
N LYS GA 358 12.21 6.64 62.76
CA LYS GA 358 12.15 7.47 61.56
C LYS GA 358 13.53 7.81 61.01
N ASN GA 359 14.39 8.41 61.83
CA ASN GA 359 15.73 8.75 61.43
C ASN GA 359 16.71 7.72 62.01
N CYS GA 360 17.99 7.91 61.70
CA CYS GA 360 19.06 7.04 62.18
C CYS GA 360 20.29 7.88 62.45
N SER GA 361 20.98 7.61 63.55
CA SER GA 361 22.23 8.28 63.85
C SER GA 361 23.29 7.23 64.12
N ILE GA 362 24.35 7.22 63.32
CA ILE GA 362 25.38 6.19 63.40
C ILE GA 362 26.36 6.63 64.49
N ASP GA 363 26.24 6.03 65.67
CA ASP GA 363 27.10 6.43 66.77
C ASP GA 363 28.55 6.00 66.52
N TRP GA 364 28.75 4.75 66.13
CA TRP GA 364 30.08 4.23 65.83
C TRP GA 364 29.94 3.15 64.78
N ALA GA 365 31.05 2.89 64.08
CA ALA GA 365 31.10 1.87 63.05
C ALA GA 365 32.49 1.26 63.01
N THR GA 366 32.58 0.06 62.45
CA THR GA 366 33.86 -0.61 62.28
C THR GA 366 33.78 -1.53 61.07
N TYR GA 367 34.95 -1.84 60.55
CA TYR GA 367 35.12 -2.57 59.30
C TYR GA 367 35.89 -3.84 59.57
N ILE GA 368 35.60 -4.89 58.79
CA ILE GA 368 36.35 -6.13 58.85
C ILE GA 368 36.71 -6.52 57.43
N ALA GA 369 38.01 -6.47 57.11
CA ALA GA 369 38.48 -6.76 55.76
C ALA GA 369 38.19 -8.20 55.38
N ASP GA 370 38.39 -9.12 56.30
CA ASP GA 370 37.94 -10.49 56.09
C ASP GA 370 36.43 -10.51 56.00
N GLU GA 371 35.91 -11.29 55.04
CA GLU GA 371 34.49 -11.50 54.81
C GLU GA 371 33.72 -10.21 54.49
N ARG GA 372 34.43 -9.08 54.32
CA ARG GA 372 33.87 -7.84 53.78
C ARG GA 372 32.68 -7.35 54.62
N ASN GA 373 32.94 -7.16 55.91
CA ASN GA 373 31.87 -6.86 56.86
C ASN GA 373 31.97 -5.46 57.41
N LEU GA 374 30.84 -4.97 57.90
CA LEU GA 374 30.75 -3.68 58.57
C LEU GA 374 29.81 -3.83 59.74
N LEU GA 375 30.29 -3.60 60.95
CA LEU GA 375 29.45 -3.64 62.14
C LEU GA 375 29.28 -2.23 62.66
N LEU GA 376 28.04 -1.77 62.75
CA LEU GA 376 27.83 -0.40 63.19
C LEU GA 376 26.67 -0.39 64.18
N LEU GA 377 26.61 0.67 64.96
CA LEU GA 377 25.54 0.85 65.93
C LEU GA 377 24.78 2.14 65.68
N VAL GA 378 23.46 2.03 65.71
CA VAL GA 378 22.58 3.15 65.45
C VAL GA 378 21.85 3.52 66.72
N LYS GA 379 21.80 4.81 67.00
CA LYS GA 379 20.79 5.36 67.89
C LYS GA 379 19.60 5.76 67.03
N ILE GA 380 18.41 5.33 67.45
CA ILE GA 380 17.19 5.68 66.76
C ILE GA 380 16.48 6.76 67.56
N ASP GA 381 15.42 7.32 66.97
CA ASP GA 381 14.81 8.55 67.47
C ASP GA 381 14.23 8.40 68.88
N SER GA 382 13.95 7.18 69.32
CA SER GA 382 13.52 6.93 70.69
C SER GA 382 14.68 6.59 71.61
N GLY GA 383 15.91 6.92 71.21
CA GLY GA 383 17.08 6.72 72.05
C GLY GA 383 17.55 5.30 72.17
N GLN GA 384 17.01 4.38 71.38
CA GLN GA 384 17.39 2.98 71.47
C GLN GA 384 18.58 2.69 70.55
N PHE GA 385 19.48 1.85 71.04
CA PHE GA 385 20.73 1.53 70.34
C PHE GA 385 20.65 0.11 69.81
N TYR GA 386 20.75 0.01 68.48
CA TYR GA 386 20.63 -1.26 67.78
C TYR GA 386 21.92 -1.50 67.01
N LEU GA 387 22.53 -2.66 67.23
CA LEU GA 387 23.77 -3.03 66.56
C LEU GA 387 23.42 -3.84 65.33
N VAL GA 388 23.84 -3.37 64.18
CA VAL GA 388 23.49 -3.94 62.88
C VAL GA 388 24.76 -4.36 62.16
N ASN GA 389 24.75 -5.56 61.62
CA ASN GA 389 25.81 -6.00 60.74
C ASN GA 389 25.41 -5.73 59.30
N PHE GA 390 26.42 -5.58 58.45
CA PHE GA 390 26.23 -5.21 57.06
C PHE GA 390 27.28 -5.94 56.25
N ASN GA 391 26.90 -6.44 55.10
CA ASN GA 391 27.87 -7.06 54.22
C ASN GA 391 28.04 -6.22 52.97
N THR GA 392 29.29 -6.04 52.53
CA THR GA 392 29.50 -5.26 51.33
C THR GA 392 29.46 -6.11 50.07
N GLU GA 393 29.75 -7.41 50.18
CA GLU GA 393 29.69 -8.27 49.01
C GLU GA 393 28.25 -8.47 48.54
N PHE GA 394 27.34 -8.78 49.46
CA PHE GA 394 25.91 -8.79 49.20
C PHE GA 394 25.24 -7.82 50.16
N LYS GA 395 24.26 -7.10 49.66
CA LYS GA 395 23.90 -5.78 50.17
C LYS GA 395 23.19 -5.79 51.49
N THR GA 396 23.10 -6.83 52.32
CA THR GA 396 22.20 -6.75 53.46
C THR GA 396 22.77 -5.92 54.60
N LEU GA 397 21.84 -5.33 55.34
CA LEU GA 397 22.01 -5.01 56.75
C LEU GA 397 21.04 -5.88 57.52
N ASN GA 398 21.47 -6.37 58.68
CA ASN GA 398 20.61 -7.15 59.57
C ASN GA 398 20.82 -6.66 60.98
N ILE GA 399 19.70 -6.44 61.68
CA ILE GA 399 19.76 -6.19 63.11
C ILE GA 399 20.34 -7.42 63.79
N LEU GA 400 21.45 -7.24 64.49
CA LEU GA 400 22.10 -8.35 65.17
C LEU GA 400 22.07 -8.22 66.68
N TYR GA 401 21.80 -7.04 67.22
CA TYR GA 401 21.50 -6.94 68.64
C TYR GA 401 20.62 -5.73 68.89
N LYS GA 402 19.73 -5.86 69.87
CA LYS GA 402 18.88 -4.78 70.35
C LYS GA 402 19.36 -4.46 71.76
N ILE GA 403 20.33 -3.55 71.88
CA ILE GA 403 21.08 -3.39 73.12
C ILE GA 403 20.16 -2.92 74.23
N PRO GA 404 19.90 -3.76 75.22
CA PRO GA 404 18.88 -3.43 76.23
C PRO GA 404 19.37 -2.37 77.20
N GLU GA 405 18.41 -1.58 77.68
CA GLU GA 405 18.69 -0.47 78.56
C GLU GA 405 18.44 -0.87 80.01
N PHE GA 406 18.60 0.09 80.91
CA PHE GA 406 18.28 -0.04 82.33
C PHE GA 406 19.09 -1.18 82.97
N ILE GA 407 20.40 -0.95 83.02
CA ILE GA 407 21.46 -1.91 83.36
C ILE GA 407 21.07 -2.89 84.46
N PRO GA 408 21.27 -4.18 84.25
CA PRO GA 408 20.81 -5.17 85.23
C PRO GA 408 21.67 -5.19 86.49
N GLU GA 409 21.41 -6.15 87.36
CA GLU GA 409 22.20 -6.36 88.56
C GLU GA 409 22.88 -7.71 88.50
N ALA GA 410 24.01 -7.82 89.20
CA ALA GA 410 24.66 -9.10 89.41
C ALA GA 410 25.49 -8.99 90.69
N LYS GA 411 24.94 -9.49 91.79
CA LYS GA 411 25.63 -9.42 93.07
C LYS GA 411 26.87 -10.31 93.08
N GLU GA 412 26.69 -11.56 92.66
CA GLU GA 412 27.79 -12.52 92.58
C GLU GA 412 27.96 -13.12 91.19
N LEU GA 413 27.00 -12.91 90.29
CA LEU GA 413 27.04 -13.47 88.95
C LEU GA 413 28.09 -12.69 88.17
N ASP GA 414 29.35 -13.11 88.37
CA ASP GA 414 30.49 -12.38 87.84
C ASP GA 414 30.48 -12.31 86.32
N PHE GA 415 30.15 -13.41 85.65
CA PHE GA 415 29.82 -13.37 84.24
C PHE GA 415 28.35 -13.72 84.09
N LEU GA 416 27.65 -12.95 83.25
CA LEU GA 416 26.21 -13.11 83.09
C LEU GA 416 25.90 -13.25 81.61
N VAL GA 417 25.45 -14.43 81.20
CA VAL GA 417 24.91 -14.58 79.86
C VAL GA 417 23.62 -13.77 79.78
N LEU GA 418 23.53 -12.91 78.77
CA LEU GA 418 22.39 -11.99 78.71
C LEU GA 418 21.19 -12.76 78.19
N LEU GA 419 20.54 -13.50 79.08
CA LEU GA 419 19.29 -14.13 78.73
C LEU GA 419 18.18 -13.10 78.63
N ASP GA 420 16.96 -13.57 78.34
CA ASP GA 420 15.81 -12.68 78.31
C ASP GA 420 15.20 -12.49 79.70
N THR GA 421 15.08 -13.57 80.46
CA THR GA 421 14.47 -13.51 81.79
C THR GA 421 15.51 -13.00 82.81
N VAL GA 422 15.79 -11.71 82.71
CA VAL GA 422 16.76 -11.05 83.57
C VAL GA 422 16.15 -9.78 84.14
N THR GA 423 16.41 -9.53 85.42
CA THR GA 423 15.89 -8.32 86.06
C THR GA 423 16.76 -7.12 85.70
N TYR GA 424 16.18 -5.94 85.87
CA TYR GA 424 16.79 -4.70 85.41
C TYR GA 424 16.72 -3.66 86.54
N THR GA 425 17.73 -2.81 86.58
CA THR GA 425 17.82 -1.75 87.58
C THR GA 425 17.66 -0.39 86.92
N ASN GA 426 17.46 0.63 87.75
CA ASN GA 426 17.12 1.97 87.28
C ASN GA 426 18.28 2.64 86.56
N THR GA 427 19.51 2.21 86.80
CA THR GA 427 20.65 2.81 86.13
C THR GA 427 20.61 2.42 84.66
N PRO GA 428 20.64 3.39 83.74
CA PRO GA 428 20.50 3.06 82.32
C PRO GA 428 21.83 2.65 81.69
N MET GA 429 21.81 2.46 80.38
CA MET GA 429 22.98 2.05 79.62
C MET GA 429 23.30 3.12 78.60
N THR GA 430 24.59 3.34 78.35
CA THR GA 430 25.00 4.37 77.40
C THR GA 430 26.23 3.94 76.60
N PRO GA 431 26.04 3.53 75.35
CA PRO GA 431 27.19 3.11 74.55
C PRO GA 431 27.91 4.31 73.97
N LYS GA 432 29.23 4.15 73.83
CA LYS GA 432 30.05 5.13 73.15
C LYS GA 432 30.87 4.53 72.02
N GLY GA 433 30.91 3.22 71.89
CA GLY GA 433 31.60 2.59 70.78
C GLY GA 433 31.84 1.12 71.04
N LEU GA 434 32.42 0.48 70.02
CA LEU GA 434 32.77 -0.93 70.11
C LEU GA 434 34.24 -1.14 69.79
N PHE GA 435 34.64 -2.40 69.64
CA PHE GA 435 36.01 -2.75 69.29
C PHE GA 435 36.01 -4.17 68.77
N PHE GA 436 36.89 -4.44 67.81
CA PHE GA 436 37.02 -5.79 67.25
C PHE GA 436 38.42 -6.32 67.52
N ASN GA 437 38.49 -7.48 68.15
CA ASN GA 437 39.73 -8.23 68.29
C ASN GA 437 39.62 -9.38 67.30
N THR GA 438 40.28 -9.24 66.16
CA THR GA 438 40.07 -10.11 65.02
C THR GA 438 41.00 -11.32 64.99
N LEU GA 439 41.79 -11.52 66.03
CA LEU GA 439 42.59 -12.74 66.08
C LEU GA 439 41.72 -13.93 66.47
N ASN GA 440 41.01 -13.83 67.59
CA ASN GA 440 40.04 -14.83 67.99
C ASN GA 440 38.65 -14.53 67.45
N ASN GA 441 38.51 -13.49 66.63
CA ASN GA 441 37.26 -13.11 65.97
C ASN GA 441 36.16 -12.81 66.99
N MET GA 442 36.39 -11.77 67.79
CA MET GA 442 35.46 -11.41 68.86
C MET GA 442 35.25 -9.90 68.90
N LEU GA 443 34.16 -9.50 69.55
CA LEU GA 443 33.69 -8.13 69.57
C LEU GA 443 33.49 -7.66 71.00
N TYR GA 444 33.88 -6.42 71.28
CA TYR GA 444 33.71 -5.78 72.57
C TYR GA 444 32.82 -4.55 72.40
N ILE GA 445 32.03 -4.26 73.42
CA ILE GA 445 31.15 -3.09 73.44
C ILE GA 445 31.50 -2.28 74.69
N TRP GA 446 31.98 -1.05 74.50
CA TRP GA 446 32.32 -0.25 75.66
C TRP GA 446 31.25 0.80 75.89
N GLY GA 447 31.48 1.63 76.91
CA GLY GA 447 30.48 2.59 77.34
C GLY GA 447 30.44 2.70 78.85
N ASN GA 448 29.23 2.46 79.43
CA ASN GA 448 29.10 2.35 80.87
C ASN GA 448 29.22 0.90 81.35
N PHE GA 449 29.68 0.01 80.47
CA PHE GA 449 29.61 -1.42 80.66
C PHE GA 449 30.35 -2.09 79.51
N ILE GA 450 30.73 -3.34 79.71
CA ILE GA 450 31.46 -4.12 78.72
C ILE GA 450 30.63 -5.34 78.33
N LEU GA 451 30.59 -5.61 77.03
CA LEU GA 451 29.93 -6.80 76.48
C LEU GA 451 30.87 -7.48 75.51
N GLN GA 452 30.73 -8.81 75.40
CA GLN GA 452 31.61 -9.58 74.53
C GLN GA 452 30.89 -10.81 74.02
N SER GA 453 31.42 -11.36 72.92
CA SER GA 453 30.99 -12.65 72.41
C SER GA 453 32.00 -13.12 71.37
N TYR GA 454 31.97 -14.41 71.11
CA TYR GA 454 32.72 -15.02 70.02
C TYR GA 454 31.84 -15.19 68.78
N ASN GA 455 30.65 -15.75 68.96
CA ASN GA 455 29.62 -15.77 67.95
C ASN GA 455 28.89 -14.43 67.94
N ARG GA 456 27.73 -14.39 67.28
CA ARG GA 456 26.91 -13.18 67.27
C ARG GA 456 25.49 -13.47 67.74
N GLU GA 457 25.32 -14.45 68.63
CA GLU GA 457 24.01 -14.82 69.14
C GLU GA 457 23.72 -14.21 70.51
N GLU GA 458 24.62 -14.40 71.46
CA GLU GA 458 24.46 -13.93 72.83
C GLU GA 458 25.62 -13.01 73.18
N PHE GA 459 25.50 -12.34 74.33
CA PHE GA 459 26.55 -11.46 74.81
C PHE GA 459 26.65 -11.56 76.32
N ILE GA 460 27.83 -11.25 76.85
CA ILE GA 460 28.17 -11.54 78.24
C ILE GA 460 28.40 -10.23 78.97
N PHE GA 461 27.76 -10.07 80.12
CA PHE GA 461 27.91 -8.88 80.96
C PHE GA 461 28.83 -9.21 82.13
N LEU GA 462 29.72 -8.27 82.43
CA LEU GA 462 30.77 -8.46 83.43
C LEU GA 462 30.40 -7.68 84.68
N ALA GA 463 30.18 -8.41 85.78
CA ALA GA 463 29.58 -7.81 86.97
C ALA GA 463 30.49 -6.83 87.69
N ASP GA 464 31.81 -6.98 87.56
CA ASP GA 464 32.72 -6.23 88.42
C ASP GA 464 32.77 -4.76 88.01
N PHE GA 465 32.76 -4.48 86.71
CA PHE GA 465 32.87 -3.10 86.22
C PHE GA 465 31.61 -2.33 86.60
N PRO GA 466 31.70 -1.25 87.37
CA PRO GA 466 30.49 -0.54 87.77
C PRO GA 466 29.84 0.23 86.63
N LYS GA 467 28.73 0.90 86.95
CA LYS GA 467 28.03 1.77 86.02
C LYS GA 467 28.15 3.23 86.42
N GLU GA 468 28.97 3.53 87.43
CA GLU GA 468 29.22 4.89 87.88
C GLU GA 468 30.49 5.47 87.27
N SER GA 469 31.12 4.76 86.35
CA SER GA 469 32.31 5.25 85.65
C SER GA 469 32.14 4.98 84.17
N THR GA 470 32.38 6.01 83.36
CA THR GA 470 32.23 5.92 81.91
C THR GA 470 33.59 5.78 81.25
N ILE GA 471 33.60 5.04 80.15
CA ILE GA 471 34.84 4.63 79.48
C ILE GA 471 35.31 5.75 78.54
N LYS GA 472 36.52 6.30 78.78
CA LYS GA 472 37.18 7.11 77.75
C LYS GA 472 37.45 6.29 76.51
N TYR GA 473 38.11 5.14 76.67
CA TYR GA 473 38.57 4.41 75.49
C TYR GA 473 39.06 3.04 75.94
N MET GA 474 39.57 2.27 74.99
CA MET GA 474 40.11 0.95 75.26
C MET GA 474 41.22 0.70 74.25
N VAL GA 475 42.38 0.31 74.75
CA VAL GA 475 43.51 -0.08 73.91
C VAL GA 475 43.78 -1.56 74.14
N ASN GA 476 44.47 -2.15 73.16
CA ASN GA 476 44.52 -3.60 73.00
C ASN GA 476 45.97 -4.03 72.80
N SER GA 477 46.25 -5.25 73.28
CA SER GA 477 47.53 -5.88 73.02
C SER GA 477 47.58 -6.58 71.66
N PHE GA 478 46.43 -7.07 71.20
CA PHE GA 478 46.35 -8.09 70.14
C PHE GA 478 47.11 -9.34 70.55
N LYS GA 479 47.20 -9.55 71.87
CA LYS GA 479 47.79 -10.74 72.46
C LYS GA 479 46.99 -11.23 73.66
N GLY GA 480 45.86 -10.59 73.98
CA GLY GA 480 45.02 -11.02 75.09
C GLY GA 480 44.85 -10.03 76.20
N GLN GA 481 45.40 -8.82 76.11
CA GLN GA 481 45.34 -7.84 77.20
C GLN GA 481 44.54 -6.62 76.78
N MET GA 482 43.51 -6.32 77.56
CA MET GA 482 42.72 -5.10 77.41
C MET GA 482 43.13 -4.09 78.45
N ALA GA 483 43.36 -2.86 78.01
CA ALA GA 483 43.41 -1.71 78.90
C ALA GA 483 42.21 -0.83 78.59
N VAL GA 484 41.45 -0.48 79.63
CA VAL GA 484 40.22 0.28 79.46
C VAL GA 484 40.33 1.55 80.31
N VAL GA 485 40.42 2.70 79.67
CA VAL GA 485 40.62 3.97 80.35
C VAL GA 485 39.27 4.68 80.49
N THR GA 486 39.01 5.24 81.68
CA THR GA 486 37.71 5.78 82.08
C THR GA 486 37.78 7.30 82.26
N GLU GA 487 36.64 7.96 82.16
CA GLU GA 487 36.65 9.42 82.26
C GLU GA 487 37.08 9.92 83.63
N ASN GA 488 37.16 9.04 84.61
CA ASN GA 488 37.77 9.33 85.90
C ASN GA 488 39.29 9.28 85.87
N GLU GA 489 39.90 9.14 84.68
CA GLU GA 489 41.35 8.93 84.52
C GLU GA 489 41.84 7.71 85.31
N GLU GA 490 41.08 6.63 85.24
CA GLU GA 490 41.44 5.37 85.86
C GLU GA 490 41.48 4.29 84.78
N ILE GA 491 42.44 3.38 84.89
CA ILE GA 491 42.62 2.34 83.88
C ILE GA 491 42.20 1.02 84.52
N TRP GA 492 41.63 0.13 83.71
CA TRP GA 492 41.24 -1.19 84.15
C TRP GA 492 41.85 -2.21 83.22
N TYR GA 493 42.50 -3.22 83.79
CA TYR GA 493 43.24 -4.21 83.03
C TYR GA 493 42.47 -5.53 83.04
N PHE GA 494 42.35 -6.14 81.87
CA PHE GA 494 41.53 -7.34 81.75
C PHE GA 494 42.20 -8.34 80.82
N LEU GA 495 42.33 -9.58 81.30
CA LEU GA 495 42.94 -10.65 80.52
C LEU GA 495 41.85 -11.48 79.83
N GLU GA 496 42.07 -11.81 78.56
CA GLU GA 496 41.03 -12.46 77.77
C GLU GA 496 40.69 -13.85 78.29
N GLY GA 497 41.67 -14.53 78.89
CA GLY GA 497 41.41 -15.88 79.38
C GLY GA 497 40.43 -15.90 80.55
N GLY GA 498 40.59 -14.98 81.49
CA GLY GA 498 39.66 -14.85 82.60
C GLY GA 498 38.47 -14.01 82.22
N TYR GA 499 37.75 -13.57 83.24
CA TYR GA 499 36.61 -12.69 83.01
C TYR GA 499 36.67 -11.46 83.90
N ASP GA 500 37.24 -11.60 85.09
CA ASP GA 500 37.28 -10.49 86.04
C ASP GA 500 38.12 -9.33 85.51
N VAL GA 501 37.66 -8.11 85.80
CA VAL GA 501 38.36 -6.90 85.39
C VAL GA 501 39.03 -6.30 86.62
N TYR GA 502 40.32 -5.99 86.48
CA TYR GA 502 41.18 -5.67 87.62
C TYR GA 502 41.53 -4.18 87.57
N GLN GA 503 41.18 -3.47 88.64
CA GLN GA 503 41.53 -2.07 88.78
C GLN GA 503 43.03 -1.91 88.96
N VAL GA 504 43.57 -0.77 88.53
CA VAL GA 504 45.03 -0.63 88.58
C VAL GA 504 45.50 0.60 89.33
N VAL GA 505 45.18 1.81 88.85
CA VAL GA 505 45.93 2.96 89.35
C VAL GA 505 45.49 3.55 90.70
N PRO GA 506 44.20 3.71 91.07
CA PRO GA 506 43.99 4.03 92.48
C PRO GA 506 44.03 2.73 93.27
N SER GA 507 45.15 2.41 93.90
CA SER GA 507 45.28 1.07 94.46
C SER GA 507 46.48 0.97 95.38
N GLN GA 508 46.42 -0.06 96.22
CA GLN GA 508 47.51 -0.39 97.11
C GLN GA 508 48.80 -0.66 96.35
N GLY GA 509 48.70 -1.48 95.29
CA GLY GA 509 49.89 -1.81 94.53
C GLY GA 509 50.50 -0.61 93.86
N TRP GA 510 49.67 0.28 93.30
CA TRP GA 510 50.18 1.45 92.62
C TRP GA 510 50.85 2.40 93.60
N GLU GA 511 50.24 2.61 94.77
CA GLU GA 511 50.87 3.49 95.75
C GLU GA 511 52.19 2.92 96.24
N THR GA 512 52.24 1.60 96.45
CA THR GA 512 53.50 0.98 96.87
C THR GA 512 54.58 1.13 95.80
N TYR GA 513 54.22 0.91 94.53
CA TYR GA 513 55.15 1.10 93.43
C TYR GA 513 55.64 2.55 93.36
N HIS GA 514 54.73 3.50 93.56
CA HIS GA 514 55.09 4.91 93.48
C HIS GA 514 56.08 5.29 94.58
N ASN GA 515 55.82 4.88 95.80
CA ASN GA 515 56.80 5.22 96.84
C ASN GA 515 58.11 4.48 96.64
N LEU GA 516 58.06 3.24 96.14
CA LEU GA 516 59.29 2.51 95.80
C LEU GA 516 60.14 3.30 94.80
N GLN GA 517 59.50 3.87 93.79
CA GLN GA 517 60.26 4.71 92.86
C GLN GA 517 60.72 6.00 93.52
N LYS GA 518 59.93 6.54 94.44
CA LYS GA 518 60.32 7.77 95.13
C LYS GA 518 61.61 7.59 95.93
N MET GA 519 61.73 6.51 96.71
CA MET GA 519 63.05 6.32 97.34
C MET GA 519 64.05 5.61 96.42
N GLN GA 520 63.62 5.17 95.24
CA GLN GA 520 64.60 4.84 94.21
C GLN GA 520 65.23 6.09 93.63
N LYS GA 521 64.61 7.25 93.85
CA LYS GA 521 65.18 8.56 93.54
C LYS GA 521 65.41 8.74 92.04
N SER GA 522 64.61 8.06 91.22
CA SER GA 522 64.69 8.24 89.78
C SER GA 522 64.09 9.59 89.40
N SER GA 523 64.18 9.92 88.11
CA SER GA 523 63.66 11.18 87.60
C SER GA 523 62.53 10.96 86.59
N PHE GA 524 61.93 9.77 86.57
CA PHE GA 524 60.77 9.50 85.75
C PHE GA 524 59.48 9.51 86.53
N HIS GA 525 59.54 9.63 87.85
CA HIS GA 525 58.37 9.64 88.70
C HIS GA 525 58.32 10.96 89.48
N SER GA 526 57.18 11.63 89.42
CA SER GA 526 57.00 12.91 90.08
C SER GA 526 55.65 12.92 90.80
N GLU GA 527 55.56 13.76 91.82
CA GLU GA 527 54.34 13.83 92.64
C GLU GA 527 53.16 14.41 91.88
N ASP GA 528 53.41 15.22 90.85
CA ASP GA 528 52.37 15.77 90.01
C ASP GA 528 52.56 15.28 88.58
N GLU GA 529 51.48 14.83 87.96
CA GLU GA 529 51.59 14.22 86.64
C GLU GA 529 50.32 14.45 85.86
N SER GA 530 50.46 14.38 84.54
CA SER GA 530 49.33 14.45 83.61
C SER GA 530 49.46 13.29 82.64
N LEU GA 531 48.43 12.43 82.61
CA LEU GA 531 48.41 11.25 81.75
C LEU GA 531 48.05 11.70 80.34
N VAL GA 532 49.07 12.14 79.59
CA VAL GA 532 48.82 12.67 78.26
C VAL GA 532 48.31 11.57 77.34
N SER GA 533 48.88 10.38 77.42
CA SER GA 533 48.34 9.24 76.68
C SER GA 533 48.85 7.95 77.30
N LEU GA 534 48.26 6.84 76.86
CA LEU GA 534 48.80 5.53 77.19
C LEU GA 534 48.46 4.57 76.07
N PHE GA 535 49.28 3.56 75.90
CA PHE GA 535 49.16 2.65 74.77
C PHE GA 535 49.97 1.39 75.06
N PHE GA 536 50.04 0.50 74.07
CA PHE GA 536 50.69 -0.78 74.20
C PHE GA 536 51.79 -0.92 73.17
N GLU GA 537 52.80 -1.71 73.50
CA GLU GA 537 53.83 -2.09 72.54
C GLU GA 537 54.53 -3.34 73.05
N ASP GA 538 54.59 -4.36 72.18
CA ASP GA 538 55.14 -5.70 72.47
C ASP GA 538 54.77 -6.20 73.88
N GLY GA 539 53.47 -6.16 74.16
CA GLY GA 539 52.98 -6.67 75.41
C GLY GA 539 53.28 -5.83 76.63
N LYS GA 540 53.75 -4.61 76.45
CA LYS GA 540 54.09 -3.72 77.55
C LYS GA 540 53.27 -2.45 77.47
N LEU GA 541 52.74 -2.03 78.61
CA LEU GA 541 51.98 -0.79 78.71
C LEU GA 541 52.94 0.38 78.82
N PHE GA 542 52.96 1.24 77.82
CA PHE GA 542 53.63 2.51 77.90
C PHE GA 542 52.61 3.59 78.24
N GLN GA 543 53.05 4.60 78.97
CA GLN GA 543 52.23 5.79 79.15
C GLN GA 543 53.08 7.03 78.96
N LEU GA 544 52.57 7.95 78.15
CA LEU GA 544 53.18 9.25 77.94
C LEU GA 544 52.62 10.19 79.00
N VAL GA 545 53.49 10.64 79.90
CA VAL GA 545 53.10 11.43 81.06
C VAL GA 545 53.93 12.70 81.07
N TYR GA 546 53.27 13.82 81.30
CA TYR GA 546 53.95 15.09 81.51
C TYR GA 546 54.03 15.39 83.00
N LEU GA 547 55.06 16.15 83.38
CA LEU GA 547 55.32 16.51 84.77
C LEU GA 547 55.50 18.02 84.85
N PHE GA 548 54.81 18.65 85.80
CA PHE GA 548 54.92 20.08 86.05
C PHE GA 548 55.95 20.39 87.13
N ASP GA 549 56.87 19.47 87.40
CA ASP GA 549 57.84 19.64 88.48
C ASP GA 549 58.73 20.83 88.20
N VAL GA 550 59.09 21.56 89.27
CA VAL GA 550 59.91 22.76 89.14
C VAL GA 550 61.29 22.36 88.62
N GLY GA 551 61.69 22.99 87.51
CA GLY GA 551 62.90 22.61 86.83
C GLY GA 551 62.82 21.27 86.12
N LYS GA 552 61.66 20.63 86.10
CA LYS GA 552 61.49 19.32 85.48
C LYS GA 552 60.14 19.25 84.77
N GLU GA 553 59.66 20.37 84.23
CA GLU GA 553 58.40 20.41 83.49
C GLU GA 553 58.61 19.71 82.16
N ARG GA 554 58.55 18.39 82.18
CA ARG GA 554 59.00 17.59 81.06
C ARG GA 554 58.06 16.42 80.81
N LEU GA 555 58.05 15.95 79.57
CA LEU GA 555 57.27 14.79 79.16
C LEU GA 555 58.20 13.59 79.01
N VAL GA 556 57.68 12.40 79.30
CA VAL GA 556 58.43 11.17 79.06
C VAL GA 556 57.45 10.01 78.98
N LYS GA 557 57.87 8.94 78.32
CA LYS GA 557 57.13 7.68 78.30
C LYS GA 557 57.73 6.73 79.32
N ARG GA 558 56.87 6.03 80.06
CA ARG GA 558 57.36 5.09 81.06
C ARG GA 558 56.53 3.82 81.05
N LEU GA 559 57.16 2.75 81.53
CA LEU GA 559 56.50 1.46 81.66
C LEU GA 559 55.47 1.48 82.77
N LEU GA 560 54.47 0.63 82.62
CA LEU GA 560 53.49 0.39 83.69
C LEU GA 560 53.37 -1.12 83.88
N PRO GA 561 54.31 -1.72 84.61
CA PRO GA 561 54.32 -3.19 84.72
C PRO GA 561 53.18 -3.69 85.57
N VAL GA 562 52.15 -4.20 84.90
CA VAL GA 562 50.92 -4.57 85.59
C VAL GA 562 51.05 -5.88 86.34
N GLY GA 563 51.95 -6.77 85.92
CA GLY GA 563 52.21 -7.96 86.71
C GLY GA 563 52.72 -7.62 88.09
N THR GA 564 53.74 -6.77 88.16
CA THR GA 564 54.24 -6.31 89.45
C THR GA 564 53.20 -5.49 90.18
N LEU GA 565 52.41 -4.71 89.45
CA LEU GA 565 51.39 -3.88 90.08
C LEU GA 565 50.35 -4.73 90.80
N MET GA 566 49.93 -5.83 90.16
CA MET GA 566 49.03 -6.76 90.84
C MET GA 566 49.76 -7.54 91.93
N GLU GA 567 51.05 -7.81 91.73
CA GLU GA 567 51.82 -8.55 92.73
C GLU GA 567 51.94 -7.79 94.02
N TYR GA 568 51.92 -6.46 93.96
CA TYR GA 568 52.01 -5.63 95.16
C TYR GA 568 50.63 -5.35 95.77
N ASN GA 569 49.64 -6.21 95.50
CA ASN GA 569 48.30 -6.05 96.07
C ASN GA 569 48.24 -6.83 97.38
N LEU GA 570 48.58 -6.15 98.47
CA LEU GA 570 48.59 -6.76 99.79
C LEU GA 570 47.20 -7.14 100.33
N PRO GA 571 46.10 -6.46 99.93
CA PRO GA 571 44.78 -7.05 100.19
C PRO GA 571 44.66 -8.48 99.69
N LYS GA 572 44.56 -9.42 100.62
CA LYS GA 572 44.70 -10.84 100.34
C LYS GA 572 44.33 -11.61 101.61
N PRO GA 573 43.98 -12.89 101.49
CA PRO GA 573 43.74 -13.68 102.71
C PRO GA 573 45.03 -13.88 103.48
N PHE GA 574 44.90 -13.98 104.80
CA PHE GA 574 46.04 -14.33 105.62
C PHE GA 574 45.62 -15.30 106.70
N THR GA 575 46.58 -16.14 107.13
CA THR GA 575 46.36 -17.12 108.18
C THR GA 575 47.51 -17.07 109.17
N VAL GA 576 47.17 -17.30 110.44
CA VAL GA 576 48.13 -17.32 111.54
C VAL GA 576 48.27 -18.75 112.00
N VAL GA 577 49.51 -19.25 112.02
CA VAL GA 577 49.82 -20.60 112.46
C VAL GA 577 50.67 -20.50 113.72
N ASN GA 578 50.79 -21.61 114.43
CA ASN GA 578 51.66 -21.73 115.59
C ASN GA 578 52.80 -22.68 115.25
N GLN GA 579 54.02 -22.20 115.37
CA GLN GA 579 55.20 -22.99 115.01
C GLN GA 579 56.32 -22.65 115.96
N GLY GA 580 56.89 -23.68 116.60
CA GLY GA 580 57.93 -23.46 117.59
C GLY GA 580 57.47 -22.62 118.76
N ASN GA 581 56.26 -22.89 119.27
CA ASN GA 581 55.59 -22.12 120.32
C ASN GA 581 55.58 -20.61 120.04
N TYR GA 582 55.59 -20.24 118.75
CA TYR GA 582 55.44 -18.86 118.32
C TYR GA 582 54.46 -18.79 117.17
N GLN GA 583 53.75 -17.67 117.09
CA GLN GA 583 52.70 -17.47 116.11
C GLN GA 583 53.21 -16.67 114.92
N ALA GA 584 53.00 -17.22 113.73
CA ALA GA 584 53.55 -16.67 112.50
C ALA GA 584 52.43 -16.50 111.47
N ILE GA 585 52.47 -15.39 110.74
CA ILE GA 585 51.50 -15.17 109.67
C ILE GA 585 51.97 -15.94 108.44
N SER GA 586 51.55 -17.19 108.32
CA SER GA 586 51.94 -18.03 107.19
C SER GA 586 50.84 -17.99 106.14
N PHE GA 587 50.67 -16.79 105.60
CA PHE GA 587 49.44 -16.43 104.91
C PHE GA 587 49.31 -17.21 103.60
N THR GA 588 48.07 -17.50 103.23
CA THR GA 588 47.71 -18.58 102.32
C THR GA 588 48.18 -18.31 100.90
N HIS GA 589 48.17 -19.38 100.10
CA HIS GA 589 48.56 -19.36 98.70
C HIS GA 589 47.31 -19.56 97.85
N THR GA 590 47.00 -18.58 97.01
CA THR GA 590 45.81 -18.59 96.19
C THR GA 590 46.03 -19.14 94.79
N CYS GA 591 47.27 -19.31 94.36
CA CYS GA 591 47.53 -19.89 93.06
C CYS GA 591 47.23 -21.39 93.10
N PRO GA 592 46.54 -21.92 92.10
CA PRO GA 592 46.24 -23.37 92.11
C PRO GA 592 47.46 -24.26 92.02
N PHE GA 593 48.60 -23.75 91.56
CA PHE GA 593 49.77 -24.60 91.37
C PHE GA 593 51.00 -24.03 92.09
N LYS GA 594 52.17 -24.56 91.77
CA LYS GA 594 53.43 -24.01 92.22
C LYS GA 594 54.29 -23.44 91.10
N GLU GA 595 54.43 -24.15 89.98
CA GLU GA 595 55.32 -23.69 88.93
C GLU GA 595 54.85 -24.20 87.58
N ILE GA 596 55.27 -23.49 86.52
CA ILE GA 596 54.88 -23.80 85.15
C ILE GA 596 56.11 -23.79 84.26
N HIS GA 597 56.17 -24.74 83.32
CA HIS GA 597 57.25 -24.87 82.37
C HIS GA 597 56.68 -25.11 80.99
N LEU GA 598 57.30 -24.51 79.98
CA LEU GA 598 56.95 -24.73 78.58
C LEU GA 598 58.19 -25.25 77.85
N ILE GA 599 58.07 -26.42 77.21
CA ILE GA 599 59.21 -27.09 76.60
C ILE GA 599 58.78 -27.80 75.32
N ASP GA 600 59.81 -28.28 74.59
CA ASP GA 600 59.79 -29.06 73.36
C ASP GA 600 59.44 -28.17 72.16
N VAL GA 601 59.18 -26.88 72.38
CA VAL GA 601 58.73 -25.99 71.30
C VAL GA 601 59.83 -25.85 70.26
N PRO GA 602 59.49 -25.66 68.99
CA PRO GA 602 60.53 -25.42 67.98
C PRO GA 602 61.25 -24.11 68.25
N LYS GA 603 62.54 -24.09 67.92
CA LYS GA 603 63.29 -22.85 68.04
C LYS GA 603 62.72 -21.82 67.07
N LYS GA 604 62.68 -20.56 67.52
CA LYS GA 604 61.79 -19.58 66.91
C LYS GA 604 62.13 -19.30 65.45
N HIS GA 605 63.42 -19.16 65.14
CA HIS GA 605 63.79 -18.62 63.83
C HIS GA 605 63.56 -19.59 62.69
N HIS GA 606 63.34 -20.88 62.96
CA HIS GA 606 63.08 -21.82 61.89
C HIS GA 606 61.61 -22.16 61.72
N ALA GA 607 60.77 -21.78 62.68
CA ALA GA 607 59.34 -22.05 62.62
C ALA GA 607 58.50 -20.80 62.40
N SER GA 608 58.88 -19.68 63.01
CA SER GA 608 58.21 -18.41 62.77
C SER GA 608 58.58 -17.80 61.43
N ARG GA 609 59.43 -18.48 60.65
CA ARG GA 609 59.74 -18.13 59.27
C ARG GA 609 60.39 -16.74 59.17
N THR GA 610 61.56 -16.63 59.81
CA THR GA 610 62.36 -15.42 59.77
C THR GA 610 63.76 -15.76 59.26
N GLU GA 611 64.39 -14.80 58.58
CA GLU GA 611 65.68 -15.01 57.95
C GLU GA 611 66.72 -14.11 58.61
N SER GA 612 67.86 -14.71 59.01
CA SER GA 612 68.83 -14.04 59.86
C SER GA 612 70.17 -13.87 59.15
N TYR GA 613 70.86 -12.78 59.46
CA TYR GA 613 72.19 -12.52 58.93
C TYR GA 613 73.09 -11.97 60.04
N VAL GA 614 74.39 -12.12 59.84
CA VAL GA 614 75.38 -11.62 60.78
C VAL GA 614 76.39 -10.75 60.03
N ALA GA 615 76.92 -9.75 60.73
CA ALA GA 615 77.93 -8.86 60.16
C ALA GA 615 78.73 -8.28 61.30
N LEU GA 616 79.97 -8.70 61.44
CA LEU GA 616 80.74 -8.17 62.56
C LEU GA 616 81.79 -7.19 62.07
N PRO GA 617 82.14 -6.19 62.88
CA PRO GA 617 83.14 -5.22 62.45
C PRO GA 617 84.49 -5.88 62.28
N PRO GA 618 85.33 -5.37 61.38
CA PRO GA 618 86.59 -6.06 61.09
C PRO GA 618 87.59 -5.92 62.23
N LEU GA 619 88.50 -6.88 62.29
CA LEU GA 619 89.56 -6.83 63.29
C LEU GA 619 90.55 -5.72 62.95
N VAL GA 620 90.74 -4.79 63.88
CA VAL GA 620 91.65 -3.66 63.72
C VAL GA 620 92.88 -3.94 64.56
N SER GA 621 94.05 -3.86 63.93
CA SER GA 621 95.30 -4.24 64.57
C SER GA 621 95.87 -3.17 65.48
N GLU GA 622 95.18 -2.04 65.65
CA GLU GA 622 95.66 -0.97 66.51
C GLU GA 622 95.73 -1.45 67.96
N SER GA 623 96.74 -0.94 68.68
CA SER GA 623 96.92 -1.33 70.08
C SER GA 623 95.73 -0.94 70.93
N LEU GA 624 95.21 0.28 70.74
CA LEU GA 624 93.98 0.67 71.41
C LEU GA 624 92.76 -0.03 70.82
N GLY GA 625 92.87 -0.53 69.59
CA GLY GA 625 91.78 -1.26 68.98
C GLY GA 625 90.59 -0.42 68.58
N PHE GA 626 90.79 0.88 68.39
CA PHE GA 626 89.68 1.78 68.07
C PHE GA 626 89.48 1.86 66.57
N HIS GA 627 88.23 2.13 66.18
CA HIS GA 627 87.87 2.28 64.78
C HIS GA 627 87.90 3.75 64.38
N ASN GA 628 87.77 3.99 63.08
CA ASN GA 628 87.73 5.36 62.57
C ASN GA 628 86.58 5.50 61.58
N ASN GA 629 86.42 6.71 61.04
CA ASN GA 629 85.40 6.96 60.03
C ASN GA 629 85.68 6.14 58.77
N ASN GA 630 86.95 5.94 58.44
CA ASN GA 630 87.30 5.17 57.24
C ASN GA 630 86.88 3.71 57.37
N THR GA 631 87.26 3.08 58.48
CA THR GA 631 86.91 1.67 58.65
C THR GA 631 85.42 1.49 58.91
N LEU GA 632 84.75 2.49 59.49
CA LEU GA 632 83.30 2.39 59.60
C LEU GA 632 82.62 2.53 58.25
N ALA GA 633 83.19 3.33 57.34
CA ALA GA 633 82.70 3.32 55.96
C ALA GA 633 82.91 1.96 55.32
N VAL GA 634 84.05 1.33 55.58
CA VAL GA 634 84.30 -0.02 55.07
C VAL GA 634 83.27 -1.01 55.61
N TYR GA 635 82.98 -0.93 56.90
CA TYR GA 635 81.97 -1.79 57.53
C TYR GA 635 80.59 -1.54 56.92
N GLN GA 636 80.26 -0.27 56.66
CA GLN GA 636 78.98 0.05 56.04
C GLN GA 636 78.88 -0.53 54.64
N GLY GA 637 79.96 -0.46 53.86
CA GLY GA 637 79.94 -1.10 52.55
C GLY GA 637 79.79 -2.61 52.62
N LEU GA 638 80.45 -3.23 53.60
CA LEU GA 638 80.35 -4.68 53.76
C LEU GA 638 78.93 -5.10 54.12
N VAL GA 639 78.30 -4.40 55.07
CA VAL GA 639 76.94 -4.75 55.45
C VAL GA 639 75.97 -4.41 54.33
N TYR GA 640 76.32 -3.41 53.50
CA TYR GA 640 75.54 -3.14 52.30
C TYR GA 640 75.52 -4.32 51.36
N TYR GA 641 76.69 -4.89 51.08
CA TYR GA 641 76.70 -5.93 50.07
C TYR GA 641 76.08 -7.19 50.67
N LEU GA 642 76.15 -7.34 52.01
CA LEU GA 642 75.43 -8.44 52.67
C LEU GA 642 73.93 -8.34 52.44
N LEU GA 643 73.36 -7.15 52.70
CA LEU GA 643 71.93 -6.96 52.47
C LEU GA 643 71.57 -7.11 50.99
N TRP GA 644 72.43 -6.58 50.10
CA TRP GA 644 72.18 -6.67 48.67
C TRP GA 644 72.26 -8.11 48.18
N LEU GA 645 73.19 -8.89 48.71
CA LEU GA 645 73.29 -10.30 48.38
C LEU GA 645 72.04 -11.05 48.84
N HIS GA 646 71.56 -10.73 50.04
CA HIS GA 646 70.30 -11.31 50.52
C HIS GA 646 69.16 -10.99 49.58
N SER GA 647 69.04 -9.73 49.16
CA SER GA 647 67.95 -9.36 48.28
C SER GA 647 68.14 -9.88 46.86
N LYS GA 648 69.36 -10.26 46.47
CA LYS GA 648 69.63 -10.70 45.11
C LYS GA 648 69.75 -12.20 44.95
N TYR GA 649 69.65 -12.99 46.04
CA TYR GA 649 69.71 -14.43 45.87
C TYR GA 649 68.37 -15.04 45.37
N ASP GA 650 67.51 -14.25 44.74
CA ASP GA 650 66.26 -14.75 44.18
C ASP GA 650 66.40 -15.21 42.73
N LYS GA 651 67.59 -15.64 42.32
CA LYS GA 651 67.77 -16.16 40.97
C LYS GA 651 67.05 -17.50 40.83
N PRO GA 652 66.56 -17.83 39.62
CA PRO GA 652 65.71 -19.01 39.47
C PRO GA 652 66.48 -20.32 39.28
N TYR GA 653 67.77 -20.35 39.56
CA TYR GA 653 68.57 -21.55 39.39
C TYR GA 653 68.91 -22.17 40.74
N ALA GA 654 69.17 -23.48 40.71
CA ALA GA 654 69.30 -24.24 41.95
C ALA GA 654 70.62 -23.97 42.66
N ASP GA 655 71.73 -23.90 41.90
CA ASP GA 655 73.09 -23.68 42.38
C ASP GA 655 73.56 -24.85 43.23
N PRO GA 656 74.85 -24.94 43.58
CA PRO GA 656 75.25 -25.81 44.71
C PRO GA 656 74.71 -25.31 46.05
N VAL GA 657 75.17 -25.93 47.15
CA VAL GA 657 74.75 -25.56 48.50
C VAL GA 657 74.78 -24.04 48.65
N HIS GA 658 73.64 -23.50 49.11
CA HIS GA 658 73.22 -22.13 48.77
C HIS GA 658 74.27 -21.07 49.13
N ASP GA 659 74.50 -20.87 50.44
CA ASP GA 659 75.64 -20.21 51.06
C ASP GA 659 76.19 -19.03 50.23
N PRO GA 660 75.46 -17.91 50.16
CA PRO GA 660 75.90 -16.82 49.28
C PRO GA 660 77.26 -16.24 49.65
N THR GA 661 77.62 -16.20 50.92
CA THR GA 661 78.95 -15.73 51.31
C THR GA 661 80.03 -16.71 50.87
N TRP GA 662 79.76 -18.01 50.96
CA TRP GA 662 80.70 -19.00 50.44
C TRP GA 662 80.83 -18.88 48.92
N ARG GA 663 79.73 -18.57 48.23
CA ARG GA 663 79.81 -18.35 46.81
C ARG GA 663 80.59 -17.08 46.50
N TRP GA 664 80.53 -16.08 47.38
CA TRP GA 664 81.32 -14.88 47.18
C TRP GA 664 82.78 -15.27 47.21
N TRP GA 665 83.18 -15.94 48.31
CA TRP GA 665 84.58 -16.20 48.57
C TRP GA 665 85.16 -17.17 47.56
N GLN GA 666 84.58 -18.36 47.46
CA GLN GA 666 84.94 -19.36 46.44
C GLN GA 666 86.42 -19.71 46.53
N HIS GA 667 87.24 -19.00 45.76
CA HIS GA 667 88.68 -19.23 45.76
C HIS GA 667 89.38 -18.65 46.99
N LYS GA 668 88.70 -17.83 47.78
CA LYS GA 668 89.33 -17.23 48.95
C LYS GA 668 89.22 -18.08 50.20
N THR GA 669 88.61 -19.27 50.11
CA THR GA 669 88.55 -20.17 51.26
C THR GA 669 89.88 -20.89 51.50
N LYS GA 670 90.83 -20.81 50.57
CA LYS GA 670 92.13 -21.46 50.71
C LYS GA 670 93.23 -20.47 51.10
N ASP GA 671 92.85 -19.34 51.69
CA ASP GA 671 93.82 -18.32 52.09
C ASP GA 671 93.60 -17.89 53.54
N LYS GA 672 92.98 -18.76 54.35
CA LYS GA 672 92.67 -18.42 55.73
C LYS GA 672 93.94 -18.13 56.53
N ASP GA 673 94.80 -19.14 56.67
CA ASP GA 673 96.06 -18.93 57.38
C ASP GA 673 97.02 -18.03 56.62
N TYR GA 674 96.88 -17.92 55.30
CA TYR GA 674 97.68 -16.96 54.53
C TYR GA 674 97.41 -15.54 54.98
N PHE GA 675 96.13 -15.14 54.99
CA PHE GA 675 95.79 -13.81 55.45
C PHE GA 675 95.99 -13.67 56.95
N PHE GA 676 95.85 -14.76 57.71
CA PHE GA 676 96.13 -14.71 59.14
C PHE GA 676 97.60 -14.38 59.40
N TYR GA 677 98.51 -15.00 58.66
CA TYR GA 677 99.93 -14.67 58.82
C TYR GA 677 100.22 -13.26 58.33
N LEU GA 678 99.58 -12.85 57.23
CA LEU GA 678 99.79 -11.49 56.73
C LEU GA 678 99.31 -10.44 57.72
N PHE GA 679 98.26 -10.75 58.49
CA PHE GA 679 97.69 -9.84 59.47
C PHE GA 679 98.40 -9.88 60.82
N SER GA 680 98.86 -11.06 61.25
CA SER GA 680 99.34 -11.23 62.61
C SER GA 680 100.61 -10.44 62.87
N ASN GA 681 101.54 -10.43 61.92
CA ASN GA 681 102.77 -9.66 62.07
C ASN GA 681 102.56 -8.17 61.88
N ARG GA 682 101.31 -7.72 61.70
CA ARG GA 682 100.95 -6.31 61.54
C ARG GA 682 101.68 -5.70 60.34
N LEU GA 683 101.45 -6.29 59.18
CA LEU GA 683 102.13 -5.87 57.96
C LEU GA 683 101.13 -5.59 56.84
N ALA GA 684 100.04 -6.35 56.80
CA ALA GA 684 99.11 -6.29 55.69
C ALA GA 684 98.14 -5.13 55.88
N ALA GA 685 98.07 -4.26 54.87
CA ALA GA 685 97.08 -3.17 54.74
C ALA GA 685 97.19 -2.24 55.95
N GLU GA 686 96.06 -1.66 56.36
CA GLU GA 686 96.00 -0.76 57.51
C GLU GA 686 95.62 -1.50 58.79
N GLY GA 687 96.01 -2.77 58.91
CA GLY GA 687 95.59 -3.58 60.04
C GLY GA 687 94.11 -3.90 60.04
N ILE GA 688 93.55 -4.26 58.90
CA ILE GA 688 92.14 -4.60 58.75
C ILE GA 688 92.04 -6.07 58.39
N TYR GA 689 91.25 -6.83 59.16
CA TYR GA 689 91.07 -8.26 58.92
C TYR GA 689 89.58 -8.61 58.87
N ILE GA 690 89.21 -9.45 57.92
CA ILE GA 690 87.83 -9.85 57.70
C ILE GA 690 87.73 -11.37 57.85
N ASN GA 691 86.66 -11.84 58.48
CA ASN GA 691 86.49 -13.25 58.84
C ASN GA 691 85.30 -13.86 58.10
N MET GA 692 85.14 -15.17 58.29
CA MET GA 692 84.05 -15.96 57.73
C MET GA 692 82.79 -15.93 58.57
N ASN GA 693 82.89 -16.37 59.83
CA ASN GA 693 81.76 -16.43 60.74
C ASN GA 693 81.12 -15.06 60.97
N ALA GA 694 81.87 -13.98 60.77
CA ALA GA 694 81.32 -12.64 60.93
C ALA GA 694 80.20 -12.37 59.93
N TYR GA 695 80.44 -12.66 58.65
CA TYR GA 695 79.50 -12.35 57.57
C TYR GA 695 79.01 -13.65 56.94
N GLN GA 696 77.81 -14.08 57.28
CA GLN GA 696 77.14 -15.21 56.65
C GLN GA 696 75.66 -15.18 57.04
N LYS GA 697 74.95 -16.25 56.72
CA LYS GA 697 73.53 -16.38 57.00
C LYS GA 697 73.32 -17.53 57.98
N LEU GA 698 72.55 -17.27 59.03
CA LEU GA 698 72.43 -18.18 60.16
C LEU GA 698 71.36 -19.24 59.87
N TYR GA 699 71.81 -20.47 59.60
CA TYR GA 699 70.86 -21.57 59.43
C TYR GA 699 70.38 -22.09 60.78
N ASN GA 700 71.29 -22.61 61.59
CA ASN GA 700 70.97 -23.20 62.89
C ASN GA 700 71.87 -22.59 63.94
N MET GA 701 71.27 -22.11 65.03
CA MET GA 701 72.01 -21.37 66.04
C MET GA 701 71.32 -21.59 67.37
N SER GA 702 71.68 -20.78 68.38
CA SER GA 702 71.12 -20.88 69.72
C SER GA 702 70.41 -19.57 70.05
N GLY GA 703 69.15 -19.48 69.65
CA GLY GA 703 68.39 -18.26 69.80
C GLY GA 703 67.67 -18.15 71.13
N ASP GA 704 66.53 -17.47 71.10
CA ASP GA 704 65.75 -17.26 72.31
C ASP GA 704 65.14 -18.57 72.81
N TYR GA 705 64.95 -18.65 74.12
CA TYR GA 705 64.17 -19.71 74.71
C TYR GA 705 62.72 -19.22 74.84
N GLY GA 706 61.91 -19.97 75.56
CA GLY GA 706 60.54 -19.56 75.78
C GLY GA 706 59.64 -19.88 74.60
N ILE GA 707 58.47 -19.26 74.62
CA ILE GA 707 57.39 -19.56 73.69
C ILE GA 707 57.72 -18.97 72.32
N PRO GA 708 57.49 -19.72 71.23
CA PRO GA 708 57.58 -19.14 69.90
C PRO GA 708 56.54 -18.06 69.70
N ASP GA 709 56.88 -17.05 68.89
CA ASP GA 709 56.01 -15.89 68.77
C ASP GA 709 54.75 -16.20 67.96
N LEU GA 710 54.92 -16.59 66.70
CA LEU GA 710 53.81 -16.87 65.80
C LEU GA 710 54.10 -18.16 65.03
N PHE GA 711 53.16 -18.57 64.18
CA PHE GA 711 53.32 -19.83 63.48
C PHE GA 711 52.79 -19.74 62.06
N PHE GA 712 53.30 -20.63 61.20
CA PHE GA 712 52.82 -20.80 59.84
C PHE GA 712 52.57 -22.29 59.60
N LEU GA 713 51.44 -22.62 58.96
CA LEU GA 713 51.10 -24.02 58.72
C LEU GA 713 50.67 -24.25 57.28
N ASP GA 714 51.08 -25.39 56.71
CA ASP GA 714 50.88 -25.75 55.30
C ASP GA 714 50.40 -27.21 55.06
N LYS GA 715 49.07 -27.36 54.89
CA LYS GA 715 48.49 -28.60 54.38
C LYS GA 715 48.91 -29.84 55.18
N GLY GA 716 48.45 -29.88 56.43
CA GLY GA 716 48.59 -31.08 57.23
C GLY GA 716 49.83 -31.18 58.10
N ASN GA 717 50.76 -30.24 58.00
CA ASN GA 717 51.81 -30.19 59.00
C ASN GA 717 51.22 -29.74 60.34
N TRP GA 718 52.03 -29.82 61.39
CA TRP GA 718 51.50 -29.69 62.74
C TRP GA 718 52.61 -29.22 63.67
N PHE GA 719 52.26 -29.01 64.93
CA PHE GA 719 53.30 -28.86 65.94
C PHE GA 719 52.73 -29.16 67.32
N THR GA 720 53.65 -29.42 68.26
CA THR GA 720 53.31 -29.73 69.64
C THR GA 720 53.98 -28.73 70.58
N ILE GA 721 53.31 -28.50 71.70
CA ILE GA 721 53.88 -27.81 72.85
C ILE GA 721 53.72 -28.75 74.04
N THR GA 722 54.80 -28.98 74.79
CA THR GA 722 54.69 -29.84 75.95
C THR GA 722 54.82 -28.97 77.19
N VAL GA 723 53.79 -29.00 78.02
CA VAL GA 723 53.74 -28.17 79.22
C VAL GA 723 53.96 -29.08 80.42
N VAL GA 724 54.63 -28.54 81.44
CA VAL GA 724 54.90 -29.26 82.66
C VAL GA 724 54.48 -28.37 83.83
N LEU GA 725 53.58 -28.87 84.67
CA LEU GA 725 53.12 -28.13 85.83
C LEU GA 725 53.62 -28.82 87.09
N LEU GA 726 54.03 -28.02 88.07
CA LEU GA 726 54.40 -28.52 89.39
C LEU GA 726 53.39 -27.95 90.38
N SER GA 727 52.75 -28.82 91.15
CA SER GA 727 51.62 -28.44 91.98
C SER GA 727 52.08 -28.12 93.40
N HIS GA 728 51.11 -27.85 94.27
CA HIS GA 728 51.38 -27.65 95.69
C HIS GA 728 51.87 -28.94 96.33
N GLN GA 729 52.50 -28.80 97.50
CA GLN GA 729 53.07 -29.95 98.18
C GLN GA 729 51.98 -30.92 98.64
N ASP GA 730 50.83 -30.39 99.06
CA ASP GA 730 49.72 -31.19 99.58
C ASP GA 730 48.43 -30.84 98.83
N THR GA 731 48.51 -30.80 97.51
CA THR GA 731 47.37 -30.36 96.71
C THR GA 731 46.31 -31.44 96.56
N PHE GA 732 46.62 -32.69 96.86
CA PHE GA 732 45.64 -33.77 96.83
C PHE GA 732 45.64 -34.52 98.15
N THR GA 733 44.49 -35.10 98.48
CA THR GA 733 44.30 -35.91 99.68
C THR GA 733 44.02 -37.36 99.28
N SER GA 734 43.80 -38.19 100.31
CA SER GA 734 43.46 -39.58 100.05
C SER GA 734 42.06 -39.72 99.46
N SER GA 735 41.23 -38.68 99.60
CA SER GA 735 39.90 -38.69 99.01
C SER GA 735 39.92 -38.55 97.49
N ASP GA 736 41.07 -38.26 96.90
CA ASP GA 736 41.19 -38.17 95.45
C ASP GA 736 41.40 -39.52 94.78
N SER GA 737 41.48 -40.60 95.57
CA SER GA 737 41.61 -41.95 95.02
C SER GA 737 40.22 -42.56 94.82
N GLN GA 738 39.56 -42.10 93.76
CA GLN GA 738 38.19 -42.52 93.48
C GLN GA 738 38.07 -43.49 92.32
N GLY GA 739 39.01 -43.46 91.37
CA GLY GA 739 38.95 -44.35 90.23
C GLY GA 739 40.28 -45.01 89.96
N PRO GA 740 40.35 -45.79 88.87
CA PRO GA 740 41.64 -46.39 88.47
C PRO GA 740 42.70 -45.36 88.16
N THR GA 741 42.33 -44.20 87.65
CA THR GA 741 43.23 -43.09 87.44
C THR GA 741 42.78 -41.91 88.29
N ILE GA 742 43.74 -41.21 88.89
CA ILE GA 742 43.42 -40.08 89.75
C ILE GA 742 42.87 -38.94 88.93
N ASN GA 743 41.70 -38.45 89.30
CA ASN GA 743 41.07 -37.33 88.60
C ASN GA 743 41.81 -36.06 89.04
N VAL GA 744 42.51 -35.42 88.10
CA VAL GA 744 43.30 -34.24 88.41
C VAL GA 744 42.63 -32.96 87.94
N ASP GA 745 41.63 -33.06 87.06
CA ASP GA 745 40.99 -31.87 86.51
C ASP GA 745 40.14 -31.13 87.55
N LYS GA 746 39.83 -31.77 88.67
CA LYS GA 746 39.10 -31.07 89.73
C LYS GA 746 39.95 -30.00 90.40
N LYS GA 747 41.27 -30.19 90.41
CA LYS GA 747 42.17 -29.30 91.14
C LYS GA 747 43.09 -28.50 90.22
N LEU GA 748 43.82 -29.16 89.32
CA LEU GA 748 44.73 -28.47 88.41
C LEU GA 748 44.49 -29.03 87.01
N ALA GA 749 43.82 -28.25 86.18
CA ALA GA 749 43.42 -28.69 84.86
C ALA GA 749 44.01 -27.77 83.81
N ILE GA 750 44.22 -28.32 82.62
CA ILE GA 750 44.78 -27.61 81.49
C ILE GA 750 43.77 -27.65 80.35
N ALA GA 751 43.55 -26.50 79.71
CA ALA GA 751 42.54 -26.40 78.69
C ALA GA 751 43.07 -25.60 77.52
N VAL GA 752 42.45 -25.82 76.37
CA VAL GA 752 42.80 -25.13 75.13
C VAL GA 752 41.51 -24.69 74.44
N THR GA 753 41.48 -23.45 73.99
CA THR GA 753 40.36 -22.93 73.22
C THR GA 753 40.84 -22.59 71.82
N ILE GA 754 40.02 -22.91 70.84
CA ILE GA 754 40.33 -22.61 69.45
C ILE GA 754 39.29 -21.64 68.93
N ALA GA 755 39.72 -20.78 68.02
CA ALA GA 755 38.82 -19.95 67.22
C ALA GA 755 38.92 -20.39 65.77
N ASP GA 756 37.88 -20.07 65.00
CA ASP GA 756 37.66 -20.64 63.68
C ASP GA 756 37.78 -22.18 63.75
N PRO GA 757 36.96 -22.84 64.58
CA PRO GA 757 37.27 -24.23 64.97
C PRO GA 757 37.21 -25.23 63.84
N GLU GA 758 36.51 -24.94 62.75
CA GLU GA 758 36.37 -25.91 61.66
C GLU GA 758 37.54 -25.89 60.69
N CYS GA 759 38.68 -25.32 61.10
CA CYS GA 759 39.89 -25.39 60.30
C CYS GA 759 41.12 -25.78 61.13
N LEU GA 760 41.01 -25.82 62.46
CA LEU GA 760 42.13 -26.14 63.33
C LEU GA 760 41.69 -27.18 64.35
N SER GA 761 42.44 -28.27 64.47
CA SER GA 761 42.16 -29.32 65.43
C SER GA 761 43.25 -29.38 66.50
N VAL GA 762 42.84 -29.66 67.73
CA VAL GA 762 43.75 -29.71 68.86
C VAL GA 762 43.44 -30.96 69.67
N THR GA 763 44.48 -31.74 69.99
CA THR GA 763 44.35 -32.89 70.86
C THR GA 763 45.34 -32.75 72.00
N VAL GA 764 44.86 -32.87 73.23
CA VAL GA 764 45.72 -32.71 74.40
C VAL GA 764 45.67 -34.00 75.22
N THR GA 765 46.74 -34.25 75.96
CA THR GA 765 46.79 -35.44 76.80
C THR GA 765 47.72 -35.20 77.97
N GLN GA 766 47.27 -35.57 79.17
CA GLN GA 766 47.98 -35.37 80.42
C GLN GA 766 48.68 -36.64 80.87
N ASP GA 767 49.50 -36.49 81.92
CA ASP GA 767 50.02 -37.61 82.71
C ASP GA 767 50.45 -37.04 84.05
N VAL GA 768 50.27 -37.82 85.11
CA VAL GA 768 50.52 -37.35 86.48
C VAL GA 768 51.63 -38.20 87.10
N LEU GA 769 52.59 -37.54 87.73
CA LEU GA 769 53.61 -38.17 88.55
C LEU GA 769 53.52 -37.52 89.93
N LEU GA 770 52.85 -38.20 90.86
CA LEU GA 770 52.58 -37.59 92.17
C LEU GA 770 53.79 -37.63 93.10
N ASN GA 771 54.77 -38.50 92.82
CA ASN GA 771 55.99 -38.49 93.63
C ASN GA 771 56.74 -37.17 93.45
N ARG GA 772 56.84 -36.69 92.20
CA ARG GA 772 57.50 -35.44 91.90
C ARG GA 772 56.53 -34.26 91.83
N ASN GA 773 55.26 -34.50 92.16
CA ASN GA 773 54.23 -33.46 92.22
C ASN GA 773 54.07 -32.74 90.87
N ALA GA 774 54.16 -33.52 89.79
CA ALA GA 774 54.20 -32.96 88.45
C ALA GA 774 53.07 -33.51 87.60
N VAL GA 775 52.58 -32.67 86.70
CA VAL GA 775 51.64 -33.06 85.66
C VAL GA 775 52.29 -32.66 84.34
N ILE GA 776 52.63 -33.65 83.52
CA ILE GA 776 53.28 -33.42 82.24
C ILE GA 776 52.26 -33.71 81.16
N ASN GA 777 52.00 -32.74 80.30
CA ASN GA 777 51.01 -32.92 79.25
C ASN GA 777 51.57 -32.43 77.93
N LYS GA 778 51.04 -33.00 76.85
CA LYS GA 778 51.40 -32.61 75.50
C LYS GA 778 50.14 -32.12 74.80
N ILE GA 779 50.25 -30.98 74.12
CA ILE GA 779 49.21 -30.50 73.25
C ILE GA 779 49.73 -30.55 71.83
N LYS GA 780 48.97 -31.21 70.94
CA LYS GA 780 49.34 -31.38 69.55
C LYS GA 780 48.27 -30.70 68.72
N VAL GA 781 48.67 -29.74 67.90
CA VAL GA 781 47.74 -28.99 67.07
C VAL GA 781 48.06 -29.26 65.62
N ILE GA 782 47.03 -29.61 64.85
CA ILE GA 782 47.13 -30.08 63.48
C ILE GA 782 46.18 -29.27 62.60
N ASP GA 783 46.50 -29.22 61.31
CA ASP GA 783 45.65 -28.56 60.34
C ASP GA 783 44.55 -29.51 59.88
N LYS GA 784 43.37 -28.96 59.62
CA LYS GA 784 42.20 -29.75 59.26
C LYS GA 784 41.98 -29.87 57.76
N LYS GA 785 42.94 -29.42 56.95
CA LYS GA 785 42.99 -29.63 55.49
C LYS GA 785 41.86 -28.95 54.74
N ARG GA 786 41.06 -28.11 55.39
CA ARG GA 786 39.99 -27.37 54.73
C ARG GA 786 40.24 -25.87 54.90
N CYS GA 787 39.27 -25.07 54.46
CA CYS GA 787 39.27 -23.61 54.53
C CYS GA 787 40.47 -23.01 53.80
N SER GA 788 40.61 -21.68 53.87
CA SER GA 788 41.77 -20.93 53.38
C SER GA 788 42.11 -21.28 51.93
N GLU GA 789 41.24 -20.79 51.03
CA GLU GA 789 41.24 -21.10 49.61
C GLU GA 789 42.61 -21.05 48.95
N GLN GA 790 42.79 -21.82 47.87
CA GLN GA 790 44.10 -22.06 47.29
C GLN GA 790 44.71 -20.77 46.73
N GLY GA 791 45.94 -20.49 47.13
CA GLY GA 791 46.62 -19.26 46.76
C GLY GA 791 48.10 -19.52 46.58
N MET GA 792 48.92 -18.52 46.94
CA MET GA 792 50.37 -18.63 46.75
C MET GA 792 51.09 -17.59 47.59
N ILE GA 793 52.15 -18.04 48.27
CA ILE GA 793 53.14 -17.21 48.96
C ILE GA 793 52.55 -16.29 50.02
N GLY GA 794 51.65 -15.39 49.63
CA GLY GA 794 51.12 -14.44 50.60
C GLY GA 794 49.65 -14.14 50.48
N ARG GA 795 48.88 -15.08 49.96
CA ARG GA 795 47.47 -14.84 49.71
C ARG GA 795 46.54 -15.78 50.47
N ASN GA 796 46.83 -17.07 50.46
CA ASN GA 796 45.96 -18.07 51.08
C ASN GA 796 45.96 -18.01 52.60
N ILE GA 797 46.85 -17.24 53.21
CA ILE GA 797 46.98 -17.25 54.66
C ILE GA 797 45.77 -16.58 55.29
N LYS GA 798 45.22 -17.23 56.31
CA LYS GA 798 44.23 -16.68 57.21
C LYS GA 798 44.79 -16.78 58.63
N LYS GA 799 44.54 -15.75 59.43
CA LYS GA 799 45.08 -15.67 60.77
C LYS GA 799 44.10 -16.31 61.75
N THR GA 800 44.65 -17.00 62.76
CA THR GA 800 43.80 -17.65 63.75
C THR GA 800 44.58 -17.79 65.05
N SER GA 801 44.00 -17.32 66.14
CA SER GA 801 44.65 -17.35 67.46
C SER GA 801 44.02 -18.45 68.30
N MET GA 802 44.85 -19.35 68.81
CA MET GA 802 44.40 -20.31 69.80
C MET GA 802 44.91 -19.90 71.17
N MET GA 803 44.19 -20.32 72.20
CA MET GA 803 44.55 -20.02 73.58
C MET GA 803 44.90 -21.31 74.29
N LEU GA 804 46.05 -21.31 74.97
CA LEU GA 804 46.40 -22.38 75.89
C LEU GA 804 46.40 -21.80 77.29
N LYS GA 805 45.61 -22.37 78.18
CA LYS GA 805 45.51 -21.86 79.52
C LYS GA 805 45.43 -23.02 80.51
N VAL GA 806 45.69 -22.71 81.77
CA VAL GA 806 45.45 -23.65 82.85
C VAL GA 806 44.43 -23.02 83.78
N LEU GA 807 43.49 -23.83 84.26
CA LEU GA 807 42.23 -23.32 84.77
C LEU GA 807 42.41 -22.62 86.10
N GLY GA 808 41.84 -21.43 86.22
CA GLY GA 808 41.93 -20.65 87.44
C GLY GA 808 43.24 -19.89 87.59
N ALA GA 809 44.25 -20.23 86.81
CA ALA GA 809 45.52 -19.51 86.86
C ALA GA 809 45.46 -18.04 86.47
N PRO GA 810 44.80 -17.61 85.37
CA PRO GA 810 45.05 -16.27 84.85
C PRO GA 810 44.67 -15.16 85.83
N GLY GA 811 45.56 -14.19 85.94
CA GLY GA 811 45.40 -13.11 86.90
C GLY GA 811 46.04 -13.36 88.24
N ASN GA 812 45.70 -14.49 88.87
CA ASN GA 812 46.15 -14.75 90.23
C ASN GA 812 47.64 -15.03 90.29
N CYS GA 813 48.08 -16.09 89.62
CA CYS GA 813 49.47 -16.50 89.70
C CYS GA 813 50.36 -15.57 88.89
N ILE GA 814 51.64 -15.56 89.27
CA ILE GA 814 52.63 -14.70 88.66
C ILE GA 814 54.01 -15.26 88.98
N GLN GA 815 54.90 -15.24 88.00
CA GLN GA 815 56.30 -15.55 88.27
C GLN GA 815 56.99 -14.26 88.69
N ARG GA 816 57.29 -14.15 89.98
CA ARG GA 816 58.02 -13.01 90.50
C ARG GA 816 59.50 -13.36 90.44
N THR GA 817 60.23 -12.67 89.58
CA THR GA 817 61.67 -12.86 89.47
C THR GA 817 62.37 -11.61 89.99
N TYR GA 818 63.68 -11.59 89.83
CA TYR GA 818 64.41 -10.35 90.02
C TYR GA 818 63.93 -9.32 89.01
N LEU GA 819 63.74 -8.08 89.46
CA LEU GA 819 63.26 -6.97 88.64
C LEU GA 819 61.88 -7.28 88.03
N GLY GA 820 60.92 -7.48 88.92
CA GLY GA 820 59.53 -7.51 88.52
C GLY GA 820 58.93 -8.91 88.43
N GLY GA 821 57.69 -8.92 87.95
CA GLY GA 821 56.93 -10.15 87.81
C GLY GA 821 56.17 -10.25 86.50
N ILE GA 822 56.07 -11.48 85.98
CA ILE GA 822 55.48 -11.74 84.68
C ILE GA 822 54.26 -12.63 84.86
N ILE GA 823 53.27 -12.45 83.98
CA ILE GA 823 51.98 -13.11 84.08
C ILE GA 823 52.03 -14.46 83.37
N GLN GA 824 51.55 -15.50 84.04
CA GLN GA 824 51.55 -16.83 83.44
C GLN GA 824 50.15 -17.44 83.48
N GLY GA 825 50.07 -18.72 83.12
CA GLY GA 825 48.85 -19.47 83.17
C GLY GA 825 47.95 -19.34 81.97
N PHE GA 826 48.27 -18.43 81.04
CA PHE GA 826 47.37 -18.09 79.96
C PHE GA 826 48.21 -17.47 78.86
N LYS GA 827 48.28 -18.15 77.71
CA LYS GA 827 49.10 -17.68 76.60
C LYS GA 827 48.39 -17.94 75.29
N VAL GA 828 48.34 -16.92 74.45
CA VAL GA 828 47.65 -16.96 73.16
C VAL GA 828 48.72 -17.05 72.08
N VAL GA 829 48.60 -18.04 71.22
CA VAL GA 829 49.54 -18.22 70.10
C VAL GA 829 48.78 -18.04 68.80
N PRO GA 830 49.29 -17.23 67.88
CA PRO GA 830 48.66 -17.13 66.56
C PRO GA 830 49.33 -18.02 65.54
N ILE GA 831 48.50 -18.68 64.72
CA ILE GA 831 48.96 -19.43 63.57
C ILE GA 831 48.41 -18.74 62.34
N PHE GA 832 49.11 -18.88 61.23
CA PHE GA 832 48.64 -18.44 59.93
C PHE GA 832 48.54 -19.67 59.04
N ILE GA 833 47.33 -19.97 58.60
CA ILE GA 833 47.10 -21.10 57.72
C ILE GA 833 47.27 -20.63 56.29
N GLY GA 834 47.87 -21.47 55.45
CA GLY GA 834 48.15 -21.07 54.10
C GLY GA 834 49.52 -21.55 53.67
N CYS GA 835 50.36 -20.64 53.19
CA CYS GA 835 51.73 -21.03 52.92
C CYS GA 835 52.68 -19.86 53.11
N PRO GA 836 53.84 -20.10 53.71
CA PRO GA 836 54.69 -19.01 54.17
C PRO GA 836 55.68 -18.58 53.10
N PRO GA 837 56.54 -17.62 53.41
CA PRO GA 837 57.78 -17.48 52.65
C PRO GA 837 58.70 -18.65 52.92
N GLY GA 838 59.81 -18.68 52.18
CA GLY GA 838 60.86 -19.65 52.33
C GLY GA 838 60.83 -20.79 51.33
N LYS GA 839 59.66 -21.38 51.10
CA LYS GA 839 59.52 -22.56 50.24
C LYS GA 839 59.60 -22.15 48.78
N ARG GA 840 60.79 -22.23 48.20
CA ARG GA 840 61.00 -21.93 46.79
C ARG GA 840 61.35 -23.19 46.01
N LEU GA 841 60.97 -23.21 44.74
CA LEU GA 841 61.28 -24.31 43.84
C LEU GA 841 62.40 -23.92 42.91
N ALA GA 842 63.29 -24.87 42.63
CA ALA GA 842 64.41 -24.67 41.72
C ALA GA 842 64.56 -25.90 40.85
N PHE GA 843 65.38 -25.76 39.81
CA PHE GA 843 65.56 -26.80 38.80
C PHE GA 843 66.95 -27.41 38.95
N ASP GA 844 67.00 -28.72 39.18
CA ASP GA 844 68.25 -29.40 39.54
C ASP GA 844 69.17 -29.47 38.33
N VAL GA 845 70.09 -28.50 38.24
CA VAL GA 845 71.01 -28.42 37.11
C VAL GA 845 71.98 -29.61 37.12
N SER GA 846 72.59 -29.88 38.27
CA SER GA 846 73.58 -30.95 38.35
C SER GA 846 72.94 -32.32 38.15
N TYR GA 847 71.75 -32.54 38.73
CA TYR GA 847 71.04 -33.79 38.52
C TYR GA 847 70.64 -33.95 37.06
N THR GA 848 70.20 -32.85 36.42
CA THR GA 848 69.89 -32.91 35.00
C THR GA 848 71.13 -33.27 34.18
N ILE GA 849 72.28 -32.67 34.51
CA ILE GA 849 73.51 -32.93 33.77
C ILE GA 849 73.91 -34.39 33.90
N MET GA 850 73.92 -34.91 35.13
CA MET GA 850 74.43 -36.27 35.30
C MET GA 850 73.43 -37.30 34.79
N HIS GA 851 72.13 -37.02 34.88
CA HIS GA 851 71.14 -37.93 34.34
C HIS GA 851 71.18 -37.96 32.81
N SER GA 852 71.37 -36.79 32.18
CA SER GA 852 71.55 -36.76 30.73
C SER GA 852 72.82 -37.49 30.31
N GLU GA 853 73.89 -37.34 31.10
CA GLU GA 853 75.14 -38.06 30.82
C GLU GA 853 74.95 -39.56 30.96
N GLU GA 854 74.16 -39.99 31.96
CA GLU GA 854 73.94 -41.42 32.14
C GLU GA 854 73.02 -42.01 31.08
N ILE GA 855 72.04 -41.23 30.62
CA ILE GA 855 71.06 -41.76 29.67
C ILE GA 855 71.59 -41.71 28.25
N ASN GA 856 72.05 -40.54 27.80
CA ASN GA 856 72.46 -40.36 26.42
C ASN GA 856 73.94 -40.60 26.19
N LYS GA 857 74.68 -40.99 27.24
CA LYS GA 857 76.12 -41.25 27.20
C LYS GA 857 76.93 -40.01 26.82
N HIS GA 858 76.31 -38.83 26.87
CA HIS GA 858 76.97 -37.57 26.51
C HIS GA 858 76.09 -36.42 26.99
N TYR GA 859 76.72 -35.25 27.11
CA TYR GA 859 76.00 -33.99 27.33
C TYR GA 859 76.90 -32.86 26.88
N PHE GA 860 76.50 -32.15 25.84
CA PHE GA 860 77.31 -31.08 25.27
C PHE GA 860 76.71 -29.73 25.62
N ASP GA 861 77.55 -28.84 26.16
CA ASP GA 861 77.15 -27.47 26.45
C ASP GA 861 77.47 -26.60 25.24
N CYS GA 862 77.40 -25.29 25.43
CA CYS GA 862 77.74 -24.37 24.35
C CYS GA 862 79.25 -24.30 24.18
N VAL GA 863 79.67 -23.67 23.07
CA VAL GA 863 81.09 -23.39 22.88
C VAL GA 863 81.58 -22.42 23.96
N ILE GA 864 80.79 -21.40 24.26
CA ILE GA 864 81.06 -20.50 25.38
C ILE GA 864 80.33 -21.07 26.59
N LYS GA 865 81.09 -21.75 27.46
CA LYS GA 865 80.48 -22.39 28.61
C LYS GA 865 80.02 -21.38 29.64
N ASP GA 866 78.92 -21.69 30.32
CA ASP GA 866 78.37 -20.85 31.37
C ASP GA 866 78.17 -21.71 32.61
N ALA GA 867 78.62 -21.20 33.77
CA ALA GA 867 78.51 -21.95 35.01
C ALA GA 867 77.06 -22.06 35.45
N GLU GA 868 76.35 -20.93 35.48
CA GLU GA 868 74.95 -20.95 35.89
C GLU GA 868 74.03 -21.47 34.80
N MET GA 869 74.40 -21.28 33.53
CA MET GA 869 73.53 -21.60 32.41
C MET GA 869 74.05 -22.85 31.70
N PRO GA 870 73.34 -23.98 31.77
CA PRO GA 870 73.73 -25.15 30.98
C PRO GA 870 72.99 -25.21 29.65
N CYS GA 871 73.69 -25.56 28.58
CA CYS GA 871 73.09 -25.67 27.26
C CYS GA 871 72.60 -27.11 27.05
N PHE GA 872 71.29 -27.29 27.05
CA PHE GA 872 70.71 -28.61 26.89
C PHE GA 872 70.65 -29.00 25.41
N LEU GA 873 71.07 -30.23 25.12
CA LEU GA 873 71.09 -30.72 23.75
C LEU GA 873 69.68 -31.08 23.29
N PHE GA 874 69.35 -30.70 22.06
CA PHE GA 874 68.06 -31.07 21.48
C PHE GA 874 67.95 -32.58 21.29
N ARG GA 875 69.05 -33.23 20.86
CA ARG GA 875 69.03 -34.66 20.65
C ARG GA 875 68.92 -35.43 21.95
N ASP GA 876 69.49 -34.90 23.03
CA ASP GA 876 69.46 -35.58 24.32
C ASP GA 876 68.05 -35.57 24.90
N LEU GA 877 67.66 -36.69 25.50
CA LEU GA 877 66.38 -36.78 26.18
C LEU GA 877 66.44 -35.99 27.49
N PHE GA 878 65.44 -35.17 27.73
CA PHE GA 878 65.40 -34.30 28.91
C PHE GA 878 64.41 -34.85 29.92
N GLN GA 879 64.89 -35.06 31.15
CA GLN GA 879 64.04 -35.47 32.27
C GLN GA 879 64.15 -34.40 33.35
N PRO GA 880 63.14 -33.55 33.52
CA PRO GA 880 63.25 -32.45 34.48
C PRO GA 880 63.26 -32.95 35.92
N PHE GA 881 64.10 -32.29 36.72
CA PHE GA 881 64.15 -32.51 38.15
C PHE GA 881 64.01 -31.18 38.87
N PHE GA 882 63.23 -31.17 39.93
CA PHE GA 882 62.99 -29.96 40.70
C PHE GA 882 63.09 -30.27 42.18
N LEU GA 883 63.43 -29.26 42.96
CA LEU GA 883 63.50 -29.40 44.40
C LEU GA 883 62.91 -28.17 45.06
N VAL GA 884 62.31 -28.36 46.23
CA VAL GA 884 61.81 -27.28 47.05
C VAL GA 884 62.81 -27.07 48.18
N GLN GA 885 63.34 -25.86 48.28
CA GLN GA 885 64.24 -25.49 49.36
C GLN GA 885 63.53 -24.49 50.26
N ASP GA 886 63.66 -24.66 51.56
CA ASP GA 886 63.09 -23.75 52.54
C ASP GA 886 64.23 -22.88 53.03
N LEU GA 887 64.41 -21.73 52.39
CA LEU GA 887 65.63 -20.93 52.54
C LEU GA 887 65.82 -20.46 53.97
N VAL GA 888 64.74 -20.25 54.73
CA VAL GA 888 64.88 -19.91 56.14
C VAL GA 888 65.27 -21.09 57.01
N THR GA 889 65.32 -22.29 56.44
CA THR GA 889 65.74 -23.49 57.16
C THR GA 889 66.94 -24.11 56.46
N GLY GA 890 67.48 -25.15 57.07
CA GLY GA 890 68.54 -25.92 56.45
C GLY GA 890 67.98 -27.12 55.73
N ASP GA 891 66.88 -26.94 55.01
CA ASP GA 891 66.19 -28.03 54.33
C ASP GA 891 66.03 -27.71 52.85
N SER GA 892 66.32 -28.70 52.00
CA SER GA 892 66.14 -28.58 50.56
C SER GA 892 65.94 -29.99 50.02
N GLY GA 893 64.69 -30.34 49.74
CA GLY GA 893 64.34 -31.69 49.34
C GLY GA 893 63.71 -31.72 47.96
N SER GA 894 63.95 -32.81 47.24
CA SER GA 894 63.46 -32.94 45.86
C SER GA 894 61.93 -33.03 45.84
N PHE GA 895 61.37 -32.71 44.68
CA PHE GA 895 59.93 -32.66 44.49
C PHE GA 895 59.45 -34.05 44.08
N LEU GA 896 59.11 -34.86 45.08
CA LEU GA 896 58.62 -36.22 44.85
C LEU GA 896 57.11 -36.17 44.58
N GLY GA 897 56.77 -35.69 43.39
CA GLY GA 897 55.38 -35.58 43.01
C GLY GA 897 55.23 -35.13 41.58
N SER GA 898 54.00 -34.78 41.22
CA SER GA 898 53.65 -34.35 39.89
C SER GA 898 53.78 -32.85 39.75
N TYR GA 899 53.95 -32.39 38.51
CA TYR GA 899 54.02 -30.97 38.23
C TYR GA 899 53.52 -30.70 36.82
N VAL GA 900 53.12 -29.45 36.57
CA VAL GA 900 52.59 -29.02 35.29
C VAL GA 900 53.66 -28.18 34.60
N LEU GA 901 54.00 -28.54 33.37
CA LEU GA 901 55.05 -27.90 32.60
C LEU GA 901 54.49 -27.43 31.26
N LYS GA 902 54.75 -26.17 30.92
CA LYS GA 902 54.28 -25.59 29.67
C LYS GA 902 55.14 -24.38 29.32
N VAL GA 903 55.48 -24.25 28.05
CA VAL GA 903 56.34 -23.18 27.57
C VAL GA 903 55.52 -21.93 27.31
N VAL GA 904 55.93 -20.81 27.89
CA VAL GA 904 55.19 -19.55 27.76
C VAL GA 904 55.89 -18.53 26.89
N GLY GA 905 57.11 -18.79 26.45
CA GLY GA 905 57.74 -17.87 25.51
C GLY GA 905 59.04 -18.42 24.96
N GLY GA 906 59.43 -17.89 23.81
CA GLY GA 906 60.66 -18.30 23.16
C GLY GA 906 61.47 -17.15 22.60
N GLY GA 907 62.78 -17.32 22.51
CA GLY GA 907 63.65 -16.24 22.04
C GLY GA 907 64.93 -16.76 21.44
N ARG GA 908 65.46 -15.99 20.49
CA ARG GA 908 66.70 -16.33 19.82
C ARG GA 908 67.91 -15.99 20.68
N THR GA 909 68.00 -14.73 21.10
CA THR GA 909 69.15 -14.22 21.84
C THR GA 909 68.63 -13.61 23.15
N LEU GA 910 69.51 -12.94 23.87
CA LEU GA 910 69.14 -12.29 25.11
C LEU GA 910 68.17 -11.13 24.85
N ASN GA 911 67.28 -10.93 25.82
CA ASN GA 911 66.17 -9.96 25.80
C ASN GA 911 65.47 -9.86 24.44
N THR GA 912 65.20 -11.02 23.83
CA THR GA 912 64.43 -11.11 22.60
C THR GA 912 63.23 -12.03 22.81
N ILE GA 913 62.74 -12.12 24.04
CA ILE GA 913 61.71 -13.08 24.41
C ILE GA 913 60.43 -12.32 24.75
N ARG GA 914 59.31 -12.82 24.24
CA ARG GA 914 58.01 -12.28 24.59
C ARG GA 914 57.13 -13.39 25.14
N ASP GA 915 56.29 -13.03 26.11
CA ASP GA 915 55.34 -13.99 26.66
C ASP GA 915 54.24 -14.30 25.64
N TYR GA 916 53.61 -15.45 25.81
CA TYR GA 916 52.61 -15.92 24.87
C TYR GA 916 51.22 -15.91 25.51
N THR GA 917 50.21 -15.65 24.68
CA THR GA 917 48.84 -15.56 25.16
C THR GA 917 48.32 -16.93 25.55
N GLU GA 918 47.11 -16.94 26.13
CA GLU GA 918 46.50 -18.20 26.57
C GLU GA 918 46.20 -19.10 25.38
N GLU GA 919 45.67 -18.54 24.29
CA GLU GA 919 45.44 -19.34 23.09
C GLU GA 919 46.76 -19.79 22.47
N GLU GA 920 47.81 -18.97 22.59
CA GLU GA 920 49.13 -19.38 22.11
C GLU GA 920 49.64 -20.59 22.86
N ILE GA 921 49.53 -20.57 24.19
CA ILE GA 921 49.96 -21.71 25.01
C ILE GA 921 49.09 -22.92 24.73
N PHE GA 922 47.78 -22.70 24.47
CA PHE GA 922 46.91 -23.80 24.10
C PHE GA 922 47.34 -24.43 22.77
N ARG GA 923 47.74 -23.60 21.81
CA ARG GA 923 48.26 -24.12 20.56
C ARG GA 923 49.57 -24.88 20.76
N TYR GA 924 50.45 -24.37 21.61
CA TYR GA 924 51.81 -24.87 21.67
C TYR GA 924 52.01 -26.00 22.67
N ASN GA 925 51.07 -26.23 23.58
CA ASN GA 925 51.29 -27.22 24.64
C ASN GA 925 50.16 -28.24 24.73
N SER GA 926 48.93 -27.82 24.47
CA SER GA 926 47.80 -28.71 24.63
C SER GA 926 47.75 -29.72 23.48
N PRO GA 927 47.75 -31.02 23.77
CA PRO GA 927 47.62 -32.01 22.69
C PRO GA 927 46.27 -31.99 22.00
N LEU GA 928 45.26 -31.35 22.58
CA LEU GA 928 43.96 -31.23 21.93
C LEU GA 928 44.01 -30.36 20.69
N ASP GA 929 45.01 -29.49 20.57
CA ASP GA 929 45.14 -28.62 19.41
C ASP GA 929 45.54 -29.44 18.19
N THR GA 930 44.64 -29.55 17.21
CA THR GA 930 44.95 -30.28 15.98
C THR GA 930 45.95 -29.54 15.11
N THR GA 931 46.11 -28.24 15.31
CA THR GA 931 47.13 -27.48 14.57
C THR GA 931 48.52 -27.94 14.98
N ASN GA 932 49.40 -28.11 14.00
CA ASN GA 932 50.76 -28.57 14.26
C ASN GA 932 51.59 -27.47 14.90
N SER GA 933 51.27 -27.11 16.13
CA SER GA 933 51.96 -26.07 16.87
C SER GA 933 52.64 -26.60 18.14
N LEU GA 934 52.57 -27.89 18.39
CA LEU GA 934 53.10 -28.44 19.63
C LEU GA 934 54.62 -28.35 19.67
N ILE GA 935 55.14 -27.96 20.82
CA ILE GA 935 56.58 -27.85 20.99
C ILE GA 935 57.19 -29.16 21.49
N TRP GA 936 56.40 -29.97 22.20
CA TRP GA 936 56.91 -31.19 22.80
C TRP GA 936 55.78 -32.22 22.88
N LYS GA 937 56.16 -33.48 23.00
CA LYS GA 937 55.21 -34.56 23.16
C LYS GA 937 55.84 -35.65 24.00
N THR GA 938 55.14 -36.06 25.06
CA THR GA 938 55.60 -37.11 25.96
C THR GA 938 54.65 -38.29 25.86
N LYS GA 939 55.21 -39.49 25.70
CA LYS GA 939 54.43 -40.71 25.61
C LYS GA 939 54.01 -41.16 27.00
N VAL GA 940 53.09 -40.39 27.59
CA VAL GA 940 52.54 -40.66 28.90
C VAL GA 940 51.02 -40.72 28.78
N GLU GA 941 50.38 -41.22 29.84
CA GLU GA 941 48.93 -41.31 29.90
C GLU GA 941 48.30 -40.30 30.85
N ARG GA 942 49.03 -39.87 31.87
CA ARG GA 942 48.48 -38.97 32.87
C ARG GA 942 48.20 -37.60 32.29
N THR GA 943 46.99 -37.10 32.53
CA THR GA 943 46.57 -35.78 32.08
C THR GA 943 45.75 -35.13 33.18
N THR GA 944 45.78 -33.81 33.23
CA THR GA 944 45.08 -33.06 34.27
C THR GA 944 43.58 -33.02 33.96
N GLU GA 945 42.83 -32.28 34.76
CA GLU GA 945 41.42 -32.07 34.49
C GLU GA 945 41.22 -31.30 33.20
N ASP GA 946 40.10 -31.55 32.53
CA ASP GA 946 39.71 -31.02 31.22
C ASP GA 946 40.61 -31.49 30.09
N LYS GA 947 41.58 -32.37 30.38
CA LYS GA 947 42.50 -32.94 29.37
C LYS GA 947 43.22 -31.83 28.59
N LYS GA 948 43.65 -30.79 29.29
CA LYS GA 948 44.25 -29.65 28.63
C LYS GA 948 45.76 -29.78 28.50
N PHE GA 949 46.46 -30.12 29.58
CA PHE GA 949 47.90 -30.20 29.55
C PHE GA 949 48.37 -31.49 30.20
N TYR GA 950 49.50 -32.01 29.71
CA TYR GA 950 50.07 -33.21 30.29
C TYR GA 950 50.69 -32.90 31.66
N ILE GA 951 50.77 -33.93 32.49
CA ILE GA 951 51.24 -33.79 33.87
C ILE GA 951 52.51 -34.64 34.02
N MET GA 952 53.59 -33.99 34.44
CA MET GA 952 54.89 -34.63 34.55
C MET GA 952 55.24 -34.84 36.02
N SER GA 953 55.85 -35.98 36.32
CA SER GA 953 56.32 -36.31 37.66
C SER GA 953 57.83 -36.53 37.63
N HIS GA 954 58.37 -36.97 38.76
CA HIS GA 954 59.78 -37.36 38.82
C HIS GA 954 60.03 -38.75 38.25
N GLU GA 955 58.97 -39.53 38.03
CA GLU GA 955 59.07 -40.84 37.40
C GLU GA 955 58.73 -40.79 35.91
N SER GA 956 58.61 -39.60 35.34
CA SER GA 956 58.23 -39.47 33.94
C SER GA 956 59.31 -40.03 33.03
N PRO GA 957 58.93 -40.60 31.88
CA PRO GA 957 59.93 -41.13 30.95
C PRO GA 957 60.90 -40.09 30.42
N GLY GA 958 60.45 -38.87 30.22
CA GLY GA 958 61.30 -37.82 29.70
C GLY GA 958 60.48 -36.85 28.86
N VAL GA 959 61.19 -35.85 28.35
CA VAL GA 959 60.60 -34.81 27.51
C VAL GA 959 61.19 -34.93 26.12
N GLU GA 960 60.32 -35.14 25.13
CA GLU GA 960 60.71 -35.20 23.72
C GLU GA 960 60.24 -33.92 23.04
N TRP GA 961 61.18 -33.17 22.47
CA TRP GA 961 60.90 -31.84 21.93
C TRP GA 961 60.61 -31.95 20.44
N LEU GA 962 59.53 -31.30 20.00
CA LEU GA 962 59.11 -31.34 18.61
C LEU GA 962 59.22 -29.98 17.91
N CYS GA 963 58.53 -28.97 18.43
CA CYS GA 963 58.49 -27.60 17.89
C CYS GA 963 58.16 -27.62 16.39
N LEU GA 964 56.91 -27.98 16.11
CA LEU GA 964 56.43 -28.26 14.77
C LEU GA 964 56.29 -26.96 13.96
N GLU GA 965 55.60 -27.06 12.81
CA GLU GA 965 55.68 -26.05 11.77
C GLU GA 965 55.18 -24.67 12.23
N ASN GA 966 54.26 -24.62 13.18
CA ASN GA 966 53.80 -23.32 13.67
C ASN GA 966 54.74 -22.72 14.71
N SER GA 967 55.68 -23.50 15.25
CA SER GA 967 56.63 -22.98 16.20
C SER GA 967 57.68 -22.11 15.49
N PRO GA 968 58.33 -21.20 16.22
CA PRO GA 968 59.41 -20.40 15.62
C PRO GA 968 60.67 -21.18 15.29
N CYS GA 969 60.70 -22.51 15.49
CA CYS GA 969 61.82 -23.30 14.97
C CYS GA 969 61.89 -23.22 13.45
N TYR GA 970 60.73 -23.22 12.78
CA TYR GA 970 60.71 -23.10 11.34
C TYR GA 970 61.12 -21.69 10.91
N ASP GA 971 61.75 -21.62 9.73
CA ASP GA 971 62.29 -20.38 9.17
C ASP GA 971 63.32 -19.75 10.12
N ILE GA 972 64.39 -20.51 10.38
CA ILE GA 972 65.50 -20.07 11.21
C ILE GA 972 66.76 -20.13 10.38
N ILE GA 973 67.48 -19.00 10.31
CA ILE GA 973 68.71 -18.91 9.55
C ILE GA 973 69.76 -18.21 10.40
N PRO GA 974 70.95 -18.80 10.59
CA PRO GA 974 71.97 -18.15 11.40
C PRO GA 974 72.54 -16.91 10.73
N GLN GA 975 72.96 -15.96 11.56
CA GLN GA 975 73.64 -14.75 11.08
C GLN GA 975 75.15 -14.86 11.14
N SER GA 976 75.69 -15.96 11.68
CA SER GA 976 77.13 -16.13 11.81
C SER GA 976 77.43 -17.62 11.89
N ILE GA 977 78.68 -17.94 12.24
CA ILE GA 977 79.12 -19.33 12.35
C ILE GA 977 78.54 -19.94 13.61
N TYR GA 978 78.60 -21.28 13.71
CA TYR GA 978 78.10 -22.14 14.80
C TYR GA 978 76.58 -22.12 14.83
N PRO GA 979 75.93 -23.18 15.32
CA PRO GA 979 74.46 -23.18 15.40
C PRO GA 979 73.97 -22.25 16.48
N PRO GA 980 73.16 -21.25 16.11
CA PRO GA 980 72.55 -20.38 17.14
C PRO GA 980 71.59 -21.18 18.01
N GLU GA 981 71.53 -20.78 19.27
CA GLU GA 981 70.76 -21.49 20.29
C GLU GA 981 69.44 -20.79 20.54
N PHE GA 982 68.60 -21.41 21.35
CA PHE GA 982 67.28 -20.89 21.67
C PHE GA 982 67.02 -20.97 23.16
N PHE GA 983 66.27 -19.99 23.66
CA PHE GA 983 65.83 -19.97 25.05
C PHE GA 983 64.31 -20.06 25.08
N PHE GA 984 63.79 -20.88 26.00
CA PHE GA 984 62.34 -20.99 26.19
C PHE GA 984 62.03 -20.67 27.65
N LYS GA 985 61.31 -19.58 27.88
CA LYS GA 985 60.81 -19.31 29.22
C LYS GA 985 59.54 -20.11 29.43
N LEU GA 986 59.41 -20.69 30.63
CA LEU GA 986 58.35 -21.63 30.94
C LEU GA 986 58.19 -21.67 32.45
N LEU GA 987 56.97 -21.97 32.89
CA LEU GA 987 56.66 -22.05 34.31
C LEU GA 987 56.25 -23.47 34.67
N VAL GA 988 56.76 -23.93 35.81
CA VAL GA 988 56.36 -25.19 36.41
C VAL GA 988 55.42 -24.86 37.57
N SER GA 989 54.23 -25.46 37.54
CA SER GA 989 53.17 -25.16 38.49
C SER GA 989 52.70 -26.43 39.19
N ASN GA 990 52.01 -26.24 40.31
CA ASN GA 990 51.43 -27.33 41.09
C ASN GA 990 50.02 -26.95 41.53
N ARG GA 991 49.27 -26.30 40.65
CA ARG GA 991 48.00 -25.70 41.05
C ARG GA 991 46.92 -26.75 41.27
N GLY GA 992 46.85 -27.75 40.39
CA GLY GA 992 45.76 -28.71 40.48
C GLY GA 992 46.19 -30.16 40.52
N VAL GA 993 47.46 -30.42 40.84
CA VAL GA 993 47.96 -31.78 40.86
C VAL GA 993 48.63 -32.06 42.20
N ASP GA 994 48.16 -31.40 43.26
CA ASP GA 994 48.76 -31.52 44.58
C ASP GA 994 47.74 -32.03 45.59
N ASN GA 995 48.19 -32.93 46.47
CA ASN GA 995 47.39 -33.40 47.58
C ASN GA 995 48.12 -33.21 48.91
N SER GA 996 49.31 -32.63 48.89
CA SER GA 996 50.09 -32.44 50.11
C SER GA 996 50.64 -31.04 50.30
N THR GA 997 50.47 -30.13 49.36
CA THR GA 997 50.96 -28.77 49.47
C THR GA 997 49.79 -27.80 49.54
N TYR GA 998 49.92 -26.77 50.37
CA TYR GA 998 48.85 -25.79 50.51
C TYR GA 998 48.98 -24.63 49.53
N CYS GA 999 50.12 -24.49 48.85
CA CYS GA 999 50.19 -23.60 47.70
C CYS GA 999 51.22 -24.17 46.73
N ASP GA 1000 51.05 -23.84 45.46
CA ASP GA 1000 51.98 -24.30 44.45
C ASP GA 1000 53.28 -23.51 44.51
N TYR GA 1001 54.37 -24.16 44.12
CA TYR GA 1001 55.65 -23.50 43.96
C TYR GA 1001 55.84 -23.12 42.50
N LYS GA 1002 55.07 -22.13 42.08
CA LYS GA 1002 55.08 -21.66 40.69
C LYS GA 1002 56.44 -21.04 40.36
N LEU GA 1003 57.24 -21.74 39.57
CA LEU GA 1003 58.57 -21.27 39.21
C LEU GA 1003 58.63 -20.97 37.72
N THR GA 1004 58.95 -19.73 37.37
CA THR GA 1004 59.14 -19.33 35.98
C THR GA 1004 60.63 -19.23 35.71
N PHE GA 1005 61.13 -20.09 34.83
CA PHE GA 1005 62.55 -20.13 34.51
C PHE GA 1005 62.72 -20.26 33.01
N ILE GA 1006 63.96 -20.44 32.58
CA ILE GA 1006 64.32 -20.52 31.17
C ILE GA 1006 65.10 -21.80 30.92
N VAL GA 1007 64.72 -22.55 29.89
CA VAL GA 1007 65.44 -23.73 29.47
C VAL GA 1007 66.17 -23.42 28.17
N HIS GA 1008 67.43 -23.84 28.09
CA HIS GA 1008 68.27 -23.65 26.92
C HIS GA 1008 68.10 -24.82 25.97
N ILE GA 1009 68.34 -24.57 24.68
CA ILE GA 1009 68.38 -25.64 23.69
C ILE GA 1009 69.29 -25.22 22.54
N HIS GA 1010 69.89 -26.22 21.90
CA HIS GA 1010 70.65 -26.04 20.67
C HIS GA 1010 70.44 -27.27 19.80
N GLY GA 1011 70.23 -27.03 18.51
CA GLY GA 1011 69.86 -28.11 17.61
C GLY GA 1011 68.43 -28.01 17.12
N LEU GA 1012 67.99 -26.79 16.84
CA LEU GA 1012 66.68 -26.55 16.25
C LEU GA 1012 66.59 -27.22 14.88
N PRO GA 1013 65.46 -27.85 14.54
CA PRO GA 1013 65.34 -28.46 13.21
C PRO GA 1013 65.20 -27.43 12.11
N LEU GA 1014 65.49 -27.86 10.89
CA LEU GA 1014 65.41 -27.02 9.70
C LEU GA 1014 64.15 -27.37 8.91
N SER GA 1015 63.98 -26.70 7.77
CA SER GA 1015 62.73 -26.80 7.03
C SER GA 1015 62.90 -27.46 5.66
N SER GA 1016 61.97 -28.37 5.37
CA SER GA 1016 61.93 -29.02 4.06
C SER GA 1016 61.73 -28.01 2.94
N LYS GA 1017 61.07 -26.88 3.22
CA LYS GA 1017 60.94 -25.84 2.22
C LYS GA 1017 62.29 -25.25 1.84
N ARG GA 1018 63.14 -24.96 2.84
CA ARG GA 1018 64.48 -24.45 2.55
C ARG GA 1018 65.33 -25.48 1.82
N THR GA 1019 65.26 -26.75 2.26
CA THR GA 1019 66.03 -27.80 1.57
C THR GA 1019 65.57 -27.95 0.13
N SER GA 1020 64.26 -27.91 -0.11
CA SER GA 1020 63.75 -28.00 -1.48
C SER GA 1020 64.19 -26.81 -2.31
N PHE GA 1021 64.12 -25.60 -1.73
CA PHE GA 1021 64.49 -24.40 -2.48
C PHE GA 1021 65.95 -24.47 -2.91
N ILE GA 1022 66.84 -24.83 -1.98
CA ILE GA 1022 68.27 -24.88 -2.35
C ILE GA 1022 68.53 -26.01 -3.34
N VAL GA 1023 67.82 -27.14 -3.21
CA VAL GA 1023 68.08 -28.27 -4.10
C VAL GA 1023 67.65 -27.93 -5.55
N MET GA 1024 66.43 -27.42 -5.73
CA MET GA 1024 66.03 -27.02 -7.08
C MET GA 1024 66.83 -25.85 -7.64
N VAL GA 1025 67.24 -24.88 -6.81
CA VAL GA 1025 68.04 -23.80 -7.39
C VAL GA 1025 69.41 -24.31 -7.81
N SER GA 1026 70.00 -25.23 -7.04
CA SER GA 1026 71.27 -25.83 -7.44
C SER GA 1026 71.13 -26.65 -8.72
N THR GA 1027 70.06 -27.45 -8.83
CA THR GA 1027 69.86 -28.25 -10.03
C THR GA 1027 69.67 -27.37 -11.25
N SER GA 1028 68.84 -26.32 -11.13
CA SER GA 1028 68.57 -25.44 -12.26
C SER GA 1028 69.84 -24.72 -12.71
N PHE GA 1029 70.59 -24.16 -11.77
CA PHE GA 1029 71.81 -23.44 -12.13
C PHE GA 1029 72.84 -24.38 -12.75
N PHE GA 1030 72.98 -25.59 -12.20
CA PHE GA 1030 74.00 -26.50 -12.72
C PHE GA 1030 73.63 -27.06 -14.08
N ILE GA 1031 72.34 -27.36 -14.32
CA ILE GA 1031 71.96 -27.82 -15.65
C ILE GA 1031 72.07 -26.69 -16.67
N ALA GA 1032 71.80 -25.44 -16.26
CA ALA GA 1032 72.01 -24.32 -17.17
C ALA GA 1032 73.48 -24.19 -17.54
N LEU GA 1033 74.37 -24.30 -16.54
CA LEU GA 1033 75.80 -24.19 -16.81
C LEU GA 1033 76.30 -25.34 -17.68
N VAL GA 1034 75.81 -26.56 -17.43
CA VAL GA 1034 76.25 -27.71 -18.22
C VAL GA 1034 75.73 -27.61 -19.65
N VAL GA 1035 74.50 -27.13 -19.84
CA VAL GA 1035 73.96 -26.93 -21.18
C VAL GA 1035 74.74 -25.86 -21.92
N PHE GA 1036 75.12 -24.78 -21.23
CA PHE GA 1036 75.96 -23.76 -21.84
C PHE GA 1036 77.32 -24.34 -22.25
N TYR GA 1037 77.91 -25.16 -21.39
CA TYR GA 1037 79.19 -25.80 -21.72
C TYR GA 1037 79.06 -26.69 -22.94
N ILE GA 1038 77.98 -27.47 -23.02
CA ILE GA 1038 77.77 -28.37 -24.15
C ILE GA 1038 77.61 -27.58 -25.44
N LEU GA 1039 76.77 -26.54 -25.42
CA LEU GA 1039 76.51 -25.76 -26.63
C LEU GA 1039 77.75 -25.01 -27.09
N PHE GA 1040 78.53 -24.46 -26.16
CA PHE GA 1040 79.74 -23.75 -26.54
C PHE GA 1040 80.90 -24.68 -26.86
N CYS GA 1041 80.84 -25.95 -26.43
CA CYS GA 1041 81.82 -26.93 -26.86
C CYS GA 1041 81.50 -27.49 -28.25
N LEU GA 1042 80.24 -27.54 -28.63
CA LEU GA 1042 79.87 -27.90 -29.99
C LEU GA 1042 80.34 -26.83 -30.96
N HIS HA 1 47.86 -54.68 119.92
CA HIS HA 1 47.78 -53.27 119.60
C HIS HA 1 48.86 -52.87 118.59
N THR HA 2 50.08 -52.72 119.08
CA THR HA 2 51.21 -52.38 118.22
C THR HA 2 51.77 -53.64 117.57
N LEU HA 3 52.73 -53.43 116.66
CA LEU HA 3 53.48 -54.49 115.99
C LEU HA 3 52.55 -55.42 115.23
N CYS HA 4 52.15 -56.53 115.85
CA CYS HA 4 51.39 -57.56 115.17
C CYS HA 4 50.00 -57.71 115.79
N ARG HA 5 49.07 -58.18 114.96
CA ARG HA 5 47.80 -58.74 115.41
C ARG HA 5 47.81 -60.21 115.00
N VAL HA 6 47.58 -61.09 115.97
CA VAL HA 6 47.72 -62.53 115.70
C VAL HA 6 46.63 -63.00 114.74
N HIS HA 7 46.95 -64.05 114.00
CA HIS HA 7 45.98 -64.66 113.10
C HIS HA 7 46.21 -66.16 113.07
N THR HA 8 45.14 -66.93 113.21
CA THR HA 8 45.24 -68.38 113.26
C THR HA 8 44.83 -69.00 111.93
N VAL HA 9 45.66 -69.92 111.45
CA VAL HA 9 45.41 -70.64 110.20
C VAL HA 9 45.25 -72.12 110.52
N ARG HA 10 44.18 -72.70 109.99
CA ARG HA 10 43.82 -74.10 110.19
C ARG HA 10 42.86 -74.52 109.08
N THR HA 11 43.11 -75.67 108.49
CA THR HA 11 42.24 -76.23 107.45
C THR HA 11 42.09 -77.73 107.69
N GLY HA 12 41.22 -78.35 106.89
CA GLY HA 12 41.06 -79.79 106.93
C GLY HA 12 40.21 -80.34 108.05
N LYS HA 13 39.68 -79.47 108.92
CA LYS HA 13 38.88 -79.89 110.06
C LYS HA 13 37.42 -79.51 109.88
N VAL HA 14 36.92 -79.64 108.65
CA VAL HA 14 35.55 -79.26 108.35
C VAL HA 14 34.56 -80.32 108.81
N PHE HA 15 34.86 -81.60 108.54
CA PHE HA 15 33.97 -82.70 108.87
C PHE HA 15 34.72 -83.68 109.77
N LYS HA 16 34.09 -84.82 110.04
CA LYS HA 16 34.68 -85.84 110.91
C LYS HA 16 35.59 -86.72 110.06
N SER HA 17 36.79 -86.21 109.81
CA SER HA 17 37.80 -86.91 109.03
C SER HA 17 38.81 -87.55 109.96
N ASN HA 18 39.08 -88.84 109.76
CA ASN HA 18 39.97 -89.61 110.63
C ASN HA 18 41.36 -89.63 110.02
N ILE HA 19 42.26 -88.82 110.55
CA ILE HA 19 43.66 -88.79 110.15
C ILE HA 19 44.50 -89.07 111.38
N GLN HA 20 45.45 -89.99 111.25
CA GLN HA 20 46.34 -90.37 112.34
C GLN HA 20 47.76 -90.48 111.83
N LEU HA 21 48.71 -90.16 112.71
CA LEU HA 21 50.13 -90.23 112.35
C LEU HA 21 50.62 -91.67 112.45
N GLN HA 22 51.78 -91.91 111.84
CA GLN HA 22 52.36 -93.24 111.77
C GLN HA 22 53.88 -93.12 111.79
N GLY HA 23 54.50 -93.74 112.78
CA GLY HA 23 55.94 -93.71 112.95
C GLY HA 23 56.36 -92.84 114.12
N ASP HA 24 57.67 -92.75 114.32
CA ASP HA 24 58.18 -91.94 115.41
C ASP HA 24 58.32 -90.49 114.94
N PRO HA 25 57.95 -89.51 115.76
CA PRO HA 25 58.06 -88.12 115.34
C PRO HA 25 59.51 -87.63 115.33
N LEU HA 26 59.70 -86.46 114.73
CA LEU HA 26 61.00 -85.84 114.59
C LEU HA 26 61.08 -84.61 115.48
N PHE HA 27 62.21 -84.47 116.19
CA PHE HA 27 62.41 -83.33 117.08
C PHE HA 27 63.85 -82.83 116.97
N TYR HA 28 64.03 -81.54 117.22
CA TYR HA 28 65.33 -80.91 117.15
C TYR HA 28 66.20 -81.32 118.33
N ALA HA 29 67.50 -81.06 118.21
CA ALA HA 29 68.47 -81.42 119.23
C ALA HA 29 68.97 -80.22 120.02
N PHE HA 30 68.24 -79.11 119.99
CA PHE HA 30 68.67 -77.88 120.65
C PHE HA 30 67.46 -77.19 121.27
N PRO HA 31 67.67 -76.43 122.35
CA PRO HA 31 66.54 -75.70 122.96
C PRO HA 31 65.93 -74.64 122.05
N ASN HA 32 66.71 -74.03 121.17
CA ASN HA 32 66.20 -72.95 120.33
C ASN HA 32 65.35 -73.50 119.19
N THR HA 33 64.57 -72.61 118.59
CA THR HA 33 63.72 -72.93 117.45
C THR HA 33 64.25 -72.22 116.22
N PHE HA 34 64.17 -72.89 115.07
CA PHE HA 34 64.71 -72.35 113.83
C PHE HA 34 63.72 -72.54 112.69
N VAL HA 35 63.84 -71.69 111.67
CA VAL HA 35 63.07 -71.82 110.43
C VAL HA 35 64.05 -71.76 109.28
N LEU HA 36 64.29 -72.92 108.66
CA LEU HA 36 65.15 -72.99 107.49
C LEU HA 36 64.32 -72.78 106.23
N LYS HA 37 64.75 -71.84 105.40
CA LYS HA 37 64.01 -71.41 104.22
C LYS HA 37 64.84 -71.68 102.98
N ASN HA 38 64.21 -72.24 101.95
CA ASN HA 38 64.90 -72.44 100.68
C ASN HA 38 65.11 -71.10 99.99
N VAL HA 39 66.08 -71.05 99.07
CA VAL HA 39 66.57 -69.79 98.55
C VAL HA 39 65.53 -69.13 97.65
N CYS HA 40 65.20 -69.77 96.53
CA CYS HA 40 64.25 -69.20 95.58
C CYS HA 40 62.94 -69.99 95.52
N LYS HA 41 62.95 -71.23 95.98
CA LYS HA 41 61.68 -71.92 96.27
C LYS HA 41 61.27 -71.56 97.68
N ALA HA 42 61.01 -70.27 97.92
CA ALA HA 42 60.82 -69.74 99.26
C ALA HA 42 59.54 -70.22 99.92
N ASP HA 43 58.62 -70.80 99.16
CA ASP HA 43 57.41 -71.35 99.76
C ASP HA 43 57.72 -72.56 100.61
N ILE HA 44 58.66 -73.40 100.19
CA ILE HA 44 59.04 -74.57 100.95
C ILE HA 44 59.89 -74.15 102.15
N SER HA 45 59.53 -74.64 103.33
CA SER HA 45 60.25 -74.27 104.55
C SER HA 45 60.19 -75.41 105.55
N VAL HA 46 61.15 -75.41 106.48
CA VAL HA 46 61.22 -76.38 107.56
C VAL HA 46 61.30 -75.63 108.88
N TYR HA 47 60.34 -75.88 109.77
CA TYR HA 47 60.39 -75.37 111.14
C TYR HA 47 60.94 -76.48 112.03
N LEU HA 48 62.05 -76.20 112.69
CA LEU HA 48 62.71 -77.15 113.58
C LEU HA 48 62.56 -76.67 115.01
N GLY HA 49 61.99 -77.52 115.86
CA GLY HA 49 61.77 -77.22 117.26
C GLY HA 49 61.43 -78.49 118.02
N GLN HA 50 60.47 -78.40 118.94
CA GLN HA 50 60.00 -79.61 119.62
C GLN HA 50 59.33 -80.58 118.63
N LYS HA 51 58.73 -80.04 117.58
CA LYS HA 51 58.24 -80.83 116.46
C LYS HA 51 58.75 -80.21 115.16
N VAL HA 52 59.01 -81.06 114.18
CA VAL HA 52 59.59 -80.65 112.91
C VAL HA 52 58.48 -80.61 111.86
N PHE HA 53 58.33 -79.48 111.18
CA PHE HA 53 57.30 -79.29 110.18
C PHE HA 53 57.93 -78.94 108.84
N LEU HA 54 57.59 -79.70 107.81
CA LEU HA 54 58.01 -79.40 106.44
C LEU HA 54 56.78 -78.95 105.67
N THR HA 55 56.75 -77.67 105.29
CA THR HA 55 55.62 -77.10 104.57
C THR HA 55 56.02 -76.75 103.15
N ILE HA 56 55.15 -77.07 102.20
CA ILE HA 56 55.35 -76.66 100.83
C ILE HA 56 54.79 -75.26 100.60
N ASP HA 57 53.66 -74.93 101.22
CA ASP HA 57 53.12 -73.58 101.20
C ASP HA 57 53.85 -72.71 102.22
N ASN HA 58 53.57 -71.42 102.21
CA ASN HA 58 54.22 -70.50 103.15
C ASN HA 58 53.61 -70.60 104.54
N PHE HA 59 53.67 -71.81 105.12
CA PHE HA 59 53.08 -72.11 106.43
C PHE HA 59 51.59 -71.79 106.47
N GLU HA 60 50.92 -72.04 105.35
CA GLU HA 60 49.46 -72.05 105.31
C GLU HA 60 48.95 -73.46 105.64
N SER HA 61 47.63 -73.56 105.79
CA SER HA 61 46.93 -74.81 106.08
C SER HA 61 47.41 -75.45 107.38
N SER HA 62 47.05 -76.71 107.59
CA SER HA 62 47.47 -77.47 108.76
C SER HA 62 48.48 -78.52 108.34
N LEU HA 63 49.60 -78.58 109.06
CA LEU HA 63 50.72 -79.43 108.69
C LEU HA 63 50.90 -80.54 109.73
N LEU HA 64 50.98 -81.78 109.24
CA LEU HA 64 51.34 -82.90 110.09
C LEU HA 64 52.84 -82.91 110.35
N PRO HA 65 53.26 -83.32 111.54
CA PRO HA 65 54.70 -83.38 111.82
C PRO HA 65 55.40 -84.44 110.99
N LEU HA 66 56.69 -84.21 110.73
CA LEU HA 66 57.49 -85.15 109.96
C LEU HA 66 57.74 -86.42 110.78
N THR HA 67 57.55 -87.57 110.13
CA THR HA 67 57.67 -88.86 110.79
C THR HA 67 58.70 -89.73 110.09
N VAL HA 68 59.27 -90.64 110.85
CA VAL HA 68 60.15 -91.69 110.32
C VAL HA 68 59.33 -92.97 110.17
N PRO HA 69 59.31 -93.60 108.99
CA PRO HA 69 58.40 -94.71 108.75
C PRO HA 69 58.83 -96.05 109.36
N LYS HA 70 59.88 -96.07 110.18
CA LYS HA 70 60.32 -97.20 111.00
C LYS HA 70 60.88 -98.36 110.15
N SER HA 71 60.80 -98.28 108.82
CA SER HA 71 61.38 -99.32 107.98
C SER HA 71 62.90 -99.35 108.06
N LEU HA 72 63.52 -98.23 108.45
CA LEU HA 72 64.94 -98.16 108.72
C LEU HA 72 65.14 -97.76 110.17
N ALA HA 73 66.11 -98.38 110.83
CA ALA HA 73 66.35 -98.16 112.25
C ALA HA 73 67.12 -96.86 112.42
N VAL HA 74 66.41 -95.80 112.82
CA VAL HA 74 67.03 -94.50 113.03
C VAL HA 74 67.46 -94.27 114.46
N GLY HA 75 67.05 -95.13 115.39
CA GLY HA 75 67.36 -94.90 116.79
C GLY HA 75 66.60 -93.70 117.32
N VAL HA 76 67.30 -92.84 118.05
CA VAL HA 76 66.70 -91.61 118.57
C VAL HA 76 66.55 -90.63 117.43
N PRO HA 77 65.34 -90.11 117.17
CA PRO HA 77 65.12 -89.22 116.01
C PRO HA 77 65.40 -87.75 116.33
N SER HA 78 66.68 -87.43 116.46
CA SER HA 78 67.13 -86.08 116.77
C SER HA 78 67.84 -85.49 115.56
N ILE HA 79 67.40 -84.31 115.12
CA ILE HA 79 68.00 -83.62 113.99
C ILE HA 79 69.00 -82.60 114.52
N THR HA 80 70.24 -82.69 114.04
CA THR HA 80 71.29 -81.75 114.41
C THR HA 80 71.56 -80.71 113.33
N SER HA 81 71.41 -81.07 112.06
CA SER HA 81 71.65 -80.14 110.97
C SER HA 81 70.79 -80.53 109.77
N ALA HA 82 70.24 -79.52 109.10
CA ALA HA 82 69.41 -79.72 107.92
C ALA HA 82 69.90 -78.81 106.79
N HIS HA 83 69.73 -79.28 105.57
CA HIS HA 83 70.18 -78.54 104.40
C HIS HA 83 69.23 -78.79 103.24
N PHE HA 84 69.20 -77.84 102.31
CA PHE HA 84 68.38 -77.91 101.10
C PHE HA 84 69.31 -78.07 99.90
N VAL HA 85 69.26 -79.24 99.27
CA VAL HA 85 69.98 -79.45 98.02
C VAL HA 85 69.06 -79.09 96.86
N SER HA 86 69.65 -78.91 95.68
CA SER HA 86 68.89 -78.57 94.49
C SER HA 86 67.97 -79.73 94.11
N GLY HA 87 66.72 -79.42 93.79
CA GLY HA 87 65.74 -80.42 93.46
C GLY HA 87 64.59 -80.46 94.45
N SER HA 88 64.03 -81.65 94.67
CA SER HA 88 62.93 -81.84 95.60
C SER HA 88 63.38 -82.60 96.85
N LEU HA 89 64.64 -82.46 97.22
CA LEU HA 89 65.25 -83.25 98.28
C LEU HA 89 65.76 -82.36 99.40
N VAL HA 90 65.66 -82.86 100.63
CA VAL HA 90 66.15 -82.17 101.81
C VAL HA 90 66.99 -83.15 102.63
N LEU HA 91 68.12 -82.68 103.14
CA LEU HA 91 69.06 -83.51 103.87
C LEU HA 91 68.95 -83.24 105.37
N PHE HA 92 68.86 -84.31 106.15
CA PHE HA 92 68.83 -84.24 107.60
C PHE HA 92 69.97 -85.08 108.18
N VAL HA 93 70.47 -84.63 109.33
CA VAL HA 93 71.45 -85.39 110.10
C VAL HA 93 70.71 -85.95 111.31
N ILE HA 94 70.31 -87.22 111.24
CA ILE HA 94 69.57 -87.87 112.31
C ILE HA 94 70.48 -88.90 112.96
N SER HA 95 70.74 -88.71 114.26
CA SER HA 95 71.49 -89.64 115.09
C SER HA 95 72.89 -89.91 114.54
N GLY HA 96 73.50 -88.89 113.94
CA GLY HA 96 74.84 -89.03 113.40
C GLY HA 96 74.92 -89.62 112.01
N LYS HA 97 73.80 -90.00 111.41
CA LYS HA 97 73.77 -90.57 110.07
C LYS HA 97 72.95 -89.67 109.16
N GLY HA 98 73.36 -89.60 107.89
CA GLY HA 98 72.70 -88.70 106.95
C GLY HA 98 71.54 -89.35 106.23
N TYR HA 99 70.47 -88.57 106.07
CA TYR HA 99 69.28 -89.07 105.38
C TYR HA 99 68.75 -88.01 104.43
N SER HA 100 68.19 -88.47 103.32
CA SER HA 100 67.56 -87.63 102.33
C SER HA 100 66.06 -87.87 102.34
N TYR HA 101 65.29 -86.80 102.19
CA TYR HA 101 63.84 -86.88 102.20
C TYR HA 101 63.29 -86.15 100.98
N ASP HA 102 62.40 -86.80 100.25
CA ASP HA 102 61.67 -86.19 99.15
C ASP HA 102 60.31 -85.77 99.66
N TYR HA 103 59.96 -84.50 99.49
CA TYR HA 103 58.68 -83.98 99.98
C TYR HA 103 57.58 -84.01 98.94
N TYR HA 104 57.92 -83.89 97.65
CA TYR HA 104 56.92 -84.15 96.62
C TYR HA 104 56.47 -85.61 96.64
N GLU HA 105 57.42 -86.53 96.81
CA GLU HA 105 57.14 -87.92 97.09
C GLU HA 105 57.11 -88.11 98.60
N ASN HA 106 57.18 -89.35 99.08
CA ASN HA 106 57.36 -89.65 100.50
C ASN HA 106 58.52 -90.62 100.67
N THR HA 107 59.63 -90.31 100.01
CA THR HA 107 60.76 -91.22 99.92
C THR HA 107 61.86 -90.81 100.91
N TRP HA 108 62.25 -91.75 101.77
CA TRP HA 108 63.43 -91.62 102.60
C TRP HA 108 64.57 -92.42 101.98
N ARG HA 109 65.77 -91.84 102.01
CA ARG HA 109 66.97 -92.49 101.49
C ARG HA 109 68.09 -92.37 102.51
N LYS HA 110 68.88 -93.43 102.64
CA LYS HA 110 69.99 -93.46 103.58
C LYS HA 110 71.28 -93.09 102.85
N LEU HA 111 72.01 -92.11 103.39
CA LEU HA 111 73.27 -91.71 102.79
C LEU HA 111 74.34 -92.73 103.17
N GLU HA 112 74.86 -93.44 102.17
CA GLU HA 112 75.75 -94.57 102.38
C GLU HA 112 77.23 -94.19 102.36
N GLY HA 113 77.58 -93.00 101.89
CA GLY HA 113 78.98 -92.61 101.83
C GLY HA 113 79.59 -92.42 103.21
N ILE HA 114 78.84 -91.82 104.12
CA ILE HA 114 79.37 -91.50 105.44
C ILE HA 114 79.43 -92.77 106.29
N SER HA 115 80.55 -92.95 106.99
CA SER HA 115 80.70 -94.07 107.92
C SER HA 115 80.81 -93.60 109.36
N GLU HA 116 81.75 -92.71 109.67
CA GLU HA 116 81.86 -92.17 111.02
C GLU HA 116 80.73 -91.18 111.28
N PRO HA 117 80.24 -91.09 112.52
CA PRO HA 117 79.08 -90.23 112.80
C PRO HA 117 79.41 -88.76 112.67
N VAL HA 118 78.72 -88.09 111.75
CA VAL HA 118 78.88 -86.66 111.54
C VAL HA 118 77.77 -85.94 112.28
N SER HA 119 77.91 -84.62 112.42
CA SER HA 119 76.92 -83.83 113.12
C SER HA 119 76.43 -82.63 112.32
N HIS HA 120 77.01 -82.33 111.16
CA HIS HA 120 76.66 -81.12 110.44
C HIS HA 120 76.94 -81.30 108.95
N ILE HA 121 76.03 -80.77 108.14
CA ILE HA 121 76.08 -80.81 106.69
C ILE HA 121 76.09 -79.38 106.19
N SER HA 122 77.05 -79.06 105.32
CA SER HA 122 77.25 -77.70 104.86
C SER HA 122 77.38 -77.65 103.35
N GLY HA 123 76.96 -76.53 102.78
CA GLY HA 123 77.05 -76.31 101.35
C GLY HA 123 76.44 -74.97 101.00
N ASP HA 124 76.67 -74.56 99.75
CA ASP HA 124 76.15 -73.31 99.22
C ASP HA 124 75.23 -73.59 98.04
N VAL HA 125 74.14 -72.83 97.96
CA VAL HA 125 73.11 -73.02 96.94
C VAL HA 125 72.99 -71.75 96.12
N CYS HA 126 73.28 -71.87 94.82
CA CYS HA 126 72.89 -70.86 93.85
C CYS HA 126 71.80 -71.43 92.96
N CYS HA 127 70.77 -70.63 92.70
CA CYS HA 127 69.65 -71.08 91.87
C CYS HA 127 69.32 -70.02 90.83
N PHE HA 128 70.34 -69.35 90.32
CA PHE HA 128 70.24 -68.62 89.05
C PHE HA 128 69.94 -69.64 87.96
N LYS HA 129 69.01 -69.28 87.07
CA LYS HA 129 68.56 -70.23 86.06
C LYS HA 129 69.69 -70.53 85.08
N GLY HA 130 69.95 -71.80 84.85
CA GLY HA 130 71.02 -72.23 83.99
C GLY HA 130 71.63 -73.52 84.52
N SER HA 131 72.84 -73.80 84.06
CA SER HA 131 73.56 -75.00 84.45
C SER HA 131 74.90 -74.71 85.10
N PHE HA 132 75.26 -73.43 85.28
CA PHE HA 132 76.57 -73.10 85.84
C PHE HA 132 76.62 -73.40 87.34
N CYS HA 133 75.78 -72.73 88.12
CA CYS HA 133 75.82 -72.93 89.56
C CYS HA 133 74.99 -74.10 90.02
N LEU HA 134 74.32 -74.80 89.09
CA LEU HA 134 73.77 -76.12 89.41
C LEU HA 134 74.87 -77.06 89.85
N GLU HA 135 76.03 -77.01 89.19
CA GLU HA 135 77.18 -77.79 89.61
C GLU HA 135 77.84 -77.20 90.85
N LEU HA 136 77.74 -75.89 91.04
CA LEU HA 136 78.29 -75.26 92.24
C LEU HA 136 77.53 -75.69 93.49
N SER HA 137 76.21 -75.88 93.38
CA SER HA 137 75.38 -76.30 94.50
C SER HA 137 75.43 -77.80 94.75
N ASN HA 138 76.43 -78.50 94.22
CA ASN HA 138 76.57 -79.93 94.38
C ASN HA 138 77.72 -80.33 95.30
N ASN HA 139 78.63 -79.42 95.60
CA ASN HA 139 79.76 -79.71 96.50
C ASN HA 139 79.29 -79.52 97.93
N LEU HA 140 79.46 -80.55 98.75
CA LEU HA 140 78.88 -80.57 100.09
C LEU HA 140 79.88 -81.16 101.07
N PHE HA 141 79.93 -80.58 102.26
CA PHE HA 141 80.82 -81.00 103.33
C PHE HA 141 80.02 -81.66 104.44
N ALA HA 142 80.54 -82.75 104.99
CA ALA HA 142 79.94 -83.43 106.13
C ALA HA 142 81.00 -83.53 107.22
N TYR HA 143 80.70 -82.97 108.39
CA TYR HA 143 81.71 -82.89 109.45
C TYR HA 143 81.03 -83.00 110.80
N LEU HA 144 81.81 -83.36 111.81
CA LEU HA 144 81.34 -83.47 113.18
C LEU HA 144 81.82 -82.24 113.95
N ARG HA 145 80.88 -81.48 114.49
CA ARG HA 145 81.24 -80.29 115.24
C ARG HA 145 81.78 -80.65 116.61
N GLY HA 146 82.80 -79.92 117.06
CA GLY HA 146 83.38 -80.12 118.37
C GLY HA 146 84.43 -81.21 118.44
N GLY HA 147 84.83 -81.80 117.31
CA GLY HA 147 85.83 -82.84 117.32
C GLY HA 147 87.25 -82.31 117.28
N GLN HA 148 88.20 -83.23 117.46
CA GLN HA 148 89.63 -82.91 117.42
C GLN HA 148 90.11 -83.09 115.99
N ILE HA 149 90.75 -82.05 115.43
CA ILE HA 149 91.16 -82.09 114.03
C ILE HA 149 92.15 -83.22 113.73
N PRO HA 150 93.23 -83.44 114.54
CA PRO HA 150 94.02 -84.64 114.29
C PRO HA 150 93.30 -85.89 114.74
N GLY HA 151 92.80 -86.67 113.78
CA GLY HA 151 92.11 -87.90 114.10
C GLY HA 151 90.71 -88.01 113.53
N THR HA 152 89.95 -86.91 113.53
CA THR HA 152 88.59 -86.94 113.03
C THR HA 152 88.57 -86.95 111.51
N ASN HA 153 87.46 -87.44 110.96
CA ASN HA 153 87.29 -87.62 109.53
C ASN HA 153 86.17 -86.71 109.02
N ILE HA 154 86.36 -86.15 107.84
CA ILE HA 154 85.37 -85.29 107.20
C ILE HA 154 85.10 -85.85 105.81
N TYR HA 155 83.84 -85.80 105.39
CA TYR HA 155 83.47 -86.28 104.07
C TYR HA 155 83.09 -85.11 103.18
N PHE HA 156 83.26 -85.32 101.87
CA PHE HA 156 82.82 -84.35 100.89
C PHE HA 156 82.16 -85.09 99.75
N SER HA 157 81.30 -84.37 99.04
CA SER HA 157 80.57 -84.94 97.92
C SER HA 157 80.52 -83.92 96.79
N ASP HA 158 80.72 -84.40 95.57
CA ASP HA 158 80.56 -83.59 94.37
C ASP HA 158 79.38 -84.02 93.51
N ASN HA 159 78.83 -85.21 93.74
CA ASN HA 159 77.64 -85.68 93.04
C ASN HA 159 76.38 -85.29 93.83
N GLY HA 160 76.30 -84.00 94.15
CA GLY HA 160 75.24 -83.52 95.01
C GLY HA 160 75.39 -84.06 96.42
N GLY HA 161 74.50 -84.96 96.80
CA GLY HA 161 74.59 -85.62 98.10
C GLY HA 161 74.37 -87.11 98.01
N PHE HA 162 74.76 -87.72 96.88
CA PHE HA 162 74.53 -89.13 96.68
C PHE HA 162 75.54 -89.98 97.45
N SER HA 163 76.82 -89.82 97.15
CA SER HA 163 77.89 -90.56 97.80
C SER HA 163 78.88 -89.61 98.43
N PHE HA 164 79.34 -89.94 99.64
CA PHE HA 164 80.26 -89.11 100.40
C PHE HA 164 81.59 -89.83 100.55
N GLN HA 165 82.68 -89.11 100.31
CA GLN HA 165 84.02 -89.68 100.38
C GLN HA 165 84.88 -88.86 101.34
N LEU HA 166 85.62 -89.57 102.20
CA LEU HA 166 86.49 -88.93 103.18
C LEU HA 166 87.65 -88.21 102.50
N MET HA 167 88.02 -87.04 103.02
CA MET HA 167 89.09 -86.27 102.37
C MET HA 167 90.42 -86.63 103.00
N ASN HA 168 91.51 -86.31 102.30
CA ASN HA 168 92.84 -86.63 102.80
C ASN HA 168 93.25 -85.66 103.91
N THR HA 169 93.72 -86.22 105.03
CA THR HA 169 94.03 -85.44 106.22
C THR HA 169 95.42 -84.82 106.17
N ASP HA 170 96.17 -85.02 105.09
CA ASP HA 170 97.44 -84.32 104.91
C ASP HA 170 97.23 -82.81 104.85
N LYS HA 171 96.06 -82.38 104.38
CA LYS HA 171 95.75 -80.96 104.27
C LYS HA 171 95.69 -80.28 105.63
N LEU HA 172 95.09 -80.94 106.62
CA LEU HA 172 94.87 -80.36 107.94
C LEU HA 172 95.84 -80.91 108.98
N SER HA 173 97.04 -81.29 108.55
CA SER HA 173 98.01 -81.91 109.45
C SER HA 173 98.54 -80.92 110.47
N HIS HA 174 98.86 -79.70 110.03
CA HIS HA 174 99.48 -78.70 110.90
C HIS HA 174 98.45 -77.91 111.70
N LEU HA 175 97.18 -78.30 111.66
CA LEU HA 175 96.14 -77.54 112.34
C LEU HA 175 95.82 -78.24 113.65
N THR HA 176 95.93 -77.51 114.77
CA THR HA 176 95.79 -78.09 116.10
C THR HA 176 94.68 -77.43 116.89
N GLY HA 177 93.82 -78.26 117.48
CA GLY HA 177 92.71 -77.77 118.28
C GLY HA 177 91.39 -78.43 117.93
N THR HA 178 90.28 -77.76 118.24
CA THR HA 178 88.95 -78.28 117.94
C THR HA 178 88.34 -77.46 116.81
N LEU HA 179 87.83 -78.14 115.80
CA LEU HA 179 87.24 -77.47 114.65
C LEU HA 179 85.84 -76.94 115.00
N GLY HA 180 85.46 -75.87 114.30
CA GLY HA 180 84.13 -75.31 114.46
C GLY HA 180 83.34 -75.33 113.17
N GLY HA 181 83.91 -75.95 112.14
CA GLY HA 181 83.24 -76.05 110.86
C GLY HA 181 84.15 -75.85 109.66
N ILE HA 182 83.79 -76.45 108.54
CA ILE HA 182 84.51 -76.30 107.28
C ILE HA 182 83.51 -75.86 106.23
N PHE HA 183 83.85 -74.80 105.48
CA PHE HA 183 82.93 -74.13 104.59
C PHE HA 183 83.54 -73.92 103.21
N HIS HA 184 82.69 -74.04 102.19
CA HIS HA 184 83.05 -73.72 100.80
C HIS HA 184 82.83 -72.22 100.60
N LEU HA 185 83.85 -71.44 100.94
CA LEU HA 185 83.76 -69.99 100.86
C LEU HA 185 83.84 -69.57 99.40
N HIS HA 186 82.68 -69.66 98.73
CA HIS HA 186 82.60 -69.34 97.31
C HIS HA 186 82.72 -67.85 97.02
N SER HA 187 82.56 -66.99 98.02
CA SER HA 187 82.89 -65.58 97.84
C SER HA 187 84.38 -65.41 97.56
N MET HA 188 85.21 -66.16 98.27
CA MET HA 188 86.64 -66.25 98.02
C MET HA 188 87.01 -67.35 97.03
N SER HA 189 86.03 -68.17 96.63
CA SER HA 189 86.28 -69.39 95.85
C SER HA 189 87.32 -70.26 96.56
N GLN HA 190 87.16 -70.36 97.87
CA GLN HA 190 88.15 -70.96 98.75
C GLN HA 190 87.51 -72.06 99.58
N VAL HA 191 88.33 -72.63 100.46
CA VAL HA 191 87.88 -73.57 101.48
C VAL HA 191 88.40 -73.04 102.81
N GLY HA 192 87.50 -72.86 103.78
CA GLY HA 192 87.85 -72.27 105.06
C GLY HA 192 87.44 -73.16 106.21
N VAL HA 193 88.18 -73.04 107.31
CA VAL HA 193 87.84 -73.76 108.53
C VAL HA 193 87.83 -72.78 109.71
N LEU HA 194 86.97 -73.08 110.68
CA LEU HA 194 86.87 -72.31 111.91
C LEU HA 194 87.57 -73.10 113.01
N MET HA 195 88.56 -72.49 113.63
CA MET HA 195 89.45 -73.18 114.55
C MET HA 195 89.37 -72.56 115.94
N VAL HA 196 89.38 -73.44 116.95
CA VAL HA 196 89.30 -73.05 118.36
C VAL HA 196 90.54 -73.64 119.05
N GLU HA 197 91.63 -72.86 119.08
CA GLU HA 197 92.83 -73.27 119.81
C GLU HA 197 92.71 -73.01 121.30
N ASN HA 198 91.96 -71.99 121.69
CA ASN HA 198 91.86 -71.55 123.08
C ASN HA 198 90.46 -70.97 123.26
N ASN HA 199 90.29 -70.15 124.31
CA ASN HA 199 89.03 -69.45 124.51
C ASN HA 199 88.70 -68.50 123.38
N LEU HA 200 89.68 -68.13 122.56
CA LEU HA 200 89.45 -67.34 121.35
C LEU HA 200 89.56 -68.24 120.13
N GLY HA 201 88.88 -67.84 119.04
CA GLY HA 201 88.83 -68.64 117.84
C GLY HA 201 89.22 -67.83 116.62
N THR HA 202 89.45 -68.52 115.52
CA THR HA 202 89.93 -67.89 114.29
C THR HA 202 89.47 -68.67 113.07
N PHE HA 203 89.94 -68.21 111.92
CA PHE HA 203 89.62 -68.81 110.63
C PHE HA 203 90.92 -69.09 109.88
N HIS HA 204 90.90 -70.15 109.09
CA HIS HA 204 92.02 -70.52 108.23
C HIS HA 204 91.48 -70.75 106.82
N TYR HA 205 92.32 -70.47 105.82
CA TYR HA 205 91.98 -70.65 104.41
C TYR HA 205 92.99 -71.58 103.75
N MET HA 206 92.53 -72.34 102.75
CA MET HA 206 93.37 -73.36 102.11
C MET HA 206 93.94 -72.98 100.76
N GLU HA 207 93.11 -72.57 99.79
CA GLU HA 207 93.56 -72.46 98.40
C GLU HA 207 94.60 -71.34 98.25
N TYR HA 208 95.30 -71.36 97.10
CA TYR HA 208 96.50 -70.56 96.91
C TYR HA 208 96.30 -69.06 97.14
N PRO HA 209 95.18 -68.41 96.75
CA PRO HA 209 94.91 -67.08 97.31
C PRO HA 209 94.81 -67.13 98.83
N LEU HA 210 95.76 -66.50 99.50
CA LEU HA 210 95.88 -66.53 100.96
C LEU HA 210 95.89 -67.96 101.50
N ASN HA 211 96.75 -68.79 100.91
CA ASN HA 211 97.00 -70.11 101.47
C ASN HA 211 97.87 -70.00 102.71
N HIS HA 212 97.63 -70.89 103.67
CA HIS HA 212 98.33 -70.91 104.96
C HIS HA 212 98.19 -69.58 105.70
N SER HA 213 97.08 -68.88 105.47
CA SER HA 213 96.88 -67.53 105.96
C SER HA 213 96.02 -67.54 107.21
N MET HA 214 96.07 -66.42 107.92
CA MET HA 214 95.42 -66.25 109.20
C MET HA 214 94.46 -65.09 109.13
N GLY HA 215 93.39 -65.15 109.93
CA GLY HA 215 92.49 -64.05 110.12
C GLY HA 215 92.65 -63.40 111.48
N ILE HA 216 91.80 -62.41 111.74
CA ILE HA 216 91.79 -61.74 113.03
C ILE HA 216 91.01 -62.59 114.02
N ALA HA 217 91.64 -62.94 115.13
CA ALA HA 217 91.05 -63.86 116.09
C ALA HA 217 89.92 -63.19 116.87
N PHE HA 218 88.96 -64.02 117.29
CA PHE HA 218 87.81 -63.56 118.05
C PHE HA 218 87.48 -64.57 119.12
N SER HA 219 86.78 -64.11 120.16
CA SER HA 219 86.46 -64.97 121.29
C SER HA 219 85.49 -66.08 120.89
N TYR HA 220 85.66 -67.26 121.49
CA TYR HA 220 84.89 -68.45 121.16
C TYR HA 220 84.38 -69.13 122.42
N LYS HA 221 83.73 -68.37 123.29
CA LYS HA 221 83.04 -68.97 124.43
C LYS HA 221 81.94 -69.91 123.93
N ASN HA 222 81.93 -71.13 124.48
CA ASN HA 222 81.03 -72.21 124.08
C ASN HA 222 81.12 -72.51 122.59
N LEU HA 223 80.09 -73.12 122.03
CA LEU HA 223 80.03 -73.39 120.60
C LEU HA 223 79.43 -72.20 119.86
N LEU HA 224 79.42 -72.29 118.54
CA LEU HA 224 78.86 -71.24 117.70
C LEU HA 224 78.08 -71.86 116.55
N GLU HA 225 77.02 -71.15 116.14
CA GLU HA 225 76.19 -71.52 115.00
C GLU HA 225 76.43 -70.52 113.88
N VAL HA 226 76.73 -71.03 112.69
CA VAL HA 226 77.21 -70.25 111.57
C VAL HA 226 76.10 -70.12 110.54
N ILE HA 227 75.83 -68.90 110.09
CA ILE HA 227 74.77 -68.60 109.13
C ILE HA 227 75.34 -67.75 108.01
N MET HA 228 75.19 -68.22 106.76
CA MET HA 228 75.65 -67.51 105.59
C MET HA 228 74.55 -66.59 105.08
N LYS HA 229 74.95 -65.47 104.46
CA LYS HA 229 73.88 -64.79 103.74
C LYS HA 229 73.75 -65.35 102.33
N PRO HA 230 72.53 -65.47 101.80
CA PRO HA 230 72.31 -66.34 100.64
C PRO HA 230 72.63 -65.73 99.28
N TYR HA 231 73.38 -64.63 99.25
CA TYR HA 231 73.72 -63.99 97.97
C TYR HA 231 75.21 -64.06 97.66
N GLN HA 232 75.95 -64.92 98.36
CA GLN HA 232 77.36 -65.19 98.08
C GLN HA 232 78.21 -63.94 98.18
N ARG HA 233 77.82 -63.01 99.05
CA ARG HA 233 78.60 -61.81 99.32
C ARG HA 233 79.53 -61.95 100.51
N GLY HA 234 79.56 -63.13 101.13
CA GLY HA 234 80.48 -63.40 102.22
C GLY HA 234 80.02 -62.94 103.59
N PHE HA 235 78.82 -62.36 103.70
CA PHE HA 235 78.33 -61.90 104.99
C PHE HA 235 78.04 -63.08 105.91
N MET HA 236 78.60 -63.02 107.12
CA MET HA 236 78.61 -64.15 108.04
C MET HA 236 77.98 -63.73 109.36
N VAL HA 237 77.18 -64.62 109.94
CA VAL HA 237 76.57 -64.39 111.25
C VAL HA 237 76.86 -65.59 112.14
N LEU HA 238 77.52 -65.35 113.27
CA LEU HA 238 77.88 -66.42 114.20
C LEU HA 238 77.18 -66.16 115.52
N TRP HA 239 76.21 -67.01 115.86
CA TRP HA 239 75.37 -66.78 117.03
C TRP HA 239 75.30 -68.05 117.88
N ASN HA 240 75.14 -67.84 119.18
CA ASN HA 240 74.89 -68.92 120.12
C ASN HA 240 74.03 -68.36 121.25
N GLN HA 241 73.98 -69.06 122.38
CA GLN HA 241 73.11 -68.65 123.47
C GLN HA 241 73.52 -67.30 124.06
N LYS HA 242 74.82 -67.05 124.22
CA LYS HA 242 75.26 -65.87 124.97
C LYS HA 242 76.19 -64.96 124.16
N SER HA 243 76.22 -65.09 122.83
CA SER HA 243 77.05 -64.20 122.03
C SER HA 243 76.50 -64.13 120.61
N ILE HA 244 76.88 -63.06 119.91
CA ILE HA 244 76.53 -62.86 118.51
C ILE HA 244 77.59 -61.99 117.87
N LEU HA 245 78.11 -62.44 116.72
CA LEU HA 245 79.14 -61.72 115.99
C LEU HA 245 78.74 -61.67 114.52
N VAL HA 246 79.13 -60.58 113.86
CA VAL HA 246 78.85 -60.38 112.44
C VAL HA 246 80.19 -60.17 111.72
N SER HA 247 80.44 -60.98 110.71
CA SER HA 247 81.64 -60.86 109.88
C SER HA 247 81.22 -60.26 108.54
N SER HA 248 81.59 -59.00 108.33
CA SER HA 248 81.33 -58.33 107.06
C SER HA 248 82.12 -58.97 105.92
N ASN HA 249 83.34 -59.40 106.19
CA ASN HA 249 84.11 -60.13 105.19
C ASN HA 249 83.71 -61.61 105.33
N SER HA 250 84.29 -62.49 104.51
CA SER HA 250 84.01 -63.92 104.56
C SER HA 250 84.78 -64.63 105.67
N GLY HA 251 85.28 -63.90 106.67
CA GLY HA 251 85.91 -64.49 107.83
C GLY HA 251 87.21 -63.86 108.26
N GLN HA 252 87.80 -62.96 107.46
CA GLN HA 252 89.07 -62.36 107.83
C GLN HA 252 88.90 -61.46 109.06
N ILE HA 253 87.85 -60.67 109.08
CA ILE HA 253 87.53 -59.83 110.24
C ILE HA 253 86.15 -60.24 110.74
N VAL HA 254 86.10 -60.68 112.00
CA VAL HA 254 84.84 -60.99 112.67
C VAL HA 254 84.71 -60.01 113.83
N GLU HA 255 83.68 -59.18 113.78
CA GLU HA 255 83.56 -58.09 114.75
C GLU HA 255 82.28 -58.20 115.55
N HIS HA 256 82.08 -57.26 116.47
CA HIS HA 256 80.93 -57.26 117.36
C HIS HA 256 79.76 -56.56 116.68
N VAL HA 257 78.71 -56.29 117.45
CA VAL HA 257 77.47 -55.69 116.95
C VAL HA 257 77.23 -54.40 117.73
N ARG HA 258 76.81 -53.36 117.00
CA ARG HA 258 76.45 -52.10 117.62
C ARG HA 258 74.97 -52.09 118.00
N LEU HA 259 74.61 -51.13 118.84
CA LEU HA 259 73.23 -50.93 119.28
C LEU HA 259 72.98 -49.43 119.31
N ILE HA 260 71.85 -49.03 118.76
CA ILE HA 260 71.48 -47.62 118.62
C ILE HA 260 70.46 -47.27 119.69
N ASP HA 261 70.71 -46.19 120.43
CA ASP HA 261 69.80 -45.73 121.46
C ASP HA 261 70.06 -44.25 121.69
N GLN HA 262 69.05 -43.42 121.41
CA GLN HA 262 69.14 -41.96 121.55
C GLN HA 262 70.32 -41.40 120.76
N LYS HA 263 70.33 -41.72 119.46
CA LYS HA 263 71.33 -41.34 118.46
C LYS HA 263 72.77 -41.44 118.94
N ILE HA 264 73.07 -42.44 119.77
CA ILE HA 264 74.44 -42.81 120.10
C ILE HA 264 74.53 -44.33 120.07
N PHE HA 265 75.65 -44.85 119.57
CA PHE HA 265 75.84 -46.28 119.40
C PHE HA 265 76.76 -46.83 120.50
N THR HA 266 76.51 -48.08 120.87
CA THR HA 266 77.34 -48.77 121.84
C THR HA 266 77.47 -50.23 121.46
N ASP HA 267 78.61 -50.83 121.83
CA ASP HA 267 78.80 -52.25 121.57
C ASP HA 267 77.85 -53.07 122.43
N LEU HA 268 77.32 -54.15 121.86
CA LEU HA 268 76.36 -55.01 122.53
C LEU HA 268 77.03 -56.33 122.89
N ASP HA 269 77.15 -56.59 124.19
CA ASP HA 269 77.57 -57.90 124.70
C ASP HA 269 76.37 -58.57 125.34
N VAL HA 270 76.06 -59.78 124.88
CA VAL HA 270 74.85 -60.47 125.32
C VAL HA 270 74.95 -60.85 126.80
N GLU HA 271 76.08 -61.44 127.20
CA GLU HA 271 76.26 -61.84 128.59
C GLU HA 271 76.27 -60.64 129.53
N HIS HA 272 76.96 -59.57 129.14
CA HIS HA 272 76.99 -58.36 129.97
C HIS HA 272 75.65 -57.65 130.03
N ALA HA 273 74.85 -57.73 128.96
CA ALA HA 273 73.50 -57.20 128.96
C ALA HA 273 72.51 -58.11 129.65
N ASN HA 274 72.92 -59.34 129.97
CA ASN HA 274 72.12 -60.29 130.76
C ASN HA 274 70.81 -60.64 130.05
N ILE HA 275 70.92 -60.95 128.77
CA ILE HA 275 69.80 -61.40 127.96
C ILE HA 275 70.18 -62.73 127.32
N ASN HA 276 69.18 -63.40 126.76
CA ASN HA 276 69.39 -64.64 126.01
C ASN HA 276 68.57 -64.56 124.73
N ILE HA 277 69.26 -64.59 123.60
CA ILE HA 277 68.60 -64.58 122.30
C ILE HA 277 67.98 -65.95 122.06
N TYR HA 278 66.75 -65.95 121.54
CA TYR HA 278 66.02 -67.20 121.31
C TYR HA 278 65.93 -67.58 119.84
N SER HA 279 65.63 -66.64 118.95
CA SER HA 279 65.50 -66.97 117.54
C SER HA 279 66.31 -65.99 116.71
N VAL HA 280 66.78 -66.46 115.55
CA VAL HA 280 67.56 -65.65 114.63
C VAL HA 280 67.01 -65.83 113.23
N ALA HA 281 66.68 -64.71 112.57
CA ALA HA 281 66.22 -64.69 111.20
C ALA HA 281 67.17 -63.86 110.36
N SER HA 282 67.62 -64.42 109.24
CA SER HA 282 68.61 -63.78 108.39
C SER HA 282 68.09 -63.70 106.97
N ASN HA 283 67.98 -62.48 106.44
CA ASN HA 283 67.64 -62.25 105.05
C ASN HA 283 68.92 -62.14 104.22
N ALA HA 284 68.79 -61.70 102.97
CA ALA HA 284 69.97 -61.43 102.16
C ALA HA 284 70.73 -60.21 102.68
N TYR HA 285 69.99 -59.21 103.17
CA TYR HA 285 70.59 -57.99 103.69
C TYR HA 285 70.31 -57.73 105.16
N GLU HA 286 69.21 -58.24 105.70
CA GLU HA 286 68.73 -57.86 107.02
C GLU HA 286 68.99 -58.98 108.02
N LEU HA 287 68.89 -58.62 109.30
CA LEU HA 287 69.07 -59.58 110.39
C LEU HA 287 68.13 -59.20 111.52
N ALA HA 288 67.60 -60.21 112.20
CA ALA HA 288 66.75 -59.96 113.35
C ALA HA 288 66.92 -61.10 114.35
N PHE HA 289 66.74 -60.79 115.62
CA PHE HA 289 66.77 -61.83 116.64
C PHE HA 289 65.77 -61.54 117.75
N LEU HA 290 65.12 -62.60 118.19
CA LEU HA 290 64.14 -62.58 119.26
C LEU HA 290 64.80 -63.07 120.55
N VAL HA 291 64.82 -62.19 121.55
CA VAL HA 291 65.32 -62.47 122.89
C VAL HA 291 64.17 -63.01 123.71
N ALA HA 292 64.43 -64.12 124.42
CA ALA HA 292 63.39 -64.92 125.07
C ALA HA 292 62.62 -64.15 126.13
N GLU HA 293 63.16 -63.05 126.64
CA GLU HA 293 62.40 -62.20 127.56
C GLU HA 293 61.51 -61.21 126.81
N ASP HA 294 60.76 -61.75 125.84
CA ASP HA 294 59.78 -61.01 125.03
C ASP HA 294 60.38 -59.75 124.42
N HIS HA 295 61.49 -59.91 123.71
CA HIS HA 295 62.14 -58.77 123.07
C HIS HA 295 62.48 -59.10 121.63
N LEU HA 296 62.43 -58.08 120.78
CA LEU HA 296 62.72 -58.25 119.35
C LEU HA 296 63.72 -57.17 118.95
N TYR HA 297 64.75 -57.57 118.21
CA TYR HA 297 65.77 -56.65 117.73
C TYR HA 297 65.95 -56.82 116.23
N TYR HA 298 65.99 -55.72 115.51
CA TYR HA 298 66.12 -55.69 114.06
C TYR HA 298 67.33 -54.87 113.68
N GLY HA 299 68.06 -55.31 112.66
CA GLY HA 299 69.25 -54.60 112.23
C GLY HA 299 69.51 -54.83 110.75
N SER HA 300 70.19 -53.86 110.16
CA SER HA 300 70.66 -53.94 108.79
C SER HA 300 72.14 -54.26 108.79
N GLN HA 301 72.52 -55.33 108.12
CA GLN HA 301 73.90 -55.80 108.10
C GLN HA 301 74.57 -55.35 106.80
N SER HA 302 75.67 -54.64 106.92
CA SER HA 302 76.38 -54.09 105.77
C SER HA 302 77.83 -53.85 106.18
N TYR HA 303 78.55 -53.11 105.35
CA TYR HA 303 79.92 -52.75 105.66
C TYR HA 303 79.95 -51.62 106.70
N MET HA 304 81.14 -51.41 107.26
CA MET HA 304 81.41 -50.36 108.27
C MET HA 304 80.80 -50.72 109.63
N GLY HA 305 79.98 -51.77 109.65
CA GLY HA 305 79.36 -52.23 110.87
C GLY HA 305 77.86 -52.37 110.74
N THR HA 306 77.29 -53.07 111.72
CA THR HA 306 75.86 -53.34 111.78
C THR HA 306 75.23 -52.55 112.92
N TYR HA 307 74.16 -51.83 112.60
CA TYR HA 307 73.41 -51.06 113.58
C TYR HA 307 72.14 -51.83 113.92
N VAL HA 308 71.91 -52.04 115.21
CA VAL HA 308 70.77 -52.82 115.69
C VAL HA 308 69.94 -51.93 116.62
N ILE HA 309 68.63 -51.89 116.39
CA ILE HA 309 67.71 -51.14 117.22
C ILE HA 309 66.70 -52.11 117.83
N LYS HA 310 66.06 -51.66 118.90
CA LYS HA 310 65.09 -52.46 119.62
C LYS HA 310 63.67 -52.06 119.20
N LEU HA 311 62.91 -53.03 118.71
CA LEU HA 311 61.54 -52.77 118.30
C LEU HA 311 60.66 -52.58 119.54
N PRO HA 312 59.53 -51.89 119.39
CA PRO HA 312 58.62 -51.69 120.53
C PRO HA 312 58.06 -52.99 121.07
N HIS HA 313 57.62 -52.93 122.33
CA HIS HA 313 57.29 -54.14 123.08
C HIS HA 313 56.00 -54.78 122.58
N GLN HA 314 55.97 -56.11 122.66
CA GLN HA 314 54.81 -56.94 122.37
C GLN HA 314 55.05 -58.34 122.93
N PRO HA 315 54.09 -58.94 123.62
CA PRO HA 315 54.30 -60.28 124.18
C PRO HA 315 54.26 -61.38 123.12
N LEU HA 316 55.36 -61.58 122.41
CA LEU HA 316 55.43 -62.55 121.33
C LEU HA 316 55.93 -63.92 121.76
N TRP HA 317 56.74 -64.01 122.81
CA TRP HA 317 57.43 -65.24 123.17
C TRP HA 317 56.47 -66.18 123.89
N SER HA 318 56.24 -67.35 123.31
CA SER HA 318 55.28 -68.33 123.83
C SER HA 318 55.83 -69.75 123.74
N THR HA 319 57.11 -69.92 124.07
CA THR HA 319 57.78 -71.22 124.25
C THR HA 319 57.87 -72.06 122.98
N HIS HA 320 57.29 -71.61 121.88
CA HIS HA 320 57.33 -72.36 120.64
C HIS HA 320 57.56 -71.48 119.41
N THR HA 321 57.64 -70.16 119.59
CA THR HA 321 57.63 -69.24 118.46
C THR HA 321 58.96 -69.24 117.72
N SER HA 322 58.89 -68.79 116.47
CA SER HA 322 60.08 -68.68 115.63
C SER HA 322 59.84 -67.57 114.62
N ILE HA 323 60.84 -66.71 114.45
CA ILE HA 323 60.75 -65.62 113.49
C ILE HA 323 61.37 -66.07 112.18
N TYR HA 324 60.82 -65.56 111.08
CA TYR HA 324 61.41 -65.79 109.76
C TYR HA 324 61.04 -64.64 108.85
N PHE HA 325 61.97 -64.25 107.98
CA PHE HA 325 61.75 -63.13 107.08
C PHE HA 325 60.86 -63.59 105.93
N GLU HA 326 59.58 -63.27 106.02
CA GLU HA 326 58.65 -63.59 104.94
C GLU HA 326 59.02 -62.84 103.66
N ASP HA 327 59.40 -61.58 103.79
CA ASP HA 327 59.82 -60.77 102.65
C ASP HA 327 60.71 -59.66 103.18
N ILE HA 328 61.24 -58.84 102.26
CA ILE HA 328 62.05 -57.71 102.66
C ILE HA 328 61.16 -56.68 103.35
N GLY HA 329 61.52 -56.33 104.58
CA GLY HA 329 60.69 -55.44 105.36
C GLY HA 329 59.51 -56.10 106.05
N ILE HA 330 59.32 -57.40 105.87
CA ILE HA 330 58.20 -58.13 106.45
C ILE HA 330 58.77 -59.30 107.23
N LEU HA 331 58.69 -59.25 108.55
CA LEU HA 331 59.02 -60.37 109.40
C LEU HA 331 57.76 -61.17 109.70
N GLN HA 332 57.95 -62.39 110.20
CA GLN HA 332 56.78 -63.19 110.55
C GLN HA 332 57.10 -64.08 111.73
N VAL HA 333 56.30 -63.94 112.79
CA VAL HA 333 56.40 -64.77 113.98
C VAL HA 333 55.40 -65.91 113.84
N LEU HA 334 55.90 -67.15 113.89
CA LEU HA 334 55.09 -68.33 113.68
C LEU HA 334 55.13 -69.18 114.95
N THR HA 335 53.97 -69.68 115.36
CA THR HA 335 53.85 -70.51 116.55
C THR HA 335 52.91 -71.67 116.24
N PRO HA 336 53.37 -72.91 116.23
CA PRO HA 336 52.47 -74.05 116.00
C PRO HA 336 51.71 -74.41 117.27
N VAL HA 337 50.43 -74.72 117.13
CA VAL HA 337 49.56 -75.09 118.23
C VAL HA 337 49.00 -76.48 117.93
N ALA HA 338 49.07 -77.35 118.93
CA ALA HA 338 48.57 -78.72 118.78
C ALA HA 338 47.05 -78.75 118.87
N ASP HA 339 46.47 -79.85 118.38
CA ASP HA 339 45.04 -80.11 118.49
C ASP HA 339 44.84 -81.63 118.47
N PRO HA 340 44.51 -82.23 119.61
CA PRO HA 340 44.36 -83.69 119.67
C PRO HA 340 42.98 -84.20 119.25
N HIS HA 341 41.99 -83.32 119.14
CA HIS HA 341 40.67 -83.75 118.68
C HIS HA 341 40.71 -84.21 117.23
N PHE HA 342 41.63 -83.65 116.44
CA PHE HA 342 41.84 -84.09 115.06
C PHE HA 342 43.25 -84.58 114.82
N ALA HA 343 44.10 -84.61 115.86
CA ALA HA 343 45.49 -85.06 115.77
C ALA HA 343 46.27 -84.28 114.71
N ALA HA 344 46.28 -82.95 114.85
CA ALA HA 344 46.93 -82.10 113.87
C ALA HA 344 47.35 -80.79 114.53
N TYR HA 345 48.21 -80.06 113.83
CA TYR HA 345 48.73 -78.78 114.31
C TYR HA 345 48.26 -77.66 113.41
N ASP HA 346 47.72 -76.61 114.01
CA ASP HA 346 47.43 -75.37 113.30
C ASP HA 346 48.50 -74.34 113.64
N PHE HA 347 48.41 -73.15 113.07
CA PHE HA 347 49.48 -72.17 113.27
C PHE HA 347 48.91 -70.81 113.65
N ASP HA 348 49.69 -70.06 114.43
CA ASP HA 348 49.41 -68.67 114.75
C ASP HA 348 50.53 -67.81 114.19
N LYS HA 349 50.16 -66.77 113.46
CA LYS HA 349 51.11 -65.94 112.74
C LYS HA 349 50.92 -64.47 113.10
N CYS HA 350 52.04 -63.78 113.26
CA CYS HA 350 52.10 -62.34 113.33
C CYS HA 350 52.94 -61.82 112.17
N THR HA 351 52.39 -60.87 111.42
CA THR HA 351 53.10 -60.24 110.31
C THR HA 351 53.66 -58.92 110.79
N VAL HA 352 54.98 -58.78 110.76
CA VAL HA 352 55.66 -57.60 111.26
C VAL HA 352 56.01 -56.72 110.08
N ASN HA 353 55.43 -55.52 110.05
CA ASN HA 353 55.80 -54.51 109.06
C ASN HA 353 56.81 -53.63 109.79
N VAL HA 354 58.09 -53.93 109.60
CA VAL HA 354 59.14 -53.20 110.30
C VAL HA 354 59.24 -51.76 109.80
N GLN HA 355 58.93 -51.52 108.52
CA GLN HA 355 58.95 -50.17 107.99
C GLN HA 355 57.90 -49.31 108.68
N SER HA 356 56.70 -49.87 108.90
CA SER HA 356 55.68 -49.18 109.68
C SER HA 356 55.91 -49.29 111.18
N SER HA 357 56.84 -50.15 111.61
CA SER HA 357 57.13 -50.13 113.02
C SER HA 357 58.14 -49.03 113.37
N LEU HA 358 58.99 -48.66 112.43
CA LEU HA 358 60.07 -47.72 112.70
C LEU HA 358 59.72 -46.25 112.41
N MET HA 359 58.56 -45.73 112.87
CA MET HA 359 58.34 -44.29 112.97
C MET HA 359 57.96 -43.81 114.38
N ASP HA 360 58.08 -44.65 115.41
CA ASP HA 360 57.67 -44.21 116.73
C ASP HA 360 58.50 -43.02 117.20
N GLU HA 361 57.80 -41.99 117.69
CA GLU HA 361 58.46 -40.76 118.13
C GLU HA 361 59.39 -40.99 119.31
N LYS HA 362 59.20 -42.08 120.06
CA LYS HA 362 60.16 -42.46 121.10
C LYS HA 362 61.49 -42.84 120.47
N LEU HA 363 61.46 -43.49 119.31
CA LEU HA 363 62.69 -43.87 118.63
C LEU HA 363 63.33 -42.68 117.94
N ALA HA 364 62.56 -41.97 117.12
CA ALA HA 364 62.98 -40.74 116.42
C ALA HA 364 64.21 -40.99 115.54
N LEU HA 365 64.02 -41.85 114.54
CA LEU HA 365 65.08 -42.17 113.59
C LEU HA 365 65.05 -41.18 112.44
N GLN HA 366 66.24 -40.75 112.01
CA GLN HA 366 66.35 -39.86 110.86
C GLN HA 366 65.94 -40.60 109.59
N PRO HA 367 65.19 -39.96 108.68
CA PRO HA 367 64.71 -40.65 107.48
C PRO HA 367 65.81 -41.03 106.51
N CYS HA 368 65.43 -41.67 105.40
CA CYS HA 368 66.41 -42.14 104.42
C CYS HA 368 67.11 -40.97 103.74
N ASN HA 369 68.41 -41.11 103.56
CA ASN HA 369 69.23 -40.06 102.95
C ASN HA 369 69.41 -40.26 101.45
N VAL HA 370 68.80 -41.28 100.86
CA VAL HA 370 68.88 -41.53 99.43
C VAL HA 370 67.46 -41.70 98.91
N GLU HA 371 67.16 -41.04 97.78
CA GLU HA 371 65.81 -41.05 97.24
C GLU HA 371 65.57 -42.17 96.24
N LEU HA 372 66.61 -42.64 95.55
CA LEU HA 372 66.44 -43.68 94.55
C LEU HA 372 67.77 -44.38 94.30
N LEU HA 373 67.72 -45.71 94.17
CA LEU HA 373 68.87 -46.51 93.76
C LEU HA 373 68.35 -47.62 92.86
N GLU HA 374 68.62 -47.53 91.55
CA GLU HA 374 68.03 -48.45 90.59
C GLU HA 374 69.07 -48.89 89.58
N SER HA 375 69.09 -50.20 89.30
CA SER HA 375 69.97 -50.78 88.30
C SER HA 375 69.29 -51.99 87.69
N THR HA 376 69.90 -52.53 86.64
CA THR HA 376 69.38 -53.68 85.93
C THR HA 376 70.33 -54.88 85.97
N MET HA 377 71.29 -54.89 86.90
CA MET HA 377 72.24 -55.99 86.99
C MET HA 377 71.80 -57.09 87.92
N ILE HA 378 70.74 -56.89 88.69
CA ILE HA 378 70.33 -57.86 89.69
C ILE HA 378 69.55 -59.02 89.10
N ASN HA 379 69.18 -58.94 87.83
CA ASN HA 379 68.32 -59.98 87.25
C ASN HA 379 69.10 -61.26 86.96
N THR HA 380 70.33 -61.14 86.46
CA THR HA 380 71.04 -62.32 85.97
C THR HA 380 72.47 -62.42 86.51
N MET HA 381 73.22 -63.36 85.97
CA MET HA 381 74.59 -63.68 86.37
C MET HA 381 75.50 -63.49 85.17
N PHE HA 382 76.70 -62.96 85.42
CA PHE HA 382 77.57 -62.49 84.35
C PHE HA 382 78.91 -63.23 84.36
N THR HA 383 79.40 -63.54 83.17
CA THR HA 383 80.63 -64.31 83.00
C THR HA 383 81.68 -63.47 82.27
N ILE HA 384 82.93 -63.58 82.71
CA ILE HA 384 84.06 -62.91 82.08
C ILE HA 384 85.10 -63.94 81.70
N ASP HA 385 85.61 -63.83 80.47
CA ASP HA 385 86.76 -64.56 79.96
C ASP HA 385 87.93 -63.60 79.86
N MET HA 386 89.15 -64.13 79.81
CA MET HA 386 90.33 -63.28 79.80
C MET HA 386 90.42 -62.48 78.50
N ASN HA 387 91.17 -61.37 78.57
CA ASN HA 387 91.26 -60.38 77.50
C ASN HA 387 89.88 -59.80 77.15
N SER HA 388 89.02 -59.70 78.17
CA SER HA 388 87.70 -59.11 78.00
C SER HA 388 87.33 -58.34 79.25
N LYS HA 389 86.71 -57.18 79.05
CA LYS HA 389 86.25 -56.33 80.13
C LYS HA 389 84.75 -56.14 79.99
N LEU HA 390 84.11 -55.70 81.07
CA LEU HA 390 82.65 -55.69 81.10
C LEU HA 390 82.14 -54.40 81.74
N LYS HA 391 80.99 -53.97 81.25
CA LYS HA 391 80.34 -52.70 81.57
C LYS HA 391 79.09 -52.96 82.40
N LEU HA 392 78.93 -52.22 83.51
CA LEU HA 392 77.68 -52.22 84.25
C LEU HA 392 77.33 -50.78 84.63
N SER HA 393 76.01 -50.48 84.72
CA SER HA 393 75.56 -49.12 84.94
C SER HA 393 74.41 -49.09 85.95
N ALA HA 394 74.44 -48.07 86.81
CA ALA HA 394 73.41 -47.89 87.82
C ALA HA 394 73.12 -46.41 87.97
N LEU HA 395 71.92 -46.10 88.48
CA LEU HA 395 71.48 -44.73 88.65
C LEU HA 395 71.04 -44.54 90.09
N MET HA 396 71.34 -43.37 90.67
CA MET HA 396 70.89 -43.07 92.01
C MET HA 396 70.62 -41.59 92.15
N ILE HA 397 69.61 -41.25 92.96
CA ILE HA 397 69.19 -39.89 93.21
C ILE HA 397 69.19 -39.69 94.73
N PRO HA 398 69.93 -38.72 95.26
CA PRO HA 398 70.04 -38.56 96.70
C PRO HA 398 68.94 -37.68 97.27
N ARG HA 399 68.92 -37.58 98.59
CA ARG HA 399 67.94 -36.76 99.27
C ARG HA 399 68.24 -35.28 99.04
N LYS HA 400 67.28 -34.44 99.42
CA LYS HA 400 67.38 -33.01 99.16
C LYS HA 400 68.51 -32.36 99.94
N GLY HA 401 68.71 -32.76 101.21
CA GLY HA 401 69.66 -32.08 102.04
C GLY HA 401 70.95 -32.83 102.33
N GLU HA 402 70.86 -34.15 102.50
CA GLU HA 402 72.03 -34.92 102.89
C GLU HA 402 72.97 -35.13 101.71
N ASN HA 403 74.18 -35.59 102.02
CA ASN HA 403 75.22 -35.84 101.02
C ASN HA 403 75.75 -37.25 101.22
N PRO HA 404 75.03 -38.26 100.74
CA PRO HA 404 75.49 -39.64 100.92
C PRO HA 404 76.68 -39.97 100.03
N THR HA 405 77.45 -40.96 100.47
CA THR HA 405 78.63 -41.41 99.74
C THR HA 405 78.42 -42.84 99.26
N PRO HA 406 78.29 -43.07 97.95
CA PRO HA 406 78.18 -44.45 97.46
C PRO HA 406 79.52 -45.15 97.48
N LEU HA 407 79.47 -46.48 97.42
CA LEU HA 407 80.68 -47.28 97.37
C LEU HA 407 80.41 -48.57 96.62
N VAL HA 408 81.48 -49.08 95.99
CA VAL HA 408 81.44 -50.32 95.22
C VAL HA 408 82.36 -51.33 95.90
N MET HA 409 81.90 -52.57 95.98
CA MET HA 409 82.59 -53.60 96.74
C MET HA 409 82.64 -54.87 95.87
N VAL HA 410 83.84 -55.41 95.75
CA VAL HA 410 84.08 -56.64 95.00
C VAL HA 410 84.48 -57.73 95.99
N SER HA 411 83.72 -58.83 96.01
CA SER HA 411 83.89 -59.81 97.07
C SER HA 411 85.27 -60.46 97.02
N ASN HA 412 85.75 -60.79 95.83
CA ASN HA 412 87.05 -61.44 95.64
C ASN HA 412 87.96 -60.49 94.87
N PRO HA 413 88.71 -59.64 95.59
CA PRO HA 413 89.61 -58.70 94.92
C PRO HA 413 90.79 -59.35 94.23
N HIS HA 414 91.10 -60.61 94.57
CA HIS HA 414 92.28 -61.27 94.02
C HIS HA 414 92.15 -61.56 92.53
N ALA HA 415 90.93 -61.85 92.05
CA ALA HA 415 90.73 -62.19 90.65
C ALA HA 415 89.66 -61.33 90.00
N LEU HA 416 89.38 -60.15 90.55
CA LEU HA 416 88.35 -59.27 89.97
C LEU HA 416 88.72 -57.83 90.30
N GLY HA 417 89.04 -57.05 89.28
CA GLY HA 417 89.36 -55.65 89.43
C GLY HA 417 88.31 -54.79 88.73
N PHE HA 418 88.10 -53.59 89.27
CA PHE HA 418 87.03 -52.72 88.81
C PHE HA 418 87.49 -51.27 88.85
N LYS HA 419 86.82 -50.46 88.02
CA LYS HA 419 86.98 -49.01 88.04
C LYS HA 419 85.59 -48.38 87.94
N ALA HA 420 85.28 -47.47 88.86
CA ALA HA 420 83.96 -46.87 88.97
C ALA HA 420 84.02 -45.39 88.64
N ASN HA 421 83.05 -44.91 87.87
CA ASN HA 421 82.90 -43.49 87.58
C ASN HA 421 81.47 -43.07 87.87
N LEU HA 422 81.31 -42.02 88.69
CA LEU HA 422 80.00 -41.48 89.02
C LEU HA 422 79.94 -40.05 88.50
N ASN HA 423 79.05 -39.81 87.53
CA ASN HA 423 78.92 -38.50 86.92
C ASN HA 423 77.47 -38.05 86.99
N GLU HA 424 77.28 -36.75 87.16
CA GLU HA 424 75.95 -36.16 87.23
C GLU HA 424 75.48 -35.85 85.81
N PHE HA 425 74.25 -36.27 85.50
CA PHE HA 425 73.61 -35.89 84.24
C PHE HA 425 72.15 -35.60 84.54
N GLY HA 426 71.67 -34.45 84.04
CA GLY HA 426 70.30 -34.03 84.28
C GLY HA 426 69.96 -33.79 85.74
N ASN HA 427 68.71 -33.44 86.00
CA ASN HA 427 68.22 -33.25 87.37
C ASN HA 427 66.70 -33.29 87.33
N THR HA 428 66.11 -33.71 88.44
CA THR HA 428 64.68 -34.00 88.48
C THR HA 428 63.86 -32.72 88.52
N PHE HA 429 62.54 -32.87 88.37
CA PHE HA 429 61.65 -31.71 88.33
C PHE HA 429 61.61 -30.98 89.66
N ASP HA 430 61.85 -31.69 90.77
CA ASP HA 430 61.93 -31.03 92.06
C ASP HA 430 63.20 -30.18 92.13
N GLY HA 431 64.32 -30.72 91.63
CA GLY HA 431 65.58 -30.01 91.67
C GLY HA 431 66.74 -30.92 92.04
N ASN HA 432 66.43 -32.10 92.54
CA ASN HA 432 67.46 -33.09 92.85
C ASN HA 432 68.09 -33.61 91.56
N SER HA 433 69.37 -33.95 91.64
CA SER HA 433 70.17 -34.29 90.48
C SER HA 433 70.46 -35.79 90.44
N LYS HA 434 70.26 -36.40 89.27
CA LYS HA 434 70.57 -37.80 89.08
C LYS HA 434 72.08 -38.00 88.96
N TYR HA 435 72.57 -39.11 89.52
CA TYR HA 435 73.95 -39.53 89.37
C TYR HA 435 73.96 -40.88 88.67
N LYS HA 436 74.67 -40.98 87.55
CA LYS HA 436 74.87 -42.24 86.85
C LYS HA 436 76.28 -42.73 87.17
N LEU HA 437 76.38 -43.95 87.69
CA LEU HA 437 77.67 -44.54 88.00
C LEU HA 437 77.83 -45.82 87.20
N ASP HA 438 78.96 -45.94 86.52
CA ASP HA 438 79.27 -47.12 85.72
C ASP HA 438 80.55 -47.76 86.24
N ILE HA 439 80.56 -49.09 86.26
CA ILE HA 439 81.70 -49.87 86.74
C ILE HA 439 82.20 -50.74 85.59
N GLU HA 440 83.52 -50.71 85.39
CA GLU HA 440 84.21 -51.58 84.45
C GLU HA 440 84.89 -52.67 85.25
N LEU HA 441 84.69 -53.93 84.84
CA LEU HA 441 85.20 -55.08 85.56
C LEU HA 441 86.00 -55.98 84.63
N LYS HA 442 87.17 -56.41 85.09
CA LYS HA 442 87.97 -57.39 84.37
C LYS HA 442 88.92 -58.06 85.36
N GLN HA 443 89.91 -58.77 84.86
CA GLN HA 443 90.83 -59.51 85.71
C GLN HA 443 91.74 -58.57 86.49
N GLN HA 444 92.09 -59.01 87.70
CA GLN HA 444 92.88 -58.17 88.61
C GLN HA 444 94.31 -58.01 88.11
N HIS HA 445 94.87 -59.05 87.49
CA HIS HA 445 96.27 -58.99 87.06
C HIS HA 445 96.50 -57.95 85.98
N HIS HA 446 95.54 -57.81 85.06
CA HIS HA 446 95.70 -56.88 83.94
C HIS HA 446 95.71 -55.42 84.38
N TRP HA 447 95.14 -55.11 85.56
CA TRP HA 447 95.17 -53.74 86.05
C TRP HA 447 96.58 -53.34 86.48
N GLY HA 448 97.30 -54.23 87.14
CA GLY HA 448 98.63 -53.93 87.64
C GLY HA 448 98.67 -53.07 88.88
N ASN HA 449 97.67 -53.16 89.75
CA ASN HA 449 97.58 -52.36 90.96
C ASN HA 449 97.88 -53.23 92.18
N SER HA 450 97.95 -54.54 91.98
CA SER HA 450 98.13 -55.48 93.09
C SER HA 450 99.54 -56.05 93.05
N ASP HA 451 99.99 -56.49 94.22
CA ASP HA 451 101.29 -57.14 94.34
C ASP HA 451 101.19 -58.60 93.89
N PHE HA 452 102.35 -59.26 93.81
CA PHE HA 452 102.36 -60.69 93.56
C PHE HA 452 101.82 -61.47 94.75
N ASN HA 453 101.90 -60.91 95.95
CA ASN HA 453 101.28 -61.53 97.12
C ASN HA 453 99.77 -61.38 97.13
N PHE HA 454 99.19 -60.58 96.23
CA PHE HA 454 97.77 -60.32 96.20
C PHE HA 454 97.08 -60.76 94.91
N THR HA 455 97.83 -60.92 93.83
CA THR HA 455 97.22 -61.30 92.55
C THR HA 455 96.69 -62.73 92.60
N ALA HA 456 97.51 -63.67 93.08
CA ALA HA 456 97.11 -65.04 93.38
C ALA HA 456 96.55 -65.77 92.15
N SER HA 457 97.46 -65.96 91.18
CA SER HA 457 97.27 -66.79 89.99
C SER HA 457 96.27 -66.21 88.99
N ILE HA 458 96.38 -66.63 87.74
CA ILE HA 458 95.51 -66.13 86.67
C ILE HA 458 94.97 -67.30 85.85
N LYS HA 459 95.55 -68.48 86.02
CA LYS HA 459 95.20 -69.62 85.18
C LYS HA 459 93.96 -70.36 85.67
N ARG HA 460 93.44 -70.03 86.84
CA ARG HA 460 92.30 -70.73 87.41
C ARG HA 460 91.05 -69.86 87.43
N HIS HA 461 89.91 -70.48 87.18
CA HIS HA 461 88.63 -69.81 87.20
C HIS HA 461 88.19 -69.54 88.63
N ALA HA 462 87.30 -68.56 88.79
CA ALA HA 462 86.83 -68.17 90.11
C ALA HA 462 85.47 -67.50 89.99
N ILE HA 463 84.95 -67.07 91.14
CA ILE HA 463 83.65 -66.42 91.24
C ILE HA 463 83.75 -65.26 92.23
N SER HA 464 82.84 -64.31 92.08
CA SER HA 464 82.80 -63.16 92.98
C SER HA 464 81.43 -62.49 92.88
N SER HA 465 81.19 -61.55 93.79
CA SER HA 465 79.97 -60.78 93.81
C SER HA 465 80.31 -59.29 93.77
N VAL HA 466 79.56 -58.55 92.96
CA VAL HA 466 79.69 -57.11 92.83
C VAL HA 466 78.53 -56.48 93.62
N THR HA 467 78.86 -55.53 94.50
CA THR HA 467 77.87 -54.89 95.34
C THR HA 467 78.02 -53.37 95.23
N VAL HA 468 76.92 -52.70 94.91
CA VAL HA 468 76.84 -51.24 94.96
C VAL HA 468 75.99 -50.88 96.16
N ASP HA 469 76.53 -50.05 97.06
CA ASP HA 469 75.88 -49.76 98.32
C ASP HA 469 76.09 -48.30 98.67
N ILE HA 470 75.39 -47.84 99.70
CA ILE HA 470 75.58 -46.53 100.29
C ILE HA 470 76.39 -46.72 101.56
N ALA HA 471 77.50 -45.98 101.67
CA ALA HA 471 78.38 -46.14 102.83
C ALA HA 471 77.72 -45.61 104.10
N ASP HA 472 77.07 -44.46 104.01
CA ASP HA 472 76.48 -43.80 105.17
C ASP HA 472 74.96 -43.86 105.14
N LYS HA 473 74.40 -44.98 104.67
CA LYS HA 473 72.96 -45.16 104.72
C LYS HA 473 72.51 -45.35 106.16
N THR HA 474 71.47 -44.62 106.54
CA THR HA 474 70.95 -44.68 107.90
C THR HA 474 70.01 -45.87 108.02
N LEU HA 475 69.33 -45.98 109.16
CA LEU HA 475 68.32 -47.01 109.32
C LEU HA 475 67.03 -46.59 108.63
N SER HA 476 66.02 -47.45 108.71
CA SER HA 476 64.71 -47.30 108.06
C SER HA 476 64.80 -47.27 106.54
N CYS HA 477 65.98 -47.55 105.99
CA CYS HA 477 66.16 -47.69 104.54
C CYS HA 477 66.03 -49.14 104.12
N VAL HA 478 64.91 -49.76 104.50
CA VAL HA 478 64.74 -51.20 104.33
C VAL HA 478 64.51 -51.55 102.87
N ASP HA 479 63.57 -50.86 102.21
CA ASP HA 479 63.20 -51.19 100.85
C ASP HA 479 64.27 -50.84 99.82
N LEU HA 480 65.07 -49.80 100.08
CA LEU HA 480 66.14 -49.42 99.16
C LEU HA 480 67.31 -50.38 99.37
N LYS HA 481 67.15 -51.57 98.82
CA LYS HA 481 68.17 -52.61 98.95
C LYS HA 481 69.39 -52.24 98.11
N PRO HA 482 70.60 -52.48 98.63
CA PRO HA 482 71.78 -52.30 97.80
C PRO HA 482 71.83 -53.33 96.68
N LEU HA 483 72.49 -52.95 95.60
CA LEU HA 483 72.50 -53.79 94.40
C LEU HA 483 73.62 -54.81 94.49
N SER HA 484 73.35 -56.02 94.01
CA SER HA 484 74.35 -57.09 94.05
C SER HA 484 74.14 -58.03 92.89
N THR HA 485 75.24 -58.59 92.39
CA THR HA 485 75.18 -59.54 91.28
C THR HA 485 76.37 -60.48 91.38
N LEU HA 486 76.26 -61.60 90.67
CA LEU HA 486 77.28 -62.64 90.69
C LEU HA 486 78.01 -62.65 89.36
N ILE HA 487 79.34 -62.67 89.41
CA ILE HA 487 80.20 -62.67 88.23
C ILE HA 487 81.19 -63.81 88.37
N SER HA 488 81.25 -64.66 87.35
CA SER HA 488 82.17 -65.78 87.31
C SER HA 488 83.26 -65.49 86.27
N VAL HA 489 84.52 -65.51 86.71
CA VAL HA 489 85.65 -65.45 85.80
C VAL HA 489 86.01 -66.90 85.47
N GLY HA 490 85.31 -67.44 84.49
CA GLY HA 490 85.45 -68.83 84.13
C GLY HA 490 85.04 -69.08 82.70
N CYS HA 491 84.61 -70.31 82.44
CA CYS HA 491 84.30 -70.73 81.08
C CYS HA 491 83.02 -70.07 80.57
N ASP HA 492 82.93 -69.94 79.25
CA ASP HA 492 81.74 -69.47 78.56
C ASP HA 492 81.14 -70.67 77.82
N MET HA 493 80.02 -71.18 78.32
CA MET HA 493 79.44 -72.43 77.81
C MET HA 493 78.95 -72.33 76.38
N THR HA 494 78.76 -71.13 75.86
CA THR HA 494 78.31 -70.96 74.47
C THR HA 494 79.42 -71.15 73.45
N LYS HA 495 80.66 -71.30 73.90
CA LYS HA 495 81.79 -71.44 72.99
C LYS HA 495 81.92 -72.88 72.52
N LYS HA 496 81.78 -73.10 71.21
CA LYS HA 496 81.98 -74.40 70.61
C LYS HA 496 82.95 -74.28 69.44
N ILE HA 497 83.49 -75.41 69.01
CA ILE HA 497 84.44 -75.46 67.91
C ILE HA 497 83.88 -76.36 66.82
N VAL HA 498 84.07 -75.95 65.56
CA VAL HA 498 83.59 -76.69 64.40
C VAL HA 498 84.72 -76.80 63.39
N VAL HA 499 84.57 -77.74 62.46
CA VAL HA 499 85.54 -78.00 61.41
C VAL HA 499 84.86 -77.79 60.07
N GLN HA 500 85.50 -77.02 59.19
CA GLN HA 500 84.93 -76.78 57.88
C GLN HA 500 84.97 -78.05 57.04
N ASN HA 501 83.88 -78.31 56.33
CA ASN HA 501 83.72 -79.44 55.44
C ASN HA 501 83.26 -78.96 54.07
N LYS HA 502 83.99 -77.99 53.52
CA LYS HA 502 83.63 -77.35 52.25
C LYS HA 502 83.48 -78.38 51.14
N ILE HA 503 84.39 -79.34 51.08
CA ILE HA 503 84.27 -80.49 50.19
C ILE HA 503 84.28 -81.75 51.06
N SER HA 504 83.28 -82.60 50.87
CA SER HA 504 83.15 -83.83 51.64
C SER HA 504 83.31 -85.04 50.73
N ALA HA 505 83.21 -86.22 51.34
CA ALA HA 505 83.35 -87.47 50.62
C ALA HA 505 82.06 -87.93 49.98
N CYS HA 506 80.98 -87.17 50.12
CA CYS HA 506 79.68 -87.53 49.57
C CYS HA 506 79.40 -86.74 48.29
N THR HA 507 78.24 -87.05 47.68
CA THR HA 507 77.72 -86.40 46.48
C THR HA 507 78.66 -86.50 45.28
N MET HA 508 79.55 -87.49 45.26
CA MET HA 508 80.42 -87.73 44.11
C MET HA 508 80.75 -89.21 44.04
N GLY HA 509 81.75 -89.56 43.24
CA GLY HA 509 81.94 -90.93 42.80
C GLY HA 509 82.56 -91.93 43.77
N ILE HA 510 82.46 -91.70 45.08
CA ILE HA 510 82.93 -92.68 46.04
C ILE HA 510 81.79 -93.07 46.98
N LEU HA 511 81.26 -92.10 47.72
CA LEU HA 511 80.25 -92.37 48.73
C LEU HA 511 79.04 -91.47 48.51
N ASN HA 512 77.90 -91.92 49.03
CA ASN HA 512 76.64 -91.19 48.96
C ASN HA 512 76.03 -91.10 50.35
N PRO HA 513 75.32 -90.01 50.65
CA PRO HA 513 74.68 -89.89 51.98
C PRO HA 513 73.59 -90.90 52.23
N VAL HA 514 73.01 -91.51 51.19
CA VAL HA 514 71.86 -92.39 51.35
C VAL HA 514 72.24 -93.79 51.83
N GLN HA 515 73.52 -94.08 52.00
CA GLN HA 515 73.95 -95.41 52.42
C GLN HA 515 74.71 -95.44 53.74
N LEU HA 516 75.26 -94.30 54.19
CA LEU HA 516 76.09 -94.31 55.39
C LEU HA 516 75.27 -94.42 56.67
N GLN HA 517 73.99 -94.05 56.64
CA GLN HA 517 73.17 -94.07 57.85
C GLN HA 517 72.86 -95.49 58.31
N LYS HA 518 72.92 -96.48 57.42
CA LYS HA 518 72.56 -97.86 57.76
C LYS HA 518 73.84 -98.66 57.97
N ASN HA 519 74.37 -98.54 59.20
CA ASN HA 519 75.51 -99.29 59.75
C ASN HA 519 76.61 -99.58 58.71
N TYR HA 520 76.99 -98.53 57.98
CA TYR HA 520 78.06 -98.66 56.99
C TYR HA 520 79.37 -98.80 57.73
N THR HA 521 79.90 -100.01 57.76
CA THR HA 521 80.95 -100.42 58.68
C THR HA 521 82.24 -100.67 57.91
N TYR HA 522 83.35 -100.13 58.41
CA TYR HA 522 84.63 -100.23 57.71
C TYR HA 522 85.62 -101.04 58.54
N THR HA 523 86.71 -101.46 57.88
CA THR HA 523 87.73 -102.29 58.48
C THR HA 523 89.06 -101.53 58.52
N ILE HA 524 89.97 -102.02 59.36
CA ILE HA 524 91.34 -101.54 59.41
C ILE HA 524 92.26 -102.73 59.13
N GLU HA 525 93.41 -102.44 58.51
CA GLU HA 525 94.31 -103.50 58.04
C GLU HA 525 95.42 -103.79 59.04
N LYS HA 526 95.04 -104.06 60.30
CA LYS HA 526 95.95 -104.54 61.35
C LYS HA 526 97.12 -103.56 61.56
N GLU HA 527 96.76 -102.29 61.76
CA GLU HA 527 97.76 -101.24 61.89
C GLU HA 527 97.54 -100.30 63.07
N ALA HA 528 96.55 -100.55 63.92
CA ALA HA 528 96.33 -99.67 65.07
C ALA HA 528 97.25 -100.05 66.23
N TYR HA 529 97.09 -101.25 66.77
CA TYR HA 529 97.92 -101.73 67.87
C TYR HA 529 98.79 -102.91 67.47
N ASP HA 530 98.18 -103.98 66.96
CA ASP HA 530 98.90 -105.21 66.67
C ASP HA 530 98.13 -106.07 65.68
N ASP HA 540 94.43 -106.47 65.38
CA ASP HA 540 94.16 -107.62 64.54
C ASP HA 540 93.00 -107.34 63.59
N ASP HA 541 91.90 -108.05 63.78
CA ASP HA 541 90.69 -107.86 62.97
C ASP HA 541 89.82 -106.74 63.53
N LEU HA 542 90.42 -105.57 63.73
CA LEU HA 542 89.71 -104.43 64.28
C LEU HA 542 88.72 -103.87 63.26
N ILE HA 543 87.59 -103.39 63.77
CA ILE HA 543 86.49 -102.90 62.94
C ILE HA 543 86.10 -101.53 63.45
N VAL HA 544 85.45 -100.74 62.59
CA VAL HA 544 84.98 -99.41 62.96
C VAL HA 544 83.57 -99.21 62.43
N PHE HA 545 82.71 -98.66 63.28
CA PHE HA 545 81.31 -98.37 62.96
C PHE HA 545 81.19 -96.86 62.76
N TYR HA 546 80.94 -96.44 61.53
CA TYR HA 546 80.73 -95.03 61.25
C TYR HA 546 79.32 -94.61 61.62
N GLU HA 547 79.20 -93.45 62.25
CA GLU HA 547 77.91 -92.91 62.68
C GLU HA 547 77.65 -91.63 61.87
N TYR HA 548 76.71 -91.71 60.94
CA TYR HA 548 76.42 -90.56 60.08
C TYR HA 548 75.75 -89.43 60.86
N LYS HA 549 74.84 -89.78 61.78
CA LYS HA 549 74.09 -88.76 62.49
C LYS HA 549 75.00 -87.96 63.43
N ASP HA 550 75.95 -88.61 64.09
CA ASP HA 550 76.84 -87.90 65.00
C ASP HA 550 77.91 -87.12 64.23
N LEU HA 551 78.44 -87.70 63.16
CA LEU HA 551 79.58 -87.14 62.46
C LEU HA 551 79.17 -86.37 61.20
N GLY HA 552 78.50 -87.05 60.27
CA GLY HA 552 78.19 -86.47 58.98
C GLY HA 552 79.14 -86.96 57.90
N CYS HA 553 79.09 -86.26 56.76
CA CYS HA 553 79.94 -86.62 55.64
C CYS HA 553 81.39 -86.28 55.96
N PRO HA 554 82.31 -87.24 55.87
CA PRO HA 554 83.70 -86.96 56.25
C PRO HA 554 84.38 -86.05 55.23
N ARG HA 555 85.42 -85.38 55.70
CA ARG HA 555 86.28 -84.62 54.78
C ARG HA 555 87.06 -85.57 53.89
N LEU HA 556 87.59 -85.05 52.79
CA LEU HA 556 88.33 -85.86 51.83
C LEU HA 556 89.74 -85.33 51.70
N VAL HA 557 90.73 -86.21 51.87
CA VAL HA 557 92.14 -85.87 51.70
C VAL HA 557 92.83 -86.96 50.92
N TYR HA 558 93.99 -86.63 50.37
CA TYR HA 558 94.72 -87.50 49.47
C TYR HA 558 96.09 -87.86 50.05
N TYR HA 559 96.82 -88.67 49.30
CA TYR HA 559 98.09 -89.22 49.77
C TYR HA 559 99.21 -88.22 49.58
N ASP HA 560 100.10 -88.14 50.58
CA ASP HA 560 101.34 -87.36 50.53
C ASP HA 560 101.08 -85.88 50.27
N LYS HA 561 100.15 -85.33 51.06
CA LYS HA 561 99.83 -83.91 51.00
C LYS HA 561 99.95 -83.31 52.39
N PRO HA 562 100.75 -82.26 52.56
CA PRO HA 562 100.82 -81.58 53.87
C PRO HA 562 99.52 -80.83 54.15
N TRP HA 563 98.78 -81.30 55.15
CA TRP HA 563 97.48 -80.74 55.47
C TRP HA 563 97.37 -80.45 56.96
N LYS HA 564 96.81 -79.28 57.28
CA LYS HA 564 96.37 -78.99 58.63
C LYS HA 564 94.90 -78.60 58.57
N PRO HA 565 94.10 -79.03 59.53
CA PRO HA 565 92.67 -78.71 59.49
C PRO HA 565 92.41 -77.24 59.76
N VAL HA 566 91.37 -76.72 59.13
CA VAL HA 566 90.87 -75.37 59.38
C VAL HA 566 89.60 -75.49 60.23
N VAL HA 567 89.52 -74.66 61.26
CA VAL HA 567 88.52 -74.82 62.32
C VAL HA 567 88.03 -73.45 62.76
N GLU HA 568 86.79 -73.40 63.25
CA GLU HA 568 86.08 -72.16 63.54
C GLU HA 568 85.46 -72.19 64.93
N LEU HA 569 85.29 -71.01 65.51
CA LEU HA 569 84.61 -70.84 66.80
C LEU HA 569 83.17 -70.42 66.59
N TRP HA 570 82.28 -70.94 67.42
CA TRP HA 570 80.86 -70.65 67.35
C TRP HA 570 80.39 -70.16 68.71
N LYS HA 571 79.81 -68.96 68.72
CA LYS HA 571 79.16 -68.39 69.90
C LYS HA 571 77.68 -68.27 69.58
N ASN HA 572 76.86 -69.03 70.31
CA ASN HA 572 75.41 -69.05 70.11
C ASN HA 572 75.03 -69.42 68.68
N GLY HA 573 75.83 -70.29 68.07
CA GLY HA 573 75.52 -70.79 66.75
C GLY HA 573 75.84 -69.87 65.60
N ILE HA 574 76.74 -68.90 65.78
CA ILE HA 574 77.13 -67.99 64.71
C ILE HA 574 78.64 -68.13 64.48
N VAL HA 575 79.07 -67.83 63.25
CA VAL HA 575 80.50 -67.78 62.95
C VAL HA 575 81.04 -66.44 63.45
N GLU HA 576 82.10 -66.49 64.24
CA GLU HA 576 82.67 -65.25 64.73
C GLU HA 576 84.16 -65.10 64.47
N GLU HA 577 84.95 -66.18 64.57
CA GLU HA 577 86.40 -66.05 64.49
C GLU HA 577 87.03 -67.43 64.33
N ILE HA 578 88.00 -67.52 63.42
CA ILE HA 578 88.86 -68.70 63.35
C ILE HA 578 89.94 -68.59 64.42
N MET HA 579 90.12 -69.64 65.22
CA MET HA 579 91.10 -69.54 66.29
C MET HA 579 92.47 -69.98 65.77
N ASN HA 580 93.51 -69.30 66.28
CA ASN HA 580 94.88 -69.51 65.84
C ASN HA 580 95.76 -70.04 66.97
N ALA HA 581 95.15 -70.57 68.03
CA ALA HA 581 95.88 -71.04 69.19
C ALA HA 581 96.41 -72.45 68.97
N GLU HA 582 97.21 -72.92 69.92
CA GLU HA 582 97.79 -74.25 69.84
C GLU HA 582 96.73 -75.31 70.13
N TYR HA 583 96.69 -76.33 69.29
CA TYR HA 583 95.75 -77.43 69.42
C TYR HA 583 96.41 -78.70 68.96
N VAL HA 584 95.87 -79.84 69.42
CA VAL HA 584 96.39 -81.14 69.02
C VAL HA 584 95.23 -82.02 68.54
N ILE HA 585 95.59 -83.02 67.74
CA ILE HA 585 94.65 -84.03 67.27
C ILE HA 585 95.16 -85.40 67.73
N SER HA 586 94.24 -86.35 67.82
CA SER HA 586 94.57 -87.69 68.27
C SER HA 586 93.57 -88.68 67.70
N GLU HA 587 93.88 -89.96 67.90
CA GLU HA 587 93.05 -91.06 67.44
C GLU HA 587 92.33 -91.70 68.62
N ILE HA 588 91.04 -91.96 68.46
CA ILE HA 588 90.31 -92.71 69.46
C ILE HA 588 90.47 -94.21 69.24
N ASN HA 589 90.61 -94.63 67.97
CA ASN HA 589 90.88 -96.04 67.69
C ASN HA 589 92.31 -96.40 68.08
N GLY HA 590 93.26 -95.52 67.82
CA GLY HA 590 94.62 -95.73 68.27
C GLY HA 590 95.58 -96.19 67.19
N LEU HA 591 95.46 -95.63 65.99
CA LEU HA 591 96.38 -95.96 64.90
C LEU HA 591 97.55 -94.99 64.88
N VAL HA 592 98.60 -95.38 64.17
CA VAL HA 592 99.82 -94.58 64.09
C VAL HA 592 100.29 -94.42 62.66
N THR HA 593 99.38 -94.55 61.69
CA THR HA 593 99.76 -94.45 60.28
C THR HA 593 99.68 -93.01 59.77
N TYR HA 594 100.30 -92.09 60.52
CA TYR HA 594 100.40 -90.70 60.11
C TYR HA 594 101.55 -90.05 60.87
N SER HA 595 102.36 -89.30 60.14
CA SER HA 595 103.50 -88.59 60.70
C SER HA 595 103.22 -87.09 60.66
N TYR HA 596 104.14 -86.34 61.24
CA TYR HA 596 104.00 -84.89 61.35
C TYR HA 596 105.02 -84.19 60.45
N SER HA 597 104.90 -82.86 60.40
CA SER HA 597 105.83 -82.02 59.67
C SER HA 597 107.09 -81.79 60.50
N LEU HA 598 107.84 -80.74 60.15
CA LEU HA 598 109.15 -80.36 60.71
C LEU HA 598 109.26 -80.65 62.20
N THR HA 599 110.32 -81.35 62.57
CA THR HA 599 110.39 -82.06 63.85
C THR HA 599 111.11 -81.22 64.91
N ALA HA 600 110.57 -80.03 65.15
CA ALA HA 600 110.98 -79.10 66.21
C ALA HA 600 112.41 -78.62 66.09
N ALA HA 601 113.13 -78.98 65.02
CA ALA HA 601 114.51 -78.52 64.83
C ALA HA 601 114.54 -77.19 64.09
N THR HA 602 113.95 -77.14 62.90
CA THR HA 602 113.78 -75.88 62.20
C THR HA 602 112.51 -75.15 62.62
N ALA HA 603 111.74 -75.72 63.54
CA ALA HA 603 110.67 -75.01 64.22
C ALA HA 603 111.16 -74.21 65.42
N ASN HA 604 112.45 -74.34 65.76
CA ASN HA 604 113.12 -73.52 66.77
C ASN HA 604 112.50 -73.69 68.16
N CYS HA 605 112.05 -74.90 68.47
CA CYS HA 605 111.69 -75.21 69.84
C CYS HA 605 112.95 -75.41 70.67
N ARG HA 606 112.84 -75.16 71.97
CA ARG HA 606 114.01 -75.01 72.80
C ARG HA 606 113.96 -75.82 74.11
N SER HA 607 112.78 -76.21 74.57
CA SER HA 607 112.66 -76.78 75.91
C SER HA 607 112.09 -78.19 75.89
N GLN HA 608 112.58 -79.04 74.98
CA GLN HA 608 112.24 -80.47 74.91
C GLN HA 608 110.73 -80.69 74.86
N PRO HA 609 110.10 -80.49 73.70
CA PRO HA 609 108.63 -80.52 73.65
C PRO HA 609 108.08 -81.91 73.96
N GLN HA 610 107.03 -81.94 74.77
CA GLN HA 610 106.40 -83.17 75.19
C GLN HA 610 105.43 -83.66 74.11
N ASN HA 611 105.33 -84.98 74.00
CA ASN HA 611 104.55 -85.64 72.96
C ASN HA 611 103.45 -86.48 73.60
N TRP HA 612 102.80 -87.31 72.78
CA TRP HA 612 101.73 -88.17 73.26
C TRP HA 612 102.28 -89.42 73.94
N SER HA 613 103.18 -89.23 74.90
CA SER HA 613 103.73 -90.35 75.66
C SER HA 613 103.86 -90.08 77.15
N THR HA 614 103.54 -88.88 77.63
CA THR HA 614 103.65 -88.59 79.05
C THR HA 614 102.67 -89.38 79.90
N PHE HA 615 101.53 -89.76 79.33
CA PHE HA 615 100.55 -90.55 80.06
C PHE HA 615 100.13 -91.76 79.23
N LEU HA 626 95.38 -87.99 78.64
CA LEU HA 626 94.73 -87.06 77.72
C LEU HA 626 95.21 -85.63 77.97
N TRP HA 627 95.47 -84.89 76.91
CA TRP HA 627 95.93 -83.52 77.01
C TRP HA 627 94.76 -82.57 77.24
N ASN HA 628 95.09 -81.39 77.74
CA ASN HA 628 94.10 -80.34 78.02
C ASN HA 628 94.84 -79.01 78.12
N ARG HA 629 94.14 -77.98 78.59
CA ARG HA 629 94.74 -76.69 78.84
C ARG HA 629 95.47 -76.63 80.17
N GLU HA 630 95.42 -77.69 80.98
CA GLU HA 630 95.99 -77.69 82.32
C GLU HA 630 97.41 -78.23 82.33
N ASN HA 631 97.59 -79.46 81.86
CA ASN HA 631 98.87 -80.17 81.96
C ASN HA 631 99.89 -79.74 80.91
N TYR HA 632 99.58 -78.73 80.09
CA TYR HA 632 100.42 -78.35 78.98
C TYR HA 632 101.36 -77.21 79.36
N VAL HA 633 102.64 -77.38 79.05
CA VAL HA 633 103.62 -76.31 79.15
C VAL HA 633 104.36 -76.24 77.82
N SER HA 634 104.48 -75.03 77.27
CA SER HA 634 105.12 -74.86 75.98
C SER HA 634 106.64 -75.00 76.11
N CYS HA 635 107.30 -75.15 74.96
CA CYS HA 635 108.74 -75.34 74.92
C CYS HA 635 109.48 -74.12 74.37
N HIS HA 636 108.80 -72.99 74.17
CA HIS HA 636 109.44 -71.78 73.68
C HIS HA 636 109.73 -70.78 74.78
N GLU HA 637 109.59 -71.17 76.04
CA GLU HA 637 109.90 -70.30 77.16
C GLU HA 637 111.39 -70.44 77.50
N ASP HA 638 111.78 -69.93 78.68
CA ASP HA 638 113.18 -69.93 79.11
C ASP HA 638 113.32 -70.76 80.39
N ASN HA 639 112.72 -71.94 80.39
CA ASN HA 639 112.99 -72.91 81.44
C ASN HA 639 114.41 -73.44 81.29
N LYS HA 640 115.09 -73.61 82.43
CA LYS HA 640 116.53 -73.87 82.43
C LYS HA 640 116.91 -75.18 83.11
N ASP HA 641 116.12 -76.25 82.90
CA ASP HA 641 116.55 -77.56 83.39
C ASP HA 641 116.35 -78.70 82.42
N ASN HA 642 115.55 -78.55 81.35
CA ASN HA 642 115.35 -79.59 80.35
C ASN HA 642 115.49 -79.00 78.96
N PRO HA 643 116.71 -78.58 78.57
CA PRO HA 643 116.87 -77.94 77.26
C PRO HA 643 116.83 -78.92 76.09
N LEU HA 644 117.56 -80.04 76.19
CA LEU HA 644 117.68 -80.93 75.04
C LEU HA 644 118.13 -82.32 75.45
N LEU HA 645 117.24 -83.31 75.27
CA LEU HA 645 117.66 -84.67 74.95
C LEU HA 645 116.78 -85.05 73.77
N TRP HA 646 117.16 -84.56 72.59
CA TRP HA 646 116.39 -84.75 71.37
C TRP HA 646 117.28 -84.54 70.13
N PRO HA 647 117.61 -85.62 69.42
CA PRO HA 647 118.27 -85.42 68.11
C PRO HA 647 117.33 -84.78 67.10
N ASN HA 648 116.18 -85.42 66.83
CA ASN HA 648 115.18 -84.88 65.93
C ASN HA 648 113.77 -85.20 66.41
N VAL HA 649 113.53 -85.21 67.73
CA VAL HA 649 112.24 -85.59 68.28
C VAL HA 649 111.16 -84.62 67.79
N GLU HA 650 110.06 -85.18 67.30
CA GLU HA 650 109.09 -84.44 66.52
C GLU HA 650 108.30 -83.46 67.40
N TYR HA 651 107.56 -82.59 66.72
CA TYR HA 651 106.74 -81.55 67.35
C TYR HA 651 105.28 -81.85 66.99
N GLN HA 652 104.61 -82.61 67.86
CA GLN HA 652 103.22 -83.00 67.61
C GLN HA 652 102.24 -81.97 68.20
N VAL HA 653 102.45 -80.69 67.87
CA VAL HA 653 101.56 -79.62 68.30
C VAL HA 653 101.25 -78.76 67.09
N LEU HA 654 99.98 -78.68 66.72
CA LEU HA 654 99.54 -77.90 65.57
C LEU HA 654 99.05 -76.52 66.03
N GLY HA 655 98.90 -75.63 65.06
CA GLY HA 655 98.46 -74.28 65.35
C GLY HA 655 99.56 -73.45 65.99
N GLY HA 656 99.16 -72.26 66.44
CA GLY HA 656 100.11 -71.34 67.03
C GLY HA 656 101.04 -70.76 65.99
N GLN HA 657 102.23 -70.33 66.44
CA GLN HA 657 103.22 -69.77 65.54
C GLN HA 657 103.90 -70.83 64.69
N THR HA 658 103.98 -72.07 65.18
CA THR HA 658 104.56 -73.15 64.40
C THR HA 658 103.59 -73.56 63.29
N ASN HA 659 104.16 -73.91 62.13
CA ASN HA 659 103.34 -74.20 60.96
C ASN HA 659 103.50 -75.65 60.52
N ASN HA 660 103.47 -76.58 61.48
CA ASN HA 660 103.54 -77.99 61.17
C ASN HA 660 102.18 -78.52 60.73
N LYS HA 661 102.20 -79.48 59.83
CA LYS HA 661 101.01 -80.15 59.30
C LYS HA 661 101.17 -81.64 59.49
N ILE HA 662 100.26 -82.41 58.88
CA ILE HA 662 100.23 -83.86 59.01
C ILE HA 662 100.51 -84.46 57.64
N ILE HA 663 101.01 -85.71 57.63
CA ILE HA 663 101.18 -86.49 56.42
C ILE HA 663 100.67 -87.90 56.70
N PHE HA 664 99.81 -88.40 55.83
CA PHE HA 664 99.07 -89.63 56.09
C PHE HA 664 99.80 -90.83 55.50
N GLY HA 665 99.33 -92.02 55.88
CA GLY HA 665 99.81 -93.25 55.27
C GLY HA 665 98.96 -93.68 54.11
N GLN HA 666 99.10 -94.96 53.75
CA GLN HA 666 98.39 -95.56 52.63
C GLN HA 666 97.31 -96.53 53.09
N ARG HA 667 96.70 -96.26 54.25
CA ARG HA 667 95.66 -97.14 54.77
C ARG HA 667 94.38 -97.04 53.95
N ASN HA 668 94.08 -95.86 53.39
CA ASN HA 668 92.94 -95.61 52.52
C ASN HA 668 91.62 -95.94 53.23
N GLY HA 669 91.36 -95.18 54.29
CA GLY HA 669 90.15 -95.31 55.05
C GLY HA 669 89.75 -94.04 55.78
N ILE HA 670 89.00 -94.20 56.88
CA ILE HA 670 88.52 -93.08 57.68
C ILE HA 670 89.40 -92.94 58.91
N TYR HA 671 89.77 -91.71 59.23
CA TYR HA 671 90.38 -91.38 60.51
C TYR HA 671 89.38 -90.53 61.30
N THR HA 672 89.17 -90.90 62.55
CA THR HA 672 88.32 -90.13 63.47
C THR HA 672 89.25 -89.30 64.34
N PHE HA 673 89.39 -88.03 64.00
CA PHE HA 673 90.27 -87.11 64.72
C PHE HA 673 89.54 -86.55 65.93
N HIS HA 674 90.15 -86.71 67.10
CA HIS HA 674 89.71 -86.04 68.32
C HIS HA 674 90.64 -84.85 68.54
N LEU HA 675 90.08 -83.65 68.48
CA LEU HA 675 90.85 -82.41 68.52
C LEU HA 675 90.61 -81.71 69.84
N SER HA 676 91.70 -81.27 70.48
CA SER HA 676 91.63 -80.53 71.73
C SER HA 676 92.42 -79.23 71.59
N VAL HA 677 91.80 -78.11 71.97
CA VAL HA 677 92.53 -76.86 72.07
C VAL HA 677 93.41 -76.90 73.31
N VAL HA 678 94.68 -76.53 73.14
CA VAL HA 678 95.71 -76.84 74.12
C VAL HA 678 96.19 -75.58 74.83
N ASP HA 679 96.10 -74.44 74.15
CA ASP HA 679 96.61 -73.20 74.69
C ASP HA 679 95.82 -72.78 75.93
N PRO HA 680 96.48 -72.54 77.07
CA PRO HA 680 95.76 -72.17 78.30
C PRO HA 680 95.42 -70.70 78.40
N TYR HA 681 95.98 -69.85 77.55
CA TYR HA 681 95.72 -68.41 77.60
C TYR HA 681 94.57 -67.99 76.71
N TYR HA 682 93.89 -68.96 76.08
CA TYR HA 682 92.78 -68.67 75.17
C TYR HA 682 91.45 -68.59 75.92
N SER HA 683 91.05 -69.67 76.60
CA SER HA 683 89.77 -69.70 77.29
C SER HA 683 89.86 -70.70 78.43
N TYR HA 684 89.04 -70.48 79.45
CA TYR HA 684 88.88 -71.48 80.51
C TYR HA 684 88.12 -72.71 80.03
N CYS HA 685 87.41 -72.62 78.91
CA CYS HA 685 86.65 -73.74 78.39
C CYS HA 685 87.59 -74.72 77.71
N ASN HA 686 87.48 -75.99 78.08
CA ASN HA 686 88.24 -77.04 77.41
C ASN HA 686 87.59 -77.40 76.07
N LEU HA 687 87.98 -76.68 75.03
CA LEU HA 687 87.35 -76.88 73.72
C LEU HA 687 87.81 -78.19 73.10
N ASN HA 688 86.85 -79.09 72.88
CA ASN HA 688 87.11 -80.42 72.35
C ASN HA 688 86.10 -80.73 71.26
N THR HA 689 86.53 -81.50 70.26
CA THR HA 689 85.65 -81.88 69.16
C THR HA 689 86.14 -83.19 68.57
N ILE HA 690 85.29 -83.79 67.74
CA ILE HA 690 85.61 -85.02 67.01
C ILE HA 690 85.06 -84.87 65.60
N PHE HA 691 85.92 -85.17 64.61
CA PHE HA 691 85.52 -85.08 63.21
C PHE HA 691 86.11 -86.27 62.46
N SER HA 692 85.72 -86.43 61.19
CA SER HA 692 86.08 -87.59 60.41
C SER HA 692 86.65 -87.19 59.05
N VAL HA 693 87.72 -87.89 58.65
CA VAL HA 693 88.37 -87.65 57.37
C VAL HA 693 88.52 -88.99 56.65
N TYR HA 694 88.67 -88.92 55.33
CA TYR HA 694 88.81 -90.08 54.48
C TYR HA 694 89.99 -89.86 53.55
N VAL HA 695 90.95 -90.76 53.58
CA VAL HA 695 92.15 -90.66 52.74
C VAL HA 695 91.94 -91.51 51.49
N HIS HA 696 92.39 -90.99 50.35
CA HIS HA 696 92.44 -91.75 49.10
C HIS HA 696 93.86 -91.70 48.58
N GLY HA 697 94.49 -92.88 48.45
CA GLY HA 697 95.88 -92.97 48.09
C GLY HA 697 96.09 -93.21 46.60
N ALA HA 698 97.31 -93.65 46.27
CA ALA HA 698 97.71 -93.89 44.89
C ALA HA 698 98.03 -95.35 44.62
N LEU HA 699 98.92 -95.96 45.41
CA LEU HA 699 99.28 -97.35 45.20
C LEU HA 699 99.86 -97.98 46.45
N PRO HA 700 99.27 -99.05 46.96
CA PRO HA 700 99.93 -99.85 47.99
C PRO HA 700 101.06 -100.68 47.40
N VAL HA 701 102.03 -101.01 48.25
CA VAL HA 701 103.23 -101.71 47.83
C VAL HA 701 103.21 -103.12 48.41
N THR HA 702 103.25 -104.12 47.52
CA THR HA 702 103.37 -105.53 47.90
C THR HA 702 104.61 -106.15 47.28
N LYS HA 703 105.65 -105.34 47.07
CA LYS HA 703 106.84 -105.81 46.37
C LYS HA 703 107.71 -106.73 47.22
N PHE HA 704 107.71 -106.53 48.54
CA PHE HA 704 108.48 -107.32 49.51
C PHE HA 704 109.97 -107.29 49.19
N GLN HA 705 110.69 -108.32 49.63
CA GLN HA 705 112.12 -108.45 49.38
C GLN HA 705 112.53 -108.61 47.90
N PRO HA 706 111.69 -109.10 46.98
CA PRO HA 706 112.08 -108.97 45.56
C PRO HA 706 112.08 -107.51 45.12
N LEU HA 707 113.26 -107.02 44.74
CA LEU HA 707 113.43 -105.67 44.27
C LEU HA 707 113.43 -105.63 42.75
N LEU HA 708 113.32 -104.41 42.20
CA LEU HA 708 113.37 -104.24 40.75
C LEU HA 708 114.73 -104.67 40.21
N THR HA 709 115.81 -104.32 40.91
CA THR HA 709 117.14 -104.78 40.49
C THR HA 709 117.28 -106.29 40.61
N ILE HA 710 116.66 -106.88 41.64
CA ILE HA 710 116.73 -108.33 41.82
C ILE HA 710 116.03 -109.05 40.67
N LEU HA 711 114.83 -108.59 40.32
CA LEU HA 711 114.13 -109.19 39.19
C LEU HA 711 114.85 -108.90 37.87
N LEU HA 712 115.49 -107.74 37.75
CA LEU HA 712 116.29 -107.45 36.56
C LEU HA 712 117.44 -108.44 36.42
N MET HA 713 118.15 -108.71 37.52
CA MET HA 713 119.24 -109.67 37.49
C MET HA 713 118.74 -111.07 37.21
N VAL HA 714 117.59 -111.44 37.76
CA VAL HA 714 116.99 -112.75 37.50
C VAL HA 714 116.65 -112.88 36.02
N THR HA 715 116.07 -111.84 35.42
CA THR HA 715 115.72 -111.88 34.00
C THR HA 715 116.96 -111.92 33.12
N THR HA 716 118.03 -111.21 33.51
CA THR HA 716 119.27 -111.28 32.73
C THR HA 716 119.87 -112.68 32.79
N THR HA 717 119.85 -113.30 33.96
CA THR HA 717 120.36 -114.67 34.07
C THR HA 717 119.52 -115.64 33.25
N LEU HA 718 118.20 -115.47 33.27
CA LEU HA 718 117.32 -116.33 32.48
C LEU HA 718 117.55 -116.13 30.99
N LEU HA 719 117.76 -114.88 30.56
CA LEU HA 719 117.99 -114.62 29.14
C LEU HA 719 119.34 -115.15 28.69
N THR HA 720 120.37 -115.05 29.54
CA THR HA 720 121.66 -115.64 29.21
C THR HA 720 121.57 -117.16 29.15
N ALA HA 721 120.77 -117.77 30.03
CA ALA HA 721 120.52 -119.20 29.94
C ALA HA 721 119.81 -119.57 28.65
N TRP HA 722 118.85 -118.74 28.23
CA TRP HA 722 118.16 -118.98 26.96
C TRP HA 722 119.11 -118.86 25.78
N LEU HA 723 120.01 -117.88 25.81
CA LEU HA 723 121.01 -117.74 24.74
C LEU HA 723 121.97 -118.93 24.73
N ALA HA 724 122.37 -119.40 25.92
CA ALA HA 724 123.25 -120.57 25.99
C ALA HA 724 122.53 -121.84 25.56
N TYR HA 725 121.20 -121.87 25.69
CA TYR HA 725 120.41 -122.99 25.17
C TYR HA 725 120.22 -122.90 23.65
N ALA HA 726 120.15 -121.68 23.11
CA ALA HA 726 119.97 -121.49 21.68
C ALA HA 726 121.28 -121.52 20.91
N ILE HA 727 122.43 -121.46 21.59
CA ILE HA 727 123.71 -121.66 20.92
C ILE HA 727 123.82 -123.05 20.28
N PRO HA 728 123.44 -124.15 20.95
CA PRO HA 728 123.42 -125.45 20.23
C PRO HA 728 122.42 -125.50 19.08
N LYS HA 729 121.40 -124.64 19.07
CA LYS HA 729 120.50 -124.59 17.92
C LYS HA 729 121.24 -124.16 16.66
N GLN HA 730 122.13 -123.18 16.77
CA GLN HA 730 122.98 -122.82 15.64
C GLN HA 730 124.09 -123.84 15.43
N LEU HA 731 124.60 -124.44 16.51
CA LEU HA 731 125.70 -125.39 16.39
C LEU HA 731 125.28 -126.66 15.65
N ARG HA 732 124.05 -127.11 15.84
CA ARG HA 732 123.56 -128.31 15.19
C ARG HA 732 123.17 -128.09 13.73
N SER HA 733 123.13 -126.84 13.28
CA SER HA 733 122.79 -126.53 11.89
C SER HA 733 124.04 -126.26 11.07
N LEU IA 1 13.70 -35.92 112.14
CA LEU IA 1 13.95 -36.51 110.84
C LEU IA 1 13.97 -35.45 109.74
N TRP IA 2 15.11 -35.32 109.07
CA TRP IA 2 15.29 -34.37 107.99
C TRP IA 2 16.29 -34.94 107.00
N ARG IA 3 16.27 -34.41 105.78
CA ARG IA 3 17.18 -34.87 104.74
C ARG IA 3 17.45 -33.73 103.78
N TYR IA 4 18.26 -34.02 102.76
CA TYR IA 4 18.68 -33.02 101.79
C TYR IA 4 18.76 -33.65 100.41
N TYR IA 5 18.65 -32.80 99.38
CA TYR IA 5 18.68 -33.23 98.00
C TYR IA 5 19.59 -32.30 97.20
N ILE IA 6 20.13 -32.84 96.10
CA ILE IA 6 20.92 -32.07 95.16
C ILE IA 6 20.38 -32.32 93.76
N ASN IA 7 20.63 -31.36 92.87
CA ASN IA 7 20.01 -31.37 91.55
C ASN IA 7 20.55 -32.47 90.64
N SER IA 8 21.76 -32.96 90.88
CA SER IA 8 22.44 -33.88 89.97
C SER IA 8 22.60 -35.24 90.60
N GLN IA 9 22.50 -36.30 89.78
CA GLN IA 9 22.77 -37.64 90.25
C GLN IA 9 24.27 -37.87 90.43
N ASP IA 10 25.07 -37.42 89.47
CA ASP IA 10 26.51 -37.60 89.55
C ASP IA 10 27.09 -36.70 90.64
N TYR IA 11 27.89 -37.30 91.51
CA TYR IA 11 28.47 -36.58 92.64
C TYR IA 11 29.82 -35.94 92.32
N SER IA 12 30.35 -36.17 91.12
CA SER IA 12 31.54 -35.43 90.68
C SER IA 12 31.23 -33.97 90.42
N ILE IA 13 29.99 -33.66 90.03
CA ILE IA 13 29.61 -32.28 89.74
C ILE IA 13 29.49 -31.46 91.03
N PHE IA 14 29.16 -32.12 92.14
CA PHE IA 14 28.87 -31.46 93.40
C PHE IA 14 30.01 -30.57 93.89
N SER IA 15 29.77 -29.27 93.92
CA SER IA 15 30.79 -28.30 94.28
C SER IA 15 30.10 -27.06 94.83
N THR IA 16 30.86 -25.96 94.93
CA THR IA 16 30.35 -24.75 95.57
C THR IA 16 29.24 -24.07 94.78
N ARG IA 17 29.21 -24.25 93.46
CA ARG IA 17 28.18 -23.60 92.64
C ARG IA 17 26.83 -24.31 92.72
N SER IA 18 26.77 -25.47 93.36
CA SER IA 18 25.51 -26.20 93.47
C SER IA 18 24.66 -25.67 94.62
N SER IA 19 23.40 -26.06 94.62
CA SER IA 19 22.45 -25.72 95.68
C SER IA 19 21.94 -26.99 96.31
N ILE IA 20 21.67 -26.93 97.62
CA ILE IA 20 21.21 -28.09 98.37
C ILE IA 20 19.84 -27.78 98.94
N LYS IA 21 18.85 -28.60 98.60
CA LYS IA 21 17.50 -28.43 99.12
C LYS IA 21 17.35 -29.19 100.43
N LEU IA 22 17.11 -28.46 101.51
CA LEU IA 22 16.95 -29.06 102.84
C LEU IA 22 15.47 -29.22 103.15
N GLU IA 23 15.07 -30.44 103.47
CA GLU IA 23 13.68 -30.77 103.78
C GLU IA 23 13.60 -31.36 105.18
N TYR IA 24 12.79 -30.74 106.04
CA TYR IA 24 12.53 -31.24 107.37
C TYR IA 24 11.07 -31.64 107.49
N GLU IA 25 10.82 -32.82 108.05
CA GLU IA 25 9.48 -33.29 108.33
C GLU IA 25 9.32 -33.50 109.83
N GLY IA 26 8.21 -33.01 110.37
CA GLY IA 26 7.95 -33.13 111.78
C GLY IA 26 6.98 -32.07 112.25
N ASN IA 27 6.37 -32.34 113.41
CA ASN IA 27 5.41 -31.40 113.98
C ASN IA 27 6.10 -30.18 114.58
N SER IA 28 7.27 -30.37 115.18
CA SER IA 28 8.00 -29.30 115.85
C SER IA 28 9.17 -28.87 114.99
N PHE IA 29 9.26 -27.56 114.76
CA PHE IA 29 10.37 -26.98 114.00
C PHE IA 29 10.51 -25.52 114.40
N VAL IA 30 11.75 -25.06 114.51
CA VAL IA 30 12.05 -23.67 114.87
C VAL IA 30 12.78 -22.95 113.75
N SER IA 31 13.97 -23.41 113.39
CA SER IA 31 14.82 -22.75 112.40
C SER IA 31 15.91 -23.73 111.99
N TRP IA 32 16.90 -23.23 111.26
CA TRP IA 32 18.05 -24.02 110.84
C TRP IA 32 19.32 -23.44 111.45
N LYS IA 33 20.28 -24.33 111.74
CA LYS IA 33 21.59 -23.93 112.26
C LYS IA 33 22.63 -24.22 111.18
N ILE IA 34 23.26 -23.16 110.67
CA ILE IA 34 24.24 -23.27 109.59
C ILE IA 34 25.48 -22.48 109.96
N PRO IA 35 26.64 -22.80 109.38
CA PRO IA 35 27.83 -21.98 109.64
C PRO IA 35 27.72 -20.62 108.96
N GLU IA 36 28.68 -19.76 109.28
CA GLU IA 36 28.73 -18.41 108.73
C GLU IA 36 28.97 -18.41 107.23
N SER IA 37 29.79 -19.32 106.72
CA SER IA 37 30.20 -19.30 105.32
C SER IA 37 29.03 -19.59 104.38
N CYS IA 38 28.11 -20.45 104.80
CA CYS IA 38 27.03 -20.92 103.94
C CYS IA 38 25.70 -20.28 104.36
N LYS IA 39 24.83 -20.06 103.38
CA LYS IA 39 23.60 -19.32 103.58
C LYS IA 39 22.38 -20.17 103.23
N VAL IA 40 21.28 -19.90 103.92
CA VAL IA 40 20.02 -20.63 103.76
C VAL IA 40 18.92 -19.60 103.48
N GLU IA 41 18.14 -19.85 102.44
CA GLU IA 41 17.03 -18.97 102.09
C GLU IA 41 15.80 -19.34 102.93
N ASN IA 42 15.20 -18.34 103.57
CA ASN IA 42 14.00 -18.49 104.41
C ASN IA 42 14.28 -19.49 105.54
N THR IA 43 15.16 -19.07 106.45
CA THR IA 43 15.69 -19.93 107.50
C THR IA 43 14.63 -20.42 108.49
N THR IA 44 13.45 -19.80 108.49
CA THR IA 44 12.35 -20.21 109.34
C THR IA 44 11.46 -21.27 108.71
N SER IA 45 11.81 -21.76 107.50
CA SER IA 45 10.96 -22.73 106.84
C SER IA 45 11.57 -24.13 106.93
N PRO IA 46 10.73 -25.16 107.07
CA PRO IA 46 11.27 -26.53 107.05
C PRO IA 46 11.74 -26.97 105.68
N LYS IA 47 11.28 -26.34 104.61
CA LYS IA 47 11.77 -26.59 103.27
C LYS IA 47 12.52 -25.35 102.79
N THR IA 48 13.80 -25.52 102.45
CA THR IA 48 14.62 -24.38 102.12
C THR IA 48 15.72 -24.79 101.16
N THR IA 49 16.50 -23.80 100.73
CA THR IA 49 17.66 -24.01 99.87
C THR IA 49 18.90 -23.44 100.54
N LEU IA 50 20.03 -24.08 100.27
CA LEU IA 50 21.32 -23.70 100.85
C LEU IA 50 22.31 -23.47 99.72
N HIS IA 51 22.98 -22.32 99.77
CA HIS IA 51 24.05 -21.96 98.85
C HIS IA 51 25.32 -21.71 99.65
N CYS IA 52 26.45 -22.22 99.18
CA CYS IA 52 27.67 -22.02 99.95
C CYS IA 52 28.86 -22.05 99.00
N LYS IA 53 29.74 -21.06 99.15
CA LYS IA 53 30.87 -20.89 98.26
C LYS IA 53 32.21 -21.30 98.87
N ARG IA 54 32.44 -21.00 100.15
CA ARG IA 54 33.66 -21.43 100.81
C ARG IA 54 33.67 -22.94 100.98
N ALA IA 55 34.80 -23.56 100.68
CA ALA IA 55 34.92 -25.01 100.69
C ALA IA 55 35.14 -25.50 102.12
N GLY IA 56 35.23 -26.82 102.28
CA GLY IA 56 35.48 -27.42 103.57
C GLY IA 56 34.34 -28.28 104.08
N ILE IA 57 34.23 -28.38 105.39
CA ILE IA 57 33.17 -29.13 106.05
C ILE IA 57 32.22 -28.15 106.73
N HIS IA 58 30.93 -28.40 106.61
CA HIS IA 58 29.91 -27.52 107.15
C HIS IA 58 28.94 -28.32 108.00
N THR IA 59 28.64 -27.83 109.20
CA THR IA 59 27.76 -28.51 110.13
C THR IA 59 26.38 -27.87 110.05
N ILE IA 60 25.39 -28.67 109.63
CA ILE IA 60 24.01 -28.21 109.48
C ILE IA 60 23.13 -29.03 110.41
N LYS IA 61 22.23 -28.33 111.10
CA LYS IA 61 21.33 -28.97 112.04
C LYS IA 61 20.03 -28.17 112.12
N PRO IA 62 18.88 -28.80 111.93
CA PRO IA 62 17.60 -28.10 112.12
C PRO IA 62 17.23 -28.08 113.60
N ILE IA 63 17.22 -26.89 114.18
CA ILE IA 63 16.82 -26.73 115.58
C ILE IA 63 15.30 -26.81 115.66
N ALA IA 64 14.80 -27.66 116.55
CA ALA IA 64 13.37 -27.89 116.69
C ALA IA 64 13.08 -28.16 118.17
N GLY IA 65 11.83 -28.53 118.46
CA GLY IA 65 11.47 -28.85 119.82
C GLY IA 65 12.16 -30.10 120.34
N ASN IA 66 12.21 -31.15 119.53
CA ASN IA 66 12.85 -32.39 119.91
C ASN IA 66 14.33 -32.35 119.53
N GLN IA 67 15.03 -33.46 119.71
CA GLN IA 67 16.45 -33.54 119.41
C GLN IA 67 16.65 -33.99 117.97
N GLU IA 68 17.36 -33.20 117.19
CA GLU IA 68 17.67 -33.50 115.81
C GLU IA 68 19.19 -33.57 115.65
N VAL IA 69 19.68 -34.62 114.98
CA VAL IA 69 21.11 -34.80 114.81
C VAL IA 69 21.63 -33.79 113.79
N GLU IA 70 22.91 -33.46 113.92
CA GLU IA 70 23.58 -32.58 112.96
C GLU IA 70 24.33 -33.42 111.94
N ARG IA 71 24.63 -32.79 110.80
CA ARG IA 71 25.31 -33.47 109.70
C ARG IA 71 26.44 -32.60 109.19
N HIS IA 72 27.56 -33.23 108.86
CA HIS IA 72 28.70 -32.54 108.28
C HIS IA 72 28.74 -32.82 106.77
N LEU IA 73 28.72 -31.77 105.98
CA LEU IA 73 28.71 -31.88 104.52
C LEU IA 73 30.03 -31.34 103.98
N THR IA 74 30.59 -32.06 103.01
CA THR IA 74 31.88 -31.72 102.41
C THR IA 74 31.64 -31.04 101.07
N VAL IA 75 32.09 -29.80 100.94
CA VAL IA 75 32.00 -29.05 99.70
C VAL IA 75 33.41 -28.74 99.23
N ASP IA 76 33.73 -29.11 97.99
CA ASP IA 76 35.07 -28.93 97.45
C ASP IA 76 35.00 -28.21 96.12
N ASN IA 77 35.98 -27.34 95.88
CA ASN IA 77 36.04 -26.61 94.64
C ASN IA 77 36.38 -27.54 93.48
N SER IA 78 35.54 -27.50 92.45
CA SER IA 78 35.72 -28.38 91.29
C SER IA 78 35.62 -27.55 90.02
N TYR IA 79 36.36 -27.97 89.01
CA TYR IA 79 36.36 -27.32 87.71
C TYR IA 79 35.43 -28.01 86.71
N ILE IA 80 34.74 -29.06 87.12
CA ILE IA 80 33.82 -29.79 86.27
C ILE IA 80 32.41 -29.39 86.69
N CYS IA 81 31.69 -28.73 85.79
CA CYS IA 81 30.37 -28.20 86.11
C CYS IA 81 29.28 -28.76 85.22
N TYR IA 82 29.50 -28.83 83.91
CA TYR IA 82 28.45 -29.18 82.97
C TYR IA 82 28.37 -30.70 82.79
N LEU IA 83 27.26 -31.14 82.20
CA LEU IA 83 27.02 -32.56 81.98
C LEU IA 83 26.41 -32.75 80.60
N TRP IA 84 26.62 -33.95 80.05
CA TRP IA 84 26.02 -34.33 78.78
C TRP IA 84 24.58 -34.79 79.00
N TYR IA 85 23.75 -34.57 77.99
CA TYR IA 85 22.42 -35.19 77.93
C TYR IA 85 22.30 -35.85 76.57
N PHE IA 86 21.74 -37.05 76.54
CA PHE IA 86 21.57 -37.79 75.29
C PHE IA 86 20.17 -38.36 75.23
N THR IA 87 19.68 -38.55 73.99
CA THR IA 87 18.39 -39.16 73.73
C THR IA 87 18.55 -40.07 72.51
N VAL IA 88 18.09 -41.30 72.64
CA VAL IA 88 18.30 -42.32 71.62
C VAL IA 88 17.01 -42.57 70.86
N VAL IA 89 17.16 -43.19 69.70
CA VAL IA 89 16.04 -43.77 68.95
C VAL IA 89 16.59 -44.97 68.19
N ASP IA 90 15.79 -46.01 68.10
CA ASP IA 90 16.20 -47.29 67.52
C ASP IA 90 15.42 -47.57 66.25
N VAL IA 91 16.12 -47.92 65.18
CA VAL IA 91 15.50 -48.44 63.97
C VAL IA 91 15.97 -49.88 63.81
N TYR IA 92 15.11 -50.73 63.26
CA TYR IA 92 15.44 -52.14 63.10
C TYR IA 92 15.72 -52.51 61.65
N TYR IA 93 15.12 -51.79 60.71
CA TYR IA 93 15.27 -52.12 59.29
C TYR IA 93 16.72 -52.02 58.85
N ASN IA 94 17.41 -50.95 59.25
CA ASN IA 94 18.85 -50.87 59.06
C ASN IA 94 19.63 -51.43 60.24
N LEU IA 95 18.94 -51.80 61.32
CA LEU IA 95 19.56 -52.31 62.54
C LEU IA 95 20.60 -51.30 63.06
N SER IA 96 20.10 -50.07 63.25
CA SER IA 96 20.95 -48.94 63.62
C SER IA 96 20.19 -48.05 64.60
N GLN IA 97 20.95 -47.32 65.43
CA GLN IA 97 20.42 -46.36 66.38
C GLN IA 97 20.90 -44.96 66.04
N ILE IA 98 20.08 -43.97 66.36
CA ILE IA 98 20.44 -42.56 66.22
C ILE IA 98 20.31 -41.92 67.58
N VAL IA 99 21.38 -41.26 68.04
CA VAL IA 99 21.40 -40.62 69.35
C VAL IA 99 21.60 -39.12 69.16
N THR IA 100 20.88 -38.33 69.96
CA THR IA 100 20.95 -36.88 69.93
C THR IA 100 21.48 -36.39 71.27
N ILE IA 101 22.57 -35.62 71.22
CA ILE IA 101 23.31 -35.22 72.41
C ILE IA 101 23.39 -33.70 72.47
N TRP IA 102 23.22 -33.14 73.67
CA TRP IA 102 23.46 -31.73 73.90
C TRP IA 102 23.96 -31.54 75.33
N VAL IA 103 24.37 -30.30 75.63
CA VAL IA 103 25.00 -29.95 76.90
C VAL IA 103 23.99 -29.19 77.74
N TYR IA 104 23.87 -29.58 79.02
CA TYR IA 104 22.99 -28.89 79.95
C TYR IA 104 23.68 -28.71 81.29
N ASP IA 105 23.40 -27.58 81.93
CA ASP IA 105 23.92 -27.26 83.26
C ASP IA 105 22.88 -27.64 84.30
N PRO IA 106 23.20 -28.51 85.27
CA PRO IA 106 22.19 -28.94 86.25
C PRO IA 106 21.65 -27.82 87.13
N GLU IA 107 22.38 -26.72 87.29
CA GLU IA 107 21.89 -25.62 88.13
C GLU IA 107 20.81 -24.80 87.45
N SER IA 108 20.84 -24.70 86.12
CA SER IA 108 19.90 -23.88 85.36
C SER IA 108 19.29 -24.66 84.21
N ALA IA 109 18.84 -25.89 84.47
CA ALA IA 109 18.21 -26.72 83.47
C ALA IA 109 16.70 -26.78 83.69
N SER IA 110 16.01 -27.41 82.73
CA SER IA 110 14.58 -27.62 82.85
C SER IA 110 14.30 -28.78 83.80
N THR IA 111 13.02 -28.89 84.20
CA THR IA 111 12.62 -29.99 85.07
C THR IA 111 12.70 -31.32 84.35
N GLU IA 112 12.29 -31.37 83.08
CA GLU IA 112 12.26 -32.62 82.32
C GLU IA 112 13.65 -33.19 82.12
N GLU IA 113 14.63 -32.32 81.84
CA GLU IA 113 16.01 -32.76 81.70
C GLU IA 113 16.58 -33.33 82.99
N LEU IA 114 16.11 -32.86 84.14
CA LEU IA 114 16.54 -33.39 85.43
C LEU IA 114 15.99 -34.78 85.72
N ILE IA 115 14.93 -35.19 85.04
CA ILE IA 115 14.33 -36.50 85.24
C ILE IA 115 14.43 -37.37 83.98
N TRP IA 116 15.14 -36.89 82.96
CA TRP IA 116 15.42 -37.64 81.73
C TRP IA 116 14.12 -37.97 80.98
N THR IA 117 13.35 -36.93 80.70
CA THR IA 117 12.11 -37.06 79.94
C THR IA 117 12.01 -36.02 78.83
N ALA IA 118 13.10 -35.32 78.54
CA ALA IA 118 13.08 -34.29 77.52
C ALA IA 118 13.41 -34.86 76.15
N LYS IA 119 12.94 -34.17 75.11
CA LYS IA 119 13.23 -34.54 73.73
C LYS IA 119 13.81 -33.35 72.99
N LYS IA 120 13.61 -32.15 73.55
CA LYS IA 120 14.07 -30.91 72.94
C LYS IA 120 14.81 -30.10 74.00
N PRO IA 121 16.01 -29.61 73.72
CA PRO IA 121 16.74 -28.82 74.72
C PRO IA 121 16.05 -27.48 74.98
N SER IA 122 16.24 -26.99 76.20
CA SER IA 122 15.68 -25.70 76.58
C SER IA 122 16.57 -24.57 76.07
N LEU IA 123 16.19 -23.33 76.41
CA LEU IA 123 16.87 -22.16 75.88
C LEU IA 123 18.32 -22.07 76.37
N SER IA 124 18.52 -22.20 77.68
CA SER IA 124 19.88 -22.13 78.23
C SER IA 124 20.75 -23.24 77.70
N SER IA 125 20.20 -24.45 77.61
CA SER IA 125 20.95 -25.59 77.06
C SER IA 125 21.34 -25.35 75.61
N ARG IA 126 20.42 -24.82 74.80
CA ARG IA 126 20.71 -24.57 73.39
C ARG IA 126 21.76 -23.48 73.22
N VAL IA 127 21.64 -22.40 74.00
CA VAL IA 127 22.61 -21.31 73.88
C VAL IA 127 23.99 -21.75 74.35
N LEU IA 128 24.05 -22.53 75.43
CA LEU IA 128 25.34 -23.05 75.88
C LEU IA 128 25.91 -24.04 74.89
N THR IA 129 25.05 -24.81 74.21
CA THR IA 129 25.50 -25.75 73.19
C THR IA 129 26.11 -25.02 71.99
N LYS IA 130 25.46 -23.96 71.52
CA LYS IA 130 26.03 -23.23 70.40
C LYS IA 130 27.27 -22.44 70.82
N GLN IA 131 27.34 -22.02 72.08
CA GLN IA 131 28.58 -21.45 72.60
C GLN IA 131 29.71 -22.47 72.59
N MET IA 132 29.40 -23.72 72.93
CA MET IA 132 30.43 -24.76 72.95
C MET IA 132 30.87 -25.17 71.56
N ASN IA 133 29.96 -25.19 70.59
CA ASN IA 133 30.39 -25.37 69.21
C ASN IA 133 31.22 -24.21 68.73
N THR IA 134 30.88 -22.98 69.15
CA THR IA 134 31.64 -21.81 68.72
C THR IA 134 33.05 -21.82 69.29
N LEU IA 135 33.19 -22.04 70.59
CA LEU IA 135 34.51 -22.24 71.17
C LEU IA 135 35.12 -23.57 70.78
N GLY IA 136 34.33 -24.48 70.21
CA GLY IA 136 34.88 -25.68 69.60
C GLY IA 136 34.91 -26.90 70.48
N GLN IA 137 33.77 -27.28 71.06
CA GLN IA 137 33.65 -28.51 71.80
C GLN IA 137 32.83 -29.51 71.00
N ARG IA 138 33.34 -30.74 70.88
CA ARG IA 138 32.69 -31.79 70.11
C ARG IA 138 32.69 -33.10 70.91
N PRO IA 139 31.53 -33.73 71.08
CA PRO IA 139 31.48 -35.04 71.73
C PRO IA 139 31.69 -36.18 70.76
N PHE IA 140 32.03 -37.34 71.32
CA PHE IA 140 32.10 -38.57 70.55
C PHE IA 140 31.84 -39.76 71.46
N ILE IA 141 31.43 -40.88 70.84
CA ILE IA 141 31.06 -42.10 71.55
C ILE IA 141 32.23 -43.07 71.45
N PHE IA 142 32.50 -43.79 72.52
CA PHE IA 142 33.59 -44.76 72.58
C PHE IA 142 33.08 -46.03 73.24
N THR IA 143 33.11 -47.13 72.49
CA THR IA 143 32.72 -48.43 73.02
C THR IA 143 33.80 -48.97 73.96
N VAL IA 144 33.37 -49.57 75.06
CA VAL IA 144 34.27 -49.96 76.13
C VAL IA 144 34.95 -51.29 75.86
N GLU IA 145 34.18 -52.33 75.54
CA GLU IA 145 34.73 -53.68 75.48
C GLU IA 145 35.70 -53.82 74.31
N LYS IA 146 35.37 -53.24 73.15
CA LYS IA 146 36.30 -53.13 72.04
C LYS IA 146 36.40 -51.65 71.66
N ARG IA 147 37.62 -51.18 71.46
CA ARG IA 147 37.88 -49.74 71.40
C ARG IA 147 37.54 -49.21 70.02
N LEU IA 148 36.27 -48.82 69.86
CA LEU IA 148 35.79 -48.18 68.64
C LEU IA 148 35.21 -46.81 68.97
N THR IA 149 35.40 -45.87 68.06
CA THR IA 149 34.96 -44.50 68.22
C THR IA 149 33.92 -44.15 67.16
N TYR IA 150 33.01 -43.26 67.53
CA TYR IA 150 31.96 -42.79 66.65
C TYR IA 150 31.84 -41.28 66.80
N HIS IA 151 31.90 -40.57 65.67
CA HIS IA 151 31.93 -39.12 65.58
C HIS IA 151 30.59 -38.57 65.12
N PRO IA 152 30.22 -37.35 65.53
CA PRO IA 152 28.95 -36.78 65.09
C PRO IA 152 29.07 -36.03 63.77
N GLY IA 153 27.97 -35.44 63.32
CA GLY IA 153 28.00 -34.49 62.24
C GLY IA 153 28.04 -33.08 62.79
N PRO IA 154 27.77 -32.09 61.94
CA PRO IA 154 27.69 -30.71 62.43
C PRO IA 154 26.43 -30.50 63.25
N LEU IA 155 26.45 -29.41 64.01
CA LEU IA 155 25.28 -29.04 64.82
C LEU IA 155 24.11 -28.68 63.90
N THR IA 156 22.91 -29.05 64.32
CA THR IA 156 21.70 -28.78 63.55
C THR IA 156 21.24 -27.35 63.82
N SER IA 157 20.02 -27.03 63.40
CA SER IA 157 19.46 -25.70 63.65
C SER IA 157 19.32 -25.45 65.15
N GLU IA 158 18.81 -26.44 65.89
CA GLU IA 158 18.86 -26.41 67.35
C GLU IA 158 20.09 -27.16 67.81
N GLY IA 159 20.49 -26.90 69.06
CA GLY IA 159 21.67 -27.55 69.60
C GLY IA 159 21.48 -29.05 69.77
N THR IA 160 22.10 -29.82 68.88
CA THR IA 160 21.95 -31.27 68.86
C THR IA 160 23.02 -31.92 68.00
N TRP IA 161 23.75 -32.89 68.57
CA TRP IA 161 24.68 -33.71 67.82
C TRP IA 161 24.06 -35.07 67.57
N VAL IA 162 24.10 -35.53 66.32
CA VAL IA 162 23.47 -36.77 65.91
C VAL IA 162 24.56 -37.78 65.61
N ILE IA 163 24.51 -38.93 66.29
CA ILE IA 163 25.50 -39.98 66.11
C ILE IA 163 24.78 -41.30 65.87
N HIS IA 164 25.23 -42.05 64.87
CA HIS IA 164 24.65 -43.34 64.53
C HIS IA 164 25.50 -44.47 65.12
N LEU IA 165 24.81 -45.53 65.58
CA LEU IA 165 25.46 -46.62 66.29
C LEU IA 165 24.90 -47.96 65.82
N PRO IA 166 25.69 -49.02 65.86
CA PRO IA 166 25.16 -50.34 65.51
C PRO IA 166 24.67 -51.12 66.73
N MET IA 167 23.75 -52.07 66.48
CA MET IA 167 23.49 -53.17 67.40
C MET IA 167 24.64 -54.15 67.47
N SER IA 168 25.00 -54.48 68.70
CA SER IA 168 26.10 -55.38 68.99
C SER IA 168 25.66 -56.58 69.81
N SER IA 169 25.01 -56.33 70.96
CA SER IA 169 24.71 -57.32 72.00
C SER IA 169 25.98 -57.95 72.57
N ASP IA 170 27.15 -57.42 72.26
CA ASP IA 170 28.42 -57.93 72.77
C ASP IA 170 29.22 -56.88 73.53
N ASP IA 171 29.34 -55.66 72.99
CA ASP IA 171 29.84 -54.51 73.74
C ASP IA 171 28.66 -53.57 73.94
N ILE IA 172 27.93 -53.79 75.04
CA ILE IA 172 26.80 -52.93 75.36
C ILE IA 172 27.21 -51.72 76.19
N ALA IA 173 28.46 -51.65 76.64
CA ALA IA 173 28.91 -50.55 77.47
C ALA IA 173 29.63 -49.52 76.63
N LYS IA 174 29.23 -48.25 76.79
CA LYS IA 174 29.82 -47.17 76.03
C LYS IA 174 30.03 -45.96 76.93
N VAL IA 175 30.95 -45.10 76.53
CA VAL IA 175 31.15 -43.81 77.16
C VAL IA 175 30.98 -42.75 76.09
N ILE IA 176 30.72 -41.53 76.51
CA ILE IA 176 30.74 -40.37 75.63
C ILE IA 176 31.64 -39.32 76.26
N ARG IA 177 32.56 -38.79 75.45
CA ARG IA 177 33.61 -37.90 75.89
C ARG IA 177 33.63 -36.67 74.99
N GLY IA 178 34.47 -35.70 75.35
CA GLY IA 178 34.58 -34.49 74.57
C GLY IA 178 36.00 -33.98 74.56
N ASN IA 179 36.21 -32.90 73.81
CA ASN IA 179 37.51 -32.27 73.71
C ASN IA 179 37.81 -31.48 74.99
N LYS IA 180 39.04 -30.97 75.07
CA LYS IA 180 39.41 -30.12 76.20
C LYS IA 180 39.30 -28.64 75.81
N VAL IA 181 38.06 -28.20 75.71
CA VAL IA 181 37.72 -26.79 75.60
C VAL IA 181 36.77 -26.46 76.75
N ALA IA 182 37.05 -25.39 77.47
CA ALA IA 182 36.26 -24.99 78.62
C ALA IA 182 35.71 -23.59 78.40
N PHE IA 183 34.60 -23.29 79.09
CA PHE IA 183 33.88 -22.06 78.80
C PHE IA 183 34.30 -20.90 79.68
N GLN IA 184 34.02 -21.00 80.98
CA GLN IA 184 34.29 -19.93 81.93
C GLN IA 184 34.84 -20.52 83.21
N ASP IA 185 35.90 -21.33 83.06
CA ASP IA 185 36.46 -22.17 84.12
C ASP IA 185 35.44 -23.21 84.57
N CYS IA 186 34.94 -23.97 83.59
CA CYS IA 186 34.01 -25.06 83.81
C CYS IA 186 34.20 -26.09 82.72
N PHE IA 187 34.21 -27.37 83.11
CA PHE IA 187 34.42 -28.49 82.21
C PHE IA 187 33.12 -29.28 82.04
N ILE IA 188 33.19 -30.32 81.21
CA ILE IA 188 32.09 -31.25 80.99
C ILE IA 188 32.58 -32.66 81.30
N ALA IA 189 31.88 -33.34 82.19
CA ALA IA 189 32.26 -34.68 82.61
C ALA IA 189 31.85 -35.72 81.57
N ASN IA 190 32.70 -36.73 81.41
CA ASN IA 190 32.38 -37.85 80.55
C ASN IA 190 31.20 -38.62 81.12
N LEU IA 191 30.42 -39.27 80.25
CA LEU IA 191 29.23 -39.97 80.69
C LEU IA 191 29.27 -41.43 80.26
N TYR IA 192 29.07 -42.33 81.22
CA TYR IA 192 29.05 -43.77 80.99
C TYR IA 192 27.62 -44.25 80.90
N PHE IA 193 27.38 -45.24 80.02
CA PHE IA 193 26.03 -45.76 79.83
C PHE IA 193 26.11 -47.12 79.16
N MET IA 194 24.97 -47.80 79.12
CA MET IA 194 24.84 -49.08 78.43
C MET IA 194 23.61 -49.03 77.53
N LEU IA 195 23.71 -49.69 76.38
CA LEU IA 195 22.56 -49.80 75.49
C LEU IA 195 22.67 -51.09 74.69
N THR IA 196 21.51 -51.72 74.46
CA THR IA 196 21.37 -52.90 73.64
C THR IA 196 20.04 -52.77 72.91
N TYR IA 197 19.53 -53.86 72.35
CA TYR IA 197 18.20 -53.85 71.77
C TYR IA 197 17.16 -53.49 72.83
N PRO IA 198 16.19 -52.64 72.50
CA PRO IA 198 15.11 -52.35 73.46
C PRO IA 198 14.28 -53.60 73.71
N MET IA 199 13.93 -53.82 74.97
CA MET IA 199 13.06 -54.92 75.36
C MET IA 199 11.66 -54.40 75.65
N THR IA 200 10.66 -55.21 75.33
CA THR IA 200 9.27 -54.78 75.44
C THR IA 200 8.65 -55.39 76.69
N ILE IA 201 8.15 -54.55 77.57
CA ILE IA 201 7.38 -55.00 78.71
C ILE IA 201 6.03 -55.50 78.22
N ILE IA 202 5.40 -56.37 79.00
CA ILE IA 202 4.17 -56.99 78.56
C ILE IA 202 3.00 -56.00 78.68
N SER IA 203 1.93 -56.31 77.98
CA SER IA 203 0.69 -55.55 78.06
C SER IA 203 -0.32 -56.29 78.92
N GLU IA 204 -1.46 -55.64 79.18
CA GLU IA 204 -2.50 -56.23 80.01
C GLU IA 204 -3.78 -56.40 79.20
N PRO IA 205 -4.33 -57.61 79.12
CA PRO IA 205 -5.66 -57.78 78.54
C PRO IA 205 -6.72 -57.50 79.56
N PRO IA 206 -7.89 -57.00 79.14
CA PRO IA 206 -8.97 -56.72 80.09
C PRO IA 206 -9.52 -57.99 80.73
N GLY IA 207 -9.97 -57.86 81.97
CA GLY IA 207 -10.54 -58.96 82.70
C GLY IA 207 -9.56 -59.85 83.42
N TYR IA 208 -8.29 -59.47 83.50
CA TYR IA 208 -7.29 -60.30 84.14
C TYR IA 208 -7.24 -60.03 85.65
N GLU IA 209 -6.51 -60.90 86.36
CA GLU IA 209 -6.49 -60.87 87.82
C GLU IA 209 -5.09 -60.56 88.34
N PRO IA 210 -4.97 -59.71 89.35
CA PRO IA 210 -3.66 -59.34 89.87
C PRO IA 210 -3.03 -60.46 90.69
N LEU IA 211 -1.70 -60.39 90.79
CA LEU IA 211 -0.91 -61.31 91.59
C LEU IA 211 -0.18 -60.52 92.67
N THR IA 212 -0.35 -60.94 93.93
CA THR IA 212 0.19 -60.21 95.06
C THR IA 212 1.00 -61.13 95.96
N VAL IA 213 1.79 -60.50 96.82
CA VAL IA 213 2.52 -61.19 97.89
C VAL IA 213 1.54 -61.46 99.03
N PRO IA 214 1.84 -62.36 99.96
CA PRO IA 214 0.95 -62.54 101.11
C PRO IA 214 0.82 -61.26 101.91
N PRO IA 215 -0.33 -61.03 102.53
CA PRO IA 215 -0.54 -59.79 103.28
C PRO IA 215 0.40 -59.68 104.48
N GLY IA 216 0.86 -58.45 104.73
CA GLY IA 216 1.80 -58.19 105.80
C GLY IA 216 3.25 -58.43 105.45
N SER IA 217 3.52 -59.12 104.34
CA SER IA 217 4.88 -59.43 103.91
C SER IA 217 5.52 -58.18 103.27
N PRO IA 218 6.85 -58.12 103.26
CA PRO IA 218 7.50 -56.99 102.58
C PRO IA 218 7.33 -57.09 101.06
N LEU IA 219 7.57 -55.97 100.40
CA LEU IA 219 7.44 -55.91 98.94
C LEU IA 219 8.76 -56.26 98.27
N MET IA 220 8.68 -57.14 97.27
CA MET IA 220 9.86 -57.65 96.56
C MET IA 220 10.10 -56.88 95.27
N LEU IA 221 11.34 -56.97 94.78
CA LEU IA 221 11.75 -56.36 93.53
C LEU IA 221 12.84 -57.20 92.90
N SER IA 222 12.80 -57.34 91.57
CA SER IA 222 13.86 -58.04 90.85
C SER IA 222 14.11 -57.36 89.51
N TRP IA 223 15.39 -57.26 89.15
CA TRP IA 223 15.81 -56.61 87.92
C TRP IA 223 16.72 -57.50 87.11
N ASP IA 224 17.08 -57.02 85.91
CA ASP IA 224 17.95 -57.76 85.02
C ASP IA 224 19.40 -57.63 85.46
N THR IA 225 20.17 -58.71 85.22
CA THR IA 225 21.54 -58.76 85.70
C THR IA 225 22.48 -57.87 84.89
N CYS IA 226 22.15 -57.60 83.63
CA CYS IA 226 23.05 -56.86 82.75
C CYS IA 226 22.65 -55.39 82.61
N ILE IA 227 21.40 -55.11 82.28
CA ILE IA 227 20.91 -53.76 82.07
C ILE IA 227 19.93 -53.43 83.19
N SER IA 228 20.20 -52.34 83.91
CA SER IA 228 19.28 -51.88 84.95
C SER IA 228 18.14 -51.10 84.30
N THR IA 229 17.34 -50.42 85.13
CA THR IA 229 16.17 -49.65 84.70
C THR IA 229 15.20 -50.49 83.89
N PHE IA 230 15.15 -51.79 84.16
CA PHE IA 230 14.15 -52.69 83.59
C PHE IA 230 13.88 -53.76 84.63
N ALA IA 231 12.76 -53.65 85.32
CA ALA IA 231 12.57 -54.47 86.52
C ALA IA 231 11.10 -54.77 86.72
N LEU IA 232 10.84 -55.56 87.77
CA LEU IA 232 9.48 -55.89 88.18
C LEU IA 232 9.38 -55.91 89.69
N LEU IA 233 8.32 -55.29 90.21
CA LEU IA 233 8.10 -55.07 91.62
C LEU IA 233 6.81 -55.76 92.02
N ALA IA 234 6.87 -56.62 93.04
CA ALA IA 234 5.70 -57.30 93.55
C ALA IA 234 5.33 -56.73 94.92
N THR IA 235 4.11 -56.23 95.05
CA THR IA 235 3.63 -55.64 96.30
C THR IA 235 2.48 -56.48 96.83
N ASP IA 236 1.87 -56.00 97.91
CA ASP IA 236 0.71 -56.66 98.50
C ASP IA 236 -0.57 -56.43 97.70
N GLN IA 237 -0.55 -55.54 96.72
CA GLN IA 237 -1.75 -55.22 95.95
C GLN IA 237 -1.58 -55.32 94.45
N GLU IA 238 -0.36 -55.26 93.91
CA GLU IA 238 -0.19 -55.28 92.46
C GLU IA 238 1.23 -55.71 92.11
N THR IA 239 1.38 -56.18 90.87
CA THR IA 239 2.67 -56.47 90.27
C THR IA 239 2.92 -55.47 89.16
N PHE IA 240 4.00 -54.71 89.27
CA PHE IA 240 4.36 -53.69 88.30
C PHE IA 240 5.61 -54.12 87.54
N GLN IA 241 5.70 -53.69 86.29
CA GLN IA 241 6.90 -53.90 85.49
C GLN IA 241 7.27 -52.59 84.81
N THR IA 242 8.56 -52.30 84.78
CA THR IA 242 9.02 -51.01 84.27
C THR IA 242 10.14 -51.20 83.26
N ASN IA 243 9.99 -50.50 82.13
CA ASN IA 243 11.00 -50.27 81.11
C ASN IA 243 11.98 -49.18 81.50
N ASP IA 244 11.70 -48.45 82.57
CA ASP IA 244 12.53 -47.34 83.03
C ASP IA 244 12.81 -47.50 84.52
N SER IA 245 13.31 -46.45 85.16
CA SER IA 245 13.47 -46.44 86.62
C SER IA 245 12.13 -46.11 87.30
N PHE IA 246 11.12 -46.92 86.96
CA PHE IA 246 9.76 -46.82 87.50
C PHE IA 246 9.14 -45.46 87.25
N GLN IA 247 9.53 -44.84 86.14
CA GLN IA 247 8.87 -43.60 85.72
C GLN IA 247 7.54 -43.90 85.04
N THR IA 248 7.54 -44.83 84.09
CA THR IA 248 6.34 -45.38 83.49
C THR IA 248 6.30 -46.87 83.74
N TRP IA 249 5.15 -47.36 84.21
CA TRP IA 249 5.04 -48.74 84.63
C TRP IA 249 3.75 -49.35 84.08
N THR IA 250 3.75 -50.68 83.97
CA THR IA 250 2.62 -51.43 83.44
C THR IA 250 2.34 -52.60 84.36
N ARG IA 251 1.06 -52.84 84.64
CA ARG IA 251 0.69 -53.93 85.53
C ARG IA 251 0.86 -55.28 84.85
N VAL IA 252 1.14 -56.29 85.66
CA VAL IA 252 1.29 -57.67 85.22
C VAL IA 252 0.23 -58.50 85.92
N ARG IA 253 -0.60 -59.18 85.14
CA ARG IA 253 -1.74 -59.93 85.67
C ARG IA 253 -1.81 -61.30 85.01
N ALA IA 254 -2.81 -62.07 85.40
CA ALA IA 254 -2.97 -63.44 84.94
C ALA IA 254 -4.38 -63.66 84.40
N PRO IA 255 -4.53 -64.57 83.43
CA PRO IA 255 -5.87 -64.86 82.91
C PRO IA 255 -6.73 -65.49 83.98
N PRO IA 256 -8.06 -65.30 83.91
CA PRO IA 256 -8.94 -65.91 84.92
C PRO IA 256 -9.01 -67.42 84.76
N GLY IA 257 -9.28 -68.09 85.88
CA GLY IA 257 -9.45 -69.53 85.89
C GLY IA 257 -8.17 -70.33 85.99
N ILE IA 258 -7.01 -69.68 85.85
CA ILE IA 258 -5.74 -70.41 85.93
C ILE IA 258 -5.38 -70.70 87.37
N LEU IA 259 -5.52 -69.71 88.25
CA LEU IA 259 -5.13 -69.83 89.65
C LEU IA 259 -6.29 -69.42 90.55
N SER IA 260 -6.30 -70.00 91.75
CA SER IA 260 -7.29 -69.62 92.75
C SER IA 260 -6.98 -68.23 93.30
N ASP IA 261 -7.99 -67.63 93.94
CA ASP IA 261 -7.81 -66.32 94.56
C ASP IA 261 -6.82 -66.40 95.72
N ALA IA 262 -6.90 -67.48 96.50
CA ALA IA 262 -5.93 -67.67 97.59
C ALA IA 262 -4.53 -67.93 97.04
N GLN IA 263 -4.42 -68.68 95.94
CA GLN IA 263 -3.13 -68.93 95.32
C GLN IA 263 -2.52 -67.65 94.78
N ARG IA 264 -3.33 -66.78 94.19
CA ARG IA 264 -2.86 -65.50 93.64
C ARG IA 264 -2.28 -64.58 94.71
N HIS IA 265 -2.60 -64.79 95.98
CA HIS IA 265 -2.07 -64.00 97.07
C HIS IA 265 -0.98 -64.74 97.83
N SER IA 266 -0.36 -65.75 97.21
CA SER IA 266 0.69 -66.54 97.82
C SER IA 266 1.92 -66.59 96.93
N LEU IA 267 2.19 -65.49 96.22
CA LEU IA 267 3.37 -65.41 95.37
C LEU IA 267 4.61 -65.25 96.24
N ARG IA 268 5.62 -66.08 95.98
CA ARG IA 268 6.80 -66.08 96.84
C ARG IA 268 7.99 -65.36 96.21
N ASP IA 269 8.32 -65.65 94.96
CA ASP IA 269 9.51 -65.08 94.34
C ASP IA 269 9.26 -64.86 92.85
N VAL IA 270 9.99 -63.90 92.28
CA VAL IA 270 9.87 -63.51 90.88
C VAL IA 270 11.25 -63.32 90.27
N ILE IA 271 11.42 -63.84 89.05
CA ILE IA 271 12.63 -63.62 88.25
C ILE IA 271 12.24 -63.16 86.86
N ILE IA 272 13.01 -62.22 86.32
CA ILE IA 272 12.69 -61.55 85.05
C ILE IA 272 13.82 -61.84 84.07
N PHE IA 273 13.46 -62.28 82.87
CA PHE IA 273 14.38 -62.36 81.75
C PHE IA 273 13.85 -61.48 80.62
N ASP IA 274 14.58 -61.45 79.51
CA ASP IA 274 14.08 -60.76 78.33
C ASP IA 274 12.91 -61.51 77.72
N GLN IA 275 12.92 -62.84 77.83
CA GLN IA 275 11.86 -63.66 77.24
C GLN IA 275 10.57 -63.58 78.05
N GLY IA 276 10.66 -63.62 79.36
CA GLY IA 276 9.46 -63.61 80.17
C GLY IA 276 9.77 -63.59 81.65
N THR IA 277 8.71 -63.75 82.44
CA THR IA 277 8.80 -63.71 83.89
C THR IA 277 8.45 -65.07 84.49
N LEU IA 278 9.10 -65.39 85.61
CA LEU IA 278 8.88 -66.63 86.32
C LEU IA 278 8.40 -66.31 87.73
N PHE IA 279 7.26 -66.88 88.10
CA PHE IA 279 6.62 -66.71 89.40
C PHE IA 279 6.70 -68.02 90.16
N LEU IA 280 6.94 -67.92 91.47
CA LEU IA 280 6.90 -69.07 92.36
C LEU IA 280 5.64 -68.89 93.21
N VAL IA 281 4.56 -69.52 92.77
CA VAL IA 281 3.26 -69.41 93.42
C VAL IA 281 3.06 -70.67 94.26
N ASP IA 282 3.22 -70.52 95.58
CA ASP IA 282 2.94 -71.58 96.56
C ASP IA 282 3.71 -72.86 96.25
N GLY IA 283 4.97 -72.71 95.85
CA GLY IA 283 5.79 -73.85 95.54
C GLY IA 283 5.69 -74.36 94.11
N THR IA 284 4.95 -73.68 93.23
CA THR IA 284 4.81 -74.10 91.85
C THR IA 284 5.36 -73.01 90.93
N VAL IA 285 5.99 -73.43 89.84
CA VAL IA 285 6.66 -72.50 88.93
C VAL IA 285 5.73 -72.19 87.76
N TYR IA 286 5.48 -70.91 87.54
CA TYR IA 286 4.64 -70.45 86.44
C TYR IA 286 5.42 -69.47 85.56
N LEU IA 287 5.37 -69.71 84.25
CA LEU IA 287 6.03 -68.87 83.26
C LEU IA 287 4.99 -67.99 82.60
N ARG IA 288 5.13 -66.67 82.78
CA ARG IA 288 4.28 -65.69 82.14
C ARG IA 288 5.06 -65.03 81.01
N THR IA 289 4.51 -65.12 79.79
CA THR IA 289 5.04 -64.40 78.65
C THR IA 289 3.97 -63.44 78.15
N GLU IA 290 4.27 -62.76 77.06
CA GLU IA 290 3.24 -61.96 76.41
C GLU IA 290 2.19 -62.82 75.72
N ASP IA 291 2.45 -64.11 75.57
CA ASP IA 291 1.52 -65.02 74.90
C ASP IA 291 0.65 -65.79 75.90
N GLU IA 292 1.26 -66.47 76.87
CA GLU IA 292 0.50 -67.35 77.75
C GLU IA 292 1.09 -67.35 79.16
N PHE IA 293 0.34 -68.00 80.07
CA PHE IA 293 0.62 -68.04 81.50
C PHE IA 293 0.87 -69.48 81.92
N THR IA 294 1.76 -70.17 81.21
CA THR IA 294 1.83 -71.62 81.32
C THR IA 294 2.50 -72.05 82.63
N LYS IA 295 1.96 -73.10 83.24
CA LYS IA 295 2.52 -73.64 84.46
C LYS IA 295 3.50 -74.75 84.11
N LEU IA 296 4.72 -74.65 84.65
CA LEU IA 296 5.72 -75.68 84.39
C LEU IA 296 5.36 -76.97 85.12
N ASP IA 297 5.67 -78.10 84.49
CA ASP IA 297 5.28 -79.40 85.02
C ASP IA 297 6.43 -80.37 84.83
N GLU IA 298 6.15 -81.66 85.03
CA GLU IA 298 7.16 -82.70 84.88
C GLU IA 298 7.64 -82.86 83.45
N SER IA 299 6.86 -82.40 82.47
CA SER IA 299 7.28 -82.48 81.07
C SER IA 299 8.53 -81.67 80.80
N ARG IA 300 8.72 -80.55 81.50
CA ARG IA 300 9.91 -79.73 81.35
C ARG IA 300 10.99 -80.07 82.37
N GLY IA 301 10.72 -81.00 83.29
CA GLY IA 301 11.71 -81.44 84.24
C GLY IA 301 11.67 -80.83 85.62
N ILE IA 302 10.52 -80.31 86.04
CA ILE IA 302 10.38 -79.72 87.37
C ILE IA 302 9.37 -80.51 88.17
N SER IA 303 9.46 -80.42 89.49
CA SER IA 303 8.49 -81.03 90.39
C SER IA 303 7.39 -80.03 90.73
N GLU IA 304 6.26 -80.55 91.20
CA GLU IA 304 5.09 -79.74 91.50
C GLU IA 304 4.95 -79.59 93.01
N THR IA 305 4.75 -78.34 93.45
CA THR IA 305 4.60 -77.98 94.86
C THR IA 305 5.81 -78.45 95.67
N GLY IA 306 7.00 -78.37 95.07
CA GLY IA 306 8.21 -78.79 95.75
C GLY IA 306 9.31 -77.76 95.70
N ILE IA 307 9.18 -76.78 94.80
CA ILE IA 307 10.25 -75.82 94.59
C ILE IA 307 10.26 -74.80 95.71
N LEU IA 308 11.42 -74.64 96.35
CA LEU IA 308 11.60 -73.61 97.36
C LEU IA 308 12.28 -72.36 96.86
N GLY IA 309 13.09 -72.44 95.80
CA GLY IA 309 13.68 -71.20 95.32
C GLY IA 309 14.32 -71.36 93.95
N PHE IA 310 14.73 -70.22 93.41
CA PHE IA 310 15.51 -70.16 92.18
C PHE IA 310 16.29 -68.85 92.14
N SER IA 311 17.30 -68.84 91.29
CA SER IA 311 18.22 -67.70 91.21
C SER IA 311 18.87 -67.66 89.82
N LYS IA 312 19.47 -66.51 89.52
CA LYS IA 312 20.14 -66.27 88.25
C LYS IA 312 21.52 -65.68 88.52
N ARG IA 313 22.24 -65.38 87.45
CA ARG IA 313 23.53 -64.71 87.58
C ARG IA 313 23.33 -63.26 88.02
N ARG IA 314 24.39 -62.68 88.59
CA ARG IA 314 24.30 -61.34 89.15
C ARG IA 314 25.31 -60.35 88.58
N TRP IA 315 26.37 -60.83 87.91
CA TRP IA 315 27.36 -59.96 87.28
C TRP IA 315 27.34 -60.17 85.78
N CYS IA 316 27.31 -59.06 85.04
CA CYS IA 316 27.08 -59.10 83.60
C CYS IA 316 28.37 -59.51 82.89
N GLN IA 317 28.57 -60.82 82.80
CA GLN IA 317 29.66 -61.39 82.02
C GLN IA 317 29.18 -61.72 80.61
N ILE IA 318 28.57 -60.71 79.98
CA ILE IA 318 27.88 -60.93 78.71
C ILE IA 318 28.88 -61.22 77.60
N ARG IA 319 30.09 -60.66 77.67
CA ARG IA 319 31.09 -60.91 76.64
C ARG IA 319 31.47 -62.38 76.59
N TYR IA 320 31.82 -62.96 77.74
CA TYR IA 320 32.17 -64.38 77.78
C TYR IA 320 30.96 -65.26 77.53
N LEU IA 321 29.78 -64.86 78.01
CA LEU IA 321 28.57 -65.65 77.77
C LEU IA 321 28.24 -65.72 76.30
N TYR IA 322 28.44 -64.63 75.57
CA TYR IA 322 28.19 -64.63 74.13
C TYR IA 322 29.30 -65.37 73.38
N LYS IA 323 30.56 -65.16 73.76
CA LYS IA 323 31.67 -65.78 73.05
C LYS IA 323 31.88 -67.24 73.39
N LEU IA 324 31.15 -67.77 74.38
CA LEU IA 324 31.26 -69.20 74.69
C LEU IA 324 30.76 -70.06 73.54
N ALA IA 325 29.84 -69.53 72.72
CA ALA IA 325 29.29 -70.22 71.55
C ALA IA 325 28.64 -71.55 71.94
N SER IA 326 28.01 -71.58 73.10
CA SER IA 326 27.33 -72.77 73.60
C SER IA 326 26.29 -72.32 74.61
N LYS IA 327 25.02 -72.67 74.37
CA LYS IA 327 23.95 -72.24 75.25
C LYS IA 327 24.08 -72.95 76.59
N LYS IA 328 24.18 -72.18 77.67
CA LYS IA 328 24.36 -72.69 79.01
C LYS IA 328 23.14 -72.39 79.86
N SER IA 329 23.18 -72.84 81.11
CA SER IA 329 22.08 -72.61 82.03
C SER IA 329 21.99 -71.13 82.40
N ILE IA 330 20.77 -70.61 82.45
CA ILE IA 330 20.54 -69.22 82.81
C ILE IA 330 19.84 -69.09 84.16
N LEU IA 331 19.38 -70.20 84.74
CA LEU IA 331 18.68 -70.16 86.01
C LEU IA 331 19.02 -71.43 86.77
N ILE IA 332 18.97 -71.37 88.10
CA ILE IA 332 19.13 -72.55 88.93
C ILE IA 332 18.03 -72.55 89.98
N ALA IA 333 17.27 -73.63 90.04
CA ALA IA 333 16.21 -73.80 91.02
C ALA IA 333 16.58 -74.91 92.00
N TRP IA 334 16.08 -74.78 93.23
CA TRP IA 334 16.31 -75.78 94.26
C TRP IA 334 15.00 -76.07 94.98
N SER IA 335 14.81 -77.35 95.30
CA SER IA 335 13.58 -77.88 95.88
C SER IA 335 13.87 -78.65 97.16
N LYS IA 336 14.92 -78.23 97.88
CA LYS IA 336 15.30 -78.69 99.22
C LYS IA 336 15.89 -80.10 99.19
N THR IA 337 15.75 -80.78 98.07
CA THR IA 337 16.33 -82.11 97.89
C THR IA 337 16.92 -82.31 96.51
N THR IA 338 16.77 -81.33 95.61
CA THR IA 338 17.15 -81.50 94.22
C THR IA 338 17.30 -80.12 93.58
N VAL IA 339 18.37 -79.94 92.81
CA VAL IA 339 18.63 -78.71 92.07
C VAL IA 339 18.43 -78.96 90.59
N TYR IA 340 17.96 -77.96 89.87
CA TYR IA 340 17.73 -78.01 88.43
C TYR IA 340 18.40 -76.82 87.77
N ALA IA 341 19.03 -77.07 86.62
CA ALA IA 341 19.76 -76.06 85.87
C ALA IA 341 18.94 -75.68 84.65
N GLY IA 342 18.13 -74.61 84.78
CA GLY IA 342 17.30 -74.14 83.70
C GLY IA 342 18.05 -73.40 82.61
N TYR IA 343 17.98 -73.93 81.39
CA TYR IA 343 18.59 -73.34 80.22
C TYR IA 343 17.63 -72.32 79.60
N ALA IA 344 17.94 -71.91 78.38
CA ALA IA 344 17.02 -71.09 77.61
C ALA IA 344 15.81 -71.92 77.17
N THR IA 345 14.79 -71.24 76.67
CA THR IA 345 13.49 -71.78 76.25
C THR IA 345 12.73 -72.45 77.40
N PHE IA 346 13.22 -72.32 78.63
CA PHE IA 346 12.52 -72.74 79.84
C PHE IA 346 12.18 -74.23 79.83
N ARG IA 347 13.24 -75.05 79.71
CA ARG IA 347 13.16 -76.48 79.90
C ARG IA 347 14.52 -76.96 80.36
N PHE IA 348 14.53 -78.01 81.17
CA PHE IA 348 15.78 -78.34 81.86
C PHE IA 348 15.80 -79.80 82.27
N VAL IA 349 16.98 -80.25 82.64
CA VAL IA 349 17.23 -81.56 83.22
C VAL IA 349 17.74 -81.35 84.64
N THR IA 350 17.30 -82.21 85.56
CA THR IA 350 17.70 -82.10 86.95
C THR IA 350 19.22 -82.14 87.09
N LEU IA 351 19.76 -81.28 87.96
CA LEU IA 351 21.20 -81.21 88.11
C LEU IA 351 21.70 -82.28 89.08
N THR IA 352 21.26 -82.21 90.34
CA THR IA 352 21.79 -83.09 91.36
C THR IA 352 20.72 -83.34 92.41
N ASP IA 353 20.70 -84.56 92.94
CA ASP IA 353 19.90 -84.91 94.10
C ASP IA 353 20.78 -85.02 95.34
N THR IA 354 20.14 -85.03 96.51
CA THR IA 354 20.87 -85.04 97.77
C THR IA 354 21.58 -86.36 98.03
N ALA IA 355 21.16 -87.45 97.40
CA ALA IA 355 21.79 -88.75 97.63
C ALA IA 355 23.23 -88.77 97.13
N LYS IA 356 23.47 -88.24 95.92
CA LYS IA 356 24.82 -88.20 95.38
C LYS IA 356 25.71 -87.25 96.18
N LEU IA 357 25.14 -86.16 96.68
CA LEU IA 357 25.91 -85.27 97.56
C LEU IA 357 26.26 -85.96 98.87
N LYS IA 358 25.33 -86.75 99.43
CA LYS IA 358 25.63 -87.50 100.65
C LYS IA 358 26.72 -88.54 100.40
N ASP IA 359 26.69 -89.19 99.24
CA ASP IA 359 27.76 -90.10 98.87
C ASP IA 359 29.09 -89.37 98.70
N PHE IA 360 29.08 -88.17 98.11
CA PHE IA 360 30.29 -87.41 97.88
C PHE IA 360 30.92 -86.95 99.19
N LEU IA 361 30.09 -86.50 100.14
CA LEU IA 361 30.58 -85.96 101.40
C LEU IA 361 30.92 -87.03 102.43
N LYS IA 362 31.05 -88.30 102.00
CA LYS IA 362 31.45 -89.44 102.84
C LYS IA 362 30.59 -89.58 104.11
N LEU IA 363 29.37 -89.04 104.06
CA LEU IA 363 28.49 -89.05 105.21
C LEU IA 363 28.07 -90.47 105.57
N PRO IA 364 27.78 -90.74 106.84
CA PRO IA 364 27.41 -92.10 107.26
C PRO IA 364 25.99 -92.52 106.90
N GLN IA 365 25.34 -91.78 105.98
CA GLN IA 365 24.02 -92.10 105.42
C GLN IA 365 22.90 -91.98 106.45
N THR IA 366 21.66 -91.96 105.95
CA THR IA 366 20.46 -91.79 106.77
C THR IA 366 20.56 -90.54 107.64
N ASP IA 367 21.10 -89.47 107.08
CA ASP IA 367 21.27 -88.21 107.76
C ASP IA 367 20.44 -87.14 107.09
N THR IA 368 20.04 -86.12 107.86
CA THR IA 368 19.27 -85.01 107.31
C THR IA 368 20.26 -84.03 106.70
N LEU IA 369 20.45 -84.15 105.39
CA LEU IA 369 21.28 -83.26 104.60
C LEU IA 369 20.41 -82.61 103.54
N GLU IA 370 20.41 -81.27 103.50
CA GLU IA 370 19.51 -80.52 102.65
C GLU IA 370 20.28 -79.45 101.89
N VAL IA 371 19.75 -79.07 100.73
CA VAL IA 371 20.26 -77.94 99.96
C VAL IA 371 19.30 -76.77 100.20
N MET IA 372 19.86 -75.57 100.34
CA MET IA 372 18.96 -74.52 100.79
C MET IA 372 19.08 -73.23 99.97
N SER IA 373 20.25 -72.96 99.38
CA SER IA 373 20.41 -71.76 98.57
C SER IA 373 21.57 -71.95 97.59
N VAL IA 374 21.33 -71.66 96.32
CA VAL IA 374 22.33 -71.83 95.27
C VAL IA 374 22.58 -70.49 94.61
N GLU IA 375 23.85 -70.16 94.40
CA GLU IA 375 24.24 -68.90 93.78
C GLU IA 375 25.26 -69.13 92.67
N TYR IA 376 25.14 -68.30 91.64
CA TYR IA 376 26.15 -68.18 90.59
C TYR IA 376 27.22 -67.21 91.08
N LEU IA 377 28.43 -67.71 91.28
CA LEU IA 377 29.53 -66.83 91.67
C LEU IA 377 30.13 -66.17 90.43
N TRP IA 378 31.19 -65.38 90.64
CA TRP IA 378 31.77 -64.60 89.54
C TRP IA 378 32.40 -65.46 88.47
N HIS IA 379 32.76 -66.70 88.79
CA HIS IA 379 33.21 -67.62 87.76
C HIS IA 379 32.03 -67.99 86.87
N PRO IA 380 32.13 -67.81 85.54
CA PRO IA 380 30.97 -68.06 84.68
C PRO IA 380 30.53 -69.51 84.62
N LEU IA 381 31.41 -70.46 84.93
CA LEU IA 381 31.11 -71.89 84.79
C LEU IA 381 31.22 -72.59 86.14
N GLU IA 382 30.69 -71.95 87.18
CA GLU IA 382 30.73 -72.53 88.51
C GLU IA 382 29.52 -72.06 89.30
N ALA IA 383 29.17 -72.85 90.32
CA ALA IA 383 28.02 -72.52 91.18
C ALA IA 383 28.31 -73.02 92.59
N ALA IA 384 27.62 -72.42 93.56
CA ALA IA 384 27.80 -72.77 94.96
C ALA IA 384 26.44 -73.07 95.60
N VAL IA 385 26.41 -74.12 96.43
CA VAL IA 385 25.17 -74.55 97.05
C VAL IA 385 25.38 -74.69 98.56
N LEU IA 386 24.45 -74.12 99.32
CA LEU IA 386 24.43 -74.19 100.78
C LEU IA 386 23.87 -75.52 101.24
N LEU IA 387 24.67 -76.25 102.03
CA LEU IA 387 24.31 -77.57 102.52
C LEU IA 387 24.08 -77.48 104.02
N SER IA 388 22.94 -77.97 104.48
CA SER IA 388 22.59 -78.03 105.88
C SER IA 388 22.67 -79.48 106.34
N HIS IA 389 23.45 -79.73 107.41
CA HIS IA 389 23.77 -81.07 107.85
C HIS IA 389 23.34 -81.23 109.31
N CYS IA 390 22.56 -82.26 109.59
CA CYS IA 390 21.96 -82.41 110.92
C CYS IA 390 22.93 -82.90 111.98
N SER IA 391 23.85 -83.80 111.61
CA SER IA 391 24.78 -84.47 112.54
C SER IA 391 24.02 -85.23 113.63
N VAL IA 392 23.31 -86.27 113.16
CA VAL IA 392 22.57 -87.25 113.97
C VAL IA 392 21.44 -86.56 114.74
N CYS IA 393 21.07 -85.34 114.31
CA CYS IA 393 19.89 -84.61 114.74
C CYS IA 393 19.65 -84.57 116.25
N THR IA 394 18.36 -84.65 116.65
CA THR IA 394 17.89 -84.63 118.04
C THR IA 394 18.24 -83.33 118.76
N THR IA 395 18.78 -82.35 118.05
CA THR IA 395 19.06 -81.02 118.59
C THR IA 395 18.44 -79.98 117.67
N ASN IA 396 18.66 -78.72 117.98
CA ASN IA 396 18.26 -77.61 117.12
C ASN IA 396 19.41 -77.09 116.27
N THR IA 397 20.64 -77.49 116.57
CA THR IA 397 21.84 -76.97 115.91
C THR IA 397 22.11 -77.75 114.64
N ARG IA 398 22.35 -77.04 113.55
CA ARG IA 398 22.66 -77.65 112.25
C ARG IA 398 23.94 -77.06 111.70
N ASN IA 399 24.80 -77.92 111.15
CA ASN IA 399 26.03 -77.48 110.52
C ASN IA 399 25.73 -76.88 109.15
N ILE IA 400 26.42 -75.79 108.83
CA ILE IA 400 26.24 -75.08 107.56
C ILE IA 400 27.54 -75.20 106.78
N ARG IA 401 27.45 -75.75 105.58
CA ARG IA 401 28.60 -75.91 104.70
C ARG IA 401 28.25 -75.39 103.30
N ILE IA 402 29.27 -75.32 102.46
CA ILE IA 402 29.13 -74.95 101.05
C ILE IA 402 29.74 -76.05 100.21
N VAL IA 403 29.13 -76.31 99.05
CA VAL IA 403 29.69 -77.22 98.04
C VAL IA 403 29.76 -76.46 96.73
N ILE IA 404 30.90 -76.56 96.05
CA ILE IA 404 31.14 -75.84 94.80
C ILE IA 404 31.09 -76.84 93.66
N TYR IA 405 30.24 -76.57 92.68
CA TYR IA 405 30.12 -77.39 91.49
C TYR IA 405 30.69 -76.64 90.29
N SER IA 406 31.61 -77.27 89.59
CA SER IA 406 32.26 -76.69 88.42
C SER IA 406 31.68 -77.34 87.17
N ALA IA 407 31.11 -76.52 86.27
CA ALA IA 407 30.47 -77.02 85.07
C ALA IA 407 31.48 -77.52 84.04
N ILE IA 408 32.66 -76.89 83.96
CA ILE IA 408 33.65 -77.29 82.97
C ILE IA 408 34.20 -78.68 83.29
N PHE IA 409 34.48 -78.95 84.55
CA PHE IA 409 35.08 -80.22 84.95
C PHE IA 409 34.06 -81.23 85.46
N GLN IA 410 32.82 -80.80 85.75
CA GLN IA 410 31.76 -81.66 86.27
C GLN IA 410 32.19 -82.37 87.55
N THR IA 411 32.83 -81.59 88.44
CA THR IA 411 33.34 -82.10 89.70
C THR IA 411 32.69 -81.32 90.85
N TRP IA 412 32.98 -81.76 92.07
CA TRP IA 412 32.43 -81.17 93.28
C TRP IA 412 33.53 -80.98 94.31
N THR IA 413 33.39 -79.92 95.10
CA THR IA 413 34.41 -79.56 96.08
C THR IA 413 33.74 -79.14 97.38
N LEU IA 414 34.33 -79.57 98.50
CA LEU IA 414 33.88 -79.19 99.82
C LEU IA 414 34.86 -78.19 100.41
N GLN IA 415 34.34 -77.06 100.89
CA GLN IA 415 35.17 -75.98 101.40
C GLN IA 415 35.07 -75.93 102.93
N ASP IA 416 35.67 -74.89 103.52
CA ASP IA 416 35.91 -74.83 104.96
C ASP IA 416 34.92 -73.90 105.63
N PHE IA 417 33.82 -74.47 106.13
CA PHE IA 417 32.84 -73.74 106.93
C PHE IA 417 32.66 -74.41 108.27
N GLU IA 418 32.53 -73.60 109.32
CA GLU IA 418 32.35 -74.06 110.69
C GLU IA 418 31.21 -73.29 111.35
N LEU IA 419 30.09 -73.16 110.66
CA LEU IA 419 28.97 -72.35 111.10
C LEU IA 419 27.88 -73.23 111.70
N GLN IA 420 27.49 -72.92 112.94
CA GLN IA 420 26.42 -73.63 113.63
C GLN IA 420 25.24 -72.68 113.78
N LEU IA 421 24.07 -73.11 113.34
CA LEU IA 421 22.88 -72.27 113.33
C LEU IA 421 21.67 -73.09 113.73
N PRO IA 422 20.66 -72.46 114.34
CA PRO IA 422 19.46 -73.20 114.75
C PRO IA 422 18.61 -73.61 113.57
N LYS IA 423 17.56 -74.39 113.88
CA LYS IA 423 16.66 -74.88 112.84
C LYS IA 423 15.83 -73.75 112.24
N GLU IA 424 15.43 -72.78 113.07
CA GLU IA 424 14.45 -71.78 112.66
C GLU IA 424 15.01 -70.83 111.61
N ALA IA 425 16.28 -70.43 111.73
CA ALA IA 425 16.83 -69.38 110.89
C ALA IA 425 16.94 -69.82 109.43
N ILE IA 426 16.52 -68.93 108.52
CA ILE IA 426 16.72 -69.11 107.09
C ILE IA 426 17.90 -68.25 106.66
N LEU IA 427 18.60 -68.70 105.64
CA LEU IA 427 19.90 -68.15 105.24
C LEU IA 427 19.82 -67.64 103.80
N GLU IA 428 20.41 -66.48 103.55
CA GLU IA 428 20.54 -66.00 102.18
C GLU IA 428 21.95 -65.45 102.01
N PHE IA 429 22.67 -65.96 101.01
CA PHE IA 429 24.08 -65.61 100.83
C PHE IA 429 24.31 -65.10 99.42
N ARG IA 430 25.32 -64.24 99.28
CA ARG IA 430 25.70 -63.64 98.01
C ARG IA 430 27.21 -63.62 97.89
N PHE IA 431 27.68 -63.57 96.65
CA PHE IA 431 29.09 -63.43 96.31
C PHE IA 431 29.40 -61.97 96.03
N LEU IA 432 30.58 -61.51 96.45
CA LEU IA 432 31.00 -60.15 96.17
C LEU IA 432 31.81 -60.10 94.88
N TYR IA 433 32.17 -58.87 94.48
CA TYR IA 433 32.95 -58.65 93.26
C TYR IA 433 34.41 -58.95 93.56
N SER IA 434 34.78 -60.23 93.42
CA SER IA 434 36.16 -60.66 93.58
C SER IA 434 36.36 -61.95 92.81
N ALA IA 435 37.59 -62.15 92.32
CA ALA IA 435 37.94 -63.43 91.71
C ALA IA 435 37.90 -64.54 92.75
N MET IA 436 38.38 -64.26 93.92
CA MET IA 436 38.31 -65.17 95.03
C MET IA 436 36.86 -65.25 95.52
N PRO IA 437 36.36 -66.44 95.89
CA PRO IA 437 35.06 -66.49 96.59
C PRO IA 437 35.05 -65.81 97.96
N ASP IA 438 34.42 -64.64 98.01
CA ASP IA 438 34.18 -63.89 99.23
C ASP IA 438 32.70 -63.61 99.32
N ILE IA 439 32.07 -64.09 100.39
CA ILE IA 439 30.61 -64.18 100.45
C ILE IA 439 30.08 -63.56 101.73
N ILE IA 440 28.82 -63.11 101.64
CA ILE IA 440 28.10 -62.46 102.73
C ILE IA 440 26.74 -63.14 102.85
N MET IA 441 26.41 -63.62 104.04
CA MET IA 441 25.09 -64.20 104.26
C MET IA 441 24.37 -63.43 105.36
N TRP IA 442 23.04 -63.54 105.35
CA TRP IA 442 22.23 -62.97 106.41
C TRP IA 442 21.13 -63.95 106.76
N ASP IA 443 20.74 -63.94 108.04
CA ASP IA 443 19.68 -64.82 108.53
C ASP IA 443 18.62 -64.04 109.28
N GLN IA 444 18.24 -62.87 108.74
CA GLN IA 444 17.18 -61.96 109.18
C GLN IA 444 17.31 -61.53 110.64
N HIS IA 445 18.42 -61.90 111.28
CA HIS IA 445 18.82 -61.36 112.58
C HIS IA 445 20.31 -61.05 112.66
N HIS IA 446 21.15 -61.67 111.84
CA HIS IA 446 22.58 -61.45 111.82
C HIS IA 446 23.08 -61.46 110.38
N VAL IA 447 24.27 -60.89 110.19
CA VAL IA 447 24.97 -60.92 108.91
C VAL IA 447 26.36 -61.48 109.16
N TYR IA 448 26.70 -62.54 108.43
CA TYR IA 448 28.00 -63.19 108.55
C TYR IA 448 28.79 -62.98 107.27
N TYR IA 449 30.12 -63.07 107.41
CA TYR IA 449 31.05 -62.79 106.32
C TYR IA 449 32.09 -63.90 106.21
N SER IA 450 32.51 -64.15 104.97
CA SER IA 450 33.65 -65.03 104.70
C SER IA 450 34.50 -64.32 103.66
N TYR IA 451 35.73 -63.97 104.04
CA TYR IA 451 36.65 -63.22 103.19
C TYR IA 451 37.97 -63.95 103.05
N LYS IA 452 38.68 -63.63 101.96
CA LYS IA 452 40.07 -64.02 101.73
C LYS IA 452 40.24 -65.54 101.75
N ASN IA 453 39.59 -66.16 100.77
CA ASN IA 453 39.61 -67.61 100.56
C ASN IA 453 39.08 -68.35 101.79
N PHE IA 454 37.92 -67.90 102.27
CA PHE IA 454 37.16 -68.59 103.30
C PHE IA 454 37.94 -68.66 104.61
N THR IA 455 38.95 -67.81 104.76
CA THR IA 455 39.81 -67.80 105.93
C THR IA 455 39.30 -66.84 107.01
N VAL IA 456 38.95 -65.62 106.62
CA VAL IA 456 38.41 -64.65 107.56
C VAL IA 456 36.90 -64.87 107.60
N VAL IA 457 36.47 -65.79 108.46
CA VAL IA 457 35.08 -66.15 108.59
C VAL IA 457 34.58 -65.70 109.94
N GLY IA 458 33.40 -65.09 109.96
CA GLY IA 458 32.86 -64.63 111.23
C GLY IA 458 31.54 -63.92 111.05
N THR IA 459 31.15 -63.17 112.08
CA THR IA 459 29.93 -62.39 112.08
C THR IA 459 30.28 -60.91 112.02
N ILE IA 460 29.61 -60.18 111.12
CA ILE IA 460 29.76 -58.73 111.07
C ILE IA 460 29.14 -58.13 112.31
N SER IA 461 29.90 -57.29 113.00
CA SER IA 461 29.49 -56.75 114.29
C SER IA 461 29.53 -55.23 114.27
N THR IA 462 28.69 -54.65 115.14
CA THR IA 462 28.68 -53.21 115.32
C THR IA 462 29.95 -52.77 116.07
N PRO IA 463 30.32 -51.49 115.99
CA PRO IA 463 31.42 -51.01 116.82
C PRO IA 463 31.18 -51.20 118.31
N SER IA 464 29.93 -51.14 118.76
CA SER IA 464 29.63 -51.50 120.14
C SER IA 464 29.81 -53.00 120.39
N GLY IA 465 29.52 -53.82 119.38
CA GLY IA 465 29.70 -55.26 119.50
C GLY IA 465 28.47 -56.05 119.86
N GLU IA 466 27.27 -55.51 119.63
CA GLU IA 466 26.05 -56.25 119.95
C GLU IA 466 25.84 -57.43 119.00
N THR IA 467 26.35 -57.33 117.76
CA THR IA 467 26.31 -58.36 116.73
C THR IA 467 24.90 -58.76 116.31
N ASN IA 468 23.87 -58.11 116.84
CA ASN IA 468 22.49 -58.39 116.47
C ASN IA 468 21.88 -57.11 115.92
N LEU IA 469 21.43 -57.16 114.66
CA LEU IA 469 20.91 -55.98 114.00
C LEU IA 469 19.46 -55.67 114.38
N SER IA 470 18.73 -56.62 114.95
CA SER IA 470 17.38 -56.35 115.42
C SER IA 470 17.37 -55.53 116.71
N SER IA 471 18.35 -55.78 117.59
CA SER IA 471 18.43 -55.05 118.86
C SER IA 471 18.71 -53.57 118.65
N LEU IA 472 19.57 -53.21 117.70
CA LEU IA 472 19.89 -51.81 117.44
C LEU IA 472 18.78 -51.09 116.69
N SER IA 473 17.80 -51.81 116.14
CA SER IA 473 16.72 -51.20 115.38
C SER IA 473 15.37 -51.81 115.72
N GLN IA 474 15.16 -52.10 117.00
CA GLN IA 474 13.82 -52.32 117.57
C GLN IA 474 13.18 -53.62 117.08
N GLY IA 475 13.99 -54.67 117.00
CA GLY IA 475 13.46 -56.02 116.82
C GLY IA 475 12.74 -56.32 115.53
N SER IA 476 13.29 -55.89 114.39
CA SER IA 476 12.75 -56.24 113.09
C SER IA 476 13.69 -57.21 112.39
N LYS IA 477 13.30 -57.66 111.20
CA LYS IA 477 14.10 -58.61 110.45
C LYS IA 477 14.74 -57.95 109.24
N ILE IA 478 15.83 -58.58 108.77
CA ILE IA 478 16.56 -58.05 107.63
C ILE IA 478 15.75 -58.28 106.36
N HIS IA 479 15.54 -57.20 105.60
CA HIS IA 479 14.69 -57.24 104.41
C HIS IA 479 15.49 -57.39 103.12
N GLN IA 480 16.41 -56.47 102.86
CA GLN IA 480 17.10 -56.42 101.57
C GLN IA 480 18.59 -56.21 101.77
N VAL IA 481 19.37 -56.80 100.87
CA VAL IA 481 20.82 -56.64 100.84
C VAL IA 481 21.24 -56.40 99.40
N LEU IA 482 21.99 -55.32 99.16
CA LEU IA 482 22.49 -55.00 97.83
C LEU IA 482 24.00 -54.97 97.82
N THR IA 483 24.59 -55.66 96.85
CA THR IA 483 26.02 -55.57 96.58
C THR IA 483 26.24 -54.74 95.32
N ASP IA 484 27.50 -54.38 95.09
CA ASP IA 484 27.84 -53.52 93.96
C ASP IA 484 29.26 -53.83 93.50
N ARG IA 485 29.63 -53.22 92.37
CA ARG IA 485 30.95 -53.47 91.78
C ARG IA 485 32.06 -52.94 92.67
N ILE IA 486 31.86 -51.78 93.30
CA ILE IA 486 32.90 -51.20 94.14
C ILE IA 486 33.14 -52.06 95.38
N GLY IA 487 32.07 -52.54 96.01
CA GLY IA 487 32.22 -53.40 97.17
C GLY IA 487 31.50 -52.89 98.40
N ASN IA 488 30.66 -51.87 98.23
CA ASN IA 488 29.86 -51.35 99.33
C ASN IA 488 28.53 -52.08 99.37
N VAL IA 489 28.20 -52.65 100.53
CA VAL IA 489 27.00 -53.44 100.71
C VAL IA 489 26.05 -52.68 101.64
N VAL IA 490 24.79 -52.58 101.22
CA VAL IA 490 23.77 -51.84 101.95
C VAL IA 490 22.73 -52.83 102.45
N VAL IA 491 22.49 -52.81 103.76
CA VAL IA 491 21.48 -53.66 104.41
C VAL IA 491 20.32 -52.79 104.82
N LYS IA 492 19.15 -53.03 104.24
CA LYS IA 492 17.93 -52.32 104.58
C LYS IA 492 17.01 -53.27 105.35
N MET IA 493 16.55 -52.83 106.51
CA MET IA 493 15.64 -53.65 107.30
C MET IA 493 14.22 -53.10 107.14
N GLU IA 494 13.23 -53.98 107.34
CA GLU IA 494 11.81 -53.63 107.19
C GLU IA 494 11.38 -52.46 108.08
N ASN IA 495 12.17 -52.12 109.10
CA ASN IA 495 12.00 -50.87 109.85
C ASN IA 495 12.34 -49.65 108.98
N ASN IA 496 12.92 -49.87 107.80
CA ASN IA 496 13.50 -48.83 106.94
C ASN IA 496 14.68 -48.15 107.64
N VAL IA 497 15.63 -48.99 108.07
CA VAL IA 497 16.88 -48.54 108.66
C VAL IA 497 18.01 -49.17 107.87
N MET IA 498 19.18 -48.52 107.93
CA MET IA 498 20.28 -48.78 107.00
C MET IA 498 21.56 -49.14 107.74
N PHE IA 499 22.18 -50.23 107.31
CA PHE IA 499 23.51 -50.62 107.73
C PHE IA 499 24.43 -50.66 106.52
N TYR IA 500 25.68 -50.28 106.72
CA TYR IA 500 26.66 -50.17 105.66
C TYR IA 500 27.85 -51.07 105.95
N ILE IA 501 28.25 -51.85 104.95
CA ILE IA 501 29.41 -52.73 105.04
C ILE IA 501 30.31 -52.44 103.86
N LYS IA 502 31.61 -52.64 104.05
CA LYS IA 502 32.59 -52.61 102.96
C LYS IA 502 33.18 -54.00 102.81
N ALA IA 503 33.49 -54.38 101.57
CA ALA IA 503 34.13 -55.66 101.33
C ALA IA 503 35.49 -55.70 102.02
N ASP IA 504 35.83 -56.88 102.54
CA ASP IA 504 37.05 -57.13 103.32
C ASP IA 504 37.14 -56.24 104.55
N ILE IA 505 35.99 -55.86 105.12
CA ILE IA 505 35.93 -55.06 106.33
C ILE IA 505 34.86 -55.67 107.24
N THR IA 506 35.22 -55.91 108.50
CA THR IA 506 34.34 -56.59 109.43
C THR IA 506 33.33 -55.65 110.09
N GLU IA 507 33.78 -54.49 110.55
CA GLU IA 507 32.89 -53.57 111.27
C GLU IA 507 31.87 -52.95 110.34
N ALA IA 508 30.63 -52.86 110.81
CA ALA IA 508 29.54 -52.22 110.08
C ALA IA 508 29.30 -50.82 110.59
N VAL IA 509 28.55 -50.04 109.82
CA VAL IA 509 28.24 -48.66 110.15
C VAL IA 509 26.73 -48.48 110.09
N ILE IA 510 26.13 -48.12 111.22
CA ILE IA 510 24.71 -47.77 111.24
C ILE IA 510 24.57 -46.38 110.61
N LEU IA 511 23.66 -46.24 109.67
CA LEU IA 511 23.49 -44.95 109.03
C LEU IA 511 22.47 -44.10 109.79
N HIS IA 512 22.53 -42.79 109.54
CA HIS IA 512 21.56 -41.89 110.15
C HIS IA 512 20.17 -42.11 109.58
N THR IA 513 19.17 -41.71 110.34
CA THR IA 513 17.79 -41.93 109.93
C THR IA 513 17.43 -41.01 108.76
N TRP IA 514 16.98 -41.61 107.67
CA TRP IA 514 16.65 -40.89 106.45
C TRP IA 514 15.22 -41.11 105.98
N VAL IA 515 14.62 -42.25 106.30
CA VAL IA 515 13.31 -42.65 105.79
C VAL IA 515 12.45 -43.13 106.96
N ASN IA 516 11.16 -42.85 106.88
CA ASN IA 516 10.19 -43.15 107.93
C ASN IA 516 10.12 -44.63 108.27
N THR IA 517 9.69 -44.93 109.49
CA THR IA 517 9.49 -46.32 109.93
C THR IA 517 8.35 -47.00 109.19
N THR IA 518 7.25 -46.29 108.95
CA THR IA 518 6.06 -46.85 108.35
C THR IA 518 6.04 -46.80 106.84
N ALA IA 519 7.06 -46.20 106.22
CA ALA IA 519 7.07 -46.06 104.76
C ALA IA 519 7.35 -47.40 104.09
N LYS IA 520 6.58 -47.69 103.04
CA LYS IA 520 6.81 -48.88 102.22
C LYS IA 520 7.83 -48.51 101.15
N THR IA 521 9.07 -48.97 101.33
CA THR IA 521 10.19 -48.54 100.51
C THR IA 521 10.96 -49.76 100.01
N VAL IA 522 11.67 -49.55 98.91
CA VAL IA 522 12.61 -50.54 98.38
C VAL IA 522 13.82 -49.76 97.88
N VAL IA 523 14.98 -50.41 97.85
CA VAL IA 523 16.20 -49.81 97.32
C VAL IA 523 16.56 -50.49 96.01
N LEU IA 524 16.99 -49.68 95.05
CA LEU IA 524 17.27 -50.15 93.70
C LEU IA 524 18.37 -49.29 93.08
N PHE IA 525 18.66 -49.53 91.82
CA PHE IA 525 19.68 -48.82 91.09
C PHE IA 525 19.09 -48.01 89.95
N ASP IA 526 19.71 -46.87 89.68
CA ASP IA 526 19.34 -46.01 88.57
C ASP IA 526 20.09 -46.49 87.32
N LYS IA 527 20.16 -45.64 86.28
CA LYS IA 527 20.98 -45.98 85.12
C LYS IA 527 22.44 -46.16 85.50
N SER IA 528 22.95 -45.33 86.41
CA SER IA 528 24.24 -45.56 87.01
C SER IA 528 24.07 -46.53 88.18
N PHE IA 529 25.12 -46.73 88.98
CA PHE IA 529 25.07 -47.70 90.07
C PHE IA 529 24.86 -47.03 91.41
N GLU IA 530 24.16 -45.90 91.44
CA GLU IA 530 23.85 -45.21 92.68
C GLU IA 530 22.60 -45.81 93.31
N VAL IA 531 22.39 -45.49 94.58
CA VAL IA 531 21.28 -46.06 95.34
C VAL IA 531 20.06 -45.15 95.23
N CYS IA 532 18.91 -45.75 94.93
CA CYS IA 532 17.67 -45.00 94.83
C CYS IA 532 16.60 -45.68 95.67
N ILE IA 533 15.94 -44.90 96.52
CA ILE IA 533 14.85 -45.39 97.35
C ILE IA 533 13.54 -45.12 96.62
N LEU IA 534 12.79 -46.19 96.37
CA LEU IA 534 11.47 -46.11 95.76
C LEU IA 534 10.43 -46.25 96.86
N TYR IA 535 9.48 -45.32 96.87
CA TYR IA 535 8.38 -45.31 97.81
C TYR IA 535 7.11 -45.77 97.10
N TYR IA 536 6.44 -46.76 97.67
CA TYR IA 536 5.16 -47.23 97.16
C TYR IA 536 4.08 -46.98 98.20
N ASN IA 537 2.96 -46.40 97.75
CA ASN IA 537 1.80 -46.22 98.61
C ASN IA 537 0.57 -46.21 97.73
N GLU IA 538 -0.44 -46.99 98.11
CA GLU IA 538 -1.70 -47.02 97.40
C GLU IA 538 -2.55 -45.83 97.83
N ASN IA 539 -3.83 -45.84 97.45
CA ASN IA 539 -4.78 -44.75 97.73
C ASN IA 539 -4.26 -43.41 97.22
N LEU IA 540 -3.70 -43.41 96.01
CA LEU IA 540 -3.24 -42.19 95.37
C LEU IA 540 -3.82 -42.09 93.96
N ASP IA 541 -3.38 -41.09 93.19
CA ASP IA 541 -3.95 -40.80 91.88
C ASP IA 541 -3.25 -41.54 90.74
N GLU IA 542 -2.56 -42.66 91.04
CA GLU IA 542 -1.97 -43.57 90.07
C GLU IA 542 -0.74 -42.96 89.39
N LYS IA 543 -0.45 -41.69 89.67
CA LYS IA 543 0.74 -41.04 89.14
C LYS IA 543 1.82 -40.82 90.19
N TYR IA 544 1.50 -41.00 91.48
CA TYR IA 544 2.49 -40.87 92.54
C TYR IA 544 2.46 -42.07 93.48
N GLN IA 545 1.93 -43.21 93.03
CA GLN IA 545 1.97 -44.42 93.82
C GLN IA 545 3.37 -45.05 93.85
N LEU IA 546 4.29 -44.57 93.01
CA LEU IA 546 5.67 -45.08 92.96
C LEU IA 546 6.56 -43.87 92.70
N GLN IA 547 7.27 -43.41 93.74
CA GLN IA 547 8.13 -42.23 93.62
C GLN IA 547 9.56 -42.60 93.97
N THR IA 548 10.50 -42.23 93.10
CA THR IA 548 11.91 -42.59 93.27
C THR IA 548 12.71 -41.37 93.68
N GLN IA 549 13.52 -41.52 94.74
CA GLN IA 549 14.41 -40.48 95.20
C GLN IA 549 15.81 -41.04 95.41
N PRO IA 550 16.85 -40.37 94.94
CA PRO IA 550 18.22 -40.88 95.13
C PRO IA 550 18.66 -40.75 96.58
N TYR IA 551 19.76 -41.44 96.90
CA TYR IA 551 20.31 -41.45 98.25
C TYR IA 551 21.78 -41.07 98.24
N PRO IA 552 22.18 -39.99 98.91
CA PRO IA 552 23.61 -39.59 98.98
C PRO IA 552 24.40 -40.42 100.00
N LEU IA 553 24.61 -41.69 99.65
CA LEU IA 553 25.29 -42.62 100.54
C LEU IA 553 26.74 -42.19 100.77
N ILE IA 554 27.41 -41.70 99.74
CA ILE IA 554 28.81 -41.28 99.90
C ILE IA 554 28.91 -40.07 100.83
N LEU IA 555 28.01 -39.11 100.68
CA LEU IA 555 28.02 -37.94 101.56
C LEU IA 555 27.70 -38.32 103.00
N GLU IA 556 26.74 -39.22 103.20
CA GLU IA 556 26.44 -39.68 104.57
C GLU IA 556 27.62 -40.44 105.16
N LEU IA 557 28.30 -41.25 104.34
CA LEU IA 557 29.48 -41.96 104.81
C LEU IA 557 30.61 -41.00 105.17
N GLN IA 558 30.75 -39.92 104.40
CA GLN IA 558 31.77 -38.91 104.71
C GLN IA 558 31.43 -38.20 106.02
N SER IA 559 30.16 -37.91 106.26
CA SER IA 559 29.76 -37.32 107.54
C SER IA 559 30.05 -38.28 108.69
N ILE IA 560 29.76 -39.57 108.50
CA ILE IA 560 30.02 -40.56 109.54
C ILE IA 560 31.52 -40.68 109.81
N ASN IA 561 32.33 -40.64 108.74
CA ASN IA 561 33.78 -40.71 108.91
C ASN IA 561 34.32 -39.44 109.57
N LYS IA 562 33.70 -38.30 109.30
CA LYS IA 562 34.05 -37.07 110.01
C LYS IA 562 33.78 -37.22 111.49
N ASP IA 563 32.66 -37.84 111.84
CA ASP IA 563 32.37 -38.12 113.25
C ASP IA 563 33.38 -39.10 113.85
N LEU IA 564 33.77 -40.11 113.09
CA LEU IA 564 34.59 -41.21 113.61
C LEU IA 564 36.08 -40.85 113.68
N GLY IA 565 36.70 -40.63 112.52
CA GLY IA 565 38.10 -40.27 112.48
C GLY IA 565 39.01 -41.25 111.75
N ASP IA 566 38.48 -41.93 110.74
CA ASP IA 566 39.29 -42.85 109.96
C ASP IA 566 39.86 -42.15 108.72
N TRP IA 567 40.83 -42.80 108.08
CA TRP IA 567 41.49 -42.25 106.91
C TRP IA 567 42.03 -43.38 106.06
N CYS IA 568 42.22 -43.09 104.76
CA CYS IA 568 42.69 -44.08 103.82
C CYS IA 568 44.20 -44.21 103.91
N PRO IA 569 44.75 -45.43 104.11
CA PRO IA 569 46.18 -45.56 104.35
C PRO IA 569 47.07 -45.19 103.17
N TYR IA 570 46.56 -45.21 101.94
CA TYR IA 570 47.38 -44.93 100.76
C TYR IA 570 46.81 -43.73 100.02
N LEU IA 571 47.72 -42.95 99.43
CA LEU IA 571 47.29 -41.76 98.69
C LEU IA 571 46.62 -42.15 97.38
N ALA IA 572 47.22 -43.07 96.62
CA ALA IA 572 46.69 -43.38 95.30
C ALA IA 572 47.13 -44.78 94.88
N PHE IA 573 46.36 -45.34 93.95
CA PHE IA 573 46.66 -46.67 93.40
C PHE IA 573 46.15 -46.67 91.96
N GLN IA 574 47.08 -46.72 91.01
CA GLN IA 574 46.74 -46.74 89.59
C GLN IA 574 47.12 -48.08 88.98
N HIS IA 575 46.39 -48.44 87.93
CA HIS IA 575 46.65 -49.66 87.18
C HIS IA 575 46.24 -49.43 85.72
N ASN IA 576 46.75 -50.28 84.83
CA ASN IA 576 46.51 -50.12 83.41
C ASN IA 576 45.49 -51.12 82.86
N ILE IA 577 44.75 -51.81 83.73
CA ILE IA 577 43.78 -52.79 83.29
C ILE IA 577 42.52 -52.04 82.87
N HIS IA 578 42.26 -51.99 81.56
CA HIS IA 578 41.13 -51.26 81.01
C HIS IA 578 40.00 -52.17 80.54
N SER IA 579 40.11 -53.48 80.77
CA SER IA 579 39.08 -54.41 80.33
C SER IA 579 38.85 -55.43 81.43
N GLN IA 580 38.03 -56.44 81.13
CA GLN IA 580 37.69 -57.48 82.08
C GLN IA 580 38.00 -58.85 81.50
N PHE IA 581 38.07 -58.94 80.18
CA PHE IA 581 38.24 -60.20 79.47
C PHE IA 581 39.42 -60.06 78.52
N TYR IA 582 40.42 -60.94 78.67
CA TYR IA 582 41.61 -60.92 77.83
C TYR IA 582 41.86 -62.30 77.25
N HIS IA 583 41.91 -62.37 75.93
CA HIS IA 583 42.10 -63.62 75.21
C HIS IA 583 43.40 -63.52 74.43
N MET IA 584 44.24 -64.54 74.55
CA MET IA 584 45.53 -64.49 73.89
C MET IA 584 45.87 -65.88 73.38
N ASP IA 585 46.62 -65.90 72.27
CA ASP IA 585 46.91 -67.14 71.55
C ASP IA 585 48.32 -67.61 71.92
N LYS IA 586 48.88 -68.56 71.16
CA LYS IA 586 50.12 -69.22 71.55
C LYS IA 586 51.29 -68.24 71.64
N GLY IA 587 51.40 -67.33 70.68
CA GLY IA 587 52.61 -66.54 70.54
C GLY IA 587 52.61 -65.16 71.16
N GLU IA 588 51.68 -64.87 72.08
CA GLU IA 588 51.60 -63.56 72.69
C GLU IA 588 51.65 -63.67 74.21
N SER IA 589 51.97 -62.54 74.84
CA SER IA 589 52.02 -62.40 76.29
C SER IA 589 51.13 -61.24 76.71
N LEU IA 590 50.97 -61.07 78.02
CA LEU IA 590 50.17 -60.00 78.58
C LEU IA 590 51.03 -59.14 79.50
N THR IA 591 50.84 -57.83 79.43
CA THR IA 591 51.59 -56.88 80.24
C THR IA 591 50.61 -56.09 81.11
N ILE IA 592 50.85 -56.08 82.42
CA ILE IA 592 50.03 -55.35 83.37
C ILE IA 592 50.92 -54.41 84.17
N TRP IA 593 50.50 -53.16 84.30
CA TRP IA 593 51.25 -52.12 84.99
C TRP IA 593 50.41 -51.57 86.13
N SER IA 594 51.04 -51.32 87.28
CA SER IA 594 50.34 -50.64 88.35
C SER IA 594 51.34 -49.96 89.28
N GLN IA 595 50.80 -49.16 90.18
CA GLN IA 595 51.60 -48.25 90.99
C GLN IA 595 50.82 -47.84 92.22
N ILE IA 596 51.49 -47.81 93.37
CA ILE IA 596 50.90 -47.34 94.62
C ILE IA 596 51.72 -46.16 95.13
N VAL IA 597 51.02 -45.14 95.63
CA VAL IA 597 51.65 -43.97 96.23
C VAL IA 597 51.06 -43.82 97.62
N TYR IA 598 51.92 -43.71 98.64
CA TYR IA 598 51.49 -43.80 100.02
C TYR IA 598 52.43 -42.95 100.87
N PRO IA 599 52.10 -42.76 102.17
CA PRO IA 599 53.00 -41.99 103.06
C PRO IA 599 54.40 -42.55 103.24
N GLU IA 600 55.18 -41.88 104.11
CA GLU IA 600 56.64 -41.89 104.02
C GLU IA 600 57.22 -43.29 104.09
N ASN IA 601 56.86 -44.09 105.11
CA ASN IA 601 57.41 -45.44 105.13
C ASN IA 601 56.41 -46.46 105.65
N ARG IA 602 55.12 -46.21 105.48
CA ARG IA 602 54.09 -47.18 105.83
C ARG IA 602 54.16 -48.32 104.82
N GLY IA 603 54.89 -49.38 105.18
CA GLY IA 603 55.21 -50.44 104.23
C GLY IA 603 54.03 -51.15 103.60
N LEU IA 604 53.79 -50.86 102.32
CA LEU IA 604 52.70 -51.44 101.55
C LEU IA 604 53.27 -52.15 100.32
N TYR IA 605 52.39 -52.87 99.64
CA TYR IA 605 52.74 -53.59 98.41
C TYR IA 605 51.45 -53.93 97.69
N ILE IA 606 51.58 -54.44 96.47
CA ILE IA 606 50.44 -54.77 95.62
C ILE IA 606 50.22 -56.28 95.71
N VAL IA 607 49.08 -56.68 96.25
CA VAL IA 607 48.71 -58.10 96.34
C VAL IA 607 48.06 -58.50 95.03
N VAL IA 608 48.58 -59.58 94.44
CA VAL IA 608 48.03 -60.16 93.22
C VAL IA 608 47.48 -61.53 93.59
N GLU IA 609 46.18 -61.72 93.39
CA GLU IA 609 45.51 -62.97 93.74
C GLU IA 609 44.99 -63.64 92.48
N HIS IA 610 45.02 -64.97 92.47
CA HIS IA 610 44.64 -65.76 91.31
C HIS IA 610 43.67 -66.86 91.70
N TYR IA 611 42.81 -67.24 90.76
CA TYR IA 611 41.82 -68.28 90.98
C TYR IA 611 41.52 -69.02 89.68
N GLY IA 612 41.56 -70.35 89.77
CA GLY IA 612 41.34 -71.18 88.60
C GLY IA 612 42.48 -72.15 88.36
N SER IA 613 42.63 -72.60 87.12
CA SER IA 613 43.67 -73.55 86.76
C SER IA 613 44.91 -72.79 86.28
N SER IA 614 46.01 -72.96 87.00
CA SER IA 614 47.24 -72.23 86.71
C SER IA 614 48.02 -72.97 85.62
N VAL IA 615 48.08 -72.38 84.43
CA VAL IA 615 48.87 -72.90 83.33
C VAL IA 615 49.78 -71.77 82.87
N MET IA 616 50.19 -70.91 83.79
CA MET IA 616 50.58 -69.56 83.44
C MET IA 616 51.92 -69.29 84.14
N THR IA 617 52.73 -68.35 83.63
CA THR IA 617 53.94 -67.96 84.36
C THR IA 617 54.04 -66.44 84.46
N TRP IA 618 54.32 -65.96 85.66
CA TRP IA 618 54.41 -64.52 85.92
C TRP IA 618 55.86 -64.10 86.08
N THR IA 619 56.15 -62.88 85.65
CA THR IA 619 57.39 -62.20 86.01
C THR IA 619 57.06 -60.79 86.49
N GLN IA 620 57.57 -60.44 87.67
CA GLN IA 620 57.29 -59.14 88.27
C GLN IA 620 58.57 -58.33 88.43
N ASN IA 621 58.51 -57.06 88.03
CA ASN IA 621 59.59 -56.11 88.21
C ASN IA 621 59.09 -54.96 89.06
N LEU IA 622 59.89 -54.55 90.05
CA LEU IA 622 59.49 -53.55 91.02
C LEU IA 622 60.47 -52.39 91.02
N GLU IA 623 59.94 -51.19 91.20
CA GLU IA 623 60.74 -49.96 91.32
C GLU IA 623 60.23 -49.16 92.51
N TYR IA 624 61.17 -48.56 93.24
CA TYR IA 624 60.87 -47.89 94.50
C TYR IA 624 61.32 -46.43 94.42
N GLU IA 625 60.57 -45.55 95.07
CA GLU IA 625 60.90 -44.13 95.06
C GLU IA 625 60.43 -43.46 96.35
N ILE IA 626 61.25 -42.56 96.89
CA ILE IA 626 60.87 -41.71 98.00
C ILE IA 626 61.05 -40.26 97.57
N ALA IA 627 59.97 -39.48 97.64
CA ALA IA 627 60.03 -38.08 97.24
C ALA IA 627 58.96 -37.29 97.97
N SER IA 628 59.33 -36.13 98.49
CA SER IA 628 58.42 -35.19 99.15
C SER IA 628 57.66 -35.84 100.30
N GLY IA 629 58.34 -36.71 101.03
CA GLY IA 629 57.70 -37.40 102.14
C GLY IA 629 56.71 -38.47 101.74
N PHE IA 630 56.77 -38.96 100.50
CA PHE IA 630 55.84 -39.96 100.01
C PHE IA 630 56.60 -41.05 99.27
N CYS IA 631 56.18 -42.29 99.46
CA CYS IA 631 56.78 -43.40 98.71
C CYS IA 631 55.88 -43.82 97.56
N THR IA 632 56.53 -44.28 96.49
CA THR IA 632 55.88 -44.77 95.30
C THR IA 632 56.51 -46.10 94.91
N LYS IA 633 55.68 -47.12 94.76
CA LYS IA 633 56.11 -48.44 94.31
C LYS IA 633 55.42 -48.75 92.99
N THR IA 634 56.21 -49.01 91.96
CA THR IA 634 55.69 -49.31 90.63
C THR IA 634 56.02 -50.75 90.30
N MET IA 635 55.01 -51.54 89.92
CA MET IA 635 55.26 -52.94 89.61
C MET IA 635 54.67 -53.24 88.24
N ILE IA 636 55.47 -53.90 87.40
CA ILE IA 636 55.08 -54.35 86.08
C ILE IA 636 55.17 -55.87 86.07
N THR IA 637 54.07 -56.53 85.70
CA THR IA 637 54.05 -57.98 85.62
C THR IA 637 53.76 -58.42 84.19
N ARG IA 638 54.35 -59.55 83.83
CA ARG IA 638 54.24 -60.12 82.50
C ARG IA 638 53.75 -61.55 82.63
N PHE IA 639 52.73 -61.89 81.85
CA PHE IA 639 52.09 -63.19 81.86
C PHE IA 639 52.37 -63.91 80.54
N PHE IA 640 52.91 -65.13 80.60
CA PHE IA 640 53.30 -65.83 79.39
C PHE IA 640 53.42 -67.33 79.64
N GLN IA 641 53.54 -68.07 78.54
CA GLN IA 641 53.70 -69.51 78.52
C GLN IA 641 55.00 -69.87 77.80
N THR IA 642 55.60 -70.99 78.20
CA THR IA 642 56.88 -71.43 77.65
C THR IA 642 56.81 -72.93 77.33
N THR IA 643 55.79 -73.32 76.57
CA THR IA 643 55.64 -74.70 76.13
C THR IA 643 55.97 -74.81 74.64
N ASN IA 644 56.55 -75.95 74.27
CA ASN IA 644 56.93 -76.24 72.89
C ASN IA 644 56.16 -77.45 72.39
N TYR IA 645 55.65 -77.36 71.17
CA TYR IA 645 54.86 -78.42 70.56
C TYR IA 645 55.59 -79.12 69.42
N GLU IA 646 56.90 -78.90 69.27
CA GLU IA 646 57.64 -79.48 68.16
C GLU IA 646 58.20 -80.84 68.54
N LEU IA 647 58.01 -81.81 67.64
CA LEU IA 647 58.55 -83.18 67.77
C LEU IA 647 58.08 -83.84 69.07
N VAL IA 648 56.80 -83.66 69.40
CA VAL IA 648 56.23 -84.24 70.61
C VAL IA 648 55.07 -85.14 70.20
N ASP IA 649 54.71 -86.04 71.12
CA ASP IA 649 53.55 -86.90 70.94
C ASP IA 649 52.37 -86.37 71.72
N ASN IA 650 51.17 -86.75 71.27
CA ASN IA 650 49.90 -86.27 71.85
C ASN IA 650 49.83 -84.75 71.81
N TYR IA 651 49.96 -84.21 70.59
CA TYR IA 651 49.97 -82.76 70.41
C TYR IA 651 48.63 -82.15 70.81
N TYR IA 652 47.52 -82.77 70.38
CA TYR IA 652 46.20 -82.27 70.76
C TYR IA 652 45.96 -82.44 72.25
N GLN IA 653 46.48 -83.53 72.84
CA GLN IA 653 46.33 -83.73 74.28
C GLN IA 653 47.05 -82.65 75.07
N LEU IA 654 48.27 -82.31 74.65
CA LEU IA 654 49.00 -81.22 75.31
C LEU IA 654 48.32 -79.89 75.07
N GLN IA 655 47.76 -79.69 73.88
CA GLN IA 655 47.04 -78.45 73.58
C GLN IA 655 45.83 -78.29 74.48
N LYS IA 656 45.09 -79.37 74.73
CA LYS IA 656 43.96 -79.32 75.63
C LYS IA 656 44.38 -79.23 77.09
N GLU IA 657 45.53 -79.81 77.44
CA GLU IA 657 46.07 -79.69 78.79
C GLU IA 657 46.54 -78.29 79.12
N ASN IA 658 47.06 -77.56 78.14
CA ASN IA 658 47.60 -76.23 78.35
C ASN IA 658 46.59 -75.16 77.92
N THR IA 659 45.30 -75.43 78.12
CA THR IA 659 44.27 -74.45 77.84
C THR IA 659 43.29 -74.40 79.01
N GLY IA 660 42.48 -73.34 79.01
CA GLY IA 660 41.51 -73.08 80.07
C GLY IA 660 41.38 -71.60 80.32
N LEU IA 661 40.83 -71.25 81.48
CA LEU IA 661 40.68 -69.87 81.87
C LEU IA 661 41.34 -69.63 83.23
N MET IA 662 41.58 -68.35 83.51
CA MET IA 662 42.37 -67.90 84.64
C MET IA 662 41.72 -66.64 85.16
N LEU IA 663 41.70 -66.47 86.48
CA LEU IA 663 41.13 -65.26 87.07
C LEU IA 663 42.19 -64.57 87.90
N LEU IA 664 42.36 -63.27 87.67
CA LEU IA 664 43.33 -62.47 88.40
C LEU IA 664 42.63 -61.28 89.03
N GLN IA 665 43.15 -60.85 90.17
CA GLN IA 665 42.68 -59.63 90.81
C GLN IA 665 43.85 -58.93 91.48
N PHE IA 666 43.81 -57.60 91.46
CA PHE IA 666 44.85 -56.77 92.05
C PHE IA 666 44.24 -55.98 93.20
N ARG IA 667 44.99 -55.83 94.30
CA ARG IA 667 44.47 -55.09 95.44
C ARG IA 667 45.64 -54.54 96.23
N PRO IA 668 45.41 -53.54 97.08
CA PRO IA 668 46.48 -53.06 97.97
C PRO IA 668 46.80 -54.08 99.05
N SER IA 669 47.89 -53.81 99.76
CA SER IA 669 48.29 -54.67 100.87
C SER IA 669 47.28 -54.58 102.01
N GLU IA 670 47.09 -53.39 102.57
CA GLU IA 670 46.08 -53.15 103.58
C GLU IA 670 45.22 -51.98 103.14
N PHE IA 671 43.91 -52.09 103.37
CA PHE IA 671 43.00 -51.02 103.03
C PHE IA 671 41.83 -51.04 103.99
N SER IA 672 41.16 -49.89 104.08
CA SER IA 672 40.06 -49.71 105.03
C SER IA 672 38.98 -48.91 104.32
N ARG IA 673 38.04 -48.36 105.09
CA ARG IA 673 37.02 -47.49 104.54
C ARG IA 673 37.63 -46.17 104.09
N THR IA 674 36.80 -45.32 103.50
CA THR IA 674 37.17 -44.06 102.86
C THR IA 674 38.20 -44.23 101.76
N CYS IA 675 38.35 -45.44 101.22
CA CYS IA 675 39.18 -45.71 100.06
C CYS IA 675 38.26 -46.11 98.92
N LEU IA 676 37.93 -45.14 98.07
CA LEU IA 676 36.95 -45.32 97.01
C LEU IA 676 37.52 -46.01 95.78
N THR IA 677 38.67 -46.67 95.91
CA THR IA 677 39.26 -47.38 94.79
C THR IA 677 38.47 -48.64 94.47
N ALA IA 678 38.33 -48.93 93.18
CA ALA IA 678 37.67 -50.15 92.73
C ALA IA 678 38.73 -51.22 92.47
N LYS IA 679 38.51 -52.41 93.00
CA LYS IA 679 39.48 -53.48 92.88
C LYS IA 679 39.41 -54.09 91.49
N PRO IA 680 40.51 -54.10 90.72
CA PRO IA 680 40.47 -54.67 89.37
C PRO IA 680 40.48 -56.20 89.41
N VAL IA 681 39.42 -56.80 88.88
CA VAL IA 681 39.29 -58.24 88.73
C VAL IA 681 39.03 -58.53 87.26
N PHE IA 682 39.85 -59.41 86.67
CA PHE IA 682 39.71 -59.73 85.26
C PHE IA 682 39.98 -61.22 85.06
N GLU IA 683 39.75 -61.68 83.82
CA GLU IA 683 39.92 -63.06 83.45
C GLU IA 683 40.71 -63.14 82.15
N ILE IA 684 41.60 -64.13 82.09
CA ILE IA 684 42.44 -64.38 80.91
C ILE IA 684 42.15 -65.80 80.44
N ASP IA 685 41.81 -65.93 79.17
CA ASP IA 685 41.53 -67.25 78.61
C ASP IA 685 42.51 -67.59 77.49
N VAL IA 686 43.01 -68.82 77.53
CA VAL IA 686 43.86 -69.42 76.49
C VAL IA 686 43.01 -70.35 75.65
N GLY IA 687 43.30 -70.40 74.36
CA GLY IA 687 42.55 -71.24 73.43
C GLY IA 687 42.11 -70.42 72.25
N CYS IA 688 41.40 -71.06 71.33
CA CYS IA 688 40.98 -70.40 70.11
C CYS IA 688 39.51 -70.04 70.17
N ASP IA 689 39.20 -68.81 69.76
CA ASP IA 689 37.85 -68.28 69.87
C ASP IA 689 36.92 -68.74 68.75
N SER IA 690 37.45 -69.48 67.77
CA SER IA 690 36.68 -69.98 66.61
C SER IA 690 36.08 -68.84 65.79
N SER IA 691 36.66 -67.65 65.89
CA SER IA 691 36.24 -66.52 65.08
C SER IA 691 37.40 -65.96 64.25
N LYS IA 692 38.57 -66.59 64.30
CA LYS IA 692 39.74 -66.16 63.56
C LYS IA 692 40.15 -67.26 62.60
N TYR IA 693 40.26 -66.93 61.32
CA TYR IA 693 40.61 -67.92 60.31
C TYR IA 693 41.36 -67.22 59.19
N ILE IA 694 41.50 -67.89 58.05
CA ILE IA 694 42.45 -67.50 57.01
C ILE IA 694 41.77 -67.41 55.66
N MET IA 695 41.94 -66.27 54.99
CA MET IA 695 41.38 -66.02 53.67
C MET IA 695 42.48 -65.83 52.65
N VAL IA 696 42.31 -66.40 51.47
CA VAL IA 696 43.16 -66.12 50.32
C VAL IA 696 42.64 -64.85 49.64
N ARG IA 697 43.56 -64.02 49.16
CA ARG IA 697 43.17 -62.77 48.53
C ARG IA 697 42.49 -63.00 47.19
N GLY IA 698 41.56 -62.12 46.85
CA GLY IA 698 40.83 -62.21 45.60
C GLY IA 698 39.66 -63.16 45.63
N PHE IA 699 39.39 -63.81 46.75
CA PHE IA 699 38.32 -64.79 46.86
C PHE IA 699 37.28 -64.33 47.87
N ASN IA 700 36.03 -64.70 47.61
CA ASN IA 700 34.92 -64.37 48.50
C ASN IA 700 33.84 -65.42 48.32
N LYS IA 701 32.89 -65.43 49.27
CA LYS IA 701 31.87 -66.48 49.27
C LYS IA 701 30.86 -66.30 48.15
N SER IA 702 30.20 -65.14 48.10
CA SER IA 702 29.08 -64.97 47.19
C SER IA 702 29.14 -63.65 46.43
N ARG IA 703 30.34 -63.12 46.19
CA ARG IA 703 30.42 -61.91 45.37
C ARG IA 703 30.24 -62.23 43.88
N CYS IA 704 30.56 -63.46 43.47
CA CYS IA 704 30.20 -63.97 42.16
C CYS IA 704 28.94 -64.79 42.33
N GLN IA 705 27.90 -64.48 41.55
CA GLN IA 705 26.73 -65.33 41.48
C GLN IA 705 26.90 -66.31 40.33
N ARG IA 706 26.70 -67.59 40.62
CA ARG IA 706 26.85 -68.65 39.65
C ARG IA 706 25.77 -69.69 39.94
N ARG IA 707 25.93 -70.89 39.37
CA ARG IA 707 24.91 -71.91 39.47
C ARG IA 707 25.49 -73.27 39.78
N ASP IA 708 24.67 -74.31 39.71
CA ASP IA 708 25.11 -75.66 40.02
C ASP IA 708 26.00 -76.21 38.92
N PHE IA 709 26.96 -77.05 39.33
CA PHE IA 709 27.93 -77.65 38.43
C PHE IA 709 27.95 -79.16 38.66
N SER IA 710 28.41 -79.87 37.64
CA SER IA 710 28.55 -81.32 37.73
C SER IA 710 29.58 -81.78 36.72
N TYR IA 711 30.43 -82.73 37.12
CA TYR IA 711 31.51 -83.16 36.27
C TYR IA 711 31.98 -84.55 36.67
N VAL IA 712 32.66 -85.20 35.73
CA VAL IA 712 33.22 -86.54 35.91
C VAL IA 712 34.72 -86.46 35.73
N ILE IA 713 35.46 -86.98 36.70
CA ILE IA 713 36.92 -87.07 36.65
C ILE IA 713 37.29 -88.55 36.74
N ASP IA 714 38.10 -89.01 35.79
CA ASP IA 714 38.42 -90.43 35.69
C ASP IA 714 39.86 -90.59 35.24
N LYS IA 715 40.41 -91.77 35.52
CA LYS IA 715 41.73 -92.25 35.10
C LYS IA 715 42.89 -91.43 35.65
N GLU IA 716 42.65 -90.49 36.57
CA GLU IA 716 43.70 -89.65 37.10
C GLU IA 716 43.78 -89.68 38.62
N LEU IA 717 43.00 -90.52 39.28
CA LEU IA 717 43.02 -90.61 40.73
C LEU IA 717 44.16 -91.52 41.19
N LEU IA 718 44.46 -91.48 42.48
CA LEU IA 718 45.50 -92.32 43.06
C LEU IA 718 45.04 -93.76 43.15
N ASP IA 724 37.85 -94.68 39.90
CA ASP IA 724 37.84 -95.08 38.50
C ASP IA 724 36.90 -94.18 37.69
N ASN IA 725 35.78 -93.80 38.30
CA ASN IA 725 34.81 -92.91 37.66
C ASN IA 725 34.05 -92.19 38.78
N LEU IA 726 34.43 -90.93 39.01
CA LEU IA 726 33.84 -90.13 40.07
C LEU IA 726 33.01 -89.01 39.47
N LYS IA 727 31.72 -89.01 39.78
CA LYS IA 727 30.78 -87.96 39.38
C LYS IA 727 30.48 -87.11 40.61
N VAL IA 728 30.92 -85.86 40.59
CA VAL IA 728 30.83 -84.98 41.75
C VAL IA 728 30.34 -83.61 41.31
N ARG IA 729 29.50 -82.99 42.15
CA ARG IA 729 28.86 -81.73 41.84
C ARG IA 729 29.60 -80.58 42.49
N TYR IA 730 30.04 -79.63 41.69
CA TYR IA 730 30.63 -78.38 42.16
C TYR IA 730 29.54 -77.32 42.32
N ASP IA 731 29.81 -76.32 43.15
CA ASP IA 731 28.85 -75.25 43.41
C ASP IA 731 29.59 -74.05 43.97
N VAL IA 732 28.82 -73.09 44.49
CA VAL IA 732 29.39 -71.87 45.07
C VAL IA 732 29.11 -71.77 46.57
N ALA IA 733 28.02 -72.37 47.06
CA ALA IA 733 27.65 -72.23 48.46
C ALA IA 733 28.68 -72.86 49.39
N LYS IA 734 29.25 -74.01 49.00
CA LYS IA 734 30.28 -74.66 49.80
C LYS IA 734 31.59 -74.83 49.06
N TYR IA 735 31.71 -74.26 47.86
CA TYR IA 735 32.98 -74.29 47.13
C TYR IA 735 33.41 -72.93 46.61
N GLY IA 736 32.52 -71.95 46.52
CA GLY IA 736 32.91 -70.58 46.24
C GLY IA 736 33.10 -70.28 44.77
N CYS IA 737 33.50 -69.04 44.52
CA CYS IA 737 33.74 -68.56 43.16
C CYS IA 737 34.98 -69.25 42.59
N PRO IA 738 34.87 -69.98 41.49
CA PRO IA 738 36.03 -70.66 40.93
C PRO IA 738 36.90 -69.70 40.12
N LEU IA 739 38.16 -70.08 39.97
CA LEU IA 739 39.07 -69.29 39.16
C LEU IA 739 38.82 -69.57 37.68
N THR IA 740 39.08 -68.58 36.85
CA THR IA 740 38.93 -68.67 35.40
C THR IA 740 40.27 -68.50 34.69
N LEU IA 741 41.30 -69.18 35.20
CA LEU IA 741 42.66 -68.92 34.77
C LEU IA 741 42.88 -69.35 33.32
N GLU IA 742 43.54 -68.48 32.57
CA GLU IA 742 43.82 -68.66 31.15
C GLU IA 742 45.01 -69.61 30.99
N LEU IA 743 45.63 -69.59 29.81
CA LEU IA 743 46.79 -70.43 29.50
C LEU IA 743 47.89 -70.27 30.54
N GLY IA 744 48.81 -71.24 30.54
CA GLY IA 744 49.73 -71.50 31.63
C GLY IA 744 50.41 -70.31 32.28
N GLN IA 745 50.09 -70.08 33.54
CA GLN IA 745 50.55 -68.94 34.31
C GLN IA 745 50.96 -69.42 35.69
N MET IA 746 51.56 -68.53 36.47
CA MET IA 746 52.19 -68.92 37.73
C MET IA 746 51.37 -68.28 38.84
N PHE IA 747 50.96 -69.08 39.83
CA PHE IA 747 50.14 -68.61 40.93
C PHE IA 747 50.75 -69.05 42.24
N GLN IA 748 50.88 -68.13 43.20
CA GLN IA 748 51.36 -68.45 44.54
C GLN IA 748 50.20 -68.38 45.51
N PRO IA 749 49.84 -69.47 46.18
CA PRO IA 749 48.77 -69.39 47.18
C PRO IA 749 49.23 -68.66 48.42
N ILE IA 750 48.78 -67.41 48.58
CA ILE IA 750 49.17 -66.56 49.69
C ILE IA 750 47.91 -66.19 50.47
N VAL IA 751 47.95 -66.39 51.78
CA VAL IA 751 46.76 -66.34 52.63
C VAL IA 751 47.05 -65.41 53.80
N GLU IA 752 46.01 -64.72 54.28
CA GLU IA 752 46.13 -63.78 55.38
C GLU IA 752 45.09 -64.08 56.46
N LEU IA 753 45.42 -63.66 57.68
CA LEU IA 753 44.58 -63.92 58.85
C LEU IA 753 43.50 -62.84 58.97
N TYR IA 754 42.33 -63.24 59.44
CA TYR IA 754 41.19 -62.33 59.58
C TYR IA 754 40.29 -62.81 60.70
N ASP IA 755 39.72 -61.86 61.44
CA ASP IA 755 38.78 -62.17 62.51
C ASP IA 755 37.86 -60.99 62.76
N GLU IA 756 36.60 -61.30 63.08
CA GLU IA 756 35.63 -60.34 63.62
C GLU IA 756 35.49 -59.07 62.77
N ASN IA 757 36.18 -58.01 63.20
CA ASN IA 757 36.04 -56.72 62.54
C ASN IA 757 36.72 -56.70 61.18
N GLY IA 758 37.92 -57.25 61.08
CA GLY IA 758 38.64 -57.23 59.82
C GLY IA 758 39.90 -58.06 59.90
N PHE IA 759 40.70 -57.97 58.84
CA PHE IA 759 41.93 -58.75 58.76
C PHE IA 759 42.91 -58.28 59.83
N ILE IA 760 43.79 -59.19 60.23
CA ILE IA 760 44.80 -58.87 61.23
C ILE IA 760 46.15 -58.67 60.54
N LYS IA 761 46.64 -59.70 59.87
CA LYS IA 761 47.98 -59.68 59.30
C LYS IA 761 48.08 -60.75 58.22
N ILE IA 762 49.13 -60.63 57.43
CA ILE IA 762 49.48 -61.66 56.43
C ILE IA 762 50.08 -62.84 57.16
N VAL IA 763 49.82 -64.04 56.64
CA VAL IA 763 50.19 -65.28 57.33
C VAL IA 763 51.49 -65.80 56.73
N ASP IA 764 52.50 -65.97 57.59
CA ASP IA 764 53.74 -66.66 57.22
C ASP IA 764 53.85 -67.87 58.14
N ALA IA 765 53.74 -69.06 57.55
CA ALA IA 765 53.54 -70.32 58.27
C ALA IA 765 54.20 -71.43 57.48
N ASN IA 766 53.76 -72.67 57.66
CA ASN IA 766 54.08 -73.71 56.69
C ASN IA 766 52.77 -74.24 56.13
N PHE IA 767 52.65 -74.31 54.81
CA PHE IA 767 51.40 -74.63 54.15
C PHE IA 767 51.42 -76.05 53.59
N ILE IA 768 50.23 -76.64 53.52
CA ILE IA 768 50.01 -77.86 52.75
C ILE IA 768 48.75 -77.68 51.91
N LEU IA 769 48.81 -78.11 50.66
CA LEU IA 769 47.69 -78.09 49.73
C LEU IA 769 47.26 -79.51 49.42
N TRP IA 770 45.95 -79.73 49.45
CA TRP IA 770 45.43 -81.03 49.04
C TRP IA 770 44.18 -80.81 48.21
N GLU IA 771 43.96 -81.70 47.25
CA GLU IA 771 42.76 -81.68 46.45
C GLU IA 771 41.62 -82.35 47.21
N ILE IA 772 40.39 -82.02 46.83
CA ILE IA 772 39.23 -82.55 47.54
C ILE IA 772 39.13 -84.07 47.36
N HIS IA 773 39.25 -84.55 46.12
CA HIS IA 773 39.03 -85.97 45.81
C HIS IA 773 40.30 -86.77 45.64
N GLY IA 774 41.24 -86.29 44.85
CA GLY IA 774 42.49 -86.99 44.64
C GLY IA 774 42.93 -87.04 43.19
N ARG IA 775 44.12 -86.52 42.92
CA ARG IA 775 44.74 -86.57 41.61
C ARG IA 775 46.24 -86.82 41.80
N ASN IA 776 46.91 -87.15 40.70
CA ASN IA 776 48.37 -87.25 40.69
C ASN IA 776 49.03 -86.32 39.69
N ASP IA 777 48.25 -85.61 38.87
CA ASP IA 777 48.80 -84.74 37.84
C ASP IA 777 48.78 -83.30 38.37
N TYR IA 778 49.73 -83.00 39.24
CA TYR IA 778 49.98 -81.65 39.72
C TYR IA 778 51.34 -81.62 40.37
N THR IA 779 52.16 -80.62 40.00
CA THR IA 779 53.52 -80.54 40.49
C THR IA 779 53.83 -79.16 41.04
N PHE IA 780 55.10 -78.89 41.34
CA PHE IA 780 55.42 -77.64 42.02
C PHE IA 780 56.59 -76.89 41.39
N ASN IA 781 56.86 -75.73 41.95
CA ASN IA 781 57.90 -74.80 41.53
C ASN IA 781 59.30 -75.38 41.57
N SER IA 782 59.67 -76.04 42.66
CA SER IA 782 61.08 -76.29 42.90
C SER IA 782 61.36 -77.69 43.39
N THR IA 783 62.61 -77.98 43.75
CA THR IA 783 63.03 -79.29 44.24
C THR IA 783 63.22 -79.21 45.76
N MET IA 784 63.51 -80.37 46.37
CA MET IA 784 63.71 -80.38 47.81
C MET IA 784 65.09 -79.87 48.19
N GLU IA 785 66.07 -79.96 47.29
CA GLU IA 785 67.27 -79.15 47.47
C GLU IA 785 66.97 -77.71 47.05
N GLN IA 786 68.01 -76.86 47.05
CA GLN IA 786 68.06 -75.43 46.70
C GLN IA 786 67.23 -74.60 47.67
N ASN IA 787 66.38 -75.24 48.48
CA ASN IA 787 65.62 -74.58 49.54
C ASN IA 787 66.29 -74.71 50.89
N GLY IA 788 67.27 -75.61 51.02
CA GLY IA 788 68.05 -75.74 52.23
C GLY IA 788 67.84 -77.05 52.96
N CYS IA 789 67.02 -77.94 52.40
CA CYS IA 789 66.72 -79.21 53.07
C CYS IA 789 67.96 -80.09 53.08
N ILE IA 790 68.63 -80.15 54.23
CA ILE IA 790 69.84 -80.95 54.35
C ILE IA 790 69.52 -82.44 54.29
N ASN IA 791 68.42 -82.86 54.91
CA ASN IA 791 68.05 -84.26 55.02
C ASN IA 791 66.75 -84.50 54.26
N GLU IA 792 66.33 -85.75 54.22
CA GLU IA 792 65.11 -86.10 53.49
C GLU IA 792 63.88 -85.54 54.20
N ALA IA 793 63.01 -84.90 53.44
CA ALA IA 793 61.82 -84.27 53.97
C ALA IA 793 60.66 -85.26 53.94
N GLN IA 794 59.44 -84.79 54.23
CA GLN IA 794 58.24 -85.59 54.17
C GLN IA 794 57.36 -85.06 53.05
N THR IA 795 56.99 -85.93 52.11
CA THR IA 795 56.19 -85.55 50.95
C THR IA 795 54.83 -86.23 50.99
N TRP IA 796 53.95 -85.74 50.12
CA TRP IA 796 52.55 -86.19 50.13
C TRP IA 796 52.44 -87.66 49.80
N ASP IA 797 53.15 -88.13 48.76
CA ASP IA 797 53.05 -89.54 48.37
C ASP IA 797 53.57 -90.45 49.47
N SER IA 798 54.71 -90.09 50.08
CA SER IA 798 55.27 -90.90 51.15
C SER IA 798 54.34 -90.95 52.35
N MET IA 799 53.72 -89.83 52.71
CA MET IA 799 52.92 -89.85 53.92
C MET IA 799 51.54 -90.48 53.67
N ILE IA 800 51.02 -90.36 52.45
CA ILE IA 800 49.81 -91.09 52.08
C ILE IA 800 50.08 -92.59 52.09
N GLU IA 801 51.26 -92.99 51.61
CA GLU IA 801 51.66 -94.39 51.71
C GLU IA 801 51.81 -94.82 53.18
N GLU IA 802 52.27 -93.90 54.04
CA GLU IA 802 52.42 -94.22 55.45
C GLU IA 802 51.06 -94.45 56.11
N ASN IA 803 50.08 -93.59 55.82
CA ASN IA 803 48.76 -93.70 56.42
C ASN IA 803 47.85 -94.50 55.48
N PRO IA 804 47.64 -95.80 55.72
CA PRO IA 804 47.02 -96.67 54.71
C PRO IA 804 45.54 -96.42 54.46
N ASP IA 805 44.72 -96.40 55.51
CA ASP IA 805 43.28 -96.50 55.35
C ASP IA 805 42.49 -95.28 55.82
N ILE IA 806 43.05 -94.47 56.73
CA ILE IA 806 42.33 -93.35 57.30
C ILE IA 806 42.15 -92.27 56.23
N PRO IA 807 41.10 -91.43 56.32
CA PRO IA 807 40.93 -90.33 55.36
C PRO IA 807 42.08 -89.35 55.38
N LEU IA 808 42.20 -88.53 54.33
CA LEU IA 808 43.35 -87.64 54.19
C LEU IA 808 43.37 -86.53 55.24
N ASP IA 809 42.26 -86.29 55.94
CA ASP IA 809 42.21 -85.23 56.92
C ASP IA 809 43.15 -85.48 58.09
N ASP IA 810 43.23 -86.72 58.56
CA ASP IA 810 44.11 -87.08 59.65
C ASP IA 810 45.42 -87.68 59.16
N VAL IA 811 45.75 -87.49 57.88
CA VAL IA 811 46.98 -88.06 57.34
C VAL IA 811 48.17 -87.16 57.65
N TRP IA 812 48.09 -85.89 57.27
CA TRP IA 812 49.17 -84.93 57.49
C TRP IA 812 48.61 -83.66 58.11
N GLY IA 813 49.27 -83.18 59.16
CA GLY IA 813 48.87 -81.97 59.83
C GLY IA 813 49.98 -81.42 60.71
N PRO IA 814 49.66 -80.38 61.48
CA PRO IA 814 50.67 -79.81 62.39
C PRO IA 814 51.11 -80.75 63.50
N GLN IA 815 50.32 -81.77 63.82
CA GLN IA 815 50.70 -82.76 64.81
C GLN IA 815 51.72 -83.75 64.30
N ASN IA 816 51.95 -83.80 62.98
CA ASN IA 816 52.88 -84.75 62.40
C ASN IA 816 53.95 -84.06 61.54
N TYR IA 817 54.14 -82.76 61.71
CA TYR IA 817 55.19 -82.02 61.01
C TYR IA 817 56.56 -82.41 61.56
N ARG IA 818 57.45 -82.84 60.69
CA ARG IA 818 58.85 -83.04 61.01
C ARG IA 818 59.68 -82.15 60.09
N PRO IA 819 60.49 -81.24 60.61
CA PRO IA 819 61.26 -80.34 59.75
C PRO IA 819 62.33 -81.07 58.97
N CYS IA 820 62.66 -80.52 57.80
CA CYS IA 820 63.70 -81.06 56.94
C CYS IA 820 65.08 -80.47 57.23
N PHE IA 821 65.15 -79.28 57.83
CA PHE IA 821 66.43 -78.67 58.23
C PHE IA 821 66.90 -79.34 59.52
N SER IA 822 67.17 -80.64 59.41
CA SER IA 822 67.23 -81.51 60.57
C SER IA 822 68.62 -82.07 60.84
N TYR IA 823 69.21 -82.78 59.87
CA TYR IA 823 70.54 -83.39 59.95
C TYR IA 823 70.59 -84.54 60.97
N ALA IA 824 69.53 -84.73 61.74
CA ALA IA 824 69.53 -85.76 62.77
C ALA IA 824 68.22 -86.51 62.95
N ILE IA 825 67.15 -86.15 62.23
CA ILE IA 825 65.84 -86.69 62.59
C ILE IA 825 65.43 -87.87 61.71
N GLY IA 826 65.18 -87.62 60.43
CA GLY IA 826 64.58 -88.68 59.64
C GLY IA 826 65.48 -89.55 58.78
N LYS IA 827 66.19 -88.93 57.83
CA LYS IA 827 66.91 -89.68 56.80
C LYS IA 827 67.74 -88.74 55.94
N PRO IA 828 68.94 -89.12 55.52
CA PRO IA 828 69.63 -88.43 54.42
C PRO IA 828 69.29 -89.05 53.07
N GLY IA 829 68.03 -88.93 52.66
CA GLY IA 829 67.56 -89.56 51.45
C GLY IA 829 68.05 -88.86 50.20
N ASP IA 830 67.64 -89.43 49.06
CA ASP IA 830 68.07 -88.91 47.76
C ASP IA 830 67.46 -87.54 47.47
N LEU IA 831 68.12 -86.81 46.57
CA LEU IA 831 67.78 -85.41 46.34
C LEU IA 831 67.28 -85.18 44.92
N GLY IA 832 66.20 -84.41 44.81
CA GLY IA 832 65.63 -84.03 43.53
C GLY IA 832 64.12 -84.04 43.48
N GLN IA 833 63.49 -84.57 44.52
CA GLN IA 833 62.05 -84.75 44.53
C GLN IA 833 61.34 -83.40 44.72
N PRO IA 834 60.09 -83.29 44.26
CA PRO IA 834 59.33 -82.06 44.48
C PRO IA 834 59.13 -81.75 45.96
N TYR IA 835 59.16 -80.46 46.27
CA TYR IA 835 59.14 -79.96 47.64
C TYR IA 835 57.82 -79.22 47.88
N GLU IA 836 57.04 -79.68 48.85
CA GLU IA 836 55.80 -79.01 49.23
C GLU IA 836 55.80 -78.85 50.75
N ILE IA 837 56.49 -77.81 51.22
CA ILE IA 837 56.28 -77.22 52.54
C ILE IA 837 56.15 -75.72 52.28
N LEU IA 838 55.57 -75.38 51.13
CA LEU IA 838 55.58 -74.01 50.61
C LEU IA 838 55.06 -73.00 51.62
N ASN IA 839 55.59 -71.78 51.53
CA ASN IA 839 55.31 -70.75 52.52
C ASN IA 839 55.83 -69.42 52.00
N TYR IA 840 55.66 -68.37 52.81
CA TYR IA 840 56.36 -67.12 52.55
C TYR IA 840 57.82 -67.26 52.93
N SER IA 841 58.63 -66.32 52.44
CA SER IA 841 60.09 -66.40 52.40
C SER IA 841 60.53 -67.60 51.56
N ASN IA 842 59.64 -68.06 50.69
CA ASN IA 842 59.89 -69.08 49.69
C ASN IA 842 59.19 -68.70 48.40
N LYS IA 843 59.74 -69.16 47.29
CA LYS IA 843 59.24 -68.81 45.97
C LYS IA 843 58.23 -69.81 45.43
N ASN IA 844 57.88 -70.83 46.21
CA ASN IA 844 57.19 -72.02 45.70
C ASN IA 844 55.79 -71.67 45.19
N HIS IA 845 55.58 -71.87 43.90
CA HIS IA 845 54.29 -71.77 43.25
C HIS IA 845 53.83 -73.16 42.82
N ILE IA 846 52.56 -73.24 42.40
CA ILE IA 846 51.97 -74.50 41.94
C ILE IA 846 52.18 -74.67 40.44
N LYS IA 847 51.97 -75.89 39.94
CA LYS IA 847 52.02 -76.15 38.51
C LYS IA 847 51.11 -77.31 38.18
N TRP IA 848 50.58 -77.30 36.97
CA TRP IA 848 49.69 -78.32 36.46
C TRP IA 848 50.23 -78.77 35.11
N PRO IA 849 49.89 -80.00 34.68
CA PRO IA 849 50.37 -80.48 33.38
C PRO IA 849 49.94 -79.57 32.24
N MET IA 850 50.84 -79.43 31.27
CA MET IA 850 50.68 -78.46 30.20
C MET IA 850 49.57 -78.84 29.22
N THR IA 851 49.29 -80.14 29.08
CA THR IA 851 48.44 -80.59 27.98
C THR IA 851 46.96 -80.43 28.31
N TYR IA 852 46.47 -81.17 29.30
CA TYR IA 852 45.03 -81.27 29.50
C TYR IA 852 44.51 -80.14 30.40
N ALA IA 853 43.28 -79.74 30.14
CA ALA IA 853 42.57 -78.76 30.95
C ALA IA 853 41.87 -79.47 32.10
N GLY IA 854 42.07 -78.94 33.30
CA GLY IA 854 41.54 -79.60 34.47
C GLY IA 854 41.02 -78.63 35.51
N MET IA 855 40.53 -79.20 36.59
CA MET IA 855 39.95 -78.47 37.69
C MET IA 855 40.49 -79.04 38.99
N TYR IA 856 40.84 -78.15 39.93
CA TYR IA 856 41.45 -78.60 41.18
C TYR IA 856 40.90 -77.74 42.32
N VAL IA 857 40.11 -78.36 43.19
CA VAL IA 857 39.70 -77.69 44.42
C VAL IA 857 40.72 -78.07 45.50
N TYR IA 858 41.52 -77.09 45.92
CA TYR IA 858 42.51 -77.31 46.96
C TYR IA 858 42.08 -76.64 48.26
N ARG IA 859 42.38 -77.32 49.36
CA ARG IA 859 42.23 -76.76 50.70
C ARG IA 859 43.62 -76.46 51.25
N LEU IA 860 43.85 -75.20 51.57
CA LEU IA 860 45.10 -74.78 52.19
C LEU IA 860 45.01 -74.97 53.69
N LYS IA 861 45.99 -75.68 54.27
CA LYS IA 861 46.02 -75.95 55.69
C LYS IA 861 47.39 -75.56 56.25
N ILE IA 862 47.39 -74.95 57.43
CA ILE IA 862 48.62 -74.49 58.08
C ILE IA 862 49.26 -75.66 58.80
N LEU IA 863 50.56 -75.86 58.55
CA LEU IA 863 51.32 -76.97 59.12
C LEU IA 863 52.18 -76.56 60.31
N ASP IA 864 52.21 -75.28 60.66
CA ASP IA 864 53.05 -74.81 61.75
C ASP IA 864 52.53 -75.32 63.08
N PRO IA 865 53.33 -76.02 63.88
CA PRO IA 865 52.82 -76.65 65.11
C PRO IA 865 52.55 -75.68 66.25
N ASN IA 866 53.06 -74.46 66.20
CA ASN IA 866 52.88 -73.49 67.28
C ASN IA 866 52.50 -72.14 66.72
N TYR IA 867 51.60 -72.12 65.74
CA TYR IA 867 51.11 -70.87 65.16
C TYR IA 867 49.85 -70.38 65.84
N SER IA 868 48.81 -71.21 65.89
CA SER IA 868 47.53 -70.84 66.47
C SER IA 868 46.96 -72.03 67.22
N PHE IA 869 45.90 -71.77 67.99
CA PHE IA 869 45.31 -72.77 68.88
C PHE IA 869 44.21 -73.60 68.22
N CYS IA 870 43.85 -73.30 66.97
CA CYS IA 870 42.85 -74.08 66.26
C CYS IA 870 43.34 -74.43 64.86
N ASN IA 871 42.56 -75.24 64.17
CA ASN IA 871 42.87 -75.64 62.80
C ASN IA 871 42.42 -74.54 61.85
N LEU IA 872 43.33 -74.11 60.97
CA LEU IA 872 43.05 -73.07 59.99
C LEU IA 872 43.11 -73.70 58.61
N THR IA 873 41.95 -73.81 57.95
CA THR IA 873 41.88 -74.40 56.63
C THR IA 873 40.95 -73.56 55.76
N THR IA 874 41.37 -73.33 54.52
CA THR IA 874 40.59 -72.51 53.60
C THR IA 874 40.44 -73.25 52.27
N ILE IA 875 39.47 -72.80 51.47
CA ILE IA 875 39.08 -73.46 50.23
C ILE IA 875 39.37 -72.54 49.05
N PHE IA 876 39.78 -73.12 47.92
CA PHE IA 876 39.83 -72.39 46.66
C PHE IA 876 39.94 -73.37 45.50
N ALA IA 877 39.28 -73.06 44.39
CA ALA IA 877 39.24 -73.93 43.23
C ALA IA 877 39.80 -73.22 42.01
N ILE IA 878 40.68 -73.90 41.30
CA ILE IA 878 41.36 -73.34 40.13
C ILE IA 878 40.93 -74.10 38.88
N GLU IA 879 40.63 -73.35 37.82
CA GLU IA 879 40.30 -73.89 36.49
C GLU IA 879 41.26 -73.23 35.51
N SER IA 880 42.28 -73.99 35.10
CA SER IA 880 43.27 -73.49 34.16
C SER IA 880 42.98 -74.00 32.75
N LEU IA 881 43.00 -73.10 31.78
CA LEU IA 881 42.74 -73.48 30.40
C LEU IA 881 43.86 -74.38 29.87
N GLY IA 882 43.50 -75.36 29.06
CA GLY IA 882 44.43 -76.36 28.57
C GLY IA 882 44.64 -76.31 27.07
N MET IA 883 45.62 -77.09 26.62
CA MET IA 883 46.12 -77.14 25.23
C MET IA 883 45.91 -78.52 24.60
N ILE IA 884 44.69 -79.06 24.73
CA ILE IA 884 44.25 -80.11 23.82
C ILE IA 884 43.40 -79.49 22.71
N PRO IA 885 43.93 -79.37 21.49
CA PRO IA 885 43.07 -78.99 20.37
C PRO IA 885 42.49 -80.23 19.71
N ARG IA 886 41.75 -80.05 18.63
CA ARG IA 886 41.25 -81.18 17.87
C ARG IA 886 42.40 -81.88 17.16
N SER IA 887 42.33 -83.21 17.09
CA SER IA 887 43.40 -83.97 16.45
C SER IA 887 43.47 -83.69 14.95
N SER IA 888 42.31 -83.63 14.29
CA SER IA 888 42.20 -83.34 12.85
C SER IA 888 42.95 -84.35 12.00
N VAL IA 889 43.21 -85.54 12.55
CA VAL IA 889 43.99 -86.55 11.84
C VAL IA 889 43.23 -87.06 10.62
N TYR IA 890 41.93 -87.30 10.75
CA TYR IA 890 41.15 -87.69 9.58
C TYR IA 890 40.90 -86.51 8.65
N LEU IA 891 40.80 -85.30 9.20
CA LEU IA 891 40.66 -84.11 8.37
C LEU IA 891 41.84 -83.93 7.43
N VAL IA 892 43.05 -84.22 7.92
CA VAL IA 892 44.20 -84.17 7.03
C VAL IA 892 44.38 -85.48 6.28
N ALA IA 893 43.83 -86.59 6.78
CA ALA IA 893 43.84 -87.84 6.03
C ALA IA 893 43.04 -87.74 4.76
N ALA IA 894 42.01 -86.90 4.75
CA ALA IA 894 41.31 -86.58 3.51
C ALA IA 894 42.25 -85.96 2.49
N LEU IA 895 43.11 -85.04 2.95
CA LEU IA 895 44.08 -84.43 2.05
C LEU IA 895 45.13 -85.45 1.58
N ILE IA 896 45.57 -86.35 2.48
CA ILE IA 896 46.48 -87.40 2.04
C ILE IA 896 45.81 -88.27 0.96
N PHE IA 897 44.54 -88.62 1.13
CA PHE IA 897 43.91 -89.45 0.11
C PHE IA 897 43.70 -88.69 -1.20
N VAL IA 898 43.40 -87.38 -1.11
CA VAL IA 898 43.21 -86.58 -2.31
C VAL IA 898 44.52 -86.49 -3.10
N LEU IA 899 45.64 -86.25 -2.40
CA LEU IA 899 46.94 -86.21 -3.06
C LEU IA 899 47.31 -87.57 -3.64
N MET IA 900 46.99 -88.65 -2.91
CA MET IA 900 47.19 -90.00 -3.41
C MET IA 900 46.46 -90.23 -4.73
N LEU IA 901 45.17 -89.86 -4.77
CA LEU IA 901 44.36 -90.11 -5.95
C LEU IA 901 44.80 -89.24 -7.12
N THR IA 902 45.19 -87.99 -6.86
CA THR IA 902 45.69 -87.14 -7.93
C THR IA 902 47.00 -87.69 -8.50
N PHE IA 903 47.90 -88.16 -7.62
CA PHE IA 903 49.15 -88.75 -8.11
C PHE IA 903 48.89 -90.02 -8.90
N ILE IA 904 47.93 -90.85 -8.45
CA ILE IA 904 47.59 -92.07 -9.17
C ILE IA 904 46.99 -91.74 -10.53
N SER IA 905 46.13 -90.71 -10.59
CA SER IA 905 45.55 -90.30 -11.87
C SER IA 905 46.60 -89.76 -12.82
N ILE IA 906 47.57 -89.00 -12.30
CA ILE IA 906 48.67 -88.50 -13.14
C ILE IA 906 49.51 -89.67 -13.65
N LEU IA 907 49.78 -90.65 -12.80
CA LEU IA 907 50.52 -91.83 -13.21
C LEU IA 907 49.76 -92.61 -14.28
N VAL IA 908 48.43 -92.71 -14.15
CA VAL IA 908 47.63 -93.41 -15.14
C VAL IA 908 47.63 -92.66 -16.47
N LEU IA 909 47.56 -91.32 -16.42
CA LEU IA 909 47.64 -90.53 -17.64
C LEU IA 909 48.99 -90.71 -18.34
N SER IA 910 50.08 -90.69 -17.57
CA SER IA 910 51.40 -90.93 -18.15
C SER IA 910 51.53 -92.35 -18.68
N TYR IA 911 50.89 -93.32 -18.01
CA TYR IA 911 50.87 -94.70 -18.47
C TYR IA 911 50.19 -94.81 -19.83
N PHE IA 912 49.02 -94.18 -19.97
CA PHE IA 912 48.31 -94.22 -21.25
C PHE IA 912 49.09 -93.48 -22.34
N TRP IA 913 49.73 -92.36 -21.98
CA TRP IA 913 50.54 -91.63 -22.95
C TRP IA 913 51.72 -92.48 -23.44
N TYR IA 914 52.36 -93.22 -22.52
CA TYR IA 914 53.49 -94.04 -22.93
C TYR IA 914 53.03 -95.29 -23.69
N LEU IA 915 51.84 -95.81 -23.40
CA LEU IA 915 51.29 -96.86 -24.26
C LEU IA 915 50.92 -96.32 -25.63
N LYS IA 916 50.65 -95.02 -25.75
CA LYS IA 916 50.46 -94.46 -27.08
C LYS IA 916 51.78 -94.24 -27.81
N ILE IA 917 52.84 -93.86 -27.09
CA ILE IA 917 54.07 -93.43 -27.74
C ILE IA 917 55.20 -94.45 -27.60
N TYR IA 918 54.91 -95.69 -27.19
CA TYR IA 918 55.97 -96.69 -27.06
C TYR IA 918 56.10 -97.58 -28.28
N ARG IA 919 55.15 -97.52 -29.22
CA ARG IA 919 55.24 -98.30 -30.45
C ARG IA 919 56.27 -97.74 -31.43
N GLN IA 920 56.58 -96.44 -31.33
CA GLN IA 920 57.57 -95.83 -32.21
C GLN IA 920 58.95 -96.44 -32.02
N PHE IA 921 59.35 -96.71 -30.78
CA PHE IA 921 60.63 -97.35 -30.51
C PHE IA 921 60.60 -98.82 -30.88
N MET JA 1 76.01 -114.24 -59.21
CA MET JA 1 77.10 -113.92 -58.30
C MET JA 1 77.19 -114.95 -57.18
N LYS JA 2 78.40 -115.10 -56.62
CA LYS JA 2 78.63 -116.05 -55.53
C LYS JA 2 78.38 -115.37 -54.19
N LEU JA 3 77.09 -115.08 -53.96
CA LEU JA 3 76.60 -114.45 -52.74
C LEU JA 3 77.30 -113.10 -52.49
N THR JA 4 77.16 -112.22 -53.50
CA THR JA 4 77.63 -110.83 -53.55
C THR JA 4 79.15 -110.71 -53.59
N PRO JA 5 79.67 -109.72 -54.32
CA PRO JA 5 81.11 -109.56 -54.45
C PRO JA 5 81.77 -109.09 -53.16
N GLY JA 6 81.02 -108.35 -52.34
CA GLY JA 6 81.55 -107.93 -51.05
C GLY JA 6 81.81 -109.12 -50.12
N CYS JA 7 80.85 -110.04 -50.03
CA CYS JA 7 81.07 -111.25 -49.23
C CYS JA 7 82.10 -112.16 -49.89
N PHE JA 8 82.18 -112.17 -51.23
CA PHE JA 8 83.24 -112.93 -51.88
C PHE JA 8 84.62 -112.40 -51.52
N LEU JA 9 84.79 -111.08 -51.50
CA LEU JA 9 86.06 -110.48 -51.12
C LEU JA 9 86.34 -110.69 -49.63
N TRP JA 10 85.30 -110.68 -48.80
CA TRP JA 10 85.48 -110.99 -47.38
C TRP JA 10 85.96 -112.43 -47.19
N TYR JA 11 85.38 -113.36 -47.93
CA TYR JA 11 85.83 -114.75 -47.87
C TYR JA 11 87.25 -114.90 -48.37
N LEU JA 12 87.62 -114.16 -49.43
CA LEU JA 12 88.99 -114.19 -49.92
C LEU JA 12 89.97 -113.65 -48.88
N TYR JA 13 89.59 -112.57 -48.19
CA TYR JA 13 90.44 -112.02 -47.14
C TYR JA 13 90.56 -112.99 -45.97
N MET JA 14 89.46 -113.66 -45.61
CA MET JA 14 89.52 -114.66 -44.54
C MET JA 14 90.41 -115.83 -44.92
N ASP JA 15 90.35 -116.26 -46.19
CA ASP JA 15 91.22 -117.34 -46.64
C ASP JA 15 92.68 -116.90 -46.69
N LYS JA 16 92.95 -115.64 -47.01
CA LYS JA 16 94.32 -115.13 -46.99
C LYS JA 16 94.85 -114.93 -45.58
N ILE JA 17 93.97 -114.67 -44.61
CA ILE JA 17 94.41 -114.44 -43.23
C ILE JA 17 94.31 -115.68 -42.35
N TYR JA 18 93.73 -116.78 -42.84
CA TYR JA 18 93.61 -118.00 -42.07
C TYR JA 18 94.20 -119.17 -42.84
N CYS JA 19 94.73 -120.14 -42.09
CA CYS JA 19 95.32 -121.32 -42.72
C CYS JA 19 94.26 -122.17 -43.42
N LEU JA 20 93.09 -122.33 -42.80
CA LEU JA 20 92.01 -123.13 -43.36
C LEU JA 20 90.82 -122.23 -43.66
N LEU JA 21 90.32 -122.30 -44.89
CA LEU JA 21 89.16 -121.53 -45.32
C LEU JA 21 87.86 -122.29 -45.17
N SER JA 22 87.90 -123.51 -44.62
CA SER JA 22 86.74 -124.37 -44.39
C SER JA 22 85.99 -124.67 -45.69
N LEU JA 23 84.76 -125.15 -45.56
CA LEU JA 23 83.93 -125.49 -46.72
C LEU JA 23 82.52 -124.97 -46.48
N ARG JA 24 82.12 -123.97 -47.26
CA ARG JA 24 80.80 -123.35 -47.20
C ARG JA 24 80.50 -122.81 -45.80
N ASN JA 25 81.52 -122.23 -45.15
CA ASN JA 25 81.31 -121.63 -43.84
C ASN JA 25 80.41 -120.40 -43.94
N VAL JA 26 80.63 -119.57 -44.97
CA VAL JA 26 79.78 -118.39 -45.17
C VAL JA 26 78.37 -118.82 -45.54
N LYS JA 27 78.24 -119.89 -46.33
CA LYS JA 27 76.91 -120.40 -46.67
C LYS JA 27 76.18 -120.92 -45.43
N ALA JA 28 76.89 -121.62 -44.54
CA ALA JA 28 76.28 -122.10 -43.31
C ALA JA 28 75.88 -120.94 -42.40
N LEU JA 29 76.72 -119.91 -42.33
CA LEU JA 29 76.38 -118.74 -41.54
C LEU JA 29 75.15 -118.03 -42.10
N MET JA 30 75.07 -117.92 -43.42
CA MET JA 30 73.90 -117.30 -44.04
C MET JA 30 72.64 -118.13 -43.81
N VAL JA 31 72.76 -119.46 -43.87
CA VAL JA 31 71.61 -120.33 -43.61
C VAL JA 31 71.15 -120.19 -42.17
N TYR JA 32 72.09 -120.14 -41.22
CA TYR JA 32 71.73 -119.97 -39.81
C TYR JA 32 71.08 -118.61 -39.57
N PHE JA 33 71.61 -117.55 -40.21
CA PHE JA 33 71.02 -116.24 -40.07
C PHE JA 33 69.62 -116.18 -40.66
N HIS JA 34 69.41 -116.85 -41.80
CA HIS JA 34 68.08 -116.89 -42.41
C HIS JA 34 67.11 -117.67 -41.53
N LEU JA 35 67.58 -118.76 -40.91
CA LEU JA 35 66.73 -119.53 -40.01
C LEU JA 35 66.36 -118.71 -38.77
N LEU JA 36 67.32 -117.93 -38.25
CA LEU JA 36 67.03 -117.08 -37.09
C LEU JA 36 66.07 -115.96 -37.45
N ASP JA 37 66.31 -115.27 -38.56
CA ASP JA 37 65.46 -114.16 -38.98
C ASP JA 37 64.16 -114.69 -39.55
N VAL JA 38 63.09 -114.66 -38.75
CA VAL JA 38 61.81 -115.20 -39.18
C VAL JA 38 61.20 -114.35 -40.28
N HIS JA 39 61.21 -113.03 -40.10
CA HIS JA 39 60.60 -112.12 -41.08
C HIS JA 39 61.44 -111.96 -42.34
N HIS JA 40 62.70 -112.39 -42.32
CA HIS JA 40 63.63 -112.26 -43.46
C HIS JA 40 63.76 -110.80 -43.90
N ARG JA 41 63.78 -109.89 -42.94
CA ARG JA 41 63.91 -108.46 -43.20
C ARG JA 41 65.34 -107.97 -43.00
N ASN JA 42 66.33 -108.84 -43.24
CA ASN JA 42 67.76 -108.54 -43.11
C ASN JA 42 68.11 -108.05 -41.71
N THR JA 43 67.38 -108.51 -40.69
CA THR JA 43 67.63 -108.13 -39.32
C THR JA 43 67.10 -109.23 -38.40
N LEU JA 44 67.66 -109.27 -37.20
CA LEU JA 44 67.28 -110.26 -36.20
C LEU JA 44 67.05 -109.57 -34.86
N ASN JA 45 66.06 -110.05 -34.12
CA ASN JA 45 65.73 -109.47 -32.83
C ASN JA 45 66.74 -109.90 -31.77
N ASP JA 46 66.74 -109.16 -30.66
CA ASP JA 46 67.62 -109.48 -29.55
C ASP JA 46 67.29 -110.83 -28.93
N VAL JA 47 65.99 -111.17 -28.83
CA VAL JA 47 65.59 -112.46 -28.30
C VAL JA 47 66.07 -113.59 -29.22
N LEU JA 48 65.93 -113.41 -30.53
CA LEU JA 48 66.40 -114.42 -31.48
C LEU JA 48 67.92 -114.57 -31.42
N PHE JA 49 68.64 -113.46 -31.30
CA PHE JA 49 70.09 -113.52 -31.18
C PHE JA 49 70.52 -114.23 -29.90
N PHE JA 50 69.85 -113.94 -28.78
CA PHE JA 50 70.16 -114.61 -27.53
C PHE JA 50 69.85 -116.10 -27.61
N HIS JA 51 68.74 -116.47 -28.25
CA HIS JA 51 68.39 -117.87 -28.42
C HIS JA 51 69.41 -118.60 -29.27
N PHE JA 52 69.87 -117.96 -30.36
CA PHE JA 52 70.89 -118.58 -31.20
C PHE JA 52 72.21 -118.74 -30.46
N LEU JA 53 72.58 -117.73 -29.66
CA LEU JA 53 73.81 -117.81 -28.88
C LEU JA 53 73.73 -118.91 -27.83
N GLN JA 54 72.59 -119.04 -27.16
CA GLN JA 54 72.43 -120.10 -26.16
C GLN JA 54 72.38 -121.48 -26.81
N HIS JA 55 71.85 -121.58 -28.02
CA HIS JA 55 71.79 -122.86 -28.71
C HIS JA 55 73.15 -123.28 -29.26
N VAL JA 56 73.96 -122.33 -29.72
CA VAL JA 56 75.23 -122.68 -30.35
C VAL JA 56 76.38 -122.64 -29.35
N THR JA 57 76.65 -121.47 -28.77
CA THR JA 57 77.80 -121.30 -27.90
C THR JA 57 77.46 -121.50 -26.42
N ASN JA 58 76.17 -121.61 -26.07
CA ASN JA 58 75.70 -121.78 -24.69
C ASN JA 58 76.22 -120.66 -23.79
N LEU JA 59 76.23 -119.44 -24.31
CA LEU JA 59 76.72 -118.29 -23.54
C LEU JA 59 75.66 -117.81 -22.56
N ASN JA 60 76.12 -117.03 -21.57
CA ASN JA 60 75.22 -116.47 -20.58
C ASN JA 60 74.35 -115.37 -21.21
N LYS JA 61 73.22 -115.11 -20.55
CA LYS JA 61 72.29 -114.09 -21.05
C LYS JA 61 72.91 -112.70 -21.01
N SER JA 62 73.62 -112.37 -19.92
CA SER JA 62 74.26 -111.06 -19.82
C SER JA 62 75.37 -110.91 -20.85
N GLN JA 63 76.16 -111.97 -21.05
CA GLN JA 63 77.22 -111.92 -22.06
C GLN JA 63 76.64 -111.78 -23.47
N ILE JA 64 75.54 -112.49 -23.75
CA ILE JA 64 74.90 -112.38 -25.05
C ILE JA 64 74.35 -110.97 -25.27
N GLY JA 65 73.75 -110.38 -24.23
CA GLY JA 65 73.25 -109.02 -24.35
C GLY JA 65 74.35 -108.01 -24.55
N MET JA 66 75.47 -108.17 -23.84
CA MET JA 66 76.62 -107.29 -24.04
C MET JA 66 77.21 -107.43 -25.43
N ILE JA 67 77.29 -108.66 -25.93
CA ILE JA 67 77.81 -108.90 -27.29
C ILE JA 67 76.88 -108.27 -28.32
N PHE JA 68 75.56 -108.41 -28.13
CA PHE JA 68 74.62 -107.80 -29.06
C PHE JA 68 74.71 -106.27 -29.03
N ASP JA 69 74.86 -105.69 -27.83
CA ASP JA 69 75.00 -104.24 -27.73
C ASP JA 69 76.28 -103.76 -28.38
N LEU JA 70 77.37 -104.52 -28.24
CA LEU JA 70 78.62 -104.14 -28.89
C LEU JA 70 78.55 -104.29 -30.39
N LEU JA 71 77.83 -105.31 -30.87
CA LEU JA 71 77.73 -105.53 -32.31
C LEU JA 71 76.83 -104.52 -32.99
N ASP JA 72 75.70 -104.18 -32.37
CA ASP JA 72 74.75 -103.25 -32.96
C ASP JA 72 75.22 -101.82 -32.69
N TRP JA 73 76.04 -101.31 -33.61
CA TRP JA 73 76.51 -99.92 -33.48
C TRP JA 73 75.42 -98.92 -33.82
N THR JA 74 74.43 -99.33 -34.62
CA THR JA 74 73.35 -98.43 -35.00
C THR JA 74 72.39 -98.16 -33.86
N ALA JA 75 72.35 -99.04 -32.85
CA ALA JA 75 71.46 -98.92 -31.69
C ALA JA 75 70.00 -98.80 -32.11
N VAL JA 76 69.59 -99.63 -33.07
CA VAL JA 76 68.22 -99.64 -33.57
C VAL JA 76 67.41 -100.78 -32.97
N GLY JA 77 67.97 -101.51 -32.01
CA GLY JA 77 67.26 -102.62 -31.40
C GLY JA 77 67.31 -103.92 -32.16
N GLU JA 78 68.02 -103.99 -33.29
CA GLU JA 78 68.11 -105.20 -34.09
C GLU JA 78 69.54 -105.36 -34.57
N ILE JA 79 69.89 -106.60 -34.92
CA ILE JA 79 71.23 -106.96 -35.38
C ILE JA 79 71.14 -107.36 -36.84
N GLY JA 80 72.01 -106.80 -37.67
CA GLY JA 80 72.01 -107.13 -39.08
C GLY JA 80 72.65 -108.48 -39.35
N PHE JA 81 72.36 -109.00 -40.55
CA PHE JA 81 72.93 -110.28 -40.97
C PHE JA 81 74.44 -110.19 -41.15
N ASP JA 82 74.93 -109.08 -41.70
CA ASP JA 82 76.36 -108.88 -41.84
C ASP JA 82 77.04 -108.79 -40.47
N GLN JA 83 76.40 -108.11 -39.52
CA GLN JA 83 76.95 -108.05 -38.16
C GLN JA 83 76.96 -109.42 -37.51
N PHE JA 84 75.92 -110.22 -37.73
CA PHE JA 84 75.89 -111.57 -37.19
C PHE JA 84 76.98 -112.44 -37.78
N TYR JA 85 77.21 -112.31 -39.10
CA TYR JA 85 78.29 -113.05 -39.74
C TYR JA 85 79.65 -112.61 -39.22
N VAL JA 86 79.82 -111.31 -38.99
CA VAL JA 86 81.07 -110.79 -38.44
C VAL JA 86 81.30 -111.32 -37.03
N LEU JA 87 80.23 -111.38 -36.22
CA LEU JA 87 80.36 -111.93 -34.87
C LEU JA 87 80.69 -113.42 -34.91
N ILE JA 88 80.09 -114.15 -35.85
CA ILE JA 88 80.39 -115.58 -35.99
C ILE JA 88 81.83 -115.79 -36.39
N CYS JA 89 82.34 -114.95 -37.31
CA CYS JA 89 83.75 -115.05 -37.71
C CYS JA 89 84.68 -114.64 -36.58
N ILE JA 90 84.27 -113.68 -35.75
CA ILE JA 90 85.09 -113.28 -34.61
C ILE JA 90 85.15 -114.39 -33.57
N LEU JA 91 84.04 -115.10 -33.38
CA LEU JA 91 84.05 -116.24 -32.46
C LEU JA 91 84.89 -117.38 -33.01
N LEU JA 92 84.45 -117.94 -34.15
CA LEU JA 92 85.21 -118.94 -34.91
C LEU JA 92 85.64 -120.14 -34.05
N ALA JA 93 84.68 -120.68 -33.29
CA ALA JA 93 84.89 -121.81 -32.38
C ALA JA 93 85.99 -121.48 -31.37
N HIS JA 94 85.67 -120.51 -30.50
CA HIS JA 94 86.65 -119.90 -29.59
C HIS JA 94 87.21 -120.88 -28.56
N GLN JA 95 86.61 -122.05 -28.39
CA GLN JA 95 87.14 -123.04 -27.45
C GLN JA 95 88.45 -123.65 -27.92
N ASP JA 96 88.77 -123.54 -29.22
CA ASP JA 96 90.00 -124.12 -29.74
C ASP JA 96 91.22 -123.29 -29.31
N HIS JA 97 92.38 -123.94 -29.28
CA HIS JA 97 93.61 -123.26 -28.91
C HIS JA 97 94.06 -122.28 -29.98
N LEU JA 98 93.92 -122.66 -31.25
CA LEU JA 98 94.29 -121.76 -32.34
C LEU JA 98 93.32 -120.59 -32.48
N GLU JA 99 92.13 -120.70 -31.89
CA GLU JA 99 91.18 -119.59 -31.94
C GLU JA 99 91.70 -118.38 -31.15
N ASP JA 100 92.49 -118.61 -30.10
CA ASP JA 100 93.10 -117.49 -29.39
C ASP JA 100 94.08 -116.73 -30.28
N HIS JA 101 94.90 -117.45 -31.04
CA HIS JA 101 95.81 -116.80 -31.98
C HIS JA 101 95.05 -116.11 -33.11
N PHE JA 102 93.95 -116.72 -33.56
CA PHE JA 102 93.12 -116.09 -34.59
C PHE JA 102 92.50 -114.79 -34.08
N MET JA 103 92.04 -114.78 -32.82
CA MET JA 103 91.49 -113.55 -32.24
C MET JA 103 92.57 -112.51 -31.99
N TYR JA 104 93.79 -112.95 -31.64
CA TYR JA 104 94.90 -112.02 -31.51
C TYR JA 104 95.25 -111.37 -32.85
N ARG JA 105 95.18 -112.15 -33.93
CA ARG JA 105 95.32 -111.58 -35.27
C ARG JA 105 94.19 -110.63 -35.59
N HIS JA 106 92.97 -110.96 -35.14
CA HIS JA 106 91.77 -110.11 -35.22
C HIS JA 106 91.44 -109.87 -36.69
N SER JA 107 91.26 -108.64 -37.12
CA SER JA 107 90.83 -108.31 -38.48
C SER JA 107 91.83 -107.34 -39.11
N ARG JA 108 91.45 -106.79 -40.27
CA ARG JA 108 92.33 -105.86 -40.97
C ARG JA 108 92.63 -104.61 -40.16
N PRO JA 109 91.65 -103.91 -39.59
CA PRO JA 109 91.98 -102.76 -38.73
C PRO JA 109 92.48 -103.21 -37.37
N VAL JA 110 91.84 -104.24 -36.82
CA VAL JA 110 92.18 -104.86 -35.54
C VAL JA 110 92.24 -103.86 -34.40
N PHE JA 111 91.48 -102.78 -34.51
CA PHE JA 111 91.41 -101.80 -33.43
C PHE JA 111 89.98 -101.44 -33.02
N GLU JA 112 89.06 -101.35 -33.98
CA GLU JA 112 87.70 -100.92 -33.69
C GLU JA 112 86.88 -101.97 -32.96
N LEU JA 113 87.27 -103.24 -33.04
CA LEU JA 113 86.58 -104.27 -32.26
C LEU JA 113 86.80 -104.05 -30.76
N LEU JA 114 88.04 -103.76 -30.37
CA LEU JA 114 88.33 -103.47 -28.97
C LEU JA 114 87.84 -102.08 -28.59
N ASP JA 115 88.04 -101.08 -29.45
CA ASP JA 115 87.67 -99.70 -29.16
C ASP JA 115 86.19 -99.52 -29.47
N LEU JA 116 85.35 -99.73 -28.45
CA LEU JA 116 83.92 -99.54 -28.64
C LEU JA 116 83.54 -98.07 -28.72
N ASP JA 117 84.34 -97.20 -28.10
CA ASP JA 117 84.05 -95.77 -28.14
C ASP JA 117 84.26 -95.19 -29.54
N GLY JA 118 85.27 -95.69 -30.25
CA GLY JA 118 85.60 -95.17 -31.57
C GLY JA 118 86.48 -93.95 -31.59
N GLU JA 119 86.98 -93.50 -30.43
CA GLU JA 119 87.83 -92.33 -30.33
C GLU JA 119 89.32 -92.69 -30.25
N MET JA 120 89.71 -93.80 -30.88
CA MET JA 120 91.09 -94.27 -30.94
C MET JA 120 91.69 -94.46 -29.55
N ASN JA 121 90.87 -94.94 -28.62
CA ASN JA 121 91.32 -95.18 -27.25
C ASN JA 121 90.42 -96.23 -26.63
N ILE JA 122 91.02 -97.28 -26.05
CA ILE JA 122 90.30 -98.38 -25.43
C ILE JA 122 90.45 -98.24 -23.92
N GLY JA 123 89.32 -98.14 -23.22
CA GLY JA 123 89.32 -97.93 -21.79
C GLY JA 123 89.17 -99.21 -20.99
N ALA JA 124 89.00 -99.04 -19.68
CA ALA JA 124 88.82 -100.18 -18.79
C ALA JA 124 87.51 -100.91 -19.07
N ALA JA 125 86.46 -100.18 -19.46
CA ALA JA 125 85.21 -100.82 -19.83
C ALA JA 125 85.38 -101.69 -21.07
N ASN JA 126 86.11 -101.19 -22.07
CA ASN JA 126 86.38 -101.98 -23.27
C ASN JA 126 87.24 -103.20 -22.94
N PHE JA 127 88.22 -103.03 -22.04
CA PHE JA 127 89.05 -104.16 -21.63
C PHE JA 127 88.23 -105.21 -20.91
N GLN JA 128 87.31 -104.79 -20.03
CA GLN JA 128 86.44 -105.73 -19.33
C GLN JA 128 85.50 -106.43 -20.29
N ASN JA 129 84.98 -105.72 -21.29
CA ASN JA 129 84.13 -106.34 -22.30
C ASN JA 129 84.91 -107.38 -23.12
N TYR JA 130 86.16 -107.05 -23.46
CA TYR JA 130 86.99 -108.01 -24.19
C TYR JA 130 87.30 -109.24 -23.33
N ARG JA 131 87.57 -109.03 -22.04
CA ARG JA 131 87.85 -110.15 -21.15
C ARG JA 131 86.60 -110.99 -20.88
N PHE JA 132 85.42 -110.38 -21.01
CA PHE JA 132 84.18 -111.16 -20.91
C PHE JA 132 83.93 -111.94 -22.19
N LEU JA 133 84.25 -111.36 -23.34
CA LEU JA 133 84.05 -112.04 -24.62
C LEU JA 133 85.01 -113.21 -24.78
N PHE JA 134 86.29 -112.99 -24.53
CA PHE JA 134 87.31 -114.01 -24.62
C PHE JA 134 87.93 -114.24 -23.24
N ASN JA 135 88.05 -115.50 -22.84
CA ASN JA 135 88.48 -115.83 -21.48
C ASN JA 135 89.92 -115.41 -21.25
N ILE JA 136 90.13 -114.63 -20.19
CA ILE JA 136 91.47 -114.18 -19.80
C ILE JA 136 91.43 -113.85 -18.32
N LYS JA 137 92.56 -114.06 -17.65
CA LYS JA 137 92.64 -113.79 -16.22
C LYS JA 137 92.62 -112.28 -15.96
N LYS JA 138 92.04 -111.90 -14.81
CA LYS JA 138 91.99 -110.50 -14.43
C LYS JA 138 93.38 -109.93 -14.18
N GLN JA 139 94.23 -110.69 -13.49
CA GLN JA 139 95.60 -110.25 -13.24
C GLN JA 139 96.40 -110.14 -14.54
N GLU JA 140 96.21 -111.09 -15.46
CA GLU JA 140 96.88 -111.03 -16.74
C GLU JA 140 96.41 -109.83 -17.56
N LEU JA 141 95.11 -109.53 -17.52
CA LEU JA 141 94.59 -108.37 -18.22
C LEU JA 141 95.13 -107.08 -17.63
N ARG JA 142 95.22 -107.01 -16.30
CA ARG JA 142 95.77 -105.83 -15.64
C ARG JA 142 97.25 -105.65 -15.99
N ASP JA 143 98.01 -106.75 -16.03
CA ASP JA 143 99.42 -106.66 -16.41
C ASP JA 143 99.59 -106.22 -17.85
N LEU JA 144 98.74 -106.74 -18.75
CA LEU JA 144 98.79 -106.34 -20.15
C LEU JA 144 98.43 -104.86 -20.31
N PHE JA 145 97.42 -104.39 -19.57
CA PHE JA 145 97.06 -102.98 -19.62
C PHE JA 145 98.17 -102.10 -19.08
N HIS JA 146 98.82 -102.51 -18.00
CA HIS JA 146 99.93 -101.75 -17.45
C HIS JA 146 101.11 -101.70 -18.43
N ASP JA 147 101.38 -102.81 -19.11
CA ASP JA 147 102.45 -102.83 -20.11
C ASP JA 147 102.11 -101.94 -21.30
N PHE JA 148 100.84 -101.95 -21.72
CA PHE JA 148 100.44 -101.13 -22.86
C PHE JA 148 100.44 -99.65 -22.52
N ASP JA 149 100.08 -99.30 -21.28
CA ASP JA 149 100.02 -97.89 -20.86
C ASP JA 149 101.42 -97.41 -20.52
N ILE JA 150 102.18 -97.09 -21.58
CA ILE JA 150 103.52 -96.55 -21.39
C ILE JA 150 103.44 -95.13 -20.82
N THR JA 151 102.50 -94.32 -21.31
CA THR JA 151 102.36 -92.95 -20.84
C THR JA 151 101.77 -92.88 -19.43
N GLY JA 152 100.90 -93.81 -19.08
CA GLY JA 152 100.26 -93.81 -17.78
C GLY JA 152 98.92 -93.12 -17.73
N ASP JA 153 98.31 -92.84 -18.87
CA ASP JA 153 97.00 -92.19 -18.93
C ASP JA 153 95.86 -93.18 -19.17
N ARG JA 154 96.15 -94.49 -19.09
CA ARG JA 154 95.15 -95.55 -19.25
C ARG JA 154 94.43 -95.45 -20.59
N LEU JA 155 95.18 -95.15 -21.65
CA LEU JA 155 94.64 -95.06 -22.99
C LEU JA 155 95.52 -95.87 -23.94
N LEU JA 156 94.88 -96.60 -24.85
CA LEU JA 156 95.57 -97.42 -25.83
C LEU JA 156 95.42 -96.78 -27.22
N ASN JA 157 96.53 -96.31 -27.77
CA ASN JA 157 96.52 -95.74 -29.11
C ASN JA 157 96.46 -96.86 -30.15
N TYR JA 158 96.13 -96.47 -31.39
CA TYR JA 158 96.07 -97.45 -32.47
C TYR JA 158 97.45 -98.04 -32.77
N LYS JA 159 98.47 -97.20 -32.81
CA LYS JA 159 99.83 -97.69 -33.06
C LYS JA 159 100.31 -98.58 -31.92
N GLU JA 160 100.03 -98.20 -30.68
CA GLU JA 160 100.43 -99.01 -29.53
C GLU JA 160 99.71 -100.35 -29.54
N PHE JA 161 98.41 -100.35 -29.87
CA PHE JA 161 97.67 -101.61 -29.95
C PHE JA 161 98.19 -102.50 -31.06
N LYS JA 162 98.53 -101.91 -32.22
CA LYS JA 162 99.09 -102.69 -33.31
C LYS JA 162 100.44 -103.28 -32.95
N LEU JA 163 101.29 -102.50 -32.27
CA LEU JA 163 102.58 -103.00 -31.83
C LEU JA 163 102.43 -104.11 -30.80
N TYR JA 164 101.48 -103.96 -29.87
CA TYR JA 164 101.25 -105.01 -28.88
C TYR JA 164 100.73 -106.28 -29.53
N THR JA 165 99.84 -106.14 -30.51
CA THR JA 165 99.33 -107.32 -31.22
C THR JA 165 100.43 -108.00 -32.02
N ILE JA 166 101.31 -107.23 -32.66
CA ILE JA 166 102.42 -107.80 -33.40
C ILE JA 166 103.38 -108.53 -32.47
N PHE JA 167 103.68 -107.93 -31.31
CA PHE JA 167 104.56 -108.58 -30.34
C PHE JA 167 103.95 -109.86 -29.79
N CYS JA 168 102.64 -109.84 -29.51
CA CYS JA 168 101.96 -111.04 -29.03
C CYS JA 168 101.95 -112.14 -30.08
N THR JA 169 101.72 -111.78 -31.34
CA THR JA 169 101.74 -112.75 -32.42
C THR JA 169 103.13 -113.34 -32.60
N ASP JA 170 104.17 -112.50 -32.51
CA ASP JA 170 105.54 -113.00 -32.62
C ASP JA 170 105.89 -113.93 -31.47
N LYS JA 171 105.46 -113.59 -30.25
CA LYS JA 171 105.72 -114.44 -29.10
C LYS JA 171 104.98 -115.77 -29.21
N SER JA 172 103.75 -115.74 -29.71
CA SER JA 172 102.98 -116.98 -29.89
C SER JA 172 103.57 -117.85 -31.00
N ILE JA 173 104.05 -117.24 -32.09
CA ILE JA 173 104.63 -118.00 -33.17
C ILE JA 173 105.97 -118.60 -32.76
N ASP JA 174 106.79 -117.83 -32.05
CA ASP JA 174 108.10 -118.30 -31.61
C ASP JA 174 107.96 -119.30 -30.45
N MET KA 1 131.69 -37.23 -20.58
CA MET KA 1 132.92 -37.54 -19.84
C MET KA 1 133.48 -38.88 -20.29
N CYS KA 2 132.65 -39.66 -20.97
CA CYS KA 2 133.04 -41.01 -21.37
C CYS KA 2 134.05 -41.00 -22.51
N TRP KA 3 134.05 -39.93 -23.32
CA TRP KA 3 134.93 -39.88 -24.48
C TRP KA 3 136.10 -38.91 -24.26
N VAL KA 4 135.93 -37.92 -23.39
CA VAL KA 4 136.93 -36.87 -23.25
C VAL KA 4 138.20 -37.41 -22.59
N MET KA 5 138.06 -38.14 -21.49
CA MET KA 5 139.19 -38.66 -20.73
C MET KA 5 140.04 -39.73 -21.42
N PRO KA 6 139.48 -40.79 -22.03
CA PRO KA 6 140.32 -41.94 -22.45
C PRO KA 6 141.43 -41.61 -23.43
N PRO KA 7 141.28 -40.63 -24.34
CA PRO KA 7 142.47 -40.23 -25.10
C PRO KA 7 143.57 -39.64 -24.23
N SER KA 8 143.29 -38.59 -23.47
CA SER KA 8 144.25 -37.96 -22.55
C SER KA 8 145.54 -37.58 -23.26
N VAL KA 9 145.40 -36.61 -24.17
CA VAL KA 9 146.44 -36.21 -25.12
C VAL KA 9 147.76 -35.91 -24.41
N PHE KA 10 148.81 -36.61 -24.82
CA PHE KA 10 150.16 -36.49 -24.26
C PHE KA 10 150.09 -36.82 -22.76
N VAL KA 11 150.35 -35.89 -21.85
CA VAL KA 11 150.49 -36.24 -20.45
C VAL KA 11 149.06 -36.28 -19.89
N LEU KA 12 148.89 -36.83 -18.68
CA LEU KA 12 147.60 -37.05 -18.04
C LEU KA 12 147.30 -36.09 -16.90
N GLU KA 13 148.27 -35.84 -16.00
CA GLU KA 13 148.13 -35.08 -14.75
C GLU KA 13 147.23 -35.76 -13.73
N TYR KA 14 147.51 -35.54 -12.44
CA TYR KA 14 146.72 -36.15 -11.38
C TYR KA 14 146.90 -35.36 -10.09
N TYR KA 15 145.97 -35.56 -9.16
CA TYR KA 15 146.00 -34.91 -7.87
C TYR KA 15 145.45 -35.83 -6.79
N LEU KA 16 145.29 -35.31 -5.56
CA LEU KA 16 144.72 -36.08 -4.47
C LEU KA 16 143.59 -35.29 -3.82
N ASP KA 17 142.73 -36.01 -3.10
CA ASP KA 17 141.53 -35.45 -2.50
C ASP KA 17 141.68 -35.17 -1.01
N THR KA 18 142.91 -35.19 -0.48
CA THR KA 18 143.11 -34.84 0.93
C THR KA 18 142.81 -33.37 1.21
N LEU KA 19 142.84 -32.53 0.17
CA LEU KA 19 142.48 -31.12 0.33
C LEU KA 19 141.03 -30.99 0.77
N TRP KA 20 140.14 -31.79 0.20
CA TRP KA 20 138.73 -31.78 0.60
C TRP KA 20 138.57 -32.22 2.05
N LYS KA 21 139.29 -33.28 2.44
CA LYS KA 21 139.20 -33.77 3.83
C LYS KA 21 139.63 -32.72 4.83
N GLY KA 22 140.77 -32.06 4.57
CA GLY KA 22 141.23 -31.02 5.47
C GLY KA 22 140.36 -29.77 5.45
N THR KA 23 139.80 -29.43 4.29
CA THR KA 23 138.87 -28.30 4.22
C THR KA 23 137.62 -28.57 5.05
N MET KA 24 137.07 -29.78 4.94
CA MET KA 24 135.91 -30.13 5.76
C MET KA 24 136.28 -30.22 7.24
N LEU KA 25 137.51 -30.65 7.56
CA LEU KA 25 137.95 -30.65 8.95
C LEU KA 25 138.06 -29.23 9.49
N PHE KA 26 138.59 -28.30 8.70
CA PHE KA 26 138.67 -26.91 9.10
C PHE KA 26 137.29 -26.31 9.30
N ILE KA 27 136.35 -26.62 8.41
CA ILE KA 27 134.99 -26.12 8.54
C ILE KA 27 134.34 -26.67 9.81
N ILE KA 28 134.52 -27.97 10.07
CA ILE KA 28 133.93 -28.60 11.25
C ILE KA 28 134.51 -28.01 12.53
N CYS KA 29 135.83 -27.81 12.58
CA CYS KA 29 136.43 -27.25 13.79
C CYS KA 29 136.07 -25.78 13.97
N LEU KA 30 135.93 -25.03 12.87
CA LEU KA 30 135.47 -23.64 12.98
C LEU KA 30 134.04 -23.57 13.50
N VAL KA 31 133.19 -24.52 13.09
CA VAL KA 31 131.86 -24.62 13.67
C VAL KA 31 131.93 -24.95 15.15
N PHE KA 32 132.81 -25.89 15.52
CA PHE KA 32 132.96 -26.30 16.91
C PHE KA 32 133.48 -25.21 17.81
N ILE KA 33 134.26 -24.26 17.26
CA ILE KA 33 134.87 -23.22 18.09
C ILE KA 33 133.82 -22.33 18.71
N SER KA 34 132.86 -21.87 17.91
CA SER KA 34 131.90 -20.86 18.35
C SER KA 34 130.65 -21.53 18.91
N CYS KA 35 130.35 -21.27 20.19
CA CYS KA 35 129.11 -21.69 20.85
C CYS KA 35 128.94 -23.21 20.79
N ASN KA 36 129.88 -23.91 21.43
CA ASN KA 36 129.79 -25.36 21.56
C ASN KA 36 128.84 -25.71 22.71
N VAL KA 37 128.80 -26.98 23.09
CA VAL KA 37 127.93 -27.39 24.19
C VAL KA 37 128.50 -26.86 25.51
N LEU KA 38 127.60 -26.39 26.37
CA LEU KA 38 127.96 -25.84 27.67
C LEU KA 38 127.63 -26.89 28.72
N ARG KA 39 128.59 -27.78 28.98
CA ARG KA 39 128.39 -28.86 29.94
C ARG KA 39 129.44 -28.78 31.05
N GLU KA 40 129.64 -27.59 31.61
CA GLU KA 40 130.50 -27.43 32.78
C GLU KA 40 130.00 -28.23 33.98
N VAL KA 41 128.72 -28.62 33.98
CA VAL KA 41 128.19 -29.55 34.97
C VAL KA 41 128.81 -30.93 34.83
N LYS KA 42 129.44 -31.24 33.70
CA LYS KA 42 130.14 -32.50 33.52
C LYS KA 42 131.60 -32.41 33.92
N TYR KA 43 132.04 -31.25 34.43
CA TYR KA 43 133.31 -31.07 35.13
C TYR KA 43 134.50 -31.22 34.15
N GLN KA 44 134.23 -31.00 32.87
CA GLN KA 44 135.27 -31.11 31.85
C GLN KA 44 134.85 -30.23 30.68
N GLU KA 45 135.82 -29.90 29.83
CA GLU KA 45 135.61 -29.07 28.64
C GLU KA 45 136.11 -29.80 27.40
N THR KA 46 135.58 -29.41 26.24
CA THR KA 46 135.87 -30.04 24.96
C THR KA 46 136.40 -29.05 23.93
N TRP KA 47 137.42 -28.27 24.28
CA TRP KA 47 138.15 -27.56 23.24
C TRP KA 47 139.39 -28.32 22.79
N CYS KA 48 139.77 -29.38 23.49
CA CYS KA 48 140.97 -30.14 23.13
C CYS KA 48 140.71 -31.16 22.02
N PHE KA 49 139.50 -31.72 21.94
CA PHE KA 49 139.16 -32.48 20.74
C PHE KA 49 139.18 -31.61 19.49
N PRO KA 50 138.62 -30.38 19.46
CA PRO KA 50 138.89 -29.49 18.32
C PRO KA 50 140.34 -29.05 18.21
N ALA KA 51 141.13 -29.11 19.29
CA ALA KA 51 142.56 -28.85 19.14
C ALA KA 51 143.25 -29.95 18.35
N TYR KA 52 142.92 -31.21 18.63
CA TYR KA 52 143.40 -32.30 17.80
C TYR KA 52 142.84 -32.21 16.39
N GLY KA 53 141.62 -31.71 16.24
CA GLY KA 53 141.08 -31.47 14.92
C GLY KA 53 141.86 -30.41 14.16
N MET KA 54 142.28 -29.36 14.87
CA MET KA 54 143.13 -28.32 14.28
C MET KA 54 144.46 -28.91 13.83
N VAL KA 55 145.07 -29.74 14.67
CA VAL KA 55 146.35 -30.36 14.32
C VAL KA 55 146.19 -31.26 13.09
N ILE KA 56 145.13 -32.08 13.09
CA ILE KA 56 144.89 -33.00 11.98
C ILE KA 56 144.61 -32.23 10.69
N GLY KA 57 143.78 -31.19 10.76
CA GLY KA 57 143.47 -30.41 9.59
C GLY KA 57 144.67 -29.65 9.04
N LEU KA 58 145.51 -29.11 9.93
CA LEU KA 58 146.72 -28.43 9.47
C LEU KA 58 147.68 -29.40 8.80
N TRP KA 59 147.84 -30.60 9.37
CA TRP KA 59 148.74 -31.57 8.76
C TRP KA 59 148.18 -32.06 7.42
N LEU KA 60 146.87 -32.16 7.30
CA LEU KA 60 146.26 -32.56 6.03
C LEU KA 60 146.37 -31.46 4.98
N MET KA 61 146.27 -30.19 5.41
CA MET KA 61 146.56 -29.05 4.55
C MET KA 61 148.01 -29.03 4.08
N LEU KA 62 148.95 -29.42 4.93
CA LEU KA 62 150.37 -29.37 4.59
C LEU KA 62 150.75 -30.31 3.45
N SER KA 63 149.90 -31.27 3.09
CA SER KA 63 150.21 -32.22 2.01
C SER KA 63 149.79 -31.62 0.66
N SER KA 64 150.55 -30.62 0.23
CA SER KA 64 150.31 -30.00 -1.07
C SER KA 64 150.98 -30.79 -2.17
N ILE KA 65 150.21 -31.14 -3.20
CA ILE KA 65 150.68 -31.99 -4.29
C ILE KA 65 150.40 -31.31 -5.63
N PRO KA 66 151.40 -30.68 -6.27
CA PRO KA 66 151.15 -30.02 -7.56
C PRO KA 66 151.23 -31.01 -8.72
N GLN KA 67 150.06 -31.34 -9.28
CA GLN KA 67 149.91 -31.99 -10.59
C GLN KA 67 150.81 -33.19 -10.84
N ARG KA 68 150.58 -34.29 -10.12
CA ARG KA 68 151.30 -35.54 -10.34
C ARG KA 68 151.18 -35.99 -11.80
N ARG KA 69 152.33 -36.09 -12.48
CA ARG KA 69 152.38 -36.38 -13.90
C ARG KA 69 153.43 -37.43 -14.19
N LEU KA 70 153.43 -37.91 -15.43
CA LEU KA 70 154.41 -38.88 -15.90
C LEU KA 70 154.86 -38.46 -17.29
N VAL KA 71 155.51 -39.38 -17.99
CA VAL KA 71 156.12 -39.10 -19.29
C VAL KA 71 155.25 -39.90 -20.27
N LEU KA 72 153.95 -39.97 -19.94
CA LEU KA 72 152.91 -40.63 -20.73
C LEU KA 72 152.63 -39.93 -22.07
N ASN KA 73 153.43 -38.94 -22.48
CA ASN KA 73 153.37 -38.39 -23.82
C ASN KA 73 153.43 -39.51 -24.85
N HIS KA 74 152.57 -39.42 -25.86
CA HIS KA 74 152.35 -40.53 -26.79
C HIS KA 74 153.54 -40.71 -27.73
N THR KA 75 154.67 -41.12 -27.17
CA THR KA 75 155.95 -41.26 -27.86
C THR KA 75 156.68 -42.45 -27.24
N ARG KA 76 157.99 -42.50 -27.44
CA ARG KA 76 158.83 -43.57 -26.89
C ARG KA 76 159.31 -43.21 -25.49
N GLY KA 77 158.52 -42.42 -24.76
CA GLY KA 77 158.90 -41.92 -23.45
C GLY KA 77 159.17 -42.99 -22.41
N MET KA 78 159.99 -42.64 -21.42
CA MET KA 78 160.44 -43.58 -20.40
C MET KA 78 159.51 -43.70 -19.22
N TYR KA 79 158.39 -42.96 -19.21
CA TYR KA 79 157.42 -42.95 -18.12
C TYR KA 79 158.07 -42.59 -16.78
N HIS KA 80 159.00 -41.63 -16.84
CA HIS KA 80 159.66 -41.14 -15.65
C HIS KA 80 158.69 -40.39 -14.76
N PHE KA 81 158.75 -40.67 -13.45
CA PHE KA 81 157.84 -40.02 -12.51
C PHE KA 81 158.19 -38.54 -12.40
N SER KA 82 157.19 -37.69 -12.67
CA SER KA 82 157.41 -36.25 -12.76
C SER KA 82 156.47 -35.51 -11.82
N ILE KA 83 157.01 -34.51 -11.13
CA ILE KA 83 156.22 -33.54 -10.40
C ILE KA 83 156.90 -32.20 -10.56
N GLN KA 84 156.14 -31.12 -10.39
CA GLN KA 84 156.68 -29.77 -10.56
C GLN KA 84 157.79 -29.50 -9.56
N GLY KA 85 159.01 -29.34 -10.06
CA GLY KA 85 160.17 -29.23 -9.19
C GLY KA 85 161.04 -30.47 -9.19
N ARG KA 86 160.92 -31.26 -8.12
CA ARG KA 86 161.73 -32.44 -7.90
C ARG KA 86 161.30 -33.61 -8.77
N THR KA 87 162.19 -34.59 -8.89
CA THR KA 87 161.91 -35.86 -9.54
C THR KA 87 162.47 -36.98 -8.68
N VAL KA 88 161.75 -38.11 -8.64
CA VAL KA 88 162.12 -39.20 -7.75
C VAL KA 88 162.38 -40.50 -8.49
N CYS KA 89 161.36 -41.03 -9.15
CA CYS KA 89 161.41 -42.39 -9.67
C CYS KA 89 161.61 -42.38 -11.18
N GLN KA 90 162.55 -43.21 -11.65
CA GLN KA 90 162.80 -43.40 -13.06
C GLN KA 90 162.91 -44.89 -13.34
N GLY KA 91 162.56 -45.30 -14.56
CA GLY KA 91 162.66 -46.68 -14.94
C GLY KA 91 162.38 -46.93 -16.40
N PRO KA 92 163.24 -47.70 -17.07
CA PRO KA 92 162.97 -48.12 -18.44
C PRO KA 92 161.94 -49.24 -18.49
N MET KA 93 160.66 -48.86 -18.51
CA MET KA 93 159.49 -49.75 -18.56
C MET KA 93 159.52 -50.79 -17.43
N HIS KA 94 158.68 -51.82 -17.54
CA HIS KA 94 158.62 -53.00 -16.67
C HIS KA 94 158.13 -52.70 -15.26
N LEU KA 95 157.73 -51.45 -14.97
CA LEU KA 95 157.23 -51.12 -13.65
C LEU KA 95 155.81 -50.57 -13.72
N VAL KA 96 155.47 -49.92 -14.83
CA VAL KA 96 154.15 -49.32 -14.98
C VAL KA 96 153.17 -50.40 -15.41
N TYR KA 97 152.14 -50.62 -14.62
CA TYR KA 97 151.04 -51.53 -14.93
C TYR KA 97 149.71 -50.84 -14.63
N VAL KA 98 148.63 -51.45 -15.09
CA VAL KA 98 147.26 -51.04 -14.75
C VAL KA 98 146.52 -52.30 -14.31
N ARG KA 99 146.26 -52.43 -13.01
CA ARG KA 99 145.82 -53.69 -12.42
C ARG KA 99 144.46 -53.51 -11.76
N LEU KA 100 143.62 -54.53 -11.93
CA LEU KA 100 142.34 -54.62 -11.22
C LEU KA 100 142.59 -55.15 -9.82
N ALA KA 101 141.94 -54.53 -8.82
CA ALA KA 101 142.00 -54.97 -7.45
C ALA KA 101 140.58 -55.17 -6.91
N LEU KA 102 140.44 -56.16 -6.02
CA LEU KA 102 139.15 -56.53 -5.48
C LEU KA 102 139.17 -56.44 -3.96
N SER KA 103 138.03 -56.03 -3.39
CA SER KA 103 137.85 -55.98 -1.95
C SER KA 103 136.54 -56.68 -1.59
N SER KA 104 136.53 -57.28 -0.40
CA SER KA 104 135.38 -58.07 0.03
C SER KA 104 135.03 -57.73 1.47
N ASP KA 105 133.75 -57.94 1.80
CA ASP KA 105 133.23 -57.73 3.14
C ASP KA 105 132.98 -59.10 3.78
N ALA KA 106 132.47 -59.09 5.02
CA ALA KA 106 132.13 -60.35 5.67
C ALA KA 106 130.96 -61.05 4.98
N TYR KA 107 130.02 -60.27 4.43
CA TYR KA 107 128.91 -60.85 3.68
C TYR KA 107 129.39 -61.51 2.40
N GLY KA 108 130.32 -60.87 1.68
CA GLY KA 108 130.84 -61.43 0.46
C GLY KA 108 130.69 -60.50 -0.74
N GLY KA 109 130.26 -59.26 -0.49
CA GLY KA 109 130.14 -58.30 -1.57
C GLY KA 109 131.49 -57.91 -2.13
N ARG KA 110 131.58 -57.87 -3.45
CA ARG KA 110 132.83 -57.61 -4.15
C ARG KA 110 132.84 -56.19 -4.69
N PHE KA 111 133.93 -55.47 -4.43
CA PHE KA 111 134.13 -54.11 -4.92
C PHE KA 111 135.39 -54.08 -5.76
N PHE KA 112 135.31 -53.47 -6.94
CA PHE KA 112 136.39 -53.49 -7.93
C PHE KA 112 136.96 -52.10 -8.10
N GLN KA 113 138.28 -51.98 -7.93
CA GLN KA 113 139.00 -50.73 -8.18
C GLN KA 113 140.13 -51.01 -9.16
N LEU KA 114 140.74 -49.94 -9.67
CA LEU KA 114 141.86 -50.05 -10.58
C LEU KA 114 143.02 -49.20 -10.07
N VAL KA 115 144.24 -49.69 -10.28
CA VAL KA 115 145.43 -49.02 -9.78
C VAL KA 115 146.48 -49.00 -10.88
N LEU KA 116 147.02 -47.83 -11.19
CA LEU KA 116 148.18 -47.72 -12.07
C LEU KA 116 149.42 -48.06 -11.23
N CYS KA 117 149.81 -49.33 -11.26
CA CYS KA 117 150.90 -49.80 -10.41
C CYS KA 117 152.25 -49.26 -10.89
N GLY KA 118 153.14 -49.03 -9.94
CA GLY KA 118 154.46 -48.54 -10.25
C GLY KA 118 155.17 -48.07 -9.00
N HIS KA 119 156.37 -47.53 -9.20
CA HIS KA 119 157.17 -47.02 -8.09
C HIS KA 119 156.58 -45.70 -7.62
N LYS KA 120 155.75 -45.77 -6.57
CA LYS KA 120 155.07 -44.62 -5.98
C LYS KA 120 154.26 -43.86 -7.02
N LEU KA 121 153.32 -44.56 -7.64
CA LEU KA 121 152.47 -43.96 -8.66
C LEU KA 121 151.10 -43.63 -8.07
N GLU KA 122 150.17 -43.22 -8.92
CA GLU KA 122 148.82 -42.84 -8.53
C GLU KA 122 147.81 -43.88 -9.05
N PRO KA 123 146.71 -44.11 -8.35
CA PRO KA 123 145.77 -45.15 -8.75
C PRO KA 123 144.82 -44.67 -9.84
N LEU KA 124 143.92 -45.57 -10.25
CA LEU KA 124 142.92 -45.32 -11.28
C LEU KA 124 141.53 -45.64 -10.74
N VAL KA 125 141.23 -45.08 -9.56
CA VAL KA 125 139.95 -45.35 -8.90
C VAL KA 125 138.84 -44.66 -9.68
N LEU KA 126 137.89 -45.45 -10.17
CA LEU KA 126 136.76 -44.90 -10.90
C LEU KA 126 135.75 -44.28 -9.93
N VAL KA 127 134.82 -43.50 -10.49
CA VAL KA 127 134.01 -42.57 -9.69
C VAL KA 127 132.80 -43.35 -9.18
N GLN KA 128 133.01 -44.08 -8.07
CA GLN KA 128 131.95 -44.58 -7.19
C GLN KA 128 130.91 -45.44 -7.92
N LEU KA 129 131.39 -46.34 -8.79
CA LEU KA 129 130.51 -47.27 -9.50
C LEU KA 129 131.22 -48.62 -9.61
N SER KA 130 130.98 -49.48 -8.63
CA SER KA 130 131.59 -50.82 -8.66
C SER KA 130 130.63 -51.81 -8.01
N GLU KA 131 129.78 -52.42 -8.84
CA GLU KA 131 128.92 -53.52 -8.45
C GLU KA 131 129.00 -54.68 -9.43
N ARG KA 132 129.14 -54.38 -10.71
CA ARG KA 132 129.25 -55.38 -11.76
C ARG KA 132 130.52 -55.14 -12.56
N TYR KA 133 130.94 -56.17 -13.31
CA TYR KA 133 132.15 -56.08 -14.11
C TYR KA 133 131.95 -55.29 -15.41
N GLU KA 134 130.71 -55.18 -15.88
CA GLU KA 134 130.35 -54.43 -17.09
C GLU KA 134 131.12 -54.90 -18.32
N GLN KA 135 132.20 -54.18 -18.66
CA GLN KA 135 132.99 -54.50 -19.84
C GLN KA 135 134.46 -54.77 -19.54
N MET KA 136 134.98 -54.30 -18.41
CA MET KA 136 136.34 -54.56 -17.95
C MET KA 136 137.41 -54.13 -18.97
N GLU KA 137 137.62 -54.94 -20.01
CA GLU KA 137 138.82 -54.80 -20.83
C GLU KA 137 138.68 -53.76 -21.94
N PHE KA 138 137.51 -53.13 -22.11
CA PHE KA 138 137.40 -52.11 -23.15
C PHE KA 138 138.18 -50.86 -22.77
N LEU KA 139 138.14 -50.47 -21.50
CA LEU KA 139 138.97 -49.36 -21.05
C LEU KA 139 140.46 -49.72 -21.10
N GLY KA 140 140.80 -50.98 -20.85
CA GLY KA 140 142.17 -51.43 -21.05
C GLY KA 140 142.59 -51.33 -22.51
N ARG KA 141 141.66 -51.66 -23.42
CA ARG KA 141 141.92 -51.46 -24.84
C ARG KA 141 142.10 -49.99 -25.18
N HIS KA 142 141.34 -49.10 -24.53
CA HIS KA 142 141.51 -47.66 -24.77
C HIS KA 142 142.89 -47.19 -24.29
N LEU KA 143 143.32 -47.68 -23.13
CA LEU KA 143 144.67 -47.36 -22.64
C LEU KA 143 145.74 -47.91 -23.57
N ALA KA 144 145.50 -49.11 -24.11
CA ALA KA 144 146.41 -49.70 -25.09
C ALA KA 144 146.47 -48.85 -26.36
N ARG KA 145 145.32 -48.35 -26.81
CA ARG KA 145 145.29 -47.43 -27.93
C ARG KA 145 146.05 -46.15 -27.64
N LYS KA 146 146.05 -45.71 -26.37
CA LYS KA 146 146.91 -44.59 -26.02
C LYS KA 146 148.39 -44.95 -26.19
N LEU KA 147 148.90 -45.78 -25.30
CA LEU KA 147 150.36 -45.97 -25.22
C LEU KA 147 150.75 -47.36 -24.76
N ASN KA 148 150.17 -48.40 -25.38
CA ASN KA 148 149.96 -49.75 -24.81
C ASN KA 148 151.06 -50.24 -23.87
N ILE KA 149 150.65 -50.59 -22.65
CA ILE KA 149 151.57 -51.01 -21.59
C ILE KA 149 151.19 -52.38 -21.02
N ASN KA 150 150.07 -52.43 -20.31
CA ASN KA 150 149.58 -53.64 -19.66
C ASN KA 150 148.08 -53.51 -19.42
N TYR KA 151 147.48 -54.64 -19.04
CA TYR KA 151 146.17 -54.67 -18.40
C TYR KA 151 146.17 -55.96 -17.56
N PHE KA 152 146.35 -55.79 -16.24
CA PHE KA 152 146.52 -56.91 -15.33
C PHE KA 152 145.22 -57.19 -14.59
N ASP KA 153 144.87 -58.47 -14.54
CA ASP KA 153 143.68 -58.94 -13.85
C ASP KA 153 144.06 -59.41 -12.45
N TYR KA 154 143.08 -59.98 -11.75
CA TYR KA 154 143.29 -60.51 -10.42
C TYR KA 154 144.09 -61.82 -10.49
N LEU KA 155 144.65 -62.20 -9.34
CA LEU KA 155 145.38 -63.45 -9.13
C LEU KA 155 146.62 -63.46 -10.04
N ALA KA 156 147.02 -64.65 -10.48
CA ALA KA 156 148.22 -64.80 -11.30
C ALA KA 156 147.90 -64.46 -12.76
N SER KA 157 148.82 -64.80 -13.66
CA SER KA 157 148.64 -64.51 -15.09
C SER KA 157 147.44 -65.24 -15.65
N SER KA 158 147.50 -66.58 -15.67
CA SER KA 158 146.42 -67.43 -16.17
C SER KA 158 146.00 -67.04 -17.59
N TYR KA 159 144.94 -66.24 -17.68
CA TYR KA 159 144.42 -65.76 -18.96
C TYR KA 159 143.83 -64.38 -18.72
N ARG KA 160 143.01 -63.92 -19.68
CA ARG KA 160 142.14 -62.74 -19.58
C ARG KA 160 142.87 -61.45 -19.20
N HIS KA 161 144.20 -61.43 -19.32
CA HIS KA 161 144.98 -60.22 -19.07
C HIS KA 161 146.03 -60.10 -20.17
N VAL KA 162 146.57 -58.88 -20.33
CA VAL KA 162 147.46 -58.61 -21.45
C VAL KA 162 148.72 -57.88 -20.95
N VAL KA 163 149.84 -58.15 -21.62
CA VAL KA 163 151.12 -57.49 -21.42
C VAL KA 163 151.59 -56.98 -22.78
N ARG KA 164 152.35 -55.88 -22.79
CA ARG KA 164 152.90 -55.39 -24.04
C ARG KA 164 154.42 -55.38 -24.03
N HIS KA 165 155.04 -54.92 -22.95
CA HIS KA 165 156.49 -54.95 -22.82
C HIS KA 165 156.90 -55.97 -21.77
N TRP KA 166 157.99 -56.69 -22.04
CA TRP KA 166 158.47 -57.70 -21.11
C TRP KA 166 159.98 -57.54 -20.89
N PRO KA 167 160.45 -57.67 -19.65
CA PRO KA 167 161.88 -57.64 -19.37
C PRO KA 167 162.55 -59.01 -19.33
N LEU KA 168 161.80 -60.07 -19.64
CA LEU KA 168 162.27 -61.46 -19.55
C LEU KA 168 162.83 -61.79 -18.17
N THR LA 1 66.53 -139.55 -47.83
CA THR LA 1 66.11 -138.83 -49.03
C THR LA 1 66.90 -137.54 -49.20
N ALA LA 2 68.13 -137.67 -49.71
CA ALA LA 2 68.98 -136.50 -49.90
C ALA LA 2 68.52 -135.61 -51.05
N ASN LA 3 67.82 -136.18 -52.03
CA ASN LA 3 67.33 -135.46 -53.21
C ASN LA 3 68.47 -134.75 -53.94
N VAL LA 4 69.54 -135.50 -54.19
CA VAL LA 4 70.72 -134.97 -54.85
C VAL LA 4 71.04 -135.84 -56.06
N SER LA 5 71.73 -135.24 -57.03
CA SER LA 5 72.12 -135.96 -58.23
C SER LA 5 73.21 -136.97 -57.92
N VAL LA 6 73.11 -138.14 -58.55
CA VAL LA 6 74.14 -139.17 -58.39
C VAL LA 6 75.46 -138.70 -58.98
N SER LA 7 75.42 -138.09 -60.16
CA SER LA 7 76.61 -137.56 -60.81
C SER LA 7 77.22 -136.39 -60.07
N ASP LA 8 76.49 -135.76 -59.17
CA ASP LA 8 77.04 -134.70 -58.34
C ASP LA 8 77.59 -135.22 -57.01
N VAL LA 9 76.89 -136.18 -56.40
CA VAL LA 9 77.34 -136.73 -55.12
C VAL LA 9 78.39 -137.82 -55.29
N CYS LA 10 78.68 -138.23 -56.52
CA CYS LA 10 79.76 -139.18 -56.81
C CYS LA 10 80.66 -138.64 -57.90
N GLU LA 11 81.05 -137.38 -57.80
CA GLU LA 11 81.91 -136.72 -58.80
C GLU LA 11 83.34 -136.58 -58.33
N ASP LA 12 83.81 -137.53 -57.50
CA ASP LA 12 85.18 -137.54 -56.94
C ASP LA 12 85.46 -136.24 -56.17
N PHE LA 13 84.68 -136.03 -55.11
CA PHE LA 13 84.82 -134.85 -54.29
C PHE LA 13 86.04 -134.90 -53.38
N ASP LA 14 86.68 -136.06 -53.24
CA ASP LA 14 87.86 -136.17 -52.40
C ASP LA 14 89.03 -135.42 -53.03
N GLU LA 15 89.77 -134.67 -52.19
CA GLU LA 15 90.88 -133.88 -52.69
C GLU LA 15 92.08 -134.75 -53.06
N GLU LA 16 92.15 -135.98 -52.56
CA GLU LA 16 93.26 -136.87 -52.88
C GLU LA 16 93.08 -137.60 -54.21
N GLY LA 17 91.95 -137.42 -54.88
CA GLY LA 17 91.69 -138.06 -56.15
C GLY LA 17 91.16 -139.47 -56.07
N LYS LA 18 90.90 -139.99 -54.86
CA LYS LA 18 90.36 -141.34 -54.72
C LYS LA 18 88.93 -141.39 -55.22
N SER LA 19 88.55 -142.54 -55.78
CA SER LA 19 87.22 -142.71 -56.33
C SER LA 19 86.19 -142.88 -55.22
N VAL LA 20 85.22 -141.96 -55.17
CA VAL LA 20 84.19 -142.02 -54.16
C VAL LA 20 83.30 -143.24 -54.34
N ARG LA 21 83.01 -143.61 -55.59
CA ARG LA 21 82.20 -144.80 -55.85
C ARG LA 21 82.92 -146.07 -55.40
N ASN LA 22 84.23 -146.15 -55.67
CA ASN LA 22 85.00 -147.31 -55.23
C ASN LA 22 85.09 -147.36 -53.72
N ARG LA 23 85.27 -146.21 -53.06
CA ARG LA 23 85.30 -146.18 -51.60
C ARG LA 23 83.96 -146.60 -51.01
N ILE LA 24 82.86 -146.16 -51.62
CA ILE LA 24 81.53 -146.54 -51.14
C ILE LA 24 81.29 -148.03 -51.33
N ARG LA 25 81.75 -148.59 -52.46
CA ARG LA 25 81.61 -150.02 -52.70
C ARG LA 25 82.43 -150.83 -51.69
N LYS LA 26 83.65 -150.38 -51.39
CA LYS LA 26 84.47 -151.05 -50.39
C LYS LA 26 83.82 -150.98 -49.01
N TYR LA 27 83.25 -149.82 -48.66
CA TYR LA 27 82.56 -149.68 -47.38
C TYR LA 27 81.34 -150.58 -47.31
N SER LA 28 80.60 -150.69 -48.42
CA SER LA 28 79.43 -151.58 -48.45
C SER LA 28 79.84 -153.04 -48.29
N GLN LA 29 80.93 -153.44 -48.95
CA GLN LA 29 81.42 -154.82 -48.80
C GLN LA 29 81.88 -155.09 -47.37
N THR LA 30 82.58 -154.12 -46.76
CA THR LA 30 83.01 -154.28 -45.37
C THR LA 30 81.82 -154.35 -44.42
N ILE LA 31 80.79 -153.54 -44.66
CA ILE LA 31 79.59 -153.57 -43.82
C ILE LA 31 78.86 -154.89 -43.97
N SER LA 32 78.79 -155.42 -45.20
CA SER LA 32 78.16 -156.72 -45.41
C SER LA 32 78.94 -157.83 -44.71
N ILE LA 33 80.27 -157.78 -44.78
CA ILE LA 33 81.09 -158.77 -44.09
C ILE LA 33 80.91 -158.68 -42.58
N ARG LA 34 80.85 -157.46 -42.04
CA ARG LA 34 80.64 -157.27 -40.61
C ARG LA 34 79.26 -157.76 -40.19
N ASP LA 35 78.23 -157.53 -41.02
CA ASP LA 35 76.90 -158.03 -40.71
C ASP LA 35 76.86 -159.56 -40.73
N SER LA 36 77.58 -160.17 -41.68
CA SER LA 36 77.66 -161.63 -41.73
C SER LA 36 78.39 -162.17 -40.50
N LEU LA 37 79.44 -161.48 -40.05
CA LEU LA 37 80.22 -161.91 -38.90
C LEU LA 37 79.64 -161.45 -37.58
N ASN LA 38 78.53 -160.73 -37.60
CA ASN LA 38 77.85 -160.22 -36.39
C ASN LA 38 78.77 -159.34 -35.56
N LEU LA 39 79.48 -158.44 -36.25
CA LEU LA 39 80.41 -157.53 -35.60
C LEU LA 39 79.65 -156.45 -34.83
N GLU LA 40 80.25 -156.03 -33.71
CA GLU LA 40 79.65 -154.99 -32.88
C GLU LA 40 79.71 -153.64 -33.57
N PRO LA 41 78.85 -152.70 -33.16
CA PRO LA 41 78.88 -151.36 -33.78
C PRO LA 41 80.19 -150.62 -33.57
N GLU LA 42 80.81 -150.76 -32.40
CA GLU LA 42 82.10 -150.12 -32.17
C GLU LA 42 83.18 -150.71 -33.05
N GLU LA 43 83.18 -152.03 -33.20
CA GLU LA 43 84.14 -152.68 -34.10
C GLU LA 43 83.92 -152.28 -35.55
N ILE LA 44 82.65 -152.14 -35.95
CA ILE LA 44 82.33 -151.71 -37.31
C ILE LA 44 82.80 -150.29 -37.55
N GLN LA 45 82.58 -149.40 -36.58
CA GLN LA 45 83.05 -148.01 -36.71
C GLN LA 45 84.56 -147.94 -36.77
N GLN LA 46 85.24 -148.74 -35.94
CA GLN LA 46 86.70 -148.78 -35.99
C GLN LA 46 87.21 -149.32 -37.33
N GLN LA 47 86.53 -150.33 -37.87
CA GLN LA 47 86.91 -150.87 -39.17
C GLN LA 47 86.70 -149.84 -40.29
N ALA LA 48 85.60 -149.10 -40.23
CA ALA LA 48 85.36 -148.05 -41.22
C ALA LA 48 86.40 -146.93 -41.12
N ARG LA 49 86.75 -146.53 -39.90
CA ARG LA 49 87.78 -145.52 -39.72
C ARG LA 49 89.13 -146.01 -40.23
N ARG LA 50 89.46 -147.28 -39.97
CA ARG LA 50 90.71 -147.84 -40.47
C ARG LA 50 90.71 -147.94 -41.99
N GLU LA 51 89.55 -148.25 -42.58
CA GLU LA 51 89.45 -148.28 -44.04
C GLU LA 51 89.65 -146.90 -44.63
N LEU LA 52 89.06 -145.86 -44.03
CA LEU LA 52 89.29 -144.50 -44.49
C LEU LA 52 90.75 -144.09 -44.32
N GLU LA 53 91.37 -144.47 -43.21
CA GLU LA 53 92.78 -144.17 -42.98
C GLU LA 53 93.67 -144.86 -44.00
N LEU LA 54 93.36 -146.11 -44.34
CA LEU LA 54 94.15 -146.83 -45.35
C LEU LA 54 93.92 -146.27 -46.75
N CYS LA 55 92.70 -145.77 -47.03
CA CYS LA 55 92.43 -145.12 -48.30
C CYS LA 55 93.22 -143.82 -48.43
N HIS LA 56 93.31 -143.07 -47.34
CA HIS LA 56 94.10 -141.83 -47.33
C HIS LA 56 95.60 -142.09 -47.31
N GLY LA 57 96.04 -143.21 -46.72
CA GLY LA 57 97.46 -143.51 -46.61
C GLY LA 57 98.01 -144.32 -47.77
N ARG LA 58 98.04 -143.73 -48.95
CA ARG LA 58 98.67 -144.34 -50.11
C ARG LA 58 100.18 -144.11 -50.02
N SER LA 59 100.89 -144.34 -51.13
CA SER LA 59 102.32 -144.08 -51.18
C SER LA 59 102.59 -142.60 -50.93
N LEU LA 60 103.32 -142.31 -49.86
CA LEU LA 60 103.58 -140.92 -49.47
C LEU LA 60 104.46 -140.19 -50.47
N GLU LA 61 105.23 -140.91 -51.29
CA GLU LA 61 106.00 -140.28 -52.35
C GLU LA 61 105.11 -139.79 -53.48
N HIS LA 62 103.86 -140.24 -53.53
CA HIS LA 62 102.90 -139.81 -54.57
C HIS LA 62 102.09 -138.62 -54.07
N GLY LA 63 102.80 -137.54 -53.76
CA GLY LA 63 102.17 -136.31 -53.32
C GLY LA 63 102.14 -136.14 -51.82
N GLU LA 64 102.20 -134.88 -51.36
CA GLU LA 64 102.16 -134.57 -49.94
C GLU LA 64 100.74 -134.43 -49.40
N ASP LA 65 99.73 -134.49 -50.25
CA ASP LA 65 98.34 -134.40 -49.79
C ASP LA 65 97.94 -135.65 -49.01
N HIS LA 66 98.45 -136.82 -49.42
CA HIS LA 66 98.16 -138.05 -48.70
C HIS LA 66 98.75 -138.03 -47.29
N GLU LA 67 99.96 -137.50 -47.14
CA GLU LA 67 100.58 -137.38 -45.83
C GLU LA 67 99.79 -136.44 -44.93
N GLU LA 68 99.33 -135.31 -45.48
CA GLU LA 68 98.52 -134.37 -44.70
C GLU LA 68 97.19 -135.00 -44.30
N SER LA 69 96.57 -135.76 -45.20
CA SER LA 69 95.33 -136.45 -44.89
C SER LA 69 95.54 -137.50 -43.79
N GLU LA 70 96.64 -138.24 -43.86
CA GLU LA 70 96.95 -139.22 -42.82
C GLU LA 70 97.21 -138.53 -41.48
N THR LA 71 97.90 -137.40 -41.49
CA THR LA 71 98.14 -136.65 -40.25
C THR LA 71 96.85 -136.13 -39.66
N SER LA 72 95.94 -135.65 -40.52
CA SER LA 72 94.63 -135.19 -40.05
C SER LA 72 93.80 -136.34 -39.48
N LEU LA 73 93.83 -137.51 -40.13
CA LEU LA 73 93.11 -138.67 -39.64
C LEU LA 73 93.75 -139.29 -38.41
N ALA LA 74 95.02 -139.00 -38.14
CA ALA LA 74 95.67 -139.49 -36.92
C ALA LA 74 95.18 -138.77 -35.66
N SER LA 75 94.48 -137.65 -35.81
CA SER LA 75 93.93 -136.94 -34.66
C SER LA 75 92.60 -137.59 -34.25
N SER LA 76 91.88 -136.94 -33.33
CA SER LA 76 90.60 -137.47 -32.86
C SER LA 76 89.42 -136.67 -33.40
N THR LA 77 89.39 -135.35 -33.15
CA THR LA 77 88.25 -134.54 -33.54
C THR LA 77 88.20 -134.34 -35.05
N SER LA 78 89.33 -134.02 -35.67
CA SER LA 78 89.37 -133.85 -37.11
C SER LA 78 89.06 -135.15 -37.84
N GLU LA 79 89.60 -136.27 -37.34
CA GLU LA 79 89.30 -137.57 -37.93
C GLU LA 79 87.83 -137.93 -37.78
N SER LA 80 87.24 -137.64 -36.62
CA SER LA 80 85.81 -137.90 -36.42
C SER LA 80 84.96 -137.06 -37.35
N LEU LA 81 85.32 -135.78 -37.53
CA LEU LA 81 84.57 -134.92 -38.44
C LEU LA 81 84.70 -135.39 -39.87
N ILE LA 82 85.90 -135.82 -40.28
CA ILE LA 82 86.11 -136.31 -41.64
C ILE LA 82 85.31 -137.59 -41.87
N PHE LA 83 85.32 -138.50 -40.89
CA PHE LA 83 84.56 -139.74 -41.01
C PHE LA 83 83.06 -139.46 -41.07
N SER LA 84 82.57 -138.52 -40.26
CA SER LA 84 81.16 -138.16 -40.30
C SER LA 84 80.77 -137.54 -41.64
N LEU LA 85 81.64 -136.70 -42.19
CA LEU LA 85 81.37 -136.11 -43.50
C LEU LA 85 81.39 -137.16 -44.60
N TRP LA 86 82.30 -138.14 -44.50
CA TRP LA 86 82.39 -139.16 -45.53
C TRP LA 86 81.21 -140.14 -45.45
N LYS LA 87 80.78 -140.48 -44.23
CA LYS LA 87 79.66 -141.40 -44.08
C LYS LA 87 78.36 -140.86 -44.65
N PRO LA 88 77.96 -139.62 -44.38
CA PRO LA 88 76.72 -139.09 -45.00
C PRO LA 88 76.81 -139.01 -46.51
N HIS LA 89 77.96 -138.64 -47.05
CA HIS LA 89 78.11 -138.56 -48.50
C HIS LA 89 78.03 -139.95 -49.14
N ARG LA 90 78.67 -140.94 -48.53
CA ARG LA 90 78.62 -142.31 -49.04
C ARG LA 90 77.20 -142.87 -48.95
N THR LA 91 76.50 -142.58 -47.85
CA THR LA 91 75.11 -143.02 -47.72
C THR LA 91 74.22 -142.36 -48.76
N TYR LA 92 74.43 -141.06 -49.01
CA TYR LA 92 73.66 -140.37 -50.03
C TYR LA 92 73.94 -140.94 -51.42
N TRP LA 93 75.20 -141.27 -51.70
CA TRP LA 93 75.54 -141.87 -52.99
C TRP LA 93 74.89 -143.25 -53.14
N THR LA 94 74.92 -144.06 -52.09
CA THR LA 94 74.31 -145.39 -52.15
C THR LA 94 72.79 -145.28 -52.30
N GLU LA 95 72.19 -144.26 -51.70
CA GLU LA 95 70.75 -144.06 -51.85
C GLU LA 95 70.42 -143.53 -53.25
N GLN LA 96 71.28 -142.69 -53.82
CA GLN LA 96 71.05 -142.11 -55.13
C GLN LA 96 71.40 -143.06 -56.27
N GLN LA 97 72.10 -144.16 -55.98
CA GLN LA 97 72.43 -145.12 -57.02
C GLN LA 97 71.18 -145.74 -57.65
N ASN LA 98 70.42 -146.51 -56.87
CA ASN LA 98 69.23 -147.18 -57.42
C ASN LA 98 68.13 -146.19 -57.80
N ARG LA 99 67.49 -145.56 -56.81
CA ARG LA 99 66.46 -144.55 -57.07
C ARG LA 99 66.28 -143.74 -55.79
N LEU LA 100 66.86 -142.54 -55.77
CA LEU LA 100 66.64 -141.64 -54.64
C LEU LA 100 65.35 -140.83 -54.72
N PRO LA 101 65.00 -140.18 -55.85
CA PRO LA 101 63.74 -139.40 -55.86
C PRO LA 101 62.52 -140.27 -55.61
N LEU LA 102 61.60 -139.73 -54.80
CA LEU LA 102 60.42 -140.44 -54.34
C LEU LA 102 59.44 -139.43 -53.76
N PRO LA 103 58.28 -139.86 -53.27
CA PRO LA 103 57.31 -138.91 -52.74
C PRO LA 103 57.73 -138.29 -51.41
N LEU LA 104 56.86 -137.41 -50.89
CA LEU LA 104 56.95 -136.74 -49.59
C LEU LA 104 58.04 -135.65 -49.56
N MET LA 105 58.86 -135.57 -50.60
CA MET LA 105 59.82 -134.46 -50.69
C MET LA 105 59.09 -133.14 -50.93
N GLU LA 106 58.10 -133.15 -51.81
CA GLU LA 106 57.27 -131.95 -52.02
C GLU LA 106 56.47 -131.62 -50.77
N LEU LA 107 56.02 -132.64 -50.03
CA LEU LA 107 55.32 -132.40 -48.78
C LEU LA 107 56.23 -131.74 -47.74
N MET LA 108 57.47 -132.21 -47.64
CA MET LA 108 58.43 -131.59 -46.72
C MET LA 108 58.76 -130.16 -47.14
N GLU LA 109 58.90 -129.93 -48.45
CA GLU LA 109 59.16 -128.57 -48.94
C GLU LA 109 57.98 -127.65 -48.64
N THR LA 110 56.74 -128.14 -48.82
CA THR LA 110 55.57 -127.35 -48.51
C THR LA 110 55.46 -127.06 -47.02
N GLU LA 111 55.81 -128.04 -46.18
CA GLU LA 111 55.81 -127.82 -44.73
C GLU LA 111 56.84 -126.77 -44.34
N VAL LA 112 58.03 -126.83 -44.94
CA VAL LA 112 59.07 -125.83 -44.64
C VAL LA 112 58.62 -124.45 -45.10
N LEU LA 113 58.00 -124.36 -46.28
CA LEU LA 113 57.52 -123.07 -46.78
C LEU LA 113 56.41 -122.52 -45.90
N ASP LA 114 55.49 -123.36 -45.44
CA ASP LA 114 54.44 -122.93 -44.55
C ASP LA 114 54.99 -122.46 -43.20
N ILE LA 115 56.00 -123.17 -42.69
CA ILE LA 115 56.63 -122.77 -41.43
C ILE LA 115 57.33 -121.43 -41.59
N LEU LA 116 58.03 -121.24 -42.71
CA LEU LA 116 58.70 -119.97 -42.95
C LEU LA 116 57.70 -118.83 -43.10
N LYS LA 117 56.59 -119.06 -43.79
CA LYS LA 117 55.56 -118.03 -43.94
C LYS LA 117 54.91 -117.68 -42.62
N LYS LA 118 54.61 -118.69 -41.79
CA LYS LA 118 54.03 -118.43 -40.48
C LYS LA 118 55.00 -117.69 -39.57
N ALA LA 119 56.29 -118.05 -39.61
CA ALA LA 119 57.29 -117.35 -38.82
C ALA LA 119 57.45 -115.91 -39.28
N LEU LA 120 57.42 -115.68 -40.60
CA LEU LA 120 57.50 -114.32 -41.12
C LEU LA 120 56.29 -113.49 -40.70
N ILE LA 121 55.10 -114.09 -40.74
CA ILE LA 121 53.89 -113.37 -40.33
C ILE LA 121 53.94 -113.05 -38.85
N THR LA 122 54.48 -113.97 -38.03
CA THR LA 122 54.59 -113.71 -36.60
C THR LA 122 55.62 -112.63 -36.30
N TYR LA 123 56.75 -112.63 -37.01
CA TYR LA 123 57.81 -111.67 -36.73
C TYR LA 123 57.50 -110.28 -37.29
N ARG LA 124 56.78 -110.19 -38.41
CA ARG LA 124 56.53 -108.89 -39.03
C ARG LA 124 55.58 -108.04 -38.17
N SER LA 125 54.52 -108.65 -37.65
CA SER LA 125 53.54 -107.95 -36.84
C SER LA 125 53.64 -108.43 -35.39
N THR LA 126 53.92 -107.50 -34.49
CA THR LA 126 54.00 -107.79 -33.05
C THR LA 126 53.32 -106.63 -32.32
N ILE LA 127 52.02 -106.79 -32.06
CA ILE LA 127 51.27 -105.73 -31.40
C ILE LA 127 51.67 -105.62 -29.93
N GLY LA 128 51.83 -106.75 -29.25
CA GLY LA 128 52.15 -106.76 -27.84
C GLY LA 128 53.61 -107.12 -27.60
N ARG LA 129 54.35 -106.19 -27.01
CA ARG LA 129 55.74 -106.45 -26.65
C ARG LA 129 55.88 -107.34 -25.43
N ASN LA 130 54.85 -107.42 -24.58
CA ASN LA 130 54.85 -108.27 -23.41
C ASN LA 130 53.90 -109.46 -23.56
N HIS LA 131 53.42 -109.72 -24.77
CA HIS LA 131 52.51 -110.85 -24.99
C HIS LA 131 53.25 -112.18 -24.85
N PHE LA 132 52.50 -113.22 -24.51
CA PHE LA 132 53.08 -114.54 -24.28
C PHE LA 132 53.00 -115.45 -25.49
N MET LA 133 51.92 -115.38 -26.28
CA MET LA 133 51.76 -116.29 -27.41
C MET LA 133 52.80 -116.02 -28.49
N THR LA 134 53.05 -114.75 -28.80
CA THR LA 134 54.05 -114.41 -29.80
C THR LA 134 55.45 -114.80 -29.35
N LYS LA 135 55.77 -114.59 -28.08
CA LYS LA 135 57.07 -114.98 -27.56
C LYS LA 135 57.24 -116.49 -27.58
N GLU LA 136 56.19 -117.24 -27.24
CA GLU LA 136 56.25 -118.70 -27.29
C GLU LA 136 56.43 -119.20 -28.72
N LEU LA 137 55.73 -118.57 -29.67
CA LEU LA 137 55.89 -118.95 -31.08
C LEU LA 137 57.29 -118.67 -31.58
N GLN LA 138 57.85 -117.51 -31.21
CA GLN LA 138 59.22 -117.18 -31.60
C GLN LA 138 60.22 -118.15 -30.98
N GLY LA 139 60.01 -118.51 -29.71
CA GLY LA 139 60.89 -119.48 -29.07
C GLY LA 139 60.79 -120.85 -29.70
N TYR LA 140 59.58 -121.27 -30.09
CA TYR LA 140 59.42 -122.55 -30.77
C TYR LA 140 60.09 -122.54 -32.13
N ILE LA 141 59.98 -121.42 -32.86
CA ILE LA 141 60.66 -121.30 -34.16
C ILE LA 141 62.17 -121.36 -33.98
N GLU LA 142 62.70 -120.67 -32.97
CA GLU LA 142 64.13 -120.70 -32.71
C GLU LA 142 64.61 -122.09 -32.32
N GLY LA 143 63.83 -122.79 -31.49
CA GLY LA 143 64.20 -124.14 -31.11
C GLY LA 143 64.15 -125.11 -32.29
N ILE LA 144 63.15 -124.96 -33.16
CA ILE LA 144 63.07 -125.81 -34.35
C ILE LA 144 64.25 -125.54 -35.28
N ARG LA 145 64.63 -124.26 -35.43
CA ARG LA 145 65.78 -123.92 -36.27
C ARG LA 145 67.08 -124.48 -35.67
N LYS LA 146 67.23 -124.40 -34.34
CA LYS LA 146 68.41 -124.94 -33.70
C LYS LA 146 68.48 -126.46 -33.84
N ARG LA 147 67.33 -127.14 -33.72
CA ARG LA 147 67.31 -128.59 -33.90
C ARG LA 147 67.61 -128.98 -35.34
N ARG LA 148 67.09 -128.22 -36.31
CA ARG LA 148 67.36 -128.53 -37.71
C ARG LA 148 68.81 -128.28 -38.08
N ASN LA 149 69.40 -127.21 -37.55
CA ASN LA 149 70.79 -126.87 -37.86
C ASN LA 149 71.74 -127.82 -37.16
N PRO MA 1 23.08 -55.48 -44.96
CA PRO MA 1 24.37 -55.02 -45.46
C PRO MA 1 25.45 -55.06 -44.39
N ILE MA 2 25.45 -56.09 -43.56
CA ILE MA 2 26.42 -56.22 -42.47
C ILE MA 2 27.44 -57.26 -42.94
N VAL MA 3 28.63 -56.75 -43.31
CA VAL MA 3 29.68 -57.58 -43.88
C VAL MA 3 30.94 -57.45 -43.03
N LEU MA 4 30.75 -57.26 -41.73
CA LEU MA 4 31.87 -56.95 -40.87
C LEU MA 4 32.70 -58.21 -40.55
N PRO MA 5 34.00 -58.03 -40.27
CA PRO MA 5 34.79 -59.17 -39.75
C PRO MA 5 34.28 -59.69 -38.43
N PHE MA 6 33.53 -58.89 -37.67
CA PHE MA 6 32.87 -59.41 -36.47
C PHE MA 6 31.90 -60.53 -36.82
N VAL MA 7 31.08 -60.34 -37.86
CA VAL MA 7 30.22 -61.41 -38.34
C VAL MA 7 31.04 -62.53 -38.95
N GLN MA 8 32.05 -62.17 -39.74
CA GLN MA 8 32.91 -63.17 -40.40
C GLN MA 8 33.68 -64.04 -39.42
N ARG MA 9 33.83 -63.61 -38.17
CA ARG MA 9 34.41 -64.45 -37.13
C ARG MA 9 33.38 -65.03 -36.17
N PHE MA 10 32.21 -64.42 -36.05
CA PHE MA 10 31.16 -64.96 -35.20
C PHE MA 10 30.43 -66.13 -35.85
N ASN MA 11 30.42 -66.23 -37.17
CA ASN MA 11 29.86 -67.40 -37.83
C ASN MA 11 30.79 -68.61 -37.76
N ASN MA 12 31.97 -68.46 -37.19
CA ASN MA 12 32.90 -69.55 -36.99
C ASN MA 12 32.35 -70.53 -35.94
N ILE MA 13 32.94 -71.73 -35.92
CA ILE MA 13 32.49 -72.78 -35.00
C ILE MA 13 32.73 -72.37 -33.55
N ASP MA 14 33.81 -71.64 -33.28
CA ASP MA 14 34.04 -71.13 -31.92
C ASP MA 14 32.98 -70.09 -31.55
N GLY MA 15 32.52 -69.30 -32.53
CA GLY MA 15 31.43 -68.37 -32.28
C GLY MA 15 30.13 -69.05 -31.93
N PHE MA 16 29.84 -70.18 -32.60
CA PHE MA 16 28.71 -71.02 -32.21
C PHE MA 16 28.88 -71.59 -30.80
N MET MA 17 30.08 -72.09 -30.48
CA MET MA 17 30.35 -72.71 -29.19
C MET MA 17 30.18 -71.74 -28.05
N THR MA 18 30.68 -70.51 -28.17
CA THR MA 18 30.63 -69.58 -27.05
C THR MA 18 29.19 -69.27 -26.67
N LEU MA 19 28.33 -69.07 -27.66
CA LEU MA 19 26.92 -68.86 -27.38
C LEU MA 19 26.25 -70.13 -26.87
N TYR MA 20 26.68 -71.31 -27.35
CA TYR MA 20 26.14 -72.56 -26.82
C TYR MA 20 26.49 -72.72 -25.34
N VAL MA 21 27.73 -72.39 -24.97
CA VAL MA 21 28.18 -72.51 -23.59
C VAL MA 21 27.42 -71.52 -22.71
N ALA MA 22 27.22 -70.30 -23.21
CA ALA MA 22 26.43 -69.33 -22.46
C ALA MA 22 24.99 -69.79 -22.26
N ALA MA 23 24.37 -70.36 -23.31
CA ALA MA 23 23.01 -70.86 -23.20
C ALA MA 23 22.90 -72.02 -22.23
N VAL MA 24 23.88 -72.93 -22.27
CA VAL MA 24 23.87 -74.07 -21.35
C VAL MA 24 24.10 -73.59 -19.92
N LEU MA 25 24.94 -72.58 -19.72
CA LEU MA 25 25.17 -72.02 -18.39
C LEU MA 25 23.90 -71.39 -17.84
N ILE MA 26 23.20 -70.60 -18.65
CA ILE MA 26 21.99 -69.95 -18.14
C ILE MA 26 20.88 -70.97 -17.94
N HIS MA 27 20.81 -72.01 -18.77
CA HIS MA 27 19.84 -73.08 -18.54
C HIS MA 27 20.12 -73.82 -17.24
N GLY MA 28 21.40 -74.12 -16.97
CA GLY MA 28 21.75 -74.76 -15.72
C GLY MA 28 21.44 -73.91 -14.51
N ALA MA 29 21.73 -72.60 -14.60
CA ALA MA 29 21.39 -71.69 -13.51
C ALA MA 29 19.88 -71.63 -13.29
N LEU MA 30 19.12 -71.55 -14.38
CA LEU MA 30 17.67 -71.50 -14.27
C LEU MA 30 17.12 -72.77 -13.63
N PHE MA 31 17.61 -73.94 -14.06
CA PHE MA 31 17.12 -75.20 -13.50
C PHE MA 31 17.52 -75.35 -12.04
N ALA MA 32 18.74 -74.95 -11.68
CA ALA MA 32 19.19 -75.06 -10.29
C ALA MA 32 18.38 -74.15 -9.38
N VAL MA 33 18.06 -72.94 -9.86
CA VAL MA 33 17.19 -72.06 -9.07
C VAL MA 33 15.78 -72.64 -8.99
N VAL MA 34 15.28 -73.21 -10.10
CA VAL MA 34 13.90 -73.69 -10.16
C VAL MA 34 13.68 -74.85 -9.21
N ASP MA 35 14.63 -75.79 -9.13
CA ASP MA 35 14.45 -76.96 -8.28
C ASP MA 35 14.34 -76.57 -6.80
N MET MA 36 15.27 -75.75 -6.32
CA MET MA 36 15.23 -75.32 -4.93
C MET MA 36 14.04 -74.40 -4.66
N THR MA 37 13.64 -73.59 -5.65
CA THR MA 37 12.47 -72.74 -5.48
C THR MA 37 11.21 -73.58 -5.34
N LEU MA 38 11.09 -74.64 -6.13
CA LEU MA 38 9.94 -75.54 -5.99
C LEU MA 38 9.96 -76.26 -4.64
N ASN MA 39 11.17 -76.66 -4.18
CA ASN MA 39 11.28 -77.32 -2.88
C ASN MA 39 10.82 -76.40 -1.75
N ILE MA 40 11.34 -75.16 -1.72
CA ILE MA 40 10.92 -74.23 -0.68
C ILE MA 40 9.47 -73.80 -0.86
N TYR MA 41 8.95 -73.81 -2.10
CA TYR MA 41 7.54 -73.52 -2.32
C TYR MA 41 6.65 -74.59 -1.69
N GLN MA 42 7.01 -75.86 -1.87
CA GLN MA 42 6.26 -76.94 -1.21
C GLN MA 42 6.40 -76.85 0.30
N VAL MA 43 7.59 -76.50 0.79
CA VAL MA 43 7.81 -76.44 2.24
C VAL MA 43 6.99 -75.31 2.86
N GLN MA 44 6.95 -74.15 2.21
CA GLN MA 44 6.44 -72.92 2.84
C GLN MA 44 4.98 -72.64 2.49
N PHE MA 45 4.57 -72.84 1.24
CA PHE MA 45 3.27 -72.40 0.76
C PHE MA 45 2.15 -73.40 1.07
N SER MA 46 2.35 -74.27 2.06
CA SER MA 46 1.31 -75.15 2.62
C SER MA 46 0.75 -76.11 1.57
N LEU MA 47 1.65 -76.96 1.05
CA LEU MA 47 1.23 -78.04 0.15
C LEU MA 47 1.76 -79.38 0.65
N THR MA 48 1.63 -80.42 -0.17
CA THR MA 48 2.09 -81.76 0.16
C THR MA 48 3.22 -82.17 -0.78
N ARG MA 49 3.93 -83.23 -0.37
CA ARG MA 49 5.05 -83.73 -1.17
C ARG MA 49 4.57 -84.36 -2.48
N THR MA 50 3.34 -84.87 -2.50
CA THR MA 50 2.81 -85.48 -3.73
C THR MA 50 2.67 -84.45 -4.84
N GLU MA 51 2.20 -83.25 -4.51
CA GLU MA 51 2.09 -82.20 -5.52
C GLU MA 51 3.47 -81.73 -6.00
N TRP MA 52 4.45 -81.67 -5.10
CA TRP MA 52 5.81 -81.34 -5.49
C TRP MA 52 6.37 -82.39 -6.44
N TYR MA 53 6.11 -83.66 -6.16
CA TYR MA 53 6.53 -84.72 -7.06
C TYR MA 53 5.82 -84.64 -8.41
N LEU MA 54 4.53 -84.30 -8.41
CA LEU MA 54 3.78 -84.15 -9.66
C LEU MA 54 4.36 -83.05 -10.53
N MET MA 55 4.67 -81.92 -9.92
CA MET MA 55 5.26 -80.82 -10.67
C MET MA 55 6.71 -81.04 -11.04
N ASP MA 56 7.46 -81.82 -10.26
CA ASP MA 56 8.79 -82.19 -10.73
C ASP MA 56 8.68 -83.16 -11.89
N PHE MA 57 7.64 -84.01 -11.90
CA PHE MA 57 7.39 -84.92 -13.01
C PHE MA 57 6.86 -84.22 -14.25
N SER MA 58 6.23 -83.04 -14.08
CA SER MA 58 5.71 -82.31 -15.23
C SER MA 58 6.83 -81.92 -16.19
N ASP MA 59 7.96 -81.44 -15.64
CA ASP MA 59 9.10 -81.11 -16.48
C ASP MA 59 9.65 -82.35 -17.20
N TYR MA 60 9.72 -83.47 -16.50
CA TYR MA 60 10.25 -84.70 -17.10
C TYR MA 60 9.35 -85.20 -18.21
N ILE MA 61 8.03 -85.20 -18.00
CA ILE MA 61 7.13 -85.69 -19.04
C ILE MA 61 7.07 -84.73 -20.22
N ALA MA 62 7.20 -83.42 -19.96
CA ALA MA 62 7.30 -82.46 -21.06
C ALA MA 62 8.56 -82.70 -21.87
N SER MA 63 9.67 -82.98 -21.19
CA SER MA 63 10.91 -83.31 -21.90
C SER MA 63 10.76 -84.57 -22.73
N PHE MA 64 10.12 -85.60 -22.17
CA PHE MA 64 9.92 -86.86 -22.90
C PHE MA 64 9.04 -86.66 -24.12
N VAL MA 65 7.96 -85.88 -23.99
CA VAL MA 65 7.07 -85.66 -25.14
C VAL MA 65 7.60 -84.59 -26.08
N VAL MA 66 8.68 -83.89 -25.73
CA VAL MA 66 9.25 -82.90 -26.64
C VAL MA 66 10.54 -83.36 -27.32
N ALA MA 67 11.26 -84.33 -26.75
CA ALA MA 67 12.54 -84.74 -27.31
C ALA MA 67 12.38 -85.37 -28.69
N ILE MA 68 11.48 -86.34 -28.81
CA ILE MA 68 11.31 -87.05 -30.08
C ILE MA 68 10.78 -86.12 -31.16
N ILE MA 69 9.78 -85.26 -30.84
CA ILE MA 69 9.19 -84.52 -31.95
C ILE MA 69 10.14 -83.39 -32.37
N ILE MA 70 10.94 -82.86 -31.43
CA ILE MA 70 11.89 -81.83 -31.84
C ILE MA 70 13.08 -82.45 -32.59
N ALA MA 71 13.45 -83.70 -32.28
CA ALA MA 71 14.47 -84.36 -33.07
C ALA MA 71 13.99 -84.63 -34.49
N HIS MA 72 12.73 -85.06 -34.62
CA HIS MA 72 12.16 -85.29 -35.94
C HIS MA 72 12.04 -83.99 -36.73
N PHE MA 73 11.67 -82.89 -36.06
CA PHE MA 73 11.57 -81.60 -36.76
C PHE MA 73 12.94 -81.08 -37.15
N GLY MA 74 13.94 -81.20 -36.27
CA GLY MA 74 15.27 -80.72 -36.58
C GLY MA 74 16.03 -81.58 -37.58
N SER MA 75 15.61 -82.84 -37.76
CA SER MA 75 16.23 -83.69 -38.76
C SER MA 75 15.92 -83.21 -40.19
N LYS MA 76 14.81 -82.50 -40.38
CA LYS MA 76 14.42 -82.02 -41.71
C LYS MA 76 14.51 -80.51 -41.86
N GLY MA 77 14.63 -79.75 -40.78
CA GLY MA 77 14.70 -78.31 -40.83
C GLY MA 77 16.02 -77.78 -40.30
N ASN MA 78 16.12 -76.46 -40.28
CA ASN MA 78 17.32 -75.79 -39.78
C ASN MA 78 17.36 -75.87 -38.26
N ARG MA 79 18.51 -76.29 -37.72
CA ARG MA 79 18.65 -76.42 -36.28
C ARG MA 79 18.71 -75.07 -35.59
N THR MA 80 19.28 -74.06 -36.24
CA THR MA 80 19.46 -72.75 -35.62
C THR MA 80 18.11 -72.08 -35.33
N ARG MA 81 17.15 -72.20 -36.25
CA ARG MA 81 15.84 -71.58 -36.04
C ARG MA 81 15.08 -72.26 -34.91
N TRP MA 82 15.16 -73.59 -34.83
CA TRP MA 82 14.54 -74.29 -33.71
C TRP MA 82 15.22 -73.95 -32.39
N ILE MA 83 16.54 -73.75 -32.42
CA ILE MA 83 17.27 -73.31 -31.22
C ILE MA 83 16.79 -71.94 -30.78
N ALA MA 84 16.61 -71.02 -31.74
CA ALA MA 84 16.11 -69.69 -31.42
C ALA MA 84 14.68 -69.74 -30.86
N ALA MA 85 13.84 -70.62 -31.43
CA ALA MA 85 12.49 -70.79 -30.91
C ALA MA 85 12.51 -71.32 -29.48
N SER MA 86 13.38 -72.30 -29.20
CA SER MA 86 13.51 -72.84 -27.86
C SER MA 86 14.01 -71.77 -26.88
N CYS MA 87 14.95 -70.93 -27.32
CA CYS MA 87 15.46 -69.86 -26.46
C CYS MA 87 14.38 -68.82 -26.17
N ILE MA 88 13.57 -68.47 -27.17
CA ILE MA 88 12.48 -67.52 -26.97
C ILE MA 88 11.45 -68.10 -26.01
N LEU MA 89 11.11 -69.38 -26.18
CA LEU MA 89 10.15 -70.02 -25.28
C LEU MA 89 10.72 -70.14 -23.86
N MET MA 90 12.03 -70.31 -23.74
CA MET MA 90 12.66 -70.31 -22.41
C MET MA 90 12.61 -68.94 -21.76
N GLY MA 91 12.82 -67.89 -22.55
CA GLY MA 91 12.67 -66.53 -22.04
C GLY MA 91 11.25 -66.25 -21.59
N LEU MA 92 10.27 -66.79 -22.31
CA LEU MA 92 8.88 -66.70 -21.85
C LEU MA 92 8.67 -67.50 -20.57
N GLU MA 93 9.29 -68.67 -20.47
CA GLU MA 93 9.13 -69.54 -19.30
C GLU MA 93 9.69 -68.87 -18.04
N SER MA 94 10.80 -68.15 -18.18
CA SER MA 94 11.40 -67.50 -17.02
C SER MA 94 10.49 -66.43 -16.45
N MET MA 95 9.90 -65.59 -17.29
CA MET MA 95 8.99 -64.57 -16.79
C MET MA 95 7.68 -65.19 -16.31
N LEU MA 96 7.27 -66.31 -16.92
CA LEU MA 96 6.10 -67.02 -16.42
C LEU MA 96 6.33 -67.59 -15.03
N PHE MA 97 7.55 -68.04 -14.74
CA PHE MA 97 7.91 -68.39 -13.38
C PHE MA 97 7.95 -67.17 -12.46
N ALA MA 98 8.46 -66.05 -12.97
CA ALA MA 98 8.63 -64.87 -12.12
C ALA MA 98 7.29 -64.23 -11.75
N PHE MA 99 6.28 -64.37 -12.60
CA PHE MA 99 5.01 -63.67 -12.37
C PHE MA 99 4.28 -64.05 -11.08
N PRO MA 100 4.10 -65.34 -10.71
CA PRO MA 100 3.40 -65.63 -9.45
C PRO MA 100 4.13 -65.13 -8.21
N PHE MA 101 5.45 -65.02 -8.24
CA PHE MA 101 6.20 -64.58 -7.07
C PHE MA 101 6.07 -63.08 -6.82
N PHE MA 102 5.49 -62.34 -7.75
CA PHE MA 102 5.19 -60.92 -7.58
C PHE MA 102 3.71 -60.61 -7.55
N THR MA 103 2.89 -61.44 -8.19
CA THR MA 103 1.46 -61.17 -8.27
C THR MA 103 0.73 -61.68 -7.03
N TYR MA 104 1.13 -62.83 -6.50
CA TYR MA 104 0.38 -63.48 -5.42
C TYR MA 104 1.20 -63.61 -4.15
N GLU MA 105 1.85 -62.54 -3.71
CA GLU MA 105 2.63 -62.55 -2.49
C GLU MA 105 1.79 -62.36 -1.23
N ILE MA 106 0.47 -62.52 -1.33
CA ILE MA 106 -0.43 -62.33 -0.21
C ILE MA 106 -1.12 -63.64 0.17
N ILE MA 107 -0.58 -64.77 -0.29
CA ILE MA 107 -1.23 -66.06 -0.07
C ILE MA 107 -1.08 -66.50 1.39
N ILE MA 108 0.15 -66.70 1.85
CA ILE MA 108 0.38 -67.11 3.23
C ILE MA 108 1.45 -66.22 3.84
N PRO MA 109 1.08 -65.06 4.41
CA PRO MA 109 2.01 -64.25 5.16
C PRO MA 109 1.94 -64.58 6.66
N GLY MA 110 2.86 -63.97 7.41
CA GLY MA 110 2.83 -64.12 8.86
C GLY MA 110 1.62 -63.46 9.50
N ARG MA 111 1.35 -62.20 9.12
CA ARG MA 111 0.25 -61.46 9.73
C ARG MA 111 -0.55 -60.62 8.74
N GLN MA 112 -0.20 -60.61 7.46
CA GLN MA 112 -0.87 -59.72 6.51
C GLN MA 112 -2.27 -60.19 6.14
N SER MA 113 -2.66 -61.42 6.52
CA SER MA 113 -4.01 -61.91 6.28
C SER MA 113 -4.94 -61.26 7.30
N ILE MA 114 -5.45 -60.08 6.93
CA ILE MA 114 -6.23 -59.28 7.88
C ILE MA 114 -7.71 -59.61 7.87
N GLU MA 115 -8.20 -60.32 6.85
CA GLU MA 115 -9.63 -60.60 6.77
C GLU MA 115 -10.05 -61.71 7.73
N LEU MA 116 -9.17 -62.68 7.97
CA LEU MA 116 -9.49 -63.81 8.83
C LEU MA 116 -8.60 -63.94 10.06
N CYS MA 117 -7.46 -63.27 10.11
CA CYS MA 117 -6.51 -63.39 11.21
C CYS MA 117 -6.24 -62.03 11.82
N MET MA 118 -6.11 -61.99 13.14
CA MET MA 118 -5.83 -60.78 13.89
C MET MA 118 -4.43 -60.85 14.49
N GLU MA 119 -3.79 -59.69 14.58
CA GLU MA 119 -2.44 -59.61 15.15
C GLU MA 119 -2.44 -59.92 16.65
N GLU MA 120 -3.55 -59.68 17.35
CA GLU MA 120 -3.60 -59.85 18.79
C GLU MA 120 -3.72 -61.30 19.25
N ASN MA 121 -3.95 -62.24 18.32
CA ASN MA 121 -4.03 -63.64 18.66
C ASN MA 121 -2.96 -64.43 17.90
N GLU MA 122 -2.54 -65.54 18.48
CA GLU MA 122 -1.52 -66.39 17.87
C GLU MA 122 -2.12 -67.67 17.29
N LYS MA 123 -3.17 -68.20 17.91
CA LYS MA 123 -3.78 -69.43 17.43
C LYS MA 123 -4.53 -69.22 16.12
N ARG MA 124 -5.19 -68.07 15.96
CA ARG MA 124 -5.93 -67.80 14.74
C ARG MA 124 -5.03 -67.47 13.55
N ASN MA 125 -3.74 -67.23 13.80
CA ASN MA 125 -2.80 -66.95 12.71
C ASN MA 125 -2.34 -68.21 11.99
N ILE MA 126 -2.60 -69.39 12.55
CA ILE MA 126 -2.23 -70.66 11.94
C ILE MA 126 -3.43 -71.51 11.59
N ILE MA 127 -4.64 -70.94 11.67
CA ILE MA 127 -5.86 -71.62 11.23
C ILE MA 127 -6.56 -70.68 10.25
N CYS MA 128 -7.76 -71.08 9.81
CA CYS MA 128 -8.51 -70.38 8.76
C CYS MA 128 -7.67 -70.29 7.48
N GLY MA 129 -7.45 -71.46 6.91
CA GLY MA 129 -6.47 -71.62 5.83
C GLY MA 129 -6.88 -71.02 4.52
N ASN MA 130 -6.88 -69.68 4.45
CA ASN MA 130 -7.13 -68.97 3.20
C ASN MA 130 -5.97 -69.09 2.22
N SER MA 131 -4.84 -69.67 2.63
CA SER MA 131 -3.75 -69.94 1.72
C SER MA 131 -4.10 -71.00 0.67
N VAL MA 132 -4.99 -71.92 1.01
CA VAL MA 132 -5.45 -72.94 0.06
C VAL MA 132 -6.20 -72.28 -1.10
N PRO MA 133 -7.10 -71.33 -0.88
CA PRO MA 133 -7.53 -70.47 -2.00
C PRO MA 133 -6.36 -69.66 -2.54
N ASN MA 134 -6.45 -69.38 -3.84
CA ASN MA 134 -5.44 -68.67 -4.63
C ASN MA 134 -4.12 -69.43 -4.71
N ARG MA 135 -4.11 -70.71 -4.38
CA ARG MA 135 -2.93 -71.56 -4.50
C ARG MA 135 -2.96 -72.43 -5.75
N SER MA 136 -4.15 -72.91 -6.14
CA SER MA 136 -4.27 -73.72 -7.36
C SER MA 136 -3.93 -72.93 -8.61
N LYS MA 137 -4.17 -71.61 -8.60
CA LYS MA 137 -3.73 -70.78 -9.70
C LYS MA 137 -2.21 -70.74 -9.79
N CYS MA 138 -1.53 -70.66 -8.64
CA CYS MA 138 -0.09 -70.80 -8.63
C CYS MA 138 0.34 -72.21 -9.02
N ILE MA 139 -0.45 -73.22 -8.66
CA ILE MA 139 -0.19 -74.59 -9.09
C ILE MA 139 -0.29 -74.70 -10.61
N TYR MA 140 -1.32 -74.07 -11.19
CA TYR MA 140 -1.47 -74.05 -12.64
C TYR MA 140 -0.32 -73.32 -13.32
N PHE MA 141 0.06 -72.16 -12.78
CA PHE MA 141 1.21 -71.41 -13.31
C PHE MA 141 2.47 -72.24 -13.30
N HIS MA 142 2.71 -72.92 -12.19
CA HIS MA 142 3.91 -73.73 -12.03
C HIS MA 142 3.92 -74.95 -12.93
N ILE MA 143 2.78 -75.65 -13.10
CA ILE MA 143 2.77 -76.81 -13.99
C ILE MA 143 2.93 -76.38 -15.44
N GLY MA 144 2.30 -75.28 -15.84
CA GLY MA 144 2.50 -74.76 -17.18
C GLY MA 144 3.92 -74.31 -17.40
N GLY MA 145 4.54 -73.70 -16.38
CA GLY MA 145 5.91 -73.28 -16.48
C GLY MA 145 6.87 -74.46 -16.59
N GLN MA 146 6.62 -75.54 -15.86
CA GLN MA 146 7.45 -76.72 -15.98
C GLN MA 146 7.32 -77.36 -17.36
N CYS MA 147 6.09 -77.40 -17.90
CA CYS MA 147 5.89 -77.94 -19.24
C CYS MA 147 6.63 -77.13 -20.28
N ILE MA 148 6.47 -75.80 -20.26
CA ILE MA 148 7.15 -74.96 -21.24
C ILE MA 148 8.66 -74.95 -21.00
N HIS MA 149 9.09 -75.17 -19.75
CA HIS MA 149 10.51 -75.28 -19.44
C HIS MA 149 11.12 -76.50 -20.11
N GLY MA 150 10.44 -77.65 -20.01
CA GLY MA 150 10.93 -78.83 -20.71
C GLY MA 150 10.94 -78.64 -22.22
N ILE MA 151 9.83 -78.11 -22.76
CA ILE MA 151 9.67 -77.92 -24.20
C ILE MA 151 10.69 -76.92 -24.73
N ALA MA 152 11.15 -75.99 -23.91
CA ALA MA 152 12.13 -75.01 -24.33
C ALA MA 152 13.57 -75.39 -24.00
N GLY MA 153 13.78 -76.32 -23.08
CA GLY MA 153 15.12 -76.67 -22.66
C GLY MA 153 15.69 -77.90 -23.34
N MET MA 154 14.90 -78.97 -23.47
CA MET MA 154 15.44 -80.18 -24.09
C MET MA 154 15.77 -80.03 -25.57
N PRO MA 155 15.04 -79.26 -26.40
CA PRO MA 155 15.56 -78.97 -27.75
C PRO MA 155 16.92 -78.33 -27.78
N ILE MA 156 17.28 -77.50 -26.79
CA ILE MA 156 18.62 -76.93 -26.76
C ILE MA 156 19.66 -78.04 -26.60
N TYR MA 157 19.46 -78.91 -25.60
CA TYR MA 157 20.41 -79.99 -25.34
C TYR MA 157 20.45 -81.02 -26.45
N ILE MA 158 19.38 -81.13 -27.25
CA ILE MA 158 19.43 -82.02 -28.40
C ILE MA 158 20.16 -81.36 -29.56
N LEU MA 159 19.72 -80.17 -29.97
CA LEU MA 159 20.18 -79.56 -31.21
C LEU MA 159 21.59 -78.99 -31.11
N GLY MA 160 22.01 -78.48 -29.94
CA GLY MA 160 23.37 -78.00 -29.83
C GLY MA 160 24.39 -79.12 -29.99
N ILE MA 161 24.16 -80.24 -29.30
CA ILE MA 161 25.04 -81.40 -29.44
C ILE MA 161 24.90 -82.02 -30.83
N THR MA 162 23.72 -81.91 -31.44
CA THR MA 162 23.57 -82.37 -32.82
C THR MA 162 24.41 -81.53 -33.79
N PHE MA 163 24.44 -80.22 -33.57
CA PHE MA 163 25.29 -79.35 -34.38
C PHE MA 163 26.76 -79.66 -34.15
N ILE MA 164 27.14 -79.94 -32.90
CA ILE MA 164 28.49 -80.37 -32.59
C ILE MA 164 28.83 -81.65 -33.34
N PHE MA 165 27.88 -82.58 -33.41
CA PHE MA 165 28.12 -83.86 -34.05
C PHE MA 165 28.25 -83.71 -35.57
N ASP MA 166 27.34 -82.97 -36.19
CA ASP MA 166 27.27 -82.87 -37.64
C ASP MA 166 28.20 -81.81 -38.22
N HIS MA 167 28.83 -80.97 -37.39
CA HIS MA 167 29.67 -79.91 -37.91
C HIS MA 167 31.08 -79.90 -37.36
N ILE MA 168 31.40 -80.74 -36.38
CA ILE MA 168 32.75 -80.81 -35.82
C ILE MA 168 33.28 -82.24 -35.93
N PRO MA 169 34.53 -82.42 -36.35
CA PRO MA 169 35.16 -83.74 -36.27
C PRO MA 169 35.20 -84.28 -34.84
N THR MA 170 35.45 -85.59 -34.75
CA THR MA 170 35.52 -86.27 -33.46
C THR MA 170 36.71 -85.83 -32.61
N SER MA 171 37.74 -85.26 -33.24
CA SER MA 171 38.91 -84.79 -32.50
C SER MA 171 38.58 -83.62 -31.57
N SER MA 172 37.53 -82.85 -31.88
CA SER MA 172 37.07 -81.78 -31.01
C SER MA 172 35.67 -82.03 -30.48
N CYS MA 173 34.97 -83.08 -30.95
CA CYS MA 173 33.65 -83.41 -30.41
C CYS MA 173 33.74 -83.77 -28.93
N GLY MA 174 34.79 -84.48 -28.53
CA GLY MA 174 34.95 -84.82 -27.13
C GLY MA 174 35.15 -83.61 -26.25
N PHE MA 175 36.00 -82.67 -26.68
CA PHE MA 175 36.20 -81.43 -25.94
C PHE MA 175 34.92 -80.62 -25.88
N TYR MA 176 34.17 -80.56 -26.98
CA TYR MA 176 32.93 -79.79 -27.00
C TYR MA 176 31.88 -80.39 -26.06
N LEU MA 177 31.75 -81.72 -26.06
CA LEU MA 177 30.84 -82.37 -25.12
C LEU MA 177 31.27 -82.15 -23.68
N ALA MA 178 32.58 -82.24 -23.42
CA ALA MA 178 33.08 -82.04 -22.06
C ALA MA 178 32.84 -80.63 -21.57
N ILE MA 179 33.08 -79.62 -22.42
CA ILE MA 179 32.88 -78.24 -21.98
C ILE MA 179 31.40 -77.92 -21.89
N GLY MA 180 30.55 -78.56 -22.70
CA GLY MA 180 29.12 -78.38 -22.53
C GLY MA 180 28.60 -78.95 -21.22
N HIS MA 181 29.05 -80.16 -20.88
CA HIS MA 181 28.67 -80.75 -19.59
C HIS MA 181 29.21 -79.94 -18.42
N SER MA 182 30.45 -79.43 -18.55
CA SER MA 182 31.01 -78.59 -17.50
C SER MA 182 30.26 -77.27 -17.40
N ALA MA 183 29.79 -76.74 -18.53
CA ALA MA 183 28.98 -75.51 -18.50
C ALA MA 183 27.66 -75.74 -17.78
N TYR MA 184 27.01 -76.88 -18.05
CA TYR MA 184 25.80 -77.23 -17.31
C TYR MA 184 26.07 -77.39 -15.82
N LEU MA 185 27.20 -78.01 -15.49
CA LEU MA 185 27.55 -78.23 -14.09
C LEU MA 185 27.83 -76.92 -13.35
N ILE MA 186 28.63 -76.04 -13.95
CA ILE MA 186 28.91 -74.76 -13.31
C ILE MA 186 27.68 -73.86 -13.30
N GLY MA 187 26.77 -74.00 -14.28
CA GLY MA 187 25.49 -73.32 -14.21
C GLY MA 187 24.66 -73.79 -13.03
N TYR MA 188 24.64 -75.11 -12.80
CA TYR MA 188 23.98 -75.66 -11.62
C TYR MA 188 24.57 -75.07 -10.33
N LEU MA 189 25.90 -75.03 -10.24
CA LEU MA 189 26.57 -74.47 -9.06
C LEU MA 189 26.22 -73.00 -8.87
N LEU MA 190 26.31 -72.21 -9.93
CA LEU MA 190 26.02 -70.77 -9.85
C LEU MA 190 24.57 -70.52 -9.50
N GLY MA 191 23.66 -71.32 -10.07
CA GLY MA 191 22.24 -71.17 -9.75
C GLY MA 191 21.94 -71.43 -8.29
N MET MA 192 22.48 -72.53 -7.74
CA MET MA 192 22.25 -72.79 -6.32
C MET MA 192 22.92 -71.75 -5.44
N VAL MA 193 24.10 -71.28 -5.81
CA VAL MA 193 24.80 -70.28 -5.00
C VAL MA 193 24.01 -68.97 -4.97
N GLY MA 194 23.54 -68.52 -6.14
CA GLY MA 194 22.74 -67.32 -6.19
C GLY MA 194 21.40 -67.47 -5.48
N GLY MA 195 20.82 -68.66 -5.55
CA GLY MA 195 19.57 -68.90 -4.83
C GLY MA 195 19.76 -68.86 -3.32
N LEU MA 196 20.82 -69.51 -2.82
CA LEU MA 196 21.06 -69.59 -1.39
C LEU MA 196 21.59 -68.30 -0.80
N GLN MA 197 22.28 -67.46 -1.59
CA GLN MA 197 22.77 -66.19 -1.06
C GLN MA 197 21.65 -65.17 -0.85
N ASN MA 198 20.44 -65.44 -1.34
CA ASN MA 198 19.32 -64.54 -1.19
C ASN MA 198 18.12 -65.15 -0.46
N PHE MA 199 17.88 -66.46 -0.60
CA PHE MA 199 16.80 -67.10 0.13
C PHE MA 199 17.11 -67.19 1.62
N GLN MA 200 18.38 -67.38 1.97
CA GLN MA 200 18.75 -67.46 3.38
C GLN MA 200 18.50 -66.11 4.06
N PRO MA 201 18.12 -66.13 5.34
CA PRO MA 201 17.78 -64.87 6.03
C PRO MA 201 19.00 -63.99 6.21
N PRO MA 202 18.81 -62.70 6.47
CA PRO MA 202 19.94 -61.80 6.72
C PRO MA 202 20.64 -62.14 8.02
N PRO MA 203 21.78 -61.48 8.34
CA PRO MA 203 22.45 -61.72 9.63
C PRO MA 203 21.58 -61.51 10.86
N LYS MA 204 20.47 -60.79 10.72
CA LYS MA 204 19.46 -60.69 11.78
C LYS MA 204 18.54 -61.90 11.70
N GLU MA 205 19.12 -63.07 11.98
CA GLU MA 205 18.41 -64.34 11.84
C GLU MA 205 17.56 -64.68 13.06
N LYS MA 206 17.82 -64.07 14.21
CA LYS MA 206 17.23 -64.47 15.48
C LYS MA 206 16.42 -63.33 16.09
N THR MA 207 15.61 -62.67 15.28
CA THR MA 207 14.72 -61.61 15.75
C THR MA 207 13.36 -62.20 16.11
N VAL MA 208 12.37 -61.33 16.30
CA VAL MA 208 11.01 -61.72 16.63
C VAL MA 208 10.35 -62.36 15.42
N GLU MA 209 9.15 -62.92 15.62
CA GLU MA 209 8.36 -63.67 14.63
C GLU MA 209 7.98 -62.85 13.39
N ILE MA 210 8.35 -61.58 13.24
CA ILE MA 210 8.19 -60.91 11.96
C ILE MA 210 9.26 -61.33 10.96
N GLU MA 211 10.32 -61.99 11.44
CA GLU MA 211 11.38 -62.45 10.55
C GLU MA 211 10.93 -63.47 9.51
N PRO MA 212 10.10 -64.49 9.81
CA PRO MA 212 9.59 -65.33 8.72
C PRO MA 212 8.79 -64.57 7.68
N ALA MA 213 8.03 -63.54 8.07
CA ALA MA 213 7.33 -62.73 7.09
C ALA MA 213 8.30 -61.93 6.22
N LYS MA 214 9.36 -61.38 6.85
CA LYS MA 214 10.39 -60.67 6.09
C LYS MA 214 11.07 -61.60 5.10
N VAL MA 215 11.38 -62.84 5.52
CA VAL MA 215 12.00 -63.81 4.62
C VAL MA 215 11.02 -64.23 3.52
N TYR MA 216 9.74 -64.33 3.86
CA TYR MA 216 8.72 -64.67 2.87
C TYR MA 216 8.64 -63.62 1.77
N GLN MA 217 8.73 -62.34 2.15
CA GLN MA 217 8.81 -61.29 1.12
C GLN MA 217 10.13 -61.35 0.36
N LEU MA 218 11.24 -61.59 1.09
CA LEU MA 218 12.57 -61.43 0.51
C LEU MA 218 12.87 -62.52 -0.51
N LEU MA 219 12.50 -63.77 -0.24
CA LEU MA 219 12.75 -64.84 -1.19
C LEU MA 219 11.96 -64.63 -2.49
N GLN MA 220 10.71 -64.19 -2.36
CA GLN MA 220 9.90 -63.91 -3.54
C GLN MA 220 10.48 -62.75 -4.35
N SER MA 221 10.94 -61.70 -3.66
CA SER MA 221 11.58 -60.59 -4.36
C SER MA 221 12.86 -61.03 -5.07
N GLY MA 222 13.66 -61.87 -4.41
CA GLY MA 222 14.88 -62.37 -5.04
C GLY MA 222 14.61 -63.22 -6.26
N TRP MA 223 13.60 -64.10 -6.18
CA TRP MA 223 13.23 -64.88 -7.35
C TRP MA 223 12.70 -63.99 -8.47
N TRP MA 224 11.90 -62.97 -8.11
CA TRP MA 224 11.37 -62.06 -9.12
C TRP MA 224 12.47 -61.29 -9.83
N LYS MA 225 13.52 -60.91 -9.10
CA LYS MA 225 14.67 -60.27 -9.72
C LYS MA 225 15.44 -61.25 -10.61
N THR MA 226 15.76 -62.43 -10.07
CA THR MA 226 16.67 -63.34 -10.75
C THR MA 226 16.04 -63.94 -12.01
N PHE MA 227 14.77 -64.35 -11.93
CA PHE MA 227 14.10 -64.89 -13.11
C PHE MA 227 13.92 -63.84 -14.19
N LEU MA 228 13.66 -62.59 -13.81
CA LEU MA 228 13.55 -61.51 -14.79
C LEU MA 228 14.88 -61.27 -15.49
N ILE MA 229 15.99 -61.26 -14.73
CA ILE MA 229 17.30 -61.10 -15.35
C ILE MA 229 17.62 -62.28 -16.26
N ILE MA 230 17.24 -63.50 -15.84
CA ILE MA 230 17.45 -64.68 -16.67
C ILE MA 230 16.64 -64.59 -17.95
N ALA MA 231 15.40 -64.12 -17.87
CA ALA MA 231 14.57 -63.96 -19.06
C ALA MA 231 15.16 -62.93 -20.01
N ALA MA 232 15.64 -61.80 -19.47
CA ALA MA 232 16.27 -60.79 -20.33
C ALA MA 232 17.52 -61.33 -21.01
N ILE MA 233 18.35 -62.07 -20.26
CA ILE MA 233 19.57 -62.65 -20.83
C ILE MA 233 19.23 -63.68 -21.91
N SER MA 234 18.22 -64.52 -21.66
CA SER MA 234 17.82 -65.52 -22.64
C SER MA 234 17.26 -64.89 -23.90
N PHE MA 235 16.47 -63.82 -23.75
CA PHE MA 235 15.94 -63.12 -24.92
C PHE MA 235 17.06 -62.45 -25.72
N CYS MA 236 18.03 -61.86 -25.02
CA CYS MA 236 19.18 -61.28 -25.73
C CYS MA 236 20.00 -62.35 -26.43
N VAL MA 237 20.13 -63.52 -25.81
CA VAL MA 237 20.84 -64.63 -26.44
C VAL MA 237 20.12 -65.10 -27.69
N SER MA 238 18.80 -65.20 -27.63
CA SER MA 238 18.01 -65.59 -28.80
C SER MA 238 18.13 -64.56 -29.91
N PHE MA 239 18.13 -63.27 -29.56
CA PHE MA 239 18.28 -62.22 -30.56
C PHE MA 239 19.69 -62.24 -31.17
N MET MA 240 20.71 -62.58 -30.38
CA MET MA 240 22.05 -62.70 -30.93
C MET MA 240 22.17 -63.91 -31.84
N MET MA 241 21.50 -65.00 -31.49
CA MET MA 241 21.55 -66.24 -32.26
C MET MA 241 20.77 -66.18 -33.57
N VAL MA 242 19.65 -65.44 -33.61
CA VAL MA 242 18.84 -65.39 -34.82
C VAL MA 242 19.58 -64.62 -35.92
N CYS MA 243 20.49 -63.73 -35.54
CA CYS MA 243 21.29 -62.98 -36.51
C CYS MA 243 22.30 -63.85 -37.24
N PHE MA 244 22.68 -65.00 -36.68
CA PHE MA 244 23.70 -65.83 -37.31
C PHE MA 244 23.15 -66.45 -38.60
N PRO MA 245 23.99 -66.60 -39.63
CA PRO MA 245 23.49 -67.12 -40.91
C PRO MA 245 23.18 -68.60 -40.86
N THR MA 246 22.30 -69.03 -41.76
CA THR MA 246 21.97 -70.45 -41.86
C THR MA 246 23.13 -71.25 -42.44
N SER MA 247 23.73 -70.77 -43.53
CA SER MA 247 24.84 -71.45 -44.18
C SER MA 247 26.15 -70.98 -43.54
N LEU MA 248 26.70 -71.80 -42.66
CA LEU MA 248 27.92 -71.42 -41.96
C LEU MA 248 29.13 -71.63 -42.86
N PRO MA 249 30.04 -70.65 -42.92
CA PRO MA 249 31.21 -70.79 -43.81
C PRO MA 249 32.16 -71.90 -43.40
N GLY MA 250 32.44 -72.03 -42.10
CA GLY MA 250 33.31 -73.11 -41.65
C GLY MA 250 32.68 -74.48 -41.87
N ALA MA 251 31.37 -74.59 -41.65
CA ALA MA 251 30.67 -75.84 -41.92
C ALA MA 251 30.71 -76.18 -43.40
N HIS MA 252 30.52 -75.19 -44.27
CA HIS MA 252 30.61 -75.44 -45.71
C HIS MA 252 32.02 -75.84 -46.12
N LYS MA 253 33.04 -75.21 -45.53
CA LYS MA 253 34.42 -75.57 -45.83
C LYS MA 253 34.73 -77.00 -45.40
N LEU MA 254 34.28 -77.40 -44.20
CA LEU MA 254 34.50 -78.75 -43.73
C LEU MA 254 33.75 -79.77 -44.60
N ARG MA 255 32.52 -79.43 -45.01
CA ARG MA 255 31.76 -80.31 -45.88
C ARG MA 255 32.43 -80.46 -47.24
N LEU MA 256 32.96 -79.37 -47.80
CA LEU MA 256 33.66 -79.46 -49.07
C LEU MA 256 34.97 -80.24 -48.95
N ALA MA 257 35.64 -80.13 -47.80
CA ALA MA 257 36.85 -80.91 -47.57
C ALA MA 257 36.54 -82.40 -47.46
N LYS MA 258 35.45 -82.75 -46.76
CA LYS MA 258 35.11 -84.15 -46.55
C LYS MA 258 34.31 -84.76 -47.71
N ARG MA 259 33.86 -83.95 -48.66
CA ARG MA 259 33.20 -84.48 -49.84
C ARG MA 259 34.17 -85.28 -50.71
N LYS MA 260 35.42 -84.82 -50.80
CA LYS MA 260 36.45 -85.50 -51.57
C LYS MA 260 36.99 -86.68 -50.79
N GLU MA 261 38.00 -87.35 -51.36
CA GLU MA 261 38.70 -88.50 -50.76
C GLU MA 261 37.76 -89.60 -50.26
N GLN MA 275 13.55 -87.96 -47.13
CA GLN MA 275 12.41 -87.50 -46.34
C GLN MA 275 12.27 -88.29 -45.05
N PRO MA 276 12.08 -87.59 -43.93
CA PRO MA 276 11.90 -88.27 -42.63
C PRO MA 276 10.52 -88.90 -42.50
N HIS MA 277 10.34 -90.01 -43.22
CA HIS MA 277 9.06 -90.70 -43.24
C HIS MA 277 8.90 -91.62 -42.03
N LEU MA 278 7.66 -92.04 -41.79
CA LEU MA 278 7.39 -92.99 -40.73
C LEU MA 278 8.01 -94.35 -41.03
N LYS MA 279 8.03 -94.75 -42.30
CA LYS MA 279 8.73 -95.98 -42.67
C LYS MA 279 10.22 -95.88 -42.38
N GLY MA 280 10.81 -94.71 -42.66
CA GLY MA 280 12.20 -94.48 -42.30
C GLY MA 280 12.41 -94.55 -40.80
N PHE MA 281 11.49 -93.96 -40.03
CA PHE MA 281 11.58 -94.00 -38.57
C PHE MA 281 11.53 -95.45 -38.07
N LEU MA 282 10.65 -96.26 -38.65
CA LEU MA 282 10.53 -97.67 -38.24
C LEU MA 282 11.77 -98.47 -38.62
N HIS MA 283 12.30 -98.24 -39.83
CA HIS MA 283 13.56 -98.87 -40.24
C HIS MA 283 14.68 -98.52 -39.26
N ASN MA 284 14.71 -97.26 -38.84
CA ASN MA 284 15.75 -96.78 -37.95
C ASN MA 284 15.64 -97.40 -36.57
N ILE MA 285 14.41 -97.48 -36.05
CA ILE MA 285 14.18 -98.13 -34.76
C ILE MA 285 14.55 -99.61 -34.85
N TRP MA 286 14.26 -100.24 -35.98
CA TRP MA 286 14.66 -101.63 -36.20
C TRP MA 286 16.17 -101.79 -36.17
N HIS MA 287 16.90 -100.87 -36.80
CA HIS MA 287 18.36 -100.94 -36.76
C HIS MA 287 18.89 -100.74 -35.33
N ILE MA 288 18.28 -99.80 -34.60
CA ILE MA 288 18.66 -99.56 -33.20
C ILE MA 288 18.43 -100.80 -32.34
N LEU MA 289 17.29 -101.46 -32.52
CA LEU MA 289 17.02 -102.68 -31.75
C LEU MA 289 17.88 -103.85 -32.23
N LYS MA 290 18.24 -103.88 -33.50
CA LYS MA 290 19.02 -105.00 -34.03
C LYS MA 290 20.46 -104.96 -33.53
N ASN MA 291 21.10 -103.80 -33.58
CA ASN MA 291 22.46 -103.70 -33.07
C ASN MA 291 22.42 -103.46 -31.57
N PRO MA 292 22.92 -104.40 -30.75
CA PRO MA 292 22.74 -104.27 -29.30
C PRO MA 292 23.75 -103.37 -28.61
N LEU MA 293 24.63 -102.70 -29.36
CA LEU MA 293 25.60 -101.80 -28.73
C LEU MA 293 24.90 -100.60 -28.10
N MET MA 294 24.03 -99.95 -28.85
CA MET MA 294 23.38 -98.74 -28.34
C MET MA 294 22.32 -99.07 -27.29
N LEU MA 295 21.76 -100.29 -27.34
CA LEU MA 295 20.90 -100.74 -26.23
C LEU MA 295 21.69 -100.84 -24.94
N THR MA 296 22.88 -101.44 -24.99
CA THR MA 296 23.74 -101.54 -23.81
C THR MA 296 24.16 -100.16 -23.32
N GLN MA 297 24.53 -99.28 -24.25
CA GLN MA 297 24.92 -97.92 -23.86
C GLN MA 297 23.75 -97.16 -23.24
N ALA MA 298 22.54 -97.37 -23.76
CA ALA MA 298 21.36 -96.68 -23.22
C ALA MA 298 21.04 -97.17 -21.81
N ILE MA 299 21.09 -98.48 -21.57
CA ILE MA 299 20.84 -98.99 -20.23
C ILE MA 299 21.95 -98.55 -19.27
N CYS MA 300 23.20 -98.50 -19.77
CA CYS MA 300 24.29 -98.01 -18.93
C CYS MA 300 24.10 -96.55 -18.56
N LYS MA 301 23.67 -95.72 -19.52
CA LYS MA 301 23.40 -94.32 -19.23
C LYS MA 301 22.23 -94.18 -18.27
N VAL MA 302 21.21 -95.03 -18.42
CA VAL MA 302 20.07 -95.01 -17.51
C VAL MA 302 20.51 -95.32 -16.08
N SER MA 303 21.34 -96.35 -15.93
CA SER MA 303 21.83 -96.72 -14.61
C SER MA 303 22.75 -95.64 -14.02
N GLU MA 304 23.59 -95.03 -14.86
CA GLU MA 304 24.48 -93.96 -14.39
C GLU MA 304 23.68 -92.75 -13.94
N TYR MA 305 22.66 -92.35 -14.71
CA TYR MA 305 21.81 -91.25 -14.32
C TYR MA 305 21.03 -91.56 -13.05
N LEU MA 306 20.55 -92.80 -12.92
CA LEU MA 306 19.84 -93.21 -11.72
C LEU MA 306 20.75 -93.13 -10.49
N THR MA 307 21.99 -93.60 -10.63
CA THR MA 307 22.93 -93.54 -9.51
C THR MA 307 23.28 -92.10 -9.15
N PHE MA 308 23.49 -91.25 -10.17
CA PHE MA 308 23.81 -89.85 -9.91
C PHE MA 308 22.66 -89.13 -9.22
N ASN MA 309 21.43 -89.36 -9.70
CA ASN MA 309 20.27 -88.72 -9.10
C ASN MA 309 20.02 -89.23 -7.68
N THR MA 310 20.21 -90.54 -7.45
CA THR MA 310 20.07 -91.09 -6.11
C THR MA 310 21.10 -90.50 -5.16
N SER MA 311 22.35 -90.37 -5.62
CA SER MA 311 23.39 -89.77 -4.77
C SER MA 311 23.07 -88.31 -4.46
N LEU MA 312 22.62 -87.55 -5.46
CA LEU MA 312 22.31 -86.14 -5.24
C LEU MA 312 21.12 -85.97 -4.30
N TYR MA 313 20.10 -86.82 -4.42
CA TYR MA 313 18.95 -86.72 -3.54
C TYR MA 313 19.23 -87.27 -2.15
N PHE MA 314 20.18 -88.19 -2.02
CA PHE MA 314 20.40 -88.94 -0.79
C PHE MA 314 21.49 -88.35 0.10
N LEU MA 315 22.51 -87.71 -0.49
CA LEU MA 315 23.63 -87.21 0.30
C LEU MA 315 23.25 -86.18 1.36
N PRO MA 316 22.43 -85.14 1.07
CA PRO MA 316 22.02 -84.25 2.18
C PRO MA 316 21.25 -84.96 3.29
N HIS MA 317 20.36 -85.89 2.93
CA HIS MA 317 19.64 -86.65 3.95
C HIS MA 317 20.59 -87.52 4.76
N HIS MA 318 21.57 -88.15 4.10
CA HIS MA 318 22.57 -88.94 4.80
C HIS MA 318 23.39 -88.10 5.75
N LEU MA 319 23.81 -86.91 5.32
CA LEU MA 319 24.58 -86.03 6.20
C LEU MA 319 23.74 -85.54 7.37
N GLN MA 320 22.44 -85.32 7.15
CA GLN MA 320 21.56 -84.92 8.24
C GLN MA 320 21.38 -86.04 9.25
N THR MA 321 21.25 -87.29 8.78
CA THR MA 321 20.93 -88.38 9.69
C THR MA 321 22.15 -89.05 10.30
N GLN MA 322 23.35 -88.85 9.75
CA GLN MA 322 24.54 -89.54 10.25
C GLN MA 322 25.57 -88.60 10.85
N PHE MA 323 25.98 -87.58 10.10
CA PHE MA 323 27.00 -86.66 10.57
C PHE MA 323 26.42 -85.47 11.31
N LEU MA 324 25.10 -85.46 11.52
CA LEU MA 324 24.43 -84.44 12.31
C LEU MA 324 24.69 -83.05 11.73
N ILE MA 325 24.10 -82.81 10.56
CA ILE MA 325 24.18 -81.52 9.88
C ILE MA 325 22.75 -81.00 9.69
N THR MA 326 22.62 -79.68 9.75
CA THR MA 326 21.37 -79.05 9.35
C THR MA 326 21.09 -79.38 7.88
N PRO MA 327 19.84 -79.69 7.53
CA PRO MA 327 19.56 -80.10 6.14
C PRO MA 327 19.97 -79.08 5.08
N GLY MA 328 19.80 -77.78 5.37
CA GLY MA 328 20.25 -76.78 4.42
C GLY MA 328 21.76 -76.77 4.23
N ILE MA 329 22.50 -76.88 5.33
CA ILE MA 329 23.95 -76.93 5.24
C ILE MA 329 24.42 -78.20 4.55
N ALA MA 330 23.70 -79.31 4.78
CA ALA MA 330 24.04 -80.57 4.11
C ALA MA 330 23.80 -80.50 2.61
N SER MA 331 22.69 -79.88 2.21
CA SER MA 331 22.44 -79.67 0.79
C SER MA 331 23.50 -78.74 0.17
N LEU MA 332 23.89 -77.70 0.92
CA LEU MA 332 24.95 -76.82 0.46
C LEU MA 332 26.26 -77.57 0.29
N LEU MA 333 26.59 -78.45 1.24
CA LEU MA 333 27.81 -79.24 1.15
C LEU MA 333 27.78 -80.17 -0.06
N THR MA 334 26.68 -80.90 -0.24
CA THR MA 334 26.56 -81.83 -1.36
C THR MA 334 26.68 -81.09 -2.69
N GLY MA 335 25.98 -79.96 -2.82
CA GLY MA 335 26.06 -79.21 -4.06
C GLY MA 335 27.43 -78.61 -4.30
N ALA MA 336 28.00 -77.95 -3.30
CA ALA MA 336 29.27 -77.26 -3.46
C ALA MA 336 30.46 -78.21 -3.58
N PHE MA 337 30.30 -79.48 -3.20
CA PHE MA 337 31.39 -80.43 -3.33
C PHE MA 337 31.10 -81.58 -4.30
N VAL MA 338 29.97 -81.54 -5.02
CA VAL MA 338 29.81 -82.44 -6.15
C VAL MA 338 30.35 -81.85 -7.45
N LEU MA 339 30.57 -80.54 -7.50
CA LEU MA 339 31.08 -79.86 -8.69
C LEU MA 339 32.58 -79.99 -8.95
N PRO MA 340 33.49 -79.72 -7.98
CA PRO MA 340 34.92 -79.75 -8.33
C PRO MA 340 35.41 -81.10 -8.81
N GLY MA 341 34.83 -82.19 -8.32
CA GLY MA 341 35.12 -83.49 -8.91
C GLY MA 341 34.50 -83.65 -10.27
N GLY MA 342 33.24 -83.22 -10.43
CA GLY MA 342 32.50 -83.52 -11.66
C GLY MA 342 33.06 -82.81 -12.87
N ILE MA 343 33.38 -81.52 -12.74
CA ILE MA 343 33.87 -80.77 -13.90
C ILE MA 343 35.26 -81.26 -14.31
N ILE MA 344 36.10 -81.59 -13.34
CA ILE MA 344 37.43 -82.11 -13.64
C ILE MA 344 37.33 -83.48 -14.31
N GLY MA 345 36.41 -84.33 -13.82
CA GLY MA 345 36.22 -85.63 -14.44
C GLY MA 345 35.73 -85.53 -15.87
N HIS MA 346 34.76 -84.63 -16.12
CA HIS MA 346 34.26 -84.44 -17.48
C HIS MA 346 35.35 -83.90 -18.40
N PHE MA 347 36.12 -82.91 -17.91
CA PHE MA 347 37.20 -82.34 -18.72
C PHE MA 347 38.25 -83.37 -19.06
N LEU MA 348 38.66 -84.19 -18.08
CA LEU MA 348 39.67 -85.21 -18.34
C LEU MA 348 39.13 -86.30 -19.26
N GLY MA 349 37.86 -86.67 -19.10
CA GLY MA 349 37.27 -87.68 -19.98
C GLY MA 349 37.21 -87.22 -21.42
N GLY MA 350 36.87 -85.95 -21.65
CA GLY MA 350 36.91 -85.42 -23.00
C GLY MA 350 38.34 -85.32 -23.53
N LEU MA 351 39.25 -84.81 -22.71
CA LEU MA 351 40.60 -84.50 -23.17
C LEU MA 351 41.39 -85.78 -23.48
N ILE MA 352 41.15 -86.86 -22.73
CA ILE MA 352 41.84 -88.12 -23.02
C ILE MA 352 41.50 -88.60 -24.42
N VAL MA 353 40.20 -88.62 -24.75
CA VAL MA 353 39.76 -89.06 -26.07
C VAL MA 353 40.30 -88.14 -27.15
N ASP MA 354 40.23 -86.83 -26.93
CA ASP MA 354 40.67 -85.88 -27.96
C ASP MA 354 42.18 -85.97 -28.20
N ARG MA 355 42.97 -86.10 -27.14
CA ARG MA 355 44.42 -86.13 -27.31
C ARG MA 355 44.90 -87.47 -27.83
N LEU MA 356 44.26 -88.56 -27.43
CA LEU MA 356 44.76 -89.89 -27.78
C LEU MA 356 44.10 -90.49 -29.01
N GLU MA 357 43.07 -89.82 -29.57
CA GLU MA 357 42.31 -90.34 -30.72
C GLU MA 357 41.77 -91.73 -30.42
N MET MA 358 40.95 -91.80 -29.37
CA MET MA 358 40.58 -93.06 -28.74
C MET MA 358 39.68 -93.89 -29.64
N THR MA 359 39.90 -95.20 -29.63
CA THR MA 359 39.14 -96.14 -30.43
C THR MA 359 37.97 -96.71 -29.63
N ASN MA 360 37.12 -97.48 -30.31
CA ASN MA 360 35.88 -97.97 -29.70
C ASN MA 360 36.17 -99.06 -28.67
N LYS MA 361 37.01 -100.03 -29.04
CA LYS MA 361 37.32 -101.13 -28.11
C LYS MA 361 38.10 -100.63 -26.90
N ASN MA 362 39.04 -99.71 -27.13
CA ASN MA 362 39.76 -99.10 -26.01
C ASN MA 362 38.84 -98.23 -25.17
N LYS MA 363 37.85 -97.59 -25.78
CA LYS MA 363 36.85 -96.85 -25.03
C LYS MA 363 36.05 -97.77 -24.11
N LEU MA 364 35.63 -98.93 -24.62
CA LEU MA 364 34.92 -99.89 -23.80
C LEU MA 364 35.79 -100.41 -22.65
N LYS MA 365 37.07 -100.70 -22.95
CA LYS MA 365 37.98 -101.18 -21.91
C LYS MA 365 38.21 -100.11 -20.84
N PHE MA 366 38.38 -98.86 -21.25
CA PHE MA 366 38.57 -97.76 -20.29
C PHE MA 366 37.34 -97.54 -19.44
N THR MA 367 36.15 -97.63 -20.05
CA THR MA 367 34.92 -97.51 -19.28
C THR MA 367 34.78 -98.63 -18.26
N LEU MA 368 35.14 -99.86 -18.67
CA LEU MA 368 35.08 -100.99 -17.73
C LEU MA 368 36.06 -100.80 -16.58
N VAL MA 369 37.28 -100.33 -16.87
CA VAL MA 369 38.28 -100.11 -15.83
C VAL MA 369 37.82 -99.02 -14.86
N THR MA 370 37.30 -97.92 -15.41
CA THR MA 370 36.81 -96.83 -14.56
C THR MA 370 35.65 -97.28 -13.69
N THR MA 371 34.73 -98.08 -14.26
CA THR MA 371 33.62 -98.60 -13.47
C THR MA 371 34.11 -99.54 -12.37
N VAL MA 372 35.13 -100.35 -12.66
CA VAL MA 372 35.66 -101.28 -11.66
C VAL MA 372 36.28 -100.52 -10.50
N VAL MA 373 37.08 -99.50 -10.80
CA VAL MA 373 37.71 -98.74 -9.71
C VAL MA 373 36.67 -97.91 -8.96
N SER MA 374 35.62 -97.44 -9.65
CA SER MA 374 34.53 -96.77 -8.95
C SER MA 374 33.77 -97.73 -8.03
N VAL MA 375 33.63 -98.99 -8.44
CA VAL MA 375 33.03 -100.01 -7.60
C VAL MA 375 33.88 -100.23 -6.36
N GLY MA 376 35.20 -100.30 -6.54
CA GLY MA 376 36.10 -100.43 -5.39
C GLY MA 376 36.01 -99.25 -4.44
N LEU MA 377 35.88 -98.04 -4.99
CA LEU MA 377 35.74 -96.85 -4.15
C LEU MA 377 34.42 -96.85 -3.41
N PHE MA 378 33.34 -97.33 -4.05
CA PHE MA 378 32.06 -97.45 -3.35
C PHE MA 378 32.13 -98.48 -2.24
N LEU MA 379 32.86 -99.57 -2.46
CA LEU MA 379 33.08 -100.55 -1.39
C LEU MA 379 33.87 -99.94 -0.25
N LEU MA 380 34.87 -99.12 -0.56
CA LEU MA 380 35.62 -98.41 0.49
C LEU MA 380 34.71 -97.43 1.24
N ILE MA 381 33.78 -96.79 0.53
CA ILE MA 381 32.81 -95.90 1.16
C ILE MA 381 31.93 -96.69 2.14
N PHE MA 382 31.52 -97.89 1.74
CA PHE MA 382 30.76 -98.76 2.64
C PHE MA 382 31.58 -99.13 3.87
N PHE MA 383 32.85 -99.46 3.67
CA PHE MA 383 33.72 -99.83 4.78
C PHE MA 383 33.90 -98.67 5.74
N VAL MA 384 33.96 -97.44 5.22
CA VAL MA 384 34.07 -96.26 6.07
C VAL MA 384 32.76 -96.01 6.81
N GLU MA 385 31.62 -96.14 6.12
CA GLU MA 385 30.32 -95.96 6.76
C GLU MA 385 30.04 -97.02 7.81
N CYS MA 386 30.72 -98.17 7.74
CA CYS MA 386 30.60 -99.19 8.78
C CYS MA 386 31.10 -98.71 10.14
N GLN MA 387 31.88 -97.64 10.19
CA GLN MA 387 32.37 -97.10 11.45
C GLN MA 387 31.23 -96.45 12.24
N THR MA 388 31.42 -96.36 13.55
CA THR MA 388 30.42 -95.77 14.43
C THR MA 388 30.55 -94.26 14.49
N THR MA 389 29.54 -93.62 15.06
CA THR MA 389 29.52 -92.17 15.22
C THR MA 389 28.61 -91.83 16.39
N THR MA 390 28.54 -90.53 16.70
CA THR MA 390 27.71 -90.06 17.81
C THR MA 390 26.23 -90.22 17.46
N PHE MA 391 25.45 -90.69 18.43
CA PHE MA 391 24.02 -90.93 18.23
C PHE MA 391 23.21 -89.83 18.90
N ALA MA 392 22.26 -89.28 18.17
CA ALA MA 392 21.35 -88.25 18.67
C ALA MA 392 19.94 -88.81 18.70
N GLY MA 393 19.30 -88.77 19.87
CA GLY MA 393 17.96 -89.30 20.00
C GLY MA 393 17.94 -90.82 19.99
N ILE MA 394 16.75 -91.36 19.68
CA ILE MA 394 16.40 -92.79 19.62
C ILE MA 394 17.05 -93.58 20.76
N ASN MA 395 16.98 -93.02 21.97
CA ASN MA 395 17.64 -93.57 23.14
C ASN MA 395 16.73 -94.45 23.98
N GLU MA 396 15.72 -95.08 23.35
CA GLU MA 396 14.82 -96.03 23.97
C GLU MA 396 14.09 -95.41 25.18
N ASP MA 397 13.22 -94.44 24.84
CA ASP MA 397 12.38 -93.67 25.76
C ASP MA 397 13.21 -92.68 26.57
N TYR MA 398 12.58 -91.58 27.00
CA TYR MA 398 13.27 -90.45 27.62
C TYR MA 398 13.63 -90.83 29.06
N ASP MA 399 14.64 -91.68 29.19
CA ASP MA 399 15.25 -92.05 30.48
C ASP MA 399 14.23 -92.64 31.45
N GLY MA 400 13.17 -93.26 30.93
CA GLY MA 400 12.11 -93.80 31.75
C GLY MA 400 11.03 -92.80 32.12
N TYR MA 401 11.25 -91.51 31.87
CA TYR MA 401 10.25 -90.48 32.14
C TYR MA 401 9.40 -90.33 30.89
N GLY MA 402 8.35 -91.15 30.80
CA GLY MA 402 7.49 -91.18 29.64
C GLY MA 402 7.97 -92.15 28.58
N GLN MA 403 7.13 -92.33 27.57
CA GLN MA 403 7.38 -93.23 26.46
C GLN MA 403 7.68 -92.43 25.19
N LEU MA 404 7.87 -93.14 24.08
CA LEU MA 404 8.01 -92.50 22.78
C LEU MA 404 6.65 -91.93 22.39
N GLY MA 405 6.49 -90.62 22.61
CA GLY MA 405 5.21 -89.98 22.45
C GLY MA 405 4.96 -88.97 23.56
N ASN MA 406 5.94 -88.83 24.45
CA ASN MA 406 5.89 -87.84 25.52
C ASN MA 406 6.28 -86.44 25.05
N LEU MA 407 6.48 -86.25 23.75
CA LEU MA 407 6.82 -84.95 23.20
C LEU MA 407 5.70 -83.94 23.35
N THR MA 408 4.47 -84.38 23.56
CA THR MA 408 3.33 -83.49 23.72
C THR MA 408 2.99 -83.32 25.21
N ALA MA 409 3.92 -82.68 25.92
CA ALA MA 409 3.78 -82.46 27.35
C ALA MA 409 3.37 -81.01 27.63
N ASP MA 410 3.31 -80.65 28.92
CA ASP MA 410 3.01 -79.27 29.28
C ASP MA 410 4.14 -78.33 28.90
N CYS MA 411 5.38 -78.80 28.99
CA CYS MA 411 6.52 -78.04 28.49
C CYS MA 411 6.48 -77.87 26.97
N ASN MA 412 5.79 -78.76 26.25
CA ASN MA 412 5.47 -78.51 24.85
C ASN MA 412 4.35 -77.48 24.73
N GLU MA 413 3.30 -77.60 25.53
CA GLU MA 413 2.08 -76.84 25.32
C GLU MA 413 2.20 -75.38 25.75
N TYR MA 414 3.10 -75.07 26.68
CA TYR MA 414 3.17 -73.72 27.23
C TYR MA 414 3.61 -72.70 26.18
N CYS MA 415 4.63 -73.03 25.40
CA CYS MA 415 5.18 -72.12 24.40
C CYS MA 415 4.61 -72.33 23.01
N ASP MA 416 3.65 -73.25 22.86
CA ASP MA 416 2.89 -73.47 21.63
C ASP MA 416 3.81 -73.84 20.46
N CYS MA 417 4.47 -74.98 20.61
CA CYS MA 417 5.34 -75.51 19.57
C CYS MA 417 4.51 -76.29 18.54
N THR MA 418 5.06 -76.41 17.34
CA THR MA 418 4.46 -77.18 16.26
C THR MA 418 5.42 -78.28 15.84
N THR MA 419 4.91 -79.51 15.76
CA THR MA 419 5.72 -80.71 15.56
C THR MA 419 6.34 -80.81 14.15
N SER MA 420 6.06 -79.91 13.21
CA SER MA 420 6.62 -80.02 11.87
C SER MA 420 7.95 -79.29 11.71
N LEU MA 421 8.41 -78.57 12.73
CA LEU MA 421 9.65 -77.80 12.66
C LEU MA 421 10.49 -78.00 13.90
N TYR MA 422 10.48 -79.20 14.46
CA TYR MA 422 11.26 -79.49 15.66
C TYR MA 422 12.73 -79.67 15.30
N THR MA 423 13.61 -78.99 16.02
CA THR MA 423 15.04 -79.11 15.86
C THR MA 423 15.62 -79.89 17.04
N SER MA 424 16.93 -80.10 17.03
CA SER MA 424 17.62 -80.88 18.03
C SER MA 424 18.52 -79.97 18.86
N ILE MA 425 18.27 -79.92 20.16
CA ILE MA 425 19.13 -79.22 21.10
C ILE MA 425 20.03 -80.25 21.77
N CYS MA 426 21.20 -79.79 22.21
CA CYS MA 426 22.20 -80.65 22.82
C CYS MA 426 22.44 -80.18 24.25
N GLY MA 427 22.01 -81.00 25.23
CA GLY MA 427 22.31 -80.68 26.60
C GLY MA 427 23.76 -80.91 26.94
N ARG MA 428 24.17 -80.39 28.10
CA ARG MA 428 25.56 -80.48 28.50
C ARG MA 428 25.96 -81.86 29.00
N ASP MA 429 24.99 -82.76 29.20
CA ASP MA 429 25.28 -84.14 29.60
C ASP MA 429 25.38 -85.09 28.42
N GLU MA 430 25.79 -84.59 27.26
CA GLU MA 430 25.98 -85.35 26.01
C GLU MA 430 24.69 -86.02 25.54
N LYS MA 431 23.53 -85.43 25.83
CA LYS MA 431 22.25 -86.00 25.42
C LYS MA 431 21.54 -85.01 24.50
N GLU MA 432 21.03 -85.52 23.38
CA GLU MA 432 20.34 -84.70 22.39
C GLU MA 432 18.83 -84.86 22.54
N TYR MA 433 18.14 -83.73 22.71
CA TYR MA 433 16.69 -83.72 22.85
C TYR MA 433 16.08 -82.97 21.68
N PHE MA 434 15.09 -83.58 21.03
CA PHE MA 434 14.34 -82.87 20.00
C PHE MA 434 13.46 -81.80 20.65
N SER MA 435 13.07 -80.81 19.83
CA SER MA 435 12.15 -79.75 20.21
C SER MA 435 12.68 -78.94 21.40
N PRO MA 436 13.64 -78.05 21.17
CA PRO MA 436 14.23 -77.28 22.29
C PRO MA 436 13.22 -76.46 23.07
N CYS MA 437 12.07 -76.09 22.48
CA CYS MA 437 11.02 -75.47 23.26
C CYS MA 437 10.34 -76.48 24.18
N PHE MA 438 10.19 -77.73 23.72
CA PHE MA 438 9.71 -78.80 24.59
C PHE MA 438 10.72 -79.15 25.68
N ALA MA 439 11.99 -78.80 25.47
CA ALA MA 439 12.99 -79.00 26.53
C ALA MA 439 12.72 -78.17 27.78
N GLY MA 440 11.75 -77.25 27.76
CA GLY MA 440 11.32 -76.54 28.94
C GLY MA 440 11.80 -75.13 29.06
N CYS MA 441 12.39 -74.57 28.00
CA CYS MA 441 13.01 -73.24 28.06
C CYS MA 441 11.98 -72.19 27.70
N LYS MA 442 11.49 -71.47 28.70
CA LYS MA 442 10.51 -70.42 28.50
C LYS MA 442 11.13 -69.07 28.20
N ALA MA 443 12.44 -68.92 28.37
CA ALA MA 443 13.14 -67.68 28.09
C ALA MA 443 14.10 -67.90 26.94
N THR MA 444 14.08 -66.99 25.96
CA THR MA 444 14.90 -67.12 24.75
C THR MA 444 15.62 -65.80 24.52
N LYS MA 445 16.83 -65.69 25.07
CA LYS MA 445 17.70 -64.54 24.83
C LYS MA 445 18.82 -64.96 23.89
N VAL MA 446 18.92 -64.29 22.76
CA VAL MA 446 19.81 -64.71 21.68
C VAL MA 446 21.01 -63.78 21.61
N SER MA 447 22.01 -64.21 20.83
CA SER MA 447 23.24 -63.47 20.60
C SER MA 447 23.33 -63.08 19.13
N GLN MA 448 24.47 -62.49 18.76
CA GLN MA 448 24.66 -62.04 17.39
C GLN MA 448 24.95 -63.20 16.44
N THR MA 449 25.65 -64.23 16.94
CA THR MA 449 26.11 -65.32 16.09
C THR MA 449 25.69 -66.71 16.57
N GLU MA 450 24.81 -66.80 17.56
CA GLU MA 450 24.45 -68.09 18.12
C GLU MA 450 23.05 -68.03 18.72
N LYS MA 451 22.34 -69.14 18.65
CA LYS MA 451 21.01 -69.26 19.24
C LYS MA 451 21.06 -70.14 20.48
N THR MA 452 20.43 -69.65 21.55
CA THR MA 452 20.56 -70.26 22.86
C THR MA 452 19.22 -70.15 23.59
N TYR MA 453 18.92 -71.16 24.39
CA TYR MA 453 17.69 -71.22 25.16
C TYR MA 453 18.00 -71.08 26.65
N TYR MA 454 17.12 -70.40 27.38
CA TYR MA 454 17.33 -70.10 28.79
C TYR MA 454 16.17 -70.63 29.63
N ASN MA 455 16.48 -70.98 30.89
CA ASN MA 455 15.51 -71.42 31.88
C ASN MA 455 14.73 -72.65 31.40
N CYS MA 456 15.46 -73.74 31.20
CA CYS MA 456 14.88 -75.00 30.75
C CYS MA 456 14.51 -75.86 31.96
N SER MA 457 13.23 -76.23 32.04
CA SER MA 457 12.70 -76.97 33.19
C SER MA 457 12.23 -78.38 32.86
N CYS MA 458 11.83 -78.64 31.61
CA CYS MA 458 11.43 -79.97 31.19
C CYS MA 458 12.62 -80.86 30.88
N ILE MA 459 13.84 -80.33 31.01
CA ILE MA 459 15.08 -81.03 30.75
C ILE MA 459 15.44 -81.88 31.97
N LYS MA 460 16.42 -82.77 31.83
CA LYS MA 460 16.91 -83.61 32.92
C LYS MA 460 17.83 -82.77 33.82
N GLU MA 461 18.55 -83.43 34.73
CA GLU MA 461 19.49 -82.72 35.58
C GLU MA 461 20.57 -82.06 34.74
N GLY MA 462 21.43 -82.86 34.11
CA GLY MA 462 22.42 -82.36 33.17
C GLY MA 462 23.29 -81.26 33.76
N LEU MA 463 23.42 -80.18 33.00
CA LEU MA 463 24.03 -78.94 33.43
C LEU MA 463 25.46 -79.20 33.91
N ALA MA 464 26.26 -79.74 32.98
CA ALA MA 464 27.58 -80.22 33.37
C ALA MA 464 28.59 -79.09 33.46
N ALA MA 465 28.91 -78.45 32.33
CA ALA MA 465 29.90 -77.39 32.29
C ALA MA 465 29.31 -76.06 31.86
N SER MA 466 28.70 -76.00 30.68
CA SER MA 466 28.11 -74.80 30.08
C SER MA 466 29.11 -73.67 29.92
N ASP MA 467 28.66 -72.52 29.39
CA ASP MA 467 29.47 -71.32 29.29
C ASP MA 467 28.59 -70.10 29.01
N ASP MA 468 28.65 -69.11 29.90
CA ASP MA 468 27.91 -67.87 29.71
C ASP MA 468 28.59 -66.76 30.52
N GLU MA 469 28.28 -65.52 30.16
CA GLU MA 469 28.88 -64.35 30.78
C GLU MA 469 27.88 -63.51 31.55
N GLY MA 470 26.80 -63.06 30.91
CA GLY MA 470 25.85 -62.19 31.57
C GLY MA 470 24.79 -62.90 32.38
N GLN MA 471 24.50 -64.15 32.05
CA GLN MA 471 23.47 -64.93 32.74
C GLN MA 471 24.00 -66.35 32.90
N PHE MA 472 23.11 -67.28 33.24
CA PHE MA 472 23.48 -68.68 33.32
C PHE MA 472 22.26 -69.53 32.98
N ILE MA 473 22.45 -70.85 33.03
CA ILE MA 473 21.49 -71.86 32.59
C ILE MA 473 21.12 -71.56 31.15
N ASP MA 474 22.04 -71.83 30.23
CA ASP MA 474 21.87 -71.52 28.81
C ASP MA 474 22.27 -72.74 27.98
N ALA MA 475 21.29 -73.35 27.35
CA ALA MA 475 21.55 -74.49 26.46
C ALA MA 475 21.70 -73.98 25.03
N ILE MA 476 22.88 -74.22 24.45
CA ILE MA 476 23.11 -73.84 23.06
C ILE MA 476 22.21 -74.69 22.16
N ALA MA 477 21.77 -74.10 21.05
CA ALA MA 477 20.88 -74.84 20.16
C ALA MA 477 21.64 -75.32 18.93
N GLY MA 478 21.02 -76.24 18.21
CA GLY MA 478 21.68 -76.92 17.12
C GLY MA 478 22.35 -78.19 17.60
N THR MA 479 22.61 -79.08 16.66
CA THR MA 479 23.14 -80.39 16.99
C THR MA 479 24.63 -80.28 17.32
N CYS MA 480 25.01 -80.81 18.48
CA CYS MA 480 26.41 -80.83 18.88
C CYS MA 480 27.05 -82.11 18.35
N ASP MA 481 28.31 -81.98 17.95
CA ASP MA 481 29.06 -83.11 17.41
C ASP MA 481 30.41 -83.17 18.09
N SER MA 482 30.79 -84.36 18.55
CA SER MA 482 32.09 -84.58 19.16
C SER MA 482 33.02 -85.41 18.29
N ASP MA 483 32.49 -86.21 17.37
CA ASP MA 483 33.30 -87.01 16.45
C ASP MA 483 32.72 -86.83 15.05
N CYS MA 484 33.20 -85.81 14.34
CA CYS MA 484 32.76 -85.51 12.99
C CYS MA 484 33.92 -85.53 12.00
N LEU MA 485 35.00 -86.23 12.32
CA LEU MA 485 36.17 -86.28 11.45
C LEU MA 485 36.01 -87.24 10.29
N LYS MA 486 34.95 -88.05 10.27
CA LYS MA 486 34.71 -88.93 9.13
C LYS MA 486 34.22 -88.16 7.91
N LEU MA 487 33.68 -86.96 8.12
CA LEU MA 487 33.15 -86.17 7.01
C LEU MA 487 34.18 -85.77 5.96
N PRO MA 488 35.38 -85.26 6.29
CA PRO MA 488 36.36 -84.98 5.23
C PRO MA 488 36.79 -86.21 4.44
N LEU MA 489 36.96 -87.36 5.11
CA LEU MA 489 37.31 -88.58 4.39
C LEU MA 489 36.18 -89.02 3.47
N PHE MA 490 34.94 -88.94 3.96
CA PHE MA 490 33.79 -89.26 3.11
C PHE MA 490 33.68 -88.31 1.94
N PHE MA 491 34.03 -87.03 2.14
CA PHE MA 491 33.96 -86.06 1.06
C PHE MA 491 35.05 -86.31 0.02
N ALA MA 492 36.25 -86.72 0.46
CA ALA MA 492 37.29 -87.08 -0.49
C ALA MA 492 36.90 -88.32 -1.30
N PHE MA 493 36.30 -89.32 -0.64
CA PHE MA 493 35.85 -90.50 -1.35
C PHE MA 493 34.72 -90.16 -2.32
N TYR MA 494 33.85 -89.23 -1.94
CA TYR MA 494 32.81 -88.76 -2.85
C TYR MA 494 33.38 -87.96 -4.00
N PHE MA 495 34.47 -87.21 -3.76
CA PHE MA 495 35.19 -86.56 -4.84
C PHE MA 495 35.64 -87.58 -5.88
N SER MA 496 36.29 -88.66 -5.41
CA SER MA 496 36.79 -89.67 -6.33
C SER MA 496 35.64 -90.38 -7.04
N ALA MA 497 34.55 -90.68 -6.32
CA ALA MA 497 33.40 -91.33 -6.93
C ALA MA 497 32.76 -90.46 -8.00
N THR MA 498 32.62 -89.15 -7.73
CA THR MA 498 32.07 -88.24 -8.71
C THR MA 498 32.98 -88.10 -9.92
N VAL MA 499 34.30 -88.09 -9.70
CA VAL MA 499 35.26 -88.00 -10.80
C VAL MA 499 35.15 -89.21 -11.72
N PHE MA 500 35.10 -90.42 -11.14
CA PHE MA 500 35.03 -91.62 -11.95
C PHE MA 500 33.63 -91.84 -12.54
N SER MA 501 32.59 -91.27 -11.94
CA SER MA 501 31.28 -91.30 -12.56
C SER MA 501 31.20 -90.33 -13.72
N ASN MA 502 31.92 -89.21 -13.64
CA ASN MA 502 31.86 -88.20 -14.69
C ASN MA 502 32.75 -88.54 -15.88
N MET MA 503 33.83 -89.30 -15.70
CA MET MA 503 34.52 -89.73 -16.92
C MET MA 503 33.80 -90.85 -17.66
N CYS MA 504 32.75 -91.44 -17.10
CA CYS MA 504 32.08 -92.56 -17.75
C CYS MA 504 31.16 -92.15 -18.90
N SER MA 505 30.60 -90.94 -18.85
CA SER MA 505 29.58 -90.55 -19.83
C SER MA 505 30.19 -90.21 -21.19
N ILE MA 506 31.37 -89.56 -21.21
CA ILE MA 506 31.92 -89.06 -22.47
C ILE MA 506 32.26 -90.15 -23.47
N PRO MA 507 32.96 -91.23 -23.11
CA PRO MA 507 33.19 -92.29 -24.11
C PRO MA 507 31.92 -92.97 -24.60
N VAL MA 508 30.86 -92.97 -23.79
CA VAL MA 508 29.59 -93.54 -24.23
C VAL MA 508 29.01 -92.72 -25.38
N ILE MA 509 29.03 -91.39 -25.24
CA ILE MA 509 28.54 -90.53 -26.32
C ILE MA 509 29.46 -90.59 -27.53
N SER MA 510 30.77 -90.72 -27.31
CA SER MA 510 31.69 -90.91 -28.42
C SER MA 510 31.42 -92.20 -29.17
N ILE MA 511 31.06 -93.27 -28.44
CA ILE MA 511 30.64 -94.52 -29.06
C ILE MA 511 29.35 -94.31 -29.85
N ILE MA 512 28.41 -93.54 -29.28
CA ILE MA 512 27.15 -93.25 -29.95
C ILE MA 512 27.38 -92.56 -31.29
N LEU MA 513 28.35 -91.65 -31.34
CA LEU MA 513 28.66 -90.96 -32.59
C LEU MA 513 29.16 -91.91 -33.67
N GLN MA 514 29.96 -92.91 -33.31
CA GLN MA 514 30.65 -93.73 -34.30
C GLN MA 514 29.69 -94.60 -35.10
N SER MA 515 28.68 -95.17 -34.44
CA SER MA 515 27.88 -96.23 -35.03
C SER MA 515 26.70 -95.72 -35.86
N VAL MA 516 26.58 -94.41 -36.05
CA VAL MA 516 25.48 -93.82 -36.81
C VAL MA 516 26.07 -93.00 -37.95
N PRO MA 517 25.38 -92.86 -39.08
CA PRO MA 517 25.89 -92.02 -40.17
C PRO MA 517 25.78 -90.54 -39.81
N ALA MA 518 26.40 -89.72 -40.67
CA ALA MA 518 26.39 -88.28 -40.47
C ALA MA 518 24.99 -87.69 -40.60
N ASN MA 519 24.22 -88.16 -41.59
CA ASN MA 519 22.87 -87.65 -41.78
C ASN MA 519 21.94 -88.09 -40.66
N PHE MA 520 22.22 -89.24 -40.07
CA PHE MA 520 21.39 -89.81 -39.03
C PHE MA 520 21.81 -89.45 -37.61
N THR MA 521 22.81 -88.58 -37.44
CA THR MA 521 23.32 -88.33 -36.10
C THR MA 521 22.36 -87.47 -35.27
N SER MA 522 21.32 -86.90 -35.90
CA SER MA 522 20.37 -86.08 -35.16
C SER MA 522 19.49 -86.90 -34.23
N LEU MA 523 18.91 -87.99 -34.72
CA LEU MA 523 17.88 -88.70 -33.98
C LEU MA 523 18.43 -89.65 -32.92
N SER MA 524 19.72 -89.98 -32.98
CA SER MA 524 20.28 -90.90 -31.99
C SER MA 524 20.27 -90.28 -30.60
N LEU MA 525 20.59 -88.99 -30.50
CA LEU MA 525 20.59 -88.30 -29.22
C LEU MA 525 19.18 -88.23 -28.64
N GLY MA 526 18.18 -87.99 -29.49
CA GLY MA 526 16.81 -87.99 -29.03
C GLY MA 526 16.33 -89.36 -28.58
N VAL MA 527 16.76 -90.40 -29.30
CA VAL MA 527 16.43 -91.78 -28.91
C VAL MA 527 17.01 -92.09 -27.54
N THR MA 528 18.25 -91.68 -27.30
CA THR MA 528 18.85 -91.87 -25.97
C THR MA 528 18.13 -91.05 -24.90
N TYR MA 529 17.77 -89.80 -25.22
CA TYR MA 529 17.18 -88.92 -24.22
C TYR MA 529 15.75 -89.34 -23.88
N ALA MA 530 15.06 -90.02 -24.79
CA ALA MA 530 13.74 -90.54 -24.45
C ALA MA 530 13.82 -91.57 -23.33
N ILE MA 531 14.77 -92.52 -23.44
CA ILE MA 531 15.00 -93.47 -22.36
C ILE MA 531 15.60 -92.82 -21.13
N VAL MA 532 16.33 -91.71 -21.31
CA VAL MA 532 16.89 -90.98 -20.17
C VAL MA 532 15.78 -90.46 -19.26
N LYS MA 533 14.71 -89.92 -19.85
CA LYS MA 533 13.66 -89.27 -19.08
C LYS MA 533 12.45 -90.14 -18.78
N PHE MA 534 12.12 -91.13 -19.62
CA PHE MA 534 10.90 -91.90 -19.42
C PHE MA 534 11.16 -93.18 -18.62
N VAL MA 535 12.01 -94.07 -19.17
CA VAL MA 535 12.25 -95.35 -18.52
C VAL MA 535 13.00 -95.18 -17.21
N ALA MA 536 13.93 -94.23 -17.16
CA ALA MA 536 14.78 -94.05 -15.98
C ALA MA 536 14.11 -93.16 -14.93
N SER MA 537 13.71 -91.95 -15.33
CA SER MA 537 13.38 -90.92 -14.36
C SER MA 537 11.95 -91.01 -13.81
N VAL MA 538 11.08 -91.82 -14.42
CA VAL MA 538 9.72 -91.91 -13.91
C VAL MA 538 9.63 -92.90 -12.75
N PRO MA 539 10.15 -94.14 -12.83
CA PRO MA 539 10.06 -95.05 -11.68
C PRO MA 539 11.06 -94.75 -10.56
N ALA MA 540 12.09 -93.95 -10.83
CA ALA MA 540 13.13 -93.73 -9.83
C ALA MA 540 12.64 -93.01 -8.58
N PRO MA 541 11.87 -91.92 -8.64
CA PRO MA 541 11.34 -91.34 -7.37
C PRO MA 541 10.40 -92.27 -6.64
N LEU MA 542 9.64 -93.11 -7.34
CA LEU MA 542 8.81 -94.10 -6.66
C LEU MA 542 9.68 -95.09 -5.89
N LEU MA 543 10.77 -95.55 -6.51
CA LEU MA 543 11.69 -96.44 -5.80
C LEU MA 543 12.34 -95.74 -4.61
N PHE MA 544 12.70 -94.46 -4.79
CA PHE MA 544 13.31 -93.71 -3.70
C PHE MA 544 12.35 -93.54 -2.54
N ARG MA 545 11.07 -93.26 -2.84
CA ARG MA 545 10.07 -93.14 -1.80
C ARG MA 545 9.83 -94.47 -1.10
N LEU MA 546 9.85 -95.58 -1.86
CA LEU MA 546 9.69 -96.90 -1.24
C LEU MA 546 10.83 -97.20 -0.29
N SER MA 547 12.08 -96.94 -0.72
CA SER MA 547 13.22 -97.18 0.15
C SER MA 547 13.22 -96.24 1.35
N SER MA 548 12.84 -94.99 1.14
CA SER MA 548 12.78 -94.01 2.23
C SER MA 548 11.72 -94.40 3.25
N ALA MA 549 10.58 -94.90 2.78
CA ALA MA 549 9.53 -95.34 3.71
C ALA MA 549 9.93 -96.62 4.43
N ILE MA 550 10.70 -97.49 3.76
CA ILE MA 550 11.21 -98.68 4.44
C ILE MA 550 12.16 -98.29 5.56
N ALA MA 551 13.05 -97.33 5.29
CA ALA MA 551 13.99 -96.89 6.32
C ALA MA 551 13.31 -96.06 7.41
N CYS MA 552 12.27 -95.30 7.05
CA CYS MA 552 11.58 -94.41 7.97
C CYS MA 552 10.31 -95.09 8.47
N ILE MA 553 10.51 -96.07 9.36
CA ILE MA 553 9.37 -96.78 9.94
C ILE MA 553 8.61 -95.88 10.90
N TYR MA 554 9.33 -95.08 11.69
CA TYR MA 554 8.71 -94.23 12.70
C TYR MA 554 8.29 -92.94 12.00
N TRP MA 555 7.06 -92.94 11.50
CA TRP MA 555 6.50 -91.68 11.02
C TRP MA 555 5.76 -90.98 12.15
N ASP MA 556 5.55 -89.68 11.97
CA ASP MA 556 4.80 -88.88 12.94
C ASP MA 556 3.31 -89.11 12.69
N ASN MA 557 2.79 -90.16 13.33
CA ASN MA 557 1.37 -90.46 13.24
C ASN MA 557 0.52 -89.61 14.17
N ASN MA 558 1.14 -88.92 15.13
CA ASN MA 558 0.38 -88.11 16.08
C ASN MA 558 -0.25 -86.90 15.41
N ARG MA 559 0.54 -86.14 14.65
CA ARG MA 559 0.06 -84.93 14.01
C ARG MA 559 0.16 -84.96 12.49
N CYS MA 560 1.30 -85.38 11.94
CA CYS MA 560 1.49 -85.36 10.49
C CYS MA 560 0.54 -86.33 9.79
N GLY MA 561 0.39 -87.53 10.33
CA GLY MA 561 -0.58 -88.46 9.79
C GLY MA 561 -0.05 -89.32 8.65
N GLY MA 562 -0.37 -88.91 7.42
CA GLY MA 562 0.01 -89.68 6.25
C GLY MA 562 1.44 -89.51 5.80
N LYS MA 563 2.39 -89.75 6.71
CA LYS MA 563 3.83 -89.78 6.41
C LYS MA 563 4.31 -88.47 5.81
N GLU MA 564 4.21 -87.41 6.61
CA GLU MA 564 4.66 -86.09 6.19
C GLU MA 564 6.03 -85.71 6.76
N ARG MA 565 6.39 -86.22 7.93
CA ARG MA 565 7.68 -85.90 8.54
C ARG MA 565 8.08 -87.04 9.45
N CYS MA 566 9.35 -87.43 9.40
CA CYS MA 566 9.91 -88.46 10.27
C CYS MA 566 11.00 -87.87 11.15
N TRP MA 567 11.40 -88.63 12.16
CA TRP MA 567 12.47 -88.21 13.06
C TRP MA 567 13.58 -89.25 13.15
N ILE MA 568 13.23 -90.53 13.22
CA ILE MA 568 14.22 -91.60 13.30
C ILE MA 568 14.44 -92.16 11.91
N TYR MA 569 15.55 -91.72 11.29
CA TYR MA 569 16.01 -92.24 10.01
C TYR MA 569 17.04 -93.33 10.32
N ASN MA 570 16.64 -94.59 10.09
CA ASN MA 570 17.46 -95.74 10.48
C ASN MA 570 18.74 -95.76 9.66
N LYS MA 571 19.86 -95.42 10.31
CA LYS MA 571 21.10 -95.16 9.60
C LYS MA 571 21.65 -96.42 8.93
N ASN MA 572 21.73 -97.52 9.67
CA ASN MA 572 22.25 -98.76 9.11
C ASN MA 572 21.37 -99.28 7.98
N ILE MA 573 20.05 -99.20 8.17
CA ILE MA 573 19.11 -99.69 7.16
C ILE MA 573 19.22 -98.86 5.89
N LEU MA 574 19.25 -97.53 6.01
CA LEU MA 574 19.35 -96.67 4.84
C LEU MA 574 20.67 -96.88 4.11
N VAL MA 575 21.78 -97.01 4.86
CA VAL MA 575 23.08 -97.22 4.23
C VAL MA 575 23.09 -98.53 3.46
N TYR MA 576 22.64 -99.61 4.10
CA TYR MA 576 22.67 -100.92 3.47
C TYR MA 576 21.79 -100.94 2.23
N GLU MA 577 20.56 -100.41 2.34
CA GLU MA 577 19.64 -100.42 1.21
C GLU MA 577 20.15 -99.55 0.06
N PHE MA 578 20.63 -98.35 0.36
CA PHE MA 578 21.03 -97.43 -0.69
C PHE MA 578 22.27 -97.92 -1.42
N MET MA 579 23.27 -98.41 -0.70
CA MET MA 579 24.42 -98.84 -1.50
C MET MA 579 24.27 -100.27 -1.98
N GLY MA 580 23.26 -101.00 -1.50
CA GLY MA 580 22.84 -102.19 -2.22
C GLY MA 580 22.26 -101.86 -3.58
N ILE MA 581 21.43 -100.81 -3.63
CA ILE MA 581 20.89 -100.33 -4.90
C ILE MA 581 22.01 -99.84 -5.80
N TRP MA 582 22.95 -99.08 -5.23
CA TRP MA 582 24.07 -98.56 -6.01
C TRP MA 582 24.97 -99.68 -6.53
N MET MA 583 25.23 -100.69 -5.70
CA MET MA 583 26.03 -101.83 -6.13
C MET MA 583 25.32 -102.63 -7.21
N SER MA 584 24.00 -102.78 -7.09
CA SER MA 584 23.24 -103.46 -8.14
C SER MA 584 23.33 -102.70 -9.46
N SER MA 585 23.20 -101.38 -9.41
CA SER MA 585 23.31 -100.58 -10.64
C SER MA 585 24.71 -100.66 -11.24
N GLN MA 586 25.74 -100.58 -10.40
CA GLN MA 586 27.11 -100.65 -10.90
C GLN MA 586 27.44 -102.03 -11.46
N LEU MA 587 26.93 -103.09 -10.84
CA LEU MA 587 27.14 -104.44 -11.38
C LEU MA 587 26.37 -104.65 -12.67
N ILE MA 588 25.19 -104.03 -12.80
CA ILE MA 588 24.46 -104.06 -14.07
C ILE MA 588 25.28 -103.37 -15.15
N ILE MA 589 25.88 -102.22 -14.82
CA ILE MA 589 26.74 -101.51 -15.77
C ILE MA 589 27.94 -102.37 -16.17
N VAL MA 590 28.55 -103.04 -15.18
CA VAL MA 590 29.73 -103.88 -15.45
C VAL MA 590 29.36 -105.05 -16.34
N LEU MA 591 28.23 -105.70 -16.07
CA LEU MA 591 27.80 -106.84 -16.90
C LEU MA 591 27.44 -106.38 -18.31
N LEU MA 592 26.80 -105.21 -18.44
CA LEU MA 592 26.50 -104.68 -19.75
C LEU MA 592 27.77 -104.36 -20.53
N ASN MA 593 28.78 -103.80 -19.85
CA ASN MA 593 30.04 -103.49 -20.51
C ASN MA 593 30.77 -104.77 -20.93
N ILE MA 594 30.74 -105.79 -20.09
CA ILE MA 594 31.41 -107.04 -20.42
C ILE MA 594 30.67 -107.80 -21.52
N TYR MA 595 29.37 -107.57 -21.68
CA TYR MA 595 28.65 -108.09 -22.84
C TYR MA 595 28.99 -107.30 -24.09
N ALA MA 596 29.04 -105.97 -23.96
CA ALA MA 596 29.28 -105.10 -25.12
C ALA MA 596 30.69 -105.24 -25.66
N ILE MA 597 31.65 -105.57 -24.81
CA ILE MA 597 33.02 -105.79 -25.28
C ILE MA 597 33.05 -106.96 -26.26
N GLN MA 598 32.45 -108.08 -25.87
CA GLN MA 598 32.41 -109.24 -26.76
C GLN MA 598 31.54 -108.97 -27.99
N ILE MA 599 30.43 -108.24 -27.82
CA ILE MA 599 29.56 -107.95 -28.95
C ILE MA 599 30.28 -107.08 -29.98
N HIS MA 600 30.98 -106.04 -29.50
CA HIS MA 600 31.73 -105.16 -30.40
C HIS MA 600 32.90 -105.89 -31.04
N ASP MA 601 33.55 -106.79 -30.28
CA ASP MA 601 34.63 -107.60 -30.86
C ASP MA 601 34.11 -108.49 -31.98
N VAL MA 602 32.96 -109.12 -31.77
CA VAL MA 602 32.36 -109.98 -32.79
C VAL MA 602 31.98 -109.17 -34.02
N VAL MA 603 31.38 -107.99 -33.81
CA VAL MA 603 30.98 -107.14 -34.93
C VAL MA 603 32.20 -106.66 -35.71
N VAL MA 604 33.26 -106.28 -35.00
CA VAL MA 604 34.49 -105.81 -35.65
C VAL MA 604 35.13 -106.95 -36.46
N HIS MA 605 35.16 -108.16 -35.88
CA HIS MA 605 35.73 -109.29 -36.60
C HIS MA 605 34.89 -109.64 -37.83
N GLY MA 606 33.56 -109.52 -37.73
CA GLY MA 606 32.72 -109.75 -38.89
C GLY MA 606 32.91 -108.72 -39.98
N GLU MA 607 33.08 -107.46 -39.60
CA GLU MA 607 33.25 -106.40 -40.58
C GLU MA 607 34.66 -106.33 -41.16
N ILE MA 608 35.64 -106.92 -40.49
CA ILE MA 608 37.02 -106.90 -40.97
C ILE MA 608 37.36 -108.18 -41.75
N THR MA 609 37.02 -109.34 -41.19
CA THR MA 609 37.33 -110.69 -41.70
C THR MA 609 38.72 -110.77 -42.32
N GLU MA 610 39.72 -110.37 -41.54
CA GLU MA 610 41.11 -110.41 -41.98
C GLU MA 610 41.63 -111.84 -42.04
N MET NA 1 167.54 -42.32 -2.28
CA MET NA 1 167.26 -41.05 -2.94
C MET NA 1 167.57 -39.87 -2.04
N ARG NA 2 167.20 -38.67 -2.49
CA ARG NA 2 167.55 -37.44 -1.79
C ARG NA 2 166.66 -37.27 -0.57
N TRP NA 3 167.22 -37.50 0.62
CA TRP NA 3 166.45 -37.33 1.84
C TRP NA 3 166.20 -35.84 2.12
N ARG NA 4 167.11 -34.97 1.67
CA ARG NA 4 166.85 -33.53 1.72
C ARG NA 4 165.58 -33.18 0.97
N ASP NA 5 165.46 -33.64 -0.28
CA ASP NA 5 164.31 -33.31 -1.10
C ASP NA 5 163.06 -34.05 -0.64
N ARG NA 6 163.22 -35.22 -0.04
CA ARG NA 6 162.08 -35.94 0.54
C ARG NA 6 161.50 -35.19 1.72
N ILE NA 7 162.37 -34.67 2.60
CA ILE NA 7 161.91 -33.99 3.81
C ILE NA 7 161.61 -32.51 3.58
N ALA NA 8 161.98 -31.96 2.42
CA ALA NA 8 161.79 -30.54 2.18
C ALA NA 8 160.33 -30.18 1.96
N VAL NA 9 159.72 -30.70 0.90
CA VAL NA 9 158.44 -30.18 0.43
C VAL NA 9 157.50 -31.29 0.01
N LEU NA 10 156.20 -30.97 0.07
CA LEU NA 10 155.09 -31.63 -0.62
C LEU NA 10 154.70 -33.01 -0.11
N CYS NA 11 155.50 -33.60 0.77
CA CYS NA 11 155.22 -34.95 1.27
C CYS NA 11 156.19 -35.28 2.39
N PHE NA 12 156.03 -36.48 2.93
CA PHE NA 12 156.91 -37.15 3.88
C PHE NA 12 157.09 -38.59 3.44
N PRO NA 13 158.16 -39.25 3.88
CA PRO NA 13 158.29 -40.70 3.63
C PRO NA 13 157.12 -41.48 4.21
N PRO NA 14 156.84 -42.68 3.71
CA PRO NA 14 155.74 -43.46 4.30
C PRO NA 14 156.08 -43.88 5.72
N GLY NA 15 155.14 -43.65 6.63
CA GLY NA 15 155.45 -43.72 8.05
C GLY NA 15 156.23 -42.50 8.49
N LEU NA 16 156.81 -42.60 9.70
CA LEU NA 16 157.72 -41.60 10.26
C LEU NA 16 157.06 -40.26 10.56
N MET NA 17 155.76 -40.10 10.28
CA MET NA 17 155.06 -38.96 10.84
C MET NA 17 154.28 -39.38 12.08
N LEU NA 18 153.71 -40.59 12.05
CA LEU NA 18 153.04 -41.14 13.22
C LEU NA 18 154.03 -41.36 14.36
N THR NA 19 155.24 -41.81 14.03
CA THR NA 19 156.27 -42.00 15.04
C THR NA 19 156.68 -40.68 15.68
N VAL NA 20 156.87 -39.63 14.87
CA VAL NA 20 157.26 -38.32 15.40
C VAL NA 20 156.15 -37.75 16.27
N ALA NA 21 154.89 -37.88 15.81
CA ALA NA 21 153.77 -37.46 16.64
C ALA NA 21 153.69 -38.26 17.92
N ALA NA 22 154.07 -39.54 17.89
CA ALA NA 22 154.14 -40.34 19.11
C ALA NA 22 155.20 -39.80 20.06
N LEU NA 23 156.35 -39.39 19.53
CA LEU NA 23 157.38 -38.77 20.38
C LEU NA 23 156.85 -37.50 21.04
N ILE NA 24 156.17 -36.66 20.27
CA ILE NA 24 155.66 -35.40 20.81
C ILE NA 24 154.57 -35.67 21.86
N LEU NA 25 153.69 -36.63 21.58
CA LEU NA 25 152.63 -36.97 22.52
C LEU NA 25 153.20 -37.55 23.81
N PHE NA 26 154.23 -38.41 23.69
CA PHE NA 26 154.89 -38.95 24.88
C PHE NA 26 155.56 -37.83 25.67
N PHE NA 27 156.17 -36.87 24.98
CA PHE NA 27 156.81 -35.73 25.64
C PHE NA 27 155.79 -34.94 26.47
N ILE NA 28 154.68 -34.54 25.84
CA ILE NA 28 153.72 -33.69 26.54
C ILE NA 28 153.01 -34.47 27.65
N HIS NA 29 152.71 -35.76 27.43
CA HIS NA 29 152.03 -36.54 28.45
C HIS NA 29 152.96 -36.88 29.62
N MET NA 30 154.24 -37.13 29.36
CA MET NA 30 155.21 -37.29 30.43
C MET NA 30 155.37 -36.00 31.23
N GLY NA 31 155.36 -34.85 30.55
CA GLY NA 31 155.45 -33.58 31.27
C GLY NA 31 154.25 -33.34 32.19
N VAL NA 32 153.04 -33.58 31.68
CA VAL NA 32 151.88 -33.35 32.53
C VAL NA 32 151.80 -34.40 33.64
N PHE NA 33 152.27 -35.63 33.38
CA PHE NA 33 152.33 -36.63 34.44
C PHE NA 33 153.33 -36.25 35.52
N ALA NA 34 154.46 -35.65 35.12
CA ALA NA 34 155.41 -35.12 36.09
C ALA NA 34 154.78 -34.01 36.92
N SER NA 35 153.98 -33.16 36.27
CA SER NA 35 153.25 -32.13 37.02
C SER NA 35 152.29 -32.76 38.03
N ASP NA 36 151.57 -33.81 37.61
CA ASP NA 36 150.63 -34.47 38.52
C ASP NA 36 151.33 -35.09 39.72
N VAL NA 37 152.45 -35.80 39.50
CA VAL NA 37 153.13 -36.43 40.63
C VAL NA 37 153.75 -35.38 41.54
N HIS NA 38 154.27 -34.29 40.95
CA HIS NA 38 154.81 -33.20 41.76
C HIS NA 38 153.75 -32.61 42.67
N ASN NA 39 152.58 -32.26 42.11
CA ASN NA 39 151.54 -31.65 42.91
C ASN NA 39 150.94 -32.63 43.92
N PHE NA 40 150.85 -33.91 43.56
CA PHE NA 40 150.32 -34.89 44.50
C PHE NA 40 151.31 -35.19 45.61
N CYS NA 41 152.61 -34.96 45.39
CA CYS NA 41 153.58 -35.34 46.40
C CYS NA 41 153.94 -34.21 47.35
N VAL NA 42 154.34 -33.04 46.83
CA VAL NA 42 154.95 -32.00 47.70
C VAL NA 42 154.02 -30.79 47.90
N ILE NA 43 153.69 -30.07 46.84
CA ILE NA 43 153.29 -28.68 46.99
C ILE NA 43 151.83 -28.57 47.46
N HIS NA 44 150.97 -29.50 47.05
CA HIS NA 44 149.59 -29.62 47.53
C HIS NA 44 148.77 -28.36 47.24
N ASN NA 45 148.55 -28.10 45.96
CA ASN NA 45 147.70 -27.02 45.48
C ASN NA 45 146.62 -27.57 44.54
N TYR NA 46 145.89 -28.59 45.03
CA TYR NA 46 144.96 -29.40 44.24
C TYR NA 46 143.98 -28.59 43.38
N ASP NA 47 143.80 -27.31 43.67
CA ASP NA 47 142.99 -26.44 42.80
C ASP NA 47 143.56 -26.37 41.38
N HIS NA 48 144.88 -26.52 41.23
CA HIS NA 48 145.54 -26.29 39.95
C HIS NA 48 146.09 -27.57 39.31
N MET NA 49 145.78 -28.74 39.84
CA MET NA 49 146.23 -29.93 39.14
C MET NA 49 145.26 -30.27 38.01
N SER NA 50 145.58 -31.34 37.28
CA SER NA 50 144.74 -31.73 36.15
C SER NA 50 143.55 -32.55 36.61
N PHE NA 51 142.79 -32.04 37.58
CA PHE NA 51 141.46 -32.56 37.91
C PHE NA 51 140.46 -32.33 36.80
N ARG NA 52 140.43 -31.11 36.24
CA ARG NA 52 139.42 -30.65 35.29
C ARG NA 52 139.51 -31.38 33.96
N TYR NA 53 140.70 -31.80 33.56
CA TYR NA 53 140.89 -32.56 32.31
C TYR NA 53 141.20 -34.00 32.71
N THR NA 54 140.22 -34.89 32.48
CA THR NA 54 140.34 -36.27 32.91
C THR NA 54 140.14 -37.29 31.81
N VAL NA 55 139.18 -37.09 30.90
CA VAL NA 55 138.90 -38.11 29.89
C VAL NA 55 139.33 -37.63 28.51
N VAL NA 56 139.51 -36.33 28.33
CA VAL NA 56 139.99 -35.84 27.04
C VAL NA 56 141.45 -36.23 26.83
N LEU NA 57 142.26 -36.18 27.90
CA LEU NA 57 143.63 -36.65 27.77
C LEU NA 57 143.72 -38.17 27.80
N ILE NA 58 142.72 -38.86 28.33
CA ILE NA 58 142.64 -40.32 28.19
C ILE NA 58 142.35 -40.69 26.73
N PHE NA 59 141.46 -39.93 26.08
CA PHE NA 59 141.22 -40.09 24.66
C PHE NA 59 142.48 -39.82 23.85
N SER NA 60 143.23 -38.77 24.24
CA SER NA 60 144.51 -38.49 23.61
C SER NA 60 145.50 -39.65 23.83
N GLN NA 61 145.49 -40.23 25.03
CA GLN NA 61 146.32 -41.38 25.33
C GLN NA 61 146.01 -42.56 24.41
N VAL NA 62 144.73 -42.87 24.25
CA VAL NA 62 144.35 -44.04 23.46
C VAL NA 62 144.59 -43.79 21.97
N ILE NA 63 144.40 -42.56 21.47
CA ILE NA 63 144.67 -42.34 20.06
C ILE NA 63 146.17 -42.28 19.81
N SER NA 64 146.96 -41.88 20.81
CA SER NA 64 148.41 -41.95 20.67
C SER NA 64 148.89 -43.40 20.66
N ILE NA 65 148.28 -44.25 21.50
CA ILE NA 65 148.59 -45.68 21.49
C ILE NA 65 148.27 -46.27 20.12
N GLY NA 66 147.10 -45.93 19.59
CA GLY NA 66 146.74 -46.40 18.26
C GLY NA 66 147.66 -45.88 17.18
N TRP NA 67 148.05 -44.61 17.28
CA TRP NA 67 148.92 -44.01 16.28
C TRP NA 67 150.28 -44.70 16.27
N ALA NA 68 150.82 -44.99 17.45
CA ALA NA 68 152.06 -45.74 17.53
C ALA NA 68 151.89 -47.16 16.97
N ALA NA 69 150.73 -47.78 17.22
CA ALA NA 69 150.49 -49.14 16.73
C ALA NA 69 150.47 -49.19 15.21
N MET NA 70 149.64 -48.35 14.58
CA MET NA 70 149.62 -48.33 13.11
C MET NA 70 150.90 -47.77 12.50
N GLY NA 71 151.65 -46.93 13.23
CA GLY NA 71 152.95 -46.52 12.73
C GLY NA 71 153.93 -47.69 12.68
N SER NA 72 153.96 -48.50 13.74
CA SER NA 72 154.78 -49.71 13.73
C SER NA 72 154.34 -50.66 12.63
N LEU NA 73 153.02 -50.80 12.45
CA LEU NA 73 152.49 -51.68 11.41
C LEU NA 73 152.87 -51.20 10.02
N TYR NA 74 152.81 -49.89 9.78
CA TYR NA 74 153.08 -49.32 8.48
C TYR NA 74 154.58 -49.15 8.22
N ALA NA 75 155.42 -49.28 9.24
CA ALA NA 75 156.87 -49.17 9.07
C ALA NA 75 157.61 -50.49 9.24
N GLU NA 76 156.91 -51.58 9.62
CA GLU NA 76 157.60 -52.85 9.85
C GLU NA 76 158.12 -53.48 8.56
N MET NA 77 157.57 -53.10 7.41
CA MET NA 77 157.85 -53.82 6.17
C MET NA 77 159.08 -53.30 5.43
N THR NA 78 159.79 -52.31 5.99
CA THR NA 78 160.95 -51.75 5.31
C THR NA 78 162.14 -52.71 5.27
N GLY NA 79 162.09 -53.81 6.01
CA GLY NA 79 163.18 -54.76 6.02
C GLY NA 79 164.38 -54.38 6.86
N ASP NA 80 164.30 -53.27 7.59
CA ASP NA 80 165.40 -52.79 8.42
C ASP NA 80 165.04 -52.98 9.88
N LYS NA 81 165.96 -53.56 10.65
CA LYS NA 81 165.67 -53.89 12.04
C LYS NA 81 165.67 -52.65 12.93
N PHE NA 82 166.42 -51.61 12.55
CA PHE NA 82 166.48 -50.40 13.38
C PHE NA 82 165.13 -49.70 13.47
N LEU NA 83 164.42 -49.59 12.34
CA LEU NA 83 163.11 -48.96 12.34
C LEU NA 83 162.11 -49.78 13.16
N ARG NA 84 162.15 -51.10 13.02
CA ARG NA 84 161.25 -51.96 13.80
C ARG NA 84 161.54 -51.85 15.30
N CYS NA 85 162.81 -51.81 15.67
CA CYS NA 85 163.17 -51.66 17.08
C CYS NA 85 162.73 -50.30 17.61
N PHE NA 86 162.89 -49.25 16.81
CA PHE NA 86 162.42 -47.92 17.18
C PHE NA 86 160.93 -47.91 17.45
N ALA NA 87 160.15 -48.44 16.49
CA ALA NA 87 158.70 -48.44 16.61
C ALA NA 87 158.24 -49.29 17.80
N LEU NA 88 158.86 -50.46 17.99
CA LEU NA 88 158.48 -51.32 19.10
C LEU NA 88 158.81 -50.69 20.45
N THR NA 89 159.98 -50.03 20.55
CA THR NA 89 160.32 -49.36 21.80
C THR NA 89 159.36 -48.22 22.11
N ILE NA 90 158.97 -47.45 21.08
CA ILE NA 90 158.02 -46.37 21.30
C ILE NA 90 156.66 -46.92 21.72
N LEU NA 91 156.21 -48.01 21.09
CA LEU NA 91 154.95 -48.64 21.48
C LEU NA 91 155.00 -49.14 22.92
N ILE NA 92 156.12 -49.77 23.30
CA ILE NA 92 156.25 -50.31 24.65
C ILE NA 92 156.24 -49.19 25.69
N LEU NA 93 156.99 -48.12 25.45
CA LEU NA 93 157.02 -47.02 26.41
C LEU NA 93 155.68 -46.33 26.50
N ASN NA 94 154.98 -46.17 25.36
CA ASN NA 94 153.66 -45.56 25.38
C ASN NA 94 152.67 -46.40 26.18
N GLY NA 95 152.68 -47.72 25.97
CA GLY NA 95 151.81 -48.59 26.74
C GLY NA 95 152.12 -48.55 28.23
N ALA NA 96 153.41 -48.54 28.57
CA ALA NA 96 153.82 -48.48 29.97
C ALA NA 96 153.37 -47.19 30.64
N MET NA 97 153.54 -46.05 29.95
CA MET NA 97 153.18 -44.78 30.57
C MET NA 97 151.66 -44.62 30.65
N PHE NA 98 150.94 -45.19 29.67
CA PHE NA 98 149.49 -45.21 29.75
C PHE NA 98 149.02 -46.03 30.95
N PHE NA 99 149.63 -47.20 31.18
CA PHE NA 99 149.24 -48.01 32.33
C PHE NA 99 149.60 -47.31 33.64
N ASN NA 100 150.74 -46.62 33.67
CA ASN NA 100 151.13 -45.87 34.86
C ASN NA 100 150.13 -44.76 35.17
N ARG NA 101 149.70 -44.02 34.13
CA ARG NA 101 148.74 -42.96 34.37
C ARG NA 101 147.36 -43.51 34.72
N LEU NA 102 146.99 -44.66 34.16
CA LEU NA 102 145.73 -45.30 34.54
C LEU NA 102 145.75 -45.70 36.01
N CYS NA 103 146.87 -46.27 36.47
CA CYS NA 103 147.00 -46.61 37.88
C CYS NA 103 146.95 -45.38 38.77
N LEU NA 104 147.60 -44.30 38.34
CA LEU NA 104 147.58 -43.06 39.14
C LEU NA 104 146.18 -42.46 39.20
N GLU NA 105 145.45 -42.47 38.08
CA GLU NA 105 144.09 -41.96 38.07
C GLU NA 105 143.17 -42.82 38.94
N PHE NA 106 143.36 -44.13 38.92
CA PHE NA 106 142.56 -45.01 39.78
C PHE NA 106 142.90 -44.81 41.25
N LEU NA 107 144.16 -44.52 41.56
CA LEU NA 107 144.54 -44.28 42.95
C LEU NA 107 143.99 -42.95 43.45
N ALA NA 108 144.15 -41.89 42.65
CA ALA NA 108 143.64 -40.56 43.02
C ALA NA 108 142.18 -40.47 42.58
N ILE NA 109 141.31 -41.08 43.38
CA ILE NA 109 139.89 -41.17 43.07
C ILE NA 109 139.03 -40.42 44.07
N ASN NA 110 139.44 -40.33 45.34
CA ASN NA 110 138.66 -39.69 46.39
C ASN NA 110 138.88 -38.19 46.45
N TYR NA 111 139.59 -37.61 45.48
CA TYR NA 111 140.01 -36.22 45.54
C TYR NA 111 139.33 -35.34 44.51
N ARG NA 112 138.61 -35.90 43.54
CA ARG NA 112 138.12 -35.13 42.39
C ARG NA 112 136.71 -34.57 42.64
N GLU NA 113 135.75 -35.48 42.80
CA GLU NA 113 134.34 -35.12 42.91
C GLU NA 113 133.55 -36.37 43.31
N GLU NA 114 132.33 -36.19 43.80
CA GLU NA 114 131.51 -37.33 44.23
C GLU NA 114 130.17 -37.28 43.52
N ARG NA 115 129.76 -38.40 42.95
CA ARG NA 115 128.43 -38.52 42.36
C ARG NA 115 127.74 -39.79 42.84
N UNK OA 1 147.98 -41.59 50.50
CA UNK OA 1 148.75 -42.83 50.37
C UNK OA 1 149.34 -42.96 48.96
N UNK OA 2 150.61 -42.61 48.84
CA UNK OA 2 151.29 -42.69 47.55
C UNK OA 2 152.78 -42.93 47.73
N UNK OA 3 153.21 -43.06 48.98
CA UNK OA 3 154.61 -43.29 49.31
C UNK OA 3 154.92 -44.79 49.34
N UNK OA 4 153.88 -45.60 49.21
CA UNK OA 4 154.05 -47.05 49.26
C UNK OA 4 153.26 -47.73 48.14
N UNK OA 5 151.97 -47.41 48.05
CA UNK OA 5 151.08 -48.02 47.06
C UNK OA 5 151.42 -47.54 45.65
N UNK OA 6 151.86 -46.29 45.54
CA UNK OA 6 152.23 -45.73 44.25
C UNK OA 6 153.72 -45.88 43.99
N UNK OA 7 154.44 -46.38 45.00
CA UNK OA 7 155.87 -46.57 44.89
C UNK OA 7 156.19 -48.02 44.55
N UNK OA 8 155.30 -48.93 44.93
CA UNK OA 8 155.47 -50.35 44.66
C UNK OA 8 154.85 -50.71 43.30
N UNK OA 9 154.27 -49.73 42.64
CA UNK OA 9 153.68 -49.93 41.32
C UNK OA 9 154.75 -49.78 40.24
N UNK OA 10 155.80 -49.02 40.56
CA UNK OA 10 156.90 -48.81 39.63
C UNK OA 10 157.94 -49.92 39.78
N UNK OA 11 157.95 -50.55 40.94
CA UNK OA 11 158.88 -51.64 41.22
C UNK OA 11 158.45 -52.91 40.48
N UNK OA 12 157.15 -53.10 40.37
CA UNK OA 12 156.60 -54.26 39.66
C UNK OA 12 156.74 -54.08 38.15
N UNK OA 13 156.74 -52.82 37.70
CA UNK OA 13 156.88 -52.51 36.29
C UNK OA 13 158.32 -52.66 35.84
N UNK OA 14 159.26 -52.32 36.73
CA UNK OA 14 160.68 -52.44 36.43
C UNK OA 14 161.11 -53.89 36.47
N UNK OA 15 160.44 -54.69 37.30
CA UNK OA 15 160.74 -56.11 37.41
C UNK OA 15 160.23 -56.87 36.19
N UNK OA 16 159.08 -56.43 35.67
CA UNK OA 16 158.48 -57.05 34.49
C UNK OA 16 159.28 -56.67 33.24
N UNK OA 17 159.88 -55.49 33.26
CA UNK OA 17 160.69 -55.02 32.14
C UNK OA 17 162.02 -55.76 32.10
N UNK OA 18 162.56 -56.07 33.28
CA UNK OA 18 163.82 -56.78 33.39
C UNK OA 18 163.65 -58.25 33.02
N UNK OA 19 162.47 -58.79 33.33
CA UNK OA 19 162.16 -60.18 33.01
C UNK OA 19 161.93 -60.35 31.52
N UNK OA 20 161.36 -59.31 30.89
CA UNK OA 20 161.12 -59.33 29.45
C UNK OA 20 162.42 -59.11 28.69
N UNK OA 21 163.33 -58.33 29.28
CA UNK OA 21 164.62 -58.07 28.66
C UNK OA 21 165.53 -59.29 28.75
N UNK OA 22 165.40 -60.03 29.85
CA UNK OA 22 166.18 -61.25 30.04
C UNK OA 22 165.68 -62.36 29.13
N UNK OA 23 164.37 -62.38 28.90
CA UNK OA 23 163.77 -63.37 28.02
C UNK OA 23 164.10 -63.08 26.56
N UNK OA 24 164.24 -61.80 26.24
CA UNK OA 24 164.58 -61.37 24.89
C UNK OA 24 166.06 -61.60 24.61
N UNK OA 25 166.88 -61.47 25.66
CA UNK OA 25 168.32 -61.68 25.55
C UNK OA 25 168.62 -63.18 25.47
N UNK OA 26 167.71 -63.98 26.01
CA UNK OA 26 167.87 -65.44 25.99
C UNK OA 26 167.41 -66.00 24.65
N UNK OA 27 166.66 -65.20 23.90
CA UNK OA 27 166.17 -65.62 22.60
C UNK OA 27 167.18 -65.29 21.51
N UNK OA 28 168.16 -64.46 21.86
CA UNK OA 28 169.20 -64.07 20.92
C UNK OA 28 170.29 -65.13 20.84
N MET PA 1 107.57 22.51 -116.88
CA MET PA 1 106.14 22.56 -117.18
C MET PA 1 105.72 23.98 -117.53
N LYS PA 2 104.49 24.12 -118.04
CA LYS PA 2 103.94 25.42 -118.42
C LYS PA 2 103.26 26.06 -117.21
N LEU PA 3 104.09 26.40 -116.22
CA LEU PA 3 103.67 27.02 -114.96
C LEU PA 3 102.63 26.15 -114.24
N THR PA 4 103.04 24.91 -113.97
CA THR PA 4 102.34 23.86 -113.22
C THR PA 4 101.10 23.33 -113.94
N PRO PA 5 100.82 22.03 -113.81
CA PRO PA 5 99.66 21.44 -114.50
C PRO PA 5 98.34 21.93 -113.93
N GLY PA 6 98.31 22.27 -112.64
CA GLY PA 6 97.10 22.80 -112.05
C GLY PA 6 96.71 24.15 -112.66
N CYS PA 7 97.68 25.06 -112.80
CA CYS PA 7 97.40 26.33 -113.44
C CYS PA 7 97.17 26.16 -114.93
N PHE PA 8 97.80 25.15 -115.56
CA PHE PA 8 97.50 24.87 -116.97
C PHE PA 8 96.05 24.43 -117.14
N LEU PA 9 95.56 23.57 -116.25
CA LEU PA 9 94.16 23.15 -116.31
C LEU PA 9 93.22 24.29 -115.97
N TRP PA 10 93.62 25.17 -115.04
CA TRP PA 10 92.82 26.36 -114.74
C TRP PA 10 92.72 27.28 -115.96
N TYR PA 11 93.82 27.47 -116.68
CA TYR PA 11 93.80 28.27 -117.89
C TYR PA 11 92.95 27.61 -118.97
N LEU PA 12 93.01 26.29 -119.08
CA LEU PA 12 92.15 25.58 -120.04
C LEU PA 12 90.68 25.75 -119.69
N TYR PA 13 90.33 25.66 -118.41
CA TYR PA 13 88.96 25.87 -117.99
C TYR PA 13 88.50 27.31 -118.25
N MET PA 14 89.38 28.27 -118.01
CA MET PA 14 89.05 29.67 -118.30
C MET PA 14 88.84 29.90 -119.79
N ASP PA 15 89.67 29.26 -120.63
CA ASP PA 15 89.50 29.38 -122.07
C ASP PA 15 88.22 28.69 -122.54
N LYS PA 16 87.82 27.60 -121.89
CA LYS PA 16 86.58 26.92 -122.24
C LYS PA 16 85.35 27.69 -121.76
N ILE PA 17 85.46 28.44 -120.66
CA ILE PA 17 84.34 29.19 -120.11
C ILE PA 17 84.28 30.63 -120.58
N TYR PA 18 85.29 31.11 -121.30
CA TYR PA 18 85.33 32.49 -121.78
C TYR PA 18 85.57 32.50 -123.28
N CYS PA 19 85.01 33.52 -123.95
CA CYS PA 19 85.18 33.65 -125.39
C CYS PA 19 86.63 33.95 -125.76
N LEU PA 20 87.28 34.82 -124.99
CA LEU PA 20 88.67 35.21 -125.25
C LEU PA 20 89.55 34.71 -124.11
N LEU PA 21 90.61 34.00 -124.46
CA LEU PA 21 91.57 33.49 -123.49
C LEU PA 21 92.75 34.43 -123.26
N SER PA 22 92.74 35.60 -123.92
CA SER PA 22 93.78 36.62 -123.81
C SER PA 22 95.15 36.09 -124.22
N LEU PA 23 96.21 36.82 -123.85
CA LEU PA 23 97.57 36.43 -124.18
C LEU PA 23 98.44 36.66 -122.96
N ARG PA 24 98.91 35.55 -122.36
CA ARG PA 24 99.79 35.57 -121.19
C ARG PA 24 99.15 36.34 -120.02
N ASN PA 25 97.83 36.18 -119.86
CA ASN PA 25 97.15 36.79 -118.73
C ASN PA 25 97.61 36.18 -117.41
N VAL PA 26 97.75 34.86 -117.36
CA VAL PA 26 98.23 34.19 -116.15
C VAL PA 26 99.68 34.57 -115.88
N LYS PA 27 100.49 34.70 -116.94
CA LYS PA 27 101.88 35.11 -116.77
C LYS PA 27 101.97 36.53 -116.23
N ALA PA 28 101.13 37.44 -116.74
CA ALA PA 28 101.12 38.81 -116.23
C ALA PA 28 100.65 38.86 -114.78
N LEU PA 29 99.65 38.04 -114.43
CA LEU PA 29 99.20 37.96 -113.05
C LEU PA 29 100.29 37.44 -112.13
N MET PA 30 101.03 36.42 -112.59
CA MET PA 30 102.13 35.90 -111.79
C MET PA 30 103.26 36.91 -111.64
N VAL PA 31 103.54 37.68 -112.70
CA VAL PA 31 104.55 38.72 -112.62
C VAL PA 31 104.14 39.81 -111.62
N TYR PA 32 102.86 40.21 -111.67
CA TYR PA 32 102.36 41.20 -110.71
C TYR PA 32 102.40 40.67 -109.29
N PHE PA 33 102.07 39.39 -109.10
CA PHE PA 33 102.13 38.80 -107.78
C PHE PA 33 103.56 38.73 -107.26
N HIS PA 34 104.52 38.40 -108.13
CA HIS PA 34 105.92 38.37 -107.72
C HIS PA 34 106.42 39.76 -107.40
N LEU PA 35 105.97 40.78 -108.15
CA LEU PA 35 106.35 42.15 -107.85
C LEU PA 35 105.77 42.61 -106.51
N LEU PA 36 104.53 42.21 -106.22
CA LEU PA 36 103.90 42.60 -104.96
C LEU PA 36 104.55 41.89 -103.77
N ASP PA 37 104.78 40.59 -103.88
CA ASP PA 37 105.42 39.83 -102.82
C ASP PA 37 106.92 40.12 -102.79
N VAL PA 38 107.33 40.98 -101.86
CA VAL PA 38 108.73 41.39 -101.78
C VAL PA 38 109.61 40.22 -101.33
N HIS PA 39 109.16 39.49 -100.30
CA HIS PA 39 109.96 38.40 -99.75
C HIS PA 39 109.94 37.15 -100.63
N HIS PA 40 109.03 37.07 -101.60
CA HIS PA 40 108.88 35.90 -102.48
C HIS PA 40 108.64 34.63 -101.68
N ARG PA 41 107.86 34.74 -100.61
CA ARG PA 41 107.51 33.61 -99.75
C ARG PA 41 106.13 33.04 -100.06
N ASN PA 42 105.68 33.20 -101.32
CA ASN PA 42 104.37 32.74 -101.79
C ASN PA 42 103.22 33.33 -100.96
N THR PA 43 103.40 34.57 -100.50
CA THR PA 43 102.37 35.26 -99.74
C THR PA 43 102.59 36.76 -99.87
N LEU PA 44 101.51 37.52 -99.70
CA LEU PA 44 101.54 38.96 -99.78
C LEU PA 44 100.84 39.56 -98.58
N ASN PA 45 101.37 40.68 -98.09
CA ASN PA 45 100.81 41.33 -96.93
C ASN PA 45 99.55 42.11 -97.31
N ASP PA 46 98.77 42.48 -96.28
CA ASP PA 46 97.56 43.26 -96.50
C ASP PA 46 97.88 44.65 -97.04
N VAL PA 47 98.97 45.26 -96.56
CA VAL PA 47 99.37 46.57 -97.06
C VAL PA 47 99.76 46.50 -98.53
N LEU PA 48 100.50 45.46 -98.91
CA LEU PA 48 100.89 45.28 -100.30
C LEU PA 48 99.67 45.02 -101.18
N PHE PA 49 98.72 44.21 -100.69
CA PHE PA 49 97.50 43.95 -101.45
C PHE PA 49 96.68 45.23 -101.63
N PHE PA 50 96.56 46.04 -100.58
CA PHE PA 50 95.83 47.30 -100.68
C PHE PA 50 96.52 48.26 -101.64
N HIS PA 51 97.86 48.31 -101.60
CA HIS PA 51 98.60 49.17 -102.52
C HIS PA 51 98.39 48.73 -103.96
N PHE PA 52 98.44 47.42 -104.21
CA PHE PA 52 98.21 46.91 -105.57
C PHE PA 52 96.79 47.20 -106.04
N LEU PA 53 95.81 47.03 -105.15
CA LEU PA 53 94.42 47.33 -105.51
C LEU PA 53 94.23 48.81 -105.82
N GLN PA 54 94.83 49.69 -105.02
CA GLN PA 54 94.72 51.12 -105.27
C GLN PA 54 95.45 51.53 -106.54
N HIS PA 55 96.55 50.86 -106.87
CA HIS PA 55 97.29 51.18 -108.08
C HIS PA 55 96.60 50.67 -109.34
N VAL PA 56 95.91 49.53 -109.26
CA VAL PA 56 95.31 48.93 -110.45
C VAL PA 56 93.85 49.35 -110.59
N THR PA 57 93.02 48.96 -109.62
CA THR PA 57 91.58 49.19 -109.71
C THR PA 57 91.14 50.49 -109.04
N ASN PA 58 92.03 51.15 -108.30
CA ASN PA 58 91.73 52.40 -107.58
C ASN PA 58 90.54 52.23 -106.63
N LEU PA 59 90.46 51.07 -105.98
CA LEU PA 59 89.37 50.80 -105.06
C LEU PA 59 89.59 51.50 -103.72
N ASN PA 60 88.51 51.61 -102.95
CA ASN PA 60 88.58 52.21 -101.64
C ASN PA 60 89.32 51.30 -100.66
N LYS PA 61 89.83 51.90 -99.59
CA LYS PA 61 90.57 51.13 -98.59
C LYS PA 61 89.67 50.12 -97.88
N SER PA 62 88.45 50.53 -97.52
CA SER PA 62 87.52 49.61 -96.87
C SER PA 62 87.11 48.47 -97.80
N GLN PA 63 86.86 48.78 -99.08
CA GLN PA 63 86.50 47.74 -100.03
C GLN PA 63 87.67 46.78 -100.26
N ILE PA 64 88.89 47.30 -100.33
CA ILE PA 64 90.06 46.45 -100.50
C ILE PA 64 90.26 45.55 -99.29
N GLY PA 65 90.07 46.10 -98.08
CA GLY PA 65 90.18 45.29 -96.88
C GLY PA 65 89.12 44.21 -96.81
N MET PA 66 87.88 44.54 -97.19
CA MET PA 66 86.81 43.55 -97.21
C MET PA 66 87.09 42.45 -98.23
N ILE PA 67 87.60 42.82 -99.41
CA ILE PA 67 87.94 41.84 -100.43
C ILE PA 67 89.07 40.94 -99.95
N PHE PA 68 90.08 41.52 -99.29
CA PHE PA 68 91.18 40.72 -98.76
C PHE PA 68 90.71 39.77 -97.66
N ASP PA 69 89.81 40.24 -96.79
CA ASP PA 69 89.28 39.38 -95.73
C ASP PA 69 88.44 38.24 -96.31
N LEU PA 70 87.67 38.53 -97.36
CA LEU PA 70 86.88 37.49 -98.01
C LEU PA 70 87.78 36.48 -98.74
N LEU PA 71 88.86 36.96 -99.34
CA LEU PA 71 89.75 36.06 -100.08
C LEU PA 71 90.58 35.19 -99.16
N ASP PA 72 91.06 35.76 -98.05
CA ASP PA 72 91.91 35.02 -97.12
C ASP PA 72 91.03 34.17 -96.20
N TRP PA 73 90.70 32.97 -96.67
CA TRP PA 73 89.90 32.06 -95.86
C TRP PA 73 90.71 31.47 -94.71
N THR PA 74 92.03 31.42 -94.85
CA THR PA 74 92.88 30.88 -93.79
C THR PA 74 92.99 31.82 -92.60
N ALA PA 75 92.69 33.11 -92.80
CA ALA PA 75 92.75 34.13 -91.75
C ALA PA 75 94.12 34.19 -91.08
N VAL PA 76 95.17 34.10 -91.89
CA VAL PA 76 96.54 34.12 -91.39
C VAL PA 76 97.18 35.50 -91.53
N GLY PA 77 96.41 36.51 -91.92
CA GLY PA 77 96.92 37.85 -92.09
C GLY PA 77 97.65 38.09 -93.40
N GLU PA 78 97.66 37.12 -94.31
CA GLU PA 78 98.33 37.25 -95.59
C GLU PA 78 97.47 36.62 -96.68
N ILE PA 79 97.74 37.03 -97.93
CA ILE PA 79 97.01 36.54 -99.09
C ILE PA 79 97.99 35.79 -99.99
N GLY PA 80 97.62 34.57 -100.35
CA GLY PA 80 98.47 33.76 -101.20
C GLY PA 80 98.43 34.21 -102.65
N PHE PA 81 99.41 33.70 -103.41
CA PHE PA 81 99.49 34.01 -104.83
C PHE PA 81 98.31 33.43 -105.59
N ASP PA 82 97.88 32.21 -105.22
CA ASP PA 82 96.71 31.61 -105.85
C ASP PA 82 95.45 32.42 -105.55
N GLN PA 83 95.31 32.89 -104.31
CA GLN PA 83 94.16 33.72 -103.96
C GLN PA 83 94.18 35.04 -104.71
N PHE PA 84 95.37 35.64 -104.86
CA PHE PA 84 95.48 36.88 -105.62
C PHE PA 84 95.13 36.68 -107.09
N TYR PA 85 95.58 35.57 -107.67
CA TYR PA 85 95.24 35.26 -109.06
C TYR PA 85 93.74 35.01 -109.21
N VAL PA 86 93.13 34.34 -108.22
CA VAL PA 86 91.69 34.09 -108.27
C VAL PA 86 90.93 35.41 -108.18
N LEU PA 87 91.37 36.32 -107.32
CA LEU PA 87 90.73 37.63 -107.22
C LEU PA 87 90.89 38.44 -108.51
N ILE PA 88 92.07 38.36 -109.13
CA ILE PA 88 92.29 39.06 -110.40
C ILE PA 88 91.39 38.50 -111.49
N CYS PA 89 91.24 37.18 -111.54
CA CYS PA 89 90.36 36.56 -112.53
C CYS PA 89 88.89 36.87 -112.24
N ILE PA 90 88.52 37.00 -110.97
CA ILE PA 90 87.15 37.36 -110.61
C ILE PA 90 86.86 38.80 -111.02
N LEU PA 91 87.85 39.69 -110.88
CA LEU PA 91 87.67 41.06 -111.32
C LEU PA 91 87.58 41.13 -112.85
N LEU PA 92 88.67 40.76 -113.53
CA LEU PA 92 88.72 40.61 -114.99
C LEU PA 92 88.23 41.85 -115.73
N ALA PA 93 88.74 43.01 -115.30
CA ALA PA 93 88.37 44.32 -115.85
C ALA PA 93 86.86 44.55 -115.71
N HIS PA 94 86.44 44.66 -114.45
CA HIS PA 94 85.02 44.70 -114.09
C HIS PA 94 84.28 45.90 -114.65
N GLN PA 95 84.99 46.94 -115.11
CA GLN PA 95 84.32 48.10 -115.70
C GLN PA 95 83.67 47.78 -117.05
N ASP PA 96 84.07 46.69 -117.69
CA ASP PA 96 83.49 46.33 -118.98
C ASP PA 96 82.07 45.80 -118.82
N HIS PA 97 81.27 45.95 -119.88
CA HIS PA 97 79.90 45.47 -119.85
C HIS PA 97 79.82 43.95 -119.83
N LEU PA 98 80.70 43.29 -120.59
CA LEU PA 98 80.72 41.83 -120.61
C LEU PA 98 81.28 41.26 -119.31
N GLU PA 99 81.96 42.06 -118.50
CA GLU PA 99 82.46 41.59 -117.22
C GLU PA 99 81.32 41.28 -116.25
N ASP PA 100 80.19 41.99 -116.38
CA ASP PA 100 79.03 41.65 -115.56
C ASP PA 100 78.49 40.27 -115.90
N HIS PA 101 78.41 39.94 -117.19
CA HIS PA 101 77.98 38.60 -117.59
C HIS PA 101 79.00 37.55 -117.18
N PHE PA 102 80.29 37.89 -117.25
CA PHE PA 102 81.33 36.97 -116.80
C PHE PA 102 81.22 36.68 -115.31
N MET PA 103 80.93 37.72 -114.51
CA MET PA 103 80.75 37.53 -113.07
C MET PA 103 79.46 36.76 -112.77
N TYR PA 104 78.41 36.98 -113.58
CA TYR PA 104 77.18 36.19 -113.42
C TYR PA 104 77.44 34.72 -113.70
N ARG PA 105 78.26 34.42 -114.72
CA ARG PA 105 78.69 33.05 -114.96
C ARG PA 105 79.53 32.52 -113.81
N HIS PA 106 80.38 33.38 -113.23
CA HIS PA 106 81.17 33.11 -112.01
C HIS PA 106 82.14 31.96 -112.31
N SER PA 107 82.18 30.90 -111.50
CA SER PA 107 83.14 29.82 -111.64
C SER PA 107 82.40 28.49 -111.74
N ARG PA 108 83.16 27.40 -111.64
CA ARG PA 108 82.56 26.06 -111.72
C ARG PA 108 81.55 25.81 -110.61
N PRO PA 109 81.87 26.05 -109.33
CA PRO PA 109 80.84 25.89 -108.29
C PRO PA 109 79.86 27.04 -108.29
N VAL PA 110 80.37 28.26 -108.47
CA VAL PA 110 79.60 29.50 -108.57
C VAL PA 110 78.68 29.71 -107.37
N PHE PA 111 79.06 29.17 -106.22
CA PHE PA 111 78.28 29.38 -105.00
C PHE PA 111 79.13 29.84 -103.82
N GLU PA 112 80.34 29.32 -103.68
CA GLU PA 112 81.19 29.62 -102.54
C GLU PA 112 81.73 31.05 -102.56
N LEU PA 113 81.81 31.68 -103.72
CA LEU PA 113 82.23 33.08 -103.78
C LEU PA 113 81.21 33.98 -103.09
N LEU PA 114 79.92 33.73 -103.34
CA LEU PA 114 78.88 34.48 -102.65
C LEU PA 114 78.71 34.01 -101.20
N ASP PA 115 78.79 32.71 -100.96
CA ASP PA 115 78.59 32.16 -99.62
C ASP PA 115 79.90 32.23 -98.86
N LEU PA 116 80.11 33.33 -98.14
CA LEU PA 116 81.30 33.48 -97.32
C LEU PA 116 81.25 32.59 -96.08
N ASP PA 117 80.05 32.30 -95.58
CA ASP PA 117 79.91 31.45 -94.40
C ASP PA 117 80.28 30.00 -94.73
N GLY PA 118 79.93 29.53 -95.92
CA GLY PA 118 80.22 28.17 -96.33
C GLY PA 118 79.21 27.13 -95.89
N GLU PA 119 78.10 27.55 -95.26
CA GLU PA 119 77.06 26.63 -94.81
C GLU PA 119 75.95 26.45 -95.83
N MET PA 120 76.27 26.63 -97.12
CA MET PA 120 75.31 26.52 -98.22
C MET PA 120 74.12 27.47 -98.04
N ASN PA 121 74.40 28.67 -97.53
CA ASN PA 121 73.38 29.68 -97.34
C ASN PA 121 74.05 31.05 -97.35
N ILE PA 122 73.49 31.97 -98.14
CA ILE PA 122 74.04 33.31 -98.29
C ILE PA 122 73.10 34.28 -97.59
N GLY PA 123 73.66 35.07 -96.67
CA GLY PA 123 72.88 35.99 -95.87
C GLY PA 123 72.90 37.41 -96.42
N ALA PA 124 72.27 38.31 -95.65
CA ALA PA 124 72.21 39.72 -96.05
C ALA PA 124 73.59 40.36 -96.04
N ALA PA 125 74.44 39.98 -95.09
CA ALA PA 125 75.81 40.50 -95.08
C ALA PA 125 76.59 40.05 -96.31
N ASN PA 126 76.42 38.79 -96.71
CA ASN PA 126 77.06 38.30 -97.93
C ASN PA 126 76.52 39.02 -99.16
N PHE PA 127 75.22 39.28 -99.19
CA PHE PA 127 74.64 40.03 -100.31
C PHE PA 127 75.18 41.45 -100.36
N GLN PA 128 75.34 42.09 -99.20
CA GLN PA 128 75.91 43.43 -99.16
C GLN PA 128 77.37 43.43 -99.61
N ASN PA 129 78.13 42.40 -99.22
CA ASN PA 129 79.51 42.28 -99.67
C ASN PA 129 79.58 42.08 -101.18
N TYR PA 130 78.68 41.27 -101.73
CA TYR PA 130 78.63 41.09 -103.18
C TYR PA 130 78.25 42.38 -103.90
N ARG PA 131 77.31 43.14 -103.33
CA ARG PA 131 76.91 44.40 -103.94
C ARG PA 131 78.01 45.46 -103.82
N PHE PA 132 78.86 45.34 -102.80
CA PHE PA 132 80.01 46.24 -102.71
C PHE PA 132 81.10 45.84 -103.70
N LEU PA 133 81.28 44.54 -103.92
CA LEU PA 133 82.29 44.07 -104.87
C LEU PA 133 81.90 44.40 -106.30
N PHE PA 134 80.66 44.10 -106.68
CA PHE PA 134 80.15 44.38 -108.02
C PHE PA 134 78.99 45.36 -107.91
N ASN PA 135 79.05 46.42 -108.71
CA ASN PA 135 78.10 47.52 -108.58
C ASN PA 135 76.68 47.08 -108.94
N ILE PA 136 75.75 47.29 -108.02
CA ILE PA 136 74.35 46.96 -108.22
C ILE PA 136 73.53 47.84 -107.31
N LYS PA 137 72.32 48.18 -107.74
CA LYS PA 137 71.45 49.05 -106.96
C LYS PA 137 70.94 48.32 -105.71
N LYS PA 138 70.73 49.10 -104.65
CA LYS PA 138 70.20 48.53 -103.41
C LYS PA 138 68.79 48.00 -103.59
N GLN PA 139 67.94 48.75 -104.30
CA GLN PA 139 66.57 48.29 -104.56
C GLN PA 139 66.57 47.06 -105.45
N GLU PA 140 67.44 47.03 -106.46
CA GLU PA 140 67.53 45.85 -107.33
C GLU PA 140 68.02 44.63 -106.55
N LEU PA 141 69.00 44.83 -105.66
CA LEU PA 141 69.48 43.73 -104.83
C LEU PA 141 68.40 43.22 -103.89
N ARG PA 142 67.62 44.13 -103.31
CA ARG PA 142 66.52 43.72 -102.44
C ARG PA 142 65.46 42.95 -103.22
N ASP PA 143 65.14 43.41 -104.43
CA ASP PA 143 64.17 42.70 -105.26
C ASP PA 143 64.67 41.32 -105.66
N LEU PA 144 65.96 41.21 -106.00
CA LEU PA 144 66.54 39.92 -106.35
C LEU PA 144 66.54 38.97 -105.15
N PHE PA 145 66.86 39.49 -103.96
CA PHE PA 145 66.83 38.67 -102.76
C PHE PA 145 65.41 38.21 -102.44
N HIS PA 146 64.42 39.09 -102.61
CA HIS PA 146 63.03 38.72 -102.39
C HIS PA 146 62.56 37.67 -103.38
N ASP PA 147 62.99 37.78 -104.64
CA ASP PA 147 62.63 36.79 -105.64
C ASP PA 147 63.29 35.44 -105.34
N PHE PA 148 64.55 35.47 -104.87
CA PHE PA 148 65.25 34.22 -104.58
C PHE PA 148 64.71 33.55 -103.32
N ASP PA 149 64.29 34.33 -102.32
CA ASP PA 149 63.81 33.77 -101.07
C ASP PA 149 62.35 33.35 -101.24
N ILE PA 150 62.17 32.18 -101.83
CA ILE PA 150 60.82 31.64 -102.04
C ILE PA 150 60.20 31.22 -100.70
N THR PA 151 60.99 30.58 -99.85
CA THR PA 151 60.48 30.10 -98.56
C THR PA 151 60.28 31.23 -97.56
N GLY PA 152 60.95 32.37 -97.76
CA GLY PA 152 60.86 33.48 -96.85
C GLY PA 152 61.75 33.40 -95.64
N ASP PA 153 62.69 32.45 -95.60
CA ASP PA 153 63.61 32.31 -94.49
C ASP PA 153 64.92 33.08 -94.70
N ARG PA 154 65.02 33.85 -95.78
CA ARG PA 154 66.20 34.66 -96.11
C ARG PA 154 67.46 33.81 -96.20
N LEU PA 155 67.33 32.62 -96.79
CA LEU PA 155 68.46 31.72 -97.02
C LEU PA 155 68.47 31.29 -98.47
N LEU PA 156 69.66 31.29 -99.08
CA LEU PA 156 69.83 30.94 -100.49
C LEU PA 156 70.49 29.57 -100.58
N ASN PA 157 69.77 28.60 -101.14
CA ASN PA 157 70.31 27.27 -101.34
C ASN PA 157 71.19 27.23 -102.59
N TYR PA 158 72.00 26.17 -102.68
CA TYR PA 158 72.88 26.01 -103.83
C TYR PA 158 72.09 25.79 -105.12
N LYS PA 159 71.07 24.94 -105.07
CA LYS PA 159 70.25 24.67 -106.25
C LYS PA 159 69.46 25.92 -106.66
N GLU PA 160 68.92 26.65 -105.68
CA GLU PA 160 68.19 27.88 -105.98
C GLU PA 160 69.11 28.94 -106.57
N PHE PA 161 70.33 29.05 -106.04
CA PHE PA 161 71.30 30.00 -106.59
C PHE PA 161 71.70 29.62 -108.01
N LYS PA 162 71.90 28.32 -108.27
CA LYS PA 162 72.23 27.88 -109.62
C LYS PA 162 71.09 28.16 -110.59
N LEU PA 163 69.84 27.92 -110.15
CA LEU PA 163 68.69 28.20 -111.00
C LEU PA 163 68.55 29.69 -111.28
N TYR PA 164 68.78 30.53 -110.26
CA TYR PA 164 68.72 31.97 -110.46
C TYR PA 164 69.81 32.46 -111.41
N THR PA 165 71.02 31.91 -111.27
CA THR PA 165 72.10 32.28 -112.18
C THR PA 165 71.81 31.83 -113.60
N ILE PA 166 71.23 30.64 -113.77
CA ILE PA 166 70.87 30.16 -115.10
C ILE PA 166 69.80 31.03 -115.72
N PHE PA 167 68.80 31.42 -114.93
CA PHE PA 167 67.75 32.30 -115.43
C PHE PA 167 68.29 33.68 -115.81
N CYS PA 168 69.20 34.22 -114.99
CA CYS PA 168 69.81 35.51 -115.31
C CYS PA 168 70.65 35.43 -116.57
N THR PA 169 71.41 34.34 -116.73
CA THR PA 169 72.22 34.16 -117.94
C THR PA 169 71.33 34.01 -119.18
N ASP PA 170 70.23 33.28 -119.06
CA ASP PA 170 69.31 33.14 -120.19
C ASP PA 170 68.67 34.47 -120.55
N LYS PA 171 68.29 35.26 -119.54
CA LYS PA 171 67.71 36.58 -119.80
C LYS PA 171 68.71 37.51 -120.44
N SER PA 172 69.98 37.47 -119.99
CA SER PA 172 71.01 38.30 -120.58
C SER PA 172 71.34 37.88 -122.02
N ILE PA 173 71.35 36.57 -122.28
CA ILE PA 173 71.64 36.10 -123.64
C ILE PA 173 70.48 36.43 -124.58
N ASP PA 174 69.25 36.26 -124.12
CA ASP PA 174 68.08 36.55 -124.94
C ASP PA 174 67.85 38.05 -125.06
C1 NAG QA . -70.90 8.41 9.53
C2 NAG QA . -70.03 9.25 8.60
C3 NAG QA . -69.79 8.53 7.29
C4 NAG QA . -69.25 7.13 7.53
C5 NAG QA . -70.17 6.37 8.49
C6 NAG QA . -69.64 5.01 8.88
C7 NAG QA . -70.47 11.60 9.17
C8 NAG QA . -71.16 12.86 8.75
N2 NAG QA . -70.63 10.55 8.36
O3 NAG QA . -68.85 9.28 6.52
O4 NAG QA . -69.21 6.41 6.30
O5 NAG QA . -70.32 7.12 9.70
O6 NAG QA . -69.48 4.17 7.73
O7 NAG QA . -69.80 11.54 10.20
C1 NAG QA . -67.86 6.31 5.79
C2 NAG QA . -67.84 5.19 4.75
C3 NAG QA . -66.46 5.10 4.09
C4 NAG QA . -65.99 6.46 3.60
C5 NAG QA . -66.10 7.49 4.71
C6 NAG QA . -65.76 8.90 4.26
C7 NAG QA . -68.72 2.91 4.65
C8 NAG QA . -69.04 1.66 5.43
N2 NAG QA . -68.20 3.92 5.34
O3 NAG QA . -66.53 4.19 3.00
O4 NAG QA . -64.62 6.37 3.20
O5 NAG QA . -67.44 7.53 5.20
O6 NAG QA . -65.50 9.74 5.38
O7 NAG QA . -68.92 2.98 3.44
C1 BMA QA . -64.51 6.46 1.77
C2 BMA QA . -63.38 7.42 1.45
C3 BMA QA . -63.23 7.50 -0.09
C4 BMA QA . -63.02 6.09 -0.70
C5 BMA QA . -64.17 5.19 -0.25
C6 BMA QA . -64.00 3.78 -0.73
O2 BMA QA . -62.17 6.91 2.00
O3 BMA QA . -62.28 8.50 -0.54
O4 BMA QA . -63.03 6.16 -2.12
O5 BMA QA . -64.24 5.17 1.20
O6 BMA QA . -65.21 3.05 -0.50
C1 BMA QA . -60.91 8.06 -0.65
C2 BMA QA . -60.30 8.66 -1.93
C3 BMA QA . -58.81 8.34 -1.98
C4 BMA QA . -58.10 8.74 -0.68
C5 BMA QA . -58.80 8.04 0.51
C6 BMA QA . -58.19 8.42 1.83
O2 BMA QA . -60.40 10.08 -1.92
O3 BMA QA . -58.17 8.98 -3.09
O4 BMA QA . -56.74 8.34 -0.72
O5 BMA QA . -60.18 8.45 0.51
O6 BMA QA . -58.27 9.83 1.98
C1 BMA QA . -61.28 10.56 -2.97
C2 BMA QA . -60.40 11.25 -4.06
C3 BMA QA . -61.26 11.62 -5.27
C4 BMA QA . -62.16 10.46 -5.72
C5 BMA QA . -62.99 9.96 -4.54
C6 BMA QA . -63.91 8.81 -4.90
O2 BMA QA . -59.39 10.37 -4.54
O3 BMA QA . -60.46 12.06 -6.36
O4 BMA QA . -63.03 10.89 -6.76
O5 BMA QA . -62.08 9.50 -3.53
O6 BMA QA . -64.81 8.58 -3.83
C1 BMA QA . -64.95 1.68 -0.85
C2 BMA QA . -64.05 1.08 0.23
C3 BMA QA . -63.68 -0.34 -0.19
C4 BMA QA . -64.96 -1.18 -0.40
C5 BMA QA . -65.93 -0.45 -1.38
C6 BMA QA . -67.30 -1.12 -1.44
O2 BMA QA . -64.75 0.98 1.46
O3 BMA QA . -62.79 -1.01 0.73
O4 BMA QA . -64.62 -2.45 -0.93
O5 BMA QA . -66.15 0.91 -0.94
O6 BMA QA . -68.06 -0.69 -0.32
C1 BMA QA . -61.71 -0.13 1.15
C2 BMA QA . -60.84 -0.86 2.21
C3 BMA QA . -59.71 0.07 2.64
C4 BMA QA . -58.95 0.69 1.44
C5 BMA QA . -59.95 1.29 0.43
C6 BMA QA . -59.27 1.80 -0.84
O2 BMA QA . -60.24 -2.01 1.64
O3 BMA QA . -58.79 -0.61 3.50
O4 BMA QA . -58.08 1.71 1.91
O5 BMA QA . -60.88 0.27 0.05
O6 BMA QA . -60.22 2.57 -1.56
C1 NAG RA . -98.12 48.04 1.73
C2 NAG RA . -97.27 49.29 1.52
C3 NAG RA . -98.08 50.54 1.88
C4 NAG RA . -99.40 50.55 1.12
C5 NAG RA . -100.14 49.22 1.27
C6 NAG RA . -101.35 49.12 0.37
C7 NAG RA . -94.90 48.76 1.86
C8 NAG RA . -93.75 48.78 2.81
N2 NAG RA . -96.06 49.24 2.32
O3 NAG RA . -97.32 51.68 1.55
O4 NAG RA . -100.24 51.56 1.67
O5 NAG RA . -99.28 48.13 0.91
O6 NAG RA . -101.22 48.07 -0.57
O7 NAG RA . -94.78 48.32 0.71
C1 NAG RA . -100.30 52.69 0.79
C2 NAG RA . -101.45 53.57 1.26
C3 NAG RA . -101.55 54.82 0.39
C4 NAG RA . -100.22 55.56 0.37
C5 NAG RA . -99.10 54.60 -0.05
C6 NAG RA . -97.73 55.23 0.05
C7 NAG RA . -103.33 52.47 2.38
C8 NAG RA . -104.62 51.71 2.19
N2 NAG RA . -102.71 52.84 1.25
O3 NAG RA . -102.58 55.66 0.88
O4 NAG RA . -100.26 56.64 -0.55
O5 NAG RA . -99.09 53.45 0.81
O6 NAG RA . -97.25 55.63 -1.23
O7 NAG RA . -102.88 52.71 3.48
C1 BMA RA . -100.37 57.89 0.17
C2 BMA RA . -99.20 58.81 -0.27
C3 BMA RA . -99.45 60.26 0.14
C4 BMA RA . -100.88 60.71 -0.21
C5 BMA RA . -101.86 59.76 0.47
C6 BMA RA . -103.30 60.15 0.25
O2 BMA RA . -99.05 58.79 -1.68
O3 BMA RA . -98.51 61.15 -0.48
O4 BMA RA . -101.10 62.03 0.23
O5 BMA RA . -101.65 58.46 -0.09
O6 BMA RA . -103.65 59.75 -1.07
C1 NAG SA . -112.99 40.06 -25.97
C2 NAG SA . -111.55 39.86 -25.56
C3 NAG SA . -110.64 40.58 -26.55
C4 NAG SA . -111.01 40.29 -28.00
C5 NAG SA . -112.53 40.21 -28.25
C6 NAG SA . -112.89 39.54 -29.55
C7 NAG SA . -110.30 39.91 -23.45
C8 NAG SA . -110.22 40.50 -22.08
N2 NAG SA . -111.32 40.34 -24.21
O3 NAG SA . -109.29 40.19 -26.31
O4 NAG SA . -110.51 41.37 -28.79
O5 NAG SA . -113.20 39.48 -27.22
O6 NAG SA . -112.02 38.46 -29.83
O7 NAG SA . -109.49 39.09 -23.85
C1 NAG SA . -109.68 41.00 -29.90
C2 NAG SA . -109.60 42.21 -30.81
C3 NAG SA . -108.70 41.92 -32.01
C4 NAG SA . -107.35 41.39 -31.56
C5 NAG SA . -107.54 40.20 -30.61
C6 NAG SA . -106.24 39.70 -30.03
C7 NAG SA . -111.22 43.89 -31.60
C8 NAG SA . -112.63 44.14 -32.03
N2 NAG SA . -110.91 42.63 -31.26
O3 NAG SA . -108.52 43.11 -32.78
O4 NAG SA . -106.60 40.97 -32.70
O5 NAG SA . -108.37 40.59 -29.51
O6 NAG SA . -105.93 40.35 -28.81
O7 NAG SA . -110.38 44.79 -31.56
C1 BMA SA . -105.49 41.87 -32.92
C2 BMA SA . -104.60 41.24 -34.02
C3 BMA SA . -103.51 42.22 -34.45
C4 BMA SA . -104.07 43.63 -34.71
C5 BMA SA . -104.88 44.11 -33.50
C6 BMA SA . -105.51 45.47 -33.70
O2 BMA SA . -105.37 40.93 -35.18
O3 BMA SA . -102.83 41.76 -35.61
O4 BMA SA . -102.99 44.55 -34.94
O5 BMA SA . -105.94 43.16 -33.29
O6 BMA SA . -106.54 45.36 -34.68
C1 NAG TA . -71.43 -24.25 20.15
C2 NAG TA . -70.94 -24.18 21.61
C3 NAG TA . -70.50 -22.76 21.97
C4 NAG TA . -69.46 -22.27 20.98
C5 NAG TA . -70.05 -22.32 19.57
C6 NAG TA . -69.09 -21.89 18.50
C7 NAG TA . -71.89 -25.84 23.14
C8 NAG TA . -73.03 -26.17 24.06
N2 NAG TA . -71.96 -24.65 22.53
O3 NAG TA . -69.98 -22.76 23.29
O4 NAG TA . -69.01 -20.95 21.25
O5 NAG TA . -70.44 -23.68 19.27
O6 NAG TA . -68.62 -20.56 18.73
O7 NAG TA . -70.95 -26.60 22.98
C1 NAG TA . -67.77 -20.82 22.00
C2 NAG TA . -66.45 -21.11 21.24
C3 NAG TA . -65.24 -20.75 22.08
C4 NAG TA . -65.35 -19.33 22.61
C5 NAG TA . -66.64 -19.16 23.38
C6 NAG TA . -66.86 -17.75 23.88
C7 NAG TA . -65.88 -22.86 19.62
C8 NAG TA . -65.87 -24.33 19.34
N2 NAG TA . -66.37 -22.49 20.80
O3 NAG TA . -64.06 -20.91 21.32
O4 NAG TA . -64.24 -19.04 23.46
O5 NAG TA . -67.76 -19.48 22.54
O6 NAG TA . -67.93 -17.13 23.20
O7 NAG TA . -65.46 -22.04 18.80
C1 NAG UA . -71.84 -51.32 -8.04
C2 NAG UA . -71.13 -52.17 -9.11
C3 NAG UA . -69.96 -52.94 -8.49
C4 NAG UA . -69.03 -52.00 -7.75
C5 NAG UA . -69.83 -51.21 -6.72
C6 NAG UA . -69.00 -50.18 -5.97
C7 NAG UA . -72.85 -52.73 -10.77
C8 NAG UA . -73.75 -53.81 -11.32
N2 NAG UA . -72.06 -53.08 -9.75
O3 NAG UA . -69.25 -53.62 -9.51
O4 NAG UA . -68.01 -52.74 -7.08
O5 NAG UA . -70.88 -50.49 -7.38
O6 NAG UA . -69.56 -49.87 -4.71
O7 NAG UA . -72.84 -51.59 -11.24
C1 NAG UA . -66.74 -52.49 -7.71
C2 NAG UA . -65.66 -53.31 -6.99
C3 NAG UA . -64.31 -53.11 -7.66
C4 NAG UA . -64.40 -53.42 -9.14
C5 NAG UA . -65.52 -52.60 -9.78
C6 NAG UA . -65.77 -52.94 -11.24
C7 NAG UA . -66.21 -53.66 -4.62
C8 NAG UA . -66.04 -53.16 -3.22
N2 NAG UA . -65.60 -52.96 -5.57
O3 NAG UA . -63.34 -53.96 -7.04
O4 NAG UA . -63.15 -53.13 -9.76
O5 NAG UA . -66.75 -52.84 -9.10
O6 NAG UA . -66.73 -53.97 -11.37
O7 NAG UA . -66.88 -54.65 -4.88
C1 BMA UA . -62.58 -54.29 -10.43
C2 BMA UA . -61.04 -54.31 -10.19
C3 BMA UA . -60.44 -55.53 -10.89
C4 BMA UA . -61.19 -56.84 -10.54
C5 BMA UA . -62.71 -56.67 -10.74
C6 BMA UA . -63.50 -57.88 -10.28
O2 BMA UA . -60.76 -54.46 -8.80
O3 BMA UA . -59.05 -55.67 -10.63
O4 BMA UA . -60.73 -57.89 -11.35
O5 BMA UA . -63.16 -55.53 -9.99
O6 BMA UA . -64.83 -57.76 -10.78
C1 NAG VA . -158.67 -4.67 -9.42
C2 NAG VA . -157.59 -3.61 -9.62
C3 NAG VA . -158.02 -2.28 -9.01
C4 NAG VA . -159.40 -1.88 -9.53
C5 NAG VA . -160.39 -3.01 -9.29
C6 NAG VA . -161.77 -2.74 -9.85
C7 NAG VA . -155.32 -4.56 -9.75
C8 NAG VA . -154.10 -4.95 -8.98
N2 NAG VA . -156.33 -4.05 -9.03
O3 NAG VA . -157.07 -1.28 -9.34
O4 NAG VA . -159.82 -0.70 -8.84
O5 NAG VA . -159.91 -4.19 -9.94
O6 NAG VA . -162.64 -2.23 -8.84
O7 NAG VA . -155.40 -4.68 -10.96
C1 NAG VA . -159.98 0.37 -9.80
C2 NAG VA . -160.55 1.57 -9.05
C3 NAG VA . -160.76 2.74 -10.01
C4 NAG VA . -159.49 3.03 -10.80
C5 NAG VA . -158.90 1.76 -11.42
C6 NAG VA . -157.54 1.96 -12.04
C7 NAG VA . -162.22 1.81 -7.26
C8 NAG VA . -163.53 1.33 -6.72
N2 NAG VA . -161.79 1.23 -8.39
O3 NAG VA . -161.14 3.90 -9.27
O4 NAG VA . -159.82 3.91 -11.87
O5 NAG VA . -158.75 0.74 -10.41
O6 NAG VA . -156.76 2.87 -11.27
O7 NAG VA . -161.57 2.69 -6.70
C1 BMA VA . -159.16 5.21 -11.80
C2 BMA VA . -160.22 6.29 -11.41
C3 BMA VA . -159.53 7.65 -11.31
C4 BMA VA . -158.31 7.59 -10.39
C5 BMA VA . -157.35 6.48 -10.85
C6 BMA VA . -156.12 6.33 -9.99
O2 BMA VA . -160.79 6.04 -10.15
O3 BMA VA . -160.44 8.65 -10.85
O4 BMA VA . -157.63 8.83 -10.39
O5 BMA VA . -158.08 5.23 -10.85
O6 BMA VA . -155.21 7.37 -10.33
C1 NAG WA . -133.92 -32.06 26.53
C2 NAG WA . -132.77 -32.45 25.65
C3 NAG WA . -133.05 -33.79 24.97
C4 NAG WA . -133.47 -34.86 25.97
C5 NAG WA . -134.59 -34.35 26.87
C6 NAG WA . -134.92 -35.30 28.00
C7 NAG WA . -131.33 -31.23 24.12
C8 NAG WA . -131.24 -30.13 23.12
N2 NAG WA . -132.52 -31.42 24.65
O3 NAG WA . -131.88 -34.20 24.27
O4 NAG WA . -133.91 -36.03 25.29
O5 NAG WA . -134.20 -33.09 27.47
O6 NAG WA . -133.71 -35.80 28.56
O7 NAG WA . -130.37 -31.93 24.41
C1 NAG WA . -132.92 -37.04 25.52
C2 NAG WA . -133.64 -38.36 25.75
C3 NAG WA . -132.63 -39.49 25.93
C4 NAG WA . -131.65 -39.53 24.77
C5 NAG WA . -131.03 -38.14 24.54
C6 NAG WA . -130.16 -38.05 23.32
C7 NAG WA . -135.71 -38.88 26.98
C8 NAG WA . -136.47 -38.69 28.26
N2 NAG WA . -134.52 -38.28 26.91
O3 NAG WA . -133.35 -40.72 26.03
O4 NAG WA . -130.58 -40.42 25.06
O5 NAG WA . -132.08 -37.17 24.38
O6 NAG WA . -130.94 -38.04 22.13
O7 NAG WA . -136.15 -39.55 26.05
C1 BMA WA . -130.82 -41.71 24.46
C2 BMA WA . -130.33 -41.70 23.00
C3 BMA WA . -130.52 -43.09 22.40
C4 BMA WA . -129.90 -44.18 23.30
C5 BMA WA . -130.44 -44.05 24.73
C6 BMA WA . -129.79 -45.03 25.70
O2 BMA WA . -128.95 -41.42 22.94
O3 BMA WA . -129.96 -43.16 21.09
O4 BMA WA . -130.23 -45.46 22.79
O5 BMA WA . -130.16 -42.72 25.20
O6 BMA WA . -130.30 -44.76 27.00
C1 NAG XA . -165.51 -0.10 40.50
C2 NAG XA . -166.87 0.60 40.65
C3 NAG XA . -167.69 0.42 39.39
C4 NAG XA . -166.91 0.95 38.19
C5 NAG XA . -165.57 0.23 38.10
C6 NAG XA . -164.69 0.75 36.99
C7 NAG XA . -167.52 0.69 43.00
C8 NAG XA . -168.33 0.05 44.09
N2 NAG XA . -167.58 0.10 41.81
O3 NAG XA . -168.93 1.11 39.54
O4 NAG XA . -167.63 0.76 36.97
O5 NAG XA . -164.84 0.41 39.32
O6 NAG XA . -164.97 2.11 36.69
O7 NAG XA . -166.85 1.69 43.21
C1 NAG XA . -168.24 2.03 36.63
C2 NAG XA . -168.07 2.32 35.14
C3 NAG XA . -168.77 3.63 34.77
C4 NAG XA . -170.21 3.63 35.27
C5 NAG XA . -170.30 3.23 36.74
C6 NAG XA . -171.71 3.05 37.23
C7 NAG XA . -166.19 2.19 33.56
C8 NAG XA . -164.71 2.31 33.39
N2 NAG XA . -166.65 2.39 34.79
O3 NAG XA . -168.75 3.79 33.36
O4 NAG XA . -170.73 4.95 35.17
O5 NAG XA . -169.62 1.97 36.94
O6 NAG XA . -172.05 1.68 37.35
O7 NAG XA . -166.94 1.92 32.63
C1 BMA XA . -171.66 5.05 34.08
C2 BMA XA . -172.75 6.04 34.56
C3 BMA XA . -173.53 6.64 33.39
C4 BMA XA . -172.62 7.02 32.22
C5 BMA XA . -171.81 5.79 31.81
C6 BMA XA . -170.92 6.05 30.63
O2 BMA XA . -172.15 7.13 35.24
O3 BMA XA . -174.25 7.78 33.82
O4 BMA XA . -173.39 7.45 31.12
O5 BMA XA . -170.97 5.46 32.91
O6 BMA XA . -171.49 7.12 29.90
C1 BMA XA . -170.52 7.62 28.97
C2 BMA XA . -170.99 9.02 28.51
C3 BMA XA . -169.92 9.63 27.62
C4 BMA XA . -168.57 9.66 28.35
C5 BMA XA . -168.20 8.21 28.67
C6 BMA XA . -166.87 8.09 29.37
O2 BMA XA . -171.13 9.88 29.62
O3 BMA XA . -170.28 10.92 27.12
O4 BMA XA . -167.58 10.26 27.55
O5 BMA XA . -169.21 7.67 29.55
O6 BMA XA . -167.11 7.78 30.75
C1 BMA XA . -170.83 10.74 25.79
C2 BMA XA . -170.52 12.01 24.97
C3 BMA XA . -170.92 11.79 23.49
C4 BMA XA . -170.37 10.47 22.94
C5 BMA XA . -170.81 9.30 23.84
C6 BMA XA . -170.26 7.97 23.39
O2 BMA XA . -169.13 12.30 24.98
O3 BMA XA . -170.50 12.87 22.68
O4 BMA XA . -170.85 10.25 21.63
O5 BMA XA . -170.30 9.56 25.16
O6 BMA XA . -171.25 6.97 23.62
C1 BMA XA . -166.33 8.64 31.60
C2 BMA XA . -165.20 7.77 32.24
C3 BMA XA . -164.18 8.66 32.96
C4 BMA XA . -163.75 9.86 32.11
C5 BMA XA . -164.99 10.64 31.66
C6 BMA XA . -164.64 11.84 30.80
O2 BMA XA . -164.48 7.05 31.25
O3 BMA XA . -163.04 7.91 33.36
O4 BMA XA . -162.90 10.71 32.86
O5 BMA XA . -165.79 9.76 30.87
O6 BMA XA . -163.28 12.19 31.03
C1 BMA XA . -175.65 7.59 33.56
C2 BMA XA . -176.41 8.77 34.22
C3 BMA XA . -177.85 8.88 33.70
C4 BMA XA . -177.91 8.74 32.17
C5 BMA XA . -177.26 7.43 31.76
C6 BMA XA . -177.31 7.17 30.27
O2 BMA XA . -175.77 10.00 33.92
O3 BMA XA . -178.45 10.11 34.09
O4 BMA XA . -179.26 8.76 31.72
O5 BMA XA . -175.88 7.50 32.15
O6 BMA XA . -176.26 7.92 29.66
C1 NAG YA . -123.93 -29.52 -33.48
C2 NAG YA . -122.48 -29.23 -33.74
C3 NAG YA . -122.22 -27.74 -33.53
C4 NAG YA . -123.27 -26.85 -34.20
C5 NAG YA . -124.69 -27.43 -34.09
C6 NAG YA . -125.67 -26.78 -35.04
C7 NAG YA . -120.64 -30.82 -33.39
C8 NAG YA . -119.85 -31.58 -32.37
N2 NAG YA . -121.61 -30.04 -32.90
O3 NAG YA . -120.91 -27.43 -34.03
O4 NAG YA . -123.35 -25.60 -33.52
O5 NAG YA . -124.72 -28.84 -34.38
O6 NAG YA . -126.76 -26.22 -34.32
O7 NAG YA . -120.43 -30.91 -34.59
C1 NAG YA . -122.38 -24.62 -33.89
C2 NAG YA . -123.03 -23.23 -33.79
C3 NAG YA . -122.00 -22.13 -34.06
C4 NAG YA . -120.79 -22.30 -33.14
C5 NAG YA . -120.22 -23.70 -33.30
C6 NAG YA . -119.08 -23.98 -32.35
C7 NAG YA . -125.41 -23.38 -34.36
C8 NAG YA . -126.44 -23.19 -35.43
N2 NAG YA . -124.15 -23.10 -34.70
O3 NAG YA . -122.60 -20.86 -33.85
O4 NAG YA . -119.80 -21.33 -33.46
O5 NAG YA . -121.24 -24.68 -33.02
O6 NAG YA . -119.33 -23.43 -31.06
O7 NAG YA . -125.71 -23.77 -33.23
C1 NAG ZA . -121.95 -30.15 -19.29
C2 NAG ZA . -121.32 -30.52 -17.96
C3 NAG ZA . -119.80 -30.32 -18.04
C4 NAG ZA . -119.22 -31.06 -19.25
C5 NAG ZA . -120.00 -30.74 -20.52
C6 NAG ZA . -119.60 -31.61 -21.69
C7 NAG ZA . -122.37 -30.31 -15.77
C8 NAG ZA . -122.91 -29.37 -14.73
N2 NAG ZA . -121.87 -29.75 -16.87
O3 NAG ZA . -119.21 -30.82 -16.85
O4 NAG ZA . -117.86 -30.67 -19.43
O5 NAG ZA . -121.40 -30.95 -20.33
O6 NAG ZA . -120.50 -32.70 -21.86
O7 NAG ZA . -122.39 -31.52 -15.61
C1 NAG ZA . -116.99 -31.78 -19.17
C2 NAG ZA . -115.73 -31.67 -20.02
C3 NAG ZA . -114.81 -32.85 -19.77
C4 NAG ZA . -114.55 -33.03 -18.28
C5 NAG ZA . -115.83 -32.98 -17.46
C6 NAG ZA . -115.59 -32.93 -15.96
C7 NAG ZA . -116.27 -30.41 -22.06
C8 NAG ZA . -116.61 -30.50 -23.52
N2 NAG ZA . -116.07 -31.57 -21.44
O3 NAG ZA . -113.58 -32.65 -20.46
O4 NAG ZA . -113.99 -34.32 -18.05
O5 NAG ZA . -116.62 -31.83 -17.78
O6 NAG ZA . -116.57 -32.15 -15.30
O7 NAG ZA . -116.21 -29.33 -21.47
C1 BMA ZA . -112.54 -34.44 -17.89
C2 BMA ZA . -111.79 -33.09 -17.67
C3 BMA ZA . -110.33 -33.42 -17.75
C4 BMA ZA . -109.95 -34.39 -16.60
C5 BMA ZA . -110.86 -35.66 -16.61
C6 BMA ZA . -110.74 -36.47 -15.33
O2 BMA ZA . -112.01 -32.57 -16.36
O3 BMA ZA . -109.47 -32.26 -17.72
O4 BMA ZA . -108.59 -34.76 -16.70
O5 BMA ZA . -112.25 -35.28 -16.75
O6 BMA ZA . -109.89 -37.57 -15.57
C1 BMA ZA . -109.10 -31.75 -19.04
C2 BMA ZA . -107.70 -32.29 -19.44
C3 BMA ZA . -107.33 -31.75 -20.83
C4 BMA ZA . -108.46 -31.97 -21.86
C5 BMA ZA . -109.78 -31.40 -21.31
C6 BMA ZA . -110.95 -31.62 -22.24
O2 BMA ZA . -107.73 -33.69 -19.56
O3 BMA ZA . -106.13 -32.32 -21.29
O4 BMA ZA . -108.15 -31.32 -23.08
O5 BMA ZA . -110.07 -32.06 -20.08
O6 BMA ZA . -111.88 -30.55 -22.04
C1 BMA ZA . -108.95 -37.67 -14.47
C2 BMA ZA . -109.61 -38.53 -13.36
C3 BMA ZA . -108.60 -38.80 -12.24
C4 BMA ZA . -107.27 -39.33 -12.78
C5 BMA ZA . -106.73 -38.37 -13.86
C6 BMA ZA . -105.44 -38.84 -14.50
O2 BMA ZA . -110.00 -39.79 -13.88
O3 BMA ZA . -109.13 -39.69 -11.27
O4 BMA ZA . -106.33 -39.44 -11.74
O5 BMA ZA . -107.72 -38.25 -14.90
O6 BMA ZA . -104.52 -39.15 -13.45
C1 NAG AB . -15.29 68.54 -4.44
C2 NAG AB . -15.63 67.06 -4.63
C3 NAG AB . -15.02 66.54 -5.92
C4 NAG AB . -15.43 67.41 -7.11
C5 NAG AB . -15.10 68.87 -6.82
C6 NAG AB . -15.59 69.81 -7.89
C7 NAG AB . -16.00 65.84 -2.54
C8 NAG AB . -15.37 65.04 -1.44
N2 NAG AB . -15.17 66.28 -3.50
O3 NAG AB . -15.43 65.19 -6.13
O4 NAG AB . -14.74 66.99 -8.28
O5 NAG AB . -15.72 69.28 -5.59
O6 NAG AB . -14.89 69.62 -9.11
O7 NAG AB . -17.20 66.07 -2.56
C1 NAG AB . -15.67 66.37 -9.18
C2 NAG AB . -15.03 66.27 -10.57
C3 NAG AB . -15.98 65.59 -11.55
C4 NAG AB . -16.45 64.25 -11.00
C5 NAG AB . -17.00 64.40 -9.58
C6 NAG AB . -17.32 63.09 -8.92
C7 NAG AB . -13.44 67.85 -11.57
C8 NAG AB . -13.21 69.26 -12.02
N2 NAG AB . -14.64 67.59 -11.05
O3 NAG AB . -15.31 65.41 -12.79
O4 NAG AB . -17.49 63.76 -11.84
O5 NAG AB . -16.03 65.05 -8.74
O6 NAG AB . -18.68 63.04 -8.51
O7 NAG AB . -12.57 66.98 -11.67
C1 BMA AB . -17.05 62.59 -12.56
C2 BMA AB . -18.13 61.52 -12.41
C3 BMA AB . -17.72 60.26 -13.23
C4 BMA AB . -17.33 60.62 -14.69
C5 BMA AB . -16.29 61.76 -14.69
C6 BMA AB . -15.98 62.22 -16.09
O2 BMA AB . -19.36 62.02 -12.92
O3 BMA AB . -18.69 59.15 -13.13
O4 BMA AB . -16.75 59.48 -15.33
O5 BMA AB . -16.81 62.88 -13.94
O6 BMA AB . -14.97 63.21 -16.03
C1 BMA AB . -19.71 59.17 -14.15
C2 BMA AB . -19.90 57.72 -14.68
C3 BMA AB . -21.14 57.62 -15.58
C4 BMA AB . -22.36 58.30 -14.95
C5 BMA AB . -22.00 59.74 -14.57
C6 BMA AB . -23.15 60.50 -13.92
O2 BMA AB . -20.10 56.79 -13.61
O3 BMA AB . -21.45 56.28 -15.91
O4 BMA AB . -23.45 58.31 -15.85
O5 BMA AB . -20.93 59.69 -13.62
O6 BMA AB . -23.19 60.17 -12.54
C1 BMA AB . -18.97 55.90 -13.48
C2 BMA AB . -19.42 54.48 -13.93
C3 BMA AB . -18.21 53.52 -13.94
C4 BMA AB . -17.02 54.12 -14.69
C5 BMA AB . -16.68 55.51 -14.12
C6 BMA AB . -15.52 56.18 -14.85
O2 BMA AB . -19.93 54.48 -15.25
O3 BMA AB . -18.56 52.26 -14.49
O4 BMA AB . -15.88 53.27 -14.56
O5 BMA AB . -17.84 56.35 -14.25
O6 BMA AB . -15.20 57.38 -14.14
C1 BMA AB . -14.91 63.82 -17.34
C2 BMA AB . -16.07 64.83 -17.44
C3 BMA AB . -16.05 65.45 -18.85
C4 BMA AB . -14.68 66.06 -19.16
C5 BMA AB . -13.55 65.02 -18.91
C6 BMA AB . -12.16 65.61 -19.05
O2 BMA AB . -15.89 65.89 -16.53
O3 BMA AB . -17.09 66.42 -19.02
O4 BMA AB . -14.63 66.50 -20.50
O5 BMA AB . -13.67 64.49 -17.57
O6 BMA AB . -11.92 66.43 -17.91
C1 BMA AB . -18.39 65.85 -18.78
C2 BMA AB . -19.47 66.88 -19.23
C3 BMA AB . -20.87 66.27 -19.09
C4 BMA AB . -20.96 64.87 -19.74
C5 BMA AB . -19.82 63.98 -19.19
C6 BMA AB . -19.81 62.59 -19.81
O2 BMA AB . -19.30 67.23 -20.59
O3 BMA AB . -21.87 67.12 -19.64
O4 BMA AB . -22.21 64.28 -19.47
O5 BMA AB . -18.58 64.61 -19.48
O6 BMA AB . -18.97 61.77 -19.02
C1 NAG BB . 4.39 42.64 31.93
C2 NAG BB . 3.42 41.57 32.39
C3 NAG BB . 3.79 41.13 33.81
C4 NAG BB . 5.27 40.78 33.91
C5 NAG BB . 6.16 41.82 33.23
C6 NAG BB . 7.59 41.37 33.09
C7 NAG BB . 1.01 41.21 32.15
C8 NAG BB . -0.33 41.86 32.11
N2 NAG BB . 2.05 42.04 32.34
O3 NAG BB . 2.99 40.02 34.18
O4 NAG BB . 5.63 40.78 35.28
O5 NAG BB . 5.69 42.12 31.91
O6 NAG BB . 7.69 39.95 32.98
O7 NAG BB . 1.16 40.00 32.03
C1 NAG BB . 5.93 39.47 35.77
C2 NAG BB . 6.81 39.65 37.02
C3 NAG BB . 7.08 38.30 37.68
C4 NAG BB . 5.77 37.61 38.00
C5 NAG BB . 4.98 37.44 36.70
C6 NAG BB . 3.64 36.79 36.89
C7 NAG BB . 8.71 41.11 37.53
C8 NAG BB . 9.99 41.71 37.02
N2 NAG BB . 8.06 40.31 36.68
O3 NAG BB . 7.85 38.51 38.86
O4 NAG BB . 5.97 36.35 38.63
O5 NAG BB . 4.74 38.74 36.12
O6 NAG BB . 3.51 35.63 36.07
O7 NAG BB . 8.30 41.33 38.66
C1 BMA BB . 5.68 36.52 40.04
C2 BMA BB . 4.39 35.75 40.39
C3 BMA BB . 4.16 35.75 41.91
C4 BMA BB . 5.43 35.36 42.67
C5 BMA BB . 6.60 36.27 42.23
C6 BMA BB . 7.90 35.94 42.92
O2 BMA BB . 4.49 34.39 39.99
O3 BMA BB . 3.09 34.89 42.27
O4 BMA BB . 5.22 35.50 44.06
O5 BMA BB . 6.78 36.09 40.83
O6 BMA BB . 8.59 34.97 42.16
C1 NAG CB . 30.88 31.10 17.53
C2 NAG CB . 29.36 31.08 17.44
C3 NAG CB . 28.91 29.76 16.82
C4 NAG CB . 29.67 29.44 15.53
C5 NAG CB . 31.17 29.74 15.65
C6 NAG CB . 31.89 29.76 14.32
C7 NAG CB . 27.52 31.83 18.88
C8 NAG CB . 27.02 31.96 20.28
N2 NAG CB . 28.73 31.29 18.74
O3 NAG CB . 27.51 29.83 16.55
O4 NAG CB . 29.53 28.05 15.29
O5 NAG CB . 31.42 31.02 16.26
O6 NAG CB . 31.20 30.57 13.37
O7 NAG CB . 26.85 32.18 17.92
C1 NAG CB . 28.99 27.70 14.00
C2 NAG CB . 29.02 26.18 13.91
C3 NAG CB . 28.45 25.72 12.57
C4 NAG CB . 27.07 26.33 12.34
C5 NAG CB . 27.12 27.85 12.51
C6 NAG CB . 25.76 28.50 12.42
C7 NAG CB . 30.75 25.06 15.23
C8 NAG CB . 32.17 24.58 15.26
N2 NAG CB . 30.36 25.66 14.10
O3 NAG CB . 28.38 24.30 12.54
O4 NAG CB . 26.61 26.02 11.03
O5 NAG CB . 27.65 28.18 13.80
O6 NAG CB . 25.25 28.81 13.72
O7 NAG CB . 29.99 24.91 16.18
C1 BMA CB . 25.57 25.02 11.10
C2 BMA CB . 24.59 25.25 9.92
C3 BMA CB . 23.59 24.10 9.82
C4 BMA CB . 24.28 22.72 9.89
C5 BMA CB . 25.17 22.64 11.13
C6 BMA CB . 25.92 21.33 11.25
O2 BMA CB . 25.29 25.29 8.68
O3 BMA CB . 22.81 24.18 8.63
O4 BMA CB . 23.31 21.69 9.93
O5 BMA CB . 26.13 23.71 11.06
O6 BMA CB . 26.81 21.22 10.15
C1 NAG DB . -12.90 97.48 -22.56
C2 NAG DB . -13.95 98.37 -21.86
C3 NAG DB . -14.78 97.55 -20.88
C4 NAG DB . -15.41 96.37 -21.59
C5 NAG DB . -14.29 95.52 -22.18
C6 NAG DB . -14.78 94.29 -22.90
C7 NAG DB . -13.11 100.67 -21.77
C8 NAG DB . -12.43 101.71 -20.92
N2 NAG DB . -13.31 99.49 -21.18
O3 NAG DB . -15.78 98.39 -20.30
O4 NAG DB . -16.20 95.56 -20.72
O5 NAG DB . -13.55 96.31 -23.12
O6 NAG DB . -15.21 93.28 -21.99
O7 NAG DB . -13.46 100.90 -22.92
C1 NAG DB . -17.63 95.88 -20.78
C2 NAG DB . -18.41 95.12 -21.89
C3 NAG DB . -19.92 95.38 -21.73
C4 NAG DB . -20.38 95.04 -20.31
C5 NAG DB . -19.54 95.82 -19.30
C6 NAG DB . -19.87 95.46 -17.86
C7 NAG DB . -17.96 94.70 -24.25
C8 NAG DB . -17.46 95.28 -25.55
N2 NAG DB . -17.98 95.53 -23.21
O3 NAG DB . -20.63 94.58 -22.68
O4 NAG DB . -21.75 95.39 -20.16
O5 NAG DB . -18.16 95.51 -19.49
O6 NAG DB . -19.27 94.23 -17.49
O7 NAG DB . -18.31 93.52 -24.16
C1 NAG EB . 4.91 94.15 -57.57
C2 NAG EB . 5.01 93.81 -59.05
C3 NAG EB . 3.98 94.63 -59.84
C4 NAG EB . 2.59 94.46 -59.26
C5 NAG EB . 2.60 94.74 -57.76
C6 NAG EB . 1.28 94.45 -57.09
C7 NAG EB . 7.27 93.07 -59.67
C8 NAG EB . 8.60 93.48 -60.21
N2 NAG EB . 6.35 94.04 -59.56
O3 NAG EB . 4.00 94.22 -61.20
O4 NAG EB . 1.69 95.35 -59.91
O5 NAG EB . 3.58 93.92 -57.10
O6 NAG EB . 0.73 95.61 -56.49
O7 NAG EB . 7.02 91.91 -59.35
C1 NAG EB . 0.71 94.61 -60.67
C2 NAG EB . -0.18 95.60 -61.41
C3 NAG EB . -1.20 94.84 -62.25
C4 NAG EB . -0.54 93.80 -63.14
C5 NAG EB . 0.41 92.92 -62.34
C6 NAG EB . 1.24 91.99 -63.20
C7 NAG EB . -0.83 97.84 -60.64
C8 NAG EB . -1.55 98.61 -59.58
N2 NAG EB . -0.83 96.50 -60.48
O3 NAG EB . -1.94 95.77 -63.05
O4 NAG EB . -1.55 92.97 -63.71
O5 NAG EB . 1.35 93.73 -61.60
O6 NAG EB . 1.67 92.64 -64.39
O7 NAG EB . -0.26 98.38 -61.58
C1 BMA EB . -1.65 93.12 -65.14
C2 BMA EB . -3.15 92.91 -65.51
C3 BMA EB . -3.38 93.20 -66.99
C4 BMA EB . -2.75 94.54 -67.42
C5 BMA EB . -1.27 94.56 -67.02
C6 BMA EB . -0.57 95.86 -67.40
O2 BMA EB . -3.98 93.80 -64.78
O3 BMA EB . -4.77 93.19 -67.32
O4 BMA EB . -2.88 94.70 -68.82
O5 BMA EB . -1.19 94.40 -65.59
O6 BMA EB . 0.82 95.59 -67.52
C1 NAG FB . 72.84 81.24 12.40
C2 NAG FB . 71.86 80.08 12.60
C3 NAG FB . 71.66 79.79 14.09
C4 NAG FB . 73.01 79.57 14.77
C5 NAG FB . 73.92 80.77 14.51
C6 NAG FB . 75.30 80.61 15.09
C7 NAG FB . 70.25 79.88 10.75
C8 NAG FB . 68.90 80.27 10.24
N2 NAG FB . 70.58 80.35 11.96
O3 NAG FB . 70.84 78.64 14.24
O4 NAG FB . 72.82 79.38 16.16
O5 NAG FB . 74.07 80.95 13.10
O6 NAG FB . 75.28 80.68 16.50
O7 NAG FB . 71.02 79.17 10.09
C1 NAG FB . 73.21 78.02 16.49
C2 NAG FB . 73.34 77.90 18.00
C3 NAG FB . 73.73 76.48 18.38
C4 NAG FB . 72.77 75.47 17.76
C5 NAG FB . 72.63 75.71 16.26
C6 NAG FB . 71.57 74.85 15.61
C7 NAG FB . 74.21 79.43 19.72
C8 NAG FB . 75.31 80.38 20.09
N2 NAG FB . 74.32 78.85 18.52
O3 NAG FB . 73.72 76.35 19.80
O4 NAG FB . 73.29 74.15 17.96
O5 NAG FB . 72.24 77.08 16.01
O6 NAG FB . 70.37 74.84 16.37
O7 NAG FB . 73.29 79.18 20.48
C1 BMA FB . 72.42 73.33 18.78
C2 BMA FB . 73.11 73.09 20.17
C3 BMA FB . 72.18 72.28 21.08
C4 BMA FB . 70.75 72.88 21.11
C5 BMA FB . 70.22 73.04 19.68
C6 BMA FB . 68.83 73.64 19.63
O2 BMA FB . 73.35 74.32 20.83
O3 BMA FB . 72.70 72.18 22.40
O4 BMA FB . 69.89 72.02 21.85
O5 BMA FB . 71.12 73.90 18.96
O6 BMA FB . 67.92 72.73 20.23
C1 NAG GB . 40.98 120.22 0.71
C2 NAG GB . 40.43 119.61 -0.58
C3 NAG GB . 41.28 120.05 -1.77
C4 NAG GB . 41.41 121.57 -1.81
C5 NAG GB . 41.88 122.10 -0.46
C6 NAG GB . 41.86 123.62 -0.37
C7 NAG GB . 39.27 117.44 -0.58
C8 NAG GB . 39.42 115.96 -0.47
N2 NAG GB . 40.40 118.16 -0.50
O3 NAG GB . 40.69 119.58 -2.99
O4 NAG GB . 42.34 121.96 -2.81
O5 NAG GB . 41.01 121.63 0.58
O6 NAG GB . 40.77 124.16 -1.10
O7 NAG GB . 38.17 117.98 -0.73
C1 NAG GB . 41.66 122.60 -3.89
C2 NAG GB . 42.50 123.77 -4.40
C3 NAG GB . 41.82 124.44 -5.58
C4 NAG GB . 41.48 123.42 -6.66
C5 NAG GB . 40.70 122.25 -6.07
C6 NAG GB . 40.46 121.13 -7.06
C7 NAG GB . 44.00 125.13 -3.01
C8 NAG GB . 44.09 126.12 -1.89
N2 NAG GB . 42.77 124.73 -3.34
O3 NAG GB . 42.68 125.46 -6.08
O4 NAG GB . 40.67 124.03 -7.68
O5 NAG GB . 41.42 121.68 -4.96
O6 NAG GB . 41.67 120.48 -7.39
O7 NAG GB . 45.00 124.71 -3.58
C1 BMA GB . 41.45 124.45 -8.82
C2 BMA GB . 41.62 123.25 -9.79
C3 BMA GB . 42.29 123.72 -11.08
C4 BMA GB . 41.61 124.97 -11.66
C5 BMA GB . 41.55 126.07 -10.58
C6 BMA GB . 40.82 127.32 -11.06
O2 BMA GB . 40.35 122.72 -10.15
O3 BMA GB . 42.31 122.69 -12.06
O4 BMA GB . 42.34 125.45 -12.79
O5 BMA GB . 40.82 125.56 -9.46
O6 BMA GB . 40.63 128.17 -9.94
C1 NAG HB . 57.37 116.42 44.83
C2 NAG HB . 58.48 116.50 45.89
C3 NAG HB . 59.73 115.80 45.38
C4 NAG HB . 59.41 114.38 44.96
C5 NAG HB . 58.29 114.39 43.92
C6 NAG HB . 57.84 113.00 43.52
C7 NAG HB . 58.27 118.46 47.35
C8 NAG HB . 58.67 119.89 47.57
N2 NAG HB . 58.75 117.88 46.25
O3 NAG HB . 60.72 115.82 46.42
O4 NAG HB . 60.56 113.72 44.44
O5 NAG HB . 57.14 115.05 44.46
O6 NAG HB . 57.80 112.13 44.63
O7 NAG HB . 57.55 117.87 48.14
C1 NAG HB . 60.99 112.78 45.45
C2 NAG HB . 61.45 111.48 44.79
C3 NAG HB . 61.92 110.50 45.86
C4 NAG HB . 62.95 111.14 46.79
C5 NAG HB . 62.46 112.49 47.32
C6 NAG HB . 63.52 113.24 48.08
C7 NAG HB . 60.64 110.21 42.87
C8 NAG HB . 59.43 109.68 42.16
N2 NAG HB . 60.41 110.90 43.99
O3 NAG HB . 62.48 109.34 45.24
O4 NAG HB . 63.16 110.29 47.92
O5 NAG HB . 62.06 113.33 46.23
O6 NAG HB . 63.64 114.58 47.62
O7 NAG HB . 61.78 110.03 42.44
C1 BMA HB . 64.43 109.62 47.85
C2 BMA HB . 64.89 109.39 49.30
C3 BMA HB . 66.06 108.40 49.37
C4 BMA HB . 65.78 107.15 48.51
C5 BMA HB . 65.47 107.59 47.07
C6 BMA HB . 65.20 106.41 46.16
O2 BMA HB . 63.84 108.83 50.08
O3 BMA HB . 66.34 108.03 50.71
O4 BMA HB . 66.91 106.30 48.51
O5 BMA HB . 64.29 108.41 47.12
O6 BMA HB . 65.92 105.31 46.66
C1 BMA HB . 65.27 104.09 46.27
C2 BMA HB . 65.72 102.98 47.24
C3 BMA HB . 64.98 101.69 46.93
C4 BMA HB . 63.46 101.91 46.89
C5 BMA HB . 63.15 103.01 45.86
C6 BMA HB . 61.67 103.29 45.73
O2 BMA HB . 65.40 103.32 48.59
O3 BMA HB . 65.31 100.63 47.84
O4 BMA HB . 62.80 100.71 46.52
O5 BMA HB . 63.83 104.21 46.28
O6 BMA HB . 61.30 104.41 46.54
C1 BMA HB . 66.03 99.58 47.15
C2 BMA HB . 65.31 98.25 47.44
C3 BMA HB . 65.93 97.12 46.62
C4 BMA HB . 66.07 97.50 45.13
C5 BMA HB . 66.84 98.82 45.01
C6 BMA HB . 66.99 99.30 43.57
O2 BMA HB . 63.94 98.31 47.08
O3 BMA HB . 65.19 95.91 46.73
O4 BMA HB . 66.76 96.49 44.42
O5 BMA HB . 66.12 99.83 45.73
O6 BMA HB . 68.17 100.10 43.50
C1 BMA HB . 60.01 104.19 47.15
C2 BMA HB . 58.91 104.99 46.35
C3 BMA HB . 57.50 104.61 46.86
C4 BMA HB . 57.33 103.08 46.99
C5 BMA HB . 58.44 102.53 47.89
C6 BMA HB . 58.33 101.03 48.11
O2 BMA HB . 58.93 104.69 44.97
O3 BMA HB . 56.49 105.14 46.00
O4 BMA HB . 56.06 102.79 47.56
O5 BMA HB . 59.69 102.80 47.24
O6 BMA HB . 57.01 100.74 48.54
C1 BMA HB . 67.72 108.33 50.98
C2 BMA HB . 67.91 108.41 52.51
C3 BMA HB . 69.39 108.56 52.85
C4 BMA HB . 70.25 107.50 52.11
C5 BMA HB . 69.97 107.58 50.60
C6 BMA HB . 70.74 106.55 49.80
O2 BMA HB . 67.45 107.22 53.14
O3 BMA HB . 69.62 108.47 54.25
O4 BMA HB . 71.62 107.75 52.36
O5 BMA HB . 68.57 107.35 50.40
O6 BMA HB . 69.99 105.34 49.80
C1 NAG IB . 56.44 72.97 -33.05
C2 NAG IB . 55.29 72.22 -33.67
C3 NAG IB . 54.69 71.26 -32.65
C4 NAG IB . 55.76 70.46 -31.90
C5 NAG IB . 57.03 71.27 -31.59
C6 NAG IB . 58.20 70.42 -31.19
C7 NAG IB . 54.08 73.35 -35.48
C8 NAG IB . 52.99 74.32 -35.82
N2 NAG IB . 54.27 73.13 -34.17
O3 NAG IB . 53.80 70.36 -33.32
O4 NAG IB . 55.26 70.11 -30.62
O5 NAG IB . 57.44 72.07 -32.71
O6 NAG IB . 58.75 70.85 -29.95
O7 NAG IB . 54.75 72.80 -36.34
C1 NAG IB . 54.58 68.87 -30.53
C2 NAG IB . 55.07 68.15 -29.27
C3 NAG IB . 54.26 66.88 -29.03
C4 NAG IB . 52.76 67.20 -29.00
C5 NAG IB . 52.37 67.92 -30.28
C6 NAG IB . 50.94 68.40 -30.26
C7 NAG IB . 57.38 68.22 -28.44
C8 NAG IB . 58.79 67.79 -28.69
N2 NAG IB . 56.48 67.83 -29.36
O3 NAG IB . 54.65 66.29 -27.80
O4 NAG IB . 52.01 66.00 -28.89
O5 NAG IB . 53.18 69.11 -30.43
O6 NAG IB . 50.59 68.96 -29.01
O7 NAG IB . 57.06 68.87 -27.45
C1 NAG JB . 49.61 83.15 -27.29
C2 NAG JB . 48.38 83.94 -26.84
C3 NAG JB . 47.14 83.37 -27.51
C4 NAG JB . 47.31 83.33 -29.03
C5 NAG JB . 48.65 82.68 -29.42
C6 NAG JB . 48.96 82.84 -30.89
C7 NAG JB . 47.84 84.99 -24.69
C8 NAG JB . 47.74 84.79 -23.21
N2 NAG JB . 48.24 83.91 -25.39
O3 NAG JB . 46.02 84.17 -27.17
O4 NAG JB . 46.28 82.54 -29.59
O5 NAG JB . 49.74 83.26 -28.70
O6 NAG JB . 50.04 81.99 -31.29
O7 NAG JB . 47.57 86.05 -25.23
C1 NAG JB . 45.21 83.28 -30.22
C2 NAG JB . 44.09 82.27 -30.46
C3 NAG JB . 42.83 82.95 -31.02
C4 NAG JB . 42.45 84.17 -30.19
C5 NAG JB . 43.65 85.10 -30.03
C6 NAG JB . 43.39 86.29 -29.15
C7 NAG JB . 44.97 80.02 -30.90
C8 NAG JB . 45.39 79.04 -31.95
N2 NAG JB . 44.53 81.21 -31.34
O3 NAG JB . 41.79 81.98 -30.98
O4 NAG JB . 41.35 84.93 -30.71
O5 NAG JB . 44.73 84.37 -29.42
O6 NAG JB . 42.96 85.88 -27.86
O7 NAG JB . 45.03 79.76 -29.70
C1 BMA JB . 40.85 84.75 -32.06
C2 BMA JB . 39.50 84.02 -31.92
C3 BMA JB . 38.97 83.76 -33.32
C4 BMA JB . 38.74 85.09 -34.03
C5 BMA JB . 40.07 85.91 -34.09
C6 BMA JB . 39.84 87.34 -34.58
O2 BMA JB . 38.55 84.85 -31.27
O3 BMA JB . 37.73 83.03 -33.29
O4 BMA JB . 38.27 84.86 -35.35
O5 BMA JB . 40.69 85.98 -32.76
O6 BMA JB . 38.97 87.34 -35.73
C1 BMA JB . 37.93 81.61 -33.58
C2 BMA JB . 37.45 81.33 -35.05
C3 BMA JB . 37.76 79.87 -35.42
C4 BMA JB . 39.21 79.47 -35.07
C5 BMA JB . 39.51 79.80 -33.60
C6 BMA JB . 40.92 79.47 -33.17
O2 BMA JB . 38.13 82.15 -35.98
O3 BMA JB . 37.53 79.64 -36.80
O4 BMA JB . 39.41 78.09 -35.30
O5 BMA JB . 39.30 81.21 -33.41
O6 BMA JB . 41.12 78.07 -33.32
C1 BMA JB . 37.84 88.23 -35.52
C2 BMA JB . 38.35 89.68 -35.35
C3 BMA JB . 37.15 90.64 -35.25
C4 BMA JB . 36.14 90.41 -36.39
C5 BMA JB . 35.73 88.93 -36.44
C6 BMA JB . 34.78 88.63 -37.59
O2 BMA JB . 39.09 90.08 -36.49
O3 BMA JB . 37.57 91.99 -35.23
O4 BMA JB . 34.99 91.22 -36.17
O5 BMA JB . 36.92 88.14 -36.61
O6 BMA JB . 34.19 87.35 -37.36
C1 NAG KB . 104.05 -27.79 87.94
C2 NAG KB . 104.84 -26.92 86.96
C3 NAG KB . 105.16 -27.71 85.70
C4 NAG KB . 105.87 -29.01 86.05
C5 NAG KB . 105.04 -29.79 87.06
C6 NAG KB . 105.73 -31.05 87.55
C7 NAG KB . 104.39 -24.51 87.15
C8 NAG KB . 103.52 -23.38 86.70
N2 NAG KB . 104.09 -25.71 86.63
O3 NAG KB . 105.99 -26.91 84.86
O4 NAG KB . 106.04 -29.80 84.87
O5 NAG KB . 104.78 -28.98 88.22
O6 NAG KB . 105.88 -32.00 86.51
O7 NAG KB . 105.30 -24.36 87.95
C1 NAG KB . 107.43 -29.82 84.50
C2 NAG KB . 107.65 -30.93 83.48
C3 NAG KB . 109.11 -30.98 83.06
C4 NAG KB . 109.58 -29.60 82.58
C5 NAG KB . 109.24 -28.52 83.62
C6 NAG KB . 109.52 -27.13 83.12
C7 NAG KB . 106.52 -33.10 83.29
C8 NAG KB . 106.16 -34.37 83.98
N2 NAG KB . 107.22 -32.22 84.00
O3 NAG KB . 109.27 -31.93 82.02
O4 NAG KB . 111.00 -29.64 82.41
O5 NAG KB . 107.85 -28.57 83.95
O6 NAG KB . 110.32 -26.40 84.04
O7 NAG KB . 106.18 -32.87 82.13
C1 BMA KB . 111.33 -29.53 81.01
C2 BMA KB . 112.43 -28.47 80.90
C3 BMA KB . 112.87 -28.38 79.41
C4 BMA KB . 113.22 -29.76 78.81
C5 BMA KB . 112.08 -30.75 79.07
C6 BMA KB . 112.43 -32.15 78.64
O2 BMA KB . 113.54 -28.85 81.69
O3 BMA KB . 113.90 -27.35 79.17
O4 BMA KB . 113.42 -29.66 77.41
O5 BMA KB . 111.78 -30.77 80.49
O6 BMA KB . 111.32 -33.01 78.88
C1 BMA KB . 115.26 -27.82 79.28
C2 BMA KB . 116.06 -27.28 78.06
C3 BMA KB . 117.54 -27.59 78.22
C4 BMA KB . 118.06 -27.18 79.62
C5 BMA KB . 117.20 -27.83 80.70
C6 BMA KB . 117.60 -27.45 82.11
O2 BMA KB . 115.94 -25.85 77.96
O3 BMA KB . 118.32 -26.95 77.22
O4 BMA KB . 119.41 -27.58 79.78
O5 BMA KB . 115.84 -27.40 80.51
O6 BMA KB . 117.14 -26.14 82.37
C1 BMA KB . 115.19 -25.48 76.78
C2 BMA KB . 116.17 -24.82 75.76
C3 BMA KB . 115.45 -24.52 74.45
C4 BMA KB . 114.67 -25.74 73.94
C5 BMA KB . 113.72 -26.26 75.04
C6 BMA KB . 112.93 -27.49 74.62
O2 BMA KB . 117.25 -25.69 75.45
O3 BMA KB . 116.36 -24.07 73.45
O4 BMA KB . 113.91 -25.39 72.79
O5 BMA KB . 114.52 -26.60 76.18
O6 BMA KB . 111.94 -27.74 75.60
C1 BMA KB . 111.79 -34.36 78.73
C2 BMA KB . 112.53 -34.75 80.01
C3 BMA KB . 113.09 -36.17 79.84
C4 BMA KB . 111.96 -37.15 79.44
C5 BMA KB . 111.18 -36.62 78.21
C6 BMA KB . 109.97 -37.46 77.87
O2 BMA KB . 111.64 -34.78 81.11
O3 BMA KB . 113.75 -36.64 81.03
O4 BMA KB . 112.51 -38.42 79.14
O5 BMA KB . 110.73 -35.28 78.48
O6 BMA KB . 108.99 -37.26 78.88
C1 BMA KB . 114.83 -35.76 81.42
C2 BMA KB . 115.66 -36.48 82.52
C3 BMA KB . 116.89 -35.63 82.88
C4 BMA KB . 117.67 -35.16 81.63
C5 BMA KB . 116.70 -34.47 80.66
C6 BMA KB . 117.36 -34.00 79.38
O2 BMA KB . 116.14 -37.73 82.06
O3 BMA KB . 117.77 -36.34 83.76
O4 BMA KB . 118.69 -34.26 82.00
O5 BMA KB . 115.67 -35.42 80.31
O6 BMA KB . 116.46 -33.12 78.71
C1 NAG LB . 76.01 9.84 74.65
C2 NAG LB . 76.86 11.10 74.58
C3 NAG LB . 75.96 12.33 74.69
C4 NAG LB . 74.81 12.26 73.71
C5 NAG LB . 74.14 10.88 73.68
C6 NAG LB . 73.21 10.70 72.51
C7 NAG LB . 79.03 11.77 75.49
C8 NAG LB . 79.98 11.68 76.65
N2 NAG LB . 77.88 11.11 75.61
O3 NAG LB . 76.73 13.49 74.45
O4 NAG LB . 73.82 13.18 74.13
O5 NAG LB . 75.12 9.83 73.58
O6 NAG LB . 73.58 11.52 71.41
O7 NAG LB . 79.30 12.44 74.48
C1 NAG LB . 73.65 14.27 73.23
C2 NAG LB . 72.24 14.81 73.47
C3 NAG LB . 71.99 16.05 72.61
C4 NAG LB . 73.06 17.09 72.89
C5 NAG LB . 74.43 16.48 72.59
C6 NAG LB . 75.58 17.42 72.87
C7 NAG LB . 70.09 13.72 73.90
C8 NAG LB . 69.16 12.62 73.52
N2 NAG LB . 71.24 13.80 73.21
O3 NAG LB . 70.69 16.55 72.89
O4 NAG LB . 72.86 18.27 72.14
O5 NAG LB . 74.61 15.33 73.42
O6 NAG LB . 76.46 17.47 71.75
O7 NAG LB . 69.81 14.53 74.79
C1 BMA LB . 72.30 19.27 73.03
C2 BMA LB . 73.39 20.36 73.29
C3 BMA LB . 72.77 21.51 74.09
C4 BMA LB . 71.44 21.99 73.48
C5 BMA LB . 70.49 20.79 73.33
C6 BMA LB . 69.15 21.17 72.72
O2 BMA LB . 73.84 20.91 72.07
O3 BMA LB . 73.67 22.60 74.20
O4 BMA LB . 70.84 22.96 74.32
O5 BMA LB . 71.12 19.84 72.48
O6 BMA LB . 69.24 21.01 71.32
C1 NAG MB . 65.11 -0.37 46.05
C2 NAG MB . 66.39 -0.02 46.77
C3 NAG MB . 67.41 0.50 45.77
C4 NAG MB . 67.55 -0.43 44.56
C5 NAG MB . 66.19 -0.94 44.04
C6 NAG MB . 66.31 -2.10 43.09
C7 NAG MB . 66.97 1.07 48.89
C8 NAG MB . 66.59 2.13 49.89
N2 NAG MB . 66.16 0.95 47.83
O3 NAG MB . 68.68 0.65 46.40
O4 NAG MB . 68.14 0.32 43.51
O5 NAG MB . 65.35 -1.39 45.12
O6 NAG MB . 67.38 -2.96 43.46
O7 NAG MB . 67.95 0.36 49.05
C1 NAG MB . 69.34 -0.27 42.95
C2 NAG MB . 69.79 0.61 41.79
C3 NAG MB . 71.04 0.04 41.15
C4 NAG MB . 72.13 -0.18 42.21
C5 NAG MB . 71.58 -1.00 43.37
C6 NAG MB . 72.56 -1.13 44.51
C7 NAG MB . 68.04 1.88 40.63
C8 NAG MB . 66.98 1.85 39.57
N2 NAG MB . 68.73 0.75 40.81
O3 NAG MB . 71.50 0.93 40.14
O4 NAG MB . 73.23 -0.86 41.63
O5 NAG MB . 70.40 -0.39 43.91
O6 NAG MB . 72.25 -0.23 45.57
O7 NAG MB . 68.25 2.88 41.31
C1 BMA MB . 74.34 0.04 41.46
C2 BMA MB . 75.64 -0.77 41.54
C3 BMA MB . 76.85 0.12 41.18
C4 BMA MB . 76.61 0.94 39.90
C5 BMA MB . 75.28 1.70 40.00
C6 BMA MB . 74.96 2.49 38.74
O2 BMA MB . 75.63 -1.84 40.59
O3 BMA MB . 78.03 -0.65 41.04
O4 BMA MB . 77.67 1.85 39.70
O5 BMA MB . 74.23 0.75 40.23
O6 BMA MB . 74.82 1.57 37.66
C1 NAG NB . 103.93 -59.80 100.07
C2 NAG NB . 104.17 -59.58 101.59
C3 NAG NB . 104.55 -58.12 101.87
C4 NAG NB . 105.74 -57.73 101.02
C5 NAG NB . 105.37 -57.92 99.55
C6 NAG NB . 106.49 -57.54 98.60
C7 NAG NB . 102.82 -61.18 102.86
C8 NAG NB . 101.56 -61.41 103.63
N2 NAG NB . 102.99 -59.96 102.35
O3 NAG NB . 104.83 -57.97 103.25
O4 NAG NB . 106.15 -56.38 101.24
O5 NAG NB . 105.07 -59.30 99.32
O6 NAG NB . 106.58 -56.13 98.43
O7 NAG NB . 103.64 -62.07 102.69
C1 NAG NB . 107.26 -56.22 102.16
C2 NAG NB . 108.66 -56.37 101.53
C3 NAG NB . 109.75 -55.99 102.54
C4 NAG NB . 109.48 -54.62 103.15
C5 NAG NB . 108.08 -54.58 103.75
C6 NAG NB . 107.72 -53.22 104.29
C7 NAG NB . 109.65 -57.98 99.96
C8 NAG NB . 109.77 -59.42 99.57
N2 NAG NB . 108.90 -57.72 101.03
O3 NAG NB . 111.02 -56.01 101.91
O4 NAG NB . 110.44 -54.35 104.16
O5 NAG NB . 107.12 -54.91 102.74
O6 NAG NB . 107.30 -52.36 103.24
O7 NAG NB . 110.21 -57.09 99.33
C1 NAG OB . 108.70 -88.12 73.08
C2 NAG OB . 109.50 -89.01 72.14
C3 NAG OB . 110.52 -89.83 72.93
C4 NAG OB . 111.38 -88.91 73.81
C5 NAG OB . 110.49 -88.01 74.66
C6 NAG OB . 111.27 -86.98 75.44
C7 NAG OB . 108.15 -89.58 70.17
C8 NAG OB . 107.26 -90.60 69.53
N2 NAG OB . 108.63 -89.89 71.37
O3 NAG OB . 111.35 -90.55 72.04
O4 NAG OB . 112.20 -89.70 74.65
O5 NAG OB . 109.59 -87.27 73.82
O6 NAG OB . 111.21 -87.23 76.85
O7 NAG OB . 108.42 -88.52 69.62
C1 NAG OB . 113.58 -89.53 74.26
C2 NAG OB . 114.45 -90.41 75.17
C3 NAG OB . 115.92 -90.28 74.77
C4 NAG OB . 116.11 -90.52 73.27
C5 NAG OB . 115.13 -89.67 72.46
C6 NAG OB . 115.15 -90.01 70.99
C7 NAG OB . 113.72 -90.88 77.46
C8 NAG OB . 113.62 -90.35 78.87
N2 NAG OB . 114.28 -90.06 76.57
O3 NAG OB . 116.69 -91.23 75.50
O4 NAG OB . 117.44 -90.13 72.92
O5 NAG OB . 113.79 -89.89 72.91
O6 NAG OB . 115.20 -91.40 70.77
O7 NAG OB . 113.33 -92.01 77.16
C1 BMA OB . 118.24 -91.23 72.44
C2 BMA OB . 119.70 -90.96 72.89
C3 BMA OB . 120.59 -92.16 72.54
C4 BMA OB . 119.96 -93.50 72.99
C5 BMA OB . 118.54 -93.61 72.41
C6 BMA OB . 117.84 -94.90 72.81
O2 BMA OB . 119.76 -90.80 74.30
O3 BMA OB . 121.89 -92.02 73.12
O4 BMA OB . 120.75 -94.58 72.53
O5 BMA OB . 117.77 -92.50 72.91
O6 BMA OB . 116.84 -95.17 71.84
C1 NAG PB . 20.51 -46.88 58.31
C2 NAG PB . 21.52 -45.74 58.13
C3 NAG PB . 20.98 -44.44 58.73
C4 NAG PB . 19.59 -44.14 58.19
C5 NAG PB . 18.67 -45.35 58.42
C6 NAG PB . 17.28 -45.16 57.87
C7 NAG PB . 23.79 -46.69 58.04
C8 NAG PB . 25.05 -46.95 58.81
N2 NAG PB . 22.81 -46.09 58.72
O3 NAG PB . 21.87 -43.38 58.43
O4 NAG PB . 19.06 -42.98 58.83
O5 NAG PB . 19.24 -46.49 57.77
O6 NAG PB . 16.55 -44.22 58.63
O7 NAG PB . 23.68 -47.00 56.86
C1 NAG PB . 18.93 -41.97 57.80
C2 NAG PB . 18.04 -40.84 58.34
C3 NAG PB . 17.90 -39.74 57.29
C4 NAG PB . 19.27 -39.29 56.79
C5 NAG PB . 20.12 -40.48 56.37
C6 NAG PB . 21.53 -40.11 56.01
C7 NAG PB . 16.03 -40.83 59.73
C8 NAG PB . 14.69 -41.47 59.99
N2 NAG PB . 16.73 -41.35 58.73
O3 NAG PB . 17.19 -38.65 57.85
O4 NAG PB . 19.09 -38.42 55.67
O5 NAG PB . 20.20 -41.44 57.42
O6 NAG PB . 22.13 -39.28 56.99
O7 NAG PB . 16.42 -39.88 60.39
C1 BMA PB . 19.58 -37.08 55.93
C2 BMA PB . 18.36 -36.11 56.04
C3 BMA PB . 18.86 -34.69 56.36
C4 BMA PB . 19.83 -34.70 57.56
C5 BMA PB . 20.97 -35.71 57.30
C6 BMA PB . 21.97 -35.79 58.44
O2 BMA PB . 17.50 -36.49 57.10
O3 BMA PB . 17.77 -33.81 56.63
O4 BMA PB . 20.37 -33.40 57.75
O5 BMA PB . 20.39 -37.01 57.11
O6 BMA PB . 22.78 -34.63 58.41
C1 NAG QB . 41.95 -71.41 98.70
C2 NAG QB . 43.22 -71.81 97.95
C3 NAG QB . 43.04 -73.19 97.30
C4 NAG QB . 42.55 -74.21 98.32
C5 NAG QB . 41.31 -73.67 99.05
C6 NAG QB . 40.85 -74.56 100.17
C7 NAG QB . 44.71 -70.11 96.99
C8 NAG QB . 44.92 -69.14 95.87
N2 NAG QB . 43.58 -70.83 96.94
O3 NAG QB . 44.27 -73.61 96.73
O4 NAG QB . 42.22 -75.43 97.68
O5 NAG QB . 41.61 -72.40 99.63
O6 NAG QB . 41.96 -75.13 100.86
O7 NAG QB . 45.53 -70.25 97.89
C1 NAG QB . 43.20 -76.42 98.04
C2 NAG QB . 42.51 -77.76 98.26
C3 NAG QB . 43.54 -78.83 98.60
C4 NAG QB . 44.63 -78.88 97.54
C5 NAG QB . 45.22 -77.49 97.32
C6 NAG QB . 46.22 -77.43 96.17
C7 NAG QB . 40.23 -78.02 99.12
C8 NAG QB . 39.32 -77.86 100.31
N2 NAG QB . 41.50 -77.68 99.31
O3 NAG QB . 42.87 -80.08 98.71
O4 NAG QB . 45.69 -79.75 97.96
O5 NAG QB . 44.19 -76.54 97.01
O6 NAG QB . 45.56 -77.59 94.93
O7 NAG QB . 39.81 -78.43 98.04
C1 BMA QB . 45.55 -81.07 97.38
C2 BMA QB . 46.22 -81.08 95.97
C3 BMA QB . 46.23 -82.51 95.42
C4 BMA QB . 46.80 -83.51 96.45
C5 BMA QB . 46.03 -83.39 97.78
C6 BMA QB . 46.56 -84.29 98.86
O2 BMA QB . 47.57 -80.66 96.05
O3 BMA QB . 46.97 -82.58 94.21
O4 BMA QB . 46.67 -84.83 95.96
O5 BMA QB . 46.16 -82.03 98.24
O6 BMA QB . 45.89 -84.00 100.08
C1 NAG RB . 6.72 -41.08 106.58
C2 NAG RB . 5.26 -40.61 106.53
C3 NAG RB . 4.67 -40.89 105.14
C4 NAG RB . 5.54 -40.26 104.06
C5 NAG RB . 6.98 -40.76 104.21
C6 NAG RB . 7.94 -40.12 103.23
C7 NAG RB . 3.97 -40.58 108.61
C8 NAG RB . 3.18 -41.40 109.58
N2 NAG RB . 4.47 -41.25 107.56
O3 NAG RB . 3.34 -40.37 105.09
O4 NAG RB . 5.05 -40.55 102.76
O5 NAG RB . 7.47 -40.46 105.52
O6 NAG RB . 7.65 -38.74 103.05
O7 NAG RB . 4.17 -39.38 108.77
C1 NAG RB . 4.41 -39.34 102.28
C2 NAG RB . 4.75 -39.11 100.80
C3 NAG RB . 4.06 -37.84 100.31
C4 NAG RB . 2.57 -37.87 100.61
C5 NAG RB . 2.30 -38.24 102.07
C6 NAG RB . 0.83 -38.48 102.36
C7 NAG RB . 6.81 -39.42 99.51
C8 NAG RB . 8.30 -39.24 99.48
N2 NAG RB . 6.19 -39.01 100.62
O3 NAG RB . 4.28 -37.71 98.91
O4 NAG RB . 2.02 -36.58 100.39
O5 NAG RB . 3.00 -39.44 102.42
O6 NAG RB . 0.64 -39.65 103.14
O7 NAG RB . 6.20 -39.91 98.56
C1 BMA RB . 1.21 -36.54 99.20
C2 BMA RB . 0.14 -35.44 99.44
C3 BMA RB . -0.55 -35.07 98.13
C4 BMA RB . 0.45 -34.83 96.99
C5 BMA RB . 1.30 -36.08 96.83
C6 BMA RB . 2.31 -35.95 95.71
O2 BMA RB . 0.75 -34.26 99.94
O3 BMA RB . -1.39 -33.93 98.31
O4 BMA RB . -0.24 -34.56 95.78
O5 BMA RB . 2.03 -36.28 98.06
O6 BMA RB . 1.76 -35.10 94.73
C1 BMA RB . 2.83 -34.43 94.02
C2 BMA RB . 2.25 -33.13 93.42
C3 BMA RB . 3.38 -32.35 92.74
C4 BMA RB . 4.56 -32.14 93.70
C5 BMA RB . 5.05 -33.52 94.19
C6 BMA RB . 6.24 -33.43 95.12
O2 BMA RB . 1.74 -32.29 94.43
O3 BMA RB . 2.94 -31.10 92.20
O4 BMA RB . 5.62 -31.48 93.04
O5 BMA RB . 3.95 -34.15 94.87
O6 BMA RB . 5.79 -33.39 96.48
C1 BMA RB . 3.00 -31.14 90.76
C2 BMA RB . 3.82 -29.90 90.28
C3 BMA RB . 4.06 -29.97 88.78
C4 BMA RB . 4.60 -31.34 88.35
C5 BMA RB . 3.65 -32.44 88.84
C6 BMA RB . 4.12 -33.83 88.47
O2 BMA RB . 5.08 -29.87 90.91
O3 BMA RB . 4.95 -28.94 88.35
O4 BMA RB . 4.72 -31.41 86.93
O5 BMA RB . 3.58 -32.35 90.26
O6 BMA RB . 2.99 -34.67 88.38
C1 BMA RB . 6.57 -32.44 97.24
C2 BMA RB . 7.64 -33.21 98.10
C3 BMA RB . 8.64 -32.23 98.73
C4 BMA RB . 9.14 -31.18 97.72
C5 BMA RB . 7.95 -30.47 97.09
C6 BMA RB . 8.34 -29.38 96.11
O2 BMA RB . 8.40 -34.13 97.33
O3 BMA RB . 9.75 -32.92 99.30
O4 BMA RB . 9.97 -30.23 98.38
O5 BMA RB . 7.18 -31.46 96.38
O6 BMA RB . 9.05 -28.37 96.82
C1 BMA RB . -2.72 -34.29 97.94
C2 BMA RB . -3.70 -33.26 98.54
C3 BMA RB . -5.13 -33.50 98.01
C4 BMA RB . -5.14 -33.65 96.47
C5 BMA RB . -4.14 -34.73 96.04
C6 BMA RB . -4.05 -34.89 94.54
O2 BMA RB . -3.35 -31.94 98.17
O3 BMA RB . -6.02 -32.47 98.41
O4 BMA RB . -6.43 -34.00 96.04
O5 BMA RB . -2.84 -34.34 96.52
O6 BMA RB . -3.02 -34.03 94.05
C1 NAG SB . 59.73 -70.94 40.71
C2 NAG SB . 61.17 -70.52 40.53
C3 NAG SB . 61.31 -69.03 40.87
C4 NAG SB . 60.26 -68.19 40.13
C5 NAG SB . 58.87 -68.85 40.14
C6 NAG SB . 57.90 -68.19 39.20
C7 NAG SB . 62.94 -72.19 40.85
C8 NAG SB . 63.78 -72.92 41.85
N2 NAG SB . 62.06 -71.32 41.36
O3 NAG SB . 62.63 -68.60 40.51
O4 NAG SB . 60.09 -66.95 40.80
O5 NAG SB . 58.92 -70.24 39.80
O6 NAG SB . 56.88 -67.49 39.91
O7 NAG SB . 63.05 -72.37 39.64
C1 NAG SB . 60.94 -65.89 40.34
C2 NAG SB . 60.09 -64.63 40.13
C3 NAG SB . 60.98 -63.45 39.76
C4 NAG SB . 62.09 -63.27 40.79
C5 NAG SB . 62.87 -64.58 40.94
C6 NAG SB . 63.91 -64.51 42.03
C7 NAG SB . 57.80 -64.47 39.27
C8 NAG SB . 56.88 -64.75 38.13
N2 NAG SB . 59.07 -64.84 39.13
O3 NAG SB . 60.19 -62.27 39.70
O4 NAG SB . 62.98 -62.23 40.37
O5 NAG SB . 61.97 -65.64 41.29
O6 NAG SB . 63.50 -63.67 43.10
O7 NAG SB . 57.40 -63.91 40.30
C1 NAG TB . 59.62 -70.95 54.89
C2 NAG TB . 60.15 -70.80 56.30
C3 NAG TB . 61.67 -70.57 56.26
C4 NAG TB . 62.35 -71.66 55.47
C5 NAG TB . 61.68 -71.88 54.11
C6 NAG TB . 62.19 -73.11 53.38
C7 NAG TB . 59.17 -69.77 58.30
C8 NAG TB . 58.49 -68.57 58.87
N2 NAG TB . 59.48 -69.71 57.00
O3 NAG TB . 62.16 -70.54 57.60
O4 NAG TB . 63.69 -71.26 55.21
O5 NAG TB . 60.26 -72.06 54.26
O6 NAG TB . 62.00 -72.99 51.98
O7 NAG TB . 59.43 -70.75 58.98
C1 NAG TB . 64.69 -71.92 56.02
C2 NAG TB . 66.01 -71.21 55.74
C3 NAG TB . 67.13 -71.75 56.62
C4 NAG TB . 66.71 -71.82 58.08
C5 NAG TB . 65.37 -72.53 58.22
C6 NAG TB . 64.85 -72.54 59.64
C7 NAG TB . 66.12 -70.34 53.44
C8 NAG TB . 66.55 -70.62 52.04
N2 NAG TB . 66.36 -71.30 54.34
O3 NAG TB . 68.24 -70.88 56.44
O4 NAG TB . 67.66 -72.43 58.96
O5 NAG TB . 64.40 -71.88 57.41
O6 NAG TB . 64.47 -71.24 60.05
O7 NAG TB . 65.57 -69.29 53.76
C1 BMA TB . 68.82 -73.15 58.49
C2 BMA TB . 70.04 -72.24 58.72
C3 BMA TB . 71.27 -72.95 58.18
C4 BMA TB . 71.48 -74.25 58.93
C5 BMA TB . 70.22 -75.16 58.83
C6 BMA TB . 70.28 -76.36 59.78
O2 BMA TB . 70.25 -72.04 60.11
O3 BMA TB . 72.45 -72.13 58.30
O4 BMA TB . 72.61 -74.93 58.42
O5 BMA TB . 69.00 -74.41 59.15
O6 BMA TB . 71.61 -76.94 59.76
C1 BMA TB . 72.81 -71.50 57.05
C2 BMA TB . 74.04 -72.25 56.46
C3 BMA TB . 74.39 -71.69 55.06
C4 BMA TB . 73.13 -71.59 54.17
C5 BMA TB . 72.04 -70.79 54.89
C6 BMA TB . 70.77 -70.65 54.09
O2 BMA TB . 73.79 -73.64 56.29
O3 BMA TB . 75.38 -72.49 54.41
O4 BMA TB . 73.46 -70.95 52.95
O5 BMA TB . 71.73 -71.49 56.10
O6 BMA TB . 71.04 -69.77 52.99
C1 BMA TB . 72.16 -77.03 61.10
C2 BMA TB . 71.27 -77.98 61.95
C3 BMA TB . 71.91 -78.20 63.33
C4 BMA TB . 73.40 -78.59 63.21
C5 BMA TB . 74.15 -77.56 62.35
C6 BMA TB . 75.61 -77.93 62.15
O2 BMA TB . 71.17 -79.26 61.34
O3 BMA TB . 71.20 -79.17 64.09
O4 BMA TB . 73.98 -78.65 64.51
O5 BMA TB . 73.51 -77.50 61.06
O6 BMA TB . 76.31 -76.75 61.75
C1 NAG UB . -74.03 -1.41 -29.28
C2 NAG UB . -75.20 -1.07 -30.21
C3 NAG UB . -76.50 -1.59 -29.62
C4 NAG UB . -76.40 -3.08 -29.35
C5 NAG UB . -75.16 -3.40 -28.49
C6 NAG UB . -74.91 -4.88 -28.35
C7 NAG UB . -74.61 0.97 -31.43
C8 NAG UB . -74.81 2.45 -31.56
N2 NAG UB . -75.28 0.36 -30.46
O3 NAG UB . -77.57 -1.32 -30.52
O4 NAG UB . -77.56 -3.54 -28.67
O5 NAG UB . -73.98 -2.83 -29.09
O6 NAG UB . -74.71 -5.50 -29.61
O7 NAG UB . -73.85 0.36 -32.17
C1 NAG VB . -44.48 2.20 1.28
C2 NAG VB . -43.07 1.89 1.84
C3 NAG VB . -42.38 3.18 2.30
C4 NAG VB . -42.33 4.18 1.16
C5 NAG VB . -43.74 4.48 0.69
C6 NAG VB . -43.76 5.42 -0.50
C7 NAG VB . -42.36 -0.14 3.02
C8 NAG VB . -42.58 -1.02 4.22
N2 NAG VB . -43.14 0.94 2.94
O3 NAG VB . -41.07 2.87 2.75
O4 NAG VB . -41.69 5.38 1.59
O5 NAG VB . -44.38 3.27 0.28
O6 NAG VB . -43.62 4.69 -1.72
O7 NAG VB . -41.51 -0.40 2.18
C1 NAG WB . -34.81 10.62 -6.69
C2 NAG WB . -34.50 11.79 -7.64
C3 NAG WB . -34.94 13.11 -7.02
C4 NAG WB . -36.41 13.05 -6.60
C5 NAG WB . -36.64 11.86 -5.68
C6 NAG WB . -38.09 11.67 -5.31
C7 NAG WB . -32.60 11.29 -9.10
C8 NAG WB . -31.12 11.42 -9.30
N2 NAG WB . -33.09 11.82 -7.98
O3 NAG WB . -34.75 14.16 -7.97
O4 NAG WB . -36.78 14.24 -5.93
O5 NAG WB . -36.22 10.65 -6.33
O6 NAG WB . -38.89 12.72 -5.81
O7 NAG WB . -33.31 10.73 -9.92
C1 NAG XB . -112.10 49.14 54.94
C2 NAG XB . -112.08 48.93 56.45
C3 NAG XB . -111.02 49.83 57.09
C4 NAG XB . -109.67 49.61 56.43
C5 NAG XB . -109.77 49.77 54.92
C6 NAG XB . -108.49 49.43 54.20
C7 NAG XB . -114.22 48.20 57.39
C8 NAG XB . -115.53 48.63 57.98
N2 NAG XB . -113.38 49.18 57.03
O3 NAG XB . -110.95 49.54 58.49
O4 NAG XB . -108.73 50.56 56.94
O5 NAG XB . -110.78 48.90 54.40
O6 NAG XB . -108.17 48.05 54.34
O7 NAG XB . -113.94 47.00 57.24
C1 NAG YB . -68.48 -7.90 9.00
C2 NAG YB . -69.58 -8.85 9.49
C3 NAG YB . -69.27 -10.28 9.07
C4 NAG YB . -69.02 -10.36 7.57
C5 NAG YB . -67.95 -9.35 7.15
C6 NAG YB . -67.75 -9.28 5.66
C7 NAG YB . -70.92 -8.81 11.54
C8 NAG YB . -70.91 -8.70 13.03
N2 NAG YB . -69.73 -8.75 10.93
O3 NAG YB . -70.35 -11.13 9.44
O4 NAG YB . -68.59 -11.67 7.23
O5 NAG YB . -68.33 -8.03 7.57
O6 NAG YB . -69.00 -9.16 4.97
O7 NAG YB . -71.97 -8.94 10.91
C1 NAG ZB . -61.05 54.11 29.02
C2 NAG ZB . -61.37 52.83 29.80
C3 NAG ZB . -62.04 53.17 31.12
C4 NAG ZB . -61.22 54.20 31.90
C5 NAG ZB . -60.98 55.42 31.03
C6 NAG ZB . -60.10 56.45 31.70
C7 NAG ZB . -62.14 50.60 29.13
C8 NAG ZB . -63.08 49.82 28.26
N2 NAG ZB . -62.20 51.93 29.03
O3 NAG ZB . -62.18 51.98 31.90
O4 NAG ZB . -61.92 54.59 33.08
O5 NAG ZB . -60.30 55.02 29.83
O6 NAG ZB . -59.04 56.86 30.83
O7 NAG ZB . -61.34 50.04 29.88
C1 NAG AC . -159.02 54.02 -1.31
C2 NAG AC . -159.87 55.02 -0.51
C3 NAG AC . -159.00 55.78 0.48
C4 NAG AC . -158.21 54.81 1.36
C5 NAG AC . -157.43 53.84 0.48
C6 NAG AC . -156.72 52.76 1.28
C7 NAG AC . -161.85 56.29 -1.22
C8 NAG AC . -162.41 57.26 -2.22
N2 NAG AC . -160.57 55.95 -1.40
O3 NAG AC . -159.82 56.62 1.29
O4 NAG AC . -157.29 55.53 2.18
O5 NAG AC . -158.34 53.15 -0.40
O6 NAG AC . -156.12 51.80 0.43
O7 NAG AC . -162.52 55.84 -0.31
C1 NAG BC . -74.68 -35.77 20.12
C2 NAG BC . -74.61 -36.06 18.61
C3 NAG BC . -73.17 -35.97 18.13
C4 NAG BC . -72.55 -34.63 18.52
C5 NAG BC . -72.68 -34.43 20.02
C6 NAG BC . -72.17 -33.09 20.49
C7 NAG BC . -76.44 -37.57 17.99
C8 NAG BC . -76.83 -38.99 17.72
N2 NAG BC . -75.17 -37.37 18.32
O3 NAG BC . -73.14 -36.11 16.71
O4 NAG BC . -71.18 -34.60 18.14
O5 NAG BC . -74.06 -34.51 20.41
O6 NAG BC . -72.35 -32.93 21.89
O7 NAG BC . -77.25 -36.65 17.94
C1 NAG CC . -108.64 -62.26 -14.74
C2 NAG CC . -109.55 -63.49 -14.77
C3 NAG CC . -110.96 -63.13 -14.31
C4 NAG CC . -110.91 -62.44 -12.96
C5 NAG CC . -109.95 -61.25 -12.99
C6 NAG CC . -109.76 -60.59 -11.65
C7 NAG CC . -108.75 -65.05 -16.49
C8 NAG CC . -108.93 -65.55 -17.89
N2 NAG CC . -109.59 -64.09 -16.09
O3 NAG CC . -111.75 -64.30 -14.24
O4 NAG CC . -112.21 -61.98 -12.59
O5 NAG CC . -108.66 -61.68 -13.44
O6 NAG CC . -108.42 -60.68 -11.22
O7 NAG CC . -107.89 -65.50 -15.75
C1 CLR DC . -37.04 10.32 -50.96
C2 CLR DC . -36.83 10.81 -49.52
C3 CLR DC . -36.45 9.64 -48.64
C4 CLR DC . -35.13 9.08 -49.14
C5 CLR DC . -35.31 8.56 -50.56
C6 CLR DC . -35.28 7.25 -50.77
C7 CLR DC . -35.66 6.59 -52.05
C8 CLR DC . -35.65 7.55 -53.22
C9 CLR DC . -36.37 8.86 -52.86
C10 CLR DC . -35.84 9.56 -51.57
C11 CLR DC . -36.41 9.78 -54.10
C12 CLR DC . -36.98 9.11 -55.36
C13 CLR DC . -36.31 7.77 -55.69
C14 CLR DC . -36.38 6.94 -54.40
C15 CLR DC . -36.02 5.53 -54.83
C16 CLR DC . -36.86 5.40 -56.12
C17 CLR DC . -37.06 6.84 -56.68
C18 CLR DC . -34.86 7.97 -56.15
C19 CLR DC . -34.71 10.57 -51.88
C20 CLR DC . -36.76 6.90 -58.20
C21 CLR DC . -37.31 8.14 -58.89
C22 CLR DC . -37.30 5.63 -58.89
C23 CLR DC . -36.27 4.83 -59.69
C24 CLR DC . -36.76 4.45 -61.08
C25 CLR DC . -37.00 5.61 -62.04
C26 CLR DC . -38.48 5.69 -62.40
C27 CLR DC . -36.17 5.48 -63.32
O1 CLR DC . -36.41 10.08 -47.29
C1 NAG EC . 5.72 47.06 -30.66
C2 NAG EC . 7.10 46.42 -30.52
C3 NAG EC . 8.11 47.45 -30.05
C4 NAG EC . 8.10 48.67 -30.97
C5 NAG EC . 6.68 49.22 -31.10
C6 NAG EC . 6.58 50.34 -32.11
C7 NAG EC . 6.90 44.02 -30.05
C8 NAG EC . 6.90 42.97 -28.97
N2 NAG EC . 7.06 45.28 -29.62
O3 NAG EC . 9.41 46.87 -30.02
O4 NAG EC . 8.95 49.68 -30.44
O5 NAG EC . 5.80 48.18 -31.55
O6 NAG EC . 7.47 50.15 -33.20
O7 NAG EC . 6.77 43.75 -31.23
C1 NAG FC . -35.11 60.25 -25.51
C2 NAG FC . -36.44 60.66 -24.89
C3 NAG FC . -36.59 60.05 -23.50
C4 NAG FC . -36.40 58.55 -23.57
C5 NAG FC . -35.07 58.21 -24.23
C6 NAG FC . -34.87 56.72 -24.43
C7 NAG FC . -37.23 62.82 -25.75
C8 NAG FC . -37.27 64.31 -25.54
N2 NAG FC . -36.56 62.11 -24.84
O3 NAG FC . -37.89 60.36 -22.99
O4 NAG FC . -36.42 58.00 -22.25
O5 NAG FC . -35.02 58.81 -25.54
O6 NAG FC . -33.94 56.46 -25.46
O7 NAG FC . -37.79 62.29 -26.71
C1 NAG GC . -40.14 47.00 -26.46
C2 NAG GC . -40.42 45.52 -26.17
C3 NAG GC . -40.29 45.23 -24.67
C4 NAG GC . -38.95 45.71 -24.15
C5 NAG GC . -38.74 47.18 -24.51
C6 NAG GC . -37.38 47.70 -24.12
C7 NAG GC . -41.93 44.58 -27.87
C8 NAG GC . -43.35 44.24 -28.21
N2 NAG GC . -41.73 45.13 -26.67
O3 NAG GC . -40.43 43.83 -24.46
O4 NAG GC . -38.91 45.56 -22.73
O5 NAG GC . -38.85 47.35 -25.93
O6 NAG GC . -37.18 47.63 -22.71
O7 NAG GC . -41.01 44.38 -28.65
C1 NAG HC . -5.67 84.25 66.66
C2 NAG HC . -6.26 85.47 67.37
C3 NAG HC . -7.66 85.16 67.89
C4 NAG HC . -8.54 84.63 66.76
C5 NAG HC . -7.87 83.45 66.07
C6 NAG HC . -8.63 82.95 64.86
C7 NAG HC . -4.57 86.96 68.33
C8 NAG HC . -3.75 87.28 69.55
N2 NAG HC . -5.40 85.91 68.45
O3 NAG HC . -8.24 86.33 68.44
O4 NAG HC . -9.81 84.23 67.27
O5 NAG HC . -6.57 83.82 65.60
O6 NAG HC . -8.66 83.94 63.84
O7 NAG HC . -4.49 87.61 67.30
C1 NAG IC . -14.04 78.35 -17.70
C2 NAG IC . -13.10 79.55 -17.63
C3 NAG IC . -12.75 80.03 -19.03
C4 NAG IC . -12.20 78.88 -19.86
C5 NAG IC . -13.17 77.71 -19.86
C6 NAG IC . -12.63 76.49 -20.57
C7 NAG IC . -13.05 81.26 -15.87
C8 NAG IC . -13.82 82.34 -15.17
N2 NAG IC . -13.70 80.62 -16.84
O3 NAG IC . -11.79 81.08 -18.94
O4 NAG IC . -11.99 79.32 -21.21
O5 NAG IC . -13.44 77.32 -18.51
O6 NAG IC . -11.29 76.22 -20.18
O7 NAG IC . -11.90 80.98 -15.56
C1 NAG JC . -41.11 51.15 35.84
C2 NAG JC . -40.88 52.62 35.46
C3 NAG JC . -40.70 53.45 36.73
C4 NAG JC . -41.88 53.25 37.68
C5 NAG JC . -42.07 51.75 37.95
C6 NAG JC . -43.30 51.47 38.80
C7 NAG JC . -39.64 53.66 33.62
C8 NAG JC . -38.37 53.66 32.83
N2 NAG JC . -39.71 52.75 34.60
O3 NAG JC . -40.60 54.83 36.38
O4 NAG JC . -41.63 53.92 38.90
O5 NAG JC . -42.24 51.05 36.72
O6 NAG JC . -44.26 50.72 38.07
O7 NAG JC . -40.55 54.44 33.39
C1 NAG KC . 58.15 47.52 60.17
C2 NAG KC . 58.50 48.58 61.25
C3 NAG KC . 57.27 48.92 62.08
C4 NAG KC . 56.11 49.33 61.18
C5 NAG KC . 55.83 48.23 60.16
C6 NAG KC . 54.75 48.61 59.17
C7 NAG KC . 60.41 48.89 62.76
C8 NAG KC . 61.45 48.22 63.60
N2 NAG KC . 59.57 48.09 62.11
O3 NAG KC . 57.58 49.99 62.97
O4 NAG KC . 54.94 49.57 61.95
O5 NAG KC . 57.02 47.99 59.40
O6 NAG KC . 54.99 49.88 58.59
O7 NAG KC . 60.34 50.12 62.68
C1 NAG LC . -7.83 106.00 -29.84
C2 NAG LC . -7.38 104.87 -30.77
C3 NAG LC . -8.57 104.31 -31.55
C4 NAG LC . -9.70 103.93 -30.60
C5 NAG LC . -10.07 105.11 -29.70
C6 NAG LC . -11.11 104.78 -28.68
C7 NAG LC . -5.04 105.19 -31.43
C8 NAG LC . -4.12 105.72 -32.49
N2 NAG LC . -6.35 105.31 -31.68
O3 NAG LC . -8.17 103.18 -32.30
O4 NAG LC . -10.85 103.52 -31.34
O5 NAG LC . -8.90 105.55 -28.99
O6 NAG LC . -10.86 105.44 -27.45
O7 NAG LC . -4.63 104.69 -30.40
C1 NAG MC . 44.04 103.88 -53.60
C2 NAG MC . 43.64 105.17 -54.31
C3 NAG MC . 43.60 106.34 -53.34
C4 NAG MC . 42.68 106.02 -52.17
C5 NAG MC . 43.10 104.70 -51.50
C6 NAG MC . 42.15 104.27 -50.42
C7 NAG MC . 44.19 105.40 -56.70
C8 NAG MC . 45.26 105.71 -57.70
N2 NAG MC . 44.55 105.46 -55.41
O3 NAG MC . 43.15 107.51 -54.00
O4 NAG MC . 42.73 107.07 -51.21
O5 NAG MC . 43.13 103.65 -52.48
O6 NAG MC . 40.82 104.64 -50.72
O7 NAG MC . 43.05 105.08 -57.04
C1 CLR NC . -19.90 15.94 -49.08
C2 CLR NC . -20.83 16.50 -48.00
C3 CLR NC . -21.56 17.74 -48.52
C4 CLR NC . -22.31 17.39 -49.79
C5 CLR NC . -21.39 16.82 -50.84
C6 CLR NC . -21.14 17.54 -51.93
C7 CLR NC . -20.17 17.15 -52.99
C8 CLR NC . -19.78 15.68 -52.90
C9 CLR NC . -19.45 15.29 -51.45
C10 CLR NC . -20.57 15.61 -50.43
C11 CLR NC . -18.96 13.83 -51.40
C12 CLR NC . -17.84 13.49 -52.40
C13 CLR NC . -18.16 13.93 -53.84
C14 CLR NC . -18.54 15.41 -53.74
C15 CLR NC . -18.52 15.91 -55.17
C16 CLR NC . -17.24 15.25 -55.71
C17 CLR NC . -16.95 14.00 -54.83
C18 CLR NC . -19.28 13.08 -54.44
C19 CLR NC . -21.54 14.43 -50.24
C20 CLR NC . -16.59 12.77 -55.68
C21 CLR NC . -15.86 11.68 -54.91
C22 CLR NC . -15.74 13.21 -56.89
C23 CLR NC . -15.41 12.12 -57.92
C24 CLR NC . -14.42 12.62 -58.96
C25 CLR NC . -13.44 11.57 -59.48
C26 CLR NC . -12.68 10.93 -58.31
C27 CLR NC . -14.13 10.48 -60.29
O1 CLR NC . -22.43 18.20 -47.50
C1 NAG OC . 106.28 -39.24 49.89
C2 NAG OC . 105.22 -39.11 48.79
C3 NAG OC . 103.90 -39.72 49.25
C4 NAG OC . 104.11 -41.15 49.72
C5 NAG OC . 105.20 -41.20 50.78
C6 NAG OC . 105.56 -42.61 51.20
C7 NAG OC . 105.75 -37.13 47.44
C8 NAG OC . 105.41 -35.70 47.15
N2 NAG OC . 105.02 -37.72 48.39
O3 NAG OC . 102.96 -39.68 48.18
O4 NAG OC . 102.91 -41.67 50.26
O5 NAG OC . 106.41 -40.61 50.27
O6 NAG OC . 105.57 -43.49 50.08
O7 NAG OC . 106.65 -37.72 46.85
C1 NAG PC . 132.15 -32.22 84.05
C2 NAG PC . 133.60 -32.42 84.56
C3 NAG PC . 134.18 -31.14 85.13
C4 NAG PC . 134.23 -30.09 84.03
C5 NAG PC . 132.80 -29.69 83.73
C6 NAG PC . 132.70 -28.82 82.50
C7 NAG PC . 134.60 -34.40 85.62
C8 NAG PC . 134.51 -35.41 86.73
N2 NAG PC . 133.64 -33.48 85.57
O3 NAG PC . 135.50 -31.40 85.61
O4 NAG PC . 134.96 -28.96 84.46
O5 NAG PC . 131.98 -30.85 83.45
O6 NAG PC . 133.15 -29.52 81.34
O7 NAG PC . 135.52 -34.44 84.80
C1 NAG QC . 141.49 -23.79 75.65
C2 NAG QC . 141.98 -22.58 74.84
C3 NAG QC . 141.17 -21.33 75.20
C4 NAG QC . 139.67 -21.61 75.05
C5 NAG QC . 139.28 -22.84 75.87
C6 NAG QC . 137.84 -23.23 75.69
C7 NAG QC . 144.36 -22.95 74.36
C8 NAG QC . 145.76 -22.57 74.72
N2 NAG QC . 143.40 -22.34 75.06
O3 NAG QC . 141.54 -20.27 74.33
O4 NAG QC . 138.93 -20.48 75.52
O5 NAG QC . 140.08 -23.96 75.45
O6 NAG QC . 136.96 -22.24 76.21
O7 NAG QC . 144.11 -23.75 73.47
C1 NAG RC . 54.92 11.89 125.58
C2 NAG RC . 54.70 11.79 127.09
C3 NAG RC . 55.67 12.71 127.82
C4 NAG RC . 57.11 12.45 127.40
C5 NAG RC . 57.23 12.52 125.88
C6 NAG RC . 58.61 12.13 125.38
C7 NAG RC . 52.42 11.15 127.71
C8 NAG RC . 51.05 11.64 128.05
N2 NAG RC . 53.34 12.09 127.44
O3 NAG RC . 55.53 12.54 129.23
O4 NAG RC . 57.98 13.40 127.99
O5 NAG RC . 56.31 11.61 125.27
O6 NAG RC . 58.86 10.75 125.61
O7 NAG RC . 52.69 9.96 127.65
C1 NAG SC . 107.40 -43.96 88.75
C2 NAG SC . 106.28 -44.90 89.18
C3 NAG SC . 106.59 -46.32 88.74
C4 NAG SC . 106.89 -46.37 87.24
C5 NAG SC . 107.99 -45.38 86.91
C6 NAG SC . 108.26 -45.28 85.42
C7 NAG SC . 104.84 -44.81 91.17
C8 NAG SC . 104.80 -44.75 92.67
N2 NAG SC . 106.05 -44.85 90.61
O3 NAG SC . 105.48 -47.17 89.04
O4 NAG SC . 107.31 -47.67 86.87
O5 NAG SC . 107.62 -44.06 87.34
O6 NAG SC . 107.05 -45.18 84.68
O7 NAG SC . 103.81 -44.83 90.50
C1 NAG TC . 108.91 19.51 106.78
C2 NAG TC . 108.26 18.34 107.53
C3 NAG TC . 107.13 18.85 108.42
C4 NAG TC . 107.62 19.98 109.32
C5 NAG TC . 108.30 21.07 108.49
C6 NAG TC . 108.91 22.15 109.34
C7 NAG TC . 108.03 16.03 106.76
C8 NAG TC . 107.46 15.13 105.71
N2 NAG TC . 107.78 17.33 106.60
O3 NAG TC . 106.65 17.77 109.21
O4 NAG TC . 106.50 20.53 110.01
O5 NAG TC . 109.36 20.50 107.72
O6 NAG TC . 110.12 22.63 108.79
O7 NAG TC . 108.68 15.59 107.70
C1 NAG UC . 16.41 13.13 62.43
C2 NAG UC . 15.28 13.19 63.47
C3 NAG UC . 15.75 13.90 64.74
C4 NAG UC . 17.03 13.28 65.27
C5 NAG UC . 18.10 13.28 64.18
C6 NAG UC . 19.37 12.60 64.60
C7 NAG UC . 12.86 13.62 63.34
C8 NAG UC . 11.77 14.40 62.66
N2 NAG UC . 14.11 13.85 62.92
O3 NAG UC . 14.74 13.83 65.73
O4 NAG UC . 17.51 14.01 66.39
O5 NAG UC . 17.61 12.56 63.04
O6 NAG UC . 19.12 11.40 65.31
O7 NAG UC . 12.62 12.82 64.25
C1 NAG VC . 101.36 -71.79 100.44
C2 NAG VC . 101.81 -71.84 98.98
C3 NAG VC . 103.33 -71.75 98.89
C4 NAG VC . 103.85 -70.54 99.64
C5 NAG VC . 103.34 -70.56 101.08
C6 NAG VC . 103.73 -69.33 101.87
C7 NAG VC . 100.18 -73.11 97.65
C8 NAG VC . 99.85 -74.45 97.04
N2 NAG VC . 101.34 -73.05 98.33
O3 NAG VC . 103.72 -71.67 97.51
O4 NAG VC . 105.27 -70.53 99.64
O5 NAG VC . 101.91 -70.62 101.08
O6 NAG VC . 102.64 -68.84 102.63
O7 NAG VC . 99.43 -72.14 97.54
C1 NAG WC . 72.39 -101.72 61.49
C2 NAG WC . 72.75 -102.94 62.35
C3 NAG WC . 71.97 -102.90 63.66
C4 NAG WC . 72.22 -101.58 64.39
C5 NAG WC . 71.88 -100.41 63.47
C6 NAG WC . 72.22 -99.07 64.10
C7 NAG WC . 73.44 -104.95 61.13
C8 NAG WC . 72.98 -106.19 60.42
N2 NAG WC . 72.47 -104.17 61.64
O3 NAG WC . 72.36 -103.99 64.48
O4 NAG WC . 71.41 -101.51 65.56
O5 NAG WC . 72.64 -100.50 62.25
O6 NAG WC . 73.24 -99.19 65.07
O7 NAG WC . 74.63 -104.67 61.25
C1 CLR XC . 145.95 -25.79 32.23
C2 CLR XC . 146.12 -25.07 33.57
C3 CLR XC . 146.27 -26.06 34.70
C4 CLR XC . 147.47 -26.98 34.42
C5 CLR XC . 147.32 -27.68 33.10
C6 CLR XC . 147.41 -29.01 33.04
C7 CLR XC . 147.28 -29.82 31.78
C8 CLR XC . 147.38 -28.97 30.53
C9 CLR XC . 146.58 -27.67 30.69
C10 CLR XC . 147.06 -26.80 31.89
C11 CLR XC . 146.52 -26.89 29.36
C12 CLR XC . 146.09 -27.73 28.16
C13 CLR XC . 146.94 -29.00 27.98
C14 CLR XC . 146.85 -29.74 29.33
C15 CLR XC . 147.42 -31.12 29.04
C16 CLR XC . 146.82 -31.43 27.66
C17 CLR XC . 146.39 -30.08 27.01
C18 CLR XC . 148.38 -28.64 27.61
C19 CLR XC . 148.36 -26.04 31.55
C20 CLR XC . 146.76 -30.02 25.51
C21 CLR XC . 146.02 -28.95 24.72
C22 CLR XC . 146.54 -31.39 24.85
C23 CLR XC . 147.35 -31.66 23.59
C24 CLR XC . 146.86 -32.91 22.85
C25 CLR XC . 146.53 -32.71 21.38
C26 CLR XC . 145.46 -31.62 21.23
C27 CLR XC . 147.75 -32.36 20.55
O1 CLR XC . 146.43 -25.35 35.91
#